data_9I8H
#
_entry.id   9I8H
#
loop_
_entity.id
_entity.type
_entity.pdbx_description
1 polymer 'Gamma-tubulin complex component 2'
2 polymer 'Gamma-tubulin complex component 3'
3 polymer 'Gamma-tubulin complex component 4'
4 polymer 'Gamma-tubulin complex component 5'
5 polymer 'Gamma-tubulin complex component 6'
6 polymer 'Actin, cytoplasmic 1'
7 polymer 'Mitotic-spindle organizing protein 1'
8 polymer 'Tubulin gamma-1 chain'
9 non-polymer "ADENOSINE-5'-DIPHOSPHATE"
10 non-polymer "GUANOSINE-5'-DIPHOSPHATE"
#
loop_
_entity_poly.entity_id
_entity_poly.type
_entity_poly.pdbx_seq_one_letter_code
_entity_poly.pdbx_strand_id
1 'polypeptide(L)'
;MSEFRIHHDVNELLSLLRVHGGDGAEVYIDLLQKNRTPYVTTTVSAHSAKVKIAEFSRTPEDFLKKYDELKSKNTRNLDP
LVYLLSKLTEDKETLQYLQQNAKERAELAAAAVGSSTTSINVPAAASKISMQELEELRKQLGSVATGSTLQQSLELKRKM
LRDKQNKKNSGQHLPIFPAWVYERPALIGDFLIGAGISTDTALPIGTLPLASQESAVVEDLLYVLVGVDGRYVSAQPLAG
RQSRTFLVDPNLDLSIRELVHRILPVAASYSAVTRFIEEKSSFEYGQVNHALAAAMRTLVKEHLILVSQLEQLHRQGLLS
LQKLWFYIQPAMRTMDILASLATSVDKGECLGGSTLSLLHDRSFSYTGDSQAQELCLYLTKAASAPYFEVLEKWIYRGII
HDPYSEFMVEEHELRKERIQEDYNDKYWDQRYTIVQQQIPSFLQKMADKILSTGKYLNVVRECGHDVTCPVAKEIIYTLK
ERAYVEQIEKAFNYASKVLLDFLMEEKELVAHLRSIKRYFLMDQGDFFVHFMDLAEEELRKPVEDITPPRLEALLELALR
MSTANTDPFKDDLKIDLMPHDLITQLLRVLAIETKQEKAMAHADPTELALSGLEAFSFDYIVKWPLSLIINRKALTRYQM
LFRHMFYCKHVERQLCSVWISNKTAKQHSLHSAQWFAGAFTLRQRMLNFVQNIQYYMMFEVMEPTWHILEKNLKSASNID
DVLGHHTGFLDTCLKDCMLTNPELLKVFSKLMSVCVMFTNCMQKFTQSMKLDGELGGQTLEHSTVLGLPAGAEERARKEL
ARKHLAEHADTVQLVSGFEATINKFDKNFSAHLLDLLARLSIYSTSDCEHGMASVISRLDFNGFYTERLERLSAERSQKA
TPQVPVLRGPPAPAPRVAVTAQ
;
A,C,E,G,M
2 'polypeptide(L)'
;MATPDQKSPNVLLQNLCCRILGRSEADVAQQFQYAVRVIGSNFAPTVERDEFLVAEKIKKELIRQRREADAALFSELHRK
LHSQGVLKNKWSILYLLLSLSEDPRRQPSKVSSYATLFAQALPRDAHSTPYYYARPQTLPLSYQDRSAQSAQSSGSVGSS
GISSIGLCALSGPAPAPQSLLPGQSNQAPGVGDCLRQQLGSRLAWTLTANQPSSQATTSKGVPSAVSRNMTRSRREGDTG
GTMEITEAALVRDILYVFQGIDGKNIKMNNTENCYKVEGKANLSRSLRDTAVRLSELGWLHNKIRRYTDQRSLDRSFGLV
GQSFCAALHQELREYYRLLSVLHSQLQLEDDQGVNLGLESSLTLRRLLVWTYDPKIRLKTLAALVDHCQGRKGGELASAV
HAYTKTGDPYMRSLVQHILSLVSHPVLSFLYRWIYDGELEDTYHEFFVASDPTVKTDRLWHDKYTLRKSMIPSFMTMDQS
RKVLLIGKSINFLHQVCHDQTPTTKMIAVTKSAESPQDAADLFTDLENAFQGKIDAAYFETSKYLLDVLNKKYSLLDHMQ
AMRRYLLLGQGDFIRHLMDLLKPELVRPATTLYQHNLTGILETAVRATNAQFDSPEILRRLDVRLLEVSPGDTGWDVFSL
DYHVDGPIATVFTRECMSHYLRVFNFLWRAKRMEYILTDIRKGHMCNAKLLRNMPEFSGVLHQCHILASEMVHFIHQMQY
YITFEVLECSWDELWNKVQQAQDLDHIIAAHEVFLDTIISRCLLDSDSRALLNQLRAVFDQIIELQNAQDAIYRAALEEL
QRRLQFEEKKKQREIEGQWGVTAAEEEEENKRIGEFKESIPKMCSQLRILTHFYQGIVQQFLVLLTTSSDESLRFLSFRL
DFNEHYKAREPRLRVSLGTRGRRSSHT
;
B,D,F,H,T,R
3 'polypeptide(L)'
;MIHELLLALSGYPGSIFTWNKRSGLQVSQDFPFLHPSETSVLNRLCRLGTDYIRFTEFIEQYTGHVQQQDHHPSQQGQGG
LHGIYLRAFCTGLDSVLQPYRQALLDLEQEFLGDPHLSISHVNYFLDQFQLLFPSVMVVVEQIKSQKIHGCQILETVYKH
SCGGLPPVRSALEKILAVCHGVMYKQLSAWMLHGLLLDQHEEFFIKQGPSSGNVSAQPEEDEEDLGIGGLTGKQLRELQD
LRLIEEENMLAPSLKQFSLRVEILPSYIPVRVAEKILFVGESVQMFENQNVNLTRKGSILKNQEDTFAAELHRLKQQPLF
SLVDFEQVVDRIRSTVAEHLWKLMVEESDLLGQLKIIKDFYLLGRGELFQAFIDTAQHMLKTPPTAVTEHDVNVAFQQSA
HKVLLDDDNLLPLLHLTIEYHGKEHKADATQAREGPSRETSPREAPASGWAALGLSYKVQWPLHILFTPAVLEKYNVVFK
YLLSVRRVQAELQHCWALQMQRKHLKSNQTDAIKWRLRNHMAFLVDNLQYYLQVDVLESQFSQLLHQINSTRDFESIRLA
HDHFLSNLLAQSFILLKPVFHCLNEILDLCHSFCSLVSQNLGPLDERGAAQLSILVKGFSRQSSLLFKILSSVRNHQINS
DLAQLLLRLDYNKYYTQAGGTLGSFGM
;
I,K
4 'polypeptide(L)'
;MARHGPPWSRLDAQQERDVRELVRGVAGLQDEADPNFQLALNFAWSNFRFHRFLDVNSHKIEKTIEGIYEKFVIHSDLSK
AASWKRLTEEFLNAPLPSIKEIKTDAHYSILSLLLCLSDSPSNSSYVETPRNKEVEKKDDFDWGKYLMEDEEMDIGPYMD
TPNWSEESEEENDQQPLSREDSGIQVDRTPLEEQDQNRKLDPCISWKDEPDDRSWLEHHVVHQYWTARPSQFPHSLHLHS
NLAAVWDQHLYSSDPLYVPDDRVLVTETQVIRETLWLLSGVKKLFIFQLIDGKVTVRNNIIVTHLTHSCLRSVLEQIAAY
GQVVFRLQEFIDEVMGHSSESMLPGSGSVPKKSTEAPFRTYQAFMWALYKYFISFKEELAEIEKCIINNDTTITLAIVVD
KLAPRLSQLKVLHKVFSTGVAEVPPDTRNVVRASHLLNTLYKAILEYDNVGEASEQTVSLLFSLWVETVRPYLQTVDEWI
VHGHLWDGAREFIIQRNKNVPVNHRDFWYATYTLYSVSEKTENEEKMSDNASASSGSDQGPSSRQHTMVSFLKPVLKQII
MAGKSMQLLKNLQCAESTTCQAGARDAERKSLYTLFLESVQSRLRHGEDSTPQVLTEQQATKENLMKMQSIAESHLELDD
VHDPLLAINFARMYLEQSDFHEKFAGGDVCVDRSSESVTCQTFELTLRSCLYPHIDKQYLDCCGNLMQTLKKDYRLVEYL
QAMRNFFLMEGGDTMYDFYTSIFDKIREKETWQNVSFLNVQLQEAVGQRYPEDSSRLSISFENVDTAKKKLPVHILDGLT
LSYKVPWPVDIVISLECQKIYNQVFLLLLQIKWAKYSLDVLLFGELVSTAEKPRLKEGLIHEQDTVAQFGPQKEPVRQQI
HRMFLLRVKLMHFVNSLHNYIMTRILHSTGLEFQHQVEEAKDLDQLIKIHYRYLSTIHDRCLLREKVSFVKEAIMKVLNL
ALMFADGWQAGLGTWRMESIEKMESDFKNCHMFLVTILNKAVCRGSFPHLESLALSLMAGMEQS
;
J
5 'polypeptide(L)'
;MASITQLFDDLCEALLPAAKTHLGQRSVNRKRAKRSLKKVAYNALFTNLFQDETQQLQPDMSKLPARNKILMLSFDLRVG
GLGPKADRLEELVEELEAAPCCPLLEVGSVLDLLVQLAGSGPPQVLPRKRDYFLNNKHVGRNVPYSGYDCDDLSVFEMDV
QSLISREECLCHSMIQETLQVMEAAPGTGLPTVGLFSFGDPCGDRFERDTRVSLFGALVHSRTYDMDVRLGLPPVPDNAD
LSGLAIKVPPSVDQWEDEGFQSASNLTPDSQSEPSVTPDVDLWEAALTYEASKRRCWERVGCPPGHREEPYLTEAGRDAF
DKFCRLHQGELQLLAGGVLQAPQPVLVKECELVKDVLNVLIGVVSATFSLCQPAQAFVVKRGVHVSGASPESISSLLSEV
AEYGTCYTRLSHFSLQPVLDSLYSKGLVFQAFTSGLRRYLQYYRACVLSTPPTLSLLTIGFLFKKLGRQLRYLAELCGVG
AVLPGTCGGGPRAAFPTGVKLLSYLYQEALHNCSNEHYPVLLSLLKTSCEPYTRFIHDWVYSGVFRDAYGEFMIQVNHEY
LSFRDKLYWTHGYVLISKEVEDCVPVFLKHIAHDIYVCGKTINLLKLCCPRHYLCWSDVPVPRISVIFSLEELKEIEKDC
AVYVGRMERVARHSSVSKEEKELRMEIAKQELIAHAREAASRVLSALSDRQMSERMALDARKREQFQRLKEQFVKDQERR
QAARQEELDDDFSYARELRDRERRLKSLEEELERKARQALVDHYSKLSAEAARREQKALWRIQRHRLESARLRFLLEDEK
HIQEMLKAVSEAHQPQEPPDVLLSVHPQVTSPGPEHPEGGQGCDSGSAEQHSPAWDGWNRPGLLTPQPLKPLAVGAGGRG
LQQAEGARPFSDSLSIGDFLPVGPGAEPSVQTGMVPLLEVALQTINLDLPPSAPGEAPAAASTQPSRPQEYDFSTVLRPA
VATSPAPGPLQAAECSLGSSGLQLWEDSCGKMDACGSASRETLLPSHPPRRAALEEGSSQPTERLFGQVSGGGLPTGDYA
SEIAPTRPRWNTHGHVSDASIRVGENVSDVAPTQPRWNTHGHVSNASISLGESVSDVAPTRPRWNIHGHVSNASIRVGEN
VSDVAPTRPRWNTHGHVSNASIRVGENVSDVAPTRPRWNTHGHVSDASISLGESVSDMAPARPRWNTHGHVSDASISLGE
SVSDMAPTRPRWNTHGHVSDTSIRVGENVSDVAPIRSRCNTHGHVSDASISLGEPVSDVVSTRPRWNTHVPIPPPHMVLG
ALSPEAEPNTPRPQQSPPGHTSQSALSLGAQSTVLDCGPRLPVEVGPSLSSPSSGCGEGSISVGENVSDVAPTQPWWPNT
PGDSVSEELGPGRSGDTEDLSPNWPLNSQEDTAAQSSPGRGEEAEASAAEAQGGEQAYLAGLAGQYHLERYPDSYESMSE
PPIAHLLRPVLPRAFAFPVDPQVQSAADETAVQLSELLTLPVLMKRSITAPLAAHISLVNKAAVDYFFVELHLEAHYEAL
RHFLLMEDGEFAQSLSDLLFEKLGAGQTPGELLNPLVLNSVLSKALQCSLHGDTPHASNLSLALKYLPEVFAPNAPDVLS
CLELRYKVDWPLNIVITEGCVSKYSGVFSFLLQLKLMMWALKDVCFHLKRTALLSHMAGSVQFRQLQLFKHEMQHFVKVI
QGYIANQILHVTWCEFRARLATVGDLEEIQRAHAEYLHKAVFRGLLTEKAAPVMNVIHSIFSLVLKFRSQLISQAWGPPG
GPRGAEHPNFALMQQSYNTFKYYSHFLFKVVTKLVNRGYQPHLEDFLLRINFNNYYQDA
;
L,P
6 'polypeptide(L)'
;MCDEEVAALVVDNGSGMCKAGFAGDDAPRAVFPSIVGRPRHQGVMVGMGQKDSYVGDEAQSKRGILTLKYPIEHGIVTNW
DDMEKIWHHTFYNELRVAPEEHPVLLTEAPLNPKANREKMTQIMFETFNTPAMYVAIQAVLSLYASGRTTGIVLDSGDGV
SHTVPIYEGYALPHAILRLDLAGRDLTDYLMKILTERGYSFTTTEEREIVRDIKEKLCYVALDFEQEMATAASSSSLEKS
YELKDGQVITIGNERFRCPEALFQPSFLGMEACGIHETTYNSIMKCDVDIRKDLYANTVLSGGTTMYPGIADRMQKEITA
LAPSTMKIKIIAPPERKYSVWIGGSILASLSTFQQMWISKQEYDESGPSIVHRKCF
;
U
7 'polypeptide(L)'
;MASSSGAGAAAAAAAANLNAVRETMDVLLEISRILNTGLDMETLSICVRLCEQGINPEALSSVIKELRKATEALKAAENM
TS
;
Q,S
8 'polypeptide(L)'
;MPREIITLQLGQCGNQIGFEFWKQLCAEHGISPEGIVEEFATEGTDRKDVFFYQADDEHYIPRAVLLDLEPRVIHSILNS
PYAKLYNPENIYLSEHGGGAGNNWASGFSQGEKIHEDIFDIIDREADGSDSLEGFVLCHSIAGGTGSGLGSYLLERLNDR
YPKKLVQTYSVFPNQDEMSDVVVQPYNSLLTLKRLTQNADCLVVLDNTALNRIATDRLHIQNPSFSQINQLVSTIMSAST
TTLRYPGYMNNDLIGLIASLIPTPRLHFLMTGYTPLTTDQSVASVRKTTVLDVMRRLLQPKNVMVSTGRDRQTNHCYIAI
LNIIQGEVDPTQVHKSLQRIRERKLANFIPWGPASIQVALSRKSPYLPSAHRVSGLMMANHTSISSLFERTCRQYDKLRK
REAFLEQFRKEDMFKDNFDEMDTSREIVQQLIDEYHAATRPDYISWGTQEQ
;
a,b,c,d,e,f,g,h,i,j,k,l,m,t
#
# COMPACT_ATOMS: atom_id res chain seq x y z
N LEU A 203 -117.66 48.84 57.94
CA LEU A 203 -119.03 49.08 57.49
C LEU A 203 -119.14 48.92 55.97
N PRO A 204 -119.21 47.69 55.49
CA PRO A 204 -119.30 47.47 54.04
C PRO A 204 -120.67 47.77 53.46
N GLY A 206 -121.71 47.87 54.29
CA GLY A 206 -123.04 48.13 53.77
C GLY A 206 -123.16 49.47 53.09
N THR A 207 -122.33 50.43 53.50
CA THR A 207 -122.33 51.77 52.90
C THR A 207 -121.30 51.90 51.79
N LEU A 208 -120.70 50.79 51.35
CA LEU A 208 -119.72 50.84 50.28
C LEU A 208 -120.27 50.19 49.02
N PRO A 209 -119.92 50.72 47.85
CA PRO A 209 -120.46 50.18 46.60
C PRO A 209 -119.97 48.76 46.35
N LEU A 210 -120.59 48.11 45.37
CA LEU A 210 -120.26 46.73 45.06
C LEU A 210 -118.89 46.60 44.41
N ALA A 211 -118.66 47.37 43.34
CA ALA A 211 -117.42 47.23 42.57
C ALA A 211 -116.20 47.70 43.34
N SER A 212 -116.37 48.47 44.41
CA SER A 212 -115.26 48.99 45.18
C SER A 212 -114.98 48.22 46.45
N GLN A 213 -116.01 47.78 47.17
CA GLN A 213 -115.79 47.00 48.38
C GLN A 213 -115.08 45.69 48.10
N GLU A 214 -115.19 45.18 46.86
CA GLU A 214 -114.42 44.00 46.48
C GLU A 214 -112.92 44.23 46.62
N SER A 215 -112.47 45.47 46.39
CA SER A 215 -111.06 45.78 46.57
C SER A 215 -110.65 45.78 48.04
N ALA A 216 -111.62 45.76 48.96
CA ALA A 216 -111.28 45.67 50.37
C ALA A 216 -111.17 44.22 50.84
N VAL A 217 -111.97 43.33 50.27
CA VAL A 217 -111.91 41.93 50.68
C VAL A 217 -110.65 41.26 50.13
N VAL A 218 -110.32 41.53 48.88
CA VAL A 218 -109.19 40.85 48.25
C VAL A 218 -107.88 41.18 48.98
N GLU A 219 -107.72 42.41 49.44
CA GLU A 219 -106.51 42.75 50.18
C GLU A 219 -106.60 42.33 51.65
N ASP A 220 -107.81 42.07 52.14
CA ASP A 220 -107.96 41.49 53.46
C ASP A 220 -107.80 39.97 53.40
N LEU A 221 -108.42 39.34 52.41
CA LEU A 221 -108.25 37.90 52.21
C LEU A 221 -106.82 37.51 51.86
N LEU A 222 -106.06 38.42 51.26
CA LEU A 222 -104.68 38.14 50.91
C LEU A 222 -103.78 38.01 52.12
N TYR A 223 -104.31 38.24 53.33
CA TYR A 223 -103.52 38.10 54.54
C TYR A 223 -103.85 36.82 55.29
N VAL A 224 -105.10 36.38 55.21
CA VAL A 224 -105.52 35.19 55.94
C VAL A 224 -104.78 33.96 55.42
N LEU A 225 -104.43 33.94 54.14
CA LEU A 225 -103.67 32.82 53.59
C LEU A 225 -102.27 32.70 54.19
N VAL A 226 -101.84 33.65 55.01
CA VAL A 226 -100.51 33.63 55.57
C VAL A 226 -100.57 33.08 56.99
N GLY A 227 -101.66 33.35 57.68
CA GLY A 227 -101.79 32.91 59.06
C GLY A 227 -102.22 34.03 59.97
N VAL A 228 -101.87 35.26 59.60
CA VAL A 228 -102.32 36.42 60.35
C VAL A 228 -103.82 36.60 60.17
N ASP A 229 -104.48 37.04 61.22
CA ASP A 229 -105.92 37.30 61.17
C ASP A 229 -106.21 38.42 60.17
N GLY A 230 -107.49 38.65 59.92
CA GLY A 230 -107.89 39.66 58.95
C GLY A 230 -108.78 40.75 59.51
N ARG A 231 -109.29 41.62 58.63
CA ARG A 231 -110.15 42.70 59.06
C ARG A 231 -111.60 42.24 59.18
N TYR A 232 -112.19 41.79 58.08
CA TYR A 232 -113.57 41.29 58.08
C TYR A 232 -113.64 39.78 58.16
N VAL A 233 -112.94 39.07 57.28
CA VAL A 233 -112.93 37.61 57.28
C VAL A 233 -111.99 37.12 58.38
N SER A 234 -112.53 36.94 59.57
CA SER A 234 -111.73 36.61 60.75
C SER A 234 -111.61 35.10 60.90
N ALA A 235 -110.80 34.70 61.87
CA ALA A 235 -110.64 33.30 62.25
C ALA A 235 -111.24 33.08 63.63
N GLN A 236 -111.58 31.83 63.91
CA GLN A 236 -112.22 31.46 65.16
C GLN A 236 -111.36 30.49 65.95
N PRO A 237 -111.46 30.49 67.28
CA PRO A 237 -110.60 29.63 68.09
C PRO A 237 -110.84 28.15 67.80
N LEU A 238 -109.81 27.36 68.04
CA LEU A 238 -109.89 25.92 67.81
C LEU A 238 -110.69 25.23 68.91
N SER A 243 -108.86 22.04 60.64
CA SER A 243 -110.11 22.04 61.40
C SER A 243 -110.49 23.44 61.83
N ARG A 244 -109.98 24.45 61.12
CA ARG A 244 -110.26 25.82 61.49
C ARG A 244 -111.59 26.28 60.91
N THR A 245 -112.35 27.04 61.69
CA THR A 245 -113.61 27.62 61.25
C THR A 245 -113.46 29.12 61.11
N PHE A 246 -114.14 29.69 60.13
CA PHE A 246 -114.03 31.11 59.82
C PHE A 246 -115.39 31.78 59.84
N LEU A 247 -115.37 33.10 60.01
CA LEU A 247 -116.55 33.95 60.02
C LEU A 247 -116.32 35.09 59.04
N VAL A 248 -117.33 35.40 58.23
CA VAL A 248 -117.12 36.38 57.17
C VAL A 248 -117.81 37.71 57.50
N ASP A 249 -119.14 37.73 57.48
CA ASP A 249 -119.84 39.01 57.57
C ASP A 249 -121.34 38.75 57.71
N PRO A 250 -122.04 39.47 58.59
CA PRO A 250 -123.51 39.40 58.58
C PRO A 250 -124.11 40.13 57.39
N ASN A 251 -123.59 41.31 57.07
CA ASN A 251 -124.10 42.12 55.96
C ASN A 251 -123.04 42.22 54.87
N LEU A 252 -123.08 41.24 53.95
CA LEU A 252 -122.22 41.24 52.79
C LEU A 252 -123.01 40.72 51.59
N ASP A 253 -122.51 41.04 50.40
CA ASP A 253 -123.16 40.59 49.17
C ASP A 253 -123.07 39.08 49.06
N LEU A 254 -124.20 38.44 48.76
CA LEU A 254 -124.21 36.99 48.63
C LEU A 254 -123.37 36.54 47.44
N SER A 255 -123.21 37.40 46.44
CA SER A 255 -122.37 37.09 45.29
C SER A 255 -120.89 37.09 45.62
N ILE A 256 -120.53 37.33 46.87
CA ILE A 256 -119.14 37.30 47.32
C ILE A 256 -118.92 36.16 48.31
N ARG A 257 -119.82 36.01 49.28
CA ARG A 257 -119.62 35.03 50.33
C ARG A 257 -119.57 33.61 49.79
N GLU A 258 -120.35 33.33 48.74
CA GLU A 258 -120.27 32.01 48.12
C GLU A 258 -118.92 31.78 47.46
N LEU A 259 -118.22 32.83 47.05
CA LEU A 259 -116.92 32.66 46.44
C LEU A 259 -115.80 32.74 47.47
N VAL A 260 -116.01 33.48 48.56
CA VAL A 260 -115.05 33.50 49.65
C VAL A 260 -114.84 32.10 50.20
N HIS A 261 -115.95 31.38 50.43
CA HIS A 261 -115.88 30.01 50.94
C HIS A 261 -115.21 29.06 49.97
N ARG A 262 -114.91 29.51 48.76
CA ARG A 262 -114.16 28.69 47.81
C ARG A 262 -112.66 28.96 47.86
N ILE A 263 -112.24 30.03 48.53
CA ILE A 263 -110.81 30.34 48.63
C ILE A 263 -110.23 29.89 49.96
N LEU A 264 -111.02 29.97 51.03
CA LEU A 264 -110.55 29.65 52.38
C LEU A 264 -109.98 28.25 52.54
N PRO A 265 -110.51 27.20 51.86
CA PRO A 265 -109.95 25.86 52.04
C PRO A 265 -108.46 25.71 51.75
N VAL A 266 -107.80 26.77 51.25
CA VAL A 266 -106.34 26.76 51.17
C VAL A 266 -105.72 27.37 52.42
N ALA A 267 -106.47 28.15 53.19
CA ALA A 267 -105.96 28.69 54.43
C ALA A 267 -106.13 27.68 55.57
N ALA A 268 -107.34 27.12 55.70
CA ALA A 268 -107.56 26.11 56.73
C ALA A 268 -106.65 24.90 56.51
N SER A 269 -106.40 24.54 55.26
CA SER A 269 -105.43 23.50 54.96
C SER A 269 -104.00 23.97 55.15
N TYR A 270 -103.79 25.26 55.39
CA TYR A 270 -102.47 25.78 55.71
C TYR A 270 -102.25 25.93 57.21
N SER A 271 -103.29 26.30 57.96
CA SER A 271 -103.16 26.41 59.41
C SER A 271 -103.01 25.08 60.08
N ALA A 272 -103.00 23.98 59.34
CA ALA A 272 -102.74 22.68 59.91
C ALA A 272 -101.42 22.09 59.45
N VAL A 273 -100.75 22.72 58.48
CA VAL A 273 -99.41 22.34 58.10
C VAL A 273 -98.37 23.09 58.92
N THR A 274 -98.56 24.39 59.11
CA THR A 274 -97.59 25.17 59.87
C THR A 274 -97.58 24.77 61.34
N ARG A 275 -98.66 24.17 61.85
CA ARG A 275 -98.66 23.62 63.19
C ARG A 275 -98.07 22.22 63.24
N PHE A 276 -98.00 21.54 62.09
CA PHE A 276 -97.32 20.27 62.04
C PHE A 276 -95.80 20.43 62.02
N ILE A 277 -95.32 21.55 61.48
CA ILE A 277 -93.88 21.79 61.45
C ILE A 277 -93.35 22.11 62.84
N GLU A 278 -94.01 23.08 63.50
CA GLU A 278 -93.59 23.61 64.82
C GLU A 278 -93.76 22.60 65.96
N GLU A 279 -94.25 21.40 65.68
CA GLU A 279 -94.44 20.39 66.72
C GLU A 279 -93.67 19.11 66.45
N LYS A 280 -93.78 18.55 65.26
CA LYS A 280 -93.11 17.31 64.91
C LYS A 280 -91.62 17.50 64.65
N SER A 281 -91.11 18.65 65.08
CA SER A 281 -89.67 18.99 64.98
C SER A 281 -88.99 18.65 66.32
N SER A 282 -89.80 18.36 67.35
CA SER A 282 -89.29 17.98 68.69
C SER A 282 -88.51 16.68 68.56
N PHE A 283 -87.32 16.60 69.16
CA PHE A 283 -86.46 15.39 69.08
C PHE A 283 -87.23 14.10 69.40
N GLU A 284 -88.04 14.10 70.48
CA GLU A 284 -88.74 12.86 70.91
C GLU A 284 -89.66 12.31 69.81
N TYR A 285 -89.33 12.51 68.53
CA TYR A 285 -90.15 11.95 67.46
C TYR A 285 -89.35 11.19 66.41
N GLY A 286 -88.08 10.93 66.61
CA GLY A 286 -87.30 10.12 65.69
C GLY A 286 -86.61 10.96 64.64
N GLN A 287 -85.70 10.32 63.94
CA GLN A 287 -84.92 10.97 62.90
C GLN A 287 -85.62 10.96 61.55
N VAL A 288 -86.88 10.52 61.49
CA VAL A 288 -87.67 10.54 60.27
C VAL A 288 -88.73 11.61 60.32
N ASN A 289 -89.48 11.69 61.42
CA ASN A 289 -90.44 12.77 61.57
C ASN A 289 -89.79 14.14 61.62
N HIS A 290 -88.46 14.22 61.60
CA HIS A 290 -87.75 15.47 61.48
C HIS A 290 -87.56 15.85 60.01
N ALA A 291 -86.83 15.01 59.27
CA ALA A 291 -86.56 15.32 57.87
C ALA A 291 -87.83 15.35 57.06
N LEU A 292 -88.91 14.74 57.55
CA LEU A 292 -90.21 14.94 56.93
C LEU A 292 -90.74 16.34 57.17
N ALA A 293 -90.47 16.92 58.34
CA ALA A 293 -90.91 18.28 58.61
C ALA A 293 -90.02 19.32 57.96
N ALA A 294 -88.77 18.99 57.66
CA ALA A 294 -87.91 19.94 56.97
C ALA A 294 -88.29 20.03 55.49
N ALA A 295 -88.34 18.88 54.81
CA ALA A 295 -88.75 18.89 53.41
C ALA A 295 -90.17 19.37 53.22
N MET A 296 -90.97 19.36 54.28
CA MET A 296 -92.30 19.94 54.25
C MET A 296 -92.30 21.42 54.55
N ARG A 297 -91.13 22.01 54.73
CA ARG A 297 -91.01 23.44 54.99
C ARG A 297 -90.63 24.25 53.77
N THR A 298 -89.84 23.67 52.87
CA THR A 298 -89.48 24.37 51.64
C THR A 298 -90.71 24.75 50.83
N LEU A 299 -91.75 23.90 50.85
CA LEU A 299 -92.98 24.24 50.13
C LEU A 299 -93.70 25.40 50.81
N VAL A 300 -93.66 25.46 52.14
CA VAL A 300 -94.26 26.61 52.83
C VAL A 300 -93.53 27.89 52.45
N LYS A 301 -92.22 27.82 52.23
CA LYS A 301 -91.49 28.99 51.79
C LYS A 301 -91.98 29.44 50.42
N GLU A 302 -92.14 28.50 49.48
CA GLU A 302 -92.63 28.85 48.15
C GLU A 302 -94.09 29.26 48.17
N HIS A 303 -94.84 28.92 49.21
CA HIS A 303 -96.20 29.42 49.34
C HIS A 303 -96.22 30.85 49.86
N LEU A 304 -95.19 31.26 50.61
CA LEU A 304 -95.09 32.64 51.05
C LEU A 304 -94.63 33.57 49.95
N ILE A 305 -93.88 33.07 48.97
CA ILE A 305 -93.53 33.88 47.82
C ILE A 305 -94.73 34.10 46.92
N LEU A 306 -95.61 33.10 46.80
CA LEU A 306 -96.79 33.25 45.96
C LEU A 306 -97.79 34.25 46.54
N VAL A 307 -97.74 34.50 47.85
CA VAL A 307 -98.58 35.55 48.41
C VAL A 307 -97.91 36.91 48.29
N SER A 308 -96.59 36.98 48.27
CA SER A 308 -95.90 38.24 48.06
C SER A 308 -96.15 38.78 46.65
N GLN A 309 -96.01 37.92 45.64
CA GLN A 309 -96.18 38.36 44.27
C GLN A 309 -97.62 38.77 43.98
N LEU A 310 -98.56 38.36 44.82
CA LEU A 310 -99.93 38.81 44.64
C LEU A 310 -100.16 40.21 45.20
N GLU A 311 -99.59 40.53 46.37
CA GLU A 311 -99.74 41.87 46.90
C GLU A 311 -99.07 42.92 46.02
N GLN A 312 -97.87 42.64 45.53
CA GLN A 312 -97.20 43.55 44.61
C GLN A 312 -97.99 43.70 43.31
N LEU A 313 -98.71 42.66 42.91
CA LEU A 313 -99.60 42.77 41.77
C LEU A 313 -100.94 43.37 42.15
N HIS A 314 -101.24 43.45 43.45
CA HIS A 314 -102.47 44.07 43.90
C HIS A 314 -102.39 45.59 43.91
N ARG A 315 -101.18 46.15 44.04
CA ARG A 315 -101.05 47.60 44.10
C ARG A 315 -101.50 48.25 42.79
N GLN A 316 -101.14 47.65 41.67
CA GLN A 316 -101.61 48.17 40.40
C GLN A 316 -103.08 47.89 40.14
N GLY A 317 -103.82 47.34 41.09
CA GLY A 317 -105.23 47.08 40.92
C GLY A 317 -105.56 45.98 39.93
N LEU A 318 -104.57 45.30 39.38
CA LEU A 318 -104.80 44.27 38.38
C LEU A 318 -105.32 42.96 38.97
N LEU A 319 -105.67 42.95 40.25
CA LEU A 319 -106.06 41.72 40.95
C LEU A 319 -107.52 41.82 41.35
N SER A 320 -108.40 41.32 40.51
CA SER A 320 -109.81 41.23 40.86
C SER A 320 -110.08 39.92 41.59
N LEU A 321 -111.18 39.89 42.35
CA LEU A 321 -111.51 38.71 43.14
C LEU A 321 -111.65 37.48 42.26
N GLN A 322 -112.31 37.61 41.12
CA GLN A 322 -112.42 36.50 40.18
C GLN A 322 -111.06 36.06 39.68
N LYS A 323 -110.13 37.01 39.50
CA LYS A 323 -108.78 36.66 39.06
C LYS A 323 -108.00 35.96 40.15
N LEU A 324 -108.40 36.11 41.41
CA LEU A 324 -107.68 35.48 42.50
C LEU A 324 -107.93 33.98 42.54
N TRP A 325 -109.19 33.58 42.40
CA TRP A 325 -109.59 32.18 42.46
C TRP A 325 -108.82 31.30 41.49
N PHE A 326 -108.27 31.88 40.42
CA PHE A 326 -107.51 31.12 39.44
C PHE A 326 -106.01 31.11 39.75
N TYR A 327 -105.50 32.14 40.42
CA TYR A 327 -104.05 32.21 40.65
C TYR A 327 -103.59 31.18 41.66
N ILE A 328 -104.36 30.95 42.74
CA ILE A 328 -103.92 30.09 43.82
C ILE A 328 -104.18 28.61 43.57
N GLN A 329 -104.66 28.25 42.39
CA GLN A 329 -104.99 26.84 42.14
C GLN A 329 -103.81 25.89 42.33
N PRO A 330 -102.59 26.20 41.90
CA PRO A 330 -101.47 25.31 42.27
C PRO A 330 -101.28 25.19 43.77
N ALA A 331 -101.63 26.22 44.53
CA ALA A 331 -101.51 26.15 45.98
C ALA A 331 -102.67 25.42 46.65
N MET A 332 -103.85 25.41 46.04
CA MET A 332 -104.97 24.69 46.62
C MET A 332 -104.83 23.19 46.47
N ARG A 333 -104.01 22.73 45.51
CA ARG A 333 -103.77 21.31 45.35
C ARG A 333 -102.60 20.81 46.18
N THR A 334 -101.54 21.61 46.30
CA THR A 334 -100.39 21.18 47.10
C THR A 334 -100.70 21.25 48.59
N MET A 335 -101.14 22.41 49.07
CA MET A 335 -101.50 22.52 50.48
C MET A 335 -102.73 21.71 50.84
N ASP A 336 -103.31 20.96 49.90
CA ASP A 336 -104.32 19.96 50.20
C ASP A 336 -103.71 18.57 50.34
N ILE A 337 -102.54 18.34 49.77
CA ILE A 337 -101.83 17.08 49.96
C ILE A 337 -101.15 17.03 51.31
N LEU A 338 -100.38 18.07 51.63
CA LEU A 338 -99.65 18.10 52.90
C LEU A 338 -100.57 18.19 54.10
N ALA A 339 -101.70 18.88 53.98
CA ALA A 339 -102.67 18.92 55.07
C ALA A 339 -103.40 17.59 55.23
N SER A 340 -103.13 16.62 54.36
CA SER A 340 -103.65 15.27 54.53
C SER A 340 -102.62 14.30 55.08
N LEU A 341 -101.33 14.50 54.79
CA LEU A 341 -100.31 13.70 55.45
C LEU A 341 -100.12 14.13 56.89
N ALA A 342 -100.06 15.45 57.13
CA ALA A 342 -99.88 15.95 58.49
C ALA A 342 -101.06 15.64 59.40
N THR A 343 -102.19 15.21 58.86
CA THR A 343 -103.31 14.76 59.68
C THR A 343 -103.44 13.24 59.72
N SER A 344 -102.67 12.52 58.92
CA SER A 344 -102.69 11.06 58.92
C SER A 344 -101.42 10.46 59.51
N VAL A 345 -100.44 11.29 59.86
CA VAL A 345 -99.23 10.82 60.52
C VAL A 345 -99.41 11.00 62.01
N ASP A 346 -100.25 11.96 62.40
CA ASP A 346 -100.51 12.20 63.81
C ASP A 346 -101.75 11.46 64.33
N LYS A 347 -102.65 11.02 63.44
CA LYS A 347 -103.81 10.25 63.89
C LYS A 347 -103.37 8.99 64.61
N GLY A 348 -102.71 8.08 63.87
CA GLY A 348 -102.06 6.95 64.46
C GLY A 348 -100.60 7.30 64.67
N GLU A 349 -100.20 7.37 65.94
CA GLU A 349 -98.87 7.87 66.28
C GLU A 349 -97.79 7.07 65.55
N CYS A 350 -97.12 7.72 64.61
CA CYS A 350 -96.09 7.08 63.81
C CYS A 350 -94.75 7.76 64.06
N LEU A 351 -93.69 6.97 64.12
CA LEU A 351 -92.34 7.50 64.23
C LEU A 351 -91.38 6.43 63.76
N GLY A 352 -90.48 6.81 62.88
CA GLY A 352 -89.51 5.86 62.35
C GLY A 352 -90.00 5.23 61.04
N GLY A 353 -90.04 3.91 61.00
CA GLY A 353 -90.41 3.20 59.79
C GLY A 353 -91.87 3.36 59.45
N SER A 354 -92.74 3.41 60.46
CA SER A 354 -94.17 3.52 60.21
C SER A 354 -94.56 4.89 59.68
N THR A 355 -93.65 5.87 59.67
CA THR A 355 -93.84 7.14 59.00
C THR A 355 -93.24 7.13 57.62
N LEU A 356 -92.40 6.14 57.30
CA LEU A 356 -91.89 5.92 55.97
C LEU A 356 -92.75 4.96 55.16
N SER A 357 -93.61 4.18 55.80
CA SER A 357 -94.57 3.38 55.08
C SER A 357 -95.72 4.22 54.54
N LEU A 358 -96.20 5.16 55.36
CA LEU A 358 -97.35 5.96 54.97
C LEU A 358 -97.04 6.83 53.75
N LEU A 359 -95.80 7.28 53.61
CA LEU A 359 -95.38 8.03 52.44
C LEU A 359 -95.17 7.15 51.22
N HIS A 360 -95.28 5.83 51.36
CA HIS A 360 -95.17 4.92 50.23
C HIS A 360 -96.50 4.37 49.77
N ASP A 361 -97.55 4.46 50.59
CA ASP A 361 -98.89 4.16 50.14
C ASP A 361 -99.64 5.38 49.65
N ARG A 362 -99.46 6.53 50.32
CA ARG A 362 -100.03 7.78 49.82
C ARG A 362 -99.37 8.24 48.54
N SER A 363 -98.25 7.63 48.14
CA SER A 363 -97.68 7.84 46.83
C SER A 363 -98.18 6.85 45.79
N PHE A 364 -98.81 5.77 46.24
CA PHE A 364 -99.36 4.77 45.33
C PHE A 364 -100.80 5.09 44.94
N SER A 365 -101.54 5.78 45.82
CA SER A 365 -102.91 6.14 45.49
C SER A 365 -102.97 7.14 44.35
N TYR A 366 -102.00 8.05 44.28
CA TYR A 366 -101.95 9.07 43.23
C TYR A 366 -101.17 8.56 42.02
N THR A 367 -101.55 7.38 41.56
CA THR A 367 -100.86 6.77 40.42
C THR A 367 -101.34 7.31 39.09
N GLY A 368 -102.36 8.16 39.07
CA GLY A 368 -102.85 8.73 37.83
C GLY A 368 -102.94 10.24 37.89
N ASP A 369 -102.40 10.84 38.95
CA ASP A 369 -102.39 12.29 39.09
C ASP A 369 -101.20 12.91 38.39
N SER A 370 -100.00 12.34 38.59
CA SER A 370 -98.77 12.75 37.93
C SER A 370 -98.31 14.13 38.37
N GLN A 371 -99.09 14.80 39.23
CA GLN A 371 -98.69 16.06 39.82
C GLN A 371 -98.56 16.00 41.33
N ALA A 372 -99.47 15.29 42.01
CA ALA A 372 -99.30 14.97 43.42
C ALA A 372 -98.55 13.66 43.60
N GLN A 373 -98.06 13.07 42.51
CA GLN A 373 -97.17 11.91 42.57
C GLN A 373 -95.71 12.30 42.41
N GLU A 374 -95.44 13.44 41.79
CA GLU A 374 -94.11 14.04 41.86
C GLU A 374 -93.82 14.62 43.22
N LEU A 375 -94.84 15.14 43.92
CA LEU A 375 -94.67 15.71 45.25
C LEU A 375 -94.38 14.61 46.27
N CYS A 376 -95.32 13.68 46.44
CA CYS A 376 -95.14 12.61 47.42
C CYS A 376 -93.95 11.72 47.11
N LEU A 377 -93.28 11.91 45.97
CA LEU A 377 -91.98 11.32 45.77
C LEU A 377 -90.85 12.22 46.22
N TYR A 378 -91.08 13.54 46.24
CA TYR A 378 -90.08 14.46 46.75
C TYR A 378 -89.99 14.42 48.27
N LEU A 379 -91.10 14.15 48.95
CA LEU A 379 -91.05 14.01 50.40
C LEU A 379 -90.34 12.72 50.80
N THR A 380 -90.79 11.58 50.28
CA THR A 380 -90.23 10.31 50.71
C THR A 380 -88.77 10.18 50.29
N LYS A 381 -88.37 10.89 49.25
CA LYS A 381 -86.96 10.91 48.90
C LYS A 381 -86.12 11.67 49.93
N ALA A 382 -86.72 12.61 50.65
CA ALA A 382 -86.02 13.39 51.66
C ALA A 382 -86.32 12.94 53.07
N ALA A 383 -87.46 12.32 53.32
CA ALA A 383 -87.79 11.78 54.63
C ALA A 383 -87.22 10.40 54.86
N SER A 384 -86.33 9.93 53.99
CA SER A 384 -85.74 8.62 54.12
C SER A 384 -84.23 8.65 54.16
N ALA A 385 -83.61 9.80 53.92
CA ALA A 385 -82.16 9.88 54.05
C ALA A 385 -81.65 9.55 55.45
N PRO A 386 -82.32 9.95 56.53
CA PRO A 386 -81.82 9.53 57.85
C PRO A 386 -81.93 8.03 58.07
N TYR A 387 -83.03 7.41 57.63
CA TYR A 387 -83.17 5.98 57.82
C TYR A 387 -82.15 5.22 57.00
N PHE A 388 -81.93 5.61 55.76
CA PHE A 388 -80.97 4.92 54.92
C PHE A 388 -79.53 5.29 55.25
N GLU A 389 -79.30 6.07 56.31
CA GLU A 389 -77.95 6.32 56.77
C GLU A 389 -77.59 5.52 58.01
N VAL A 390 -78.58 4.97 58.71
CA VAL A 390 -78.30 4.00 59.75
C VAL A 390 -78.24 2.60 59.17
N LEU A 391 -78.81 2.39 57.99
CA LEU A 391 -78.78 1.08 57.36
C LEU A 391 -77.41 0.77 56.78
N GLU A 392 -76.78 1.74 56.12
CA GLU A 392 -75.46 1.55 55.58
C GLU A 392 -74.40 1.36 56.65
N LYS A 393 -74.76 1.49 57.93
CA LYS A 393 -73.90 1.14 59.03
C LYS A 393 -74.19 -0.25 59.59
N TRP A 394 -75.40 -0.77 59.37
CA TRP A 394 -75.79 -2.07 59.87
C TRP A 394 -75.50 -3.19 58.88
N ILE A 395 -75.27 -2.86 57.61
CA ILE A 395 -74.96 -3.89 56.62
C ILE A 395 -73.48 -3.93 56.30
N TYR A 396 -72.90 -2.79 55.91
CA TYR A 396 -71.48 -2.74 55.63
C TYR A 396 -70.62 -2.82 56.88
N ARG A 397 -71.24 -2.69 58.06
CA ARG A 397 -70.57 -2.92 59.32
C ARG A 397 -71.61 -3.48 60.29
N GLY A 398 -71.21 -3.70 61.53
CA GLY A 398 -72.13 -4.29 62.47
C GLY A 398 -72.75 -3.34 63.46
N ILE A 399 -72.37 -2.06 63.44
CA ILE A 399 -72.77 -1.12 64.49
C ILE A 399 -74.17 -0.61 64.22
N ILE A 400 -74.95 -0.46 65.29
CA ILE A 400 -76.33 0.02 65.23
C ILE A 400 -76.42 1.24 66.11
N HIS A 401 -76.59 2.42 65.49
CA HIS A 401 -76.61 3.65 66.29
C HIS A 401 -77.98 3.93 66.89
N ASP A 402 -78.97 4.22 66.04
CA ASP A 402 -80.38 4.34 66.41
C ASP A 402 -80.61 4.97 67.78
N PRO A 403 -80.31 6.26 67.96
CA PRO A 403 -80.50 6.87 69.28
C PRO A 403 -81.93 6.78 69.78
N TYR A 404 -82.90 7.19 68.97
CA TYR A 404 -84.30 6.94 69.29
C TYR A 404 -84.67 5.56 68.78
N SER A 405 -85.64 4.93 69.44
CA SER A 405 -86.04 3.59 69.05
C SER A 405 -86.86 3.63 67.77
N GLU A 406 -86.19 3.57 66.61
CA GLU A 406 -86.88 3.62 65.32
C GLU A 406 -86.41 2.58 64.32
N PHE A 407 -85.23 2.00 64.49
CA PHE A 407 -84.69 1.12 63.48
C PHE A 407 -85.40 -0.24 63.53
N MET A 408 -85.32 -0.97 62.40
CA MET A 408 -86.04 -2.23 62.30
C MET A 408 -85.32 -3.36 63.03
N VAL A 409 -84.09 -3.14 63.46
CA VAL A 409 -83.28 -4.15 64.14
C VAL A 409 -82.75 -3.57 65.43
N GLU A 410 -83.12 -4.18 66.55
CA GLU A 410 -82.66 -3.75 67.87
C GLU A 410 -81.80 -4.83 68.49
N GLU A 411 -80.87 -4.43 69.34
CA GLU A 411 -80.01 -5.40 69.98
C GLU A 411 -80.40 -5.58 71.44
N HIS A 412 -79.75 -6.54 72.10
CA HIS A 412 -80.05 -6.90 73.48
C HIS A 412 -78.73 -7.12 74.21
N GLU A 413 -78.82 -7.75 75.37
CA GLU A 413 -77.63 -8.07 76.15
C GLU A 413 -77.83 -9.31 77.01
N TYR A 427 -79.32 -17.53 73.27
CA TYR A 427 -77.93 -17.15 73.49
C TYR A 427 -77.40 -16.30 72.34
N TRP A 428 -77.93 -16.53 71.14
CA TRP A 428 -77.60 -15.70 69.99
C TRP A 428 -78.80 -15.38 69.13
N ASP A 429 -79.93 -16.03 69.34
CA ASP A 429 -81.16 -15.60 68.69
C ASP A 429 -81.90 -14.53 69.46
N GLN A 430 -81.45 -14.21 70.68
CA GLN A 430 -81.97 -13.09 71.42
C GLN A 430 -81.04 -11.88 71.41
N ARG A 431 -79.93 -11.96 70.68
CA ARG A 431 -79.04 -10.80 70.59
C ARG A 431 -79.65 -9.70 69.74
N TYR A 432 -79.93 -9.99 68.47
CA TYR A 432 -80.61 -9.06 67.57
C TYR A 432 -81.93 -9.67 67.12
N THR A 433 -83.01 -8.91 67.24
CA THR A 433 -84.33 -9.40 66.87
C THR A 433 -85.10 -8.33 66.11
N ILE A 434 -85.83 -8.75 65.08
CA ILE A 434 -86.60 -7.82 64.26
C ILE A 434 -87.73 -7.23 65.09
N VAL A 435 -87.93 -5.92 64.97
CA VAL A 435 -89.14 -5.28 65.45
C VAL A 435 -90.12 -5.21 64.28
N GLN A 436 -91.36 -5.66 64.49
CA GLN A 436 -92.26 -5.86 63.37
C GLN A 436 -92.90 -4.56 62.92
N GLN A 437 -93.21 -3.67 63.86
CA GLN A 437 -93.89 -2.42 63.50
C GLN A 437 -93.04 -1.58 62.56
N GLN A 438 -91.79 -1.31 62.95
CA GLN A 438 -90.95 -0.35 62.25
C GLN A 438 -90.27 -0.98 61.04
N ILE A 439 -91.10 -1.43 60.10
CA ILE A 439 -90.65 -2.00 58.84
C ILE A 439 -91.16 -1.10 57.71
N PRO A 440 -90.31 -0.69 56.77
CA PRO A 440 -90.74 0.30 55.78
C PRO A 440 -91.85 -0.15 54.85
N SER A 441 -92.22 -1.43 54.87
CA SER A 441 -93.29 -1.98 54.03
C SER A 441 -92.98 -1.89 52.54
N PHE A 442 -91.79 -1.40 52.19
CA PHE A 442 -91.23 -1.65 50.87
C PHE A 442 -89.90 -2.38 50.94
N LEU A 443 -89.37 -2.59 52.14
CA LEU A 443 -88.32 -3.55 52.40
C LEU A 443 -88.85 -4.81 53.06
N GLN A 444 -90.17 -4.92 53.23
CA GLN A 444 -90.76 -6.09 53.88
C GLN A 444 -90.38 -7.37 53.16
N LYS A 445 -90.04 -7.29 51.88
CA LYS A 445 -89.60 -8.48 51.16
C LYS A 445 -88.29 -9.01 51.71
N MET A 446 -87.40 -8.13 52.14
CA MET A 446 -86.07 -8.51 52.61
C MET A 446 -85.89 -8.19 54.09
N ALA A 447 -86.92 -8.41 54.89
CA ALA A 447 -86.81 -8.15 56.32
C ALA A 447 -85.93 -9.19 57.03
N ASP A 448 -85.62 -10.30 56.39
CA ASP A 448 -84.82 -11.35 57.01
C ASP A 448 -83.38 -11.35 56.54
N LYS A 449 -83.10 -10.86 55.33
CA LYS A 449 -81.74 -10.79 54.86
C LYS A 449 -80.96 -9.64 55.51
N ILE A 450 -81.65 -8.55 55.85
CA ILE A 450 -80.98 -7.45 56.55
C ILE A 450 -80.53 -7.92 57.93
N LEU A 451 -81.46 -8.47 58.71
CA LEU A 451 -81.13 -8.95 60.04
C LEU A 451 -80.06 -10.03 59.98
N SER A 452 -80.06 -10.84 58.93
CA SER A 452 -79.06 -11.89 58.79
C SER A 452 -77.74 -11.36 58.25
N THR A 453 -77.71 -10.15 57.70
CA THR A 453 -76.47 -9.64 57.11
C THR A 453 -75.56 -9.06 58.18
N GLY A 454 -76.10 -8.23 59.06
CA GLY A 454 -75.29 -7.66 60.12
C GLY A 454 -74.95 -8.67 61.20
N LYS A 455 -75.85 -9.63 61.46
CA LYS A 455 -75.61 -10.61 62.50
C LYS A 455 -74.34 -11.41 62.23
N TYR A 456 -74.06 -11.71 60.96
CA TYR A 456 -72.84 -12.43 60.64
C TYR A 456 -71.61 -11.54 60.81
N LEU A 457 -71.78 -10.23 60.67
CA LEU A 457 -70.64 -9.34 60.80
C LEU A 457 -70.20 -9.17 62.25
N ASN A 458 -71.05 -9.51 63.21
CA ASN A 458 -70.70 -9.28 64.60
C ASN A 458 -70.00 -10.48 65.23
N VAL A 459 -70.31 -11.70 64.78
CA VAL A 459 -69.70 -12.88 65.37
C VAL A 459 -68.27 -13.01 64.87
N VAL A 460 -67.86 -12.12 63.98
CA VAL A 460 -66.49 -12.05 63.51
C VAL A 460 -65.79 -10.80 64.02
N ARG A 461 -66.52 -9.69 64.15
CA ARG A 461 -65.90 -8.46 64.63
C ARG A 461 -65.43 -8.60 66.07
N GLU A 462 -66.25 -9.18 66.94
CA GLU A 462 -65.83 -9.35 68.32
C GLU A 462 -64.80 -10.46 68.49
N CYS A 463 -64.50 -11.21 67.44
CA CYS A 463 -63.45 -12.22 67.49
C CYS A 463 -62.12 -11.71 66.96
N GLY A 464 -62.14 -10.85 65.96
CA GLY A 464 -60.92 -10.29 65.40
C GLY A 464 -60.66 -10.72 63.96
N GLU A 474 -73.48 2.98 49.23
CA GLU A 474 -74.46 4.06 49.26
C GLU A 474 -75.81 3.59 48.73
N ILE A 475 -76.89 4.04 49.37
CA ILE A 475 -78.25 3.63 49.04
C ILE A 475 -79.11 4.87 48.88
N ILE A 476 -79.92 4.89 47.82
CA ILE A 476 -80.87 5.97 47.56
C ILE A 476 -82.21 5.35 47.19
N TYR A 477 -83.28 6.05 47.58
CA TYR A 477 -84.64 5.55 47.35
C TYR A 477 -85.13 5.97 45.97
N THR A 478 -85.69 5.01 45.22
CA THR A 478 -86.28 5.28 43.92
C THR A 478 -87.58 4.51 43.80
N LEU A 479 -88.51 5.04 43.01
CA LEU A 479 -89.80 4.42 42.80
C LEU A 479 -89.77 3.58 41.52
N LYS A 480 -90.39 2.40 41.60
CA LYS A 480 -90.47 1.43 40.50
C LYS A 480 -89.10 0.98 40.03
N GLU A 481 -88.03 1.35 40.74
CA GLU A 481 -86.69 0.89 40.44
C GLU A 481 -86.11 0.30 41.71
N ARG A 482 -85.57 -0.92 41.60
CA ARG A 482 -85.13 -1.69 42.76
C ARG A 482 -83.61 -1.66 42.90
N ALA A 483 -82.98 -0.51 42.63
CA ALA A 483 -81.53 -0.41 42.73
C ALA A 483 -81.03 -0.56 44.16
N TYR A 484 -81.88 -0.37 45.17
CA TYR A 484 -81.50 -0.60 46.54
C TYR A 484 -81.81 -2.01 47.02
N VAL A 485 -82.87 -2.62 46.52
CA VAL A 485 -83.15 -4.02 46.82
C VAL A 485 -82.04 -4.91 46.26
N GLU A 486 -81.51 -4.55 45.10
CA GLU A 486 -80.39 -5.30 44.57
C GLU A 486 -79.10 -4.97 45.30
N GLN A 487 -78.99 -3.74 45.84
CA GLN A 487 -77.76 -3.35 46.51
C GLN A 487 -77.58 -4.07 47.84
N ILE A 488 -78.67 -4.50 48.46
CA ILE A 488 -78.58 -5.21 49.73
C ILE A 488 -78.12 -6.64 49.50
N GLU A 489 -78.62 -7.29 48.46
CA GLU A 489 -78.21 -8.66 48.16
C GLU A 489 -76.74 -8.74 47.80
N LYS A 490 -76.16 -7.66 47.28
CA LYS A 490 -74.75 -7.69 46.92
C LYS A 490 -73.83 -7.63 48.13
N ALA A 491 -74.36 -7.25 49.29
CA ALA A 491 -73.59 -7.23 50.52
C ALA A 491 -73.86 -8.43 51.41
N PHE A 492 -75.11 -8.91 51.44
CA PHE A 492 -75.41 -10.13 52.18
C PHE A 492 -74.74 -11.33 51.54
N ASN A 493 -74.56 -11.31 50.22
CA ASN A 493 -73.84 -12.38 49.56
C ASN A 493 -72.36 -12.36 49.86
N TYR A 494 -71.85 -11.27 50.42
CA TYR A 494 -70.49 -11.23 50.93
C TYR A 494 -70.42 -11.38 52.44
N ALA A 495 -71.47 -10.97 53.14
CA ALA A 495 -71.47 -11.08 54.60
C ALA A 495 -71.29 -12.52 55.06
N SER A 496 -71.84 -13.47 54.31
CA SER A 496 -71.70 -14.88 54.68
C SER A 496 -70.37 -15.46 54.23
N LYS A 497 -69.87 -15.04 53.06
CA LYS A 497 -68.64 -15.61 52.53
C LYS A 497 -67.42 -15.21 53.36
N VAL A 498 -67.57 -14.28 54.30
CA VAL A 498 -66.45 -13.97 55.18
C VAL A 498 -66.58 -14.74 56.49
N LEU A 499 -67.79 -15.08 56.89
CA LEU A 499 -67.97 -15.85 58.13
C LEU A 499 -67.91 -17.35 57.86
N LEU A 500 -68.61 -17.82 56.83
CA LEU A 500 -68.55 -19.24 56.51
C LEU A 500 -67.11 -19.69 56.25
N ASP A 501 -66.36 -18.89 55.49
CA ASP A 501 -64.94 -19.18 55.32
C ASP A 501 -64.18 -19.06 56.63
N PHE A 502 -64.67 -18.22 57.55
CA PHE A 502 -63.98 -18.06 58.83
C PHE A 502 -64.10 -19.29 59.70
N LEU A 503 -65.07 -20.16 59.43
CA LEU A 503 -65.24 -21.36 60.24
C LEU A 503 -64.74 -22.62 59.55
N MET A 504 -64.34 -22.55 58.28
CA MET A 504 -63.88 -23.75 57.60
C MET A 504 -62.36 -23.83 57.53
N GLU A 505 -61.67 -22.70 57.36
CA GLU A 505 -60.20 -22.73 57.28
C GLU A 505 -59.56 -22.48 58.63
N GLU A 506 -59.73 -21.29 59.19
CA GLU A 506 -59.29 -21.02 60.55
C GLU A 506 -60.38 -21.46 61.52
N LYS A 507 -59.98 -21.92 62.70
CA LYS A 507 -60.85 -22.61 63.65
C LYS A 507 -61.83 -23.51 62.91
N GLU A 508 -61.25 -24.45 62.18
CA GLU A 508 -62.01 -25.31 61.27
C GLU A 508 -63.12 -26.03 61.99
N LEU A 509 -67.11 -23.39 61.38
CA LEU A 509 -68.20 -24.22 61.87
C LEU A 509 -68.21 -25.62 61.30
N VAL A 510 -67.86 -25.78 60.01
CA VAL A 510 -67.90 -27.11 59.41
C VAL A 510 -66.76 -27.97 59.95
N ALA A 511 -65.58 -27.37 60.16
CA ALA A 511 -64.49 -28.08 60.82
C ALA A 511 -64.68 -28.16 62.32
N HIS A 512 -65.81 -27.69 62.82
CA HIS A 512 -66.16 -27.74 64.24
C HIS A 512 -67.21 -28.78 64.55
N LEU A 513 -67.99 -29.19 63.55
CA LEU A 513 -68.97 -30.25 63.76
C LEU A 513 -68.34 -31.62 63.60
N ARG A 514 -67.33 -31.76 62.74
CA ARG A 514 -66.61 -33.02 62.64
C ARG A 514 -65.92 -33.40 63.94
N SER A 515 -65.65 -32.42 64.80
CA SER A 515 -65.17 -32.72 66.15
C SER A 515 -66.29 -33.18 67.08
N ILE A 516 -67.53 -33.17 66.62
CA ILE A 516 -68.65 -33.72 67.38
C ILE A 516 -69.00 -35.12 66.89
N LYS A 517 -68.98 -35.34 65.58
CA LYS A 517 -69.22 -36.69 65.06
C LYS A 517 -68.15 -37.66 65.55
N ARG A 518 -66.95 -37.17 65.87
CA ARG A 518 -65.90 -38.06 66.37
C ARG A 518 -66.24 -38.61 67.73
N TYR A 519 -67.03 -37.89 68.53
CA TYR A 519 -67.30 -38.29 69.90
C TYR A 519 -68.76 -38.61 70.15
N PHE A 520 -69.68 -37.76 69.71
CA PHE A 520 -71.09 -37.97 70.01
C PHE A 520 -71.68 -39.05 69.12
N LEU A 521 -71.45 -38.97 67.81
CA LEU A 521 -72.01 -39.93 66.88
C LEU A 521 -71.17 -41.18 66.75
N MET A 522 -70.07 -41.28 67.49
CA MET A 522 -69.25 -42.49 67.58
C MET A 522 -68.71 -42.92 66.21
N ASP A 523 -68.10 -41.96 65.51
CA ASP A 523 -67.53 -42.20 64.16
C ASP A 523 -66.15 -42.84 64.29
N GLN A 524 -65.49 -42.62 65.43
CA GLN A 524 -64.14 -43.20 65.69
C GLN A 524 -64.23 -44.20 66.85
N GLY A 525 -64.06 -45.48 66.56
CA GLY A 525 -64.13 -46.54 67.59
C GLY A 525 -62.78 -46.80 68.22
N ASP A 526 -61.75 -46.07 67.81
CA ASP A 526 -60.38 -46.24 68.35
C ASP A 526 -60.29 -45.56 69.72
N PHE A 527 -61.17 -44.60 69.98
CA PHE A 527 -61.19 -43.86 71.28
C PHE A 527 -62.10 -44.58 72.26
N PHE A 528 -63.07 -45.36 71.75
CA PHE A 528 -64.02 -46.11 72.61
C PHE A 528 -63.41 -47.45 73.00
N VAL A 529 -62.96 -48.22 72.00
CA VAL A 529 -62.34 -49.55 72.24
C VAL A 529 -61.23 -49.40 73.30
N HIS A 530 -60.73 -48.18 73.48
CA HIS A 530 -59.68 -47.91 74.45
C HIS A 530 -60.19 -47.21 75.70
N PHE A 531 -61.40 -46.65 75.66
CA PHE A 531 -61.93 -45.98 76.85
C PHE A 531 -62.72 -46.94 77.73
N MET A 532 -63.68 -47.66 77.16
CA MET A 532 -64.38 -48.68 77.94
C MET A 532 -63.42 -49.74 78.45
N ASP A 533 -62.32 -49.98 77.72
CA ASP A 533 -61.33 -50.93 78.18
C ASP A 533 -60.65 -50.46 79.46
N LEU A 534 -60.71 -49.15 79.74
CA LEU A 534 -60.13 -48.59 80.95
C LEU A 534 -61.17 -48.38 82.05
N ALA A 535 -62.30 -47.76 81.72
CA ALA A 535 -63.30 -47.38 82.71
C ALA A 535 -64.47 -48.34 82.75
N GLU A 536 -64.22 -49.64 82.58
CA GLU A 536 -65.30 -50.63 82.67
C GLU A 536 -65.61 -50.97 84.11
N GLU A 537 -64.61 -51.40 84.87
CA GLU A 537 -64.82 -51.78 86.27
C GLU A 537 -65.35 -50.61 87.08
N GLU A 538 -64.89 -49.40 86.78
CA GLU A 538 -65.24 -48.22 87.55
C GLU A 538 -66.49 -47.53 87.05
N LEU A 539 -67.27 -48.19 86.18
CA LEU A 539 -68.60 -47.73 85.81
C LEU A 539 -69.70 -48.68 86.27
N ARG A 540 -69.39 -49.96 86.46
CA ARG A 540 -70.40 -50.88 86.96
C ARG A 540 -70.78 -50.60 88.40
N LYS A 541 -69.97 -49.82 89.12
CA LYS A 541 -70.35 -49.39 90.45
C LYS A 541 -71.61 -48.54 90.36
N PRO A 542 -72.47 -48.58 91.39
CA PRO A 542 -73.67 -47.75 91.37
C PRO A 542 -73.32 -46.27 91.44
N VAL A 543 -74.26 -45.45 90.98
CA VAL A 543 -74.07 -44.01 90.99
C VAL A 543 -74.00 -43.50 92.43
N GLU A 544 -73.56 -42.25 92.58
CA GLU A 544 -73.20 -41.63 93.87
C GLU A 544 -72.23 -42.52 94.65
N ASP A 545 -71.41 -43.28 93.92
CA ASP A 545 -70.32 -44.03 94.51
C ASP A 545 -69.02 -43.88 93.75
N ILE A 546 -69.03 -43.28 92.56
CA ILE A 546 -67.84 -43.09 91.73
C ILE A 546 -67.43 -41.63 91.80
N THR A 547 -66.13 -41.39 91.76
CA THR A 547 -65.59 -40.05 91.87
C THR A 547 -65.41 -39.45 90.48
N PRO A 548 -66.11 -38.38 90.14
CA PRO A 548 -65.98 -37.78 88.80
C PRO A 548 -64.55 -37.35 88.50
N PRO A 549 -63.75 -36.90 89.47
CA PRO A 549 -62.33 -36.64 89.17
C PRO A 549 -61.57 -37.86 88.69
N ARG A 550 -62.14 -39.06 88.77
CA ARG A 550 -61.48 -40.25 88.26
C ARG A 550 -61.85 -40.51 86.80
N LEU A 551 -63.11 -40.27 86.43
CA LEU A 551 -63.52 -40.50 85.05
C LEU A 551 -62.88 -39.49 84.11
N GLU A 552 -62.88 -38.21 84.49
CA GLU A 552 -62.22 -37.20 83.66
C GLU A 552 -60.75 -37.50 83.51
N ALA A 553 -60.12 -38.09 84.52
CA ALA A 553 -58.72 -38.47 84.40
C ALA A 553 -58.57 -39.70 83.52
N LEU A 554 -59.65 -40.44 83.27
CA LEU A 554 -59.58 -41.57 82.36
C LEU A 554 -59.96 -41.17 80.94
N LEU A 555 -60.93 -40.27 80.79
CA LEU A 555 -61.24 -39.72 79.48
C LEU A 555 -60.07 -38.95 78.91
N GLU A 556 -59.46 -38.09 79.73
CA GLU A 556 -58.34 -37.27 79.26
C GLU A 556 -57.18 -38.14 78.77
N LEU A 557 -57.05 -39.35 79.32
CA LEU A 557 -56.00 -40.25 78.89
C LEU A 557 -56.41 -41.08 77.67
N ALA A 558 -57.67 -41.51 77.60
CA ALA A 558 -58.09 -42.38 76.50
C ALA A 558 -57.97 -41.68 75.17
N LEU A 559 -58.05 -40.35 75.15
CA LEU A 559 -57.90 -39.61 73.91
C LEU A 559 -56.46 -39.69 73.39
N ARG A 560 -55.52 -39.15 74.16
CA ARG A 560 -54.17 -38.95 73.65
C ARG A 560 -53.48 -40.26 73.35
N MET A 561 -53.90 -41.35 73.98
CA MET A 561 -53.33 -42.64 73.65
C MET A 561 -53.86 -43.19 72.33
N SER A 562 -55.09 -42.86 71.97
CA SER A 562 -55.71 -43.38 70.76
C SER A 562 -55.32 -42.51 69.57
N THR A 563 -56.01 -42.69 68.44
CA THR A 563 -55.73 -41.93 67.24
C THR A 563 -56.48 -40.61 67.19
N ALA A 564 -57.28 -40.29 68.21
CA ALA A 564 -57.95 -38.99 68.26
C ALA A 564 -57.03 -37.89 68.71
N ASN A 565 -55.73 -38.16 68.83
CA ASN A 565 -54.79 -37.15 69.30
C ASN A 565 -54.68 -35.99 68.32
N THR A 566 -54.80 -36.26 67.02
CA THR A 566 -54.69 -35.22 66.00
C THR A 566 -56.03 -34.50 65.85
N ASP A 567 -56.31 -33.66 66.83
CA ASP A 567 -57.55 -32.89 66.86
C ASP A 567 -57.32 -31.59 67.60
N PRO A 568 -57.59 -30.44 66.97
CA PRO A 568 -57.38 -29.17 67.67
C PRO A 568 -58.34 -28.93 68.81
N PHE A 569 -59.52 -29.53 68.79
CA PHE A 569 -60.58 -29.20 69.73
C PHE A 569 -60.85 -30.30 70.76
N LYS A 570 -59.90 -31.21 70.96
CA LYS A 570 -60.16 -32.35 71.84
C LYS A 570 -60.27 -31.94 73.30
N ASP A 571 -59.88 -30.71 73.65
CA ASP A 571 -59.89 -30.27 75.03
C ASP A 571 -61.25 -29.78 75.48
N ASP A 572 -62.33 -30.12 74.78
CA ASP A 572 -63.66 -29.63 75.09
C ASP A 572 -64.64 -30.74 75.44
N LEU A 573 -64.15 -31.89 75.89
CA LEU A 573 -65.00 -33.00 76.28
C LEU A 573 -65.09 -33.06 77.80
N LYS A 574 -66.30 -32.98 78.32
CA LYS A 574 -66.54 -33.05 79.76
C LYS A 574 -67.53 -34.16 80.06
N ILE A 575 -67.33 -34.83 81.19
CA ILE A 575 -68.23 -35.88 81.62
C ILE A 575 -69.42 -35.24 82.31
N ASP A 576 -70.62 -35.77 82.04
CA ASP A 576 -71.85 -35.23 82.62
C ASP A 576 -72.75 -36.40 82.97
N LEU A 577 -72.76 -36.79 84.25
CA LEU A 577 -73.57 -37.92 84.71
C LEU A 577 -75.01 -37.46 84.85
N MET A 578 -75.85 -37.89 83.92
CA MET A 578 -77.24 -37.46 83.93
C MET A 578 -78.02 -38.13 85.06
N PRO A 579 -79.07 -37.49 85.57
CA PRO A 579 -79.85 -38.14 86.64
C PRO A 579 -80.69 -39.29 86.16
N HIS A 580 -81.41 -39.13 85.05
CA HIS A 580 -82.34 -40.15 84.59
C HIS A 580 -81.81 -40.83 83.34
N ASP A 581 -82.00 -42.15 83.27
CA ASP A 581 -81.50 -42.91 82.14
C ASP A 581 -82.35 -42.65 80.90
N LEU A 582 -82.05 -43.36 79.82
CA LEU A 582 -82.80 -43.22 78.57
C LEU A 582 -84.16 -43.88 78.76
N ILE A 583 -85.10 -43.07 79.25
CA ILE A 583 -86.43 -43.54 79.58
C ILE A 583 -87.13 -44.10 78.35
N SER A 611 -77.75 -47.92 88.98
CA SER A 611 -77.45 -47.20 87.75
C SER A 611 -75.97 -47.30 87.39
N GLY A 612 -75.24 -46.21 87.58
CA GLY A 612 -73.81 -46.20 87.30
C GLY A 612 -73.39 -46.12 85.86
N LEU A 613 -73.80 -47.10 85.05
CA LEU A 613 -73.38 -47.15 83.65
C LEU A 613 -74.39 -46.48 82.73
N GLU A 614 -75.67 -46.65 83.00
CA GLU A 614 -76.72 -46.09 82.16
C GLU A 614 -76.98 -44.61 82.45
N ALA A 615 -76.04 -43.93 83.10
CA ALA A 615 -76.13 -42.51 83.38
C ALA A 615 -74.80 -41.83 83.07
N PHE A 616 -74.21 -42.14 81.94
CA PHE A 616 -72.94 -41.57 81.50
C PHE A 616 -73.09 -40.99 80.11
N SER A 617 -72.60 -39.77 79.91
CA SER A 617 -72.71 -39.10 78.62
C SER A 617 -71.77 -37.91 78.59
N PHE A 618 -71.15 -37.69 77.43
CA PHE A 618 -70.22 -36.57 77.28
C PHE A 618 -70.97 -35.25 77.33
N ASP A 619 -70.20 -34.18 77.53
CA ASP A 619 -70.73 -32.83 77.46
C ASP A 619 -69.71 -31.94 76.77
N TYR A 620 -70.18 -30.94 76.05
CA TYR A 620 -69.34 -30.18 75.14
C TYR A 620 -69.64 -28.70 75.31
N ILE A 621 -68.60 -27.87 75.34
CA ILE A 621 -68.73 -26.45 75.63
C ILE A 621 -68.10 -25.64 74.50
N VAL A 622 -68.82 -24.61 74.06
CA VAL A 622 -68.38 -23.77 72.95
C VAL A 622 -68.52 -22.30 73.32
N LYS A 623 -67.79 -21.47 72.58
CA LYS A 623 -67.73 -20.04 72.88
C LYS A 623 -68.99 -19.34 72.37
N TRP A 624 -68.99 -18.00 72.41
CA TRP A 624 -70.19 -17.26 72.01
C TRP A 624 -70.53 -17.42 70.54
N PRO A 625 -69.64 -17.10 69.58
CA PRO A 625 -70.10 -16.99 68.19
C PRO A 625 -70.59 -18.30 67.62
N LEU A 626 -69.98 -19.42 68.00
CA LEU A 626 -70.43 -20.72 67.55
C LEU A 626 -71.58 -21.26 68.40
N SER A 627 -71.92 -20.59 69.50
CA SER A 627 -73.01 -21.08 70.33
C SER A 627 -74.37 -20.85 69.72
N LEU A 628 -74.52 -19.84 68.86
CA LEU A 628 -75.83 -19.58 68.25
C LEU A 628 -76.28 -20.76 67.41
N ILE A 629 -75.34 -21.57 66.90
CA ILE A 629 -75.69 -22.70 66.06
C ILE A 629 -75.94 -23.94 66.90
N ILE A 630 -74.97 -24.31 67.73
CA ILE A 630 -75.06 -25.48 68.59
C ILE A 630 -75.27 -25.00 70.03
N ASN A 631 -76.52 -24.99 70.47
CA ASN A 631 -76.88 -24.48 71.79
C ASN A 631 -77.40 -25.63 72.64
N ARG A 632 -77.78 -25.31 73.88
CA ARG A 632 -78.26 -26.34 74.79
C ARG A 632 -79.53 -27.00 74.28
N LYS A 633 -80.30 -26.30 73.45
CA LYS A 633 -81.50 -26.91 72.90
C LYS A 633 -81.15 -27.96 71.86
N ALA A 634 -80.08 -27.74 71.11
CA ALA A 634 -79.66 -28.66 70.05
C ALA A 634 -78.38 -29.40 70.40
N LEU A 635 -78.06 -29.53 71.69
CA LEU A 635 -76.97 -30.37 72.14
C LEU A 635 -77.42 -31.54 72.99
N THR A 636 -78.48 -31.38 73.77
CA THR A 636 -79.06 -32.55 74.42
C THR A 636 -79.58 -33.55 73.41
N ARG A 637 -79.98 -33.10 72.22
CA ARG A 637 -80.35 -34.04 71.17
C ARG A 637 -79.14 -34.83 70.71
N TYR A 638 -77.99 -34.19 70.57
CA TYR A 638 -76.75 -34.93 70.35
C TYR A 638 -76.46 -35.86 71.52
N GLN A 639 -76.96 -35.51 72.71
CA GLN A 639 -76.74 -36.30 73.91
C GLN A 639 -77.84 -37.33 74.14
N MET A 640 -78.93 -37.25 73.39
CA MET A 640 -79.95 -38.28 73.43
C MET A 640 -79.63 -39.43 72.49
N LEU A 641 -79.18 -39.12 71.28
CA LEU A 641 -78.82 -40.14 70.30
C LEU A 641 -77.39 -40.62 70.43
N PHE A 642 -76.70 -40.25 71.51
CA PHE A 642 -75.43 -40.88 71.84
C PHE A 642 -75.64 -42.03 72.80
N ARG A 643 -76.34 -41.78 73.91
CA ARG A 643 -76.59 -42.84 74.88
C ARG A 643 -77.32 -44.01 74.24
N HIS A 644 -78.20 -43.75 73.27
CA HIS A 644 -78.85 -44.83 72.56
C HIS A 644 -77.86 -45.62 71.70
N MET A 645 -76.70 -45.05 71.41
CA MET A 645 -75.67 -45.77 70.68
C MET A 645 -74.52 -46.21 71.56
N PHE A 646 -74.46 -45.73 72.81
CA PHE A 646 -73.55 -46.32 73.78
C PHE A 646 -74.15 -47.54 74.44
N TYR A 647 -75.48 -47.64 74.46
CA TYR A 647 -76.13 -48.80 75.05
C TYR A 647 -76.00 -50.02 74.16
N CYS A 648 -76.31 -49.87 72.88
CA CYS A 648 -76.09 -50.97 71.93
C CYS A 648 -74.62 -51.29 71.77
N LYS A 649 -73.73 -50.30 71.91
CA LYS A 649 -72.31 -50.57 71.81
C LYS A 649 -71.78 -51.27 73.06
N HIS A 650 -72.45 -51.10 74.19
CA HIS A 650 -71.97 -51.72 75.42
C HIS A 650 -72.37 -53.19 75.49
N VAL A 651 -73.60 -53.50 75.10
CA VAL A 651 -74.09 -54.88 75.23
C VAL A 651 -73.36 -55.79 74.26
N GLU A 652 -73.17 -55.34 73.02
CA GLU A 652 -72.50 -56.25 72.11
C GLU A 652 -71.02 -56.26 72.28
N ARG A 653 -70.50 -55.44 73.20
CA ARG A 653 -69.09 -55.54 73.56
C ARG A 653 -68.86 -56.65 74.57
N GLN A 654 -69.87 -56.89 75.39
CA GLN A 654 -69.82 -57.95 76.44
C GLN A 654 -70.40 -59.24 75.84
N LEU A 655 -71.55 -59.14 75.15
CA LEU A 655 -72.17 -60.31 74.55
C LEU A 655 -71.20 -60.99 73.60
N CYS A 656 -70.29 -60.22 73.00
CA CYS A 656 -69.19 -60.79 72.25
C CYS A 656 -68.07 -61.26 73.16
N SER A 657 -68.04 -60.81 74.42
CA SER A 657 -66.99 -61.22 75.35
C SER A 657 -67.23 -62.61 75.91
N VAL A 658 -68.49 -63.01 76.07
CA VAL A 658 -68.78 -64.35 76.54
C VAL A 658 -68.35 -65.38 75.51
N TRP A 659 -68.09 -64.95 74.27
CA TRP A 659 -67.69 -65.88 73.22
C TRP A 659 -66.32 -66.49 73.50
N ILE A 660 -65.45 -65.78 74.23
CA ILE A 660 -64.10 -66.26 74.46
C ILE A 660 -64.05 -67.08 75.75
N SER A 661 -65.02 -66.86 76.63
CA SER A 661 -65.06 -67.63 77.86
C SER A 661 -65.42 -69.09 77.59
N ASN A 662 -66.35 -69.33 76.66
CA ASN A 662 -66.77 -70.70 76.39
C ASN A 662 -65.78 -71.43 75.48
N LYS A 663 -64.99 -70.69 74.72
CA LYS A 663 -63.98 -71.31 73.86
C LYS A 663 -62.93 -72.01 74.71
N THR A 664 -62.98 -73.34 74.75
CA THR A 664 -62.05 -74.11 75.57
C THR A 664 -60.63 -74.04 75.03
N PHE A 676 -74.90 -76.64 77.75
CA PHE A 676 -73.45 -76.73 77.63
C PHE A 676 -73.04 -76.64 76.17
N ALA A 677 -73.96 -77.00 75.27
CA ALA A 677 -73.70 -76.94 73.84
C ALA A 677 -74.89 -76.44 73.05
N GLY A 678 -75.98 -76.07 73.71
CA GLY A 678 -77.16 -75.57 73.01
C GLY A 678 -77.39 -74.09 73.25
N ALA A 679 -76.52 -73.48 74.07
CA ALA A 679 -76.60 -72.05 74.31
C ALA A 679 -75.89 -71.24 73.24
N PHE A 680 -75.05 -71.87 72.42
CA PHE A 680 -74.37 -71.16 71.35
C PHE A 680 -75.35 -70.73 70.26
N THR A 681 -76.31 -71.60 69.94
CA THR A 681 -77.27 -71.29 68.89
C THR A 681 -78.22 -70.17 69.29
N LEU A 682 -78.29 -69.82 70.57
CA LEU A 682 -79.02 -68.63 70.99
C LEU A 682 -78.15 -67.40 70.93
N ARG A 683 -76.88 -67.53 71.34
CA ARG A 683 -75.95 -66.41 71.24
C ARG A 683 -75.82 -65.94 69.80
N GLN A 684 -75.83 -66.88 68.85
CA GLN A 684 -75.83 -66.52 67.43
C GLN A 684 -77.07 -65.74 67.03
N ARG A 685 -78.21 -66.00 67.66
CA ARG A 685 -79.43 -65.28 67.36
C ARG A 685 -79.44 -63.88 67.96
N MET A 686 -78.78 -63.68 69.10
CA MET A 686 -78.73 -62.37 69.72
C MET A 686 -77.67 -61.48 69.11
N LEU A 687 -76.44 -62.00 68.98
CA LEU A 687 -75.36 -61.20 68.42
C LEU A 687 -75.67 -60.76 67.00
N ASN A 688 -76.32 -61.63 66.22
CA ASN A 688 -76.64 -61.26 64.84
C ASN A 688 -77.83 -60.32 64.76
N PHE A 689 -78.38 -59.89 65.90
CA PHE A 689 -79.43 -58.89 65.91
C PHE A 689 -78.89 -57.51 66.27
N VAL A 690 -77.98 -57.43 67.23
CA VAL A 690 -77.40 -56.14 67.59
C VAL A 690 -76.39 -55.70 66.54
N GLN A 691 -75.68 -56.65 65.93
CA GLN A 691 -74.85 -56.31 64.78
C GLN A 691 -75.67 -55.87 63.58
N ASN A 692 -76.95 -56.22 63.52
CA ASN A 692 -77.82 -55.81 62.43
C ASN A 692 -78.60 -54.55 62.76
N ILE A 693 -78.62 -54.12 64.01
CA ILE A 693 -79.16 -52.81 64.36
C ILE A 693 -78.11 -51.73 64.19
N GLN A 694 -76.89 -51.97 64.66
CA GLN A 694 -75.84 -50.96 64.57
C GLN A 694 -75.49 -50.65 63.12
N TYR A 695 -75.36 -51.68 62.29
CA TYR A 695 -75.06 -51.42 60.88
C TYR A 695 -76.18 -50.63 60.21
N TYR A 696 -77.40 -50.77 60.71
CA TYR A 696 -78.49 -49.96 60.20
C TYR A 696 -78.46 -48.55 60.79
N MET A 697 -77.95 -48.42 62.00
CA MET A 697 -77.98 -47.13 62.67
C MET A 697 -76.78 -46.26 62.30
N MET A 698 -75.74 -46.86 61.73
CA MET A 698 -74.53 -46.06 61.39
C MET A 698 -74.39 -45.86 59.88
N PHE A 699 -74.44 -46.95 59.10
CA PHE A 699 -74.24 -46.85 57.66
C PHE A 699 -75.54 -46.65 56.88
N GLU A 700 -76.65 -46.35 57.55
CA GLU A 700 -77.92 -46.16 56.87
C GLU A 700 -78.67 -44.91 57.29
N VAL A 701 -78.50 -44.44 58.53
CA VAL A 701 -79.25 -43.30 59.05
C VAL A 701 -78.34 -42.11 59.32
N MET A 702 -77.23 -42.34 60.02
CA MET A 702 -76.37 -41.26 60.45
C MET A 702 -75.21 -40.98 59.50
N GLU A 703 -74.87 -41.92 58.63
CA GLU A 703 -73.88 -41.62 57.60
C GLU A 703 -74.51 -40.94 56.38
N PRO A 704 -75.66 -41.38 55.88
CA PRO A 704 -76.25 -40.66 54.74
C PRO A 704 -76.78 -39.29 55.11
N THR A 705 -77.47 -39.17 56.25
CA THR A 705 -78.05 -37.88 56.62
C THR A 705 -76.97 -36.85 56.92
N TRP A 706 -75.81 -37.28 57.42
CA TRP A 706 -74.73 -36.34 57.64
C TRP A 706 -74.16 -35.85 56.33
N HIS A 707 -74.00 -36.75 55.35
CA HIS A 707 -73.45 -36.33 54.06
C HIS A 707 -74.32 -35.29 53.39
N ILE A 708 -75.63 -35.32 53.65
CA ILE A 708 -76.51 -34.26 53.16
C ILE A 708 -76.15 -32.94 53.82
N LEU A 709 -75.98 -32.94 55.13
CA LEU A 709 -75.73 -31.70 55.85
C LEU A 709 -74.43 -31.05 55.40
N GLU A 710 -73.41 -31.85 55.10
CA GLU A 710 -72.15 -31.30 54.63
C GLU A 710 -72.34 -30.55 53.32
N LYS A 711 -73.12 -31.14 52.41
CA LYS A 711 -73.42 -30.47 51.15
C LYS A 711 -74.46 -29.36 51.34
N ASN A 712 -75.41 -29.56 52.24
CA ASN A 712 -76.46 -28.58 52.45
C ASN A 712 -75.98 -27.33 53.17
N LEU A 713 -74.73 -27.29 53.59
CA LEU A 713 -74.16 -26.09 54.20
C LEU A 713 -73.32 -25.28 53.23
N LYS A 714 -72.97 -25.84 52.07
CA LYS A 714 -72.25 -25.05 51.07
C LYS A 714 -73.19 -24.15 50.29
N SER A 715 -74.47 -24.51 50.20
CA SER A 715 -75.46 -23.72 49.49
C SER A 715 -76.28 -22.84 50.44
N ALA A 716 -75.74 -22.54 51.62
CA ALA A 716 -76.43 -21.67 52.55
C ALA A 716 -76.19 -20.21 52.19
N SER A 717 -77.17 -19.37 52.52
CA SER A 717 -77.08 -17.95 52.24
C SER A 717 -77.09 -17.06 53.47
N ASN A 718 -77.50 -17.59 54.63
CA ASN A 718 -77.52 -16.80 55.86
C ASN A 718 -77.60 -17.74 57.05
N ILE A 719 -77.46 -17.16 58.24
CA ILE A 719 -77.48 -17.96 59.46
C ILE A 719 -78.88 -18.53 59.70
N ASP A 720 -79.91 -17.78 59.32
CA ASP A 720 -81.26 -18.30 59.47
C ASP A 720 -81.52 -19.53 58.61
N ASP A 721 -80.59 -19.90 57.73
CA ASP A 721 -80.68 -21.15 56.99
C ASP A 721 -79.79 -22.23 57.59
N VAL A 722 -78.58 -21.89 58.01
CA VAL A 722 -77.72 -22.85 58.69
C VAL A 722 -78.42 -23.37 59.94
N LEU A 723 -79.12 -22.50 60.65
CA LEU A 723 -79.97 -22.96 61.75
C LEU A 723 -81.12 -23.82 61.28
N GLY A 724 -81.41 -23.85 59.99
CA GLY A 724 -82.48 -24.69 59.48
C GLY A 724 -81.98 -26.04 59.02
N HIS A 725 -80.74 -26.08 58.53
CA HIS A 725 -80.16 -27.32 58.08
C HIS A 725 -79.52 -28.12 59.21
N HIS A 726 -79.37 -27.53 60.39
CA HIS A 726 -78.85 -28.28 61.54
C HIS A 726 -79.98 -28.94 62.31
N THR A 727 -80.92 -28.15 62.82
CA THR A 727 -82.08 -28.73 63.48
C THR A 727 -82.94 -29.51 62.50
N GLY A 728 -82.72 -29.33 61.20
CA GLY A 728 -83.32 -30.20 60.20
C GLY A 728 -82.60 -31.51 60.03
N PHE A 729 -81.36 -31.61 60.52
CA PHE A 729 -80.62 -32.86 60.54
C PHE A 729 -80.85 -33.67 61.80
N LEU A 730 -81.12 -33.02 62.92
CA LEU A 730 -81.36 -33.75 64.17
C LEU A 730 -82.75 -34.33 64.23
N ASP A 731 -83.77 -33.57 63.87
CA ASP A 731 -85.12 -34.11 63.91
C ASP A 731 -85.34 -35.18 62.86
N THR A 732 -84.38 -35.39 61.97
CA THR A 732 -84.47 -36.47 61.01
C THR A 732 -83.81 -37.74 61.54
N CYS A 733 -82.67 -37.61 62.22
CA CYS A 733 -82.03 -38.77 62.82
C CYS A 733 -82.90 -39.38 63.91
N LEU A 734 -83.46 -38.55 64.79
CA LEU A 734 -84.31 -39.06 65.85
C LEU A 734 -85.64 -39.59 65.34
N LYS A 735 -85.91 -39.51 64.04
CA LYS A 735 -87.10 -40.10 63.45
C LYS A 735 -86.80 -41.45 62.82
N ASP A 736 -85.73 -41.55 62.02
CA ASP A 736 -85.37 -42.83 61.42
C ASP A 736 -84.81 -43.79 62.46
N CYS A 737 -84.24 -43.26 63.54
CA CYS A 737 -83.91 -44.11 64.67
C CYS A 737 -85.16 -44.37 65.49
N MET A 738 -85.08 -45.34 66.38
CA MET A 738 -86.24 -45.72 67.18
C MET A 738 -86.49 -44.75 68.34
N LEU A 739 -85.80 -43.61 68.39
CA LEU A 739 -85.88 -42.72 69.53
C LEU A 739 -87.25 -42.06 69.68
N THR A 740 -88.07 -42.06 68.64
CA THR A 740 -89.39 -41.46 68.73
C THR A 740 -90.47 -42.35 68.13
N LEU A 744 -94.49 -46.10 72.86
CA LEU A 744 -93.84 -46.18 71.54
C LEU A 744 -93.09 -47.49 71.38
N LEU A 745 -91.91 -47.41 70.78
CA LEU A 745 -91.04 -48.58 70.64
C LEU A 745 -90.21 -48.80 71.89
N LYS A 746 -90.87 -48.88 73.04
CA LYS A 746 -90.19 -49.19 74.28
C LYS A 746 -89.94 -50.68 74.45
N VAL A 747 -90.47 -51.51 73.55
CA VAL A 747 -90.18 -52.94 73.60
C VAL A 747 -88.72 -53.19 73.26
N PHE A 748 -88.06 -52.25 72.60
CA PHE A 748 -86.63 -52.39 72.36
C PHE A 748 -85.86 -52.40 73.66
N SER A 749 -86.26 -51.56 74.61
CA SER A 749 -85.57 -51.52 75.90
C SER A 749 -85.69 -52.85 76.62
N LYS A 750 -86.88 -53.44 76.62
CA LYS A 750 -87.06 -54.74 77.27
C LYS A 750 -86.39 -55.85 76.51
N LEU A 751 -86.29 -55.73 75.18
CA LEU A 751 -85.64 -56.78 74.40
C LEU A 751 -84.16 -56.86 74.71
N MET A 752 -83.53 -55.70 74.95
CA MET A 752 -82.08 -55.67 75.27
C MET A 752 -81.88 -56.11 76.73
N SER A 753 -82.95 -56.06 77.53
CA SER A 753 -82.90 -56.46 78.95
C SER A 753 -82.55 -57.95 79.08
N VAL A 754 -83.18 -58.80 78.25
CA VAL A 754 -82.89 -60.26 78.30
C VAL A 754 -81.45 -60.54 77.85
N CYS A 755 -80.95 -59.79 76.86
CA CYS A 755 -79.59 -60.01 76.32
C CYS A 755 -78.53 -59.78 77.40
N VAL A 756 -78.63 -58.69 78.17
CA VAL A 756 -77.63 -58.42 79.24
C VAL A 756 -77.74 -59.51 80.32
N MET A 757 -78.96 -59.94 80.63
CA MET A 757 -79.21 -61.01 81.64
C MET A 757 -78.58 -62.32 81.14
N PHE A 758 -78.71 -62.60 79.84
CA PHE A 758 -78.17 -63.84 79.24
C PHE A 758 -76.63 -63.86 79.42
N THR A 759 -75.98 -62.72 79.17
CA THR A 759 -74.51 -62.63 79.33
C THR A 759 -74.17 -62.87 80.80
N ASN A 760 -74.96 -62.30 81.71
CA ASN A 760 -74.75 -62.46 83.18
C ASN A 760 -74.76 -63.95 83.53
N CYS A 761 -75.82 -64.67 83.14
CA CYS A 761 -75.92 -66.09 83.42
C CYS A 761 -74.68 -66.84 82.97
N MET A 762 -74.23 -66.58 81.74
CA MET A 762 -73.02 -67.22 81.24
C MET A 762 -71.76 -66.70 81.92
N GLN A 763 -71.86 -65.60 82.66
CA GLN A 763 -70.70 -65.06 83.36
C GLN A 763 -70.40 -65.78 84.66
N LYS A 764 -71.29 -66.68 85.11
CA LYS A 764 -71.11 -67.38 86.37
C LYS A 764 -70.43 -68.73 86.21
N PHE A 765 -69.79 -68.97 85.07
CA PHE A 765 -69.18 -70.27 84.80
C PHE A 765 -67.67 -70.17 84.70
N PHE A 818 -79.36 -74.19 85.04
CA PHE A 818 -78.71 -73.58 83.88
C PHE A 818 -79.20 -74.20 82.59
N GLU A 819 -79.15 -75.53 82.53
CA GLU A 819 -79.62 -76.23 81.34
C GLU A 819 -81.10 -75.99 81.08
N ALA A 820 -81.86 -75.63 82.10
CA ALA A 820 -83.29 -75.42 81.96
C ALA A 820 -83.68 -73.96 81.80
N THR A 821 -82.77 -73.02 82.06
CA THR A 821 -83.07 -71.59 81.92
C THR A 821 -82.66 -71.02 80.57
N ILE A 822 -81.69 -71.64 79.89
CA ILE A 822 -81.31 -71.18 78.57
C ILE A 822 -82.49 -71.28 77.61
N ASN A 823 -83.24 -72.37 77.70
CA ASN A 823 -84.42 -72.52 76.84
C ASN A 823 -85.53 -71.57 77.21
N LYS A 824 -85.55 -71.07 78.45
CA LYS A 824 -86.55 -70.07 78.80
C LYS A 824 -86.26 -68.74 78.13
N PHE A 825 -84.98 -68.32 78.13
CA PHE A 825 -84.61 -67.09 77.46
C PHE A 825 -84.95 -67.14 75.97
N ASP A 826 -84.80 -68.30 75.34
CA ASP A 826 -85.11 -68.42 73.92
C ASP A 826 -86.60 -68.13 73.67
N LYS A 827 -87.47 -68.75 74.46
CA LYS A 827 -88.90 -68.48 74.33
C LYS A 827 -89.24 -67.05 74.72
N ASN A 828 -88.46 -66.44 75.61
CA ASN A 828 -88.70 -65.06 76.03
C ASN A 828 -88.16 -64.06 75.02
N PHE A 829 -86.93 -64.25 74.56
CA PHE A 829 -86.32 -63.29 73.65
C PHE A 829 -86.92 -63.38 72.24
N SER A 830 -87.20 -64.59 71.77
CA SER A 830 -87.79 -64.73 70.43
C SER A 830 -89.20 -64.18 70.39
N ALA A 831 -89.87 -64.10 71.53
CA ALA A 831 -91.22 -63.53 71.55
C ALA A 831 -91.18 -62.02 71.36
N HIS A 832 -90.19 -61.35 71.95
CA HIS A 832 -90.08 -59.90 71.79
C HIS A 832 -89.61 -59.54 70.38
N LEU A 833 -88.79 -60.39 69.76
CA LEU A 833 -88.29 -60.07 68.42
C LEU A 833 -89.41 -60.15 67.39
N LEU A 834 -90.30 -61.15 67.51
CA LEU A 834 -91.44 -61.21 66.63
C LEU A 834 -92.41 -60.06 66.85
N ASP A 835 -92.29 -59.36 67.98
CA ASP A 835 -93.05 -58.13 68.17
C ASP A 835 -92.37 -56.95 67.49
N LEU A 836 -91.03 -56.89 67.54
CA LEU A 836 -90.32 -55.81 66.88
C LEU A 836 -90.50 -55.87 65.37
N LEU A 837 -90.33 -57.06 64.79
CA LEU A 837 -90.53 -57.21 63.35
C LEU A 837 -91.98 -57.01 62.95
N ALA A 838 -92.91 -57.13 63.89
CA ALA A 838 -94.31 -56.91 63.56
C ALA A 838 -94.62 -55.43 63.39
N ARG A 839 -94.30 -54.61 64.39
CA ARG A 839 -94.59 -53.18 64.32
C ARG A 839 -93.73 -52.47 63.30
N LEU A 840 -92.52 -52.97 63.05
CA LEU A 840 -91.66 -52.33 62.05
C LEU A 840 -92.12 -52.61 60.64
N SER A 841 -93.14 -53.46 60.47
CA SER A 841 -93.68 -53.72 59.13
C SER A 841 -94.82 -52.78 58.78
N ILE A 842 -95.62 -52.37 59.77
CA ILE A 842 -96.76 -51.50 59.50
C ILE A 842 -96.28 -50.06 59.37
N TYR A 843 -95.84 -49.69 58.18
CA TYR A 843 -95.44 -48.32 57.90
C TYR A 843 -95.64 -48.04 56.41
N SER A 844 -95.61 -46.77 56.05
CA SER A 844 -95.87 -46.34 54.68
C SER A 844 -94.63 -46.49 53.80
N GLY A 851 -84.82 -46.05 55.57
CA GLY A 851 -86.22 -45.82 55.89
C GLY A 851 -86.72 -46.68 57.03
N MET A 852 -88.05 -46.78 57.15
CA MET A 852 -88.66 -47.60 58.18
C MET A 852 -89.10 -48.96 57.67
N ALA A 853 -89.12 -49.17 56.35
CA ALA A 853 -89.45 -50.48 55.79
C ALA A 853 -88.23 -51.30 55.43
N SER A 854 -87.11 -50.65 55.14
CA SER A 854 -85.88 -51.37 54.80
C SER A 854 -85.19 -51.98 56.02
N VAL A 855 -85.72 -51.74 57.22
CA VAL A 855 -85.11 -52.34 58.40
C VAL A 855 -85.33 -53.84 58.42
N ILE A 856 -86.47 -54.31 57.93
CA ILE A 856 -86.74 -55.75 57.92
C ILE A 856 -85.74 -56.47 57.04
N SER A 857 -85.36 -55.87 55.92
CA SER A 857 -84.31 -56.44 55.09
C SER A 857 -82.95 -56.37 55.77
N ARG A 858 -82.82 -55.60 56.84
CA ARG A 858 -81.60 -55.61 57.64
C ARG A 858 -81.67 -56.59 58.80
N LEU A 859 -82.86 -56.86 59.32
CA LEU A 859 -83.00 -57.88 60.34
C LEU A 859 -82.99 -59.27 59.73
N ASP A 860 -83.82 -59.50 58.73
CA ASP A 860 -83.89 -60.78 58.03
C ASP A 860 -83.22 -60.65 56.67
N PHE A 861 -82.62 -61.73 56.24
CA PHE A 861 -82.11 -61.88 54.88
C PHE A 861 -82.53 -63.19 54.25
N ASN A 862 -82.82 -64.21 55.07
CA ASN A 862 -83.01 -65.58 54.60
C ASN A 862 -84.47 -65.98 54.51
N GLY A 863 -85.39 -65.04 54.64
CA GLY A 863 -86.78 -65.38 54.77
C GLY A 863 -87.17 -65.91 56.12
N PHE A 864 -86.24 -65.93 57.08
CA PHE A 864 -86.55 -66.36 58.43
C PHE A 864 -87.54 -65.40 59.08
N TYR A 865 -88.04 -65.80 60.25
CA TYR A 865 -89.03 -65.01 60.97
C TYR A 865 -90.25 -64.72 60.11
N THR A 866 -90.52 -65.62 59.16
CA THR A 866 -91.64 -65.45 58.23
C THR A 866 -92.99 -65.74 58.87
N GLU A 867 -93.02 -66.04 60.16
CA GLU A 867 -94.27 -66.34 60.84
C GLU A 867 -94.89 -65.08 61.42
N ILE B 245 -101.62 55.72 61.93
CA ILE B 245 -100.22 55.24 61.84
C ILE B 245 -100.03 54.53 60.50
N THR B 246 -99.11 55.04 59.66
CA THR B 246 -98.83 54.47 58.32
C THR B 246 -98.09 53.14 58.45
N GLU B 247 -98.22 52.28 57.43
CA GLU B 247 -97.55 50.95 57.39
C GLU B 247 -96.04 51.13 57.34
N ALA B 248 -95.58 52.18 56.63
CA ALA B 248 -94.12 52.48 56.48
C ALA B 248 -93.49 52.75 57.85
N ALA B 249 -94.22 53.43 58.74
CA ALA B 249 -93.72 53.75 60.10
C ALA B 249 -93.43 52.44 60.85
N LEU B 250 -94.32 51.44 60.70
CA LEU B 250 -94.11 50.12 61.37
C LEU B 250 -92.84 49.48 60.82
N VAL B 251 -92.62 49.59 59.50
CA VAL B 251 -91.42 49.00 58.84
C VAL B 251 -90.15 49.69 59.34
N ARG B 252 -90.29 50.92 59.86
CA ARG B 252 -89.16 51.66 60.39
C ARG B 252 -88.78 51.17 61.78
N ASP B 253 -89.76 50.89 62.63
CA ASP B 253 -89.47 50.44 63.98
C ASP B 253 -89.09 48.97 64.01
N ILE B 254 -89.72 48.14 63.17
CA ILE B 254 -89.42 46.72 63.17
C ILE B 254 -87.95 46.47 62.87
N LEU B 255 -87.38 47.23 61.93
CA LEU B 255 -85.97 47.07 61.61
C LEU B 255 -85.06 47.36 62.79
N TYR B 256 -85.58 47.93 63.87
CA TYR B 256 -84.83 48.08 65.10
C TYR B 256 -85.14 47.00 66.12
N VAL B 257 -86.41 46.57 66.19
CA VAL B 257 -86.77 45.52 67.14
C VAL B 257 -86.05 44.23 66.82
N PHE B 258 -85.57 44.08 65.59
CA PHE B 258 -84.75 42.92 65.24
C PHE B 258 -83.44 42.90 65.99
N GLN B 259 -83.10 43.96 66.70
CA GLN B 259 -81.83 44.04 67.42
C GLN B 259 -81.99 44.13 68.92
N GLY B 260 -83.11 44.62 69.43
CA GLY B 260 -83.27 44.82 70.85
C GLY B 260 -83.71 46.23 71.16
N ILE B 261 -83.38 47.17 70.27
CA ILE B 261 -83.73 48.56 70.46
C ILE B 261 -85.18 48.77 70.04
N ASP B 262 -86.02 49.16 70.97
CA ASP B 262 -87.41 49.48 70.66
C ASP B 262 -87.49 50.69 69.75
N ASN B 265 -93.10 52.89 68.36
CA ASN B 265 -94.38 52.30 68.75
C ASN B 265 -94.18 50.94 69.42
N ILE B 266 -93.31 50.12 68.85
CA ILE B 266 -93.06 48.79 69.39
C ILE B 266 -92.10 48.91 70.57
N LYS B 267 -92.54 48.44 71.73
CA LYS B 267 -91.73 48.50 72.93
C LYS B 267 -91.63 47.10 73.54
N MET B 268 -90.83 46.98 74.59
CA MET B 268 -90.64 45.70 75.25
C MET B 268 -91.90 45.31 76.03
N ASN B 273 -93.03 38.61 77.97
CA ASN B 273 -91.82 39.27 77.49
C ASN B 273 -91.99 39.75 76.05
N CYS B 274 -93.14 39.41 75.46
CA CYS B 274 -93.49 39.73 74.06
C CYS B 274 -93.40 41.23 73.79
N TYR B 275 -92.97 41.62 72.58
CA TYR B 275 -92.87 43.01 72.18
C TYR B 275 -94.27 43.54 71.93
N LYS B 276 -94.93 43.95 72.99
CA LYS B 276 -96.30 44.46 72.90
C LYS B 276 -96.31 45.80 72.18
N VAL B 277 -97.08 45.88 71.11
CA VAL B 277 -97.17 47.10 70.31
C VAL B 277 -98.37 47.90 70.77
N GLU B 278 -98.21 49.22 70.84
CA GLU B 278 -99.29 50.09 71.25
C GLU B 278 -99.40 51.30 70.34
N ASN B 282 -105.59 54.21 66.83
CA ASN B 282 -104.39 53.41 66.61
C ASN B 282 -104.39 52.80 65.21
N LEU B 283 -103.95 51.55 65.11
CA LEU B 283 -103.81 50.85 63.86
C LEU B 283 -104.79 49.68 63.77
N SER B 284 -104.89 49.12 62.57
CA SER B 284 -105.83 48.05 62.30
C SER B 284 -105.30 46.72 62.81
N ARG B 285 -106.23 45.80 63.11
CA ARG B 285 -105.84 44.52 63.69
C ARG B 285 -104.95 43.71 62.75
N SER B 286 -105.13 43.87 61.45
CA SER B 286 -104.34 43.12 60.49
C SER B 286 -102.85 43.48 60.57
N LEU B 287 -102.54 44.63 61.17
CA LEU B 287 -101.14 45.11 61.27
C LEU B 287 -100.51 44.65 62.60
N ARG B 288 -101.24 44.79 63.71
CA ARG B 288 -100.69 44.44 65.01
C ARG B 288 -100.28 42.99 65.07
N ASP B 289 -101.07 42.10 64.45
CA ASP B 289 -100.78 40.67 64.53
C ASP B 289 -99.46 40.32 63.86
N THR B 290 -99.25 40.85 62.65
CA THR B 290 -98.02 40.52 61.94
C THR B 290 -96.80 41.16 62.59
N ALA B 291 -96.99 42.33 63.22
CA ALA B 291 -95.89 42.95 63.94
C ALA B 291 -95.45 42.10 65.12
N VAL B 292 -96.45 41.63 65.89
CA VAL B 292 -96.22 40.80 67.11
C VAL B 292 -95.22 39.68 66.82
N ARG B 293 -95.51 38.84 65.81
CA ARG B 293 -94.63 37.71 65.46
C ARG B 293 -93.26 38.23 65.01
N LEU B 294 -93.24 39.27 64.18
CA LEU B 294 -91.97 39.85 63.65
C LEU B 294 -91.15 40.46 64.79
N SER B 295 -91.81 41.18 65.70
CA SER B 295 -91.15 41.85 66.85
C SER B 295 -90.51 40.81 67.77
N GLU B 296 -91.18 39.68 67.95
CA GLU B 296 -90.73 38.57 68.84
C GLU B 296 -89.40 37.95 68.37
N LEU B 297 -89.13 37.97 67.06
CA LEU B 297 -87.86 37.45 66.50
C LEU B 297 -86.70 38.27 67.10
N GLY B 298 -86.87 39.60 67.21
CA GLY B 298 -85.89 40.50 67.83
C GLY B 298 -85.67 40.13 69.30
N TRP B 299 -86.74 39.72 70.00
CA TRP B 299 -86.61 39.32 71.43
C TRP B 299 -85.65 38.13 71.53
N LEU B 300 -85.76 37.16 70.61
CA LEU B 300 -84.85 35.99 70.62
C LEU B 300 -83.41 36.51 70.59
N HIS B 301 -83.11 37.39 69.61
CA HIS B 301 -81.79 37.98 69.48
C HIS B 301 -81.26 38.52 70.80
N ASN B 302 -82.14 38.87 71.74
CA ASN B 302 -81.66 39.31 73.04
C ASN B 302 -81.13 38.14 73.84
N LYS B 303 -81.88 37.04 73.90
CA LYS B 303 -81.47 35.90 74.70
C LYS B 303 -80.14 35.34 74.23
N ILE B 304 -79.86 35.41 72.93
CA ILE B 304 -78.57 34.96 72.44
C ILE B 304 -77.50 36.02 72.62
N ARG B 305 -77.89 37.29 72.76
CA ARG B 305 -76.90 38.33 73.00
C ARG B 305 -76.51 38.42 74.47
N ARG B 306 -77.44 38.17 75.38
CA ARG B 306 -77.12 38.26 76.79
C ARG B 306 -76.08 37.23 77.19
N TYR B 307 -76.17 36.03 76.63
CA TYR B 307 -75.20 34.99 76.98
C TYR B 307 -73.80 35.36 76.49
N THR B 308 -73.68 35.79 75.23
CA THR B 308 -72.39 36.16 74.69
C THR B 308 -71.91 37.50 75.21
N ASP B 309 -72.57 38.07 76.20
CA ASP B 309 -72.16 39.29 76.86
C ASP B 309 -71.97 39.12 78.36
N GLN B 310 -72.80 38.27 78.98
CA GLN B 310 -72.62 37.99 80.39
C GLN B 310 -71.41 37.10 80.63
N ARG B 311 -71.18 36.13 79.74
CA ARG B 311 -70.06 35.22 79.90
C ARG B 311 -68.78 35.72 79.23
N SER B 312 -68.87 36.78 78.42
CA SER B 312 -67.67 37.46 77.94
C SER B 312 -67.13 38.45 78.96
N LEU B 313 -67.64 38.40 80.19
CA LEU B 313 -67.24 39.31 81.27
C LEU B 313 -66.34 38.61 82.28
N ASP B 314 -66.80 37.52 82.86
CA ASP B 314 -66.01 36.79 83.84
C ASP B 314 -64.91 36.01 83.14
N ARG B 315 -63.75 35.93 83.79
CA ARG B 315 -62.60 35.25 83.23
C ARG B 315 -62.47 33.82 83.74
N SER B 316 -63.52 33.27 84.32
CA SER B 316 -63.51 31.91 84.84
C SER B 316 -64.48 31.02 84.07
N PHE B 317 -64.56 31.21 82.76
CA PHE B 317 -65.38 30.37 81.91
C PHE B 317 -64.59 29.31 81.16
N GLY B 318 -63.26 29.42 81.14
CA GLY B 318 -62.44 28.38 80.58
C GLY B 318 -61.94 28.72 79.18
N LEU B 319 -61.40 27.70 78.53
CA LEU B 319 -60.91 27.81 77.15
C LEU B 319 -61.90 27.31 76.12
N VAL B 320 -62.74 26.34 76.47
CA VAL B 320 -63.80 25.91 75.55
C VAL B 320 -64.94 26.92 75.56
N GLY B 321 -65.31 27.42 76.72
CA GLY B 321 -66.38 28.40 76.82
C GLY B 321 -66.08 29.70 76.12
N GLN B 322 -64.86 29.89 75.61
CA GLN B 322 -64.54 31.05 74.79
C GLN B 322 -64.75 30.74 73.32
N SER B 323 -64.20 29.63 72.84
CA SER B 323 -64.42 29.24 71.45
C SER B 323 -65.89 29.00 71.15
N PHE B 324 -66.71 28.78 72.17
CA PHE B 324 -68.15 28.76 71.96
C PHE B 324 -68.70 30.18 71.97
N CYS B 325 -68.33 30.97 72.97
CA CYS B 325 -68.81 32.34 73.05
C CYS B 325 -68.18 33.21 71.96
N ALA B 326 -67.12 32.74 71.31
CA ALA B 326 -66.55 33.41 70.15
C ALA B 326 -66.86 32.69 68.85
N ALA B 327 -67.77 31.72 68.88
CA ALA B 327 -68.38 31.17 67.68
C ALA B 327 -69.86 31.50 67.57
N LEU B 328 -70.44 32.08 68.61
CA LEU B 328 -71.75 32.70 68.51
C LEU B 328 -71.69 34.10 67.94
N HIS B 329 -70.50 34.58 67.58
CA HIS B 329 -70.38 35.90 66.96
C HIS B 329 -70.23 35.83 65.45
N GLN B 330 -69.48 34.86 64.92
CA GLN B 330 -69.47 34.67 63.48
C GLN B 330 -70.84 34.31 62.94
N GLU B 331 -71.70 33.72 63.77
CA GLU B 331 -73.10 33.50 63.41
C GLU B 331 -73.99 34.64 63.82
N LEU B 332 -73.40 35.79 64.16
CA LEU B 332 -74.16 37.01 64.39
C LEU B 332 -73.77 38.15 63.48
N ARG B 333 -72.52 38.22 63.04
CA ARG B 333 -72.18 39.22 62.04
C ARG B 333 -73.03 39.05 60.80
N GLU B 334 -73.26 37.80 60.39
CA GLU B 334 -74.13 37.56 59.24
C GLU B 334 -75.53 38.07 59.52
N TYR B 335 -76.04 37.86 60.73
CA TYR B 335 -77.33 38.43 61.06
C TYR B 335 -77.28 39.96 61.10
N TYR B 336 -76.08 40.54 61.17
CA TYR B 336 -75.94 41.97 61.04
C TYR B 336 -75.74 42.41 59.60
N ARG B 337 -75.40 41.47 58.71
CA ARG B 337 -75.36 41.80 57.29
C ARG B 337 -76.76 41.81 56.70
N LEU B 338 -77.62 40.89 57.14
CA LEU B 338 -78.99 40.90 56.67
C LEU B 338 -79.70 42.18 57.06
N LEU B 339 -79.52 42.63 58.30
CA LEU B 339 -80.15 43.88 58.71
C LEU B 339 -79.61 45.06 57.92
N SER B 340 -78.38 44.96 57.43
CA SER B 340 -77.83 46.00 56.56
C SER B 340 -78.63 46.08 55.28
N VAL B 341 -78.79 44.96 54.58
CA VAL B 341 -79.49 44.94 53.30
C VAL B 341 -80.93 45.40 53.46
N LEU B 342 -81.61 44.90 54.49
CA LEU B 342 -83.02 45.26 54.67
C LEU B 342 -83.20 46.75 54.88
N HIS B 343 -82.20 47.42 55.47
CA HIS B 343 -82.37 48.84 55.74
C HIS B 343 -82.18 49.69 54.50
N SER B 344 -81.40 49.21 53.54
CA SER B 344 -81.15 50.01 52.35
C SER B 344 -82.38 50.11 51.47
N GLN B 345 -83.29 49.15 51.57
CA GLN B 345 -84.50 49.15 50.76
C GLN B 345 -85.66 49.88 51.42
N LEU B 346 -85.53 50.24 52.69
CA LEU B 346 -86.62 50.95 53.36
C LEU B 346 -86.83 52.34 52.78
N GLN B 347 -85.83 52.90 52.13
CA GLN B 347 -85.90 54.25 51.55
C GLN B 347 -87.07 54.39 50.59
N SER B 361 -88.97 49.17 47.51
CA SER B 361 -89.92 49.23 48.62
C SER B 361 -90.19 47.83 49.16
N LEU B 362 -90.31 47.72 50.48
CA LEU B 362 -90.68 46.47 51.11
C LEU B 362 -91.77 46.75 52.14
N THR B 363 -92.65 45.76 52.32
CA THR B 363 -93.80 45.88 53.27
C THR B 363 -93.74 44.73 54.28
N LEU B 364 -94.74 44.66 55.16
CA LEU B 364 -94.82 43.60 56.21
C LEU B 364 -94.86 42.22 55.54
N ARG B 365 -95.84 42.00 54.65
CA ARG B 365 -95.98 40.71 53.98
C ARG B 365 -94.75 40.37 53.15
N ARG B 366 -93.93 41.35 52.81
CA ARG B 366 -92.68 41.08 52.10
C ARG B 366 -91.56 40.71 53.06
N LEU B 367 -91.65 41.15 54.31
CA LEU B 367 -90.63 40.76 55.29
C LEU B 367 -90.73 39.28 55.64
N LEU B 368 -91.95 38.76 55.76
CA LEU B 368 -92.15 37.39 56.22
C LEU B 368 -91.34 36.41 55.39
N VAL B 369 -91.26 36.62 54.08
CA VAL B 369 -90.46 35.71 53.27
C VAL B 369 -88.97 36.02 53.41
N TRP B 370 -88.62 37.30 53.58
CA TRP B 370 -87.22 37.67 53.75
C TRP B 370 -86.64 37.06 55.01
N THR B 371 -87.39 37.14 56.11
CA THR B 371 -86.93 36.69 57.41
C THR B 371 -87.59 35.40 57.86
N TYR B 372 -87.88 34.50 56.92
CA TYR B 372 -88.41 33.20 57.30
C TYR B 372 -87.32 32.21 57.64
N ASP B 373 -86.16 32.34 57.03
CA ASP B 373 -85.04 31.47 57.35
C ASP B 373 -84.32 31.89 58.61
N PRO B 374 -84.01 33.19 58.81
CA PRO B 374 -83.32 33.56 60.06
C PRO B 374 -84.23 33.60 61.27
N LYS B 375 -85.37 32.90 61.13
CA LYS B 375 -86.37 32.68 62.20
C LYS B 375 -86.11 31.27 62.74
N ILE B 376 -85.22 30.53 62.07
CA ILE B 376 -84.84 29.19 62.45
C ILE B 376 -83.44 29.16 63.05
N ARG B 377 -82.48 29.78 62.37
CA ARG B 377 -81.14 29.87 62.93
C ARG B 377 -81.16 30.62 64.26
N LEU B 378 -82.02 31.61 64.38
CA LEU B 378 -82.23 32.29 65.65
C LEU B 378 -83.22 31.55 66.53
N LYS B 379 -83.47 30.28 66.17
CA LYS B 379 -84.37 29.38 66.93
C LYS B 379 -83.52 28.24 67.52
N THR B 380 -82.46 27.83 66.80
CA THR B 380 -81.55 26.82 67.30
C THR B 380 -80.53 27.44 68.23
N LEU B 381 -79.96 28.58 67.84
CA LEU B 381 -78.95 29.23 68.68
C LEU B 381 -79.57 29.74 69.97
N ALA B 382 -80.78 30.30 69.90
CA ALA B 382 -81.44 30.76 71.12
C ALA B 382 -81.93 29.63 71.99
N ALA B 383 -81.90 28.39 71.50
CA ALA B 383 -82.20 27.21 72.29
C ALA B 383 -81.00 26.30 72.45
N LEU B 384 -79.86 26.67 71.89
CA LEU B 384 -78.61 25.96 72.14
C LEU B 384 -77.86 26.54 73.33
N VAL B 385 -78.09 27.82 73.66
CA VAL B 385 -77.44 28.44 74.81
C VAL B 385 -78.20 28.23 76.10
N ASP B 386 -79.40 27.63 76.06
CA ASP B 386 -80.08 27.28 77.29
C ASP B 386 -79.84 25.84 77.69
N HIS B 387 -79.65 24.94 76.73
CA HIS B 387 -79.36 23.55 77.06
C HIS B 387 -77.99 23.40 77.71
N CYS B 388 -77.06 24.32 77.43
CA CYS B 388 -75.73 24.32 78.03
C CYS B 388 -75.55 25.63 78.78
N GLN B 389 -76.02 25.67 80.02
CA GLN B 389 -75.95 26.88 80.84
C GLN B 389 -74.76 26.85 81.79
N GLY B 390 -74.71 25.86 82.67
CA GLY B 390 -73.64 25.77 83.62
C GLY B 390 -72.48 24.89 83.23
N ARG B 391 -72.39 24.51 81.97
CA ARG B 391 -71.34 23.60 81.53
C ARG B 391 -70.11 24.40 81.12
N LYS B 392 -68.97 24.04 81.70
CA LYS B 392 -67.70 24.66 81.35
C LYS B 392 -66.70 23.57 81.00
N GLY B 393 -65.68 23.95 80.25
CA GLY B 393 -64.71 22.94 79.86
C GLY B 393 -65.30 21.95 78.87
N GLY B 394 -64.82 20.71 78.94
CA GLY B 394 -65.24 19.70 78.00
C GLY B 394 -66.71 19.33 78.13
N GLU B 395 -67.27 19.49 79.33
CA GLU B 395 -68.68 19.18 79.54
C GLU B 395 -69.59 20.06 78.70
N LEU B 396 -69.08 21.18 78.20
CA LEU B 396 -69.85 22.00 77.26
C LEU B 396 -69.70 21.49 75.84
N ALA B 397 -68.51 21.02 75.46
CA ALA B 397 -68.30 20.41 74.16
C ALA B 397 -69.02 19.08 74.03
N SER B 398 -69.56 18.56 75.13
CA SER B 398 -70.36 17.34 75.13
C SER B 398 -71.85 17.62 75.18
N ALA B 399 -72.24 18.87 75.42
CA ALA B 399 -73.65 19.26 75.44
C ALA B 399 -74.05 20.07 74.24
N VAL B 400 -73.09 20.49 73.41
CA VAL B 400 -73.38 20.99 72.07
C VAL B 400 -73.19 19.91 71.02
N HIS B 401 -72.83 18.70 71.44
CA HIS B 401 -72.83 17.54 70.57
C HIS B 401 -74.11 16.72 70.69
N ALA B 402 -74.84 16.88 71.78
CA ALA B 402 -76.14 16.26 71.94
C ALA B 402 -77.24 16.99 71.19
N TYR B 403 -76.84 17.85 70.26
CA TYR B 403 -77.78 18.62 69.41
C TYR B 403 -77.61 18.16 67.95
N THR B 404 -76.70 17.22 67.72
CA THR B 404 -76.46 16.71 66.38
C THR B 404 -77.38 15.55 66.03
N LYS B 405 -77.85 14.81 67.03
CA LYS B 405 -78.80 13.73 66.82
C LYS B 405 -80.19 14.31 66.59
N THR B 406 -80.36 14.95 65.45
CA THR B 406 -81.60 15.65 65.15
C THR B 406 -82.17 15.29 63.79
N GLY B 407 -81.32 15.01 62.82
CA GLY B 407 -81.77 14.56 61.52
C GLY B 407 -82.16 15.66 60.55
N ASP B 408 -82.74 16.73 61.06
CA ASP B 408 -83.11 17.90 60.28
C ASP B 408 -81.89 18.39 59.50
N PRO B 409 -81.88 18.26 58.17
CA PRO B 409 -80.63 18.54 57.43
C PRO B 409 -80.16 19.97 57.51
N TYR B 410 -81.02 20.89 57.96
CA TYR B 410 -80.62 22.29 58.11
C TYR B 410 -80.01 22.56 59.47
N MET B 411 -80.46 21.87 60.52
CA MET B 411 -79.88 22.06 61.84
C MET B 411 -78.65 21.18 62.04
N ARG B 412 -78.71 19.92 61.62
CA ARG B 412 -77.56 19.04 61.79
C ARG B 412 -76.35 19.51 61.00
N SER B 413 -76.52 20.43 60.06
CA SER B 413 -75.39 20.99 59.33
C SER B 413 -75.01 22.36 59.82
N LEU B 414 -75.73 22.91 60.80
CA LEU B 414 -75.33 24.12 61.50
C LEU B 414 -74.61 23.80 62.80
N VAL B 415 -75.25 23.02 63.68
CA VAL B 415 -74.63 22.64 64.94
C VAL B 415 -73.38 21.81 64.70
N GLN B 416 -73.36 20.98 63.65
CA GLN B 416 -72.15 20.22 63.37
C GLN B 416 -71.03 21.09 62.85
N HIS B 417 -71.22 22.41 62.80
CA HIS B 417 -70.14 23.35 62.55
C HIS B 417 -69.66 24.02 63.82
N ILE B 418 -70.59 24.43 64.70
CA ILE B 418 -70.20 24.97 65.99
C ILE B 418 -69.44 23.92 66.79
N LEU B 419 -69.77 22.65 66.62
CA LEU B 419 -68.99 21.60 67.26
C LEU B 419 -67.57 21.58 66.73
N SER B 420 -67.38 21.90 65.45
CA SER B 420 -66.03 21.87 64.88
C SER B 420 -65.17 23.02 65.36
N LEU B 421 -65.76 24.04 65.99
CA LEU B 421 -65.00 25.10 66.63
C LEU B 421 -64.85 24.89 68.13
N VAL B 422 -65.92 24.46 68.80
CA VAL B 422 -65.87 24.22 70.24
C VAL B 422 -64.93 23.09 70.58
N SER B 423 -64.85 22.07 69.73
CA SER B 423 -63.99 20.93 69.98
C SER B 423 -62.58 21.13 69.45
N HIS B 424 -62.20 22.37 69.14
CA HIS B 424 -60.81 22.61 68.76
C HIS B 424 -59.92 22.75 69.99
N PRO B 425 -60.31 23.50 71.02
CA PRO B 425 -59.47 23.51 72.24
C PRO B 425 -59.35 22.15 72.89
N VAL B 426 -60.41 21.34 72.90
CA VAL B 426 -60.31 20.01 73.49
C VAL B 426 -59.28 19.19 72.74
N LEU B 427 -59.34 19.19 71.42
CA LEU B 427 -58.28 18.51 70.68
C LEU B 427 -56.99 19.26 70.69
N SER B 428 -56.85 20.34 71.45
CA SER B 428 -55.54 20.96 71.63
C SER B 428 -54.83 20.41 72.86
N PHE B 429 -55.56 20.16 73.95
CA PHE B 429 -54.96 19.48 75.09
C PHE B 429 -54.59 18.04 74.71
N LEU B 430 -55.49 17.36 74.00
CA LEU B 430 -55.28 15.95 73.67
C LEU B 430 -54.01 15.76 72.86
N TYR B 431 -53.82 16.56 71.82
CA TYR B 431 -52.60 16.47 71.05
C TYR B 431 -51.38 16.99 71.79
N ARG B 432 -51.58 17.54 72.99
CA ARG B 432 -50.49 17.97 73.86
C ARG B 432 -50.16 16.92 74.92
N TRP B 433 -51.22 16.35 75.50
CA TRP B 433 -51.11 15.32 76.57
C TRP B 433 -50.84 13.93 76.00
N ILE B 434 -50.62 13.82 74.69
CA ILE B 434 -50.31 12.55 74.05
C ILE B 434 -48.90 12.52 73.50
N TYR B 435 -48.46 13.59 72.85
CA TYR B 435 -47.14 13.62 72.24
C TYR B 435 -46.08 14.24 73.13
N ASP B 436 -46.47 15.05 74.11
CA ASP B 436 -45.53 15.70 75.00
C ASP B 436 -45.79 15.43 76.47
N GLY B 437 -47.00 15.02 76.85
CA GLY B 437 -47.28 14.69 78.23
C GLY B 437 -47.20 15.86 79.18
N GLU B 438 -47.41 17.08 78.69
CA GLU B 438 -47.36 18.28 79.51
C GLU B 438 -48.74 18.93 79.51
N LEU B 439 -49.61 18.47 80.39
CA LEU B 439 -50.93 19.07 80.50
C LEU B 439 -50.82 20.38 81.28
N GLU B 440 -51.54 21.39 80.82
CA GLU B 440 -51.52 22.70 81.47
C GLU B 440 -52.88 23.35 81.26
N ASP B 441 -53.65 23.44 82.34
CA ASP B 441 -54.95 24.11 82.30
C ASP B 441 -55.25 24.62 83.71
N THR B 442 -55.03 25.92 83.93
CA THR B 442 -55.34 26.50 85.22
C THR B 442 -56.78 26.23 85.62
N TYR B 443 -57.69 26.38 84.67
CA TYR B 443 -59.07 25.94 84.85
C TYR B 443 -59.14 24.45 84.53
N HIS B 444 -59.93 23.73 85.32
CA HIS B 444 -59.99 22.27 85.18
C HIS B 444 -60.97 21.94 84.06
N GLU B 445 -60.43 21.65 82.88
CA GLU B 445 -61.22 21.29 81.71
C GLU B 445 -60.91 19.89 81.21
N PHE B 446 -59.64 19.59 80.97
CA PHE B 446 -59.24 18.28 80.50
C PHE B 446 -59.66 17.22 81.50
N PHE B 447 -59.98 16.03 80.98
CA PHE B 447 -60.46 14.96 81.83
C PHE B 447 -59.34 14.21 82.54
N VAL B 448 -58.11 14.68 82.36
CA VAL B 448 -56.91 14.10 83.04
C VAL B 448 -56.53 15.08 84.16
N ALA B 449 -56.89 14.76 85.40
CA ALA B 449 -56.60 15.65 86.54
C ALA B 449 -55.32 15.21 87.23
N SER B 450 -54.36 16.13 87.37
CA SER B 450 -53.07 15.83 88.02
C SER B 450 -53.16 16.12 89.52
N ASP B 451 -52.24 15.53 90.31
CA ASP B 451 -52.20 15.73 91.76
C ASP B 451 -50.83 16.27 92.10
N PRO B 452 -50.73 17.47 92.69
CA PRO B 452 -49.44 18.08 93.06
C PRO B 452 -48.64 17.22 94.04
N LEU B 459 -45.23 6.98 90.75
CA LEU B 459 -45.70 7.94 89.71
C LEU B 459 -46.73 7.25 88.81
N TRP B 460 -47.14 6.03 89.18
CA TRP B 460 -48.12 5.28 88.41
C TRP B 460 -49.44 5.16 89.16
N HIS B 461 -49.39 4.83 90.44
CA HIS B 461 -50.62 4.55 91.17
C HIS B 461 -51.42 5.81 91.41
N ASP B 462 -50.73 6.94 91.62
CA ASP B 462 -51.39 8.23 91.92
C ASP B 462 -50.90 9.32 90.97
N LYS B 463 -51.48 10.52 91.11
CA LYS B 463 -51.22 11.79 90.37
C LYS B 463 -51.96 11.83 89.03
N TYR B 464 -52.69 10.76 88.67
CA TYR B 464 -53.48 10.72 87.43
C TYR B 464 -54.89 10.21 87.75
N THR B 465 -55.91 11.00 87.42
CA THR B 465 -57.32 10.59 87.69
C THR B 465 -58.18 10.79 86.43
N LEU B 466 -58.94 9.76 86.04
CA LEU B 466 -59.85 9.89 84.87
C LEU B 466 -61.09 10.64 85.35
N ARG B 467 -61.28 11.88 84.88
CA ARG B 467 -62.41 12.68 85.34
C ARG B 467 -63.66 12.21 84.61
N LYS B 468 -64.56 11.56 85.34
CA LYS B 468 -65.76 11.03 84.72
C LYS B 468 -66.69 12.13 84.21
N SER B 469 -66.50 13.37 84.66
CA SER B 469 -67.46 14.41 84.35
C SER B 469 -67.13 15.18 83.08
N MET B 470 -65.85 15.38 82.79
CA MET B 470 -65.44 16.20 81.66
C MET B 470 -64.94 15.36 80.48
N ILE B 471 -65.56 14.21 80.25
CA ILE B 471 -65.27 13.43 79.06
C ILE B 471 -66.26 13.83 77.97
N PRO B 472 -65.81 14.22 76.79
CA PRO B 472 -66.75 14.58 75.73
C PRO B 472 -67.56 13.37 75.29
N SER B 473 -68.79 13.62 74.86
CA SER B 473 -69.64 12.51 74.43
C SER B 473 -69.07 11.79 73.23
N PHE B 474 -68.36 12.49 72.35
CA PHE B 474 -67.86 11.87 71.14
C PHE B 474 -66.56 11.11 71.36
N MET B 475 -66.23 10.73 72.59
CA MET B 475 -65.16 9.79 72.86
C MET B 475 -65.69 8.71 73.78
N THR B 476 -65.62 7.46 73.33
CA THR B 476 -66.11 6.34 74.12
C THR B 476 -65.27 6.16 75.38
N MET B 477 -65.90 5.61 76.41
CA MET B 477 -65.26 5.50 77.72
C MET B 477 -63.99 4.67 77.67
N ASP B 478 -63.84 3.78 76.69
CA ASP B 478 -62.60 3.03 76.57
C ASP B 478 -61.50 3.87 75.93
N GLN B 479 -61.84 4.71 74.96
CA GLN B 479 -60.83 5.58 74.35
C GLN B 479 -60.25 6.55 75.35
N SER B 480 -61.00 6.90 76.39
CA SER B 480 -60.50 7.83 77.39
C SER B 480 -59.50 7.19 78.33
N ARG B 481 -59.36 5.86 78.32
CA ARG B 481 -58.35 5.19 79.12
C ARG B 481 -57.11 4.85 78.31
N LYS B 482 -57.12 5.10 77.01
CA LYS B 482 -55.91 4.97 76.21
C LYS B 482 -55.14 6.28 76.10
N VAL B 483 -55.78 7.42 76.38
CA VAL B 483 -55.04 8.67 76.41
C VAL B 483 -54.40 8.87 77.78
N LEU B 484 -55.12 8.48 78.84
CA LEU B 484 -54.62 8.63 80.24
C LEU B 484 -53.44 7.67 80.41
N LEU B 485 -53.35 6.67 79.51
CA LEU B 485 -52.25 5.73 79.55
C LEU B 485 -51.11 6.13 78.64
N ILE B 486 -51.37 6.88 77.57
CA ILE B 486 -50.28 7.38 76.75
C ILE B 486 -49.65 8.61 77.37
N GLY B 487 -50.47 9.45 78.01
CA GLY B 487 -49.90 10.59 78.71
C GLY B 487 -49.03 10.17 79.88
N LYS B 488 -49.54 9.21 80.66
CA LYS B 488 -48.80 8.68 81.83
C LYS B 488 -47.51 7.99 81.36
N SER B 489 -47.55 7.31 80.22
CA SER B 489 -46.39 6.57 79.73
C SER B 489 -45.26 7.52 79.32
N ILE B 490 -45.59 8.74 78.91
CA ILE B 490 -44.57 9.69 78.50
C ILE B 490 -44.12 10.56 79.66
N ASN B 491 -45.05 10.90 80.54
CA ASN B 491 -44.73 11.73 81.73
C ASN B 491 -43.78 10.92 82.63
N PHE B 492 -44.03 9.61 82.77
CA PHE B 492 -43.20 8.75 83.59
C PHE B 492 -41.89 8.42 82.90
N LEU B 493 -41.87 8.44 81.58
CA LEU B 493 -40.63 8.19 80.85
C LEU B 493 -39.62 9.30 81.03
N HIS B 494 -40.07 10.51 81.35
CA HIS B 494 -39.16 11.65 81.49
C HIS B 494 -38.61 11.77 82.90
N GLN B 495 -39.49 11.80 83.90
CA GLN B 495 -39.06 12.11 85.26
C GLN B 495 -38.30 10.94 85.89
N VAL B 496 -38.98 9.81 86.05
CA VAL B 496 -38.40 8.71 86.82
C VAL B 496 -37.38 7.95 85.98
N CYS B 497 -37.76 7.55 84.77
CA CYS B 497 -36.83 6.80 83.93
C CYS B 497 -35.63 7.64 83.49
N HIS B 498 -35.72 8.97 83.62
CA HIS B 498 -34.62 9.88 83.30
C HIS B 498 -34.18 9.73 81.85
N ASP B 499 -35.09 10.08 80.95
CA ASP B 499 -34.85 10.00 79.52
C ASP B 499 -35.70 11.06 78.82
N GLN B 500 -35.16 11.62 77.75
CA GLN B 500 -35.88 12.60 76.95
C GLN B 500 -35.74 12.25 75.47
N THR B 501 -36.77 12.59 74.70
CA THR B 501 -36.79 12.31 73.27
C THR B 501 -36.40 13.53 72.47
N GLU B 527 -64.90 9.98 64.09
CA GLU B 527 -63.94 9.83 63.01
C GLU B 527 -63.28 8.46 63.06
N ASN B 528 -62.57 8.12 61.99
CA ASN B 528 -61.78 6.89 61.95
C ASN B 528 -60.28 7.14 61.94
N ALA B 529 -59.83 8.22 61.29
CA ALA B 529 -58.42 8.58 61.39
C ALA B 529 -58.05 9.04 62.79
N PHE B 530 -59.03 9.48 63.59
CA PHE B 530 -58.75 9.84 64.96
C PHE B 530 -58.48 8.61 65.82
N GLN B 531 -59.28 7.55 65.63
CA GLN B 531 -59.04 6.31 66.37
C GLN B 531 -57.69 5.72 65.99
N GLY B 532 -57.30 5.83 64.72
CA GLY B 532 -56.00 5.35 64.29
C GLY B 532 -54.84 6.15 64.86
N LYS B 533 -55.09 7.40 65.26
CA LYS B 533 -54.03 8.20 65.86
C LYS B 533 -53.75 7.77 67.29
N ILE B 534 -54.79 7.43 68.05
CA ILE B 534 -54.60 6.97 69.42
C ILE B 534 -53.80 5.66 69.43
N ASP B 535 -54.18 4.72 68.57
CA ASP B 535 -53.49 3.44 68.53
C ASP B 535 -52.07 3.60 68.00
N ALA B 536 -51.85 4.53 67.06
CA ALA B 536 -50.50 4.77 66.59
C ALA B 536 -49.62 5.34 67.70
N ALA B 537 -50.19 6.20 68.54
CA ALA B 537 -49.46 6.73 69.69
C ALA B 537 -49.34 5.73 70.81
N TYR B 538 -50.04 4.60 70.73
CA TYR B 538 -49.98 3.57 71.75
C TYR B 538 -48.97 2.48 71.41
N PHE B 539 -49.06 1.93 70.21
CA PHE B 539 -48.17 0.84 69.82
C PHE B 539 -46.77 1.31 69.51
N GLU B 540 -46.45 2.56 69.81
CA GLU B 540 -45.09 3.08 69.67
C GLU B 540 -44.52 3.55 71.00
N THR B 541 -45.29 4.28 71.79
CA THR B 541 -44.79 4.76 73.07
C THR B 541 -44.57 3.62 74.04
N SER B 542 -45.55 2.73 74.19
CA SER B 542 -45.42 1.64 75.13
C SER B 542 -44.32 0.68 74.70
N LYS B 543 -44.25 0.35 73.41
CA LYS B 543 -43.19 -0.52 72.93
C LYS B 543 -41.81 0.09 73.18
N TYR B 544 -41.72 1.42 73.23
CA TYR B 544 -40.45 2.05 73.55
C TYR B 544 -40.21 2.09 75.05
N LEU B 545 -41.27 2.13 75.87
CA LEU B 545 -41.09 2.15 77.31
C LEU B 545 -40.45 0.87 77.82
N LEU B 546 -40.76 -0.27 77.19
CA LEU B 546 -40.13 -1.52 77.61
C LEU B 546 -38.67 -1.58 77.21
N ASP B 547 -38.34 -1.05 76.03
CA ASP B 547 -36.96 -1.08 75.56
C ASP B 547 -36.04 -0.30 76.51
N VAL B 548 -36.46 0.89 76.92
CA VAL B 548 -35.66 1.65 77.86
C VAL B 548 -35.72 1.05 79.25
N LEU B 549 -36.69 0.20 79.53
CA LEU B 549 -36.81 -0.43 80.83
C LEU B 549 -36.21 -1.84 80.87
N ASN B 550 -35.72 -2.34 79.73
CA ASN B 550 -35.01 -3.60 79.69
C ASN B 550 -33.54 -3.47 79.34
N LYS B 551 -33.13 -2.38 78.70
CA LYS B 551 -31.73 -2.14 78.36
C LYS B 551 -31.03 -1.23 79.35
N LYS B 552 -31.73 -0.22 79.86
CA LYS B 552 -31.14 0.70 80.83
C LYS B 552 -31.34 0.25 82.26
N TYR B 553 -32.26 -0.68 82.51
CA TYR B 553 -32.50 -1.17 83.87
C TYR B 553 -32.62 -2.68 83.97
N SER B 554 -35.52 -2.08 80.47
CA SER B 554 -35.51 -3.55 80.44
C SER B 554 -36.55 -4.12 81.40
N LEU B 555 -37.81 -3.78 81.13
CA LEU B 555 -38.90 -4.26 81.98
C LEU B 555 -38.98 -5.78 81.95
N LEU B 556 -38.70 -6.38 80.80
CA LEU B 556 -38.78 -7.84 80.69
C LEU B 556 -37.62 -8.52 81.40
N ASP B 557 -36.41 -7.96 81.29
CA ASP B 557 -35.24 -8.56 81.91
C ASP B 557 -35.33 -8.58 83.43
N HIS B 558 -36.25 -7.80 84.01
CA HIS B 558 -36.47 -7.88 85.45
C HIS B 558 -37.49 -8.94 85.83
N MET B 559 -38.50 -9.17 84.99
CA MET B 559 -39.45 -10.24 85.27
C MET B 559 -38.76 -11.59 85.33
N GLN B 560 -37.88 -11.86 84.37
CA GLN B 560 -37.13 -13.11 84.40
C GLN B 560 -36.17 -13.16 85.58
N ALA B 561 -35.48 -12.05 85.87
CA ALA B 561 -34.57 -12.03 86.99
C ALA B 561 -35.28 -12.05 88.33
N MET B 562 -36.53 -11.62 88.38
CA MET B 562 -37.30 -11.65 89.62
C MET B 562 -37.92 -13.01 89.88
N ARG B 563 -37.81 -13.93 88.93
CA ARG B 563 -38.18 -15.32 89.11
C ARG B 563 -37.01 -16.18 89.55
N ARG B 564 -35.82 -15.88 89.02
CA ARG B 564 -34.65 -16.69 89.36
C ARG B 564 -34.32 -16.57 90.84
N TYR B 565 -34.38 -15.36 91.39
CA TYR B 565 -33.98 -15.13 92.77
C TYR B 565 -35.16 -15.11 93.74
N LEU B 566 -36.13 -14.22 93.50
CA LEU B 566 -37.21 -14.07 94.46
C LEU B 566 -38.15 -15.28 94.47
N LEU B 567 -38.16 -16.09 93.42
CA LEU B 567 -38.99 -17.29 93.36
C LEU B 567 -38.15 -18.56 93.35
N LEU B 568 -36.88 -18.47 93.75
CA LEU B 568 -35.97 -19.60 93.85
C LEU B 568 -35.76 -20.32 92.52
N GLY B 569 -36.10 -19.67 91.41
CA GLY B 569 -35.94 -20.29 90.12
C GLY B 569 -34.51 -20.55 89.69
N GLN B 570 -33.52 -20.11 90.47
CA GLN B 570 -32.13 -20.32 90.12
C GLN B 570 -31.63 -21.67 90.62
N GLY B 571 -31.94 -22.01 91.86
CA GLY B 571 -31.53 -23.31 92.39
C GLY B 571 -30.06 -23.46 92.71
N ASP B 572 -29.19 -23.10 91.77
CA ASP B 572 -27.75 -23.17 92.03
C ASP B 572 -27.34 -22.14 93.07
N PHE B 573 -27.94 -20.95 93.03
CA PHE B 573 -27.57 -19.90 93.96
C PHE B 573 -28.19 -20.12 95.33
N ILE B 574 -29.44 -20.59 95.39
CA ILE B 574 -30.09 -20.82 96.67
C ILE B 574 -29.46 -22.00 97.41
N ARG B 575 -28.84 -22.93 96.69
CA ARG B 575 -28.16 -24.03 97.37
C ARG B 575 -27.03 -23.51 98.24
N HIS B 576 -26.12 -22.73 97.64
CA HIS B 576 -25.00 -22.18 98.38
C HIS B 576 -25.47 -21.22 99.47
N LEU B 577 -26.58 -20.52 99.23
CA LEU B 577 -27.08 -19.56 100.20
C LEU B 577 -27.67 -20.23 101.43
N MET B 578 -28.13 -21.46 101.31
CA MET B 578 -28.64 -22.17 102.48
C MET B 578 -27.53 -22.85 103.26
N ASP B 579 -26.35 -23.02 102.66
CA ASP B 579 -25.22 -23.60 103.39
C ASP B 579 -24.49 -22.55 104.21
N LEU B 580 -24.55 -21.29 103.80
CA LEU B 580 -23.84 -20.24 104.51
C LEU B 580 -24.67 -19.60 105.63
N LEU B 581 -25.99 -19.55 105.48
CA LEU B 581 -26.83 -19.01 106.53
C LEU B 581 -27.11 -20.02 107.63
N LYS B 582 -26.67 -21.26 107.48
CA LYS B 582 -26.91 -22.26 108.52
C LYS B 582 -26.26 -21.89 109.85
N PRO B 583 -24.97 -21.51 109.91
CA PRO B 583 -24.38 -21.17 111.21
C PRO B 583 -24.97 -19.91 111.85
N GLU B 584 -25.69 -19.09 111.09
CA GLU B 584 -26.19 -17.83 111.63
C GLU B 584 -27.62 -17.94 112.14
N LEU B 585 -28.53 -18.44 111.30
CA LEU B 585 -29.95 -18.42 111.63
C LEU B 585 -30.31 -19.34 112.79
N VAL B 586 -29.44 -20.27 113.18
CA VAL B 586 -29.75 -21.15 114.31
C VAL B 586 -29.84 -20.35 115.60
N ARG B 587 -29.16 -19.22 115.69
CA ARG B 587 -29.23 -18.37 116.86
C ARG B 587 -30.59 -17.66 116.90
N PRO B 588 -31.01 -17.20 118.08
CA PRO B 588 -32.27 -16.44 118.16
C PRO B 588 -32.16 -15.13 117.41
N ALA B 589 -33.33 -14.55 117.13
CA ALA B 589 -33.39 -13.35 116.30
C ALA B 589 -32.83 -12.11 117.00
N THR B 590 -32.78 -12.12 118.33
CA THR B 590 -32.34 -10.92 119.05
C THR B 590 -30.88 -10.58 118.76
N THR B 591 -30.06 -11.60 118.54
CA THR B 591 -28.64 -11.39 118.24
C THR B 591 -28.38 -11.19 116.75
N LEU B 592 -29.43 -11.11 115.94
CA LEU B 592 -29.29 -10.99 114.49
C LEU B 592 -29.37 -9.53 114.08
N TYR B 593 -28.44 -9.10 113.25
CA TYR B 593 -28.40 -7.74 112.74
C TYR B 593 -28.13 -7.78 111.24
N GLN B 594 -28.86 -6.94 110.49
CA GLN B 594 -28.89 -7.05 109.04
C GLN B 594 -27.50 -6.81 108.44
N HIS B 595 -26.72 -5.92 109.05
CA HIS B 595 -25.44 -5.53 108.46
C HIS B 595 -24.46 -6.69 108.32
N ASN B 596 -24.70 -7.81 108.99
CA ASN B 596 -23.80 -8.95 108.89
C ASN B 596 -24.16 -9.88 107.74
N LEU B 597 -25.46 -10.06 107.48
CA LEU B 597 -25.89 -11.04 106.48
C LEU B 597 -25.54 -10.59 105.06
N THR B 598 -25.49 -9.28 104.81
CA THR B 598 -25.25 -8.80 103.46
C THR B 598 -23.92 -9.29 102.93
N GLY B 599 -22.90 -9.36 103.78
CA GLY B 599 -21.62 -9.91 103.36
C GLY B 599 -21.73 -11.38 102.97
N ILE B 600 -22.67 -12.11 103.57
CA ILE B 600 -22.86 -13.50 103.22
C ILE B 600 -23.60 -13.63 101.89
N LEU B 601 -24.67 -12.86 101.73
CA LEU B 601 -25.39 -12.84 100.45
C LEU B 601 -24.46 -12.45 99.31
N GLU B 602 -23.66 -11.41 99.52
CA GLU B 602 -22.72 -10.99 98.48
C GLU B 602 -21.71 -12.08 98.17
N THR B 603 -21.37 -12.91 99.15
CA THR B 603 -20.45 -14.01 98.91
C THR B 603 -21.09 -15.08 98.03
N ALA B 604 -22.37 -15.36 98.26
CA ALA B 604 -23.05 -16.38 97.48
C ALA B 604 -23.17 -15.97 96.01
N VAL B 605 -23.56 -14.72 95.76
CA VAL B 605 -23.72 -14.24 94.38
C VAL B 605 -22.39 -14.27 93.65
N ARG B 606 -21.28 -14.27 94.38
CA ARG B 606 -19.98 -14.31 93.73
C ARG B 606 -19.53 -15.73 93.41
N ALA B 607 -19.86 -16.68 94.28
CA ALA B 607 -19.40 -18.06 94.12
C ALA B 607 -20.23 -18.84 93.11
N THR B 608 -21.55 -18.70 93.16
CA THR B 608 -22.43 -19.45 92.28
C THR B 608 -22.39 -18.88 90.87
N ASN B 609 -23.24 -19.40 89.99
CA ASN B 609 -23.31 -18.94 88.62
C ASN B 609 -24.01 -17.60 88.47
N ALA B 610 -24.58 -17.06 89.55
CA ALA B 610 -25.27 -15.78 89.48
C ALA B 610 -24.32 -14.60 89.31
N GLN B 611 -23.00 -14.82 89.29
CA GLN B 611 -22.07 -13.73 89.09
C GLN B 611 -22.13 -13.21 87.65
N PHE B 612 -22.26 -14.11 86.68
CA PHE B 612 -22.42 -13.73 85.28
C PHE B 612 -23.85 -13.23 85.09
N ASP B 613 -24.05 -11.95 85.40
CA ASP B 613 -25.41 -11.41 85.41
C ASP B 613 -25.33 -9.90 85.24
N SER B 614 -26.43 -9.32 84.81
CA SER B 614 -26.49 -7.87 84.59
C SER B 614 -26.22 -7.13 85.90
N PRO B 615 -25.27 -6.19 85.92
CA PRO B 615 -24.97 -5.50 87.18
C PRO B 615 -26.13 -4.66 87.69
N GLU B 616 -27.02 -4.22 86.81
CA GLU B 616 -28.12 -3.36 87.25
C GLU B 616 -29.08 -4.12 88.16
N ILE B 617 -29.55 -5.29 87.71
CA ILE B 617 -30.50 -6.05 88.51
C ILE B 617 -29.85 -6.56 89.79
N LEU B 618 -28.54 -6.78 89.80
CA LEU B 618 -27.86 -7.17 91.02
C LEU B 618 -27.74 -6.04 92.02
N ARG B 619 -27.97 -4.79 91.59
CA ARG B 619 -27.91 -3.68 92.52
C ARG B 619 -29.14 -3.63 93.41
N ARG B 620 -30.27 -4.17 92.96
CA ARG B 620 -31.50 -4.10 93.72
C ARG B 620 -31.69 -5.29 94.66
N LEU B 621 -31.05 -6.42 94.38
CA LEU B 621 -31.24 -7.62 95.19
C LEU B 621 -30.53 -7.44 96.53
N ASP B 622 -31.30 -7.41 97.61
CA ASP B 622 -30.74 -7.30 98.94
C ASP B 622 -31.54 -8.18 99.90
N VAL B 623 -31.33 -7.96 101.18
CA VAL B 623 -31.98 -8.73 102.24
C VAL B 623 -32.92 -7.80 103.00
N ARG B 624 -33.90 -8.40 103.66
CA ARG B 624 -34.75 -7.66 104.59
C ARG B 624 -35.00 -8.57 105.80
N LEU B 625 -35.32 -7.95 106.93
CA LEU B 625 -35.57 -8.67 108.17
C LEU B 625 -37.02 -8.48 108.58
N LEU B 626 -37.81 -9.54 108.47
CA LEU B 626 -39.21 -9.47 108.84
C LEU B 626 -39.34 -9.37 110.36
N GLU B 627 -40.36 -8.65 110.81
CA GLU B 627 -40.64 -8.53 112.23
C GLU B 627 -42.13 -8.61 112.49
N ASP B 632 -38.66 -16.25 118.53
CA ASP B 632 -38.43 -16.46 117.11
C ASP B 632 -37.03 -17.02 116.85
N THR B 633 -36.72 -17.28 115.60
CA THR B 633 -35.43 -17.83 115.22
C THR B 633 -35.03 -17.24 113.86
N GLY B 634 -33.75 -17.36 113.54
CA GLY B 634 -33.23 -16.83 112.28
C GLY B 634 -33.90 -17.42 111.05
N TRP B 635 -34.53 -18.58 111.17
CA TRP B 635 -35.26 -19.18 110.07
C TRP B 635 -36.71 -18.71 109.98
N ASP B 636 -37.05 -17.62 110.67
CA ASP B 636 -38.39 -17.07 110.65
C ASP B 636 -38.43 -15.60 110.29
N VAL B 637 -37.29 -14.93 110.19
CA VAL B 637 -37.23 -13.50 109.92
C VAL B 637 -36.36 -13.16 108.74
N PHE B 638 -35.82 -14.14 108.02
CA PHE B 638 -34.99 -13.88 106.86
C PHE B 638 -35.79 -14.01 105.58
N SER B 639 -35.57 -13.09 104.65
CA SER B 639 -36.25 -13.10 103.36
C SER B 639 -35.61 -12.04 102.46
N LEU B 640 -35.58 -12.32 101.16
CA LEU B 640 -35.06 -11.37 100.19
C LEU B 640 -36.16 -10.38 99.80
N ASP B 641 -35.76 -9.23 99.29
CA ASP B 641 -36.70 -8.17 98.99
C ASP B 641 -36.75 -7.79 97.52
N TYR B 642 -35.62 -7.46 96.90
CA TYR B 642 -35.58 -6.99 95.53
C TYR B 642 -36.50 -5.79 95.34
N HIS B 643 -36.17 -4.70 96.02
CA HIS B 643 -36.94 -3.48 95.91
C HIS B 643 -36.82 -2.89 94.51
N VAL B 644 -37.89 -2.27 94.04
CA VAL B 644 -37.93 -1.67 92.71
C VAL B 644 -38.64 -0.34 92.77
N ASP B 645 -37.98 0.71 92.30
CA ASP B 645 -38.54 2.06 92.27
C ASP B 645 -38.29 2.67 90.91
N GLY B 646 -39.15 3.60 90.52
CA GLY B 646 -39.02 4.29 89.26
C GLY B 646 -40.18 3.98 88.31
N PRO B 647 -39.90 4.00 87.01
CA PRO B 647 -40.95 3.65 86.05
C PRO B 647 -41.37 2.20 86.13
N ILE B 648 -40.42 1.28 86.33
CA ILE B 648 -40.75 -0.13 86.47
C ILE B 648 -41.65 -0.40 87.68
N ALA B 649 -41.69 0.53 88.63
CA ALA B 649 -42.54 0.36 89.80
C ALA B 649 -44.02 0.50 89.49
N THR B 650 -44.38 0.84 88.26
CA THR B 650 -45.79 0.88 87.89
C THR B 650 -46.34 -0.46 87.45
N VAL B 651 -45.48 -1.46 87.32
CA VAL B 651 -45.94 -2.82 87.01
C VAL B 651 -46.14 -3.64 88.28
N PHE B 652 -45.38 -3.33 89.34
CA PHE B 652 -45.40 -4.09 90.58
C PHE B 652 -46.23 -3.44 91.67
N THR B 653 -46.19 -2.11 91.77
CA THR B 653 -47.22 -1.33 92.46
C THR B 653 -47.42 -1.76 93.91
N ARG B 654 -46.34 -2.16 94.58
CA ARG B 654 -46.34 -2.35 96.03
C ARG B 654 -47.26 -3.49 96.46
N GLU B 655 -47.99 -4.06 95.52
CA GLU B 655 -48.83 -5.23 95.81
C GLU B 655 -48.21 -6.53 95.32
N CYS B 656 -47.50 -6.48 94.19
CA CYS B 656 -46.73 -7.64 93.78
C CYS B 656 -45.58 -7.91 94.73
N MET B 657 -45.01 -6.85 95.32
CA MET B 657 -43.99 -7.03 96.34
C MET B 657 -44.58 -7.45 97.68
N SER B 658 -45.87 -7.21 97.90
CA SER B 658 -46.54 -7.77 99.08
C SER B 658 -47.15 -9.13 98.81
N HIS B 659 -47.05 -9.64 97.58
CA HIS B 659 -47.46 -10.99 97.24
C HIS B 659 -46.30 -11.93 97.06
N TYR B 660 -45.19 -11.46 96.47
CA TYR B 660 -44.01 -12.31 96.33
C TYR B 660 -43.50 -12.74 97.68
N LEU B 661 -43.39 -11.81 98.62
CA LEU B 661 -42.96 -12.19 99.96
C LEU B 661 -43.95 -13.14 100.61
N ARG B 662 -45.23 -13.00 100.30
CA ARG B 662 -46.22 -13.97 100.77
C ARG B 662 -45.98 -15.34 100.16
N VAL B 663 -45.39 -15.39 98.97
CA VAL B 663 -45.02 -16.66 98.34
C VAL B 663 -43.66 -17.14 98.82
N PHE B 664 -42.70 -16.24 98.97
CA PHE B 664 -41.33 -16.63 99.24
C PHE B 664 -41.21 -17.43 100.53
N ASN B 665 -42.09 -17.19 101.51
CA ASN B 665 -42.05 -17.99 102.72
C ASN B 665 -42.36 -19.45 102.44
N PHE B 666 -43.38 -19.72 101.63
CA PHE B 666 -43.75 -21.10 101.35
C PHE B 666 -42.68 -21.81 100.54
N LEU B 667 -41.93 -21.08 99.71
CA LEU B 667 -40.84 -21.70 98.99
C LEU B 667 -39.57 -21.79 99.82
N TRP B 668 -39.46 -20.98 100.88
CA TRP B 668 -38.31 -21.10 101.77
C TRP B 668 -38.49 -22.27 102.73
N ARG B 669 -39.70 -22.42 103.28
CA ARG B 669 -39.97 -23.54 104.18
C ARG B 669 -39.82 -24.87 103.45
N ALA B 670 -40.49 -25.01 102.31
CA ALA B 670 -40.38 -26.24 101.53
C ALA B 670 -38.99 -26.44 100.95
N LYS B 671 -38.06 -25.53 101.20
CA LYS B 671 -36.67 -25.73 100.80
C LYS B 671 -35.76 -26.13 101.95
N ARG B 672 -36.06 -25.66 103.18
CA ARG B 672 -35.30 -26.13 104.33
C ARG B 672 -35.83 -27.45 104.84
N MET B 673 -37.12 -27.73 104.66
CA MET B 673 -37.65 -29.04 105.00
C MET B 673 -37.12 -30.13 104.08
N GLU B 674 -36.47 -29.76 102.98
CA GLU B 674 -35.84 -30.73 102.11
C GLU B 674 -34.36 -30.90 102.40
N TYR B 675 -33.64 -29.80 102.65
CA TYR B 675 -32.23 -29.92 102.98
C TYR B 675 -32.01 -30.47 104.37
N ILE B 676 -33.04 -30.46 105.22
CA ILE B 676 -32.97 -31.23 106.46
C ILE B 676 -33.06 -32.72 106.15
N LEU B 677 -33.98 -33.10 105.27
CA LEU B 677 -34.22 -34.50 104.96
C LEU B 677 -33.17 -35.11 104.05
N THR B 678 -32.34 -34.31 103.40
CA THR B 678 -31.17 -34.85 102.74
C THR B 678 -29.95 -34.83 103.64
N ASP B 679 -30.03 -34.16 104.78
CA ASP B 679 -28.96 -34.26 105.78
C ASP B 679 -29.16 -35.52 106.63
N ILE B 680 -30.40 -35.78 107.04
CA ILE B 680 -30.69 -37.03 107.75
C ILE B 680 -30.29 -38.22 106.89
N ARG B 681 -30.72 -38.23 105.62
CA ARG B 681 -30.31 -39.28 104.71
C ARG B 681 -28.80 -39.33 104.54
N LYS B 682 -28.11 -38.21 104.73
CA LYS B 682 -26.65 -38.22 104.70
C LYS B 682 -26.09 -38.83 105.97
N GLY B 683 -26.77 -38.63 107.10
CA GLY B 683 -26.32 -39.24 108.33
C GLY B 683 -26.38 -40.77 108.30
N HIS B 684 -27.50 -41.30 107.81
CA HIS B 684 -27.64 -42.75 107.73
C HIS B 684 -26.65 -43.33 106.73
N MET B 685 -26.21 -42.54 105.75
CA MET B 685 -25.21 -43.00 104.81
C MET B 685 -23.82 -43.01 105.41
N CYS B 686 -23.65 -42.44 106.59
CA CYS B 686 -22.43 -42.60 107.38
C CYS B 686 -22.65 -43.38 108.66
N ASN B 687 -23.89 -43.52 109.10
CA ASN B 687 -24.17 -44.26 110.33
C ASN B 687 -23.78 -45.72 110.18
N ALA B 688 -24.41 -46.42 109.23
CA ALA B 688 -24.16 -47.85 109.06
C ALA B 688 -22.73 -48.15 108.65
N LYS B 689 -21.94 -47.15 108.28
CA LYS B 689 -20.55 -47.40 107.92
C LYS B 689 -19.63 -47.39 109.13
N LEU B 690 -20.15 -47.14 110.33
CA LEU B 690 -19.35 -47.20 111.55
C LEU B 690 -19.82 -48.30 112.49
N LEU B 691 -21.11 -48.32 112.84
CA LEU B 691 -21.63 -49.26 113.83
C LEU B 691 -22.27 -50.49 113.19
N ARG B 692 -21.73 -50.95 112.07
CA ARG B 692 -22.20 -52.17 111.43
C ARG B 692 -21.77 -53.44 112.15
N ASN B 693 -21.14 -53.31 113.33
CA ASN B 693 -20.67 -54.46 114.08
C ASN B 693 -21.52 -54.77 115.30
N MET B 694 -22.60 -54.03 115.53
CA MET B 694 -23.48 -54.23 116.68
C MET B 694 -24.82 -54.78 116.19
N PRO B 695 -24.97 -56.09 116.04
CA PRO B 695 -26.22 -56.64 115.47
C PRO B 695 -27.43 -56.44 116.36
N GLU B 696 -27.25 -56.08 117.62
CA GLU B 696 -28.37 -55.83 118.52
C GLU B 696 -29.00 -54.46 118.32
N PHE B 697 -28.36 -53.58 117.55
CA PHE B 697 -28.86 -52.24 117.35
C PHE B 697 -29.57 -52.06 116.00
N SER B 698 -29.29 -52.92 115.02
CA SER B 698 -29.91 -52.78 113.71
C SER B 698 -31.41 -53.04 113.73
N GLY B 699 -31.91 -53.72 114.77
CA GLY B 699 -33.34 -53.94 114.85
C GLY B 699 -34.12 -52.66 115.04
N VAL B 700 -33.65 -51.78 115.93
CA VAL B 700 -34.30 -50.50 116.14
C VAL B 700 -33.79 -49.45 115.16
N LEU B 701 -32.56 -49.62 114.66
CA LEU B 701 -32.03 -48.68 113.67
C LEU B 701 -32.81 -48.77 112.36
N HIS B 702 -33.40 -49.93 112.08
CA HIS B 702 -34.12 -50.10 110.82
C HIS B 702 -35.34 -49.17 110.75
N GLN B 703 -36.09 -49.08 111.84
CA GLN B 703 -37.24 -48.17 111.86
C GLN B 703 -36.81 -46.73 111.66
N CYS B 704 -35.54 -46.41 111.90
CA CYS B 704 -35.05 -45.07 111.65
C CYS B 704 -34.85 -44.82 110.16
N HIS B 705 -34.64 -45.88 109.38
CA HIS B 705 -34.47 -45.71 107.94
C HIS B 705 -35.83 -45.64 107.23
N ILE B 706 -36.72 -46.58 107.52
CA ILE B 706 -37.99 -46.63 106.82
C ILE B 706 -38.79 -45.36 107.05
N LEU B 707 -38.83 -44.88 108.30
CA LEU B 707 -39.54 -43.63 108.58
C LEU B 707 -38.93 -42.47 107.81
N ALA B 708 -37.63 -42.52 107.53
CA ALA B 708 -37.02 -41.47 106.72
C ALA B 708 -37.47 -41.56 105.28
N SER B 709 -37.32 -42.75 104.66
CA SER B 709 -37.67 -42.90 103.26
C SER B 709 -39.16 -42.76 103.02
N GLU B 710 -40.00 -43.02 104.02
CA GLU B 710 -41.41 -42.70 103.90
C GLU B 710 -41.67 -41.21 104.04
N MET B 711 -40.76 -40.49 104.68
CA MET B 711 -40.93 -39.05 104.87
C MET B 711 -40.32 -38.25 103.72
N VAL B 712 -39.18 -38.70 103.19
CA VAL B 712 -38.55 -37.97 102.10
C VAL B 712 -39.37 -38.07 100.82
N HIS B 713 -40.21 -39.09 100.69
CA HIS B 713 -41.07 -39.18 99.52
C HIS B 713 -42.11 -38.08 99.51
N PHE B 714 -42.80 -37.88 100.64
CA PHE B 714 -43.83 -36.85 100.70
C PHE B 714 -43.27 -35.47 100.42
N ILE B 715 -42.02 -35.22 100.81
CA ILE B 715 -41.40 -33.92 100.55
C ILE B 715 -40.83 -33.86 99.15
N HIS B 716 -40.09 -34.87 98.73
CA HIS B 716 -39.51 -34.87 97.39
C HIS B 716 -40.57 -34.97 96.30
N GLN B 717 -41.80 -35.34 96.64
CA GLN B 717 -42.87 -35.34 95.65
C GLN B 717 -43.59 -34.00 95.58
N MET B 718 -43.97 -33.45 96.74
CA MET B 718 -44.53 -32.11 96.76
C MET B 718 -43.57 -31.09 96.19
N GLN B 719 -42.26 -31.35 96.30
CA GLN B 719 -41.28 -30.46 95.71
C GLN B 719 -41.37 -30.47 94.19
N TYR B 720 -41.91 -31.55 93.61
CA TYR B 720 -42.10 -31.58 92.16
C TYR B 720 -43.37 -30.84 91.76
N TYR B 721 -44.44 -31.00 92.53
CA TYR B 721 -45.67 -30.26 92.26
C TYR B 721 -45.43 -28.77 92.27
N ILE B 722 -44.42 -28.31 93.00
CA ILE B 722 -44.09 -26.89 93.01
C ILE B 722 -43.43 -26.49 91.70
N THR B 723 -42.63 -27.38 91.11
CA THR B 723 -41.90 -27.02 89.90
C THR B 723 -42.79 -27.03 88.67
N PHE B 724 -43.50 -28.12 88.44
CA PHE B 724 -44.23 -28.32 87.18
C PHE B 724 -45.64 -27.77 87.20
N GLU B 725 -46.35 -27.88 88.32
CA GLU B 725 -47.75 -27.48 88.39
C GLU B 725 -47.94 -26.03 88.77
N VAL B 726 -46.92 -25.38 89.34
CA VAL B 726 -47.06 -24.02 89.85
C VAL B 726 -46.10 -23.06 89.15
N LEU B 727 -44.83 -23.43 89.06
CA LEU B 727 -43.86 -22.53 88.44
C LEU B 727 -43.80 -22.70 86.92
N GLU B 728 -43.48 -23.90 86.45
CA GLU B 728 -43.25 -24.08 85.03
C GLU B 728 -44.53 -23.99 84.20
N CYS B 729 -45.70 -24.20 84.81
CA CYS B 729 -46.95 -24.13 84.07
C CYS B 729 -47.59 -22.75 84.13
N SER B 730 -47.66 -22.15 85.32
CA SER B 730 -48.28 -20.84 85.44
C SER B 730 -47.39 -19.72 84.91
N TRP B 731 -46.09 -19.97 84.78
CA TRP B 731 -45.23 -18.98 84.14
C TRP B 731 -45.32 -19.06 82.63
N ASP B 732 -45.65 -20.22 82.08
CA ASP B 732 -45.75 -20.35 80.63
C ASP B 732 -46.95 -19.60 80.09
N GLU B 733 -48.03 -19.53 80.87
CA GLU B 733 -49.17 -18.72 80.49
C GLU B 733 -48.93 -17.23 80.67
N LEU B 734 -47.76 -16.84 81.18
CA LEU B 734 -47.38 -15.44 81.30
C LEU B 734 -46.45 -15.00 80.17
N TRP B 735 -45.41 -15.79 79.90
CA TRP B 735 -44.53 -15.46 78.79
C TRP B 735 -45.22 -15.63 77.45
N ASN B 736 -46.36 -16.30 77.40
CA ASN B 736 -47.14 -16.40 76.19
C ASN B 736 -48.06 -15.20 75.98
N LYS B 737 -48.56 -14.61 77.07
CA LYS B 737 -49.40 -13.41 76.99
C LYS B 737 -48.60 -12.14 77.21
N VAL B 738 -47.30 -12.16 76.91
CA VAL B 738 -46.45 -10.98 76.96
C VAL B 738 -45.77 -10.73 75.62
N GLN B 739 -45.23 -11.79 75.01
CA GLN B 739 -44.67 -11.65 73.67
C GLN B 739 -45.71 -11.34 72.61
N GLN B 740 -47.00 -11.39 72.96
CA GLN B 740 -48.07 -11.02 72.05
C GLN B 740 -48.90 -9.84 72.54
N ALA B 741 -48.77 -9.45 73.81
CA ALA B 741 -49.52 -8.32 74.34
C ALA B 741 -48.87 -7.02 73.89
N GLN B 742 -49.44 -5.90 74.33
CA GLN B 742 -48.93 -4.58 74.01
C GLN B 742 -49.60 -3.58 74.94
N ASP B 743 -49.37 -2.29 74.67
CA ASP B 743 -49.98 -1.14 75.34
C ASP B 743 -49.86 -1.18 76.87
N LEU B 744 -48.99 -2.03 77.40
CA LEU B 744 -48.62 -2.02 78.81
C LEU B 744 -49.82 -2.22 79.74
N ASP B 745 -51.02 -2.37 79.18
CA ASP B 745 -52.18 -2.68 79.99
C ASP B 745 -52.68 -4.10 79.77
N HIS B 746 -52.17 -4.78 78.75
CA HIS B 746 -52.27 -6.22 78.66
C HIS B 746 -51.11 -6.93 79.33
N ILE B 747 -50.07 -6.19 79.71
CA ILE B 747 -48.96 -6.74 80.47
C ILE B 747 -49.25 -6.74 81.96
N ILE B 748 -49.78 -5.63 82.49
CA ILE B 748 -50.17 -5.59 83.89
C ILE B 748 -51.23 -6.64 84.20
N ALA B 749 -52.26 -6.72 83.35
CA ALA B 749 -53.32 -7.68 83.57
C ALA B 749 -52.87 -9.11 83.34
N ALA B 750 -51.76 -9.31 82.63
CA ALA B 750 -51.22 -10.66 82.48
C ALA B 750 -50.26 -11.02 83.61
N HIS B 751 -49.60 -10.03 84.19
CA HIS B 751 -48.75 -10.26 85.35
C HIS B 751 -49.53 -10.24 86.66
N GLU B 752 -50.70 -9.61 86.69
CA GLU B 752 -51.50 -9.59 87.91
C GLU B 752 -52.20 -10.93 88.13
N VAL B 753 -52.70 -11.55 87.06
CA VAL B 753 -53.30 -12.87 87.20
C VAL B 753 -52.25 -13.94 87.41
N PHE B 754 -51.00 -13.68 87.00
CA PHE B 754 -49.92 -14.61 87.28
C PHE B 754 -49.61 -14.71 88.77
N LEU B 755 -50.02 -13.73 89.56
CA LEU B 755 -49.91 -13.79 91.00
C LEU B 755 -51.21 -14.18 91.69
N ASP B 756 -52.26 -14.46 90.93
CA ASP B 756 -53.49 -14.97 91.52
C ASP B 756 -53.68 -16.46 91.29
N THR B 757 -52.90 -17.07 90.41
CA THR B 757 -52.89 -18.51 90.28
C THR B 757 -51.85 -19.16 91.19
N ILE B 758 -50.66 -18.57 91.27
CA ILE B 758 -49.62 -19.11 92.15
C ILE B 758 -50.09 -19.08 93.59
N ILE B 759 -50.75 -18.00 94.01
CA ILE B 759 -51.35 -17.97 95.33
C ILE B 759 -52.44 -19.03 95.44
N SER B 760 -53.15 -19.30 94.36
CA SER B 760 -54.23 -20.28 94.40
C SER B 760 -53.73 -21.71 94.24
N ARG B 761 -52.75 -21.93 93.36
CA ARG B 761 -52.25 -23.29 93.17
C ARG B 761 -51.40 -23.74 94.35
N CYS B 762 -50.63 -22.82 94.93
CA CYS B 762 -50.14 -23.05 96.28
C CYS B 762 -51.30 -22.86 97.26
N LEU B 763 -51.11 -23.32 98.49
CA LEU B 763 -52.20 -23.35 99.45
C LEU B 763 -52.31 -22.06 100.26
N LEU B 764 -51.80 -20.94 99.75
CA LEU B 764 -51.81 -19.67 100.48
C LEU B 764 -53.07 -18.86 100.24
N ASP B 765 -54.18 -19.49 99.86
CA ASP B 765 -55.42 -18.75 99.66
C ASP B 765 -56.05 -18.40 101.00
N SER B 766 -57.27 -17.86 100.92
CA SER B 766 -58.02 -17.49 102.12
C SER B 766 -58.98 -18.58 102.55
N ASP B 767 -59.63 -19.25 101.60
CA ASP B 767 -60.58 -20.31 101.92
C ASP B 767 -59.92 -21.69 102.02
N SER B 768 -58.64 -21.80 101.66
CA SER B 768 -57.89 -23.04 101.84
C SER B 768 -57.07 -23.03 103.13
N ARG B 769 -57.54 -22.28 104.14
CA ARG B 769 -56.78 -22.15 105.38
C ARG B 769 -56.67 -23.49 106.11
N ALA B 770 -57.74 -24.28 106.11
CA ALA B 770 -57.71 -25.58 106.78
C ALA B 770 -56.69 -26.51 106.17
N LEU B 771 -56.25 -26.26 104.94
CA LEU B 771 -55.29 -27.14 104.29
C LEU B 771 -53.86 -26.81 104.69
N LEU B 772 -53.49 -25.53 104.70
CA LEU B 772 -52.11 -25.18 104.99
C LEU B 772 -51.75 -25.49 106.43
N ASN B 773 -52.62 -25.14 107.38
CA ASN B 773 -52.37 -25.49 108.78
C ASN B 773 -52.26 -27.00 108.96
N GLN B 774 -52.91 -27.77 108.11
CA GLN B 774 -52.74 -29.21 108.13
C GLN B 774 -51.37 -29.62 107.61
N LEU B 775 -50.85 -28.90 106.62
CA LEU B 775 -49.53 -29.22 106.09
C LEU B 775 -48.42 -28.88 107.08
N ARG B 776 -48.62 -27.82 107.87
CA ARG B 776 -47.58 -27.42 108.82
C ARG B 776 -47.26 -28.52 109.81
N ALA B 777 -48.28 -29.26 110.25
CA ALA B 777 -48.06 -30.37 111.17
C ALA B 777 -47.12 -31.40 110.57
N VAL B 778 -47.29 -31.70 109.28
CA VAL B 778 -46.37 -32.61 108.61
C VAL B 778 -44.99 -31.97 108.50
N PHE B 779 -44.94 -30.66 108.30
CA PHE B 779 -43.65 -29.98 108.31
C PHE B 779 -43.00 -30.03 109.67
N ASP B 780 -43.79 -30.12 110.74
CA ASP B 780 -43.22 -30.20 112.07
C ASP B 780 -42.69 -31.58 112.38
N GLN B 781 -43.39 -32.62 111.95
CA GLN B 781 -42.94 -33.98 112.23
C GLN B 781 -41.59 -34.29 111.63
N ILE B 782 -41.17 -33.55 110.61
CA ILE B 782 -39.84 -33.74 110.06
C ILE B 782 -38.79 -33.23 111.04
N ILE B 783 -39.09 -32.15 111.76
CA ILE B 783 -38.12 -31.63 112.71
C ILE B 783 -38.02 -32.54 113.92
N GLU B 784 -39.16 -33.05 114.41
CA GLU B 784 -39.13 -33.92 115.58
C GLU B 784 -38.39 -35.21 115.30
N LEU B 785 -38.35 -35.64 114.04
CA LEU B 785 -37.52 -36.79 113.70
C LEU B 785 -36.05 -36.47 113.87
N GLN B 786 -35.61 -35.30 113.41
CA GLN B 786 -34.21 -34.92 113.54
C GLN B 786 -33.77 -34.82 114.98
N ASN B 787 -34.68 -34.45 115.90
CA ASN B 787 -34.36 -34.40 117.31
C ASN B 787 -34.37 -35.78 117.95
N ALA B 788 -35.30 -36.64 117.55
CA ALA B 788 -35.35 -38.00 118.07
C ALA B 788 -34.43 -38.95 117.32
N GLN B 789 -33.57 -38.45 116.45
CA GLN B 789 -32.64 -39.30 115.71
C GLN B 789 -31.22 -39.17 116.25
N ASP B 790 -30.71 -37.94 116.33
CA ASP B 790 -29.36 -37.75 116.85
C ASP B 790 -29.23 -38.21 118.29
N ALA B 791 -30.32 -38.16 119.05
CA ALA B 791 -30.31 -38.74 120.39
C ALA B 791 -30.06 -40.25 120.32
N ILE B 792 -30.75 -40.94 119.42
CA ILE B 792 -30.51 -42.36 119.24
C ILE B 792 -29.22 -42.61 118.48
N TYR B 793 -28.77 -41.62 117.70
CA TYR B 793 -27.51 -41.76 116.99
C TYR B 793 -26.33 -41.59 117.95
N ARG B 794 -26.35 -40.54 118.75
CA ARG B 794 -25.22 -40.26 119.62
C ARG B 794 -25.11 -41.27 120.75
N ALA B 795 -26.26 -41.69 121.30
CA ALA B 795 -26.24 -42.67 122.38
C ALA B 795 -25.61 -43.99 121.96
N ALA B 796 -25.59 -44.28 120.67
CA ALA B 796 -24.92 -45.48 120.18
C ALA B 796 -23.44 -45.24 119.88
N LEU B 797 -23.03 -44.01 119.63
CA LEU B 797 -21.62 -43.72 119.42
C LEU B 797 -20.85 -43.62 120.73
N GLU B 798 -21.51 -43.14 121.79
CA GLU B 798 -20.85 -43.13 123.10
C GLU B 798 -20.57 -44.54 123.57
N GLU B 799 -21.59 -45.40 123.56
CA GLU B 799 -21.42 -46.79 123.97
C GLU B 799 -20.42 -47.51 123.07
N LEU B 800 -20.32 -47.10 121.81
CA LEU B 800 -19.32 -47.70 120.94
C LEU B 800 -17.92 -47.20 121.28
N GLN B 801 -17.80 -45.91 121.61
CA GLN B 801 -16.50 -45.35 121.92
C GLN B 801 -15.94 -45.92 123.23
N ARG B 802 -16.80 -46.05 124.24
CA ARG B 802 -16.37 -46.68 125.48
C ARG B 802 -15.97 -48.13 125.26
N ARG B 803 -16.74 -48.85 124.46
CA ARG B 803 -16.41 -50.23 124.13
C ARG B 803 -15.09 -50.34 123.37
N LEU B 804 -14.69 -49.28 122.67
CA LEU B 804 -13.38 -49.28 122.01
C LEU B 804 -12.25 -49.13 123.03
N GLN B 805 -12.35 -48.11 123.89
CA GLN B 805 -11.30 -47.88 124.87
C GLN B 805 -11.28 -48.93 125.98
N PHE B 806 -12.41 -49.59 126.24
CA PHE B 806 -12.46 -50.60 127.28
C PHE B 806 -11.69 -51.87 126.92
N GLU B 807 -11.20 -51.97 125.68
CA GLU B 807 -10.47 -53.15 125.24
C GLU B 807 -9.14 -52.84 124.57
N GLU B 808 -8.90 -51.62 124.11
CA GLU B 808 -7.65 -51.32 123.44
C GLU B 808 -6.53 -51.06 124.43
N LYS B 809 -6.83 -50.51 125.61
CA LYS B 809 -5.80 -50.24 126.60
C LYS B 809 -5.43 -51.50 127.38
N LYS B 810 -6.36 -52.43 127.51
CA LYS B 810 -6.10 -53.66 128.27
C LYS B 810 -5.63 -54.80 127.39
N LYS B 811 -5.78 -54.70 126.08
CA LYS B 811 -5.37 -55.77 125.17
C LYS B 811 -4.61 -55.20 123.97
N GLU B 825 -13.38 -55.82 137.04
CA GLU B 825 -13.25 -55.06 135.80
C GLU B 825 -14.16 -55.63 134.71
N GLU B 826 -14.03 -56.94 134.46
CA GLU B 826 -14.85 -57.58 133.44
C GLU B 826 -16.30 -57.73 133.86
N GLU B 827 -16.57 -57.73 135.16
CA GLU B 827 -17.92 -57.91 135.66
C GLU B 827 -18.67 -56.60 135.87
N GLU B 828 -17.94 -55.52 136.18
CA GLU B 828 -18.58 -54.23 136.41
C GLU B 828 -19.06 -53.55 135.13
N GLU B 829 -18.63 -54.04 133.98
CA GLU B 829 -19.07 -53.49 132.70
C GLU B 829 -20.19 -54.28 132.06
N ASN B 830 -20.26 -55.59 132.32
CA ASN B 830 -21.35 -56.38 131.76
C ASN B 830 -22.70 -55.89 132.27
N LYS B 831 -22.75 -55.30 133.47
CA LYS B 831 -23.97 -54.67 133.91
C LYS B 831 -24.22 -53.36 133.17
N ARG B 832 -23.14 -52.67 132.77
CA ARG B 832 -23.30 -51.47 131.94
C ARG B 832 -23.65 -51.83 130.51
N ILE B 833 -23.02 -52.88 129.96
CA ILE B 833 -23.40 -53.37 128.65
C ILE B 833 -24.77 -54.04 128.72
N GLY B 834 -25.06 -54.73 129.82
CA GLY B 834 -26.35 -55.39 129.96
C GLY B 834 -27.50 -54.41 130.06
N GLU B 835 -27.31 -53.32 130.81
CA GLU B 835 -28.36 -52.31 130.90
C GLU B 835 -28.51 -51.55 129.59
N PHE B 836 -27.43 -51.40 128.83
CA PHE B 836 -27.51 -50.70 127.56
C PHE B 836 -28.41 -51.43 126.58
N LYS B 837 -28.40 -52.77 126.62
CA LYS B 837 -29.34 -53.53 125.81
C LYS B 837 -30.76 -53.35 126.30
N GLU B 838 -30.95 -53.08 127.59
CA GLU B 838 -32.29 -52.92 128.14
C GLU B 838 -32.91 -51.57 127.82
N SER B 839 -32.10 -50.55 127.52
CA SER B 839 -32.64 -49.27 127.12
C SER B 839 -33.07 -49.25 125.65
N ILE B 840 -32.70 -50.28 124.87
CA ILE B 840 -33.07 -50.28 123.46
C ILE B 840 -34.58 -50.37 123.26
N PRO B 841 -35.30 -51.30 123.89
CA PRO B 841 -36.76 -51.33 123.68
C PRO B 841 -37.47 -50.08 124.11
N LYS B 842 -36.84 -49.24 124.94
CA LYS B 842 -37.43 -47.94 125.25
C LYS B 842 -37.42 -47.02 124.04
N MET B 843 -36.27 -46.96 123.35
CA MET B 843 -36.18 -46.14 122.16
C MET B 843 -37.06 -46.68 121.03
N CYS B 844 -37.23 -48.00 120.97
CA CYS B 844 -38.08 -48.58 119.93
C CYS B 844 -39.52 -48.13 120.09
N SER B 845 -39.99 -47.94 121.33
CA SER B 845 -41.34 -47.44 121.55
C SER B 845 -41.49 -45.98 121.16
N GLN B 846 -40.38 -45.27 120.95
CA GLN B 846 -40.46 -43.91 120.43
C GLN B 846 -40.73 -43.93 118.92
N LEU B 847 -39.85 -44.58 118.15
CA LEU B 847 -40.04 -44.64 116.71
C LEU B 847 -41.25 -45.46 116.32
N ARG B 848 -41.77 -46.28 117.21
CA ARG B 848 -43.02 -46.98 116.92
C ARG B 848 -44.24 -46.10 117.15
N ILE B 849 -44.14 -45.11 118.04
CA ILE B 849 -45.24 -44.19 118.26
C ILE B 849 -45.08 -42.90 117.45
N LEU B 850 -43.87 -42.56 117.03
CA LEU B 850 -43.71 -41.40 116.16
C LEU B 850 -44.19 -41.72 114.75
N THR B 851 -43.90 -42.93 114.27
CA THR B 851 -44.35 -43.33 112.94
C THR B 851 -45.86 -43.46 112.90
N HIS B 852 -46.45 -44.15 113.88
CA HIS B 852 -47.89 -44.36 113.89
C HIS B 852 -48.68 -43.07 113.99
N PHE B 853 -48.03 -41.97 114.38
CA PHE B 853 -48.67 -40.67 114.37
C PHE B 853 -48.36 -39.87 113.12
N TYR B 854 -47.21 -40.11 112.48
CA TYR B 854 -46.92 -39.46 111.21
C TYR B 854 -47.87 -39.93 110.13
N GLN B 855 -48.16 -41.23 110.09
CA GLN B 855 -49.11 -41.74 109.10
C GLN B 855 -50.53 -41.28 109.40
N GLY B 856 -50.83 -40.97 110.66
CA GLY B 856 -52.16 -40.47 110.99
C GLY B 856 -52.40 -39.03 110.59
N ILE B 857 -51.34 -38.29 110.28
CA ILE B 857 -51.48 -36.91 109.84
C ILE B 857 -51.35 -36.77 108.33
N VAL B 858 -50.81 -37.76 107.64
CA VAL B 858 -50.76 -37.75 106.18
C VAL B 858 -52.04 -38.33 105.59
N GLN B 859 -52.48 -39.48 106.09
CA GLN B 859 -53.75 -40.04 105.65
C GLN B 859 -54.92 -39.11 105.96
N GLN B 860 -54.75 -38.21 106.92
CA GLN B 860 -55.72 -37.14 107.11
C GLN B 860 -55.49 -35.99 106.15
N PHE B 861 -54.24 -35.76 105.76
CA PHE B 861 -53.94 -34.69 104.82
C PHE B 861 -54.61 -34.93 103.47
N LEU B 862 -54.54 -36.17 102.97
CA LEU B 862 -55.11 -36.46 101.66
C LEU B 862 -56.61 -36.24 101.64
N VAL B 863 -57.30 -36.60 102.73
CA VAL B 863 -58.75 -36.44 102.79
C VAL B 863 -59.15 -34.99 102.62
N LEU B 864 -58.29 -34.06 103.04
CA LEU B 864 -58.61 -32.64 102.91
C LEU B 864 -58.44 -32.12 101.50
N LEU B 865 -57.69 -32.82 100.64
CA LEU B 865 -57.54 -32.35 99.27
C LEU B 865 -58.81 -32.53 98.45
N THR B 866 -59.60 -33.57 98.74
CA THR B 866 -60.87 -33.76 98.05
C THR B 866 -61.84 -32.72 98.58
N THR B 867 -61.69 -31.50 98.09
CA THR B 867 -62.49 -30.37 98.56
C THR B 867 -63.96 -30.56 98.25
N ASP B 870 -58.89 -25.16 92.97
CA ASP B 870 -59.75 -26.19 93.52
C ASP B 870 -59.77 -27.42 92.63
N GLU B 871 -59.07 -27.33 91.50
CA GLU B 871 -58.95 -28.43 90.56
C GLU B 871 -57.50 -28.87 90.34
N SER B 872 -56.58 -27.91 90.24
CA SER B 872 -55.18 -28.26 90.04
C SER B 872 -54.61 -29.06 91.20
N LEU B 873 -55.26 -29.01 92.37
CA LEU B 873 -54.82 -29.82 93.50
C LEU B 873 -54.98 -31.31 93.21
N ARG B 874 -55.91 -31.69 92.34
CA ARG B 874 -56.10 -33.09 92.01
C ARG B 874 -54.82 -33.70 91.44
N PHE B 875 -54.01 -32.90 90.74
CA PHE B 875 -52.72 -33.39 90.29
C PHE B 875 -51.75 -33.64 91.44
N LEU B 876 -52.03 -33.11 92.63
CA LEU B 876 -51.16 -33.38 93.77
C LEU B 876 -51.53 -34.69 94.44
N SER B 877 -52.83 -34.98 94.55
CA SER B 877 -53.26 -36.21 95.19
C SER B 877 -52.73 -37.44 94.45
N PHE B 878 -52.50 -37.31 93.15
CA PHE B 878 -51.89 -38.41 92.40
C PHE B 878 -50.40 -38.54 92.68
N ARG B 879 -49.72 -37.41 92.86
CA ARG B 879 -48.28 -37.46 93.13
C ARG B 879 -48.00 -38.18 94.44
N LEU B 880 -48.75 -37.87 95.48
CA LEU B 880 -48.51 -38.45 96.80
C LEU B 880 -48.98 -39.91 96.85
N ASP B 881 -50.15 -40.18 96.30
CA ASP B 881 -50.79 -41.49 96.40
C ASP B 881 -50.44 -42.40 95.22
N PHE B 882 -49.27 -42.19 94.60
CA PHE B 882 -48.85 -43.04 93.51
C PHE B 882 -48.66 -44.46 94.04
N ASN B 883 -48.96 -45.44 93.19
CA ASN B 883 -48.99 -46.87 93.49
C ASN B 883 -49.96 -47.21 94.62
N GLU B 884 -50.77 -46.25 95.06
CA GLU B 884 -51.81 -46.46 96.05
C GLU B 884 -51.29 -47.14 97.32
N HIS B 885 -50.16 -46.63 97.84
CA HIS B 885 -49.67 -47.16 99.10
C HIS B 885 -50.57 -46.76 100.25
N TYR B 886 -51.15 -45.57 100.20
CA TYR B 886 -52.21 -45.19 101.10
C TYR B 886 -53.54 -45.61 100.47
N LYS B 887 -54.65 -45.17 101.08
CA LYS B 887 -55.99 -45.57 100.64
C LYS B 887 -56.14 -47.09 100.62
N ALA B 888 -55.39 -47.77 101.49
CA ALA B 888 -55.41 -49.23 101.59
C ALA B 888 -55.12 -49.89 100.25
N LEU C 203 -80.10 71.79 66.58
CA LEU C 203 -81.42 71.55 67.13
C LEU C 203 -82.06 70.31 66.52
N PRO C 204 -81.58 69.12 66.93
CA PRO C 204 -82.12 67.88 66.35
C PRO C 204 -83.53 67.55 66.81
N GLY C 206 -84.06 68.26 67.82
CA GLY C 206 -85.42 67.99 68.25
C GLY C 206 -86.45 68.48 67.24
N THR C 207 -86.23 69.67 66.68
CA THR C 207 -87.14 70.23 65.67
C THR C 207 -86.77 69.80 64.26
N LEU C 208 -86.10 68.67 64.11
CA LEU C 208 -85.58 68.17 62.85
C LEU C 208 -86.21 66.82 62.52
N PRO C 209 -86.44 66.51 61.24
CA PRO C 209 -87.10 65.25 60.89
C PRO C 209 -86.33 64.03 61.37
N LEU C 210 -87.01 62.88 61.31
CA LEU C 210 -86.47 61.65 61.87
C LEU C 210 -85.48 60.99 60.92
N ALA C 211 -85.92 60.64 59.71
CA ALA C 211 -85.09 59.89 58.79
C ALA C 211 -83.86 60.66 58.33
N SER C 212 -83.85 61.97 58.50
CA SER C 212 -82.72 62.78 58.06
C SER C 212 -81.71 63.06 59.16
N GLN C 213 -82.17 63.25 60.41
CA GLN C 213 -81.24 63.51 61.49
C GLN C 213 -80.30 62.34 61.74
N GLU C 214 -80.72 61.12 61.36
CA GLU C 214 -79.82 59.98 61.46
C GLU C 214 -78.59 60.15 60.58
N SER C 215 -78.76 60.80 59.42
CA SER C 215 -77.61 61.06 58.57
C SER C 215 -76.72 62.16 59.14
N ALA C 216 -77.21 62.93 60.10
CA ALA C 216 -76.37 63.92 60.75
C ALA C 216 -75.55 63.30 61.88
N VAL C 217 -76.11 62.31 62.57
CA VAL C 217 -75.36 61.64 63.63
C VAL C 217 -74.26 60.77 63.03
N VAL C 218 -74.53 60.13 61.89
CA VAL C 218 -73.54 59.23 61.32
C VAL C 218 -72.33 60.00 60.80
N GLU C 219 -72.52 61.30 60.55
CA GLU C 219 -71.39 62.17 60.11
C GLU C 219 -70.56 62.50 61.35
N ASP C 220 -71.22 63.04 62.39
CA ASP C 220 -70.59 63.41 63.68
C ASP C 220 -70.05 62.14 64.36
N LEU C 221 -70.80 61.02 64.24
CA LEU C 221 -70.42 59.72 64.84
C LEU C 221 -69.07 59.26 64.27
N LEU C 222 -68.86 59.46 62.96
CA LEU C 222 -67.58 59.07 62.30
C LEU C 222 -66.42 59.86 62.93
N TYR C 223 -66.65 61.16 63.22
CA TYR C 223 -65.64 62.03 63.87
C TYR C 223 -65.32 61.50 65.27
N VAL C 224 -66.33 60.99 65.97
CA VAL C 224 -66.19 60.43 67.35
C VAL C 224 -65.21 59.23 67.33
N LEU C 225 -65.26 58.42 66.27
CA LEU C 225 -64.34 57.25 66.12
C LEU C 225 -62.91 57.77 66.04
N VAL C 226 -62.70 58.88 65.32
CA VAL C 226 -61.37 59.56 65.16
C VAL C 226 -60.89 60.09 66.53
N GLY C 227 -61.83 60.53 67.38
CA GLY C 227 -61.50 61.08 68.71
C GLY C 227 -61.56 62.59 68.73
N VAL C 228 -61.88 63.20 67.58
CA VAL C 228 -62.02 64.68 67.48
C VAL C 228 -63.42 65.05 68.01
N ASP C 229 -63.51 66.02 68.91
CA ASP C 229 -64.81 66.44 69.51
C ASP C 229 -65.82 66.70 68.38
N GLY C 230 -66.98 66.04 68.42
CA GLY C 230 -67.98 66.20 67.40
C GLY C 230 -68.99 67.29 67.71
N ARG C 231 -70.01 67.41 66.87
CA ARG C 231 -71.02 68.44 67.07
C ARG C 231 -72.03 68.04 68.13
N TYR C 232 -72.61 66.84 68.01
CA TYR C 232 -73.57 66.33 68.98
C TYR C 232 -72.97 65.33 69.95
N VAL C 233 -72.29 64.32 69.43
CA VAL C 233 -71.66 63.31 70.29
C VAL C 233 -70.36 63.88 70.83
N SER C 234 -70.42 64.52 71.99
CA SER C 234 -69.25 65.16 72.57
C SER C 234 -68.58 64.25 73.58
N ALA C 235 -67.40 64.67 74.02
CA ALA C 235 -66.64 63.95 75.04
C ALA C 235 -66.64 64.72 76.35
N GLN C 236 -66.44 64.00 77.44
CA GLN C 236 -66.39 64.59 78.75
C GLN C 236 -65.01 64.40 79.37
N PRO C 237 -64.57 65.32 80.23
CA PRO C 237 -63.24 65.19 80.82
C PRO C 237 -63.10 63.89 81.59
N LEU C 238 -61.90 63.32 81.54
CA LEU C 238 -61.64 62.01 82.11
C LEU C 238 -61.77 62.05 83.63
N SER C 243 -61.92 54.58 79.84
CA SER C 243 -62.70 55.11 80.93
C SER C 243 -63.33 56.44 80.53
N ARG C 244 -63.15 56.81 79.27
CA ARG C 244 -63.76 58.03 78.75
C ARG C 244 -65.27 57.85 78.67
N THR C 245 -66.01 58.82 79.22
CA THR C 245 -67.46 58.78 79.17
C THR C 245 -67.98 59.92 78.31
N PHE C 246 -68.93 59.60 77.43
CA PHE C 246 -69.45 60.52 76.44
C PHE C 246 -70.85 60.95 76.82
N LEU C 247 -71.34 62.00 76.15
CA LEU C 247 -72.74 62.40 76.22
C LEU C 247 -73.22 62.67 74.80
N VAL C 248 -74.47 62.33 74.52
CA VAL C 248 -74.96 62.42 73.15
C VAL C 248 -75.85 63.65 72.96
N ASP C 249 -76.99 63.68 73.65
CA ASP C 249 -77.94 64.80 73.67
C ASP C 249 -79.13 64.46 74.55
N PRO C 250 -79.76 65.45 75.14
CA PRO C 250 -80.96 65.18 75.94
C PRO C 250 -82.17 64.86 75.09
N ASN C 251 -82.37 65.58 73.99
CA ASN C 251 -83.55 65.45 73.16
C ASN C 251 -83.17 64.83 71.82
N LEU C 252 -83.14 63.50 71.79
CA LEU C 252 -82.89 62.73 70.58
C LEU C 252 -83.82 61.52 70.61
N ASP C 253 -84.00 60.89 69.45
CA ASP C 253 -84.92 59.77 69.39
C ASP C 253 -84.40 58.58 70.18
N LEU C 254 -85.32 57.93 70.90
CA LEU C 254 -84.94 56.80 71.76
C LEU C 254 -84.33 55.67 70.95
N SER C 255 -84.83 55.42 69.75
CA SER C 255 -84.32 54.34 68.92
C SER C 255 -83.06 54.71 68.18
N ILE C 256 -82.41 55.82 68.54
CA ILE C 256 -81.11 56.19 68.00
C ILE C 256 -80.04 56.13 69.10
N ARG C 257 -80.28 56.83 70.22
CA ARG C 257 -79.28 56.86 71.28
C ARG C 257 -78.97 55.47 71.80
N GLU C 258 -79.99 54.64 71.97
CA GLU C 258 -79.74 53.26 72.38
C GLU C 258 -78.95 52.50 71.32
N LEU C 259 -78.92 52.99 70.09
CA LEU C 259 -78.08 52.40 69.07
C LEU C 259 -76.72 53.08 68.98
N VAL C 260 -76.66 54.39 69.21
CA VAL C 260 -75.39 55.10 69.20
C VAL C 260 -74.49 54.59 70.32
N HIS C 261 -75.04 54.50 71.52
CA HIS C 261 -74.28 54.06 72.68
C HIS C 261 -73.72 52.65 72.53
N ARG C 262 -74.10 51.93 71.47
CA ARG C 262 -73.51 50.64 71.20
C ARG C 262 -72.23 50.74 70.40
N ILE C 263 -72.00 51.86 69.72
CA ILE C 263 -70.81 52.03 68.90
C ILE C 263 -69.68 52.68 69.69
N LEU C 264 -70.00 53.65 70.52
CA LEU C 264 -69.05 54.44 71.28
C LEU C 264 -68.03 53.62 72.06
N PRO C 265 -68.35 52.40 72.53
CA PRO C 265 -67.30 51.56 73.11
C PRO C 265 -66.14 51.23 72.17
N VAL C 266 -66.18 51.73 70.93
CA VAL C 266 -64.98 51.71 70.10
C VAL C 266 -64.27 53.06 70.12
N ALA C 267 -64.94 54.12 70.58
CA ALA C 267 -64.24 55.38 70.78
C ALA C 267 -63.50 55.39 72.10
N ALA C 268 -64.15 54.93 73.17
CA ALA C 268 -63.50 54.87 74.47
C ALA C 268 -62.32 53.90 74.46
N SER C 269 -62.45 52.79 73.75
CA SER C 269 -61.33 51.87 73.61
C SER C 269 -60.28 52.39 72.64
N TYR C 270 -60.45 53.60 72.13
CA TYR C 270 -59.43 54.26 71.33
C TYR C 270 -58.87 55.50 72.01
N SER C 271 -59.66 56.20 72.80
CA SER C 271 -59.14 57.25 73.65
C SER C 271 -58.42 56.71 74.83
N ALA C 272 -58.13 55.41 74.85
CA ALA C 272 -57.34 54.81 75.91
C ALA C 272 -56.21 53.94 75.36
N VAL C 273 -56.06 53.84 74.05
CA VAL C 273 -54.92 53.19 73.45
C VAL C 273 -53.95 54.21 72.85
N THR C 274 -54.52 55.29 72.31
CA THR C 274 -53.71 56.41 71.76
C THR C 274 -53.00 57.09 72.93
N ARG C 275 -53.57 57.00 74.14
CA ARG C 275 -52.95 57.55 75.33
C ARG C 275 -51.91 56.62 75.92
N PHE C 276 -51.84 55.39 75.41
CA PHE C 276 -50.78 54.47 75.78
C PHE C 276 -49.62 54.54 74.81
N ILE C 277 -49.88 54.97 73.57
CA ILE C 277 -48.80 55.16 72.61
C ILE C 277 -48.04 56.45 72.89
N GLU C 278 -48.80 57.54 73.08
CA GLU C 278 -48.21 58.88 73.32
C GLU C 278 -47.58 58.97 74.73
N GLU C 279 -47.54 57.86 75.46
CA GLU C 279 -46.97 57.84 76.80
C GLU C 279 -45.87 56.80 76.97
N LYS C 280 -46.12 55.55 76.60
CA LYS C 280 -45.17 54.48 76.85
C LYS C 280 -44.02 54.45 75.88
N SER C 281 -43.79 55.51 75.12
CA SER C 281 -42.65 55.57 74.23
C SER C 281 -41.48 56.35 74.82
N SER C 282 -41.59 56.76 76.08
CA SER C 282 -40.51 57.49 76.71
C SER C 282 -39.32 56.57 76.97
N PHE C 283 -38.21 57.16 77.40
CA PHE C 283 -36.99 56.41 77.61
C PHE C 283 -36.89 55.78 78.98
N GLU C 284 -37.80 56.10 79.90
CA GLU C 284 -37.74 55.60 81.26
C GLU C 284 -38.39 54.22 81.41
N TYR C 285 -38.59 53.49 80.31
CA TYR C 285 -39.37 52.25 80.37
C TYR C 285 -38.70 51.03 79.75
N GLY C 286 -37.62 51.19 79.03
CA GLY C 286 -36.90 50.04 78.52
C GLY C 286 -37.11 49.85 77.04
N GLN C 287 -36.51 48.78 76.53
CA GLN C 287 -36.54 48.47 75.11
C GLN C 287 -37.66 47.52 74.73
N VAL C 288 -38.57 47.21 75.65
CA VAL C 288 -39.73 46.40 75.34
C VAL C 288 -41.02 47.20 75.40
N ASN C 289 -41.23 47.99 76.46
CA ASN C 289 -42.34 48.92 76.43
C ASN C 289 -42.22 49.96 75.32
N HIS C 290 -41.16 49.93 74.54
CA HIS C 290 -41.07 50.73 73.32
C HIS C 290 -41.65 49.96 72.14
N ALA C 291 -41.10 48.77 71.86
CA ALA C 291 -41.56 48.00 70.72
C ALA C 291 -43.02 47.58 70.88
N LEU C 292 -43.46 47.32 72.11
CA LEU C 292 -44.88 47.09 72.32
C LEU C 292 -45.71 48.32 72.03
N ALA C 293 -45.13 49.51 72.10
CA ALA C 293 -45.85 50.72 71.76
C ALA C 293 -45.67 51.13 70.31
N ALA C 294 -44.73 50.53 69.58
CA ALA C 294 -44.64 50.78 68.15
C ALA C 294 -45.54 49.82 67.38
N ALA C 295 -45.40 48.52 67.63
CA ALA C 295 -46.27 47.53 67.00
C ALA C 295 -47.73 47.72 67.39
N MET C 296 -48.00 48.49 68.43
CA MET C 296 -49.36 48.91 68.77
C MET C 296 -49.71 50.25 68.13
N ARG C 297 -48.81 50.80 67.31
CA ARG C 297 -49.07 52.02 66.58
C ARG C 297 -49.33 51.77 65.10
N THR C 298 -48.78 50.69 64.54
CA THR C 298 -49.16 50.29 63.21
C THR C 298 -50.65 50.00 63.10
N LEU C 299 -51.24 49.45 64.17
CA LEU C 299 -52.67 49.15 64.13
C LEU C 299 -53.52 50.42 64.11
N VAL C 300 -53.16 51.40 64.93
CA VAL C 300 -53.95 52.64 64.97
C VAL C 300 -53.95 53.31 63.61
N LYS C 301 -52.88 53.13 62.83
CA LYS C 301 -52.89 53.62 61.46
C LYS C 301 -53.94 52.89 60.63
N GLU C 302 -53.98 51.56 60.73
CA GLU C 302 -54.97 50.79 60.01
C GLU C 302 -56.39 51.04 60.48
N HIS C 303 -56.56 51.73 61.60
CA HIS C 303 -57.88 52.20 62.01
C HIS C 303 -58.15 53.60 61.51
N LEU C 304 -57.11 54.40 61.25
CA LEU C 304 -57.30 55.71 60.64
C LEU C 304 -57.64 55.61 59.17
N ILE C 305 -57.48 54.44 58.56
CA ILE C 305 -57.89 54.23 57.19
C ILE C 305 -59.32 53.71 57.11
N LEU C 306 -59.69 52.78 58.00
CA LEU C 306 -61.04 52.27 58.04
C LEU C 306 -62.05 53.35 58.40
N VAL C 307 -61.60 54.48 58.95
CA VAL C 307 -62.47 55.63 59.09
C VAL C 307 -62.33 56.59 57.91
N SER C 308 -61.27 56.44 57.11
CA SER C 308 -61.17 57.24 55.89
C SER C 308 -62.06 56.68 54.79
N GLN C 309 -62.10 55.35 54.64
CA GLN C 309 -62.95 54.74 53.64
C GLN C 309 -64.43 55.01 53.90
N LEU C 310 -64.79 55.24 55.15
CA LEU C 310 -66.17 55.54 55.47
C LEU C 310 -66.50 57.01 55.27
N GLU C 311 -65.51 57.89 55.46
CA GLU C 311 -65.73 59.35 55.26
C GLU C 311 -65.92 59.62 53.77
N GLN C 312 -65.42 58.74 52.90
CA GLN C 312 -65.60 58.88 51.46
C GLN C 312 -66.85 58.17 50.97
N LEU C 313 -67.15 57.00 51.53
CA LEU C 313 -68.36 56.28 51.15
C LEU C 313 -69.60 56.94 51.72
N HIS C 314 -69.45 57.87 52.67
CA HIS C 314 -70.61 58.57 53.20
C HIS C 314 -71.01 59.76 52.35
N ARG C 315 -70.08 60.35 51.59
CA ARG C 315 -70.41 61.49 50.75
C ARG C 315 -71.53 61.13 49.78
N GLN C 316 -71.46 59.95 49.19
CA GLN C 316 -72.42 59.46 48.22
C GLN C 316 -73.75 59.05 48.86
N GLY C 317 -73.92 59.25 50.16
CA GLY C 317 -75.15 58.90 50.83
C GLY C 317 -75.34 57.44 51.14
N LEU C 318 -74.36 56.59 50.84
CA LEU C 318 -74.52 55.15 50.97
C LEU C 318 -74.25 54.62 52.37
N LEU C 319 -74.23 55.47 53.40
CA LEU C 319 -73.82 55.05 54.73
C LEU C 319 -74.91 55.43 55.72
N SER C 320 -75.88 54.55 55.90
CA SER C 320 -76.89 54.74 56.93
C SER C 320 -76.36 54.25 58.27
N LEU C 321 -76.93 54.79 59.35
CA LEU C 321 -76.46 54.44 60.68
C LEU C 321 -76.49 52.93 60.90
N GLN C 322 -77.56 52.28 60.43
CA GLN C 322 -77.63 50.83 60.55
C GLN C 322 -76.52 50.15 59.75
N LYS C 323 -76.01 50.81 58.72
CA LYS C 323 -74.91 50.26 57.94
C LYS C 323 -73.59 50.42 58.66
N LEU C 324 -73.47 51.45 59.50
CA LEU C 324 -72.23 51.65 60.25
C LEU C 324 -72.03 50.53 61.27
N TRP C 325 -73.09 50.19 62.01
CA TRP C 325 -73.04 49.19 63.07
C TRP C 325 -72.60 47.83 62.57
N PHE C 326 -72.48 47.64 61.26
CA PHE C 326 -71.96 46.40 60.71
C PHE C 326 -70.49 46.50 60.32
N TYR C 327 -70.08 47.64 59.75
CA TYR C 327 -68.73 47.72 59.19
C TYR C 327 -67.68 47.78 60.29
N ILE C 328 -68.00 48.40 61.43
CA ILE C 328 -67.04 48.55 62.51
C ILE C 328 -66.89 47.32 63.38
N GLN C 329 -67.65 46.26 63.11
CA GLN C 329 -67.59 45.07 63.95
C GLN C 329 -66.19 44.53 64.15
N PRO C 330 -65.33 44.43 63.13
CA PRO C 330 -63.95 44.01 63.41
C PRO C 330 -63.14 45.07 64.13
N ALA C 331 -63.35 46.35 63.84
CA ALA C 331 -62.61 47.40 64.53
C ALA C 331 -63.09 47.63 65.95
N MET C 332 -64.19 47.01 66.35
CA MET C 332 -64.64 47.04 67.73
C MET C 332 -64.07 45.90 68.54
N ARG C 333 -63.60 44.84 67.88
CA ARG C 333 -62.99 43.72 68.56
C ARG C 333 -61.48 43.84 68.66
N THR C 334 -60.83 44.44 67.67
CA THR C 334 -59.39 44.65 67.77
C THR C 334 -59.08 45.74 68.79
N MET C 335 -59.76 46.87 68.71
CA MET C 335 -59.56 47.91 69.71
C MET C 335 -60.04 47.51 71.09
N ASP C 336 -60.57 46.31 71.27
CA ASP C 336 -60.92 45.81 72.58
C ASP C 336 -59.89 44.83 73.12
N ILE C 337 -58.90 44.45 72.32
CA ILE C 337 -57.74 43.72 72.83
C ILE C 337 -56.63 44.69 73.23
N LEU C 338 -56.34 45.67 72.37
CA LEU C 338 -55.31 46.63 72.69
C LEU C 338 -55.68 47.50 73.87
N ALA C 339 -56.96 47.65 74.16
CA ALA C 339 -57.38 48.39 75.35
C ALA C 339 -57.46 47.50 76.58
N SER C 340 -57.08 46.24 76.47
CA SER C 340 -56.95 45.36 77.62
C SER C 340 -55.52 45.01 77.95
N LEU C 341 -54.61 45.06 76.98
CA LEU C 341 -53.18 44.97 77.29
C LEU C 341 -52.66 46.28 77.84
N ALA C 342 -53.14 47.40 77.29
CA ALA C 342 -52.74 48.72 77.79
C ALA C 342 -53.29 49.02 79.18
N THR C 343 -54.11 48.13 79.75
CA THR C 343 -54.54 48.27 81.13
C THR C 343 -54.06 47.13 82.02
N SER C 344 -53.50 46.07 81.45
CA SER C 344 -52.87 45.01 82.20
C SER C 344 -51.35 45.12 82.18
N VAL C 345 -50.81 46.18 81.57
CA VAL C 345 -49.39 46.45 81.58
C VAL C 345 -49.14 47.57 82.58
N ASP C 346 -50.17 48.39 82.81
CA ASP C 346 -50.10 49.47 83.79
C ASP C 346 -50.66 49.09 85.15
N LYS C 347 -51.44 48.02 85.24
CA LYS C 347 -51.93 47.57 86.54
C LYS C 347 -50.77 47.16 87.43
N GLY C 348 -50.02 46.15 87.02
CA GLY C 348 -48.77 45.81 87.65
C GLY C 348 -47.64 46.32 86.77
N GLU C 349 -46.82 47.21 87.34
CA GLU C 349 -45.77 47.86 86.55
C GLU C 349 -44.86 46.82 85.92
N CYS C 350 -44.91 46.68 84.60
CA CYS C 350 -44.12 45.71 83.88
C CYS C 350 -43.15 46.42 82.94
N LEU C 351 -41.89 46.04 83.01
CA LEU C 351 -40.88 46.52 82.07
C LEU C 351 -39.81 45.46 81.97
N GLY C 352 -39.40 45.15 80.76
CA GLY C 352 -38.37 44.13 80.55
C GLY C 352 -38.98 42.75 80.31
N GLY C 353 -38.86 41.88 81.29
CA GLY C 353 -39.32 40.52 81.13
C GLY C 353 -40.76 40.30 81.53
N SER C 354 -41.20 40.93 82.61
CA SER C 354 -42.57 40.73 83.08
C SER C 354 -43.59 41.30 82.10
N THR C 355 -43.19 42.26 81.28
CA THR C 355 -44.00 42.71 80.15
C THR C 355 -43.80 41.87 78.92
N LEU C 356 -43.17 40.71 79.07
CA LEU C 356 -43.13 39.69 78.03
C LEU C 356 -43.68 38.37 78.52
N SER C 357 -43.81 38.19 79.84
CA SER C 357 -44.57 37.07 80.36
C SER C 357 -46.06 37.29 80.14
N LEU C 358 -46.52 38.54 80.28
CA LEU C 358 -47.93 38.84 80.11
C LEU C 358 -48.37 38.58 78.68
N LEU C 359 -47.53 38.91 77.70
CA LEU C 359 -47.85 38.71 76.29
C LEU C 359 -47.60 37.28 75.84
N HIS C 360 -47.24 36.37 76.74
CA HIS C 360 -47.23 34.95 76.44
C HIS C 360 -48.36 34.21 77.14
N ASP C 361 -49.03 34.84 78.10
CA ASP C 361 -50.22 34.29 78.73
C ASP C 361 -51.50 34.86 78.16
N ARG C 362 -51.53 36.16 77.86
CA ARG C 362 -52.66 36.73 77.13
C ARG C 362 -52.75 36.20 75.71
N SER C 363 -51.75 35.46 75.25
CA SER C 363 -51.80 34.82 73.95
C SER C 363 -52.15 33.34 74.04
N PHE C 364 -52.07 32.76 75.22
CA PHE C 364 -52.50 31.38 75.42
C PHE C 364 -53.94 31.29 75.88
N SER C 365 -54.44 32.32 76.56
CA SER C 365 -55.84 32.36 76.94
C SER C 365 -56.75 32.40 75.73
N TYR C 366 -56.28 32.95 74.61
CA TYR C 366 -57.02 32.93 73.36
C TYR C 366 -56.54 31.79 72.46
N THR C 367 -56.64 30.56 72.97
CA THR C 367 -56.14 29.43 72.21
C THR C 367 -57.15 28.88 71.21
N GLY C 368 -58.34 29.46 71.12
CA GLY C 368 -59.32 28.96 70.19
C GLY C 368 -60.09 30.05 69.48
N ASP C 369 -59.71 31.31 69.71
CA ASP C 369 -60.41 32.42 69.08
C ASP C 369 -59.96 32.60 67.62
N SER C 370 -58.65 32.60 67.39
CA SER C 370 -58.04 32.64 66.06
C SER C 370 -58.27 33.96 65.34
N GLN C 371 -59.04 34.87 65.95
CA GLN C 371 -59.14 36.24 65.49
C GLN C 371 -58.56 37.22 66.49
N ALA C 372 -58.37 36.79 67.74
CA ALA C 372 -57.64 37.54 68.75
C ALA C 372 -56.42 36.80 69.24
N GLN C 373 -56.03 35.72 68.55
CA GLN C 373 -54.74 35.09 68.76
C GLN C 373 -53.75 35.37 67.66
N GLU C 374 -54.21 35.54 66.42
CA GLU C 374 -53.35 36.04 65.37
C GLU C 374 -52.94 37.48 65.63
N LEU C 375 -53.60 38.16 66.56
CA LEU C 375 -53.21 39.51 66.95
C LEU C 375 -52.18 39.47 68.07
N CYS C 376 -52.54 38.89 69.23
CA CYS C 376 -51.63 38.82 70.35
C CYS C 376 -50.38 38.02 70.03
N LEU C 377 -50.35 37.32 68.90
CA LEU C 377 -49.12 36.71 68.41
C LEU C 377 -48.35 37.64 67.48
N TYR C 378 -48.95 38.74 67.06
CA TYR C 378 -48.21 39.77 66.34
C TYR C 378 -47.56 40.76 67.30
N LEU C 379 -48.15 40.97 68.47
CA LEU C 379 -47.54 41.86 69.45
C LEU C 379 -46.34 41.20 70.11
N THR C 380 -46.50 39.95 70.56
CA THR C 380 -45.38 39.26 71.21
C THR C 380 -44.22 39.05 70.25
N LYS C 381 -44.51 38.70 69.01
CA LYS C 381 -43.45 38.52 68.02
C LYS C 381 -42.75 39.81 67.68
N ALA C 382 -43.30 40.96 68.07
CA ALA C 382 -42.68 42.25 67.82
C ALA C 382 -42.17 42.94 69.07
N ALA C 383 -42.75 42.64 70.23
CA ALA C 383 -42.29 43.19 71.50
C ALA C 383 -41.26 42.32 72.18
N SER C 384 -40.59 41.45 71.43
CA SER C 384 -39.57 40.59 71.98
C SER C 384 -38.31 40.55 71.14
N ALA C 385 -38.29 41.24 70.00
CA ALA C 385 -37.05 41.35 69.25
C ALA C 385 -35.98 42.13 70.02
N PRO C 386 -36.26 43.26 70.66
CA PRO C 386 -35.20 43.94 71.39
C PRO C 386 -34.68 43.14 72.57
N TYR C 387 -35.55 42.40 73.24
CA TYR C 387 -35.08 41.51 74.30
C TYR C 387 -34.24 40.38 73.74
N PHE C 388 -34.56 39.92 72.54
CA PHE C 388 -33.82 38.82 71.95
C PHE C 388 -32.57 39.27 71.21
N GLU C 389 -32.32 40.58 71.09
CA GLU C 389 -31.10 41.04 70.46
C GLU C 389 -29.97 41.24 71.46
N VAL C 390 -30.29 41.31 72.75
CA VAL C 390 -29.26 41.27 73.77
C VAL C 390 -28.96 39.83 74.18
N LEU C 391 -29.96 38.95 74.07
CA LEU C 391 -29.73 37.54 74.34
C LEU C 391 -28.76 36.94 73.34
N GLU C 392 -28.76 37.50 72.12
CA GLU C 392 -27.84 37.04 71.06
C GLU C 392 -26.42 37.50 71.42
N LYS C 393 -26.30 38.49 72.30
CA LYS C 393 -25.00 39.00 72.71
C LYS C 393 -24.50 38.35 73.98
N TRP C 394 -25.41 37.71 74.71
CA TRP C 394 -25.08 37.01 75.99
C TRP C 394 -25.05 35.49 75.75
N ILE C 395 -25.01 35.08 74.48
CA ILE C 395 -25.00 33.63 74.12
C ILE C 395 -23.74 33.33 73.29
N TYR C 396 -23.52 34.09 72.22
CA TYR C 396 -22.34 33.89 71.34
C TYR C 396 -21.15 34.71 71.86
N ARG C 397 -21.41 35.55 72.86
CA ARG C 397 -20.36 36.42 73.47
C ARG C 397 -20.67 36.62 74.95
N GLY C 398 -19.81 37.35 75.66
CA GLY C 398 -20.00 37.61 77.07
C GLY C 398 -20.53 38.98 77.41
N ILE C 399 -20.64 39.86 76.44
CA ILE C 399 -20.99 41.26 76.70
C ILE C 399 -22.49 41.41 76.93
N ILE C 400 -22.85 42.15 77.96
CA ILE C 400 -24.24 42.43 78.32
C ILE C 400 -24.42 43.94 78.27
N HIS C 401 -25.17 44.43 77.29
CA HIS C 401 -25.33 45.88 77.16
C HIS C 401 -26.41 46.39 78.11
N ASP C 402 -27.67 46.01 77.85
CA ASP C 402 -28.83 46.25 78.70
C ASP C 402 -28.77 47.59 79.44
N PRO C 403 -28.81 48.73 78.74
CA PRO C 403 -28.67 50.01 79.45
C PRO C 403 -29.67 50.18 80.58
N TYR C 404 -30.95 49.98 80.31
CA TYR C 404 -31.93 49.96 81.38
C TYR C 404 -31.91 48.59 82.04
N SER C 405 -32.12 48.57 83.36
CA SER C 405 -32.01 47.33 84.10
C SER C 405 -33.21 46.44 83.84
N GLU C 406 -33.18 45.67 82.75
CA GLU C 406 -34.31 44.84 82.37
C GLU C 406 -33.95 43.40 82.00
N PHE C 407 -32.71 43.12 81.61
CA PHE C 407 -32.35 41.78 81.20
C PHE C 407 -32.41 40.82 82.41
N MET C 408 -32.48 39.53 82.11
CA MET C 408 -32.59 38.55 83.18
C MET C 408 -31.30 38.42 83.98
N VAL C 409 -30.16 38.71 83.36
CA VAL C 409 -28.85 38.57 83.99
C VAL C 409 -28.22 39.95 84.12
N GLU C 410 -27.79 40.28 85.33
CA GLU C 410 -27.09 41.54 85.58
C GLU C 410 -25.72 41.24 86.16
N GLU C 411 -24.74 42.04 85.76
CA GLU C 411 -23.38 41.87 86.25
C GLU C 411 -23.18 42.68 87.53
N HIS C 412 -22.00 42.52 88.12
CA HIS C 412 -21.67 43.20 89.37
C HIS C 412 -20.21 43.62 89.30
N GLU C 413 -19.69 44.13 90.42
CA GLU C 413 -18.30 44.51 90.53
C GLU C 413 -17.70 44.03 91.84
N TYR C 427 -15.72 33.71 94.49
CA TYR C 427 -15.18 34.93 93.89
C TYR C 427 -15.91 35.27 92.60
N TRP C 428 -16.57 34.28 92.00
CA TRP C 428 -17.36 34.50 90.80
C TRP C 428 -18.81 34.10 90.93
N ASP C 429 -19.24 33.58 92.09
CA ASP C 429 -20.65 33.31 92.28
C ASP C 429 -21.46 34.57 92.58
N GLN C 430 -20.81 35.73 92.67
CA GLN C 430 -21.49 36.99 92.90
C GLN C 430 -21.38 37.95 91.72
N ARG C 431 -20.60 37.61 90.70
CA ARG C 431 -20.42 38.50 89.56
C ARG C 431 -21.72 38.63 88.76
N TYR C 432 -22.20 37.54 88.19
CA TYR C 432 -23.44 37.52 87.43
C TYR C 432 -24.49 36.74 88.20
N THR C 433 -25.65 37.37 88.44
CA THR C 433 -26.71 36.76 89.22
C THR C 433 -28.00 36.78 88.42
N ILE C 434 -28.72 35.65 88.44
CA ILE C 434 -30.02 35.59 87.80
C ILE C 434 -31.00 36.47 88.55
N VAL C 435 -31.66 37.37 87.84
CA VAL C 435 -32.74 38.17 88.42
C VAL C 435 -34.04 37.40 88.25
N GLN C 436 -34.83 37.33 89.32
CA GLN C 436 -36.00 36.47 89.31
C GLN C 436 -37.19 37.11 88.63
N GLN C 437 -37.36 38.43 88.80
CA GLN C 437 -38.53 39.09 88.23
C GLN C 437 -38.50 39.02 86.71
N GLN C 438 -37.40 39.41 86.10
CA GLN C 438 -37.32 39.55 84.64
C GLN C 438 -36.95 38.22 83.98
N ILE C 439 -37.83 37.24 84.15
CA ILE C 439 -37.75 35.96 83.44
C ILE C 439 -39.00 35.84 82.59
N PRO C 440 -38.88 35.61 81.28
CA PRO C 440 -40.05 35.71 80.40
C PRO C 440 -41.10 34.62 80.60
N SER C 441 -40.91 33.68 81.53
CA SER C 441 -41.87 32.63 81.82
C SER C 441 -42.12 31.70 80.66
N PHE C 442 -41.41 31.89 79.54
CA PHE C 442 -41.28 30.84 78.54
C PHE C 442 -39.84 30.41 78.35
N LEU C 443 -38.89 31.11 78.96
CA LEU C 443 -37.53 30.65 79.14
C LEU C 443 -37.28 30.10 80.53
N GLN C 444 -38.35 29.93 81.31
CA GLN C 444 -38.21 29.44 82.68
C GLN C 444 -37.56 28.06 82.72
N LYS C 445 -37.79 27.24 81.71
CA LYS C 445 -37.19 25.91 81.68
C LYS C 445 -35.67 26.01 81.55
N MET C 446 -35.18 26.97 80.78
CA MET C 446 -33.75 27.14 80.55
C MET C 446 -33.22 28.41 81.19
N ALA C 447 -33.76 28.78 82.34
CA ALA C 447 -33.27 29.95 83.05
C ALA C 447 -31.88 29.75 83.61
N ASP C 448 -31.36 28.52 83.62
CA ASP C 448 -30.05 28.22 84.15
C ASP C 448 -28.99 28.09 83.06
N LYS C 449 -29.31 27.41 81.96
CA LYS C 449 -28.34 27.26 80.89
C LYS C 449 -27.99 28.58 80.22
N ILE C 450 -28.87 29.58 80.34
CA ILE C 450 -28.53 30.89 79.80
C ILE C 450 -27.39 31.51 80.60
N LEU C 451 -27.55 31.59 81.92
CA LEU C 451 -26.50 32.16 82.76
C LEU C 451 -25.24 31.32 82.72
N SER C 452 -25.38 30.00 82.77
CA SER C 452 -24.23 29.11 82.72
C SER C 452 -23.52 29.14 81.39
N THR C 453 -24.09 29.79 80.37
CA THR C 453 -23.45 29.83 79.06
C THR C 453 -22.46 30.98 78.97
N GLY C 454 -22.91 32.21 79.23
CA GLY C 454 -22.03 33.35 79.09
C GLY C 454 -20.94 33.37 80.14
N LYS C 455 -21.23 32.90 81.34
CA LYS C 455 -20.22 32.88 82.39
C LYS C 455 -19.01 32.06 81.97
N TYR C 456 -19.23 30.98 81.23
CA TYR C 456 -18.09 30.25 80.69
C TYR C 456 -17.34 31.08 79.67
N LEU C 457 -18.05 31.93 78.93
CA LEU C 457 -17.39 32.75 77.91
C LEU C 457 -16.52 33.84 78.51
N ASN C 458 -16.75 34.21 79.76
CA ASN C 458 -16.00 35.33 80.33
C ASN C 458 -14.70 34.87 81.00
N VAL C 459 -14.66 33.65 81.52
CA VAL C 459 -13.46 33.17 82.20
C VAL C 459 -12.46 32.68 81.16
N VAL C 460 -12.81 32.80 79.88
CA VAL C 460 -11.91 32.51 78.79
C VAL C 460 -11.54 33.76 78.01
N ARG C 461 -12.48 34.70 77.87
CA ARG C 461 -12.22 35.91 77.11
C ARG C 461 -11.18 36.79 77.81
N GLU C 462 -11.31 36.96 79.13
CA GLU C 462 -10.38 37.81 79.86
C GLU C 462 -9.01 37.19 80.02
N CYS C 463 -8.86 35.88 79.76
CA CYS C 463 -7.57 35.21 79.86
C CYS C 463 -6.90 35.05 78.50
N GLY C 464 -7.63 34.62 77.48
CA GLY C 464 -7.07 34.45 76.15
C GLY C 464 -7.86 33.49 75.28
N GLU C 474 -28.55 33.82 65.40
CA GLU C 474 -29.88 34.45 65.16
C GLU C 474 -30.95 33.66 65.91
N ILE C 475 -31.81 34.36 66.65
CA ILE C 475 -32.90 33.69 67.43
C ILE C 475 -34.23 34.43 67.16
N ILE C 476 -35.27 33.69 66.77
CA ILE C 476 -36.56 34.29 66.50
C ILE C 476 -37.60 33.63 67.39
N TYR C 477 -38.73 34.33 67.58
CA TYR C 477 -39.79 33.84 68.43
C TYR C 477 -40.84 33.12 67.59
N THR C 478 -41.24 31.92 68.03
CA THR C 478 -42.33 31.19 67.43
C THR C 478 -43.15 30.53 68.53
N LEU C 479 -44.45 30.41 68.29
CA LEU C 479 -45.34 29.70 69.19
C LEU C 479 -45.67 28.33 68.61
N LYS C 480 -45.71 27.32 69.48
CA LYS C 480 -45.89 25.92 69.11
C LYS C 480 -44.73 25.35 68.31
N GLU C 481 -43.67 26.13 68.12
CA GLU C 481 -42.41 25.63 67.57
C GLU C 481 -41.28 26.15 68.44
N ARG C 482 -40.33 25.27 68.76
CA ARG C 482 -39.24 25.59 69.68
C ARG C 482 -37.95 25.87 68.94
N ALA C 483 -38.03 26.56 67.81
CA ALA C 483 -36.84 26.87 67.02
C ALA C 483 -35.83 27.70 67.78
N TYR C 484 -36.16 28.20 68.96
CA TYR C 484 -35.19 28.87 69.80
C TYR C 484 -34.72 28.04 70.98
N VAL C 485 -35.57 27.18 71.53
CA VAL C 485 -35.17 26.34 72.65
C VAL C 485 -34.02 25.43 72.24
N GLU C 486 -34.12 24.82 71.05
CA GLU C 486 -33.01 24.03 70.55
C GLU C 486 -31.80 24.91 70.23
N GLN C 487 -32.06 26.15 69.83
CA GLN C 487 -30.98 27.09 69.44
C GLN C 487 -30.06 27.37 70.63
N ILE C 488 -30.61 27.49 71.84
CA ILE C 488 -29.81 27.80 73.02
C ILE C 488 -28.88 26.63 73.36
N GLU C 489 -29.36 25.40 73.20
CA GLU C 489 -28.54 24.25 73.52
C GLU C 489 -27.37 24.09 72.54
N LYS C 490 -27.58 24.40 71.26
CA LYS C 490 -26.51 24.27 70.29
C LYS C 490 -25.38 25.25 70.55
N ALA C 491 -25.65 26.25 71.39
CA ALA C 491 -24.67 27.28 71.77
C ALA C 491 -24.02 26.89 73.11
N PHE C 492 -24.86 26.54 74.09
CA PHE C 492 -24.36 26.15 75.41
C PHE C 492 -23.45 24.94 75.29
N ASN C 493 -23.76 24.02 74.39
CA ASN C 493 -22.91 22.84 74.21
C ASN C 493 -21.57 23.19 73.58
N TYR C 494 -21.46 24.35 72.95
CA TYR C 494 -20.15 24.86 72.53
C TYR C 494 -19.55 25.81 73.56
N ALA C 495 -20.40 26.53 74.29
CA ALA C 495 -19.90 27.43 75.33
C ALA C 495 -19.09 26.67 76.37
N SER C 496 -19.44 25.42 76.64
CA SER C 496 -18.71 24.62 77.60
C SER C 496 -17.50 23.92 76.99
N LYS C 497 -17.63 23.42 75.76
CA LYS C 497 -16.55 22.66 75.15
C LYS C 497 -15.30 23.50 74.94
N VAL C 498 -15.43 24.82 74.87
CA VAL C 498 -14.25 25.66 74.74
C VAL C 498 -13.58 25.88 76.08
N LEU C 499 -14.36 25.98 77.16
CA LEU C 499 -13.78 26.22 78.47
C LEU C 499 -13.19 24.95 79.06
N LEU C 500 -13.93 23.84 79.00
CA LEU C 500 -13.42 22.59 79.54
C LEU C 500 -12.11 22.20 78.87
N ASP C 501 -12.05 22.30 77.54
CA ASP C 501 -10.80 21.99 76.85
C ASP C 501 -9.73 23.03 77.16
N PHE C 502 -10.13 24.25 77.50
CA PHE C 502 -9.16 25.28 77.85
C PHE C 502 -8.41 24.93 79.13
N LEU C 503 -9.01 24.11 80.00
CA LEU C 503 -8.39 23.77 81.26
C LEU C 503 -7.60 22.46 81.23
N MET C 504 -7.80 21.64 80.20
CA MET C 504 -7.11 20.35 80.17
C MET C 504 -5.81 20.39 79.38
N GLU C 505 -5.78 21.10 78.24
CA GLU C 505 -4.57 21.17 77.43
C GLU C 505 -3.68 22.34 77.85
N GLU C 506 -4.19 23.56 77.77
CA GLU C 506 -3.49 24.71 78.29
C GLU C 506 -3.77 24.84 79.78
N LYS C 507 -2.76 25.26 80.54
CA LYS C 507 -2.78 25.25 82.00
C LYS C 507 -3.48 23.99 82.52
N GLU C 508 -2.88 22.86 82.15
CA GLU C 508 -3.49 21.55 82.35
C GLU C 508 -3.90 21.36 83.80
N LEU C 509 -9.41 21.37 85.28
CA LEU C 509 -9.83 21.02 86.62
C LEU C 509 -9.41 19.62 87.05
N VAL C 510 -9.54 18.62 86.18
CA VAL C 510 -9.15 17.28 86.55
C VAL C 510 -7.64 17.19 86.73
N ALA C 511 -6.88 17.86 85.86
CA ALA C 511 -5.44 17.97 86.06
C ALA C 511 -5.07 18.98 87.13
N HIS C 512 -6.06 19.53 87.82
CA HIS C 512 -5.85 20.45 88.93
C HIS C 512 -6.19 19.83 90.27
N LEU C 513 -7.12 18.88 90.27
CA LEU C 513 -7.55 18.17 91.51
C LEU C 513 -6.47 17.16 91.91
N ARG C 514 -5.78 16.59 90.92
CA ARG C 514 -4.71 15.58 91.17
C ARG C 514 -3.60 16.22 91.99
N SER C 515 -3.24 17.47 91.69
CA SER C 515 -2.18 18.18 92.44
C SER C 515 -2.58 18.30 93.92
N ILE C 516 -3.85 18.62 94.17
CA ILE C 516 -4.38 18.74 95.56
C ILE C 516 -4.27 17.38 96.25
N LYS C 517 -4.59 16.31 95.51
CA LYS C 517 -4.55 14.92 96.04
C LYS C 517 -3.13 14.53 96.47
N ARG C 518 -2.11 15.00 95.74
CA ARG C 518 -0.71 14.63 96.06
C ARG C 518 -0.32 15.07 97.48
N TYR C 519 -0.71 16.28 97.89
CA TYR C 519 -0.31 16.77 99.25
C TYR C 519 -1.41 16.52 100.29
N PHE C 520 -2.67 16.87 99.97
CA PHE C 520 -3.78 16.73 100.95
C PHE C 520 -4.02 15.27 101.32
N LEU C 521 -4.03 14.37 100.33
CA LEU C 521 -4.27 12.93 100.60
C LEU C 521 -2.94 12.20 100.81
N MET C 522 -1.83 12.94 100.72
CA MET C 522 -0.45 12.40 100.91
C MET C 522 -0.21 11.22 99.96
N ASP C 523 -0.65 11.35 98.70
CA ASP C 523 -0.46 10.27 97.68
C ASP C 523 1.04 10.15 97.38
N GLN C 524 1.70 11.28 97.17
CA GLN C 524 3.13 11.33 96.89
C GLN C 524 3.89 10.94 98.15
N GLY C 525 4.64 9.85 98.08
CA GLY C 525 5.37 9.39 99.23
C GLY C 525 6.75 10.01 99.37
N ASP C 526 7.42 10.24 98.24
CA ASP C 526 8.77 10.79 98.28
C ASP C 526 8.82 12.19 98.86
N PHE C 527 7.68 12.88 98.97
CA PHE C 527 7.67 14.23 99.50
C PHE C 527 7.55 14.28 101.01
N PHE C 528 6.88 13.31 101.61
CA PHE C 528 6.68 13.34 103.06
C PHE C 528 7.85 12.68 103.79
N VAL C 529 8.36 11.56 103.28
CA VAL C 529 9.48 10.90 103.93
C VAL C 529 10.71 11.80 103.95
N HIS C 530 10.72 12.81 103.07
CA HIS C 530 11.86 13.75 102.99
C HIS C 530 11.55 15.06 103.73
N PHE C 531 10.26 15.36 103.96
CA PHE C 531 9.91 16.59 104.64
C PHE C 531 9.95 16.40 106.15
N MET C 532 9.30 15.36 106.66
CA MET C 532 9.35 15.11 108.09
C MET C 532 10.75 14.78 108.56
N ASP C 533 11.58 14.21 107.67
CA ASP C 533 12.96 13.94 108.05
C ASP C 533 13.75 15.22 108.25
N LEU C 534 13.36 16.30 107.57
CA LEU C 534 14.06 17.57 107.69
C LEU C 534 13.45 18.48 108.75
N ALA C 535 12.11 18.50 108.84
CA ALA C 535 11.40 19.44 109.70
C ALA C 535 10.81 18.75 110.93
N GLU C 536 11.52 17.79 111.51
CA GLU C 536 11.04 17.14 112.73
C GLU C 536 11.51 17.89 113.98
N GLU C 537 12.81 18.18 114.05
CA GLU C 537 13.34 18.91 115.20
C GLU C 537 12.67 20.26 115.36
N GLU C 538 12.24 20.85 114.26
CA GLU C 538 11.60 22.16 114.28
C GLU C 538 10.09 22.09 114.39
N LEU C 539 9.53 20.89 114.59
CA LEU C 539 8.11 20.74 114.86
C LEU C 539 7.81 20.32 116.30
N ARG C 540 8.73 19.63 116.96
CA ARG C 540 8.51 19.26 118.35
C ARG C 540 8.54 20.45 119.29
N LYS C 541 9.08 21.58 118.83
CA LYS C 541 9.02 22.80 119.63
C LYS C 541 7.57 23.22 119.80
N PRO C 542 7.24 23.91 120.90
CA PRO C 542 5.85 24.27 121.15
C PRO C 542 5.35 25.31 120.16
N VAL C 543 4.03 25.53 120.20
CA VAL C 543 3.42 26.55 119.38
C VAL C 543 3.86 27.94 119.85
N GLU C 544 3.62 28.94 119.00
CA GLU C 544 4.10 30.32 119.17
C GLU C 544 5.57 30.36 119.57
N ASP C 545 6.35 29.43 119.01
CA ASP C 545 7.80 29.40 119.19
C ASP C 545 8.55 29.17 117.89
N ILE C 546 7.88 28.78 116.83
CA ILE C 546 8.51 28.45 115.55
C ILE C 546 8.20 29.56 114.56
N THR C 547 9.23 29.97 113.80
CA THR C 547 9.08 31.04 112.83
C THR C 547 8.65 30.45 111.50
N PRO C 548 7.51 30.85 110.95
CA PRO C 548 7.08 30.35 109.63
C PRO C 548 8.11 30.60 108.55
N PRO C 549 8.91 31.66 108.61
CA PRO C 549 10.04 31.77 107.66
C PRO C 549 11.03 30.62 107.74
N ARG C 550 10.98 29.79 108.78
CA ARG C 550 11.86 28.63 108.87
C ARG C 550 11.21 27.38 108.29
N LEU C 551 9.91 27.24 108.44
CA LEU C 551 9.24 26.06 107.89
C LEU C 551 9.13 26.15 106.37
N GLU C 552 8.62 27.29 105.90
CA GLU C 552 8.41 27.57 104.44
C GLU C 552 9.66 27.19 103.64
N ALA C 553 10.82 27.68 104.07
CA ALA C 553 12.09 27.39 103.35
C ALA C 553 12.35 25.88 103.35
N LEU C 554 12.15 25.23 104.50
CA LEU C 554 12.36 23.76 104.62
C LEU C 554 11.36 23.02 103.72
N LEU C 555 10.10 23.49 103.72
CA LEU C 555 9.03 22.86 102.90
C LEU C 555 9.36 22.99 101.41
N GLU C 556 9.86 24.15 100.99
CA GLU C 556 10.20 24.39 99.56
C GLU C 556 11.29 23.42 99.13
N LEU C 557 12.34 23.29 99.95
CA LEU C 557 13.49 22.40 99.65
C LEU C 557 13.01 20.94 99.54
N ALA C 558 12.17 20.51 100.49
CA ALA C 558 11.67 19.11 100.50
C ALA C 558 10.85 18.85 99.23
N LEU C 559 10.00 19.80 98.83
CA LEU C 559 9.18 19.61 97.61
C LEU C 559 10.09 19.50 96.39
N ARG C 560 11.10 20.37 96.28
CA ARG C 560 12.05 20.33 95.13
C ARG C 560 12.87 19.04 95.19
N MET C 561 13.33 18.66 96.39
CA MET C 561 14.13 17.42 96.58
C MET C 561 13.27 16.20 96.22
N SER C 562 12.00 16.20 96.63
CA SER C 562 11.07 15.09 96.35
C SER C 562 10.76 15.00 94.84
N THR C 563 10.51 13.79 94.35
CA THR C 563 10.21 13.57 92.91
C THR C 563 9.02 14.45 92.49
N ALA C 564 8.48 15.24 93.42
CA ALA C 564 7.36 16.11 93.11
C ALA C 564 7.77 17.31 92.29
N ASN C 565 9.01 17.33 91.80
CA ASN C 565 9.49 18.46 91.02
C ASN C 565 8.71 18.64 89.72
N THR C 566 8.14 17.55 89.20
CA THR C 566 7.37 17.60 87.96
C THR C 566 5.89 17.88 88.28
N ASP C 567 5.65 19.09 88.76
CA ASP C 567 4.31 19.50 89.15
C ASP C 567 4.12 20.98 88.85
N PRO C 568 3.34 21.33 87.84
CA PRO C 568 3.19 22.75 87.49
C PRO C 568 2.56 23.59 88.58
N PHE C 569 1.69 23.01 89.40
CA PHE C 569 0.94 23.75 90.40
C PHE C 569 1.54 23.63 91.79
N LYS C 570 2.79 23.17 91.90
CA LYS C 570 3.38 22.98 93.21
C LYS C 570 3.57 24.29 93.96
N ASP C 571 3.57 25.42 93.27
CA ASP C 571 3.84 26.71 93.89
C ASP C 571 2.64 27.29 94.61
N ASP C 572 1.62 26.50 94.91
CA ASP C 572 0.44 26.98 95.62
C ASP C 572 0.30 26.33 97.00
N LEU C 573 1.36 25.72 97.52
CA LEU C 573 1.34 25.12 98.84
C LEU C 573 1.82 26.14 99.86
N LYS C 574 0.99 26.38 100.87
CA LYS C 574 1.34 27.31 101.94
C LYS C 574 1.16 26.64 103.28
N ILE C 575 1.98 27.03 104.24
CA ILE C 575 1.89 26.50 105.60
C ILE C 575 0.81 27.24 106.36
N ASP C 576 -0.04 26.51 107.07
CA ASP C 576 -1.12 27.09 107.84
C ASP C 576 -1.20 26.37 109.17
N LEU C 577 -0.79 27.05 110.24
CA LEU C 577 -0.80 26.47 111.58
C LEU C 577 -2.15 26.73 112.21
N MET C 578 -2.95 25.68 112.37
CA MET C 578 -4.28 25.83 112.94
C MET C 578 -4.17 26.18 114.42
N PRO C 579 -5.09 26.98 114.96
CA PRO C 579 -5.04 27.27 116.40
C PRO C 579 -5.49 26.09 117.24
N HIS C 580 -6.56 25.42 116.85
CA HIS C 580 -7.07 24.28 117.60
C HIS C 580 -6.51 22.98 117.05
N ASP C 581 -6.44 21.98 117.91
CA ASP C 581 -6.03 20.65 117.49
C ASP C 581 -7.19 19.95 116.77
N LEU C 582 -7.00 18.68 116.45
CA LEU C 582 -8.07 17.87 115.86
C LEU C 582 -9.00 17.44 117.00
N ILE C 583 -9.88 18.37 117.38
CA ILE C 583 -10.80 18.16 118.49
C ILE C 583 -11.74 17.01 118.21
N SER C 611 1.98 21.78 121.87
CA SER C 611 1.47 21.70 120.51
C SER C 611 2.60 21.50 119.52
N GLY C 612 2.70 22.40 118.54
CA GLY C 612 3.77 22.33 117.54
C GLY C 612 3.57 21.34 116.43
N LEU C 613 3.41 20.07 116.75
CA LEU C 613 3.24 19.03 115.75
C LEU C 613 1.77 18.83 115.36
N GLU C 614 0.87 18.89 116.32
CA GLU C 614 -0.56 18.73 116.08
C GLU C 614 -1.21 19.99 115.55
N ALA C 615 -0.42 20.98 115.15
CA ALA C 615 -0.94 22.24 114.64
C ALA C 615 -0.25 22.61 113.33
N PHE C 616 -0.14 21.65 112.43
CA PHE C 616 0.49 21.85 111.13
C PHE C 616 -0.38 21.26 110.03
N SER C 617 -0.64 22.05 108.99
CA SER C 617 -1.50 21.61 107.91
C SER C 617 -1.31 22.52 106.71
N PHE C 618 -1.28 21.92 105.52
CA PHE C 618 -1.09 22.68 104.31
C PHE C 618 -2.30 23.58 104.03
N ASP C 619 -2.06 24.63 103.26
CA ASP C 619 -3.10 25.50 102.75
C ASP C 619 -2.89 25.70 101.27
N TYR C 620 -3.99 25.77 100.52
CA TYR C 620 -3.95 25.86 99.07
C TYR C 620 -4.74 27.07 98.61
N ILE C 621 -4.09 27.93 97.83
CA ILE C 621 -4.73 29.13 97.29
C ILE C 621 -4.94 28.92 95.79
N VAL C 622 -6.15 29.24 95.33
CA VAL C 622 -6.53 29.05 93.94
C VAL C 622 -7.07 30.36 93.38
N LYS C 623 -7.11 30.43 92.06
CA LYS C 623 -7.49 31.65 91.37
C LYS C 623 -9.01 31.80 91.36
N TRP C 624 -9.53 32.74 90.57
CA TRP C 624 -10.97 33.00 90.61
C TRP C 624 -11.80 31.89 89.97
N PRO C 625 -11.63 31.58 88.68
CA PRO C 625 -12.64 30.72 88.02
C PRO C 625 -12.75 29.34 88.63
N LEU C 626 -11.64 28.78 89.13
CA LEU C 626 -11.70 27.49 89.81
C LEU C 626 -12.21 27.62 91.24
N SER C 627 -12.17 28.81 91.82
CA SER C 627 -12.64 28.98 93.18
C SER C 627 -14.13 28.72 93.33
N LEU C 628 -14.86 28.57 92.22
CA LEU C 628 -16.26 28.18 92.32
C LEU C 628 -16.38 26.72 92.76
N ILE C 629 -15.46 25.88 92.34
CA ILE C 629 -15.51 24.45 92.69
C ILE C 629 -14.86 24.21 94.04
N ILE C 630 -13.58 24.50 94.15
CA ILE C 630 -12.80 24.26 95.36
C ILE C 630 -12.64 25.58 96.10
N ASN C 631 -13.47 25.76 97.13
CA ASN C 631 -13.54 27.02 97.88
C ASN C 631 -13.26 26.76 99.34
N ARG C 632 -13.17 27.84 100.11
CA ARG C 632 -12.83 27.74 101.53
C ARG C 632 -13.82 26.88 102.29
N LYS C 633 -15.06 26.79 101.82
CA LYS C 633 -16.03 25.94 102.48
C LYS C 633 -15.72 24.46 102.24
N ALA C 634 -15.24 24.13 101.05
CA ALA C 634 -14.93 22.75 100.69
C ALA C 634 -13.44 22.51 100.53
N LEU C 635 -12.60 23.33 101.15
CA LEU C 635 -11.18 23.06 101.25
C LEU C 635 -10.73 22.74 102.66
N THR C 636 -11.35 23.34 103.67
CA THR C 636 -11.07 22.95 105.05
C THR C 636 -11.42 21.48 105.29
N ARG C 637 -12.34 20.92 104.51
CA ARG C 637 -12.60 19.49 104.60
C ARG C 637 -11.40 18.70 104.12
N TYR C 638 -10.76 19.14 103.03
CA TYR C 638 -9.48 18.56 102.65
C TYR C 638 -8.45 18.72 103.74
N GLN C 639 -8.58 19.75 104.57
CA GLN C 639 -7.65 20.02 105.64
C GLN C 639 -8.05 19.34 106.95
N MET C 640 -9.27 18.81 107.03
CA MET C 640 -9.68 18.03 108.20
C MET C 640 -9.27 16.58 108.08
N LEU C 641 -9.38 16.00 106.89
CA LEU C 641 -8.93 14.64 106.69
C LEU C 641 -7.46 14.57 106.31
N PHE C 642 -6.74 15.68 106.37
CA PHE C 642 -5.30 15.62 106.19
C PHE C 642 -4.58 15.39 107.51
N ARG C 643 -4.91 16.20 108.52
CA ARG C 643 -4.27 16.04 109.83
C ARG C 643 -4.54 14.67 110.41
N HIS C 644 -5.72 14.12 110.17
CA HIS C 644 -6.01 12.76 110.63
C HIS C 644 -5.11 11.73 109.95
N MET C 645 -4.53 12.07 108.80
CA MET C 645 -3.59 11.17 108.15
C MET C 645 -2.14 11.57 108.39
N PHE C 646 -1.89 12.80 108.80
CA PHE C 646 -0.54 13.18 109.19
C PHE C 646 -0.22 12.72 110.59
N TYR C 647 -1.23 12.50 111.42
CA TYR C 647 -1.01 11.92 112.75
C TYR C 647 -0.64 10.45 112.65
N CYS C 648 -1.47 9.68 111.93
CA CYS C 648 -1.21 8.25 111.77
C CYS C 648 0.07 7.98 111.00
N LYS C 649 0.52 8.92 110.17
CA LYS C 649 1.79 8.74 109.48
C LYS C 649 2.96 9.10 110.37
N HIS C 650 2.73 9.91 111.41
CA HIS C 650 3.83 10.33 112.27
C HIS C 650 4.15 9.26 113.32
N VAL C 651 3.12 8.66 113.91
CA VAL C 651 3.35 7.70 114.99
C VAL C 651 4.13 6.49 114.47
N GLU C 652 3.63 5.84 113.42
CA GLU C 652 4.33 4.67 112.92
C GLU C 652 5.54 5.03 112.12
N ARG C 653 5.88 6.31 112.07
CA ARG C 653 7.17 6.72 111.55
C ARG C 653 8.23 6.62 112.63
N GLN C 654 7.89 6.98 113.86
CA GLN C 654 8.81 6.87 114.98
C GLN C 654 8.70 5.54 115.70
N LEU C 655 7.50 4.94 115.73
CA LEU C 655 7.37 3.59 116.25
C LEU C 655 8.27 2.63 115.50
N CYS C 656 8.35 2.79 114.18
CA CYS C 656 9.30 2.03 113.38
C CYS C 656 10.72 2.52 113.56
N SER C 657 10.92 3.69 114.16
CA SER C 657 12.27 4.17 114.39
C SER C 657 12.91 3.51 115.60
N VAL C 658 12.13 3.21 116.63
CA VAL C 658 12.67 2.51 117.79
C VAL C 658 13.00 1.07 117.44
N TRP C 659 12.56 0.60 116.27
CA TRP C 659 12.81 -0.77 115.86
C TRP C 659 14.29 -1.08 115.73
N ILE C 660 15.12 -0.07 115.46
CA ILE C 660 16.54 -0.30 115.23
C ILE C 660 17.33 -0.03 116.50
N SER C 661 16.83 0.89 117.34
CA SER C 661 17.56 1.26 118.55
C SER C 661 17.72 0.07 119.49
N ASN C 662 16.66 -0.72 119.67
CA ASN C 662 16.75 -1.85 120.58
C ASN C 662 17.58 -2.98 119.96
N LYS C 663 17.45 -3.18 118.65
CA LYS C 663 18.20 -4.23 117.96
C LYS C 663 19.69 -3.96 118.04
N THR C 664 20.41 -4.80 118.79
CA THR C 664 21.84 -4.61 119.01
C THR C 664 22.63 -4.78 117.72
N PHE C 676 12.70 -5.94 129.05
CA PHE C 676 13.95 -5.90 128.30
C PHE C 676 13.85 -6.73 127.02
N ALA C 677 13.04 -7.79 127.07
CA ALA C 677 12.85 -8.65 125.91
C ALA C 677 11.40 -9.10 125.75
N GLY C 678 10.45 -8.49 126.47
CA GLY C 678 9.06 -8.86 126.34
C GLY C 678 8.23 -7.76 125.71
N ALA C 679 8.88 -6.67 125.31
CA ALA C 679 8.19 -5.57 124.64
C ALA C 679 8.11 -5.76 123.13
N PHE C 680 8.87 -6.70 122.57
CA PHE C 680 8.82 -6.92 121.13
C PHE C 680 7.45 -7.47 120.72
N THR C 681 6.84 -8.28 121.57
CA THR C 681 5.52 -8.81 121.28
C THR C 681 4.40 -7.82 121.56
N LEU C 682 4.71 -6.68 122.18
CA LEU C 682 3.75 -5.60 122.32
C LEU C 682 3.84 -4.60 121.18
N ARG C 683 5.07 -4.32 120.73
CA ARG C 683 5.24 -3.47 119.55
C ARG C 683 4.52 -4.06 118.35
N GLN C 684 4.50 -5.39 118.25
CA GLN C 684 3.73 -6.08 117.24
C GLN C 684 2.24 -5.79 117.32
N ARG C 685 1.74 -5.48 118.51
CA ARG C 685 0.32 -5.22 118.69
C ARG C 685 -0.10 -3.83 118.24
N MET C 686 0.83 -2.88 118.23
CA MET C 686 0.51 -1.52 117.79
C MET C 686 0.90 -1.30 116.33
N LEU C 687 2.02 -1.87 115.89
CA LEU C 687 2.43 -1.71 114.51
C LEU C 687 1.45 -2.40 113.57
N ASN C 688 1.02 -3.61 113.92
CA ASN C 688 -0.01 -4.30 113.15
C ASN C 688 -1.39 -3.69 113.31
N PHE C 689 -1.51 -2.58 114.05
CA PHE C 689 -2.76 -1.84 114.14
C PHE C 689 -2.75 -0.61 113.27
N VAL C 690 -1.68 0.18 113.32
CA VAL C 690 -1.61 1.38 112.47
C VAL C 690 -1.36 1.00 111.02
N GLN C 691 -0.44 0.07 110.77
CA GLN C 691 -0.23 -0.40 109.41
C GLN C 691 -1.33 -1.35 108.95
N ASN C 692 -2.38 -1.53 109.73
CA ASN C 692 -3.61 -2.16 109.24
C ASN C 692 -4.76 -1.18 109.17
N ILE C 693 -4.59 0.02 109.74
CA ILE C 693 -5.53 1.12 109.51
C ILE C 693 -5.12 1.92 108.28
N GLN C 694 -3.83 2.16 108.11
CA GLN C 694 -3.36 2.94 106.97
C GLN C 694 -3.69 2.26 105.65
N TYR C 695 -3.55 0.93 105.60
CA TYR C 695 -3.87 0.23 104.36
C TYR C 695 -5.35 0.35 104.03
N TYR C 696 -6.21 0.21 105.04
CA TYR C 696 -7.65 0.37 104.79
C TYR C 696 -7.99 1.82 104.50
N MET C 697 -7.22 2.76 105.05
CA MET C 697 -7.54 4.17 104.87
C MET C 697 -7.10 4.71 103.52
N MET C 698 -6.13 4.05 102.88
CA MET C 698 -5.56 4.59 101.61
C MET C 698 -6.04 3.83 100.36
N PHE C 699 -6.10 2.50 100.40
CA PHE C 699 -6.45 1.74 99.18
C PHE C 699 -7.91 1.29 99.14
N GLU C 700 -8.64 1.33 100.26
CA GLU C 700 -10.02 0.85 100.22
C GLU C 700 -11.05 1.87 100.68
N VAL C 701 -10.62 3.12 100.90
CA VAL C 701 -11.55 4.21 101.33
C VAL C 701 -11.44 5.38 100.36
N MET C 702 -10.37 6.17 100.48
CA MET C 702 -10.13 7.35 99.61
C MET C 702 -9.91 6.95 98.14
N GLU C 703 -9.09 5.92 97.91
CA GLU C 703 -8.79 5.44 96.53
C GLU C 703 -10.11 5.16 95.79
N PRO C 704 -10.93 4.21 96.27
CA PRO C 704 -12.20 3.86 95.60
C PRO C 704 -13.06 5.10 95.29
N THR C 705 -13.23 5.97 96.29
CA THR C 705 -14.06 7.20 96.12
C THR C 705 -13.44 8.09 95.03
N TRP C 706 -12.12 8.26 95.08
CA TRP C 706 -11.42 9.07 94.05
C TRP C 706 -11.60 8.42 92.67
N HIS C 707 -11.40 7.10 92.59
CA HIS C 707 -11.54 6.38 91.30
C HIS C 707 -12.92 6.67 90.70
N ILE C 708 -13.96 6.73 91.54
CA ILE C 708 -15.31 7.00 91.06
C ILE C 708 -15.41 8.45 90.58
N LEU C 709 -14.87 9.38 91.36
CA LEU C 709 -14.98 10.80 91.01
C LEU C 709 -14.38 11.08 89.64
N GLU C 710 -13.19 10.52 89.36
CA GLU C 710 -12.56 10.74 88.07
C GLU C 710 -13.46 10.32 86.93
N LYS C 711 -14.04 9.12 87.02
CA LYS C 711 -15.01 8.69 86.03
C LYS C 711 -16.31 9.48 86.14
N ASN C 712 -16.70 9.86 87.36
CA ASN C 712 -17.96 10.58 87.56
C ASN C 712 -17.88 12.02 87.06
N LEU C 713 -16.70 12.51 86.68
CA LEU C 713 -16.56 13.83 86.08
C LEU C 713 -16.45 13.79 84.56
N LYS C 714 -16.40 12.61 83.97
CA LYS C 714 -16.43 12.52 82.51
C LYS C 714 -17.85 12.63 81.97
N SER C 715 -18.84 12.26 82.78
CA SER C 715 -20.24 12.33 82.39
C SER C 715 -20.95 13.54 82.99
N ALA C 716 -20.21 14.58 83.36
CA ALA C 716 -20.83 15.77 83.90
C ALA C 716 -21.58 16.52 82.81
N SER C 717 -22.56 17.32 83.22
CA SER C 717 -23.37 18.08 82.28
C SER C 717 -23.47 19.56 82.62
N ASN C 718 -23.31 19.93 83.89
CA ASN C 718 -23.39 21.32 84.29
C ASN C 718 -22.65 21.50 85.61
N ILE C 719 -22.23 22.74 85.87
CA ILE C 719 -21.33 23.00 86.99
C ILE C 719 -21.97 22.65 88.31
N ASP C 720 -23.26 22.95 88.47
CA ASP C 720 -23.93 22.57 89.71
C ASP C 720 -24.08 21.07 89.87
N ASP C 721 -23.58 20.29 88.93
CA ASP C 721 -23.46 18.84 89.09
C ASP C 721 -22.05 18.47 89.53
N VAL C 722 -21.03 19.06 88.90
CA VAL C 722 -19.67 18.88 89.37
C VAL C 722 -19.55 19.31 90.81
N LEU C 723 -20.21 20.41 91.18
CA LEU C 723 -20.30 20.83 92.57
C LEU C 723 -21.06 19.84 93.43
N GLY C 724 -21.61 18.78 92.83
CA GLY C 724 -22.28 17.74 93.59
C GLY C 724 -21.44 16.48 93.64
N HIS C 725 -20.76 16.18 92.55
CA HIS C 725 -19.84 15.05 92.53
C HIS C 725 -18.57 15.31 93.34
N HIS C 726 -18.36 16.55 93.80
CA HIS C 726 -17.21 16.87 94.63
C HIS C 726 -17.57 16.79 96.11
N THR C 727 -18.55 17.58 96.54
CA THR C 727 -18.99 17.47 97.92
C THR C 727 -19.60 16.11 98.21
N GLY C 728 -20.10 15.42 97.18
CA GLY C 728 -20.48 14.03 97.33
C GLY C 728 -19.31 13.09 97.51
N PHE C 729 -18.10 13.54 97.23
CA PHE C 729 -16.89 12.77 97.45
C PHE C 729 -16.24 13.08 98.79
N LEU C 730 -16.36 14.31 99.28
CA LEU C 730 -15.76 14.66 100.55
C LEU C 730 -16.61 14.22 101.73
N ASP C 731 -17.94 14.22 101.58
CA ASP C 731 -18.78 13.73 102.66
C ASP C 731 -18.73 12.21 102.77
N THR C 732 -18.24 11.53 101.74
CA THR C 732 -18.09 10.08 101.82
C THR C 732 -16.76 9.69 102.46
N CYS C 733 -15.68 10.39 102.12
CA CYS C 733 -14.40 10.11 102.75
C CYS C 733 -14.46 10.39 104.24
N LEU C 734 -15.14 11.47 104.65
CA LEU C 734 -15.27 11.77 106.06
C LEU C 734 -16.24 10.83 106.78
N LYS C 735 -17.03 10.06 106.04
CA LYS C 735 -17.97 9.13 106.65
C LYS C 735 -17.40 7.72 106.75
N ASP C 736 -16.79 7.22 105.66
CA ASP C 736 -16.18 5.90 105.71
C ASP C 736 -15.00 5.85 106.66
N CYS C 737 -14.25 6.95 106.77
CA CYS C 737 -13.23 7.03 107.79
C CYS C 737 -13.88 7.32 109.14
N MET C 738 -13.09 7.23 110.20
CA MET C 738 -13.60 7.46 111.55
C MET C 738 -13.77 8.94 111.88
N LEU C 739 -13.73 9.81 110.88
CA LEU C 739 -13.78 11.25 111.13
C LEU C 739 -15.17 11.72 111.55
N THR C 740 -16.17 10.85 111.52
CA THR C 740 -17.51 11.21 111.96
C THR C 740 -18.16 10.06 112.71
N LEU C 744 -18.38 11.16 119.75
CA LEU C 744 -18.35 10.25 118.61
C LEU C 744 -17.34 9.13 118.83
N LEU C 745 -16.55 8.85 117.80
CA LEU C 745 -15.53 7.81 117.89
C LEU C 745 -14.22 8.38 118.41
N LYS C 746 -14.29 9.08 119.54
CA LYS C 746 -13.12 9.69 120.14
C LYS C 746 -12.21 8.67 120.81
N VAL C 747 -12.64 7.41 120.89
CA VAL C 747 -11.80 6.38 121.50
C VAL C 747 -10.54 6.17 120.68
N PHE C 748 -10.58 6.51 119.38
CA PHE C 748 -9.37 6.42 118.57
C PHE C 748 -8.34 7.47 119.01
N SER C 749 -8.80 8.66 119.36
CA SER C 749 -7.89 9.72 119.79
C SER C 749 -7.12 9.29 121.03
N LYS C 750 -7.82 8.78 122.05
CA LYS C 750 -7.15 8.32 123.25
C LYS C 750 -6.39 7.03 123.01
N LEU C 751 -6.81 6.23 122.03
CA LEU C 751 -6.08 5.02 121.71
C LEU C 751 -4.69 5.34 121.16
N MET C 752 -4.56 6.45 120.44
CA MET C 752 -3.27 6.80 119.86
C MET C 752 -2.30 7.32 120.89
N SER C 753 -2.79 7.80 122.03
CA SER C 753 -1.91 8.37 123.05
C SER C 753 -0.98 7.30 123.63
N VAL C 754 -1.51 6.11 123.92
CA VAL C 754 -0.68 5.07 124.50
C VAL C 754 0.32 4.52 123.49
N CYS C 755 0.05 4.66 122.19
CA CYS C 755 1.01 4.22 121.19
C CYS C 755 2.20 5.17 121.14
N VAL C 756 1.94 6.47 121.01
CA VAL C 756 3.03 7.43 120.89
C VAL C 756 3.80 7.53 122.20
N MET C 757 3.11 7.41 123.33
CA MET C 757 3.79 7.51 124.62
C MET C 757 4.68 6.30 124.87
N PHE C 758 4.25 5.12 124.41
CA PHE C 758 5.09 3.94 124.54
C PHE C 758 6.41 4.11 123.79
N THR C 759 6.38 4.86 122.69
CA THR C 759 7.63 5.17 122.00
C THR C 759 8.55 6.03 122.84
N ASN C 760 7.99 6.88 123.69
CA ASN C 760 8.82 7.72 124.54
C ASN C 760 9.51 6.91 125.62
N CYS C 761 8.80 5.95 126.23
CA CYS C 761 9.40 5.11 127.25
C CYS C 761 10.58 4.33 126.69
N MET C 762 10.40 3.68 125.55
CA MET C 762 11.49 2.95 124.92
C MET C 762 12.60 3.89 124.47
N GLN C 763 12.30 5.17 124.25
CA GLN C 763 13.31 6.12 123.84
C GLN C 763 14.18 6.61 125.00
N LYS C 764 13.84 6.24 126.23
CA LYS C 764 14.60 6.66 127.40
C LYS C 764 15.71 5.69 127.77
N PHE C 765 16.21 4.92 126.81
CA PHE C 765 17.31 3.99 127.06
C PHE C 765 18.57 4.43 126.34
N PHE C 818 10.46 0.01 134.97
CA PHE C 818 10.42 -0.18 133.52
C PHE C 818 9.70 -1.48 133.18
N GLU C 819 10.26 -2.59 133.65
CA GLU C 819 9.67 -3.90 133.40
C GLU C 819 8.24 -3.99 133.92
N ALA C 820 7.88 -3.18 134.91
CA ALA C 820 6.51 -3.10 135.40
C ALA C 820 5.69 -2.06 134.67
N THR C 821 6.27 -1.37 133.69
CA THR C 821 5.55 -0.39 132.89
C THR C 821 5.16 -0.90 131.51
N ILE C 822 5.98 -1.78 130.92
CA ILE C 822 5.62 -2.37 129.64
C ILE C 822 4.33 -3.16 129.77
N ASN C 823 4.24 -4.01 130.79
CA ASN C 823 3.01 -4.74 131.04
C ASN C 823 1.87 -3.81 131.43
N LYS C 824 2.17 -2.60 131.92
CA LYS C 824 1.12 -1.65 132.24
C LYS C 824 0.50 -1.07 130.97
N PHE C 825 1.32 -0.86 129.93
CA PHE C 825 0.79 -0.41 128.65
C PHE C 825 -0.07 -1.48 127.99
N ASP C 826 0.27 -2.75 128.20
CA ASP C 826 -0.46 -3.83 127.55
C ASP C 826 -1.91 -3.86 127.99
N LYS C 827 -2.14 -3.95 129.31
CA LYS C 827 -3.50 -3.97 129.83
C LYS C 827 -4.26 -2.70 129.51
N ASN C 828 -3.56 -1.61 129.22
CA ASN C 828 -4.21 -0.34 128.91
C ASN C 828 -4.52 -0.20 127.43
N PHE C 829 -3.61 -0.63 126.56
CA PHE C 829 -3.83 -0.53 125.12
C PHE C 829 -4.78 -1.61 124.63
N SER C 830 -4.58 -2.85 125.08
CA SER C 830 -5.45 -3.94 124.63
C SER C 830 -6.90 -3.71 125.05
N ALA C 831 -7.11 -3.08 126.20
CA ALA C 831 -8.47 -2.76 126.61
C ALA C 831 -9.07 -1.67 125.74
N HIS C 832 -8.26 -0.69 125.34
CA HIS C 832 -8.76 0.37 124.47
C HIS C 832 -9.08 -0.16 123.07
N LEU C 833 -8.29 -1.12 122.58
CA LEU C 833 -8.56 -1.68 121.26
C LEU C 833 -9.88 -2.44 121.23
N LEU C 834 -10.16 -3.20 122.28
CA LEU C 834 -11.40 -3.97 122.33
C LEU C 834 -12.63 -3.07 122.41
N ASP C 835 -12.49 -1.84 122.90
CA ASP C 835 -13.60 -0.91 122.85
C ASP C 835 -13.90 -0.48 121.42
N LEU C 836 -12.88 -0.47 120.56
CA LEU C 836 -13.07 -0.06 119.18
C LEU C 836 -13.90 -1.09 118.40
N LEU C 837 -13.42 -2.34 118.36
CA LEU C 837 -14.11 -3.38 117.62
C LEU C 837 -15.50 -3.67 118.18
N ALA C 838 -15.77 -3.28 119.43
CA ALA C 838 -17.11 -3.43 119.96
C ALA C 838 -18.06 -2.43 119.32
N ARG C 839 -17.61 -1.20 119.10
CA ARG C 839 -18.45 -0.17 118.48
C ARG C 839 -18.41 -0.22 116.96
N LEU C 840 -17.30 -0.66 116.38
CA LEU C 840 -17.23 -0.80 114.93
C LEU C 840 -18.11 -1.94 114.42
N SER C 841 -18.46 -2.90 115.28
CA SER C 841 -19.27 -4.02 114.83
C SER C 841 -20.75 -3.72 114.91
N ILE C 842 -21.18 -2.93 115.89
CA ILE C 842 -22.60 -2.64 116.07
C ILE C 842 -23.06 -1.59 115.07
N TYR C 843 -23.52 -2.05 113.91
CA TYR C 843 -24.03 -1.17 112.87
C TYR C 843 -25.06 -1.95 112.05
N SER C 844 -25.52 -1.34 110.96
CA SER C 844 -26.50 -1.98 110.09
C SER C 844 -25.87 -3.13 109.32
N GLY C 851 -16.26 -0.07 103.66
CA GLY C 851 -17.33 -0.50 104.53
C GLY C 851 -17.01 -0.37 106.00
N MET C 852 -18.05 -0.21 106.82
CA MET C 852 -17.89 -0.09 108.26
C MET C 852 -17.79 -1.45 108.95
N ALA C 853 -18.06 -2.55 108.25
CA ALA C 853 -17.93 -3.88 108.82
C ALA C 853 -16.67 -4.61 108.37
N SER C 854 -16.22 -4.37 107.14
CA SER C 854 -15.01 -5.01 106.65
C SER C 854 -13.76 -4.52 107.36
N VAL C 855 -13.85 -3.47 108.16
CA VAL C 855 -12.69 -2.99 108.89
C VAL C 855 -12.23 -4.02 109.92
N ILE C 856 -13.17 -4.74 110.51
CA ILE C 856 -12.80 -5.76 111.50
C ILE C 856 -11.97 -6.85 110.85
N SER C 857 -12.34 -7.26 109.64
CA SER C 857 -11.54 -8.25 108.92
C SER C 857 -10.14 -7.75 108.61
N ARG C 858 -9.93 -6.43 108.64
CA ARG C 858 -8.60 -5.86 108.47
C ARG C 858 -7.82 -5.80 109.78
N LEU C 859 -8.52 -5.57 110.89
CA LEU C 859 -7.84 -5.49 112.19
C LEU C 859 -7.32 -6.85 112.62
N ASP C 860 -8.18 -7.85 112.67
CA ASP C 860 -7.79 -9.22 112.99
C ASP C 860 -7.99 -10.09 111.76
N PHE C 861 -7.05 -10.99 111.53
CA PHE C 861 -7.07 -11.91 110.42
C PHE C 861 -6.91 -13.35 110.86
N ASN C 862 -6.31 -13.57 112.03
CA ASN C 862 -6.07 -14.91 112.55
C ASN C 862 -7.13 -15.35 113.55
N GLY C 863 -8.31 -14.73 113.52
CA GLY C 863 -9.30 -14.98 114.55
C GLY C 863 -8.92 -14.45 115.91
N PHE C 864 -7.79 -13.75 116.03
CA PHE C 864 -7.40 -13.14 117.28
C PHE C 864 -8.43 -12.08 117.69
N TYR C 865 -8.33 -11.66 118.96
CA TYR C 865 -9.29 -10.72 119.54
C TYR C 865 -10.72 -11.24 119.44
N THR C 866 -10.88 -12.55 119.51
CA THR C 866 -12.19 -13.16 119.44
C THR C 866 -12.97 -13.02 120.74
N GLU C 867 -12.38 -12.41 121.77
CA GLU C 867 -13.08 -12.20 123.03
C GLU C 867 -14.26 -11.26 122.84
N ILE D 245 -67.50 79.56 57.38
CA ILE D 245 -66.16 79.23 56.79
C ILE D 245 -66.23 77.81 56.19
N THR D 246 -65.95 77.69 54.89
CA THR D 246 -65.98 76.38 54.19
C THR D 246 -64.81 75.50 54.63
N GLU D 247 -64.99 74.18 54.54
CA GLU D 247 -63.94 73.18 54.92
C GLU D 247 -62.72 73.33 54.01
N ALA D 248 -62.94 73.65 52.72
CA ALA D 248 -61.87 73.82 51.72
C ALA D 248 -60.94 74.96 52.15
N ALA D 249 -61.50 76.04 52.70
CA ALA D 249 -60.70 77.20 53.14
C ALA D 249 -59.71 76.77 54.23
N LEU D 250 -60.14 75.90 55.14
CA LEU D 250 -59.25 75.40 56.23
C LEU D 250 -58.10 74.61 55.58
N VAL D 251 -58.41 73.80 54.57
CA VAL D 251 -57.38 72.95 53.88
C VAL D 251 -56.37 73.86 53.15
N ARG D 252 -56.75 75.12 52.90
CA ARG D 252 -55.87 76.07 52.24
C ARG D 252 -54.86 76.66 53.21
N ASP D 253 -55.31 77.00 54.41
CA ASP D 253 -54.42 77.62 55.39
C ASP D 253 -53.54 76.58 56.07
N ILE D 254 -54.07 75.39 56.32
CA ILE D 254 -53.28 74.35 57.00
C ILE D 254 -52.03 74.02 56.19
N LEU D 255 -52.17 74.01 54.87
CA LEU D 255 -51.04 73.70 53.96
C LEU D 255 -49.89 74.69 54.22
N TYR D 256 -50.18 75.85 54.79
CA TYR D 256 -49.17 76.84 55.11
C TYR D 256 -48.68 76.73 56.54
N VAL D 257 -49.57 76.42 57.48
CA VAL D 257 -49.18 76.30 58.87
C VAL D 257 -48.18 75.17 59.06
N PHE D 258 -48.15 74.22 58.11
CA PHE D 258 -47.14 73.18 58.15
C PHE D 258 -45.73 73.71 57.96
N GLN D 259 -45.58 74.99 57.63
CA GLN D 259 -44.28 75.59 57.40
C GLN D 259 -43.92 76.68 58.39
N GLY D 260 -44.88 77.34 59.00
CA GLY D 260 -44.60 78.45 59.87
C GLY D 260 -45.39 79.67 59.48
N ILE D 261 -45.77 79.76 58.21
CA ILE D 261 -46.52 80.89 57.70
C ILE D 261 -47.99 80.70 58.04
N ASP D 262 -48.53 81.59 58.85
CA ASP D 262 -49.95 81.57 59.17
C ASP D 262 -50.79 81.82 57.93
N ASN D 265 -56.91 82.28 58.63
CA ASN D 265 -57.66 82.07 59.85
C ASN D 265 -56.76 81.55 60.97
N ILE D 266 -55.91 80.58 60.64
CA ILE D 266 -55.01 80.00 61.62
C ILE D 266 -53.82 80.93 61.82
N LYS D 267 -53.62 81.37 63.06
CA LYS D 267 -52.50 82.26 63.38
C LYS D 267 -51.70 81.66 64.52
N MET D 268 -50.60 82.33 64.86
CA MET D 268 -49.73 81.85 65.93
C MET D 268 -50.39 82.06 67.29
N ASN D 273 -48.20 78.47 72.98
CA ASN D 273 -47.58 78.67 71.67
C ASN D 273 -48.40 78.03 70.56
N CYS D 274 -49.48 77.35 70.94
CA CYS D 274 -50.29 76.61 69.98
C CYS D 274 -50.83 77.55 68.91
N TYR D 275 -51.16 76.97 67.76
CA TYR D 275 -51.73 77.73 66.65
C TYR D 275 -53.22 77.88 66.89
N LYS D 276 -53.56 78.89 67.67
CA LYS D 276 -54.96 79.13 68.02
C LYS D 276 -55.71 79.63 66.78
N VAL D 277 -56.78 78.93 66.44
CA VAL D 277 -57.59 79.26 65.27
C VAL D 277 -58.76 80.12 65.72
N GLU D 278 -59.09 81.13 64.93
CA GLU D 278 -60.20 82.01 65.23
C GLU D 278 -61.06 82.26 64.00
N ASN D 282 -68.68 81.77 63.23
CA ASN D 282 -67.43 81.07 62.93
C ASN D 282 -67.70 79.67 62.40
N LEU D 283 -66.90 78.72 62.84
CA LEU D 283 -66.96 77.33 62.36
C LEU D 283 -67.39 76.40 63.47
N SER D 284 -67.69 75.16 63.09
CA SER D 284 -68.20 74.16 64.01
C SER D 284 -67.07 73.56 64.84
N ARG D 285 -67.42 73.07 66.03
CA ARG D 285 -66.41 72.55 66.94
C ARG D 285 -65.68 71.36 66.35
N SER D 286 -66.39 70.58 65.52
CA SER D 286 -65.82 69.36 64.88
C SER D 286 -64.76 69.75 63.84
N LEU D 287 -64.49 71.04 63.68
CA LEU D 287 -63.49 71.51 62.68
C LEU D 287 -62.28 72.12 63.42
N ARG D 288 -62.56 72.92 64.46
CA ARG D 288 -61.50 73.58 65.22
C ARG D 288 -60.58 72.57 65.88
N ASP D 289 -61.15 71.47 66.40
CA ASP D 289 -60.35 70.50 67.14
C ASP D 289 -59.32 69.83 66.23
N THR D 290 -59.74 69.39 65.05
CA THR D 290 -58.81 68.71 64.16
C THR D 290 -57.79 69.66 63.59
N ALA D 291 -58.15 70.93 63.41
CA ALA D 291 -57.18 71.92 62.96
C ALA D 291 -56.08 72.12 63.98
N VAL D 292 -56.45 72.25 65.26
CA VAL D 292 -55.45 72.42 66.30
C VAL D 292 -54.56 71.19 66.41
N ARG D 293 -55.14 70.02 66.12
CA ARG D 293 -54.39 68.74 66.17
C ARG D 293 -53.43 68.67 64.99
N LEU D 294 -53.86 69.11 63.81
CA LEU D 294 -53.02 69.04 62.61
C LEU D 294 -51.95 70.11 62.62
N SER D 295 -52.27 71.30 63.13
CA SER D 295 -51.31 72.39 63.12
C SER D 295 -50.11 72.12 64.02
N GLU D 296 -50.23 71.20 64.98
CA GLU D 296 -49.10 70.91 65.85
C GLU D 296 -47.94 70.27 65.11
N LEU D 297 -48.05 70.10 63.79
CA LEU D 297 -46.89 69.76 62.97
C LEU D 297 -46.08 70.99 62.59
N GLY D 298 -46.72 72.15 62.52
CA GLY D 298 -45.98 73.36 62.22
C GLY D 298 -45.11 73.80 63.38
N TRP D 299 -45.69 73.82 64.58
CA TRP D 299 -44.92 74.21 65.76
C TRP D 299 -43.71 73.31 65.96
N LEU D 300 -43.78 72.06 65.49
CA LEU D 300 -42.60 71.22 65.49
C LEU D 300 -41.65 71.57 64.36
N HIS D 301 -42.16 72.23 63.32
CA HIS D 301 -41.32 72.62 62.16
C HIS D 301 -40.57 73.92 62.47
N ASN D 302 -41.21 74.84 63.19
CA ASN D 302 -40.57 76.14 63.55
C ASN D 302 -39.37 75.90 64.47
N LYS D 303 -39.52 75.02 65.48
CA LYS D 303 -38.44 74.77 66.47
C LYS D 303 -37.19 74.18 65.80
N ILE D 304 -37.35 73.16 64.94
CA ILE D 304 -36.17 72.54 64.27
C ILE D 304 -35.51 73.56 63.34
N ARG D 305 -36.32 74.36 62.63
CA ARG D 305 -35.82 75.38 61.68
C ARG D 305 -34.99 76.43 62.42
N ARG D 306 -35.45 76.85 63.61
CA ARG D 306 -34.73 77.91 64.38
C ARG D 306 -33.32 77.42 64.76
N TYR D 307 -33.19 76.17 65.21
CA TYR D 307 -31.87 75.64 65.66
C TYR D 307 -30.88 75.61 64.49
N THR D 308 -31.31 75.12 63.32
CA THR D 308 -30.43 75.04 62.13
C THR D 308 -30.05 76.44 61.65
N ASP D 309 -31.00 77.39 61.73
CA ASP D 309 -30.79 78.78 61.26
C ASP D 309 -29.91 79.56 62.24
N GLN D 310 -30.31 79.62 63.53
CA GLN D 310 -29.57 80.39 64.50
C GLN D 310 -28.11 79.94 64.55
N ARG D 311 -27.86 78.64 64.43
CA ARG D 311 -26.51 78.10 64.48
C ARG D 311 -25.83 78.07 63.12
N SER D 312 -26.58 78.29 62.04
CA SER D 312 -25.96 78.49 60.73
C SER D 312 -25.52 79.93 60.54
N LEU D 313 -25.50 80.72 61.61
CA LEU D 313 -25.13 82.13 61.57
C LEU D 313 -23.74 82.35 62.16
N ASP D 314 -23.53 81.93 63.40
CA ASP D 314 -22.23 82.10 64.04
C ASP D 314 -21.23 81.09 63.48
N ARG D 315 -19.98 81.52 63.35
CA ARG D 315 -18.94 80.69 62.80
C ARG D 315 -18.12 79.99 63.89
N SER D 316 -18.62 79.95 65.12
CA SER D 316 -17.92 79.32 66.22
C SER D 316 -18.69 78.11 66.74
N PHE D 317 -19.29 77.35 65.83
CA PHE D 317 -19.99 76.13 66.20
C PHE D 317 -19.17 74.87 65.92
N GLY D 318 -18.08 74.99 65.17
CA GLY D 318 -17.18 73.87 64.98
C GLY D 318 -17.37 73.18 63.66
N LEU D 319 -16.79 71.99 63.56
CA LEU D 319 -16.88 71.15 62.33
C LEU D 319 -18.01 70.13 62.51
N VAL D 320 -18.02 69.43 63.65
CA VAL D 320 -19.08 68.42 63.93
C VAL D 320 -20.44 69.14 63.98
N GLY D 321 -20.48 70.31 64.61
CA GLY D 321 -21.74 71.08 64.73
C GLY D 321 -22.32 71.43 63.36
N GLN D 322 -21.46 71.82 62.42
CA GLN D 322 -21.92 72.17 61.04
C GLN D 322 -22.53 70.92 60.39
N SER D 323 -21.90 69.76 60.58
CA SER D 323 -22.42 68.50 60.00
C SER D 323 -23.81 68.20 60.56
N PHE D 324 -24.01 68.40 61.87
CA PHE D 324 -25.33 68.14 62.50
C PHE D 324 -26.38 69.07 61.91
N CYS D 325 -26.02 70.35 61.73
CA CYS D 325 -26.96 71.34 61.13
C CYS D 325 -27.29 70.90 59.70
N ALA D 326 -26.26 70.49 58.94
CA ALA D 326 -26.44 70.01 57.55
C ALA D 326 -27.30 68.74 57.57
N ALA D 327 -27.05 67.86 58.53
CA ALA D 327 -27.79 66.58 58.66
C ALA D 327 -29.28 66.86 58.92
N LEU D 328 -29.62 68.09 59.28
CA LEU D 328 -31.02 68.41 59.53
C LEU D 328 -31.68 69.06 58.32
N HIS D 329 -30.97 69.20 57.21
CA HIS D 329 -31.56 69.74 56.00
C HIS D 329 -31.93 68.66 54.99
N GLN D 330 -31.12 67.62 54.84
CA GLN D 330 -31.55 66.50 54.02
C GLN D 330 -32.77 65.81 54.58
N GLU D 331 -33.02 65.92 55.89
CA GLU D 331 -34.26 65.46 56.49
C GLU D 331 -35.30 66.55 56.54
N LEU D 332 -35.11 67.64 55.80
CA LEU D 332 -36.13 68.66 55.63
C LEU D 332 -36.53 68.87 54.19
N ARG D 333 -35.63 68.68 53.23
CA ARG D 333 -36.06 68.72 51.84
C ARG D 333 -37.16 67.71 51.58
N GLU D 334 -37.05 66.52 52.16
CA GLU D 334 -38.11 65.53 52.00
C GLU D 334 -39.41 66.03 52.60
N TYR D 335 -39.34 66.70 53.75
CA TYR D 335 -40.55 67.30 54.29
C TYR D 335 -41.05 68.43 53.41
N TYR D 336 -40.18 68.87 52.48
CA TYR D 336 -40.53 69.92 51.50
C TYR D 336 -41.15 69.26 50.26
N ARG D 337 -40.83 67.98 50.05
CA ARG D 337 -41.42 67.24 48.94
C ARG D 337 -42.83 66.80 49.27
N LEU D 338 -43.07 66.40 50.51
CA LEU D 338 -44.42 66.02 50.90
C LEU D 338 -45.37 67.20 50.78
N LEU D 339 -44.96 68.37 51.27
CA LEU D 339 -45.83 69.58 51.20
C LEU D 339 -46.18 69.82 49.73
N SER D 340 -45.24 69.53 48.82
CA SER D 340 -45.44 69.72 47.36
C SER D 340 -46.54 68.81 46.82
N VAL D 341 -46.35 67.49 46.89
CA VAL D 341 -47.34 66.51 46.36
C VAL D 341 -48.72 66.77 46.97
N LEU D 342 -48.79 66.98 48.29
CA LEU D 342 -50.07 67.22 49.00
C LEU D 342 -50.82 68.41 48.38
N HIS D 343 -50.12 69.50 48.10
CA HIS D 343 -50.76 70.73 47.54
C HIS D 343 -51.40 70.42 46.17
N SER D 344 -50.70 69.65 45.34
CA SER D 344 -51.23 69.31 43.99
C SER D 344 -52.65 68.73 44.11
N GLN D 345 -52.82 67.75 45.01
CA GLN D 345 -54.14 67.09 45.21
C GLN D 345 -55.22 68.13 45.54
N LEU D 346 -54.87 69.17 46.29
CA LEU D 346 -55.85 70.21 46.70
C LEU D 346 -56.42 70.91 45.46
N GLN D 347 -55.57 71.21 44.46
CA GLN D 347 -56.03 71.90 43.23
C GLN D 347 -57.21 71.15 42.63
N SER D 361 -59.28 65.43 45.35
CA SER D 361 -59.73 66.20 46.51
C SER D 361 -59.27 65.55 47.79
N LEU D 362 -58.87 66.37 48.76
CA LEU D 362 -58.50 65.88 50.08
C LEU D 362 -59.18 66.75 51.12
N THR D 363 -59.49 66.12 52.27
CA THR D 363 -60.16 66.81 53.40
C THR D 363 -59.37 66.57 54.69
N LEU D 364 -59.85 67.12 55.82
CA LEU D 364 -59.17 66.97 57.13
C LEU D 364 -59.15 65.48 57.52
N ARG D 365 -60.26 64.78 57.30
CA ARG D 365 -60.36 63.33 57.65
C ARG D 365 -59.42 62.52 56.74
N ARG D 366 -58.80 63.20 55.76
CA ARG D 366 -57.87 62.57 54.84
C ARG D 366 -56.44 63.00 55.09
N LEU D 367 -56.23 64.17 55.69
CA LEU D 367 -54.87 64.59 56.01
C LEU D 367 -54.29 63.75 57.14
N LEU D 368 -55.11 63.41 58.15
CA LEU D 368 -54.60 62.71 59.33
C LEU D 368 -53.84 61.47 58.96
N VAL D 369 -54.31 60.72 57.96
CA VAL D 369 -53.56 59.53 57.56
C VAL D 369 -52.36 59.91 56.71
N TRP D 370 -52.47 60.96 55.90
CA TRP D 370 -51.33 61.39 55.08
C TRP D 370 -50.17 61.84 55.95
N THR D 371 -50.46 62.62 56.98
CA THR D 371 -49.43 63.21 57.84
C THR D 371 -49.38 62.55 59.21
N TYR D 372 -49.62 61.25 59.28
CA TYR D 372 -49.47 60.54 60.54
C TYR D 372 -48.04 60.09 60.78
N ASP D 373 -47.30 59.80 59.72
CA ASP D 373 -45.90 59.42 59.86
C ASP D 373 -45.00 60.63 60.05
N PRO D 374 -45.14 61.72 59.28
CA PRO D 374 -44.26 62.86 59.51
C PRO D 374 -44.63 63.68 60.73
N LYS D 375 -45.51 63.17 61.58
CA LYS D 375 -45.65 63.72 62.92
C LYS D 375 -44.73 63.04 63.91
N ILE D 376 -44.06 61.97 63.50
CA ILE D 376 -43.11 61.27 64.34
C ILE D 376 -41.69 61.70 64.02
N ARG D 377 -41.32 61.73 62.74
CA ARG D 377 -40.00 62.22 62.37
C ARG D 377 -39.83 63.67 62.79
N LEU D 378 -40.90 64.45 62.72
CA LEU D 378 -40.88 65.80 63.26
C LEU D 378 -41.15 65.84 64.76
N LYS D 379 -41.05 64.70 65.43
CA LYS D 379 -41.10 64.63 66.87
C LYS D 379 -39.84 64.04 67.48
N THR D 380 -39.04 63.34 66.68
CA THR D 380 -37.70 62.97 67.12
C THR D 380 -36.72 64.11 66.84
N LEU D 381 -36.78 64.69 65.64
CA LEU D 381 -35.87 65.77 65.29
C LEU D 381 -36.14 67.00 66.14
N ALA D 382 -37.42 67.32 66.39
CA ALA D 382 -37.72 68.47 67.23
C ALA D 382 -37.43 68.22 68.70
N ALA D 383 -37.11 66.98 69.07
CA ALA D 383 -36.65 66.67 70.42
C ALA D 383 -35.23 66.15 70.44
N LEU D 384 -34.58 66.07 69.29
CA LEU D 384 -33.16 65.78 69.22
C LEU D 384 -32.31 67.04 69.26
N VAL D 385 -32.86 68.18 68.86
CA VAL D 385 -32.14 69.45 68.91
C VAL D 385 -32.26 70.16 70.24
N ASP D 386 -33.07 69.65 71.16
CA ASP D 386 -33.11 70.21 72.50
C ASP D 386 -32.22 69.44 73.47
N HIS D 387 -32.06 68.14 73.27
CA HIS D 387 -31.18 67.37 74.14
C HIS D 387 -29.72 67.75 73.94
N CYS D 388 -29.37 68.25 72.75
CA CYS D 388 -28.00 68.71 72.47
C CYS D 388 -28.08 70.18 72.09
N GLN D 389 -28.06 71.05 73.10
CA GLN D 389 -28.17 72.49 72.90
C GLN D 389 -26.79 73.16 72.92
N GLY D 390 -26.08 73.05 74.03
CA GLY D 390 -24.79 73.68 74.14
C GLY D 390 -23.61 72.80 73.82
N ARG D 391 -23.82 71.67 73.18
CA ARG D 391 -22.74 70.75 72.89
C ARG D 391 -22.11 71.08 71.55
N LYS D 392 -20.80 71.26 71.53
CA LYS D 392 -20.07 71.52 70.31
C LYS D 392 -18.92 70.51 70.21
N GLY D 393 -18.44 70.30 68.99
CA GLY D 393 -17.37 69.33 68.83
C GLY D 393 -17.87 67.92 69.07
N GLY D 394 -16.96 67.08 69.59
CA GLY D 394 -17.29 65.68 69.79
C GLY D 394 -18.37 65.47 70.83
N GLU D 395 -18.48 66.38 71.78
CA GLU D 395 -19.51 66.25 72.82
C GLU D 395 -20.91 66.28 72.24
N LEU D 396 -21.06 66.77 71.01
CA LEU D 396 -22.35 66.70 70.33
C LEU D 396 -22.54 65.36 69.64
N ALA D 397 -21.46 64.81 69.06
CA ALA D 397 -21.53 63.47 68.48
C ALA D 397 -21.70 62.39 69.53
N SER D 398 -21.58 62.74 70.80
CA SER D 398 -21.82 61.83 71.91
C SER D 398 -23.18 62.02 72.54
N ALA D 399 -23.90 63.08 72.18
CA ALA D 399 -25.24 63.33 72.68
C ALA D 399 -26.32 63.08 71.65
N VAL D 400 -25.94 62.85 70.38
CA VAL D 400 -26.84 62.28 69.39
C VAL D 400 -26.65 60.79 69.25
N HIS D 401 -25.74 60.20 70.03
CA HIS D 401 -25.62 58.77 70.14
C HIS D 401 -26.36 58.22 71.34
N ALA D 402 -26.68 59.05 72.32
CA ALA D 402 -27.51 58.65 73.44
C ALA D 402 -28.98 58.64 73.10
N TYR D 403 -29.34 58.73 71.82
CA TYR D 403 -30.70 58.54 71.36
C TYR D 403 -30.86 57.27 70.55
N THR D 404 -29.82 56.44 70.47
CA THR D 404 -29.91 55.16 69.79
C THR D 404 -30.37 54.05 70.71
N LYS D 405 -30.16 54.18 72.01
CA LYS D 405 -30.65 53.22 72.98
C LYS D 405 -32.14 53.44 73.20
N THR D 406 -32.93 53.12 72.19
CA THR D 406 -34.35 53.38 72.24
C THR D 406 -35.19 52.17 71.86
N GLY D 407 -34.69 51.33 70.96
CA GLY D 407 -35.37 50.09 70.63
C GLY D 407 -36.45 50.21 69.58
N ASP D 408 -37.17 51.33 69.58
CA ASP D 408 -38.20 51.62 68.58
C ASP D 408 -37.60 51.49 67.19
N PRO D 409 -38.01 50.50 66.40
CA PRO D 409 -37.30 50.22 65.14
C PRO D 409 -37.39 51.34 64.13
N TYR D 410 -38.32 52.29 64.31
CA TYR D 410 -38.43 53.42 63.40
C TYR D 410 -37.53 54.58 63.80
N MET D 411 -37.30 54.77 65.10
CA MET D 411 -36.41 55.83 65.54
C MET D 411 -34.95 55.38 65.54
N ARG D 412 -34.69 54.17 66.05
CA ARG D 412 -33.31 53.68 66.06
C ARG D 412 -32.72 53.53 64.68
N SER D 413 -33.54 53.53 63.63
CA SER D 413 -33.02 53.49 62.28
C SER D 413 -33.04 54.85 61.59
N LEU D 414 -33.51 55.87 62.27
CA LEU D 414 -33.37 57.26 61.82
C LEU D 414 -32.18 57.94 62.47
N VAL D 415 -32.14 57.95 63.80
CA VAL D 415 -31.02 58.56 64.51
C VAL D 415 -29.72 57.83 64.20
N GLN D 416 -29.77 56.52 64.01
CA GLN D 416 -28.54 55.81 63.65
C GLN D 416 -28.08 56.13 62.24
N HIS D 417 -28.75 57.04 61.55
CA HIS D 417 -28.25 57.59 60.29
C HIS D 417 -27.65 58.98 60.48
N ILE D 418 -28.29 59.84 61.27
CA ILE D 418 -27.69 61.13 61.59
C ILE D 418 -26.38 60.94 62.31
N LEU D 419 -26.26 59.89 63.11
CA LEU D 419 -24.97 59.59 63.73
C LEU D 419 -23.92 59.25 62.68
N SER D 420 -24.36 58.59 61.61
CA SER D 420 -23.45 58.19 60.51
C SER D 420 -22.97 59.46 59.78
N LEU D 421 -23.78 60.52 59.83
CA LEU D 421 -23.44 61.81 59.18
C LEU D 421 -22.84 62.75 60.23
N VAL D 422 -22.64 62.25 61.45
CA VAL D 422 -22.06 63.07 62.55
C VAL D 422 -20.76 62.40 63.01
N SER D 423 -20.53 61.15 62.60
CA SER D 423 -19.32 60.40 62.97
C SER D 423 -18.23 60.62 61.90
N HIS D 424 -18.66 60.98 60.69
CA HIS D 424 -17.71 61.22 59.56
C HIS D 424 -16.65 62.24 59.98
N PRO D 425 -17.03 63.42 60.53
CA PRO D 425 -16.06 64.43 60.95
C PRO D 425 -15.17 63.93 62.09
N VAL D 426 -15.76 63.23 63.06
CA VAL D 426 -14.99 62.69 64.22
C VAL D 426 -14.00 61.64 63.72
N LEU D 427 -14.41 60.84 62.73
CA LEU D 427 -13.53 59.77 62.16
C LEU D 427 -12.44 60.44 61.32
N SER D 428 -12.74 61.59 60.72
CA SER D 428 -11.77 62.33 59.88
C SER D 428 -10.50 62.62 60.69
N PHE D 429 -10.63 63.42 61.76
CA PHE D 429 -9.50 63.80 62.63
C PHE D 429 -8.72 62.54 63.03
N LEU D 430 -9.42 61.59 63.63
CA LEU D 430 -8.84 60.35 64.12
C LEU D 430 -7.96 59.69 63.08
N TYR D 431 -8.47 59.58 61.84
CA TYR D 431 -7.63 59.01 60.79
C TYR D 431 -6.52 59.95 60.34
N ARG D 432 -6.48 61.17 60.88
CA ARG D 432 -5.40 62.10 60.64
C ARG D 432 -4.35 62.08 61.75
N TRP D 433 -4.85 62.02 62.99
CA TRP D 433 -4.01 62.02 64.22
C TRP D 433 -3.45 60.62 64.52
N ILE D 434 -3.69 59.64 63.63
CA ILE D 434 -3.17 58.30 63.80
C ILE D 434 -2.13 57.96 62.75
N TYR D 435 -2.39 58.30 61.49
CA TYR D 435 -1.47 57.94 60.42
C TYR D 435 -0.48 59.04 60.08
N ASP D 436 -0.77 60.29 60.45
CA ASP D 436 0.12 61.40 60.17
C ASP D 436 0.50 62.21 61.39
N GLY D 437 -0.25 62.12 62.47
CA GLY D 437 0.11 62.82 63.69
C GLY D 437 0.07 64.32 63.59
N GLU D 438 -0.73 64.86 62.68
CA GLU D 438 -0.85 66.30 62.49
C GLU D 438 -2.28 66.73 62.81
N LEU D 439 -2.55 66.98 64.08
CA LEU D 439 -3.86 67.45 64.48
C LEU D 439 -3.97 68.93 64.17
N GLU D 440 -5.14 69.33 63.65
CA GLU D 440 -5.38 70.72 63.29
C GLU D 440 -6.85 71.01 63.49
N ASP D 441 -7.17 71.78 64.51
CA ASP D 441 -8.55 72.20 64.76
C ASP D 441 -8.51 73.53 65.51
N THR D 442 -8.73 74.62 64.79
CA THR D 442 -8.75 75.94 65.44
C THR D 442 -9.76 75.96 66.57
N TYR D 443 -10.93 75.38 66.36
CA TYR D 443 -11.88 75.13 67.43
C TYR D 443 -11.51 73.82 68.12
N HIS D 444 -11.63 73.81 69.43
CA HIS D 444 -11.21 72.66 70.22
C HIS D 444 -12.32 71.61 70.20
N GLU D 445 -12.16 70.62 69.32
CA GLU D 445 -13.11 69.52 69.20
C GLU D 445 -12.50 68.18 69.53
N PHE D 446 -11.38 67.84 68.90
CA PHE D 446 -10.72 66.58 69.15
C PHE D 446 -10.34 66.46 70.62
N PHE D 447 -10.36 65.25 71.14
CA PHE D 447 -10.07 65.02 72.55
C PHE D 447 -8.59 65.01 72.86
N VAL D 448 -7.76 65.27 71.84
CA VAL D 448 -6.28 65.35 72.00
C VAL D 448 -5.93 66.84 71.96
N ALA D 449 -5.68 67.44 73.12
CA ALA D 449 -5.36 68.89 73.19
C ALA D 449 -3.85 69.10 73.24
N SER D 450 -3.32 69.89 72.31
CA SER D 450 -1.86 70.16 72.25
C SER D 450 -1.53 71.40 73.08
N ASP D 451 -0.26 71.54 73.45
CA ASP D 451 0.21 72.67 74.24
C ASP D 451 1.33 73.36 73.46
N PRO D 452 1.17 74.64 73.09
CA PRO D 452 2.18 75.37 72.32
C PRO D 452 3.53 75.44 73.03
N LEU D 459 9.11 65.86 75.10
CA LEU D 459 8.00 65.82 74.12
C LEU D 459 7.05 64.66 74.47
N TRP D 460 7.27 64.03 75.62
CA TRP D 460 6.43 62.92 76.06
C TRP D 460 5.60 63.30 77.28
N HIS D 461 6.22 63.94 78.27
CA HIS D 461 5.52 64.19 79.51
C HIS D 461 4.44 65.26 79.36
N ASP D 462 4.70 66.24 78.48
CA ASP D 462 3.75 67.36 78.27
C ASP D 462 3.43 67.50 76.77
N LYS D 463 2.54 68.45 76.46
CA LYS D 463 2.03 68.89 75.12
C LYS D 463 0.91 67.96 74.62
N TYR D 464 0.56 66.92 75.39
CA TYR D 464 -0.55 66.01 75.02
C TYR D 464 -1.46 65.82 76.24
N THR D 465 -2.75 66.13 76.09
CA THR D 465 -3.71 65.97 77.21
C THR D 465 -4.96 65.22 76.74
N LEU D 466 -5.38 64.19 77.46
CA LEU D 466 -6.61 63.44 77.11
C LEU D 466 -7.80 64.26 77.61
N ARG D 467 -8.57 64.85 76.69
CA ARG D 467 -9.68 65.71 77.09
C ARG D 467 -10.83 64.83 77.53
N LYS D 468 -11.12 64.83 78.83
CA LYS D 468 -12.17 63.96 79.35
C LYS D 468 -13.55 64.38 78.86
N SER D 469 -13.69 65.60 78.33
CA SER D 469 -15.02 66.12 78.02
C SER D 469 -15.45 65.81 76.61
N MET D 470 -14.53 65.80 75.65
CA MET D 470 -14.88 65.64 74.24
C MET D 470 -14.55 64.26 73.72
N ILE D 471 -14.74 63.23 74.55
CA ILE D 471 -14.61 61.85 74.09
C ILE D 471 -16.00 61.37 73.68
N PRO D 472 -16.17 60.86 72.46
CA PRO D 472 -17.48 60.36 72.07
C PRO D 472 -17.88 59.15 72.89
N SER D 473 -19.19 58.99 73.09
CA SER D 473 -19.66 57.87 73.89
C SER D 473 -19.32 56.53 73.25
N PHE D 474 -19.28 56.47 71.92
CA PHE D 474 -19.03 55.21 71.25
C PHE D 474 -17.56 54.84 71.17
N MET D 475 -16.71 55.42 72.01
CA MET D 475 -15.34 54.96 72.18
C MET D 475 -15.07 54.79 73.67
N THR D 476 -14.72 53.57 74.06
CA THR D 476 -14.45 53.28 75.46
C THR D 476 -13.22 54.05 75.94
N MET D 477 -13.19 54.33 77.24
CA MET D 477 -12.15 55.17 77.82
C MET D 477 -10.76 54.58 77.61
N ASP D 478 -10.64 53.27 77.43
CA ASP D 478 -9.34 52.68 77.16
C ASP D 478 -8.92 52.88 75.70
N GLN D 479 -9.88 52.82 74.77
CA GLN D 479 -9.54 53.06 73.37
C GLN D 479 -9.03 54.48 73.16
N SER D 480 -9.46 55.42 74.00
CA SER D 480 -9.02 56.80 73.85
C SER D 480 -7.59 57.01 74.30
N ARG D 481 -6.99 56.05 74.99
CA ARG D 481 -5.58 56.13 75.38
C ARG D 481 -4.68 55.37 74.43
N LYS D 482 -5.24 54.68 73.46
CA LYS D 482 -4.43 54.08 72.41
C LYS D 482 -4.29 54.98 71.20
N VAL D 483 -5.17 55.96 71.04
CA VAL D 483 -4.98 56.92 69.96
C VAL D 483 -4.02 58.03 70.39
N LEU D 484 -4.13 58.46 71.65
CA LEU D 484 -3.26 59.53 72.21
C LEU D 484 -1.83 58.99 72.27
N LEU D 485 -1.70 57.66 72.24
CA LEU D 485 -0.38 57.04 72.24
C LEU D 485 0.13 56.74 70.85
N ILE D 486 -0.75 56.55 69.87
CA ILE D 486 -0.28 56.37 68.49
C ILE D 486 0.01 57.73 67.86
N GLY D 487 -0.77 58.75 68.21
CA GLY D 487 -0.46 60.08 67.71
C GLY D 487 0.85 60.61 68.25
N LYS D 488 1.05 60.43 69.56
CA LYS D 488 2.29 60.87 70.24
C LYS D 488 3.49 60.09 69.68
N SER D 489 3.30 58.81 69.37
CA SER D 489 4.40 57.98 68.89
C SER D 489 4.88 58.42 67.51
N ILE D 490 4.01 59.02 66.72
CA ILE D 490 4.39 59.46 65.38
C ILE D 490 4.86 60.91 65.39
N ASN D 491 4.24 61.73 66.23
CA ASN D 491 4.63 63.15 66.36
C ASN D 491 6.05 63.21 66.91
N PHE D 492 6.37 62.35 67.89
CA PHE D 492 7.69 62.32 68.48
C PHE D 492 8.70 61.64 67.57
N LEU D 493 8.25 60.75 66.69
CA LEU D 493 9.15 60.11 65.75
C LEU D 493 9.67 61.08 64.70
N HIS D 494 8.95 62.17 64.44
CA HIS D 494 9.36 63.13 63.41
C HIS D 494 10.29 64.20 63.96
N GLN D 495 9.87 64.87 65.03
CA GLN D 495 10.60 66.04 65.50
C GLN D 495 11.90 65.65 66.19
N VAL D 496 11.80 64.92 67.30
CA VAL D 496 12.98 64.66 68.12
C VAL D 496 13.84 63.57 67.51
N CYS D 497 13.24 62.44 67.16
CA CYS D 497 14.01 61.34 66.58
C CYS D 497 14.59 61.70 65.21
N HIS D 498 14.07 62.75 64.58
CA HIS D 498 14.56 63.24 63.29
C HIS D 498 14.49 62.14 62.22
N ASP D 499 13.26 61.75 61.91
CA ASP D 499 12.99 60.72 60.91
C ASP D 499 11.63 60.99 60.29
N GLN D 500 11.50 60.68 59.01
CA GLN D 500 10.25 60.81 58.29
C GLN D 500 9.98 59.56 57.49
N THR D 501 8.69 59.24 57.33
CA THR D 501 8.28 58.05 56.59
C THR D 501 7.88 58.41 55.16
N GLU D 527 -18.27 49.10 66.34
CA GLU D 527 -17.75 48.28 65.24
C GLU D 527 -16.67 47.35 65.74
N ASN D 528 -16.30 46.39 64.88
CA ASN D 528 -15.18 45.49 65.17
C ASN D 528 -13.99 45.72 64.25
N ALA D 529 -14.22 46.07 62.99
CA ALA D 529 -13.11 46.46 62.13
C ALA D 529 -12.47 47.76 62.57
N PHE D 530 -13.20 48.59 63.32
CA PHE D 530 -12.61 49.81 63.86
C PHE D 530 -11.63 49.50 64.98
N GLN D 531 -11.98 48.59 65.87
CA GLN D 531 -11.06 48.19 66.93
C GLN D 531 -9.81 47.55 66.35
N GLY D 532 -9.97 46.77 65.27
CA GLY D 532 -8.82 46.18 64.61
C GLY D 532 -7.91 47.18 63.93
N LYS D 533 -8.45 48.36 63.59
CA LYS D 533 -7.63 49.39 62.97
C LYS D 533 -6.71 50.07 63.99
N ILE D 534 -7.23 50.31 65.21
CA ILE D 534 -6.41 50.92 66.24
C ILE D 534 -5.25 50.00 66.60
N ASP D 535 -5.52 48.72 66.79
CA ASP D 535 -4.46 47.78 67.14
C ASP D 535 -3.49 47.57 66.00
N ALA D 536 -3.97 47.62 64.75
CA ALA D 536 -3.05 47.52 63.63
C ALA D 536 -2.13 48.72 63.56
N ALA D 537 -2.64 49.91 63.90
CA ALA D 537 -1.81 51.09 63.94
C ALA D 537 -0.94 51.15 65.18
N TYR D 538 -1.16 50.24 66.14
CA TYR D 538 -0.36 50.20 67.36
C TYR D 538 0.79 49.21 67.25
N PHE D 539 0.50 47.99 66.85
CA PHE D 539 1.53 46.95 66.77
C PHE D 539 2.45 47.14 65.60
N GLU D 540 2.36 48.26 64.90
CA GLU D 540 3.30 48.59 63.82
C GLU D 540 4.08 49.85 64.11
N THR D 541 3.41 50.91 64.59
CA THR D 541 4.12 52.15 64.87
C THR D 541 5.08 51.99 66.04
N SER D 542 4.61 51.41 67.14
CA SER D 542 5.46 51.26 68.31
C SER D 542 6.61 50.31 68.04
N LYS D 543 6.33 49.19 67.36
CA LYS D 543 7.41 48.27 67.01
C LYS D 543 8.46 48.92 66.13
N TYR D 544 8.05 49.92 65.34
CA TYR D 544 9.02 50.66 64.54
C TYR D 544 9.74 51.72 65.36
N LEU D 545 9.10 52.26 66.38
CA LEU D 545 9.76 53.29 67.20
C LEU D 545 10.96 52.71 67.94
N LEU D 546 10.90 51.44 68.36
CA LEU D 546 12.04 50.85 69.03
C LEU D 546 13.18 50.58 68.06
N ASP D 547 12.85 50.17 66.84
CA ASP D 547 13.90 49.88 65.86
C ASP D 547 14.73 51.11 65.54
N VAL D 548 14.06 52.25 65.34
CA VAL D 548 14.80 53.49 65.08
C VAL D 548 15.46 54.00 66.35
N LEU D 549 15.04 53.53 67.52
CA LEU D 549 15.63 53.96 68.77
C LEU D 549 16.67 52.98 69.30
N ASN D 550 16.88 51.86 68.61
CA ASN D 550 17.95 50.94 68.96
C ASN D 550 19.04 50.84 67.91
N LYS D 551 18.77 51.22 66.67
CA LYS D 551 19.76 51.19 65.60
C LYS D 551 20.37 52.56 65.35
N LYS D 552 19.58 53.63 65.44
CA LYS D 552 20.09 54.97 65.24
C LYS D 552 20.58 55.63 66.52
N TYR D 553 20.23 55.08 67.68
CA TYR D 553 20.68 55.65 68.94
C TYR D 553 21.17 54.62 69.95
N SER D 554 17.61 54.11 68.70
CA SER D 554 18.12 53.00 69.51
C SER D 554 17.78 53.20 70.99
N LEU D 555 16.48 53.26 71.26
CA LEU D 555 16.02 53.44 72.64
C LEU D 555 16.48 52.30 73.53
N LEU D 556 16.52 51.08 72.99
CA LEU D 556 16.94 49.94 73.79
C LEU D 556 18.44 49.94 74.04
N ASP D 557 19.23 50.29 73.03
CA ASP D 557 20.69 50.29 73.19
C ASP D 557 21.17 51.31 74.22
N HIS D 558 20.32 52.25 74.62
CA HIS D 558 20.66 53.17 75.70
C HIS D 558 20.31 52.62 77.07
N MET D 559 19.22 51.86 77.18
CA MET D 559 18.89 51.24 78.45
C MET D 559 20.00 50.30 78.92
N GLN D 560 20.49 49.47 78.00
CA GLN D 560 21.59 48.58 78.35
C GLN D 560 22.86 49.36 78.65
N ALA D 561 23.16 50.38 77.86
CA ALA D 561 24.35 51.18 78.10
C ALA D 561 24.23 52.05 79.33
N MET D 562 23.02 52.38 79.76
CA MET D 562 22.82 53.18 80.95
C MET D 562 22.87 52.34 82.21
N ARG D 563 22.95 51.02 82.08
CA ARG D 563 23.18 50.11 83.18
C ARG D 563 24.66 49.79 83.35
N ARG D 564 25.39 49.68 82.24
CA ARG D 564 26.80 49.35 82.32
C ARG D 564 27.59 50.44 83.03
N TYR D 565 27.31 51.70 82.73
CA TYR D 565 28.08 52.82 83.27
C TYR D 565 27.40 53.45 84.48
N LEU D 566 26.16 53.92 84.32
CA LEU D 566 25.52 54.65 85.41
C LEU D 566 25.15 53.75 86.58
N LEU D 567 25.06 52.44 86.37
CA LEU D 567 24.75 51.51 87.45
C LEU D 567 25.92 50.57 87.74
N LEU D 568 27.13 50.94 87.30
CA LEU D 568 28.35 50.20 87.55
C LEU D 568 28.30 48.77 87.00
N GLY D 569 27.38 48.50 86.08
CA GLY D 569 27.27 47.17 85.52
C GLY D 569 28.43 46.72 84.67
N GLN D 570 29.40 47.59 84.42
CA GLN D 570 30.55 47.22 83.60
C GLN D 570 31.64 46.57 84.44
N GLY D 571 31.96 47.15 85.59
CA GLY D 571 32.96 46.56 86.46
C GLY D 571 34.40 46.71 86.00
N ASP D 572 34.67 46.34 84.75
CA ASP D 572 36.02 46.50 84.23
C ASP D 572 36.40 47.97 84.10
N PHE D 573 35.44 48.81 83.70
CA PHE D 573 35.72 50.23 83.50
C PHE D 573 35.75 50.98 84.83
N ILE D 574 34.87 50.63 85.76
CA ILE D 574 34.87 51.32 87.05
C ILE D 574 36.09 50.96 87.89
N ARG D 575 36.70 49.81 87.64
CA ARG D 575 37.93 49.47 88.36
C ARG D 575 39.04 50.45 88.03
N HIS D 576 39.32 50.64 86.74
CA HIS D 576 40.37 51.58 86.34
C HIS D 576 40.00 53.00 86.73
N LEU D 577 38.72 53.34 86.74
CA LEU D 577 38.30 54.69 87.07
C LEU D 577 38.47 55.02 88.54
N MET D 578 38.47 54.01 89.41
CA MET D 578 38.71 54.27 90.82
C MET D 578 40.20 54.31 91.15
N ASP D 579 41.05 53.82 90.26
CA ASP D 579 42.49 53.90 90.48
C ASP D 579 43.05 55.24 90.03
N LEU D 580 42.40 55.90 89.08
CA LEU D 580 42.89 57.18 88.58
C LEU D 580 42.36 58.37 89.36
N LEU D 581 41.15 58.27 89.90
CA LEU D 581 40.62 59.36 90.70
C LEU D 581 41.14 59.37 92.12
N LYS D 582 41.90 58.35 92.52
CA LYS D 582 42.43 58.31 93.88
C LYS D 582 43.35 59.49 94.19
N PRO D 583 44.34 59.85 93.36
CA PRO D 583 45.20 61.00 93.69
C PRO D 583 44.48 62.33 93.68
N GLU D 584 43.29 62.41 93.09
CA GLU D 584 42.60 63.69 92.97
C GLU D 584 41.60 63.93 94.09
N LEU D 585 40.69 62.97 94.31
CA LEU D 585 39.59 63.17 95.23
C LEU D 585 40.02 63.27 96.68
N VAL D 586 41.25 62.87 97.01
CA VAL D 586 41.70 62.97 98.40
C VAL D 586 41.81 64.43 98.83
N ARG D 587 42.01 65.34 97.88
CA ARG D 587 42.07 66.75 98.19
C ARG D 587 40.67 67.28 98.50
N PRO D 588 40.58 68.40 99.22
CA PRO D 588 39.26 68.98 99.47
C PRO D 588 38.60 69.46 98.18
N ALA D 589 37.29 69.68 98.26
CA ALA D 589 36.50 69.99 97.08
C ALA D 589 36.80 71.39 96.53
N THR D 590 37.33 72.28 97.36
CA THR D 590 37.54 73.67 96.93
C THR D 590 38.57 73.75 95.81
N THR D 591 39.56 72.87 95.81
CA THR D 591 40.59 72.86 94.78
C THR D 591 40.20 72.00 93.58
N LEU D 592 38.97 71.50 93.54
CA LEU D 592 38.52 70.60 92.49
C LEU D 592 37.78 71.40 91.42
N TYR D 593 38.14 71.18 90.16
CA TYR D 593 37.49 71.84 89.04
C TYR D 593 37.20 70.81 87.96
N GLN D 594 35.99 70.91 87.38
CA GLN D 594 35.49 69.85 86.52
C GLN D 594 36.37 69.65 85.28
N HIS D 595 36.96 70.73 84.77
CA HIS D 595 37.69 70.65 83.52
C HIS D 595 38.89 69.73 83.58
N ASN D 596 39.33 69.34 84.78
CA ASN D 596 40.48 68.45 84.91
C ASN D 596 40.09 66.99 84.90
N LEU D 597 38.94 66.65 85.49
CA LEU D 597 38.56 65.25 85.62
C LEU D 597 38.17 64.62 84.29
N THR D 598 37.67 65.43 83.35
CA THR D 598 37.20 64.87 82.07
C THR D 598 38.33 64.17 81.34
N GLY D 599 39.55 64.72 81.40
CA GLY D 599 40.68 64.06 80.80
C GLY D 599 40.98 62.71 81.44
N ILE D 600 40.65 62.56 82.73
CA ILE D 600 40.85 61.28 83.40
C ILE D 600 39.78 60.29 83.00
N LEU D 601 38.52 60.72 82.99
CA LEU D 601 37.44 59.86 82.53
C LEU D 601 37.68 59.40 81.10
N GLU D 602 38.04 60.35 80.23
CA GLU D 602 38.28 60.04 78.79
C GLU D 602 39.38 58.97 78.68
N THR D 603 40.50 59.17 79.37
CA THR D 603 41.65 58.23 79.33
C THR D 603 41.23 56.87 79.91
N ALA D 604 40.45 56.88 80.99
CA ALA D 604 40.01 55.63 81.66
C ALA D 604 39.16 54.78 80.71
N VAL D 605 38.26 55.41 79.95
CA VAL D 605 37.37 54.67 79.02
C VAL D 605 38.22 53.96 77.96
N ARG D 606 39.24 54.64 77.42
CA ARG D 606 40.13 54.07 76.37
C ARG D 606 40.89 52.87 76.94
N ALA D 607 41.38 52.98 78.18
CA ALA D 607 42.17 51.91 78.83
C ALA D 607 41.33 50.65 79.02
N THR D 608 40.07 50.79 79.42
CA THR D 608 39.19 49.62 79.68
C THR D 608 38.51 49.14 78.39
N ASN D 609 37.82 48.00 78.47
CA ASN D 609 37.10 47.42 77.35
C ASN D 609 35.96 48.29 76.85
N ALA D 610 35.67 49.41 77.53
CA ALA D 610 34.59 50.30 77.10
C ALA D 610 34.92 51.06 75.82
N GLN D 611 36.14 50.88 75.31
CA GLN D 611 36.57 51.56 74.04
C GLN D 611 35.71 51.02 72.88
N PHE D 612 35.57 49.70 72.81
CA PHE D 612 34.78 49.04 71.78
C PHE D 612 33.30 49.25 72.09
N ASP D 613 32.78 50.39 71.67
CA ASP D 613 31.44 50.77 72.05
C ASP D 613 30.90 51.78 71.03
N SER D 614 29.58 51.89 70.98
CA SER D 614 28.93 52.81 70.06
C SER D 614 29.37 54.24 70.33
N PRO D 615 29.87 54.97 69.33
CA PRO D 615 30.34 56.34 69.59
C PRO D 615 29.23 57.28 70.02
N GLU D 616 27.98 56.99 69.66
CA GLU D 616 26.89 57.89 70.01
C GLU D 616 26.67 57.92 71.53
N ILE D 617 26.51 56.75 72.14
CA ILE D 617 26.27 56.71 73.58
C ILE D 617 27.47 57.21 74.36
N LEU D 618 28.68 57.08 73.83
CA LEU D 618 29.85 57.62 74.48
C LEU D 618 29.91 59.15 74.42
N ARG D 619 29.12 59.77 73.54
CA ARG D 619 29.11 61.22 73.48
C ARG D 619 28.35 61.84 74.65
N ARG D 620 27.40 61.10 75.23
CA ARG D 620 26.60 61.64 76.33
C ARG D 620 27.20 61.39 77.70
N LEU D 621 28.05 60.39 77.84
CA LEU D 621 28.62 60.04 79.14
C LEU D 621 29.65 61.08 79.54
N ASP D 622 29.37 61.82 80.61
CA ASP D 622 30.30 62.82 81.11
C ASP D 622 30.28 62.80 82.64
N VAL D 623 30.85 63.82 83.23
CA VAL D 623 30.94 63.95 84.69
C VAL D 623 30.08 65.14 85.12
N ARG D 624 29.69 65.12 86.39
CA ARG D 624 29.05 66.27 87.00
C ARG D 624 29.58 66.40 88.41
N LEU D 625 29.50 67.62 88.95
CA LEU D 625 30.00 67.92 90.29
C LEU D 625 28.83 68.30 91.18
N LEU D 626 28.49 67.44 92.12
CA LEU D 626 27.39 67.71 93.04
C LEU D 626 27.81 68.79 94.02
N GLU D 627 26.83 69.61 94.42
CA GLU D 627 27.06 70.66 95.40
C GLU D 627 25.91 70.74 96.38
N ASP D 632 33.82 69.24 102.87
CA ASP D 632 33.58 68.13 101.95
C ASP D 632 34.88 67.58 101.40
N THR D 633 34.79 66.54 100.57
CA THR D 633 35.96 65.91 99.98
C THR D 633 35.59 65.44 98.58
N GLY D 634 36.63 65.17 97.78
CA GLY D 634 36.42 64.71 96.42
C GLY D 634 35.61 63.44 96.29
N TRP D 635 35.53 62.65 97.36
CA TRP D 635 34.71 61.44 97.36
C TRP D 635 33.27 61.71 97.79
N ASP D 636 32.84 62.97 97.77
CA ASP D 636 31.48 63.33 98.13
C ASP D 636 30.78 64.17 97.08
N VAL D 637 31.50 64.63 96.05
CA VAL D 637 30.93 65.50 95.03
C VAL D 637 31.13 64.97 93.62
N PHE D 638 31.68 63.77 93.46
CA PHE D 638 31.89 63.21 92.13
C PHE D 638 30.77 62.23 91.80
N SER D 639 30.30 62.28 90.55
CA SER D 639 29.25 61.40 90.07
C SER D 639 29.09 61.58 88.58
N LEU D 640 28.75 60.50 87.88
CA LEU D 640 28.49 60.55 86.45
C LEU D 640 27.05 61.00 86.20
N ASP D 641 26.81 61.51 85.00
CA ASP D 641 25.50 62.08 84.68
C ASP D 641 24.78 61.37 83.55
N TYR D 642 25.42 61.21 82.39
CA TYR D 642 24.79 60.64 81.20
C TYR D 642 23.49 61.38 80.88
N HIS D 643 23.65 62.65 80.52
CA HIS D 643 22.50 63.46 80.14
C HIS D 643 21.88 62.95 78.84
N VAL D 644 20.56 63.07 78.73
CA VAL D 644 19.84 62.61 77.55
C VAL D 644 18.77 63.63 77.20
N ASP D 645 18.79 64.11 75.96
CA ASP D 645 17.83 65.06 75.45
C ASP D 645 17.32 64.60 74.09
N GLY D 646 16.10 65.01 73.76
CA GLY D 646 15.50 64.66 72.49
C GLY D 646 14.29 63.78 72.64
N PRO D 647 14.04 62.91 71.65
CA PRO D 647 12.91 61.98 71.78
C PRO D 647 13.10 60.96 72.87
N ILE D 648 14.32 60.43 73.04
CA ILE D 648 14.59 59.49 74.11
C ILE D 648 14.36 60.08 75.48
N ALA D 649 14.32 61.41 75.59
CA ALA D 649 14.09 62.05 76.88
C ALA D 649 12.66 61.91 77.36
N THR D 650 11.76 61.33 76.56
CA THR D 650 10.40 61.09 77.00
C THR D 650 10.26 59.78 77.77
N VAL D 651 11.31 58.97 77.83
CA VAL D 651 11.28 57.75 78.64
C VAL D 651 11.88 58.00 80.02
N PHE D 652 12.79 58.96 80.14
CA PHE D 652 13.50 59.23 81.38
C PHE D 652 12.94 60.42 82.14
N THR D 653 12.55 61.48 81.43
CA THR D 653 11.63 62.49 81.94
C THR D 653 12.14 63.16 83.22
N ARG D 654 13.46 63.33 83.33
CA ARG D 654 14.04 64.18 84.36
C ARG D 654 13.82 63.60 85.76
N GLU D 655 13.06 62.52 85.86
CA GLU D 655 12.86 61.84 87.14
C GLU D 655 13.69 60.57 87.25
N CYS D 656 13.87 59.85 86.14
CA CYS D 656 14.79 58.73 86.15
C CYS D 656 16.22 59.21 86.31
N MET D 657 16.55 60.39 85.80
CA MET D 657 17.86 60.97 86.05
C MET D 657 17.99 61.55 87.44
N SER D 658 16.89 61.84 88.11
CA SER D 658 16.93 62.22 89.52
C SER D 658 16.80 61.02 90.44
N HIS D 659 16.62 59.82 89.89
CA HIS D 659 16.61 58.58 90.66
C HIS D 659 17.90 57.79 90.49
N TYR D 660 18.46 57.76 89.28
CA TYR D 660 19.72 57.07 89.06
C TYR D 660 20.83 57.67 89.92
N LEU D 661 20.93 59.00 89.95
CA LEU D 661 21.91 59.63 90.81
C LEU D 661 21.64 59.35 92.27
N ARG D 662 20.37 59.20 92.63
CA ARG D 662 20.04 58.80 93.99
C ARG D 662 20.51 57.38 94.27
N VAL D 663 20.62 56.55 93.23
CA VAL D 663 21.14 55.20 93.37
C VAL D 663 22.66 55.19 93.26
N PHE D 664 23.22 55.98 92.34
CA PHE D 664 24.64 55.90 92.05
C PHE D 664 25.50 56.19 93.27
N ASN D 665 25.01 56.99 94.21
CA ASN D 665 25.78 57.23 95.43
C ASN D 665 25.93 55.95 96.23
N PHE D 666 24.84 55.19 96.39
CA PHE D 666 24.92 53.97 97.19
C PHE D 666 25.80 52.93 96.53
N LEU D 667 25.88 52.92 95.20
CA LEU D 667 26.78 51.99 94.53
C LEU D 667 28.21 52.52 94.47
N TRP D 668 28.40 53.82 94.63
CA TRP D 668 29.76 54.37 94.69
C TRP D 668 30.37 54.16 96.06
N ARG D 669 29.58 54.38 97.12
CA ARG D 669 30.09 54.16 98.48
C ARG D 669 30.42 52.68 98.69
N ALA D 670 29.47 51.80 98.38
CA ALA D 670 29.73 50.37 98.52
C ALA D 670 30.78 49.86 97.57
N LYS D 671 31.35 50.72 96.73
CA LYS D 671 32.47 50.34 95.88
C LYS D 671 33.81 50.84 96.38
N ARG D 672 33.84 52.00 97.05
CA ARG D 672 35.08 52.46 97.67
C ARG D 672 35.28 51.81 99.03
N MET D 673 34.21 51.45 99.73
CA MET D 673 34.34 50.71 100.97
C MET D 673 34.85 49.29 100.73
N GLU D 674 34.87 48.83 99.48
CA GLU D 674 35.45 47.54 99.15
C GLU D 674 36.88 47.64 98.68
N TYR D 675 37.20 48.64 97.85
CA TYR D 675 38.58 48.81 97.41
C TYR D 675 39.48 49.35 98.51
N ILE D 676 38.89 49.90 99.57
CA ILE D 676 39.67 50.17 100.78
C ILE D 676 40.02 48.86 101.46
N LEU D 677 39.04 47.97 101.59
CA LEU D 677 39.22 46.72 102.32
C LEU D 677 40.01 45.67 101.55
N THR D 678 40.20 45.85 100.25
CA THR D 678 41.17 45.03 99.54
C THR D 678 42.54 45.67 99.48
N ASP D 679 42.65 46.94 99.87
CA ASP D 679 43.96 47.56 100.03
C ASP D 679 44.55 47.21 101.39
N ILE D 680 43.73 47.25 102.44
CA ILE D 680 44.18 46.80 103.75
C ILE D 680 44.64 45.35 103.69
N ARG D 681 43.81 44.50 103.09
CA ARG D 681 44.21 43.10 102.91
C ARG D 681 45.46 42.98 102.04
N LYS D 682 45.72 43.95 101.18
CA LYS D 682 46.97 43.96 100.42
C LYS D 682 48.14 44.37 101.30
N GLY D 683 47.89 45.26 102.26
CA GLY D 683 48.96 45.66 103.17
C GLY D 683 49.42 44.52 104.05
N HIS D 684 48.47 43.76 104.62
CA HIS D 684 48.85 42.63 105.45
C HIS D 684 49.53 41.55 104.64
N MET D 685 49.27 41.49 103.35
CA MET D 685 49.95 40.53 102.49
C MET D 685 51.38 40.96 102.17
N CYS D 686 51.75 42.19 102.51
CA CYS D 686 53.14 42.63 102.48
C CYS D 686 53.70 42.91 103.87
N ASN D 687 52.84 43.07 104.87
CA ASN D 687 53.31 43.35 106.23
C ASN D 687 54.12 42.18 106.77
N ALA D 688 53.47 41.01 106.88
CA ALA D 688 54.13 39.84 107.45
C ALA D 688 55.33 39.37 106.63
N LYS D 689 55.51 39.88 105.42
CA LYS D 689 56.67 39.49 104.62
C LYS D 689 57.91 40.32 104.93
N LEU D 690 57.80 41.31 105.83
CA LEU D 690 58.95 42.11 106.23
C LEU D 690 59.28 41.92 107.71
N LEU D 691 58.31 42.11 108.60
CA LEU D 691 58.56 42.07 110.04
C LEU D 691 58.21 40.73 110.65
N ARG D 692 58.44 39.63 109.93
CA ARG D 692 58.22 38.30 110.45
C ARG D 692 59.33 37.86 111.42
N ASN D 693 60.24 38.75 111.79
CA ASN D 693 61.34 38.42 112.68
C ASN D 693 61.16 39.01 114.08
N MET D 694 60.05 39.68 114.36
CA MET D 694 59.78 40.28 115.66
C MET D 694 58.64 39.52 116.33
N PRO D 695 58.94 38.45 117.07
CA PRO D 695 57.85 37.64 117.65
C PRO D 695 57.06 38.35 118.72
N GLU D 696 57.54 39.48 119.24
CA GLU D 696 56.82 40.23 120.25
C GLU D 696 55.72 41.10 119.66
N PHE D 697 55.68 41.25 118.34
CA PHE D 697 54.67 42.08 117.69
C PHE D 697 53.52 41.31 117.09
N SER D 698 53.71 40.01 116.81
CA SER D 698 52.65 39.22 116.20
C SER D 698 51.47 39.01 117.12
N GLY D 699 51.65 39.20 118.43
CA GLY D 699 50.53 39.06 119.34
C GLY D 699 49.48 40.12 119.13
N VAL D 700 49.89 41.36 118.96
CA VAL D 700 48.94 42.44 118.69
C VAL D 700 48.66 42.57 117.20
N LEU D 701 49.59 42.14 116.35
CA LEU D 701 49.34 42.17 114.92
C LEU D 701 48.23 41.21 114.52
N HIS D 702 48.04 40.14 115.30
CA HIS D 702 47.02 39.16 114.96
C HIS D 702 45.62 39.77 115.00
N GLN D 703 45.33 40.56 116.03
CA GLN D 703 44.03 41.21 116.11
C GLN D 703 43.80 42.16 114.94
N CYS D 704 44.88 42.58 114.26
CA CYS D 704 44.73 43.41 113.08
C CYS D 704 44.27 42.59 111.89
N HIS D 705 44.54 41.28 111.88
CA HIS D 705 44.10 40.44 110.77
C HIS D 705 42.66 40.00 110.97
N ILE D 706 42.33 39.47 112.15
CA ILE D 706 40.99 38.93 112.38
C ILE D 706 39.93 40.01 112.21
N LEU D 707 40.19 41.20 112.75
CA LEU D 707 39.23 42.29 112.58
C LEU D 707 39.06 42.64 111.11
N ALA D 708 40.10 42.45 110.29
CA ALA D 708 39.96 42.70 108.86
C ALA D 708 39.07 41.64 108.22
N SER D 709 39.40 40.37 108.42
CA SER D 709 38.64 39.29 107.79
C SER D 709 37.22 39.20 108.32
N GLU D 710 36.96 39.67 109.53
CA GLU D 710 35.58 39.79 109.99
C GLU D 710 34.88 40.98 109.36
N MET D 711 35.63 41.97 108.90
CA MET D 711 35.04 43.15 108.28
C MET D 711 34.87 42.98 106.78
N VAL D 712 35.82 42.32 106.11
CA VAL D 712 35.70 42.14 104.67
C VAL D 712 34.57 41.18 104.33
N HIS D 713 34.16 40.32 105.25
CA HIS D 713 33.03 39.44 104.99
C HIS D 713 31.73 40.24 104.88
N PHE D 714 31.48 41.11 105.85
CA PHE D 714 30.25 41.90 105.82
C PHE D 714 30.14 42.75 104.57
N ILE D 715 31.26 43.22 104.04
CA ILE D 715 31.24 44.01 102.81
C ILE D 715 31.19 43.13 101.58
N HIS D 716 32.04 42.12 101.52
CA HIS D 716 32.05 41.23 100.37
C HIS D 716 30.78 40.40 100.26
N GLN D 717 29.97 40.32 101.30
CA GLN D 717 28.70 39.63 101.23
C GLN D 717 27.58 40.57 100.78
N MET D 718 27.48 41.74 101.40
CA MET D 718 26.52 42.74 100.94
C MET D 718 26.77 43.12 99.50
N GLN D 719 28.03 43.03 99.05
CA GLN D 719 28.34 43.31 97.65
C GLN D 719 27.70 42.28 96.74
N TYR D 720 27.42 41.08 97.26
CA TYR D 720 26.74 40.08 96.44
C TYR D 720 25.24 40.33 96.41
N TYR D 721 24.66 40.71 97.55
CA TYR D 721 23.24 41.04 97.57
C TYR D 721 22.91 42.15 96.59
N ILE D 722 23.89 43.00 96.28
CA ILE D 722 23.66 44.07 95.32
C ILE D 722 23.61 43.48 93.90
N THR D 723 24.41 42.46 93.63
CA THR D 723 24.46 41.92 92.27
C THR D 723 23.25 41.07 91.94
N PHE D 724 22.94 40.09 92.79
CA PHE D 724 21.94 39.07 92.46
C PHE D 724 20.53 39.47 92.88
N GLU D 725 20.37 40.12 94.02
CA GLU D 725 19.05 40.44 94.55
C GLU D 725 18.50 41.77 94.07
N VAL D 726 19.35 42.64 93.54
CA VAL D 726 18.94 44.00 93.15
C VAL D 726 19.16 44.25 91.67
N LEU D 727 20.36 43.94 91.17
CA LEU D 727 20.65 44.21 89.77
C LEU D 727 20.20 43.07 88.86
N GLU D 728 20.73 41.87 89.08
CA GLU D 728 20.46 40.77 88.15
C GLU D 728 19.03 40.26 88.22
N CYS D 729 18.35 40.49 89.33
CA CYS D 729 16.96 40.01 89.46
C CYS D 729 15.95 41.06 89.03
N SER D 730 16.10 42.30 89.48
CA SER D 730 15.15 43.34 89.13
C SER D 730 15.33 43.83 87.70
N TRP D 731 16.47 43.59 87.08
CA TRP D 731 16.62 43.90 85.67
C TRP D 731 16.02 42.82 84.79
N ASP D 732 15.97 41.58 85.27
CA ASP D 732 15.40 40.52 84.46
C ASP D 732 13.89 40.68 84.30
N GLU D 733 13.22 41.23 85.31
CA GLU D 733 11.81 41.55 85.18
C GLU D 733 11.56 42.77 84.33
N LEU D 734 12.61 43.42 83.84
CA LEU D 734 12.47 44.55 82.92
C LEU D 734 12.72 44.13 81.48
N TRP D 735 13.79 43.39 81.20
CA TRP D 735 14.01 42.90 79.86
C TRP D 735 13.00 41.86 79.44
N ASN D 736 12.24 41.31 80.39
CA ASN D 736 11.16 40.40 80.06
C ASN D 736 9.88 41.13 79.71
N LYS D 737 9.63 42.29 80.32
CA LYS D 737 8.45 43.10 80.03
C LYS D 737 8.75 44.21 79.02
N VAL D 738 9.78 44.01 78.19
CA VAL D 738 10.11 44.94 77.11
C VAL D 738 10.11 44.24 75.75
N GLN D 739 10.73 43.05 75.69
CA GLN D 739 10.68 42.26 74.46
C GLN D 739 9.28 41.76 74.14
N GLN D 740 8.33 41.94 75.05
CA GLN D 740 6.94 41.57 74.80
C GLN D 740 5.98 42.74 74.87
N ALA D 741 6.41 43.89 75.39
CA ALA D 741 5.57 45.06 75.47
C ALA D 741 5.49 45.74 74.10
N GLN D 742 4.76 46.84 74.05
CA GLN D 742 4.61 47.62 72.81
C GLN D 742 4.02 48.97 73.18
N ASP D 743 3.64 49.74 72.16
CA ASP D 743 2.96 51.03 72.23
C ASP D 743 3.63 52.03 73.18
N LEU D 744 4.88 51.78 73.57
CA LEU D 744 5.70 52.75 74.28
C LEU D 744 5.09 53.21 75.60
N ASP D 745 3.91 52.68 75.94
CA ASP D 745 3.31 52.98 77.22
C ASP D 745 3.31 51.78 78.15
N HIS D 746 3.62 50.60 77.63
CA HIS D 746 4.02 49.47 78.45
C HIS D 746 5.52 49.43 78.68
N ILE D 747 6.28 50.26 77.97
CA ILE D 747 7.72 50.38 78.21
C ILE D 747 8.00 51.38 79.33
N ILE D 748 7.34 52.54 79.29
CA ILE D 748 7.51 53.51 80.37
C ILE D 748 7.07 52.92 81.70
N ALA D 749 5.91 52.27 81.73
CA ALA D 749 5.42 51.69 82.96
C ALA D 749 6.24 50.48 83.41
N ALA D 750 7.01 49.88 82.50
CA ALA D 750 7.90 48.79 82.90
C ALA D 750 9.26 49.31 83.35
N HIS D 751 9.69 50.45 82.81
CA HIS D 751 10.92 51.08 83.26
C HIS D 751 10.73 51.95 84.48
N GLU D 752 9.50 52.41 84.74
CA GLU D 752 9.26 53.23 85.92
C GLU D 752 9.21 52.38 87.19
N VAL D 753 8.61 51.19 87.10
CA VAL D 753 8.62 50.30 88.26
C VAL D 753 9.98 49.68 88.47
N PHE D 754 10.81 49.62 87.42
CA PHE D 754 12.18 49.14 87.57
C PHE D 754 13.02 50.08 88.44
N LEU D 755 12.60 51.32 88.59
CA LEU D 755 13.25 52.27 89.50
C LEU D 755 12.52 52.40 90.82
N ASP D 756 11.45 51.65 91.03
CA ASP D 756 10.77 51.66 92.32
C ASP D 756 11.06 50.40 93.13
N THR D 757 11.64 49.37 92.51
CA THR D 757 12.12 48.22 93.26
C THR D 757 13.57 48.37 93.67
N ILE D 758 14.41 48.89 92.79
CA ILE D 758 15.81 49.10 93.13
C ILE D 758 15.93 50.09 94.29
N ILE D 759 15.12 51.16 94.27
CA ILE D 759 15.07 52.06 95.41
C ILE D 759 14.56 51.32 96.64
N SER D 760 13.65 50.37 96.46
CA SER D 760 13.09 49.67 97.60
C SER D 760 13.97 48.51 98.06
N ARG D 761 14.57 47.77 97.11
CA ARG D 761 15.41 46.65 97.51
C ARG D 761 16.74 47.14 98.10
N CYS D 762 17.29 48.22 97.56
CA CYS D 762 18.28 48.98 98.30
C CYS D 762 17.57 49.74 99.42
N LEU D 763 18.35 50.25 100.37
CA LEU D 763 17.77 50.85 101.56
C LEU D 763 17.51 52.35 101.41
N LEU D 764 17.35 52.83 100.18
CA LEU D 764 17.17 54.25 99.92
C LEU D 764 15.70 54.68 99.94
N ASP D 765 14.84 53.93 100.63
CA ASP D 765 13.44 54.31 100.70
C ASP D 765 13.25 55.46 101.69
N SER D 766 11.98 55.78 101.96
CA SER D 766 11.64 56.84 102.89
C SER D 766 11.37 56.31 104.29
N ASP D 767 10.70 55.17 104.39
CA ASP D 767 10.38 54.58 105.69
C ASP D 767 11.47 53.65 106.20
N SER D 768 12.48 53.35 105.38
CA SER D 768 13.64 52.57 105.82
C SER D 768 14.80 53.46 106.23
N ARG D 769 14.50 54.68 106.69
CA ARG D 769 15.56 55.62 107.03
C ARG D 769 16.40 55.13 108.20
N ALA D 770 15.76 54.53 109.20
CA ALA D 770 16.49 54.03 110.35
C ALA D 770 17.50 52.94 109.98
N LEU D 771 17.33 52.32 108.81
CA LEU D 771 18.23 51.25 108.41
C LEU D 771 19.49 51.79 107.76
N LEU D 772 19.35 52.75 106.84
CA LEU D 772 20.52 53.24 106.12
C LEU D 772 21.47 53.98 107.05
N ASN D 773 20.93 54.85 107.91
CA ASN D 773 21.78 55.55 108.87
C ASN D 773 22.48 54.56 109.79
N GLN D 774 21.88 53.40 110.02
CA GLN D 774 22.57 52.36 110.77
C GLN D 774 23.70 51.74 109.97
N LEU D 775 23.53 51.62 108.65
CA LEU D 775 24.58 51.05 107.82
C LEU D 775 25.77 51.98 107.70
N ARG D 776 25.52 53.30 107.71
CA ARG D 776 26.60 54.26 107.55
C ARG D 776 27.64 54.12 108.67
N ALA D 777 27.17 53.86 109.89
CA ALA D 777 28.10 53.67 111.00
C ALA D 777 29.06 52.51 110.73
N VAL D 778 28.55 51.42 110.15
CA VAL D 778 29.42 50.32 109.77
C VAL D 778 30.35 50.74 108.64
N PHE D 779 29.85 51.58 107.73
CA PHE D 779 30.72 52.11 106.68
C PHE D 779 31.80 53.00 107.27
N ASP D 780 31.53 53.65 108.40
CA ASP D 780 32.53 54.50 109.01
C ASP D 780 33.60 53.69 109.73
N GLN D 781 33.21 52.61 110.40
CA GLN D 781 34.18 51.82 111.15
C GLN D 781 35.24 51.20 110.24
N ILE D 782 34.96 51.08 108.95
CA ILE D 782 35.98 50.60 108.02
C ILE D 782 37.05 51.65 107.82
N ILE D 783 36.67 52.92 107.83
CA ILE D 783 37.67 53.98 107.64
C ILE D 783 38.52 54.12 108.90
N GLU D 784 37.90 54.06 110.07
CA GLU D 784 38.66 54.20 111.31
C GLU D 784 39.66 53.07 111.48
N LEU D 785 39.39 51.90 110.91
CA LEU D 785 40.39 50.85 110.92
C LEU D 785 41.61 51.24 110.10
N GLN D 786 41.38 51.79 108.90
CA GLN D 786 42.50 52.18 108.06
C GLN D 786 43.37 53.25 108.71
N ASN D 787 42.79 54.11 109.55
CA ASN D 787 43.56 55.12 110.27
C ASN D 787 44.28 54.53 111.47
N ALA D 788 43.65 53.60 112.18
CA ALA D 788 44.27 52.94 113.32
C ALA D 788 45.13 51.76 112.91
N GLN D 789 45.38 51.57 111.63
CA GLN D 789 46.21 50.46 111.17
C GLN D 789 47.58 50.94 110.71
N ASP D 790 47.62 51.92 109.81
CA ASP D 790 48.89 52.44 109.33
C ASP D 790 49.69 53.07 110.46
N ALA D 791 49.02 53.59 111.47
CA ALA D 791 49.72 54.07 112.66
C ALA D 791 50.45 52.93 113.36
N ILE D 792 49.77 51.79 113.51
CA ILE D 792 50.42 50.62 114.11
C ILE D 792 51.34 49.96 113.09
N TYR D 793 51.09 50.17 111.80
CA TYR D 793 51.97 49.62 110.77
C TYR D 793 53.28 50.40 110.70
N ARG D 794 53.18 51.73 110.62
CA ARG D 794 54.37 52.55 110.43
C ARG D 794 55.22 52.57 111.70
N ALA D 795 54.60 52.60 112.87
CA ALA D 795 55.35 52.61 114.11
C ALA D 795 56.21 51.36 114.28
N ALA D 796 55.86 50.27 113.60
CA ALA D 796 56.69 49.07 113.63
C ALA D 796 57.77 49.07 112.56
N LEU D 797 57.58 49.83 111.49
CA LEU D 797 58.62 49.93 110.46
C LEU D 797 59.72 50.91 110.85
N GLU D 798 59.38 51.97 111.59
CA GLU D 798 60.41 52.87 112.09
C GLU D 798 61.34 52.14 113.06
N GLU D 799 60.76 51.49 114.07
CA GLU D 799 61.55 50.74 115.03
C GLU D 799 62.33 49.62 114.36
N LEU D 800 61.82 49.08 113.26
CA LEU D 800 62.58 48.06 112.54
C LEU D 800 63.73 48.70 111.76
N GLN D 801 63.49 49.87 111.17
CA GLN D 801 64.53 50.53 110.39
C GLN D 801 65.68 51.00 111.27
N ARG D 802 65.36 51.56 112.43
CA ARG D 802 66.41 51.96 113.37
C ARG D 802 67.18 50.74 113.85
N ARG D 803 66.49 49.64 114.15
CA ARG D 803 67.15 48.41 114.56
C ARG D 803 68.04 47.85 113.45
N LEU D 804 67.75 48.17 112.19
CA LEU D 804 68.64 47.75 111.11
C LEU D 804 69.92 48.58 111.09
N GLN D 805 69.79 49.90 111.12
CA GLN D 805 70.97 50.76 111.08
C GLN D 805 71.76 50.72 112.37
N PHE D 806 71.12 50.40 113.50
CA PHE D 806 71.82 50.35 114.77
C PHE D 806 72.80 49.19 114.87
N GLU D 807 72.82 48.28 113.90
CA GLU D 807 73.70 47.14 113.91
C GLU D 807 74.49 46.93 112.63
N GLU D 808 74.09 47.53 111.51
CA GLU D 808 74.82 47.34 110.27
C GLU D 808 76.06 48.22 110.18
N LYS D 809 76.02 49.41 110.78
CA LYS D 809 77.18 50.30 110.74
C LYS D 809 78.23 49.92 111.76
N LYS D 810 77.81 49.29 112.87
CA LYS D 810 78.75 48.90 113.91
C LYS D 810 79.24 47.47 113.77
N LYS D 811 78.59 46.66 112.94
CA LYS D 811 79.00 45.27 112.75
C LYS D 811 79.01 44.90 111.28
N GLU D 825 76.44 53.06 124.50
CA GLU D 825 75.83 52.79 123.21
C GLU D 825 74.85 51.62 123.29
N GLU D 826 75.34 50.48 123.81
CA GLU D 826 74.50 49.29 123.93
C GLU D 826 73.47 49.44 125.04
N GLU D 827 73.71 50.31 126.02
CA GLU D 827 72.79 50.48 127.13
C GLU D 827 71.75 51.58 126.89
N GLU D 828 72.10 52.60 126.10
CA GLU D 828 71.18 53.70 125.85
C GLU D 828 70.07 53.33 124.88
N GLU D 829 70.18 52.19 124.19
CA GLU D 829 69.13 51.74 123.27
C GLU D 829 68.23 50.70 123.89
N ASN D 830 68.73 49.89 124.84
CA ASN D 830 67.87 48.92 125.50
C ASN D 830 66.71 49.58 126.22
N LYS D 831 66.91 50.83 126.69
CA LYS D 831 65.79 51.58 127.24
C LYS D 831 64.85 52.04 126.13
N ARG D 832 65.37 52.29 124.93
CA ARG D 832 64.50 52.62 123.79
C ARG D 832 63.81 51.37 123.27
N ILE D 833 64.54 50.25 123.19
CA ILE D 833 63.90 48.99 122.83
C ILE D 833 62.98 48.51 123.94
N GLY D 834 63.39 48.73 125.20
CA GLY D 834 62.56 48.32 126.32
C GLY D 834 61.25 49.09 126.41
N GLU D 835 61.30 50.40 126.17
CA GLU D 835 60.07 51.19 126.18
C GLU D 835 59.19 50.86 124.99
N PHE D 836 59.80 50.48 123.86
CA PHE D 836 59.01 50.14 122.69
C PHE D 836 58.14 48.92 122.93
N LYS D 837 58.65 47.97 123.72
CA LYS D 837 57.81 46.83 124.12
C LYS D 837 56.70 47.26 125.06
N GLU D 838 56.92 48.33 125.82
CA GLU D 838 55.91 48.79 126.77
C GLU D 838 54.78 49.56 126.10
N SER D 839 55.01 50.12 124.92
CA SER D 839 53.93 50.79 124.20
C SER D 839 53.02 49.81 123.47
N ILE D 840 53.42 48.54 123.36
CA ILE D 840 52.58 47.56 122.65
C ILE D 840 51.25 47.33 123.34
N PRO D 841 51.19 47.05 124.65
CA PRO D 841 49.87 46.86 125.27
C PRO D 841 48.96 48.06 125.18
N LYS D 842 49.51 49.25 124.93
CA LYS D 842 48.66 50.41 124.69
C LYS D 842 47.90 50.26 123.38
N MET D 843 48.61 49.87 122.31
CA MET D 843 47.95 49.68 121.02
C MET D 843 47.00 48.49 121.06
N CYS D 844 47.29 47.47 121.86
CA CYS D 844 46.39 46.34 121.97
C CYS D 844 45.03 46.75 122.53
N SER D 845 45.03 47.70 123.47
CA SER D 845 43.76 48.19 124.01
C SER D 845 42.98 49.00 123.00
N GLN D 846 43.59 49.42 121.89
CA GLN D 846 42.85 50.06 120.80
C GLN D 846 42.08 49.03 120.00
N LEU D 847 42.79 48.05 119.43
CA LEU D 847 42.13 47.03 118.63
C LEU D 847 41.23 46.13 119.46
N ARG D 848 41.39 46.12 120.79
CA ARG D 848 40.47 45.37 121.62
C ARG D 848 39.19 46.16 121.89
N ILE D 849 39.26 47.49 121.85
CA ILE D 849 38.05 48.29 122.02
C ILE D 849 37.43 48.70 120.70
N LEU D 850 38.20 48.71 119.61
CA LEU D 850 37.61 48.96 118.30
C LEU D 850 36.80 47.77 117.82
N THR D 851 37.30 46.56 118.06
CA THR D 851 36.57 45.37 117.66
C THR D 851 35.30 45.20 118.48
N HIS D 852 35.41 45.34 119.80
CA HIS D 852 34.24 45.16 120.67
C HIS D 852 33.14 46.17 120.38
N PHE D 853 33.44 47.26 119.69
CA PHE D 853 32.42 48.20 119.25
C PHE D 853 31.94 47.95 117.83
N TYR D 854 32.79 47.37 116.98
CA TYR D 854 32.36 47.00 115.65
C TYR D 854 31.30 45.90 115.71
N GLN D 855 31.51 44.90 116.57
CA GLN D 855 30.51 43.84 116.71
C GLN D 855 29.24 44.35 117.36
N GLY D 856 29.32 45.43 118.14
CA GLY D 856 28.13 45.98 118.75
C GLY D 856 27.26 46.77 117.79
N ILE D 857 27.79 47.13 116.63
CA ILE D 857 27.03 47.86 115.63
C ILE D 857 26.53 46.95 114.51
N VAL D 858 27.10 45.76 114.37
CA VAL D 858 26.60 44.79 113.39
C VAL D 858 25.49 43.94 113.99
N GLN D 859 25.71 43.41 115.20
CA GLN D 859 24.65 42.67 115.89
C GLN D 859 23.43 43.54 116.14
N GLN D 860 23.60 44.86 116.16
CA GLN D 860 22.47 45.76 116.18
C GLN D 860 21.90 45.96 114.78
N PHE D 861 22.75 45.90 113.75
CA PHE D 861 22.29 46.06 112.38
C PHE D 861 21.31 44.96 112.00
N LEU D 862 21.62 43.71 112.35
CA LEU D 862 20.76 42.60 111.96
C LEU D 862 19.37 42.71 112.60
N VAL D 863 19.32 43.17 113.84
CA VAL D 863 18.04 43.29 114.53
C VAL D 863 17.11 44.24 113.80
N LEU D 864 17.66 45.23 113.10
CA LEU D 864 16.84 46.19 112.37
C LEU D 864 16.28 45.62 111.07
N LEU D 865 16.86 44.54 110.54
CA LEU D 865 16.33 43.95 109.31
C LEU D 865 15.00 43.25 109.54
N THR D 866 14.80 42.67 110.72
CA THR D 866 13.52 42.03 111.03
C THR D 866 12.51 43.14 111.28
N THR D 867 12.03 43.72 110.18
CA THR D 867 11.11 44.84 110.25
C THR D 867 9.80 44.45 110.91
N ASP D 870 10.31 45.01 101.85
CA ASP D 870 10.13 44.59 103.24
C ASP D 870 10.22 43.07 103.36
N GLU D 871 10.39 42.40 102.23
CA GLU D 871 10.56 40.96 102.20
C GLU D 871 11.87 40.52 101.57
N SER D 872 12.29 41.17 100.49
CA SER D 872 13.54 40.81 99.84
C SER D 872 14.74 41.03 100.76
N LEU D 873 14.59 41.83 101.81
CA LEU D 873 15.67 42.00 102.78
C LEU D 873 15.95 40.71 103.53
N ARG D 874 14.96 39.82 103.65
CA ARG D 874 15.20 38.56 104.34
C ARG D 874 16.30 37.75 103.67
N PHE D 875 16.45 37.89 102.36
CA PHE D 875 17.58 37.25 101.68
C PHE D 875 18.91 37.86 102.08
N LEU D 876 18.93 39.04 102.67
CA LEU D 876 20.19 39.63 103.12
C LEU D 876 20.58 39.12 104.50
N SER D 877 19.60 38.94 105.38
CA SER D 877 19.90 38.45 106.72
C SER D 877 20.53 37.07 106.67
N PHE D 878 20.21 36.29 105.65
CA PHE D 878 20.85 34.98 105.50
C PHE D 878 22.28 35.11 104.99
N ARG D 879 22.54 36.08 104.11
CA ARG D 879 23.89 36.25 103.58
C ARG D 879 24.87 36.60 104.68
N LEU D 880 24.48 37.53 105.57
CA LEU D 880 25.37 37.99 106.62
C LEU D 880 25.52 36.95 107.72
N ASP D 881 24.41 36.33 108.12
CA ASP D 881 24.36 35.43 109.26
C ASP D 881 24.55 33.97 108.84
N PHE D 882 25.25 33.73 107.73
CA PHE D 882 25.54 32.37 107.29
C PHE D 882 26.39 31.69 108.36
N ASN D 883 26.18 30.39 108.53
CA ASN D 883 26.77 29.53 109.56
C ASN D 883 26.46 30.01 110.97
N GLU D 884 25.59 31.01 111.11
CA GLU D 884 25.13 31.50 112.40
C GLU D 884 26.28 31.87 113.33
N HIS D 885 27.26 32.61 112.80
CA HIS D 885 28.33 33.08 113.67
C HIS D 885 27.83 34.13 114.64
N TYR D 886 26.89 34.97 114.21
CA TYR D 886 26.16 35.83 115.13
C TYR D 886 24.94 35.07 115.64
N LYS D 887 24.05 35.78 116.33
CA LYS D 887 22.89 35.16 116.97
C LYS D 887 23.30 34.02 117.89
N ALA D 888 24.49 34.13 118.48
CA ALA D 888 25.04 33.11 119.37
C ALA D 888 25.04 31.73 118.74
N LEU E 203 -53.16 92.70 37.73
CA LEU E 203 -54.24 92.77 38.71
C LEU E 203 -54.58 91.40 39.27
N PRO E 204 -53.77 90.92 40.22
CA PRO E 204 -54.03 89.60 40.80
C PRO E 204 -55.20 89.56 41.76
N GLY E 206 -55.66 90.71 42.25
CA GLY E 206 -56.76 90.71 43.20
C GLY E 206 -58.06 90.17 42.61
N THR E 207 -58.22 90.30 41.30
CA THR E 207 -59.39 89.79 40.61
C THR E 207 -59.19 88.39 40.05
N LEU E 208 -58.10 87.72 40.42
CA LEU E 208 -57.83 86.38 39.94
C LEU E 208 -57.97 85.37 41.08
N PRO E 209 -58.49 84.17 40.80
CA PRO E 209 -58.68 83.17 41.85
C PRO E 209 -57.36 82.72 42.44
N LEU E 210 -57.47 82.00 43.55
CA LEU E 210 -56.28 81.53 44.26
C LEU E 210 -55.57 80.43 43.50
N ALA E 211 -56.30 79.38 43.13
CA ALA E 211 -55.67 78.22 42.50
C ALA E 211 -55.13 78.52 41.11
N SER E 212 -55.57 79.61 40.48
CA SER E 212 -55.12 79.94 39.14
C SER E 212 -54.04 81.00 39.09
N GLN E 213 -54.12 82.02 39.95
CA GLN E 213 -53.07 83.04 39.96
C GLN E 213 -51.72 82.46 40.35
N GLU E 214 -51.70 81.33 41.05
CA GLU E 214 -50.44 80.66 41.34
C GLU E 214 -49.72 80.27 40.05
N SER E 215 -50.48 79.94 39.00
CA SER E 215 -49.86 79.62 37.72
C SER E 215 -49.25 80.83 37.05
N ALA E 216 -49.56 82.04 37.53
CA ALA E 216 -48.93 83.24 36.99
C ALA E 216 -47.63 83.58 37.69
N VAL E 217 -47.53 83.29 38.99
CA VAL E 217 -46.31 83.60 39.72
C VAL E 217 -45.21 82.62 39.36
N VAL E 218 -45.55 81.32 39.26
CA VAL E 218 -44.52 80.32 39.03
C VAL E 218 -43.84 80.54 37.68
N GLU E 219 -44.59 80.97 36.66
CA GLU E 219 -43.96 81.23 35.37
C GLU E 219 -43.32 82.62 35.33
N ASP E 220 -43.70 83.50 36.25
CA ASP E 220 -42.98 84.76 36.39
C ASP E 220 -41.73 84.59 37.24
N LEU E 221 -41.85 83.80 38.31
CA LEU E 221 -40.70 83.54 39.22
C LEU E 221 -39.65 82.68 38.50
N LEU E 222 -40.07 81.90 37.50
CA LEU E 222 -39.14 81.08 36.74
C LEU E 222 -38.21 81.89 35.85
N TYR E 223 -38.39 83.21 35.79
CA TYR E 223 -37.52 84.06 34.98
C TYR E 223 -36.54 84.82 35.85
N VAL E 224 -36.93 85.19 37.07
CA VAL E 224 -36.05 85.95 37.94
C VAL E 224 -34.81 85.17 38.29
N LEU E 225 -34.92 83.84 38.37
CA LEU E 225 -33.75 83.02 38.66
C LEU E 225 -32.70 83.07 37.56
N VAL E 226 -32.99 83.71 36.45
CA VAL E 226 -32.05 83.76 35.32
C VAL E 226 -31.30 85.08 35.35
N GLY E 227 -31.96 86.13 35.81
CA GLY E 227 -31.35 87.45 35.83
C GLY E 227 -32.24 88.50 35.21
N VAL E 228 -33.08 88.07 34.27
CA VAL E 228 -34.06 88.97 33.68
C VAL E 228 -35.09 89.34 34.72
N ASP E 229 -35.56 90.59 34.66
CA ASP E 229 -36.60 91.06 35.56
C ASP E 229 -37.90 90.28 35.31
N GLY E 230 -38.88 90.51 36.18
CA GLY E 230 -40.13 89.79 36.08
C GLY E 230 -41.35 90.67 35.92
N ARG E 231 -42.54 90.06 35.96
CA ARG E 231 -43.77 90.82 35.80
C ARG E 231 -44.21 91.44 37.12
N TYR E 232 -44.49 90.60 38.13
CA TYR E 232 -44.90 91.08 39.45
C TYR E 232 -43.75 91.12 40.44
N VAL E 233 -43.02 90.01 40.59
CA VAL E 233 -41.89 89.96 41.51
C VAL E 233 -40.68 90.63 40.84
N SER E 234 -40.54 91.93 41.04
CA SER E 234 -39.52 92.72 40.37
C SER E 234 -38.24 92.77 41.19
N ALA E 235 -37.23 93.37 40.59
CA ALA E 235 -35.96 93.61 41.25
C ALA E 235 -35.78 95.11 41.49
N GLN E 236 -34.92 95.44 42.45
CA GLN E 236 -34.69 96.82 42.85
C GLN E 236 -33.24 97.21 42.61
N PRO E 237 -32.97 98.48 42.36
CA PRO E 237 -31.60 98.90 42.05
C PRO E 237 -30.66 98.66 43.23
N LEU E 238 -29.39 98.48 42.92
CA LEU E 238 -28.38 98.24 43.93
C LEU E 238 -28.02 99.53 44.67
N SER E 243 -26.58 91.04 47.45
CA SER E 243 -27.11 92.19 48.18
C SER E 243 -28.33 92.79 47.46
N ARG E 244 -28.98 91.98 46.65
CA ARG E 244 -30.12 92.47 45.89
C ARG E 244 -31.39 92.42 46.72
N THR E 245 -32.23 93.45 46.60
CA THR E 245 -33.51 93.52 47.28
C THR E 245 -34.62 93.39 46.25
N PHE E 246 -35.71 92.75 46.65
CA PHE E 246 -36.82 92.49 45.74
C PHE E 246 -38.13 93.01 46.32
N LEU E 247 -39.10 93.20 45.43
CA LEU E 247 -40.43 93.67 45.77
C LEU E 247 -41.43 92.72 45.13
N VAL E 248 -42.46 92.34 45.89
CA VAL E 248 -43.37 91.32 45.38
C VAL E 248 -44.72 91.91 44.96
N ASP E 249 -45.51 92.38 45.93
CA ASP E 249 -46.87 92.76 45.62
C ASP E 249 -47.51 93.42 46.84
N PRO E 250 -48.25 94.51 46.68
CA PRO E 250 -49.04 95.03 47.80
C PRO E 250 -50.27 94.17 48.09
N ASN E 251 -50.96 93.72 47.05
CA ASN E 251 -52.17 92.91 47.20
C ASN E 251 -51.90 91.50 46.64
N LEU E 252 -51.34 90.70 47.54
CA LEU E 252 -51.00 89.26 47.34
C LEU E 252 -51.22 88.57 48.69
N ASP E 253 -51.42 87.25 48.68
CA ASP E 253 -51.65 86.56 49.98
C ASP E 253 -50.41 86.79 50.84
N LEU E 254 -50.61 87.15 52.12
CA LEU E 254 -49.47 87.43 53.04
C LEU E 254 -48.63 86.16 53.17
N SER E 255 -49.30 85.01 53.34
CA SER E 255 -48.61 83.70 53.44
C SER E 255 -47.90 83.42 52.11
N ILE E 256 -48.57 83.75 50.99
CA ILE E 256 -47.98 83.53 49.63
C ILE E 256 -46.70 84.36 49.50
N ARG E 257 -46.74 85.61 49.98
CA ARG E 257 -45.56 86.50 49.90
C ARG E 257 -44.41 85.91 50.72
N GLU E 258 -44.72 85.39 51.92
CA GLU E 258 -43.68 84.79 52.80
C GLU E 258 -43.04 83.60 52.07
N LEU E 259 -43.87 82.78 51.41
CA LEU E 259 -43.37 81.60 50.66
C LEU E 259 -42.45 82.09 49.53
N VAL E 260 -42.85 83.17 48.85
CA VAL E 260 -42.04 83.73 47.73
C VAL E 260 -40.68 84.18 48.28
N HIS E 261 -40.68 84.81 49.46
CA HIS E 261 -39.42 85.30 50.08
C HIS E 261 -38.43 84.12 50.25
N ARG E 262 -38.94 82.92 50.52
CA ARG E 262 -38.08 81.72 50.73
C ARG E 262 -37.26 81.41 49.47
N ILE E 263 -37.80 81.72 48.28
CA ILE E 263 -37.10 81.47 46.98
C ILE E 263 -36.30 82.71 46.56
N LEU E 264 -36.42 83.83 47.27
CA LEU E 264 -35.70 85.08 46.90
C LEU E 264 -34.17 84.93 47.01
N PRO E 265 -33.62 84.27 48.04
CA PRO E 265 -32.17 84.16 48.23
C PRO E 265 -31.38 83.46 47.12
N VAL E 266 -31.91 82.38 46.52
CA VAL E 266 -31.14 81.68 45.46
C VAL E 266 -30.90 82.64 44.28
N ALA E 267 -31.91 83.43 43.91
CA ALA E 267 -31.74 84.42 42.81
C ALA E 267 -30.69 85.45 43.24
N ALA E 268 -30.91 86.08 44.40
CA ALA E 268 -29.99 87.08 44.94
C ALA E 268 -28.59 86.51 45.09
N SER E 269 -28.48 85.24 45.45
CA SER E 269 -27.18 84.57 45.48
C SER E 269 -26.68 84.25 44.08
N TYR E 270 -27.50 84.45 43.05
CA TYR E 270 -27.06 84.30 41.67
C TYR E 270 -26.67 85.62 41.04
N SER E 271 -27.36 86.71 41.37
CA SER E 271 -27.00 88.01 40.84
C SER E 271 -25.72 88.54 41.39
N ALA E 272 -25.06 87.74 42.25
CA ALA E 272 -23.76 88.14 42.83
C ALA E 272 -22.65 87.44 42.03
N VAL E 273 -22.80 86.13 41.82
CA VAL E 273 -21.81 85.31 41.06
C VAL E 273 -21.72 85.81 39.61
N THR E 274 -22.86 86.12 38.99
CA THR E 274 -22.87 86.55 37.56
C THR E 274 -22.07 87.86 37.41
N ARG E 275 -22.29 88.83 38.31
CA ARG E 275 -21.55 90.11 38.24
C ARG E 275 -20.06 89.84 38.48
N PHE E 276 -19.77 88.95 39.42
CA PHE E 276 -18.37 88.58 39.79
C PHE E 276 -17.65 87.94 38.60
N ILE E 277 -18.35 87.08 37.85
CA ILE E 277 -17.72 86.37 36.70
C ILE E 277 -17.24 87.35 35.63
N GLU E 278 -18.05 88.37 35.31
CA GLU E 278 -17.67 89.34 34.26
C GLU E 278 -16.41 90.11 34.68
N GLU E 279 -16.36 90.55 35.94
CA GLU E 279 -15.23 91.35 36.48
C GLU E 279 -13.92 90.53 36.51
N LYS E 280 -14.00 89.26 36.91
CA LYS E 280 -12.79 88.41 37.07
C LYS E 280 -12.11 88.11 35.72
N SER E 281 -12.59 88.69 34.62
CA SER E 281 -11.92 88.45 33.30
C SER E 281 -10.75 89.41 33.09
N SER E 282 -10.53 90.36 34.00
CA SER E 282 -9.41 91.34 33.85
C SER E 282 -8.07 90.60 33.90
N PHE E 283 -7.16 90.96 32.98
CA PHE E 283 -5.82 90.34 32.87
C PHE E 283 -4.96 90.65 34.11
N GLU E 284 -5.08 91.87 34.63
CA GLU E 284 -4.29 92.34 35.80
C GLU E 284 -4.56 91.47 37.02
N TYR E 285 -5.83 91.09 37.23
CA TYR E 285 -6.26 90.28 38.40
C TYR E 285 -5.37 89.04 38.60
N GLY E 286 -4.46 88.74 37.67
CA GLY E 286 -3.62 87.58 37.85
C GLY E 286 -4.14 86.38 37.08
N GLN E 287 -3.28 85.37 36.99
CA GLN E 287 -3.61 84.14 36.28
C GLN E 287 -4.35 83.13 37.15
N VAL E 288 -4.74 83.52 38.36
CA VAL E 288 -5.52 82.66 39.24
C VAL E 288 -6.96 83.12 39.33
N ASN E 289 -7.16 84.44 39.49
CA ASN E 289 -8.53 85.00 39.55
C ASN E 289 -9.21 84.80 38.19
N HIS E 290 -8.46 84.27 37.21
CA HIS E 290 -8.96 84.01 35.84
C HIS E 290 -9.59 82.61 35.79
N ALA E 291 -8.77 81.60 36.07
CA ALA E 291 -9.20 80.21 36.03
C ALA E 291 -10.17 79.90 37.16
N LEU E 292 -10.23 80.82 38.13
CA LEU E 292 -11.21 80.70 39.24
C LEU E 292 -12.57 81.11 38.67
N ALA E 293 -12.59 82.11 37.78
CA ALA E 293 -13.83 82.57 37.17
C ALA E 293 -14.29 81.68 36.03
N ALA E 294 -13.38 80.95 35.39
CA ALA E 294 -13.79 80.02 34.35
C ALA E 294 -14.46 78.79 34.95
N ALA E 295 -13.78 78.12 35.88
CA ALA E 295 -14.36 76.96 36.53
C ALA E 295 -15.61 77.33 37.32
N MET E 296 -15.82 78.62 37.57
CA MET E 296 -17.05 79.06 38.30
C MET E 296 -18.14 79.35 37.26
N ARG E 297 -17.84 79.17 35.98
CA ARG E 297 -18.81 79.43 34.92
C ARG E 297 -19.53 78.19 34.45
N THR E 298 -18.85 77.03 34.47
CA THR E 298 -19.51 75.80 34.07
C THR E 298 -20.71 75.48 34.95
N LEU E 299 -20.64 75.84 36.23
CA LEU E 299 -21.80 75.63 37.10
C LEU E 299 -22.94 76.56 36.74
N VAL E 300 -22.62 77.79 36.32
CA VAL E 300 -23.68 78.69 35.87
C VAL E 300 -24.36 78.14 34.63
N LYS E 301 -23.60 77.46 33.77
CA LYS E 301 -24.21 76.82 32.61
C LYS E 301 -25.19 75.73 33.03
N GLU E 302 -24.78 74.89 33.97
CA GLU E 302 -25.67 73.84 34.46
C GLU E 302 -26.83 74.39 35.26
N HIS E 303 -26.74 75.61 35.76
CA HIS E 303 -27.88 76.25 36.41
C HIS E 303 -28.87 76.79 35.40
N LEU E 304 -28.39 77.14 34.19
CA LEU E 304 -29.30 77.57 33.14
C LEU E 304 -30.03 76.41 32.50
N ILE E 305 -29.45 75.21 32.60
CA ILE E 305 -30.08 73.96 32.06
C ILE E 305 -31.21 73.56 33.01
N LEU E 306 -31.03 73.81 34.31
CA LEU E 306 -32.05 73.45 35.30
C LEU E 306 -33.25 74.39 35.25
N VAL E 307 -33.09 75.60 34.73
CA VAL E 307 -34.25 76.47 34.54
C VAL E 307 -34.95 76.16 33.22
N SER E 308 -34.23 75.67 32.22
CA SER E 308 -34.88 75.29 30.97
C SER E 308 -35.79 74.08 31.17
N GLN E 309 -35.28 73.06 31.88
CA GLN E 309 -36.04 71.81 32.12
C GLN E 309 -37.29 72.10 32.95
N LEU E 310 -37.33 73.23 33.67
CA LEU E 310 -38.51 73.57 34.44
C LEU E 310 -39.59 74.21 33.59
N GLU E 311 -39.21 75.11 32.67
CA GLU E 311 -40.21 75.71 31.80
C GLU E 311 -40.84 74.70 30.88
N GLN E 312 -40.07 73.79 30.29
CA GLN E 312 -40.62 72.73 29.47
C GLN E 312 -41.52 71.82 30.28
N LEU E 313 -41.23 71.66 31.57
CA LEU E 313 -42.12 70.91 32.44
C LEU E 313 -43.26 71.77 32.95
N HIS E 314 -43.17 73.09 32.79
CA HIS E 314 -44.25 73.98 33.18
C HIS E 314 -45.38 74.02 32.16
N ARG E 315 -45.08 73.73 30.89
CA ARG E 315 -46.13 73.79 29.88
C ARG E 315 -47.21 72.75 30.12
N GLN E 316 -46.82 71.56 30.53
CA GLN E 316 -47.82 70.57 30.86
C GLN E 316 -48.52 70.84 32.18
N GLY E 317 -48.27 71.97 32.83
CA GLY E 317 -48.93 72.30 34.08
C GLY E 317 -48.52 71.46 35.26
N LEU E 318 -47.56 70.56 35.10
CA LEU E 318 -47.14 69.67 36.18
C LEU E 318 -46.28 70.36 37.23
N LEU E 319 -46.15 71.69 37.17
CA LEU E 319 -45.25 72.42 38.05
C LEU E 319 -46.07 73.33 38.96
N SER E 320 -46.31 72.85 40.18
CA SER E 320 -47.04 73.67 41.19
C SER E 320 -46.04 74.62 41.87
N LEU E 321 -46.54 75.63 42.60
CA LEU E 321 -45.63 76.61 43.25
C LEU E 321 -44.75 75.87 44.27
N GLN E 322 -45.35 74.96 45.04
CA GLN E 322 -44.60 74.17 46.06
C GLN E 322 -43.55 73.29 45.36
N LYS E 323 -43.91 72.73 44.20
CA LYS E 323 -43.03 71.83 43.43
C LYS E 323 -41.74 72.57 43.05
N LEU E 324 -41.86 73.83 42.65
CA LEU E 324 -40.70 74.68 42.24
C LEU E 324 -39.75 74.85 43.43
N TRP E 325 -40.32 75.02 44.63
CA TRP E 325 -39.53 75.25 45.87
C TRP E 325 -38.60 74.07 46.17
N PHE E 326 -39.04 72.84 45.89
CA PHE E 326 -38.22 71.63 46.17
C PHE E 326 -37.18 71.37 45.07
N TYR E 327 -37.61 71.36 43.81
CA TYR E 327 -36.79 71.07 42.64
C TYR E 327 -35.45 71.80 42.69
N ILE E 328 -35.51 73.06 43.12
CA ILE E 328 -34.34 74.01 43.14
C ILE E 328 -33.46 73.84 44.38
N GLN E 329 -33.62 72.74 45.14
CA GLN E 329 -32.78 72.57 46.32
C GLN E 329 -31.32 72.30 46.01
N PRO E 330 -30.95 71.48 45.03
CA PRO E 330 -29.52 71.37 44.68
C PRO E 330 -28.94 72.70 44.23
N ALA E 331 -29.75 73.58 43.65
CA ALA E 331 -29.26 74.89 43.22
C ALA E 331 -29.19 75.90 44.36
N MET E 332 -30.03 75.75 45.38
CA MET E 332 -29.97 76.66 46.52
C MET E 332 -28.76 76.41 47.40
N ARG E 333 -28.17 75.22 47.33
CA ARG E 333 -26.97 74.92 48.09
C ARG E 333 -25.69 75.26 47.34
N THR E 334 -25.66 75.03 46.02
CA THR E 334 -24.47 75.35 45.25
C THR E 334 -24.33 76.85 45.05
N MET E 335 -25.36 77.50 44.51
CA MET E 335 -25.30 78.94 44.35
C MET E 335 -25.29 79.69 45.68
N ASP E 336 -25.29 78.98 46.81
CA ASP E 336 -25.00 79.59 48.10
C ASP E 336 -23.54 79.45 48.49
N ILE E 337 -22.82 78.49 47.92
CA ILE E 337 -21.39 78.36 48.15
C ILE E 337 -20.62 79.38 47.33
N LEU E 338 -20.90 79.45 46.03
CA LEU E 338 -20.18 80.36 45.16
C LEU E 338 -20.48 81.82 45.47
N ALA E 339 -21.69 82.14 45.89
CA ALA E 339 -22.01 83.50 46.31
C ALA E 339 -21.36 83.86 47.63
N SER E 340 -20.67 82.92 48.28
CA SER E 340 -19.88 83.21 49.46
C SER E 340 -18.39 83.32 49.18
N LEU E 341 -17.88 82.59 48.18
CA LEU E 341 -16.50 82.80 47.76
C LEU E 341 -16.36 84.11 46.98
N ALA E 342 -17.32 84.36 46.08
CA ALA E 342 -17.32 85.57 45.23
C ALA E 342 -17.38 86.84 46.09
N THR E 343 -17.89 86.73 47.32
CA THR E 343 -17.98 87.88 48.21
C THR E 343 -16.87 87.90 49.25
N SER E 344 -16.07 86.86 49.34
CA SER E 344 -14.94 86.80 50.28
C SER E 344 -13.60 86.86 49.58
N VAL E 345 -13.59 86.88 48.24
CA VAL E 345 -12.34 87.04 47.49
C VAL E 345 -12.22 88.52 47.12
N ASP E 346 -13.35 89.21 47.03
CA ASP E 346 -13.33 90.63 46.71
C ASP E 346 -13.34 91.52 47.95
N LYS E 347 -13.75 91.00 49.11
CA LYS E 347 -13.71 91.81 50.33
C LYS E 347 -12.28 92.26 50.63
N GLY E 348 -11.40 91.31 50.91
CA GLY E 348 -9.98 91.59 50.98
C GLY E 348 -9.36 91.28 49.64
N GLU E 349 -8.87 92.32 48.97
CA GLU E 349 -8.40 92.17 47.60
C GLU E 349 -7.34 91.08 47.49
N CYS E 350 -7.69 89.99 46.83
CA CYS E 350 -6.81 88.84 46.69
C CYS E 350 -6.51 88.63 45.21
N LEU E 351 -5.26 88.27 44.93
CA LEU E 351 -4.85 87.92 43.57
C LEU E 351 -3.60 87.09 43.65
N GLY E 352 -3.59 85.96 42.97
CA GLY E 352 -2.43 85.08 43.00
C GLY E 352 -2.55 84.01 44.10
N GLY E 353 -1.56 83.94 44.97
CA GLY E 353 -1.54 82.92 45.99
C GLY E 353 -2.60 83.12 47.06
N SER E 354 -2.87 84.37 47.40
CA SER E 354 -3.85 84.66 48.44
C SER E 354 -5.28 84.36 48.00
N THR E 355 -5.50 84.07 46.72
CA THR E 355 -6.77 83.56 46.24
C THR E 355 -6.77 82.04 46.16
N LEU E 356 -5.59 81.43 46.25
CA LEU E 356 -5.48 79.98 46.35
C LEU E 356 -5.43 79.49 47.79
N SER E 357 -5.15 80.38 48.75
CA SER E 357 -5.27 80.01 50.15
C SER E 357 -6.73 79.95 50.58
N LEU E 358 -7.53 80.92 50.14
CA LEU E 358 -8.91 81.00 50.58
C LEU E 358 -9.71 79.79 50.12
N LEU E 359 -9.38 79.24 48.96
CA LEU E 359 -10.02 78.02 48.48
C LEU E 359 -9.52 76.77 49.20
N HIS E 360 -8.53 76.89 50.07
CA HIS E 360 -8.05 75.76 50.84
C HIS E 360 -8.51 75.79 52.29
N ASP E 361 -8.97 76.94 52.79
CA ASP E 361 -9.62 76.99 54.09
C ASP E 361 -11.13 76.85 53.99
N ARG E 362 -11.74 77.44 52.97
CA ARG E 362 -13.16 77.23 52.73
C ARG E 362 -13.47 75.82 52.26
N SER E 363 -12.45 75.02 51.94
CA SER E 363 -12.63 73.60 51.72
C SER E 363 -12.40 72.78 52.97
N PHE E 364 -11.81 73.38 54.00
CA PHE E 364 -11.59 72.69 55.27
C PHE E 364 -12.76 72.86 56.22
N SER E 365 -13.50 73.97 56.12
CA SER E 365 -14.66 74.17 56.98
C SER E 365 -15.76 73.16 56.67
N TYR E 366 -15.92 72.78 55.41
CA TYR E 366 -16.96 71.83 55.01
C TYR E 366 -16.42 70.40 55.07
N THR E 367 -15.82 70.05 56.21
CA THR E 367 -15.22 68.69 56.36
C THR E 367 -16.32 67.64 56.57
N GLY E 368 -17.55 68.05 56.89
CA GLY E 368 -18.64 67.10 57.13
C GLY E 368 -19.81 67.28 56.18
N ASP E 369 -19.67 68.17 55.19
CA ASP E 369 -20.75 68.44 54.20
C ASP E 369 -20.75 67.33 53.14
N SER E 370 -19.54 66.93 52.70
CA SER E 370 -19.31 65.88 51.71
C SER E 370 -20.02 66.18 50.38
N GLN E 371 -20.76 67.29 50.32
CA GLN E 371 -21.36 67.74 49.08
C GLN E 371 -20.86 69.10 48.64
N ALA E 372 -20.65 70.03 49.57
CA ALA E 372 -19.96 71.27 49.30
C ALA E 372 -18.46 71.12 49.52
N GLN E 373 -18.00 69.92 49.82
CA GLN E 373 -16.57 69.61 49.87
C GLN E 373 -16.07 68.95 48.60
N GLU E 374 -16.96 68.31 47.85
CA GLU E 374 -16.62 67.92 46.49
C GLU E 374 -16.57 69.12 45.55
N LEU E 375 -17.38 70.14 45.79
CA LEU E 375 -17.38 71.35 44.97
C LEU E 375 -16.12 72.16 45.18
N CYS E 376 -15.89 72.62 46.42
CA CYS E 376 -14.70 73.43 46.71
C CYS E 376 -13.40 72.67 46.47
N LEU E 377 -13.45 71.39 46.15
CA LEU E 377 -12.29 70.70 45.63
C LEU E 377 -12.23 70.75 44.11
N TYR E 378 -13.37 70.91 43.44
CA TYR E 378 -13.39 71.06 41.99
C TYR E 378 -12.92 72.44 41.56
N LEU E 379 -13.17 73.47 42.38
CA LEU E 379 -12.68 74.80 42.07
C LEU E 379 -11.16 74.88 42.25
N THR E 380 -10.68 74.50 43.43
CA THR E 380 -9.25 74.65 43.72
C THR E 380 -8.41 73.74 42.83
N LYS E 381 -9.00 72.65 42.35
CA LYS E 381 -8.28 71.81 41.39
C LYS E 381 -8.13 72.49 40.05
N ALA E 382 -9.02 73.42 39.71
CA ALA E 382 -8.97 74.14 38.45
C ALA E 382 -8.44 75.55 38.58
N ALA E 383 -8.55 76.16 39.75
CA ALA E 383 -7.99 77.49 39.99
C ALA E 383 -6.53 77.45 40.38
N SER E 384 -5.89 76.30 40.24
CA SER E 384 -4.49 76.15 40.61
C SER E 384 -3.63 75.65 39.47
N ALA E 385 -4.22 75.25 38.35
CA ALA E 385 -3.41 74.85 37.20
C ALA E 385 -2.52 75.97 36.68
N PRO E 386 -2.92 77.24 36.65
CA PRO E 386 -1.98 78.27 36.21
C PRO E 386 -0.83 78.46 37.17
N TYR E 387 -1.09 78.42 38.48
CA TYR E 387 -0.02 78.59 39.45
C TYR E 387 0.97 77.43 39.38
N PHE E 388 0.46 76.20 39.28
CA PHE E 388 1.35 75.06 39.23
C PHE E 388 1.96 74.87 37.85
N GLU E 389 1.76 75.80 36.92
CA GLU E 389 2.47 75.75 35.66
C GLU E 389 3.61 76.75 35.58
N VAL E 390 3.64 77.73 36.48
CA VAL E 390 4.82 78.57 36.62
C VAL E 390 5.81 77.96 37.60
N LEU E 391 5.33 77.04 38.46
CA LEU E 391 6.21 76.39 39.42
C LEU E 391 7.09 75.35 38.76
N GLU E 392 6.53 74.55 37.85
CA GLU E 392 7.32 73.57 37.14
C GLU E 392 8.34 74.18 36.21
N LYS E 393 8.35 75.51 36.07
CA LYS E 393 9.42 76.21 35.38
C LYS E 393 10.45 76.79 36.32
N TRP E 394 10.10 76.99 37.58
CA TRP E 394 11.02 77.54 38.56
C TRP E 394 11.80 76.48 39.31
N ILE E 395 11.37 75.22 39.26
CA ILE E 395 12.08 74.15 39.94
C ILE E 395 12.89 73.32 38.96
N TYR E 396 12.24 72.79 37.92
CA TYR E 396 12.95 72.02 36.91
C TYR E 396 13.82 72.88 36.01
N ARG E 397 13.67 74.20 36.08
CA ARG E 397 14.55 75.13 35.41
C ARG E 397 14.63 76.38 36.28
N GLY E 398 15.35 77.38 35.80
CA GLY E 398 15.52 78.58 36.61
C GLY E 398 14.67 79.76 36.22
N ILE E 399 13.89 79.65 35.15
CA ILE E 399 13.20 80.80 34.57
C ILE E 399 11.92 81.08 35.34
N ILE E 400 11.63 82.36 35.55
CA ILE E 400 10.45 82.83 36.27
C ILE E 400 9.67 83.72 35.34
N HIS E 401 8.50 83.26 34.89
CA HIS E 401 7.73 84.05 33.92
C HIS E 401 6.88 85.11 34.60
N ASP E 402 5.87 84.69 35.36
CA ASP E 402 5.06 85.54 36.23
C ASP E 402 4.78 86.92 35.65
N PRO E 403 3.99 87.03 34.57
CA PRO E 403 3.74 88.36 33.99
C PRO E 403 3.12 89.34 34.96
N TYR E 404 2.04 88.94 35.63
CA TYR E 404 1.50 89.72 36.72
C TYR E 404 2.24 89.34 38.00
N SER E 405 2.32 90.27 38.93
CA SER E 405 3.03 89.99 40.17
C SER E 405 2.21 89.10 41.08
N GLU E 406 2.34 87.78 40.93
CA GLU E 406 1.58 86.82 41.72
C GLU E 406 2.40 85.68 42.29
N PHE E 407 3.58 85.39 41.73
CA PHE E 407 4.32 84.22 42.17
C PHE E 407 4.97 84.47 43.52
N MET E 408 5.29 83.37 44.21
CA MET E 408 5.84 83.48 45.57
C MET E 408 7.32 83.86 45.56
N VAL E 409 7.97 83.83 44.40
CA VAL E 409 9.39 84.13 44.29
C VAL E 409 9.57 85.17 43.19
N GLU E 410 10.12 86.32 43.56
CA GLU E 410 10.38 87.40 42.61
C GLU E 410 11.87 87.63 42.51
N GLU E 411 12.32 88.11 41.35
CA GLU E 411 13.74 88.36 41.16
C GLU E 411 14.02 89.86 41.21
N HIS E 412 15.30 90.20 41.16
CA HIS E 412 15.75 91.58 41.24
C HIS E 412 16.87 91.78 40.23
N GLU E 413 17.61 92.88 40.39
CA GLU E 413 18.74 93.15 39.53
C GLU E 413 19.80 93.99 40.24
N TYR E 427 24.38 90.71 47.46
CA TYR E 427 24.93 90.44 46.15
C TYR E 427 24.29 89.21 45.52
N TRP E 428 23.87 88.26 46.35
CA TRP E 428 23.13 87.11 45.89
C TRP E 428 21.95 86.75 46.78
N ASP E 429 21.86 87.34 47.97
CA ASP E 429 20.66 87.18 48.77
C ASP E 429 19.59 88.21 48.44
N GLN E 430 19.91 89.18 47.60
CA GLN E 430 18.92 90.12 47.08
C GLN E 430 18.52 89.82 45.64
N ARG E 431 19.04 88.73 45.06
CA ARG E 431 18.65 88.37 43.70
C ARG E 431 17.21 87.84 43.68
N TYR E 432 16.95 86.75 44.40
CA TYR E 432 15.61 86.19 44.54
C TYR E 432 15.21 86.22 46.00
N THR E 433 14.03 86.75 46.29
CA THR E 433 13.55 86.85 47.65
C THR E 433 12.08 86.46 47.73
N ILE E 434 11.73 85.74 48.79
CA ILE E 434 10.35 85.29 48.98
C ILE E 434 9.46 86.49 49.24
N VAL E 435 8.29 86.51 48.59
CA VAL E 435 7.22 87.41 48.96
C VAL E 435 6.30 86.67 49.93
N GLN E 436 5.99 87.29 51.06
CA GLN E 436 5.34 86.57 52.14
C GLN E 436 3.84 86.43 51.91
N GLN E 437 3.21 87.45 51.32
CA GLN E 437 1.76 87.40 51.13
C GLN E 437 1.36 86.25 50.22
N GLN E 438 1.97 86.18 49.03
CA GLN E 438 1.53 85.26 48.00
C GLN E 438 2.11 83.87 48.21
N ILE E 439 1.74 83.27 49.34
CA ILE E 439 2.12 81.91 49.69
C ILE E 439 0.85 81.09 49.78
N PRO E 440 0.78 79.92 49.15
CA PRO E 440 -0.49 79.18 49.08
C PRO E 440 -1.02 78.69 50.42
N SER E 441 -0.24 78.79 51.50
CA SER E 441 -0.64 78.38 52.84
C SER E 441 -0.90 76.87 52.94
N PHE E 442 -0.68 76.14 51.86
CA PHE E 442 -0.51 74.70 51.94
C PHE E 442 0.84 74.27 51.41
N LEU E 443 1.62 75.19 50.83
CA LEU E 443 3.04 75.01 50.60
C LEU E 443 3.88 75.76 51.62
N GLN E 444 3.24 76.40 52.60
CA GLN E 444 3.97 77.16 53.61
C GLN E 444 5.01 76.32 54.32
N LYS E 445 4.82 75.00 54.35
CA LYS E 445 5.81 74.12 54.97
C LYS E 445 7.13 74.16 54.20
N MET E 446 7.06 74.26 52.88
CA MET E 446 8.24 74.21 52.03
C MET E 446 8.47 75.54 51.30
N ALA E 447 8.24 76.66 52.00
CA ALA E 447 8.48 77.95 51.38
C ALA E 447 9.96 78.26 51.22
N ASP E 448 10.85 77.51 51.85
CA ASP E 448 12.28 77.75 51.77
C ASP E 448 13.00 76.80 50.83
N LYS E 449 12.46 75.60 50.63
CA LYS E 449 13.08 74.67 49.69
C LYS E 449 12.80 75.03 48.25
N ILE E 450 11.64 75.64 47.96
CA ILE E 450 11.35 76.11 46.61
C ILE E 450 12.32 77.22 46.22
N LEU E 451 12.42 78.25 47.05
CA LEU E 451 13.32 79.35 46.77
C LEU E 451 14.77 78.87 46.67
N SER E 452 15.12 77.87 47.47
CA SER E 452 16.47 77.34 47.42
C SER E 452 16.69 76.39 46.25
N THR E 453 15.62 75.90 45.62
CA THR E 453 15.79 74.93 44.54
C THR E 453 16.15 75.62 43.23
N GLY E 454 15.42 76.67 42.88
CA GLY E 454 15.71 77.38 41.66
C GLY E 454 16.97 78.23 41.76
N LYS E 455 17.25 78.77 42.96
CA LYS E 455 18.42 79.60 43.14
C LYS E 455 19.70 78.87 42.77
N TYR E 456 19.78 77.58 43.09
CA TYR E 456 20.96 76.81 42.73
C TYR E 456 21.02 76.56 41.22
N LEU E 457 19.87 76.53 40.55
CA LEU E 457 19.86 76.29 39.12
C LEU E 457 20.36 77.50 38.33
N ASN E 458 20.37 78.69 38.92
CA ASN E 458 20.75 79.86 38.15
C ASN E 458 22.25 80.16 38.24
N VAL E 459 22.90 79.80 39.34
CA VAL E 459 24.32 80.08 39.49
C VAL E 459 25.12 79.10 38.66
N VAL E 460 24.44 78.15 38.02
CA VAL E 460 25.06 77.23 37.08
C VAL E 460 24.62 77.50 35.66
N ARG E 461 23.37 77.93 35.46
CA ARG E 461 22.90 78.20 34.11
C ARG E 461 23.64 79.36 33.48
N GLU E 462 23.84 80.44 34.23
CA GLU E 462 24.56 81.58 33.68
C GLU E 462 26.06 81.33 33.58
N CYS E 463 26.55 80.21 34.09
CA CYS E 463 27.95 79.84 33.95
C CYS E 463 28.19 78.89 32.78
N GLY E 464 27.25 78.00 32.51
CA GLY E 464 27.39 77.05 31.41
C GLY E 464 27.51 75.61 31.86
N GLU E 474 5.74 66.98 36.42
CA GLU E 474 4.34 67.41 36.44
C GLU E 474 3.79 67.38 37.87
N ILE E 475 2.97 68.38 38.21
CA ILE E 475 2.43 68.55 39.56
C ILE E 475 0.93 68.75 39.46
N ILE E 476 0.17 68.05 40.30
CA ILE E 476 -1.28 68.19 40.38
C ILE E 476 -1.66 68.30 41.85
N TYR E 477 -2.72 69.07 42.11
CA TYR E 477 -3.18 69.33 43.46
C TYR E 477 -4.14 68.23 43.91
N THR E 478 -3.91 67.70 45.11
CA THR E 478 -4.79 66.71 45.71
C THR E 478 -4.96 67.03 47.19
N LEU E 479 -6.12 66.65 47.73
CA LEU E 479 -6.45 66.89 49.13
C LEU E 479 -6.09 65.67 49.96
N LYS E 480 -5.51 65.90 51.14
CA LYS E 480 -5.09 64.87 52.08
C LYS E 480 -4.06 63.93 51.48
N GLU E 481 -3.56 64.23 50.29
CA GLU E 481 -2.50 63.44 49.67
C GLU E 481 -1.38 64.39 49.29
N ARG E 482 -0.16 64.05 49.69
CA ARG E 482 0.99 64.95 49.55
C ARG E 482 1.88 64.53 48.39
N ALA E 483 1.28 64.10 47.27
CA ALA E 483 2.07 63.68 46.12
C ALA E 483 2.83 64.82 45.48
N TYR E 484 2.45 66.08 45.73
CA TYR E 484 3.21 67.22 45.24
C TYR E 484 4.23 67.73 46.23
N VAL E 485 3.96 67.60 47.54
CA VAL E 485 4.97 67.93 48.53
C VAL E 485 6.15 66.99 48.42
N GLU E 486 5.89 65.72 48.11
CA GLU E 486 6.99 64.79 47.89
C GLU E 486 7.66 65.03 46.54
N GLN E 487 6.92 65.54 45.56
CA GLN E 487 7.49 65.74 44.24
C GLN E 487 8.49 66.88 44.22
N ILE E 488 8.34 67.84 45.13
CA ILE E 488 9.28 68.97 45.19
C ILE E 488 10.60 68.54 45.80
N GLU E 489 10.53 67.71 46.85
CA GLU E 489 11.76 67.23 47.49
C GLU E 489 12.59 66.38 46.55
N LYS E 490 11.95 65.72 45.58
CA LYS E 490 12.68 64.87 44.65
C LYS E 490 13.48 65.69 43.63
N ALA E 491 13.17 66.96 43.49
CA ALA E 491 13.93 67.84 42.59
C ALA E 491 14.92 68.72 43.32
N PHE E 492 14.57 69.18 44.53
CA PHE E 492 15.54 69.92 45.33
C PHE E 492 16.71 69.05 45.75
N ASN E 493 16.45 67.75 45.94
CA ASN E 493 17.53 66.84 46.27
C ASN E 493 18.45 66.58 45.08
N TYR E 494 18.04 66.97 43.88
CA TYR E 494 18.92 66.96 42.72
C TYR E 494 19.46 68.33 42.39
N ALA E 495 18.71 69.39 42.72
CA ALA E 495 19.17 70.74 42.42
C ALA E 495 20.50 71.05 43.07
N SER E 496 20.74 70.52 44.27
CA SER E 496 22.00 70.74 44.96
C SER E 496 23.11 69.82 44.46
N LYS E 497 22.77 68.58 44.13
CA LYS E 497 23.79 67.62 43.71
C LYS E 497 24.40 67.96 42.35
N VAL E 498 23.83 68.94 41.64
CA VAL E 498 24.45 69.37 40.40
C VAL E 498 25.31 70.61 40.65
N LEU E 499 24.98 71.41 41.66
CA LEU E 499 25.78 72.59 41.95
C LEU E 499 26.92 72.27 42.91
N LEU E 500 26.62 71.53 43.99
CA LEU E 500 27.67 71.15 44.92
C LEU E 500 28.78 70.38 44.22
N ASP E 501 28.41 69.45 43.36
CA ASP E 501 29.41 68.76 42.55
C ASP E 501 30.08 69.72 41.57
N PHE E 502 29.39 70.78 41.17
CA PHE E 502 29.98 71.72 40.23
C PHE E 502 31.08 72.55 40.87
N LEU E 503 31.13 72.61 42.20
CA LEU E 503 32.17 73.37 42.88
C LEU E 503 33.26 72.50 43.47
N MET E 504 33.12 71.18 43.46
CA MET E 504 34.14 70.34 44.04
C MET E 504 35.07 69.71 43.00
N GLU E 505 34.56 69.36 41.83
CA GLU E 505 35.39 68.76 40.80
C GLU E 505 35.91 69.80 39.81
N GLU E 506 35.03 70.43 39.05
CA GLU E 506 35.41 71.55 38.22
C GLU E 506 35.38 72.82 39.05
N LYS E 507 36.26 73.76 38.73
CA LYS E 507 36.54 74.94 39.56
C LYS E 507 36.48 74.56 41.04
N GLU E 508 37.36 73.63 41.39
CA GLU E 508 37.36 73.02 42.71
C GLU E 508 37.47 74.07 43.82
N LEU E 509 32.89 73.71 45.70
CA LEU E 509 33.10 74.46 46.92
C LEU E 509 34.10 73.82 47.87
N VAL E 510 34.08 72.49 48.00
CA VAL E 510 35.00 71.84 48.92
C VAL E 510 36.43 71.90 48.39
N ALA E 511 36.61 71.76 47.08
CA ALA E 511 37.93 71.95 46.48
C ALA E 511 38.26 73.44 46.33
N HIS E 512 37.41 74.32 46.83
CA HIS E 512 37.63 75.75 46.80
C HIS E 512 38.01 76.32 48.15
N LEU E 513 37.68 75.61 49.23
CA LEU E 513 38.08 76.05 50.57
C LEU E 513 39.49 75.59 50.90
N ARG E 514 39.91 74.45 50.37
CA ARG E 514 41.29 74.02 50.57
C ARG E 514 42.28 74.99 49.95
N SER E 515 41.84 75.78 48.97
CA SER E 515 42.66 76.86 48.46
C SER E 515 42.69 78.06 49.38
N ILE E 516 41.91 78.06 50.46
CA ILE E 516 41.97 79.09 51.47
C ILE E 516 42.80 78.66 52.66
N LYS E 517 42.67 77.39 53.08
CA LYS E 517 43.52 76.89 54.15
C LYS E 517 44.99 76.92 53.78
N ARG E 518 45.29 76.86 52.47
CA ARG E 518 46.68 76.92 52.04
C ARG E 518 47.31 78.28 52.31
N TYR E 519 46.50 79.33 52.33
CA TYR E 519 47.02 80.69 52.46
C TYR E 519 46.59 81.38 53.74
N PHE E 520 45.30 81.33 54.06
CA PHE E 520 44.81 82.07 55.22
C PHE E 520 45.15 81.35 56.52
N LEU E 521 44.88 80.05 56.58
CA LEU E 521 45.14 79.29 57.80
C LEU E 521 46.57 78.79 57.89
N MET E 522 47.41 79.12 56.91
CA MET E 522 48.85 78.85 56.94
C MET E 522 49.14 77.35 57.09
N ASP E 523 48.57 76.59 56.14
CA ASP E 523 48.73 75.12 56.04
C ASP E 523 49.97 74.81 55.19
N GLN E 524 50.35 75.74 54.31
CA GLN E 524 51.55 75.57 53.46
C GLN E 524 52.65 76.47 54.01
N GLY E 525 53.73 75.88 54.53
CA GLY E 525 54.85 76.68 55.09
C GLY E 525 55.88 77.01 54.02
N ASP E 526 55.76 76.40 52.85
CA ASP E 526 56.73 76.64 51.75
C ASP E 526 56.65 78.10 51.30
N PHE E 527 55.43 78.62 51.13
CA PHE E 527 55.26 80.04 50.69
C PHE E 527 55.80 80.99 51.77
N PHE E 528 55.46 80.73 53.03
CA PHE E 528 55.89 81.58 54.17
C PHE E 528 57.41 81.52 54.35
N VAL E 529 58.00 80.32 54.24
CA VAL E 529 59.47 80.16 54.41
C VAL E 529 60.18 80.73 53.19
N HIS E 530 59.41 81.15 52.17
CA HIS E 530 59.98 81.73 50.97
C HIS E 530 59.46 83.12 50.67
N PHE E 531 58.36 83.54 51.32
CA PHE E 531 57.83 84.88 51.06
C PHE E 531 58.41 85.90 52.03
N MET E 532 58.37 85.62 53.33
CA MET E 532 59.01 86.51 54.29
C MET E 532 60.50 86.60 54.02
N ASP E 533 61.10 85.54 53.48
CA ASP E 533 62.51 85.57 53.13
C ASP E 533 62.79 86.59 52.04
N LEU E 534 61.78 86.97 51.26
CA LEU E 534 61.92 87.95 50.21
C LEU E 534 61.48 89.35 50.65
N ALA E 535 60.30 89.45 51.26
CA ALA E 535 59.71 90.74 51.58
C ALA E 535 59.89 91.10 53.05
N GLU E 536 61.04 90.76 53.64
CA GLU E 536 61.29 91.13 55.02
C GLU E 536 61.76 92.57 55.15
N GLU E 537 62.83 92.91 54.42
CA GLU E 537 63.38 94.27 54.50
C GLU E 537 62.35 95.30 54.05
N GLU E 538 61.53 94.95 53.06
CA GLU E 538 60.57 95.88 52.47
C GLU E 538 59.23 95.86 53.18
N LEU E 539 59.15 95.26 54.36
CA LEU E 539 57.99 95.39 55.23
C LEU E 539 58.29 96.11 56.53
N ARG E 540 59.54 96.10 56.98
CA ARG E 540 59.89 96.84 58.19
C ARG E 540 59.83 98.34 57.99
N LYS E 541 59.79 98.80 56.74
CA LYS E 541 59.56 100.21 56.48
C LYS E 541 58.19 100.61 57.01
N PRO E 542 58.03 101.86 57.45
CA PRO E 542 56.72 102.29 57.93
C PRO E 542 55.72 102.36 56.78
N VAL E 543 54.44 102.30 57.17
CA VAL E 543 53.37 102.34 56.18
C VAL E 543 53.35 103.72 55.50
N GLU E 544 52.60 103.81 54.39
CA GLU E 544 52.61 104.94 53.46
C GLU E 544 54.03 105.29 53.02
N ASP E 545 54.89 104.28 52.99
CA ASP E 545 56.22 104.41 52.43
C ASP E 545 56.60 103.28 51.50
N ILE E 546 55.81 102.21 51.45
CA ILE E 546 56.07 101.05 50.60
C ILE E 546 55.12 101.08 49.42
N THR E 547 55.60 100.64 48.26
CA THR E 547 54.81 100.66 47.04
C THR E 547 54.08 99.33 46.87
N PRO E 548 52.74 99.32 46.90
CA PRO E 548 52.01 98.06 46.76
C PRO E 548 52.31 97.33 45.46
N PRO E 549 52.62 98.02 44.34
CA PRO E 549 53.07 97.29 43.15
C PRO E 549 54.35 96.49 43.37
N ARG E 550 55.04 96.68 44.49
CA ARG E 550 56.23 95.88 44.77
C ARG E 550 55.89 94.62 45.55
N LEU E 551 54.94 94.70 46.48
CA LEU E 551 54.57 93.52 47.26
C LEU E 551 53.85 92.49 46.39
N GLU E 552 52.90 92.95 45.57
CA GLU E 552 52.22 92.03 44.67
C GLU E 552 53.20 91.37 43.71
N ALA E 553 54.26 92.08 43.33
CA ALA E 553 55.27 91.47 42.48
C ALA E 553 56.14 90.51 43.27
N LEU E 554 56.11 90.58 44.60
CA LEU E 554 56.84 89.60 45.41
C LEU E 554 55.96 88.42 45.80
N LEU E 555 54.68 88.67 46.08
CA LEU E 555 53.75 87.59 46.32
C LEU E 555 53.59 86.71 45.09
N GLU E 556 53.42 87.34 43.92
CA GLU E 556 53.22 86.60 42.68
C GLU E 556 54.41 85.70 42.39
N LEU E 557 55.61 86.08 42.86
CA LEU E 557 56.77 85.24 42.64
C LEU E 557 56.95 84.19 43.72
N ALA E 558 56.61 84.50 44.98
CA ALA E 558 56.82 83.55 46.06
C ALA E 558 55.98 82.30 45.87
N LEU E 559 54.86 82.41 45.17
CA LEU E 559 54.03 81.25 44.92
C LEU E 559 54.72 80.29 43.95
N ARG E 560 54.96 80.73 42.73
CA ARG E 560 55.38 79.81 41.67
C ARG E 560 56.74 79.20 41.95
N MET E 561 57.56 79.87 42.77
CA MET E 561 58.83 79.27 43.14
C MET E 561 58.66 78.16 44.17
N SER E 562 57.66 78.25 45.04
CA SER E 562 57.46 77.28 46.10
C SER E 562 56.67 76.09 45.57
N THR E 563 56.17 75.25 46.47
CA THR E 563 55.39 74.08 46.09
C THR E 563 53.92 74.37 45.94
N ALA E 564 53.49 75.62 46.13
CA ALA E 564 52.10 75.99 45.91
C ALA E 564 51.78 76.20 44.44
N ASN E 565 52.72 75.86 43.56
CA ASN E 565 52.51 76.06 42.13
C ASN E 565 51.38 75.18 41.60
N THR E 566 51.21 73.98 42.16
CA THR E 566 50.17 73.07 41.70
C THR E 566 48.85 73.43 42.38
N ASP E 567 48.26 74.50 41.89
CA ASP E 567 46.98 74.98 42.42
C ASP E 567 46.23 75.71 41.31
N PRO E 568 45.00 75.29 41.00
CA PRO E 568 44.24 75.97 39.94
C PRO E 568 43.83 77.38 40.29
N PHE E 569 43.70 77.71 41.57
CA PHE E 569 43.11 78.97 42.01
C PHE E 569 44.11 79.94 42.59
N LYS E 570 45.41 79.75 42.34
CA LYS E 570 46.41 80.58 42.99
C LYS E 570 46.38 82.02 42.50
N ASP E 571 45.68 82.30 41.41
CA ASP E 571 45.66 83.65 40.84
C ASP E 571 44.65 84.56 41.53
N ASP E 572 44.20 84.22 42.74
CA ASP E 572 43.16 85.00 43.41
C ASP E 572 43.65 85.56 44.75
N LEU E 573 44.96 85.75 44.91
CA LEU E 573 45.51 86.32 46.13
C LEU E 573 45.89 87.77 45.89
N LYS E 574 45.32 88.67 46.67
CA LYS E 574 45.61 90.09 46.56
C LYS E 574 46.07 90.62 47.91
N ILE E 575 46.99 91.56 47.88
CA ILE E 575 47.48 92.20 49.08
C ILE E 575 46.51 93.30 49.49
N ASP E 576 46.25 93.40 50.79
CA ASP E 576 45.31 94.39 51.33
C ASP E 576 45.88 94.93 52.62
N LEU E 577 46.50 96.10 52.56
CA LEU E 577 47.12 96.71 53.73
C LEU E 577 46.02 97.36 54.57
N MET E 578 45.70 96.74 55.70
CA MET E 578 44.61 97.23 56.53
C MET E 578 45.04 98.51 57.25
N PRO E 579 44.09 99.38 57.60
CA PRO E 579 44.48 100.60 58.33
C PRO E 579 44.86 100.35 59.78
N HIS E 580 44.07 99.55 60.50
CA HIS E 580 44.30 99.36 61.92
C HIS E 580 44.82 97.95 62.19
N ASP E 581 45.77 97.85 63.11
CA ASP E 581 46.38 96.57 63.43
C ASP E 581 45.41 95.71 64.22
N LEU E 582 45.88 94.55 64.65
CA LEU E 582 45.07 93.62 65.44
C LEU E 582 44.93 94.20 66.84
N ILE E 583 43.90 95.03 67.00
CA ILE E 583 43.68 95.75 68.26
C ILE E 583 43.45 94.78 69.41
N SER E 611 54.13 101.39 61.78
CA SER E 611 53.39 100.19 61.41
C SER E 611 54.17 99.36 60.40
N GLY E 612 53.70 99.37 59.16
CA GLY E 612 54.38 98.64 58.09
C GLY E 612 54.18 97.14 58.05
N LEU E 613 54.56 96.45 59.11
CA LEU E 613 54.47 94.99 59.15
C LEU E 613 53.17 94.50 59.76
N GLU E 614 52.69 95.18 60.81
CA GLU E 614 51.48 94.77 61.50
C GLU E 614 50.21 95.24 60.78
N ALA E 615 50.31 95.58 59.50
CA ALA E 615 49.18 95.99 58.69
C ALA E 615 49.24 95.31 57.32
N PHE E 616 49.53 94.01 57.31
CA PHE E 616 49.62 93.23 56.08
C PHE E 616 48.72 92.01 56.19
N SER E 617 47.94 91.75 55.15
CA SER E 617 47.02 90.62 55.16
C SER E 617 46.52 90.37 53.74
N PHE E 618 46.39 89.10 53.38
CA PHE E 618 45.94 88.73 52.06
C PHE E 618 44.47 89.11 51.86
N ASP E 619 44.04 89.12 50.61
CA ASP E 619 42.65 89.34 50.26
C ASP E 619 42.29 88.41 49.10
N TYR E 620 41.06 87.97 49.06
CA TYR E 620 40.66 86.88 48.18
C TYR E 620 39.34 87.26 47.52
N ILE E 621 39.22 87.00 46.22
CA ILE E 621 38.07 87.42 45.44
C ILE E 621 37.45 86.21 44.74
N VAL E 622 36.12 86.10 44.82
CA VAL E 622 35.39 84.98 44.25
C VAL E 622 34.22 85.48 43.42
N LYS E 623 33.73 84.61 42.54
CA LYS E 623 32.68 84.97 41.60
C LYS E 623 31.32 84.97 42.31
N TRP E 624 30.24 85.09 41.53
CA TRP E 624 28.91 85.18 42.12
C TRP E 624 28.50 83.88 42.83
N PRO E 625 28.46 82.72 42.17
CA PRO E 625 27.78 81.57 42.80
C PRO E 625 28.45 81.10 44.06
N LEU E 626 29.78 81.18 44.13
CA LEU E 626 30.50 80.81 45.34
C LEU E 626 30.54 81.93 46.35
N SER E 627 30.08 83.13 45.99
CA SER E 627 30.13 84.25 46.92
C SER E 627 29.07 84.14 48.01
N LEU E 628 27.95 83.46 47.75
CA LEU E 628 26.91 83.34 48.76
C LEU E 628 27.42 82.60 49.99
N ILE E 629 28.44 81.77 49.83
CA ILE E 629 28.97 81.00 50.95
C ILE E 629 30.06 81.79 51.67
N ILE E 630 31.07 82.22 50.93
CA ILE E 630 32.19 82.97 51.47
C ILE E 630 32.06 84.42 51.03
N ASN E 631 31.49 85.26 51.90
CA ASN E 631 31.22 86.65 51.59
C ASN E 631 32.10 87.54 52.45
N ARG E 632 31.94 88.85 52.28
CA ARG E 632 32.76 89.79 53.04
C ARG E 632 32.50 89.70 54.54
N LYS E 633 31.32 89.21 54.92
CA LYS E 633 31.05 89.05 56.35
C LYS E 633 31.84 87.89 56.92
N ALA E 634 32.03 86.83 56.13
CA ALA E 634 32.74 85.64 56.57
C ALA E 634 34.11 85.48 55.91
N LEU E 635 34.69 86.59 55.44
CA LEU E 635 36.06 86.58 54.96
C LEU E 635 36.99 87.43 55.79
N THR E 636 36.50 88.55 56.36
CA THR E 636 37.30 89.26 57.33
C THR E 636 37.61 88.41 58.55
N ARG E 637 36.73 87.45 58.87
CA ARG E 637 37.03 86.52 59.94
C ARG E 637 38.20 85.63 59.57
N TYR E 638 38.25 85.16 58.32
CA TYR E 638 39.45 84.49 57.83
C TYR E 638 40.64 85.44 57.87
N GLN E 639 40.39 86.74 57.78
CA GLN E 639 41.45 87.73 57.78
C GLN E 639 41.76 88.24 59.18
N MET E 640 40.94 87.90 60.17
CA MET E 640 41.26 88.20 61.55
C MET E 640 42.13 87.12 62.18
N LEU E 641 41.82 85.85 61.93
CA LEU E 641 42.60 84.75 62.48
C LEU E 641 43.77 84.36 61.59
N PHE E 642 44.09 85.18 60.59
CA PHE E 642 45.34 85.02 59.88
C PHE E 642 46.42 85.91 60.47
N ARG E 643 46.13 87.20 60.62
CA ARG E 643 47.10 88.11 61.21
C ARG E 643 47.52 87.67 62.60
N HIS E 644 46.59 87.08 63.36
CA HIS E 644 46.96 86.54 64.66
C HIS E 644 47.91 85.35 64.55
N MET E 645 47.98 84.72 63.38
CA MET E 645 48.92 83.65 63.15
C MET E 645 50.10 84.07 62.29
N PHE E 646 50.05 85.25 61.69
CA PHE E 646 51.24 85.82 61.09
C PHE E 646 52.09 86.55 62.11
N TYR E 647 51.49 87.01 63.20
CA TYR E 647 52.24 87.70 64.24
C TYR E 647 53.08 86.71 65.05
N CYS E 648 52.47 85.62 65.50
CA CYS E 648 53.24 84.59 66.18
C CYS E 648 54.24 83.92 65.25
N LYS E 649 53.93 83.83 63.96
CA LYS E 649 54.88 83.25 63.02
C LYS E 649 56.03 84.18 62.71
N HIS E 650 55.82 85.49 62.87
CA HIS E 650 56.89 86.44 62.57
C HIS E 650 57.88 86.53 63.72
N VAL E 651 57.40 86.56 64.96
CA VAL E 651 58.29 86.74 66.10
C VAL E 651 59.18 85.51 66.28
N GLU E 652 58.61 84.32 66.14
CA GLU E 652 59.48 83.17 66.37
C GLU E 652 60.30 82.84 65.16
N ARG E 653 60.13 83.60 64.08
CA ARG E 653 61.05 83.46 62.94
C ARG E 653 62.32 84.25 63.17
N GLN E 654 62.18 85.35 63.91
CA GLN E 654 63.34 86.24 64.24
C GLN E 654 63.94 85.78 65.58
N LEU E 655 63.09 85.51 66.58
CA LEU E 655 63.57 85.06 67.87
C LEU E 655 64.39 83.79 67.73
N CYS E 656 64.09 82.99 66.71
CA CYS E 656 64.95 81.87 66.34
C CYS E 656 66.14 82.33 65.52
N SER E 657 66.11 83.54 64.96
CA SER E 657 67.22 84.02 64.15
C SER E 657 68.36 84.53 65.02
N VAL E 658 68.06 85.07 66.20
CA VAL E 658 69.13 85.52 67.09
C VAL E 658 69.94 84.33 67.58
N TRP E 659 69.41 83.11 67.41
CA TRP E 659 70.12 81.92 67.88
C TRP E 659 71.40 81.69 67.08
N ILE E 660 71.46 82.14 65.84
CA ILE E 660 72.62 81.86 65.00
C ILE E 660 73.62 83.00 65.14
N SER E 661 73.16 84.17 65.56
CA SER E 661 74.08 85.29 65.76
C SER E 661 75.01 85.04 66.94
N ASN E 662 74.49 84.45 68.02
CA ASN E 662 75.31 84.24 69.20
C ASN E 662 76.19 83.01 69.06
N LYS E 663 75.82 82.08 68.18
CA LYS E 663 76.63 80.90 67.95
C LYS E 663 77.97 81.28 67.33
N THR E 664 79.04 81.24 68.12
CA THR E 664 80.36 81.66 67.66
C THR E 664 80.92 80.68 66.63
N PHE E 676 76.22 87.78 78.67
CA PHE E 676 77.03 87.18 77.62
C PHE E 676 76.80 85.67 77.59
N ALA E 677 76.39 85.12 78.73
CA ALA E 677 76.13 83.69 78.81
C ALA E 677 74.89 83.37 79.64
N GLY E 678 74.18 84.38 80.14
CA GLY E 678 72.99 84.15 80.93
C GLY E 678 71.73 84.56 80.20
N ALA E 679 71.89 85.09 78.99
CA ALA E 679 70.74 85.45 78.15
C ALA E 679 70.18 84.26 77.39
N PHE E 680 70.94 83.16 77.28
CA PHE E 680 70.44 81.98 76.58
C PHE E 680 69.32 81.32 77.37
N THR E 681 69.44 81.27 78.69
CA THR E 681 68.42 80.63 79.52
C THR E 681 67.10 81.39 79.52
N LEU E 682 67.10 82.65 79.08
CA LEU E 682 65.86 83.37 78.87
C LEU E 682 65.30 83.13 77.48
N ARG E 683 66.18 83.07 76.48
CA ARG E 683 65.72 82.75 75.13
C ARG E 683 65.05 81.38 75.08
N GLN E 684 65.57 80.43 75.84
CA GLN E 684 64.93 79.13 75.97
C GLN E 684 63.55 79.22 76.58
N ARG E 685 63.32 80.17 77.48
CA ARG E 685 62.02 80.35 78.10
C ARG E 685 61.02 81.01 77.16
N MET E 686 61.48 81.88 76.27
CA MET E 686 60.59 82.55 75.33
C MET E 686 60.29 81.68 74.12
N LEU E 687 61.31 81.12 73.49
CA LEU E 687 61.09 80.29 72.30
C LEU E 687 60.21 79.09 72.63
N ASN E 688 60.39 78.50 73.82
CA ASN E 688 59.59 77.35 74.17
C ASN E 688 58.17 77.73 74.59
N PHE E 689 57.81 79.01 74.51
CA PHE E 689 56.45 79.45 74.75
C PHE E 689 55.70 79.70 73.45
N VAL E 690 56.35 80.31 72.46
CA VAL E 690 55.70 80.55 71.19
C VAL E 690 55.61 79.26 70.38
N GLN E 691 56.59 78.39 70.52
CA GLN E 691 56.47 77.06 69.94
C GLN E 691 55.38 76.24 70.60
N ASN E 692 54.98 76.57 71.82
CA ASN E 692 53.92 75.87 72.52
C ASN E 692 52.57 76.52 72.34
N ILE E 693 52.52 77.74 71.80
CA ILE E 693 51.26 78.34 71.40
C ILE E 693 50.87 77.92 70.00
N GLN E 694 51.83 77.93 69.07
CA GLN E 694 51.54 77.59 67.69
C GLN E 694 51.12 76.13 67.57
N TYR E 695 51.81 75.21 68.26
CA TYR E 695 51.41 73.82 68.19
C TYR E 695 50.01 73.61 68.77
N TYR E 696 49.61 74.48 69.69
CA TYR E 696 48.24 74.42 70.20
C TYR E 696 47.27 75.06 69.23
N MET E 697 47.73 76.05 68.47
CA MET E 697 46.83 76.78 67.59
C MET E 697 46.65 76.11 66.24
N MET E 698 47.54 75.17 65.89
CA MET E 698 47.44 74.52 64.57
C MET E 698 46.99 73.05 64.70
N PHE E 699 47.64 72.26 65.55
CA PHE E 699 47.32 70.85 65.67
C PHE E 699 46.28 70.56 66.73
N GLU E 700 45.63 71.58 67.29
CA GLU E 700 44.64 71.37 68.34
C GLU E 700 43.32 72.11 68.10
N VAL E 701 43.33 73.26 67.41
CA VAL E 701 42.15 74.07 67.23
C VAL E 701 41.72 74.11 65.77
N MET E 702 42.66 74.39 64.87
CA MET E 702 42.33 74.59 63.46
C MET E 702 42.48 73.33 62.63
N GLU E 703 43.20 72.33 63.09
CA GLU E 703 43.23 71.05 62.39
C GLU E 703 42.04 70.17 62.76
N PRO E 704 41.68 70.04 64.04
CA PRO E 704 40.49 69.22 64.35
C PRO E 704 39.19 69.85 63.90
N THR E 705 39.02 71.15 64.10
CA THR E 705 37.76 71.79 63.74
C THR E 705 37.55 71.78 62.22
N TRP E 706 38.65 71.85 61.44
CA TRP E 706 38.49 71.77 60.00
C TRP E 706 38.07 70.37 59.57
N HIS E 707 38.64 69.34 60.20
CA HIS E 707 38.27 67.98 59.82
C HIS E 707 36.80 67.71 60.06
N ILE E 708 36.20 68.38 61.05
CA ILE E 708 34.75 68.28 61.24
C ILE E 708 34.03 68.89 60.04
N LEU E 709 34.45 70.08 59.61
CA LEU E 709 33.75 70.76 58.53
C LEU E 709 33.80 69.94 57.24
N GLU E 710 34.91 69.26 56.97
CA GLU E 710 34.99 68.45 55.77
C GLU E 710 33.96 67.33 55.80
N LYS E 711 33.80 66.69 56.96
CA LYS E 711 32.79 65.66 57.10
C LYS E 711 31.39 66.26 57.22
N ASN E 712 31.28 67.41 57.88
CA ASN E 712 29.98 68.03 58.10
C ASN E 712 29.39 68.64 56.83
N LEU E 713 30.12 68.62 55.73
CA LEU E 713 29.60 69.09 54.45
C LEU E 713 29.13 67.97 53.55
N LYS E 714 29.48 66.71 53.86
CA LYS E 714 28.97 65.59 53.09
C LYS E 714 27.55 65.24 53.48
N SER E 715 27.16 65.54 54.71
CA SER E 715 25.81 65.27 55.20
C SER E 715 24.91 66.49 55.11
N ALA E 716 25.23 67.44 54.24
CA ALA E 716 24.39 68.62 54.08
C ALA E 716 23.23 68.31 53.12
N SER E 717 22.13 69.00 53.33
CA SER E 717 20.93 68.81 52.51
C SER E 717 20.52 70.05 51.72
N ASN E 718 21.02 71.23 52.07
CA ASN E 718 20.68 72.44 51.35
C ASN E 718 21.69 73.53 51.68
N ILE E 719 21.60 74.65 50.96
CA ILE E 719 22.53 75.74 51.17
C ILE E 719 22.32 76.39 52.53
N ASP E 720 21.08 76.42 53.00
CA ASP E 720 20.83 76.97 54.32
C ASP E 720 21.49 76.16 55.43
N ASP E 721 22.06 74.99 55.12
CA ASP E 721 22.84 74.23 56.07
C ASP E 721 24.35 74.42 55.86
N VAL E 722 24.80 74.45 54.61
CA VAL E 722 26.20 74.74 54.33
C VAL E 722 26.57 76.11 54.88
N LEU E 723 25.67 77.06 54.79
CA LEU E 723 25.87 78.35 55.46
C LEU E 723 25.85 78.22 56.97
N GLY E 724 25.40 77.10 57.51
CA GLY E 724 25.40 76.92 58.95
C GLY E 724 26.65 76.23 59.44
N HIS E 725 27.20 75.34 58.61
CA HIS E 725 28.42 74.64 58.97
C HIS E 725 29.68 75.43 58.67
N HIS E 726 29.57 76.54 57.93
CA HIS E 726 30.74 77.38 57.69
C HIS E 726 30.88 78.43 58.78
N THR E 727 29.86 79.29 58.94
CA THR E 727 29.90 80.24 60.03
C THR E 727 29.83 79.56 61.39
N GLY E 728 29.48 78.28 61.41
CA GLY E 728 29.62 77.48 62.61
C GLY E 728 31.03 76.97 62.85
N PHE E 729 31.88 77.01 61.82
CA PHE E 729 33.30 76.69 61.94
C PHE E 729 34.15 77.90 62.30
N LEU E 730 33.75 79.09 61.87
CA LEU E 730 34.54 80.28 62.19
C LEU E 730 34.30 80.76 63.61
N ASP E 731 33.05 80.83 64.05
CA ASP E 731 32.77 81.28 65.41
C ASP E 731 33.28 80.28 66.45
N THR E 732 33.73 79.10 66.02
CA THR E 732 34.34 78.15 66.93
C THR E 732 35.84 78.34 67.03
N CYS E 733 36.50 78.61 65.90
CA CYS E 733 37.94 78.88 65.93
C CYS E 733 38.25 80.14 66.71
N LEU E 734 37.49 81.21 66.46
CA LEU E 734 37.72 82.46 67.18
C LEU E 734 37.33 82.39 68.65
N LYS E 735 36.80 81.25 69.11
CA LYS E 735 36.52 81.05 70.52
C LYS E 735 37.62 80.25 71.21
N ASP E 736 38.06 79.15 70.61
CA ASP E 736 39.13 78.37 71.21
C ASP E 736 40.47 79.09 71.08
N CYS E 737 40.61 79.95 70.09
CA CYS E 737 41.75 80.85 70.05
C CYS E 737 41.51 82.01 70.99
N MET E 738 42.57 82.75 71.28
CA MET E 738 42.46 83.87 72.21
C MET E 738 41.83 85.11 71.59
N LEU E 739 41.28 85.00 70.38
CA LEU E 739 40.80 86.18 69.67
C LEU E 739 39.58 86.82 70.32
N THR E 740 38.89 86.12 71.21
CA THR E 740 37.73 86.68 71.88
C THR E 740 37.74 86.41 73.37
N LEU E 744 39.86 91.91 77.59
CA LEU E 744 39.94 90.45 77.43
C LEU E 744 41.36 89.96 77.63
N LEU E 745 41.77 89.01 76.80
CA LEU E 745 43.13 88.49 76.83
C LEU E 745 44.07 89.38 76.02
N LYS E 746 44.06 90.68 76.31
CA LYS E 746 44.98 91.60 75.67
C LYS E 746 46.37 91.57 76.29
N VAL E 747 46.54 90.83 77.40
CA VAL E 747 47.87 90.68 77.98
C VAL E 747 48.77 89.87 77.06
N PHE E 748 48.18 89.08 76.15
CA PHE E 748 48.98 88.37 75.17
C PHE E 748 49.73 89.35 74.27
N SER E 749 49.06 90.43 73.87
CA SER E 749 49.70 91.41 73.01
C SER E 749 50.91 92.03 73.71
N LYS E 750 50.76 92.39 74.98
CA LYS E 750 51.88 92.97 75.71
C LYS E 750 52.96 91.94 76.00
N LEU E 751 52.58 90.68 76.17
CA LEU E 751 53.58 89.65 76.44
C LEU E 751 54.50 89.44 75.26
N MET E 752 53.95 89.54 74.04
CA MET E 752 54.76 89.37 72.81
C MET E 752 55.58 90.64 72.57
N SER E 753 55.18 91.75 73.19
CA SER E 753 55.89 93.05 73.04
C SER E 753 57.32 92.93 73.62
N VAL E 754 57.47 92.30 74.78
CA VAL E 754 58.82 92.15 75.39
C VAL E 754 59.69 91.24 74.54
N CYS E 755 59.10 90.20 73.93
CA CYS E 755 59.87 89.22 73.12
C CYS E 755 60.50 89.91 71.90
N VAL E 756 59.76 90.74 71.18
CA VAL E 756 60.33 91.44 69.99
C VAL E 756 61.43 92.41 70.47
N MET E 757 61.22 93.06 71.60
CA MET E 757 62.21 94.01 72.18
C MET E 757 63.49 93.23 72.55
N PHE E 758 63.32 92.03 73.11
CA PHE E 758 64.48 91.19 73.53
C PHE E 758 65.32 90.85 72.30
N THR E 759 64.67 90.49 71.19
CA THR E 759 65.39 90.16 69.92
C THR E 759 66.14 91.42 69.46
N ASN E 760 65.50 92.58 69.55
CA ASN E 760 66.10 93.88 69.13
C ASN E 760 67.40 94.09 69.92
N CYS E 761 67.33 94.02 71.26
CA CYS E 761 68.51 94.23 72.10
C CYS E 761 69.65 93.33 71.65
N MET E 762 69.36 92.05 71.43
CA MET E 762 70.40 91.13 70.97
C MET E 762 70.81 91.40 69.54
N GLN E 763 70.05 92.19 68.80
CA GLN E 763 70.39 92.51 67.41
C GLN E 763 71.45 93.59 67.30
N LYS E 764 71.83 94.23 68.40
CA LYS E 764 72.81 95.32 68.38
C LYS E 764 74.23 94.84 68.65
N PHE E 765 74.47 93.54 68.56
CA PHE E 765 75.78 92.98 68.90
C PHE E 765 76.47 92.40 67.68
N PHE E 818 73.70 96.29 79.08
CA PHE E 818 73.24 95.03 78.48
C PHE E 818 73.18 93.94 79.52
N GLU E 819 74.28 93.77 80.27
CA GLU E 819 74.30 92.75 81.32
C GLU E 819 73.27 93.01 82.39
N ALA E 820 72.82 94.25 82.55
CA ALA E 820 71.87 94.61 83.59
C ALA E 820 70.43 94.70 83.08
N THR E 821 70.21 94.70 81.76
CA THR E 821 68.86 94.77 81.22
C THR E 821 68.28 93.42 80.87
N ILE E 822 69.12 92.41 80.64
CA ILE E 822 68.61 91.07 80.37
C ILE E 822 67.84 90.55 81.58
N ASN E 823 68.35 90.81 82.77
CA ASN E 823 67.66 90.38 83.99
C ASN E 823 66.38 91.17 84.22
N LYS E 824 66.26 92.37 83.67
CA LYS E 824 65.02 93.12 83.79
C LYS E 824 63.92 92.48 82.95
N PHE E 825 64.25 92.09 81.72
CA PHE E 825 63.28 91.43 80.86
C PHE E 825 62.77 90.14 81.50
N ASP E 826 63.63 89.41 82.21
CA ASP E 826 63.21 88.17 82.84
C ASP E 826 62.15 88.45 83.89
N LYS E 827 62.38 89.43 84.76
CA LYS E 827 61.38 89.81 85.75
C LYS E 827 60.14 90.40 85.11
N ASN E 828 60.27 91.01 83.93
CA ASN E 828 59.12 91.58 83.23
C ASN E 828 58.33 90.53 82.48
N PHE E 829 59.03 89.67 81.72
CA PHE E 829 58.33 88.68 80.90
C PHE E 829 57.74 87.56 81.75
N SER E 830 58.47 87.11 82.78
CA SER E 830 57.94 86.05 83.62
C SER E 830 56.74 86.50 84.43
N ALA E 831 56.61 87.82 84.65
CA ALA E 831 55.44 88.32 85.37
C ALA E 831 54.18 88.24 84.51
N HIS E 832 54.31 88.53 83.21
CA HIS E 832 53.16 88.43 82.33
C HIS E 832 52.75 86.98 82.07
N LEU E 833 53.71 86.07 82.06
CA LEU E 833 53.38 84.67 81.80
C LEU E 833 52.61 84.05 82.96
N LEU E 834 52.99 84.39 84.20
CA LEU E 834 52.22 83.93 85.35
C LEU E 834 50.82 84.55 85.38
N ASP E 835 50.60 85.63 84.63
CA ASP E 835 49.24 86.15 84.47
C ASP E 835 48.47 85.37 83.42
N LEU E 836 49.14 84.97 82.33
CA LEU E 836 48.47 84.19 81.29
C LEU E 836 48.05 82.83 81.82
N LEU E 837 48.97 82.14 82.51
CA LEU E 837 48.63 80.84 83.08
C LEU E 837 47.59 80.96 84.19
N ALA E 838 47.44 82.15 84.78
CA ALA E 838 46.44 82.32 85.83
C ALA E 838 45.03 82.37 85.27
N ARG E 839 44.79 83.27 84.31
CA ARG E 839 43.46 83.40 83.73
C ARG E 839 43.08 82.20 82.88
N LEU E 840 44.05 81.53 82.27
CA LEU E 840 43.74 80.36 81.46
C LEU E 840 43.38 79.15 82.32
N SER E 841 43.48 79.27 83.65
CA SER E 841 43.08 78.18 84.52
C SER E 841 41.63 78.30 84.95
N ILE E 842 41.12 79.52 85.13
CA ILE E 842 39.75 79.70 85.58
C ILE E 842 38.79 79.53 84.40
N TYR E 843 38.42 78.29 84.12
CA TYR E 843 37.46 77.99 83.07
C TYR E 843 36.76 76.68 83.42
N SER E 844 35.65 76.42 82.74
CA SER E 844 34.82 75.26 83.03
C SER E 844 35.37 74.01 82.35
N GLY E 851 40.60 72.45 73.99
CA GLY E 851 39.76 73.23 74.88
C GLY E 851 40.47 74.41 75.50
N MET E 852 39.89 74.96 76.57
CA MET E 852 40.49 76.06 77.28
C MET E 852 41.24 75.63 78.53
N ALA E 853 41.08 74.38 78.97
CA ALA E 853 41.82 73.87 80.11
C ALA E 853 43.04 73.06 79.71
N SER E 854 43.04 72.46 78.52
CA SER E 854 44.18 71.69 78.05
C SER E 854 45.34 72.56 77.59
N VAL E 855 45.18 73.88 77.58
CA VAL E 855 46.27 74.74 77.17
C VAL E 855 47.39 74.74 78.20
N ILE E 856 47.04 74.60 79.49
CA ILE E 856 48.06 74.58 80.53
C ILE E 856 48.97 73.37 80.36
N SER E 857 48.40 72.24 79.97
CA SER E 857 49.21 71.07 79.67
C SER E 857 50.03 71.25 78.41
N ARG E 858 49.75 72.29 77.62
CA ARG E 858 50.59 72.62 76.48
C ARG E 858 51.63 73.67 76.83
N LEU E 859 51.36 74.53 77.81
CA LEU E 859 52.37 75.47 78.27
C LEU E 859 53.37 74.79 79.20
N ASP E 860 52.86 74.10 80.21
CA ASP E 860 53.68 73.38 81.16
C ASP E 860 53.61 71.88 80.88
N PHE E 861 54.68 71.20 81.12
CA PHE E 861 54.73 69.75 81.13
C PHE E 861 55.43 69.20 82.36
N ASN E 862 56.31 69.98 82.98
CA ASN E 862 57.21 69.50 84.03
C ASN E 862 56.74 69.88 85.43
N GLY E 863 55.53 70.37 85.58
CA GLY E 863 55.10 70.92 86.84
C GLY E 863 55.68 72.29 87.13
N PHE E 864 56.42 72.88 86.20
CA PHE E 864 56.94 74.22 86.38
C PHE E 864 55.81 75.23 86.45
N TYR E 865 56.15 76.47 86.79
CA TYR E 865 55.17 77.54 86.95
C TYR E 865 54.08 77.14 87.93
N THR E 866 54.44 76.28 88.89
CA THR E 866 53.48 75.79 89.88
C THR E 866 53.17 76.81 90.96
N GLU E 867 53.71 78.01 90.86
CA GLU E 867 53.48 79.05 91.86
C GLU E 867 52.27 79.89 91.47
N ILE F 245 -48.22 90.94 20.61
CA ILE F 245 -47.06 90.34 19.90
C ILE F 245 -46.74 88.99 20.55
N THR F 246 -46.83 87.90 19.77
CA THR F 246 -46.57 86.53 20.27
C THR F 246 -45.07 86.32 20.53
N GLU F 247 -44.74 85.39 21.43
CA GLU F 247 -43.33 85.05 21.80
C GLU F 247 -42.60 84.47 20.57
N ALA F 248 -43.32 83.69 19.75
CA ALA F 248 -42.77 83.04 18.55
C ALA F 248 -42.26 84.11 17.57
N ALA F 249 -42.99 85.22 17.44
CA ALA F 249 -42.59 86.32 16.53
C ALA F 249 -41.22 86.88 16.95
N LEU F 250 -41.00 87.02 18.26
CA LEU F 250 -39.69 87.51 18.78
C LEU F 250 -38.59 86.51 18.38
N VAL F 251 -38.89 85.21 18.49
CA VAL F 251 -37.90 84.13 18.16
C VAL F 251 -37.59 84.18 16.66
N ARG F 252 -38.48 84.77 15.85
CA ARG F 252 -38.27 84.89 14.42
C ARG F 252 -37.31 86.02 14.10
N ASP F 253 -37.45 87.15 14.78
CA ASP F 253 -36.59 88.30 14.50
C ASP F 253 -35.22 88.13 15.14
N ILE F 254 -35.16 87.54 16.33
CA ILE F 254 -33.87 87.38 17.01
C ILE F 254 -32.92 86.56 16.16
N LEU F 255 -33.42 85.52 15.51
CA LEU F 255 -32.55 84.70 14.66
C LEU F 255 -31.96 85.49 13.50
N TYR F 256 -32.43 86.70 13.26
CA TYR F 256 -31.80 87.60 12.29
C TYR F 256 -30.89 88.61 12.95
N VAL F 257 -31.25 89.12 14.12
CA VAL F 257 -30.42 90.09 14.80
C VAL F 257 -29.08 89.48 15.17
N PHE F 258 -29.00 88.16 15.23
CA PHE F 258 -27.72 87.50 15.45
C PHE F 258 -26.74 87.72 14.32
N GLN F 259 -27.19 88.30 13.20
CA GLN F 259 -26.34 88.53 12.04
C GLN F 259 -26.12 89.99 11.71
N GLY F 260 -27.02 90.88 12.10
CA GLY F 260 -26.91 92.27 11.73
C GLY F 260 -28.18 92.77 11.08
N ILE F 261 -28.94 91.86 10.48
CA ILE F 261 -30.18 92.22 9.81
C ILE F 261 -31.28 92.35 10.86
N ASP F 262 -31.83 93.54 10.99
CA ASP F 262 -32.96 93.75 11.88
C ASP F 262 -34.18 92.98 11.41
N ASN F 265 -39.48 93.79 14.50
CA ASN F 265 -39.66 94.57 15.71
C ASN F 265 -38.33 95.07 16.25
N ILE F 266 -37.33 94.20 16.28
CA ILE F 266 -36.01 94.56 16.78
C ILE F 266 -35.26 95.33 15.71
N LYS F 267 -34.85 96.55 16.02
CA LYS F 267 -34.11 97.39 15.09
C LYS F 267 -32.83 97.85 15.74
N MET F 268 -32.00 98.55 14.96
CA MET F 268 -30.72 99.06 15.46
C MET F 268 -30.95 100.22 16.42
N ASN F 273 -25.91 102.17 20.98
CA ASN F 273 -25.86 101.32 19.80
C ASN F 273 -26.68 100.05 19.99
N CYS F 274 -27.24 99.91 21.19
CA CYS F 274 -28.04 98.72 21.60
C CYS F 274 -29.24 98.50 20.67
N TYR F 275 -29.59 97.23 20.42
CA TYR F 275 -30.71 96.88 19.56
C TYR F 275 -32.00 97.16 20.33
N LYS F 276 -32.43 98.41 20.28
CA LYS F 276 -33.63 98.84 20.99
C LYS F 276 -34.85 98.22 20.33
N VAL F 277 -35.64 97.49 21.12
CA VAL F 277 -36.83 96.83 20.64
C VAL F 277 -38.04 97.73 20.89
N GLU F 278 -38.95 97.78 19.93
CA GLU F 278 -40.14 98.59 20.07
C GLU F 278 -41.38 97.81 19.62
N ASN F 282 -48.10 96.88 23.23
CA ASN F 282 -46.85 96.20 22.90
C ASN F 282 -46.73 94.88 23.64
N LEU F 283 -45.52 94.59 24.13
CA LEU F 283 -45.22 93.33 24.80
C LEU F 283 -44.90 93.55 26.27
N SER F 284 -44.82 92.45 27.00
CA SER F 284 -44.61 92.50 28.44
C SER F 284 -43.13 92.73 28.76
N ARG F 285 -42.87 93.31 29.94
CA ARG F 285 -41.52 93.66 30.30
C ARG F 285 -40.62 92.43 30.40
N SER F 286 -41.19 91.29 30.78
CA SER F 286 -40.38 90.08 30.90
C SER F 286 -39.77 89.65 29.57
N LEU F 287 -40.35 90.13 28.47
CA LEU F 287 -39.88 89.75 27.11
C LEU F 287 -38.82 90.74 26.60
N ARG F 288 -39.08 92.05 26.76
CA ARG F 288 -38.15 93.05 26.24
C ARG F 288 -36.77 92.90 26.85
N ASP F 289 -36.70 92.57 28.14
CA ASP F 289 -35.40 92.49 28.80
C ASP F 289 -34.54 91.37 28.22
N THR F 290 -35.13 90.19 28.06
CA THR F 290 -34.34 89.07 27.54
C THR F 290 -33.98 89.28 26.08
N ALA F 291 -34.83 89.97 25.32
CA ALA F 291 -34.50 90.27 23.93
C ALA F 291 -33.28 91.19 23.85
N VAL F 292 -33.29 92.24 24.67
CA VAL F 292 -32.17 93.23 24.70
C VAL F 292 -30.91 92.52 25.18
N ARG F 293 -31.06 91.58 26.12
CA ARG F 293 -29.91 90.83 26.68
C ARG F 293 -29.69 89.55 25.85
N LEU F 294 -30.56 89.32 24.87
CA LEU F 294 -30.45 88.11 24.00
C LEU F 294 -29.93 88.52 22.62
N SER F 295 -30.21 89.76 22.20
CA SER F 295 -29.76 90.27 20.88
C SER F 295 -28.43 91.02 21.04
N GLU F 296 -27.45 90.39 21.69
CA GLU F 296 -26.12 91.01 21.89
C GLU F 296 -25.10 90.32 20.96
N LEU F 297 -25.41 89.09 20.55
CA LEU F 297 -24.52 88.32 19.64
C LEU F 297 -24.45 89.06 18.30
N GLY F 298 -25.60 89.57 17.82
CA GLY F 298 -25.66 90.31 16.55
C GLY F 298 -24.81 91.56 16.60
N TRP F 299 -24.87 92.31 17.69
CA TRP F 299 -24.06 93.56 17.85
C TRP F 299 -22.57 93.17 17.81
N LEU F 300 -22.22 92.10 18.53
CA LEU F 300 -20.81 91.60 18.56
C LEU F 300 -20.44 91.13 17.15
N HIS F 301 -21.39 90.45 16.48
CA HIS F 301 -21.17 89.92 15.11
C HIS F 301 -20.91 91.07 14.14
N ASN F 302 -21.65 92.18 14.28
CA ASN F 302 -21.46 93.35 13.39
C ASN F 302 -20.04 93.90 13.59
N LYS F 303 -19.60 93.98 14.84
CA LYS F 303 -18.24 94.51 15.18
C LYS F 303 -17.16 93.61 14.58
N ILE F 304 -17.33 92.28 14.67
CA ILE F 304 -16.30 91.33 14.14
C ILE F 304 -16.47 91.18 12.63
N ARG F 305 -17.46 91.84 12.03
CA ARG F 305 -17.65 91.74 10.59
C ARG F 305 -17.12 92.97 9.87
N ARG F 306 -17.23 94.15 10.48
CA ARG F 306 -16.76 95.36 9.82
C ARG F 306 -15.26 95.32 9.61
N TYR F 307 -14.51 94.78 10.56
CA TYR F 307 -13.06 94.72 10.41
C TYR F 307 -12.67 93.78 9.29
N THR F 308 -13.26 92.58 9.26
CA THR F 308 -12.94 91.62 8.21
C THR F 308 -13.56 91.98 6.88
N ASP F 309 -14.14 93.17 6.76
CA ASP F 309 -14.67 93.68 5.51
C ASP F 309 -14.05 95.00 5.11
N GLN F 310 -13.72 95.85 6.08
CA GLN F 310 -13.03 97.10 5.77
C GLN F 310 -11.58 96.84 5.39
N ARG F 311 -10.92 95.90 6.06
CA ARG F 311 -9.53 95.60 5.77
C ARG F 311 -9.35 94.55 4.68
N SER F 312 -10.42 93.87 4.27
CA SER F 312 -10.38 93.02 3.09
C SER F 312 -10.58 93.81 1.81
N LEU F 313 -10.53 95.14 1.91
CA LEU F 313 -10.73 96.03 0.77
C LEU F 313 -9.42 96.63 0.29
N ASP F 314 -8.69 97.30 1.17
CA ASP F 314 -7.41 97.90 0.80
C ASP F 314 -6.36 96.81 0.65
N ARG F 315 -5.46 97.00 -0.32
CA ARG F 315 -4.40 96.05 -0.59
C ARG F 315 -3.09 96.41 0.09
N SER F 316 -3.13 97.31 1.06
CA SER F 316 -1.93 97.74 1.78
C SER F 316 -1.99 97.35 3.24
N PHE F 317 -2.52 96.15 3.52
CA PHE F 317 -2.55 95.63 4.87
C PHE F 317 -1.47 94.60 5.14
N GLY F 318 -0.79 94.11 4.11
CA GLY F 318 0.34 93.24 4.31
C GLY F 318 0.01 91.78 4.08
N LEU F 319 0.95 90.94 4.50
CA LEU F 319 0.81 89.49 4.42
C LEU F 319 0.37 88.86 5.73
N VAL F 320 0.72 89.44 6.86
CA VAL F 320 0.20 88.96 8.14
C VAL F 320 -1.23 89.40 8.33
N GLY F 321 -1.54 90.66 8.00
CA GLY F 321 -2.90 91.15 8.14
C GLY F 321 -3.92 90.45 7.28
N GLN F 322 -3.48 89.55 6.40
CA GLN F 322 -4.40 88.70 5.65
C GLN F 322 -4.66 87.40 6.38
N SER F 323 -3.61 86.70 6.79
CA SER F 323 -3.78 85.48 7.55
C SER F 323 -4.52 85.72 8.86
N PHE F 324 -4.55 86.95 9.34
CA PHE F 324 -5.43 87.27 10.46
C PHE F 324 -6.85 87.54 9.97
N CYS F 325 -6.99 88.38 8.94
CA CYS F 325 -8.32 88.65 8.40
C CYS F 325 -8.90 87.45 7.68
N ALA F 326 -8.09 86.45 7.37
CA ALA F 326 -8.58 85.19 6.83
C ALA F 326 -8.52 84.06 7.84
N ALA F 327 -8.29 84.37 9.11
CA ALA F 327 -8.52 83.45 10.21
C ALA F 327 -9.66 83.90 11.11
N LEU F 328 -10.18 85.10 10.90
CA LEU F 328 -11.44 85.50 11.51
C LEU F 328 -12.63 85.00 10.72
N HIS F 329 -12.42 84.25 9.64
CA HIS F 329 -13.52 83.68 8.88
C HIS F 329 -13.78 82.22 9.20
N GLN F 330 -12.72 81.42 9.40
CA GLN F 330 -12.93 80.06 9.87
C GLN F 330 -13.58 80.04 11.24
N GLU F 331 -13.42 81.10 12.04
CA GLU F 331 -14.13 81.25 13.30
C GLU F 331 -15.44 82.00 13.12
N LEU F 332 -15.90 82.15 11.88
CA LEU F 332 -17.22 82.69 11.61
C LEU F 332 -18.12 81.73 10.83
N ARG F 333 -17.56 80.87 9.98
CA ARG F 333 -18.39 79.86 9.36
C ARG F 333 -19.06 79.00 10.42
N GLU F 334 -18.33 78.66 11.48
CA GLU F 334 -18.93 77.89 12.56
C GLU F 334 -20.08 78.66 13.20
N TYR F 335 -19.90 79.97 13.40
CA TYR F 335 -21.01 80.77 13.89
C TYR F 335 -22.14 80.84 12.89
N TYR F 336 -21.89 80.50 11.63
CA TYR F 336 -22.96 80.38 10.66
C TYR F 336 -23.54 78.99 10.60
N ARG F 337 -22.85 78.00 11.16
CA ARG F 337 -23.43 76.68 11.30
C ARG F 337 -24.40 76.63 12.46
N LEU F 338 -24.07 77.31 13.55
CA LEU F 338 -24.99 77.35 14.69
C LEU F 338 -26.29 78.02 14.30
N LEU F 339 -26.23 79.13 13.57
CA LEU F 339 -27.46 79.79 13.14
C LEU F 339 -28.25 78.91 12.20
N SER F 340 -27.59 78.00 11.48
CA SER F 340 -28.31 77.04 10.66
C SER F 340 -29.16 76.13 11.52
N VAL F 341 -28.55 75.49 12.52
CA VAL F 341 -29.26 74.55 13.37
C VAL F 341 -30.42 75.23 14.10
N LEU F 342 -30.16 76.41 14.66
CA LEU F 342 -31.21 77.10 15.41
C LEU F 342 -32.41 77.43 14.54
N HIS F 343 -32.21 77.64 13.25
CA HIS F 343 -33.34 78.01 12.41
C HIS F 343 -34.20 76.81 12.04
N SER F 344 -33.62 75.61 12.01
CA SER F 344 -34.40 74.44 11.64
C SER F 344 -35.42 74.08 12.71
N GLN F 345 -35.17 74.45 13.95
CA GLN F 345 -36.07 74.13 15.05
C GLN F 345 -37.13 75.20 15.27
N LEU F 346 -37.03 76.35 14.62
CA LEU F 346 -38.03 77.38 14.80
C LEU F 346 -39.38 76.98 14.22
N GLN F 347 -39.41 76.03 13.30
CA GLN F 347 -40.64 75.57 12.67
C GLN F 347 -41.67 75.10 13.69
N SER F 361 -39.49 72.71 19.13
CA SER F 361 -39.80 74.08 19.51
C SER F 361 -38.75 74.63 20.46
N LEU F 362 -38.39 75.91 20.28
CA LEU F 362 -37.47 76.58 21.17
C LEU F 362 -38.06 77.93 21.54
N THR F 363 -37.75 78.38 22.76
CA THR F 363 -38.27 79.68 23.28
C THR F 363 -37.09 80.56 23.71
N LEU F 364 -37.39 81.74 24.26
CA LEU F 364 -36.35 82.70 24.72
C LEU F 364 -35.47 82.03 25.79
N ARG F 365 -36.09 81.55 26.87
CA ARG F 365 -35.33 80.92 27.96
C ARG F 365 -34.58 79.70 27.49
N ARG F 366 -34.95 79.12 26.35
CA ARG F 366 -34.20 78.01 25.78
C ARG F 366 -33.02 78.49 24.94
N LEU F 367 -33.09 79.71 24.41
CA LEU F 367 -31.95 80.23 23.66
C LEU F 367 -30.78 80.53 24.58
N LEU F 368 -31.04 81.07 25.77
CA LEU F 368 -29.97 81.51 26.66
C LEU F 368 -28.96 80.42 26.91
N VAL F 369 -29.41 79.17 27.05
CA VAL F 369 -28.45 78.09 27.23
C VAL F 369 -27.80 77.70 25.91
N TRP F 370 -28.54 77.79 24.81
CA TRP F 370 -27.98 77.45 23.50
C TRP F 370 -26.85 78.40 23.14
N THR F 371 -27.07 79.70 23.36
CA THR F 371 -26.11 80.73 22.97
C THR F 371 -25.39 81.34 24.16
N TYR F 372 -25.09 80.54 25.18
CA TYR F 372 -24.30 81.03 26.28
C TYR F 372 -22.81 80.91 26.02
N ASP F 373 -22.39 79.92 25.24
CA ASP F 373 -20.99 79.79 24.89
C ASP F 373 -20.58 80.73 23.76
N PRO F 374 -21.36 80.86 22.68
CA PRO F 374 -20.94 81.79 21.61
C PRO F 374 -21.18 83.25 21.95
N LYS F 375 -21.34 83.50 23.26
CA LYS F 375 -21.45 84.88 23.80
C LYS F 375 -20.07 85.23 24.36
N ILE F 376 -19.18 84.22 24.40
CA ILE F 376 -17.82 84.40 24.87
C ILE F 376 -16.83 84.45 23.72
N ARG F 377 -16.93 83.50 22.78
CA ARG F 377 -16.08 83.55 21.61
C ARG F 377 -16.34 84.81 20.81
N LEU F 378 -17.62 85.21 20.75
CA LEU F 378 -18.03 86.46 20.05
C LEU F 378 -17.67 87.65 20.94
N LYS F 379 -16.99 87.39 22.06
CA LYS F 379 -16.57 88.45 23.02
C LYS F 379 -15.05 88.65 22.86
N THR F 380 -14.29 87.54 22.87
CA THR F 380 -12.85 87.64 22.70
C THR F 380 -12.50 88.18 21.33
N LEU F 381 -13.15 87.65 20.29
CA LEU F 381 -12.87 88.11 18.93
C LEU F 381 -13.30 89.55 18.73
N ALA F 382 -14.43 89.92 19.33
CA ALA F 382 -14.94 91.31 19.22
C ALA F 382 -14.01 92.28 19.97
N ALA F 383 -13.20 91.75 20.89
CA ALA F 383 -12.26 92.56 21.66
C ALA F 383 -10.82 92.24 21.31
N LEU F 384 -10.58 91.32 20.38
CA LEU F 384 -9.26 91.08 19.85
C LEU F 384 -8.97 91.94 18.62
N VAL F 385 -10.00 92.38 17.91
CA VAL F 385 -9.83 93.25 16.75
C VAL F 385 -9.77 94.73 17.11
N ASP F 386 -10.01 95.08 18.37
CA ASP F 386 -9.81 96.47 18.78
C ASP F 386 -8.45 96.70 19.41
N HIS F 387 -7.90 95.65 20.04
CA HIS F 387 -6.55 95.76 20.67
C HIS F 387 -5.49 95.94 19.59
N CYS F 388 -5.75 95.39 18.39
CA CYS F 388 -4.82 95.48 17.27
C CYS F 388 -5.55 96.16 16.11
N GLN F 389 -5.53 97.48 16.12
CA GLN F 389 -6.23 98.27 15.10
C GLN F 389 -5.27 98.74 14.00
N GLY F 390 -4.26 99.50 14.36
CA GLY F 390 -3.32 100.01 13.38
C GLY F 390 -2.07 99.20 13.19
N ARG F 391 -2.04 97.96 13.68
CA ARG F 391 -0.84 97.15 13.60
C ARG F 391 -0.85 96.35 12.30
N LYS F 392 0.23 96.47 11.53
CA LYS F 392 0.40 95.71 10.31
C LYS F 392 1.73 94.99 10.35
N GLY F 393 1.83 93.93 9.55
CA GLY F 393 3.07 93.18 9.57
C GLY F 393 3.26 92.43 10.89
N GLY F 394 4.51 92.28 11.29
CA GLY F 394 4.81 91.52 12.49
C GLY F 394 4.28 92.15 13.76
N GLU F 395 4.14 93.47 13.76
CA GLU F 395 3.62 94.17 14.94
C GLU F 395 2.20 93.75 15.27
N LEU F 396 1.49 93.14 14.32
CA LEU F 396 0.18 92.57 14.60
C LEU F 396 0.30 91.16 15.18
N ALA F 397 1.26 90.38 14.69
CA ALA F 397 1.51 89.07 15.27
C ALA F 397 2.11 89.14 16.66
N SER F 398 2.36 90.37 17.13
CA SER F 398 2.92 90.60 18.49
C SER F 398 1.77 90.79 19.49
N ALA F 399 0.68 91.44 19.05
CA ALA F 399 -0.50 91.72 19.90
C ALA F 399 -1.16 90.42 20.38
N VAL F 400 -1.26 89.41 19.50
CA VAL F 400 -1.91 88.11 19.84
C VAL F 400 -1.15 87.44 20.99
N HIS F 401 0.18 87.53 21.00
CA HIS F 401 1.02 86.91 22.05
C HIS F 401 0.67 87.49 23.43
N ALA F 402 0.40 88.79 23.49
CA ALA F 402 0.04 89.48 24.75
C ALA F 402 -1.26 88.89 25.31
N TYR F 403 -2.21 88.58 24.43
CA TYR F 403 -3.54 88.00 24.79
C TYR F 403 -3.41 86.61 25.43
N THR F 404 -2.37 85.85 25.06
CA THR F 404 -2.14 84.48 25.59
C THR F 404 -1.99 84.52 27.11
N LYS F 405 -1.30 85.53 27.65
CA LYS F 405 -1.13 85.66 29.12
C LYS F 405 -2.49 86.00 29.75
N THR F 406 -3.42 85.04 29.78
CA THR F 406 -4.75 85.24 30.33
C THR F 406 -5.15 84.15 31.32
N GLY F 407 -4.68 82.93 31.11
CA GLY F 407 -4.92 81.87 32.06
C GLY F 407 -6.25 81.15 31.90
N ASP F 408 -7.29 81.88 31.53
CA ASP F 408 -8.60 81.30 31.26
C ASP F 408 -8.47 80.18 30.26
N PRO F 409 -8.71 78.92 30.66
CA PRO F 409 -8.40 77.80 29.78
C PRO F 409 -9.21 77.77 28.50
N TYR F 410 -10.30 78.52 28.43
CA TYR F 410 -11.12 78.57 27.23
C TYR F 410 -10.63 79.64 26.26
N MET F 411 -10.10 80.75 26.75
CA MET F 411 -9.57 81.77 25.87
C MET F 411 -8.14 81.48 25.47
N ARG F 412 -7.29 81.08 26.41
CA ARG F 412 -5.90 80.78 26.09
C ARG F 412 -5.76 79.63 25.10
N SER F 413 -6.87 78.91 24.90
CA SER F 413 -6.89 77.74 23.96
C SER F 413 -7.43 78.19 22.60
N LEU F 414 -8.10 79.35 22.56
CA LEU F 414 -8.63 79.91 21.33
C LEU F 414 -7.64 80.86 20.66
N VAL F 415 -7.17 81.87 21.41
CA VAL F 415 -6.20 82.80 20.86
C VAL F 415 -4.90 82.10 20.53
N GLN F 416 -4.51 81.09 21.31
CA GLN F 416 -3.30 80.37 20.97
C GLN F 416 -3.46 79.52 19.73
N HIS F 417 -4.59 79.58 19.05
CA HIS F 417 -4.76 79.00 17.73
C HIS F 417 -4.70 80.04 16.63
N ILE F 418 -5.32 81.20 16.83
CA ILE F 418 -5.19 82.29 15.88
C ILE F 418 -3.73 82.73 15.77
N LEU F 419 -2.98 82.64 16.86
CA LEU F 419 -1.56 82.91 16.78
C LEU F 419 -0.85 81.91 15.90
N SER F 420 -1.32 80.66 15.88
CA SER F 420 -0.66 79.66 15.06
C SER F 420 -0.94 79.83 13.57
N LEU F 421 -1.90 80.66 13.21
CA LEU F 421 -2.13 81.03 11.82
C LEU F 421 -1.50 82.37 11.46
N VAL F 422 -1.60 83.35 12.34
CA VAL F 422 -1.03 84.67 12.08
C VAL F 422 0.48 84.61 12.02
N SER F 423 1.10 83.76 12.82
CA SER F 423 2.55 83.64 12.84
C SER F 423 3.07 82.65 11.81
N HIS F 424 2.25 82.26 10.84
CA HIS F 424 2.78 81.42 9.77
C HIS F 424 3.48 82.26 8.71
N PRO F 425 2.94 83.39 8.26
CA PRO F 425 3.72 84.22 7.32
C PRO F 425 5.02 84.73 7.92
N VAL F 426 5.03 85.10 9.21
CA VAL F 426 6.27 85.55 9.83
C VAL F 426 7.32 84.45 9.77
N LEU F 427 6.94 83.25 10.16
CA LEU F 427 7.90 82.15 10.00
C LEU F 427 8.07 81.72 8.58
N SER F 428 7.51 82.42 7.60
CA SER F 428 7.83 82.15 6.21
C SER F 428 8.97 83.02 5.72
N PHE F 429 9.01 84.29 6.13
CA PHE F 429 10.18 85.10 5.83
C PHE F 429 11.41 84.57 6.55
N LEU F 430 11.25 84.20 7.83
CA LEU F 430 12.37 83.77 8.64
C LEU F 430 13.05 82.55 8.04
N TYR F 431 12.26 81.54 7.66
CA TYR F 431 12.86 80.38 7.02
C TYR F 431 13.34 80.67 5.61
N ARG F 432 13.10 81.87 5.10
CA ARG F 432 13.62 82.30 3.81
C ARG F 432 14.89 83.13 3.95
N TRP F 433 14.88 84.03 4.94
CA TRP F 433 16.01 84.96 5.24
C TRP F 433 17.10 84.26 6.06
N ILE F 434 16.97 82.96 6.31
CA ILE F 434 17.98 82.21 7.04
C ILE F 434 18.68 81.19 6.15
N TYR F 435 17.93 80.46 5.33
CA TYR F 435 18.52 79.42 4.51
C TYR F 435 18.88 79.89 3.11
N ASP F 436 18.27 80.98 2.64
CA ASP F 436 18.54 81.50 1.30
C ASP F 436 18.97 82.96 1.29
N GLY F 437 18.68 83.73 2.34
CA GLY F 437 19.13 85.10 2.40
C GLY F 437 18.51 86.01 1.36
N GLU F 438 17.32 85.67 0.88
CA GLU F 438 16.62 86.46 -0.13
C GLU F 438 15.31 86.99 0.48
N LEU F 439 15.39 88.11 1.17
CA LEU F 439 14.19 88.70 1.74
C LEU F 439 13.44 89.44 0.64
N GLU F 440 12.12 89.31 0.65
CA GLU F 440 11.29 89.95 -0.36
C GLU F 440 9.95 90.27 0.29
N ASP F 441 9.70 91.57 0.51
CA ASP F 441 8.42 92.01 1.06
C ASP F 441 8.21 93.45 0.59
N THR F 442 7.37 93.62 -0.43
CA THR F 442 7.08 94.97 -0.92
C THR F 442 6.56 95.84 0.22
N TYR F 443 5.67 95.29 1.04
CA TYR F 443 5.28 95.93 2.28
C TYR F 443 6.30 95.61 3.35
N HIS F 444 6.62 96.59 4.18
CA HIS F 444 7.67 96.43 5.18
C HIS F 444 7.08 95.73 6.39
N GLU F 445 7.31 94.42 6.47
CA GLU F 445 6.84 93.60 7.58
C GLU F 445 7.99 92.97 8.36
N PHE F 446 8.88 92.27 7.69
CA PHE F 446 10.01 91.64 8.33
C PHE F 446 10.85 92.69 9.07
N PHE F 447 11.45 92.27 10.18
CA PHE F 447 12.23 93.20 10.99
C PHE F 447 13.63 93.43 10.46
N VAL F 448 13.93 92.83 9.30
CA VAL F 448 15.24 93.01 8.61
C VAL F 448 14.98 93.96 7.42
N ALA F 449 15.34 95.24 7.57
CA ALA F 449 15.10 96.23 6.50
C ALA F 449 16.36 96.40 5.65
N SER F 450 16.24 96.22 4.33
CA SER F 450 17.38 96.35 3.41
C SER F 450 17.49 97.80 2.91
N ASP F 451 18.67 98.19 2.43
CA ASP F 451 18.90 99.53 1.90
C ASP F 451 19.37 99.38 0.46
N PRO F 452 18.64 99.94 -0.52
CA PRO F 452 19.02 99.85 -1.94
C PRO F 452 20.39 100.43 -2.24
N LEU F 459 29.47 95.75 2.54
CA LEU F 459 28.18 95.01 2.55
C LEU F 459 27.88 94.53 3.98
N TRP F 460 28.71 94.94 4.94
CA TRP F 460 28.53 94.54 6.33
C TRP F 460 28.05 95.70 7.19
N HIS F 461 28.66 96.88 7.03
CA HIS F 461 28.35 97.98 7.92
C HIS F 461 26.97 98.55 7.66
N ASP F 462 26.56 98.54 6.38
CA ASP F 462 25.25 99.11 5.98
C ASP F 462 24.44 98.08 5.18
N LYS F 463 23.21 98.48 4.81
CA LYS F 463 22.18 97.75 3.99
C LYS F 463 21.38 96.77 4.87
N TYR F 464 21.71 96.65 6.15
CA TYR F 464 20.95 95.77 7.08
C TYR F 464 20.62 96.54 8.35
N THR F 465 19.34 96.64 8.70
CA THR F 465 18.92 97.37 9.93
C THR F 465 17.95 96.52 10.74
N LEU F 466 18.21 96.39 12.05
CA LEU F 466 17.29 95.62 12.95
C LEU F 466 16.10 96.53 13.26
N ARG F 467 14.91 96.22 12.74
CA ARG F 467 13.76 97.08 12.94
C ARG F 467 13.22 96.83 14.34
N LYS F 468 13.38 97.81 15.24
CA LYS F 468 12.94 97.64 16.60
C LYS F 468 11.43 97.54 16.73
N SER F 469 10.69 97.94 15.69
CA SER F 469 9.24 98.03 15.81
C SER F 469 8.52 96.75 15.42
N MET F 470 9.02 96.03 14.42
CA MET F 470 8.34 94.87 13.89
C MET F 470 8.98 93.56 14.35
N ILE F 471 9.45 93.52 15.59
CA ILE F 471 9.93 92.27 16.18
C ILE F 471 8.77 91.64 16.94
N PRO F 472 8.43 90.39 16.66
CA PRO F 472 7.34 89.75 17.39
C PRO F 472 7.70 89.58 18.86
N SER F 473 6.68 89.61 19.72
CA SER F 473 6.95 89.49 21.15
C SER F 473 7.52 88.14 21.49
N PHE F 474 7.17 87.08 20.76
CA PHE F 474 7.64 85.75 21.08
C PHE F 474 9.04 85.46 20.55
N MET F 475 9.83 86.49 20.25
CA MET F 475 11.25 86.32 19.97
C MET F 475 12.01 87.32 20.81
N THR F 476 12.91 86.83 21.66
CA THR F 476 13.69 87.70 22.52
C THR F 476 14.64 88.56 21.69
N MET F 477 14.97 89.74 22.24
CA MET F 477 15.75 90.72 21.51
C MET F 477 17.11 90.19 21.10
N ASP F 478 17.64 89.19 21.81
CA ASP F 478 18.91 88.60 21.40
C ASP F 478 18.74 87.64 20.23
N GLN F 479 17.63 86.89 20.20
CA GLN F 479 17.39 86.00 19.08
C GLN F 479 17.23 86.76 17.78
N SER F 480 16.78 88.00 17.84
CA SER F 480 16.61 88.80 16.63
C SER F 480 17.93 89.29 16.06
N ARG F 481 19.03 89.18 16.79
CA ARG F 481 20.34 89.53 16.27
C ARG F 481 21.11 88.32 15.78
N LYS F 482 20.57 87.12 15.96
CA LYS F 482 21.18 85.94 15.37
C LYS F 482 20.58 85.62 14.01
N VAL F 483 19.40 86.14 13.69
CA VAL F 483 18.86 85.96 12.35
C VAL F 483 19.42 87.01 11.41
N LEU F 484 19.57 88.25 11.90
CA LEU F 484 20.11 89.37 11.09
C LEU F 484 21.57 89.07 10.78
N LEU F 485 22.17 88.18 11.58
CA LEU F 485 23.54 87.78 11.34
C LEU F 485 23.67 86.52 10.48
N ILE F 486 22.65 85.66 10.48
CA ILE F 486 22.69 84.51 9.59
C ILE F 486 22.25 84.92 8.18
N GLY F 487 21.31 85.85 8.09
CA GLY F 487 20.92 86.34 6.78
C GLY F 487 22.05 87.10 6.11
N LYS F 488 22.69 87.98 6.88
CA LYS F 488 23.83 88.79 6.38
C LYS F 488 24.99 87.86 5.98
N SER F 489 25.20 86.78 6.74
CA SER F 489 26.32 85.88 6.47
C SER F 489 26.14 85.13 5.16
N ILE F 490 24.89 84.91 4.73
CA ILE F 490 24.65 84.19 3.49
C ILE F 490 24.52 85.15 2.31
N ASN F 491 23.93 86.32 2.56
CA ASN F 491 23.79 87.35 1.50
C ASN F 491 25.19 87.81 1.08
N PHE F 492 26.09 87.99 2.06
CA PHE F 492 27.45 88.42 1.78
C PHE F 492 28.30 87.29 1.20
N LEU F 493 27.95 86.04 1.51
CA LEU F 493 28.68 84.92 0.95
C LEU F 493 28.44 84.76 -0.54
N HIS F 494 27.32 85.27 -1.06
CA HIS F 494 27.00 85.12 -2.47
C HIS F 494 27.58 86.24 -3.31
N GLN F 495 27.30 87.49 -2.95
CA GLN F 495 27.66 88.61 -3.81
C GLN F 495 29.16 88.89 -3.78
N VAL F 496 29.69 89.25 -2.62
CA VAL F 496 31.08 89.70 -2.55
C VAL F 496 32.04 88.53 -2.61
N CYS F 497 31.83 87.51 -1.77
CA CYS F 497 32.72 86.37 -1.76
C CYS F 497 32.66 85.57 -3.06
N HIS F 498 31.61 85.77 -3.86
CA HIS F 498 31.46 85.12 -5.17
C HIS F 498 31.46 83.60 -5.02
N ASP F 499 30.43 83.10 -4.33
CA ASP F 499 30.27 81.68 -4.11
C ASP F 499 28.79 81.37 -3.96
N GLN F 500 28.38 80.19 -4.44
CA GLN F 500 27.01 79.74 -4.31
C GLN F 500 26.99 78.31 -3.83
N THR F 501 25.93 77.97 -3.08
CA THR F 501 25.78 76.63 -2.52
C THR F 501 24.85 75.79 -3.38
N GLU F 527 9.01 78.04 21.91
CA GLU F 527 9.42 76.68 21.57
C GLU F 527 10.88 76.44 21.94
N ASN F 528 11.28 75.18 21.91
CA ASN F 528 12.68 74.81 22.11
C ASN F 528 13.35 74.27 20.86
N ALA F 529 12.61 73.55 20.01
CA ALA F 529 13.16 73.15 18.72
C ALA F 529 13.38 74.35 17.81
N PHE F 530 12.68 75.46 18.05
CA PHE F 530 12.91 76.66 17.26
C PHE F 530 14.23 77.31 17.62
N GLN F 531 14.54 77.38 18.92
CA GLN F 531 15.83 77.93 19.33
C GLN F 531 16.98 77.07 18.81
N GLY F 532 16.79 75.75 18.78
CA GLY F 532 17.81 74.87 18.24
C GLY F 532 18.00 75.01 16.75
N LYS F 533 16.99 75.53 16.03
CA LYS F 533 17.13 75.73 14.60
C LYS F 533 18.00 76.95 14.30
N ILE F 534 17.85 78.02 15.09
CA ILE F 534 18.67 79.21 14.89
C ILE F 534 20.14 78.88 15.12
N ASP F 535 20.42 78.18 16.22
CA ASP F 535 21.81 77.84 16.51
C ASP F 535 22.38 76.85 15.51
N ALA F 536 21.54 75.93 15.01
CA ALA F 536 22.02 75.02 13.98
C ALA F 536 22.37 75.77 12.70
N ALA F 537 21.59 76.79 12.36
CA ALA F 537 21.88 77.61 11.19
C ALA F 537 23.02 78.58 11.45
N TYR F 538 23.46 78.71 12.70
CA TYR F 538 24.55 79.61 13.04
C TYR F 538 25.89 78.88 13.07
N PHE F 539 25.97 77.78 13.78
CA PHE F 539 27.23 77.04 13.93
C PHE F 539 27.60 76.28 12.68
N GLU F 540 26.88 76.48 11.57
CA GLU F 540 27.23 75.89 10.29
C GLU F 540 27.54 76.94 9.24
N THR F 541 26.72 77.98 9.15
CA THR F 541 26.96 79.02 8.15
C THR F 541 28.23 79.80 8.45
N SER F 542 28.37 80.25 9.70
CA SER F 542 29.55 81.04 10.05
C SER F 542 30.82 80.21 9.96
N LYS F 543 30.78 78.97 10.43
CA LYS F 543 31.95 78.11 10.33
C LYS F 543 32.34 77.86 8.88
N TYR F 544 31.37 77.94 7.96
CA TYR F 544 31.69 77.81 6.55
C TYR F 544 32.18 79.12 5.96
N LEU F 545 31.74 80.26 6.50
CA LEU F 545 32.20 81.54 5.99
C LEU F 545 33.69 81.74 6.19
N LEU F 546 34.25 81.21 7.29
CA LEU F 546 35.68 81.35 7.52
C LEU F 546 36.47 80.44 6.59
N ASP F 547 35.94 79.24 6.31
CA ASP F 547 36.65 78.32 5.44
C ASP F 547 36.81 78.90 4.03
N VAL F 548 35.75 79.49 3.49
CA VAL F 548 35.85 80.10 2.17
C VAL F 548 36.64 81.39 2.25
N LEU F 549 36.81 81.96 3.43
CA LEU F 549 37.57 83.21 3.58
C LEU F 549 39.01 82.96 4.01
N ASN F 550 39.40 81.71 4.25
CA ASN F 550 40.78 81.37 4.54
C ASN F 550 41.44 80.52 3.47
N LYS F 551 40.66 79.83 2.64
CA LYS F 551 41.19 79.01 1.56
C LYS F 551 41.15 79.72 0.21
N LYS F 552 40.09 80.49 -0.04
CA LYS F 552 39.96 81.21 -1.30
C LYS F 552 40.56 82.60 -1.23
N TYR F 553 40.82 83.13 -0.04
CA TYR F 553 41.40 84.46 0.10
C TYR F 553 42.54 84.55 1.11
N SER F 554 38.07 83.02 2.46
CA SER F 554 39.21 82.86 3.36
C SER F 554 39.33 84.05 4.31
N LEU F 555 38.28 84.22 5.12
CA LEU F 555 38.26 85.33 6.08
C LEU F 555 39.40 85.18 7.09
N LEU F 556 39.73 83.95 7.47
CA LEU F 556 40.78 83.75 8.45
C LEU F 556 42.16 83.98 7.84
N ASP F 557 42.38 83.53 6.60
CA ASP F 557 43.67 83.70 5.95
C ASP F 557 44.03 85.16 5.73
N HIS F 558 43.08 86.07 5.84
CA HIS F 558 43.39 87.49 5.77
C HIS F 558 43.75 88.08 7.13
N MET F 559 43.14 87.59 8.21
CA MET F 559 43.51 88.06 9.54
C MET F 559 44.98 87.77 9.83
N GLN F 560 45.43 86.55 9.52
CA GLN F 560 46.84 86.22 9.71
C GLN F 560 47.72 87.03 8.78
N ALA F 561 47.31 87.19 7.52
CA ALA F 561 48.13 87.96 6.58
C ALA F 561 48.09 89.44 6.88
N MET F 562 47.06 89.94 7.56
CA MET F 562 46.98 91.34 7.91
C MET F 562 47.76 91.66 9.17
N ARG F 563 48.30 90.65 9.84
CA ARG F 563 49.22 90.81 10.96
C ARG F 563 50.67 90.76 10.50
N ARG F 564 50.96 89.91 9.51
CA ARG F 564 52.34 89.79 9.06
C ARG F 564 52.84 91.09 8.44
N TYR F 565 52.00 91.74 7.64
CA TYR F 565 52.42 92.93 6.90
C TYR F 565 51.99 94.23 7.60
N LEU F 566 50.69 94.39 7.85
CA LEU F 566 50.21 95.65 8.40
C LEU F 566 50.63 95.85 9.85
N LEU F 567 50.99 94.78 10.55
CA LEU F 567 51.44 94.88 11.94
C LEU F 567 52.90 94.49 12.10
N LEU F 568 53.65 94.48 10.99
CA LEU F 568 55.09 94.17 10.97
C LEU F 568 55.40 92.79 11.52
N GLY F 569 54.41 91.91 11.59
CA GLY F 569 54.63 90.58 12.11
C GLY F 569 55.53 89.70 11.27
N GLN F 570 55.94 90.15 10.09
CA GLN F 570 56.81 89.36 9.23
C GLN F 570 58.28 89.54 9.59
N GLY F 571 58.71 90.79 9.78
CA GLY F 571 60.10 91.04 10.17
C GLY F 571 61.12 90.86 9.08
N ASP F 572 61.08 89.73 8.38
CA ASP F 572 62.01 89.51 7.27
C ASP F 572 61.72 90.45 6.11
N PHE F 573 60.45 90.72 5.85
CA PHE F 573 60.07 91.57 4.74
C PHE F 573 60.26 93.04 5.07
N ILE F 574 59.94 93.44 6.31
CA ILE F 574 60.10 94.85 6.68
C ILE F 574 61.56 95.24 6.80
N ARG F 575 62.45 94.28 7.04
CA ARG F 575 63.87 94.59 7.06
C ARG F 575 64.34 95.10 5.70
N HIS F 576 64.09 94.31 4.65
CA HIS F 576 64.49 94.72 3.32
C HIS F 576 63.77 95.98 2.87
N LEU F 577 62.53 96.17 3.32
CA LEU F 577 61.75 97.33 2.92
C LEU F 577 62.26 98.61 3.55
N MET F 578 62.95 98.54 4.68
CA MET F 578 63.53 99.74 5.28
C MET F 578 64.89 100.06 4.70
N ASP F 579 65.52 99.10 4.02
CA ASP F 579 66.80 99.37 3.38
C ASP F 579 66.63 100.00 2.01
N LEU F 580 65.49 99.78 1.35
CA LEU F 580 65.25 100.31 0.02
C LEU F 580 64.60 101.67 0.05
N LEU F 581 63.77 101.97 1.05
CA LEU F 581 63.16 103.28 1.16
C LEU F 581 64.09 104.32 1.76
N LYS F 582 65.26 103.92 2.24
CA LYS F 582 66.19 104.89 2.83
C LYS F 582 66.62 105.96 1.84
N PRO F 583 67.06 105.65 0.61
CA PRO F 583 67.47 106.72 -0.31
C PRO F 583 66.34 107.61 -0.75
N GLU F 584 65.08 107.21 -0.57
CA GLU F 584 63.96 107.99 -1.07
C GLU F 584 63.37 108.92 -0.01
N LEU F 585 63.03 108.37 1.16
CA LEU F 585 62.31 109.14 2.16
C LEU F 585 63.12 110.26 2.79
N VAL F 586 64.45 110.26 2.61
CA VAL F 586 65.25 111.34 3.16
C VAL F 586 64.93 112.67 2.49
N ARG F 587 64.45 112.63 1.25
CA ARG F 587 64.06 113.84 0.56
C ARG F 587 62.75 114.38 1.15
N PRO F 588 62.47 115.67 0.95
CA PRO F 588 61.19 116.22 1.42
C PRO F 588 60.02 115.60 0.68
N ALA F 589 58.83 115.77 1.27
CA ALA F 589 57.64 115.11 0.73
C ALA F 589 57.18 115.70 -0.59
N THR F 590 57.57 116.94 -0.89
CA THR F 590 57.07 117.60 -2.10
C THR F 590 57.56 116.90 -3.37
N THR F 591 58.75 116.32 -3.33
CA THR F 591 59.29 115.61 -4.48
C THR F 591 58.91 114.14 -4.50
N LEU F 592 58.03 113.72 -3.59
CA LEU F 592 57.62 112.32 -3.47
C LEU F 592 56.33 112.09 -4.24
N TYR F 593 56.30 111.05 -5.06
CA TYR F 593 55.12 110.67 -5.82
C TYR F 593 54.90 109.18 -5.71
N GLN F 594 53.64 108.78 -5.52
CA GLN F 594 53.33 107.41 -5.16
C GLN F 594 53.75 106.43 -6.24
N HIS F 595 53.66 106.83 -7.50
CA HIS F 595 53.92 105.90 -8.60
C HIS F 595 55.34 105.35 -8.61
N ASN F 596 56.26 105.95 -7.86
CA ASN F 596 57.64 105.47 -7.82
C ASN F 596 57.84 104.42 -6.75
N LEU F 597 57.18 104.56 -5.61
CA LEU F 597 57.44 103.67 -4.48
C LEU F 597 56.91 102.27 -4.72
N THR F 598 55.86 102.14 -5.53
CA THR F 598 55.25 100.83 -5.75
C THR F 598 56.24 99.85 -6.35
N GLY F 599 57.10 100.32 -7.26
CA GLY F 599 58.13 99.47 -7.80
C GLY F 599 59.12 99.00 -6.74
N ILE F 600 59.31 99.80 -5.70
CA ILE F 600 60.21 99.40 -4.61
C ILE F 600 59.54 98.38 -3.72
N LEU F 601 58.27 98.63 -3.34
CA LEU F 601 57.53 97.66 -2.56
C LEU F 601 57.44 96.33 -3.28
N GLU F 602 57.12 96.36 -4.58
CA GLU F 602 57.06 95.12 -5.36
C GLU F 602 58.39 94.41 -5.37
N THR F 603 59.49 95.15 -5.32
CA THR F 603 60.81 94.52 -5.30
C THR F 603 61.05 93.80 -3.98
N ALA F 604 60.61 94.39 -2.87
CA ALA F 604 60.81 93.78 -1.56
C ALA F 604 60.03 92.47 -1.44
N VAL F 605 58.76 92.47 -1.86
CA VAL F 605 57.94 91.27 -1.77
C VAL F 605 58.51 90.15 -2.62
N ARG F 606 59.33 90.49 -3.61
CA ARG F 606 59.92 89.46 -4.45
C ARG F 606 61.20 88.88 -3.85
N ALA F 607 61.99 89.72 -3.18
CA ALA F 607 63.29 89.28 -2.66
C ALA F 607 63.16 88.52 -1.34
N THR F 608 62.32 89.01 -0.43
CA THR F 608 62.18 88.39 0.88
C THR F 608 61.37 87.11 0.77
N ASN F 609 61.06 86.49 1.92
CA ASN F 609 60.30 85.26 1.94
C ASN F 609 58.82 85.47 1.69
N ALA F 610 58.36 86.73 1.57
CA ALA F 610 56.96 86.99 1.31
C ALA F 610 56.52 86.63 -0.09
N GLN F 611 57.44 86.18 -0.95
CA GLN F 611 57.06 85.79 -2.31
C GLN F 611 56.23 84.51 -2.30
N PHE F 612 56.60 83.55 -1.45
CA PHE F 612 55.85 82.31 -1.29
C PHE F 612 54.60 82.63 -0.47
N ASP F 613 53.56 83.11 -1.16
CA ASP F 613 52.38 83.60 -0.47
C ASP F 613 51.20 83.56 -1.44
N SER F 614 50.00 83.56 -0.86
CA SER F 614 48.77 83.51 -1.66
C SER F 614 48.69 84.73 -2.58
N PRO F 615 48.52 84.53 -3.89
CA PRO F 615 48.48 85.68 -4.79
C PRO F 615 47.31 86.61 -4.54
N GLU F 616 46.22 86.11 -3.95
CA GLU F 616 45.05 86.95 -3.72
C GLU F 616 45.34 88.04 -2.70
N ILE F 617 45.87 87.66 -1.53
CA ILE F 617 46.15 88.65 -0.50
C ILE F 617 47.25 89.61 -0.93
N LEU F 618 48.16 89.17 -1.79
CA LEU F 618 49.19 90.07 -2.31
C LEU F 618 48.62 91.08 -3.30
N ARG F 619 47.42 90.86 -3.82
CA ARG F 619 46.82 91.83 -4.73
C ARG F 619 46.32 93.07 -3.99
N ARG F 620 46.00 92.94 -2.71
CA ARG F 620 45.45 94.07 -1.96
C ARG F 620 46.52 94.89 -1.27
N LEU F 621 47.69 94.32 -1.01
CA LEU F 621 48.74 95.04 -0.29
C LEU F 621 49.36 96.09 -1.19
N ASP F 622 49.18 97.37 -0.85
CA ASP F 622 49.78 98.45 -1.61
C ASP F 622 50.26 99.52 -0.64
N VAL F 623 50.56 100.70 -1.19
CA VAL F 623 51.08 101.83 -0.43
C VAL F 623 50.02 102.93 -0.43
N ARG F 624 50.11 103.81 0.56
CA ARG F 624 49.31 105.03 0.57
C ARG F 624 50.19 106.15 1.08
N LEU F 625 49.83 107.38 0.73
CA LEU F 625 50.59 108.56 1.11
C LEU F 625 49.73 109.43 2.01
N LEU F 626 50.08 109.48 3.29
CA LEU F 626 49.34 110.29 4.25
C LEU F 626 49.60 111.77 3.99
N GLU F 627 48.57 112.58 4.23
CA GLU F 627 48.70 114.03 4.08
C GLU F 627 48.00 114.75 5.23
N ASP F 632 57.54 118.62 6.11
CA ASP F 632 57.45 117.18 6.34
C ASP F 632 58.61 116.45 5.67
N THR F 633 58.65 115.13 5.84
CA THR F 633 59.70 114.32 5.27
C THR F 633 59.11 112.97 4.87
N GLY F 634 59.84 112.24 4.03
CA GLY F 634 59.38 110.94 3.56
C GLY F 634 59.13 109.94 4.68
N TRP F 635 59.72 110.15 5.84
CA TRP F 635 59.49 109.28 7.00
C TRP F 635 58.28 109.71 7.82
N ASP F 636 57.42 110.56 7.27
CA ASP F 636 56.23 111.02 7.96
C ASP F 636 54.95 110.83 7.15
N VAL F 637 55.05 110.44 5.88
CA VAL F 637 53.89 110.31 5.01
C VAL F 637 53.80 108.93 4.36
N PHE F 638 54.68 108.00 4.71
CA PHE F 638 54.63 106.66 4.14
C PHE F 638 53.94 105.70 5.09
N SER F 639 53.10 104.83 4.53
CA SER F 639 52.38 103.83 5.30
C SER F 639 51.67 102.88 4.35
N LEU F 640 51.57 101.62 4.74
CA LEU F 640 50.85 100.63 3.96
C LEU F 640 49.36 100.70 4.27
N ASP F 641 48.54 100.19 3.34
CA ASP F 641 47.10 100.31 3.47
C ASP F 641 46.39 98.98 3.57
N TYR F 642 46.61 98.06 2.62
CA TYR F 642 45.88 96.79 2.56
C TYR F 642 44.37 97.02 2.57
N HIS F 643 43.90 97.66 1.51
CA HIS F 643 42.48 97.92 1.37
C HIS F 643 41.72 96.62 1.17
N VAL F 644 40.50 96.56 1.71
CA VAL F 644 39.66 95.37 1.63
C VAL F 644 38.22 95.79 1.34
N ASP F 645 37.65 95.24 0.28
CA ASP F 645 36.28 95.50 -0.13
C ASP F 645 35.58 94.19 -0.42
N GLY F 646 34.26 94.19 -0.25
CA GLY F 646 33.46 93.02 -0.53
C GLY F 646 32.80 92.47 0.72
N PRO F 647 32.59 91.16 0.76
CA PRO F 647 32.02 90.55 1.96
C PRO F 647 32.94 90.62 3.15
N ILE F 648 34.24 90.43 2.96
CA ILE F 648 35.19 90.54 4.05
C ILE F 648 35.22 91.93 4.66
N ALA F 649 34.73 92.94 3.94
CA ALA F 649 34.70 94.30 4.46
C ALA F 649 33.67 94.50 5.57
N THR F 650 32.86 93.47 5.88
CA THR F 650 31.93 93.58 7.00
C THR F 650 32.56 93.21 8.32
N VAL F 651 33.80 92.73 8.32
CA VAL F 651 34.51 92.45 9.56
C VAL F 651 35.38 93.63 9.97
N PHE F 652 35.85 94.42 8.99
CA PHE F 652 36.77 95.52 9.23
C PHE F 652 36.08 96.88 9.25
N THR F 653 35.09 97.09 8.39
CA THR F 653 34.08 98.14 8.56
C THR F 653 34.69 99.53 8.68
N ARG F 654 35.80 99.77 7.98
CA ARG F 654 36.32 101.12 7.81
C ARG F 654 36.82 101.72 9.13
N GLU F 655 36.60 101.02 10.23
CA GLU F 655 37.12 101.45 11.53
C GLU F 655 38.35 100.67 11.95
N CYS F 656 38.41 99.38 11.60
CA CYS F 656 39.64 98.64 11.81
C CYS F 656 40.75 99.15 10.90
N MET F 657 40.41 99.61 9.71
CA MET F 657 41.39 100.24 8.84
C MET F 657 41.75 101.65 9.28
N SER F 658 40.90 102.29 10.08
CA SER F 658 41.27 103.56 10.70
C SER F 658 41.92 103.38 12.06
N HIS F 659 42.04 102.14 12.54
CA HIS F 659 42.77 101.83 13.76
C HIS F 659 44.12 101.20 13.48
N TYR F 660 44.21 100.32 12.47
CA TYR F 660 45.50 99.74 12.12
C TYR F 660 46.50 100.82 11.72
N LEU F 661 46.09 101.77 10.88
CA LEU F 661 46.98 102.85 10.53
C LEU F 661 47.34 103.70 11.75
N ARG F 662 46.42 103.81 12.70
CA ARG F 662 46.75 104.49 13.95
C ARG F 662 47.79 103.71 14.73
N VAL F 663 47.85 102.39 14.55
CA VAL F 663 48.88 101.57 15.17
C VAL F 663 50.15 101.54 14.34
N PHE F 664 50.02 101.46 13.02
CA PHE F 664 51.17 101.24 12.16
C PHE F 664 52.21 102.34 12.31
N ASN F 665 51.79 103.56 12.65
CA ASN F 665 52.76 104.63 12.87
C ASN F 665 53.66 104.32 14.06
N PHE F 666 53.07 103.86 15.17
CA PHE F 666 53.87 103.59 16.35
C PHE F 666 54.81 102.41 16.14
N LEU F 667 54.44 101.46 15.29
CA LEU F 667 55.35 100.37 14.97
C LEU F 667 56.35 100.75 13.90
N TRP F 668 56.07 101.78 13.11
CA TRP F 668 57.05 102.25 12.14
C TRP F 668 58.11 103.11 12.80
N ARG F 669 57.70 104.00 13.71
CA ARG F 669 58.67 104.82 14.43
C ARG F 669 59.59 103.97 15.28
N ALA F 670 59.01 103.09 16.10
CA ALA F 670 59.83 102.20 16.92
C ALA F 670 60.62 101.20 16.10
N LYS F 671 60.51 101.22 14.78
CA LYS F 671 61.33 100.38 13.93
C LYS F 671 62.46 101.15 13.25
N ARG F 672 62.25 102.43 12.94
CA ARG F 672 63.36 103.24 12.43
C ARG F 672 64.24 103.77 13.55
N MET F 673 63.66 103.98 14.74
CA MET F 673 64.48 104.35 15.88
C MET F 673 65.39 103.22 16.33
N GLU F 674 65.17 102.01 15.84
CA GLU F 674 66.05 100.88 16.12
C GLU F 674 67.10 100.67 15.03
N TYR F 675 66.70 100.78 13.76
CA TYR F 675 67.69 100.63 12.70
C TYR F 675 68.61 101.83 12.59
N ILE F 676 68.25 102.96 13.20
CA ILE F 676 69.22 104.04 13.39
C ILE F 676 70.25 103.63 14.43
N LEU F 677 69.79 103.06 15.54
CA LEU F 677 70.67 102.72 16.66
C LEU F 677 71.50 101.46 16.41
N THR F 678 71.17 100.66 15.40
CA THR F 678 72.08 99.62 14.99
C THR F 678 72.99 100.07 13.87
N ASP F 679 72.73 101.23 13.28
CA ASP F 679 73.67 101.84 12.34
C ASP F 679 74.77 102.58 13.09
N ILE F 680 74.39 103.34 14.12
CA ILE F 680 75.39 103.98 14.97
C ILE F 680 76.32 102.94 15.58
N ARG F 681 75.74 101.88 16.15
CA ARG F 681 76.55 100.80 16.67
C ARG F 681 77.40 100.15 15.58
N LYS F 682 76.95 100.21 14.33
CA LYS F 682 77.78 99.72 13.24
C LYS F 682 78.91 100.68 12.92
N GLY F 683 78.68 101.98 13.10
CA GLY F 683 79.74 102.95 12.89
C GLY F 683 80.87 102.80 13.89
N HIS F 684 80.54 102.64 15.16
CA HIS F 684 81.57 102.46 16.18
C HIS F 684 82.32 101.15 15.99
N MET F 685 81.69 100.16 15.35
CA MET F 685 82.35 98.92 15.06
C MET F 685 83.31 99.03 13.89
N CYS F 686 83.28 100.15 13.17
CA CYS F 686 84.29 100.49 12.18
C CYS F 686 85.13 101.70 12.58
N ASN F 687 84.65 102.50 13.54
CA ASN F 687 85.40 103.67 13.96
C ASN F 687 86.72 103.27 14.60
N ALA F 688 86.66 102.51 15.69
CA ALA F 688 87.87 102.14 16.42
C ALA F 688 88.81 101.27 15.59
N LYS F 689 88.37 100.76 14.45
CA LYS F 689 89.25 99.96 13.61
C LYS F 689 90.09 100.80 12.67
N LEU F 690 89.93 102.13 12.67
CA LEU F 690 90.74 103.02 11.85
C LEU F 690 91.59 103.95 12.71
N LEU F 691 90.98 104.70 13.63
CA LEU F 691 91.68 105.70 14.41
C LEU F 691 92.10 105.19 15.79
N ARG F 692 92.47 103.91 15.88
CA ARG F 692 92.98 103.35 17.12
C ARG F 692 94.41 103.78 17.43
N ASN F 693 94.99 104.69 16.64
CA ASN F 693 96.35 105.16 16.85
C ASN F 693 96.44 106.55 17.44
N MET F 694 95.31 107.17 17.77
CA MET F 694 95.28 108.53 18.34
C MET F 694 94.82 108.43 19.79
N PRO F 695 95.72 108.22 20.74
CA PRO F 695 95.30 108.02 22.14
C PRO F 695 94.69 109.27 22.77
N GLU F 696 94.85 110.44 22.16
CA GLU F 696 94.26 111.66 22.69
C GLU F 696 92.79 111.81 22.36
N PHE F 697 92.26 110.96 21.48
CA PHE F 697 90.86 111.04 21.08
C PHE F 697 89.97 110.03 21.78
N SER F 698 90.54 108.94 22.29
CA SER F 698 89.72 107.90 22.92
C SER F 698 89.10 108.37 24.22
N GLY F 699 89.61 109.44 24.82
CA GLY F 699 89.00 109.96 26.03
C GLY F 699 87.61 110.51 25.79
N VAL F 700 87.43 111.28 24.72
CA VAL F 700 86.12 111.81 24.39
C VAL F 700 85.32 110.81 23.54
N LEU F 701 86.02 109.94 22.80
CA LEU F 701 85.31 108.92 22.02
C LEU F 701 84.60 107.93 22.93
N HIS F 702 85.09 107.74 24.15
CA HIS F 702 84.48 106.77 25.04
C HIS F 702 83.06 107.18 25.41
N GLN F 703 82.85 108.45 25.72
CA GLN F 703 81.51 108.92 26.03
C GLN F 703 80.56 108.73 24.85
N CYS F 704 81.09 108.59 23.64
CA CYS F 704 80.26 108.31 22.49
C CYS F 704 79.77 106.86 22.49
N HIS F 705 80.51 105.96 23.12
CA HIS F 705 80.09 104.57 23.18
C HIS F 705 79.08 104.34 24.29
N ILE F 706 79.39 104.81 25.50
CA ILE F 706 78.53 104.55 26.65
C ILE F 706 77.14 105.14 26.43
N LEU F 707 77.08 106.37 25.91
CA LEU F 707 75.78 106.96 25.63
C LEU F 707 75.01 106.15 24.60
N ALA F 708 75.71 105.48 23.69
CA ALA F 708 75.02 104.62 22.73
C ALA F 708 74.45 103.39 23.43
N SER F 709 75.30 102.65 24.15
CA SER F 709 74.85 101.42 24.80
C SER F 709 73.83 101.69 25.90
N GLU F 710 73.82 102.88 26.49
CA GLU F 710 72.74 103.24 27.40
C GLU F 710 71.47 103.60 26.65
N MET F 711 71.59 103.99 25.38
CA MET F 711 70.42 104.34 24.59
C MET F 711 69.84 103.14 23.86
N VAL F 712 70.69 102.23 23.37
CA VAL F 712 70.18 101.07 22.65
C VAL F 712 69.45 100.12 23.59
N HIS F 713 69.75 100.17 24.89
CA HIS F 713 69.03 99.33 25.83
C HIS F 713 67.57 99.75 25.93
N PHE F 714 67.33 101.05 26.13
CA PHE F 714 65.96 101.54 26.26
C PHE F 714 65.12 101.22 25.04
N ILE F 715 65.73 101.21 23.85
CA ILE F 715 65.00 100.89 22.64
C ILE F 715 64.89 99.40 22.44
N HIS F 716 65.99 98.67 22.58
CA HIS F 716 65.96 97.23 22.40
C HIS F 716 65.15 96.52 23.48
N GLN F 717 64.83 97.19 24.58
CA GLN F 717 63.96 96.60 25.59
C GLN F 717 62.50 96.90 25.33
N MET F 718 62.16 98.16 25.04
CA MET F 718 60.80 98.49 24.65
C MET F 718 60.40 97.73 23.39
N GLN F 719 61.36 97.39 22.54
CA GLN F 719 61.06 96.61 21.36
C GLN F 719 60.60 95.20 21.73
N TYR F 720 60.99 94.73 22.91
CA TYR F 720 60.52 93.43 23.37
C TYR F 720 59.13 93.51 23.96
N TYR F 721 58.86 94.58 24.73
CA TYR F 721 57.52 94.77 25.26
C TYR F 721 56.48 94.84 24.15
N ILE F 722 56.89 95.25 22.95
CA ILE F 722 55.98 95.29 21.83
C ILE F 722 55.68 93.87 21.34
N THR F 723 56.67 92.99 21.39
CA THR F 723 56.48 91.65 20.84
C THR F 723 55.65 90.77 21.78
N PHE F 724 56.04 90.68 23.04
CA PHE F 724 55.46 89.71 23.95
C PHE F 724 54.23 90.22 24.69
N GLU F 725 54.23 91.49 25.08
CA GLU F 725 53.14 92.04 25.89
C GLU F 725 52.00 92.60 25.06
N VAL F 726 52.21 92.88 23.77
CA VAL F 726 51.21 93.52 22.94
C VAL F 726 50.82 92.64 21.75
N LEU F 727 51.79 92.11 21.03
CA LEU F 727 51.48 91.31 19.85
C LEU F 727 51.24 89.85 20.21
N GLU F 728 52.23 89.18 20.81
CA GLU F 728 52.11 87.75 21.02
C GLU F 728 51.09 87.39 22.10
N CYS F 729 50.78 88.32 23.01
CA CYS F 729 49.82 88.02 24.06
C CYS F 729 48.40 88.41 23.68
N SER F 730 48.20 89.61 23.14
CA SER F 730 46.86 90.05 22.77
C SER F 730 46.35 89.37 21.51
N TRP F 731 47.23 88.80 20.70
CA TRP F 731 46.77 88.01 19.56
C TRP F 731 46.38 86.61 19.97
N ASP F 732 46.97 86.09 21.05
CA ASP F 732 46.62 84.74 21.48
C ASP F 732 45.20 84.69 22.04
N GLU F 733 44.75 85.78 22.68
CA GLU F 733 43.36 85.85 23.12
C GLU F 733 42.40 86.08 21.98
N LEU F 734 42.89 86.23 20.76
CA LEU F 734 42.04 86.35 19.57
C LEU F 734 41.92 85.03 18.81
N TRP F 735 43.05 84.37 18.55
CA TRP F 735 42.98 83.07 17.90
C TRP F 735 42.38 82.01 18.80
N ASN F 736 42.24 82.27 20.09
CA ASN F 736 41.55 81.36 20.99
C ASN F 736 40.05 81.57 20.98
N LYS F 737 39.60 82.80 20.78
CA LYS F 737 38.17 83.12 20.71
C LYS F 737 37.68 83.19 19.26
N VAL F 738 38.35 82.49 18.35
CA VAL F 738 37.92 82.38 16.97
C VAL F 738 37.76 80.92 16.55
N GLN F 739 38.72 80.07 16.91
CA GLN F 739 38.57 78.65 16.66
C GLN F 739 37.46 78.00 17.47
N GLN F 740 36.86 78.74 18.42
CA GLN F 740 35.73 78.25 19.18
C GLN F 740 34.48 79.09 19.00
N ALA F 741 34.57 80.28 18.41
CA ALA F 741 33.42 81.12 18.17
C ALA F 741 32.64 80.62 16.97
N GLN F 742 31.57 81.32 16.63
CA GLN F 742 30.73 80.98 15.49
C GLN F 742 29.82 82.16 15.19
N ASP F 743 28.87 81.95 14.28
CA ASP F 743 27.81 82.88 13.90
C ASP F 743 28.30 84.28 13.54
N LEU F 744 29.61 84.43 13.30
CA LEU F 744 30.19 85.65 12.73
C LEU F 744 29.92 86.88 13.57
N ASP F 745 29.21 86.72 14.70
CA ASP F 745 29.01 87.82 15.61
C ASP F 745 29.78 87.64 16.91
N HIS F 746 30.33 86.46 17.14
CA HIS F 746 31.38 86.27 18.13
C HIS F 746 32.77 86.46 17.54
N ILE F 747 32.87 86.56 16.22
CA ILE F 747 34.13 86.88 15.56
C ILE F 747 34.36 88.38 15.50
N ILE F 748 33.34 89.14 15.12
CA ILE F 748 33.47 90.60 15.11
C ILE F 748 33.76 91.12 16.50
N ALA F 749 33.02 90.64 17.50
CA ALA F 749 33.23 91.11 18.86
C ALA F 749 34.54 90.61 19.46
N ALA F 750 35.14 89.57 18.87
CA ALA F 750 36.46 89.13 19.31
C ALA F 750 37.58 89.85 18.59
N HIS F 751 37.33 90.29 17.35
CA HIS F 751 38.30 91.10 16.62
C HIS F 751 38.20 92.57 16.94
N GLU F 752 37.05 93.03 17.44
CA GLU F 752 36.92 94.44 17.80
C GLU F 752 37.62 94.74 19.12
N VAL F 753 37.54 93.84 20.09
CA VAL F 753 38.26 94.05 21.33
C VAL F 753 39.75 93.80 21.15
N PHE F 754 40.15 93.05 20.12
CA PHE F 754 41.55 92.88 19.81
C PHE F 754 42.21 94.17 19.35
N LEU F 755 41.42 95.14 18.91
CA LEU F 755 41.91 96.46 18.56
C LEU F 755 41.67 97.48 19.67
N ASP F 756 41.10 97.07 20.80
CA ASP F 756 40.96 97.97 21.93
C ASP F 756 41.96 97.69 23.04
N THR F 757 42.63 96.55 22.99
CA THR F 757 43.74 96.30 23.90
C THR F 757 45.07 96.75 23.32
N ILE F 758 45.30 96.51 22.04
CA ILE F 758 46.54 96.96 21.41
C ILE F 758 46.64 98.47 21.46
N ILE F 759 45.53 99.17 21.22
CA ILE F 759 45.53 100.62 21.40
C ILE F 759 45.76 100.98 22.86
N SER F 760 45.29 100.15 23.79
CA SER F 760 45.46 100.44 25.21
C SER F 760 46.81 99.99 25.74
N ARG F 761 47.31 98.84 25.30
CA ARG F 761 48.60 98.36 25.78
C ARG F 761 49.74 99.18 25.19
N CYS F 762 49.62 99.56 23.93
CA CYS F 762 50.43 100.66 23.43
C CYS F 762 49.89 101.96 24.01
N LEU F 763 50.69 103.03 23.89
CA LEU F 763 50.35 104.27 24.56
C LEU F 763 49.50 105.20 23.69
N LEU F 764 48.78 104.65 22.71
CA LEU F 764 47.98 105.45 21.79
C LEU F 764 46.56 105.71 22.29
N ASP F 765 46.33 105.66 23.59
CA ASP F 765 45.00 105.92 24.13
C ASP F 765 44.73 107.43 24.13
N SER F 766 43.60 107.79 24.74
CA SER F 766 43.21 109.19 24.85
C SER F 766 43.63 109.80 26.17
N ASP F 767 43.53 109.05 27.27
CA ASP F 767 43.92 109.55 28.57
C ASP F 767 45.38 109.31 28.90
N SER F 768 46.10 108.56 28.07
CA SER F 768 47.54 108.37 28.22
C SER F 768 48.33 109.33 27.34
N ARG F 769 47.76 110.50 27.05
CA ARG F 769 48.42 111.44 26.14
C ARG F 769 49.72 111.96 26.74
N ALA F 770 49.73 112.23 28.05
CA ALA F 770 50.94 112.73 28.69
C ALA F 770 52.10 111.75 28.61
N LEU F 771 51.81 110.47 28.35
CA LEU F 771 52.86 109.47 28.29
C LEU F 771 53.53 109.42 26.92
N LEU F 772 52.73 109.43 25.85
CA LEU F 772 53.31 109.30 24.52
C LEU F 772 54.15 110.52 24.15
N ASN F 773 53.64 111.72 24.43
CA ASN F 773 54.42 112.92 24.17
C ASN F 773 55.71 112.92 24.98
N GLN F 774 55.71 112.25 26.12
CA GLN F 774 56.95 112.09 26.87
C GLN F 774 57.90 111.12 26.19
N LEU F 775 57.37 110.09 25.53
CA LEU F 775 58.22 109.14 24.83
C LEU F 775 58.84 109.76 23.59
N ARG F 776 58.12 110.66 22.93
CA ARG F 776 58.64 111.26 21.70
C ARG F 776 59.95 112.00 21.95
N ALA F 777 60.06 112.67 23.10
CA ALA F 777 61.30 113.37 23.42
C ALA F 777 62.48 112.40 23.47
N VAL F 778 62.27 111.21 24.03
CA VAL F 778 63.32 110.20 24.02
C VAL F 778 63.57 109.72 22.61
N PHE F 779 62.53 109.64 21.79
CA PHE F 779 62.72 109.29 20.39
C PHE F 779 63.50 110.36 19.65
N ASP F 780 63.40 111.62 20.11
CA ASP F 780 64.13 112.69 19.45
C ASP F 780 65.61 112.68 19.85
N GLN F 781 65.91 112.40 21.11
CA GLN F 781 67.29 112.41 21.56
C GLN F 781 68.14 111.37 20.83
N ILE F 782 67.52 110.34 20.26
CA ILE F 782 68.28 109.38 19.46
C ILE F 782 68.73 110.01 18.16
N ILE F 783 67.91 110.89 17.57
CA ILE F 783 68.30 111.54 16.33
C ILE F 783 69.39 112.57 16.57
N GLU F 784 69.28 113.34 17.66
CA GLU F 784 70.29 114.35 17.95
C GLU F 784 71.64 113.73 18.23
N LEU F 785 71.66 112.48 18.72
CA LEU F 785 72.94 111.79 18.86
C LEU F 785 73.57 111.52 17.50
N GLN F 786 72.77 111.05 16.54
CA GLN F 786 73.30 110.76 15.21
C GLN F 786 73.85 112.00 14.54
N ASN F 787 73.30 113.18 14.83
CA ASN F 787 73.82 114.42 14.26
C ASN F 787 75.06 114.90 15.00
N ALA F 788 75.10 114.73 16.32
CA ALA F 788 76.27 115.11 17.10
C ALA F 788 77.34 114.03 17.13
N GLN F 789 77.20 112.98 16.32
CA GLN F 789 78.19 111.91 16.30
C GLN F 789 79.03 111.98 15.03
N ASP F 790 78.38 112.00 13.87
CA ASP F 790 79.13 112.08 12.61
C ASP F 790 79.95 113.35 12.51
N ALA F 791 79.50 114.43 13.17
CA ALA F 791 80.32 115.63 13.25
C ALA F 791 81.61 115.35 14.00
N ILE F 792 81.52 114.66 15.13
CA ILE F 792 82.72 114.28 15.87
C ILE F 792 83.44 113.12 15.19
N TYR F 793 82.71 112.34 14.39
CA TYR F 793 83.35 111.26 13.65
C TYR F 793 84.14 111.79 12.47
N ARG F 794 83.51 112.66 11.66
CA ARG F 794 84.17 113.14 10.45
C ARG F 794 85.32 114.08 10.78
N ALA F 795 85.15 114.93 11.80
CA ALA F 795 86.21 115.85 12.18
C ALA F 795 87.48 115.13 12.59
N ALA F 796 87.38 113.88 13.03
CA ALA F 796 88.56 113.09 13.35
C ALA F 796 89.13 112.37 12.13
N LEU F 797 88.33 112.12 11.11
CA LEU F 797 88.85 111.49 9.90
C LEU F 797 89.54 112.49 8.99
N GLU F 798 89.10 113.74 8.98
CA GLU F 798 89.80 114.77 8.22
C GLU F 798 91.19 114.99 8.79
N GLU F 799 91.28 115.23 10.09
CA GLU F 799 92.58 115.43 10.74
C GLU F 799 93.45 114.20 10.60
N LEU F 800 92.86 113.01 10.52
CA LEU F 800 93.67 111.82 10.29
C LEU F 800 94.15 111.75 8.85
N GLN F 801 93.30 112.13 7.90
CA GLN F 801 93.68 112.07 6.50
C GLN F 801 94.79 113.07 6.18
N ARG F 802 94.68 114.29 6.71
CA ARG F 802 95.75 115.27 6.52
C ARG F 802 97.04 114.79 7.16
N ARG F 803 96.95 114.21 8.36
CA ARG F 803 98.13 113.67 9.02
C ARG F 803 98.76 112.52 8.23
N LEU F 804 97.97 111.83 7.40
CA LEU F 804 98.53 110.80 6.54
C LEU F 804 99.31 111.41 5.38
N GLN F 805 98.69 112.34 4.66
CA GLN F 805 99.37 112.96 3.52
C GLN F 805 100.50 113.90 3.94
N PHE F 806 100.45 114.45 5.16
CA PHE F 806 101.49 115.36 5.61
C PHE F 806 102.81 114.64 5.88
N GLU F 807 102.84 113.32 5.82
CA GLU F 807 104.06 112.56 6.08
C GLU F 807 104.40 111.53 5.00
N GLU F 808 103.44 111.13 4.17
CA GLU F 808 103.74 110.13 3.14
C GLU F 808 104.43 110.73 1.93
N LYS F 809 104.14 112.00 1.60
CA LYS F 809 104.79 112.61 0.45
C LYS F 809 106.18 113.12 0.78
N LYS F 810 106.43 113.46 2.04
CA LYS F 810 107.73 113.97 2.45
C LYS F 810 108.65 112.89 2.98
N LYS F 811 108.14 111.71 3.29
CA LYS F 811 108.96 110.62 3.81
C LYS F 811 108.62 109.30 3.11
N GLU F 825 107.65 124.36 7.61
CA GLU F 825 106.80 123.22 7.30
C GLU F 825 106.44 122.44 8.56
N GLU F 826 107.46 122.04 9.31
CA GLU F 826 107.23 121.27 10.53
C GLU F 826 106.66 122.11 11.65
N GLU F 827 106.86 123.43 11.59
CA GLU F 827 106.35 124.32 12.64
C GLU F 827 104.97 124.87 12.35
N GLU F 828 104.61 125.04 11.07
CA GLU F 828 103.31 125.58 10.72
C GLU F 828 102.18 124.59 10.92
N GLU F 829 102.48 123.31 11.13
CA GLU F 829 101.46 122.30 11.36
C GLU F 829 101.28 121.98 12.83
N ASN F 830 102.33 122.12 13.65
CA ASN F 830 102.18 121.87 15.08
C ASN F 830 101.17 122.83 15.70
N LYS F 831 101.01 124.02 15.14
CA LYS F 831 99.94 124.90 15.59
C LYS F 831 98.58 124.39 15.12
N ARG F 832 98.55 123.73 13.95
CA ARG F 832 97.31 123.12 13.50
C ARG F 832 97.00 121.85 14.27
N ILE F 833 98.03 121.03 14.53
CA ILE F 833 97.84 119.87 15.40
C ILE F 833 97.61 120.31 16.84
N GLY F 834 98.30 121.37 17.27
CA GLY F 834 98.11 121.86 18.63
C GLY F 834 96.73 122.41 18.88
N GLU F 835 96.18 123.15 17.91
CA GLU F 835 94.83 123.67 18.08
C GLU F 835 93.80 122.56 17.98
N PHE F 836 94.09 121.51 17.21
CA PHE F 836 93.15 120.39 17.09
C PHE F 836 92.96 119.69 18.42
N LYS F 837 94.01 119.61 19.23
CA LYS F 837 93.87 119.07 20.57
C LYS F 837 93.06 120.00 21.46
N GLU F 838 93.07 121.30 21.17
CA GLU F 838 92.35 122.26 21.99
C GLU F 838 90.86 122.28 21.69
N SER F 839 90.45 121.83 20.51
CA SER F 839 89.03 121.74 20.20
C SER F 839 88.38 120.50 20.81
N ILE F 840 89.17 119.56 21.31
CA ILE F 840 88.60 118.33 21.88
C ILE F 840 87.76 118.62 23.12
N PRO F 841 88.25 119.37 24.13
CA PRO F 841 87.39 119.62 25.31
C PRO F 841 86.12 120.37 24.98
N LYS F 842 86.04 121.03 23.82
CA LYS F 842 84.79 121.64 23.41
C LYS F 842 83.76 120.58 23.06
N MET F 843 84.16 119.56 22.29
CA MET F 843 83.24 118.48 21.95
C MET F 843 82.89 117.65 23.17
N CYS F 844 83.80 117.52 24.13
CA CYS F 844 83.49 116.77 25.33
C CYS F 844 82.37 117.42 26.12
N SER F 845 82.30 118.75 26.13
CA SER F 845 81.20 119.42 26.81
C SER F 845 79.87 119.25 26.09
N GLN F 846 79.88 118.77 24.84
CA GLN F 846 78.64 118.42 24.17
C GLN F 846 78.10 117.08 24.69
N LEU F 847 78.90 116.02 24.56
CA LEU F 847 78.46 114.71 25.02
C LEU F 847 78.31 114.64 26.53
N ARG F 848 78.89 115.59 27.27
CA ARG F 848 78.66 115.63 28.71
C ARG F 848 77.35 116.33 29.05
N ILE F 849 76.87 117.22 28.18
CA ILE F 849 75.59 117.87 28.41
C ILE F 849 74.45 117.18 27.67
N LEU F 850 74.75 116.44 26.60
CA LEU F 850 73.71 115.66 25.94
C LEU F 850 73.31 114.45 26.78
N THR F 851 74.30 113.79 27.40
CA THR F 851 74.00 112.65 28.25
C THR F 851 73.23 113.08 29.49
N HIS F 852 73.70 114.13 30.17
CA HIS F 852 73.06 114.57 31.40
C HIS F 852 71.63 115.04 31.18
N PHE F 853 71.25 115.31 29.93
CA PHE F 853 69.86 115.62 29.62
C PHE F 853 69.07 114.41 29.13
N TYR F 854 69.75 113.43 28.53
CA TYR F 854 69.07 112.20 28.16
C TYR F 854 68.60 111.43 29.39
N GLN F 855 69.44 111.37 30.42
CA GLN F 855 69.05 110.69 31.65
C GLN F 855 67.96 111.46 32.39
N GLY F 856 67.88 112.78 32.18
CA GLY F 856 66.84 113.56 32.82
C GLY F 856 65.48 113.39 32.20
N ILE F 857 65.41 112.83 30.99
CA ILE F 857 64.13 112.60 30.33
C ILE F 857 63.68 111.14 30.44
N VAL F 858 64.58 110.23 30.78
CA VAL F 858 64.21 108.83 31.03
C VAL F 858 63.79 108.62 32.47
N GLN F 859 64.57 109.14 33.42
CA GLN F 859 64.17 109.07 34.82
C GLN F 859 62.88 109.81 35.07
N GLN F 860 62.52 110.76 34.21
CA GLN F 860 61.18 111.35 34.24
C GLN F 860 60.16 110.47 33.55
N PHE F 861 60.59 109.73 32.53
CA PHE F 861 59.67 108.84 31.82
C PHE F 861 59.12 107.76 32.74
N LEU F 862 59.99 107.15 33.55
CA LEU F 862 59.55 106.07 34.43
C LEU F 862 58.53 106.55 35.44
N VAL F 863 58.71 107.76 35.97
CA VAL F 863 57.79 108.29 36.97
C VAL F 863 56.37 108.39 36.40
N LEU F 864 56.25 108.61 35.09
CA LEU F 864 54.93 108.72 34.49
C LEU F 864 54.23 107.37 34.32
N LEU F 865 54.97 106.26 34.35
CA LEU F 865 54.32 104.96 34.21
C LEU F 865 53.54 104.58 35.46
N THR F 866 53.97 105.01 36.64
CA THR F 866 53.22 104.74 37.86
C THR F 866 52.00 105.65 37.86
N THR F 867 51.01 105.26 37.07
CA THR F 867 49.79 106.06 36.89
C THR F 867 49.03 106.21 38.20
N ASP F 870 46.26 100.13 32.04
CA ASP F 870 46.73 100.83 33.23
C ASP F 870 47.44 99.87 34.17
N GLU F 871 47.46 98.60 33.81
CA GLU F 871 48.15 97.57 34.58
C GLU F 871 49.24 96.86 33.79
N SER F 872 48.99 96.55 32.51
CA SER F 872 50.00 95.89 31.70
C SER F 872 51.26 96.73 31.53
N LEU F 873 51.16 98.05 31.76
CA LEU F 873 52.34 98.89 31.72
C LEU F 873 53.34 98.54 32.81
N ARG F 874 52.87 97.97 33.92
CA ARG F 874 53.78 97.59 35.00
C ARG F 874 54.82 96.59 34.52
N PHE F 875 54.47 95.76 33.54
CA PHE F 875 55.45 94.87 32.94
C PHE F 875 56.51 95.62 32.14
N LEU F 876 56.25 96.88 31.79
CA LEU F 876 57.26 97.65 31.07
C LEU F 876 58.26 98.29 32.03
N SER F 877 57.77 98.77 33.17
CA SER F 877 58.66 99.40 34.14
C SER F 877 59.72 98.42 34.63
N PHE F 878 59.41 97.13 34.64
CA PHE F 878 60.41 96.14 35.00
C PHE F 878 61.42 95.91 33.89
N ARG F 879 60.98 95.96 32.63
CA ARG F 879 61.90 95.76 31.52
C ARG F 879 62.97 96.83 31.49
N LEU F 880 62.58 98.09 31.67
CA LEU F 880 63.52 99.20 31.59
C LEU F 880 64.41 99.26 32.82
N ASP F 881 63.83 99.09 34.00
CA ASP F 881 64.51 99.26 35.28
C ASP F 881 65.09 97.95 35.79
N PHE F 882 65.43 97.02 34.91
CA PHE F 882 66.05 95.77 35.32
C PHE F 882 67.40 96.09 35.95
N ASN F 883 67.78 95.30 36.95
CA ASN F 883 68.96 95.45 37.80
C ASN F 883 68.98 96.79 38.53
N GLU F 884 67.88 97.55 38.45
CA GLU F 884 67.72 98.80 39.19
C GLU F 884 68.89 99.76 38.95
N HIS F 885 69.27 99.94 37.69
CA HIS F 885 70.30 100.93 37.39
C HIS F 885 69.78 102.34 37.61
N TYR F 886 68.51 102.58 37.32
CA TYR F 886 67.85 103.81 37.72
C TYR F 886 67.27 103.61 39.11
N LYS F 887 66.46 104.56 39.56
CA LYS F 887 65.90 104.54 40.91
C LYS F 887 67.00 104.42 41.97
N ALA F 888 68.18 104.96 41.66
CA ALA F 888 69.34 104.91 42.54
C ALA F 888 69.66 103.49 43.00
N LEU G 203 -47.09 88.18 -6.48
CA LEU G 203 -47.53 89.16 -5.50
C LEU G 203 -47.08 88.77 -4.09
N PRO G 204 -45.79 88.94 -3.80
CA PRO G 204 -45.29 88.54 -2.48
C PRO G 204 -45.72 89.47 -1.36
N GLY G 206 -46.31 90.62 -1.67
CA GLY G 206 -46.79 91.50 -0.62
C GLY G 206 -48.01 90.94 0.09
N THR G 207 -48.96 90.40 -0.66
CA THR G 207 -50.17 89.81 -0.11
C THR G 207 -49.98 88.34 0.26
N LEU G 208 -48.76 87.91 0.52
CA LEU G 208 -48.39 86.53 0.78
C LEU G 208 -47.78 86.40 2.17
N PRO G 209 -48.01 85.29 2.86
CA PRO G 209 -47.50 85.14 4.23
C PRO G 209 -45.98 85.26 4.31
N LEU G 210 -45.50 85.40 5.54
CA LEU G 210 -44.09 85.68 5.78
C LEU G 210 -43.25 84.41 5.71
N ALA G 211 -43.55 83.43 6.56
CA ALA G 211 -42.71 82.25 6.67
C ALA G 211 -42.71 81.41 5.39
N SER G 212 -43.69 81.61 4.52
CA SER G 212 -43.77 80.83 3.29
C SER G 212 -43.13 81.51 2.09
N GLN G 213 -43.22 82.84 1.99
CA GLN G 213 -42.61 83.53 0.87
C GLN G 213 -41.10 83.38 0.87
N GLU G 214 -40.49 83.13 2.02
CA GLU G 214 -39.06 82.86 2.05
C GLU G 214 -38.72 81.60 1.27
N SER G 215 -39.60 80.60 1.29
CA SER G 215 -39.36 79.40 0.49
C SER G 215 -39.55 79.65 -1.00
N ALA G 216 -40.18 80.76 -1.36
CA ALA G 216 -40.30 81.11 -2.78
C ALA G 216 -39.07 81.85 -3.27
N VAL G 217 -38.45 82.66 -2.42
CA VAL G 217 -37.22 83.35 -2.81
C VAL G 217 -36.06 82.36 -2.92
N VAL G 218 -36.02 81.37 -2.03
CA VAL G 218 -34.90 80.44 -2.04
C VAL G 218 -34.92 79.56 -3.28
N GLU G 219 -36.10 79.37 -3.91
CA GLU G 219 -36.11 78.67 -5.18
C GLU G 219 -35.82 79.60 -6.34
N ASP G 220 -36.22 80.87 -6.22
CA ASP G 220 -35.84 81.86 -7.21
C ASP G 220 -34.35 82.11 -7.17
N LEU G 221 -33.82 82.38 -5.98
CA LEU G 221 -32.41 82.61 -5.78
C LEU G 221 -31.56 81.40 -6.12
N LEU G 222 -32.21 80.23 -6.17
CA LEU G 222 -31.55 78.93 -6.44
C LEU G 222 -31.37 78.76 -7.95
N TYR G 223 -31.65 79.81 -8.71
CA TYR G 223 -31.48 79.78 -10.18
C TYR G 223 -30.47 80.87 -10.58
N VAL G 224 -30.65 82.07 -10.03
CA VAL G 224 -29.75 83.18 -10.31
C VAL G 224 -28.30 82.78 -10.07
N LEU G 225 -28.07 81.82 -9.16
CA LEU G 225 -26.71 81.34 -8.98
C LEU G 225 -26.20 80.56 -10.19
N VAL G 226 -27.04 80.30 -11.18
CA VAL G 226 -26.65 79.54 -12.36
C VAL G 226 -26.45 80.48 -13.53
N GLY G 227 -27.19 81.59 -13.52
CA GLY G 227 -27.10 82.61 -14.59
C GLY G 227 -28.46 82.97 -15.15
N VAL G 228 -29.33 81.97 -15.35
CA VAL G 228 -30.70 82.19 -15.94
C VAL G 228 -31.48 83.14 -15.03
N ASP G 229 -32.28 84.03 -15.64
CA ASP G 229 -33.09 85.04 -14.90
C ASP G 229 -34.18 84.35 -14.06
N GLY G 230 -34.59 84.99 -12.96
CA GLY G 230 -35.55 84.40 -12.07
C GLY G 230 -36.90 85.09 -12.09
N ARG G 231 -37.80 84.68 -11.20
CA ARG G 231 -39.12 85.26 -11.16
C ARG G 231 -39.13 86.60 -10.43
N TYR G 232 -38.56 86.64 -9.23
CA TYR G 232 -38.49 87.88 -8.44
C TYR G 232 -37.11 88.52 -8.52
N VAL G 233 -36.05 87.76 -8.24
CA VAL G 233 -34.70 88.30 -8.28
C VAL G 233 -34.25 88.36 -9.73
N SER G 234 -34.49 89.48 -10.39
CA SER G 234 -34.16 89.63 -11.81
C SER G 234 -32.81 90.30 -11.98
N ALA G 235 -32.35 90.31 -13.22
CA ALA G 235 -31.09 90.95 -13.59
C ALA G 235 -31.37 92.20 -14.41
N GLN G 236 -30.40 93.12 -14.38
CA GLN G 236 -30.50 94.36 -15.12
C GLN G 236 -29.40 94.43 -16.17
N PRO G 237 -29.64 95.11 -17.29
CA PRO G 237 -28.62 95.18 -18.34
C PRO G 237 -27.33 95.80 -17.82
N LEU G 238 -26.22 95.30 -18.33
CA LEU G 238 -24.90 95.69 -17.84
C LEU G 238 -24.63 97.15 -18.17
N SER G 243 -19.87 93.37 -12.37
CA SER G 243 -20.47 94.70 -12.43
C SER G 243 -21.96 94.60 -12.69
N ARG G 244 -22.46 93.38 -12.73
CA ARG G 244 -23.89 93.16 -12.93
C ARG G 244 -24.65 93.62 -11.68
N THR G 245 -25.68 94.43 -11.89
CA THR G 245 -26.50 94.91 -10.79
C THR G 245 -27.91 94.32 -10.90
N PHE G 246 -28.42 93.83 -9.78
CA PHE G 246 -29.70 93.14 -9.73
C PHE G 246 -30.75 94.02 -9.07
N LEU G 247 -32.00 93.59 -9.20
CA LEU G 247 -33.11 94.17 -8.44
C LEU G 247 -33.95 93.04 -7.89
N VAL G 248 -34.48 93.21 -6.68
CA VAL G 248 -35.19 92.11 -6.04
C VAL G 248 -36.70 92.30 -6.11
N ASP G 249 -37.22 93.36 -5.47
CA ASP G 249 -38.61 93.76 -5.49
C ASP G 249 -38.82 94.99 -4.62
N PRO G 250 -39.81 95.81 -4.93
CA PRO G 250 -40.08 96.98 -4.08
C PRO G 250 -40.75 96.61 -2.77
N ASN G 251 -41.70 95.68 -2.81
CA ASN G 251 -42.49 95.31 -1.64
C ASN G 251 -42.14 93.90 -1.18
N LEU G 252 -41.08 93.82 -0.37
CA LEU G 252 -40.65 92.57 0.24
C LEU G 252 -40.25 92.88 1.67
N ASP G 253 -40.16 91.85 2.50
CA ASP G 253 -39.83 92.07 3.90
C ASP G 253 -38.41 92.58 4.08
N LEU G 254 -38.25 93.56 4.97
CA LEU G 254 -36.94 94.17 5.18
C LEU G 254 -35.91 93.16 5.66
N SER G 255 -36.32 92.21 6.48
CA SER G 255 -35.39 91.21 7.01
C SER G 255 -35.14 90.08 6.03
N ILE G 256 -35.54 90.23 4.77
CA ILE G 256 -35.20 89.28 3.72
C ILE G 256 -34.27 89.91 2.69
N ARG G 257 -34.65 91.06 2.14
CA ARG G 257 -33.84 91.71 1.11
C ARG G 257 -32.45 92.02 1.63
N GLU G 258 -32.34 92.52 2.86
CA GLU G 258 -31.03 92.75 3.43
C GLU G 258 -30.25 91.47 3.61
N LEU G 259 -30.93 90.32 3.59
CA LEU G 259 -30.24 89.04 3.60
C LEU G 259 -30.02 88.50 2.20
N VAL G 260 -30.95 88.74 1.27
CA VAL G 260 -30.75 88.29 -0.11
C VAL G 260 -29.56 89.01 -0.72
N HIS G 261 -29.50 90.33 -0.58
CA HIS G 261 -28.42 91.11 -1.15
C HIS G 261 -27.05 90.72 -0.64
N ARG G 262 -26.97 89.84 0.37
CA ARG G 262 -25.70 89.33 0.81
C ARG G 262 -25.24 88.12 0.02
N ILE G 263 -26.15 87.45 -0.68
CA ILE G 263 -25.79 86.26 -1.45
C ILE G 263 -25.45 86.62 -2.89
N LEU G 264 -26.19 87.55 -3.48
CA LEU G 264 -26.05 87.95 -4.87
C LEU G 264 -24.62 88.29 -5.30
N PRO G 265 -23.75 88.79 -4.42
CA PRO G 265 -22.34 88.92 -4.81
C PRO G 265 -21.66 87.62 -5.21
N VAL G 266 -22.37 86.49 -5.18
CA VAL G 266 -21.88 85.28 -5.83
C VAL G 266 -22.53 85.10 -7.21
N ALA G 267 -23.60 85.81 -7.50
CA ALA G 267 -24.14 85.80 -8.86
C ALA G 267 -23.37 86.76 -9.74
N ALA G 268 -23.13 87.97 -9.25
CA ALA G 268 -22.37 88.95 -10.03
C ALA G 268 -20.94 88.49 -10.28
N SER G 269 -20.33 87.83 -9.31
CA SER G 269 -19.01 87.26 -9.52
C SER G 269 -19.05 85.99 -10.36
N TYR G 270 -20.22 85.62 -10.87
CA TYR G 270 -20.35 84.55 -11.83
C TYR G 270 -20.82 85.01 -13.19
N SER G 271 -21.61 86.07 -13.25
CA SER G 271 -21.90 86.71 -14.52
C SER G 271 -20.77 87.53 -15.01
N ALA G 272 -19.59 87.40 -14.41
CA ALA G 272 -18.40 88.07 -14.88
C ALA G 272 -17.22 87.14 -15.03
N VAL G 273 -17.38 85.85 -14.73
CA VAL G 273 -16.38 84.85 -15.00
C VAL G 273 -16.76 84.00 -16.21
N THR G 274 -18.04 83.67 -16.33
CA THR G 274 -18.50 82.97 -17.53
C THR G 274 -18.47 83.86 -18.76
N ARG G 275 -18.38 85.17 -18.57
CA ARG G 275 -18.15 86.08 -19.68
C ARG G 275 -16.67 86.21 -20.00
N PHE G 276 -15.81 85.67 -19.16
CA PHE G 276 -14.39 85.59 -19.44
C PHE G 276 -14.02 84.28 -20.09
N ILE G 277 -14.81 83.23 -19.87
CA ILE G 277 -14.58 81.96 -20.52
C ILE G 277 -15.08 82.00 -21.96
N GLU G 278 -16.31 82.49 -22.14
CA GLU G 278 -16.96 82.56 -23.48
C GLU G 278 -16.28 83.62 -24.36
N GLU G 279 -15.23 84.27 -23.87
CA GLU G 279 -14.55 85.31 -24.63
C GLU G 279 -13.05 85.05 -24.82
N LYS G 280 -12.33 84.74 -23.76
CA LYS G 280 -10.88 84.60 -23.84
C LYS G 280 -10.45 83.28 -24.42
N SER G 281 -11.33 82.52 -25.06
CA SER G 281 -10.94 81.28 -25.71
C SER G 281 -10.73 81.44 -27.20
N SER G 282 -10.78 82.67 -27.71
CA SER G 282 -10.56 82.91 -29.12
C SER G 282 -9.09 82.68 -29.48
N PHE G 283 -8.81 82.71 -30.77
CA PHE G 283 -7.46 82.44 -31.25
C PHE G 283 -6.57 83.67 -31.28
N GLU G 284 -7.14 84.84 -31.02
CA GLU G 284 -6.34 86.10 -31.01
C GLU G 284 -5.94 86.43 -29.56
N TYR G 285 -5.40 85.45 -28.84
CA TYR G 285 -5.00 85.65 -27.42
C TYR G 285 -3.74 84.82 -27.08
N GLY G 286 -3.41 83.78 -27.87
CA GLY G 286 -2.23 83.01 -27.55
C GLY G 286 -2.58 81.69 -26.89
N GLN G 287 -1.54 80.97 -26.52
CA GLN G 287 -1.67 79.65 -25.95
C GLN G 287 -1.68 79.66 -24.42
N VAL G 288 -1.75 80.83 -23.81
CA VAL G 288 -1.85 80.93 -22.35
C VAL G 288 -3.20 81.47 -21.93
N ASN G 289 -3.67 82.56 -22.54
CA ASN G 289 -5.05 82.97 -22.32
C ASN G 289 -6.06 81.94 -22.77
N HIS G 290 -5.62 80.82 -23.34
CA HIS G 290 -6.50 79.67 -23.58
C HIS G 290 -6.53 78.76 -22.38
N ALA G 291 -5.37 78.26 -21.96
CA ALA G 291 -5.32 77.34 -20.84
C ALA G 291 -5.81 77.98 -19.56
N LEU G 292 -5.55 79.27 -19.37
CA LEU G 292 -6.13 79.98 -18.24
C LEU G 292 -7.64 80.05 -18.33
N ALA G 293 -8.21 79.95 -19.53
CA ALA G 293 -9.65 79.94 -19.67
C ALA G 293 -10.24 78.54 -19.69
N ALA G 294 -9.41 77.50 -19.81
CA ALA G 294 -9.91 76.14 -19.67
C ALA G 294 -9.88 75.70 -18.21
N ALA G 295 -8.73 75.85 -17.57
CA ALA G 295 -8.63 75.52 -16.15
C ALA G 295 -9.52 76.42 -15.29
N MET G 296 -10.01 77.52 -15.84
CA MET G 296 -11.02 78.34 -15.20
C MET G 296 -12.43 77.92 -15.62
N ARG G 297 -12.55 76.85 -16.41
CA ARG G 297 -13.84 76.31 -16.79
C ARG G 297 -14.17 75.02 -16.07
N THR G 298 -13.15 74.26 -15.65
CA THR G 298 -13.40 73.12 -14.78
C THR G 298 -14.05 73.55 -13.48
N LEU G 299 -13.71 74.74 -12.98
CA LEU G 299 -14.31 75.20 -11.73
C LEU G 299 -15.78 75.54 -11.90
N VAL G 300 -16.14 76.22 -12.99
CA VAL G 300 -17.54 76.58 -13.20
C VAL G 300 -18.39 75.34 -13.27
N LYS G 301 -17.84 74.22 -13.74
CA LYS G 301 -18.58 72.97 -13.70
C LYS G 301 -18.83 72.54 -12.26
N GLU G 302 -17.79 72.60 -11.42
CA GLU G 302 -17.94 72.25 -10.02
C GLU G 302 -18.84 73.21 -9.26
N HIS G 303 -19.20 74.34 -9.86
CA HIS G 303 -20.21 75.21 -9.29
C HIS G 303 -21.60 74.89 -9.84
N LEU G 304 -21.67 74.31 -11.04
CA LEU G 304 -22.96 73.86 -11.57
C LEU G 304 -23.44 72.60 -10.89
N ILE G 305 -22.60 71.95 -10.11
CA ILE G 305 -23.02 70.79 -9.31
C ILE G 305 -23.47 71.23 -7.92
N LEU G 306 -22.72 72.14 -7.30
CA LEU G 306 -23.11 72.64 -5.99
C LEU G 306 -24.43 73.39 -6.03
N VAL G 307 -24.99 73.57 -7.22
CA VAL G 307 -26.36 74.18 -7.29
C VAL G 307 -27.37 73.02 -7.32
N SER G 308 -26.95 71.87 -7.87
CA SER G 308 -27.83 70.68 -8.05
C SER G 308 -28.16 70.00 -6.71
N GLN G 309 -27.17 69.82 -5.84
CA GLN G 309 -27.41 69.08 -4.57
C GLN G 309 -28.48 69.78 -3.73
N LEU G 310 -28.41 71.10 -3.62
CA LEU G 310 -29.42 71.87 -2.83
C LEU G 310 -30.80 71.70 -3.46
N GLU G 311 -30.86 71.73 -4.80
CA GLU G 311 -32.14 71.56 -5.54
C GLU G 311 -32.78 70.23 -5.10
N GLN G 312 -31.98 69.15 -5.09
CA GLN G 312 -32.51 67.81 -4.71
C GLN G 312 -32.98 67.89 -3.25
N LEU G 313 -32.19 68.52 -2.38
CA LEU G 313 -32.55 68.67 -0.95
C LEU G 313 -33.80 69.55 -0.83
N HIS G 314 -33.91 70.59 -1.65
CA HIS G 314 -35.09 71.50 -1.60
C HIS G 314 -36.37 70.71 -1.93
N ARG G 315 -36.29 69.80 -2.90
CA ARG G 315 -37.48 68.97 -3.30
C ARG G 315 -38.04 68.29 -2.04
N GLN G 316 -37.33 68.41 -0.92
CA GLN G 316 -37.74 67.84 0.35
C GLN G 316 -38.03 68.88 1.41
N GLY G 317 -37.95 70.17 1.09
CA GLY G 317 -38.22 71.23 2.03
C GLY G 317 -37.12 71.53 3.01
N LEU G 318 -35.97 70.86 2.91
CA LEU G 318 -34.91 70.99 3.90
C LEU G 318 -33.99 72.18 3.67
N LEU G 319 -34.39 73.15 2.85
CA LEU G 319 -33.48 74.24 2.47
C LEU G 319 -34.15 75.57 2.78
N SER G 320 -33.98 76.05 4.00
CA SER G 320 -34.45 77.37 4.36
C SER G 320 -33.43 78.42 3.95
N LEU G 321 -33.89 79.65 3.75
CA LEU G 321 -33.01 80.71 3.28
C LEU G 321 -31.81 80.87 4.20
N GLN G 322 -32.04 80.80 5.50
CA GLN G 322 -30.92 80.87 6.45
C GLN G 322 -29.96 79.70 6.26
N LYS G 323 -30.45 78.59 5.74
CA LYS G 323 -29.58 77.45 5.48
C LYS G 323 -28.76 77.65 4.21
N LEU G 324 -29.26 78.42 3.27
CA LEU G 324 -28.52 78.68 2.05
C LEU G 324 -27.28 79.53 2.34
N TRP G 325 -27.44 80.57 3.13
CA TRP G 325 -26.37 81.51 3.46
C TRP G 325 -25.18 80.83 4.13
N PHE G 326 -25.30 79.57 4.49
CA PHE G 326 -24.17 78.82 5.02
C PHE G 326 -23.51 77.93 3.99
N TYR G 327 -24.29 77.29 3.12
CA TYR G 327 -23.72 76.30 2.21
C TYR G 327 -22.88 76.95 1.13
N ILE G 328 -23.26 78.14 0.69
CA ILE G 328 -22.54 78.82 -0.40
C ILE G 328 -21.29 79.52 0.06
N GLN G 329 -20.97 79.51 1.35
CA GLN G 329 -19.81 80.23 1.84
C GLN G 329 -18.52 79.89 1.09
N PRO G 330 -18.21 78.63 0.78
CA PRO G 330 -17.02 78.38 -0.03
C PRO G 330 -17.19 78.79 -1.48
N ALA G 331 -18.38 78.66 -2.06
CA ALA G 331 -18.58 79.07 -3.43
C ALA G 331 -18.68 80.58 -3.59
N MET G 332 -18.73 81.32 -2.49
CA MET G 332 -18.67 82.77 -2.54
C MET G 332 -17.25 83.28 -2.45
N ARG G 333 -16.33 82.46 -1.96
CA ARG G 333 -14.92 82.83 -1.87
C ARG G 333 -14.12 82.37 -3.07
N THR G 334 -14.46 81.24 -3.68
CA THR G 334 -13.77 80.83 -4.90
C THR G 334 -14.17 81.71 -6.07
N MET G 335 -15.46 81.94 -6.26
CA MET G 335 -15.90 82.83 -7.33
C MET G 335 -15.52 84.27 -7.07
N ASP G 336 -14.86 84.58 -5.96
CA ASP G 336 -14.33 85.92 -5.74
C ASP G 336 -12.84 86.01 -6.02
N ILE G 337 -12.17 84.89 -6.29
CA ILE G 337 -10.82 84.94 -6.82
C ILE G 337 -10.83 84.94 -8.33
N LEU G 338 -11.63 84.07 -8.94
CA LEU G 338 -11.69 84.03 -10.40
C LEU G 338 -12.30 85.30 -10.97
N ALA G 339 -13.08 86.05 -10.21
CA ALA G 339 -13.59 87.33 -10.67
C ALA G 339 -12.64 88.47 -10.36
N SER G 340 -11.46 88.18 -9.82
CA SER G 340 -10.41 89.18 -9.65
C SER G 340 -9.22 88.96 -10.57
N LEU G 341 -8.99 87.73 -11.02
CA LEU G 341 -8.02 87.51 -12.09
C LEU G 341 -8.60 87.88 -13.44
N ALA G 342 -9.88 87.59 -13.65
CA ALA G 342 -10.54 87.96 -14.89
C ALA G 342 -10.74 89.47 -15.04
N THR G 343 -10.38 90.25 -14.03
CA THR G 343 -10.38 91.70 -14.15
C THR G 343 -9.01 92.31 -14.02
N SER G 344 -8.01 91.54 -13.60
CA SER G 344 -6.62 91.98 -13.61
C SER G 344 -5.84 91.41 -14.78
N VAL G 345 -6.51 90.70 -15.68
CA VAL G 345 -5.89 90.20 -16.90
C VAL G 345 -6.37 91.10 -18.04
N ASP G 346 -7.53 91.71 -17.86
CA ASP G 346 -8.07 92.64 -18.86
C ASP G 346 -7.76 94.09 -18.54
N LYS G 347 -7.37 94.42 -17.32
CA LYS G 347 -6.97 95.79 -17.01
C LYS G 347 -5.76 96.19 -17.84
N GLY G 348 -4.64 95.51 -17.64
CA GLY G 348 -3.50 95.62 -18.51
C GLY G 348 -3.46 94.42 -19.42
N GLU G 349 -3.54 94.68 -20.73
CA GLU G 349 -3.64 93.60 -21.71
C GLU G 349 -2.46 92.65 -21.57
N CYS G 350 -2.72 91.43 -21.11
CA CYS G 350 -1.69 90.43 -20.88
C CYS G 350 -1.93 89.25 -21.80
N LEU G 351 -0.88 88.84 -22.52
CA LEU G 351 -0.91 87.61 -23.31
C LEU G 351 0.51 87.10 -23.40
N GLY G 352 0.68 85.82 -23.20
CA GLY G 352 2.01 85.21 -23.27
C GLY G 352 2.67 85.14 -21.89
N GLY G 353 3.67 86.00 -21.67
CA GLY G 353 4.42 85.95 -20.44
C GLY G 353 3.84 86.82 -19.34
N SER G 354 3.38 88.02 -19.70
CA SER G 354 2.87 88.94 -18.68
C SER G 354 1.59 88.42 -18.05
N THR G 355 0.86 87.54 -18.74
CA THR G 355 -0.24 86.81 -18.14
C THR G 355 0.22 85.55 -17.43
N LEU G 356 1.52 85.41 -17.21
CA LEU G 356 2.07 84.39 -16.34
C LEU G 356 2.89 84.99 -15.22
N SER G 357 3.30 86.25 -15.35
CA SER G 357 3.86 86.98 -14.22
C SER G 357 2.78 87.31 -13.21
N LEU G 358 1.58 87.66 -13.70
CA LEU G 358 0.49 88.02 -12.80
C LEU G 358 0.07 86.83 -11.95
N LEU G 359 0.05 85.63 -12.52
CA LEU G 359 -0.33 84.42 -11.81
C LEU G 359 0.80 83.86 -10.96
N HIS G 360 1.95 84.53 -10.89
CA HIS G 360 2.97 84.20 -9.93
C HIS G 360 3.07 85.22 -8.81
N ASP G 361 2.44 86.38 -8.97
CA ASP G 361 2.35 87.38 -7.90
C ASP G 361 1.02 87.32 -7.18
N ARG G 362 -0.08 87.11 -7.90
CA ARG G 362 -1.36 86.85 -7.24
C ARG G 362 -1.36 85.54 -6.49
N SER G 363 -0.33 84.73 -6.63
CA SER G 363 -0.19 83.51 -5.86
C SER G 363 0.78 83.65 -4.69
N PHE G 364 1.57 84.71 -4.68
CA PHE G 364 2.45 84.99 -3.56
C PHE G 364 1.80 85.93 -2.55
N SER G 365 0.88 86.78 -3.02
CA SER G 365 0.14 87.64 -2.11
C SER G 365 -0.72 86.84 -1.16
N TYR G 366 -1.16 85.65 -1.56
CA TYR G 366 -1.89 84.75 -0.69
C TYR G 366 -0.95 83.71 -0.09
N THR G 367 0.08 84.16 0.63
CA THR G 367 1.05 83.23 1.17
C THR G 367 0.63 82.63 2.50
N GLY G 368 -0.53 83.00 3.03
CA GLY G 368 -0.94 82.47 4.30
C GLY G 368 -2.42 82.12 4.37
N ASP G 369 -3.11 82.25 3.24
CA ASP G 369 -4.54 81.94 3.22
C ASP G 369 -4.78 80.44 3.14
N SER G 370 -4.08 79.75 2.23
CA SER G 370 -4.10 78.30 2.11
C SER G 370 -5.45 77.76 1.64
N GLN G 371 -6.43 78.64 1.47
CA GLN G 371 -7.67 78.30 0.79
C GLN G 371 -7.85 79.06 -0.50
N ALA G 372 -7.08 80.14 -0.69
CA ALA G 372 -7.00 80.84 -1.96
C ALA G 372 -5.58 80.83 -2.51
N GLN G 373 -4.70 80.02 -1.95
CA GLN G 373 -3.41 79.74 -2.55
C GLN G 373 -3.34 78.35 -3.16
N GLU G 374 -4.05 77.37 -2.61
CA GLU G 374 -4.21 76.10 -3.30
C GLU G 374 -5.03 76.25 -4.57
N LEU G 375 -5.70 77.38 -4.76
CA LEU G 375 -6.42 77.66 -5.99
C LEU G 375 -5.52 78.34 -7.01
N CYS G 376 -4.99 79.52 -6.67
CA CYS G 376 -4.11 80.24 -7.59
C CYS G 376 -2.84 79.46 -7.91
N LEU G 377 -2.56 78.37 -7.20
CA LEU G 377 -1.51 77.45 -7.60
C LEU G 377 -2.03 76.34 -8.51
N TYR G 378 -3.34 76.21 -8.66
CA TYR G 378 -3.88 75.32 -9.66
C TYR G 378 -4.03 76.00 -11.01
N LEU G 379 -4.24 77.32 -11.01
CA LEU G 379 -4.34 78.05 -12.27
C LEU G 379 -2.96 78.22 -12.90
N THR G 380 -1.97 78.64 -12.12
CA THR G 380 -0.62 78.81 -12.65
C THR G 380 -0.03 77.50 -13.14
N LYS G 381 -0.24 76.42 -12.38
CA LYS G 381 0.26 75.13 -12.79
C LYS G 381 -0.42 74.60 -14.04
N ALA G 382 -1.54 75.21 -14.46
CA ALA G 382 -2.25 74.81 -15.66
C ALA G 382 -2.17 75.83 -16.79
N ALA G 383 -1.98 77.10 -16.47
CA ALA G 383 -1.83 78.14 -17.48
C ALA G 383 -0.37 78.36 -17.85
N SER G 384 0.49 77.39 -17.60
CA SER G 384 1.90 77.51 -17.96
C SER G 384 2.44 76.26 -18.64
N ALA G 385 1.63 75.23 -18.80
CA ALA G 385 2.08 74.09 -19.60
C ALA G 385 2.28 74.44 -21.06
N PRO G 386 1.39 75.19 -21.73
CA PRO G 386 1.66 75.52 -23.14
C PRO G 386 2.88 76.39 -23.30
N TYR G 387 3.13 77.31 -22.37
CA TYR G 387 4.36 78.10 -22.43
C TYR G 387 5.58 77.23 -22.19
N PHE G 388 5.45 76.21 -21.35
CA PHE G 388 6.58 75.35 -21.06
C PHE G 388 6.76 74.22 -22.07
N GLU G 389 5.86 74.08 -23.04
CA GLU G 389 6.05 73.07 -24.07
C GLU G 389 6.79 73.61 -25.28
N VAL G 390 6.88 74.93 -25.42
CA VAL G 390 7.77 75.51 -26.41
C VAL G 390 9.16 75.73 -25.82
N LEU G 391 9.26 75.96 -24.51
CA LEU G 391 10.55 76.06 -23.87
C LEU G 391 11.32 74.76 -23.94
N GLU G 392 10.62 73.63 -23.91
CA GLU G 392 11.26 72.34 -24.09
C GLU G 392 11.63 72.08 -25.55
N LYS G 393 11.26 72.97 -26.46
CA LYS G 393 11.72 72.91 -27.84
C LYS G 393 12.84 73.89 -28.12
N TRP G 394 13.01 74.90 -27.28
CA TRP G 394 14.06 75.90 -27.47
C TRP G 394 15.33 75.58 -26.70
N ILE G 395 15.25 74.76 -25.66
CA ILE G 395 16.45 74.39 -24.90
C ILE G 395 17.04 73.09 -25.42
N TYR G 396 16.20 72.08 -25.65
CA TYR G 396 16.69 70.81 -26.13
C TYR G 396 16.86 70.77 -27.64
N ARG G 397 16.34 71.76 -28.35
CA ARG G 397 16.54 71.92 -29.78
C ARG G 397 16.50 73.40 -30.10
N GLY G 398 16.75 73.73 -31.37
CA GLY G 398 16.79 75.13 -31.74
C GLY G 398 15.52 75.69 -32.31
N ILE G 399 14.51 74.86 -32.53
CA ILE G 399 13.31 75.28 -33.23
C ILE G 399 12.39 76.03 -32.28
N ILE G 400 11.86 77.16 -32.74
CA ILE G 400 10.93 77.99 -31.99
C ILE G 400 9.64 78.08 -32.80
N HIS G 401 8.58 77.45 -32.30
CA HIS G 401 7.33 77.45 -33.07
C HIS G 401 6.54 78.73 -32.83
N ASP G 402 6.04 78.93 -31.61
CA ASP G 402 5.40 80.15 -31.12
C ASP G 402 4.59 80.88 -32.19
N PRO G 403 3.50 80.28 -32.70
CA PRO G 403 2.77 80.94 -33.80
C PRO G 403 2.35 82.35 -33.47
N TYR G 404 1.70 82.56 -32.33
CA TYR G 404 1.42 83.90 -31.86
C TYR G 404 2.65 84.46 -31.19
N SER G 405 2.89 85.76 -31.36
CA SER G 405 4.10 86.36 -30.86
C SER G 405 4.03 86.52 -29.34
N GLU G 406 4.37 85.45 -28.60
CA GLU G 406 4.28 85.48 -27.15
C GLU G 406 5.49 84.95 -26.42
N PHE G 407 6.33 84.13 -27.05
CA PHE G 407 7.48 83.57 -26.36
C PHE G 407 8.49 84.68 -26.04
N MET G 408 9.38 84.38 -25.09
CA MET G 408 10.36 85.39 -24.66
C MET G 408 11.40 85.66 -25.73
N VAL G 409 11.67 84.68 -26.60
CA VAL G 409 12.70 84.79 -27.62
C VAL G 409 12.03 84.74 -28.99
N GLU G 410 12.31 85.73 -29.83
CA GLU G 410 11.81 85.77 -31.19
C GLU G 410 12.97 85.80 -32.16
N GLU G 411 12.83 85.10 -33.28
CA GLU G 411 13.86 85.07 -34.30
C GLU G 411 13.68 86.22 -35.28
N HIS G 412 14.64 86.35 -36.20
CA HIS G 412 14.62 87.41 -37.18
C HIS G 412 15.12 86.85 -38.51
N GLU G 413 15.30 87.73 -39.48
CA GLU G 413 15.84 87.34 -40.78
C GLU G 413 16.89 88.34 -41.25
N TYR G 427 26.71 89.70 -36.90
CA TYR G 427 25.93 88.99 -37.90
C TYR G 427 24.91 88.06 -37.25
N TRP G 428 25.15 87.71 -35.98
CA TRP G 428 24.22 86.87 -35.25
C TRP G 428 23.73 87.50 -33.95
N ASP G 429 24.17 88.71 -33.62
CA ASP G 429 23.62 89.38 -32.45
C ASP G 429 22.25 89.99 -32.72
N GLN G 430 21.74 89.88 -33.96
CA GLN G 430 20.43 90.41 -34.30
C GLN G 430 19.45 89.30 -34.69
N ARG G 431 19.91 88.06 -34.79
CA ARG G 431 19.03 86.97 -35.19
C ARG G 431 17.97 86.68 -34.12
N TYR G 432 18.41 86.29 -32.93
CA TYR G 432 17.51 86.03 -31.82
C TYR G 432 17.70 87.10 -30.75
N THR G 433 16.61 87.75 -30.36
CA THR G 433 16.67 88.83 -29.40
C THR G 433 15.70 88.55 -28.26
N ILE G 434 16.16 88.78 -27.03
CA ILE G 434 15.31 88.65 -25.86
C ILE G 434 14.25 89.74 -25.90
N VAL G 435 12.99 89.34 -25.78
CA VAL G 435 11.89 90.30 -25.65
C VAL G 435 11.69 90.58 -24.17
N GLN G 436 11.55 91.86 -23.83
CA GLN G 436 11.55 92.24 -22.41
C GLN G 436 10.19 92.05 -21.77
N GLN G 437 9.11 92.32 -22.52
CA GLN G 437 7.77 92.23 -21.93
C GLN G 437 7.46 90.81 -21.52
N GLN G 438 7.65 89.85 -22.42
CA GLN G 438 7.21 88.48 -22.19
C GLN G 438 8.29 87.67 -21.46
N ILE G 439 8.59 88.10 -20.24
CA ILE G 439 9.44 87.36 -19.32
C ILE G 439 8.60 87.02 -18.10
N PRO G 440 8.51 85.74 -17.71
CA PRO G 440 7.54 85.34 -16.68
C PRO G 440 7.83 85.86 -15.28
N SER G 441 8.90 86.63 -15.07
CA SER G 441 9.24 87.22 -13.78
C SER G 441 9.52 86.17 -12.70
N PHE G 442 9.51 84.89 -13.07
CA PHE G 442 10.13 83.87 -12.24
C PHE G 442 11.25 83.16 -12.98
N LEU G 443 11.41 83.42 -14.28
CA LEU G 443 12.60 83.07 -15.03
C LEU G 443 13.52 84.26 -15.22
N GLN G 444 13.25 85.37 -14.53
CA GLN G 444 14.05 86.57 -14.67
C GLN G 444 15.50 86.33 -14.30
N LYS G 445 15.75 85.43 -13.35
CA LYS G 445 17.12 85.14 -12.95
C LYS G 445 17.89 84.48 -14.08
N MET G 446 17.24 83.62 -14.86
CA MET G 446 17.87 82.90 -15.95
C MET G 446 17.34 83.36 -17.31
N ALA G 447 17.05 84.64 -17.44
CA ALA G 447 16.60 85.17 -18.72
C ALA G 447 17.70 85.19 -19.76
N ASP G 448 18.94 84.96 -19.36
CA ASP G 448 20.08 84.97 -20.27
C ASP G 448 20.52 83.58 -20.69
N LYS G 449 20.58 82.64 -19.75
CA LYS G 449 20.99 81.29 -20.09
C LYS G 449 19.99 80.58 -21.00
N ILE G 450 18.74 81.04 -21.02
CA ILE G 450 17.77 80.48 -21.96
C ILE G 450 18.16 80.84 -23.39
N LEU G 451 18.34 82.13 -23.66
CA LEU G 451 18.71 82.56 -25.00
C LEU G 451 20.08 82.04 -25.39
N SER G 452 21.05 82.08 -24.46
CA SER G 452 22.38 81.59 -24.73
C SER G 452 22.44 80.08 -24.94
N THR G 453 21.35 79.37 -24.68
CA THR G 453 21.34 77.93 -24.83
C THR G 453 21.00 77.52 -26.26
N GLY G 454 19.86 77.98 -26.76
CA GLY G 454 19.45 77.58 -28.09
C GLY G 454 20.32 78.16 -29.18
N LYS G 455 20.82 79.38 -28.97
CA LYS G 455 21.68 79.99 -29.97
C LYS G 455 22.92 79.14 -30.24
N TYR G 456 23.45 78.48 -29.21
CA TYR G 456 24.53 77.55 -29.44
C TYR G 456 24.06 76.35 -30.25
N LEU G 457 22.80 75.94 -30.09
CA LEU G 457 22.29 74.79 -30.81
C LEU G 457 22.10 75.08 -32.30
N ASN G 458 21.99 76.35 -32.68
CA ASN G 458 21.71 76.65 -34.07
C ASN G 458 22.97 76.80 -34.91
N VAL G 459 24.08 77.22 -34.31
CA VAL G 459 25.32 77.40 -35.06
C VAL G 459 26.01 76.05 -35.22
N VAL G 460 25.39 75.00 -34.71
CA VAL G 460 25.87 73.64 -34.91
C VAL G 460 24.91 72.83 -35.77
N ARG G 461 23.60 73.07 -35.63
CA ARG G 461 22.62 72.31 -36.40
C ARG G 461 22.71 72.63 -37.89
N GLU G 462 22.84 73.91 -38.24
CA GLU G 462 22.90 74.30 -39.64
C GLU G 462 24.23 73.93 -40.30
N CYS G 463 25.26 73.59 -39.52
CA CYS G 463 26.54 73.19 -40.07
C CYS G 463 26.72 71.67 -40.12
N GLY G 464 26.36 70.97 -39.05
CA GLY G 464 26.48 69.52 -39.01
C GLY G 464 26.55 68.96 -37.61
N GLU G 474 12.13 66.96 -19.61
CA GLU G 474 10.76 67.37 -19.28
C GLU G 474 10.75 68.35 -18.11
N ILE G 475 9.98 69.44 -18.24
CA ILE G 475 9.98 70.52 -17.27
C ILE G 475 8.55 70.72 -16.76
N ILE G 476 8.41 70.84 -15.45
CA ILE G 476 7.13 71.08 -14.80
C ILE G 476 7.26 72.25 -13.84
N TYR G 477 6.12 72.86 -13.52
CA TYR G 477 6.10 74.02 -12.64
C TYR G 477 5.84 73.58 -11.20
N THR G 478 6.66 74.09 -10.28
CA THR G 478 6.43 73.89 -8.85
C THR G 478 6.75 75.18 -8.12
N LEU G 479 6.04 75.42 -7.03
CA LEU G 479 6.31 76.56 -6.15
C LEU G 479 7.02 76.08 -4.90
N LYS G 480 8.02 76.86 -4.46
CA LYS G 480 8.91 76.54 -3.35
C LYS G 480 9.82 75.35 -3.64
N GLU G 481 9.78 74.82 -4.86
CA GLU G 481 10.74 73.84 -5.34
C GLU G 481 11.22 74.27 -6.71
N ARG G 482 12.52 74.19 -6.94
CA ARG G 482 13.13 74.67 -8.17
C ARG G 482 13.48 73.53 -9.11
N ALA G 483 12.61 72.53 -9.19
CA ALA G 483 12.86 71.38 -10.06
C ALA G 483 13.00 71.75 -11.52
N TYR G 484 12.71 73.00 -11.89
CA TYR G 484 12.96 73.46 -13.25
C TYR G 484 14.19 74.35 -13.36
N VAL G 485 14.49 75.14 -12.33
CA VAL G 485 15.66 76.01 -12.39
C VAL G 485 16.93 75.18 -12.55
N GLU G 486 17.04 74.09 -11.80
CA GLU G 486 18.17 73.19 -11.99
C GLU G 486 18.11 72.49 -13.34
N GLN G 487 16.91 72.27 -13.87
CA GLN G 487 16.78 71.54 -15.12
C GLN G 487 17.31 72.33 -16.30
N ILE G 488 17.20 73.66 -16.26
CA ILE G 488 17.72 74.49 -17.33
C ILE G 488 19.24 74.43 -17.37
N GLU G 489 19.89 74.40 -16.21
CA GLU G 489 21.34 74.36 -16.16
C GLU G 489 21.89 73.03 -16.67
N LYS G 490 21.19 71.92 -16.38
CA LYS G 490 21.68 70.63 -16.84
C LYS G 490 21.63 70.50 -18.35
N ALA G 491 20.90 71.38 -19.04
CA ALA G 491 20.87 71.41 -20.49
C ALA G 491 21.78 72.48 -21.06
N PHE G 492 21.82 73.67 -20.46
CA PHE G 492 22.75 74.69 -20.91
C PHE G 492 24.19 74.23 -20.79
N ASN G 493 24.51 73.45 -19.75
CA ASN G 493 25.85 72.94 -19.58
C ASN G 493 26.20 71.87 -20.62
N TYR G 494 25.20 71.29 -21.28
CA TYR G 494 25.46 70.47 -22.45
C TYR G 494 25.32 71.24 -23.75
N ALA G 495 24.47 72.26 -23.77
CA ALA G 495 24.33 73.08 -24.97
C ALA G 495 25.64 73.73 -25.35
N SER G 496 26.47 74.07 -24.37
CA SER G 496 27.76 74.66 -24.65
C SER G 496 28.84 73.63 -24.95
N LYS G 497 28.85 72.52 -24.21
CA LYS G 497 29.91 71.53 -24.38
C LYS G 497 29.92 70.92 -25.76
N VAL G 498 28.80 70.95 -26.49
CA VAL G 498 28.81 70.43 -27.84
C VAL G 498 29.35 71.46 -28.82
N LEU G 499 29.10 72.75 -28.58
CA LEU G 499 29.58 73.77 -29.50
C LEU G 499 31.05 74.06 -29.28
N LEU G 500 31.48 74.22 -28.03
CA LEU G 500 32.88 74.50 -27.75
C LEU G 500 33.77 73.40 -28.30
N ASP G 501 33.39 72.14 -28.07
CA ASP G 501 34.17 71.03 -28.62
C ASP G 501 34.07 70.98 -30.13
N PHE G 502 32.97 71.49 -30.69
CA PHE G 502 32.82 71.50 -32.14
C PHE G 502 33.86 72.41 -32.79
N LEU G 503 34.30 73.43 -32.06
CA LEU G 503 35.23 74.45 -32.60
C LEU G 503 36.68 74.20 -32.15
N MET G 504 36.97 73.03 -31.59
CA MET G 504 38.37 72.76 -31.14
C MET G 504 38.92 71.55 -31.90
N GLU G 505 38.12 70.50 -32.09
CA GLU G 505 38.55 69.31 -32.81
C GLU G 505 38.27 69.42 -34.31
N GLU G 506 37.01 69.58 -34.67
CA GLU G 506 36.65 69.86 -36.06
C GLU G 506 36.76 71.36 -36.30
N LYS G 507 37.33 71.71 -37.47
CA LYS G 507 37.64 73.11 -37.89
C LYS G 507 38.31 73.83 -36.71
N GLU G 508 39.45 73.28 -36.27
CA GLU G 508 40.14 73.72 -35.02
C GLU G 508 40.43 75.22 -35.04
N LEU G 509 36.28 77.57 -31.48
CA LEU G 509 36.61 79.01 -31.42
C LEU G 509 38.10 79.19 -31.09
N VAL G 510 38.55 78.48 -30.05
CA VAL G 510 39.97 78.54 -29.56
C VAL G 510 40.92 78.23 -30.71
N ALA G 511 40.73 77.08 -31.38
CA ALA G 511 41.61 76.69 -32.50
C ALA G 511 41.49 77.75 -33.61
N HIS G 512 40.26 78.20 -33.89
CA HIS G 512 40.02 79.24 -34.93
C HIS G 512 40.73 80.54 -34.52
N LEU G 513 40.68 80.88 -33.23
CA LEU G 513 41.32 82.12 -32.71
C LEU G 513 42.84 82.00 -32.93
N ARG G 514 43.40 80.81 -32.68
CA ARG G 514 44.86 80.57 -32.86
C ARG G 514 45.21 80.79 -34.33
N SER G 515 44.36 80.29 -35.24
CA SER G 515 44.59 80.44 -36.69
C SER G 515 44.58 81.93 -37.06
N ILE G 516 43.63 82.69 -36.49
CA ILE G 516 43.54 84.16 -36.77
C ILE G 516 44.82 84.85 -36.30
N LYS G 517 45.29 84.46 -35.12
CA LYS G 517 46.53 85.06 -34.52
C LYS G 517 47.73 84.73 -35.41
N ARG G 518 47.79 83.50 -35.93
CA ARG G 518 48.94 83.03 -36.76
C ARG G 518 49.28 84.05 -37.87
N TYR G 519 48.30 84.83 -38.33
CA TYR G 519 48.59 85.82 -39.40
C TYR G 519 48.39 87.25 -38.88
N PHE G 520 47.21 87.55 -38.35
CA PHE G 520 46.88 88.91 -37.85
C PHE G 520 47.92 89.36 -36.81
N LEU G 521 48.27 88.48 -35.87
CA LEU G 521 49.27 88.82 -34.82
C LEU G 521 50.68 88.47 -35.31
N MET G 522 50.77 87.84 -36.49
CA MET G 522 52.07 87.46 -37.12
C MET G 522 52.94 86.68 -36.12
N ASP G 523 52.36 85.69 -35.43
CA ASP G 523 53.13 84.86 -34.46
C ASP G 523 54.02 83.92 -35.28
N GLN G 524 53.88 84.00 -36.60
CA GLN G 524 54.62 83.18 -37.55
C GLN G 524 55.65 84.05 -38.25
N GLY G 525 56.93 83.72 -38.08
CA GLY G 525 57.99 84.50 -38.67
C GLY G 525 58.33 84.07 -40.08
N ASP G 526 58.27 82.75 -40.32
CA ASP G 526 58.63 82.14 -41.64
C ASP G 526 57.69 82.60 -42.75
N PHE G 527 56.58 83.25 -42.42
CA PHE G 527 55.63 83.70 -43.43
C PHE G 527 55.87 85.13 -43.86
N PHE G 528 56.36 85.98 -42.97
CA PHE G 528 56.56 87.39 -43.32
C PHE G 528 57.91 87.62 -43.97
N VAL G 529 58.97 86.98 -43.46
CA VAL G 529 60.29 87.16 -44.05
C VAL G 529 60.31 86.66 -45.49
N HIS G 530 59.34 85.82 -45.84
CA HIS G 530 59.25 85.24 -47.20
C HIS G 530 58.22 86.00 -48.05
N PHE G 531 57.30 86.74 -47.41
CA PHE G 531 56.29 87.47 -48.16
C PHE G 531 56.80 88.85 -48.55
N MET G 532 57.36 89.60 -47.61
CA MET G 532 57.90 90.92 -47.94
C MET G 532 59.10 90.79 -48.88
N ASP G 533 59.81 89.67 -48.82
CA ASP G 533 60.91 89.47 -49.74
C ASP G 533 60.44 89.31 -51.18
N LEU G 534 59.22 88.82 -51.36
CA LEU G 534 58.67 88.62 -52.69
C LEU G 534 57.84 89.80 -53.17
N ALA G 535 57.06 90.41 -52.28
CA ALA G 535 56.11 91.45 -52.64
C ALA G 535 56.58 92.84 -52.18
N GLU G 536 57.88 93.12 -52.26
CA GLU G 536 58.37 94.44 -51.92
C GLU G 536 58.36 95.38 -53.11
N GLU G 537 58.91 94.93 -54.25
CA GLU G 537 58.92 95.75 -55.46
C GLU G 537 57.52 96.13 -55.88
N GLU G 538 56.54 95.27 -55.59
CA GLU G 538 55.16 95.50 -55.99
C GLU G 538 54.35 96.20 -54.90
N LEU G 539 55.00 96.63 -53.81
CA LEU G 539 54.35 97.45 -52.80
C LEU G 539 54.82 98.90 -52.79
N ARG G 540 56.06 99.16 -53.22
CA ARG G 540 56.53 100.54 -53.27
C ARG G 540 55.83 101.35 -54.35
N LYS G 541 55.17 100.70 -55.30
CA LYS G 541 54.37 101.41 -56.28
C LYS G 541 53.23 102.13 -55.58
N PRO G 542 52.76 103.25 -56.13
CA PRO G 542 51.71 104.02 -55.46
C PRO G 542 50.38 103.28 -55.44
N VAL G 543 49.45 103.82 -54.66
CA VAL G 543 48.10 103.29 -54.60
C VAL G 543 47.40 103.50 -55.94
N GLU G 544 46.28 102.78 -56.13
CA GLU G 544 45.54 102.72 -57.40
C GLU G 544 46.47 102.51 -58.59
N ASP G 545 47.51 101.70 -58.37
CA ASP G 545 48.42 101.31 -59.43
C ASP G 545 48.75 99.83 -59.40
N ILE G 546 48.41 99.11 -58.33
CA ILE G 546 48.75 97.70 -58.16
C ILE G 546 47.48 96.88 -58.33
N THR G 547 47.60 95.78 -59.06
CA THR G 547 46.46 94.91 -59.32
C THR G 547 46.35 93.86 -58.22
N PRO G 548 45.25 93.80 -57.49
CA PRO G 548 45.09 92.78 -56.44
C PRO G 548 45.26 91.36 -56.97
N PRO G 549 44.91 91.07 -58.23
CA PRO G 549 45.28 89.76 -58.79
C PRO G 549 46.77 89.48 -58.79
N ARG G 550 47.62 90.48 -58.56
CA ARG G 550 49.05 90.25 -58.49
C ARG G 550 49.52 90.01 -57.06
N LEU G 551 48.90 90.66 -56.08
CA LEU G 551 49.28 90.45 -54.70
C LEU G 551 48.81 89.10 -54.18
N GLU G 552 47.52 88.83 -54.39
CA GLU G 552 46.85 87.57 -53.94
C GLU G 552 47.69 86.34 -54.31
N ALA G 553 48.10 86.23 -55.57
CA ALA G 553 48.89 85.06 -56.03
C ALA G 553 50.22 85.00 -55.26
N LEU G 554 50.89 86.16 -55.09
CA LEU G 554 52.18 86.22 -54.37
C LEU G 554 51.97 85.80 -52.90
N LEU G 555 50.89 86.28 -52.27
CA LEU G 555 50.58 85.96 -50.86
C LEU G 555 50.35 84.45 -50.70
N GLU G 556 49.58 83.86 -51.61
CA GLU G 556 49.25 82.40 -51.58
C GLU G 556 50.52 81.57 -51.75
N LEU G 557 51.35 81.91 -52.74
CA LEU G 557 52.60 81.16 -53.02
C LEU G 557 53.52 81.23 -51.79
N ALA G 558 53.61 82.40 -51.16
CA ALA G 558 54.48 82.60 -49.98
C ALA G 558 54.01 81.69 -48.83
N LEU G 559 52.70 81.59 -48.62
CA LEU G 559 52.14 80.75 -47.52
C LEU G 559 52.50 79.28 -47.76
N ARG G 560 52.36 78.79 -48.99
CA ARG G 560 52.69 77.37 -49.31
C ARG G 560 54.19 77.14 -49.10
N MET G 561 55.02 78.08 -49.55
CA MET G 561 56.50 77.99 -49.42
C MET G 561 56.89 78.01 -47.93
N SER G 562 56.22 78.85 -47.14
CA SER G 562 56.51 79.01 -45.69
C SER G 562 55.99 77.82 -44.88
N THR G 563 56.49 77.68 -43.65
CA THR G 563 56.10 76.63 -42.72
C THR G 563 54.70 76.80 -42.17
N ALA G 564 53.94 77.77 -42.67
CA ALA G 564 52.54 77.91 -42.33
C ALA G 564 51.66 76.95 -43.11
N ASN G 565 52.29 76.00 -43.81
CA ASN G 565 51.58 75.00 -44.67
C ASN G 565 50.69 74.09 -43.83
N THR G 566 50.99 73.97 -42.53
CA THR G 566 50.21 73.12 -41.62
C THR G 566 49.21 73.99 -40.86
N ASP G 567 48.23 74.49 -41.60
CA ASP G 567 47.20 75.36 -41.03
C ASP G 567 45.89 75.13 -41.74
N PRO G 568 44.91 74.48 -41.08
CA PRO G 568 43.65 74.19 -41.76
C PRO G 568 42.88 75.41 -42.19
N PHE G 569 43.00 76.52 -41.47
CA PHE G 569 42.21 77.72 -41.74
C PHE G 569 42.98 78.76 -42.53
N LYS G 570 44.10 78.35 -43.14
CA LYS G 570 44.97 79.25 -43.94
C LYS G 570 44.28 79.65 -45.25
N ASP G 571 43.02 79.25 -45.44
CA ASP G 571 42.28 79.56 -46.70
C ASP G 571 41.30 80.72 -46.46
N ASP G 572 41.51 81.52 -45.41
CA ASP G 572 40.61 82.62 -45.11
C ASP G 572 41.35 83.95 -45.04
N LEU G 573 42.55 84.04 -45.57
CA LEU G 573 43.31 85.27 -45.61
C LEU G 573 43.04 86.00 -46.91
N LYS G 574 42.58 87.24 -46.82
CA LYS G 574 42.31 88.06 -47.98
C LYS G 574 43.04 89.39 -47.86
N ILE G 575 43.44 89.93 -49.01
CA ILE G 575 44.10 91.23 -49.04
C ILE G 575 43.06 92.33 -48.99
N ASP G 576 43.31 93.34 -48.17
CA ASP G 576 42.38 94.46 -48.02
C ASP G 576 43.20 95.74 -47.93
N LEU G 577 43.17 96.53 -49.00
CA LEU G 577 43.92 97.78 -49.06
C LEU G 577 43.05 98.90 -48.47
N MET G 578 43.43 99.38 -47.29
CA MET G 578 42.67 100.42 -46.64
C MET G 578 42.81 101.73 -47.41
N PRO G 579 41.76 102.56 -47.44
CA PRO G 579 41.89 103.86 -48.12
C PRO G 579 42.73 104.85 -47.33
N HIS G 580 42.54 104.92 -46.03
CA HIS G 580 43.29 105.85 -45.19
C HIS G 580 44.51 105.16 -44.59
N ASP G 581 45.53 105.95 -44.29
CA ASP G 581 46.70 105.44 -43.60
C ASP G 581 46.40 105.26 -42.12
N LEU G 582 47.42 104.93 -41.34
CA LEU G 582 47.29 104.83 -39.88
C LEU G 582 47.33 106.25 -39.32
N ILE G 583 46.18 106.92 -39.40
CA ILE G 583 46.06 108.31 -39.00
C ILE G 583 46.34 108.47 -37.50
N SER G 611 51.53 106.27 -51.40
CA SER G 611 50.97 105.23 -50.54
C SER G 611 51.58 103.88 -50.89
N GLY G 612 50.71 102.92 -51.22
CA GLY G 612 51.17 101.59 -51.61
C GLY G 612 51.56 100.67 -50.48
N LEU G 613 52.53 101.06 -49.67
CA LEU G 613 53.00 100.24 -48.56
C LEU G 613 52.21 100.47 -47.29
N GLU G 614 51.85 101.71 -46.99
CA GLU G 614 51.09 102.04 -45.81
C GLU G 614 49.60 101.78 -45.97
N ALA G 615 49.19 101.08 -47.02
CA ALA G 615 47.81 100.76 -47.28
C ALA G 615 47.63 99.29 -47.58
N PHE G 616 48.24 98.43 -46.76
CA PHE G 616 48.15 96.99 -46.92
C PHE G 616 47.84 96.35 -45.57
N SER G 617 46.85 95.47 -45.55
CA SER G 617 46.43 94.83 -44.31
C SER G 617 45.56 93.63 -44.64
N PHE G 618 45.77 92.54 -43.90
CA PHE G 618 45.02 91.33 -44.11
C PHE G 618 43.55 91.52 -43.74
N ASP G 619 42.71 90.68 -44.33
CA ASP G 619 41.29 90.61 -43.97
C ASP G 619 40.92 89.16 -43.77
N TYR G 620 40.06 88.90 -42.79
CA TYR G 620 39.68 87.55 -42.41
C TYR G 620 38.18 87.41 -42.47
N ILE G 621 37.70 86.42 -43.21
CA ILE G 621 36.28 86.13 -43.34
C ILE G 621 35.97 84.85 -42.58
N VAL G 622 34.91 84.89 -41.77
CA VAL G 622 34.52 83.76 -40.94
C VAL G 622 33.06 83.42 -41.21
N LYS G 623 32.68 82.22 -40.79
CA LYS G 623 31.34 81.70 -41.07
C LYS G 623 30.34 82.30 -40.08
N TRP G 624 29.12 81.74 -40.06
CA TRP G 624 28.08 82.34 -39.22
C TRP G 624 28.32 82.10 -37.73
N PRO G 625 28.36 80.87 -37.22
CA PRO G 625 28.28 80.69 -35.77
C PRO G 625 29.43 81.33 -35.01
N LEU G 626 30.59 81.41 -35.65
CA LEU G 626 31.79 82.03 -35.01
C LEU G 626 31.75 83.55 -35.21
N SER G 627 30.91 84.05 -36.13
CA SER G 627 30.81 85.48 -36.34
C SER G 627 30.16 86.21 -35.16
N LEU G 628 29.61 85.48 -34.19
CA LEU G 628 29.11 86.14 -32.99
C LEU G 628 30.26 86.64 -32.13
N ILE G 629 31.37 85.88 -32.13
CA ILE G 629 32.54 86.24 -31.28
C ILE G 629 33.43 87.25 -32.01
N ILE G 630 33.96 86.86 -33.17
CA ILE G 630 34.88 87.68 -33.95
C ILE G 630 34.11 88.26 -35.13
N ASN G 631 33.71 89.53 -35.00
CA ASN G 631 32.87 90.20 -35.98
C ASN G 631 33.57 91.45 -36.49
N ARG G 632 32.95 92.09 -37.48
CA ARG G 632 33.57 93.26 -38.12
C ARG G 632 33.83 94.37 -37.12
N LYS G 633 33.05 94.43 -36.04
CA LYS G 633 33.29 95.44 -35.03
C LYS G 633 34.57 95.14 -34.24
N ALA G 634 34.84 93.87 -33.99
CA ALA G 634 36.01 93.46 -33.22
C ALA G 634 37.04 92.73 -34.07
N LEU G 635 37.02 92.94 -35.38
CA LEU G 635 38.10 92.48 -36.25
C LEU G 635 38.94 93.61 -36.81
N THR G 636 38.34 94.77 -37.08
CA THR G 636 39.12 95.93 -37.47
C THR G 636 40.10 96.33 -36.38
N ARG G 637 39.81 96.00 -35.12
CA ARG G 637 40.80 96.23 -34.07
C ARG G 637 42.01 95.33 -34.26
N TYR G 638 41.79 94.07 -34.66
CA TYR G 638 42.91 93.23 -35.05
C TYR G 638 43.65 93.82 -36.24
N GLN G 639 42.94 94.59 -37.06
CA GLN G 639 43.54 95.21 -38.24
C GLN G 639 44.12 96.59 -37.95
N MET G 640 43.83 97.17 -36.78
CA MET G 640 44.47 98.42 -36.37
C MET G 640 45.81 98.20 -35.71
N LEU G 641 45.93 97.16 -34.89
CA LEU G 641 47.20 96.83 -34.28
C LEU G 641 48.03 95.91 -35.15
N PHE G 642 47.60 95.65 -36.39
CA PHE G 642 48.45 94.92 -37.30
C PHE G 642 49.36 95.86 -38.10
N ARG G 643 48.77 96.90 -38.70
CA ARG G 643 49.56 97.84 -39.46
C ARG G 643 50.61 98.52 -38.61
N HIS G 644 50.29 98.79 -37.34
CA HIS G 644 51.27 99.36 -36.44
C HIS G 644 52.45 98.41 -36.20
N MET G 645 52.26 97.12 -36.46
CA MET G 645 53.36 96.17 -36.34
C MET G 645 53.96 95.80 -37.69
N PHE G 646 53.24 96.05 -38.78
CA PHE G 646 53.83 95.87 -40.09
C PHE G 646 54.70 97.05 -40.49
N TYR G 647 54.47 98.21 -39.90
CA TYR G 647 55.34 99.36 -40.12
C TYR G 647 56.67 99.16 -39.42
N CYS G 648 56.63 98.85 -38.12
CA CYS G 648 57.85 98.65 -37.35
C CYS G 648 58.64 97.45 -37.84
N LYS G 649 57.99 96.47 -38.48
CA LYS G 649 58.71 95.35 -39.03
C LYS G 649 59.33 95.70 -40.39
N HIS G 650 58.79 96.71 -41.07
CA HIS G 650 59.32 97.06 -42.38
C HIS G 650 60.57 97.93 -42.28
N VAL G 651 60.57 98.88 -41.36
CA VAL G 651 61.69 99.82 -41.26
C VAL G 651 62.98 99.07 -40.89
N GLU G 652 62.95 98.33 -39.79
CA GLU G 652 64.15 97.62 -39.38
C GLU G 652 64.40 96.40 -40.20
N ARG G 653 63.59 96.18 -41.24
CA ARG G 653 63.92 95.18 -42.23
C ARG G 653 64.87 95.77 -43.28
N GLN G 654 64.66 97.03 -43.66
CA GLN G 654 65.56 97.68 -44.60
C GLN G 654 66.68 98.43 -43.91
N LEU G 655 66.44 98.94 -42.70
CA LEU G 655 67.54 99.52 -41.92
C LEU G 655 68.64 98.49 -41.71
N CYS G 656 68.26 97.25 -41.44
CA CYS G 656 69.22 96.16 -41.37
C CYS G 656 69.73 95.75 -42.74
N SER G 657 69.07 96.19 -43.82
CA SER G 657 69.54 95.85 -45.16
C SER G 657 70.71 96.73 -45.59
N VAL G 658 70.71 97.99 -45.17
CA VAL G 658 71.84 98.87 -45.48
C VAL G 658 73.07 98.46 -44.70
N TRP G 659 72.91 97.56 -43.72
CA TRP G 659 74.03 97.14 -42.89
C TRP G 659 75.11 96.44 -43.70
N ILE G 660 74.75 95.84 -44.84
CA ILE G 660 75.70 95.07 -45.62
C ILE G 660 76.26 95.92 -46.76
N SER G 661 75.44 96.87 -47.25
CA SER G 661 75.87 97.67 -48.39
C SER G 661 77.09 98.52 -48.06
N ASN G 662 77.11 99.12 -46.88
CA ASN G 662 78.26 99.94 -46.51
C ASN G 662 79.48 99.08 -46.19
N LYS G 663 79.27 97.94 -45.54
CA LYS G 663 80.36 97.04 -45.20
C LYS G 663 81.05 96.52 -46.45
N THR G 664 82.29 96.95 -46.67
CA THR G 664 83.03 96.58 -47.87
C THR G 664 83.34 95.09 -47.90
N PHE G 676 80.99 109.44 -43.81
CA PHE G 676 81.52 108.27 -44.49
C PHE G 676 81.80 107.15 -43.48
N ALA G 677 82.17 107.55 -42.25
CA ALA G 677 82.45 106.58 -41.20
C ALA G 677 81.92 107.02 -39.85
N GLY G 678 81.06 108.03 -39.79
CA GLY G 678 80.49 108.47 -38.53
C GLY G 678 79.01 108.20 -38.43
N ALA G 679 78.45 107.53 -39.45
CA ALA G 679 77.04 107.16 -39.44
C ALA G 679 76.79 105.82 -38.77
N PHE G 680 77.84 105.03 -38.54
CA PHE G 680 77.66 103.73 -37.89
C PHE G 680 77.19 103.90 -36.45
N THR G 681 77.66 104.95 -35.78
CA THR G 681 77.23 105.22 -34.42
C THR G 681 75.86 105.89 -34.36
N LEU G 682 75.30 106.30 -35.49
CA LEU G 682 73.92 106.78 -35.53
C LEU G 682 72.94 105.67 -35.87
N ARG G 683 73.34 104.76 -36.76
CA ARG G 683 72.52 103.60 -37.04
C ARG G 683 72.27 102.79 -35.77
N GLN G 684 73.28 102.74 -34.89
CA GLN G 684 73.13 102.13 -33.58
C GLN G 684 72.04 102.78 -32.74
N ARG G 685 71.78 104.07 -32.97
CA ARG G 685 70.78 104.79 -32.18
C ARG G 685 69.35 104.50 -32.62
N MET G 686 69.15 104.10 -33.87
CA MET G 686 67.82 103.77 -34.35
C MET G 686 67.54 102.27 -34.30
N LEU G 687 68.55 101.45 -34.59
CA LEU G 687 68.35 100.01 -34.53
C LEU G 687 68.09 99.55 -33.10
N ASN G 688 68.85 100.08 -32.15
CA ASN G 688 68.62 99.80 -30.74
C ASN G 688 67.37 100.48 -30.20
N PHE G 689 66.61 101.16 -31.06
CA PHE G 689 65.32 101.72 -30.66
C PHE G 689 64.15 100.88 -31.16
N VAL G 690 64.18 100.48 -32.44
CA VAL G 690 63.11 99.65 -32.97
C VAL G 690 63.22 98.23 -32.44
N GLN G 691 64.43 97.66 -32.43
CA GLN G 691 64.60 96.34 -31.83
C GLN G 691 64.60 96.37 -30.31
N ASN G 692 64.29 97.52 -29.70
CA ASN G 692 63.95 97.57 -28.29
C ASN G 692 62.48 97.93 -28.08
N ILE G 693 61.79 98.35 -29.12
CA ILE G 693 60.34 98.48 -29.08
C ILE G 693 59.67 97.17 -29.47
N GLN G 694 60.21 96.49 -30.49
CA GLN G 694 59.61 95.24 -30.94
C GLN G 694 59.66 94.18 -29.84
N TYR G 695 60.75 94.11 -29.10
CA TYR G 695 60.83 93.12 -28.02
C TYR G 695 59.79 93.39 -26.95
N TYR G 696 59.61 94.66 -26.58
CA TYR G 696 58.59 94.99 -25.59
C TYR G 696 57.20 94.82 -26.17
N MET G 697 57.05 94.99 -27.48
CA MET G 697 55.73 94.92 -28.08
C MET G 697 55.26 93.49 -28.29
N MET G 698 56.19 92.54 -28.36
CA MET G 698 55.82 91.14 -28.69
C MET G 698 55.83 90.21 -27.48
N PHE G 699 56.85 90.29 -26.61
CA PHE G 699 56.96 89.33 -25.48
C PHE G 699 56.43 89.89 -24.16
N GLU G 700 56.23 91.21 -24.03
CA GLU G 700 55.79 91.72 -22.75
C GLU G 700 54.49 92.52 -22.81
N VAL G 701 53.82 92.51 -23.96
CA VAL G 701 52.54 93.25 -24.13
C VAL G 701 51.46 92.27 -24.63
N MET G 702 51.50 91.94 -25.92
CA MET G 702 50.53 91.02 -26.55
C MET G 702 50.64 89.59 -25.98
N GLU G 703 51.86 89.06 -25.88
CA GLU G 703 52.07 87.67 -25.37
C GLU G 703 51.37 87.51 -24.02
N PRO G 704 51.73 88.30 -22.98
CA PRO G 704 51.10 88.18 -21.66
C PRO G 704 49.58 88.21 -21.74
N THR G 705 49.02 89.22 -22.43
CA THR G 705 47.55 89.36 -22.55
C THR G 705 46.98 88.10 -23.20
N TRP G 706 47.62 87.61 -24.26
CA TRP G 706 47.14 86.38 -24.93
C TRP G 706 47.25 85.19 -23.95
N HIS G 707 48.38 85.08 -23.24
CA HIS G 707 48.55 83.96 -22.28
C HIS G 707 47.38 83.94 -21.30
N ILE G 708 46.92 85.13 -20.86
CA ILE G 708 45.82 85.22 -19.92
C ILE G 708 44.52 84.77 -20.59
N LEU G 709 44.30 85.24 -21.83
CA LEU G 709 43.05 84.92 -22.52
C LEU G 709 42.88 83.42 -22.69
N GLU G 710 43.96 82.75 -23.09
CA GLU G 710 43.96 81.27 -23.27
C GLU G 710 43.41 80.62 -22.00
N LYS G 711 44.00 80.94 -20.85
CA LYS G 711 43.53 80.43 -19.57
C LYS G 711 42.18 81.02 -19.19
N ASN G 712 41.94 82.28 -19.54
CA ASN G 712 40.68 82.93 -19.18
C ASN G 712 39.50 82.42 -19.98
N LEU G 713 39.72 81.57 -20.99
CA LEU G 713 38.65 80.93 -21.73
C LEU G 713 38.39 79.50 -21.30
N LYS G 714 39.21 78.97 -20.39
CA LYS G 714 38.92 77.64 -19.84
C LYS G 714 37.88 77.71 -18.74
N SER G 715 37.77 78.85 -18.07
CA SER G 715 36.80 79.03 -17.00
C SER G 715 35.59 79.84 -17.45
N ALA G 716 35.30 79.85 -18.75
CA ALA G 716 34.13 80.56 -19.24
C ALA G 716 32.86 79.83 -18.83
N SER G 717 31.75 80.57 -18.76
CA SER G 717 30.47 80.01 -18.37
C SER G 717 29.35 80.32 -19.34
N ASN G 718 29.44 81.40 -20.09
CA ASN G 718 28.41 81.77 -21.05
C ASN G 718 29.01 82.68 -22.11
N ILE G 719 28.34 82.73 -23.27
CA ILE G 719 28.92 83.38 -24.44
C ILE G 719 29.13 84.87 -24.19
N ASP G 720 28.17 85.51 -23.52
CA ASP G 720 28.34 86.93 -23.19
C ASP G 720 29.47 87.17 -22.20
N ASP G 721 30.15 86.12 -21.76
CA ASP G 721 31.38 86.27 -20.98
C ASP G 721 32.60 86.13 -21.88
N VAL G 722 32.54 85.16 -22.80
CA VAL G 722 33.60 84.97 -23.82
C VAL G 722 33.71 86.31 -24.55
N LEU G 723 32.55 86.87 -24.93
CA LEU G 723 32.49 88.17 -25.59
C LEU G 723 33.02 89.29 -24.70
N GLY G 724 33.36 89.00 -23.46
CA GLY G 724 33.95 89.98 -22.57
C GLY G 724 35.44 89.74 -22.39
N HIS G 725 35.83 88.46 -22.33
CA HIS G 725 37.24 88.12 -22.27
C HIS G 725 37.96 88.36 -23.59
N HIS G 726 37.22 88.66 -24.66
CA HIS G 726 37.86 88.96 -25.95
C HIS G 726 38.04 90.46 -26.12
N THR G 727 36.95 91.23 -26.07
CA THR G 727 37.09 92.67 -26.14
C THR G 727 37.84 93.21 -24.93
N GLY G 728 37.86 92.48 -23.82
CA GLY G 728 38.75 92.81 -22.72
C GLY G 728 40.20 92.54 -23.00
N PHE G 729 40.50 91.78 -24.06
CA PHE G 729 41.87 91.55 -24.49
C PHE G 729 42.31 92.50 -25.58
N LEU G 730 41.40 92.97 -26.43
CA LEU G 730 41.77 93.89 -27.49
C LEU G 730 41.88 95.32 -26.99
N ASP G 731 41.06 95.71 -26.01
CA ASP G 731 41.19 97.04 -25.44
C ASP G 731 42.43 97.17 -24.56
N THR G 732 43.01 96.05 -24.14
CA THR G 732 44.25 96.11 -23.36
C THR G 732 45.47 96.18 -24.27
N CYS G 733 45.48 95.42 -25.37
CA CYS G 733 46.59 95.51 -26.30
C CYS G 733 46.69 96.89 -26.92
N LEU G 734 45.54 97.49 -27.24
CA LEU G 734 45.56 98.84 -27.80
C LEU G 734 45.88 99.90 -26.75
N LYS G 735 45.84 99.57 -25.47
CA LYS G 735 46.15 100.52 -24.41
C LYS G 735 47.60 100.42 -23.96
N ASP G 736 48.09 99.21 -23.73
CA ASP G 736 49.49 99.04 -23.34
C ASP G 736 50.44 99.46 -24.45
N CYS G 737 50.06 99.22 -25.71
CA CYS G 737 50.83 99.76 -26.81
C CYS G 737 50.52 101.25 -26.97
N MET G 738 51.30 101.91 -27.82
CA MET G 738 51.14 103.34 -28.03
C MET G 738 49.96 103.67 -28.94
N LEU G 739 49.07 102.71 -29.22
CA LEU G 739 47.99 102.93 -30.15
C LEU G 739 46.90 103.84 -29.61
N THR G 740 46.98 104.23 -28.33
CA THR G 740 46.01 105.16 -27.76
C THR G 740 46.70 106.15 -26.82
N LEU G 744 47.32 112.66 -29.63
CA LEU G 744 47.78 111.62 -28.71
C LEU G 744 49.29 111.47 -28.79
N LEU G 745 49.74 110.22 -28.83
CA LEU G 745 51.17 109.92 -28.94
C LEU G 745 51.62 109.87 -30.39
N LYS G 746 51.28 110.91 -31.14
CA LYS G 746 51.65 110.99 -32.55
C LYS G 746 53.13 111.28 -32.75
N VAL G 747 53.87 111.56 -31.69
CA VAL G 747 55.30 111.81 -31.82
C VAL G 747 56.01 110.56 -32.33
N PHE G 748 55.44 109.38 -32.09
CA PHE G 748 56.02 108.16 -32.64
C PHE G 748 55.92 108.14 -34.15
N SER G 749 54.80 108.60 -34.70
CA SER G 749 54.62 108.60 -36.14
C SER G 749 55.69 109.45 -36.82
N LYS G 750 55.89 110.68 -36.33
CA LYS G 750 56.92 111.53 -36.92
C LYS G 750 58.32 111.05 -36.55
N LEU G 751 58.46 110.33 -35.44
CA LEU G 751 59.77 109.79 -35.10
C LEU G 751 60.21 108.73 -36.09
N MET G 752 59.26 107.98 -36.65
CA MET G 752 59.61 106.93 -37.59
C MET G 752 60.02 107.48 -38.94
N SER G 753 59.62 108.71 -39.26
CA SER G 753 59.93 109.28 -40.57
C SER G 753 61.43 109.48 -40.75
N VAL G 754 62.11 109.98 -39.71
CA VAL G 754 63.54 110.22 -39.83
C VAL G 754 64.32 108.91 -39.87
N CYS G 755 63.76 107.82 -39.34
CA CYS G 755 64.44 106.53 -39.43
C CYS G 755 64.40 105.99 -40.84
N VAL G 756 63.19 105.94 -41.44
CA VAL G 756 63.07 105.37 -42.77
C VAL G 756 63.73 106.26 -43.80
N MET G 757 63.67 107.59 -43.61
CA MET G 757 64.30 108.50 -44.56
C MET G 757 65.82 108.40 -44.51
N PHE G 758 66.37 108.20 -43.31
CA PHE G 758 67.82 108.01 -43.21
C PHE G 758 68.28 106.80 -44.01
N THR G 759 67.43 105.79 -44.11
CA THR G 759 67.78 104.64 -44.95
C THR G 759 67.84 105.03 -46.41
N ASN G 760 67.04 106.01 -46.84
CA ASN G 760 67.07 106.44 -48.23
C ASN G 760 68.36 107.18 -48.55
N CYS G 761 68.82 108.04 -47.64
CA CYS G 761 70.06 108.78 -47.87
C CYS G 761 71.23 107.82 -48.03
N MET G 762 71.36 106.87 -47.11
CA MET G 762 72.42 105.88 -47.23
C MET G 762 72.25 104.99 -48.45
N GLN G 763 71.03 104.87 -48.98
CA GLN G 763 70.80 104.07 -50.17
C GLN G 763 71.19 104.78 -51.46
N LYS G 764 71.56 106.06 -51.39
CA LYS G 764 71.95 106.82 -52.57
C LYS G 764 73.44 106.75 -52.85
N PHE G 765 74.11 105.69 -52.42
CA PHE G 765 75.53 105.53 -52.69
C PHE G 765 75.76 104.34 -53.62
N PHE G 818 76.39 115.59 -47.90
CA PHE G 818 76.19 114.30 -47.28
C PHE G 818 76.70 114.29 -45.84
N GLU G 819 78.00 114.55 -45.68
CA GLU G 819 78.61 114.57 -44.36
C GLU G 819 77.96 115.61 -43.46
N ALA G 820 77.35 116.64 -44.04
CA ALA G 820 76.59 117.63 -43.29
C ALA G 820 75.13 117.25 -43.11
N THR G 821 74.71 116.11 -43.65
CA THR G 821 73.35 115.63 -43.51
C THR G 821 73.21 114.53 -42.46
N ILE G 822 74.23 113.70 -42.30
CA ILE G 822 74.19 112.67 -41.25
C ILE G 822 74.08 113.32 -39.89
N ASN G 823 74.91 114.32 -39.61
CA ASN G 823 74.80 115.06 -38.37
C ASN G 823 73.50 115.84 -38.28
N LYS G 824 72.86 116.14 -39.40
CA LYS G 824 71.57 116.81 -39.37
C LYS G 824 70.47 115.87 -38.89
N PHE G 825 70.56 114.59 -39.26
CA PHE G 825 69.59 113.61 -38.76
C PHE G 825 69.78 113.37 -37.27
N ASP G 826 71.01 113.47 -36.77
CA ASP G 826 71.27 113.20 -35.36
C ASP G 826 70.54 114.18 -34.47
N LYS G 827 70.77 115.48 -34.68
CA LYS G 827 70.11 116.49 -33.87
C LYS G 827 68.60 116.46 -34.02
N ASN G 828 68.10 115.88 -35.12
CA ASN G 828 66.67 115.82 -35.36
C ASN G 828 66.03 114.58 -34.74
N PHE G 829 66.71 113.43 -34.84
CA PHE G 829 66.17 112.20 -34.28
C PHE G 829 66.34 112.14 -32.77
N SER G 830 67.51 112.52 -32.26
CA SER G 830 67.74 112.47 -30.83
C SER G 830 66.82 113.42 -30.09
N ALA G 831 66.47 114.55 -30.71
CA ALA G 831 65.51 115.46 -30.08
C ALA G 831 64.12 114.85 -30.06
N HIS G 832 63.74 114.14 -31.12
CA HIS G 832 62.43 113.51 -31.15
C HIS G 832 62.33 112.37 -30.15
N LEU G 833 63.42 111.63 -29.94
CA LEU G 833 63.41 110.54 -28.97
C LEU G 833 63.20 111.06 -27.56
N LEU G 834 63.88 112.16 -27.21
CA LEU G 834 63.76 112.71 -25.86
C LEU G 834 62.36 113.25 -25.59
N ASP G 835 61.59 113.60 -26.62
CA ASP G 835 60.19 113.97 -26.41
C ASP G 835 59.37 112.76 -26.00
N LEU G 836 59.76 111.57 -26.44
CA LEU G 836 59.02 110.36 -26.12
C LEU G 836 59.16 110.01 -24.64
N LEU G 837 60.40 109.81 -24.19
CA LEU G 837 60.63 109.44 -22.80
C LEU G 837 60.17 110.50 -21.82
N ALA G 838 59.99 111.74 -22.28
CA ALA G 838 59.43 112.77 -21.41
C ALA G 838 57.96 112.53 -21.15
N ARG G 839 57.21 112.11 -22.18
CA ARG G 839 55.79 111.85 -22.04
C ARG G 839 55.51 110.44 -21.54
N LEU G 840 56.36 109.47 -21.86
CA LEU G 840 56.19 108.12 -21.35
C LEU G 840 56.42 108.03 -19.85
N SER G 841 57.17 108.98 -19.28
CA SER G 841 57.47 108.93 -17.85
C SER G 841 56.37 109.58 -17.02
N ILE G 842 55.72 110.62 -17.54
CA ILE G 842 54.71 111.34 -16.77
C ILE G 842 53.40 110.58 -16.79
N TYR G 843 53.22 109.71 -15.80
CA TYR G 843 52.00 108.92 -15.65
C TYR G 843 51.81 108.60 -14.17
N SER G 844 50.82 107.76 -13.88
CA SER G 844 50.54 107.36 -12.51
C SER G 844 51.63 106.44 -11.97
N GLY G 851 53.62 97.36 -18.87
CA GLY G 851 53.51 98.60 -18.11
C GLY G 851 53.94 99.82 -18.90
N MET G 852 53.39 100.98 -18.53
CA MET G 852 53.73 102.23 -19.19
C MET G 852 54.99 102.87 -18.62
N ALA G 853 55.53 102.36 -17.52
CA ALA G 853 56.76 102.87 -16.95
C ALA G 853 57.97 101.99 -17.23
N SER G 854 57.77 100.67 -17.31
CA SER G 854 58.87 99.75 -17.59
C SER G 854 59.39 99.90 -19.02
N VAL G 855 58.69 100.64 -19.88
CA VAL G 855 59.18 100.84 -21.24
C VAL G 855 60.47 101.63 -21.25
N ILE G 856 60.62 102.58 -20.31
CA ILE G 856 61.85 103.36 -20.25
C ILE G 856 63.04 102.47 -19.95
N SER G 857 62.87 101.52 -19.04
CA SER G 857 63.94 100.57 -18.74
C SER G 857 64.30 99.73 -19.96
N ARG G 858 63.41 99.62 -20.93
CA ARG G 858 63.71 98.93 -22.18
C ARG G 858 64.42 99.82 -23.18
N LEU G 859 64.09 101.11 -23.20
CA LEU G 859 64.71 102.03 -24.15
C LEU G 859 66.18 102.26 -23.80
N ASP G 860 66.45 102.69 -22.58
CA ASP G 860 67.81 102.86 -22.09
C ASP G 860 68.09 101.84 -21.01
N PHE G 861 69.29 101.28 -21.03
CA PHE G 861 69.74 100.29 -20.07
C PHE G 861 71.05 100.67 -19.43
N ASN G 862 71.85 101.52 -20.08
CA ASN G 862 73.15 101.94 -19.58
C ASN G 862 73.09 103.29 -18.88
N GLY G 863 71.91 103.71 -18.43
CA GLY G 863 71.76 105.04 -17.91
C GLY G 863 71.88 106.13 -18.94
N PHE G 864 72.03 105.78 -20.21
CA PHE G 864 72.07 106.76 -21.28
C PHE G 864 70.74 107.51 -21.36
N TYR G 865 70.76 108.63 -22.09
CA TYR G 865 69.60 109.50 -22.21
C TYR G 865 69.14 109.99 -20.83
N THR G 866 70.08 110.16 -19.92
CA THR G 866 69.76 110.63 -18.59
C THR G 866 69.50 112.14 -18.54
N GLU G 867 69.59 112.83 -19.67
CA GLU G 867 69.31 114.25 -19.73
C GLU G 867 67.84 114.52 -19.42
N ILE H 245 -49.08 72.38 -17.58
CA ILE H 245 -47.87 71.89 -18.22
C ILE H 245 -46.83 71.59 -17.15
N THR H 246 -46.77 70.33 -16.73
CA THR H 246 -45.90 69.94 -15.64
C THR H 246 -44.44 69.92 -16.09
N GLU H 247 -43.56 69.65 -15.12
CA GLU H 247 -42.10 69.57 -15.36
C GLU H 247 -41.78 68.20 -15.98
N ALA H 248 -42.61 67.19 -15.73
CA ALA H 248 -42.39 65.88 -16.31
C ALA H 248 -42.69 65.85 -17.81
N ALA H 249 -43.49 66.79 -18.31
CA ALA H 249 -43.76 66.84 -19.74
C ALA H 249 -42.57 67.41 -20.50
N LEU H 250 -41.97 68.48 -19.98
CA LEU H 250 -40.81 69.06 -20.66
C LEU H 250 -39.67 68.06 -20.75
N VAL H 251 -39.44 67.29 -19.69
CA VAL H 251 -38.38 66.29 -19.74
C VAL H 251 -38.73 65.21 -20.74
N ARG H 252 -40.02 65.07 -21.03
CA ARG H 252 -40.51 64.06 -22.00
C ARG H 252 -40.16 64.50 -23.42
N ASP H 253 -40.27 65.81 -23.70
CA ASP H 253 -39.98 66.34 -25.03
C ASP H 253 -38.50 66.62 -25.21
N ILE H 254 -37.82 67.08 -24.15
CA ILE H 254 -36.40 67.39 -24.27
C ILE H 254 -35.61 66.17 -24.69
N LEU H 255 -35.95 64.99 -24.15
CA LEU H 255 -35.24 63.78 -24.53
C LEU H 255 -35.40 63.44 -26.00
N TYR H 256 -36.23 64.22 -26.71
CA TYR H 256 -36.41 63.98 -28.17
C TYR H 256 -35.78 65.14 -28.96
N VAL H 257 -35.72 66.34 -28.36
CA VAL H 257 -35.04 67.46 -29.00
C VAL H 257 -33.54 67.24 -29.03
N PHE H 258 -33.02 66.37 -28.17
CA PHE H 258 -31.61 66.01 -28.23
C PHE H 258 -31.25 65.28 -29.51
N GLN H 259 -32.23 64.90 -30.32
CA GLN H 259 -31.99 64.17 -31.55
C GLN H 259 -32.38 64.92 -32.81
N GLY H 260 -33.31 65.85 -32.72
CA GLY H 260 -33.79 66.54 -33.90
C GLY H 260 -35.30 66.48 -34.00
N ILE H 261 -35.89 65.46 -33.39
CA ILE H 261 -37.33 65.29 -33.42
C ILE H 261 -37.96 66.19 -32.36
N ASP H 262 -38.77 67.13 -32.80
CA ASP H 262 -39.49 68.00 -31.88
C ASP H 262 -40.49 67.18 -31.05
N ASN H 265 -44.25 70.26 -27.23
CA ASN H 265 -44.21 71.69 -26.95
C ASN H 265 -43.02 72.35 -27.61
N ILE H 266 -41.86 71.73 -27.50
CA ILE H 266 -40.64 72.26 -28.07
C ILE H 266 -40.61 71.97 -29.56
N LYS H 267 -40.53 73.02 -30.38
CA LYS H 267 -40.49 72.87 -31.82
C LYS H 267 -39.27 73.60 -32.38
N MET H 268 -39.06 73.47 -33.68
CA MET H 268 -37.92 74.10 -34.33
C MET H 268 -38.14 75.61 -34.41
N ASN H 273 -32.68 79.99 -35.47
CA ASN H 273 -32.80 78.55 -35.63
C ASN H 273 -33.05 77.86 -34.29
N CYS H 274 -33.06 78.64 -33.22
CA CYS H 274 -33.19 78.09 -31.90
C CYS H 274 -34.51 77.32 -31.76
N TYR H 275 -34.53 76.39 -30.79
CA TYR H 275 -35.71 75.59 -30.52
C TYR H 275 -36.65 76.42 -29.64
N LYS H 276 -37.44 77.25 -30.29
CA LYS H 276 -38.37 78.12 -29.56
C LYS H 276 -39.49 77.30 -28.95
N VAL H 277 -39.65 77.40 -27.65
CA VAL H 277 -40.67 76.66 -26.92
C VAL H 277 -41.91 77.52 -26.78
N GLU H 278 -43.07 76.92 -26.94
CA GLU H 278 -44.33 77.64 -26.80
C GLU H 278 -45.33 76.84 -25.97
N ASN H 282 -49.59 79.17 -20.02
CA ASN H 282 -48.40 78.41 -20.37
C ASN H 282 -47.60 78.04 -19.12
N LEU H 283 -46.28 78.13 -19.23
CA LEU H 283 -45.37 77.73 -18.16
C LEU H 283 -44.63 78.94 -17.61
N SER H 284 -43.94 78.70 -16.49
CA SER H 284 -43.23 79.78 -15.79
C SER H 284 -41.90 80.07 -16.47
N ARG H 285 -41.44 81.32 -16.28
CA ARG H 285 -40.22 81.75 -16.95
C ARG H 285 -39.01 80.94 -16.53
N SER H 286 -39.03 80.49 -15.26
CA SER H 286 -37.92 79.70 -14.66
C SER H 286 -37.83 78.32 -15.31
N LEU H 287 -38.67 78.06 -16.31
CA LEU H 287 -38.64 76.74 -17.01
C LEU H 287 -38.25 76.96 -18.48
N ARG H 288 -38.86 77.94 -19.14
CA ARG H 288 -38.57 78.21 -20.54
C ARG H 288 -37.09 78.46 -20.75
N ASP H 289 -36.44 79.17 -19.82
CA ASP H 289 -35.04 79.54 -20.01
C ASP H 289 -34.15 78.30 -20.02
N THR H 290 -34.35 77.40 -19.06
CA THR H 290 -33.49 76.21 -19.02
C THR H 290 -33.77 75.28 -20.18
N ALA H 291 -35.01 75.25 -20.67
CA ALA H 291 -35.33 74.42 -21.83
C ALA H 291 -34.58 74.93 -23.06
N VAL H 292 -34.63 76.25 -23.28
CA VAL H 292 -33.95 76.88 -24.45
C VAL H 292 -32.46 76.52 -24.37
N ARG H 293 -31.90 76.60 -23.17
CA ARG H 293 -30.46 76.30 -22.93
C ARG H 293 -30.17 74.82 -23.20
N LEU H 294 -31.00 73.91 -22.67
CA LEU H 294 -30.76 72.49 -22.84
C LEU H 294 -30.96 72.06 -24.28
N SER H 295 -31.94 72.64 -24.97
CA SER H 295 -32.22 72.24 -26.34
C SER H 295 -31.08 72.59 -27.30
N GLU H 296 -30.20 73.51 -26.87
CA GLU H 296 -29.05 73.92 -27.73
C GLU H 296 -28.22 72.70 -28.12
N LEU H 297 -28.37 71.57 -27.41
CA LEU H 297 -27.64 70.37 -27.75
C LEU H 297 -28.21 69.69 -28.97
N GLY H 298 -29.50 69.87 -29.25
CA GLY H 298 -30.07 69.28 -30.44
C GLY H 298 -29.63 70.00 -31.70
N TRP H 299 -29.69 71.34 -31.68
CA TRP H 299 -29.25 72.10 -32.83
C TRP H 299 -27.80 71.81 -33.18
N LEU H 300 -26.99 71.42 -32.20
CA LEU H 300 -25.65 70.96 -32.49
C LEU H 300 -25.64 69.55 -33.04
N HIS H 301 -26.70 68.78 -32.75
CA HIS H 301 -26.80 67.36 -33.19
C HIS H 301 -27.44 67.26 -34.58
N ASN H 302 -28.45 68.08 -34.87
CA ASN H 302 -29.08 68.01 -36.22
C ASN H 302 -28.05 68.40 -37.28
N LYS H 303 -27.26 69.44 -37.02
CA LYS H 303 -26.26 69.93 -37.99
C LYS H 303 -25.18 68.88 -38.28
N ILE H 304 -24.64 68.23 -37.24
CA ILE H 304 -23.56 67.22 -37.46
C ILE H 304 -24.12 66.02 -38.24
N ARG H 305 -25.33 65.56 -37.88
CA ARG H 305 -25.93 64.38 -38.54
C ARG H 305 -26.18 64.68 -40.03
N ARG H 306 -26.68 65.88 -40.34
CA ARG H 306 -26.97 66.26 -41.75
C ARG H 306 -25.68 66.26 -42.57
N TYR H 307 -24.59 66.82 -42.01
CA TYR H 307 -23.31 66.87 -42.75
C TYR H 307 -22.88 65.45 -43.13
N THR H 308 -22.87 64.53 -42.16
CA THR H 308 -22.43 63.13 -42.44
C THR H 308 -23.36 62.50 -43.48
N ASP H 309 -24.65 62.83 -43.42
CA ASP H 309 -25.67 62.27 -44.35
C ASP H 309 -25.50 62.86 -45.76
N GLN H 310 -25.46 64.19 -45.90
CA GLN H 310 -25.37 64.78 -47.22
C GLN H 310 -24.16 64.26 -47.98
N ARG H 311 -23.05 64.06 -47.25
CA ARG H 311 -21.77 63.57 -47.86
C ARG H 311 -21.81 62.06 -48.06
N SER H 312 -22.60 61.35 -47.24
CA SER H 312 -22.72 59.90 -47.38
C SER H 312 -23.62 59.53 -48.56
N LEU H 313 -23.97 60.50 -49.40
CA LEU H 313 -24.84 60.30 -50.55
C LEU H 313 -24.06 60.29 -51.86
N ASP H 314 -23.22 61.32 -52.05
CA ASP H 314 -22.36 61.39 -53.27
C ASP H 314 -21.03 60.68 -52.96
N ARG H 315 -20.38 60.13 -53.99
CA ARG H 315 -19.07 59.42 -53.83
C ARG H 315 -17.93 60.36 -54.20
N SER H 316 -18.26 61.63 -54.48
CA SER H 316 -17.29 62.70 -54.88
C SER H 316 -16.34 63.08 -53.75
N PHE H 317 -16.73 62.84 -52.49
CA PHE H 317 -15.89 63.25 -51.32
C PHE H 317 -14.51 62.59 -51.39
N GLY H 318 -14.46 61.31 -51.75
CA GLY H 318 -13.16 60.60 -51.86
C GLY H 318 -12.93 59.61 -50.74
N LEU H 319 -11.73 59.01 -50.69
CA LEU H 319 -11.39 58.00 -49.65
C LEU H 319 -11.07 58.69 -48.32
N VAL H 320 -10.27 59.76 -48.36
CA VAL H 320 -9.89 60.49 -47.11
C VAL H 320 -11.13 61.12 -46.48
N GLY H 321 -11.95 61.80 -47.30
CA GLY H 321 -13.17 62.45 -46.79
C GLY H 321 -14.08 61.45 -46.10
N GLN H 322 -14.43 60.38 -46.81
CA GLN H 322 -15.34 59.33 -46.27
C GLN H 322 -14.83 58.86 -44.91
N SER H 323 -13.54 58.53 -44.81
CA SER H 323 -12.96 58.05 -43.53
C SER H 323 -13.30 59.03 -42.40
N PHE H 324 -13.12 60.33 -42.64
CA PHE H 324 -13.44 61.37 -41.63
C PHE H 324 -14.94 61.32 -41.33
N CYS H 325 -15.75 61.18 -42.38
CA CYS H 325 -17.23 61.12 -42.20
C CYS H 325 -17.59 59.89 -41.38
N ALA H 326 -16.94 58.75 -41.66
CA ALA H 326 -17.19 57.49 -40.91
C ALA H 326 -16.79 57.70 -39.44
N ALA H 327 -15.67 58.40 -39.21
CA ALA H 327 -15.19 58.66 -37.83
C ALA H 327 -16.23 59.48 -37.06
N LEU H 328 -17.17 60.13 -37.75
CA LEU H 328 -18.18 60.90 -37.06
C LEU H 328 -19.35 60.05 -36.61
N HIS H 329 -19.32 58.75 -36.85
CA HIS H 329 -20.39 57.87 -36.39
C HIS H 329 -20.02 57.11 -35.13
N GLN H 330 -18.77 56.65 -35.00
CA GLN H 330 -18.36 56.07 -33.73
C GLN H 330 -18.42 57.08 -32.61
N GLU H 331 -18.31 58.38 -32.92
CA GLU H 331 -18.53 59.43 -31.93
C GLU H 331 -19.98 59.89 -31.91
N LEU H 332 -20.88 59.11 -32.50
CA LEU H 332 -22.30 59.36 -32.37
C LEU H 332 -23.07 58.19 -31.77
N ARG H 333 -22.51 56.99 -31.89
CA ARG H 333 -23.10 55.79 -31.23
C ARG H 333 -23.04 56.06 -29.72
N GLU H 334 -21.91 56.63 -29.27
CA GLU H 334 -21.67 57.00 -27.86
C GLU H 334 -22.76 57.98 -27.40
N TYR H 335 -23.13 58.94 -28.26
CA TYR H 335 -24.17 59.90 -27.96
C TYR H 335 -25.56 59.28 -28.05
N TYR H 336 -25.66 58.13 -28.71
CA TYR H 336 -26.96 57.42 -28.87
C TYR H 336 -27.14 56.42 -27.73
N ARG H 337 -26.05 56.11 -27.01
CA ARG H 337 -26.10 55.17 -25.86
C ARG H 337 -26.51 55.94 -24.60
N LEU H 338 -25.82 57.05 -24.33
CA LEU H 338 -26.09 57.89 -23.14
C LEU H 338 -27.59 58.20 -23.06
N LEU H 339 -28.22 58.47 -24.20
CA LEU H 339 -29.67 58.80 -24.23
C LEU H 339 -30.48 57.60 -23.70
N SER H 340 -30.08 56.37 -24.06
CA SER H 340 -30.83 55.17 -23.63
C SER H 340 -30.83 55.06 -22.10
N VAL H 341 -29.68 55.27 -21.45
CA VAL H 341 -29.61 55.19 -19.95
C VAL H 341 -30.48 56.30 -19.35
N LEU H 342 -30.41 57.50 -19.91
CA LEU H 342 -31.21 58.67 -19.43
C LEU H 342 -32.70 58.37 -19.64
N HIS H 343 -33.03 57.74 -20.77
CA HIS H 343 -34.42 57.41 -21.14
C HIS H 343 -35.02 56.47 -20.10
N SER H 344 -34.23 55.51 -19.60
CA SER H 344 -34.74 54.52 -18.60
C SER H 344 -35.05 55.17 -17.25
N GLN H 345 -34.53 56.37 -16.98
CA GLN H 345 -34.82 57.00 -15.69
C GLN H 345 -36.01 57.94 -15.75
N LEU H 346 -36.51 58.26 -16.94
CA LEU H 346 -37.66 59.15 -17.02
C LEU H 346 -38.92 58.53 -16.44
N GLN H 347 -38.97 57.20 -16.35
CA GLN H 347 -40.14 56.50 -15.83
C GLN H 347 -40.52 56.97 -14.42
N SER H 361 -35.86 59.17 -10.72
CA SER H 361 -36.43 60.41 -11.25
C SER H 361 -35.34 61.41 -11.57
N LEU H 362 -35.50 62.13 -12.67
CA LEU H 362 -34.59 63.19 -13.05
C LEU H 362 -35.40 64.42 -13.44
N THR H 363 -34.80 65.58 -13.14
CA THR H 363 -35.40 66.91 -13.40
C THR H 363 -34.44 67.72 -14.29
N LEU H 364 -34.81 68.96 -14.62
CA LEU H 364 -33.97 69.82 -15.48
C LEU H 364 -32.61 70.07 -14.79
N ARG H 365 -32.63 70.32 -13.48
CA ARG H 365 -31.37 70.58 -12.74
C ARG H 365 -30.49 69.34 -12.81
N ARG H 366 -31.08 68.15 -12.65
CA ARG H 366 -30.32 66.88 -12.71
C ARG H 366 -29.72 66.71 -14.10
N LEU H 367 -30.50 67.04 -15.14
CA LEU H 367 -30.08 66.89 -16.55
C LEU H 367 -28.86 67.77 -16.84
N LEU H 368 -28.79 68.97 -16.25
CA LEU H 368 -27.67 69.90 -16.50
C LEU H 368 -26.34 69.24 -16.07
N VAL H 369 -26.32 68.56 -14.93
CA VAL H 369 -25.06 67.91 -14.45
C VAL H 369 -24.82 66.61 -15.24
N TRP H 370 -25.83 66.18 -16.02
CA TRP H 370 -25.71 64.97 -16.83
C TRP H 370 -25.15 65.30 -18.21
N THR H 371 -25.67 66.36 -18.83
CA THR H 371 -25.32 66.74 -20.19
C THR H 371 -24.43 67.97 -20.24
N TYR H 372 -23.55 68.14 -19.27
CA TYR H 372 -22.60 69.24 -19.32
C TYR H 372 -21.36 68.89 -20.11
N ASP H 373 -20.98 67.63 -20.13
CA ASP H 373 -19.84 67.21 -20.92
C ASP H 373 -20.18 67.01 -22.39
N PRO H 374 -21.31 66.36 -22.73
CA PRO H 374 -21.62 66.20 -24.16
C PRO H 374 -22.17 67.46 -24.80
N LYS H 375 -22.08 68.59 -24.12
CA LYS H 375 -22.25 69.88 -24.78
C LYS H 375 -20.95 70.43 -25.31
N ILE H 376 -19.83 69.79 -24.97
CA ILE H 376 -18.53 70.18 -25.48
C ILE H 376 -18.11 69.33 -26.65
N ARG H 377 -18.22 68.00 -26.53
CA ARG H 377 -17.93 67.14 -27.66
C ARG H 377 -18.85 67.44 -28.83
N LEU H 378 -20.09 67.80 -28.55
CA LEU H 378 -21.00 68.27 -29.58
C LEU H 378 -20.82 69.75 -29.88
N LYS H 379 -19.71 70.34 -29.44
CA LYS H 379 -19.33 71.68 -29.83
C LYS H 379 -17.99 71.75 -30.52
N THR H 380 -17.17 70.70 -30.41
CA THR H 380 -16.00 70.58 -31.26
C THR H 380 -16.37 69.92 -32.58
N LEU H 381 -17.16 68.84 -32.52
CA LEU H 381 -17.54 68.15 -33.74
C LEU H 381 -18.45 69.01 -34.60
N ALA H 382 -19.38 69.75 -33.98
CA ALA H 382 -20.24 70.64 -34.75
C ALA H 382 -19.51 71.87 -35.26
N ALA H 383 -18.28 72.09 -34.82
CA ALA H 383 -17.43 73.16 -35.36
C ALA H 383 -16.20 72.61 -36.05
N LEU H 384 -16.04 71.29 -36.10
CA LEU H 384 -15.00 70.66 -36.91
C LEU H 384 -15.47 70.35 -38.31
N VAL H 385 -16.78 70.20 -38.52
CA VAL H 385 -17.32 69.93 -39.85
C VAL H 385 -17.60 71.21 -40.63
N ASP H 386 -17.48 72.38 -40.02
CA ASP H 386 -17.60 73.62 -40.77
C ASP H 386 -16.24 74.16 -41.21
N HIS H 387 -15.19 73.92 -40.44
CA HIS H 387 -13.87 74.38 -40.85
C HIS H 387 -13.36 73.61 -42.06
N CYS H 388 -13.83 72.38 -42.25
CA CYS H 388 -13.46 71.58 -43.42
C CYS H 388 -14.73 71.24 -44.19
N GLN H 389 -15.15 72.15 -45.05
CA GLN H 389 -16.37 71.99 -45.83
C GLN H 389 -16.09 71.46 -47.23
N GLY H 390 -15.31 72.20 -48.01
CA GLY H 390 -15.01 71.79 -49.37
C GLY H 390 -13.72 71.02 -49.55
N ARG H 391 -13.13 70.58 -48.43
CA ARG H 391 -11.83 69.86 -48.48
C ARG H 391 -12.05 68.40 -48.90
N LYS H 392 -11.60 68.05 -50.11
CA LYS H 392 -11.72 66.66 -50.62
C LYS H 392 -10.29 66.13 -50.81
N GLY H 393 -10.00 64.95 -50.25
CA GLY H 393 -8.65 64.36 -50.36
C GLY H 393 -7.78 64.76 -49.19
N GLY H 394 -6.47 64.54 -49.30
CA GLY H 394 -5.52 64.88 -48.24
C GLY H 394 -5.72 66.25 -47.66
N GLU H 395 -6.26 67.17 -48.46
CA GLU H 395 -6.51 68.53 -47.98
C GLU H 395 -7.50 68.56 -46.82
N LEU H 396 -8.22 67.45 -46.65
CA LEU H 396 -9.16 67.35 -45.49
C LEU H 396 -8.32 66.88 -44.30
N ALA H 397 -7.46 65.88 -44.51
CA ALA H 397 -6.61 65.38 -43.44
C ALA H 397 -5.61 66.42 -42.96
N SER H 398 -5.50 67.54 -43.65
CA SER H 398 -4.66 68.65 -43.26
C SER H 398 -5.45 69.78 -42.62
N ALA H 399 -6.78 69.72 -42.65
CA ALA H 399 -7.64 70.71 -42.03
C ALA H 399 -8.32 70.19 -40.78
N VAL H 400 -8.23 68.89 -40.51
CA VAL H 400 -8.56 68.34 -39.20
C VAL H 400 -7.33 68.14 -38.34
N HIS H 401 -6.16 68.50 -38.87
CA HIS H 401 -4.94 68.57 -38.08
C HIS H 401 -4.66 69.97 -37.58
N ALA H 402 -5.25 70.99 -38.19
CA ALA H 402 -5.15 72.35 -37.70
C ALA H 402 -6.09 72.63 -36.55
N TYR H 403 -6.67 71.59 -35.94
CA TYR H 403 -7.44 71.72 -34.71
C TYR H 403 -6.75 71.05 -33.55
N THR H 404 -5.52 70.57 -33.73
CA THR H 404 -4.75 69.98 -32.64
C THR H 404 -3.94 71.02 -31.90
N LYS H 405 -3.59 72.14 -32.56
CA LYS H 405 -2.90 73.24 -31.89
C LYS H 405 -3.88 74.03 -31.05
N THR H 406 -4.34 73.41 -29.96
CA THR H 406 -5.37 74.02 -29.14
C THR H 406 -5.01 74.02 -27.65
N GLY H 407 -4.28 73.01 -27.21
CA GLY H 407 -3.81 72.97 -25.83
C GLY H 407 -4.80 72.44 -24.82
N ASP H 408 -6.08 72.73 -25.01
CA ASP H 408 -7.14 72.21 -24.16
C ASP H 408 -7.04 70.69 -24.07
N PRO H 409 -6.70 70.14 -22.91
CA PRO H 409 -6.39 68.71 -22.83
C PRO H 409 -7.56 67.80 -23.17
N TYR H 410 -8.78 68.33 -23.17
CA TYR H 410 -9.95 67.53 -23.52
C TYR H 410 -10.22 67.54 -25.01
N MET H 411 -9.92 68.63 -25.70
CA MET H 411 -10.11 68.68 -27.15
C MET H 411 -8.91 68.10 -27.89
N ARG H 412 -7.70 68.47 -27.47
CA ARG H 412 -6.52 67.94 -28.14
C ARG H 412 -6.38 66.44 -28.02
N SER H 413 -7.13 65.80 -27.13
CA SER H 413 -7.12 64.35 -27.03
C SER H 413 -8.35 63.72 -27.67
N LEU H 414 -9.26 64.53 -28.20
CA LEU H 414 -10.35 64.04 -29.02
C LEU H 414 -10.03 64.16 -30.51
N VAL H 415 -9.68 65.36 -30.96
CA VAL H 415 -9.32 65.56 -32.36
C VAL H 415 -8.09 64.77 -32.72
N GLN H 416 -7.14 64.61 -31.80
CA GLN H 416 -5.96 63.81 -32.10
C GLN H 416 -6.28 62.34 -32.19
N HIS H 417 -7.55 61.96 -32.08
CA HIS H 417 -7.99 60.61 -32.39
C HIS H 417 -8.68 60.52 -33.75
N ILE H 418 -9.51 61.49 -34.08
CA ILE H 418 -10.09 61.54 -35.43
C ILE H 418 -9.00 61.67 -36.47
N LEU H 419 -7.91 62.37 -36.13
CA LEU H 419 -6.78 62.43 -37.06
C LEU H 419 -6.16 61.05 -37.25
N SER H 420 -6.19 60.20 -36.22
CA SER H 420 -5.59 58.89 -36.35
C SER H 420 -6.43 57.95 -37.20
N LEU H 421 -7.67 58.31 -37.50
CA LEU H 421 -8.50 57.56 -38.44
C LEU H 421 -8.51 58.19 -39.83
N VAL H 422 -8.59 59.51 -39.90
CA VAL H 422 -8.61 60.19 -41.19
C VAL H 422 -7.28 60.02 -41.92
N SER H 423 -6.18 59.99 -41.19
CA SER H 423 -4.86 59.84 -41.80
C SER H 423 -4.48 58.39 -42.00
N HIS H 424 -5.42 57.47 -41.92
CA HIS H 424 -5.09 56.08 -42.25
C HIS H 424 -5.11 55.84 -43.76
N PRO H 425 -6.11 56.33 -44.50
CA PRO H 425 -6.04 56.18 -45.95
C PRO H 425 -4.86 56.90 -46.57
N VAL H 426 -4.49 58.08 -46.06
CA VAL H 426 -3.33 58.77 -46.59
C VAL H 426 -2.07 57.92 -46.42
N LEU H 427 -1.88 57.39 -45.23
CA LEU H 427 -0.75 56.49 -45.06
C LEU H 427 -0.99 55.14 -45.70
N SER H 428 -2.06 54.94 -46.45
CA SER H 428 -2.21 53.73 -47.23
C SER H 428 -1.66 53.90 -48.64
N PHE H 429 -1.87 55.07 -49.25
CA PHE H 429 -1.21 55.35 -50.52
C PHE H 429 0.29 55.45 -50.34
N LEU H 430 0.73 56.12 -49.28
CA LEU H 430 2.16 56.36 -49.07
C LEU H 430 2.91 55.05 -48.94
N TYR H 431 2.40 54.13 -48.14
CA TYR H 431 3.06 52.83 -48.03
C TYR H 431 2.88 51.98 -49.27
N ARG H 432 2.10 52.44 -50.23
CA ARG H 432 1.95 51.78 -51.53
C ARG H 432 2.84 52.38 -52.59
N TRP H 433 2.90 53.72 -52.60
CA TRP H 433 3.70 54.51 -53.58
C TRP H 433 5.18 54.57 -53.18
N ILE H 434 5.58 53.87 -52.11
CA ILE H 434 6.96 53.83 -51.67
C ILE H 434 7.58 52.44 -51.86
N TYR H 435 6.85 51.39 -51.51
CA TYR H 435 7.40 50.05 -51.59
C TYR H 435 7.05 49.34 -52.89
N ASP H 436 6.00 49.77 -53.59
CA ASP H 436 5.59 49.15 -54.83
C ASP H 436 5.49 50.12 -56.00
N GLY H 437 5.38 51.42 -55.75
CA GLY H 437 5.36 52.38 -56.83
C GLY H 437 4.15 52.29 -57.72
N GLU H 438 3.03 51.77 -57.22
CA GLU H 438 1.80 51.63 -57.99
C GLU H 438 0.72 52.48 -57.34
N LEU H 439 0.68 53.76 -57.71
CA LEU H 439 -0.35 54.64 -57.19
C LEU H 439 -1.64 54.39 -57.96
N GLU H 440 -2.75 54.37 -57.23
CA GLU H 440 -4.05 54.12 -57.83
C GLU H 440 -5.09 54.89 -57.02
N ASP H 441 -5.64 55.95 -57.62
CA ASP H 441 -6.70 56.72 -56.98
C ASP H 441 -7.51 57.37 -58.09
N THR H 442 -8.67 56.80 -58.40
CA THR H 442 -9.54 57.39 -59.41
C THR H 442 -9.86 58.83 -59.08
N TYR H 443 -10.16 59.11 -57.81
CA TYR H 443 -10.25 60.47 -57.32
C TYR H 443 -8.86 60.97 -56.97
N HIS H 444 -8.59 62.23 -57.28
CA HIS H 444 -7.26 62.79 -57.10
C HIS H 444 -7.10 63.22 -55.65
N GLU H 445 -6.45 62.36 -54.86
CA GLU H 445 -6.20 62.64 -53.45
C GLU H 445 -4.72 62.71 -53.13
N PHE H 446 -3.96 61.69 -53.50
CA PHE H 446 -2.53 61.66 -53.25
C PHE H 446 -1.86 62.87 -53.92
N PHE H 447 -0.80 63.36 -53.29
CA PHE H 447 -0.12 64.54 -53.80
C PHE H 447 0.84 64.23 -54.94
N VAL H 448 0.87 62.97 -55.36
CA VAL H 448 1.70 62.53 -56.52
C VAL H 448 0.76 62.33 -57.70
N ALA H 449 0.71 63.30 -58.63
CA ALA H 449 -0.21 63.22 -59.78
C ALA H 449 0.54 62.65 -61.00
N SER H 450 -0.01 61.58 -61.58
CA SER H 450 0.62 60.93 -62.76
C SER H 450 0.06 61.55 -64.05
N ASP H 451 0.80 61.41 -65.15
CA ASP H 451 0.39 61.93 -66.45
C ASP H 451 0.32 60.76 -67.43
N PRO H 452 -0.86 60.47 -68.01
CA PRO H 452 -1.02 59.36 -68.95
C PRO H 452 -0.11 59.47 -70.17
N LEU H 459 11.07 59.24 -68.69
CA LEU H 459 10.18 58.81 -67.58
C LEU H 459 10.59 59.53 -66.30
N TRP H 460 11.55 60.46 -66.39
CA TRP H 460 12.02 61.21 -65.24
C TRP H 460 11.53 62.65 -65.27
N HIS H 461 11.64 63.30 -66.42
CA HIS H 461 11.34 64.73 -66.48
C HIS H 461 9.85 65.00 -66.34
N ASP H 462 9.03 64.08 -66.87
CA ASP H 462 7.55 64.26 -66.85
C ASP H 462 6.88 63.01 -66.26
N LYS H 463 5.55 63.09 -66.14
CA LYS H 463 4.58 62.06 -65.65
C LYS H 463 4.51 62.05 -64.11
N TYR H 464 5.31 62.89 -63.44
CA TYR H 464 5.28 62.99 -61.95
C TYR H 464 5.20 64.47 -61.56
N THR H 465 4.18 64.86 -60.81
CA THR H 465 4.04 66.27 -60.37
C THR H 465 3.74 66.33 -58.86
N LEU H 466 4.50 67.17 -58.13
CA LEU H 466 4.25 67.34 -56.68
C LEU H 466 3.04 68.26 -56.53
N ARG H 467 1.92 67.74 -56.05
CA ARG H 467 0.71 68.54 -55.93
C ARG H 467 0.82 69.41 -54.70
N LYS H 468 0.98 70.71 -54.89
CA LYS H 468 1.15 71.62 -53.77
C LYS H 468 -0.10 71.72 -52.90
N SER H 469 -1.25 71.28 -53.41
CA SER H 469 -2.51 71.51 -52.71
C SER H 469 -2.87 70.39 -51.76
N MET H 470 -2.57 69.15 -52.10
CA MET H 470 -2.99 68.00 -51.32
C MET H 470 -1.84 67.41 -50.51
N ILE H 471 -0.96 68.25 -49.98
CA ILE H 471 0.07 67.79 -49.05
C ILE H 471 -0.47 67.97 -47.64
N PRO H 472 -0.47 66.93 -46.82
CA PRO H 472 -0.95 67.08 -45.45
C PRO H 472 -0.05 68.01 -44.66
N SER H 473 -0.64 68.71 -43.69
CA SER H 473 0.15 69.65 -42.91
C SER H 473 1.23 68.93 -42.09
N PHE H 474 0.97 67.70 -41.67
CA PHE H 474 1.93 67.00 -40.83
C PHE H 474 3.05 66.34 -41.61
N MET H 475 3.30 66.77 -42.84
CA MET H 475 4.50 66.39 -43.58
C MET H 475 5.15 67.65 -44.13
N THR H 476 6.41 67.88 -43.73
CA THR H 476 7.13 69.05 -44.18
C THR H 476 7.38 68.99 -45.67
N MET H 477 7.48 70.18 -46.28
CA MET H 477 7.60 70.28 -47.73
C MET H 477 8.81 69.55 -48.28
N ASP H 478 9.85 69.34 -47.47
CA ASP H 478 11.00 68.58 -47.93
C ASP H 478 10.72 67.08 -47.90
N GLN H 479 9.98 66.61 -46.91
CA GLN H 479 9.65 65.19 -46.84
C GLN H 479 8.79 64.78 -48.03
N SER H 480 8.02 65.71 -48.59
CA SER H 480 7.17 65.38 -49.74
C SER H 480 7.97 65.23 -51.02
N ARG H 481 9.23 65.64 -51.06
CA ARG H 481 10.08 65.43 -52.22
C ARG H 481 10.95 64.20 -52.09
N LYS H 482 10.94 63.54 -50.94
CA LYS H 482 11.61 62.26 -50.81
C LYS H 482 10.70 61.08 -51.09
N VAL H 483 9.39 61.28 -51.06
CA VAL H 483 8.48 60.21 -51.46
C VAL H 483 8.29 60.21 -52.96
N LEU H 484 8.22 61.41 -53.56
CA LEU H 484 8.03 61.56 -55.03
C LEU H 484 9.30 61.05 -55.71
N LEU H 485 10.40 60.98 -54.95
CA LEU H 485 11.64 60.47 -55.49
C LEU H 485 11.83 58.98 -55.23
N ILE H 486 11.22 58.44 -54.18
CA ILE H 486 11.29 56.99 -53.97
C ILE H 486 10.26 56.29 -54.85
N GLY H 487 9.10 56.91 -55.05
CA GLY H 487 8.13 56.32 -55.95
C GLY H 487 8.62 56.28 -57.38
N LYS H 488 9.20 57.41 -57.81
CA LYS H 488 9.75 57.54 -59.18
C LYS H 488 10.91 56.56 -59.37
N SER H 489 11.72 56.35 -58.32
CA SER H 489 12.88 55.48 -58.43
C SER H 489 12.48 54.03 -58.61
N ILE H 490 11.31 53.63 -58.13
CA ILE H 490 10.87 52.25 -58.25
C ILE H 490 10.02 52.06 -59.51
N ASN H 491 9.23 53.09 -59.85
CA ASN H 491 8.38 53.01 -61.07
C ASN H 491 9.32 52.96 -62.29
N PHE H 492 10.40 53.74 -62.27
CA PHE H 492 11.35 53.76 -63.37
C PHE H 492 12.23 52.53 -63.38
N LEU H 493 12.45 51.91 -62.22
CA LEU H 493 13.24 50.69 -62.15
C LEU H 493 12.53 49.51 -62.81
N HIS H 494 11.21 49.55 -62.90
CA HIS H 494 10.45 48.44 -63.47
C HIS H 494 10.30 48.56 -64.98
N GLN H 495 9.79 49.70 -65.45
CA GLN H 495 9.43 49.84 -66.86
C GLN H 495 10.66 49.95 -67.75
N VAL H 496 11.44 51.02 -67.56
CA VAL H 496 12.53 51.30 -68.49
C VAL H 496 13.73 50.41 -68.21
N CYS H 497 14.17 50.33 -66.95
CA CYS H 497 15.33 49.51 -66.63
C CYS H 497 15.04 48.02 -66.84
N HIS H 498 13.77 47.63 -66.93
CA HIS H 498 13.37 46.25 -67.19
C HIS H 498 13.91 45.31 -66.10
N ASP H 499 13.41 45.51 -64.89
CA ASP H 499 13.81 44.72 -63.74
C ASP H 499 12.67 44.69 -62.75
N GLN H 500 12.52 43.56 -62.06
CA GLN H 500 11.50 43.41 -61.04
C GLN H 500 12.11 42.79 -59.80
N THR H 501 11.57 43.15 -58.64
CA THR H 501 12.07 42.65 -57.36
C THR H 501 11.21 41.49 -56.86
N GLU H 527 5.89 62.24 -35.97
CA GLU H 527 6.55 61.04 -35.47
C GLU H 527 8.03 61.06 -35.80
N ASN H 528 8.78 60.14 -35.18
CA ASN H 528 10.19 59.97 -35.49
C ASN H 528 10.48 58.65 -36.19
N ALA H 529 9.77 57.58 -35.86
CA ALA H 529 9.91 56.35 -36.61
C ALA H 529 9.37 56.49 -38.04
N PHE H 530 8.50 57.46 -38.29
CA PHE H 530 8.02 57.71 -39.64
C PHE H 530 9.12 58.34 -40.49
N GLN H 531 9.84 59.32 -39.94
CA GLN H 531 10.95 59.92 -40.67
C GLN H 531 12.02 58.89 -40.97
N GLY H 532 12.28 57.98 -40.02
CA GLY H 532 13.25 56.92 -40.26
C GLY H 532 12.82 55.93 -41.32
N LYS H 533 11.52 55.82 -41.58
CA LYS H 533 11.05 54.92 -42.63
C LYS H 533 11.30 55.49 -44.01
N ILE H 534 11.12 56.80 -44.18
CA ILE H 534 11.39 57.43 -45.48
C ILE H 534 12.86 57.29 -45.83
N ASP H 535 13.74 57.59 -44.87
CA ASP H 535 15.17 57.50 -45.14
C ASP H 535 15.62 56.06 -45.35
N ALA H 536 14.99 55.11 -44.65
CA ALA H 536 15.33 53.71 -44.88
C ALA H 536 14.92 53.28 -46.27
N ALA H 537 13.79 53.77 -46.76
CA ALA H 537 13.36 53.47 -48.13
C ALA H 537 14.14 54.27 -49.15
N TYR H 538 14.94 55.24 -48.73
CA TYR H 538 15.74 56.04 -49.65
C TYR H 538 17.15 55.50 -49.80
N PHE H 539 17.83 55.24 -48.70
CA PHE H 539 19.22 54.77 -48.73
C PHE H 539 19.33 53.33 -49.14
N GLU H 540 18.24 52.72 -49.57
CA GLU H 540 18.25 51.35 -50.10
C GLU H 540 17.81 51.29 -51.54
N THR H 541 16.72 51.99 -51.90
CA THR H 541 16.24 51.95 -53.27
C THR H 541 17.21 52.65 -54.21
N SER H 542 17.65 53.86 -53.86
CA SER H 542 18.55 54.59 -54.73
C SER H 542 19.89 53.88 -54.85
N LYS H 543 20.44 53.38 -53.74
CA LYS H 543 21.69 52.65 -53.81
C LYS H 543 21.58 51.41 -54.68
N TYR H 544 20.37 50.84 -54.79
CA TYR H 544 20.18 49.71 -55.69
C TYR H 544 19.97 50.16 -57.13
N LEU H 545 19.43 51.36 -57.35
CA LEU H 545 19.23 51.84 -58.71
C LEU H 545 20.55 52.05 -59.43
N LEU H 546 21.60 52.46 -58.71
CA LEU H 546 22.89 52.63 -59.35
C LEU H 546 23.53 51.29 -59.69
N ASP H 547 23.35 50.29 -58.81
CA ASP H 547 23.95 48.99 -59.06
C ASP H 547 23.39 48.36 -60.34
N VAL H 548 22.08 48.43 -60.53
CA VAL H 548 21.50 47.89 -61.74
C VAL H 548 21.80 48.78 -62.93
N LEU H 549 22.20 50.03 -62.70
CA LEU H 549 22.52 50.94 -63.78
C LEU H 549 24.01 51.02 -64.07
N ASN H 550 24.84 50.31 -63.30
CA ASN H 550 26.26 50.21 -63.57
C ASN H 550 26.72 48.82 -63.95
N LYS H 551 25.96 47.77 -63.60
CA LYS H 551 26.29 46.40 -63.96
C LYS H 551 25.53 45.93 -65.18
N LYS H 552 24.27 46.31 -65.32
CA LYS H 552 23.47 45.92 -66.48
C LYS H 552 23.57 46.88 -67.64
N TYR H 553 24.07 48.10 -67.41
CA TYR H 553 24.20 49.07 -68.48
C TYR H 553 25.53 49.81 -68.49
N SER H 554 21.81 51.95 -64.08
CA SER H 554 23.18 52.45 -64.03
C SER H 554 23.21 53.95 -64.36
N LEU H 555 22.52 54.73 -63.52
CA LEU H 555 22.48 56.17 -63.73
C LEU H 555 23.88 56.79 -63.64
N LEU H 556 24.72 56.25 -62.76
CA LEU H 556 26.07 56.80 -62.61
C LEU H 556 26.96 56.42 -63.78
N ASP H 557 26.86 55.18 -64.26
CA ASP H 557 27.70 54.74 -65.37
C ASP H 557 27.42 55.51 -66.66
N HIS H 558 26.32 56.24 -66.74
CA HIS H 558 26.07 57.09 -67.88
C HIS H 558 26.66 58.48 -67.71
N MET H 559 26.69 59.01 -66.48
CA MET H 559 27.33 60.30 -66.26
C MET H 559 28.81 60.25 -66.64
N GLN H 560 29.51 59.20 -66.21
CA GLN H 560 30.91 59.06 -66.57
C GLN H 560 31.06 58.85 -68.07
N ALA H 561 30.21 58.02 -68.66
CA ALA H 561 30.31 57.77 -70.09
C ALA H 561 29.87 58.95 -70.92
N MET H 562 29.05 59.85 -70.36
CA MET H 562 28.62 61.04 -71.08
C MET H 562 29.64 62.16 -71.00
N ARG H 563 30.70 61.97 -70.19
CA ARG H 563 31.84 62.87 -70.15
C ARG H 563 32.94 62.42 -71.09
N ARG H 564 33.15 61.11 -71.20
CA ARG H 564 34.22 60.61 -72.05
C ARG H 564 33.99 60.96 -73.51
N TYR H 565 32.74 60.83 -73.99
CA TYR H 565 32.43 61.04 -75.40
C TYR H 565 31.87 62.43 -75.67
N LEU H 566 30.77 62.79 -75.00
CA LEU H 566 30.11 64.05 -75.32
C LEU H 566 30.93 65.26 -74.87
N LEU H 567 31.86 65.08 -73.94
CA LEU H 567 32.72 66.17 -73.47
C LEU H 567 34.17 65.95 -73.84
N LEU H 568 34.44 65.06 -74.80
CA LEU H 568 35.77 64.78 -75.31
C LEU H 568 36.72 64.27 -74.24
N GLY H 569 36.19 63.80 -73.12
CA GLY H 569 37.04 63.32 -72.05
C GLY H 569 37.81 62.06 -72.36
N GLN H 570 37.59 61.45 -73.52
CA GLN H 570 38.31 60.24 -73.88
C GLN H 570 39.65 60.55 -74.53
N GLY H 571 39.66 61.48 -75.48
CA GLY H 571 40.91 61.87 -76.12
C GLY H 571 41.48 60.87 -77.11
N ASP H 572 41.59 59.61 -76.70
CA ASP H 572 42.07 58.59 -77.62
C ASP H 572 41.09 58.34 -78.76
N PHE H 573 39.78 58.38 -78.45
CA PHE H 573 38.77 58.11 -79.46
C PHE H 573 38.55 59.32 -80.35
N ILE H 574 38.58 60.53 -79.78
CA ILE H 574 38.35 61.72 -80.61
C ILE H 574 39.54 61.99 -81.52
N ARG H 575 40.73 61.50 -81.18
CA ARG H 575 41.86 61.65 -82.10
C ARG H 575 41.61 60.93 -83.41
N HIS H 576 41.29 59.64 -83.33
CA HIS H 576 41.02 58.86 -84.54
C HIS H 576 39.79 59.40 -85.27
N LEU H 577 38.82 59.92 -84.54
CA LEU H 577 37.59 60.42 -85.17
C LEU H 577 37.82 61.71 -85.94
N MET H 578 38.84 62.48 -85.60
CA MET H 578 39.14 63.67 -86.36
C MET H 578 40.01 63.38 -87.57
N ASP H 579 40.64 62.21 -87.62
CA ASP H 579 41.44 61.83 -88.79
C ASP H 579 40.57 61.23 -89.88
N LEU H 580 39.44 60.64 -89.49
CA LEU H 580 38.56 59.96 -90.48
C LEU H 580 37.54 60.94 -91.08
N LEU H 581 37.08 61.93 -90.30
CA LEU H 581 36.13 62.90 -90.84
C LEU H 581 36.79 63.99 -91.66
N LYS H 582 38.12 64.02 -91.71
CA LYS H 582 38.80 65.05 -92.50
C LYS H 582 38.46 64.98 -93.98
N PRO H 583 38.51 63.83 -94.66
CA PRO H 583 38.17 63.82 -96.08
C PRO H 583 36.71 64.13 -96.38
N GLU H 584 35.83 64.07 -95.38
CA GLU H 584 34.41 64.25 -95.63
C GLU H 584 33.96 65.68 -95.38
N LEU H 585 34.27 66.24 -94.21
CA LEU H 585 33.74 67.53 -93.81
C LEU H 585 34.28 68.68 -94.63
N VAL H 586 35.36 68.48 -95.38
CA VAL H 586 35.89 69.57 -96.20
C VAL H 586 34.91 69.95 -97.31
N ARG H 587 34.06 69.01 -97.73
CA ARG H 587 33.05 69.30 -98.72
C ARG H 587 31.94 70.16 -98.12
N PRO H 588 31.19 70.87 -98.96
CA PRO H 588 30.06 71.65 -98.44
C PRO H 588 28.98 70.75 -97.85
N ALA H 589 28.11 71.35 -97.06
CA ALA H 589 27.11 70.59 -96.32
C ALA H 589 26.03 70.00 -97.21
N THR H 590 25.83 70.56 -98.41
CA THR H 590 24.76 70.10 -99.27
C THR H 590 24.96 68.67 -99.72
N THR H 591 26.20 68.25 -99.91
CA THR H 591 26.52 66.90 -100.33
C THR H 591 26.67 65.93 -99.15
N LEU H 592 26.38 66.38 -97.94
CA LEU H 592 26.55 65.58 -96.74
C LEU H 592 25.23 64.93 -96.36
N TYR H 593 25.28 63.63 -96.09
CA TYR H 593 24.11 62.87 -95.68
C TYR H 593 24.47 61.98 -94.50
N GLN H 594 23.58 61.94 -93.52
CA GLN H 594 23.91 61.33 -92.23
C GLN H 594 24.24 59.85 -92.37
N HIS H 595 23.54 59.17 -93.29
CA HIS H 595 23.67 57.70 -93.50
C HIS H 595 25.11 57.26 -93.78
N ASN H 596 25.99 58.18 -94.19
CA ASN H 596 27.37 57.83 -94.52
C ASN H 596 28.30 57.95 -93.32
N LEU H 597 28.09 58.94 -92.46
CA LEU H 597 29.02 59.19 -91.37
C LEU H 597 28.95 58.11 -90.29
N THR H 598 27.80 57.48 -90.13
CA THR H 598 27.65 56.49 -89.06
C THR H 598 28.63 55.34 -89.23
N GLY H 599 28.82 54.90 -90.48
CA GLY H 599 29.76 53.81 -90.77
C GLY H 599 31.13 54.12 -90.19
N ILE H 600 31.62 55.34 -90.43
CA ILE H 600 32.94 55.81 -89.93
C ILE H 600 32.92 55.81 -88.40
N LEU H 601 31.81 56.26 -87.81
CA LEU H 601 31.69 56.35 -86.33
C LEU H 601 31.82 54.97 -85.70
N GLU H 602 31.16 53.95 -86.30
CA GLU H 602 31.22 52.58 -85.74
C GLU H 602 32.67 52.07 -85.82
N THR H 603 33.33 52.31 -86.95
CA THR H 603 34.74 51.87 -87.17
C THR H 603 35.67 52.59 -86.18
N ALA H 604 35.42 53.87 -85.93
CA ALA H 604 36.27 54.68 -85.04
C ALA H 604 36.28 54.08 -83.62
N VAL H 605 35.12 53.63 -83.13
CA VAL H 605 35.05 53.05 -81.76
C VAL H 605 35.95 51.81 -81.72
N ARG H 606 35.87 50.96 -82.75
CA ARG H 606 36.69 49.72 -82.83
C ARG H 606 38.18 50.06 -82.92
N ALA H 607 38.51 51.09 -83.71
CA ALA H 607 39.92 51.49 -83.95
C ALA H 607 40.55 52.11 -82.71
N THR H 608 39.76 52.42 -81.67
CA THR H 608 40.32 53.02 -80.46
C THR H 608 40.03 52.13 -79.25
N ASN H 609 40.38 52.61 -78.07
CA ASN H 609 40.15 51.88 -76.84
C ASN H 609 38.69 51.89 -76.40
N ALA H 610 37.83 52.64 -77.08
CA ALA H 610 36.42 52.70 -76.71
C ALA H 610 35.67 51.42 -77.03
N GLN H 611 36.31 50.43 -77.64
CA GLN H 611 35.63 49.18 -77.92
C GLN H 611 35.37 48.39 -76.65
N PHE H 612 36.31 48.38 -75.73
CA PHE H 612 36.14 47.73 -74.43
C PHE H 612 35.24 48.63 -73.57
N ASP H 613 33.94 48.47 -73.77
CA ASP H 613 32.98 49.37 -73.14
C ASP H 613 31.63 48.68 -73.05
N SER H 614 30.79 49.17 -72.14
CA SER H 614 29.47 48.60 -71.95
C SER H 614 28.65 48.69 -73.23
N PRO H 615 28.10 47.60 -73.73
CA PRO H 615 27.34 47.67 -74.98
C PRO H 615 26.09 48.52 -74.90
N GLU H 616 25.54 48.70 -73.70
CA GLU H 616 24.31 49.47 -73.56
C GLU H 616 24.55 50.95 -73.87
N ILE H 617 25.55 51.55 -73.25
CA ILE H 617 25.83 52.97 -73.48
C ILE H 617 26.29 53.21 -74.91
N LEU H 618 26.93 52.22 -75.54
CA LEU H 618 27.32 52.36 -76.93
C LEU H 618 26.14 52.31 -77.88
N ARG H 619 24.97 51.85 -77.42
CA ARG H 619 23.80 51.82 -78.28
C ARG H 619 23.20 53.20 -78.46
N ARG H 620 23.42 54.11 -77.50
CA ARG H 620 22.83 55.43 -77.59
C ARG H 620 23.72 56.44 -78.29
N LEU H 621 25.03 56.21 -78.35
CA LEU H 621 25.95 57.16 -78.94
C LEU H 621 25.80 57.15 -80.46
N ASP H 622 25.33 58.25 -81.04
CA ASP H 622 25.20 58.35 -82.49
C ASP H 622 25.60 59.75 -82.91
N VAL H 623 25.26 60.09 -84.16
CA VAL H 623 25.57 61.37 -84.75
C VAL H 623 24.29 62.14 -84.97
N ARG H 624 24.41 63.46 -85.08
CA ARG H 624 23.30 64.30 -85.50
C ARG H 624 23.85 65.38 -86.41
N LEU H 625 22.99 65.94 -87.26
CA LEU H 625 23.39 66.96 -88.21
C LEU H 625 22.66 68.26 -87.87
N LEU H 626 23.40 69.24 -87.38
CA LEU H 626 22.82 70.52 -87.03
C LEU H 626 22.44 71.28 -88.29
N GLU H 627 21.36 72.04 -88.22
CA GLU H 627 20.93 72.87 -89.33
C GLU H 627 20.47 74.24 -88.84
N ASP H 632 27.74 76.95 -95.68
CA ASP H 632 28.24 76.19 -94.54
C ASP H 632 29.25 75.15 -94.99
N THR H 633 29.80 74.41 -94.03
CA THR H 633 30.80 73.39 -94.32
C THR H 633 30.61 72.25 -93.33
N GLY H 634 31.19 71.09 -93.67
CA GLY H 634 31.08 69.91 -92.81
C GLY H 634 31.59 70.11 -91.41
N TRP H 635 32.45 71.10 -91.19
CA TRP H 635 32.96 71.42 -89.86
C TRP H 635 32.05 72.38 -89.11
N ASP H 636 30.82 72.56 -89.55
CA ASP H 636 29.88 73.45 -88.89
C ASP H 636 28.55 72.78 -88.58
N VAL H 637 28.32 71.56 -89.07
CA VAL H 637 27.04 70.88 -88.87
C VAL H 637 27.20 69.49 -88.26
N PHE H 638 28.42 69.10 -87.88
CA PHE H 638 28.63 67.80 -87.27
C PHE H 638 28.71 67.93 -85.75
N SER H 639 28.07 66.97 -85.06
CA SER H 639 28.07 66.94 -83.60
C SER H 639 27.44 65.63 -83.14
N LEU H 640 27.93 65.12 -82.02
CA LEU H 640 27.37 63.92 -81.42
C LEU H 640 26.15 64.28 -80.57
N ASP H 641 25.30 63.29 -80.33
CA ASP H 641 24.05 63.53 -79.63
C ASP H 641 23.91 62.77 -78.32
N TYR H 642 24.09 61.46 -78.33
CA TYR H 642 23.88 60.61 -77.16
C TYR H 642 22.50 60.84 -76.56
N HIS H 643 21.48 60.48 -77.35
CA HIS H 643 20.11 60.62 -76.89
C HIS H 643 19.82 59.66 -75.74
N VAL H 644 18.98 60.10 -74.80
CA VAL H 644 18.64 59.30 -73.63
C VAL H 644 17.14 59.44 -73.37
N ASP H 645 16.46 58.29 -73.30
CA ASP H 645 15.03 58.24 -73.02
C ASP H 645 14.77 57.18 -71.95
N GLY H 646 13.68 57.38 -71.21
CA GLY H 646 13.29 56.46 -70.17
C GLY H 646 13.35 57.07 -68.79
N PRO H 647 13.64 56.25 -67.78
CA PRO H 647 13.78 56.79 -66.43
C PRO H 647 14.99 57.70 -66.27
N ILE H 648 16.12 57.36 -66.89
CA ILE H 648 17.29 58.21 -66.83
C ILE H 648 17.05 59.58 -67.46
N ALA H 649 16.02 59.71 -68.28
CA ALA H 649 15.72 61.00 -68.90
C ALA H 649 15.16 62.01 -67.91
N THR H 650 14.91 61.62 -66.67
CA THR H 650 14.47 62.59 -65.67
C THR H 650 15.61 63.32 -64.99
N VAL H 651 16.85 62.93 -65.28
CA VAL H 651 18.00 63.66 -64.77
C VAL H 651 18.50 64.68 -65.77
N PHE H 652 18.29 64.43 -67.07
CA PHE H 652 18.79 65.30 -68.14
C PHE H 652 17.73 66.23 -68.69
N THR H 653 16.49 65.76 -68.82
CA THR H 653 15.31 66.63 -68.95
C THR H 653 15.42 67.60 -70.12
N ARG H 654 16.03 67.17 -71.21
CA ARG H 654 15.96 67.90 -72.47
C ARG H 654 16.66 69.25 -72.40
N GLU H 655 17.11 69.64 -71.21
CA GLU H 655 17.87 70.87 -71.03
C GLU H 655 19.35 70.62 -70.89
N CYS H 656 19.74 69.51 -70.25
CA CYS H 656 21.14 69.12 -70.23
C CYS H 656 21.60 68.71 -71.63
N MET H 657 20.71 68.14 -72.43
CA MET H 657 21.05 67.84 -73.81
C MET H 657 21.01 69.07 -74.70
N SER H 658 20.35 70.14 -74.28
CA SER H 658 20.44 71.42 -74.97
C SER H 658 21.56 72.29 -74.42
N HIS H 659 22.27 71.83 -73.39
CA HIS H 659 23.44 72.52 -72.86
C HIS H 659 24.73 71.83 -73.26
N TYR H 660 24.75 70.49 -73.28
CA TYR H 660 25.95 69.78 -73.70
C TYR H 660 26.31 70.13 -75.14
N LEU H 661 25.31 70.14 -76.04
CA LEU H 661 25.58 70.53 -77.42
C LEU H 661 26.04 71.99 -77.49
N ARG H 662 25.55 72.84 -76.59
CA ARG H 662 26.04 74.20 -76.51
C ARG H 662 27.50 74.23 -76.07
N VAL H 663 27.94 73.22 -75.32
CA VAL H 663 29.34 73.11 -74.93
C VAL H 663 30.15 72.40 -75.99
N PHE H 664 29.59 71.36 -76.60
CA PHE H 664 30.37 70.50 -77.50
C PHE H 664 30.94 71.27 -78.67
N ASN H 665 30.28 72.35 -79.10
CA ASN H 665 30.83 73.16 -80.18
C ASN H 665 32.14 73.81 -79.75
N PHE H 666 32.18 74.39 -78.55
CA PHE H 666 33.40 75.06 -78.11
C PHE H 666 34.53 74.08 -77.90
N LEU H 667 34.23 72.83 -77.55
CA LEU H 667 35.29 71.85 -77.43
C LEU H 667 35.65 71.22 -78.77
N TRP H 668 34.77 71.30 -79.77
CA TRP H 668 35.11 70.83 -81.09
C TRP H 668 35.96 71.84 -81.84
N ARG H 669 35.64 73.13 -81.72
CA ARG H 669 36.44 74.15 -82.37
C ARG H 669 37.84 74.20 -81.78
N ALA H 670 37.94 74.27 -80.46
CA ALA H 670 39.25 74.28 -79.81
C ALA H 670 39.99 72.96 -79.97
N LYS H 671 39.40 71.98 -80.66
CA LYS H 671 40.11 70.75 -80.97
C LYS H 671 40.58 70.68 -82.41
N ARG H 672 39.85 71.30 -83.35
CA ARG H 672 40.35 71.37 -84.72
C ARG H 672 41.32 72.53 -84.89
N MET H 673 41.18 73.59 -84.11
CA MET H 673 42.18 74.65 -84.13
C MET H 673 43.52 74.21 -83.56
N GLU H 674 43.56 73.06 -82.91
CA GLU H 674 44.82 72.50 -82.44
C GLU H 674 45.41 71.48 -83.41
N TYR H 675 44.58 70.61 -83.99
CA TYR H 675 45.10 69.66 -84.95
C TYR H 675 45.46 70.31 -86.28
N ILE H 676 44.97 71.53 -86.52
CA ILE H 676 45.51 72.32 -87.62
C ILE H 676 46.91 72.79 -87.29
N LEU H 677 47.11 73.28 -86.07
CA LEU H 677 48.38 73.85 -85.66
C LEU H 677 49.44 72.81 -85.35
N THR H 678 49.08 71.54 -85.21
CA THR H 678 50.08 70.49 -85.19
C THR H 678 50.32 69.90 -86.56
N ASP H 679 49.47 70.23 -87.53
CA ASP H 679 49.75 69.86 -88.92
C ASP H 679 50.71 70.86 -89.55
N ILE H 680 50.49 72.15 -89.30
CA ILE H 680 51.44 73.17 -89.77
C ILE H 680 52.82 72.89 -89.19
N ARG H 681 52.89 72.66 -87.88
CA ARG H 681 54.16 72.30 -87.26
C ARG H 681 54.73 71.02 -87.84
N LYS H 682 53.88 70.14 -88.35
CA LYS H 682 54.37 68.95 -89.02
C LYS H 682 54.91 69.28 -90.41
N GLY H 683 54.32 70.28 -91.06
CA GLY H 683 54.83 70.69 -92.36
C GLY H 683 56.22 71.29 -92.28
N HIS H 684 56.45 72.17 -91.30
CA HIS H 684 57.76 72.76 -91.13
C HIS H 684 58.80 71.73 -90.73
N MET H 685 58.35 70.64 -90.10
CA MET H 685 59.26 69.57 -89.74
C MET H 685 59.64 68.71 -90.94
N CYS H 686 58.96 68.90 -92.07
CA CYS H 686 59.38 68.32 -93.34
C CYS H 686 59.82 69.36 -94.35
N ASN H 687 59.48 70.63 -94.13
CA ASN H 687 59.88 71.68 -95.07
C ASN H 687 61.39 71.83 -95.09
N ALA H 688 61.99 72.17 -93.96
CA ALA H 688 63.42 72.41 -93.90
C ALA H 688 64.24 71.17 -94.23
N LYS H 689 63.63 70.00 -94.28
CA LYS H 689 64.38 68.79 -94.65
C LYS H 689 64.48 68.59 -96.16
N LEU H 690 63.87 69.47 -96.95
CA LEU H 690 63.98 69.40 -98.41
C LEU H 690 64.70 70.60 -98.99
N LEU H 691 64.25 71.81 -98.69
CA LEU H 691 64.79 73.03 -99.28
C LEU H 691 65.83 73.71 -98.39
N ARG H 692 66.62 72.93 -97.67
CA ARG H 692 67.69 73.48 -96.86
C ARG H 692 68.90 73.90 -97.68
N ASN H 693 68.80 73.89 -99.00
CA ASN H 693 69.91 74.27 -99.88
C ASN H 693 69.70 75.63 -100.54
N MET H 694 68.62 76.34 -100.22
CA MET H 694 68.35 77.65 -100.80
C MET H 694 68.49 78.71 -99.72
N PRO H 695 69.69 79.24 -99.50
CA PRO H 695 69.88 80.20 -98.40
C PRO H 695 69.16 81.52 -98.59
N GLU H 696 68.67 81.81 -99.79
CA GLU H 696 67.93 83.04 -100.03
C GLU H 696 66.49 82.96 -99.58
N PHE H 697 66.00 81.77 -99.24
CA PHE H 697 64.61 81.60 -98.82
C PHE H 697 64.44 81.50 -97.32
N SER H 698 65.50 81.15 -96.58
CA SER H 698 65.37 80.99 -95.13
C SER H 698 65.12 82.32 -94.43
N GLY H 699 65.42 83.45 -95.07
CA GLY H 699 65.15 84.73 -94.45
C GLY H 699 63.66 84.98 -94.26
N VAL H 700 62.87 84.68 -95.28
CA VAL H 700 61.42 84.84 -95.16
C VAL H 700 60.77 83.58 -94.58
N LEU H 701 61.41 82.42 -94.73
CA LEU H 701 60.87 81.21 -94.13
C LEU H 701 60.91 81.28 -92.61
N HIS H 702 61.85 82.05 -92.06
CA HIS H 702 61.97 82.13 -90.60
C HIS H 702 60.73 82.74 -89.98
N GLN H 703 60.22 83.82 -90.56
CA GLN H 703 59.00 84.42 -90.05
C GLN H 703 57.82 83.46 -90.10
N CYS H 704 57.90 82.42 -90.93
CA CYS H 704 56.85 81.42 -90.96
C CYS H 704 56.94 80.49 -89.76
N HIS H 705 58.12 80.35 -89.16
CA HIS H 705 58.26 79.50 -87.97
C HIS H 705 57.85 80.25 -86.72
N ILE H 706 58.39 81.46 -86.52
CA ILE H 706 58.14 82.20 -85.28
C ILE H 706 56.67 82.49 -85.12
N LEU H 707 55.99 82.90 -86.20
CA LEU H 707 54.56 83.14 -86.12
C LEU H 707 53.80 81.88 -85.75
N ALA H 708 54.31 80.72 -86.15
CA ALA H 708 53.68 79.46 -85.75
C ALA H 708 53.85 79.22 -84.26
N SER H 709 55.10 79.24 -83.78
CA SER H 709 55.37 78.95 -82.38
C SER H 709 54.78 80.00 -81.45
N GLU H 710 54.58 81.23 -81.93
CA GLU H 710 53.84 82.20 -81.14
C GLU H 710 52.35 81.94 -81.16
N MET H 711 51.86 81.24 -82.17
CA MET H 711 50.44 80.92 -82.27
C MET H 711 50.09 79.61 -81.58
N VAL H 712 50.96 78.61 -81.66
CA VAL H 712 50.67 77.34 -81.01
C VAL H 712 50.70 77.46 -79.51
N HIS H 713 51.40 78.45 -78.97
CA HIS H 713 51.40 78.66 -77.53
C HIS H 713 50.02 79.09 -77.03
N PHE H 714 49.44 80.09 -77.68
CA PHE H 714 48.14 80.59 -77.26
C PHE H 714 47.08 79.50 -77.30
N ILE H 715 47.19 78.56 -78.25
CA ILE H 715 46.23 77.47 -78.34
C ILE H 715 46.57 76.35 -77.38
N HIS H 716 47.84 75.92 -77.37
CA HIS H 716 48.24 74.86 -76.47
C HIS H 716 48.17 75.25 -75.01
N GLN H 717 48.06 76.54 -74.70
CA GLN H 717 47.87 76.96 -73.31
C GLN H 717 46.40 77.02 -72.94
N MET H 718 45.57 77.66 -73.78
CA MET H 718 44.14 77.64 -73.54
C MET H 718 43.60 76.22 -73.53
N GLN H 719 44.25 75.30 -74.24
CA GLN H 719 43.83 73.91 -74.22
C GLN H 719 44.06 73.31 -72.83
N TYR H 720 44.98 73.87 -72.06
CA TYR H 720 45.19 73.38 -70.70
C TYR H 720 44.16 73.95 -69.75
N TYR H 721 43.82 75.24 -69.90
CA TYR H 721 42.78 75.85 -69.08
C TYR H 721 41.47 75.10 -69.22
N ILE H 722 41.26 74.44 -70.36
CA ILE H 722 40.04 73.67 -70.55
C ILE H 722 40.09 72.39 -69.72
N THR H 723 41.28 71.80 -69.59
CA THR H 723 41.38 70.52 -68.88
C THR H 723 41.30 70.69 -67.37
N PHE H 724 42.13 71.57 -66.81
CA PHE H 724 42.28 71.65 -65.37
C PHE H 724 41.30 72.61 -64.70
N GLU H 725 41.00 73.74 -65.34
CA GLU H 725 40.16 74.76 -64.73
C GLU H 725 38.67 74.56 -64.99
N VAL H 726 38.30 73.75 -65.99
CA VAL H 726 36.91 73.59 -66.40
C VAL H 726 36.45 72.15 -66.26
N LEU H 727 37.23 71.21 -66.78
CA LEU H 727 36.81 69.81 -66.73
C LEU H 727 37.23 69.14 -65.43
N GLU H 728 38.53 69.10 -65.14
CA GLU H 728 38.99 68.34 -64.00
C GLU H 728 38.63 68.97 -62.66
N CYS H 729 38.36 70.27 -62.63
CA CYS H 729 38.00 70.92 -61.38
C CYS H 729 36.50 70.96 -61.14
N SER H 730 35.72 71.35 -62.16
CA SER H 730 34.28 71.42 -62.00
C SER H 730 33.61 70.06 -61.98
N TRP H 731 34.28 69.02 -62.48
CA TRP H 731 33.76 67.68 -62.35
C TRP H 731 34.04 67.09 -60.97
N ASP H 732 35.12 67.53 -60.32
CA ASP H 732 35.44 67.00 -59.01
C ASP H 732 34.42 67.46 -57.97
N GLU H 733 33.89 68.67 -58.13
CA GLU H 733 32.82 69.13 -57.25
C GLU H 733 31.49 68.47 -57.56
N LEU H 734 31.43 67.61 -58.57
CA LEU H 734 30.22 66.84 -58.87
C LEU H 734 30.32 65.41 -58.34
N TRP H 735 31.42 64.73 -58.60
CA TRP H 735 31.58 63.39 -58.05
C TRP H 735 31.74 63.40 -56.54
N ASN H 736 31.99 64.56 -55.94
CA ASN H 736 32.03 64.68 -54.49
C ASN H 736 30.65 64.88 -53.89
N LYS H 737 29.76 65.57 -54.62
CA LYS H 737 28.39 65.79 -54.17
C LYS H 737 27.42 64.77 -54.76
N VAL H 738 27.92 63.59 -55.12
CA VAL H 738 27.09 62.49 -55.60
C VAL H 738 27.29 61.23 -54.75
N GLN H 739 28.56 60.90 -54.46
CA GLN H 739 28.84 59.79 -53.56
C GLN H 739 28.38 60.05 -52.13
N GLN H 740 27.94 61.27 -51.82
CA GLN H 740 27.40 61.58 -50.51
C GLN H 740 25.95 62.06 -50.56
N ALA H 741 25.43 62.38 -51.74
CA ALA H 741 24.05 62.82 -51.85
C ALA H 741 23.12 61.62 -51.80
N GLN H 742 21.82 61.87 -51.92
CA GLN H 742 20.81 60.83 -51.91
C GLN H 742 19.50 61.43 -52.42
N ASP H 743 18.42 60.65 -52.31
CA ASP H 743 17.05 61.03 -52.62
C ASP H 743 16.87 61.64 -54.01
N LEU H 744 17.86 61.48 -54.88
CA LEU H 744 17.74 61.83 -56.30
C LEU H 744 17.38 63.29 -56.53
N ASP H 745 17.22 64.06 -55.47
CA ASP H 745 16.99 65.49 -55.61
C ASP H 745 18.19 66.31 -55.16
N HIS H 746 19.16 65.68 -54.50
CA HIS H 746 20.48 66.25 -54.34
C HIS H 746 21.41 65.87 -55.49
N ILE H 747 20.99 64.92 -56.34
CA ILE H 747 21.75 64.56 -57.53
C ILE H 747 21.41 65.49 -58.69
N ILE H 748 20.12 65.75 -58.91
CA ILE H 748 19.72 66.68 -59.95
C ILE H 748 20.30 68.06 -59.69
N ALA H 749 20.18 68.54 -58.46
CA ALA H 749 20.69 69.87 -58.12
C ALA H 749 22.21 69.92 -58.11
N ALA H 750 22.88 68.77 -58.03
CA ALA H 750 24.33 68.75 -58.14
C ALA H 750 24.79 68.62 -59.58
N HIS H 751 23.99 67.98 -60.42
CA HIS H 751 24.29 67.90 -61.85
C HIS H 751 23.81 69.12 -62.61
N GLU H 752 22.83 69.86 -62.08
CA GLU H 752 22.36 71.05 -62.77
C GLU H 752 23.33 72.21 -62.61
N VAL H 753 23.92 72.36 -61.42
CA VAL H 753 24.93 73.40 -61.23
C VAL H 753 26.24 73.02 -61.90
N PHE H 754 26.46 71.73 -62.16
CA PHE H 754 27.65 71.31 -62.91
C PHE H 754 27.59 71.77 -64.36
N LEU H 755 26.42 72.11 -64.86
CA LEU H 755 26.26 72.69 -66.18
C LEU H 755 26.10 74.20 -66.15
N ASP H 756 26.14 74.82 -64.98
CA ASP H 756 26.12 76.27 -64.89
C ASP H 756 27.47 76.87 -64.57
N THR H 757 28.45 76.05 -64.17
CA THR H 757 29.81 76.53 -64.04
C THR H 757 30.61 76.32 -65.33
N ILE H 758 30.43 75.17 -65.98
CA ILE H 758 31.13 74.93 -67.24
C ILE H 758 30.72 75.95 -68.29
N ILE H 759 29.42 76.28 -68.34
CA ILE H 759 28.98 77.36 -69.22
C ILE H 759 29.59 78.68 -68.77
N SER H 760 29.79 78.87 -67.47
CA SER H 760 30.35 80.12 -66.98
C SER H 760 31.87 80.17 -67.05
N ARG H 761 32.54 79.05 -66.75
CA ARG H 761 33.99 79.04 -66.80
C ARG H 761 34.49 79.07 -68.24
N CYS H 762 33.80 78.37 -69.14
CA CYS H 762 33.95 78.67 -70.55
C CYS H 762 33.23 79.99 -70.85
N LEU H 763 33.52 80.56 -72.02
CA LEU H 763 33.03 81.89 -72.33
C LEU H 763 31.67 81.88 -73.01
N LEU H 764 30.87 80.82 -72.82
CA LEU H 764 29.58 80.69 -73.47
C LEU H 764 28.44 81.30 -72.67
N ASP H 765 28.72 82.27 -71.80
CA ASP H 765 27.67 82.91 -71.03
C ASP H 765 26.92 83.91 -71.91
N SER H 766 26.03 84.67 -71.26
CA SER H 766 25.25 85.68 -71.95
C SER H 766 25.87 87.06 -71.86
N ASP H 767 26.43 87.41 -70.69
CA ASP H 767 27.07 88.70 -70.51
C ASP H 767 28.55 88.71 -70.88
N SER H 768 29.12 87.56 -71.20
CA SER H 768 30.50 87.48 -71.69
C SER H 768 30.54 87.40 -73.21
N ARG H 769 29.53 87.97 -73.88
CA ARG H 769 29.45 87.86 -75.33
C ARG H 769 30.62 88.59 -76.01
N ALA H 770 30.99 89.76 -75.47
CA ALA H 770 32.10 90.50 -76.06
C ALA H 770 33.42 89.73 -76.01
N LEU H 771 33.51 88.73 -75.14
CA LEU H 771 34.76 87.98 -75.03
C LEU H 771 34.86 86.87 -76.07
N LEU H 772 33.78 86.11 -76.27
CA LEU H 772 33.85 84.99 -77.20
C LEU H 772 34.03 85.47 -78.64
N ASN H 773 33.27 86.49 -79.05
CA ASN H 773 33.45 87.04 -80.39
C ASN H 773 34.85 87.57 -80.58
N GLN H 774 35.50 88.01 -79.50
CA GLN H 774 36.90 88.40 -79.59
C GLN H 774 37.80 87.20 -79.79
N LEU H 775 37.47 86.07 -79.18
CA LEU H 775 38.29 84.87 -79.35
C LEU H 775 38.17 84.30 -80.75
N ARG H 776 36.99 84.43 -81.38
CA ARG H 776 36.79 83.86 -82.71
C ARG H 776 37.77 84.47 -83.71
N ALA H 777 38.04 85.77 -83.59
CA ALA H 777 38.99 86.40 -84.49
C ALA H 777 40.37 85.75 -84.40
N VAL H 778 40.80 85.41 -83.19
CA VAL H 778 42.05 84.69 -83.03
C VAL H 778 41.93 83.29 -83.60
N PHE H 779 40.76 82.67 -83.47
CA PHE H 779 40.55 81.38 -84.11
C PHE H 779 40.59 81.48 -85.63
N ASP H 780 40.23 82.64 -86.17
CA ASP H 780 40.27 82.82 -87.62
C ASP H 780 41.69 83.03 -88.13
N GLN H 781 42.50 83.79 -87.39
CA GLN H 781 43.86 84.05 -87.83
C GLN H 781 44.69 82.78 -87.95
N ILE H 782 44.30 81.71 -87.26
CA ILE H 782 45.01 80.45 -87.42
C ILE H 782 44.72 79.85 -88.80
N ILE H 783 43.50 80.03 -89.30
CA ILE H 783 43.17 79.49 -90.62
C ILE H 783 43.85 80.29 -91.72
N GLU H 784 43.87 81.62 -91.58
CA GLU H 784 44.49 82.45 -92.60
C GLU H 784 45.99 82.19 -92.69
N LEU H 785 46.61 81.74 -91.60
CA LEU H 785 48.01 81.33 -91.70
C LEU H 785 48.16 80.09 -92.56
N GLN H 786 47.29 79.11 -92.37
CA GLN H 786 47.38 77.89 -93.16
C GLN H 786 47.19 78.15 -94.65
N ASN H 787 46.41 79.17 -95.01
CA ASN H 787 46.23 79.53 -96.42
C ASN H 787 47.40 80.33 -96.95
N ALA H 788 47.97 81.22 -96.14
CA ALA H 788 49.13 81.99 -96.54
C ALA H 788 50.44 81.26 -96.32
N GLN H 789 50.39 79.97 -95.98
CA GLN H 789 51.60 79.20 -95.77
C GLN H 789 51.87 78.25 -96.93
N ASP H 790 50.87 77.41 -97.27
CA ASP H 790 51.05 76.47 -98.37
C ASP H 790 51.29 77.20 -99.69
N ALA H 791 50.77 78.42 -99.83
CA ALA H 791 51.09 79.22 -101.00
C ALA H 791 52.57 79.54 -101.04
N ILE H 792 53.14 79.94 -99.90
CA ILE H 792 54.58 80.19 -99.84
C ILE H 792 55.34 78.88 -99.79
N TYR H 793 54.72 77.80 -99.34
CA TYR H 793 55.37 76.50 -99.33
C TYR H 793 55.45 75.92 -100.73
N ARG H 794 54.31 75.91 -101.45
CA ARG H 794 54.29 75.28 -102.76
C ARG H 794 55.08 76.08 -103.79
N ALA H 795 55.01 77.42 -103.71
CA ALA H 795 55.74 78.25 -104.65
C ALA H 795 57.24 78.03 -104.57
N ALA H 796 57.74 77.54 -103.44
CA ALA H 796 59.15 77.21 -103.31
C ALA H 796 59.46 75.79 -103.77
N LEU H 797 58.48 74.90 -103.76
CA LEU H 797 58.72 73.54 -104.26
C LEU H 797 58.65 73.48 -105.78
N GLU H 798 57.83 74.31 -106.40
CA GLU H 798 57.81 74.37 -107.86
C GLU H 798 59.15 74.87 -108.40
N GLU H 799 59.61 76.00 -107.88
CA GLU H 799 60.89 76.56 -108.30
C GLU H 799 62.04 75.61 -107.98
N LEU H 800 61.90 74.80 -106.93
CA LEU H 800 62.92 73.81 -106.64
C LEU H 800 62.86 72.65 -107.63
N GLN H 801 61.64 72.23 -107.99
CA GLN H 801 61.50 71.10 -108.90
C GLN H 801 62.00 71.46 -110.30
N ARG H 802 61.68 72.66 -110.78
CA ARG H 802 62.20 73.10 -112.07
C ARG H 802 63.71 73.21 -112.04
N ARG H 803 64.27 73.74 -110.95
CA ARG H 803 65.71 73.82 -110.80
C ARG H 803 66.36 72.44 -110.78
N LEU H 804 65.62 71.41 -110.37
CA LEU H 804 66.16 70.05 -110.43
C LEU H 804 66.22 69.54 -111.86
N GLN H 805 65.10 69.63 -112.58
CA GLN H 805 65.07 69.15 -113.95
C GLN H 805 65.87 70.01 -114.91
N PHE H 806 66.08 71.29 -114.59
CA PHE H 806 66.83 72.17 -115.46
C PHE H 806 68.31 71.85 -115.50
N GLU H 807 68.78 70.93 -114.64
CA GLU H 807 70.19 70.57 -114.60
C GLU H 807 70.45 69.07 -114.66
N GLU H 808 69.46 68.22 -114.39
CA GLU H 808 69.69 66.78 -114.41
C GLU H 808 69.66 66.22 -115.83
N LYS H 809 68.86 66.82 -116.72
CA LYS H 809 68.79 66.32 -118.08
C LYS H 809 69.94 66.82 -118.93
N LYS H 810 70.49 68.00 -118.59
CA LYS H 810 71.58 68.56 -119.35
C LYS H 810 72.96 68.21 -118.80
N LYS H 811 73.02 67.71 -117.56
CA LYS H 811 74.30 67.34 -116.96
C LYS H 811 74.22 65.97 -116.28
N GLU H 825 69.78 79.26 -123.49
CA GLU H 825 69.32 78.32 -122.47
C GLU H 825 69.73 78.77 -121.07
N GLU H 826 71.02 79.02 -120.90
CA GLU H 826 71.53 79.46 -119.60
C GLU H 826 71.13 80.89 -119.26
N GLU H 827 70.83 81.70 -120.27
CA GLU H 827 70.48 83.09 -120.05
C GLU H 827 68.97 83.31 -119.90
N GLU H 828 68.15 82.47 -120.54
CA GLU H 828 66.70 82.62 -120.46
C GLU H 828 66.13 82.18 -119.12
N GLU H 829 66.92 81.48 -118.30
CA GLU H 829 66.46 81.06 -116.97
C GLU H 829 66.94 81.98 -115.87
N ASN H 830 68.09 82.62 -116.04
CA ASN H 830 68.56 83.55 -115.02
C ASN H 830 67.58 84.69 -114.81
N LYS H 831 66.83 85.07 -115.85
CA LYS H 831 65.76 86.02 -115.66
C LYS H 831 64.58 85.41 -114.91
N ARG H 832 64.36 84.10 -115.08
CA ARG H 832 63.33 83.42 -114.31
C ARG H 832 63.79 83.19 -112.88
N ILE H 833 65.05 82.80 -112.68
CA ILE H 833 65.61 82.71 -111.34
C ILE H 833 65.77 84.09 -110.73
N GLY H 834 66.14 85.07 -111.55
CA GLY H 834 66.30 86.43 -111.03
C GLY H 834 65.00 87.05 -110.58
N GLU H 835 63.93 86.83 -111.35
CA GLU H 835 62.63 87.37 -110.93
C GLU H 835 62.08 86.62 -109.73
N PHE H 836 62.42 85.34 -109.58
CA PHE H 836 61.94 84.56 -108.44
C PHE H 836 62.50 85.12 -107.14
N LYS H 837 63.73 85.62 -107.16
CA LYS H 837 64.27 86.30 -105.99
C LYS H 837 63.56 87.61 -105.73
N GLU H 838 63.04 88.24 -106.78
CA GLU H 838 62.37 89.53 -106.62
C GLU H 838 60.96 89.39 -106.06
N SER H 839 60.33 88.23 -106.20
CA SER H 839 59.02 88.01 -105.61
C SER H 839 59.11 87.70 -104.12
N ILE H 840 60.30 87.41 -103.60
CA ILE H 840 60.43 87.08 -102.18
C ILE H 840 60.04 88.24 -101.27
N PRO H 841 60.56 89.46 -101.46
CA PRO H 841 60.16 90.57 -100.57
C PRO H 841 58.67 90.87 -100.63
N LYS H 842 57.97 90.43 -101.67
CA LYS H 842 56.52 90.59 -101.68
C LYS H 842 55.88 89.68 -100.64
N MET H 843 56.30 88.42 -100.58
CA MET H 843 55.76 87.50 -99.60
C MET H 843 56.16 87.89 -98.18
N CYS H 844 57.35 88.49 -98.03
CA CYS H 844 57.77 88.93 -96.70
C CYS H 844 56.85 90.01 -96.15
N SER H 845 56.33 90.88 -97.00
CA SER H 845 55.39 91.89 -96.55
C SER H 845 54.04 91.30 -96.16
N GLN H 846 53.77 90.04 -96.53
CA GLN H 846 52.57 89.37 -96.05
C GLN H 846 52.74 88.92 -94.60
N LEU H 847 53.76 88.10 -94.35
CA LEU H 847 53.99 87.61 -93.00
C LEU H 847 54.44 88.72 -92.05
N ARG H 848 54.88 89.86 -92.57
CA ARG H 848 55.17 90.99 -91.70
C ARG H 848 53.92 91.77 -91.33
N ILE H 849 52.88 91.72 -92.17
CA ILE H 849 51.62 92.38 -91.85
C ILE H 849 50.60 91.42 -91.24
N LEU H 850 50.76 90.12 -91.46
CA LEU H 850 49.88 89.16 -90.79
C LEU H 850 50.24 89.03 -89.32
N THR H 851 51.54 89.03 -89.02
CA THR H 851 51.98 88.93 -87.64
C THR H 851 51.62 90.19 -86.86
N HIS H 852 51.91 91.36 -87.44
CA HIS H 852 51.63 92.62 -86.73
C HIS H 852 50.16 92.82 -86.46
N PHE H 853 49.28 92.08 -87.13
CA PHE H 853 47.85 92.11 -86.83
C PHE H 853 47.42 91.01 -85.90
N TYR H 854 48.13 89.87 -85.90
CA TYR H 854 47.84 88.82 -84.94
C TYR H 854 48.13 89.28 -83.53
N GLN H 855 49.25 89.96 -83.33
CA GLN H 855 49.57 90.48 -82.00
C GLN H 855 48.63 91.59 -81.58
N GLY H 856 48.04 92.30 -82.54
CA GLY H 856 47.10 93.35 -82.21
C GLY H 856 45.74 92.83 -81.75
N ILE H 857 45.45 91.56 -82.00
CA ILE H 857 44.19 90.97 -81.58
C ILE H 857 44.34 90.13 -80.32
N VAL H 858 45.56 89.74 -79.95
CA VAL H 858 45.80 89.04 -78.70
C VAL H 858 46.02 90.02 -77.56
N GLN H 859 46.86 91.03 -77.77
CA GLN H 859 47.04 92.06 -76.76
C GLN H 859 45.75 92.81 -76.48
N GLN H 860 44.80 92.78 -77.41
CA GLN H 860 43.47 93.27 -77.14
C GLN H 860 42.63 92.22 -76.42
N PHE H 861 42.88 90.94 -76.69
CA PHE H 861 42.14 89.87 -76.02
C PHE H 861 42.37 89.90 -74.52
N LEU H 862 43.62 90.07 -74.09
CA LEU H 862 43.93 90.05 -72.67
C LEU H 862 43.23 91.18 -71.92
N VAL H 863 43.16 92.36 -72.54
CA VAL H 863 42.53 93.50 -71.90
C VAL H 863 41.07 93.22 -71.58
N LEU H 864 40.42 92.37 -72.38
CA LEU H 864 39.02 92.06 -72.13
C LEU H 864 38.82 91.09 -70.97
N LEU H 865 39.86 90.34 -70.58
CA LEU H 865 39.70 89.43 -69.46
C LEU H 865 39.59 90.16 -68.12
N THR H 866 40.24 91.32 -67.99
CA THR H 866 40.12 92.10 -66.76
C THR H 866 38.75 92.75 -66.77
N THR H 867 37.74 91.96 -66.45
CA THR H 867 36.35 92.40 -66.48
C THR H 867 36.11 93.53 -65.49
N ASP H 870 33.59 85.04 -63.41
CA ASP H 870 34.19 86.38 -63.45
C ASP H 870 35.46 86.43 -62.64
N GLU H 871 35.79 85.32 -62.00
CA GLU H 871 37.03 85.19 -61.23
C GLU H 871 37.93 84.08 -61.71
N SER H 872 37.36 82.93 -62.08
CA SER H 872 38.18 81.83 -62.58
C SER H 872 38.91 82.19 -63.86
N LEU H 873 38.46 83.22 -64.58
CA LEU H 873 39.18 83.68 -65.76
C LEU H 873 40.56 84.23 -65.41
N ARG H 874 40.75 84.72 -64.19
CA ARG H 874 42.05 85.23 -63.79
C ARG H 874 43.12 84.16 -63.90
N PHE H 875 42.76 82.90 -63.69
CA PHE H 875 43.70 81.81 -63.91
C PHE H 875 44.08 81.65 -65.37
N LEU H 876 43.29 82.22 -66.29
CA LEU H 876 43.65 82.13 -67.70
C LEU H 876 44.63 83.22 -68.10
N SER H 877 44.46 84.43 -67.56
CA SER H 877 45.36 85.52 -67.89
C SER H 877 46.79 85.20 -67.48
N PHE H 878 46.97 84.37 -66.46
CA PHE H 878 48.31 83.94 -66.08
C PHE H 878 48.86 82.90 -67.04
N ARG H 879 48.01 82.01 -67.55
CA ARG H 879 48.49 80.99 -68.47
C ARG H 879 49.04 81.62 -69.75
N LEU H 880 48.33 82.59 -70.30
CA LEU H 880 48.74 83.20 -71.56
C LEU H 880 49.92 84.14 -71.37
N ASP H 881 49.90 84.94 -70.31
CA ASP H 881 50.88 85.99 -70.07
C ASP H 881 52.03 85.49 -69.19
N PHE H 882 52.32 84.19 -69.20
CA PHE H 882 53.44 83.65 -68.45
C PHE H 882 54.72 84.27 -68.98
N ASN H 883 55.69 84.49 -68.08
CA ASN H 883 56.96 85.18 -68.30
C ASN H 883 56.77 86.60 -68.82
N GLU H 884 55.54 87.09 -68.82
CA GLU H 884 55.23 88.48 -69.19
C GLU H 884 55.82 88.87 -70.54
N HIS H 885 55.64 88.00 -71.55
CA HIS H 885 56.08 88.37 -72.88
C HIS H 885 55.24 89.49 -73.46
N TYR H 886 53.94 89.49 -73.16
CA TYR H 886 53.09 90.63 -73.44
C TYR H 886 53.15 91.58 -72.25
N LYS H 887 52.29 92.59 -72.24
CA LYS H 887 52.29 93.62 -71.21
C LYS H 887 53.65 94.28 -71.10
N ALA H 888 54.39 94.34 -72.21
CA ALA H 888 55.72 94.92 -72.27
C ALA H 888 56.65 94.31 -71.22
N MET I 1 -44.59 44.52 -27.81
CA MET I 1 -44.28 45.32 -28.99
C MET I 1 -42.84 45.14 -29.39
N ILE I 2 -41.99 44.84 -28.39
CA ILE I 2 -40.54 44.61 -28.64
C ILE I 2 -40.40 43.40 -29.56
N HIS I 3 -40.89 42.23 -29.12
CA HIS I 3 -40.84 41.05 -29.95
C HIS I 3 -41.61 41.24 -31.25
N GLU I 4 -42.60 42.14 -31.25
CA GLU I 4 -43.26 42.51 -32.49
C GLU I 4 -42.29 43.18 -33.45
N LEU I 5 -41.50 44.12 -32.95
CA LEU I 5 -40.55 44.83 -33.80
C LEU I 5 -39.44 43.91 -34.27
N LEU I 6 -38.87 43.12 -33.37
CA LEU I 6 -37.75 42.25 -33.73
C LEU I 6 -38.11 41.25 -34.81
N LEU I 7 -39.41 41.04 -35.07
CA LEU I 7 -39.80 40.28 -36.24
C LEU I 7 -39.92 41.18 -37.46
N ALA I 8 -40.41 42.40 -37.29
CA ALA I 8 -40.50 43.33 -38.41
C ALA I 8 -39.12 43.62 -38.98
N LEU I 9 -38.10 43.67 -38.13
CA LEU I 9 -36.73 43.82 -38.60
C LEU I 9 -36.16 42.52 -39.13
N SER I 10 -36.92 41.43 -39.12
CA SER I 10 -36.45 40.16 -39.63
C SER I 10 -36.97 39.86 -41.02
N GLY I 11 -38.08 40.46 -41.43
CA GLY I 11 -38.62 40.22 -42.75
C GLY I 11 -40.08 39.82 -42.74
N TYR I 12 -40.74 40.03 -41.60
CA TYR I 12 -42.15 39.67 -41.45
C TYR I 12 -42.96 40.90 -41.08
N PRO I 13 -43.74 41.46 -42.00
CA PRO I 13 -44.52 42.65 -41.70
C PRO I 13 -45.90 42.32 -41.16
N GLY I 14 -46.41 43.22 -40.32
CA GLY I 14 -47.71 43.02 -39.72
C GLY I 14 -48.58 44.27 -39.69
N SER I 15 -49.59 44.26 -38.82
CA SER I 15 -50.52 45.38 -38.78
C SER I 15 -49.84 46.66 -38.31
N ILE I 16 -49.02 46.57 -37.28
CA ILE I 16 -48.32 47.77 -36.75
C ILE I 16 -47.32 48.30 -37.78
N PHE I 17 -46.63 47.38 -38.48
CA PHE I 17 -45.60 47.75 -39.45
C PHE I 17 -46.07 47.25 -40.81
N THR I 18 -46.83 48.09 -41.52
CA THR I 18 -47.33 47.73 -42.82
C THR I 18 -46.18 47.68 -43.83
N TRP I 19 -46.43 46.99 -44.94
CA TRP I 19 -45.46 46.83 -46.01
C TRP I 19 -46.01 47.40 -47.30
N ASN I 20 -45.20 48.19 -47.99
CA ASN I 20 -45.56 48.79 -49.26
C ASN I 20 -44.54 48.38 -50.31
N LYS I 21 -45.02 48.03 -51.49
CA LYS I 21 -44.14 47.48 -52.52
C LYS I 21 -43.16 48.50 -53.07
N ARG I 22 -43.47 49.80 -52.97
CA ARG I 22 -42.61 50.84 -53.53
C ARG I 22 -41.76 51.52 -52.45
N SER I 23 -42.40 52.07 -51.43
CA SER I 23 -41.66 52.84 -50.42
C SER I 23 -40.80 51.92 -49.57
N GLY I 24 -41.43 51.00 -48.84
CA GLY I 24 -40.74 50.11 -47.93
C GLY I 24 -41.44 50.06 -46.60
N LEU I 25 -40.79 49.43 -45.63
CA LEU I 25 -41.36 49.31 -44.30
C LEU I 25 -41.57 50.68 -43.67
N GLN I 26 -42.69 50.84 -42.97
CA GLN I 26 -43.03 52.10 -42.32
C GLN I 26 -44.17 51.86 -41.36
N VAL I 27 -44.28 52.73 -40.36
CA VAL I 27 -45.34 52.63 -39.36
C VAL I 27 -46.63 53.17 -39.95
N SER I 28 -47.75 52.53 -39.60
CA SER I 28 -49.02 52.87 -40.21
C SER I 28 -49.48 54.28 -39.83
N GLN I 29 -49.77 54.52 -38.56
CA GLN I 29 -50.15 55.86 -38.10
C GLN I 29 -49.93 55.95 -36.60
N ASP I 30 -50.45 57.01 -35.98
CA ASP I 30 -50.30 57.23 -34.56
C ASP I 30 -50.96 56.11 -33.75
N PHE I 31 -50.32 55.73 -32.64
CA PHE I 31 -50.84 54.68 -31.74
C PHE I 31 -51.00 55.29 -30.34
N PRO I 32 -52.18 55.18 -29.68
CA PRO I 32 -52.40 55.78 -28.36
C PRO I 32 -51.52 55.28 -27.21
N PHE I 33 -51.31 53.96 -27.14
CA PHE I 33 -50.50 53.34 -26.06
C PHE I 33 -49.08 53.92 -26.06
N LEU I 34 -48.45 53.99 -27.23
CA LEU I 34 -47.05 54.52 -27.35
C LEU I 34 -47.09 56.05 -27.44
N HIS I 35 -45.92 56.68 -27.34
CA HIS I 35 -45.81 58.16 -27.42
C HIS I 35 -45.86 58.59 -28.89
N PRO I 36 -46.18 59.87 -29.20
CA PRO I 36 -46.26 60.33 -30.59
C PRO I 36 -44.89 60.78 -31.12
N SER I 37 -43.86 60.74 -30.27
CA SER I 37 -42.49 61.17 -30.68
C SER I 37 -41.70 59.97 -31.20
N GLU I 38 -42.09 58.76 -30.82
CA GLU I 38 -41.37 57.53 -31.26
C GLU I 38 -41.68 57.24 -32.74
N THR I 39 -42.84 57.69 -33.20
CA THR I 39 -43.27 57.47 -34.62
C THR I 39 -42.16 57.89 -35.59
N SER I 40 -41.11 58.54 -35.09
CA SER I 40 -40.03 58.97 -35.98
C SER I 40 -38.88 57.96 -35.96
N VAL I 41 -38.41 57.61 -34.77
CA VAL I 41 -37.22 56.75 -34.66
C VAL I 41 -37.49 55.41 -35.33
N LEU I 42 -38.71 54.89 -35.20
CA LEU I 42 -39.06 53.66 -35.88
C LEU I 42 -38.90 53.80 -37.39
N ASN I 43 -39.42 54.91 -37.94
CA ASN I 43 -39.27 55.16 -39.36
C ASN I 43 -37.80 55.25 -39.75
N ARG I 44 -36.98 55.71 -38.80
CA ARG I 44 -35.51 55.77 -39.00
C ARG I 44 -34.97 54.34 -38.89
N LEU I 45 -35.63 53.51 -38.07
CA LEU I 45 -35.22 52.10 -37.83
C LEU I 45 -35.63 51.21 -39.02
N CYS I 46 -36.77 51.52 -39.66
CA CYS I 46 -37.26 50.73 -40.78
C CYS I 46 -36.43 50.92 -42.04
N ARG I 47 -35.75 52.07 -42.15
CA ARG I 47 -34.86 52.35 -43.29
C ARG I 47 -33.81 51.24 -43.36
N LEU I 48 -33.71 50.45 -42.28
CA LEU I 48 -32.76 49.31 -42.20
C LEU I 48 -33.52 48.03 -42.61
N GLY I 49 -34.74 47.87 -42.09
CA GLY I 49 -35.52 46.69 -42.45
C GLY I 49 -35.78 46.59 -43.93
N THR I 50 -36.10 47.72 -44.57
CA THR I 50 -36.36 47.72 -46.01
C THR I 50 -35.18 47.15 -46.77
N ASP I 51 -33.97 47.40 -46.26
CA ASP I 51 -32.72 46.91 -46.90
C ASP I 51 -32.64 45.38 -46.82
N TYR I 52 -32.91 44.80 -45.65
CA TYR I 52 -32.83 43.36 -45.48
C TYR I 52 -33.89 42.64 -46.29
N ILE I 53 -35.10 43.19 -46.33
CA ILE I 53 -36.15 42.56 -47.14
C ILE I 53 -35.79 42.61 -48.62
N ARG I 54 -35.50 43.80 -49.13
CA ARG I 54 -35.07 43.92 -50.52
C ARG I 54 -33.79 43.15 -50.78
N PHE I 55 -33.00 42.88 -49.74
CA PHE I 55 -31.86 41.97 -49.91
C PHE I 55 -32.34 40.55 -50.11
N THR I 56 -33.04 39.99 -49.12
CA THR I 56 -33.38 38.57 -49.15
C THR I 56 -34.32 38.23 -50.29
N GLU I 57 -35.16 39.18 -50.71
CA GLU I 57 -36.01 38.93 -51.88
C GLU I 57 -35.15 38.76 -53.12
N PHE I 58 -34.13 39.59 -53.28
CA PHE I 58 -33.22 39.44 -54.40
C PHE I 58 -32.38 38.18 -54.26
N ILE I 59 -31.93 37.88 -53.03
CA ILE I 59 -31.10 36.69 -52.81
C ILE I 59 -31.85 35.44 -53.25
N GLU I 60 -33.12 35.33 -52.86
CA GLU I 60 -33.90 34.16 -53.25
C GLU I 60 -34.16 34.15 -54.75
N GLN I 61 -34.49 35.31 -55.32
CA GLN I 61 -34.89 35.36 -56.72
C GLN I 61 -33.75 34.98 -57.66
N TYR I 62 -32.50 35.12 -57.20
CA TYR I 62 -31.32 34.83 -58.01
C TYR I 62 -31.20 35.74 -59.23
N THR I 63 -32.08 36.73 -59.36
CA THR I 63 -32.01 37.63 -60.50
C THR I 63 -31.45 38.99 -60.11
N LEU I 81 -30.95 37.87 -66.34
CA LEU I 81 -29.66 37.71 -65.67
C LEU I 81 -29.42 36.27 -65.22
N HIS I 82 -28.18 35.83 -65.38
CA HIS I 82 -27.77 34.51 -64.94
C HIS I 82 -26.25 34.47 -64.99
N GLY I 83 -25.69 33.34 -64.58
CA GLY I 83 -24.24 33.17 -64.57
C GLY I 83 -23.79 32.77 -63.19
N ILE I 84 -22.71 31.98 -63.15
CA ILE I 84 -22.20 31.50 -61.86
C ILE I 84 -21.75 32.67 -61.00
N TYR I 85 -21.08 33.65 -61.60
CA TYR I 85 -20.60 34.79 -60.84
C TYR I 85 -21.72 35.59 -60.20
N LEU I 86 -22.94 35.45 -60.70
CA LEU I 86 -24.08 36.01 -59.99
C LEU I 86 -24.57 35.08 -58.90
N ARG I 87 -24.53 33.76 -59.14
CA ARG I 87 -24.89 32.81 -58.10
C ARG I 87 -23.97 32.94 -56.90
N ALA I 88 -22.66 33.00 -57.14
CA ALA I 88 -21.71 33.06 -56.04
C ALA I 88 -21.79 34.39 -55.30
N PHE I 89 -22.09 35.47 -56.02
CA PHE I 89 -22.22 36.77 -55.36
C PHE I 89 -23.32 36.73 -54.30
N CYS I 90 -24.48 36.18 -54.66
CA CYS I 90 -25.53 36.02 -53.67
C CYS I 90 -25.13 35.01 -52.60
N THR I 91 -24.43 33.94 -52.99
CA THR I 91 -23.94 32.98 -52.01
C THR I 91 -23.07 33.65 -50.97
N GLY I 92 -22.19 34.56 -51.41
CA GLY I 92 -21.39 35.32 -50.48
C GLY I 92 -22.16 36.42 -49.79
N LEU I 93 -23.15 37.00 -50.48
CA LEU I 93 -23.90 38.11 -49.92
C LEU I 93 -24.61 37.73 -48.63
N ASP I 94 -24.92 36.46 -48.43
CA ASP I 94 -25.52 36.04 -47.17
C ASP I 94 -24.50 35.98 -46.06
N SER I 95 -23.23 35.76 -46.38
CA SER I 95 -22.21 35.65 -45.35
C SER I 95 -21.98 36.99 -44.64
N VAL I 96 -21.84 38.06 -45.42
CA VAL I 96 -21.69 39.38 -44.81
C VAL I 96 -22.94 39.75 -44.03
N LEU I 97 -24.09 39.20 -44.46
CA LEU I 97 -25.39 39.51 -43.80
C LEU I 97 -25.62 38.62 -42.57
N GLN I 98 -24.69 37.72 -42.26
CA GLN I 98 -24.86 36.86 -41.09
C GLN I 98 -24.76 37.61 -39.77
N PRO I 99 -23.75 38.46 -39.52
CA PRO I 99 -23.70 39.16 -38.23
C PRO I 99 -24.92 40.02 -37.96
N TYR I 100 -25.66 40.38 -39.01
CA TYR I 100 -26.89 41.18 -38.83
C TYR I 100 -27.93 40.32 -38.11
N ARG I 101 -28.17 39.11 -38.62
CA ARG I 101 -29.13 38.21 -38.00
C ARG I 101 -28.70 37.85 -36.58
N GLN I 102 -27.45 37.43 -36.43
CA GLN I 102 -26.96 37.00 -35.11
C GLN I 102 -27.08 38.12 -34.09
N ALA I 103 -26.76 39.35 -34.49
CA ALA I 103 -26.93 40.48 -33.58
C ALA I 103 -28.39 40.79 -33.32
N LEU I 104 -29.31 40.25 -34.13
CA LEU I 104 -30.72 40.50 -33.88
C LEU I 104 -31.29 39.48 -32.90
N LEU I 105 -30.84 38.22 -32.99
CA LEU I 105 -31.24 37.22 -32.01
C LEU I 105 -30.87 37.64 -30.60
N ASP I 106 -29.77 38.40 -30.45
CA ASP I 106 -29.30 38.77 -29.13
C ASP I 106 -30.26 39.72 -28.43
N LEU I 107 -30.78 40.71 -29.17
CA LEU I 107 -31.70 41.75 -28.63
C LEU I 107 -32.82 41.11 -27.79
N GLU I 108 -33.39 39.99 -28.26
CA GLU I 108 -34.47 39.30 -27.53
C GLU I 108 -33.98 38.82 -26.16
N GLN I 109 -32.75 38.29 -26.10
CA GLN I 109 -32.17 37.74 -24.84
C GLN I 109 -32.04 38.86 -23.79
N GLU I 110 -31.53 40.02 -24.20
CA GLU I 110 -31.34 41.17 -23.27
C GLU I 110 -32.71 41.64 -22.75
N PHE I 111 -33.72 41.62 -23.63
CA PHE I 111 -35.09 42.06 -23.24
C PHE I 111 -35.77 41.00 -22.37
N LEU I 112 -35.33 39.75 -22.51
CA LEU I 112 -35.91 38.63 -21.71
C LEU I 112 -35.44 38.76 -20.26
N GLY I 113 -34.24 39.31 -20.05
CA GLY I 113 -33.67 39.49 -18.71
C GLY I 113 -34.39 40.58 -17.93
N ASP I 114 -34.09 41.84 -18.24
CA ASP I 114 -34.73 42.99 -17.54
C ASP I 114 -35.85 43.57 -18.43
N PRO I 115 -37.06 43.83 -17.88
CA PRO I 115 -38.17 44.38 -18.66
C PRO I 115 -38.26 45.90 -18.50
N HIS I 116 -37.10 46.58 -18.46
CA HIS I 116 -37.06 48.05 -18.29
C HIS I 116 -36.36 48.69 -19.50
N LEU I 117 -36.03 47.89 -20.51
CA LEU I 117 -35.32 48.40 -21.72
C LEU I 117 -36.35 48.98 -22.72
N SER I 118 -36.09 50.19 -23.21
CA SER I 118 -36.97 50.89 -24.18
C SER I 118 -36.42 50.79 -25.61
N ILE I 119 -37.17 51.32 -26.59
CA ILE I 119 -36.77 51.29 -28.00
C ILE I 119 -35.45 51.97 -28.22
N SER I 120 -35.15 52.97 -27.36
CA SER I 120 -33.88 53.74 -27.45
C SER I 120 -32.69 52.76 -27.48
N HIS I 121 -32.64 51.85 -26.50
CA HIS I 121 -31.55 50.84 -26.41
C HIS I 121 -31.57 49.93 -27.64
N VAL I 122 -32.78 49.52 -28.08
CA VAL I 122 -32.91 48.63 -29.26
C VAL I 122 -32.36 49.35 -30.49
N ASN I 123 -32.70 50.62 -30.65
CA ASN I 123 -32.21 51.45 -31.80
C ASN I 123 -30.69 51.56 -31.71
N TYR I 124 -30.18 51.75 -30.48
CA TYR I 124 -28.73 51.90 -30.21
C TYR I 124 -27.97 50.62 -30.60
N PHE I 125 -28.56 49.44 -30.35
CA PHE I 125 -27.89 48.15 -30.62
C PHE I 125 -27.55 47.96 -32.10
N LEU I 126 -28.42 48.40 -33.01
CA LEU I 126 -28.19 48.21 -34.47
C LEU I 126 -26.91 48.93 -34.90
N ASP I 127 -26.71 50.16 -34.40
CA ASP I 127 -25.57 51.08 -34.66
C ASP I 127 -24.78 50.79 -35.95
N GLN I 128 -23.99 49.71 -35.97
CA GLN I 128 -23.08 49.37 -37.10
C GLN I 128 -23.87 49.01 -38.37
N PHE I 129 -24.97 48.27 -38.23
CA PHE I 129 -25.78 47.85 -39.40
C PHE I 129 -26.40 49.08 -40.10
N GLN I 130 -26.75 50.11 -39.33
CA GLN I 130 -27.36 51.35 -39.88
C GLN I 130 -26.40 52.09 -40.81
N LEU I 131 -25.09 52.00 -40.58
CA LEU I 131 -24.12 52.74 -41.43
C LEU I 131 -23.45 51.80 -42.45
N LEU I 132 -23.88 50.53 -42.51
CA LEU I 132 -23.26 49.57 -43.46
C LEU I 132 -24.19 49.30 -44.65
N PHE I 133 -25.43 48.88 -44.37
CA PHE I 133 -26.41 48.53 -45.43
C PHE I 133 -26.49 49.63 -46.51
N PRO I 134 -26.70 50.91 -46.15
CA PRO I 134 -26.80 52.00 -47.13
C PRO I 134 -25.71 51.99 -48.22
N SER I 135 -24.45 51.79 -47.81
CA SER I 135 -23.31 51.78 -48.77
C SER I 135 -23.30 50.48 -49.58
N VAL I 136 -23.88 49.40 -49.02
CA VAL I 136 -23.90 48.09 -49.72
C VAL I 136 -25.26 47.89 -50.38
N MET I 137 -25.98 48.98 -50.65
CA MET I 137 -27.32 48.91 -51.28
C MET I 137 -27.20 49.28 -52.76
N VAL I 138 -26.37 50.29 -53.08
CA VAL I 138 -26.17 50.74 -54.44
C VAL I 138 -25.34 49.76 -55.24
N VAL I 139 -24.51 48.94 -54.58
CA VAL I 139 -23.78 47.91 -55.29
C VAL I 139 -24.74 46.92 -55.92
N VAL I 140 -25.81 46.58 -55.22
CA VAL I 140 -26.83 45.72 -55.80
C VAL I 140 -27.59 46.47 -56.90
N GLU I 141 -27.88 47.74 -56.68
CA GLU I 141 -28.69 48.49 -57.63
C GLU I 141 -27.97 48.66 -58.96
N GLN I 142 -26.65 48.82 -58.94
CA GLN I 142 -25.91 48.92 -60.20
C GLN I 142 -25.99 47.64 -61.00
N ILE I 143 -26.10 46.49 -60.33
CA ILE I 143 -26.17 45.22 -61.04
C ILE I 143 -27.52 45.07 -61.74
N LYS I 144 -28.61 45.22 -60.99
CA LYS I 144 -29.94 45.01 -61.54
C LYS I 144 -30.36 46.11 -62.51
N SER I 145 -29.60 47.21 -62.60
CA SER I 145 -29.97 48.30 -63.47
C SER I 145 -29.07 48.45 -64.68
N GLN I 146 -28.04 47.61 -64.82
CA GLN I 146 -27.12 47.71 -65.95
C GLN I 146 -26.81 46.36 -66.57
N LYS I 147 -27.46 45.28 -66.12
CA LYS I 147 -27.27 43.95 -66.67
C LYS I 147 -25.79 43.56 -66.68
N ILE I 148 -25.17 43.64 -65.50
CA ILE I 148 -23.75 43.32 -65.37
C ILE I 148 -23.58 41.81 -65.44
N HIS I 149 -23.30 41.30 -66.63
CA HIS I 149 -23.19 39.88 -66.89
C HIS I 149 -21.73 39.46 -66.95
N GLY I 150 -21.44 38.28 -66.41
CA GLY I 150 -20.11 37.71 -66.55
C GLY I 150 -19.13 38.10 -65.46
N CYS I 151 -17.85 37.96 -65.76
CA CYS I 151 -16.80 38.26 -64.78
C CYS I 151 -16.67 39.75 -64.52
N GLN I 152 -17.39 40.59 -65.27
CA GLN I 152 -17.35 42.03 -65.03
C GLN I 152 -17.80 42.41 -63.63
N ILE I 153 -18.41 41.48 -62.90
CA ILE I 153 -18.78 41.76 -61.51
C ILE I 153 -17.53 41.90 -60.65
N LEU I 154 -16.49 41.10 -60.94
CA LEU I 154 -15.27 41.14 -60.15
C LEU I 154 -14.53 42.46 -60.26
N GLU I 155 -15.02 43.39 -61.07
CA GLU I 155 -14.52 44.76 -61.06
C GLU I 155 -15.53 45.73 -60.46
N THR I 156 -16.82 45.59 -60.83
CA THR I 156 -17.84 46.47 -60.29
C THR I 156 -17.90 46.39 -58.77
N VAL I 157 -17.64 45.20 -58.22
CA VAL I 157 -17.54 45.10 -56.77
C VAL I 157 -16.17 45.61 -56.31
N TYR I 158 -15.14 45.50 -57.14
CA TYR I 158 -13.82 45.93 -56.72
C TYR I 158 -13.69 47.45 -56.74
N LYS I 159 -14.29 48.10 -57.74
CA LYS I 159 -14.25 49.55 -57.80
C LYS I 159 -14.92 50.19 -56.59
N HIS I 160 -15.82 49.47 -55.92
CA HIS I 160 -16.41 49.95 -54.68
C HIS I 160 -15.72 49.38 -53.45
N SER I 161 -14.71 48.53 -53.63
CA SER I 161 -13.96 48.01 -52.50
C SER I 161 -12.91 48.98 -52.00
N CYS I 162 -12.55 49.98 -52.79
CA CYS I 162 -11.59 50.99 -52.38
C CYS I 162 -12.26 52.18 -51.68
N GLY I 163 -13.41 51.90 -51.04
CA GLY I 163 -14.14 52.93 -50.28
C GLY I 163 -13.43 53.29 -48.98
N GLY I 164 -13.74 54.45 -48.41
CA GLY I 164 -13.09 54.91 -47.16
C GLY I 164 -13.64 54.23 -45.92
N LEU I 165 -14.97 54.09 -45.84
CA LEU I 165 -15.64 53.46 -44.67
C LEU I 165 -14.96 52.14 -44.31
N PRO I 166 -14.27 52.03 -43.14
CA PRO I 166 -13.59 50.79 -42.74
C PRO I 166 -14.54 49.58 -42.77
N PRO I 167 -15.74 49.66 -42.14
CA PRO I 167 -16.67 48.54 -42.13
C PRO I 167 -16.96 48.01 -43.54
N VAL I 168 -17.21 48.91 -44.49
CA VAL I 168 -17.49 48.51 -45.90
C VAL I 168 -16.23 47.86 -46.48
N ARG I 169 -15.09 48.56 -46.37
CA ARG I 169 -13.80 48.04 -46.91
C ARG I 169 -13.56 46.62 -46.37
N SER I 170 -14.17 46.28 -45.23
CA SER I 170 -14.03 44.95 -44.66
C SER I 170 -15.18 44.03 -45.01
N ALA I 171 -16.23 44.55 -45.65
CA ALA I 171 -17.36 43.72 -46.05
C ALA I 171 -17.20 43.22 -47.48
N LEU I 172 -17.08 44.15 -48.43
CA LEU I 172 -16.95 43.76 -49.84
C LEU I 172 -15.73 42.89 -50.07
N GLU I 173 -14.65 43.13 -49.33
CA GLU I 173 -13.46 42.29 -49.47
C GLU I 173 -13.78 40.83 -49.21
N LYS I 174 -14.71 40.55 -48.30
CA LYS I 174 -15.15 39.18 -48.09
C LYS I 174 -15.85 38.63 -49.32
N ILE I 175 -16.75 39.41 -49.91
CA ILE I 175 -17.48 38.95 -51.09
C ILE I 175 -16.50 38.73 -52.24
N LEU I 176 -15.54 39.63 -52.42
CA LEU I 176 -14.53 39.42 -53.44
C LEU I 176 -13.65 38.22 -53.10
N ALA I 177 -13.56 37.87 -51.81
CA ALA I 177 -12.73 36.74 -51.42
C ALA I 177 -13.40 35.41 -51.74
N VAL I 178 -14.72 35.39 -51.88
CA VAL I 178 -15.42 34.16 -52.22
C VAL I 178 -15.73 34.14 -53.71
N CYS I 179 -15.99 35.32 -54.27
CA CYS I 179 -16.23 35.39 -55.71
C CYS I 179 -15.00 34.98 -56.49
N HIS I 180 -13.80 35.25 -55.96
CA HIS I 180 -12.59 34.75 -56.58
C HIS I 180 -12.50 33.23 -56.53
N GLY I 181 -13.18 32.60 -55.57
CA GLY I 181 -13.16 31.15 -55.51
C GLY I 181 -13.70 30.50 -56.77
N VAL I 182 -14.62 31.17 -57.45
CA VAL I 182 -15.14 30.64 -58.71
C VAL I 182 -14.06 30.68 -59.79
N MET I 183 -13.51 31.88 -60.03
CA MET I 183 -12.43 32.00 -61.01
C MET I 183 -11.30 31.05 -60.67
N TYR I 184 -10.89 31.01 -59.41
CA TYR I 184 -9.82 30.10 -59.00
C TYR I 184 -10.21 28.65 -59.25
N LYS I 185 -11.51 28.32 -59.18
CA LYS I 185 -11.94 26.99 -59.56
C LYS I 185 -11.79 26.78 -61.06
N GLN I 186 -12.37 27.66 -61.86
CA GLN I 186 -12.29 27.51 -63.31
C GLN I 186 -10.86 27.63 -63.80
N LEU I 187 -10.10 28.58 -63.27
CA LEU I 187 -8.75 28.82 -63.77
C LEU I 187 -7.88 27.58 -63.60
N SER I 188 -7.95 26.94 -62.43
CA SER I 188 -7.17 25.73 -62.22
C SER I 188 -7.72 24.57 -63.04
N ALA I 189 -9.02 24.55 -63.29
CA ALA I 189 -9.59 23.49 -64.10
C ALA I 189 -9.12 23.58 -65.55
N TRP I 190 -8.78 24.78 -66.01
CA TRP I 190 -8.34 24.96 -67.38
C TRP I 190 -6.84 24.81 -67.54
N MET I 191 -6.06 25.39 -66.61
CA MET I 191 -4.60 25.41 -66.76
C MET I 191 -3.96 24.05 -66.58
N LEU I 192 -4.71 23.02 -66.21
CA LEU I 192 -4.15 21.69 -66.05
C LEU I 192 -4.98 20.58 -66.71
N HIS I 193 -6.19 20.86 -67.15
CA HIS I 193 -7.02 19.86 -67.80
C HIS I 193 -7.44 20.25 -69.21
N GLY I 194 -6.93 21.36 -69.73
CA GLY I 194 -7.14 21.73 -71.11
C GLY I 194 -8.55 22.13 -71.49
N LEU I 195 -9.54 21.87 -70.64
CA LEU I 195 -10.92 22.22 -70.93
C LEU I 195 -11.37 23.33 -70.01
N LEU I 196 -12.35 24.10 -70.47
CA LEU I 196 -12.93 25.18 -69.69
C LEU I 196 -14.39 24.82 -69.36
N LEU I 197 -14.66 24.65 -68.08
CA LEU I 197 -16.02 24.35 -67.63
C LEU I 197 -16.83 25.64 -67.68
N ASP I 198 -17.59 25.82 -68.75
CA ASP I 198 -18.43 26.98 -68.89
C ASP I 198 -19.51 26.70 -69.93
N GLN I 199 -20.69 27.27 -69.70
CA GLN I 199 -21.78 27.15 -70.66
C GLN I 199 -22.55 28.45 -70.82
N HIS I 200 -21.99 29.58 -70.36
CA HIS I 200 -22.65 30.86 -70.50
C HIS I 200 -21.69 31.95 -70.93
N GLU I 201 -20.48 31.60 -71.36
CA GLU I 201 -19.45 32.55 -71.75
C GLU I 201 -19.16 33.54 -70.61
N GLU I 202 -18.66 32.97 -69.51
CA GLU I 202 -18.33 33.72 -68.32
C GLU I 202 -16.85 34.01 -68.21
N PHE I 203 -16.04 32.95 -68.14
CA PHE I 203 -14.59 33.10 -68.10
C PHE I 203 -14.13 33.86 -69.33
N PHE I 204 -12.98 34.51 -69.24
CA PHE I 204 -12.56 35.43 -70.29
C PHE I 204 -11.88 34.74 -71.46
N ILE I 205 -12.21 33.47 -71.74
CA ILE I 205 -11.65 32.74 -72.87
C ILE I 205 -12.80 32.04 -73.60
N LYS I 206 -12.86 32.23 -74.91
CA LYS I 206 -13.94 31.66 -75.69
C LYS I 206 -13.41 30.91 -76.91
N GLN I 256 -8.53 25.75 -81.52
CA GLN I 256 -8.09 27.12 -81.69
C GLN I 256 -8.92 28.08 -80.85
N PHE I 257 -8.41 28.45 -79.67
CA PHE I 257 -9.09 29.36 -78.77
C PHE I 257 -8.55 30.76 -78.92
N SER I 258 -9.19 31.70 -78.22
CA SER I 258 -8.84 33.11 -78.31
C SER I 258 -8.85 33.69 -76.91
N LEU I 259 -8.77 35.02 -76.83
CA LEU I 259 -8.78 35.75 -75.58
C LEU I 259 -9.90 36.78 -75.64
N ARG I 260 -10.36 37.21 -74.47
CA ARG I 260 -11.38 38.24 -74.35
C ARG I 260 -10.82 39.43 -73.59
N VAL I 261 -11.11 40.63 -74.10
CA VAL I 261 -10.70 41.85 -73.43
C VAL I 261 -11.88 42.66 -72.91
N GLU I 262 -13.03 42.64 -73.60
CA GLU I 262 -14.18 43.42 -73.18
C GLU I 262 -14.84 42.87 -71.92
N ILE I 263 -14.32 41.79 -71.35
CA ILE I 263 -14.90 41.22 -70.13
C ILE I 263 -13.79 40.97 -69.12
N LEU I 264 -12.55 41.17 -69.53
CA LEU I 264 -11.42 40.89 -68.66
C LEU I 264 -11.44 41.82 -67.45
N PRO I 265 -11.00 41.37 -66.29
CA PRO I 265 -11.00 42.23 -65.10
C PRO I 265 -10.13 43.47 -65.30
N SER I 266 -10.22 44.38 -64.33
CA SER I 266 -9.48 45.63 -64.42
C SER I 266 -8.06 45.48 -63.86
N TYR I 267 -7.94 45.07 -62.60
CA TYR I 267 -6.63 45.00 -61.95
C TYR I 267 -5.73 43.93 -62.54
N ILE I 268 -6.26 43.01 -63.34
CA ILE I 268 -5.44 41.98 -63.96
C ILE I 268 -4.77 42.56 -65.21
N PRO I 269 -3.46 42.51 -65.31
CA PRO I 269 -2.78 43.00 -66.51
C PRO I 269 -2.90 42.02 -67.66
N VAL I 270 -2.79 42.56 -68.88
CA VAL I 270 -2.89 41.72 -70.07
C VAL I 270 -1.70 40.78 -70.18
N ARG I 271 -0.56 41.15 -69.59
CA ARG I 271 0.64 40.31 -69.69
C ARG I 271 0.38 38.91 -69.14
N VAL I 272 -0.19 38.82 -67.93
CA VAL I 272 -0.49 37.52 -67.38
C VAL I 272 -1.64 36.87 -68.13
N ALA I 273 -2.58 37.68 -68.65
CA ALA I 273 -3.66 37.12 -69.45
C ALA I 273 -3.12 36.37 -70.66
N GLU I 274 -2.12 36.93 -71.33
CA GLU I 274 -1.47 36.21 -72.41
C GLU I 274 -0.79 34.95 -71.90
N LYS I 275 -0.20 35.01 -70.71
CA LYS I 275 0.46 33.84 -70.16
C LYS I 275 -0.54 32.71 -69.91
N ILE I 276 -1.75 33.06 -69.49
CA ILE I 276 -2.77 32.04 -69.26
C ILE I 276 -3.19 31.41 -70.59
N LEU I 277 -3.42 32.25 -71.61
CA LEU I 277 -3.91 31.74 -72.88
C LEU I 277 -2.94 30.74 -73.50
N PHE I 278 -1.64 30.88 -73.23
CA PHE I 278 -0.67 29.96 -73.81
C PHE I 278 -0.54 28.68 -73.00
N VAL I 279 -0.54 28.79 -71.66
CA VAL I 279 -0.31 27.61 -70.85
C VAL I 279 -1.45 26.61 -70.98
N GLY I 280 -2.63 27.04 -71.40
CA GLY I 280 -3.74 26.13 -71.53
C GLY I 280 -3.81 25.50 -72.90
N GLU I 281 -3.78 26.33 -73.95
CA GLU I 281 -3.79 25.81 -75.32
C GLU I 281 -2.66 24.82 -75.54
N SER I 282 -1.54 24.99 -74.84
CA SER I 282 -0.45 24.02 -74.93
C SER I 282 -0.80 22.69 -74.28
N VAL I 283 -1.95 22.59 -73.63
CA VAL I 283 -2.42 21.32 -73.09
C VAL I 283 -3.54 20.73 -73.94
N GLN I 284 -4.55 21.54 -74.26
CA GLN I 284 -5.63 21.08 -75.12
C GLN I 284 -5.10 20.51 -76.42
N MET I 285 -4.11 21.19 -77.02
CA MET I 285 -3.47 20.65 -78.21
C MET I 285 -2.66 19.41 -77.87
N PHE I 286 -1.98 19.41 -76.72
CA PHE I 286 -1.11 18.30 -76.37
C PHE I 286 -1.87 17.02 -76.10
N GLU I 287 -3.18 17.10 -75.88
CA GLU I 287 -4.06 15.95 -75.62
C GLU I 287 -3.44 14.91 -74.71
N LYS I 301 2.01 13.12 -63.23
CA LYS I 301 3.15 12.97 -62.34
C LYS I 301 3.03 13.91 -61.14
N ASN I 302 4.16 14.49 -60.73
CA ASN I 302 4.18 15.43 -59.62
C ASN I 302 3.82 16.84 -60.04
N GLN I 303 3.99 17.18 -61.31
CA GLN I 303 3.71 18.51 -61.83
C GLN I 303 2.24 18.81 -61.95
N GLU I 304 1.36 17.96 -61.43
CA GLU I 304 -0.08 18.14 -61.54
C GLU I 304 -0.74 18.44 -60.20
N ASP I 305 -0.43 17.66 -59.17
CA ASP I 305 -1.10 17.83 -57.88
C ASP I 305 -0.54 19.04 -57.11
N THR I 306 0.79 19.20 -57.13
CA THR I 306 1.41 20.27 -56.35
C THR I 306 0.84 21.63 -56.70
N PHE I 307 0.63 21.90 -58.00
CA PHE I 307 0.05 23.17 -58.39
C PHE I 307 -1.39 23.30 -57.91
N ALA I 308 -2.12 22.19 -57.84
CA ALA I 308 -3.48 22.25 -57.31
C ALA I 308 -3.47 22.73 -55.86
N ALA I 309 -2.45 22.34 -55.09
CA ALA I 309 -2.31 22.86 -53.74
C ALA I 309 -2.00 24.34 -53.74
N GLU I 310 -1.22 24.80 -54.73
CA GLU I 310 -0.89 26.22 -54.82
C GLU I 310 -2.14 27.04 -55.13
N LEU I 311 -2.91 26.63 -56.15
CA LEU I 311 -4.13 27.35 -56.48
C LEU I 311 -5.10 27.36 -55.32
N HIS I 312 -5.30 26.20 -54.69
CA HIS I 312 -6.19 26.15 -53.52
C HIS I 312 -5.70 27.09 -52.43
N ARG I 313 -4.39 27.19 -52.24
CA ARG I 313 -3.83 28.06 -51.21
C ARG I 313 -4.28 29.51 -51.44
N LEU I 314 -4.23 29.98 -52.68
CA LEU I 314 -4.66 31.34 -52.97
C LEU I 314 -6.11 31.55 -52.60
N LYS I 315 -6.94 30.51 -52.72
CA LYS I 315 -8.34 30.65 -52.36
C LYS I 315 -8.53 30.93 -50.87
N GLN I 316 -7.54 30.60 -50.04
CA GLN I 316 -7.63 30.89 -48.62
C GLN I 316 -7.21 32.32 -48.29
N GLN I 317 -6.43 32.96 -49.15
CA GLN I 317 -5.96 34.30 -48.89
C GLN I 317 -7.13 35.28 -48.81
N PRO I 318 -7.27 36.03 -47.72
CA PRO I 318 -8.36 37.01 -47.62
C PRO I 318 -8.11 38.31 -48.36
N LEU I 319 -7.08 38.38 -49.22
CA LEU I 319 -6.78 39.59 -49.96
C LEU I 319 -6.06 39.20 -51.24
N PHE I 320 -6.58 39.62 -52.38
CA PHE I 320 -6.02 39.25 -53.67
C PHE I 320 -4.75 40.06 -53.91
N SER I 321 -3.61 39.39 -53.89
CA SER I 321 -2.30 40.03 -54.07
C SER I 321 -1.75 39.64 -55.43
N LEU I 322 -1.80 40.59 -56.38
CA LEU I 322 -1.29 40.32 -57.71
C LEU I 322 0.19 39.97 -57.69
N VAL I 323 0.96 40.57 -56.77
CA VAL I 323 2.39 40.30 -56.69
C VAL I 323 2.67 38.83 -56.44
N ASP I 324 1.70 38.09 -55.89
CA ASP I 324 1.84 36.66 -55.71
C ASP I 324 1.15 35.85 -56.80
N PHE I 325 0.09 36.42 -57.39
CA PHE I 325 -0.61 35.72 -58.46
C PHE I 325 0.33 35.36 -59.60
N GLU I 326 1.38 36.13 -59.82
CA GLU I 326 2.28 35.87 -60.92
C GLU I 326 3.34 34.84 -60.57
N GLN I 327 3.73 34.75 -59.29
CA GLN I 327 4.75 33.78 -58.89
C GLN I 327 4.28 32.34 -58.97
N VAL I 328 2.97 32.11 -59.14
CA VAL I 328 2.46 30.75 -59.29
C VAL I 328 2.17 30.50 -60.76
N VAL I 329 1.77 31.55 -61.48
CA VAL I 329 1.52 31.41 -62.91
C VAL I 329 2.82 31.21 -63.66
N ASP I 330 3.82 32.04 -63.37
CA ASP I 330 5.06 31.99 -64.13
C ASP I 330 5.79 30.67 -63.93
N ARG I 331 5.73 30.10 -62.73
CA ARG I 331 6.34 28.79 -62.53
C ARG I 331 5.62 27.73 -63.34
N ILE I 332 4.28 27.73 -63.30
CA ILE I 332 3.52 26.82 -64.15
C ILE I 332 3.85 27.07 -65.61
N ARG I 333 3.93 28.34 -66.01
CA ARG I 333 4.26 28.67 -67.39
C ARG I 333 5.63 28.13 -67.77
N SER I 334 6.64 28.38 -66.93
CA SER I 334 7.99 27.96 -67.28
C SER I 334 8.14 26.45 -67.28
N THR I 335 7.30 25.74 -66.52
CA THR I 335 7.41 24.29 -66.46
C THR I 335 6.85 23.64 -67.72
N VAL I 336 5.68 24.08 -68.16
CA VAL I 336 5.12 23.52 -69.39
C VAL I 336 5.97 23.95 -70.60
N ALA I 337 6.47 25.18 -70.58
CA ALA I 337 7.36 25.62 -71.66
C ALA I 337 8.62 24.79 -71.69
N GLU I 338 9.21 24.52 -70.53
CA GLU I 338 10.36 23.63 -70.46
C GLU I 338 9.99 22.23 -70.93
N HIS I 339 8.79 21.78 -70.60
CA HIS I 339 8.35 20.46 -71.04
C HIS I 339 8.04 20.44 -72.52
N LEU I 340 7.57 21.56 -73.07
CA LEU I 340 7.24 21.60 -74.49
C LEU I 340 8.49 21.68 -75.34
N TRP I 341 9.47 22.49 -74.92
CA TRP I 341 10.74 22.57 -75.65
C TRP I 341 11.39 21.20 -75.74
N LYS I 342 11.28 20.40 -74.68
CA LYS I 342 11.85 19.05 -74.70
C LYS I 342 11.31 18.24 -75.87
N LEU I 343 10.03 18.41 -76.19
CA LEU I 343 9.43 17.65 -77.28
C LEU I 343 9.63 18.33 -78.62
N MET I 344 9.58 19.66 -78.66
CA MET I 344 9.62 20.38 -79.94
C MET I 344 11.00 20.32 -80.58
N VAL I 345 12.01 19.85 -79.87
CA VAL I 345 13.38 19.81 -80.38
C VAL I 345 13.95 18.39 -80.33
N GLU I 346 13.83 17.74 -79.18
CA GLU I 346 14.47 16.44 -78.99
C GLU I 346 13.66 15.32 -79.61
N GLU I 347 12.41 15.14 -79.16
CA GLU I 347 11.57 14.08 -79.70
C GLU I 347 11.16 14.39 -81.14
N SER I 348 10.42 15.48 -81.34
CA SER I 348 10.09 15.96 -82.67
C SER I 348 11.21 16.89 -83.12
N ASP I 349 12.12 16.38 -83.94
CA ASP I 349 13.32 17.11 -84.32
C ASP I 349 12.95 18.30 -85.18
N LEU I 350 10.90 21.71 -80.90
CA LEU I 350 10.72 22.92 -81.68
C LEU I 350 11.90 23.17 -82.62
N LEU I 351 13.11 22.81 -82.19
CA LEU I 351 14.29 23.04 -83.03
C LEU I 351 14.16 22.38 -84.39
N GLY I 352 13.74 21.12 -84.41
CA GLY I 352 13.51 20.44 -85.67
C GLY I 352 12.49 21.17 -86.53
N GLN I 353 11.41 21.66 -85.90
CA GLN I 353 10.37 22.34 -86.66
C GLN I 353 10.85 23.69 -87.18
N LEU I 354 11.52 24.47 -86.33
CA LEU I 354 12.09 25.72 -86.81
C LEU I 354 13.09 25.48 -87.93
N LYS I 355 13.85 24.39 -87.83
CA LYS I 355 14.78 24.04 -88.91
C LYS I 355 14.05 23.79 -90.22
N ILE I 356 12.79 23.33 -90.15
CA ILE I 356 12.02 23.13 -91.36
C ILE I 356 11.55 24.47 -91.92
N ILE I 357 11.15 25.40 -91.04
CA ILE I 357 10.61 26.67 -91.50
C ILE I 357 11.71 27.50 -92.15
N LYS I 358 12.89 27.55 -91.54
CA LYS I 358 13.99 28.32 -92.12
C LYS I 358 14.36 27.82 -93.50
N ASP I 359 14.28 26.50 -93.73
CA ASP I 359 14.70 25.95 -95.01
C ASP I 359 13.74 26.32 -96.14
N PHE I 360 12.45 26.10 -95.93
CA PHE I 360 11.48 26.21 -97.01
C PHE I 360 10.82 27.58 -97.09
N TYR I 361 10.37 28.13 -95.96
CA TYR I 361 9.79 29.46 -95.97
C TYR I 361 10.83 30.51 -96.34
N LEU I 362 11.91 30.58 -95.58
CA LEU I 362 12.92 31.61 -95.77
C LEU I 362 13.96 31.25 -96.81
N LEU I 363 13.63 30.33 -97.72
CA LEU I 363 14.54 29.91 -98.78
C LEU I 363 15.86 29.39 -98.23
N GLY I 364 15.84 28.78 -97.05
CA GLY I 364 17.06 28.20 -96.51
C GLY I 364 17.65 27.15 -97.42
N ARG I 365 16.81 26.28 -97.97
CA ARG I 365 17.25 25.30 -98.96
C ARG I 365 17.02 25.87 -100.36
N GLY I 366 17.85 26.85 -100.70
CA GLY I 366 17.71 27.51 -101.99
C GLY I 366 18.00 26.59 -103.17
N GLU I 367 18.80 25.54 -102.95
CA GLU I 367 19.12 24.60 -104.01
C GLU I 367 17.89 23.85 -104.51
N LEU I 368 16.85 23.74 -103.68
CA LEU I 368 15.62 23.11 -104.12
C LEU I 368 14.82 24.04 -105.03
N PHE I 369 14.93 25.34 -104.81
CA PHE I 369 14.09 26.28 -105.54
C PHE I 369 14.64 26.61 -106.92
N GLN I 370 15.97 26.65 -107.07
CA GLN I 370 16.52 26.96 -108.39
C GLN I 370 16.15 25.88 -109.41
N ALA I 371 15.93 24.64 -108.94
CA ALA I 371 15.44 23.60 -109.85
C ALA I 371 13.94 23.74 -110.06
N PHE I 372 13.20 24.04 -108.99
CA PHE I 372 11.76 24.24 -109.13
C PHE I 372 11.45 25.42 -110.02
N ILE I 373 12.25 26.49 -109.91
CA ILE I 373 12.08 27.62 -110.83
C ILE I 373 12.48 27.21 -112.24
N ASP I 374 13.50 26.35 -112.36
CA ASP I 374 13.94 25.90 -113.67
C ASP I 374 12.83 25.15 -114.40
N THR I 375 12.05 24.37 -113.67
CA THR I 375 10.99 23.57 -114.28
C THR I 375 9.68 24.36 -114.38
N ALA I 376 9.17 24.83 -113.25
CA ALA I 376 7.87 25.50 -113.21
C ALA I 376 8.07 26.99 -113.51
N GLN I 377 8.43 27.27 -114.76
CA GLN I 377 8.64 28.64 -115.21
C GLN I 377 7.61 29.07 -116.24
N HIS I 378 7.47 28.32 -117.34
CA HIS I 378 6.53 28.70 -118.39
C HIS I 378 5.09 28.69 -117.88
N MET I 379 4.80 27.89 -116.87
CA MET I 379 3.43 27.75 -116.39
C MET I 379 3.07 28.79 -115.34
N LEU I 380 3.81 29.89 -115.23
CA LEU I 380 3.45 30.95 -114.31
C LEU I 380 3.51 32.35 -114.91
N LYS I 381 4.27 32.56 -115.99
CA LYS I 381 4.26 33.88 -116.63
C LYS I 381 2.91 34.18 -117.26
N THR I 382 2.19 33.14 -117.70
CA THR I 382 0.82 33.33 -118.12
C THR I 382 -0.05 33.69 -116.91
N PRO I 383 -1.14 34.43 -117.14
CA PRO I 383 -2.04 34.72 -116.02
C PRO I 383 -2.56 33.45 -115.41
N PRO I 384 -2.89 33.48 -114.11
CA PRO I 384 -3.33 32.25 -113.44
C PRO I 384 -4.76 31.88 -113.79
N THR I 385 -5.00 30.57 -113.83
CA THR I 385 -6.33 30.04 -114.05
C THR I 385 -6.70 29.06 -112.95
N ALA I 386 -7.81 28.35 -113.10
CA ALA I 386 -8.26 27.43 -112.07
C ALA I 386 -7.48 26.13 -112.05
N VAL I 387 -6.61 25.89 -113.03
CA VAL I 387 -5.90 24.61 -113.11
C VAL I 387 -4.43 24.71 -112.66
N THR I 388 -3.86 25.91 -112.62
CA THR I 388 -2.43 26.04 -112.31
C THR I 388 -2.10 25.63 -110.89
N GLU I 389 -3.09 25.54 -109.99
CA GLU I 389 -2.81 25.20 -108.61
C GLU I 389 -2.24 23.79 -108.49
N HIS I 390 -2.76 22.86 -109.27
CA HIS I 390 -2.21 21.51 -109.29
C HIS I 390 -1.03 21.36 -110.22
N ASP I 391 -0.90 22.23 -111.22
CA ASP I 391 0.20 22.14 -112.17
C ASP I 391 1.56 22.44 -111.53
N VAL I 392 1.58 22.94 -110.30
CA VAL I 392 2.82 23.30 -109.63
C VAL I 392 3.13 22.36 -108.48
N ASN I 393 2.10 21.90 -107.76
CA ASN I 393 2.32 20.96 -106.67
C ASN I 393 3.03 19.70 -107.17
N VAL I 394 2.75 19.30 -108.40
CA VAL I 394 3.49 18.17 -108.97
C VAL I 394 4.92 18.57 -109.28
N ALA I 395 5.11 19.74 -109.90
CA ALA I 395 6.47 20.19 -110.23
C ALA I 395 7.31 20.36 -108.98
N PHE I 396 6.72 20.88 -107.92
CA PHE I 396 7.44 20.94 -106.65
C PHE I 396 7.76 19.55 -106.14
N GLN I 397 6.85 18.59 -106.34
CA GLN I 397 7.13 17.23 -105.94
C GLN I 397 8.20 16.61 -106.82
N GLN I 398 8.17 16.89 -108.12
CA GLN I 398 9.26 16.48 -108.99
C GLN I 398 10.58 17.08 -108.55
N SER I 399 10.55 18.20 -107.84
CA SER I 399 11.78 18.89 -107.46
C SER I 399 12.47 18.20 -106.29
N ALA I 400 11.71 17.94 -105.21
CA ALA I 400 12.31 17.34 -104.03
C ALA I 400 12.98 16.02 -104.35
N HIS I 401 12.39 15.24 -105.25
CA HIS I 401 13.04 14.03 -105.70
C HIS I 401 14.22 14.33 -106.62
N LYS I 402 14.17 15.45 -107.35
CA LYS I 402 15.27 15.82 -108.22
C LYS I 402 16.51 16.25 -107.46
N VAL I 403 16.39 16.52 -106.16
CA VAL I 403 17.54 16.86 -105.32
C VAL I 403 17.76 15.73 -104.34
N LEU I 404 17.34 14.52 -104.72
CA LEU I 404 17.53 13.28 -103.94
C LEU I 404 17.05 13.43 -102.49
N LEU I 405 16.16 14.38 -102.23
CA LEU I 405 15.50 14.49 -100.93
C LEU I 405 14.33 13.53 -100.91
N ASP I 406 14.51 12.40 -100.23
CA ASP I 406 13.47 11.38 -100.13
C ASP I 406 13.00 11.30 -98.69
N ASP I 407 11.82 11.85 -98.43
CA ASP I 407 11.26 11.84 -97.08
C ASP I 407 9.75 12.00 -97.20
N ASP I 408 9.01 10.92 -96.94
CA ASP I 408 7.56 11.01 -96.98
C ASP I 408 7.03 11.87 -95.82
N ASN I 409 7.84 12.07 -94.79
CA ASN I 409 7.50 13.05 -93.77
C ASN I 409 7.80 14.46 -94.28
N LEU I 410 6.98 15.40 -93.84
CA LEU I 410 7.09 16.83 -94.11
C LEU I 410 7.03 17.17 -95.59
N LEU I 411 6.88 16.16 -96.44
CA LEU I 411 6.71 16.39 -97.87
C LEU I 411 5.27 16.74 -98.22
N PRO I 412 4.27 15.99 -97.75
CA PRO I 412 2.88 16.38 -98.06
C PRO I 412 2.38 17.53 -97.21
N LEU I 413 3.12 17.93 -96.19
CA LEU I 413 2.72 19.06 -95.37
C LEU I 413 2.96 20.39 -96.06
N LEU I 414 3.75 20.41 -97.13
CA LEU I 414 4.03 21.62 -97.88
C LEU I 414 3.13 21.68 -99.10
N HIS I 415 2.21 22.64 -99.13
CA HIS I 415 1.24 22.78 -100.20
C HIS I 415 1.27 24.21 -100.71
N LEU I 416 1.76 24.42 -101.92
CA LEU I 416 1.78 25.75 -102.50
C LEU I 416 0.37 26.20 -102.81
N THR I 417 0.10 27.48 -102.56
CA THR I 417 -1.22 28.06 -102.80
C THR I 417 -1.15 29.05 -103.96
N ILE I 418 -2.28 29.17 -104.66
CA ILE I 418 -2.41 30.10 -105.78
C ILE I 418 -3.58 31.02 -105.47
N GLU I 419 -3.26 32.28 -105.14
CA GLU I 419 -4.31 33.25 -104.89
C GLU I 419 -4.96 33.64 -106.21
N TYR I 420 -6.02 32.93 -106.58
CA TYR I 420 -6.71 33.13 -107.85
C TYR I 420 -8.08 33.73 -107.61
N HIS I 421 -8.49 34.63 -108.51
CA HIS I 421 -9.82 35.24 -108.49
C HIS I 421 -10.07 35.98 -107.18
N GLY I 422 -9.19 36.94 -106.91
CA GLY I 422 -9.28 37.73 -105.69
C GLY I 422 -8.07 37.60 -104.79
N ALA I 447 -2.27 40.08 -114.75
CA ALA I 447 -1.80 39.55 -113.47
C ALA I 447 -0.87 38.36 -113.67
N SER I 448 0.40 38.56 -113.37
CA SER I 448 1.38 37.48 -113.50
C SER I 448 1.18 36.44 -112.40
N GLY I 449 1.43 35.17 -112.74
CA GLY I 449 1.19 34.10 -111.79
C GLY I 449 2.07 34.17 -110.56
N TRP I 450 3.33 34.60 -110.73
CA TRP I 450 4.24 34.67 -109.59
C TRP I 450 3.72 35.60 -108.50
N ALA I 451 2.94 36.61 -108.86
CA ALA I 451 2.49 37.59 -107.88
C ALA I 451 1.55 36.98 -106.83
N ALA I 452 0.97 35.82 -107.11
CA ALA I 452 0.02 35.19 -106.20
C ALA I 452 0.58 33.94 -105.54
N LEU I 453 1.81 33.56 -105.85
CA LEU I 453 2.37 32.32 -105.31
C LEU I 453 2.61 32.43 -103.82
N GLY I 454 2.51 31.29 -103.13
CA GLY I 454 2.71 31.26 -101.69
C GLY I 454 2.82 29.82 -101.23
N LEU I 455 3.19 29.68 -99.96
CA LEU I 455 3.41 28.37 -99.35
C LEU I 455 2.79 28.35 -97.96
N SER I 456 1.79 27.49 -97.77
CA SER I 456 1.14 27.31 -96.49
C SER I 456 1.64 26.04 -95.81
N TYR I 457 1.46 25.97 -94.50
CA TYR I 457 2.06 24.92 -93.69
C TYR I 457 1.03 24.41 -92.69
N LYS I 458 0.67 23.13 -92.80
CA LYS I 458 -0.28 22.51 -91.89
C LYS I 458 0.44 22.16 -90.60
N VAL I 459 0.31 23.02 -89.59
CA VAL I 459 1.03 22.83 -88.34
C VAL I 459 0.39 21.69 -87.56
N GLN I 460 1.20 21.00 -86.75
CA GLN I 460 0.72 19.91 -85.94
C GLN I 460 0.00 20.44 -84.70
N TRP I 461 -0.30 19.56 -83.75
CA TRP I 461 -1.10 19.95 -82.59
C TRP I 461 -0.31 20.71 -81.51
N PRO I 462 0.87 20.25 -81.09
CA PRO I 462 1.52 20.94 -79.96
C PRO I 462 1.85 22.38 -80.25
N LEU I 463 2.46 22.67 -81.40
CA LEU I 463 2.85 24.02 -81.76
C LEU I 463 1.68 24.84 -82.29
N HIS I 464 0.45 24.33 -82.17
CA HIS I 464 -0.70 25.08 -82.66
C HIS I 464 -0.84 26.41 -81.93
N ILE I 465 -0.32 26.51 -80.72
CA ILE I 465 -0.40 27.75 -79.96
C ILE I 465 0.70 28.72 -80.38
N LEU I 466 1.87 28.21 -80.77
CA LEU I 466 2.98 29.07 -81.11
C LEU I 466 2.88 29.64 -82.52
N PHE I 467 2.25 28.90 -83.43
CA PHE I 467 2.14 29.31 -84.83
C PHE I 467 0.67 29.52 -85.18
N THR I 468 0.19 30.73 -84.92
CA THR I 468 -1.16 31.12 -85.29
C THR I 468 -1.21 31.53 -86.76
N PRO I 469 -2.41 31.64 -87.33
CA PRO I 469 -2.50 32.18 -88.70
C PRO I 469 -1.94 33.57 -88.87
N ALA I 470 -1.75 34.32 -87.78
CA ALA I 470 -1.13 35.63 -87.87
C ALA I 470 0.36 35.52 -88.13
N VAL I 471 1.08 34.82 -87.25
CA VAL I 471 2.52 34.72 -87.39
C VAL I 471 2.89 33.89 -88.61
N LEU I 472 2.10 32.86 -88.92
CA LEU I 472 2.37 32.08 -90.13
C LEU I 472 2.05 32.85 -91.41
N GLU I 473 1.47 34.05 -91.30
CA GLU I 473 1.22 34.87 -92.47
C GLU I 473 2.39 35.80 -92.77
N LYS I 474 2.94 36.46 -91.76
CA LYS I 474 4.10 37.31 -91.98
C LYS I 474 5.27 36.51 -92.54
N TYR I 475 5.38 35.25 -92.14
CA TYR I 475 6.37 34.36 -92.76
C TYR I 475 6.15 34.28 -94.26
N ASN I 476 4.89 34.14 -94.70
CA ASN I 476 4.61 33.99 -96.12
C ASN I 476 5.04 35.20 -96.91
N VAL I 477 4.86 36.40 -96.35
CA VAL I 477 5.25 37.62 -97.05
C VAL I 477 6.74 37.62 -97.32
N VAL I 478 7.53 37.12 -96.38
CA VAL I 478 8.97 37.01 -96.59
C VAL I 478 9.26 36.04 -97.73
N PHE I 479 8.53 34.93 -97.78
CA PHE I 479 8.75 33.96 -98.85
C PHE I 479 8.38 34.53 -100.21
N LYS I 480 7.39 35.42 -100.27
CA LYS I 480 7.03 36.04 -101.54
C LYS I 480 8.14 36.94 -102.04
N TYR I 481 8.69 37.78 -101.17
CA TYR I 481 9.73 38.71 -101.59
C TYR I 481 11.04 37.99 -101.86
N LEU I 482 11.49 37.17 -100.91
CA LEU I 482 12.78 36.51 -101.05
C LEU I 482 12.83 35.62 -102.29
N LEU I 483 11.69 35.07 -102.70
CA LEU I 483 11.67 34.29 -103.93
C LEU I 483 11.87 35.19 -105.14
N SER I 484 11.27 36.38 -105.12
CA SER I 484 11.38 37.29 -106.26
C SER I 484 12.84 37.64 -106.52
N VAL I 485 13.55 38.10 -105.49
CA VAL I 485 14.97 38.42 -105.65
C VAL I 485 15.72 37.19 -106.12
N ARG I 486 15.34 36.01 -105.62
CA ARG I 486 15.96 34.79 -106.11
C ARG I 486 15.62 34.55 -107.57
N ARG I 487 14.39 34.88 -107.98
CA ARG I 487 13.99 34.66 -109.37
C ARG I 487 14.78 35.56 -110.31
N VAL I 488 14.92 36.84 -109.97
CA VAL I 488 15.62 37.75 -110.86
C VAL I 488 17.11 37.44 -110.90
N GLN I 489 17.69 37.04 -109.76
CA GLN I 489 19.10 36.71 -109.74
C GLN I 489 19.40 35.50 -110.59
N ALA I 490 18.67 34.41 -110.37
CA ALA I 490 18.86 33.22 -111.20
C ALA I 490 18.62 33.53 -112.68
N GLU I 491 17.65 34.40 -112.95
CA GLU I 491 17.42 34.81 -114.33
C GLU I 491 18.58 35.65 -114.86
N LEU I 492 19.04 36.62 -114.07
CA LEU I 492 20.09 37.52 -114.53
C LEU I 492 21.36 36.77 -114.87
N GLN I 493 21.77 35.83 -114.02
CA GLN I 493 23.05 35.16 -114.23
C GLN I 493 23.01 34.24 -115.44
N HIS I 494 21.84 33.72 -115.80
CA HIS I 494 21.74 32.91 -117.01
C HIS I 494 22.15 33.72 -118.23
N CYS I 495 21.76 35.00 -118.26
CA CYS I 495 22.21 35.88 -119.33
C CYS I 495 23.74 35.96 -119.36
N TRP I 496 24.37 36.09 -118.20
CA TRP I 496 25.82 36.05 -118.15
C TRP I 496 26.35 34.75 -118.70
N ALA I 497 25.66 33.64 -118.42
CA ALA I 497 26.06 32.37 -118.99
C ALA I 497 25.94 32.34 -120.51
N LEU I 498 25.32 33.35 -121.10
CA LEU I 498 25.20 33.48 -122.55
C LEU I 498 26.19 34.48 -123.14
N GLN I 499 26.39 35.61 -122.47
CA GLN I 499 27.34 36.60 -122.96
C GLN I 499 28.74 36.00 -123.05
N MET I 500 29.20 35.37 -121.96
CA MET I 500 30.45 34.64 -122.02
C MET I 500 30.40 33.54 -123.07
N GLN I 501 29.26 32.85 -123.15
CA GLN I 501 29.07 31.83 -124.19
C GLN I 501 29.14 32.41 -125.59
N ARG I 502 28.69 33.65 -125.77
CA ARG I 502 28.57 34.24 -127.09
C ARG I 502 29.90 34.74 -127.64
N LYS I 503 31.03 34.30 -127.07
CA LYS I 503 32.31 34.63 -127.65
C LYS I 503 32.50 33.87 -128.95
N HIS I 504 32.78 34.59 -130.03
CA HIS I 504 32.98 33.98 -131.33
C HIS I 504 34.39 33.40 -131.45
N GLN I 509 30.70 44.39 -132.45
CA GLN I 509 29.86 45.58 -132.41
C GLN I 509 30.32 46.52 -131.30
N THR I 510 30.60 47.77 -131.66
CA THR I 510 31.09 48.74 -130.69
C THR I 510 30.02 49.18 -129.71
N ASP I 511 28.75 48.92 -130.01
CA ASP I 511 27.67 49.28 -129.11
C ASP I 511 27.12 48.11 -128.31
N ALA I 512 27.30 46.87 -128.81
CA ALA I 512 26.84 45.70 -128.07
C ALA I 512 27.58 45.54 -126.75
N ILE I 513 28.81 46.06 -126.67
CA ILE I 513 29.56 45.99 -125.42
C ILE I 513 28.94 46.80 -124.30
N LYS I 514 27.98 47.67 -124.62
CA LYS I 514 27.24 48.37 -123.58
C LYS I 514 26.41 47.42 -122.73
N TRP I 515 26.17 46.20 -123.21
CA TRP I 515 25.38 45.25 -122.44
C TRP I 515 26.05 44.92 -121.12
N ARG I 516 27.25 44.34 -121.18
CA ARG I 516 27.93 43.94 -119.96
C ARG I 516 28.32 45.15 -119.12
N LEU I 517 28.60 46.28 -119.76
CA LEU I 517 28.81 47.51 -119.01
C LEU I 517 27.53 47.98 -118.32
N ARG I 518 26.38 47.43 -118.69
CA ARG I 518 25.17 47.62 -117.89
C ARG I 518 24.82 46.38 -117.08
N ASN I 519 25.10 45.19 -117.61
CA ASN I 519 24.78 43.96 -116.91
C ASN I 519 25.46 43.90 -115.56
N HIS I 520 26.78 44.15 -115.53
CA HIS I 520 27.51 44.09 -114.27
C HIS I 520 27.02 45.15 -113.30
N MET I 521 26.71 46.35 -113.81
CA MET I 521 26.09 47.36 -112.96
C MET I 521 24.81 46.83 -112.34
N ALA I 522 23.96 46.19 -113.15
CA ALA I 522 22.76 45.58 -112.63
C ALA I 522 23.05 44.33 -111.82
N PHE I 523 24.25 43.76 -111.97
CA PHE I 523 24.61 42.56 -111.22
C PHE I 523 25.04 42.90 -109.79
N LEU I 524 26.05 43.77 -109.66
CA LEU I 524 26.57 44.09 -108.35
C LEU I 524 25.48 44.65 -107.43
N VAL I 525 24.63 45.52 -107.97
CA VAL I 525 23.55 46.06 -107.15
C VAL I 525 22.62 44.95 -106.69
N ASP I 526 22.47 43.89 -107.50
CA ASP I 526 21.59 42.80 -107.15
C ASP I 526 22.28 41.73 -106.31
N ASN I 527 23.46 41.29 -106.73
CA ASN I 527 24.14 40.20 -106.03
C ASN I 527 24.44 40.60 -104.59
N LEU I 528 24.96 41.80 -104.39
CA LEU I 528 25.25 42.23 -103.02
C LEU I 528 23.99 42.61 -102.26
N GLN I 529 22.94 43.07 -102.95
CA GLN I 529 21.64 43.14 -102.30
C GLN I 529 21.18 41.77 -101.87
N TYR I 530 21.56 40.74 -102.62
CA TYR I 530 21.29 39.38 -102.19
C TYR I 530 22.23 38.95 -101.07
N TYR I 531 23.32 39.69 -100.86
CA TYR I 531 24.01 39.64 -99.59
C TYR I 531 23.34 40.63 -98.64
N LEU I 532 23.80 40.62 -97.38
CA LEU I 532 23.08 41.21 -96.25
C LEU I 532 21.87 40.36 -95.93
N GLN I 533 21.54 39.41 -96.79
CA GLN I 533 20.44 38.49 -96.55
C GLN I 533 20.91 37.24 -95.83
N VAL I 534 22.01 36.65 -96.29
CA VAL I 534 22.66 35.59 -95.52
C VAL I 534 23.25 36.12 -94.23
N ASP I 535 23.32 37.44 -94.07
CA ASP I 535 23.83 38.06 -92.85
C ASP I 535 22.79 38.91 -92.14
N VAL I 536 21.52 38.82 -92.54
CA VAL I 536 20.41 39.18 -91.68
C VAL I 536 19.62 37.95 -91.26
N LEU I 537 19.60 36.90 -92.09
CA LEU I 537 18.95 35.66 -91.69
C LEU I 537 19.82 34.89 -90.70
N GLU I 538 21.02 34.49 -91.13
CA GLU I 538 21.89 33.71 -90.28
C GLU I 538 22.38 34.47 -89.04
N SER I 539 22.09 35.76 -88.93
CA SER I 539 22.41 36.53 -87.74
C SER I 539 21.22 36.68 -86.81
N GLN I 540 20.06 37.06 -87.35
CA GLN I 540 18.86 37.13 -86.52
C GLN I 540 18.44 35.73 -86.07
N PHE I 541 18.59 34.74 -86.95
CA PHE I 541 18.24 33.37 -86.57
C PHE I 541 19.15 32.86 -85.47
N SER I 542 20.45 33.15 -85.57
CA SER I 542 21.39 32.67 -84.55
C SER I 542 21.13 33.31 -83.19
N GLN I 543 20.41 34.43 -83.15
CA GLN I 543 19.97 34.97 -81.87
C GLN I 543 18.69 34.29 -81.40
N LEU I 544 17.73 34.09 -82.31
CA LEU I 544 16.49 33.43 -81.95
C LEU I 544 16.76 32.04 -81.37
N LEU I 545 17.72 31.33 -81.92
CA LEU I 545 18.03 30.01 -81.38
C LEU I 545 18.79 30.12 -80.06
N HIS I 546 19.50 31.22 -79.84
CA HIS I 546 20.24 31.37 -78.59
C HIS I 546 19.32 31.78 -77.45
N GLN I 547 18.35 32.64 -77.73
CA GLN I 547 17.37 33.01 -76.71
C GLN I 547 16.52 31.82 -76.29
N ILE I 548 16.52 30.73 -77.06
CA ILE I 548 15.73 29.56 -76.71
C ILE I 548 16.45 28.72 -75.67
N ASN I 549 17.70 28.35 -75.94
CA ASN I 549 18.45 27.47 -75.06
C ASN I 549 18.96 28.18 -73.80
N SER I 550 18.57 29.42 -73.57
CA SER I 550 19.02 30.17 -72.41
C SER I 550 17.97 30.20 -71.30
N THR I 551 16.78 30.71 -71.60
CA THR I 551 15.75 30.90 -70.60
C THR I 551 14.91 29.63 -70.47
N ARG I 552 14.88 29.06 -69.26
CA ARG I 552 14.02 27.92 -69.01
C ARG I 552 12.54 28.29 -69.14
N ASP I 553 12.21 29.57 -69.03
CA ASP I 553 10.83 30.01 -69.17
C ASP I 553 10.37 29.86 -70.61
N PHE I 554 9.06 29.64 -70.77
CA PHE I 554 8.46 29.60 -72.09
C PHE I 554 7.96 30.96 -72.54
N GLU I 555 7.57 31.82 -71.61
CA GLU I 555 7.06 33.15 -71.98
C GLU I 555 8.06 33.91 -72.83
N SER I 556 9.36 33.68 -72.62
CA SER I 556 10.36 34.35 -73.44
C SER I 556 10.28 33.91 -74.89
N ILE I 557 10.05 32.62 -75.13
CA ILE I 557 10.01 32.11 -76.50
C ILE I 557 8.93 32.80 -77.31
N ARG I 558 7.74 32.99 -76.71
CA ARG I 558 6.68 33.68 -77.43
C ARG I 558 7.03 35.12 -77.74
N LEU I 559 7.98 35.70 -77.01
CA LEU I 559 8.43 37.06 -77.29
C LEU I 559 9.73 37.10 -78.08
N ALA I 560 10.68 36.22 -77.77
CA ALA I 560 11.91 36.15 -78.55
C ALA I 560 11.60 35.84 -80.01
N HIS I 561 10.75 34.83 -80.25
CA HIS I 561 10.37 34.50 -81.60
C HIS I 561 9.57 35.63 -82.26
N ASP I 562 8.73 36.30 -81.47
CA ASP I 562 7.95 37.40 -82.03
C ASP I 562 8.84 38.56 -82.43
N HIS I 563 9.83 38.88 -81.62
CA HIS I 563 10.76 39.95 -81.98
C HIS I 563 11.64 39.55 -83.14
N PHE I 564 12.03 38.27 -83.21
CA PHE I 564 12.78 37.77 -84.36
C PHE I 564 12.03 38.04 -85.65
N LEU I 565 10.73 37.79 -85.67
CA LEU I 565 9.95 37.97 -86.89
C LEU I 565 9.85 39.44 -87.26
N SER I 566 9.61 40.31 -86.26
CA SER I 566 9.48 41.73 -86.56
C SER I 566 10.77 42.32 -87.10
N ASN I 567 11.92 41.78 -86.67
CA ASN I 567 13.20 42.27 -87.18
C ASN I 567 13.34 42.00 -88.67
N LEU I 568 12.97 40.80 -89.11
CA LEU I 568 13.08 40.48 -90.53
C LEU I 568 12.26 41.43 -91.38
N LEU I 569 11.04 41.74 -90.95
CA LEU I 569 10.23 42.71 -91.68
C LEU I 569 10.84 44.10 -91.63
N ALA I 570 11.56 44.41 -90.57
CA ALA I 570 12.18 45.73 -90.43
C ALA I 570 13.56 45.79 -91.06
N GLN I 571 14.39 44.76 -90.84
CA GLN I 571 15.75 44.78 -91.36
C GLN I 571 15.76 44.66 -92.89
N SER I 572 14.98 43.73 -93.43
CA SER I 572 14.98 43.48 -94.87
C SER I 572 14.27 44.55 -95.67
N PHE I 573 13.92 45.68 -95.05
CA PHE I 573 13.37 46.84 -95.74
C PHE I 573 12.01 46.56 -96.37
N ILE I 574 11.35 45.48 -95.95
CA ILE I 574 10.05 45.16 -96.49
C ILE I 574 9.01 46.17 -96.00
N LEU I 575 9.14 46.65 -94.76
CA LEU I 575 8.20 47.62 -94.25
C LEU I 575 8.56 49.05 -94.64
N LEU I 576 9.84 49.33 -94.86
CA LEU I 576 10.28 50.68 -95.24
C LEU I 576 9.80 50.97 -96.65
N LYS I 577 8.73 51.77 -96.75
CA LYS I 577 8.08 52.00 -98.03
C LYS I 577 8.99 52.65 -99.09
N PRO I 578 9.71 53.73 -98.80
CA PRO I 578 10.47 54.37 -99.89
C PRO I 578 11.47 53.45 -100.57
N VAL I 579 12.32 52.79 -99.79
CA VAL I 579 13.30 51.88 -100.38
C VAL I 579 12.59 50.70 -101.04
N PHE I 580 11.52 50.20 -100.44
CA PHE I 580 10.83 49.06 -101.02
C PHE I 580 10.07 49.44 -102.28
N HIS I 581 9.75 50.71 -102.48
CA HIS I 581 9.13 51.14 -103.72
C HIS I 581 10.13 51.65 -104.74
N CYS I 582 11.42 51.70 -104.40
CA CYS I 582 12.46 52.05 -105.37
C CYS I 582 13.20 50.83 -105.88
N LEU I 583 13.65 49.95 -104.99
CA LEU I 583 14.30 48.72 -105.42
C LEU I 583 13.34 47.85 -106.22
N ASN I 584 12.05 47.91 -105.89
CA ASN I 584 11.06 47.17 -106.67
C ASN I 584 11.15 47.53 -108.14
N GLU I 585 11.35 48.82 -108.45
CA GLU I 585 11.56 49.22 -109.83
C GLU I 585 12.82 48.59 -110.41
N ILE I 586 13.84 48.38 -109.58
CA ILE I 586 15.03 47.70 -110.07
C ILE I 586 14.73 46.24 -110.36
N LEU I 587 13.80 45.63 -109.62
CA LEU I 587 13.50 44.23 -109.79
C LEU I 587 12.96 43.95 -111.19
N ASP I 588 11.79 44.48 -111.51
CA ASP I 588 11.22 44.27 -112.83
C ASP I 588 12.05 44.88 -113.93
N LEU I 589 12.99 45.77 -113.60
CA LEU I 589 13.85 46.36 -114.61
C LEU I 589 14.73 45.29 -115.26
N CYS I 590 15.29 44.39 -114.44
CA CYS I 590 16.16 43.36 -115.00
C CYS I 590 15.39 42.36 -115.86
N HIS I 591 14.13 42.10 -115.52
CA HIS I 591 13.29 41.26 -116.35
C HIS I 591 13.28 41.76 -117.79
N SER I 592 13.13 43.07 -117.97
CA SER I 592 13.14 43.64 -119.31
C SER I 592 14.50 43.45 -119.98
N PHE I 593 15.58 43.78 -119.27
CA PHE I 593 16.90 43.71 -119.87
C PHE I 593 17.28 42.28 -120.19
N CYS I 594 17.10 41.36 -119.25
CA CYS I 594 17.47 39.97 -119.48
C CYS I 594 16.67 39.38 -120.64
N SER I 595 15.39 39.72 -120.72
CA SER I 595 14.58 39.28 -121.86
C SER I 595 15.15 39.83 -123.16
N LEU I 596 15.53 41.11 -123.17
CA LEU I 596 16.04 41.74 -124.39
C LEU I 596 17.23 40.98 -124.94
N VAL I 597 18.12 40.51 -124.07
CA VAL I 597 19.29 39.78 -124.55
C VAL I 597 18.90 38.36 -124.97
N SER I 598 17.90 37.77 -124.33
CA SER I 598 17.50 36.41 -124.66
C SER I 598 16.52 36.33 -125.82
N GLN I 599 15.76 37.39 -126.06
CA GLN I 599 14.77 37.40 -127.13
C GLN I 599 15.39 37.50 -128.52
N ASN I 600 16.72 37.41 -128.63
CA ASN I 600 17.38 37.45 -129.94
C ASN I 600 18.75 36.79 -129.80
N LEU I 601 19.48 36.74 -130.92
CA LEU I 601 20.85 36.28 -130.94
C LEU I 601 21.76 37.16 -131.78
N GLY I 602 21.27 38.29 -132.27
CA GLY I 602 22.08 39.21 -133.03
C GLY I 602 22.33 40.49 -132.28
N PRO I 603 23.04 41.42 -132.90
CA PRO I 603 23.30 42.71 -132.25
C PRO I 603 22.03 43.53 -132.10
N LEU I 604 22.05 44.44 -131.14
CA LEU I 604 20.89 45.28 -130.82
C LEU I 604 20.79 46.36 -131.89
N ASP I 605 20.12 46.03 -132.99
CA ASP I 605 19.91 46.96 -134.09
C ASP I 605 18.45 47.24 -134.36
N GLU I 606 17.60 46.20 -134.41
CA GLU I 606 16.19 46.36 -134.69
C GLU I 606 15.51 46.92 -133.44
N ARG I 607 15.66 48.23 -133.26
CA ARG I 607 15.08 49.02 -132.18
C ARG I 607 15.38 48.46 -130.79
N GLY I 608 16.33 47.54 -130.69
CA GLY I 608 16.78 47.10 -129.37
C GLY I 608 17.65 48.14 -128.69
N ALA I 609 18.64 48.65 -129.42
CA ALA I 609 19.44 49.75 -128.91
C ALA I 609 18.57 50.96 -128.59
N ALA I 610 17.59 51.24 -129.46
CA ALA I 610 16.62 52.29 -129.17
C ALA I 610 15.87 52.02 -127.87
N GLN I 611 15.63 50.74 -127.57
CA GLN I 611 15.04 50.37 -126.28
C GLN I 611 16.10 50.24 -125.20
N LEU I 612 17.35 49.98 -125.57
CA LEU I 612 18.40 49.79 -124.57
C LEU I 612 18.67 51.09 -123.80
N SER I 613 18.89 52.18 -124.53
CA SER I 613 19.21 53.45 -123.89
C SER I 613 18.05 54.01 -123.07
N ILE I 614 16.86 53.41 -123.16
CA ILE I 614 15.74 53.87 -122.36
C ILE I 614 15.99 53.60 -120.88
N LEU I 615 16.41 52.38 -120.55
CA LEU I 615 16.49 51.96 -119.15
C LEU I 615 17.67 52.62 -118.45
N VAL I 616 18.82 52.72 -119.13
CA VAL I 616 20.00 53.30 -118.50
C VAL I 616 19.73 54.74 -118.06
N LYS I 617 18.92 55.48 -118.82
CA LYS I 617 18.50 56.80 -118.39
C LYS I 617 17.61 56.75 -117.16
N GLY I 618 16.95 55.61 -116.92
CA GLY I 618 16.15 55.44 -115.73
C GLY I 618 16.89 54.66 -114.65
N PHE I 619 17.61 53.61 -115.06
CA PHE I 619 18.35 52.80 -114.11
C PHE I 619 19.41 53.62 -113.38
N SER I 620 20.34 54.20 -114.14
CA SER I 620 21.36 55.05 -113.52
C SER I 620 20.73 56.18 -112.74
N ARG I 621 19.59 56.70 -113.20
CA ARG I 621 18.84 57.64 -112.40
C ARG I 621 18.30 56.98 -111.14
N GLN I 622 17.72 55.78 -111.29
CA GLN I 622 17.27 55.03 -110.12
C GLN I 622 18.44 54.60 -109.25
N SER I 623 19.61 54.38 -109.85
CA SER I 623 20.79 54.01 -109.08
C SER I 623 21.18 55.09 -108.10
N SER I 624 21.50 56.29 -108.61
CA SER I 624 21.89 57.38 -107.73
C SER I 624 20.72 57.90 -106.90
N LEU I 625 19.48 57.68 -107.36
CA LEU I 625 18.34 58.02 -106.52
C LEU I 625 18.37 57.24 -105.21
N LEU I 626 18.65 55.94 -105.29
CA LEU I 626 18.80 55.14 -104.09
C LEU I 626 19.94 55.65 -103.23
N PHE I 627 21.00 56.15 -103.86
CA PHE I 627 22.19 56.55 -103.13
C PHE I 627 21.88 57.67 -102.13
N LYS I 628 21.04 58.62 -102.52
CA LYS I 628 20.67 59.69 -101.60
C LYS I 628 19.81 59.17 -100.46
N ILE I 629 19.08 58.07 -100.69
CA ILE I 629 18.15 57.57 -99.68
C ILE I 629 18.92 57.07 -98.46
N LEU I 630 20.05 56.41 -98.68
CA LEU I 630 20.79 55.83 -97.57
C LEU I 630 21.72 56.83 -96.90
N SER I 631 22.09 57.90 -97.60
CA SER I 631 22.98 58.90 -97.03
C SER I 631 22.29 59.67 -95.90
N ASN I 639 21.00 53.61 -89.21
CA ASN I 639 20.43 52.65 -88.27
C ASN I 639 20.67 51.22 -88.74
N SER I 640 20.20 50.91 -89.95
CA SER I 640 20.37 49.59 -90.52
C SER I 640 21.03 49.61 -91.89
N ASP I 641 20.97 50.70 -92.63
CA ASP I 641 21.56 50.76 -93.96
C ASP I 641 23.08 50.72 -93.92
N LEU I 642 23.68 51.00 -92.75
CA LEU I 642 25.13 51.01 -92.65
C LEU I 642 25.73 49.66 -93.02
N ALA I 643 25.04 48.57 -92.66
CA ALA I 643 25.54 47.25 -93.04
C ALA I 643 25.40 47.01 -94.54
N GLN I 644 24.48 47.72 -95.20
CA GLN I 644 24.23 47.47 -96.61
C GLN I 644 25.06 48.38 -97.50
N LEU I 645 24.97 49.69 -97.29
CA LEU I 645 25.66 50.64 -98.15
C LEU I 645 27.16 50.43 -98.11
N LEU I 646 27.69 49.87 -97.03
CA LEU I 646 29.13 49.61 -96.94
C LEU I 646 29.57 48.65 -98.03
N LEU I 647 28.80 47.60 -98.29
CA LEU I 647 29.21 46.61 -99.28
C LEU I 647 29.23 47.22 -100.68
N ARG I 648 28.20 47.96 -101.05
CA ARG I 648 28.16 48.55 -102.39
C ARG I 648 29.25 49.60 -102.57
N LEU I 649 29.69 50.24 -101.48
CA LEU I 649 30.64 51.34 -101.55
C LEU I 649 32.07 50.89 -101.21
N ASP I 650 32.39 49.63 -101.42
CA ASP I 650 33.71 49.14 -101.02
C ASP I 650 34.82 49.80 -101.85
N TYR I 651 34.53 50.13 -103.11
CA TYR I 651 35.50 50.78 -103.97
C TYR I 651 35.19 52.24 -104.22
N ASN I 652 34.25 52.82 -103.47
CA ASN I 652 33.87 54.23 -103.59
C ASN I 652 33.42 54.58 -105.00
N LYS I 653 32.83 53.62 -105.70
CA LYS I 653 32.37 53.89 -107.06
C LYS I 653 31.18 54.84 -107.07
N TYR I 654 30.17 54.58 -106.24
CA TYR I 654 29.06 55.52 -106.12
C TYR I 654 29.50 56.89 -105.64
N TYR I 655 30.63 56.99 -104.94
CA TYR I 655 31.13 58.30 -104.57
C TYR I 655 31.42 59.14 -105.80
N THR I 656 31.82 58.50 -106.90
CA THR I 656 32.01 59.19 -108.16
C THR I 656 30.70 59.45 -108.89
N GLN I 657 29.64 58.72 -108.53
CA GLN I 657 28.33 58.97 -109.12
C GLN I 657 27.75 60.30 -108.62
N ASP J 260 -64.92 38.92 -33.64
CA ASP J 260 -64.32 37.68 -34.12
C ASP J 260 -63.58 36.97 -33.00
N ASP J 261 -63.84 35.67 -32.86
CA ASP J 261 -63.22 34.89 -31.80
C ASP J 261 -61.93 34.27 -32.27
N ARG J 262 -61.04 33.97 -31.31
CA ARG J 262 -59.75 33.39 -31.60
C ARG J 262 -59.38 32.43 -30.47
N VAL J 263 -58.48 31.50 -30.79
CA VAL J 263 -58.20 30.41 -29.85
C VAL J 263 -57.19 30.84 -28.79
N LEU J 264 -56.30 31.78 -29.10
CA LEU J 264 -55.30 32.28 -28.16
C LEU J 264 -54.40 31.15 -27.66
N VAL J 265 -53.68 30.55 -28.59
CA VAL J 265 -52.73 29.50 -28.22
C VAL J 265 -51.53 30.11 -27.51
N THR J 266 -50.85 29.28 -26.73
CA THR J 266 -49.63 29.71 -26.06
C THR J 266 -48.49 29.76 -27.07
N GLU J 267 -47.29 30.01 -26.58
CA GLU J 267 -46.14 30.23 -27.46
C GLU J 267 -45.38 28.95 -27.77
N THR J 268 -45.00 28.20 -26.74
CA THR J 268 -44.21 26.99 -26.96
C THR J 268 -44.98 25.97 -27.79
N GLN J 269 -46.31 25.97 -27.66
CA GLN J 269 -47.16 25.00 -28.40
C GLN J 269 -46.93 25.13 -29.92
N VAL J 270 -46.62 26.34 -30.40
CA VAL J 270 -46.43 26.55 -31.83
C VAL J 270 -45.19 25.83 -32.33
N ILE J 271 -44.10 25.91 -31.57
CA ILE J 271 -42.86 25.28 -32.01
C ILE J 271 -43.03 23.78 -32.14
N ARG J 272 -43.71 23.18 -31.16
CA ARG J 272 -43.98 21.71 -31.18
C ARG J 272 -44.77 21.39 -32.44
N GLU J 273 -45.80 22.19 -32.73
CA GLU J 273 -46.63 21.99 -33.95
C GLU J 273 -45.76 22.14 -35.19
N THR J 274 -44.89 23.16 -35.21
CA THR J 274 -44.00 23.42 -36.37
C THR J 274 -43.10 22.19 -36.60
N LEU J 275 -42.60 21.58 -35.51
CA LEU J 275 -41.72 20.39 -35.62
C LEU J 275 -42.51 19.25 -36.28
N TRP J 276 -43.78 19.09 -35.90
CA TRP J 276 -44.61 18.01 -36.50
C TRP J 276 -44.77 18.28 -38.01
N LEU J 277 -44.95 19.55 -38.40
CA LEU J 277 -45.08 19.90 -39.84
C LEU J 277 -43.79 19.50 -40.57
N LEU J 278 -42.63 19.76 -39.93
CA LEU J 278 -41.31 19.39 -40.48
C LEU J 278 -41.21 17.87 -40.60
N SER J 279 -41.76 17.14 -39.62
CA SER J 279 -41.76 15.66 -39.59
C SER J 279 -42.55 15.06 -40.77
N GLY J 280 -43.59 15.77 -41.24
CA GLY J 280 -44.41 15.28 -42.36
C GLY J 280 -45.72 14.65 -41.90
N VAL J 281 -46.03 14.77 -40.60
CA VAL J 281 -47.31 14.22 -40.05
C VAL J 281 -48.48 15.11 -40.49
N LYS J 282 -49.69 14.54 -40.52
CA LYS J 282 -50.88 15.26 -40.96
C LYS J 282 -51.86 15.36 -39.80
N LYS J 283 -52.99 16.01 -40.06
CA LYS J 283 -54.05 16.22 -39.08
C LYS J 283 -53.52 16.96 -37.84
N LEU J 284 -53.07 18.19 -38.07
CA LEU J 284 -52.51 19.05 -37.00
C LEU J 284 -53.46 20.23 -36.73
N PHE J 285 -53.63 20.58 -35.46
CA PHE J 285 -54.51 21.68 -35.06
C PHE J 285 -54.16 22.96 -35.81
N ILE J 286 -52.92 23.09 -36.26
CA ILE J 286 -52.46 24.19 -37.08
C ILE J 286 -52.04 23.60 -38.42
N PHE J 287 -52.05 24.44 -39.45
CA PHE J 287 -51.65 24.04 -40.80
C PHE J 287 -52.58 22.97 -41.35
N GLN J 288 -53.88 23.20 -41.24
CA GLN J 288 -54.87 22.23 -41.69
C GLN J 288 -54.94 22.26 -43.20
N LEU J 289 -54.41 21.23 -43.85
CA LEU J 289 -54.49 21.13 -45.29
C LEU J 289 -55.91 20.82 -45.73
N ILE J 290 -56.23 21.18 -46.97
CA ILE J 290 -57.56 21.00 -47.53
C ILE J 290 -57.52 20.20 -48.83
N ASP J 291 -56.60 20.56 -49.74
CA ASP J 291 -56.53 19.95 -51.06
C ASP J 291 -55.09 19.62 -51.41
N GLY J 292 -54.39 18.96 -50.49
CA GLY J 292 -52.97 18.72 -50.70
C GLY J 292 -52.13 19.97 -50.60
N LYS J 293 -52.63 21.01 -49.92
CA LYS J 293 -51.95 22.28 -49.79
C LYS J 293 -52.12 22.77 -48.36
N VAL J 294 -51.04 22.67 -47.57
CA VAL J 294 -51.12 23.08 -46.17
C VAL J 294 -51.45 24.55 -46.09
N THR J 295 -52.28 24.91 -45.12
CA THR J 295 -52.74 26.30 -44.99
C THR J 295 -52.99 26.61 -43.53
N VAL J 296 -52.54 27.79 -43.11
CA VAL J 296 -52.67 28.20 -41.71
C VAL J 296 -54.14 28.43 -41.38
N ARG J 297 -54.50 28.18 -40.12
CA ARG J 297 -55.83 28.47 -39.63
C ARG J 297 -56.02 29.98 -39.50
N ASN J 298 -57.19 30.40 -39.01
CA ASN J 298 -57.54 31.80 -38.98
C ASN J 298 -57.81 32.36 -37.59
N ASN J 299 -57.86 31.53 -36.55
CA ASN J 299 -58.18 32.00 -35.22
C ASN J 299 -56.99 31.91 -34.27
N ILE J 300 -55.78 31.75 -34.80
CA ILE J 300 -54.58 31.61 -34.00
C ILE J 300 -54.05 32.99 -33.65
N ILE J 301 -53.71 33.18 -32.37
CA ILE J 301 -53.22 34.47 -31.91
C ILE J 301 -52.42 34.24 -30.63
N VAL J 302 -51.36 35.00 -30.47
CA VAL J 302 -50.56 34.98 -29.26
C VAL J 302 -50.81 36.30 -28.52
N THR J 303 -50.40 36.36 -27.26
CA THR J 303 -50.52 37.59 -26.49
C THR J 303 -49.90 38.77 -27.23
N HIS J 304 -48.81 38.53 -27.94
CA HIS J 304 -48.13 39.52 -28.75
C HIS J 304 -48.30 39.19 -30.23
N LEU J 305 -47.59 39.94 -31.08
CA LEU J 305 -47.51 39.71 -32.52
C LEU J 305 -48.81 40.02 -33.25
N THR J 306 -49.72 40.75 -32.62
CA THR J 306 -50.87 41.42 -33.23
C THR J 306 -51.63 40.58 -34.27
N HIS J 307 -51.59 39.27 -34.14
CA HIS J 307 -52.50 38.36 -34.84
C HIS J 307 -52.23 38.28 -36.35
N SER J 308 -51.38 39.16 -36.86
CA SER J 308 -51.10 39.20 -38.30
C SER J 308 -49.70 38.76 -38.64
N CYS J 309 -48.69 39.24 -37.90
CA CYS J 309 -47.34 38.74 -38.08
C CYS J 309 -47.29 37.23 -37.89
N LEU J 310 -48.09 36.70 -36.96
CA LEU J 310 -48.18 35.26 -36.79
C LEU J 310 -48.67 34.61 -38.07
N ARG J 311 -49.71 35.18 -38.69
CA ARG J 311 -50.14 34.69 -39.98
C ARG J 311 -49.06 34.86 -41.04
N SER J 312 -48.13 35.78 -40.81
CA SER J 312 -47.03 35.97 -41.75
C SER J 312 -45.94 34.92 -41.54
N VAL J 313 -45.47 34.79 -40.30
CA VAL J 313 -44.36 33.87 -40.04
C VAL J 313 -44.78 32.43 -40.31
N LEU J 314 -45.99 32.06 -39.91
CA LEU J 314 -46.46 30.72 -40.18
C LEU J 314 -46.61 30.47 -41.67
N GLU J 315 -46.99 31.49 -42.42
CA GLU J 315 -47.18 31.32 -43.86
C GLU J 315 -45.90 30.89 -44.54
N GLN J 316 -44.76 31.36 -44.04
CA GLN J 316 -43.48 30.95 -44.61
C GLN J 316 -43.18 29.49 -44.29
N ILE J 317 -43.30 29.11 -43.02
CA ILE J 317 -43.05 27.72 -42.64
C ILE J 317 -44.01 26.80 -43.35
N ALA J 318 -45.25 27.26 -43.57
CA ALA J 318 -46.21 26.48 -44.33
C ALA J 318 -45.66 26.15 -45.71
N ALA J 319 -45.05 27.14 -46.37
CA ALA J 319 -44.45 26.89 -47.67
C ALA J 319 -43.44 25.76 -47.60
N TYR J 320 -42.78 25.59 -46.45
CA TYR J 320 -41.86 24.47 -46.30
C TYR J 320 -42.60 23.17 -46.05
N GLY J 321 -43.73 23.22 -45.35
CA GLY J 321 -44.52 22.02 -45.16
C GLY J 321 -44.97 21.42 -46.47
N GLN J 322 -45.32 22.27 -47.43
CA GLN J 322 -45.71 21.78 -48.76
C GLN J 322 -44.59 20.96 -49.38
N VAL J 323 -43.34 21.39 -49.20
CA VAL J 323 -42.22 20.67 -49.80
C VAL J 323 -42.07 19.30 -49.15
N VAL J 324 -42.36 19.20 -47.85
CA VAL J 324 -42.19 17.93 -47.17
C VAL J 324 -43.46 17.09 -47.16
N PHE J 325 -44.62 17.72 -47.29
CA PHE J 325 -45.86 16.94 -47.37
C PHE J 325 -45.98 16.24 -48.72
N ARG J 326 -45.61 16.94 -49.80
CA ARG J 326 -45.70 16.34 -51.12
C ARG J 326 -44.73 15.17 -51.25
N LEU J 327 -43.52 15.31 -50.72
CA LEU J 327 -42.57 14.21 -50.77
C LEU J 327 -43.08 13.02 -49.99
N GLN J 328 -43.67 13.25 -48.82
CA GLN J 328 -44.24 12.16 -48.05
C GLN J 328 -45.40 11.50 -48.80
N GLU J 329 -46.17 12.28 -49.55
CA GLU J 329 -47.19 11.68 -50.41
C GLU J 329 -46.55 10.83 -51.50
N PHE J 330 -45.37 11.23 -51.99
CA PHE J 330 -44.70 10.45 -53.02
C PHE J 330 -44.20 9.12 -52.46
N ILE J 331 -43.54 9.16 -51.31
CA ILE J 331 -43.05 7.93 -50.69
C ILE J 331 -44.20 7.01 -50.34
N ASP J 332 -45.36 7.58 -50.00
CA ASP J 332 -46.52 6.76 -49.66
C ASP J 332 -47.00 5.97 -50.88
N GLU J 333 -47.02 6.61 -52.04
CA GLU J 333 -47.49 5.96 -53.27
C GLU J 333 -46.52 4.93 -53.81
N VAL J 334 -45.46 4.62 -53.07
CA VAL J 334 -44.55 3.55 -53.44
C VAL J 334 -44.59 2.39 -52.44
N MET J 335 -45.01 2.62 -51.20
CA MET J 335 -45.11 1.57 -50.19
C MET J 335 -46.54 1.05 -50.03
N GLY J 336 -47.48 1.95 -49.76
CA GLY J 336 -48.87 1.54 -49.59
C GLY J 336 -49.37 1.73 -48.17
N PRO J 357 -42.49 -3.63 -60.30
CA PRO J 357 -41.04 -3.67 -60.13
C PRO J 357 -40.32 -2.64 -61.00
N PHE J 358 -40.49 -1.36 -60.65
CA PHE J 358 -39.89 -0.29 -61.46
C PHE J 358 -38.37 -0.26 -61.30
N ARG J 359 -37.89 -0.57 -60.10
CA ARG J 359 -36.47 -0.73 -59.78
C ARG J 359 -35.67 0.57 -59.92
N THR J 360 -36.32 1.68 -60.28
CA THR J 360 -35.66 2.98 -60.29
C THR J 360 -36.31 3.98 -59.36
N TYR J 361 -37.61 4.26 -59.54
CA TYR J 361 -38.33 5.03 -58.53
C TYR J 361 -38.20 4.38 -57.17
N GLN J 362 -38.45 3.07 -57.09
CA GLN J 362 -38.28 2.35 -55.84
C GLN J 362 -36.86 2.50 -55.33
N ALA J 363 -35.87 2.53 -56.23
CA ALA J 363 -34.50 2.79 -55.80
C ALA J 363 -34.25 4.27 -55.57
N PHE J 364 -35.13 5.15 -56.06
CA PHE J 364 -34.94 6.58 -55.86
C PHE J 364 -35.47 7.03 -54.50
N MET J 365 -36.63 6.50 -54.10
CA MET J 365 -37.20 6.88 -52.82
C MET J 365 -36.31 6.45 -51.67
N TRP J 366 -35.66 5.29 -51.80
CA TRP J 366 -34.78 4.83 -50.73
C TRP J 366 -33.67 5.82 -50.45
N ALA J 367 -33.22 6.56 -51.46
CA ALA J 367 -32.31 7.66 -51.21
C ALA J 367 -33.02 8.82 -50.54
N LEU J 368 -34.21 9.18 -51.03
CA LEU J 368 -34.96 10.25 -50.40
C LEU J 368 -35.33 9.90 -48.98
N TYR J 369 -35.83 8.67 -48.79
CA TYR J 369 -36.26 8.16 -47.46
C TYR J 369 -35.08 8.21 -46.48
N LYS J 370 -33.89 7.83 -46.94
CA LYS J 370 -32.68 7.80 -46.08
C LYS J 370 -32.36 9.21 -45.59
N TYR J 371 -32.52 10.21 -46.47
CA TYR J 371 -32.24 11.63 -46.10
C TYR J 371 -33.20 12.09 -45.00
N PHE J 372 -34.47 11.70 -45.11
CA PHE J 372 -35.54 12.14 -44.15
C PHE J 372 -35.25 11.66 -42.72
N ILE J 373 -34.86 10.39 -42.55
CA ILE J 373 -34.56 9.83 -41.21
C ILE J 373 -33.53 10.72 -40.49
N SER J 374 -32.40 11.00 -41.15
CA SER J 374 -31.34 11.85 -40.54
C SER J 374 -31.88 13.26 -40.28
N PHE J 375 -32.64 13.82 -41.23
CA PHE J 375 -33.22 15.18 -41.07
C PHE J 375 -34.19 15.17 -39.89
N LYS J 376 -34.98 14.09 -39.77
CA LYS J 376 -35.98 13.93 -38.68
C LYS J 376 -35.27 13.92 -37.31
N GLU J 377 -34.10 13.29 -37.24
CA GLU J 377 -33.35 13.16 -35.96
C GLU J 377 -33.01 14.56 -35.42
N GLU J 378 -32.59 15.48 -36.28
CA GLU J 378 -32.23 16.86 -35.82
C GLU J 378 -33.49 17.53 -35.25
N LEU J 379 -34.62 17.41 -35.96
CA LEU J 379 -35.90 18.01 -35.50
C LEU J 379 -36.35 17.35 -34.19
N ALA J 380 -36.24 16.02 -34.12
CA ALA J 380 -36.66 15.25 -32.92
C ALA J 380 -35.79 15.66 -31.72
N GLU J 381 -34.48 15.82 -31.95
CA GLU J 381 -33.53 16.20 -30.87
C GLU J 381 -33.96 17.54 -30.25
N ILE J 382 -34.33 18.51 -31.09
CA ILE J 382 -34.72 19.82 -30.60
C ILE J 382 -35.86 19.71 -29.60
N GLU J 383 -36.81 18.81 -29.91
CA GLU J 383 -38.00 18.59 -29.03
C GLU J 383 -37.53 18.18 -27.63
N LYS J 384 -36.38 17.51 -27.51
CA LYS J 384 -35.84 17.13 -26.22
C LYS J 384 -35.52 18.36 -25.38
N CYS J 385 -34.81 19.32 -25.97
CA CYS J 385 -34.47 20.54 -25.25
C CYS J 385 -35.67 21.43 -24.98
N ILE J 386 -36.87 21.03 -25.38
CA ILE J 386 -38.07 21.82 -25.07
C ILE J 386 -38.70 21.36 -23.76
N ILE J 387 -38.72 20.07 -23.51
CA ILE J 387 -39.33 19.56 -22.29
C ILE J 387 -38.39 19.69 -21.10
N ASN J 388 -37.12 19.39 -21.31
CA ASN J 388 -36.15 19.43 -20.23
C ASN J 388 -35.61 20.85 -20.01
N THR J 391 -33.23 26.10 -20.49
CA THR J 391 -32.89 26.96 -21.62
C THR J 391 -34.14 27.51 -22.30
N THR J 392 -34.16 28.81 -22.56
CA THR J 392 -35.28 29.42 -23.24
C THR J 392 -35.21 29.14 -24.74
N ILE J 393 -36.37 28.98 -25.35
CA ILE J 393 -36.50 28.69 -26.77
C ILE J 393 -37.74 29.40 -27.29
N THR J 394 -37.60 30.14 -28.38
CA THR J 394 -38.72 30.84 -28.99
C THR J 394 -38.64 30.70 -30.49
N LEU J 395 -39.49 31.43 -31.20
CA LEU J 395 -39.61 31.26 -32.65
C LEU J 395 -38.33 31.62 -33.38
N ALA J 396 -37.86 32.86 -33.21
CA ALA J 396 -36.74 33.35 -33.99
C ALA J 396 -35.46 32.56 -33.77
N ILE J 397 -35.42 31.64 -32.80
CA ILE J 397 -34.24 30.85 -32.53
C ILE J 397 -34.27 29.52 -33.26
N VAL J 398 -35.43 28.85 -33.27
CA VAL J 398 -35.52 27.55 -33.93
C VAL J 398 -35.39 27.70 -35.43
N VAL J 399 -35.83 28.83 -35.99
CA VAL J 399 -35.71 29.04 -37.43
C VAL J 399 -34.25 29.19 -37.81
N ASP J 400 -33.54 30.12 -37.18
CA ASP J 400 -32.13 30.32 -37.51
C ASP J 400 -31.30 29.08 -37.20
N LYS J 401 -31.73 28.28 -36.22
CA LYS J 401 -31.03 27.04 -35.97
C LYS J 401 -31.22 26.05 -37.13
N LEU J 402 -32.31 26.18 -37.87
CA LEU J 402 -32.64 25.28 -38.97
C LEU J 402 -32.28 25.87 -40.33
N ALA J 403 -31.40 26.86 -40.37
CA ALA J 403 -31.03 27.46 -41.66
C ALA J 403 -30.39 26.45 -42.59
N PRO J 404 -29.35 25.70 -42.21
CA PRO J 404 -28.73 24.78 -43.17
C PRO J 404 -29.59 23.59 -43.54
N ARG J 405 -30.83 23.51 -43.04
CA ARG J 405 -31.78 22.49 -43.47
C ARG J 405 -32.84 23.08 -44.39
N LEU J 406 -33.45 24.19 -44.00
CA LEU J 406 -34.40 24.86 -44.88
C LEU J 406 -33.75 25.34 -46.17
N SER J 407 -32.41 25.39 -46.21
CA SER J 407 -31.73 25.63 -47.47
C SER J 407 -31.67 24.36 -48.31
N GLN J 408 -31.18 23.27 -47.72
CA GLN J 408 -31.11 22.01 -48.46
C GLN J 408 -32.48 21.54 -48.91
N LEU J 409 -33.53 21.91 -48.19
CA LEU J 409 -34.87 21.46 -48.55
C LEU J 409 -35.37 22.17 -49.80
N LYS J 410 -35.04 23.45 -49.96
CA LYS J 410 -35.52 24.20 -51.13
C LYS J 410 -35.01 23.59 -52.43
N VAL J 411 -33.79 23.02 -52.41
CA VAL J 411 -33.26 22.38 -53.61
C VAL J 411 -34.16 21.24 -54.04
N LEU J 412 -34.61 20.41 -53.09
CA LEU J 412 -35.43 19.25 -53.45
C LEU J 412 -36.75 19.66 -54.07
N HIS J 413 -37.28 20.82 -53.70
CA HIS J 413 -38.52 21.27 -54.32
C HIS J 413 -38.34 21.56 -55.80
N LYS J 414 -37.12 21.83 -56.25
CA LYS J 414 -36.84 22.05 -57.66
C LYS J 414 -36.30 20.80 -58.35
N VAL J 415 -35.54 19.98 -57.65
CA VAL J 415 -35.06 18.73 -58.25
C VAL J 415 -36.23 17.76 -58.45
N PHE J 416 -37.09 17.63 -57.44
CA PHE J 416 -38.22 16.73 -57.54
C PHE J 416 -39.33 17.26 -58.45
N SER J 417 -39.43 18.58 -58.62
CA SER J 417 -40.44 19.14 -59.51
C SER J 417 -40.29 18.62 -60.93
N THR J 418 -39.06 18.31 -61.33
CA THR J 418 -38.82 17.74 -62.65
C THR J 418 -38.96 16.23 -62.67
N GLY J 419 -39.01 15.60 -61.50
CA GLY J 419 -39.32 14.18 -61.40
C GLY J 419 -40.77 13.87 -61.14
N VAL J 420 -41.65 14.87 -61.18
CA VAL J 420 -43.08 14.67 -60.98
C VAL J 420 -43.91 15.19 -62.14
N ALA J 421 -43.44 16.17 -62.89
CA ALA J 421 -44.20 16.74 -63.99
C ALA J 421 -44.17 15.87 -65.24
N GLU J 422 -43.75 14.61 -65.11
CA GLU J 422 -43.67 13.66 -66.23
C GLU J 422 -42.75 14.19 -67.32
N THR J 427 -45.19 8.96 -70.36
CA THR J 427 -46.01 8.03 -69.59
C THR J 427 -45.37 6.64 -69.60
N ARG J 428 -44.65 6.34 -70.67
CA ARG J 428 -43.93 5.07 -70.75
C ARG J 428 -42.90 4.98 -69.62
N ASN J 429 -42.60 3.75 -69.20
CA ASN J 429 -41.71 3.56 -68.07
C ASN J 429 -40.26 3.87 -68.41
N VAL J 430 -39.91 4.01 -69.70
CA VAL J 430 -38.54 4.27 -70.07
C VAL J 430 -38.24 5.76 -70.18
N VAL J 431 -39.26 6.59 -70.38
CA VAL J 431 -39.03 8.03 -70.44
C VAL J 431 -39.18 8.67 -69.06
N ARG J 432 -39.96 8.07 -68.17
CA ARG J 432 -40.08 8.61 -66.81
C ARG J 432 -38.83 8.35 -66.00
N ALA J 433 -38.09 7.31 -66.33
CA ALA J 433 -36.88 6.97 -65.59
C ALA J 433 -35.62 7.57 -66.23
N SER J 434 -35.61 7.70 -67.54
CA SER J 434 -34.48 8.36 -68.19
C SER J 434 -34.48 9.85 -67.89
N HIS J 435 -35.62 10.51 -68.07
CA HIS J 435 -35.68 11.95 -67.86
C HIS J 435 -35.44 12.33 -66.41
N LEU J 436 -35.76 11.44 -65.46
CA LEU J 436 -35.45 11.71 -64.07
C LEU J 436 -33.95 11.61 -63.83
N LEU J 437 -33.35 10.47 -64.19
CA LEU J 437 -31.94 10.25 -63.91
C LEU J 437 -31.05 11.25 -64.63
N ASN J 438 -31.52 11.79 -65.75
CA ASN J 438 -30.72 12.77 -66.47
C ASN J 438 -30.84 14.16 -65.85
N THR J 439 -31.95 14.43 -65.13
CA THR J 439 -32.11 15.74 -64.50
C THR J 439 -31.10 15.95 -63.39
N LEU J 440 -30.76 14.89 -62.65
CA LEU J 440 -29.77 15.02 -61.58
C LEU J 440 -28.40 15.38 -62.12
N TYR J 441 -27.90 14.59 -63.08
CA TYR J 441 -26.58 14.86 -63.64
C TYR J 441 -26.50 16.24 -64.29
N LYS J 442 -27.64 16.77 -64.71
CA LYS J 442 -27.64 18.16 -65.19
C LYS J 442 -27.66 19.13 -64.03
N ALA J 443 -28.46 18.85 -62.99
CA ALA J 443 -28.58 19.77 -61.87
C ALA J 443 -27.32 19.81 -61.01
N ILE J 444 -26.47 18.79 -61.10
CA ILE J 444 -25.24 18.83 -60.32
C ILE J 444 -24.21 19.71 -61.00
N LEU J 445 -24.08 19.61 -62.32
CA LEU J 445 -23.14 20.47 -63.03
C LEU J 445 -23.49 21.95 -62.87
N GLU J 446 -24.73 22.26 -62.52
CA GLU J 446 -25.08 23.65 -62.21
C GLU J 446 -24.47 24.09 -60.89
N TYR J 447 -24.26 23.15 -59.96
CA TYR J 447 -23.76 23.46 -58.63
C TYR J 447 -22.29 23.10 -58.45
N ASP J 448 -21.48 23.26 -59.49
CA ASP J 448 -20.08 22.89 -59.40
C ASP J 448 -19.19 24.14 -59.48
N GLU J 455 -18.91 23.69 -48.94
CA GLU J 455 -19.85 22.96 -49.79
C GLU J 455 -20.62 21.92 -49.00
N GLN J 456 -21.95 22.00 -49.08
CA GLN J 456 -22.77 20.95 -48.49
C GLN J 456 -23.89 20.55 -49.45
N THR J 457 -24.32 21.47 -50.30
CA THR J 457 -25.38 21.17 -51.24
C THR J 457 -24.94 20.16 -52.29
N VAL J 458 -23.66 20.18 -52.66
CA VAL J 458 -23.18 19.20 -53.63
C VAL J 458 -23.07 17.82 -53.01
N SER J 459 -22.73 17.75 -51.72
CA SER J 459 -22.64 16.45 -51.06
C SER J 459 -24.00 15.77 -50.99
N LEU J 460 -25.08 16.56 -50.91
CA LEU J 460 -26.42 15.99 -50.87
C LEU J 460 -26.79 15.40 -52.23
N LEU J 461 -26.68 16.20 -53.29
CA LEU J 461 -27.08 15.73 -54.62
C LEU J 461 -26.25 14.53 -55.05
N PHE J 462 -24.96 14.52 -54.72
CA PHE J 462 -24.12 13.39 -55.08
C PHE J 462 -24.55 12.13 -54.34
N SER J 463 -24.70 12.23 -53.01
CA SER J 463 -25.21 11.11 -52.25
C SER J 463 -26.62 10.73 -52.65
N LEU J 464 -27.36 11.66 -53.26
CA LEU J 464 -28.67 11.33 -53.81
C LEU J 464 -28.56 10.71 -55.19
N TRP J 465 -27.47 10.98 -55.90
CA TRP J 465 -27.28 10.45 -57.25
C TRP J 465 -26.94 8.97 -57.24
N VAL J 466 -25.91 8.59 -56.48
CA VAL J 466 -25.41 7.22 -56.51
C VAL J 466 -26.52 6.23 -56.19
N GLU J 467 -27.36 6.55 -55.21
CA GLU J 467 -28.42 5.65 -54.80
C GLU J 467 -29.59 5.62 -55.79
N THR J 468 -29.49 6.35 -56.91
CA THR J 468 -30.51 6.32 -57.95
C THR J 468 -30.00 5.78 -59.27
N VAL J 469 -28.68 5.79 -59.48
CA VAL J 469 -28.10 5.15 -60.65
C VAL J 469 -27.68 3.73 -60.36
N ARG J 470 -27.89 3.26 -59.13
CA ARG J 470 -27.58 1.88 -58.78
C ARG J 470 -28.29 0.85 -59.66
N PRO J 471 -29.54 1.04 -60.10
CA PRO J 471 -30.13 0.04 -61.00
C PRO J 471 -29.36 -0.14 -62.31
N TYR J 472 -29.10 0.95 -63.03
CA TYR J 472 -28.42 0.82 -64.32
C TYR J 472 -27.04 0.20 -64.18
N LEU J 473 -26.25 0.69 -63.23
CA LEU J 473 -24.92 0.13 -63.04
C LEU J 473 -24.96 -1.37 -62.72
N GLN J 474 -26.09 -1.86 -62.21
CA GLN J 474 -26.21 -3.29 -61.96
C GLN J 474 -26.46 -4.05 -63.25
N THR J 475 -27.50 -3.67 -64.00
CA THR J 475 -27.82 -4.39 -65.23
C THR J 475 -26.70 -4.27 -66.24
N VAL J 476 -26.04 -3.10 -66.31
CA VAL J 476 -24.92 -2.94 -67.22
C VAL J 476 -23.83 -3.95 -66.91
N ASP J 477 -23.44 -4.05 -65.64
CA ASP J 477 -22.49 -5.09 -65.24
C ASP J 477 -23.07 -6.48 -65.50
N GLU J 478 -24.32 -6.69 -65.10
CA GLU J 478 -24.94 -8.01 -65.28
C GLU J 478 -24.98 -8.40 -66.75
N TRP J 479 -25.25 -7.45 -67.63
CA TRP J 479 -25.20 -7.74 -69.06
C TRP J 479 -23.79 -8.11 -69.50
N ILE J 480 -22.77 -7.49 -68.92
CA ILE J 480 -21.40 -7.73 -69.36
C ILE J 480 -20.93 -9.12 -68.96
N VAL J 481 -20.93 -9.41 -67.65
CA VAL J 481 -20.31 -10.64 -67.18
C VAL J 481 -21.22 -11.83 -67.40
N HIS J 482 -22.53 -11.67 -67.22
CA HIS J 482 -23.46 -12.77 -67.40
C HIS J 482 -24.02 -12.87 -68.81
N GLY J 483 -23.54 -12.02 -69.73
CA GLY J 483 -23.81 -12.18 -71.14
C GLY J 483 -25.25 -12.05 -71.58
N HIS J 484 -26.15 -11.63 -70.69
CA HIS J 484 -27.54 -11.44 -71.08
C HIS J 484 -28.10 -10.22 -70.38
N LEU J 485 -29.03 -9.55 -71.05
CA LEU J 485 -29.68 -8.35 -70.53
C LEU J 485 -30.94 -8.76 -69.78
N TRP J 486 -30.95 -8.56 -68.47
CA TRP J 486 -32.05 -8.98 -67.60
C TRP J 486 -32.76 -7.72 -67.11
N ASP J 487 -33.74 -7.27 -67.88
CA ASP J 487 -34.48 -6.05 -67.59
C ASP J 487 -35.89 -6.39 -67.14
N GLY J 488 -36.49 -5.45 -66.42
CA GLY J 488 -37.87 -5.58 -65.99
C GLY J 488 -38.71 -4.41 -66.46
N ALA J 489 -39.88 -4.72 -67.04
CA ALA J 489 -40.78 -3.71 -67.60
C ALA J 489 -40.10 -2.88 -68.68
N ARG J 490 -39.08 -3.43 -69.32
CA ARG J 490 -38.29 -2.73 -70.34
C ARG J 490 -37.78 -1.39 -69.80
N GLU J 491 -37.26 -1.42 -68.58
CA GLU J 491 -36.79 -0.19 -67.94
C GLU J 491 -35.58 0.40 -68.67
N PHE J 492 -34.65 -0.45 -69.07
CA PHE J 492 -33.47 0.00 -69.78
C PHE J 492 -33.85 0.67 -71.10
N ILE J 493 -32.95 1.52 -71.59
CA ILE J 493 -33.21 2.26 -72.82
C ILE J 493 -33.17 1.36 -74.05
N ILE J 494 -32.51 0.21 -73.97
CA ILE J 494 -32.35 -0.69 -75.11
C ILE J 494 -33.54 -1.65 -75.08
N GLN J 495 -34.64 -1.23 -75.71
CA GLN J 495 -35.87 -2.03 -75.74
C GLN J 495 -35.69 -3.14 -76.78
N ARG J 496 -35.19 -4.28 -76.31
CA ARG J 496 -34.96 -5.43 -77.19
C ARG J 496 -36.27 -6.18 -77.47
N THR J 547 -34.51 10.43 -75.41
CA THR J 547 -34.76 9.01 -75.18
C THR J 547 -33.49 8.30 -74.73
N MET J 548 -32.47 9.08 -74.40
CA MET J 548 -31.20 8.54 -73.95
C MET J 548 -30.58 9.48 -72.95
N VAL J 549 -30.03 8.93 -71.88
CA VAL J 549 -29.35 9.72 -70.86
C VAL J 549 -27.90 9.93 -71.28
N SER J 550 -27.47 11.19 -71.35
CA SER J 550 -26.11 11.49 -71.74
C SER J 550 -25.10 11.19 -70.65
N PHE J 551 -25.55 10.71 -69.49
CA PHE J 551 -24.64 10.31 -68.44
C PHE J 551 -23.56 9.37 -68.95
N LEU J 552 -23.96 8.30 -69.62
CA LEU J 552 -23.03 7.27 -70.06
C LEU J 552 -22.81 7.30 -71.57
N LYS J 553 -23.28 8.36 -72.24
CA LYS J 553 -23.10 8.45 -73.69
C LYS J 553 -21.64 8.40 -74.13
N PRO J 554 -20.69 9.08 -73.49
CA PRO J 554 -19.31 9.08 -74.02
C PRO J 554 -18.66 7.71 -74.07
N VAL J 555 -19.28 6.67 -73.52
CA VAL J 555 -18.74 5.32 -73.56
C VAL J 555 -19.77 4.29 -74.00
N LEU J 556 -20.99 4.71 -74.34
CA LEU J 556 -22.06 3.77 -74.64
C LEU J 556 -21.66 2.78 -75.74
N LYS J 557 -20.93 3.25 -76.75
CA LYS J 557 -20.56 2.38 -77.85
C LYS J 557 -19.74 1.19 -77.37
N GLN J 558 -18.89 1.40 -76.36
CA GLN J 558 -18.08 0.31 -75.83
C GLN J 558 -18.90 -0.67 -75.01
N ILE J 559 -20.15 -0.34 -74.68
CA ILE J 559 -21.00 -1.24 -73.91
C ILE J 559 -21.70 -2.21 -74.85
N ILE J 560 -22.47 -1.66 -75.79
CA ILE J 560 -23.22 -2.49 -76.73
C ILE J 560 -22.27 -3.45 -77.45
N MET J 561 -21.14 -2.93 -77.92
CA MET J 561 -20.15 -3.75 -78.61
C MET J 561 -19.53 -4.80 -77.70
N ALA J 562 -19.71 -4.68 -76.39
CA ALA J 562 -19.30 -5.71 -75.44
C ALA J 562 -20.45 -6.62 -75.03
N GLY J 563 -21.65 -6.07 -74.91
CA GLY J 563 -22.81 -6.87 -74.57
C GLY J 563 -23.12 -7.90 -75.62
N LYS J 564 -23.38 -7.45 -76.84
CA LYS J 564 -23.73 -8.38 -77.92
C LYS J 564 -22.59 -9.36 -78.18
N SER J 565 -21.35 -8.88 -78.14
CA SER J 565 -20.22 -9.77 -78.37
C SER J 565 -20.13 -10.84 -77.29
N MET J 566 -20.58 -10.54 -76.08
CA MET J 566 -20.54 -11.54 -75.03
C MET J 566 -21.60 -12.61 -75.25
N GLN J 567 -22.77 -12.23 -75.75
CA GLN J 567 -23.83 -13.20 -75.95
C GLN J 567 -23.45 -14.28 -76.95
N LEU J 568 -22.64 -13.92 -77.95
CA LEU J 568 -22.18 -14.89 -78.94
C LEU J 568 -21.05 -15.77 -78.41
N LEU J 569 -20.62 -15.57 -77.17
CA LEU J 569 -19.57 -16.40 -76.59
C LEU J 569 -20.13 -17.57 -75.81
N LYS J 570 -21.20 -17.34 -75.04
CA LYS J 570 -21.77 -18.42 -74.24
C LYS J 570 -22.36 -19.52 -75.11
N ASN J 571 -22.80 -19.18 -76.33
CA ASN J 571 -23.30 -20.19 -77.24
C ASN J 571 -22.18 -21.02 -77.88
N LEU J 572 -20.93 -20.67 -77.62
CA LEU J 572 -19.81 -21.37 -78.22
C LEU J 572 -18.97 -22.05 -77.14
N GLU J 637 -20.22 -6.55 -60.09
CA GLU J 637 -19.85 -5.79 -58.91
C GLU J 637 -19.38 -4.40 -59.29
N LEU J 638 -20.01 -3.82 -60.31
CA LEU J 638 -19.56 -2.53 -60.82
C LEU J 638 -19.85 -1.41 -59.83
N ASP J 639 -21.08 -1.36 -59.30
CA ASP J 639 -21.41 -0.36 -58.30
C ASP J 639 -20.49 -0.44 -57.09
N ASP J 640 -20.08 -1.66 -56.72
CA ASP J 640 -19.11 -1.86 -55.66
C ASP J 640 -17.68 -1.57 -56.09
N VAL J 641 -17.49 -1.01 -57.28
CA VAL J 641 -16.21 -0.49 -57.71
C VAL J 641 -16.24 1.04 -57.81
N HIS J 642 -17.36 1.60 -58.26
CA HIS J 642 -17.48 3.05 -58.33
C HIS J 642 -17.42 3.67 -56.94
N ASP J 643 -18.08 3.06 -55.95
CA ASP J 643 -18.07 3.61 -54.60
C ASP J 643 -16.68 3.64 -53.99
N PRO J 644 -15.86 2.58 -54.06
CA PRO J 644 -14.49 2.69 -53.55
C PRO J 644 -13.67 3.75 -54.26
N LEU J 645 -13.98 4.06 -55.51
CA LEU J 645 -13.27 5.13 -56.20
C LEU J 645 -13.45 6.46 -55.49
N LEU J 646 -14.59 6.67 -54.84
CA LEU J 646 -14.82 7.89 -54.07
C LEU J 646 -13.88 8.00 -52.88
N ALA J 647 -13.35 6.88 -52.39
CA ALA J 647 -12.51 6.91 -51.19
C ALA J 647 -11.12 7.46 -51.51
N ILE J 648 -10.47 6.92 -52.54
CA ILE J 648 -9.13 7.36 -52.90
C ILE J 648 -9.18 8.76 -53.50
N THR J 682 -13.74 19.81 -60.44
CA THR J 682 -13.09 18.51 -60.39
C THR J 682 -14.05 17.46 -59.86
N PHE J 683 -15.35 17.75 -59.91
CA PHE J 683 -16.36 16.84 -59.38
C PHE J 683 -17.34 16.49 -60.48
N GLU J 684 -17.56 15.19 -60.69
CA GLU J 684 -18.58 14.62 -61.55
C GLU J 684 -18.34 14.86 -63.03
N LEU J 685 -17.32 15.62 -63.40
CA LEU J 685 -16.94 15.77 -64.80
C LEU J 685 -15.58 15.15 -65.07
N THR J 686 -14.57 15.57 -64.32
CA THR J 686 -13.29 14.85 -64.33
C THR J 686 -13.33 13.65 -63.40
N LEU J 687 -14.04 13.77 -62.27
CA LEU J 687 -14.18 12.64 -61.36
C LEU J 687 -14.90 11.48 -62.05
N ARG J 688 -15.95 11.78 -62.79
CA ARG J 688 -16.66 10.74 -63.53
C ARG J 688 -15.78 10.12 -64.60
N SER J 689 -14.78 10.87 -65.09
CA SER J 689 -13.87 10.35 -66.10
C SER J 689 -12.90 9.30 -65.55
N CYS J 690 -13.00 8.96 -64.26
CA CYS J 690 -12.24 7.85 -63.71
C CYS J 690 -13.07 6.61 -63.49
N LEU J 691 -14.40 6.68 -63.70
CA LEU J 691 -15.23 5.49 -63.64
C LEU J 691 -15.01 4.60 -64.85
N TYR J 692 -14.90 5.18 -66.04
CA TYR J 692 -14.81 4.40 -67.26
C TYR J 692 -13.66 3.40 -67.29
N PRO J 693 -12.48 3.67 -66.71
CA PRO J 693 -11.44 2.62 -66.67
C PRO J 693 -11.93 1.31 -66.08
N HIS J 694 -12.95 1.32 -65.23
CA HIS J 694 -13.53 0.08 -64.76
C HIS J 694 -14.40 -0.57 -65.83
N ILE J 695 -15.09 0.25 -66.64
CA ILE J 695 -15.97 -0.29 -67.67
C ILE J 695 -15.26 -0.50 -68.99
N ASP J 696 -14.05 0.00 -69.15
CA ASP J 696 -13.36 -0.11 -70.44
C ASP J 696 -12.40 -1.29 -70.46
N LYS J 697 -11.62 -1.46 -69.38
CA LYS J 697 -10.73 -2.62 -69.31
C LYS J 697 -11.53 -3.92 -69.31
N GLN J 698 -12.65 -3.93 -68.59
CA GLN J 698 -13.54 -5.09 -68.65
C GLN J 698 -14.00 -5.36 -70.07
N TYR J 699 -14.36 -4.31 -70.80
CA TYR J 699 -14.74 -4.48 -72.21
C TYR J 699 -13.59 -5.03 -73.03
N LEU J 700 -12.38 -4.49 -72.84
CA LEU J 700 -11.23 -4.89 -73.65
C LEU J 700 -10.98 -6.39 -73.54
N ASP J 701 -11.21 -6.97 -72.36
CA ASP J 701 -11.04 -8.42 -72.22
C ASP J 701 -12.09 -9.16 -73.02
N CYS J 702 -13.35 -8.71 -72.98
CA CYS J 702 -14.43 -9.44 -73.63
C CYS J 702 -14.26 -9.46 -75.15
N CYS J 703 -14.06 -8.28 -75.76
CA CYS J 703 -13.84 -8.24 -77.20
C CYS J 703 -12.54 -8.96 -77.56
N GLY J 704 -11.50 -8.77 -76.76
CA GLY J 704 -10.27 -9.51 -76.97
C GLY J 704 -10.41 -11.00 -76.75
N ASN J 705 -11.43 -11.43 -76.00
CA ASN J 705 -11.68 -12.85 -75.79
C ASN J 705 -12.34 -13.48 -77.02
N LEU J 706 -13.33 -12.80 -77.59
CA LEU J 706 -14.03 -13.35 -78.74
C LEU J 706 -13.10 -13.52 -79.94
N MET J 707 -12.34 -12.48 -80.27
CA MET J 707 -11.38 -12.59 -81.35
C MET J 707 -10.35 -13.68 -81.06
N GLN J 708 -9.94 -13.80 -79.81
CA GLN J 708 -8.98 -14.83 -79.43
C GLN J 708 -9.50 -16.22 -79.77
N THR J 709 -10.71 -16.54 -79.30
CA THR J 709 -11.28 -17.85 -79.58
C THR J 709 -11.82 -17.97 -81.00
N LEU J 710 -11.61 -16.95 -81.85
CA LEU J 710 -12.09 -17.01 -83.21
C LEU J 710 -10.97 -17.25 -84.22
N LYS J 711 -9.72 -17.24 -83.79
CA LYS J 711 -8.63 -17.59 -84.69
C LYS J 711 -8.65 -19.08 -85.00
N LYS J 712 -8.75 -19.91 -83.97
CA LYS J 712 -9.15 -21.30 -84.08
C LYS J 712 -10.61 -21.41 -83.67
N ASP J 713 -11.10 -22.65 -83.56
CA ASP J 713 -12.37 -22.90 -82.88
C ASP J 713 -13.51 -22.13 -83.54
N TYR J 714 -16.92 -17.88 -82.50
CA TYR J 714 -17.68 -17.22 -83.57
C TYR J 714 -16.75 -16.22 -84.26
N ARG J 715 -15.55 -16.70 -84.59
CA ARG J 715 -14.48 -15.88 -85.24
C ARG J 715 -15.02 -15.16 -86.48
N LEU J 716 -15.60 -13.97 -86.27
CA LEU J 716 -16.14 -13.14 -87.39
C LEU J 716 -14.98 -12.68 -88.29
N VAL J 717 -13.87 -12.27 -87.67
CA VAL J 717 -12.68 -11.75 -88.41
C VAL J 717 -12.10 -12.84 -89.31
N GLU J 718 -11.99 -14.08 -88.82
CA GLU J 718 -11.42 -15.19 -89.61
C GLU J 718 -12.28 -15.43 -90.84
N TYR J 719 -13.62 -15.40 -90.67
CA TYR J 719 -14.57 -15.62 -91.78
C TYR J 719 -14.41 -14.52 -92.83
N LEU J 720 -14.21 -13.27 -92.38
CA LEU J 720 -14.07 -12.11 -93.28
C LEU J 720 -12.83 -12.27 -94.18
N GLN J 721 -11.72 -12.74 -93.62
CA GLN J 721 -10.47 -12.90 -94.41
C GLN J 721 -10.71 -13.91 -95.55
N ALA J 722 -11.39 -15.01 -95.26
CA ALA J 722 -11.68 -16.05 -96.27
C ALA J 722 -12.57 -15.48 -97.37
N MET J 723 -13.56 -14.67 -96.98
CA MET J 723 -14.54 -14.05 -97.91
C MET J 723 -13.81 -13.41 -99.10
N ARG J 724 -12.98 -12.39 -98.85
CA ARG J 724 -12.29 -11.69 -99.92
C ARG J 724 -11.15 -12.51 -100.51
N ASN J 725 -10.99 -13.76 -100.08
CA ASN J 725 -9.95 -14.64 -100.62
C ASN J 725 -10.50 -15.64 -101.63
N PHE J 726 -11.62 -16.29 -101.33
CA PHE J 726 -12.22 -17.23 -102.27
C PHE J 726 -12.69 -16.57 -103.55
N PHE J 727 -12.59 -15.25 -103.65
CA PHE J 727 -12.55 -14.57 -104.93
C PHE J 727 -11.60 -13.37 -104.79
N LEU J 728 -11.57 -12.53 -105.82
CA LEU J 728 -10.54 -11.49 -105.97
C LEU J 728 -9.15 -12.10 -106.10
N ASP J 733 -3.22 -20.35 -107.85
CA ASP J 733 -4.13 -20.27 -106.72
C ASP J 733 -5.28 -21.25 -106.90
N THR J 734 -6.45 -20.88 -106.36
CA THR J 734 -7.63 -21.72 -106.41
C THR J 734 -8.58 -21.30 -107.53
N MET J 735 -9.00 -20.04 -107.54
CA MET J 735 -9.96 -19.58 -108.53
C MET J 735 -9.39 -19.53 -109.94
N TYR J 736 -8.12 -19.86 -110.13
CA TYR J 736 -7.58 -19.94 -111.49
C TYR J 736 -8.11 -21.18 -112.21
N ASP J 737 -8.02 -22.34 -111.56
CA ASP J 737 -8.52 -23.56 -112.18
C ASP J 737 -10.03 -23.51 -112.39
N PHE J 738 -10.74 -22.79 -111.52
CA PHE J 738 -12.19 -22.75 -111.62
C PHE J 738 -12.64 -22.09 -112.93
N TYR J 739 -12.10 -20.91 -113.23
CA TYR J 739 -12.54 -20.20 -114.42
C TYR J 739 -12.07 -20.88 -115.70
N THR J 740 -10.86 -21.45 -115.69
CA THR J 740 -10.34 -22.08 -116.90
C THR J 740 -11.24 -23.19 -117.39
N SER J 741 -11.91 -23.91 -116.49
CA SER J 741 -12.88 -24.91 -116.92
C SER J 741 -14.07 -24.27 -117.62
N ILE J 742 -14.44 -23.06 -117.23
CA ILE J 742 -15.58 -22.39 -117.85
C ILE J 742 -15.26 -21.90 -119.24
N PHE J 743 -13.98 -21.67 -119.54
CA PHE J 743 -13.59 -21.20 -120.87
C PHE J 743 -14.00 -22.21 -121.94
N ASP J 744 -13.63 -23.46 -121.77
CA ASP J 744 -13.94 -24.50 -122.75
C ASP J 744 -15.39 -24.95 -122.62
N GLN J 753 -24.21 -22.21 -119.61
CA GLN J 753 -23.94 -23.62 -119.36
C GLN J 753 -24.92 -24.19 -118.34
N ASN J 754 -24.50 -25.24 -117.64
CA ASN J 754 -25.35 -25.92 -116.68
C ASN J 754 -25.13 -25.36 -115.28
N VAL J 755 -26.19 -25.40 -114.46
CA VAL J 755 -26.14 -24.83 -113.13
C VAL J 755 -25.62 -25.81 -112.08
N SER J 756 -25.75 -27.12 -112.31
CA SER J 756 -25.20 -28.10 -111.40
C SER J 756 -23.78 -28.50 -111.79
N PHE J 757 -23.44 -28.42 -113.08
CA PHE J 757 -22.09 -28.68 -113.53
C PHE J 757 -21.08 -27.81 -112.79
N LEU J 758 -21.42 -26.53 -112.60
CA LEU J 758 -20.48 -25.61 -111.96
C LEU J 758 -20.21 -25.98 -110.51
N ASN J 759 -21.24 -26.46 -109.79
CA ASN J 759 -21.10 -26.68 -108.36
C ASN J 759 -20.02 -27.71 -108.06
N VAL J 760 -20.05 -28.85 -108.75
CA VAL J 760 -19.01 -29.85 -108.54
C VAL J 760 -17.65 -29.29 -108.96
N GLN J 761 -17.63 -28.43 -109.97
CA GLN J 761 -16.39 -27.78 -110.36
C GLN J 761 -15.90 -26.85 -109.25
N LEU J 762 -16.82 -26.04 -108.70
CA LEU J 762 -16.44 -25.13 -107.63
C LEU J 762 -15.99 -25.88 -106.39
N GLN J 763 -16.74 -26.91 -106.01
CA GLN J 763 -16.39 -27.70 -104.83
C GLN J 763 -15.12 -28.50 -105.02
N GLU J 764 -14.60 -28.59 -106.24
CA GLU J 764 -13.39 -29.36 -106.51
C GLU J 764 -12.18 -28.73 -105.86
N LEU J 796 -23.58 -13.32 -121.03
CA LEU J 796 -22.14 -13.24 -120.77
C LEU J 796 -21.86 -12.77 -119.35
N ASP J 797 -22.80 -12.06 -118.76
CA ASP J 797 -22.65 -11.47 -117.43
C ASP J 797 -23.71 -12.07 -116.50
N GLY J 798 -23.36 -13.20 -115.88
CA GLY J 798 -24.22 -13.82 -114.90
C GLY J 798 -23.44 -14.34 -113.70
N LEU J 799 -23.65 -15.61 -113.36
CA LEU J 799 -22.88 -16.30 -112.32
C LEU J 799 -22.97 -15.56 -110.98
N THR J 800 -24.20 -15.46 -110.46
CA THR J 800 -24.40 -14.86 -109.15
C THR J 800 -23.89 -15.81 -108.07
N LEU J 801 -22.96 -15.33 -107.24
CA LEU J 801 -22.34 -16.13 -106.20
C LEU J 801 -22.80 -15.63 -104.84
N SER J 802 -23.00 -16.57 -103.90
CA SER J 802 -23.42 -16.23 -102.56
C SER J 802 -22.61 -17.05 -101.56
N TYR J 803 -22.94 -16.91 -100.28
CA TYR J 803 -22.22 -17.65 -99.21
C TYR J 803 -23.12 -17.79 -97.99
N LYS J 804 -22.70 -18.61 -97.01
CA LYS J 804 -23.48 -18.82 -95.75
C LYS J 804 -22.72 -18.18 -94.60
N VAL J 805 -23.40 -17.30 -93.85
CA VAL J 805 -22.75 -16.59 -92.69
C VAL J 805 -23.56 -16.88 -91.42
N PRO J 806 -22.90 -17.25 -90.29
CA PRO J 806 -23.61 -17.53 -89.04
C PRO J 806 -24.14 -16.22 -88.43
N TRP J 807 -25.20 -16.31 -87.61
CA TRP J 807 -25.82 -15.12 -87.02
C TRP J 807 -24.82 -14.18 -86.35
N PRO J 808 -23.82 -14.66 -85.59
CA PRO J 808 -22.91 -13.73 -84.92
C PRO J 808 -22.18 -12.79 -85.89
N VAL J 809 -22.05 -13.16 -87.16
CA VAL J 809 -21.43 -12.29 -88.16
C VAL J 809 -22.44 -11.83 -89.20
N ASP J 810 -23.69 -12.31 -89.14
CA ASP J 810 -24.71 -11.88 -90.09
C ASP J 810 -24.89 -10.36 -90.07
N ILE J 811 -24.78 -9.75 -88.89
CA ILE J 811 -25.01 -8.31 -88.79
C ILE J 811 -23.91 -7.54 -89.50
N VAL J 812 -22.72 -8.11 -89.62
CA VAL J 812 -21.63 -7.43 -90.30
C VAL J 812 -21.74 -7.59 -91.81
N ILE J 813 -21.73 -8.84 -92.29
CA ILE J 813 -21.84 -9.13 -93.71
C ILE J 813 -23.33 -9.24 -94.02
N SER J 814 -23.95 -8.11 -94.30
CA SER J 814 -25.40 -8.05 -94.51
C SER J 814 -25.77 -8.68 -95.85
N LEU J 815 -27.06 -8.65 -96.15
CA LEU J 815 -27.53 -9.21 -97.41
C LEU J 815 -27.20 -8.30 -98.59
N GLU J 816 -27.44 -7.00 -98.44
CA GLU J 816 -27.04 -6.07 -99.48
C GLU J 816 -25.52 -5.92 -99.58
N CYS J 817 -24.78 -6.58 -98.69
CA CYS J 817 -23.32 -6.61 -98.79
C CYS J 817 -22.85 -7.71 -99.72
N GLN J 818 -23.64 -8.78 -99.86
CA GLN J 818 -23.25 -9.87 -100.75
C GLN J 818 -23.23 -9.42 -102.20
N LYS J 819 -24.19 -8.57 -102.60
CA LYS J 819 -24.30 -8.17 -103.99
C LYS J 819 -23.10 -7.34 -104.44
N ILE J 820 -22.63 -6.42 -103.58
CA ILE J 820 -21.47 -5.62 -103.93
C ILE J 820 -20.24 -6.51 -104.10
N TYR J 821 -20.03 -7.43 -103.15
CA TYR J 821 -18.95 -8.40 -103.31
C TYR J 821 -19.15 -9.23 -104.57
N ASN J 822 -20.40 -9.49 -104.94
CA ASN J 822 -20.66 -10.18 -106.18
C ASN J 822 -20.43 -9.27 -107.38
N GLN J 823 -20.73 -7.97 -107.23
CA GLN J 823 -20.56 -7.04 -108.35
C GLN J 823 -19.12 -7.02 -108.83
N VAL J 824 -18.17 -6.83 -107.91
CA VAL J 824 -16.77 -6.75 -108.30
C VAL J 824 -16.27 -8.09 -108.82
N PHE J 825 -16.86 -9.20 -108.38
CA PHE J 825 -16.41 -10.50 -108.86
C PHE J 825 -16.77 -10.70 -110.32
N LEU J 826 -17.98 -10.31 -110.72
CA LEU J 826 -18.39 -10.45 -112.11
C LEU J 826 -17.45 -9.70 -113.03
N LEU J 827 -17.23 -8.41 -112.75
CA LEU J 827 -16.38 -7.59 -113.62
C LEU J 827 -14.95 -8.13 -113.65
N LEU J 828 -14.46 -8.62 -112.52
CA LEU J 828 -13.09 -9.12 -112.47
C LEU J 828 -12.89 -10.29 -113.43
N LEU J 829 -13.87 -11.19 -113.49
CA LEU J 829 -13.73 -12.37 -114.35
C LEU J 829 -13.61 -11.97 -115.81
N GLN J 830 -14.42 -11.01 -116.26
CA GLN J 830 -14.33 -10.57 -117.65
C GLN J 830 -12.93 -10.06 -117.97
N ILE J 831 -12.21 -9.52 -116.99
CA ILE J 831 -10.83 -9.12 -117.22
C ILE J 831 -9.93 -10.34 -117.29
N LYS J 832 -10.08 -11.27 -116.35
CA LYS J 832 -9.36 -12.53 -116.43
C LYS J 832 -9.67 -13.27 -117.73
N TRP J 833 -10.91 -13.16 -118.20
CA TRP J 833 -11.29 -13.79 -119.45
C TRP J 833 -10.48 -13.25 -120.61
N ALA J 834 -10.59 -11.95 -120.87
CA ALA J 834 -9.85 -11.34 -121.98
C ALA J 834 -8.35 -11.53 -121.81
N LYS J 835 -7.86 -11.44 -120.59
CA LYS J 835 -6.44 -11.61 -120.35
C LYS J 835 -5.99 -13.02 -120.67
N TYR J 836 -6.80 -14.02 -120.31
CA TYR J 836 -6.43 -15.41 -120.60
C TYR J 836 -6.74 -15.80 -122.03
N SER J 837 -7.80 -15.25 -122.61
CA SER J 837 -8.15 -15.61 -123.98
C SER J 837 -7.06 -15.21 -124.95
N LEU J 838 -6.51 -14.01 -124.79
CA LEU J 838 -5.41 -13.55 -125.63
C LEU J 838 -4.06 -14.13 -125.21
N ASP J 839 -4.04 -15.01 -124.22
CA ASP J 839 -2.80 -15.54 -123.70
C ASP J 839 -2.61 -17.03 -123.94
N VAL J 840 -3.68 -17.81 -124.02
CA VAL J 840 -3.55 -19.25 -124.13
C VAL J 840 -2.98 -19.64 -125.48
N LEU J 841 -3.26 -18.87 -126.53
CA LEU J 841 -2.74 -19.17 -127.85
C LEU J 841 -1.26 -18.80 -127.93
N LEU J 842 -0.65 -19.11 -129.06
CA LEU J 842 0.76 -18.81 -129.27
C LEU J 842 1.01 -18.30 -130.68
N GLN J 879 1.19 -9.87 -144.87
CA GLN J 879 0.32 -9.44 -143.78
C GLN J 879 -0.01 -10.59 -142.86
N ILE J 880 0.75 -11.68 -142.99
CA ILE J 880 0.52 -12.86 -142.16
C ILE J 880 0.89 -12.57 -140.71
N HIS J 881 2.16 -12.23 -140.47
CA HIS J 881 2.60 -11.88 -139.13
C HIS J 881 2.02 -10.56 -138.65
N ARG J 882 1.41 -9.78 -139.53
CA ARG J 882 0.81 -8.51 -139.16
C ARG J 882 -0.18 -8.64 -138.02
N MET J 883 -0.78 -9.83 -137.85
CA MET J 883 -1.69 -10.04 -136.74
C MET J 883 -1.00 -9.89 -135.40
N PHE J 884 0.26 -10.32 -135.30
CA PHE J 884 0.97 -10.24 -134.03
C PHE J 884 1.16 -8.80 -133.58
N LEU J 885 1.34 -7.88 -134.52
CA LEU J 885 1.40 -6.47 -134.14
C LEU J 885 0.08 -5.97 -133.58
N LEU J 886 -1.04 -6.55 -134.02
CA LEU J 886 -2.31 -6.26 -133.38
C LEU J 886 -2.46 -6.98 -132.04
N ARG J 887 -1.63 -7.98 -131.78
CA ARG J 887 -1.66 -8.66 -130.50
C ARG J 887 -0.99 -7.83 -129.42
N VAL J 888 0.28 -7.49 -129.62
CA VAL J 888 1.02 -6.72 -128.63
C VAL J 888 0.38 -5.36 -128.43
N LYS J 889 -0.15 -4.77 -129.50
CA LYS J 889 -0.86 -3.50 -129.38
C LYS J 889 -2.14 -3.62 -128.57
N LEU J 890 -2.59 -4.85 -128.33
CA LEU J 890 -3.81 -5.11 -127.58
C LEU J 890 -3.56 -5.91 -126.31
N MET J 891 -2.80 -7.01 -126.42
CA MET J 891 -2.49 -7.81 -125.23
C MET J 891 -1.82 -6.97 -124.16
N HIS J 892 -1.13 -5.91 -124.56
CA HIS J 892 -0.65 -4.92 -123.61
C HIS J 892 -1.79 -4.24 -122.87
N PHE J 893 -2.74 -3.67 -123.62
CA PHE J 893 -3.72 -2.75 -123.05
C PHE J 893 -4.57 -3.43 -121.99
N VAL J 894 -5.13 -4.60 -122.32
CA VAL J 894 -5.89 -5.34 -121.32
C VAL J 894 -5.01 -5.75 -120.15
N ASN J 895 -3.74 -6.06 -120.42
CA ASN J 895 -2.84 -6.44 -119.34
C ASN J 895 -2.55 -5.26 -118.43
N SER J 896 -2.41 -4.07 -118.98
CA SER J 896 -2.16 -2.88 -118.16
C SER J 896 -3.35 -2.60 -117.26
N LEU J 897 -4.57 -2.68 -117.80
CA LEU J 897 -5.76 -2.47 -116.99
C LEU J 897 -5.83 -3.46 -115.85
N HIS J 898 -5.60 -4.74 -116.14
CA HIS J 898 -5.63 -5.76 -115.09
C HIS J 898 -4.61 -5.46 -114.00
N ASN J 899 -3.42 -5.00 -114.39
CA ASN J 899 -2.43 -4.60 -113.39
C ASN J 899 -2.90 -3.44 -112.54
N TYR J 900 -3.87 -2.65 -113.03
CA TYR J 900 -4.33 -1.48 -112.29
C TYR J 900 -5.43 -1.83 -111.28
N ILE J 901 -6.43 -2.61 -111.71
CA ILE J 901 -7.54 -2.91 -110.82
C ILE J 901 -7.08 -3.77 -109.65
N MET J 902 -6.32 -4.83 -109.94
CA MET J 902 -5.95 -5.75 -108.88
C MET J 902 -4.90 -5.14 -107.96
N THR J 903 -3.75 -4.77 -108.50
CA THR J 903 -2.65 -4.33 -107.65
C THR J 903 -2.93 -2.98 -107.02
N ARG J 904 -3.17 -1.95 -107.84
CA ARG J 904 -3.30 -0.58 -107.34
C ARG J 904 -4.57 -0.35 -106.55
N ILE J 905 -5.60 -1.19 -106.69
CA ILE J 905 -6.84 -0.94 -105.98
C ILE J 905 -7.20 -2.13 -105.09
N LEU J 906 -7.39 -3.29 -105.70
CA LEU J 906 -7.79 -4.47 -104.94
C LEU J 906 -6.71 -5.00 -104.02
N HIS J 907 -5.53 -4.36 -103.98
CA HIS J 907 -4.52 -4.69 -103.00
C HIS J 907 -4.05 -3.51 -102.17
N SER J 908 -4.26 -2.27 -102.62
CA SER J 908 -3.93 -1.12 -101.81
C SER J 908 -4.90 -0.98 -100.64
N THR J 909 -6.17 -0.81 -100.94
CA THR J 909 -7.18 -0.68 -99.88
C THR J 909 -7.26 -1.96 -99.06
N GLY J 910 -6.97 -3.11 -99.66
CA GLY J 910 -6.97 -4.35 -98.90
C GLY J 910 -5.88 -4.38 -97.85
N LEU J 911 -4.69 -3.88 -98.18
CA LEU J 911 -3.62 -3.84 -97.21
C LEU J 911 -3.94 -2.88 -96.07
N GLU J 912 -4.65 -1.80 -96.36
CA GLU J 912 -5.02 -0.84 -95.32
C GLU J 912 -6.18 -1.35 -94.48
N PHE J 913 -7.12 -2.06 -95.11
CA PHE J 913 -8.29 -2.54 -94.39
C PHE J 913 -7.91 -3.51 -93.28
N GLN J 914 -7.00 -4.44 -93.56
CA GLN J 914 -6.56 -5.39 -92.54
C GLN J 914 -5.88 -4.68 -91.38
N HIS J 915 -5.02 -3.70 -91.68
CA HIS J 915 -4.39 -2.92 -90.63
C HIS J 915 -5.39 -2.11 -89.82
N GLN J 916 -6.61 -1.94 -90.33
CA GLN J 916 -7.63 -1.21 -89.60
C GLN J 916 -8.51 -2.10 -88.74
N VAL J 917 -8.90 -3.27 -89.27
CA VAL J 917 -9.81 -4.13 -88.52
C VAL J 917 -9.11 -4.70 -87.28
N GLU J 918 -7.80 -4.90 -87.33
CA GLU J 918 -7.09 -5.41 -86.18
C GLU J 918 -7.12 -4.46 -84.99
N GLU J 919 -7.58 -3.22 -85.18
CA GLU J 919 -7.77 -2.27 -84.10
C GLU J 919 -9.24 -2.01 -83.82
N ALA J 920 -10.11 -2.98 -84.13
CA ALA J 920 -11.54 -2.80 -83.89
C ALA J 920 -11.81 -2.69 -82.40
N LYS J 921 -12.59 -1.68 -82.00
CA LYS J 921 -12.85 -1.42 -80.60
C LYS J 921 -14.33 -1.14 -80.35
N ASP J 922 -15.21 -1.68 -81.20
CA ASP J 922 -16.62 -1.29 -81.12
C ASP J 922 -17.45 -2.21 -82.01
N LEU J 923 -18.71 -2.39 -81.61
CA LEU J 923 -19.67 -3.08 -82.47
C LEU J 923 -19.97 -2.26 -83.72
N ASP J 924 -20.25 -0.97 -83.54
CA ASP J 924 -20.68 -0.14 -84.67
C ASP J 924 -19.54 0.15 -85.62
N GLN J 925 -18.45 0.75 -85.12
CA GLN J 925 -17.40 1.23 -86.02
C GLN J 925 -16.83 0.12 -86.89
N LEU J 926 -16.92 -1.14 -86.44
CA LEU J 926 -16.51 -2.24 -87.31
C LEU J 926 -17.37 -2.31 -88.56
N ILE J 927 -18.64 -1.93 -88.46
CA ILE J 927 -19.46 -1.82 -89.65
C ILE J 927 -18.97 -0.67 -90.52
N LYS J 928 -18.64 0.46 -89.90
CA LYS J 928 -18.27 1.64 -90.67
C LYS J 928 -16.93 1.43 -91.38
N ILE J 929 -15.93 0.92 -90.68
CA ILE J 929 -14.65 0.64 -91.33
C ILE J 929 -14.83 -0.37 -92.45
N HIS J 930 -15.80 -1.27 -92.30
CA HIS J 930 -16.09 -2.22 -93.38
C HIS J 930 -16.88 -1.56 -94.49
N TYR J 931 -17.95 -0.83 -94.14
CA TYR J 931 -18.74 -0.18 -95.17
C TYR J 931 -17.95 0.92 -95.87
N ARG J 932 -16.94 1.47 -95.20
CA ARG J 932 -16.01 2.38 -95.85
C ARG J 932 -14.93 1.66 -96.64
N TYR J 933 -15.11 0.36 -96.88
CA TYR J 933 -14.21 -0.39 -97.74
C TYR J 933 -14.86 -0.82 -99.04
N LEU J 934 -16.15 -1.14 -99.03
CA LEU J 934 -16.85 -1.45 -100.26
C LEU J 934 -17.21 -0.19 -101.03
N SER J 935 -17.93 0.73 -100.38
CA SER J 935 -18.39 1.93 -101.06
C SER J 935 -17.25 2.78 -101.60
N THR J 936 -16.01 2.50 -101.20
CA THR J 936 -14.87 3.16 -101.81
C THR J 936 -14.23 2.30 -102.91
N ILE J 937 -14.25 0.98 -102.75
CA ILE J 937 -13.68 0.10 -103.77
C ILE J 937 -14.62 0.01 -104.96
N HIS J 938 -15.90 0.30 -104.75
CA HIS J 938 -16.85 0.39 -105.85
C HIS J 938 -16.76 1.71 -106.59
N ASP J 939 -16.05 2.68 -106.04
CA ASP J 939 -15.85 3.98 -106.69
C ASP J 939 -14.53 4.03 -107.46
N ARG J 940 -13.43 3.57 -106.84
CA ARG J 940 -12.15 3.53 -107.55
C ARG J 940 -12.25 2.65 -108.79
N CYS J 941 -12.69 1.41 -108.61
CA CYS J 941 -13.13 0.61 -109.75
C CYS J 941 -14.42 1.22 -110.28
N LEU J 942 -14.34 1.83 -111.46
CA LEU J 942 -15.44 2.64 -111.96
C LEU J 942 -16.62 1.77 -112.36
N LEU J 943 -17.57 1.56 -111.45
CA LEU J 943 -18.77 0.78 -111.74
C LEU J 943 -20.05 1.44 -111.30
N ARG J 944 -20.00 2.49 -110.48
CA ARG J 944 -21.23 3.05 -109.90
C ARG J 944 -21.89 4.07 -110.84
N GLU J 945 -21.18 5.12 -111.21
CA GLU J 945 -21.73 6.19 -112.03
C GLU J 945 -20.74 6.47 -113.17
N LYS J 946 -21.15 7.35 -114.08
CA LYS J 946 -20.36 7.66 -115.27
C LYS J 946 -20.09 6.39 -116.08
N VAL J 947 -21.07 5.50 -116.10
CA VAL J 947 -20.90 4.23 -116.79
C VAL J 947 -21.00 4.43 -118.31
N SER J 948 -22.11 5.00 -118.78
CA SER J 948 -22.27 5.28 -120.20
C SER J 948 -21.37 6.41 -120.68
N PHE J 949 -20.67 7.08 -119.78
CA PHE J 949 -19.72 8.14 -120.15
C PHE J 949 -18.29 7.64 -120.24
N VAL J 950 -17.88 6.74 -119.34
CA VAL J 950 -16.52 6.24 -119.32
C VAL J 950 -16.50 4.73 -119.36
N LYS J 951 -17.25 4.09 -118.46
CA LYS J 951 -17.16 2.65 -118.28
C LYS J 951 -17.53 1.90 -119.56
N GLU J 952 -18.50 2.41 -120.31
CA GLU J 952 -18.91 1.73 -121.53
C GLU J 952 -17.76 1.67 -122.54
N ALA J 953 -16.87 2.66 -122.53
CA ALA J 953 -15.74 2.65 -123.45
C ALA J 953 -14.85 1.43 -123.21
N ILE J 954 -14.48 1.19 -121.96
CA ILE J 954 -13.73 -0.02 -121.65
C ILE J 954 -14.56 -1.25 -121.97
N MET J 955 -15.88 -1.16 -121.84
CA MET J 955 -16.73 -2.31 -122.11
C MET J 955 -16.78 -2.63 -123.60
N LYS J 956 -16.93 -1.61 -124.45
CA LYS J 956 -17.04 -1.87 -125.87
C LYS J 956 -15.71 -2.32 -126.47
N VAL J 957 -14.60 -1.76 -126.01
CA VAL J 957 -13.30 -2.23 -126.49
C VAL J 957 -13.00 -3.63 -125.97
N LEU J 958 -13.64 -4.05 -124.88
CA LEU J 958 -13.51 -5.43 -124.44
C LEU J 958 -14.12 -6.39 -125.46
N ASN J 959 -15.10 -5.92 -126.23
CA ASN J 959 -15.64 -6.75 -127.30
C ASN J 959 -14.62 -7.00 -128.40
N LEU J 960 -13.61 -6.13 -128.54
CA LEU J 960 -12.52 -6.41 -129.46
C LEU J 960 -11.69 -7.60 -128.99
N ALA J 961 -11.61 -7.80 -127.67
CA ALA J 961 -10.92 -8.97 -127.14
C ALA J 961 -11.67 -10.27 -127.44
N LEU J 962 -12.98 -10.19 -127.69
CA LEU J 962 -13.75 -11.36 -128.03
C LEU J 962 -13.73 -11.64 -129.54
N MET J 963 -13.97 -10.60 -130.34
CA MET J 963 -14.00 -10.78 -131.79
C MET J 963 -12.65 -11.27 -132.32
N PHE J 964 -11.58 -10.57 -131.94
CA PHE J 964 -10.25 -10.93 -132.42
C PHE J 964 -9.80 -12.29 -131.90
N ALA J 965 -10.37 -12.76 -130.79
CA ALA J 965 -9.96 -14.06 -130.25
C ALA J 965 -10.47 -15.20 -131.12
N ASP J 966 -11.72 -15.11 -131.56
CA ASP J 966 -12.31 -16.20 -132.34
C ASP J 966 -11.61 -16.37 -133.68
N GLY J 967 -11.50 -15.29 -134.45
CA GLY J 967 -10.80 -15.33 -135.70
C GLY J 967 -9.34 -15.69 -135.52
N TRP J 968 -8.97 -16.89 -135.91
CA TRP J 968 -7.60 -17.36 -135.77
C TRP J 968 -7.32 -18.53 -136.71
N SER J 979 -10.85 -7.34 -143.50
CA SER J 979 -11.41 -7.17 -142.17
C SER J 979 -10.31 -6.86 -141.16
N ILE J 980 -9.12 -7.39 -141.41
CA ILE J 980 -8.00 -7.14 -140.50
C ILE J 980 -7.65 -5.66 -140.50
N GLU J 981 -7.61 -5.04 -141.67
CA GLU J 981 -7.33 -3.61 -141.74
C GLU J 981 -8.42 -2.78 -141.07
N LYS J 982 -9.67 -3.25 -141.12
CA LYS J 982 -10.78 -2.53 -140.52
C LYS J 982 -10.82 -2.66 -139.01
N MET J 983 -9.89 -3.40 -138.41
CA MET J 983 -9.80 -3.50 -136.96
C MET J 983 -8.98 -2.36 -136.35
N GLU J 984 -7.82 -2.07 -136.93
CA GLU J 984 -6.99 -0.98 -136.42
C GLU J 984 -7.67 0.37 -136.59
N SER J 985 -8.43 0.55 -137.68
CA SER J 985 -9.21 1.78 -137.82
C SER J 985 -10.19 1.93 -136.67
N ASP J 986 -10.75 0.82 -136.20
CA ASP J 986 -11.58 0.83 -135.01
C ASP J 986 -10.72 0.92 -133.74
N PHE J 987 -9.65 0.13 -133.68
CA PHE J 987 -8.84 0.06 -132.46
C PHE J 987 -8.16 1.39 -132.18
N LYS J 988 -7.49 1.95 -133.19
CA LYS J 988 -6.84 3.24 -133.01
C LYS J 988 -7.84 4.35 -132.72
N ASN J 989 -9.11 4.14 -133.06
CA ASN J 989 -10.14 5.13 -132.76
C ASN J 989 -10.65 5.01 -131.33
N CYS J 990 -11.09 3.80 -130.95
CA CYS J 990 -11.65 3.63 -129.61
C CYS J 990 -10.61 3.85 -128.53
N HIS J 991 -9.37 3.39 -128.77
CA HIS J 991 -8.31 3.63 -127.81
C HIS J 991 -8.04 5.12 -127.67
N MET J 992 -7.98 5.84 -128.79
CA MET J 992 -7.87 7.29 -128.72
C MET J 992 -9.14 7.90 -128.15
N PHE J 993 -10.30 7.32 -128.49
CA PHE J 993 -11.54 7.73 -127.83
C PHE J 993 -11.45 7.50 -126.33
N LEU J 994 -10.74 6.46 -125.90
CA LEU J 994 -10.64 6.16 -124.48
C LEU J 994 -9.81 7.21 -123.76
N VAL J 995 -8.67 7.60 -124.34
CA VAL J 995 -7.80 8.56 -123.68
C VAL J 995 -8.36 9.97 -123.80
N THR J 996 -8.90 10.33 -124.97
CA THR J 996 -9.47 11.65 -125.16
C THR J 996 -10.76 11.85 -124.37
N ILE J 997 -11.28 10.81 -123.74
CA ILE J 997 -12.43 10.93 -122.84
C ILE J 997 -11.98 10.92 -121.39
N LEU J 998 -11.11 9.98 -121.03
CA LEU J 998 -10.54 9.93 -119.68
C LEU J 998 -9.64 11.12 -119.37
N ASN J 999 -9.24 11.89 -120.39
CA ASN J 999 -8.38 13.03 -120.20
C ASN J 999 -8.94 14.08 -119.25
N LYS J 1000 -10.23 14.00 -118.91
CA LYS J 1000 -10.83 14.99 -118.04
C LYS J 1000 -10.19 14.99 -116.65
N ALA J 1001 -9.59 13.87 -116.26
CA ALA J 1001 -8.93 13.77 -114.96
C ALA J 1001 -7.75 14.72 -114.87
N PHE J 1007 -11.62 10.71 -108.57
CA PHE J 1007 -11.34 11.60 -109.69
C PHE J 1007 -9.84 11.66 -110.07
N PRO J 1008 -8.94 11.94 -109.12
CA PRO J 1008 -7.53 12.07 -109.49
C PRO J 1008 -6.80 10.76 -109.65
N HIS J 1009 -7.24 9.68 -109.01
CA HIS J 1009 -6.50 8.43 -109.04
C HIS J 1009 -6.52 7.77 -110.42
N LEU J 1010 -7.29 8.29 -111.37
CA LEU J 1010 -7.35 7.69 -112.70
C LEU J 1010 -6.06 7.88 -113.47
N GLU J 1011 -5.20 8.82 -113.07
CA GLU J 1011 -3.98 9.08 -113.80
C GLU J 1011 -2.96 7.96 -113.67
N SER J 1012 -3.14 7.04 -112.71
CA SER J 1012 -2.21 5.93 -112.57
C SER J 1012 -2.25 5.00 -113.78
N LEU J 1013 -3.34 5.01 -114.54
CA LEU J 1013 -3.43 4.25 -115.78
C LEU J 1013 -3.41 5.13 -117.02
N ALA J 1014 -3.65 6.43 -116.87
CA ALA J 1014 -3.77 7.32 -118.02
C ALA J 1014 -2.51 7.33 -118.89
N LEU J 1015 -1.39 6.81 -118.38
CA LEU J 1015 -0.19 6.72 -119.20
C LEU J 1015 -0.40 5.83 -120.42
N SER J 1016 -1.29 4.83 -120.30
CA SER J 1016 -1.59 3.94 -121.41
C SER J 1016 -2.83 3.11 -121.09
N MET K 1 -49.47 5.64 -21.11
CA MET K 1 -49.75 4.84 -22.30
C MET K 1 -48.46 4.50 -23.04
N ILE K 2 -47.33 4.91 -22.47
CA ILE K 2 -46.04 4.57 -23.06
C ILE K 2 -45.82 3.07 -23.03
N HIS K 3 -45.79 2.48 -21.84
CA HIS K 3 -45.66 1.03 -21.75
C HIS K 3 -46.85 0.32 -22.38
N GLU K 4 -48.02 0.94 -22.34
CA GLU K 4 -49.18 0.40 -23.05
C GLU K 4 -48.88 0.23 -24.54
N LEU K 5 -48.11 1.16 -25.11
CA LEU K 5 -47.83 1.10 -26.54
C LEU K 5 -46.92 -0.07 -26.88
N LEU K 6 -45.81 -0.22 -26.15
CA LEU K 6 -44.86 -1.27 -26.45
C LEU K 6 -45.47 -2.66 -26.40
N LEU K 7 -46.34 -2.91 -25.43
CA LEU K 7 -47.04 -4.20 -25.38
C LEU K 7 -47.95 -4.40 -26.58
N ALA K 8 -48.63 -3.34 -27.03
CA ALA K 8 -49.44 -3.45 -28.23
C ALA K 8 -48.59 -3.77 -29.45
N LEU K 9 -47.35 -3.27 -29.48
CA LEU K 9 -46.43 -3.57 -30.55
C LEU K 9 -45.85 -4.97 -30.47
N SER K 10 -46.11 -5.70 -29.39
CA SER K 10 -45.58 -7.05 -29.25
C SER K 10 -46.63 -8.13 -29.47
N GLY K 11 -47.91 -7.76 -29.56
CA GLY K 11 -48.95 -8.74 -29.83
C GLY K 11 -50.00 -8.84 -28.75
N TYR K 12 -50.11 -7.81 -27.92
CA TYR K 12 -51.08 -7.79 -26.83
C TYR K 12 -51.80 -6.45 -26.82
N PRO K 13 -52.98 -6.36 -27.44
CA PRO K 13 -53.74 -5.11 -27.43
C PRO K 13 -54.53 -4.92 -26.14
N GLY K 14 -55.03 -3.70 -25.97
CA GLY K 14 -55.79 -3.37 -24.78
C GLY K 14 -57.07 -2.61 -25.04
N SER K 15 -57.53 -1.85 -24.05
CA SER K 15 -58.75 -1.07 -24.23
C SER K 15 -58.49 0.18 -25.04
N ILE K 16 -57.42 0.91 -24.72
CA ILE K 16 -57.07 2.11 -25.48
C ILE K 16 -56.64 1.73 -26.89
N PHE K 17 -56.05 0.55 -27.06
CA PHE K 17 -55.59 0.04 -28.34
C PHE K 17 -56.43 -1.18 -28.68
N THR K 18 -57.58 -0.95 -29.31
CA THR K 18 -58.46 -2.04 -29.67
C THR K 18 -57.86 -2.88 -30.79
N TRP K 19 -58.44 -4.07 -30.98
CA TRP K 19 -57.99 -5.00 -32.00
C TRP K 19 -59.18 -5.41 -32.86
N ASN K 20 -58.93 -5.62 -34.14
CA ASN K 20 -59.94 -6.07 -35.09
C ASN K 20 -59.34 -7.14 -36.00
N LYS K 21 -60.11 -8.20 -36.24
CA LYS K 21 -59.64 -9.29 -37.10
C LYS K 21 -59.65 -8.91 -38.57
N ARG K 22 -60.30 -7.82 -38.94
CA ARG K 22 -60.36 -7.38 -40.33
C ARG K 22 -59.38 -6.25 -40.62
N SER K 23 -59.47 -5.15 -39.89
CA SER K 23 -58.61 -4.00 -40.15
C SER K 23 -57.23 -4.20 -39.53
N GLY K 24 -57.17 -4.32 -38.21
CA GLY K 24 -55.94 -4.42 -37.47
C GLY K 24 -55.88 -3.40 -36.37
N LEU K 25 -54.66 -3.15 -35.88
CA LEU K 25 -54.47 -2.20 -34.80
C LEU K 25 -54.93 -0.81 -35.23
N GLN K 26 -55.56 -0.10 -34.29
CA GLN K 26 -56.08 1.23 -34.57
C GLN K 26 -56.45 1.87 -33.24
N VAL K 27 -56.29 3.19 -33.19
CA VAL K 27 -56.71 3.94 -32.01
C VAL K 27 -58.23 3.92 -31.94
N SER K 28 -58.76 3.75 -30.73
CA SER K 28 -60.20 3.58 -30.58
C SER K 28 -60.95 4.88 -30.84
N GLN K 29 -60.69 5.89 -30.01
CA GLN K 29 -61.39 7.17 -30.11
C GLN K 29 -60.49 8.25 -29.50
N ASP K 30 -61.08 9.41 -29.23
CA ASP K 30 -60.33 10.51 -28.65
C ASP K 30 -60.21 10.36 -27.13
N PHE K 31 -59.01 10.63 -26.61
CA PHE K 31 -58.73 10.58 -25.15
C PHE K 31 -58.28 11.95 -24.69
N PRO K 32 -58.61 12.40 -23.45
CA PRO K 32 -58.20 13.71 -22.96
C PRO K 32 -56.73 13.79 -22.53
N PHE K 33 -56.07 12.63 -22.40
CA PHE K 33 -54.65 12.57 -21.97
C PHE K 33 -53.72 12.55 -23.19
N LEU K 34 -54.26 12.75 -24.39
CA LEU K 34 -53.45 12.74 -25.64
C LEU K 34 -53.69 14.03 -26.43
N HIS K 35 -52.71 14.43 -27.24
CA HIS K 35 -52.82 15.66 -28.08
C HIS K 35 -53.86 15.45 -29.18
N PRO K 36 -54.73 16.44 -29.47
CA PRO K 36 -55.76 16.30 -30.50
C PRO K 36 -55.22 15.89 -31.88
N SER K 37 -54.05 16.44 -32.26
CA SER K 37 -53.46 16.11 -33.58
C SER K 37 -52.21 15.23 -33.41
N GLU K 38 -52.26 14.30 -32.46
CA GLU K 38 -51.10 13.38 -32.20
C GLU K 38 -51.52 11.96 -32.59
N THR K 39 -52.81 11.65 -32.46
CA THR K 39 -53.36 10.30 -32.79
C THR K 39 -52.85 9.84 -34.16
N SER K 40 -52.49 10.79 -35.04
CA SER K 40 -52.02 10.42 -36.37
C SER K 40 -50.86 9.42 -36.28
N VAL K 41 -49.78 9.81 -35.59
CA VAL K 41 -48.56 9.00 -35.60
C VAL K 41 -48.82 7.63 -34.97
N LEU K 42 -49.70 7.57 -33.98
CA LEU K 42 -49.99 6.29 -33.34
C LEU K 42 -50.65 5.33 -34.31
N ASN K 43 -51.59 5.83 -35.12
CA ASN K 43 -52.20 4.97 -36.13
C ASN K 43 -51.16 4.52 -37.14
N ARG K 44 -50.25 5.40 -37.54
CA ARG K 44 -49.16 5.00 -38.42
C ARG K 44 -48.25 4.01 -37.73
N LEU K 45 -47.96 4.23 -36.45
CA LEU K 45 -47.12 3.29 -35.71
C LEU K 45 -47.85 1.96 -35.52
N CYS K 46 -49.16 2.00 -35.31
CA CYS K 46 -49.92 0.77 -35.16
C CYS K 46 -49.89 -0.09 -36.42
N ARG K 47 -49.83 0.53 -37.60
CA ARG K 47 -49.71 -0.26 -38.83
C ARG K 47 -48.44 -1.10 -38.84
N LEU K 48 -47.41 -0.68 -38.12
CA LEU K 48 -46.23 -1.53 -37.96
C LEU K 48 -46.54 -2.75 -37.12
N GLY K 49 -47.40 -2.60 -36.11
CA GLY K 49 -47.76 -3.72 -35.27
C GLY K 49 -48.73 -4.66 -35.93
N THR K 50 -49.68 -4.12 -36.70
CA THR K 50 -50.66 -4.97 -37.36
C THR K 50 -50.00 -6.01 -38.25
N ASP K 51 -48.90 -5.63 -38.92
CA ASP K 51 -48.15 -6.61 -39.69
C ASP K 51 -47.55 -7.68 -38.77
N TYR K 52 -47.08 -7.26 -37.59
CA TYR K 52 -46.39 -8.20 -36.71
C TYR K 52 -47.32 -9.31 -36.22
N ILE K 53 -48.57 -8.98 -35.91
CA ILE K 53 -49.48 -10.00 -35.40
C ILE K 53 -49.82 -11.00 -36.49
N ARG K 54 -50.18 -10.51 -37.68
CA ARG K 54 -50.46 -11.39 -38.80
C ARG K 54 -49.30 -12.31 -39.11
N PHE K 55 -48.07 -11.90 -38.78
CA PHE K 55 -46.94 -12.82 -38.84
C PHE K 55 -47.14 -13.98 -37.87
N THR K 56 -47.33 -13.66 -36.59
CA THR K 56 -47.47 -14.70 -35.58
C THR K 56 -48.71 -15.55 -35.80
N GLU K 57 -49.83 -14.93 -36.18
CA GLU K 57 -51.03 -15.71 -36.46
C GLU K 57 -50.81 -16.67 -37.62
N PHE K 58 -49.94 -16.29 -38.56
CA PHE K 58 -49.58 -17.21 -39.63
C PHE K 58 -48.55 -18.23 -39.16
N ILE K 59 -47.59 -17.80 -38.33
CA ILE K 59 -46.55 -18.70 -37.87
C ILE K 59 -47.13 -19.80 -36.98
N GLU K 60 -47.94 -19.41 -36.00
CA GLU K 60 -48.46 -20.38 -35.04
C GLU K 60 -49.33 -21.43 -35.73
N GLN K 61 -50.13 -21.02 -36.71
CA GLN K 61 -51.04 -21.95 -37.36
C GLN K 61 -50.33 -22.81 -38.39
N TYR K 62 -49.16 -22.39 -38.85
CA TYR K 62 -48.39 -23.09 -39.87
C TYR K 62 -49.14 -23.17 -41.20
N THR K 63 -50.25 -22.44 -41.31
CA THR K 63 -51.06 -22.44 -42.53
C THR K 63 -51.04 -21.06 -43.18
N LEU K 81 -52.43 -26.06 -47.44
CA LEU K 81 -50.99 -25.91 -47.54
C LEU K 81 -50.27 -26.80 -46.54
N HIS K 82 -49.31 -27.58 -47.04
CA HIS K 82 -48.50 -28.46 -46.20
C HIS K 82 -47.26 -28.83 -46.99
N GLY K 83 -46.19 -29.14 -46.28
CA GLY K 83 -44.93 -29.47 -46.90
C GLY K 83 -43.75 -28.97 -46.09
N ILE K 84 -42.63 -29.70 -46.18
CA ILE K 84 -41.46 -29.37 -45.37
C ILE K 84 -40.90 -28.02 -45.76
N TYR K 85 -40.81 -27.74 -47.07
CA TYR K 85 -40.30 -26.46 -47.52
C TYR K 85 -41.12 -25.29 -47.00
N LEU K 86 -42.44 -25.43 -46.97
CA LEU K 86 -43.29 -24.41 -46.36
C LEU K 86 -43.02 -24.27 -44.88
N ARG K 87 -42.96 -25.39 -44.16
CA ARG K 87 -42.74 -25.35 -42.71
C ARG K 87 -41.38 -24.75 -42.39
N ALA K 88 -40.34 -25.16 -43.13
CA ALA K 88 -39.02 -24.59 -42.90
C ALA K 88 -38.94 -23.14 -43.31
N PHE K 89 -39.79 -22.71 -44.24
CA PHE K 89 -39.87 -21.29 -44.57
C PHE K 89 -40.42 -20.49 -43.40
N CYS K 90 -41.27 -21.12 -42.59
CA CYS K 90 -41.80 -20.45 -41.40
C CYS K 90 -40.69 -20.15 -40.41
N THR K 91 -39.93 -21.19 -40.02
CA THR K 91 -38.82 -20.98 -39.09
C THR K 91 -37.81 -19.99 -39.66
N GLY K 92 -37.61 -20.02 -40.99
CA GLY K 92 -36.80 -19.00 -41.62
C GLY K 92 -37.36 -17.60 -41.42
N LEU K 93 -38.68 -17.48 -41.31
CA LEU K 93 -39.28 -16.18 -41.06
C LEU K 93 -39.10 -15.74 -39.62
N ASP K 94 -38.81 -16.66 -38.71
CA ASP K 94 -38.58 -16.31 -37.32
C ASP K 94 -37.22 -15.66 -37.12
N SER K 95 -36.25 -15.93 -37.99
CA SER K 95 -34.92 -15.38 -37.82
C SER K 95 -34.89 -13.90 -38.21
N VAL K 96 -35.58 -13.54 -39.29
CA VAL K 96 -35.53 -12.16 -39.77
C VAL K 96 -36.24 -11.22 -38.80
N LEU K 97 -37.29 -11.69 -38.13
CA LEU K 97 -38.01 -10.85 -37.18
C LEU K 97 -37.26 -10.64 -35.88
N GLN K 98 -36.09 -11.26 -35.70
CA GLN K 98 -35.41 -11.17 -34.42
C GLN K 98 -34.91 -9.76 -34.10
N PRO K 99 -34.24 -9.03 -34.99
CA PRO K 99 -33.86 -7.65 -34.66
C PRO K 99 -35.04 -6.77 -34.32
N TYR K 100 -36.22 -7.04 -34.88
CA TYR K 100 -37.42 -6.32 -34.47
C TYR K 100 -37.73 -6.58 -33.01
N ARG K 101 -37.55 -7.83 -32.56
CA ARG K 101 -37.71 -8.12 -31.15
C ARG K 101 -36.60 -7.51 -30.33
N GLN K 102 -35.39 -7.47 -30.89
CA GLN K 102 -34.25 -6.94 -30.15
C GLN K 102 -34.35 -5.43 -30.00
N ALA K 103 -34.54 -4.72 -31.10
CA ALA K 103 -34.57 -3.26 -31.07
C ALA K 103 -35.73 -2.72 -30.24
N LEU K 104 -36.89 -3.36 -30.27
CA LEU K 104 -38.01 -2.91 -29.45
C LEU K 104 -37.70 -3.05 -27.97
N LEU K 105 -37.01 -4.12 -27.57
CA LEU K 105 -36.66 -4.31 -26.18
C LEU K 105 -35.68 -3.25 -25.70
N ASP K 106 -34.91 -2.67 -26.61
CA ASP K 106 -33.94 -1.65 -26.24
C ASP K 106 -34.60 -0.44 -25.60
N LEU K 107 -35.80 -0.07 -26.08
CA LEU K 107 -36.49 1.09 -25.55
C LEU K 107 -36.81 0.93 -24.06
N GLU K 108 -37.00 -0.31 -23.61
CA GLU K 108 -37.35 -0.54 -22.22
C GLU K 108 -36.30 0.03 -21.28
N GLN K 109 -35.02 -0.17 -21.61
CA GLN K 109 -33.95 0.36 -20.78
C GLN K 109 -33.94 1.89 -20.82
N GLU K 110 -34.47 2.47 -21.88
CA GLU K 110 -34.44 3.92 -22.04
C GLU K 110 -35.45 4.59 -21.11
N PHE K 111 -36.72 4.18 -21.18
CA PHE K 111 -37.76 4.88 -20.45
C PHE K 111 -37.65 4.63 -18.95
N LEU K 112 -37.20 3.44 -18.55
CA LEU K 112 -36.94 3.21 -17.13
C LEU K 112 -35.86 4.17 -16.61
N GLY K 113 -34.92 4.53 -17.47
CA GLY K 113 -33.92 5.53 -17.12
C GLY K 113 -34.48 6.93 -17.13
N ASP K 114 -34.99 7.37 -18.28
CA ASP K 114 -35.65 8.66 -18.35
C ASP K 114 -37.14 8.48 -18.53
N PRO K 115 -37.96 8.87 -17.54
CA PRO K 115 -39.41 8.66 -17.63
C PRO K 115 -40.18 9.76 -18.35
N HIS K 116 -39.51 10.80 -18.84
CA HIS K 116 -40.20 11.93 -19.44
C HIS K 116 -40.12 11.94 -20.96
N LEU K 117 -39.60 10.88 -21.58
CA LEU K 117 -39.48 10.85 -23.03
C LEU K 117 -40.85 10.99 -23.69
N SER K 118 -40.83 11.35 -24.98
CA SER K 118 -42.04 11.65 -25.73
C SER K 118 -42.31 10.54 -26.73
N ILE K 119 -43.44 10.68 -27.43
CA ILE K 119 -43.85 9.65 -28.39
C ILE K 119 -43.12 9.82 -29.71
N SER K 120 -42.49 10.98 -29.92
CA SER K 120 -41.83 11.23 -31.19
C SER K 120 -40.56 10.41 -31.34
N HIS K 121 -39.87 10.12 -30.24
CA HIS K 121 -38.56 9.49 -30.34
C HIS K 121 -38.65 8.07 -30.90
N VAL K 122 -39.68 7.32 -30.55
CA VAL K 122 -39.76 5.93 -31.01
C VAL K 122 -39.93 5.89 -32.53
N ASN K 123 -40.65 6.85 -33.10
CA ASN K 123 -40.78 6.88 -34.55
C ASN K 123 -39.44 7.14 -35.22
N TYR K 124 -38.62 7.99 -34.59
CA TYR K 124 -37.27 8.30 -35.11
C TYR K 124 -36.37 7.07 -34.97
N PHE K 125 -36.62 6.24 -33.95
CA PHE K 125 -35.84 5.02 -33.74
C PHE K 125 -36.33 3.88 -34.60
N LEU K 126 -37.64 3.80 -34.85
CA LEU K 126 -38.25 2.65 -35.51
C LEU K 126 -38.61 2.93 -36.97
N ASP K 127 -37.75 3.66 -37.69
CA ASP K 127 -38.05 3.94 -39.09
C ASP K 127 -37.61 2.79 -39.99
N GLN K 128 -36.52 2.10 -39.63
CA GLN K 128 -35.99 1.05 -40.49
C GLN K 128 -36.98 -0.09 -40.68
N PHE K 129 -37.67 -0.49 -39.61
CA PHE K 129 -38.63 -1.58 -39.74
C PHE K 129 -39.91 -1.14 -40.42
N GLN K 130 -40.16 0.17 -40.50
CA GLN K 130 -41.33 0.68 -41.21
C GLN K 130 -41.34 0.28 -42.68
N LEU K 131 -40.18 0.05 -43.29
CA LEU K 131 -40.09 -0.25 -44.71
C LEU K 131 -39.91 -1.73 -45.03
N LEU K 132 -39.31 -2.50 -44.13
CA LEU K 132 -39.01 -3.90 -44.40
C LEU K 132 -40.25 -4.77 -44.44
N PHE K 133 -41.21 -4.53 -43.56
CA PHE K 133 -42.40 -5.37 -43.49
C PHE K 133 -43.26 -5.32 -44.76
N PRO K 134 -43.67 -4.14 -45.24
CA PRO K 134 -44.60 -4.13 -46.38
C PRO K 134 -44.09 -4.87 -47.60
N SER K 135 -42.77 -4.90 -47.80
CA SER K 135 -42.20 -5.67 -48.91
C SER K 135 -42.22 -7.16 -48.63
N VAL K 136 -41.93 -7.58 -47.40
CA VAL K 136 -41.94 -8.99 -47.06
C VAL K 136 -43.32 -9.50 -46.71
N MET K 137 -44.26 -8.61 -46.35
CA MET K 137 -45.60 -9.05 -45.98
C MET K 137 -46.35 -9.57 -47.20
N VAL K 138 -46.23 -8.88 -48.34
CA VAL K 138 -46.89 -9.33 -49.55
C VAL K 138 -46.34 -10.68 -50.02
N VAL K 139 -45.08 -10.99 -49.69
CA VAL K 139 -44.53 -12.29 -50.02
C VAL K 139 -45.35 -13.39 -49.36
N VAL K 140 -45.86 -13.13 -48.16
CA VAL K 140 -46.74 -14.10 -47.51
C VAL K 140 -48.10 -14.12 -48.20
N GLU K 141 -48.57 -12.97 -48.66
CA GLU K 141 -49.89 -12.90 -49.30
C GLU K 141 -49.93 -13.74 -50.57
N GLN K 142 -48.87 -13.70 -51.38
CA GLN K 142 -48.84 -14.50 -52.59
C GLN K 142 -48.97 -15.99 -52.27
N ILE K 143 -48.40 -16.43 -51.15
CA ILE K 143 -48.46 -17.84 -50.80
C ILE K 143 -49.86 -18.23 -50.36
N LYS K 144 -50.49 -17.39 -49.54
CA LYS K 144 -51.85 -17.67 -49.07
C LYS K 144 -52.91 -17.44 -50.14
N SER K 145 -52.57 -16.84 -51.27
CA SER K 145 -53.55 -16.52 -52.30
C SER K 145 -53.39 -17.35 -53.57
N GLN K 146 -52.24 -18.00 -53.77
CA GLN K 146 -52.01 -18.80 -54.96
C GLN K 146 -51.68 -20.25 -54.65
N LYS K 147 -51.64 -20.62 -53.37
CA LYS K 147 -51.33 -21.99 -52.95
C LYS K 147 -49.99 -22.45 -53.53
N ILE K 148 -48.93 -21.73 -53.19
CA ILE K 148 -47.60 -22.06 -53.70
C ILE K 148 -47.08 -23.26 -52.92
N HIS K 149 -47.26 -24.45 -53.48
CA HIS K 149 -46.91 -25.70 -52.81
C HIS K 149 -45.75 -26.35 -53.54
N GLY K 150 -44.81 -26.92 -52.78
CA GLY K 150 -43.67 -27.58 -53.36
C GLY K 150 -42.41 -26.75 -53.30
N CYS K 151 -41.43 -27.07 -54.16
CA CYS K 151 -40.19 -26.31 -54.22
C CYS K 151 -40.36 -24.94 -54.86
N GLN K 152 -41.52 -24.67 -55.48
CA GLN K 152 -41.75 -23.37 -56.11
C GLN K 152 -41.57 -22.21 -55.14
N ILE K 153 -41.65 -22.47 -53.83
CA ILE K 153 -41.41 -21.42 -52.86
C ILE K 153 -39.97 -20.91 -52.96
N LEU K 154 -39.07 -21.75 -53.47
CA LEU K 154 -37.69 -21.33 -53.67
C LEU K 154 -37.56 -20.25 -54.75
N GLU K 155 -38.53 -20.13 -55.64
CA GLU K 155 -38.51 -19.10 -56.67
C GLU K 155 -39.24 -17.83 -56.26
N THR K 156 -40.39 -17.97 -55.59
CA THR K 156 -41.12 -16.80 -55.14
C THR K 156 -40.28 -15.97 -54.17
N VAL K 157 -39.47 -16.63 -53.35
CA VAL K 157 -38.55 -15.88 -52.50
C VAL K 157 -37.41 -15.31 -53.34
N TYR K 158 -37.02 -15.99 -54.41
CA TYR K 158 -35.93 -15.50 -55.24
C TYR K 158 -36.41 -14.41 -56.19
N LYS K 159 -37.65 -14.51 -56.67
CA LYS K 159 -38.18 -13.49 -57.57
C LYS K 159 -38.23 -12.12 -56.90
N HIS K 160 -38.47 -12.06 -55.60
CA HIS K 160 -38.40 -10.80 -54.87
C HIS K 160 -37.02 -10.56 -54.28
N SER K 161 -36.09 -11.50 -54.43
CA SER K 161 -34.73 -11.31 -53.93
C SER K 161 -33.96 -10.30 -54.76
N CYS K 162 -34.37 -10.06 -56.00
CA CYS K 162 -33.76 -9.04 -56.84
C CYS K 162 -34.30 -7.65 -56.55
N GLY K 163 -34.97 -7.46 -55.41
CA GLY K 163 -35.47 -6.16 -55.04
C GLY K 163 -34.38 -5.14 -54.89
N GLY K 164 -34.77 -3.87 -54.96
CA GLY K 164 -33.82 -2.78 -54.93
C GLY K 164 -33.34 -2.41 -53.54
N LEU K 165 -34.23 -2.47 -52.57
CA LEU K 165 -33.91 -2.05 -51.21
C LEU K 165 -32.81 -2.93 -50.64
N PRO K 166 -31.67 -2.38 -50.25
CA PRO K 166 -30.61 -3.20 -49.65
C PRO K 166 -31.08 -3.97 -48.43
N PRO K 167 -31.81 -3.35 -47.48
CA PRO K 167 -32.25 -4.15 -46.33
C PRO K 167 -33.21 -5.26 -46.71
N VAL K 168 -34.19 -4.97 -47.56
CA VAL K 168 -35.14 -6.00 -47.98
C VAL K 168 -34.40 -7.13 -48.69
N ARG K 169 -33.38 -6.79 -49.49
CA ARG K 169 -32.60 -7.82 -50.14
C ARG K 169 -31.85 -8.67 -49.14
N SER K 170 -31.22 -8.04 -48.14
CA SER K 170 -30.46 -8.78 -47.15
C SER K 170 -31.34 -9.56 -46.17
N ALA K 171 -32.63 -9.27 -46.13
CA ALA K 171 -33.54 -10.01 -45.26
C ALA K 171 -33.97 -11.32 -45.91
N LEU K 172 -34.58 -11.23 -47.09
CA LEU K 172 -34.98 -12.44 -47.82
C LEU K 172 -33.77 -13.28 -48.19
N GLU K 173 -32.60 -12.65 -48.34
CA GLU K 173 -31.37 -13.39 -48.49
C GLU K 173 -31.18 -14.42 -47.37
N LYS K 174 -31.50 -14.03 -46.14
CA LYS K 174 -31.34 -14.94 -45.01
C LYS K 174 -32.32 -16.09 -45.08
N ILE K 175 -33.58 -15.81 -45.44
CA ILE K 175 -34.58 -16.88 -45.55
C ILE K 175 -34.14 -17.88 -46.60
N LEU K 176 -33.63 -17.40 -47.74
CA LEU K 176 -33.10 -18.32 -48.75
C LEU K 176 -31.95 -19.15 -48.21
N ALA K 177 -31.12 -18.56 -47.35
CA ALA K 177 -30.00 -19.29 -46.79
C ALA K 177 -30.44 -20.39 -45.84
N VAL K 178 -31.69 -20.35 -45.38
CA VAL K 178 -32.21 -21.37 -44.49
C VAL K 178 -33.15 -22.29 -45.27
N CYS K 179 -33.92 -21.72 -46.18
CA CYS K 179 -34.84 -22.53 -46.98
C CYS K 179 -34.09 -23.58 -47.80
N HIS K 180 -32.91 -23.23 -48.32
CA HIS K 180 -32.09 -24.21 -49.01
C HIS K 180 -31.57 -25.28 -48.07
N GLY K 181 -31.64 -25.04 -46.75
CA GLY K 181 -31.18 -26.04 -45.80
C GLY K 181 -31.97 -27.34 -45.88
N VAL K 182 -33.18 -27.28 -46.42
CA VAL K 182 -33.96 -28.50 -46.60
C VAL K 182 -33.57 -29.19 -47.90
N MET K 183 -33.50 -28.43 -48.99
CA MET K 183 -33.17 -29.00 -50.29
C MET K 183 -31.82 -29.72 -50.24
N TYR K 184 -30.80 -29.06 -49.68
CA TYR K 184 -29.49 -29.67 -49.60
C TYR K 184 -29.52 -31.00 -48.87
N LYS K 185 -30.36 -31.12 -47.83
CA LYS K 185 -30.42 -32.36 -47.07
C LYS K 185 -31.05 -33.47 -47.89
N GLN K 186 -32.26 -33.22 -48.42
CA GLN K 186 -32.89 -34.23 -49.27
C GLN K 186 -32.06 -34.53 -50.50
N LEU K 187 -31.36 -33.52 -51.04
CA LEU K 187 -30.47 -33.75 -52.18
C LEU K 187 -29.31 -34.65 -51.77
N SER K 188 -28.78 -34.46 -50.56
CA SER K 188 -27.66 -35.28 -50.12
C SER K 188 -28.09 -36.71 -49.82
N ALA K 189 -29.20 -36.87 -49.10
CA ALA K 189 -29.64 -38.22 -48.74
C ALA K 189 -30.11 -39.01 -49.97
N TRP K 190 -30.33 -38.33 -51.10
CA TRP K 190 -30.75 -39.03 -52.31
C TRP K 190 -29.63 -39.24 -53.30
N MET K 191 -28.80 -38.22 -53.53
CA MET K 191 -27.69 -38.38 -54.46
C MET K 191 -26.54 -39.19 -53.90
N LEU K 192 -26.70 -39.79 -52.71
CA LEU K 192 -25.63 -40.57 -52.12
C LEU K 192 -26.07 -41.94 -51.61
N HIS K 193 -27.36 -42.17 -51.40
CA HIS K 193 -27.82 -43.42 -50.82
C HIS K 193 -28.93 -44.09 -51.64
N GLY K 194 -29.35 -43.50 -52.75
CA GLY K 194 -30.29 -44.15 -53.65
C GLY K 194 -31.74 -44.11 -53.24
N LEU K 195 -32.09 -43.43 -52.16
CA LEU K 195 -33.47 -43.31 -51.72
C LEU K 195 -33.85 -41.85 -51.55
N LEU K 196 -35.12 -41.55 -51.73
CA LEU K 196 -35.64 -40.19 -51.60
C LEU K 196 -36.52 -40.11 -50.36
N LEU K 197 -36.40 -39.02 -49.62
CA LEU K 197 -37.18 -38.81 -48.40
C LEU K 197 -38.29 -37.81 -48.70
N ASP K 198 -39.39 -38.29 -49.25
CA ASP K 198 -40.50 -37.42 -49.62
C ASP K 198 -41.79 -38.20 -49.51
N GLN K 199 -42.84 -37.53 -49.01
CA GLN K 199 -44.16 -38.14 -48.89
C GLN K 199 -45.28 -37.18 -49.28
N HIS K 200 -44.96 -36.03 -49.88
CA HIS K 200 -45.98 -35.05 -50.21
C HIS K 200 -45.79 -34.45 -51.60
N GLU K 201 -45.03 -35.12 -52.48
CA GLU K 201 -44.67 -34.58 -53.80
C GLU K 201 -43.96 -33.23 -53.65
N GLU K 202 -42.86 -33.26 -52.91
CA GLU K 202 -42.05 -32.07 -52.63
C GLU K 202 -40.81 -31.98 -53.51
N PHE K 203 -39.96 -33.01 -53.47
CA PHE K 203 -38.75 -33.00 -54.26
C PHE K 203 -39.11 -32.97 -55.75
N PHE K 204 -38.21 -32.43 -56.57
CA PHE K 204 -38.46 -32.30 -58.00
C PHE K 204 -38.12 -33.56 -58.77
N ILE K 205 -38.09 -34.71 -58.11
CA ILE K 205 -37.80 -36.00 -58.74
C ILE K 205 -38.82 -37.01 -58.26
N LYS K 206 -39.74 -37.39 -59.14
CA LYS K 206 -40.80 -38.33 -58.78
C LYS K 206 -40.53 -39.71 -59.35
N GLN K 256 -38.20 -46.94 -62.24
CA GLN K 256 -37.90 -45.99 -63.30
C GLN K 256 -38.37 -44.59 -62.92
N PHE K 257 -37.46 -43.78 -62.38
CA PHE K 257 -37.75 -42.42 -61.99
C PHE K 257 -37.75 -41.49 -63.20
N SER K 258 -38.18 -40.26 -62.98
CA SER K 258 -38.32 -39.27 -64.03
C SER K 258 -37.77 -37.94 -63.52
N LEU K 259 -38.04 -36.88 -64.27
CA LEU K 259 -37.65 -35.53 -63.89
C LEU K 259 -38.83 -34.59 -64.07
N ARG K 260 -38.90 -33.59 -63.21
CA ARG K 260 -39.99 -32.62 -63.22
C ARG K 260 -39.45 -31.26 -63.64
N VAL K 261 -40.16 -30.61 -64.57
CA VAL K 261 -39.76 -29.30 -65.04
C VAL K 261 -40.72 -28.20 -64.55
N GLU K 262 -42.02 -28.47 -64.50
CA GLU K 262 -42.99 -27.48 -64.07
C GLU K 262 -42.89 -27.14 -62.59
N ILE K 263 -41.98 -27.76 -61.85
CA ILE K 263 -41.81 -27.47 -60.43
C ILE K 263 -40.33 -27.23 -60.15
N LEU K 264 -39.51 -27.34 -61.19
CA LEU K 264 -38.08 -27.12 -61.04
C LEU K 264 -37.81 -25.66 -60.74
N PRO K 265 -36.78 -25.35 -59.95
CA PRO K 265 -36.46 -23.95 -59.65
C PRO K 265 -36.14 -23.14 -60.91
N SER K 266 -36.09 -21.82 -60.75
CA SER K 266 -35.88 -20.94 -61.88
C SER K 266 -34.40 -20.82 -62.24
N TYR K 267 -33.59 -20.33 -61.30
CA TYR K 267 -32.19 -20.05 -61.61
C TYR K 267 -31.37 -21.30 -61.87
N ILE K 268 -31.84 -22.46 -61.43
CA ILE K 268 -31.09 -23.71 -61.65
C ILE K 268 -31.30 -24.13 -63.10
N PRO K 269 -30.23 -24.37 -63.85
CA PRO K 269 -30.38 -24.76 -65.25
C PRO K 269 -30.81 -26.21 -65.40
N VAL K 270 -31.50 -26.47 -66.50
CA VAL K 270 -31.99 -27.83 -66.77
C VAL K 270 -30.83 -28.79 -66.99
N ARG K 271 -29.66 -28.29 -67.41
CA ARG K 271 -28.51 -29.17 -67.63
C ARG K 271 -28.12 -29.91 -66.36
N VAL K 272 -27.90 -29.16 -65.28
CA VAL K 272 -27.47 -29.79 -64.03
C VAL K 272 -28.58 -30.66 -63.46
N ALA K 273 -29.84 -30.38 -63.81
CA ALA K 273 -30.93 -31.26 -63.41
C ALA K 273 -30.79 -32.64 -64.04
N GLU K 274 -30.28 -32.69 -65.28
CA GLU K 274 -30.02 -33.97 -65.91
C GLU K 274 -28.87 -34.70 -65.23
N LYS K 275 -27.90 -33.95 -64.73
CA LYS K 275 -26.79 -34.58 -64.01
C LYS K 275 -27.26 -35.24 -62.73
N ILE K 276 -28.11 -34.55 -61.97
CA ILE K 276 -28.56 -35.07 -60.68
C ILE K 276 -29.32 -36.37 -60.86
N LEU K 277 -30.33 -36.37 -61.72
CA LEU K 277 -31.18 -37.55 -61.89
C LEU K 277 -30.37 -38.78 -62.29
N PHE K 278 -29.26 -38.58 -63.01
CA PHE K 278 -28.46 -39.72 -63.45
C PHE K 278 -27.70 -40.34 -62.28
N VAL K 279 -27.07 -39.52 -61.44
CA VAL K 279 -26.30 -40.06 -60.32
C VAL K 279 -27.20 -40.77 -59.32
N GLY K 280 -28.44 -40.34 -59.18
CA GLY K 280 -29.35 -40.95 -58.24
C GLY K 280 -29.90 -42.27 -58.74
N GLU K 281 -30.35 -42.29 -60.01
CA GLU K 281 -30.84 -43.54 -60.59
C GLU K 281 -29.73 -44.58 -60.69
N SER K 282 -28.48 -44.15 -60.92
CA SER K 282 -27.39 -45.09 -61.06
C SER K 282 -27.03 -45.78 -59.74
N VAL K 283 -27.38 -45.20 -58.60
CA VAL K 283 -27.15 -45.82 -57.31
C VAL K 283 -28.35 -46.66 -56.87
N GLN K 284 -29.57 -46.16 -57.14
CA GLN K 284 -30.77 -46.94 -56.87
C GLN K 284 -30.73 -48.27 -57.61
N MET K 285 -30.44 -48.25 -58.90
CA MET K 285 -30.33 -49.49 -59.66
C MET K 285 -29.16 -50.32 -59.16
N PHE K 286 -28.10 -49.67 -58.68
CA PHE K 286 -26.95 -50.39 -58.16
C PHE K 286 -27.28 -51.15 -56.88
N GLU K 287 -28.16 -50.61 -56.05
CA GLU K 287 -28.64 -51.25 -54.81
C GLU K 287 -27.55 -51.94 -54.01
N LYS K 301 -16.10 -46.76 -50.21
CA LYS K 301 -14.79 -46.57 -49.59
C LYS K 301 -14.63 -45.15 -49.07
N ASN K 302 -13.84 -44.34 -49.78
CA ASN K 302 -13.62 -42.95 -49.38
C ASN K 302 -14.54 -41.98 -50.09
N GLN K 303 -15.25 -42.42 -51.12
CA GLN K 303 -16.09 -41.50 -51.90
C GLN K 303 -17.40 -41.13 -51.20
N GLU K 304 -17.60 -41.43 -49.92
CA GLU K 304 -18.87 -41.18 -49.26
C GLU K 304 -18.79 -40.02 -48.28
N ASP K 305 -17.83 -40.03 -47.36
CA ASP K 305 -17.74 -38.97 -46.35
C ASP K 305 -17.36 -37.64 -46.98
N THR K 306 -16.45 -37.65 -47.96
CA THR K 306 -16.03 -36.41 -48.59
C THR K 306 -17.19 -35.71 -49.27
N PHE K 307 -18.09 -36.48 -49.88
CA PHE K 307 -19.26 -35.87 -50.51
C PHE K 307 -20.21 -35.31 -49.48
N ALA K 308 -20.24 -35.90 -48.28
CA ALA K 308 -21.14 -35.40 -47.24
C ALA K 308 -20.71 -34.03 -46.76
N ALA K 309 -19.43 -33.87 -46.40
CA ALA K 309 -18.96 -32.59 -45.87
C ALA K 309 -19.11 -31.47 -46.89
N GLU K 310 -18.87 -31.75 -48.17
CA GLU K 310 -19.06 -30.73 -49.19
C GLU K 310 -20.51 -30.27 -49.25
N LEU K 311 -21.45 -31.22 -49.17
CA LEU K 311 -22.86 -30.86 -49.14
C LEU K 311 -23.18 -30.01 -47.92
N HIS K 312 -22.58 -30.33 -46.77
CA HIS K 312 -22.84 -29.57 -45.57
C HIS K 312 -22.21 -28.19 -45.63
N ARG K 313 -21.02 -28.09 -46.24
CA ARG K 313 -20.33 -26.80 -46.31
C ARG K 313 -21.16 -25.78 -47.07
N LEU K 314 -21.90 -26.22 -48.09
CA LEU K 314 -22.70 -25.29 -48.88
C LEU K 314 -23.78 -24.62 -48.04
N LYS K 315 -24.28 -25.32 -47.02
CA LYS K 315 -25.34 -24.75 -46.19
C LYS K 315 -24.85 -23.58 -45.35
N GLN K 316 -23.56 -23.50 -45.08
CA GLN K 316 -23.02 -22.40 -44.29
C GLN K 316 -22.78 -21.14 -45.11
N GLN K 317 -22.74 -21.26 -46.43
CA GLN K 317 -22.54 -20.09 -47.28
C GLN K 317 -23.79 -19.23 -47.28
N PRO K 318 -23.72 -17.98 -46.85
CA PRO K 318 -24.89 -17.09 -46.90
C PRO K 318 -25.31 -16.67 -48.30
N LEU K 319 -24.63 -17.15 -49.33
CA LEU K 319 -24.98 -16.83 -50.71
C LEU K 319 -24.85 -18.08 -51.56
N PHE K 320 -25.96 -18.51 -52.16
CA PHE K 320 -25.97 -19.65 -53.05
C PHE K 320 -25.41 -19.21 -54.41
N SER K 321 -24.19 -19.63 -54.70
CA SER K 321 -23.51 -19.28 -55.95
C SER K 321 -23.59 -20.48 -56.88
N LEU K 322 -24.34 -20.32 -57.99
CA LEU K 322 -24.55 -21.43 -58.91
C LEU K 322 -23.26 -21.94 -59.50
N VAL K 323 -22.23 -21.08 -59.59
CA VAL K 323 -20.94 -21.51 -60.11
C VAL K 323 -20.29 -22.53 -59.20
N ASP K 324 -20.63 -22.52 -57.91
CA ASP K 324 -20.08 -23.49 -56.97
C ASP K 324 -20.97 -24.71 -56.78
N PHE K 325 -22.28 -24.57 -56.95
CA PHE K 325 -23.17 -25.71 -56.84
C PHE K 325 -22.81 -26.79 -57.86
N GLU K 326 -22.50 -26.39 -59.09
CA GLU K 326 -22.08 -27.34 -60.12
C GLU K 326 -20.68 -27.87 -59.84
N GLN K 327 -19.83 -27.08 -59.20
CA GLN K 327 -18.44 -27.45 -58.99
C GLN K 327 -18.29 -28.72 -58.15
N VAL K 328 -19.29 -29.08 -57.35
CA VAL K 328 -19.20 -30.25 -56.51
C VAL K 328 -20.00 -31.39 -57.12
N VAL K 329 -21.09 -31.06 -57.81
CA VAL K 329 -21.93 -32.09 -58.41
C VAL K 329 -21.21 -32.72 -59.60
N ASP K 330 -20.48 -31.92 -60.37
CA ASP K 330 -19.83 -32.44 -61.55
C ASP K 330 -18.73 -33.43 -61.19
N ARG K 331 -18.14 -33.30 -60.01
CA ARG K 331 -17.18 -34.31 -59.56
C ARG K 331 -17.89 -35.60 -59.18
N ILE K 332 -19.02 -35.50 -58.48
CA ILE K 332 -19.76 -36.70 -58.07
C ILE K 332 -20.26 -37.46 -59.29
N ARG K 333 -20.79 -36.75 -60.28
CA ARG K 333 -21.21 -37.40 -61.52
C ARG K 333 -20.05 -38.11 -62.18
N SER K 334 -18.92 -37.43 -62.33
CA SER K 334 -17.76 -38.06 -62.95
C SER K 334 -17.18 -39.16 -62.07
N THR K 335 -17.47 -39.14 -60.77
CA THR K 335 -16.96 -40.17 -59.88
C THR K 335 -17.70 -41.48 -60.08
N VAL K 336 -19.03 -41.44 -60.00
CA VAL K 336 -19.81 -42.66 -60.13
C VAL K 336 -19.79 -43.15 -61.58
N ALA K 337 -19.61 -42.25 -62.53
CA ALA K 337 -19.55 -42.66 -63.93
C ALA K 337 -18.25 -43.39 -64.24
N GLU K 338 -17.15 -42.94 -63.66
CA GLU K 338 -15.86 -43.59 -63.89
C GLU K 338 -15.88 -45.03 -63.38
N HIS K 339 -16.37 -45.23 -62.16
CA HIS K 339 -16.44 -46.59 -61.62
C HIS K 339 -17.44 -47.45 -62.38
N LEU K 340 -18.56 -46.85 -62.80
CA LEU K 340 -19.54 -47.60 -63.57
C LEU K 340 -18.96 -48.01 -64.93
N TRP K 341 -18.18 -47.13 -65.55
CA TRP K 341 -17.54 -47.46 -66.81
C TRP K 341 -16.60 -48.64 -66.64
N LYS K 342 -15.96 -48.75 -65.48
CA LYS K 342 -15.14 -49.93 -65.19
C LYS K 342 -15.99 -51.19 -65.23
N LEU K 343 -17.10 -51.21 -64.49
CA LEU K 343 -17.94 -52.39 -64.43
C LEU K 343 -18.63 -52.67 -65.77
N MET K 344 -18.85 -51.64 -66.59
CA MET K 344 -19.56 -51.83 -67.85
C MET K 344 -18.67 -52.40 -68.95
N VAL K 345 -17.34 -52.40 -68.76
CA VAL K 345 -16.40 -52.83 -69.78
C VAL K 345 -15.51 -53.96 -69.29
N GLU K 346 -14.74 -53.72 -68.24
CA GLU K 346 -13.66 -54.64 -67.88
C GLU K 346 -14.19 -55.95 -67.29
N GLU K 347 -14.96 -55.87 -66.20
CA GLU K 347 -15.52 -57.08 -65.62
C GLU K 347 -16.66 -57.63 -66.47
N SER K 348 -17.63 -56.78 -66.81
CA SER K 348 -18.71 -57.15 -67.71
C SER K 348 -18.30 -56.75 -69.12
N ASP K 349 -17.93 -57.76 -69.93
CA ASP K 349 -17.45 -57.55 -71.32
C ASP K 349 -18.53 -56.93 -72.20
N LEU K 350 -19.96 -50.07 -71.30
CA LEU K 350 -20.85 -49.29 -72.20
C LEU K 350 -20.41 -49.52 -73.64
N LEU K 351 -19.10 -49.55 -73.88
CA LEU K 351 -18.52 -49.73 -75.24
C LEU K 351 -18.92 -51.09 -75.81
N GLY K 352 -18.90 -52.15 -75.00
CA GLY K 352 -19.26 -53.49 -75.48
C GLY K 352 -20.70 -53.53 -75.95
N GLN K 353 -21.62 -52.93 -75.18
CA GLN K 353 -23.05 -52.88 -75.54
C GLN K 353 -23.23 -52.08 -76.84
N LEU K 354 -22.47 -50.98 -76.98
CA LEU K 354 -22.55 -50.11 -78.19
C LEU K 354 -22.13 -50.92 -79.41
N LYS K 355 -21.09 -51.75 -79.27
CA LYS K 355 -20.61 -52.59 -80.40
C LYS K 355 -21.73 -53.55 -80.82
N ILE K 356 -22.43 -54.13 -79.84
CA ILE K 356 -23.57 -55.07 -80.11
C ILE K 356 -24.66 -54.29 -80.85
N ILE K 357 -24.92 -53.05 -80.41
CA ILE K 357 -25.96 -52.19 -81.05
C ILE K 357 -25.60 -51.98 -82.52
N LYS K 358 -24.39 -51.46 -82.79
CA LYS K 358 -23.95 -51.22 -84.16
C LYS K 358 -24.04 -52.47 -85.01
N ASP K 359 -23.93 -53.65 -84.40
CA ASP K 359 -23.99 -54.89 -85.17
C ASP K 359 -25.41 -55.18 -85.62
N PHE K 360 -26.34 -55.35 -84.67
CA PHE K 360 -27.67 -55.86 -84.97
C PHE K 360 -28.66 -54.76 -85.34
N TYR K 361 -28.57 -53.59 -84.71
CA TYR K 361 -29.47 -52.50 -85.06
C TYR K 361 -29.05 -51.82 -86.36
N LEU K 362 -27.78 -51.47 -86.46
CA LEU K 362 -27.27 -50.77 -87.64
C LEU K 362 -26.71 -51.72 -88.69
N LEU K 363 -27.20 -52.97 -88.72
CA LEU K 363 -26.78 -53.95 -89.72
C LEU K 363 -25.27 -54.13 -89.77
N GLY K 364 -24.60 -53.98 -88.63
CA GLY K 364 -23.16 -54.16 -88.60
C GLY K 364 -22.73 -55.56 -89.01
N ARG K 365 -23.47 -56.57 -88.54
CA ARG K 365 -23.21 -57.95 -88.94
C ARG K 365 -24.12 -58.29 -90.13
N GLY K 366 -23.79 -57.68 -91.27
CA GLY K 366 -24.65 -57.77 -92.43
C GLY K 366 -24.78 -59.17 -92.99
N GLU K 367 -23.74 -60.00 -92.82
CA GLU K 367 -23.80 -61.37 -93.33
C GLU K 367 -24.90 -62.19 -92.68
N LEU K 368 -25.24 -61.88 -91.43
CA LEU K 368 -26.31 -62.59 -90.74
C LEU K 368 -27.67 -62.30 -91.38
N PHE K 369 -27.85 -61.07 -91.88
CA PHE K 369 -29.17 -60.66 -92.35
C PHE K 369 -29.43 -61.05 -93.80
N GLN K 370 -28.40 -61.43 -94.55
CA GLN K 370 -28.64 -61.92 -95.90
C GLN K 370 -29.08 -63.37 -95.88
N ALA K 371 -28.55 -64.18 -94.96
CA ALA K 371 -29.04 -65.53 -94.78
C ALA K 371 -30.38 -65.54 -94.05
N PHE K 372 -30.59 -64.56 -93.16
CA PHE K 372 -31.89 -64.41 -92.50
C PHE K 372 -32.97 -64.10 -93.52
N ILE K 373 -32.65 -63.30 -94.54
CA ILE K 373 -33.61 -63.00 -95.58
C ILE K 373 -33.84 -64.22 -96.46
N ASP K 374 -32.77 -64.96 -96.77
CA ASP K 374 -32.89 -66.13 -97.64
C ASP K 374 -33.86 -67.16 -97.06
N THR K 375 -33.87 -67.30 -95.74
CA THR K 375 -34.78 -68.24 -95.09
C THR K 375 -36.14 -67.61 -94.84
N ALA K 376 -36.17 -66.46 -94.17
CA ALA K 376 -37.42 -65.77 -93.84
C ALA K 376 -37.81 -64.85 -94.98
N GLN K 377 -38.07 -65.46 -96.14
CA GLN K 377 -38.52 -64.74 -97.32
C GLN K 377 -39.96 -65.05 -97.69
N HIS K 378 -40.29 -66.34 -97.86
CA HIS K 378 -41.66 -66.69 -98.22
C HIS K 378 -42.61 -66.48 -97.06
N MET K 379 -42.13 -66.59 -95.83
CA MET K 379 -42.98 -66.40 -94.66
C MET K 379 -43.12 -64.94 -94.26
N LEU K 380 -42.77 -64.01 -95.15
CA LEU K 380 -42.98 -62.59 -94.90
C LEU K 380 -43.59 -61.83 -96.06
N LYS K 381 -43.50 -62.34 -97.29
CA LYS K 381 -44.10 -61.63 -98.42
C LYS K 381 -45.62 -61.60 -98.32
N THR K 382 -46.22 -62.64 -97.76
CA THR K 382 -47.65 -62.64 -97.53
C THR K 382 -48.01 -61.64 -96.43
N PRO K 383 -49.25 -61.17 -96.39
CA PRO K 383 -49.65 -60.27 -95.32
C PRO K 383 -49.44 -60.94 -93.97
N PRO K 384 -48.88 -60.21 -93.00
CA PRO K 384 -48.57 -60.82 -91.71
C PRO K 384 -49.82 -61.11 -90.90
N THR K 385 -49.78 -62.24 -90.19
CA THR K 385 -50.89 -62.65 -89.33
C THR K 385 -50.38 -62.92 -87.92
N ALA K 386 -51.23 -63.49 -87.07
CA ALA K 386 -50.89 -63.65 -85.66
C ALA K 386 -49.87 -64.74 -85.40
N VAL K 387 -49.57 -65.60 -86.38
CA VAL K 387 -48.64 -66.70 -86.15
C VAL K 387 -47.24 -66.40 -86.69
N THR K 388 -47.10 -65.57 -87.73
CA THR K 388 -45.80 -65.28 -88.31
C THR K 388 -44.88 -64.56 -87.33
N GLU K 389 -45.39 -64.10 -86.19
CA GLU K 389 -44.53 -63.48 -85.19
C GLU K 389 -43.48 -64.45 -84.66
N HIS K 390 -43.91 -65.66 -84.30
CA HIS K 390 -43.00 -66.69 -83.83
C HIS K 390 -42.41 -67.53 -84.94
N ASP K 391 -43.08 -67.59 -86.09
CA ASP K 391 -42.57 -68.36 -87.22
C ASP K 391 -41.23 -67.84 -87.73
N VAL K 392 -40.87 -66.59 -87.41
CA VAL K 392 -39.64 -65.99 -87.89
C VAL K 392 -38.57 -65.97 -86.81
N ASN K 393 -38.97 -65.90 -85.53
CA ASN K 393 -38.00 -65.89 -84.45
C ASN K 393 -37.15 -67.15 -84.46
N VAL K 394 -37.74 -68.28 -84.83
CA VAL K 394 -36.97 -69.52 -84.92
C VAL K 394 -36.04 -69.47 -86.13
N ALA K 395 -36.41 -68.71 -87.17
CA ALA K 395 -35.53 -68.57 -88.32
C ALA K 395 -34.34 -67.69 -87.98
N PHE K 396 -34.58 -66.58 -87.27
CA PHE K 396 -33.48 -65.70 -86.88
C PHE K 396 -32.53 -66.41 -85.92
N GLN K 397 -33.08 -67.12 -84.93
CA GLN K 397 -32.24 -67.91 -84.04
C GLN K 397 -31.46 -68.95 -84.83
N GLN K 398 -32.10 -69.58 -85.81
CA GLN K 398 -31.39 -70.51 -86.68
C GLN K 398 -30.34 -69.81 -87.53
N SER K 399 -30.50 -68.51 -87.76
CA SER K 399 -29.54 -67.79 -88.60
C SER K 399 -28.23 -67.55 -87.86
N ALA K 400 -28.32 -67.13 -86.59
CA ALA K 400 -27.10 -66.90 -85.80
C ALA K 400 -26.30 -68.18 -85.66
N HIS K 401 -26.97 -69.31 -85.44
CA HIS K 401 -26.28 -70.59 -85.41
C HIS K 401 -25.84 -71.03 -86.80
N LYS K 402 -26.41 -70.45 -87.85
CA LYS K 402 -26.05 -70.82 -89.21
C LYS K 402 -24.69 -70.26 -89.63
N VAL K 403 -24.19 -69.24 -88.93
CA VAL K 403 -22.89 -68.66 -89.26
C VAL K 403 -21.97 -68.87 -88.06
N LEU K 404 -22.18 -69.96 -87.33
CA LEU K 404 -21.33 -70.40 -86.23
C LEU K 404 -21.04 -69.28 -85.22
N LEU K 405 -21.93 -68.30 -85.15
CA LEU K 405 -21.91 -67.29 -84.10
C LEU K 405 -22.74 -67.81 -82.94
N ASP K 406 -22.09 -68.30 -81.88
CA ASP K 406 -22.76 -68.98 -80.80
C ASP K 406 -22.46 -68.26 -79.48
N ASP K 407 -23.52 -67.77 -78.83
CA ASP K 407 -23.38 -67.14 -77.52
C ASP K 407 -24.76 -67.14 -76.87
N ASP K 408 -24.89 -67.85 -75.74
CA ASP K 408 -26.12 -67.80 -74.98
C ASP K 408 -26.34 -66.44 -74.35
N ASN K 409 -25.29 -65.64 -74.21
CA ASN K 409 -25.46 -64.24 -73.85
C ASN K 409 -25.83 -63.43 -75.08
N LEU K 410 -26.63 -62.38 -74.85
CA LEU K 410 -26.99 -61.35 -75.82
C LEU K 410 -27.80 -61.90 -77.00
N LEU K 411 -27.99 -63.22 -77.07
CA LEU K 411 -28.85 -63.77 -78.10
C LEU K 411 -30.32 -63.70 -77.70
N PRO K 412 -30.71 -64.13 -76.50
CA PRO K 412 -32.12 -64.00 -76.10
C PRO K 412 -32.55 -62.57 -75.82
N LEU K 413 -31.65 -61.60 -75.96
CA LEU K 413 -32.02 -60.21 -75.76
C LEU K 413 -32.64 -59.59 -77.01
N LEU K 414 -32.58 -60.28 -78.14
CA LEU K 414 -33.15 -59.78 -79.38
C LEU K 414 -34.39 -60.58 -79.73
N HIS K 415 -35.55 -59.94 -79.65
CA HIS K 415 -36.83 -60.58 -79.94
C HIS K 415 -37.56 -59.77 -81.00
N LEU K 416 -37.65 -60.31 -82.21
CA LEU K 416 -38.31 -59.60 -83.30
C LEU K 416 -39.80 -59.44 -83.00
N THR K 417 -40.31 -58.24 -83.27
CA THR K 417 -41.71 -57.92 -83.07
C THR K 417 -42.39 -57.66 -84.41
N ILE K 418 -43.70 -57.88 -84.44
CA ILE K 418 -44.52 -57.64 -85.61
C ILE K 418 -45.67 -56.74 -85.20
N GLU K 419 -45.69 -55.53 -85.71
CA GLU K 419 -46.79 -54.60 -85.41
C GLU K 419 -48.04 -55.06 -86.14
N TYR K 420 -48.88 -55.83 -85.44
CA TYR K 420 -50.04 -56.47 -86.03
C TYR K 420 -51.32 -55.91 -85.43
N HIS K 421 -52.32 -55.69 -86.29
CA HIS K 421 -53.64 -55.24 -85.88
C HIS K 421 -53.58 -53.90 -85.14
N GLY K 422 -53.03 -52.90 -85.82
CA GLY K 422 -52.89 -51.57 -85.26
C GLY K 422 -51.51 -50.99 -85.45
N ALA K 447 -50.89 -54.94 -96.88
CA ALA K 447 -49.68 -54.64 -96.14
C ALA K 447 -48.75 -55.85 -96.09
N SER K 448 -47.50 -55.63 -96.49
CA SER K 448 -46.50 -56.70 -96.44
C SER K 448 -45.90 -56.79 -95.04
N GLY K 449 -45.27 -57.94 -94.77
CA GLY K 449 -44.70 -58.15 -93.46
C GLY K 449 -43.54 -57.23 -93.14
N TRP K 450 -42.75 -56.86 -94.15
CA TRP K 450 -41.60 -56.01 -93.92
C TRP K 450 -42.01 -54.62 -93.45
N ALA K 451 -43.23 -54.19 -93.79
CA ALA K 451 -43.68 -52.86 -93.40
C ALA K 451 -43.98 -52.77 -91.90
N ALA K 452 -44.07 -53.90 -91.22
CA ALA K 452 -44.35 -53.93 -89.78
C ALA K 452 -43.27 -54.61 -88.97
N LEU K 453 -42.15 -55.00 -89.59
CA LEU K 453 -41.09 -55.66 -88.87
C LEU K 453 -40.37 -54.69 -87.94
N GLY K 454 -39.96 -55.19 -86.78
CA GLY K 454 -39.25 -54.38 -85.81
C GLY K 454 -38.40 -55.25 -84.92
N LEU K 455 -37.41 -54.63 -84.29
CA LEU K 455 -36.46 -55.32 -83.44
C LEU K 455 -36.31 -54.55 -82.14
N SER K 456 -36.67 -55.20 -81.03
CA SER K 456 -36.55 -54.60 -79.71
C SER K 456 -35.36 -55.20 -78.96
N TYR K 457 -34.84 -54.44 -78.01
CA TYR K 457 -33.67 -54.86 -77.20
C TYR K 457 -33.96 -54.58 -75.72
N LYS K 458 -33.89 -55.63 -74.89
CA LYS K 458 -34.15 -55.50 -73.46
C LYS K 458 -32.90 -54.96 -72.79
N VAL K 459 -32.91 -53.67 -72.48
CA VAL K 459 -31.76 -53.03 -71.84
C VAL K 459 -31.61 -53.55 -70.42
N GLN K 460 -30.36 -53.61 -69.96
CA GLN K 460 -30.08 -54.00 -68.58
C GLN K 460 -30.44 -52.84 -67.65
N TRP K 461 -30.13 -52.98 -66.36
CA TRP K 461 -30.49 -51.95 -65.40
C TRP K 461 -29.58 -50.72 -65.46
N PRO K 462 -28.25 -50.87 -65.37
CA PRO K 462 -27.41 -49.66 -65.30
C PRO K 462 -27.51 -48.77 -66.53
N LEU K 463 -27.73 -49.39 -67.69
CA LEU K 463 -27.81 -48.65 -68.98
C LEU K 463 -29.23 -48.14 -69.23
N HIS K 464 -30.15 -48.32 -68.29
CA HIS K 464 -31.51 -47.84 -68.50
C HIS K 464 -31.59 -46.32 -68.48
N ILE K 465 -30.65 -45.68 -67.76
CA ILE K 465 -30.64 -44.22 -67.73
C ILE K 465 -30.27 -43.63 -69.08
N LEU K 466 -29.48 -44.37 -69.87
CA LEU K 466 -29.06 -43.86 -71.17
C LEU K 466 -29.92 -44.38 -72.31
N PHE K 467 -30.59 -45.52 -72.10
CA PHE K 467 -31.41 -46.15 -73.13
C PHE K 467 -32.87 -46.12 -72.70
N THR K 468 -33.55 -45.02 -73.00
CA THR K 468 -34.98 -44.92 -72.82
C THR K 468 -35.69 -45.49 -74.04
N PRO K 469 -36.95 -45.91 -73.89
CA PRO K 469 -37.71 -46.35 -75.07
C PRO K 469 -37.78 -45.30 -76.18
N ALA K 470 -37.48 -44.04 -75.88
CA ALA K 470 -37.48 -43.01 -76.93
C ALA K 470 -36.24 -43.13 -77.80
N VAL K 471 -35.06 -43.20 -77.20
CA VAL K 471 -33.84 -43.33 -77.99
C VAL K 471 -33.81 -44.69 -78.68
N LEU K 472 -34.35 -45.73 -78.04
CA LEU K 472 -34.48 -47.02 -78.70
C LEU K 472 -35.58 -47.03 -79.75
N GLU K 473 -36.38 -45.98 -79.84
CA GLU K 473 -37.39 -45.87 -80.90
C GLU K 473 -36.79 -45.33 -82.19
N LYS K 474 -36.00 -44.25 -82.10
CA LYS K 474 -35.35 -43.70 -83.29
C LYS K 474 -34.36 -44.71 -83.87
N TYR K 475 -33.74 -45.52 -83.03
CA TYR K 475 -32.92 -46.62 -83.52
C TYR K 475 -33.76 -47.59 -84.34
N ASN K 476 -34.99 -47.85 -83.88
CA ASN K 476 -35.83 -48.82 -84.56
C ASN K 476 -36.23 -48.35 -85.95
N VAL K 477 -36.46 -47.04 -86.10
CA VAL K 477 -36.85 -46.50 -87.40
C VAL K 477 -35.73 -46.68 -88.41
N VAL K 478 -34.49 -46.40 -87.98
CA VAL K 478 -33.34 -46.57 -88.87
C VAL K 478 -33.21 -48.02 -89.30
N PHE K 479 -33.51 -48.96 -88.39
CA PHE K 479 -33.36 -50.37 -88.71
C PHE K 479 -34.32 -50.81 -89.81
N LYS K 480 -35.49 -50.16 -89.91
CA LYS K 480 -36.43 -50.53 -90.97
C LYS K 480 -35.95 -50.05 -92.32
N TYR K 481 -35.44 -48.82 -92.39
CA TYR K 481 -35.01 -48.27 -93.67
C TYR K 481 -33.76 -48.98 -94.17
N LEU K 482 -32.80 -49.22 -93.29
CA LEU K 482 -31.57 -49.87 -93.71
C LEU K 482 -31.80 -51.32 -94.12
N LEU K 483 -32.76 -52.00 -93.49
CA LEU K 483 -33.08 -53.37 -93.88
C LEU K 483 -33.77 -53.40 -95.24
N SER K 484 -34.51 -52.35 -95.57
CA SER K 484 -35.21 -52.31 -96.85
C SER K 484 -34.22 -52.31 -98.02
N VAL K 485 -33.26 -51.39 -98.00
CA VAL K 485 -32.31 -51.28 -99.10
C VAL K 485 -31.42 -52.51 -99.16
N ARG K 486 -31.18 -53.15 -98.01
CA ARG K 486 -30.40 -54.37 -98.00
C ARG K 486 -31.17 -55.52 -98.63
N ARG K 487 -32.50 -55.43 -98.62
CA ARG K 487 -33.32 -56.47 -99.23
C ARG K 487 -33.36 -56.33 -100.74
N VAL K 488 -33.49 -55.09 -101.24
CA VAL K 488 -33.63 -54.90 -102.67
C VAL K 488 -32.33 -55.17 -103.40
N GLN K 489 -31.19 -54.84 -102.78
CA GLN K 489 -29.91 -55.13 -103.42
C GLN K 489 -29.67 -56.62 -103.53
N ALA K 490 -30.11 -57.38 -102.53
CA ALA K 490 -29.89 -58.83 -102.55
C ALA K 490 -30.66 -59.48 -103.69
N GLU K 491 -31.97 -59.29 -103.74
CA GLU K 491 -32.76 -59.88 -104.81
C GLU K 491 -32.33 -59.35 -106.17
N LEU K 492 -31.81 -58.12 -106.21
CA LEU K 492 -31.30 -57.58 -107.47
C LEU K 492 -30.03 -58.30 -107.90
N GLN K 493 -29.12 -58.57 -106.94
CA GLN K 493 -27.93 -59.34 -107.28
C GLN K 493 -28.29 -60.73 -107.77
N HIS K 494 -29.39 -61.32 -107.28
CA HIS K 494 -29.81 -62.61 -107.78
C HIS K 494 -30.19 -62.52 -109.26
N CYS K 495 -30.79 -61.41 -109.67
CA CYS K 495 -31.10 -61.22 -111.09
C CYS K 495 -29.83 -61.18 -111.92
N TRP K 496 -28.79 -60.53 -111.40
CA TRP K 496 -27.49 -60.54 -112.07
C TRP K 496 -27.00 -61.97 -112.29
N ALA K 497 -27.16 -62.83 -111.28
CA ALA K 497 -26.77 -64.22 -111.43
C ALA K 497 -27.72 -64.99 -112.34
N LEU K 498 -28.89 -64.44 -112.65
CA LEU K 498 -29.83 -65.08 -113.55
C LEU K 498 -29.53 -64.78 -115.01
N GLN K 499 -29.03 -63.59 -115.31
CA GLN K 499 -28.59 -63.30 -116.67
C GLN K 499 -27.32 -64.07 -116.99
N MET K 500 -26.36 -64.06 -116.07
CA MET K 500 -25.11 -64.79 -116.28
C MET K 500 -25.37 -66.28 -116.46
N GLN K 501 -26.34 -66.81 -115.72
CA GLN K 501 -26.71 -68.21 -115.86
C GLN K 501 -27.35 -68.51 -117.21
N ARG K 502 -27.93 -67.51 -117.86
CA ARG K 502 -28.65 -67.71 -119.11
C ARG K 502 -27.79 -67.45 -120.33
N LYS K 503 -26.47 -67.60 -120.21
CA LYS K 503 -25.61 -67.52 -121.38
C LYS K 503 -25.95 -68.64 -122.36
N HIS K 504 -25.91 -68.33 -123.64
CA HIS K 504 -26.19 -69.34 -124.67
C HIS K 504 -25.02 -70.29 -124.82
N GLN K 509 -32.19 -63.75 -128.03
CA GLN K 509 -33.19 -62.74 -128.37
C GLN K 509 -32.58 -61.36 -128.41
N THR K 510 -32.95 -60.58 -129.43
CA THR K 510 -32.43 -59.22 -129.56
C THR K 510 -32.87 -58.31 -128.42
N ASP K 511 -34.12 -58.44 -127.96
CA ASP K 511 -34.60 -57.65 -126.84
C ASP K 511 -34.09 -58.15 -125.50
N ALA K 512 -33.39 -59.29 -125.47
CA ALA K 512 -32.91 -59.83 -124.21
C ALA K 512 -31.83 -58.95 -123.59
N ILE K 513 -31.15 -58.14 -124.39
CA ILE K 513 -30.11 -57.26 -123.86
C ILE K 513 -30.69 -56.06 -123.13
N LYS K 514 -31.91 -55.66 -123.46
CA LYS K 514 -32.54 -54.51 -122.82
C LYS K 514 -32.68 -54.67 -121.31
N TRP K 515 -32.71 -55.92 -120.82
CA TRP K 515 -32.75 -56.14 -119.38
C TRP K 515 -31.50 -55.60 -118.70
N ARG K 516 -30.34 -56.16 -119.05
CA ARG K 516 -29.11 -55.80 -118.37
C ARG K 516 -28.73 -54.34 -118.65
N LEU K 517 -29.12 -53.81 -119.80
CA LEU K 517 -28.90 -52.39 -120.05
C LEU K 517 -29.70 -51.52 -119.09
N ARG K 518 -30.77 -52.06 -118.51
CA ARG K 518 -31.51 -51.39 -117.46
C ARG K 518 -31.20 -51.94 -116.07
N ASN K 519 -30.90 -53.24 -115.97
CA ASN K 519 -30.54 -53.82 -114.68
C ASN K 519 -29.26 -53.21 -114.15
N HIS K 520 -28.17 -53.30 -114.94
CA HIS K 520 -26.92 -52.68 -114.52
C HIS K 520 -27.09 -51.19 -114.30
N MET K 521 -27.99 -50.55 -115.06
CA MET K 521 -28.31 -49.16 -114.79
C MET K 521 -28.97 -49.01 -113.43
N ALA K 522 -30.04 -49.77 -113.18
CA ALA K 522 -30.72 -49.69 -111.90
C ALA K 522 -29.90 -50.31 -110.77
N PHE K 523 -28.78 -50.93 -111.08
CA PHE K 523 -27.92 -51.47 -110.03
C PHE K 523 -27.07 -50.38 -109.39
N LEU K 524 -26.56 -49.46 -110.22
CA LEU K 524 -25.68 -48.42 -109.70
C LEU K 524 -26.45 -47.39 -108.88
N VAL K 525 -27.76 -47.24 -109.15
CA VAL K 525 -28.53 -46.28 -108.38
C VAL K 525 -28.75 -46.78 -106.96
N ASP K 526 -28.77 -48.10 -106.75
CA ASP K 526 -28.91 -48.64 -105.40
C ASP K 526 -27.58 -48.94 -104.73
N ASN K 527 -26.63 -49.51 -105.48
CA ASN K 527 -25.34 -49.87 -104.87
C ASN K 527 -24.64 -48.64 -104.32
N LEU K 528 -24.55 -47.58 -105.13
CA LEU K 528 -23.97 -46.33 -104.63
C LEU K 528 -24.84 -45.70 -103.55
N GLN K 529 -26.17 -45.83 -103.65
CA GLN K 529 -27.02 -45.46 -102.52
C GLN K 529 -26.69 -46.28 -101.29
N TYR K 530 -26.27 -47.54 -101.48
CA TYR K 530 -25.88 -48.36 -100.34
C TYR K 530 -24.43 -48.09 -99.91
N TYR K 531 -23.62 -47.47 -100.77
CA TYR K 531 -22.42 -46.84 -100.27
C TYR K 531 -22.77 -45.50 -99.63
N LEU K 532 -21.74 -44.81 -99.15
CA LEU K 532 -21.87 -43.58 -98.38
C LEU K 532 -22.44 -43.92 -97.00
N GLN K 533 -22.84 -45.17 -96.80
CA GLN K 533 -23.40 -45.62 -95.54
C GLN K 533 -22.31 -46.09 -94.59
N VAL K 534 -21.33 -46.85 -95.10
CA VAL K 534 -20.12 -47.09 -94.33
C VAL K 534 -19.31 -45.82 -94.15
N ASP K 535 -19.50 -44.84 -95.02
CA ASP K 535 -18.83 -43.54 -94.90
C ASP K 535 -19.64 -42.55 -94.08
N VAL K 536 -20.82 -42.95 -93.59
CA VAL K 536 -21.55 -42.18 -92.61
C VAL K 536 -21.73 -42.95 -91.31
N LEU K 537 -21.75 -44.29 -91.35
CA LEU K 537 -21.84 -45.06 -90.12
C LEU K 537 -20.46 -45.22 -89.49
N GLU K 538 -19.53 -45.86 -90.21
CA GLU K 538 -18.19 -46.10 -89.68
C GLU K 538 -17.40 -44.81 -89.47
N SER K 539 -17.96 -43.66 -89.81
CA SER K 539 -17.33 -42.37 -89.53
C SER K 539 -17.94 -41.68 -88.30
N GLN K 540 -19.26 -41.53 -88.27
CA GLN K 540 -19.91 -40.99 -87.07
C GLN K 540 -19.65 -41.88 -85.87
N PHE K 541 -19.68 -43.20 -86.06
CA PHE K 541 -19.37 -44.11 -84.97
C PHE K 541 -17.93 -43.95 -84.49
N SER K 542 -17.03 -43.57 -85.40
CA SER K 542 -15.65 -43.32 -85.02
C SER K 542 -15.50 -42.09 -84.14
N GLN K 543 -16.43 -41.14 -84.25
CA GLN K 543 -16.36 -39.96 -83.40
C GLN K 543 -17.00 -40.20 -82.04
N LEU K 544 -18.17 -40.83 -82.01
CA LEU K 544 -18.81 -41.14 -80.74
C LEU K 544 -17.94 -42.03 -79.88
N LEU K 545 -17.26 -43.00 -80.50
CA LEU K 545 -16.34 -43.84 -79.76
C LEU K 545 -15.12 -43.05 -79.28
N HIS K 546 -14.86 -41.91 -79.91
CA HIS K 546 -13.76 -41.05 -79.46
C HIS K 546 -14.19 -40.11 -78.35
N GLN K 547 -15.41 -39.59 -78.42
CA GLN K 547 -15.89 -38.62 -77.44
C GLN K 547 -15.93 -39.20 -76.03
N ILE K 548 -16.13 -40.50 -75.88
CA ILE K 548 -16.21 -41.10 -74.56
C ILE K 548 -14.82 -41.27 -73.97
N ASN K 549 -13.88 -41.77 -74.76
CA ASN K 549 -12.52 -42.03 -74.29
C ASN K 549 -11.71 -40.76 -74.05
N SER K 550 -12.32 -39.58 -74.16
CA SER K 550 -11.61 -38.32 -73.96
C SER K 550 -12.10 -37.58 -72.73
N THR K 551 -13.42 -37.40 -72.59
CA THR K 551 -13.99 -36.65 -71.48
C THR K 551 -14.33 -37.58 -70.34
N ARG K 552 -14.03 -37.15 -69.11
CA ARG K 552 -14.39 -37.94 -67.93
C ARG K 552 -15.81 -37.64 -67.46
N ASP K 553 -16.43 -36.58 -67.96
CA ASP K 553 -17.77 -36.22 -67.53
C ASP K 553 -18.82 -37.16 -68.11
N PHE K 554 -19.92 -37.32 -67.38
CA PHE K 554 -21.05 -38.11 -67.87
C PHE K 554 -21.98 -37.31 -68.76
N GLU K 555 -22.14 -36.01 -68.49
CA GLU K 555 -23.02 -35.18 -69.32
C GLU K 555 -22.57 -35.17 -70.77
N SER K 556 -21.26 -35.26 -71.01
CA SER K 556 -20.76 -35.30 -72.38
C SER K 556 -21.30 -36.51 -73.13
N ILE K 557 -21.35 -37.67 -72.47
CA ILE K 557 -21.89 -38.86 -73.11
C ILE K 557 -23.35 -38.67 -73.48
N ARG K 558 -24.14 -38.10 -72.57
CA ARG K 558 -25.56 -37.96 -72.82
C ARG K 558 -25.86 -36.98 -73.95
N LEU K 559 -24.97 -36.04 -74.23
CA LEU K 559 -25.15 -35.11 -75.33
C LEU K 559 -24.47 -35.57 -76.61
N ALA K 560 -23.30 -36.20 -76.51
CA ALA K 560 -22.62 -36.69 -77.71
C ALA K 560 -23.39 -37.84 -78.34
N HIS K 561 -23.85 -38.79 -77.52
CA HIS K 561 -24.67 -39.87 -78.05
C HIS K 561 -25.99 -39.35 -78.61
N ASP K 562 -26.60 -38.38 -77.93
CA ASP K 562 -27.81 -37.77 -78.47
C ASP K 562 -27.51 -37.00 -79.75
N HIS K 563 -26.33 -36.38 -79.82
CA HIS K 563 -25.91 -35.75 -81.06
C HIS K 563 -25.55 -36.79 -82.12
N PHE K 564 -24.95 -37.91 -81.70
CA PHE K 564 -24.56 -38.93 -82.65
C PHE K 564 -25.77 -39.50 -83.38
N LEU K 565 -26.86 -39.77 -82.66
CA LEU K 565 -28.03 -40.34 -83.30
C LEU K 565 -28.72 -39.32 -84.20
N SER K 566 -28.70 -38.05 -83.81
CA SER K 566 -29.41 -37.03 -84.58
C SER K 566 -28.83 -36.89 -85.98
N ASN K 567 -27.53 -37.14 -86.14
CA ASN K 567 -26.94 -37.08 -87.47
C ASN K 567 -27.46 -38.21 -88.35
N LEU K 568 -27.68 -39.39 -87.78
CA LEU K 568 -28.15 -40.52 -88.57
C LEU K 568 -29.51 -40.23 -89.20
N LEU K 569 -30.37 -39.49 -88.50
CA LEU K 569 -31.65 -39.12 -89.08
C LEU K 569 -31.48 -38.13 -90.23
N ALA K 570 -30.45 -37.30 -90.17
CA ALA K 570 -30.25 -36.27 -91.19
C ALA K 570 -29.31 -36.72 -92.30
N GLN K 571 -28.13 -37.24 -91.95
CA GLN K 571 -27.15 -37.60 -92.96
C GLN K 571 -27.64 -38.74 -93.84
N SER K 572 -28.43 -39.67 -93.27
CA SER K 572 -28.94 -40.79 -94.04
C SER K 572 -30.16 -40.42 -94.88
N PHE K 573 -30.44 -39.12 -95.03
CA PHE K 573 -31.44 -38.61 -95.95
C PHE K 573 -32.85 -39.10 -95.60
N ILE K 574 -33.11 -39.37 -94.32
CA ILE K 574 -34.40 -39.90 -93.92
C ILE K 574 -35.38 -38.77 -93.62
N LEU K 575 -34.94 -37.75 -92.87
CA LEU K 575 -35.83 -36.67 -92.48
C LEU K 575 -36.20 -35.78 -93.65
N LEU K 576 -35.27 -35.57 -94.59
CA LEU K 576 -35.53 -34.73 -95.74
C LEU K 576 -36.54 -35.43 -96.64
N LYS K 577 -37.78 -34.94 -96.63
CA LYS K 577 -38.85 -35.59 -97.40
C LYS K 577 -38.52 -35.80 -98.87
N PRO K 578 -38.02 -34.80 -99.62
CA PRO K 578 -37.86 -35.01 -101.07
C PRO K 578 -36.96 -36.18 -101.42
N VAL K 579 -35.73 -36.21 -100.88
CA VAL K 579 -34.85 -37.34 -101.14
C VAL K 579 -35.43 -38.62 -100.57
N PHE K 580 -36.22 -38.51 -99.49
CA PHE K 580 -36.88 -39.67 -98.93
C PHE K 580 -38.07 -40.12 -99.76
N HIS K 581 -38.69 -39.20 -100.52
CA HIS K 581 -39.83 -39.54 -101.33
C HIS K 581 -39.47 -39.93 -102.76
N CYS K 582 -38.25 -39.63 -103.20
CA CYS K 582 -37.81 -39.96 -104.56
C CYS K 582 -37.23 -41.36 -104.64
N LEU K 583 -36.20 -41.65 -103.82
CA LEU K 583 -35.61 -42.98 -103.84
C LEU K 583 -36.58 -44.02 -103.32
N ASN K 584 -37.59 -43.59 -102.56
CA ASN K 584 -38.62 -44.52 -102.10
C ASN K 584 -39.30 -45.21 -103.28
N GLU K 585 -39.48 -44.48 -104.39
CA GLU K 585 -40.10 -45.08 -105.57
C GLU K 585 -39.16 -46.03 -106.28
N ILE K 586 -37.85 -45.82 -106.16
CA ILE K 586 -36.90 -46.73 -106.80
C ILE K 586 -36.97 -48.10 -106.16
N LEU K 587 -37.31 -48.17 -104.87
CA LEU K 587 -37.36 -49.46 -104.18
C LEU K 587 -38.43 -50.36 -104.78
N ASP K 588 -39.69 -49.95 -104.68
CA ASP K 588 -40.78 -50.80 -105.14
C ASP K 588 -40.85 -50.91 -106.66
N LEU K 589 -40.32 -49.93 -107.39
CA LEU K 589 -40.21 -50.08 -108.84
C LEU K 589 -39.26 -51.21 -109.19
N CYS K 590 -38.16 -51.35 -108.46
CA CYS K 590 -37.23 -52.42 -108.73
C CYS K 590 -37.81 -53.78 -108.37
N HIS K 591 -38.67 -53.84 -107.34
CA HIS K 591 -39.33 -55.10 -107.00
C HIS K 591 -40.06 -55.69 -108.20
N SER K 592 -40.85 -54.88 -108.89
CA SER K 592 -41.58 -55.36 -110.06
C SER K 592 -40.62 -55.88 -111.13
N PHE K 593 -39.49 -55.20 -111.30
CA PHE K 593 -38.56 -55.58 -112.36
C PHE K 593 -37.91 -56.93 -112.06
N CYS K 594 -37.34 -57.09 -110.87
CA CYS K 594 -36.66 -58.35 -110.54
C CYS K 594 -37.65 -59.50 -110.48
N SER K 595 -38.88 -59.23 -110.02
CA SER K 595 -39.90 -60.26 -110.01
C SER K 595 -40.30 -60.65 -111.42
N LEU K 596 -40.47 -59.66 -112.30
CA LEU K 596 -40.89 -59.94 -113.67
C LEU K 596 -39.92 -60.86 -114.39
N VAL K 597 -38.61 -60.59 -114.26
CA VAL K 597 -37.64 -61.41 -114.95
C VAL K 597 -37.52 -62.79 -114.31
N SER K 598 -37.81 -62.90 -113.01
CA SER K 598 -37.77 -64.19 -112.35
C SER K 598 -39.08 -64.96 -112.47
N GLN K 599 -40.18 -64.28 -112.76
CA GLN K 599 -41.47 -64.94 -112.90
C GLN K 599 -41.62 -65.71 -114.20
N ASN K 600 -40.58 -65.76 -115.04
CA ASN K 600 -40.64 -66.51 -116.29
C ASN K 600 -39.30 -67.21 -116.49
N LEU K 601 -39.31 -68.24 -117.34
CA LEU K 601 -38.10 -68.99 -117.66
C LEU K 601 -37.65 -68.77 -119.09
N GLY K 602 -38.48 -68.15 -119.93
CA GLY K 602 -38.09 -67.83 -121.28
C GLY K 602 -38.08 -66.33 -121.51
N PRO K 603 -38.01 -65.91 -122.78
CA PRO K 603 -37.97 -64.48 -123.07
C PRO K 603 -39.31 -63.81 -122.77
N LEU K 604 -39.23 -62.51 -122.48
CA LEU K 604 -40.42 -61.71 -122.18
C LEU K 604 -41.13 -61.44 -123.50
N ASP K 605 -42.09 -62.31 -123.83
CA ASP K 605 -42.80 -62.26 -125.10
C ASP K 605 -44.28 -61.92 -124.96
N GLU K 606 -45.02 -62.63 -124.10
CA GLU K 606 -46.44 -62.37 -123.91
C GLU K 606 -46.59 -61.13 -123.02
N ARG K 607 -46.57 -59.97 -123.67
CA ARG K 607 -46.72 -58.64 -123.07
C ARG K 607 -45.66 -58.35 -122.01
N GLY K 608 -44.67 -59.22 -121.84
CA GLY K 608 -43.63 -58.95 -120.86
C GLY K 608 -42.73 -57.81 -121.30
N ALA K 609 -42.23 -57.87 -122.53
CA ALA K 609 -41.48 -56.74 -123.07
C ALA K 609 -42.35 -55.50 -123.17
N ALA K 610 -43.66 -55.70 -123.39
CA ALA K 610 -44.58 -54.56 -123.36
C ALA K 610 -44.71 -53.98 -121.96
N GLN K 611 -44.40 -54.78 -120.94
CA GLN K 611 -44.42 -54.28 -119.56
C GLN K 611 -43.10 -53.66 -119.14
N LEU K 612 -41.97 -54.19 -119.63
CA LEU K 612 -40.67 -53.63 -119.26
C LEU K 612 -40.53 -52.20 -119.77
N SER K 613 -41.10 -51.91 -120.94
CA SER K 613 -41.02 -50.58 -121.52
C SER K 613 -41.80 -49.54 -120.74
N ILE K 614 -42.52 -49.94 -119.69
CA ILE K 614 -43.29 -48.98 -118.90
C ILE K 614 -42.45 -48.40 -117.77
N LEU K 615 -41.66 -49.26 -117.11
CA LEU K 615 -40.86 -48.80 -115.98
C LEU K 615 -39.73 -47.89 -116.45
N VAL K 616 -39.08 -48.23 -117.57
CA VAL K 616 -37.97 -47.43 -118.05
C VAL K 616 -38.43 -46.01 -118.38
N LYS K 617 -39.68 -45.85 -118.80
CA LYS K 617 -40.22 -44.52 -119.04
C LYS K 617 -40.41 -43.74 -117.74
N GLY K 618 -40.49 -44.42 -116.61
CA GLY K 618 -40.60 -43.75 -115.33
C GLY K 618 -39.29 -43.68 -114.59
N PHE K 619 -38.51 -44.76 -114.63
CA PHE K 619 -37.24 -44.80 -113.91
C PHE K 619 -36.24 -43.81 -114.50
N SER K 620 -36.06 -43.85 -115.83
CA SER K 620 -35.08 -42.98 -116.47
C SER K 620 -35.37 -41.51 -116.21
N ARG K 621 -36.64 -41.15 -116.04
CA ARG K 621 -36.98 -39.79 -115.65
C ARG K 621 -36.58 -39.53 -114.19
N GLN K 622 -36.83 -40.50 -113.31
CA GLN K 622 -36.43 -40.36 -111.92
C GLN K 622 -34.92 -40.24 -111.77
N SER K 623 -34.16 -40.83 -112.70
CA SER K 623 -32.71 -40.70 -112.66
C SER K 623 -32.29 -39.25 -112.85
N SER K 624 -32.86 -38.59 -113.86
CA SER K 624 -32.57 -37.17 -114.06
C SER K 624 -33.23 -36.32 -112.98
N LEU K 625 -34.34 -36.79 -112.40
CA LEU K 625 -35.01 -36.03 -111.36
C LEU K 625 -34.14 -35.89 -110.13
N LEU K 626 -33.54 -36.99 -109.66
CA LEU K 626 -32.64 -36.93 -108.53
C LEU K 626 -31.40 -36.11 -108.88
N PHE K 627 -30.97 -36.16 -110.15
CA PHE K 627 -29.85 -35.34 -110.58
C PHE K 627 -30.14 -33.85 -110.40
N LYS K 628 -31.42 -33.48 -110.51
CA LYS K 628 -31.79 -32.08 -110.28
C LYS K 628 -31.93 -31.77 -108.80
N ILE K 629 -32.30 -32.77 -107.99
CA ILE K 629 -32.39 -32.55 -106.55
C ILE K 629 -31.03 -32.24 -105.96
N LEU K 630 -29.99 -32.95 -106.40
CA LEU K 630 -28.65 -32.71 -105.91
C LEU K 630 -28.12 -31.34 -106.34
N SER K 631 -28.14 -31.05 -107.64
CA SER K 631 -27.62 -29.81 -108.16
C SER K 631 -28.53 -28.63 -107.79
N ASN K 639 -24.88 -29.55 -98.40
CA ASN K 639 -24.24 -29.78 -97.11
C ASN K 639 -23.50 -31.12 -97.10
N SER K 640 -24.19 -32.17 -97.53
CA SER K 640 -23.60 -33.51 -97.58
C SER K 640 -23.86 -34.25 -98.88
N ASP K 641 -24.72 -33.72 -99.77
CA ASP K 641 -25.01 -34.41 -101.01
C ASP K 641 -23.81 -34.49 -101.93
N LEU K 642 -22.77 -33.69 -101.70
CA LEU K 642 -21.56 -33.81 -102.49
C LEU K 642 -20.88 -35.16 -102.26
N ALA K 643 -20.90 -35.64 -101.02
CA ALA K 643 -20.34 -36.95 -100.73
C ALA K 643 -21.09 -38.05 -101.45
N GLN K 644 -22.32 -37.78 -101.88
CA GLN K 644 -23.08 -38.76 -102.64
C GLN K 644 -22.94 -38.52 -104.14
N LEU K 645 -22.90 -37.25 -104.55
CA LEU K 645 -22.82 -36.94 -105.97
C LEU K 645 -21.42 -37.18 -106.52
N LEU K 646 -20.40 -37.00 -105.68
CA LEU K 646 -19.02 -37.27 -106.10
C LEU K 646 -18.87 -38.71 -106.59
N LEU K 647 -19.43 -39.66 -105.84
CA LEU K 647 -19.36 -41.05 -106.26
C LEU K 647 -20.24 -41.31 -107.48
N ARG K 648 -21.36 -40.59 -107.58
CA ARG K 648 -22.29 -40.84 -108.68
C ARG K 648 -21.80 -40.27 -110.00
N LEU K 649 -20.95 -39.24 -109.96
CA LEU K 649 -20.57 -38.51 -111.15
C LEU K 649 -19.05 -38.44 -111.34
N ASP K 650 -18.31 -39.30 -110.64
CA ASP K 650 -16.86 -39.37 -110.88
C ASP K 650 -16.58 -39.82 -112.30
N TYR K 651 -17.49 -40.59 -112.89
CA TYR K 651 -17.37 -41.06 -114.27
C TYR K 651 -18.06 -40.12 -115.25
N ASN K 652 -18.67 -39.04 -114.77
CA ASN K 652 -19.21 -37.98 -115.61
C ASN K 652 -20.27 -38.47 -116.58
N LYS K 653 -21.03 -39.51 -116.21
CA LYS K 653 -22.07 -40.00 -117.11
C LYS K 653 -23.35 -39.20 -116.97
N TYR K 654 -23.73 -38.85 -115.74
CA TYR K 654 -24.97 -38.11 -115.53
C TYR K 654 -24.90 -36.71 -116.11
N TYR K 655 -23.71 -36.23 -116.49
CA TYR K 655 -23.59 -34.93 -117.14
C TYR K 655 -24.30 -34.93 -118.48
N THR K 656 -24.40 -36.09 -119.12
CA THR K 656 -25.06 -36.20 -120.42
C THR K 656 -26.58 -36.16 -120.31
N GLN K 657 -27.15 -36.71 -119.25
CA GLN K 657 -28.60 -36.71 -119.06
C GLN K 657 -29.15 -35.29 -119.06
N GLU L 351 -43.10 -6.70 -7.94
CA GLU L 351 -42.23 -6.77 -9.12
C GLU L 351 -42.79 -7.75 -10.14
N LEU L 352 -43.61 -8.67 -9.67
CA LEU L 352 -44.42 -9.61 -10.46
C LEU L 352 -43.56 -10.61 -11.23
N VAL L 353 -42.24 -10.43 -11.30
CA VAL L 353 -41.42 -11.34 -12.10
C VAL L 353 -41.24 -12.67 -11.38
N LYS L 354 -41.10 -12.65 -10.05
CA LYS L 354 -41.07 -13.90 -9.31
C LYS L 354 -42.42 -14.60 -9.30
N ASP L 355 -43.49 -13.92 -9.72
CA ASP L 355 -44.78 -14.58 -9.86
C ASP L 355 -44.87 -15.32 -11.20
N VAL L 356 -44.57 -14.63 -12.29
CA VAL L 356 -44.67 -15.26 -13.61
C VAL L 356 -43.64 -16.37 -13.76
N LEU L 357 -42.44 -16.15 -13.23
CA LEU L 357 -41.40 -17.17 -13.35
C LEU L 357 -41.72 -18.42 -12.54
N ASN L 358 -42.57 -18.30 -11.52
CA ASN L 358 -42.95 -19.44 -10.70
C ASN L 358 -44.23 -20.11 -11.20
N VAL L 359 -44.53 -19.99 -12.50
CA VAL L 359 -45.68 -20.68 -13.07
C VAL L 359 -45.17 -21.82 -13.94
N LEU L 360 -44.01 -21.61 -14.57
CA LEU L 360 -43.39 -22.69 -15.32
C LEU L 360 -42.98 -23.85 -14.42
N ILE L 361 -42.95 -23.63 -13.11
CA ILE L 361 -42.60 -24.71 -12.20
C ILE L 361 -43.83 -25.50 -11.77
N GLY L 362 -45.00 -24.86 -11.72
CA GLY L 362 -46.23 -25.50 -11.35
C GLY L 362 -46.83 -25.02 -10.05
N VAL L 363 -46.03 -24.37 -9.20
CA VAL L 363 -46.55 -23.88 -7.92
C VAL L 363 -47.52 -22.73 -8.17
N VAL L 364 -48.68 -22.81 -7.52
CA VAL L 364 -49.68 -21.75 -7.66
C VAL L 364 -49.16 -20.45 -7.06
N SER L 365 -49.82 -19.35 -7.42
CA SER L 365 -49.39 -18.03 -6.98
C SER L 365 -50.64 -17.23 -6.59
N ALA L 366 -50.43 -15.94 -6.32
CA ALA L 366 -51.52 -15.07 -5.90
C ALA L 366 -52.51 -14.82 -7.02
N THR L 367 -52.04 -14.76 -8.27
CA THR L 367 -52.91 -14.54 -9.42
C THR L 367 -53.04 -15.77 -10.30
N PHE L 368 -52.31 -16.84 -10.02
CA PHE L 368 -52.42 -18.09 -10.75
C PHE L 368 -53.11 -19.11 -9.85
N SER L 369 -54.37 -19.41 -10.15
CA SER L 369 -55.16 -20.36 -9.38
C SER L 369 -55.19 -21.70 -10.12
N LEU L 370 -55.97 -22.63 -9.60
CA LEU L 370 -56.06 -23.97 -10.19
C LEU L 370 -57.41 -24.62 -9.92
N PRO L 390 -51.73 -0.91 -16.60
CA PRO L 390 -53.02 -0.92 -17.29
C PRO L 390 -53.89 -2.12 -16.94
N GLU L 391 -54.57 -2.66 -17.95
CA GLU L 391 -55.40 -3.85 -17.75
C GLU L 391 -55.24 -4.89 -18.86
N SER L 392 -54.42 -4.64 -19.86
CA SER L 392 -54.19 -5.60 -20.93
C SER L 392 -53.15 -6.64 -20.58
N ILE L 393 -52.53 -6.55 -19.40
CA ILE L 393 -51.50 -7.51 -19.02
C ILE L 393 -52.06 -8.92 -18.96
N SER L 394 -53.36 -9.06 -18.67
CA SER L 394 -53.98 -10.37 -18.62
C SER L 394 -53.81 -11.11 -19.94
N SER L 395 -53.96 -10.41 -21.07
CA SER L 395 -53.72 -11.03 -22.36
C SER L 395 -52.26 -11.45 -22.48
N LEU L 396 -51.34 -10.56 -22.11
CA LEU L 396 -49.93 -10.94 -22.04
C LEU L 396 -49.68 -12.02 -21.00
N LEU L 397 -50.39 -12.00 -19.88
CA LEU L 397 -50.20 -13.03 -18.87
C LEU L 397 -50.66 -14.38 -19.36
N SER L 398 -51.77 -14.43 -20.11
CA SER L 398 -52.29 -15.69 -20.60
C SER L 398 -51.33 -16.39 -21.56
N GLU L 399 -50.51 -15.63 -22.29
CA GLU L 399 -49.61 -16.25 -23.25
C GLU L 399 -48.48 -17.00 -22.55
N VAL L 400 -48.12 -16.61 -21.32
CA VAL L 400 -47.12 -17.33 -20.57
C VAL L 400 -47.82 -18.27 -19.58
N ALA L 401 -49.06 -17.92 -19.23
CA ALA L 401 -49.85 -18.78 -18.35
C ALA L 401 -50.09 -20.14 -19.00
N GLU L 402 -50.73 -20.14 -20.18
CA GLU L 402 -51.07 -21.39 -20.84
C GLU L 402 -49.85 -22.25 -21.14
N TYR L 403 -48.66 -21.65 -21.20
CA TYR L 403 -47.45 -22.46 -21.25
C TYR L 403 -47.34 -23.33 -20.01
N GLY L 404 -47.63 -22.77 -18.84
CA GLY L 404 -47.52 -23.55 -17.62
C GLY L 404 -48.48 -24.71 -17.57
N THR L 405 -49.67 -24.56 -18.17
CA THR L 405 -50.68 -25.59 -18.06
C THR L 405 -50.27 -26.90 -18.73
N CYS L 406 -49.30 -26.87 -19.65
CA CYS L 406 -48.83 -28.11 -20.23
C CYS L 406 -47.69 -28.73 -19.44
N TYR L 407 -46.88 -27.90 -18.77
CA TYR L 407 -45.81 -28.43 -17.92
C TYR L 407 -46.40 -29.29 -16.81
N THR L 408 -47.41 -28.78 -16.11
CA THR L 408 -48.09 -29.60 -15.12
C THR L 408 -48.80 -30.77 -15.78
N ARG L 409 -49.36 -30.56 -16.96
CA ARG L 409 -50.04 -31.64 -17.69
C ARG L 409 -49.07 -32.71 -18.20
N LEU L 410 -47.78 -32.58 -17.93
CA LEU L 410 -46.81 -33.62 -18.26
C LEU L 410 -46.45 -34.47 -17.05
N SER L 411 -46.13 -33.83 -15.92
CA SER L 411 -45.83 -34.58 -14.71
C SER L 411 -47.00 -35.45 -14.27
N HIS L 412 -48.22 -34.96 -14.49
CA HIS L 412 -49.40 -35.80 -14.27
C HIS L 412 -49.44 -36.99 -15.21
N PHE L 413 -48.75 -36.91 -16.35
CA PHE L 413 -48.81 -37.97 -17.35
C PHE L 413 -47.56 -38.84 -17.39
N SER L 414 -46.41 -38.33 -16.96
CA SER L 414 -45.18 -39.10 -17.03
C SER L 414 -44.51 -39.23 -15.67
N LEU L 415 -45.29 -39.58 -14.65
CA LEU L 415 -44.78 -39.71 -13.29
C LEU L 415 -44.39 -41.14 -12.93
N GLN L 416 -45.12 -42.14 -13.45
CA GLN L 416 -44.83 -43.52 -13.12
C GLN L 416 -43.44 -43.90 -13.64
N PRO L 417 -42.77 -44.85 -12.97
CA PRO L 417 -41.46 -45.30 -13.45
C PRO L 417 -41.58 -46.20 -14.67
N LYS L 425 -49.89 -50.13 -20.49
CA LYS L 425 -48.75 -50.84 -19.92
C LYS L 425 -47.78 -51.28 -21.01
N GLY L 426 -46.49 -51.28 -20.67
CA GLY L 426 -45.46 -51.67 -21.61
C GLY L 426 -44.08 -51.24 -21.16
N LEU L 427 -43.07 -52.01 -21.55
CA LEU L 427 -41.66 -51.73 -21.14
C LEU L 427 -41.13 -50.53 -21.95
N VAL L 428 -41.38 -50.51 -23.26
CA VAL L 428 -40.87 -49.43 -24.09
C VAL L 428 -41.56 -48.11 -23.75
N PHE L 429 -42.81 -48.17 -23.28
CA PHE L 429 -43.48 -46.95 -22.84
C PHE L 429 -42.82 -46.38 -21.59
N GLN L 430 -42.26 -47.24 -20.74
CA GLN L 430 -41.58 -46.75 -19.54
C GLN L 430 -40.32 -45.98 -19.90
N ALA L 431 -39.52 -46.53 -20.83
CA ALA L 431 -38.29 -45.86 -21.22
C ALA L 431 -38.58 -44.50 -21.86
N PHE L 432 -39.56 -44.45 -22.77
CA PHE L 432 -39.99 -43.18 -23.31
C PHE L 432 -40.50 -42.26 -22.22
N THR L 433 -41.19 -42.83 -21.22
CA THR L 433 -41.57 -42.04 -20.06
C THR L 433 -40.35 -41.67 -19.22
N SER L 434 -39.35 -42.55 -19.18
CA SER L 434 -38.12 -42.23 -18.47
C SER L 434 -37.23 -41.29 -19.25
N GLY L 435 -37.38 -41.25 -20.58
CA GLY L 435 -36.61 -40.29 -21.36
C GLY L 435 -37.18 -38.90 -21.29
N LEU L 436 -38.49 -38.77 -21.07
CA LEU L 436 -39.11 -37.46 -21.04
C LEU L 436 -38.64 -36.65 -19.84
N ARG L 437 -38.60 -37.28 -18.67
CA ARG L 437 -38.10 -36.60 -17.48
C ARG L 437 -36.63 -36.23 -17.60
N ARG L 438 -35.88 -36.89 -18.49
CA ARG L 438 -34.52 -36.46 -18.78
C ARG L 438 -34.49 -35.12 -19.50
N TYR L 439 -35.63 -34.68 -20.03
CA TYR L 439 -35.73 -33.41 -20.74
C TYR L 439 -36.33 -32.30 -19.88
N LEU L 440 -37.43 -32.59 -19.17
CA LEU L 440 -38.11 -31.56 -18.39
C LEU L 440 -37.15 -30.92 -17.38
N GLN L 441 -36.29 -31.73 -16.76
CA GLN L 441 -35.34 -31.17 -15.79
C GLN L 441 -34.47 -30.10 -16.44
N TYR L 442 -34.09 -30.29 -17.70
CA TYR L 442 -33.38 -29.24 -18.42
C TYR L 442 -34.24 -27.98 -18.53
N TYR L 443 -35.53 -28.17 -18.83
CA TYR L 443 -36.44 -27.03 -18.86
C TYR L 443 -36.57 -26.40 -17.49
N ARG L 444 -36.51 -27.20 -16.43
CA ARG L 444 -36.43 -26.67 -15.07
C ARG L 444 -35.04 -26.12 -14.77
N ALA L 445 -34.02 -26.61 -15.48
CA ALA L 445 -32.67 -26.09 -15.27
C ALA L 445 -32.47 -24.74 -15.91
N CYS L 446 -33.01 -24.54 -17.12
CA CYS L 446 -32.86 -23.25 -17.80
C CYS L 446 -33.55 -22.15 -17.02
N VAL L 447 -34.77 -22.41 -16.55
CA VAL L 447 -35.44 -21.44 -15.69
C VAL L 447 -34.75 -21.42 -14.32
N LEU L 448 -35.05 -20.38 -13.55
CA LEU L 448 -34.43 -20.14 -12.25
C LEU L 448 -32.91 -20.04 -12.33
N SER L 449 -32.38 -19.80 -13.52
CA SER L 449 -30.93 -19.71 -13.70
C SER L 449 -30.50 -18.32 -14.16
N THR L 450 -31.00 -17.86 -15.31
CA THR L 450 -30.56 -16.57 -15.85
C THR L 450 -31.16 -15.39 -15.10
N PRO L 451 -32.48 -15.23 -15.05
CA PRO L 451 -33.03 -13.95 -14.60
C PRO L 451 -33.22 -13.90 -13.10
N PRO L 452 -32.49 -13.03 -12.40
CA PRO L 452 -32.92 -12.68 -11.03
C PRO L 452 -34.20 -11.87 -11.07
N THR L 453 -34.15 -10.74 -11.78
CA THR L 453 -35.29 -9.82 -11.92
C THR L 453 -35.07 -9.04 -13.21
N LEU L 454 -35.76 -9.45 -14.28
CA LEU L 454 -35.65 -8.80 -15.58
C LEU L 454 -36.96 -8.09 -15.91
N SER L 455 -36.96 -7.39 -17.05
CA SER L 455 -38.14 -6.68 -17.49
C SER L 455 -39.26 -7.66 -17.82
N LEU L 456 -40.50 -7.20 -17.63
CA LEU L 456 -41.65 -8.06 -17.88
C LEU L 456 -41.71 -8.51 -19.33
N LEU L 457 -41.49 -7.59 -20.25
CA LEU L 457 -41.54 -7.95 -21.67
C LEU L 457 -40.42 -8.89 -22.06
N THR L 458 -39.29 -8.83 -21.35
CA THR L 458 -38.18 -9.72 -21.66
C THR L 458 -38.58 -11.18 -21.46
N ILE L 459 -39.42 -11.44 -20.45
CA ILE L 459 -39.84 -12.80 -20.16
C ILE L 459 -40.61 -13.38 -21.35
N GLY L 460 -41.58 -12.62 -21.85
CA GLY L 460 -42.40 -13.12 -22.95
C GLY L 460 -41.58 -13.40 -24.20
N PHE L 461 -40.61 -12.54 -24.51
CA PHE L 461 -39.80 -12.74 -25.70
C PHE L 461 -38.78 -13.86 -25.50
N LEU L 462 -38.21 -13.97 -24.31
CA LEU L 462 -37.20 -15.00 -24.07
C LEU L 462 -37.83 -16.39 -24.13
N PHE L 463 -39.02 -16.55 -23.58
CA PHE L 463 -39.69 -17.85 -23.55
C PHE L 463 -40.64 -18.05 -24.71
N LYS L 464 -40.36 -17.43 -25.85
CA LYS L 464 -41.18 -17.66 -27.04
C LYS L 464 -40.57 -18.74 -27.94
N LYS L 465 -39.30 -18.56 -28.33
CA LYS L 465 -38.63 -19.57 -29.16
C LYS L 465 -38.54 -20.91 -28.45
N LEU L 466 -38.71 -20.94 -27.14
CA LEU L 466 -38.72 -22.17 -26.36
C LEU L 466 -40.11 -22.58 -25.91
N GLY L 467 -40.96 -21.60 -25.60
CA GLY L 467 -42.29 -21.92 -25.08
C GLY L 467 -43.15 -22.65 -26.10
N ARG L 468 -43.15 -22.17 -27.36
CA ARG L 468 -43.95 -22.81 -28.39
C ARG L 468 -43.55 -24.27 -28.57
N GLN L 469 -42.28 -24.59 -28.37
CA GLN L 469 -41.84 -25.98 -28.46
C GLN L 469 -42.50 -26.81 -27.37
N LEU L 470 -42.71 -26.22 -26.19
CA LEU L 470 -43.37 -26.95 -25.12
C LEU L 470 -44.81 -27.29 -25.49
N ARG L 471 -45.50 -26.37 -26.18
CA ARG L 471 -46.86 -26.65 -26.60
C ARG L 471 -46.89 -27.70 -27.71
N TYR L 472 -45.80 -27.82 -28.48
CA TYR L 472 -45.76 -28.86 -29.50
C TYR L 472 -45.74 -30.25 -28.89
N LEU L 473 -45.08 -30.39 -27.74
CA LEU L 473 -45.03 -31.69 -27.06
C LEU L 473 -46.40 -32.15 -26.58
N ALA L 474 -47.39 -31.26 -26.56
CA ALA L 474 -48.75 -31.68 -26.22
C ALA L 474 -49.42 -32.38 -27.40
N GLU L 475 -49.13 -31.96 -28.62
CA GLU L 475 -49.65 -32.67 -29.78
C GLU L 475 -49.08 -34.07 -29.88
N LEU L 476 -47.84 -34.27 -29.41
CA LEU L 476 -47.23 -35.59 -29.49
C LEU L 476 -47.92 -36.58 -28.57
N CYS L 477 -47.96 -36.28 -27.27
CA CYS L 477 -48.63 -37.13 -26.31
C CYS L 477 -50.13 -36.84 -26.34
N GLY L 478 -50.87 -37.38 -25.37
CA GLY L 478 -52.30 -37.10 -25.31
C GLY L 478 -52.58 -35.69 -24.83
N VAL L 479 -52.01 -35.32 -23.67
CA VAL L 479 -52.21 -33.99 -23.11
C VAL L 479 -51.50 -32.95 -23.96
N ALA L 494 -55.85 -44.27 -28.43
CA ALA L 494 -55.17 -43.54 -27.36
C ALA L 494 -53.70 -43.32 -27.69
N PHE L 495 -52.82 -43.96 -26.94
CA PHE L 495 -51.38 -43.86 -27.13
C PHE L 495 -50.83 -45.25 -27.40
N PRO L 496 -50.16 -45.49 -28.53
CA PRO L 496 -49.70 -46.85 -28.85
C PRO L 496 -48.65 -47.33 -27.86
N THR L 497 -48.34 -48.62 -27.98
CA THR L 497 -47.34 -49.26 -27.14
C THR L 497 -46.60 -50.31 -27.95
N GLY L 498 -45.52 -50.82 -27.38
CA GLY L 498 -44.74 -51.82 -28.08
C GLY L 498 -44.09 -51.26 -29.33
N VAL L 499 -43.98 -52.13 -30.35
CA VAL L 499 -43.41 -51.71 -31.62
C VAL L 499 -44.27 -50.63 -32.26
N LYS L 500 -45.59 -50.69 -32.05
CA LYS L 500 -46.49 -49.71 -32.63
C LYS L 500 -46.13 -48.29 -32.20
N LEU L 501 -45.54 -48.13 -31.00
CA LEU L 501 -45.10 -46.83 -30.55
C LEU L 501 -43.68 -46.51 -31.02
N LEU L 502 -42.80 -47.51 -31.00
CA LEU L 502 -41.43 -47.30 -31.46
C LEU L 502 -41.36 -46.95 -32.94
N SER L 503 -42.40 -47.29 -33.71
CA SER L 503 -42.45 -46.91 -35.11
C SER L 503 -43.25 -45.63 -35.32
N TYR L 504 -44.28 -45.39 -34.51
CA TYR L 504 -45.03 -44.14 -34.62
C TYR L 504 -44.13 -42.93 -34.36
N LEU L 505 -43.30 -43.01 -33.31
CA LEU L 505 -42.39 -41.92 -33.02
C LEU L 505 -41.38 -41.74 -34.13
N TYR L 506 -41.06 -42.80 -34.87
CA TYR L 506 -40.12 -42.68 -35.98
C TYR L 506 -40.71 -41.83 -37.10
N GLN L 507 -41.96 -42.08 -37.47
CA GLN L 507 -42.60 -41.30 -38.53
C GLN L 507 -42.79 -39.84 -38.14
N GLU L 508 -42.64 -39.49 -36.86
CA GLU L 508 -42.63 -38.11 -36.46
C GLU L 508 -41.31 -37.42 -36.76
N ALA L 509 -40.27 -38.18 -37.12
CA ALA L 509 -38.99 -37.57 -37.46
C ALA L 509 -39.00 -37.04 -38.88
N LEU L 510 -39.22 -37.92 -39.86
CA LEU L 510 -39.24 -37.50 -41.25
C LEU L 510 -40.33 -36.46 -41.52
N HIS L 511 -41.42 -36.51 -40.75
CA HIS L 511 -42.50 -35.54 -40.94
C HIS L 511 -42.05 -34.13 -40.59
N ASN L 512 -41.14 -33.99 -39.62
CA ASN L 512 -40.67 -32.68 -39.17
C ASN L 512 -39.17 -32.70 -38.97
N CYS L 513 -38.43 -33.12 -40.01
CA CYS L 513 -37.01 -33.39 -39.84
C CYS L 513 -36.21 -32.09 -39.72
N SER L 514 -36.17 -31.29 -40.79
CA SER L 514 -35.16 -30.24 -40.87
C SER L 514 -35.39 -29.13 -39.86
N ASN L 515 -36.59 -29.03 -39.31
CA ASN L 515 -36.92 -27.94 -38.39
C ASN L 515 -36.15 -28.12 -37.08
N GLU L 516 -36.38 -27.20 -36.14
CA GLU L 516 -35.67 -27.22 -34.86
C GLU L 516 -36.12 -28.33 -33.94
N HIS L 517 -37.09 -29.15 -34.35
CA HIS L 517 -37.58 -30.26 -33.53
C HIS L 517 -36.86 -31.56 -33.83
N TYR L 518 -35.70 -31.51 -34.47
CA TYR L 518 -34.98 -32.74 -34.81
C TYR L 518 -34.21 -33.30 -33.61
N PRO L 519 -33.43 -32.51 -32.88
CA PRO L 519 -32.67 -33.11 -31.77
C PRO L 519 -33.55 -33.65 -30.65
N VAL L 520 -34.57 -32.91 -30.24
CA VAL L 520 -35.37 -33.31 -29.09
C VAL L 520 -36.09 -34.63 -29.37
N LEU L 521 -36.71 -34.74 -30.54
CA LEU L 521 -37.34 -36.01 -30.90
C LEU L 521 -36.30 -37.12 -31.03
N LEU L 522 -35.13 -36.80 -31.57
CA LEU L 522 -34.10 -37.82 -31.74
C LEU L 522 -33.63 -38.35 -30.38
N SER L 523 -33.35 -37.45 -29.43
CA SER L 523 -32.90 -37.88 -28.12
C SER L 523 -33.97 -38.73 -27.42
N LEU L 524 -35.24 -38.53 -27.75
CA LEU L 524 -36.27 -39.42 -27.24
C LEU L 524 -36.21 -40.78 -27.92
N LEU L 525 -36.24 -40.79 -29.26
CA LEU L 525 -36.15 -42.04 -30.00
C LEU L 525 -34.86 -42.78 -29.68
N LYS L 526 -33.78 -42.06 -29.42
CA LYS L 526 -32.51 -42.71 -29.11
C LYS L 526 -32.58 -43.46 -27.78
N THR L 527 -33.45 -43.05 -26.87
CA THR L 527 -33.62 -43.76 -25.61
C THR L 527 -34.96 -44.48 -25.49
N SER L 528 -35.93 -44.16 -26.34
CA SER L 528 -37.19 -44.89 -26.34
C SER L 528 -37.05 -46.27 -27.00
N CYS L 529 -35.93 -46.54 -27.65
CA CYS L 529 -35.66 -47.84 -28.24
C CYS L 529 -34.60 -48.61 -27.47
N GLU L 530 -34.10 -48.07 -26.35
CA GLU L 530 -33.04 -48.73 -25.61
C GLU L 530 -33.41 -50.13 -25.14
N PRO L 531 -34.54 -50.36 -24.46
CA PRO L 531 -34.85 -51.74 -24.04
C PRO L 531 -35.14 -52.66 -25.21
N TYR L 532 -35.73 -52.13 -26.29
CA TYR L 532 -36.07 -52.98 -27.43
C TYR L 532 -34.84 -53.55 -28.10
N THR L 533 -33.72 -52.82 -28.06
CA THR L 533 -32.48 -53.38 -28.60
C THR L 533 -32.01 -54.56 -27.80
N ARG L 534 -32.24 -54.56 -26.48
CA ARG L 534 -31.79 -55.66 -25.64
C ARG L 534 -32.44 -56.97 -26.05
N PHE L 535 -33.76 -56.89 -26.33
CA PHE L 535 -34.52 -58.06 -26.81
C PHE L 535 -33.85 -58.54 -28.10
N ILE L 536 -33.58 -57.59 -29.01
CA ILE L 536 -32.89 -57.91 -30.25
C ILE L 536 -31.48 -58.39 -29.95
N HIS L 537 -30.90 -57.94 -28.84
CA HIS L 537 -29.57 -58.37 -28.45
C HIS L 537 -29.54 -59.74 -27.78
N ASP L 538 -30.64 -60.48 -27.92
CA ASP L 538 -30.74 -61.85 -27.33
C ASP L 538 -30.53 -62.88 -28.45
N TRP L 539 -31.40 -62.87 -29.46
CA TRP L 539 -31.28 -63.81 -30.57
C TRP L 539 -29.98 -63.68 -31.32
N VAL L 540 -29.22 -62.61 -31.07
CA VAL L 540 -27.97 -62.42 -31.80
C VAL L 540 -26.77 -62.94 -31.01
N TYR L 541 -26.83 -62.88 -29.68
CA TYR L 541 -25.70 -63.26 -28.86
C TYR L 541 -25.97 -64.49 -28.00
N SER L 542 -27.09 -64.52 -27.28
CA SER L 542 -27.36 -65.58 -26.32
C SER L 542 -28.47 -66.52 -26.74
N GLY L 543 -29.52 -66.01 -27.39
CA GLY L 543 -30.60 -66.86 -27.84
C GLY L 543 -31.69 -67.15 -26.83
N VAL L 544 -31.57 -66.53 -25.65
CA VAL L 544 -32.61 -66.71 -24.59
C VAL L 544 -33.70 -65.66 -24.86
N PHE L 545 -34.78 -66.08 -25.51
CA PHE L 545 -35.87 -65.12 -25.84
C PHE L 545 -36.43 -64.55 -24.53
N ARG L 546 -36.57 -63.22 -24.46
CA ARG L 546 -37.09 -62.57 -23.25
C ARG L 546 -38.39 -61.83 -23.62
N ASP L 547 -39.48 -62.15 -22.91
CA ASP L 547 -40.79 -61.48 -23.16
C ASP L 547 -41.39 -61.08 -21.82
N ALA L 548 -42.20 -60.02 -21.82
CA ALA L 548 -42.85 -59.55 -20.57
C ALA L 548 -44.34 -59.38 -20.80
N TYR L 549 -44.71 -58.46 -21.71
CA TYR L 549 -46.12 -58.20 -21.98
C TYR L 549 -46.49 -58.33 -23.45
N GLY L 550 -45.53 -58.58 -24.33
CA GLY L 550 -45.80 -58.72 -25.75
C GLY L 550 -45.30 -57.58 -26.62
N GLU L 551 -44.46 -56.69 -26.08
CA GLU L 551 -43.94 -55.59 -26.88
C GLU L 551 -43.14 -56.11 -28.08
N PHE L 552 -42.46 -57.24 -27.91
CA PHE L 552 -41.78 -57.87 -29.03
C PHE L 552 -42.78 -58.22 -30.11
N MET L 553 -42.38 -58.04 -31.38
CA MET L 553 -43.24 -58.41 -32.48
C MET L 553 -43.35 -59.93 -32.63
N ILE L 554 -42.49 -60.69 -31.95
CA ILE L 554 -42.46 -62.14 -32.04
C ILE L 554 -42.72 -62.72 -30.65
N GLN L 555 -43.58 -63.72 -30.59
CA GLN L 555 -43.93 -64.39 -29.34
C GLN L 555 -43.54 -65.86 -29.43
N VAL L 556 -43.91 -66.62 -28.40
CA VAL L 556 -43.63 -68.06 -28.37
C VAL L 556 -44.76 -68.80 -27.66
N LYS L 566 -39.77 -82.91 -34.23
CA LYS L 566 -40.96 -82.83 -35.07
C LYS L 566 -40.91 -81.58 -35.94
N LEU L 567 -41.80 -80.63 -35.67
CA LEU L 567 -41.82 -79.38 -36.44
C LEU L 567 -41.03 -78.28 -35.74
N TYR L 568 -41.31 -78.01 -34.47
CA TYR L 568 -40.45 -77.20 -33.61
C TYR L 568 -40.30 -75.76 -34.11
N TRP L 569 -40.99 -75.40 -35.17
CA TRP L 569 -40.80 -74.10 -35.80
C TRP L 569 -42.09 -73.28 -35.78
N THR L 570 -42.71 -73.19 -34.61
CA THR L 570 -43.98 -72.48 -34.44
C THR L 570 -43.83 -71.25 -33.54
N HIS L 571 -42.77 -70.47 -33.76
CA HIS L 571 -42.61 -69.17 -33.11
C HIS L 571 -43.19 -68.13 -34.07
N GLY L 572 -44.47 -67.85 -33.93
CA GLY L 572 -45.13 -66.95 -34.85
C GLY L 572 -44.46 -65.59 -34.91
N TYR L 573 -44.43 -65.01 -36.11
CA TYR L 573 -43.67 -63.78 -36.37
C TYR L 573 -44.58 -62.60 -36.68
N VAL L 574 -45.44 -62.72 -37.68
CA VAL L 574 -46.31 -61.63 -38.08
C VAL L 574 -47.74 -61.86 -37.60
N VAL L 586 -41.41 -47.95 -40.95
CA VAL L 586 -40.82 -48.83 -39.93
C VAL L 586 -39.39 -49.16 -40.29
N PHE L 587 -38.79 -50.08 -39.54
CA PHE L 587 -37.43 -50.51 -39.81
C PHE L 587 -37.36 -51.23 -41.16
N LEU L 588 -36.15 -51.21 -41.74
CA LEU L 588 -35.95 -51.81 -43.06
C LEU L 588 -36.22 -53.30 -43.02
N LYS L 589 -37.22 -53.74 -43.78
CA LYS L 589 -37.57 -55.15 -43.84
C LYS L 589 -36.45 -56.02 -44.36
N HIS L 590 -35.40 -55.42 -44.94
CA HIS L 590 -34.26 -56.20 -45.41
C HIS L 590 -33.59 -56.96 -44.28
N ILE L 591 -33.77 -56.52 -43.04
CA ILE L 591 -33.23 -57.23 -41.89
C ILE L 591 -34.31 -57.79 -40.98
N ALA L 592 -35.59 -57.47 -41.21
CA ALA L 592 -36.66 -57.94 -40.34
C ALA L 592 -36.75 -59.47 -40.33
N HIS L 593 -37.01 -60.06 -41.49
CA HIS L 593 -37.16 -61.51 -41.57
C HIS L 593 -35.87 -62.23 -41.23
N ASP L 594 -34.71 -61.59 -41.39
CA ASP L 594 -33.45 -62.24 -41.08
C ASP L 594 -33.27 -62.46 -39.58
N ILE L 595 -33.73 -61.52 -38.76
CA ILE L 595 -33.62 -61.68 -37.31
C ILE L 595 -34.44 -62.87 -36.85
N TYR L 596 -35.60 -63.10 -37.49
CA TYR L 596 -36.45 -64.22 -37.09
C TYR L 596 -35.75 -65.55 -37.28
N VAL L 597 -34.90 -65.68 -38.29
CA VAL L 597 -34.18 -66.93 -38.51
C VAL L 597 -32.81 -66.92 -37.82
N CYS L 598 -32.23 -65.75 -37.60
CA CYS L 598 -30.94 -65.68 -36.92
C CYS L 598 -31.02 -66.13 -35.47
N GLY L 599 -32.23 -66.23 -34.92
CA GLY L 599 -32.39 -66.69 -33.55
C GLY L 599 -32.74 -68.16 -33.45
N LYS L 600 -33.66 -68.61 -34.30
CA LYS L 600 -34.09 -70.01 -34.24
C LYS L 600 -32.93 -70.97 -34.46
N THR L 601 -31.91 -70.53 -35.22
CA THR L 601 -30.72 -71.36 -35.38
C THR L 601 -29.99 -71.53 -34.05
N ILE L 602 -29.84 -70.45 -33.29
CA ILE L 602 -29.19 -70.55 -31.99
C ILE L 602 -30.03 -71.39 -31.04
N ASN L 603 -31.35 -71.17 -31.05
CA ASN L 603 -32.22 -71.97 -30.19
C ASN L 603 -32.26 -73.42 -30.62
N LEU L 604 -31.84 -73.73 -31.84
CA LEU L 604 -31.76 -75.11 -32.30
C LEU L 604 -30.43 -75.75 -31.97
N LEU L 605 -29.33 -74.98 -31.99
CA LEU L 605 -28.05 -75.53 -31.58
C LEU L 605 -27.97 -75.74 -30.07
N LYS L 606 -28.78 -75.03 -29.31
CA LYS L 606 -28.79 -75.21 -27.86
C LYS L 606 -29.28 -76.61 -27.48
N LEU L 607 -30.15 -77.21 -28.30
CA LEU L 607 -30.63 -78.56 -28.08
C LEU L 607 -29.82 -79.60 -28.83
N CYS L 608 -28.56 -79.32 -29.12
CA CYS L 608 -27.70 -80.26 -29.85
C CYS L 608 -26.23 -80.01 -29.55
N VAL L 1482 -31.33 -36.88 -42.63
CA VAL L 1482 -31.08 -38.22 -43.14
C VAL L 1482 -31.28 -39.24 -42.02
N LEU L 1483 -31.96 -40.35 -42.34
CA LEU L 1483 -32.18 -41.45 -41.41
C LEU L 1483 -31.56 -42.70 -42.01
N MET L 1484 -30.26 -42.89 -41.78
CA MET L 1484 -29.53 -44.07 -42.22
C MET L 1484 -29.29 -44.95 -41.00
N LYS L 1485 -30.00 -46.08 -40.94
CA LYS L 1485 -29.89 -47.00 -39.80
C LYS L 1485 -28.63 -47.85 -40.01
N ARG L 1486 -27.50 -47.28 -39.62
CA ARG L 1486 -26.23 -47.99 -39.69
C ARG L 1486 -25.70 -48.42 -38.32
N SER L 1487 -26.11 -47.75 -37.25
CA SER L 1487 -25.64 -48.12 -35.92
C SER L 1487 -26.21 -49.46 -35.44
N ILE L 1488 -27.25 -49.96 -36.09
CA ILE L 1488 -27.86 -51.23 -35.71
C ILE L 1488 -27.37 -52.37 -36.59
N THR L 1489 -27.51 -52.23 -37.92
CA THR L 1489 -27.24 -53.36 -38.81
C THR L 1489 -25.74 -53.64 -38.91
N ALA L 1490 -24.89 -52.63 -38.72
CA ALA L 1490 -23.46 -52.84 -38.88
C ALA L 1490 -22.89 -53.77 -37.81
N PRO L 1491 -23.17 -53.61 -36.51
CA PRO L 1491 -22.75 -54.62 -35.54
C PRO L 1491 -23.61 -55.88 -35.59
N LEU L 1492 -24.58 -55.95 -36.49
CA LEU L 1492 -25.50 -57.08 -36.58
C LEU L 1492 -25.20 -57.99 -37.76
N ALA L 1493 -25.12 -57.44 -38.98
CA ALA L 1493 -24.87 -58.27 -40.15
C ALA L 1493 -23.51 -58.96 -40.07
N ALA L 1494 -22.57 -58.37 -39.35
CA ALA L 1494 -21.26 -59.00 -39.18
C ALA L 1494 -21.37 -60.30 -38.40
N HIS L 1495 -22.41 -60.46 -37.58
CA HIS L 1495 -22.60 -61.66 -36.79
C HIS L 1495 -23.58 -62.63 -37.42
N ILE L 1496 -24.42 -62.18 -38.34
CA ILE L 1496 -25.39 -63.07 -38.97
C ILE L 1496 -24.71 -64.05 -39.90
N SER L 1497 -23.77 -63.55 -40.72
CA SER L 1497 -23.09 -64.43 -41.66
C SER L 1497 -22.23 -65.46 -40.95
N LEU L 1498 -21.69 -65.12 -39.78
CA LEU L 1498 -20.84 -66.08 -39.08
C LEU L 1498 -21.66 -67.22 -38.47
N VAL L 1499 -22.89 -66.93 -38.04
CA VAL L 1499 -23.73 -67.97 -37.46
C VAL L 1499 -24.20 -68.94 -38.54
N ASN L 1500 -24.74 -68.40 -39.64
CA ASN L 1500 -25.27 -69.25 -40.69
C ASN L 1500 -24.17 -70.13 -41.30
N LYS L 1501 -23.02 -69.52 -41.61
CA LYS L 1501 -21.90 -70.29 -42.15
C LYS L 1501 -21.46 -71.37 -41.17
N ALA L 1502 -21.53 -71.09 -39.87
CA ALA L 1502 -21.22 -72.10 -38.87
C ALA L 1502 -22.36 -73.07 -38.67
N ALA L 1503 -23.59 -72.69 -39.04
CA ALA L 1503 -24.72 -73.61 -38.92
C ALA L 1503 -24.70 -74.64 -40.05
N VAL L 1504 -24.48 -74.18 -41.29
CA VAL L 1504 -24.45 -75.11 -42.41
C VAL L 1504 -23.25 -76.03 -42.32
N ASP L 1505 -22.08 -75.47 -42.00
CA ASP L 1505 -20.87 -76.28 -41.84
C ASP L 1505 -21.06 -77.34 -40.78
N TYR L 1506 -21.79 -77.02 -39.71
CA TYR L 1506 -22.03 -78.01 -38.66
C TYR L 1506 -22.77 -79.22 -39.20
N PHE L 1507 -23.58 -79.05 -40.24
CA PHE L 1507 -24.35 -80.17 -40.78
C PHE L 1507 -23.46 -81.13 -41.55
N PHE L 1508 -22.59 -80.62 -42.42
CA PHE L 1508 -21.83 -81.49 -43.30
C PHE L 1508 -20.73 -82.22 -42.54
N VAL L 1509 -19.83 -81.46 -41.90
CA VAL L 1509 -18.63 -82.04 -41.32
C VAL L 1509 -18.89 -82.80 -40.03
N GLU L 1510 -20.11 -82.76 -39.50
CA GLU L 1510 -20.40 -83.45 -38.25
C GLU L 1510 -21.54 -84.45 -38.35
N LEU L 1511 -22.61 -84.13 -39.08
CA LEU L 1511 -23.77 -85.00 -39.15
C LEU L 1511 -23.97 -85.65 -40.51
N HIS L 1512 -25.24 -76.26 -45.03
CA HIS L 1512 -25.03 -77.07 -46.23
C HIS L 1512 -26.31 -77.18 -47.07
N LEU L 1513 -26.84 -76.02 -47.44
CA LEU L 1513 -27.98 -76.01 -48.37
C LEU L 1513 -27.55 -76.52 -49.74
N GLU L 1514 -26.32 -76.20 -50.16
CA GLU L 1514 -25.81 -76.69 -51.44
C GLU L 1514 -25.66 -78.21 -51.44
N ALA L 1515 -25.55 -78.83 -50.26
CA ALA L 1515 -25.40 -80.28 -50.21
C ALA L 1515 -26.75 -80.96 -50.35
N HIS L 1516 -27.78 -80.45 -49.66
CA HIS L 1516 -29.09 -81.10 -49.68
C HIS L 1516 -29.64 -81.24 -51.08
N TYR L 1517 -29.51 -80.20 -51.90
CA TYR L 1517 -29.99 -80.28 -53.28
C TYR L 1517 -29.22 -81.35 -54.04
N GLU L 1518 -27.89 -81.26 -54.04
CA GLU L 1518 -27.08 -82.26 -54.72
C GLU L 1518 -27.07 -83.60 -54.02
N ALA L 1519 -27.88 -83.78 -52.98
CA ALA L 1519 -28.08 -85.08 -52.34
C ALA L 1519 -29.46 -85.66 -52.60
N LEU L 1520 -30.52 -84.84 -52.54
CA LEU L 1520 -31.84 -85.35 -52.88
C LEU L 1520 -31.90 -85.81 -54.33
N ARG L 1521 -31.14 -85.15 -55.20
CA ARG L 1521 -31.07 -85.60 -56.60
C ARG L 1521 -30.43 -86.98 -56.70
N HIS L 1522 -29.49 -87.30 -55.80
CA HIS L 1522 -28.86 -88.62 -55.82
C HIS L 1522 -29.86 -89.73 -55.49
N PHE L 1523 -30.92 -89.41 -54.77
CA PHE L 1523 -31.87 -90.41 -54.28
C PHE L 1523 -33.23 -90.32 -54.96
N LEU L 1524 -33.83 -89.13 -55.02
CA LEU L 1524 -35.16 -89.02 -55.58
C LEU L 1524 -35.14 -89.12 -57.10
N LEU L 1525 -34.42 -88.22 -57.76
CA LEU L 1525 -34.34 -88.23 -59.22
C LEU L 1525 -33.49 -89.37 -59.76
N MET L 1526 -33.04 -90.29 -58.91
CA MET L 1526 -32.35 -91.50 -59.34
C MET L 1526 -31.09 -91.20 -60.14
N GLU L 1527 -30.41 -90.10 -59.82
CA GLU L 1527 -29.19 -89.77 -60.55
C GLU L 1527 -28.07 -90.75 -60.25
N ASP L 1528 -27.95 -91.19 -59.00
CA ASP L 1528 -26.90 -92.11 -58.61
C ASP L 1528 -27.27 -93.53 -59.02
N GLY L 1529 -26.54 -94.08 -59.97
CA GLY L 1529 -26.73 -95.46 -60.37
C GLY L 1529 -26.42 -96.42 -59.25
N GLU L 1530 -26.61 -97.72 -59.50
CA GLU L 1530 -26.38 -98.77 -58.51
C GLU L 1530 -27.31 -98.60 -57.32
N PHE L 1531 -28.22 -97.62 -57.36
CA PHE L 1531 -29.24 -97.44 -56.35
C PHE L 1531 -30.64 -97.68 -56.92
N ALA L 1532 -31.01 -96.94 -57.96
CA ALA L 1532 -32.25 -97.24 -58.65
C ALA L 1532 -32.16 -98.61 -59.32
N GLN L 1533 -31.01 -98.90 -59.93
CA GLN L 1533 -30.76 -100.22 -60.50
C GLN L 1533 -30.67 -101.30 -59.44
N SER L 1534 -30.72 -100.95 -58.16
CA SER L 1534 -30.79 -101.92 -57.08
C SER L 1534 -32.09 -101.87 -56.30
N LEU L 1535 -32.75 -100.72 -56.25
CA LEU L 1535 -34.07 -100.64 -55.62
C LEU L 1535 -35.14 -101.21 -56.53
N SER L 1536 -35.27 -100.66 -57.74
CA SER L 1536 -36.27 -101.16 -58.67
C SER L 1536 -36.02 -102.63 -59.00
N ASP L 1537 -34.75 -103.03 -59.08
CA ASP L 1537 -34.44 -104.41 -59.39
C ASP L 1537 -34.92 -105.36 -58.29
N LEU L 1538 -34.93 -104.91 -57.04
CA LEU L 1538 -35.43 -105.75 -55.96
C LEU L 1538 -36.95 -105.85 -55.99
N LEU L 1539 -37.62 -104.70 -56.06
CA LEU L 1539 -39.09 -104.70 -56.04
C LEU L 1539 -39.65 -105.50 -57.22
N PHE L 1540 -39.05 -105.35 -58.40
CA PHE L 1540 -39.58 -106.04 -59.57
C PHE L 1540 -39.36 -107.55 -59.52
N GLU L 1541 -38.52 -108.05 -58.61
CA GLU L 1541 -38.34 -109.48 -58.49
C GLU L 1541 -39.59 -110.17 -57.96
N LYS L 1542 -40.37 -109.47 -57.15
CA LYS L 1542 -41.54 -110.10 -56.53
C LYS L 1542 -42.66 -110.30 -57.55
N LEU L 1543 -43.15 -109.21 -58.13
CA LEU L 1543 -44.24 -109.30 -59.09
C LEU L 1543 -43.72 -109.80 -60.44
N PRO L 1549 -49.88 -107.84 -53.78
CA PRO L 1549 -51.16 -107.95 -53.07
C PRO L 1549 -51.00 -107.76 -51.57
N GLY L 1550 -51.32 -108.80 -50.79
CA GLY L 1550 -51.11 -108.73 -49.36
C GLY L 1550 -49.64 -108.70 -49.00
N GLU L 1551 -48.81 -109.39 -49.78
CA GLU L 1551 -47.37 -109.29 -49.64
C GLU L 1551 -46.89 -107.98 -50.27
N LEU L 1552 -45.61 -107.69 -50.08
CA LEU L 1552 -44.96 -106.54 -50.69
C LEU L 1552 -45.62 -105.22 -50.27
N LEU L 1553 -46.45 -105.31 -49.24
CA LEU L 1553 -47.21 -104.12 -48.77
C LEU L 1553 -47.04 -103.91 -47.26
N ASN L 1554 -46.52 -104.89 -46.51
CA ASN L 1554 -46.42 -104.61 -45.09
C ASN L 1554 -45.07 -103.94 -44.79
N PRO L 1555 -45.00 -103.16 -43.71
CA PRO L 1555 -43.76 -102.42 -43.41
C PRO L 1555 -42.57 -103.31 -43.09
N LEU L 1556 -42.74 -104.63 -43.22
CA LEU L 1556 -41.65 -105.56 -42.96
C LEU L 1556 -40.75 -105.81 -44.16
N VAL L 1557 -41.23 -105.56 -45.37
CA VAL L 1557 -40.47 -105.79 -46.59
C VAL L 1557 -40.12 -104.49 -47.30
N LEU L 1558 -41.09 -103.61 -47.51
CA LEU L 1558 -40.82 -102.39 -48.24
C LEU L 1558 -40.13 -101.33 -47.39
N ASN L 1559 -40.30 -101.43 -46.07
CA ASN L 1559 -39.65 -100.50 -45.11
C ASN L 1559 -38.25 -101.03 -44.81
N SER L 1560 -37.95 -102.26 -45.26
CA SER L 1560 -36.64 -102.87 -45.05
C SER L 1560 -35.85 -103.00 -46.34
N VAL L 1561 -36.52 -103.06 -47.50
CA VAL L 1561 -35.80 -103.15 -48.77
C VAL L 1561 -34.95 -101.92 -49.00
N LEU L 1562 -35.36 -100.77 -48.44
CA LEU L 1562 -34.55 -99.57 -48.57
C LEU L 1562 -33.26 -99.69 -47.77
N SER L 1563 -33.36 -100.12 -46.50
CA SER L 1563 -32.17 -100.31 -45.69
C SER L 1563 -31.24 -101.36 -46.27
N LYS L 1564 -31.76 -102.24 -47.13
CA LYS L 1564 -30.90 -103.12 -47.90
C LYS L 1564 -30.42 -102.47 -49.19
N ALA L 1565 -31.14 -101.47 -49.69
CA ALA L 1565 -30.74 -100.82 -50.93
C ALA L 1565 -29.56 -99.88 -50.70
N LEU L 1566 -29.61 -99.09 -49.63
CA LEU L 1566 -28.57 -98.09 -49.41
C LEU L 1566 -27.19 -98.72 -49.26
N GLN L 1567 -27.13 -99.95 -48.77
CA GLN L 1567 -25.84 -100.62 -48.64
C GLN L 1567 -25.20 -100.88 -50.00
N CYS L 1568 -26.01 -101.15 -51.02
CA CYS L 1568 -25.51 -101.40 -52.37
C CYS L 1568 -25.38 -100.12 -53.19
N SER L 1569 -25.41 -98.96 -52.52
CA SER L 1569 -25.33 -97.70 -53.25
C SER L 1569 -23.91 -97.28 -53.55
N LEU L 1570 -22.96 -97.62 -52.67
CA LEU L 1570 -21.58 -97.17 -52.74
C LEU L 1570 -21.45 -95.66 -52.77
N HIS L 1571 -22.51 -94.95 -52.39
CA HIS L 1571 -22.49 -93.49 -52.29
C HIS L 1571 -23.63 -93.09 -51.37
N GLY L 1572 -23.28 -92.52 -50.22
CA GLY L 1572 -24.29 -92.19 -49.22
C GLY L 1572 -23.91 -92.67 -47.84
N ASP L 1573 -24.89 -93.22 -47.11
CA ASP L 1573 -24.69 -93.67 -45.74
C ASP L 1573 -24.18 -92.53 -44.85
N THR L 1574 -24.65 -91.32 -45.14
CA THR L 1574 -24.36 -90.11 -44.39
C THR L 1574 -25.61 -89.67 -43.62
N PRO L 1575 -25.48 -88.72 -42.71
CA PRO L 1575 -26.68 -88.12 -42.11
C PRO L 1575 -27.70 -87.67 -43.14
N HIS L 1576 -27.25 -87.24 -44.32
CA HIS L 1576 -28.19 -86.95 -45.39
C HIS L 1576 -28.90 -88.20 -45.86
N ALA L 1577 -28.18 -89.33 -45.92
CA ALA L 1577 -28.72 -90.55 -46.51
C ALA L 1577 -29.91 -91.10 -45.75
N SER L 1578 -30.08 -90.74 -44.48
CA SER L 1578 -31.23 -91.19 -43.73
C SER L 1578 -32.45 -90.37 -44.15
N ASN L 1579 -33.55 -90.53 -43.43
CA ASN L 1579 -34.79 -89.78 -43.66
C ASN L 1579 -35.39 -90.08 -45.03
N LEU L 1580 -35.14 -91.28 -45.56
CA LEU L 1580 -35.74 -91.72 -46.81
C LEU L 1580 -36.91 -92.64 -46.47
N SER L 1581 -38.01 -92.04 -46.03
CA SER L 1581 -39.25 -92.80 -45.71
C SER L 1581 -39.82 -93.41 -47.00
N LEU L 1582 -39.58 -94.71 -47.21
CA LEU L 1582 -40.12 -95.39 -48.42
C LEU L 1582 -41.55 -95.84 -48.11
N ALA L 1583 -42.49 -94.89 -48.10
CA ALA L 1583 -43.89 -95.18 -47.74
C ALA L 1583 -44.73 -95.37 -49.00
N LEU L 1584 -46.03 -95.62 -48.82
CA LEU L 1584 -47.00 -95.84 -49.91
C LEU L 1584 -48.18 -94.89 -49.72
N LYS L 1585 -49.07 -94.82 -50.71
CA LYS L 1585 -50.24 -93.95 -50.67
C LYS L 1585 -51.49 -94.60 -51.24
N TYR L 1586 -51.45 -95.92 -51.45
CA TYR L 1586 -52.60 -96.67 -52.02
C TYR L 1586 -52.42 -98.18 -51.77
N LEU L 1587 -53.54 -98.90 -51.66
CA LEU L 1587 -53.51 -100.38 -51.45
C LEU L 1587 -53.95 -101.06 -52.74
N PRO L 1588 -53.01 -101.60 -53.56
CA PRO L 1588 -53.37 -102.25 -54.82
C PRO L 1588 -54.08 -103.60 -54.62
N GLU L 1589 -55.10 -103.87 -55.44
CA GLU L 1589 -55.86 -105.15 -55.36
C GLU L 1589 -55.05 -106.24 -56.07
N VAL L 1590 -54.89 -106.12 -57.39
CA VAL L 1590 -54.12 -107.09 -58.16
C VAL L 1590 -53.29 -106.39 -59.23
N PRO L 1596 -49.78 -107.03 -65.69
CA PRO L 1596 -49.77 -106.79 -67.13
C PRO L 1596 -49.77 -105.30 -67.47
N ASP L 1597 -50.18 -104.49 -66.50
CA ASP L 1597 -50.24 -103.04 -66.68
C ASP L 1597 -48.85 -102.45 -66.51
N VAL L 1598 -48.77 -101.12 -66.42
CA VAL L 1598 -47.49 -100.44 -66.27
C VAL L 1598 -47.53 -99.50 -65.08
N LEU L 1599 -48.35 -99.82 -64.08
CA LEU L 1599 -48.53 -98.96 -62.91
C LEU L 1599 -48.22 -99.71 -61.64
N SER L 1600 -47.42 -99.08 -60.76
CA SER L 1600 -47.19 -99.57 -59.40
C SER L 1600 -46.97 -98.31 -58.55
N CYS L 1601 -48.05 -97.85 -57.92
CA CYS L 1601 -47.99 -96.59 -57.18
C CYS L 1601 -47.22 -96.76 -55.88
N LEU L 1602 -46.26 -95.87 -55.67
CA LEU L 1602 -45.38 -95.91 -54.51
C LEU L 1602 -44.61 -94.60 -54.46
N GLU L 1603 -44.54 -94.00 -53.27
CA GLU L 1603 -43.89 -92.72 -53.10
C GLU L 1603 -42.52 -92.91 -52.46
N LEU L 1604 -41.77 -91.82 -52.36
CA LEU L 1604 -40.47 -91.82 -51.71
C LEU L 1604 -40.20 -90.39 -51.27
N ARG L 1605 -40.41 -90.10 -49.99
CA ARG L 1605 -40.39 -88.75 -49.47
C ARG L 1605 -39.13 -88.49 -48.66
N TYR L 1606 -38.47 -87.37 -48.96
CA TYR L 1606 -37.38 -86.90 -48.12
C TYR L 1606 -37.94 -86.29 -46.84
N LYS L 1607 -37.04 -86.03 -45.90
CA LYS L 1607 -37.41 -85.42 -44.62
C LYS L 1607 -36.32 -84.44 -44.21
N VAL L 1608 -36.73 -83.32 -43.63
CA VAL L 1608 -35.83 -82.26 -43.22
C VAL L 1608 -36.16 -81.82 -41.80
N ASP L 1609 -35.37 -80.89 -41.28
CA ASP L 1609 -35.53 -80.34 -39.94
C ASP L 1609 -35.85 -78.84 -40.05
N TRP L 1610 -35.88 -78.17 -38.89
CA TRP L 1610 -36.49 -76.85 -38.79
C TRP L 1610 -35.81 -75.79 -39.68
N PRO L 1611 -34.54 -75.45 -39.48
CA PRO L 1611 -33.98 -74.32 -40.24
C PRO L 1611 -33.89 -74.55 -41.74
N LEU L 1612 -34.10 -75.77 -42.22
CA LEU L 1612 -34.19 -76.03 -43.65
C LEU L 1612 -35.62 -76.23 -44.13
N ASN L 1613 -36.54 -76.61 -43.25
CA ASN L 1613 -37.92 -76.84 -43.68
C ASN L 1613 -38.59 -75.56 -44.15
N ILE L 1614 -38.07 -74.40 -43.72
CA ILE L 1614 -38.71 -73.14 -44.06
C ILE L 1614 -38.43 -72.74 -45.51
N VAL L 1615 -37.46 -73.37 -46.15
CA VAL L 1615 -37.11 -73.04 -47.53
C VAL L 1615 -37.66 -74.10 -48.47
N ILE L 1616 -37.25 -75.35 -48.27
CA ILE L 1616 -37.79 -76.45 -49.06
C ILE L 1616 -39.25 -76.64 -48.64
N THR L 1617 -40.17 -76.24 -49.51
CA THR L 1617 -41.58 -76.25 -49.16
C THR L 1617 -42.10 -77.67 -49.07
N GLU L 1618 -43.08 -77.88 -48.18
CA GLU L 1618 -43.77 -79.16 -48.10
C GLU L 1618 -44.66 -79.43 -49.29
N GLY L 1619 -44.71 -78.52 -50.27
CA GLY L 1619 -45.41 -78.76 -51.51
C GLY L 1619 -44.45 -79.11 -52.63
N CYS L 1620 -43.23 -78.57 -52.56
CA CYS L 1620 -42.23 -78.88 -53.58
C CYS L 1620 -41.84 -80.35 -53.54
N VAL L 1621 -41.57 -80.88 -52.36
CA VAL L 1621 -41.26 -82.30 -52.22
C VAL L 1621 -42.40 -83.15 -52.74
N SER L 1622 -43.65 -82.66 -52.59
CA SER L 1622 -44.79 -83.40 -53.12
C SER L 1622 -44.74 -83.53 -54.63
N LYS L 1623 -44.10 -82.58 -55.31
CA LYS L 1623 -44.01 -82.65 -56.76
C LYS L 1623 -42.89 -83.58 -57.21
N TYR L 1624 -41.84 -83.73 -56.40
CA TYR L 1624 -40.86 -84.77 -56.66
C TYR L 1624 -41.53 -86.14 -56.74
N SER L 1625 -42.45 -86.43 -55.82
CA SER L 1625 -43.21 -87.66 -55.88
C SER L 1625 -43.99 -87.77 -57.18
N GLY L 1626 -44.35 -86.63 -57.78
CA GLY L 1626 -45.01 -86.66 -59.07
C GLY L 1626 -44.05 -87.08 -60.18
N VAL L 1627 -42.84 -86.52 -60.17
CA VAL L 1627 -41.87 -86.86 -61.20
C VAL L 1627 -41.17 -88.18 -60.89
N PHE L 1628 -41.23 -88.66 -59.65
CA PHE L 1628 -40.55 -89.89 -59.32
C PHE L 1628 -41.29 -91.10 -59.88
N SER L 1629 -42.61 -91.18 -59.64
CA SER L 1629 -43.36 -92.35 -60.06
C SER L 1629 -43.26 -92.57 -61.57
N PHE L 1630 -42.98 -91.51 -62.33
CA PHE L 1630 -42.72 -91.69 -63.75
C PHE L 1630 -41.36 -92.34 -63.98
N LEU L 1631 -40.31 -91.80 -63.34
CA LEU L 1631 -38.97 -92.29 -63.59
C LEU L 1631 -38.82 -93.75 -63.16
N LEU L 1632 -39.45 -94.13 -62.05
CA LEU L 1632 -39.44 -95.53 -61.65
C LEU L 1632 -40.15 -96.40 -62.68
N GLN L 1633 -41.30 -95.93 -63.18
CA GLN L 1633 -42.03 -96.67 -64.20
C GLN L 1633 -41.17 -96.91 -65.43
N LEU L 1634 -40.26 -95.99 -65.73
CA LEU L 1634 -39.36 -96.21 -66.86
C LEU L 1634 -38.44 -97.39 -66.62
N LYS L 1635 -37.91 -97.52 -65.41
CA LYS L 1635 -37.03 -98.64 -65.10
C LYS L 1635 -37.73 -99.98 -65.30
N LEU L 1636 -39.05 -100.01 -65.12
CA LEU L 1636 -39.78 -101.26 -65.29
C LEU L 1636 -39.64 -101.79 -66.71
N MET L 1637 -39.40 -100.92 -67.68
CA MET L 1637 -39.18 -101.37 -69.05
C MET L 1637 -37.78 -101.97 -69.20
N MET L 1638 -36.75 -101.18 -68.89
CA MET L 1638 -35.37 -101.61 -69.10
C MET L 1638 -34.98 -102.82 -68.25
N TRP L 1639 -35.84 -103.27 -67.35
CA TRP L 1639 -35.63 -104.53 -66.65
C TRP L 1639 -36.44 -105.67 -67.27
N ALA L 1640 -37.74 -105.45 -67.45
CA ALA L 1640 -38.56 -106.46 -68.11
C ALA L 1640 -38.06 -106.75 -69.51
N LEU L 1641 -37.74 -105.69 -70.26
CA LEU L 1641 -37.16 -105.90 -71.58
C LEU L 1641 -35.79 -106.57 -71.48
N LYS L 1642 -35.03 -106.27 -70.44
CA LYS L 1642 -33.79 -107.00 -70.22
C LYS L 1642 -34.05 -108.47 -69.92
N ASP L 1643 -35.19 -108.76 -69.29
CA ASP L 1643 -35.52 -110.15 -68.97
C ASP L 1643 -35.70 -110.97 -70.23
N VAL L 1644 -36.54 -110.49 -71.17
CA VAL L 1644 -36.78 -111.24 -72.40
C VAL L 1644 -35.49 -111.34 -73.21
N CYS L 1645 -34.63 -110.32 -73.15
CA CYS L 1645 -33.32 -110.43 -73.78
C CYS L 1645 -32.47 -111.50 -73.10
N PHE L 1646 -32.64 -111.66 -71.79
CA PHE L 1646 -31.95 -112.71 -71.06
C PHE L 1646 -32.72 -114.01 -71.07
N HIS L 1647 -34.05 -113.95 -71.12
CA HIS L 1647 -34.86 -115.16 -71.17
C HIS L 1647 -34.64 -115.92 -72.47
N LEU L 1648 -34.42 -115.20 -73.56
CA LEU L 1648 -34.19 -115.83 -74.86
C LEU L 1648 -32.78 -116.40 -74.98
N LYS L 1649 -31.83 -115.91 -74.18
CA LYS L 1649 -30.45 -116.37 -74.31
C LYS L 1649 -30.33 -117.86 -74.03
N ARG L 1650 -31.03 -118.36 -73.01
CA ARG L 1650 -30.95 -119.77 -72.69
C ARG L 1650 -31.58 -120.66 -73.75
N THR L 1651 -32.37 -120.11 -74.66
CA THR L 1651 -32.99 -120.92 -75.70
C THR L 1651 -31.94 -121.44 -76.70
N ALA L 1652 -30.82 -120.74 -76.82
CA ALA L 1652 -29.76 -121.16 -77.72
C ALA L 1652 -28.96 -122.31 -77.10
N MET L 1657 -28.20 -124.00 -82.06
CA MET L 1657 -28.92 -125.13 -82.64
C MET L 1657 -30.25 -124.67 -83.23
N ALA L 1658 -31.06 -124.00 -82.39
CA ALA L 1658 -32.38 -123.54 -82.80
C ALA L 1658 -32.24 -122.25 -83.59
N GLY L 1659 -31.84 -122.42 -84.86
CA GLY L 1659 -31.72 -121.29 -85.76
C GLY L 1659 -32.59 -121.44 -86.99
N SER L 1660 -33.63 -120.62 -87.09
CA SER L 1660 -34.55 -120.66 -88.22
C SER L 1660 -35.17 -119.29 -88.39
N VAL L 1661 -35.94 -119.13 -89.46
CA VAL L 1661 -36.56 -117.84 -89.77
C VAL L 1661 -37.46 -117.39 -88.62
N GLN L 1662 -38.13 -118.32 -87.96
CA GLN L 1662 -39.01 -117.96 -86.86
C GLN L 1662 -38.24 -117.36 -85.69
N PHE L 1663 -36.96 -117.74 -85.54
CA PHE L 1663 -36.17 -117.26 -84.41
C PHE L 1663 -35.58 -115.87 -84.67
N ARG L 1664 -34.79 -115.75 -85.75
CA ARG L 1664 -34.11 -114.49 -86.01
C ARG L 1664 -35.11 -113.36 -86.23
N GLN L 1665 -36.19 -113.62 -86.98
CA GLN L 1665 -37.20 -112.61 -87.19
C GLN L 1665 -37.88 -112.20 -85.89
N LEU L 1666 -37.85 -113.06 -84.87
CA LEU L 1666 -38.44 -112.70 -83.60
C LEU L 1666 -37.53 -111.75 -82.82
N GLN L 1667 -36.23 -112.02 -82.79
CA GLN L 1667 -35.33 -111.22 -81.99
C GLN L 1667 -35.18 -109.80 -82.53
N LEU L 1668 -35.38 -109.61 -83.83
CA LEU L 1668 -35.32 -108.26 -84.39
C LEU L 1668 -36.40 -107.36 -83.82
N PHE L 1669 -37.50 -107.93 -83.32
CA PHE L 1669 -38.53 -107.12 -82.68
C PHE L 1669 -37.99 -106.47 -81.41
N LYS L 1670 -37.28 -107.24 -80.59
CA LYS L 1670 -36.75 -106.70 -79.34
C LYS L 1670 -35.80 -105.55 -79.60
N HIS L 1671 -34.85 -105.73 -80.52
CA HIS L 1671 -33.94 -104.63 -80.87
C HIS L 1671 -34.70 -103.44 -81.43
N GLU L 1672 -35.83 -103.69 -82.08
CA GLU L 1672 -36.64 -102.59 -82.61
C GLU L 1672 -37.48 -101.92 -81.53
N MET L 1673 -37.86 -102.65 -80.48
CA MET L 1673 -38.63 -102.05 -79.41
C MET L 1673 -37.73 -101.46 -78.32
N GLN L 1674 -36.58 -102.09 -78.07
CA GLN L 1674 -35.67 -101.58 -77.04
C GLN L 1674 -35.14 -100.21 -77.41
N HIS L 1675 -34.78 -100.00 -78.67
CA HIS L 1675 -34.18 -98.74 -79.08
C HIS L 1675 -35.10 -97.56 -78.82
N PHE L 1676 -36.42 -97.77 -78.89
CA PHE L 1676 -37.35 -96.68 -78.62
C PHE L 1676 -37.35 -96.29 -77.15
N VAL L 1677 -37.13 -97.27 -76.27
CA VAL L 1677 -37.07 -96.96 -74.85
C VAL L 1677 -35.72 -96.36 -74.50
N LYS L 1678 -34.65 -96.86 -75.11
CA LYS L 1678 -33.31 -96.34 -74.85
C LYS L 1678 -33.08 -94.96 -75.43
N VAL L 1679 -34.02 -94.40 -76.20
CA VAL L 1679 -33.90 -93.04 -76.70
C VAL L 1679 -34.79 -92.08 -75.93
N ILE L 1680 -35.97 -92.54 -75.51
CA ILE L 1680 -36.80 -91.69 -74.67
C ILE L 1680 -36.16 -91.53 -73.29
N GLN L 1681 -35.42 -92.54 -72.83
CA GLN L 1681 -34.70 -92.40 -71.57
C GLN L 1681 -33.52 -91.47 -71.73
N GLY L 1682 -32.78 -91.58 -72.84
CA GLY L 1682 -31.70 -90.66 -73.10
C GLY L 1682 -32.15 -89.21 -73.15
N TYR L 1683 -33.39 -88.97 -73.56
CA TYR L 1683 -33.94 -87.62 -73.48
C TYR L 1683 -34.10 -87.19 -72.03
N ILE L 1684 -34.76 -88.02 -71.22
CA ILE L 1684 -34.98 -87.67 -69.81
C ILE L 1684 -33.63 -87.43 -69.12
N ALA L 1685 -32.64 -88.25 -69.42
CA ALA L 1685 -31.32 -88.09 -68.83
C ALA L 1685 -30.59 -86.87 -69.36
N ASN L 1686 -31.21 -86.06 -70.20
CA ASN L 1686 -30.61 -84.83 -70.68
C ASN L 1686 -31.32 -83.58 -70.21
N GLN L 1687 -32.65 -83.62 -70.05
CA GLN L 1687 -33.41 -82.45 -69.67
C GLN L 1687 -33.58 -82.32 -68.15
N ILE L 1688 -34.03 -83.39 -67.49
CA ILE L 1688 -34.41 -83.29 -66.08
C ILE L 1688 -33.25 -83.47 -65.13
N LEU L 1689 -32.07 -83.84 -65.63
CA LEU L 1689 -30.92 -84.09 -64.76
C LEU L 1689 -29.69 -83.27 -65.08
N HIS L 1690 -29.52 -82.76 -66.29
CA HIS L 1690 -28.29 -82.08 -66.68
C HIS L 1690 -28.50 -80.62 -67.04
N VAL L 1691 -29.40 -80.30 -67.98
CA VAL L 1691 -29.54 -78.91 -68.38
C VAL L 1691 -30.37 -78.13 -67.37
N THR L 1692 -31.44 -78.73 -66.86
CA THR L 1692 -32.20 -78.05 -65.80
C THR L 1692 -31.39 -77.99 -64.51
N TRP L 1693 -30.32 -78.77 -64.40
CA TRP L 1693 -29.42 -78.65 -63.26
C TRP L 1693 -28.28 -77.68 -63.51
N CYS L 1694 -27.95 -77.41 -64.78
CA CYS L 1694 -27.01 -76.33 -65.06
C CYS L 1694 -27.55 -75.01 -64.53
N GLU L 1695 -28.77 -74.66 -64.93
CA GLU L 1695 -29.50 -73.64 -64.19
C GLU L 1695 -29.76 -74.13 -62.77
N PHE L 1696 -29.98 -73.18 -61.87
CA PHE L 1696 -30.19 -73.42 -60.44
C PHE L 1696 -28.93 -73.90 -59.73
N ARG L 1697 -27.83 -74.12 -60.46
CA ARG L 1697 -26.54 -74.36 -59.84
C ARG L 1697 -25.58 -73.21 -60.08
N ALA L 1698 -25.51 -72.71 -61.31
CA ALA L 1698 -24.86 -71.44 -61.60
C ALA L 1698 -25.81 -70.27 -61.47
N ARG L 1699 -27.04 -70.51 -61.00
CA ARG L 1699 -28.01 -69.46 -60.79
C ARG L 1699 -27.98 -68.91 -59.36
N LEU L 1700 -27.82 -69.79 -58.38
CA LEU L 1700 -27.76 -69.35 -56.98
C LEU L 1700 -26.58 -68.40 -56.75
N ALA L 1701 -25.37 -68.90 -56.98
CA ALA L 1701 -24.16 -68.11 -56.77
C ALA L 1701 -24.01 -67.06 -57.88
N LEU L 1706 -33.06 -63.74 -49.24
CA LEU L 1706 -33.53 -65.04 -48.80
C LEU L 1706 -34.81 -65.43 -49.52
N GLU L 1707 -35.57 -64.43 -49.95
CA GLU L 1707 -36.80 -64.70 -50.69
C GLU L 1707 -36.49 -65.38 -52.02
N GLU L 1708 -35.36 -65.06 -52.63
CA GLU L 1708 -35.02 -65.62 -53.94
C GLU L 1708 -34.87 -67.14 -53.87
N ILE L 1709 -34.38 -67.67 -52.75
CA ILE L 1709 -34.18 -69.11 -52.64
C ILE L 1709 -35.49 -69.85 -52.80
N GLN L 1710 -36.58 -69.25 -52.31
CA GLN L 1710 -37.90 -69.88 -52.47
C GLN L 1710 -38.30 -69.91 -53.94
N ARG L 1711 -38.10 -68.81 -54.66
CA ARG L 1711 -38.53 -68.74 -56.05
C ARG L 1711 -37.59 -69.49 -56.97
N ALA L 1712 -36.28 -69.39 -56.73
CA ALA L 1712 -35.33 -70.12 -57.55
C ALA L 1712 -35.57 -71.62 -57.47
N HIS L 1713 -35.85 -72.13 -56.26
CA HIS L 1713 -36.19 -73.53 -56.13
C HIS L 1713 -37.53 -73.83 -56.79
N ALA L 1714 -38.50 -72.93 -56.63
CA ALA L 1714 -39.79 -73.12 -57.29
C ALA L 1714 -39.67 -73.05 -58.81
N GLU L 1715 -38.56 -72.53 -59.32
CA GLU L 1715 -38.33 -72.51 -60.76
C GLU L 1715 -37.47 -73.68 -61.24
N TYR L 1716 -36.64 -74.25 -60.37
CA TYR L 1716 -35.84 -75.40 -60.76
C TYR L 1716 -36.73 -76.63 -60.98
N LEU L 1717 -37.51 -77.00 -59.96
CA LEU L 1717 -38.38 -78.17 -60.10
C LEU L 1717 -39.42 -77.95 -61.17
N HIS L 1718 -39.99 -76.74 -61.25
CA HIS L 1718 -41.05 -76.49 -62.22
C HIS L 1718 -40.57 -76.69 -63.65
N LYS L 1719 -39.30 -76.39 -63.92
CA LYS L 1719 -38.74 -76.73 -65.23
C LYS L 1719 -38.54 -78.23 -65.37
N ALA L 1720 -38.31 -78.93 -64.25
CA ALA L 1720 -38.10 -80.37 -64.32
C ALA L 1720 -39.41 -81.10 -64.62
N VAL L 1721 -40.54 -80.57 -64.15
CA VAL L 1721 -41.82 -81.19 -64.49
C VAL L 1721 -42.35 -80.67 -65.82
N PHE L 1722 -41.81 -79.57 -66.33
CA PHE L 1722 -42.24 -79.06 -67.63
C PHE L 1722 -41.55 -79.80 -68.76
N ARG L 1723 -40.22 -79.90 -68.70
CA ARG L 1723 -39.47 -80.68 -69.67
C ARG L 1723 -39.71 -82.17 -69.54
N GLY L 1724 -40.43 -82.60 -68.51
CA GLY L 1724 -40.65 -84.01 -68.25
C GLY L 1724 -41.92 -84.58 -68.83
N LEU L 1725 -42.64 -83.82 -69.66
CA LEU L 1725 -43.87 -84.30 -70.31
C LEU L 1725 -44.93 -84.71 -69.29
N LEU L 1726 -44.87 -84.14 -68.08
CA LEU L 1726 -45.89 -84.36 -67.07
C LEU L 1726 -46.91 -83.24 -67.00
N THR L 1727 -46.67 -82.12 -67.68
CA THR L 1727 -47.59 -81.01 -67.67
C THR L 1727 -48.85 -81.36 -68.46
N GLU L 1728 -50.00 -80.89 -67.96
CA GLU L 1728 -51.28 -81.18 -68.61
C GLU L 1728 -51.38 -80.54 -69.98
N LYS L 1729 -50.58 -79.52 -70.27
CA LYS L 1729 -50.61 -78.89 -71.59
C LYS L 1729 -50.24 -79.88 -72.68
N ALA L 1730 -49.09 -80.55 -72.52
CA ALA L 1730 -48.64 -81.58 -73.46
C ALA L 1730 -49.06 -82.98 -73.02
N ALA L 1731 -50.15 -83.09 -72.28
CA ALA L 1731 -50.60 -84.40 -71.79
C ALA L 1731 -50.88 -85.40 -72.90
N PRO L 1732 -51.53 -85.06 -74.02
CA PRO L 1732 -51.74 -86.07 -75.07
C PRO L 1732 -50.46 -86.74 -75.55
N VAL L 1733 -49.33 -86.05 -75.49
CA VAL L 1733 -48.06 -86.70 -75.80
C VAL L 1733 -47.76 -87.80 -74.79
N MET L 1734 -48.17 -87.61 -73.53
CA MET L 1734 -47.91 -88.62 -72.51
C MET L 1734 -48.88 -89.79 -72.62
N ASN L 1735 -50.13 -89.53 -73.00
CA ASN L 1735 -51.12 -90.60 -73.09
C ASN L 1735 -50.67 -91.67 -74.09
N VAL L 1736 -50.03 -91.26 -75.18
CA VAL L 1736 -49.57 -92.23 -76.18
C VAL L 1736 -48.44 -93.10 -75.65
N ILE L 1737 -47.69 -92.61 -74.66
CA ILE L 1737 -46.56 -93.39 -74.15
C ILE L 1737 -47.05 -94.67 -73.50
N HIS L 1738 -48.22 -94.63 -72.85
CA HIS L 1738 -48.74 -95.82 -72.20
C HIS L 1738 -49.03 -96.92 -73.21
N SER L 1739 -49.59 -96.57 -74.36
CA SER L 1739 -49.81 -97.56 -75.40
C SER L 1739 -48.52 -98.26 -75.80
N ILE L 1740 -47.40 -97.53 -75.80
CA ILE L 1740 -46.12 -98.16 -76.10
C ILE L 1740 -45.68 -99.04 -74.94
N PHE L 1741 -45.70 -98.51 -73.72
CA PHE L 1741 -45.23 -99.27 -72.58
C PHE L 1741 -46.09 -100.50 -72.34
N SER L 1742 -47.38 -100.42 -72.62
CA SER L 1742 -48.25 -101.57 -72.41
C SER L 1742 -47.88 -102.72 -73.33
N LEU L 1743 -47.66 -102.43 -74.61
CA LEU L 1743 -47.38 -103.49 -75.57
C LEU L 1743 -46.06 -104.19 -75.28
N VAL L 1744 -45.09 -103.48 -74.70
CA VAL L 1744 -43.84 -104.15 -74.33
C VAL L 1744 -44.07 -105.10 -73.18
N LEU L 1745 -44.97 -104.75 -72.25
CA LEU L 1745 -45.29 -105.67 -71.16
C LEU L 1745 -45.95 -106.94 -71.67
N LYS L 1746 -46.91 -106.80 -72.60
CA LYS L 1746 -47.50 -107.98 -73.22
C LYS L 1746 -46.43 -108.80 -73.93
N PHE L 1747 -45.46 -108.13 -74.57
CA PHE L 1747 -44.37 -108.84 -75.21
C PHE L 1747 -43.55 -109.65 -74.20
N ARG L 1748 -43.55 -109.22 -72.93
CA ARG L 1748 -42.84 -109.97 -71.90
C ARG L 1748 -43.63 -111.18 -71.44
N SER L 1749 -44.96 -111.13 -71.52
CA SER L 1749 -45.77 -112.27 -71.11
C SER L 1749 -45.46 -113.49 -71.96
N GLN L 1750 -45.47 -113.33 -73.28
CA GLN L 1750 -45.13 -114.43 -74.19
C GLN L 1750 -43.61 -114.59 -74.23
N LEU L 1751 -43.08 -115.18 -73.16
CA LEU L 1751 -41.64 -115.38 -73.03
C LEU L 1751 -41.12 -116.33 -74.09
N HIS L 1767 -41.83 -121.70 -80.72
CA HIS L 1767 -42.83 -120.79 -81.28
C HIS L 1767 -44.23 -121.40 -81.23
N PRO L 1768 -44.81 -121.49 -80.04
CA PRO L 1768 -46.17 -122.02 -79.93
C PRO L 1768 -47.22 -120.97 -80.23
N ASN L 1769 -46.88 -119.71 -79.98
CA ASN L 1769 -47.79 -118.58 -80.19
C ASN L 1769 -47.06 -117.42 -80.85
N PHE L 1770 -46.26 -117.72 -81.88
CA PHE L 1770 -45.51 -116.67 -82.56
C PHE L 1770 -46.42 -115.62 -83.16
N ALA L 1771 -47.43 -116.07 -83.93
CA ALA L 1771 -48.32 -115.13 -84.61
C ALA L 1771 -49.03 -114.22 -83.63
N LEU L 1772 -49.36 -114.72 -82.43
CA LEU L 1772 -49.94 -113.87 -81.41
C LEU L 1772 -49.02 -112.73 -81.03
N MET L 1773 -47.70 -112.94 -81.15
CA MET L 1773 -46.74 -111.88 -80.90
C MET L 1773 -46.47 -111.03 -82.14
N GLN L 1774 -46.58 -111.63 -83.33
CA GLN L 1774 -46.35 -110.87 -84.55
C GLN L 1774 -47.38 -109.75 -84.69
N GLN L 1775 -48.63 -110.02 -84.31
CA GLN L 1775 -49.64 -108.98 -84.34
C GLN L 1775 -49.33 -107.89 -83.33
N SER L 1776 -48.76 -108.25 -82.18
CA SER L 1776 -48.43 -107.26 -81.15
C SER L 1776 -47.40 -106.27 -81.67
N TYR L 1777 -46.34 -106.77 -82.29
CA TYR L 1777 -45.29 -105.88 -82.79
C TYR L 1777 -45.83 -104.94 -83.86
N ASN L 1778 -46.70 -105.44 -84.72
CA ASN L 1778 -47.28 -104.58 -85.76
C ASN L 1778 -48.11 -103.46 -85.15
N THR L 1779 -48.76 -103.70 -84.02
CA THR L 1779 -49.43 -102.63 -83.30
C THR L 1779 -48.43 -101.64 -82.74
N PHE L 1780 -47.23 -102.12 -82.38
CA PHE L 1780 -46.20 -101.24 -81.85
C PHE L 1780 -45.66 -100.30 -82.93
N LYS L 1781 -45.43 -100.83 -84.13
CA LYS L 1781 -44.90 -100.00 -85.20
C LYS L 1781 -45.91 -98.97 -85.67
N TYR L 1782 -47.21 -99.23 -85.48
CA TYR L 1782 -48.21 -98.25 -85.85
C TYR L 1782 -48.26 -97.09 -84.85
N TYR L 1783 -48.29 -97.42 -83.57
CA TYR L 1783 -48.38 -96.38 -82.55
C TYR L 1783 -47.16 -95.48 -82.57
N SER L 1784 -45.96 -96.06 -82.72
CA SER L 1784 -44.76 -95.25 -82.83
C SER L 1784 -44.81 -94.35 -84.05
N HIS L 1785 -45.33 -94.86 -85.16
CA HIS L 1785 -45.49 -94.04 -86.36
C HIS L 1785 -46.55 -92.97 -86.16
N PHE L 1786 -47.46 -93.14 -85.21
CA PHE L 1786 -48.44 -92.11 -84.91
C PHE L 1786 -47.88 -91.04 -83.99
N LEU L 1787 -46.93 -91.41 -83.12
CA LEU L 1787 -46.32 -90.43 -82.23
C LEU L 1787 -45.57 -89.37 -83.02
N PHE L 1788 -44.84 -89.77 -84.05
CA PHE L 1788 -44.05 -88.83 -84.83
C PHE L 1788 -44.92 -87.77 -85.50
N LYS L 1789 -46.21 -88.05 -85.71
CA LYS L 1789 -47.11 -87.07 -86.30
C LYS L 1789 -47.74 -86.16 -85.26
N VAL L 1790 -48.07 -86.69 -84.09
CA VAL L 1790 -48.73 -85.87 -83.08
C VAL L 1790 -47.74 -84.90 -82.45
N VAL L 1791 -46.46 -85.25 -82.39
CA VAL L 1791 -45.47 -84.31 -81.87
C VAL L 1791 -45.19 -83.23 -82.91
N THR L 1792 -45.16 -83.59 -84.19
CA THR L 1792 -44.89 -82.60 -85.23
C THR L 1792 -46.00 -81.56 -85.29
N LYS L 1793 -47.26 -82.01 -85.22
CA LYS L 1793 -48.38 -81.07 -85.24
C LYS L 1793 -48.36 -80.15 -84.02
N LEU L 1794 -47.72 -80.56 -82.93
CA LEU L 1794 -47.63 -79.75 -81.73
C LEU L 1794 -46.38 -78.89 -81.69
N VAL L 1795 -45.82 -78.55 -82.84
CA VAL L 1795 -44.65 -77.68 -82.89
C VAL L 1795 -45.10 -76.27 -83.23
N ASN L 1796 -46.16 -76.16 -84.04
CA ASN L 1796 -46.66 -74.85 -84.43
C ASN L 1796 -47.19 -74.06 -83.23
N ARG L 1797 -47.89 -74.73 -82.33
CA ARG L 1797 -48.44 -74.09 -81.16
C ARG L 1797 -47.33 -73.60 -80.23
N GLN L 1800 -43.18 -74.05 -77.63
CA GLN L 1800 -42.56 -75.03 -76.77
C GLN L 1800 -41.24 -75.54 -77.30
N PRO L 1801 -40.15 -74.80 -77.04
CA PRO L 1801 -38.83 -75.24 -77.50
C PRO L 1801 -38.34 -76.50 -76.81
N HIS L 1802 -38.94 -76.89 -75.69
CA HIS L 1802 -38.51 -78.12 -75.01
C HIS L 1802 -38.82 -79.34 -75.85
N LEU L 1803 -40.02 -79.38 -76.47
CA LEU L 1803 -40.40 -80.52 -77.28
C LEU L 1803 -39.61 -80.59 -78.57
N GLU L 1804 -38.96 -79.49 -78.96
CA GLU L 1804 -38.22 -79.47 -80.22
C GLU L 1804 -37.15 -80.55 -80.24
N ASP L 1805 -36.47 -80.76 -79.12
CA ASP L 1805 -35.40 -81.76 -79.09
C ASP L 1805 -35.94 -83.17 -79.13
N PHE L 1806 -37.24 -83.37 -78.87
CA PHE L 1806 -37.78 -84.72 -78.89
C PHE L 1806 -37.84 -85.28 -80.31
N LEU L 1807 -38.32 -84.48 -81.26
CA LEU L 1807 -38.44 -84.96 -82.64
C LEU L 1807 -37.05 -85.31 -83.20
N LEU L 1808 -36.03 -84.53 -82.83
CA LEU L 1808 -34.68 -84.86 -83.23
C LEU L 1808 -34.19 -86.15 -82.59
N ARG L 1809 -34.78 -86.54 -81.46
CA ARG L 1809 -34.43 -87.79 -80.82
C ARG L 1809 -35.19 -88.96 -81.41
N ILE L 1810 -36.51 -88.84 -81.53
CA ILE L 1810 -37.30 -89.97 -82.03
C ILE L 1810 -37.06 -90.20 -83.51
N ASN L 1811 -36.79 -89.14 -84.27
CA ASN L 1811 -36.57 -89.25 -85.70
C ASN L 1811 -35.11 -88.96 -86.01
N PHE L 1812 -34.46 -89.86 -86.73
CA PHE L 1812 -33.11 -89.62 -87.20
C PHE L 1812 -32.86 -90.56 -88.38
N ASN L 1813 -32.83 -89.99 -89.59
CA ASN L 1813 -32.75 -90.77 -90.83
C ASN L 1813 -33.97 -91.68 -90.99
N ASN L 1814 -35.15 -91.10 -90.93
CA ASN L 1814 -36.41 -91.81 -91.15
C ASN L 1814 -37.51 -90.77 -91.30
N TYR L 1815 -38.76 -91.22 -91.32
CA TYR L 1815 -39.92 -90.33 -91.37
C TYR L 1815 -41.07 -90.88 -90.54
N LEU M 203 -34.69 -23.97 22.60
CA LEU M 203 -35.85 -23.17 22.28
C LEU M 203 -35.74 -22.55 20.90
N PRO M 204 -35.91 -23.36 19.85
CA PRO M 204 -35.77 -22.84 18.48
C PRO M 204 -36.91 -21.95 18.05
N GLY M 206 -37.99 -21.87 18.81
CA GLY M 206 -39.08 -20.98 18.45
C GLY M 206 -38.72 -19.51 18.64
N THR M 207 -38.07 -19.20 19.76
CA THR M 207 -37.64 -17.84 20.06
C THR M 207 -36.27 -17.51 19.48
N LEU M 208 -35.86 -18.21 18.44
CA LEU M 208 -34.54 -18.10 17.84
C LEU M 208 -34.66 -17.66 16.38
N PRO M 209 -33.71 -16.87 15.88
CA PRO M 209 -33.82 -16.36 14.50
C PRO M 209 -33.90 -17.48 13.47
N LEU M 210 -34.26 -17.08 12.25
CA LEU M 210 -34.53 -18.03 11.18
C LEU M 210 -33.24 -18.52 10.52
N ALA M 211 -32.45 -17.60 9.97
CA ALA M 211 -31.28 -17.99 9.19
C ALA M 211 -30.20 -18.65 10.04
N SER M 212 -30.27 -18.52 11.36
CA SER M 212 -29.27 -19.11 12.24
C SER M 212 -29.68 -20.46 12.79
N GLN M 213 -30.96 -20.66 13.09
CA GLN M 213 -31.39 -21.95 13.62
C GLN M 213 -31.20 -23.07 12.61
N GLU M 214 -31.16 -22.75 11.32
CA GLU M 214 -30.84 -23.76 10.32
C GLU M 214 -29.44 -24.33 10.52
N SER M 215 -28.50 -23.50 10.96
CA SER M 215 -27.16 -24.00 11.26
C SER M 215 -27.12 -24.85 12.52
N ALA M 216 -28.16 -24.77 13.35
CA ALA M 216 -28.23 -25.64 14.52
C ALA M 216 -28.81 -27.00 14.18
N VAL M 217 -29.75 -27.06 13.23
CA VAL M 217 -30.30 -28.33 12.81
C VAL M 217 -29.27 -29.12 12.01
N VAL M 218 -28.47 -28.44 11.19
CA VAL M 218 -27.51 -29.15 10.35
C VAL M 218 -26.41 -29.78 11.19
N GLU M 219 -26.16 -29.26 12.40
CA GLU M 219 -25.21 -29.95 13.27
C GLU M 219 -25.89 -31.06 14.06
N ASP M 220 -27.17 -30.87 14.39
CA ASP M 220 -27.93 -31.94 15.00
C ASP M 220 -28.14 -33.09 14.03
N LEU M 221 -28.61 -32.76 12.83
CA LEU M 221 -28.83 -33.74 11.77
C LEU M 221 -27.53 -34.42 11.34
N LEU M 222 -26.38 -33.89 11.73
CA LEU M 222 -25.11 -34.50 11.37
C LEU M 222 -24.70 -35.59 12.34
N TYR M 223 -25.37 -35.71 13.48
CA TYR M 223 -25.20 -36.85 14.37
C TYR M 223 -26.12 -38.00 13.99
N VAL M 224 -27.40 -37.69 13.73
CA VAL M 224 -28.39 -38.73 13.49
C VAL M 224 -27.98 -39.60 12.31
N LEU M 225 -27.22 -39.05 11.37
CA LEU M 225 -26.72 -39.89 10.28
C LEU M 225 -25.71 -40.92 10.75
N VAL M 226 -25.30 -40.88 12.01
CA VAL M 226 -24.31 -41.80 12.54
C VAL M 226 -24.99 -42.85 13.41
N GLY M 227 -26.10 -42.48 14.03
CA GLY M 227 -26.83 -43.38 14.88
C GLY M 227 -27.12 -42.79 16.23
N VAL M 228 -26.15 -42.05 16.77
CA VAL M 228 -26.34 -41.41 18.06
C VAL M 228 -27.46 -40.39 17.99
N ASP M 229 -28.28 -40.34 19.04
CA ASP M 229 -29.39 -39.40 19.07
C ASP M 229 -28.89 -37.96 18.99
N GLY M 230 -29.82 -37.04 18.86
CA GLY M 230 -29.46 -35.65 18.75
C GLY M 230 -30.19 -34.75 19.73
N ARG M 231 -29.99 -33.44 19.61
CA ARG M 231 -30.61 -32.50 20.52
C ARG M 231 -32.07 -32.26 20.14
N TYR M 232 -32.33 -31.92 18.88
CA TYR M 232 -33.69 -31.68 18.40
C TYR M 232 -34.25 -32.86 17.63
N VAL M 233 -33.53 -33.36 16.64
CA VAL M 233 -33.99 -34.49 15.85
C VAL M 233 -33.74 -35.77 16.65
N SER M 234 -34.72 -36.18 17.44
CA SER M 234 -34.58 -37.34 18.29
C SER M 234 -35.15 -38.59 17.62
N ALA M 235 -34.91 -39.73 18.24
CA ALA M 235 -35.41 -41.01 17.78
C ALA M 235 -36.50 -41.52 18.71
N GLN M 236 -37.36 -42.37 18.18
CA GLN M 236 -38.44 -42.96 18.96
C GLN M 236 -38.25 -44.47 19.03
N PRO M 237 -38.72 -45.11 20.10
CA PRO M 237 -38.55 -46.55 20.23
C PRO M 237 -39.20 -47.29 19.07
N LEU M 238 -38.57 -48.38 18.66
CA LEU M 238 -39.00 -49.12 17.48
C LEU M 238 -40.36 -49.78 17.72
N SER M 243 -37.61 -49.09 9.83
CA SER M 243 -38.91 -48.88 10.42
C SER M 243 -38.83 -47.90 11.58
N ARG M 244 -37.64 -47.36 11.80
CA ARG M 244 -37.44 -46.36 12.84
C ARG M 244 -38.16 -45.08 12.47
N THR M 245 -38.96 -44.55 13.39
CA THR M 245 -39.68 -43.31 13.17
C THR M 245 -39.13 -42.23 14.11
N PHE M 246 -38.88 -41.05 13.54
CA PHE M 246 -38.25 -39.95 14.26
C PHE M 246 -39.29 -38.87 14.56
N LEU M 247 -38.90 -37.94 15.42
CA LEU M 247 -39.66 -36.71 15.66
C LEU M 247 -38.68 -35.55 15.66
N VAL M 248 -39.10 -34.40 15.13
CA VAL M 248 -38.18 -33.30 14.97
C VAL M 248 -38.41 -32.22 16.03
N ASP M 249 -39.59 -31.59 16.02
CA ASP M 249 -40.03 -30.60 17.01
C ASP M 249 -41.41 -30.09 16.65
N PRO M 250 -42.20 -29.67 17.62
CA PRO M 250 -43.52 -29.11 17.31
C PRO M 250 -43.43 -27.71 16.72
N ASN M 251 -42.55 -26.87 17.26
CA ASN M 251 -42.45 -25.47 16.86
C ASN M 251 -41.15 -25.24 16.11
N LEU M 252 -41.18 -25.49 14.81
CA LEU M 252 -40.07 -25.23 13.92
C LEU M 252 -40.63 -24.67 12.62
N ASP M 253 -39.77 -24.06 11.81
CA ASP M 253 -40.26 -23.45 10.58
C ASP M 253 -40.74 -24.49 9.59
N LEU M 254 -41.86 -24.19 8.94
CA LEU M 254 -42.46 -25.14 8.00
C LEU M 254 -41.52 -25.47 6.85
N SER M 255 -40.76 -24.48 6.38
CA SER M 255 -39.86 -24.69 5.27
C SER M 255 -38.54 -25.32 5.69
N ILE M 256 -38.46 -25.85 6.90
CA ILE M 256 -37.31 -26.63 7.36
C ILE M 256 -37.69 -28.08 7.59
N ARG M 257 -38.73 -28.32 8.39
CA ARG M 257 -39.13 -29.69 8.70
C ARG M 257 -39.48 -30.46 7.45
N GLU M 258 -40.20 -29.84 6.53
CA GLU M 258 -40.51 -30.50 5.26
C GLU M 258 -39.25 -30.77 4.46
N LEU M 259 -38.15 -30.09 4.78
CA LEU M 259 -36.87 -30.41 4.16
C LEU M 259 -36.05 -31.38 4.99
N VAL M 260 -36.15 -31.31 6.32
CA VAL M 260 -35.43 -32.26 7.17
C VAL M 260 -35.96 -33.68 6.93
N HIS M 261 -37.28 -33.83 6.95
CA HIS M 261 -37.90 -35.13 6.77
C HIS M 261 -37.57 -35.78 5.44
N ARG M 262 -36.90 -35.06 4.54
CA ARG M 262 -36.44 -35.66 3.30
C ARG M 262 -35.08 -36.32 3.44
N ILE M 263 -34.31 -35.98 4.48
CA ILE M 263 -32.99 -36.55 4.68
C ILE M 263 -33.04 -37.78 5.57
N LEU M 264 -33.87 -37.74 6.61
CA LEU M 264 -33.99 -38.79 7.61
C LEU M 264 -34.17 -40.20 7.03
N PRO M 265 -34.81 -40.37 5.87
CA PRO M 265 -34.80 -41.71 5.25
C PRO M 265 -33.43 -42.28 4.94
N VAL M 266 -32.36 -41.54 5.24
CA VAL M 266 -31.03 -42.14 5.27
C VAL M 266 -30.60 -42.51 6.68
N ALA M 267 -31.28 -41.99 7.70
CA ALA M 267 -31.03 -42.45 9.06
C ALA M 267 -31.78 -43.74 9.34
N ALA M 268 -33.04 -43.81 8.96
CA ALA M 268 -33.82 -45.02 9.17
C ALA M 268 -33.26 -46.18 8.36
N SER M 269 -32.79 -45.93 7.15
CA SER M 269 -32.13 -46.97 6.38
C SER M 269 -30.74 -47.28 6.88
N TYR M 270 -30.31 -46.66 7.97
CA TYR M 270 -29.08 -47.00 8.64
C TYR M 270 -29.30 -47.59 10.03
N SER M 271 -30.34 -47.19 10.71
CA SER M 271 -30.74 -47.87 11.94
C SER M 271 -31.40 -49.17 11.66
N ALA M 272 -31.35 -49.67 10.42
CA ALA M 272 -31.87 -50.97 10.08
C ALA M 272 -30.88 -51.80 9.29
N VAL M 273 -29.68 -51.29 9.03
CA VAL M 273 -28.61 -52.07 8.46
C VAL M 273 -27.55 -52.42 9.49
N THR M 274 -27.24 -51.47 10.39
CA THR M 274 -26.35 -51.79 11.48
C THR M 274 -26.98 -52.73 12.49
N ARG M 275 -28.30 -52.88 12.46
CA ARG M 275 -28.96 -53.90 13.25
C ARG M 275 -28.98 -55.24 12.54
N PHE M 276 -28.58 -55.28 11.27
CA PHE M 276 -28.40 -56.52 10.55
C PHE M 276 -26.96 -57.00 10.63
N ILE M 277 -26.02 -56.09 10.85
CA ILE M 277 -24.63 -56.48 11.03
C ILE M 277 -24.40 -57.03 12.44
N GLU M 278 -24.88 -56.31 13.44
CA GLU M 278 -24.67 -56.72 14.86
C GLU M 278 -25.57 -57.92 15.22
N GLU M 279 -26.27 -58.50 14.24
CA GLU M 279 -27.11 -59.65 14.48
C GLU M 279 -26.75 -60.86 13.62
N LYS M 280 -26.62 -60.69 12.32
CA LYS M 280 -26.42 -61.81 11.41
C LYS M 280 -25.00 -62.31 11.40
N SER M 281 -24.17 -61.92 12.35
CA SER M 281 -22.81 -62.43 12.44
C SER M 281 -22.67 -63.57 13.44
N SER M 282 -23.79 -64.05 14.00
CA SER M 282 -23.73 -65.15 14.93
C SER M 282 -23.38 -66.45 14.21
N PHE M 283 -23.14 -67.51 14.99
CA PHE M 283 -22.71 -68.82 14.44
C PHE M 283 -23.89 -69.73 14.09
N GLU M 284 -25.13 -69.29 14.36
CA GLU M 284 -26.29 -70.11 14.06
C GLU M 284 -26.83 -69.88 12.65
N TYR M 285 -26.04 -69.28 11.75
CA TYR M 285 -26.56 -68.88 10.44
C TYR M 285 -25.75 -69.36 9.25
N GLY M 286 -24.55 -69.90 9.43
CA GLY M 286 -23.82 -70.42 8.25
C GLY M 286 -22.96 -69.38 7.54
N GLN M 287 -21.75 -69.79 7.19
CA GLN M 287 -20.68 -68.96 6.54
C GLN M 287 -21.20 -67.94 5.51
N VAL M 288 -22.40 -68.09 4.94
CA VAL M 288 -22.78 -67.11 3.94
C VAL M 288 -23.44 -65.90 4.58
N ASN M 289 -24.41 -66.11 5.47
CA ASN M 289 -24.91 -65.00 6.25
C ASN M 289 -23.85 -64.35 7.13
N HIS M 290 -22.63 -64.89 7.09
CA HIS M 290 -21.48 -64.38 7.86
C HIS M 290 -20.65 -63.47 6.94
N ALA M 291 -20.49 -63.88 5.67
CA ALA M 291 -19.75 -63.09 4.68
C ALA M 291 -20.61 -61.90 4.25
N LEU M 292 -21.88 -62.17 3.93
CA LEU M 292 -22.82 -61.12 3.55
C LEU M 292 -22.92 -60.04 4.62
N ALA M 293 -22.61 -60.35 5.87
CA ALA M 293 -22.63 -59.36 6.92
C ALA M 293 -21.27 -58.72 7.15
N ALA M 294 -20.23 -59.26 6.52
CA ALA M 294 -18.87 -58.71 6.59
C ALA M 294 -18.72 -57.66 5.48
N ALA M 295 -18.99 -58.08 4.24
CA ALA M 295 -18.96 -57.20 3.08
C ALA M 295 -20.03 -56.12 3.14
N MET M 296 -21.02 -56.27 3.99
CA MET M 296 -21.98 -55.21 4.28
C MET M 296 -21.54 -54.36 5.47
N ARG M 297 -20.35 -54.62 6.00
CA ARG M 297 -19.79 -53.80 7.07
C ARG M 297 -18.68 -52.89 6.59
N THR M 298 -17.98 -53.27 5.52
CA THR M 298 -17.05 -52.35 4.89
C THR M 298 -17.75 -51.09 4.40
N LEU M 299 -18.99 -51.22 3.94
CA LEU M 299 -19.71 -50.04 3.46
C LEU M 299 -20.06 -49.09 4.59
N VAL M 300 -20.53 -49.63 5.72
CA VAL M 300 -20.89 -48.76 6.84
C VAL M 300 -19.70 -47.96 7.31
N LYS M 301 -18.50 -48.51 7.15
CA LYS M 301 -17.30 -47.73 7.46
C LYS M 301 -17.17 -46.55 6.48
N GLU M 302 -17.35 -46.80 5.19
CA GLU M 302 -17.29 -45.74 4.19
C GLU M 302 -18.41 -44.74 4.35
N HIS M 303 -19.42 -45.03 5.16
CA HIS M 303 -20.42 -44.03 5.51
C HIS M 303 -20.05 -43.29 6.78
N LEU M 304 -19.25 -43.91 7.65
CA LEU M 304 -18.76 -43.20 8.83
C LEU M 304 -17.68 -42.20 8.49
N ILE M 305 -17.15 -42.24 7.27
CA ILE M 305 -16.19 -41.24 6.82
C ILE M 305 -16.91 -40.09 6.13
N LEU M 306 -17.89 -40.39 5.29
CA LEU M 306 -18.66 -39.34 4.62
C LEU M 306 -19.43 -38.49 5.61
N VAL M 307 -19.59 -38.94 6.84
CA VAL M 307 -20.10 -38.06 7.89
C VAL M 307 -18.97 -37.42 8.67
N SER M 308 -17.75 -37.95 8.56
CA SER M 308 -16.61 -37.27 9.18
C SER M 308 -16.16 -36.08 8.37
N GLN M 309 -16.13 -36.21 7.04
CA GLN M 309 -15.74 -35.09 6.19
C GLN M 309 -16.71 -33.92 6.32
N LEU M 310 -17.96 -34.20 6.67
CA LEU M 310 -18.93 -33.13 6.83
C LEU M 310 -18.84 -32.49 8.20
N GLU M 311 -18.49 -33.25 9.24
CA GLU M 311 -18.33 -32.63 10.56
C GLU M 311 -17.11 -31.73 10.62
N GLN M 312 -16.16 -31.90 9.71
CA GLN M 312 -15.01 -31.02 9.62
C GLN M 312 -15.27 -29.84 8.71
N LEU M 313 -15.98 -30.07 7.59
CA LEU M 313 -16.31 -28.99 6.69
C LEU M 313 -17.41 -28.09 7.25
N HIS M 314 -18.09 -28.53 8.31
CA HIS M 314 -19.10 -27.69 8.92
C HIS M 314 -18.52 -26.71 9.93
N ARG M 315 -17.35 -27.02 10.51
CA ARG M 315 -16.74 -26.12 11.47
C ARG M 315 -16.51 -24.75 10.85
N GLN M 316 -16.04 -24.72 9.62
CA GLN M 316 -15.73 -23.51 8.88
C GLN M 316 -16.98 -22.78 8.41
N GLY M 317 -18.18 -23.25 8.76
CA GLY M 317 -19.41 -22.61 8.36
C GLY M 317 -19.86 -22.87 6.94
N LEU M 318 -19.13 -23.69 6.18
CA LEU M 318 -19.40 -23.88 4.76
C LEU M 318 -20.50 -24.89 4.48
N LEU M 319 -21.31 -25.28 5.47
CA LEU M 319 -22.27 -26.38 5.29
C LEU M 319 -23.66 -25.88 5.67
N SER M 320 -24.36 -25.30 4.70
CA SER M 320 -25.75 -24.93 4.91
C SER M 320 -26.64 -26.13 4.68
N LEU M 321 -27.84 -26.09 5.29
CA LEU M 321 -28.75 -27.22 5.19
C LEU M 321 -29.04 -27.57 3.73
N GLN M 322 -29.22 -26.56 2.89
CA GLN M 322 -29.44 -26.80 1.48
C GLN M 322 -28.23 -27.48 0.85
N LYS M 323 -27.04 -27.26 1.41
CA LYS M 323 -25.85 -27.91 0.90
C LYS M 323 -25.77 -29.36 1.33
N LEU M 324 -26.37 -29.70 2.47
CA LEU M 324 -26.36 -31.09 2.91
C LEU M 324 -27.18 -31.97 1.99
N TRP M 325 -28.38 -31.50 1.63
CA TRP M 325 -29.32 -32.25 0.80
C TRP M 325 -28.74 -32.62 -0.55
N PHE M 326 -27.57 -32.10 -0.90
CA PHE M 326 -26.91 -32.49 -2.14
C PHE M 326 -25.80 -33.51 -1.90
N TYR M 327 -25.04 -33.38 -0.82
CA TYR M 327 -23.86 -34.23 -0.65
C TYR M 327 -24.26 -35.66 -0.31
N ILE M 328 -25.36 -35.84 0.42
CA ILE M 328 -25.78 -37.18 0.85
C ILE M 328 -26.51 -37.95 -0.23
N GLN M 329 -26.74 -37.36 -1.40
CA GLN M 329 -27.50 -38.05 -2.44
C GLN M 329 -26.97 -39.44 -2.76
N PRO M 330 -25.66 -39.67 -2.89
CA PRO M 330 -25.21 -41.05 -3.10
C PRO M 330 -25.35 -41.91 -1.85
N ALA M 331 -25.14 -41.36 -0.67
CA ALA M 331 -25.28 -42.14 0.55
C ALA M 331 -26.73 -42.40 0.92
N MET M 332 -27.67 -41.77 0.22
CA MET M 332 -29.09 -42.08 0.39
C MET M 332 -29.55 -43.18 -0.54
N ARG M 333 -28.81 -43.43 -1.61
CA ARG M 333 -29.14 -44.50 -2.55
C ARG M 333 -28.43 -45.80 -2.23
N THR M 334 -27.21 -45.75 -1.69
CA THR M 334 -26.55 -46.98 -1.29
C THR M 334 -27.19 -47.57 -0.05
N MET M 335 -27.43 -46.74 0.97
CA MET M 335 -28.11 -47.23 2.17
C MET M 335 -29.56 -47.58 1.90
N ASP M 336 -30.05 -47.43 0.68
CA ASP M 336 -31.38 -47.89 0.32
C ASP M 336 -31.37 -49.21 -0.43
N ILE M 337 -30.20 -49.71 -0.80
CA ILE M 337 -30.08 -51.07 -1.29
C ILE M 337 -29.79 -52.03 -0.14
N LEU M 338 -28.84 -51.68 0.73
CA LEU M 338 -28.53 -52.55 1.85
C LEU M 338 -29.69 -52.66 2.83
N ALA M 339 -30.60 -51.70 2.86
CA ALA M 339 -31.78 -51.80 3.69
C ALA M 339 -32.92 -52.51 2.99
N SER M 340 -32.70 -53.00 1.77
CA SER M 340 -33.67 -53.84 1.08
C SER M 340 -33.23 -55.29 0.97
N LEU M 341 -31.93 -55.57 1.00
CA LEU M 341 -31.48 -56.94 1.13
C LEU M 341 -31.59 -57.42 2.57
N ALA M 342 -31.31 -56.54 3.52
CA ALA M 342 -31.46 -56.90 4.94
C ALA M 342 -32.91 -57.06 5.36
N THR M 343 -33.83 -56.77 4.44
CA THR M 343 -35.29 -56.90 4.71
C THR M 343 -35.75 -58.27 4.21
N SER M 344 -35.34 -58.66 3.00
CA SER M 344 -35.71 -59.97 2.43
C SER M 344 -35.13 -61.09 3.30
N VAL M 345 -33.89 -60.94 3.74
CA VAL M 345 -33.23 -61.97 4.60
C VAL M 345 -33.98 -62.09 5.93
N ASP M 346 -34.39 -60.97 6.53
CA ASP M 346 -35.14 -61.03 7.81
C ASP M 346 -36.53 -61.65 7.60
N LYS M 347 -37.24 -61.20 6.56
CA LYS M 347 -38.62 -61.69 6.27
C LYS M 347 -38.61 -63.17 5.84
N GLY M 348 -37.69 -63.56 4.95
CA GLY M 348 -37.62 -64.96 4.48
C GLY M 348 -36.36 -65.65 4.95
N GLU M 349 -36.51 -66.73 5.71
CA GLU M 349 -35.35 -67.46 6.28
C GLU M 349 -34.44 -68.01 5.18
N CYS M 350 -33.35 -67.30 4.88
CA CYS M 350 -32.38 -67.77 3.91
C CYS M 350 -31.04 -68.00 4.61
N LEU M 351 -30.46 -69.18 4.41
CA LEU M 351 -29.12 -69.47 4.87
C LEU M 351 -28.53 -70.53 3.95
N GLY M 352 -27.31 -70.32 3.52
CA GLY M 352 -26.65 -71.27 2.62
C GLY M 352 -26.83 -70.88 1.16
N GLY M 353 -27.67 -71.63 0.45
CA GLY M 353 -27.85 -71.41 -0.97
C GLY M 353 -28.94 -70.42 -1.30
N SER M 354 -30.06 -70.48 -0.58
CA SER M 354 -31.17 -69.58 -0.90
C SER M 354 -30.83 -68.14 -0.59
N THR M 355 -29.87 -67.88 0.28
CA THR M 355 -29.31 -66.56 0.46
C THR M 355 -28.19 -66.26 -0.51
N LEU M 356 -28.05 -67.08 -1.55
CA LEU M 356 -27.21 -66.78 -2.68
C LEU M 356 -27.98 -66.79 -3.98
N SER M 357 -29.18 -67.37 -4.00
CA SER M 357 -30.08 -67.19 -5.11
C SER M 357 -30.65 -65.77 -5.11
N LEU M 358 -30.94 -65.24 -3.93
CA LEU M 358 -31.50 -63.90 -3.84
C LEU M 358 -30.53 -62.85 -4.35
N LEU M 359 -29.24 -63.02 -4.05
CA LEU M 359 -28.21 -62.09 -4.49
C LEU M 359 -27.78 -62.31 -5.93
N HIS M 360 -28.41 -63.24 -6.64
CA HIS M 360 -28.23 -63.35 -8.08
C HIS M 360 -29.45 -62.88 -8.85
N ASP M 361 -30.57 -62.68 -8.18
CA ASP M 361 -31.77 -62.08 -8.79
C ASP M 361 -31.90 -60.61 -8.46
N ARG M 362 -31.59 -60.21 -7.24
CA ARG M 362 -31.52 -58.79 -6.92
C ARG M 362 -30.38 -58.10 -7.64
N SER M 363 -29.51 -58.84 -8.32
CA SER M 363 -28.47 -58.26 -9.13
C SER M 363 -28.80 -58.27 -10.61
N PHE M 364 -29.81 -59.03 -11.02
CA PHE M 364 -30.27 -59.02 -12.39
C PHE M 364 -31.42 -58.05 -12.60
N SER M 365 -32.18 -57.78 -11.54
CA SER M 365 -33.25 -56.77 -11.63
C SER M 365 -32.67 -55.39 -11.87
N TYR M 366 -31.45 -55.14 -11.44
CA TYR M 366 -30.76 -53.88 -11.73
C TYR M 366 -29.81 -54.05 -12.91
N THR M 367 -30.38 -54.48 -14.05
CA THR M 367 -29.59 -54.73 -15.28
C THR M 367 -29.49 -53.45 -16.13
N GLY M 368 -29.87 -52.30 -15.55
CA GLY M 368 -29.81 -51.04 -16.31
C GLY M 368 -29.56 -49.83 -15.40
N ASP M 369 -29.11 -50.08 -14.17
CA ASP M 369 -28.87 -48.97 -13.25
C ASP M 369 -27.39 -48.58 -13.22
N SER M 370 -26.52 -49.58 -13.08
CA SER M 370 -25.06 -49.43 -13.16
C SER M 370 -24.49 -48.63 -11.99
N GLN M 371 -25.36 -48.12 -11.11
CA GLN M 371 -24.95 -47.57 -9.84
C GLN M 371 -25.44 -48.38 -8.67
N ALA M 372 -26.43 -49.24 -8.89
CA ALA M 372 -26.88 -50.22 -7.92
C ALA M 372 -26.70 -51.64 -8.44
N GLN M 373 -25.98 -51.82 -9.54
CA GLN M 373 -25.54 -53.13 -9.96
C GLN M 373 -24.06 -53.36 -9.73
N GLU M 374 -23.24 -52.32 -9.79
CA GLU M 374 -21.87 -52.44 -9.33
C GLU M 374 -21.79 -52.66 -7.83
N LEU M 375 -22.90 -52.45 -7.11
CA LEU M 375 -22.95 -52.73 -5.68
C LEU M 375 -23.38 -54.17 -5.43
N CYS M 376 -24.58 -54.53 -5.88
CA CYS M 376 -25.07 -55.89 -5.68
C CYS M 376 -24.20 -56.93 -6.37
N LEU M 377 -23.26 -56.52 -7.21
CA LEU M 377 -22.24 -57.42 -7.71
C LEU M 377 -20.99 -57.45 -6.84
N TYR M 378 -20.89 -56.53 -5.89
CA TYR M 378 -19.84 -56.62 -4.88
C TYR M 378 -20.25 -57.47 -3.70
N LEU M 379 -21.55 -57.52 -3.40
CA LEU M 379 -22.03 -58.36 -2.32
C LEU M 379 -22.00 -59.83 -2.72
N THR M 380 -22.54 -60.15 -3.90
CA THR M 380 -22.56 -61.53 -4.36
C THR M 380 -21.15 -62.07 -4.54
N LYS M 381 -20.25 -61.26 -5.10
CA LYS M 381 -18.89 -61.71 -5.28
C LYS M 381 -18.15 -61.91 -3.97
N ALA M 382 -18.71 -61.44 -2.86
CA ALA M 382 -18.11 -61.60 -1.55
C ALA M 382 -18.88 -62.53 -0.64
N ALA M 383 -20.18 -62.67 -0.84
CA ALA M 383 -21.00 -63.59 -0.06
C ALA M 383 -21.09 -64.96 -0.70
N SER M 384 -20.16 -65.31 -1.57
CA SER M 384 -20.15 -66.61 -2.21
C SER M 384 -18.78 -67.26 -2.20
N ALA M 385 -17.75 -66.59 -1.69
CA ALA M 385 -16.47 -67.25 -1.52
C ALA M 385 -16.52 -68.39 -0.52
N PRO M 386 -17.16 -68.27 0.64
CA PRO M 386 -17.20 -69.42 1.55
C PRO M 386 -17.98 -70.58 0.99
N TYR M 387 -19.04 -70.32 0.24
CA TYR M 387 -19.76 -71.40 -0.41
C TYR M 387 -18.91 -72.04 -1.49
N PHE M 388 -18.08 -71.26 -2.16
CA PHE M 388 -17.25 -71.79 -3.23
C PHE M 388 -15.95 -72.39 -2.73
N GLU M 389 -15.65 -72.30 -1.44
CA GLU M 389 -14.44 -72.94 -0.92
C GLU M 389 -14.71 -74.36 -0.44
N VAL M 390 -15.98 -74.72 -0.23
CA VAL M 390 -16.31 -76.12 0.00
C VAL M 390 -16.60 -76.82 -1.32
N LEU M 391 -17.06 -76.10 -2.33
CA LEU M 391 -17.25 -76.68 -3.64
C LEU M 391 -15.93 -77.11 -4.25
N GLU M 392 -14.86 -76.38 -3.96
CA GLU M 392 -13.53 -76.78 -4.40
C GLU M 392 -12.97 -77.95 -3.59
N LYS M 393 -13.68 -78.38 -2.55
CA LYS M 393 -13.33 -79.60 -1.85
C LYS M 393 -14.20 -80.78 -2.24
N TRP M 394 -15.35 -80.53 -2.85
CA TRP M 394 -16.25 -81.60 -3.27
C TRP M 394 -16.04 -82.02 -4.71
N ILE M 395 -15.45 -81.18 -5.54
CA ILE M 395 -15.20 -81.53 -6.94
C ILE M 395 -13.80 -82.10 -7.10
N TYR M 396 -12.79 -81.46 -6.50
CA TYR M 396 -11.42 -81.93 -6.62
C TYR M 396 -11.09 -83.02 -5.61
N ARG M 397 -11.95 -83.24 -4.62
CA ARG M 397 -11.81 -84.33 -3.67
C ARG M 397 -13.20 -84.74 -3.23
N GLY M 398 -13.27 -85.77 -2.39
CA GLY M 398 -14.57 -86.26 -1.96
C GLY M 398 -15.06 -85.75 -0.65
N ILE M 399 -14.23 -85.01 0.08
CA ILE M 399 -14.55 -84.60 1.44
C ILE M 399 -15.51 -83.41 1.42
N ILE M 400 -16.55 -83.49 2.26
CA ILE M 400 -17.53 -82.43 2.41
C ILE M 400 -17.51 -81.99 3.85
N HIS M 401 -17.03 -80.77 4.11
CA HIS M 401 -16.93 -80.32 5.50
C HIS M 401 -18.27 -79.78 5.99
N ASP M 402 -18.71 -78.65 5.44
CA ASP M 402 -20.03 -78.05 5.65
C ASP M 402 -20.56 -78.23 7.06
N PRO M 403 -19.92 -77.64 8.08
CA PRO M 403 -20.38 -77.89 9.46
C PRO M 403 -21.85 -77.58 9.66
N TYR M 404 -22.26 -76.41 9.19
CA TYR M 404 -23.70 -75.99 9.22
C TYR M 404 -24.37 -76.62 8.00
N SER M 405 -25.58 -77.18 8.16
CA SER M 405 -26.21 -77.87 7.05
C SER M 405 -26.67 -76.87 5.99
N GLU M 406 -25.77 -76.50 5.09
CA GLU M 406 -26.08 -75.50 4.07
C GLU M 406 -25.65 -75.87 2.66
N PHE M 407 -24.70 -76.78 2.49
CA PHE M 407 -24.24 -77.12 1.15
C PHE M 407 -25.35 -77.85 0.39
N MET M 408 -25.21 -77.87 -0.94
CA MET M 408 -26.25 -78.49 -1.77
C MET M 408 -26.26 -80.00 -1.62
N VAL M 409 -25.12 -80.61 -1.28
CA VAL M 409 -24.99 -82.06 -1.17
C VAL M 409 -24.70 -82.41 0.29
N GLU M 410 -25.50 -83.31 0.85
CA GLU M 410 -25.28 -83.81 2.20
C GLU M 410 -25.09 -85.31 2.16
N GLU M 411 -24.19 -85.80 3.01
CA GLU M 411 -23.91 -87.23 3.08
C GLU M 411 -24.86 -87.90 4.07
N HIS M 412 -24.76 -89.22 4.15
CA HIS M 412 -25.62 -90.00 5.03
C HIS M 412 -24.79 -91.13 5.62
N GLU M 413 -25.46 -92.03 6.34
CA GLU M 413 -24.80 -93.20 6.90
C GLU M 413 -25.64 -94.45 6.70
N TYR M 427 -27.46 -99.31 -2.83
CA TYR M 427 -26.60 -99.24 -1.65
C TYR M 427 -25.85 -97.92 -1.58
N TRP M 428 -25.75 -97.23 -2.73
CA TRP M 428 -25.10 -95.92 -2.77
C TRP M 428 -26.00 -94.84 -3.34
N ASP M 429 -27.23 -95.15 -3.72
CA ASP M 429 -28.15 -94.09 -4.14
C ASP M 429 -28.74 -93.32 -2.97
N GLN M 430 -28.41 -93.71 -1.74
CA GLN M 430 -28.89 -93.02 -0.55
C GLN M 430 -27.78 -92.36 0.24
N ARG M 431 -26.51 -92.57 -0.14
CA ARG M 431 -25.40 -91.99 0.60
C ARG M 431 -25.38 -90.47 0.45
N TYR M 432 -25.21 -89.98 -0.76
CA TYR M 432 -25.20 -88.55 -1.04
C TYR M 432 -26.45 -88.18 -1.82
N THR M 433 -27.20 -87.21 -1.32
CA THR M 433 -28.45 -86.81 -1.95
C THR M 433 -28.44 -85.31 -2.20
N ILE M 434 -28.89 -84.92 -3.39
CA ILE M 434 -29.01 -83.51 -3.71
C ILE M 434 -30.12 -82.89 -2.86
N VAL M 435 -29.80 -81.81 -2.16
CA VAL M 435 -30.80 -81.04 -1.43
C VAL M 435 -31.37 -80.00 -2.37
N GLN M 436 -32.70 -79.87 -2.38
CA GLN M 436 -33.35 -79.03 -3.39
C GLN M 436 -33.34 -77.57 -2.99
N GLN M 437 -33.50 -77.27 -1.70
CA GLN M 437 -33.58 -75.87 -1.27
C GLN M 437 -32.27 -75.15 -1.55
N GLN M 438 -31.15 -75.72 -1.12
CA GLN M 438 -29.86 -75.03 -1.18
C GLN M 438 -29.18 -75.25 -2.53
N ILE M 439 -29.83 -74.77 -3.57
CA ILE M 439 -29.26 -74.71 -4.91
C ILE M 439 -29.19 -73.24 -5.32
N PRO M 440 -28.02 -72.74 -5.71
CA PRO M 440 -27.86 -71.28 -5.89
C PRO M 440 -28.63 -70.68 -7.06
N SER M 441 -29.38 -71.48 -7.82
CA SER M 441 -30.20 -71.01 -8.94
C SER M 441 -29.38 -70.37 -10.05
N PHE M 442 -28.05 -70.40 -9.93
CA PHE M 442 -27.18 -70.19 -11.08
C PHE M 442 -26.30 -71.39 -11.34
N LEU M 443 -26.30 -72.37 -10.45
CA LEU M 443 -25.76 -73.70 -10.71
C LEU M 443 -26.86 -74.70 -11.03
N GLN M 444 -28.10 -74.22 -11.23
CA GLN M 444 -29.21 -75.11 -11.49
C GLN M 444 -29.00 -75.93 -12.76
N LYS M 445 -28.29 -75.37 -13.74
CA LYS M 445 -28.03 -76.11 -14.97
C LYS M 445 -27.13 -77.32 -14.71
N MET M 446 -26.16 -77.18 -13.81
CA MET M 446 -25.22 -78.24 -13.49
C MET M 446 -25.42 -78.77 -12.08
N ALA M 447 -26.67 -78.83 -11.64
CA ALA M 447 -26.96 -79.39 -10.32
C ALA M 447 -26.73 -80.89 -10.26
N ASP M 448 -26.53 -81.54 -11.40
CA ASP M 448 -26.32 -82.98 -11.46
C ASP M 448 -24.86 -83.36 -11.61
N LYS M 449 -24.12 -82.66 -12.47
CA LYS M 449 -22.71 -82.98 -12.65
C LYS M 449 -21.89 -82.68 -11.40
N ILE M 450 -22.38 -81.83 -10.51
CA ILE M 450 -21.68 -81.61 -9.25
C ILE M 450 -21.73 -82.86 -8.39
N LEU M 451 -22.94 -83.37 -8.15
CA LEU M 451 -23.09 -84.58 -7.34
C LEU M 451 -22.45 -85.78 -8.01
N SER M 452 -22.64 -85.92 -9.33
CA SER M 452 -22.06 -87.03 -10.05
C SER M 452 -20.54 -86.97 -10.12
N THR M 453 -19.94 -85.86 -9.70
CA THR M 453 -18.48 -85.73 -9.76
C THR M 453 -17.82 -86.33 -8.53
N GLY M 454 -18.21 -85.85 -7.34
CA GLY M 454 -17.58 -86.33 -6.13
C GLY M 454 -17.90 -87.77 -5.81
N LYS M 455 -19.12 -88.21 -6.15
CA LYS M 455 -19.49 -89.59 -5.89
C LYS M 455 -18.56 -90.55 -6.61
N TYR M 456 -18.09 -90.19 -7.81
CA TYR M 456 -17.08 -91.01 -8.46
C TYR M 456 -15.78 -91.00 -7.69
N LEU M 457 -15.46 -89.87 -7.04
CA LEU M 457 -14.21 -89.78 -6.30
C LEU M 457 -14.21 -90.61 -5.04
N ASN M 458 -15.38 -90.98 -4.52
CA ASN M 458 -15.41 -91.70 -3.26
C ASN M 458 -15.34 -93.21 -3.44
N VAL M 459 -15.84 -93.73 -4.56
CA VAL M 459 -15.82 -95.17 -4.79
C VAL M 459 -14.44 -95.58 -5.29
N VAL M 460 -13.53 -94.63 -5.40
CA VAL M 460 -12.14 -94.91 -5.73
C VAL M 460 -11.22 -94.60 -4.55
N ARG M 461 -11.54 -93.56 -3.77
CA ARG M 461 -10.67 -93.19 -2.66
C ARG M 461 -10.69 -94.25 -1.57
N GLU M 462 -11.88 -94.78 -1.24
CA GLU M 462 -11.97 -95.77 -0.18
C GLU M 462 -11.44 -97.14 -0.60
N CYS M 463 -11.22 -97.36 -1.89
CA CYS M 463 -10.66 -98.62 -2.38
C CYS M 463 -9.17 -98.55 -2.65
N GLY M 464 -8.70 -97.49 -3.30
CA GLY M 464 -7.29 -97.34 -3.58
C GLY M 464 -7.00 -96.41 -4.74
N GLU M 474 -9.10 -73.74 -8.98
CA GLU M 474 -9.62 -72.57 -8.28
C GLU M 474 -10.81 -71.97 -9.02
N ILE M 475 -11.87 -71.64 -8.29
CA ILE M 475 -13.14 -71.18 -8.87
C ILE M 475 -13.48 -69.82 -8.29
N ILE M 476 -13.85 -68.89 -9.18
CA ILE M 476 -14.26 -67.54 -8.79
C ILE M 476 -15.60 -67.23 -9.44
N TYR M 477 -16.30 -66.26 -8.87
CA TYR M 477 -17.61 -65.85 -9.37
C TYR M 477 -17.46 -64.68 -10.31
N THR M 478 -18.11 -64.78 -11.48
CA THR M 478 -18.21 -63.67 -12.42
C THR M 478 -19.61 -63.65 -13.01
N LEU M 479 -20.09 -62.45 -13.34
CA LEU M 479 -21.36 -62.28 -14.03
C LEU M 479 -21.11 -61.95 -15.48
N LYS M 480 -21.91 -62.53 -16.37
CA LYS M 480 -21.78 -62.45 -17.82
C LYS M 480 -20.53 -63.14 -18.34
N GLU M 481 -19.78 -63.80 -17.47
CA GLU M 481 -18.69 -64.67 -17.87
C GLU M 481 -18.81 -65.98 -17.11
N ARG M 482 -18.64 -67.10 -17.80
CA ARG M 482 -18.85 -68.42 -17.23
C ARG M 482 -17.54 -69.10 -16.88
N ALA M 483 -16.57 -68.35 -16.39
CA ALA M 483 -15.27 -68.90 -16.04
C ALA M 483 -15.34 -70.00 -14.98
N TYR M 484 -16.51 -70.22 -14.37
CA TYR M 484 -16.68 -71.34 -13.46
C TYR M 484 -17.49 -72.47 -14.07
N VAL M 485 -18.45 -72.17 -14.94
CA VAL M 485 -19.25 -73.23 -15.56
C VAL M 485 -18.35 -74.15 -16.37
N GLU M 486 -17.43 -73.59 -17.15
CA GLU M 486 -16.46 -74.43 -17.86
C GLU M 486 -15.52 -75.13 -16.89
N GLN M 487 -15.25 -74.52 -15.73
CA GLN M 487 -14.28 -75.11 -14.81
C GLN M 487 -14.81 -76.38 -14.17
N ILE M 488 -16.13 -76.48 -13.97
CA ILE M 488 -16.72 -77.69 -13.40
C ILE M 488 -16.59 -78.85 -14.38
N GLU M 489 -16.77 -78.59 -15.68
CA GLU M 489 -16.68 -79.66 -16.66
C GLU M 489 -15.26 -80.18 -16.81
N LYS M 490 -14.26 -79.31 -16.71
CA LYS M 490 -12.87 -79.76 -16.84
C LYS M 490 -12.45 -80.67 -15.69
N ALA M 491 -13.21 -80.69 -14.61
CA ALA M 491 -12.97 -81.60 -13.48
C ALA M 491 -13.87 -82.82 -13.52
N PHE M 492 -15.15 -82.65 -13.87
CA PHE M 492 -16.03 -83.80 -14.01
C PHE M 492 -15.53 -84.74 -15.10
N ASN M 493 -14.97 -84.18 -16.18
CA ASN M 493 -14.44 -85.02 -17.24
C ASN M 493 -13.19 -85.78 -16.82
N TYR M 494 -12.52 -85.35 -15.75
CA TYR M 494 -11.48 -86.16 -15.15
C TYR M 494 -11.99 -87.01 -14.00
N ALA M 495 -13.02 -86.53 -13.29
CA ALA M 495 -13.60 -87.32 -12.21
C ALA M 495 -14.11 -88.66 -12.70
N SER M 496 -14.59 -88.71 -13.93
CA SER M 496 -15.08 -89.95 -14.50
C SER M 496 -13.98 -90.80 -15.11
N LYS M 497 -13.03 -90.17 -15.80
CA LYS M 497 -11.98 -90.92 -16.49
C LYS M 497 -11.11 -91.72 -15.54
N VAL M 498 -11.05 -91.33 -14.27
CA VAL M 498 -10.26 -92.12 -13.32
C VAL M 498 -11.06 -93.32 -12.83
N LEU M 499 -12.38 -93.18 -12.68
CA LEU M 499 -13.19 -94.28 -12.18
C LEU M 499 -13.45 -95.31 -13.27
N LEU M 500 -13.84 -94.85 -14.46
CA LEU M 500 -14.12 -95.77 -15.55
C LEU M 500 -12.89 -96.62 -15.87
N ASP M 501 -11.72 -95.99 -15.95
CA ASP M 501 -10.50 -96.76 -16.18
C ASP M 501 -10.15 -97.63 -14.99
N PHE M 502 -10.59 -97.23 -13.79
CA PHE M 502 -10.33 -98.05 -12.61
C PHE M 502 -11.05 -99.40 -12.69
N LEU M 503 -12.14 -99.47 -13.44
CA LEU M 503 -12.93 -100.69 -13.52
C LEU M 503 -12.57 -101.57 -14.71
N MET M 504 -11.83 -101.04 -15.69
CA MET M 504 -11.54 -101.84 -16.87
C MET M 504 -10.17 -102.53 -16.78
N GLU M 505 -9.17 -101.87 -16.24
CA GLU M 505 -7.84 -102.47 -16.13
C GLU M 505 -7.66 -103.23 -14.82
N GLU M 506 -7.79 -102.53 -13.70
CA GLU M 506 -7.81 -103.19 -12.40
C GLU M 506 -9.22 -103.67 -12.11
N LYS M 507 -9.32 -104.82 -11.45
CA LYS M 507 -10.58 -105.55 -11.26
C LYS M 507 -11.45 -105.43 -12.51
N GLU M 508 -10.89 -105.96 -13.61
CA GLU M 508 -11.46 -105.78 -14.94
C GLU M 508 -12.92 -106.20 -14.98
N LEU M 509 -15.89 -101.44 -15.84
CA LEU M 509 -17.23 -101.97 -16.04
C LEU M 509 -17.34 -102.89 -17.23
N VAL M 510 -16.75 -102.52 -18.38
CA VAL M 510 -16.84 -103.38 -19.55
C VAL M 510 -16.07 -104.67 -19.33
N ALA M 511 -14.91 -104.59 -18.67
CA ALA M 511 -14.19 -105.79 -18.28
C ALA M 511 -14.80 -106.46 -17.06
N HIS M 512 -15.94 -105.95 -16.58
CA HIS M 512 -16.67 -106.54 -15.47
C HIS M 512 -17.96 -107.20 -15.90
N LEU M 513 -18.53 -106.73 -17.02
CA LEU M 513 -19.80 -107.28 -17.57
C LEU M 513 -19.51 -108.59 -18.30
N ARG M 514 -18.31 -108.70 -18.91
CA ARG M 514 -17.91 -109.91 -19.69
C ARG M 514 -17.86 -111.12 -18.77
N SER M 515 -17.35 -110.96 -17.54
CA SER M 515 -17.24 -112.09 -16.58
C SER M 515 -18.63 -112.63 -16.25
N ILE M 516 -19.60 -111.74 -16.05
CA ILE M 516 -21.00 -112.15 -15.73
C ILE M 516 -21.58 -112.95 -16.91
N LYS M 517 -21.28 -112.50 -18.14
CA LYS M 517 -21.78 -113.15 -19.38
C LYS M 517 -21.24 -114.58 -19.50
N ARG M 518 -20.02 -114.83 -19.05
CA ARG M 518 -19.42 -116.19 -19.18
C ARG M 518 -20.26 -117.24 -18.44
N TYR M 519 -20.73 -116.93 -17.23
CA TYR M 519 -21.51 -117.92 -16.44
C TYR M 519 -23.02 -117.76 -16.62
N PHE M 520 -23.53 -116.52 -16.52
CA PHE M 520 -24.99 -116.27 -16.62
C PHE M 520 -25.53 -116.65 -18.02
N LEU M 521 -24.81 -116.27 -19.08
CA LEU M 521 -25.26 -116.58 -20.46
C LEU M 521 -24.62 -117.90 -20.93
N MET M 522 -23.82 -118.53 -20.05
CA MET M 522 -23.12 -119.81 -20.33
C MET M 522 -22.24 -119.67 -21.58
N ASP M 523 -21.54 -118.54 -21.72
CA ASP M 523 -20.63 -118.32 -22.88
C ASP M 523 -19.48 -119.33 -22.79
N GLN M 524 -18.88 -119.44 -21.61
CA GLN M 524 -17.79 -120.37 -21.35
C GLN M 524 -18.34 -121.79 -21.37
N GLY M 525 -17.86 -122.60 -22.30
CA GLY M 525 -18.34 -123.95 -22.44
C GLY M 525 -17.61 -124.94 -21.55
N ASP M 526 -16.29 -124.76 -21.40
CA ASP M 526 -15.50 -125.68 -20.61
C ASP M 526 -15.90 -125.72 -19.15
N PHE M 527 -16.66 -124.74 -18.67
CA PHE M 527 -17.05 -124.70 -17.27
C PHE M 527 -18.33 -125.48 -16.99
N PHE M 528 -19.24 -125.53 -17.96
CA PHE M 528 -20.51 -126.22 -17.72
C PHE M 528 -20.41 -127.71 -18.03
N VAL M 529 -19.71 -128.09 -19.10
CA VAL M 529 -19.57 -129.50 -19.42
C VAL M 529 -18.82 -130.23 -18.32
N HIS M 530 -18.06 -129.51 -17.51
CA HIS M 530 -17.35 -130.12 -16.39
C HIS M 530 -18.09 -129.98 -15.08
N PHE M 531 -19.00 -129.02 -14.97
CA PHE M 531 -19.74 -128.84 -13.72
C PHE M 531 -20.92 -129.79 -13.63
N MET M 532 -21.73 -129.85 -14.69
CA MET M 532 -22.87 -130.78 -14.69
C MET M 532 -22.40 -132.22 -14.68
N ASP M 533 -21.20 -132.48 -15.21
CA ASP M 533 -20.66 -133.84 -15.17
C ASP M 533 -20.32 -134.26 -13.75
N LEU M 534 -19.99 -133.29 -12.88
CA LEU M 534 -19.64 -133.60 -11.50
C LEU M 534 -20.84 -133.51 -10.57
N ALA M 535 -21.71 -132.53 -10.77
CA ALA M 535 -22.81 -132.25 -9.85
C ALA M 535 -24.15 -132.66 -10.42
N GLU M 536 -24.21 -133.79 -11.13
CA GLU M 536 -25.48 -134.29 -11.64
C GLU M 536 -26.18 -135.19 -10.62
N GLU M 537 -25.44 -136.17 -10.08
CA GLU M 537 -26.02 -137.08 -9.09
C GLU M 537 -26.52 -136.32 -7.88
N GLU M 538 -25.89 -135.19 -7.56
CA GLU M 538 -26.27 -134.39 -6.40
C GLU M 538 -27.26 -133.30 -6.74
N LEU M 539 -27.79 -133.27 -7.96
CA LEU M 539 -28.87 -132.38 -8.33
C LEU M 539 -30.20 -133.07 -8.55
N ARG M 540 -30.19 -134.36 -8.94
CA ARG M 540 -31.44 -135.08 -9.11
C ARG M 540 -32.14 -135.35 -7.79
N LYS M 541 -31.43 -135.23 -6.67
CA LYS M 541 -32.06 -135.35 -5.38
C LYS M 541 -33.07 -134.21 -5.19
N PRO M 542 -34.12 -134.43 -4.42
CA PRO M 542 -35.16 -133.40 -4.27
C PRO M 542 -34.66 -132.19 -3.51
N VAL M 543 -35.48 -131.14 -3.54
CA VAL M 543 -35.17 -129.93 -2.80
C VAL M 543 -35.24 -130.21 -1.30
N GLU M 544 -34.69 -129.28 -0.51
CA GLU M 544 -34.50 -129.42 0.94
C GLU M 544 -33.93 -130.79 1.31
N ASP M 545 -33.04 -131.28 0.47
CA ASP M 545 -32.31 -132.51 0.73
C ASP M 545 -30.82 -132.41 0.43
N ILE M 546 -30.39 -131.36 -0.25
CA ILE M 546 -29.00 -131.18 -0.66
C ILE M 546 -28.36 -130.10 0.19
N THR M 547 -27.14 -130.36 0.65
CA THR M 547 -26.43 -129.41 1.48
C THR M 547 -25.64 -128.45 0.62
N PRO M 548 -25.89 -127.15 0.71
CA PRO M 548 -25.11 -126.17 -0.08
C PRO M 548 -23.61 -126.28 0.17
N PRO M 549 -23.15 -126.67 1.37
CA PRO M 549 -21.72 -126.97 1.52
C PRO M 549 -21.20 -128.07 0.60
N ARG M 550 -22.08 -128.83 -0.05
CA ARG M 550 -21.65 -129.86 -0.99
C ARG M 550 -21.61 -129.33 -2.42
N LEU M 551 -22.52 -128.43 -2.78
CA LEU M 551 -22.51 -127.88 -4.13
C LEU M 551 -21.37 -126.89 -4.32
N GLU M 552 -21.23 -125.94 -3.40
CA GLU M 552 -20.21 -124.91 -3.54
C GLU M 552 -18.81 -125.51 -3.61
N ALA M 553 -18.59 -126.63 -2.91
CA ALA M 553 -17.30 -127.29 -3.02
C ALA M 553 -17.07 -127.84 -4.42
N LEU M 554 -18.14 -128.18 -5.13
CA LEU M 554 -18.00 -128.63 -6.51
C LEU M 554 -17.90 -127.46 -7.47
N LEU M 555 -18.55 -126.33 -7.16
CA LEU M 555 -18.45 -125.15 -8.02
C LEU M 555 -17.03 -124.61 -8.03
N GLU M 556 -16.44 -124.45 -6.84
CA GLU M 556 -15.06 -124.00 -6.76
C GLU M 556 -14.14 -124.93 -7.53
N LEU M 557 -14.33 -126.24 -7.38
CA LEU M 557 -13.50 -127.20 -8.12
C LEU M 557 -13.83 -127.21 -9.60
N ALA M 558 -15.03 -126.79 -9.99
CA ALA M 558 -15.36 -126.75 -11.40
C ALA M 558 -14.65 -125.62 -12.12
N LEU M 559 -14.49 -124.48 -11.45
CA LEU M 559 -13.86 -123.33 -12.08
C LEU M 559 -12.37 -123.54 -12.29
N ARG M 560 -11.66 -123.99 -11.24
CA ARG M 560 -10.21 -124.07 -11.32
C ARG M 560 -9.76 -125.14 -12.31
N MET M 561 -10.41 -126.30 -12.31
CA MET M 561 -10.01 -127.35 -13.25
C MET M 561 -10.31 -126.98 -14.69
N SER M 562 -11.29 -126.10 -14.93
CA SER M 562 -11.67 -125.73 -16.28
C SER M 562 -10.68 -124.70 -16.82
N THR M 563 -11.04 -124.06 -17.94
CA THR M 563 -10.25 -122.98 -18.51
C THR M 563 -10.74 -121.61 -18.07
N ALA M 564 -11.70 -121.54 -17.16
CA ALA M 564 -12.12 -120.27 -16.58
C ALA M 564 -11.17 -119.81 -15.47
N ASN M 565 -10.04 -120.49 -15.31
CA ASN M 565 -9.10 -120.14 -14.25
C ASN M 565 -8.54 -118.73 -14.44
N THR M 566 -8.50 -118.25 -15.68
CA THR M 566 -7.97 -116.92 -15.98
C THR M 566 -9.12 -115.90 -15.93
N ASP M 567 -9.61 -115.69 -14.72
CA ASP M 567 -10.72 -114.78 -14.51
C ASP M 567 -10.57 -114.09 -13.15
N PRO M 568 -10.22 -112.81 -13.12
CA PRO M 568 -10.00 -112.14 -11.83
C PRO M 568 -11.23 -112.09 -10.95
N PHE M 569 -12.42 -112.02 -11.54
CA PHE M 569 -13.66 -111.84 -10.79
C PHE M 569 -14.41 -113.14 -10.57
N LYS M 570 -13.75 -114.29 -10.77
CA LYS M 570 -14.44 -115.57 -10.62
C LYS M 570 -14.90 -115.83 -9.19
N ASP M 571 -14.32 -115.14 -8.22
CA ASP M 571 -14.61 -115.40 -6.81
C ASP M 571 -15.89 -114.75 -6.34
N ASP M 572 -16.77 -114.32 -7.26
CA ASP M 572 -18.04 -113.71 -6.88
C ASP M 572 -19.23 -114.55 -7.31
N LEU M 573 -19.02 -115.83 -7.62
CA LEU M 573 -20.10 -116.73 -7.99
C LEU M 573 -20.60 -117.44 -6.74
N LYS M 574 -21.91 -117.33 -6.48
CA LYS M 574 -22.51 -117.98 -5.34
C LYS M 574 -23.72 -118.80 -5.81
N ILE M 575 -23.97 -119.89 -5.12
CA ILE M 575 -25.12 -120.74 -5.43
C ILE M 575 -26.37 -120.16 -4.77
N ASP M 576 -27.46 -120.12 -5.52
CA ASP M 576 -28.71 -119.57 -5.02
C ASP M 576 -29.85 -120.46 -5.52
N LEU M 577 -30.42 -121.24 -4.61
CA LEU M 577 -31.51 -122.15 -4.95
C LEU M 577 -32.83 -121.39 -4.84
N MET M 578 -33.46 -121.13 -5.97
CA MET M 578 -34.71 -120.40 -5.97
C MET M 578 -35.82 -121.26 -5.37
N PRO M 579 -36.78 -120.65 -4.66
CA PRO M 579 -37.89 -121.46 -4.14
C PRO M 579 -38.86 -121.90 -5.22
N HIS M 580 -39.21 -121.01 -6.14
CA HIS M 580 -40.14 -121.32 -7.21
C HIS M 580 -39.40 -121.75 -8.46
N ASP M 581 -40.07 -122.55 -9.27
CA ASP M 581 -39.51 -122.95 -10.56
C ASP M 581 -39.66 -121.82 -11.56
N LEU M 582 -39.32 -122.09 -12.82
CA LEU M 582 -39.52 -121.12 -13.89
C LEU M 582 -40.99 -121.15 -14.29
N ILE M 583 -41.80 -120.47 -13.48
CA ILE M 583 -43.25 -120.46 -13.67
C ILE M 583 -43.62 -119.85 -15.01
N SER M 611 -38.13 -131.44 -7.27
CA SER M 611 -37.36 -130.27 -7.66
C SER M 611 -35.89 -130.61 -7.82
N GLY M 612 -35.03 -129.91 -7.09
CA GLY M 612 -33.59 -130.18 -7.13
C GLY M 612 -32.84 -129.61 -8.31
N LEU M 613 -33.23 -130.00 -9.52
CA LEU M 613 -32.56 -129.53 -10.72
C LEU M 613 -33.14 -128.21 -11.25
N GLU M 614 -34.46 -128.06 -11.20
CA GLU M 614 -35.12 -126.85 -11.66
C GLU M 614 -35.08 -125.73 -10.63
N ALA M 615 -34.26 -125.86 -9.60
CA ALA M 615 -34.12 -124.85 -8.55
C ALA M 615 -32.66 -124.54 -8.30
N PHE M 616 -31.90 -124.34 -9.36
CA PHE M 616 -30.48 -124.02 -9.26
C PHE M 616 -30.15 -122.86 -10.17
N SER M 617 -29.45 -121.85 -9.63
CA SER M 617 -29.13 -120.67 -10.40
C SER M 617 -28.04 -119.89 -9.67
N PHE M 618 -27.09 -119.37 -10.44
CA PHE M 618 -25.98 -118.62 -9.88
C PHE M 618 -26.47 -117.31 -9.28
N ASP M 619 -25.68 -116.78 -8.35
CA ASP M 619 -25.90 -115.46 -7.77
C ASP M 619 -24.58 -114.71 -7.78
N TYR M 620 -24.65 -113.41 -8.05
CA TYR M 620 -23.48 -112.58 -8.21
C TYR M 620 -23.55 -111.41 -7.24
N ILE M 621 -22.52 -111.23 -6.42
CA ILE M 621 -22.44 -110.13 -5.47
C ILE M 621 -21.39 -109.15 -5.95
N VAL M 622 -21.75 -107.86 -5.95
CA VAL M 622 -20.87 -106.81 -6.43
C VAL M 622 -20.72 -105.75 -5.35
N LYS M 623 -19.69 -104.92 -5.51
CA LYS M 623 -19.34 -103.93 -4.51
C LYS M 623 -20.26 -102.71 -4.65
N TRP M 624 -19.92 -101.61 -3.96
CA TRP M 624 -20.81 -100.46 -3.96
C TRP M 624 -20.83 -99.72 -5.30
N PRO M 625 -19.71 -99.17 -5.80
CA PRO M 625 -19.81 -98.22 -6.91
C PRO M 625 -20.40 -98.83 -8.17
N LEU M 626 -20.14 -100.11 -8.43
CA LEU M 626 -20.74 -100.78 -9.57
C LEU M 626 -22.18 -101.19 -9.31
N SER M 627 -22.59 -101.27 -8.04
CA SER M 627 -23.97 -101.65 -7.74
C SER M 627 -24.98 -100.64 -8.23
N LEU M 628 -24.55 -99.47 -8.70
CA LEU M 628 -25.49 -98.54 -9.32
C LEU M 628 -25.95 -99.06 -10.68
N ILE M 629 -25.06 -99.74 -11.40
CA ILE M 629 -25.42 -100.25 -12.72
C ILE M 629 -26.10 -101.60 -12.62
N ILE M 630 -25.39 -102.59 -12.08
CA ILE M 630 -25.91 -103.95 -11.98
C ILE M 630 -26.37 -104.18 -10.55
N ASN M 631 -27.68 -104.09 -10.34
CA ASN M 631 -28.28 -104.16 -9.02
C ASN M 631 -29.29 -105.30 -8.98
N ARG M 632 -29.83 -105.54 -7.78
CA ARG M 632 -30.75 -106.66 -7.59
C ARG M 632 -31.98 -106.55 -8.48
N LYS M 633 -32.35 -105.33 -8.85
CA LYS M 633 -33.49 -105.17 -9.75
C LYS M 633 -33.14 -105.64 -11.16
N ALA M 634 -31.91 -105.41 -11.60
CA ALA M 634 -31.47 -105.78 -12.94
C ALA M 634 -30.44 -106.90 -12.94
N LEU M 635 -30.41 -107.70 -11.87
CA LEU M 635 -29.63 -108.93 -11.87
C LEU M 635 -30.50 -110.18 -11.86
N THR M 636 -31.67 -110.14 -11.22
CA THR M 636 -32.59 -111.25 -11.32
C THR M 636 -33.03 -111.48 -12.76
N ARG M 637 -32.99 -110.45 -13.60
CA ARG M 637 -33.25 -110.65 -15.03
C ARG M 637 -32.15 -111.50 -15.65
N TYR M 638 -30.90 -111.25 -15.28
CA TYR M 638 -29.82 -112.16 -15.68
C TYR M 638 -30.08 -113.57 -15.16
N GLN M 639 -30.78 -113.68 -14.04
CA GLN M 639 -31.07 -114.97 -13.44
C GLN M 639 -32.37 -115.58 -13.94
N MET M 640 -33.19 -114.81 -14.67
CA MET M 640 -34.37 -115.36 -15.30
C MET M 640 -34.08 -115.97 -16.66
N LEU M 641 -33.20 -115.34 -17.44
CA LEU M 641 -32.80 -115.91 -18.71
C LEU M 641 -31.62 -116.84 -18.57
N PHE M 642 -31.20 -117.16 -17.35
CA PHE M 642 -30.19 -118.19 -17.17
C PHE M 642 -30.82 -119.57 -17.05
N ARG M 643 -31.80 -119.71 -16.16
CA ARG M 643 -32.45 -121.00 -15.98
C ARG M 643 -33.11 -121.48 -17.26
N HIS M 644 -33.66 -120.55 -18.05
CA HIS M 644 -34.21 -120.92 -19.34
C HIS M 644 -33.16 -121.48 -20.28
N MET M 645 -31.89 -121.17 -20.05
CA MET M 645 -30.82 -121.75 -20.85
C MET M 645 -30.12 -122.91 -20.17
N PHE M 646 -30.27 -123.04 -18.86
CA PHE M 646 -29.76 -124.22 -18.18
C PHE M 646 -30.70 -125.41 -18.32
N TYR M 647 -31.97 -125.16 -18.60
CA TYR M 647 -32.90 -126.24 -18.89
C TYR M 647 -32.63 -126.82 -20.26
N CYS M 648 -32.58 -125.96 -21.28
CA CYS M 648 -32.33 -126.42 -22.64
C CYS M 648 -30.95 -127.03 -22.81
N LYS M 649 -29.99 -126.67 -21.95
CA LYS M 649 -28.69 -127.30 -22.01
C LYS M 649 -28.68 -128.64 -21.30
N HIS M 650 -29.63 -128.86 -20.38
CA HIS M 650 -29.64 -130.11 -19.62
C HIS M 650 -30.29 -131.22 -20.42
N VAL M 651 -31.40 -130.92 -21.11
CA VAL M 651 -32.15 -131.96 -21.82
C VAL M 651 -31.30 -132.56 -22.92
N GLU M 652 -30.78 -131.73 -23.83
CA GLU M 652 -29.98 -132.27 -24.92
C GLU M 652 -28.60 -132.65 -24.48
N ARG M 653 -28.33 -132.55 -23.18
CA ARG M 653 -27.12 -133.17 -22.64
C ARG M 653 -27.35 -134.65 -22.36
N GLN M 654 -28.53 -135.00 -21.86
CA GLN M 654 -28.86 -136.39 -21.62
C GLN M 654 -29.54 -137.06 -22.82
N LEU M 655 -30.29 -136.29 -23.60
CA LEU M 655 -30.82 -136.83 -24.85
C LEU M 655 -29.70 -137.32 -25.74
N CYS M 656 -28.60 -136.58 -25.79
CA CYS M 656 -27.41 -137.03 -26.50
C CYS M 656 -26.68 -138.12 -25.73
N SER M 657 -27.01 -138.34 -24.45
CA SER M 657 -26.36 -139.40 -23.70
C SER M 657 -26.95 -140.76 -24.02
N VAL M 658 -28.26 -140.82 -24.28
CA VAL M 658 -28.87 -142.09 -24.67
C VAL M 658 -28.42 -142.50 -26.07
N TRP M 659 -27.76 -141.60 -26.79
CA TRP M 659 -27.32 -141.89 -28.15
C TRP M 659 -26.32 -143.03 -28.20
N ILE M 660 -25.59 -143.27 -27.11
CA ILE M 660 -24.55 -144.29 -27.12
C ILE M 660 -25.08 -145.59 -26.49
N SER M 661 -26.03 -145.46 -25.56
CA SER M 661 -26.54 -146.64 -24.87
C SER M 661 -27.22 -147.60 -25.83
N ASN M 662 -28.03 -147.07 -26.76
CA ASN M 662 -28.72 -147.95 -27.70
C ASN M 662 -27.75 -148.51 -28.73
N LYS M 663 -26.79 -147.70 -29.17
CA LYS M 663 -25.82 -148.14 -30.17
C LYS M 663 -24.98 -149.28 -29.62
N THR M 664 -25.15 -150.47 -30.18
CA THR M 664 -24.46 -151.66 -29.70
C THR M 664 -22.96 -151.57 -29.93
N PHE M 676 -38.01 -150.74 -30.99
CA PHE M 676 -36.65 -151.27 -30.83
C PHE M 676 -35.71 -150.64 -31.87
N ALA M 677 -36.27 -150.31 -33.04
CA ALA M 677 -35.48 -149.70 -34.09
C ALA M 677 -36.24 -148.59 -34.83
N GLY M 678 -37.37 -148.14 -34.29
CA GLY M 678 -38.12 -147.06 -34.92
C GLY M 678 -38.10 -145.78 -34.11
N ALA M 679 -37.36 -145.78 -33.01
CA ALA M 679 -37.22 -144.60 -32.18
C ALA M 679 -36.08 -143.70 -32.63
N PHE M 680 -35.19 -144.19 -33.49
CA PHE M 680 -34.08 -143.37 -33.96
C PHE M 680 -34.58 -142.20 -34.81
N THR M 681 -35.65 -142.43 -35.57
CA THR M 681 -36.22 -141.36 -36.37
C THR M 681 -37.10 -140.41 -35.56
N LEU M 682 -37.38 -140.74 -34.30
CA LEU M 682 -38.06 -139.80 -33.40
C LEU M 682 -37.06 -138.97 -32.61
N ARG M 683 -35.96 -139.58 -32.18
CA ARG M 683 -34.90 -138.83 -31.53
C ARG M 683 -34.40 -137.72 -32.43
N GLN M 684 -34.35 -137.98 -33.73
CA GLN M 684 -34.02 -136.96 -34.72
C GLN M 684 -34.99 -135.78 -34.69
N ARG M 685 -36.23 -136.00 -34.28
CA ARG M 685 -37.23 -134.94 -34.27
C ARG M 685 -37.09 -134.02 -33.07
N MET M 686 -36.51 -134.49 -31.97
CA MET M 686 -36.31 -133.65 -30.79
C MET M 686 -34.91 -133.05 -30.76
N LEU M 687 -33.89 -133.82 -31.18
CA LEU M 687 -32.54 -133.28 -31.18
C LEU M 687 -32.40 -132.15 -32.18
N ASN M 688 -32.97 -132.31 -33.38
CA ASN M 688 -32.99 -131.24 -34.36
C ASN M 688 -33.95 -130.12 -33.99
N PHE M 689 -34.58 -130.18 -32.82
CA PHE M 689 -35.38 -129.08 -32.32
C PHE M 689 -34.66 -128.27 -31.26
N VAL M 690 -34.04 -128.93 -30.28
CA VAL M 690 -33.30 -128.20 -29.26
C VAL M 690 -31.99 -127.65 -29.82
N GLN M 691 -31.26 -128.45 -30.59
CA GLN M 691 -30.06 -127.93 -31.25
C GLN M 691 -30.37 -127.05 -32.44
N ASN M 692 -31.64 -126.72 -32.68
CA ASN M 692 -32.01 -125.65 -33.59
C ASN M 692 -32.63 -124.47 -32.86
N ILE M 693 -32.95 -124.63 -31.58
CA ILE M 693 -33.30 -123.51 -30.72
C ILE M 693 -32.07 -122.91 -30.08
N GLN M 694 -31.14 -123.75 -29.63
CA GLN M 694 -29.93 -123.26 -28.97
C GLN M 694 -29.11 -122.41 -29.93
N TYR M 695 -29.00 -122.81 -31.18
CA TYR M 695 -28.23 -122.02 -32.14
C TYR M 695 -28.85 -120.65 -32.35
N TYR M 696 -30.18 -120.60 -32.46
CA TYR M 696 -30.85 -119.30 -32.61
C TYR M 696 -30.79 -118.51 -31.31
N MET M 697 -30.74 -119.20 -30.18
CA MET M 697 -30.75 -118.50 -28.90
C MET M 697 -29.40 -117.92 -28.52
N MET M 698 -28.33 -118.47 -29.10
CA MET M 698 -26.96 -118.05 -28.68
C MET M 698 -26.29 -117.12 -29.71
N PHE M 699 -26.36 -117.44 -31.01
CA PHE M 699 -25.62 -116.63 -32.01
C PHE M 699 -26.49 -115.58 -32.71
N GLU M 700 -27.82 -115.67 -32.61
CA GLU M 700 -28.63 -114.69 -33.34
C GLU M 700 -29.60 -113.91 -32.47
N VAL M 701 -29.50 -114.07 -31.14
CA VAL M 701 -30.40 -113.33 -30.20
C VAL M 701 -29.56 -112.51 -29.22
N MET M 702 -29.00 -113.16 -28.20
CA MET M 702 -28.17 -112.48 -27.17
C MET M 702 -26.86 -111.93 -27.77
N GLU M 703 -26.18 -112.71 -28.61
CA GLU M 703 -24.90 -112.28 -29.23
C GLU M 703 -25.09 -110.92 -29.91
N PRO M 704 -26.01 -110.80 -30.91
CA PRO M 704 -26.23 -109.52 -31.61
C PRO M 704 -26.48 -108.37 -30.63
N THR M 705 -27.33 -108.60 -29.62
CA THR M 705 -27.66 -107.57 -28.61
C THR M 705 -26.38 -107.22 -27.83
N TRP M 706 -25.62 -108.23 -27.43
CA TRP M 706 -24.35 -108.00 -26.69
C TRP M 706 -23.38 -107.23 -27.58
N HIS M 707 -23.25 -107.64 -28.85
CA HIS M 707 -22.32 -106.96 -29.79
C HIS M 707 -22.66 -105.47 -29.86
N ILE M 708 -23.96 -105.14 -29.80
CA ILE M 708 -24.40 -103.74 -29.87
C ILE M 708 -24.04 -103.03 -28.58
N LEU M 709 -24.31 -103.67 -27.44
CA LEU M 709 -24.06 -103.04 -26.15
C LEU M 709 -22.60 -102.65 -25.99
N GLU M 710 -21.68 -103.53 -26.35
CA GLU M 710 -20.25 -103.22 -26.24
C GLU M 710 -19.91 -101.96 -27.01
N LYS M 711 -20.37 -101.87 -28.26
CA LYS M 711 -20.17 -100.64 -29.02
C LYS M 711 -21.03 -99.50 -28.48
N ASN M 712 -22.22 -99.81 -27.98
CA ASN M 712 -23.12 -98.78 -27.47
C ASN M 712 -22.65 -98.19 -26.14
N LEU M 713 -21.62 -98.76 -25.53
CA LEU M 713 -21.02 -98.21 -24.32
C LEU M 713 -19.75 -97.41 -24.58
N LYS M 714 -19.28 -97.40 -25.82
CA LYS M 714 -18.14 -96.55 -26.16
C LYS M 714 -18.57 -95.11 -26.39
N SER M 715 -19.82 -94.90 -26.81
CA SER M 715 -20.35 -93.57 -27.05
C SER M 715 -21.23 -93.07 -25.91
N ALA M 716 -21.05 -93.61 -24.71
CA ALA M 716 -21.82 -93.15 -23.58
C ALA M 716 -21.39 -91.74 -23.16
N SER M 717 -22.30 -91.02 -22.51
CA SER M 717 -22.03 -89.66 -22.07
C SER M 717 -22.32 -89.43 -20.60
N ASN M 718 -23.23 -90.19 -20.01
CA ASN M 718 -23.56 -90.03 -18.60
C ASN M 718 -24.15 -91.33 -18.07
N ILE M 719 -24.09 -91.49 -16.75
CA ILE M 719 -24.42 -92.78 -16.14
C ILE M 719 -25.88 -93.14 -16.38
N ASP M 720 -26.78 -92.16 -16.30
CA ASP M 720 -28.17 -92.44 -16.58
C ASP M 720 -28.42 -92.79 -18.04
N ASP M 721 -27.38 -92.83 -18.87
CA ASP M 721 -27.48 -93.38 -20.22
C ASP M 721 -26.99 -94.82 -20.25
N VAL M 722 -25.86 -95.08 -19.60
CA VAL M 722 -25.41 -96.47 -19.44
C VAL M 722 -26.48 -97.29 -18.75
N LEU M 723 -27.15 -96.71 -17.76
CA LEU M 723 -28.30 -97.35 -17.13
C LEU M 723 -29.46 -97.51 -18.10
N GLY M 724 -29.35 -96.99 -19.31
CA GLY M 724 -30.38 -97.17 -20.32
C GLY M 724 -29.94 -98.17 -21.38
N HIS M 725 -28.66 -98.13 -21.73
CA HIS M 725 -28.11 -99.12 -22.66
C HIS M 725 -28.00 -100.50 -22.03
N HIS M 726 -28.21 -100.62 -20.72
CA HIS M 726 -28.15 -101.92 -20.07
C HIS M 726 -29.55 -102.53 -19.96
N THR M 727 -30.48 -101.83 -19.30
CA THR M 727 -31.85 -102.31 -19.26
C THR M 727 -32.48 -102.33 -20.64
N GLY M 728 -31.97 -101.53 -21.57
CA GLY M 728 -32.36 -101.66 -22.96
C GLY M 728 -31.81 -102.89 -23.64
N PHE M 729 -30.83 -103.56 -23.02
CA PHE M 729 -30.31 -104.82 -23.52
C PHE M 729 -30.98 -106.03 -22.87
N LEU M 730 -31.40 -105.92 -21.61
CA LEU M 730 -32.05 -107.04 -20.95
C LEU M 730 -33.52 -107.16 -21.34
N ASP M 731 -34.20 -106.05 -21.60
CA ASP M 731 -35.57 -106.15 -22.06
C ASP M 731 -35.67 -106.62 -23.50
N THR M 732 -34.57 -106.57 -24.25
CA THR M 732 -34.58 -107.09 -25.61
C THR M 732 -34.29 -108.59 -25.64
N CYS M 733 -33.34 -109.06 -24.82
CA CYS M 733 -33.08 -110.48 -24.74
C CYS M 733 -34.29 -111.25 -24.23
N LEU M 734 -35.00 -110.69 -23.25
CA LEU M 734 -36.21 -111.33 -22.75
C LEU M 734 -37.38 -111.23 -23.71
N LYS M 735 -37.30 -110.37 -24.72
CA LYS M 735 -38.37 -110.23 -25.71
C LYS M 735 -38.13 -111.07 -26.96
N ASP M 736 -36.91 -111.04 -27.50
CA ASP M 736 -36.61 -111.86 -28.66
C ASP M 736 -36.66 -113.34 -28.33
N CYS M 737 -36.26 -113.72 -27.12
CA CYS M 737 -36.45 -115.09 -26.68
C CYS M 737 -37.93 -115.29 -26.29
N MET M 738 -38.29 -116.54 -26.05
CA MET M 738 -39.66 -116.88 -25.70
C MET M 738 -39.99 -116.57 -24.25
N LEU M 739 -39.15 -115.81 -23.55
CA LEU M 739 -39.36 -115.57 -22.13
C LEU M 739 -40.51 -114.61 -21.87
N THR M 740 -41.11 -114.03 -22.90
CA THR M 740 -42.27 -113.16 -22.72
C THR M 740 -43.30 -113.37 -23.83
N LEU M 744 -49.00 -117.02 -21.62
CA LEU M 744 -48.10 -116.61 -22.69
C LEU M 744 -47.69 -117.80 -23.56
N LEU M 745 -46.40 -117.88 -23.86
CA LEU M 745 -45.87 -118.98 -24.66
C LEU M 745 -45.48 -120.17 -23.78
N LYS M 746 -46.41 -120.59 -22.93
CA LYS M 746 -46.16 -121.70 -22.03
C LYS M 746 -46.18 -123.05 -22.75
N VAL M 747 -46.52 -123.07 -24.04
CA VAL M 747 -46.52 -124.33 -24.78
C VAL M 747 -45.11 -124.88 -24.87
N PHE M 748 -44.10 -124.02 -24.78
CA PHE M 748 -42.72 -124.50 -24.76
C PHE M 748 -42.43 -125.30 -23.51
N SER M 749 -42.97 -124.85 -22.37
CA SER M 749 -42.73 -125.55 -21.11
C SER M 749 -43.26 -126.98 -21.18
N LYS M 750 -44.50 -127.14 -21.62
CA LYS M 750 -45.06 -128.48 -21.74
C LYS M 750 -44.44 -129.24 -22.89
N LEU M 751 -43.93 -128.54 -23.91
CA LEU M 751 -43.26 -129.22 -25.01
C LEU M 751 -41.98 -129.90 -24.54
N MET M 752 -41.30 -129.31 -23.56
CA MET M 752 -40.06 -129.88 -23.08
C MET M 752 -40.27 -131.12 -22.23
N SER M 753 -41.47 -131.28 -21.66
CA SER M 753 -41.73 -132.41 -20.79
C SER M 753 -41.66 -133.73 -21.54
N VAL M 754 -42.24 -133.78 -22.75
CA VAL M 754 -42.21 -135.02 -23.51
C VAL M 754 -40.82 -135.34 -24.02
N CYS M 755 -39.95 -134.33 -24.16
CA CYS M 755 -38.58 -134.62 -24.57
C CYS M 755 -37.79 -135.27 -23.45
N VAL M 756 -37.82 -134.68 -22.26
CA VAL M 756 -37.04 -135.21 -21.15
C VAL M 756 -37.62 -136.55 -20.69
N MET M 757 -38.95 -136.70 -20.74
CA MET M 757 -39.55 -137.94 -20.31
C MET M 757 -39.25 -139.08 -21.28
N PHE M 758 -39.17 -138.77 -22.58
CA PHE M 758 -38.79 -139.80 -23.55
C PHE M 758 -37.39 -140.33 -23.26
N THR M 759 -36.51 -139.49 -22.71
CA THR M 759 -35.20 -139.97 -22.32
C THR M 759 -35.29 -140.97 -21.17
N ASN M 760 -36.29 -140.82 -20.31
CA ASN M 760 -36.45 -141.75 -19.20
C ASN M 760 -36.91 -143.11 -19.69
N CYS M 761 -37.84 -143.15 -20.64
CA CYS M 761 -38.32 -144.42 -21.17
C CYS M 761 -37.18 -145.21 -21.80
N MET M 762 -36.40 -144.55 -22.67
CA MET M 762 -35.25 -145.21 -23.27
C MET M 762 -34.19 -145.58 -22.24
N GLN M 763 -34.18 -144.91 -21.09
CA GLN M 763 -33.21 -145.23 -20.05
C GLN M 763 -33.60 -146.45 -19.22
N LYS M 764 -34.79 -147.00 -19.44
CA LYS M 764 -35.26 -148.16 -18.71
C LYS M 764 -34.90 -149.47 -19.38
N PHE M 765 -33.85 -149.49 -20.19
CA PHE M 765 -33.42 -150.72 -20.85
C PHE M 765 -32.06 -151.16 -20.31
N PHE M 818 -43.94 -150.99 -24.64
CA PHE M 818 -42.82 -150.16 -25.07
C PHE M 818 -43.01 -149.72 -26.51
N GLU M 819 -43.07 -150.70 -27.41
CA GLU M 819 -43.25 -150.42 -28.83
C GLU M 819 -44.53 -149.64 -29.10
N ALA M 820 -45.53 -149.73 -28.21
CA ALA M 820 -46.74 -148.95 -28.30
C ALA M 820 -46.64 -147.62 -27.56
N THR M 821 -45.49 -147.33 -26.95
CA THR M 821 -45.26 -146.07 -26.27
C THR M 821 -44.41 -145.10 -27.06
N ILE M 822 -43.47 -145.60 -27.86
CA ILE M 822 -42.67 -144.73 -28.72
C ILE M 822 -43.58 -143.99 -29.70
N ASN M 823 -44.46 -144.72 -30.37
CA ASN M 823 -45.42 -144.09 -31.25
C ASN M 823 -46.40 -143.21 -30.50
N LYS M 824 -46.59 -143.44 -29.19
CA LYS M 824 -47.45 -142.56 -28.40
C LYS M 824 -46.79 -141.21 -28.17
N PHE M 825 -45.47 -141.18 -28.00
CA PHE M 825 -44.77 -139.91 -27.86
C PHE M 825 -44.78 -139.13 -29.16
N ASP M 826 -44.77 -139.82 -30.30
CA ASP M 826 -44.72 -139.16 -31.60
C ASP M 826 -45.96 -138.29 -31.81
N LYS M 827 -47.14 -138.90 -31.71
CA LYS M 827 -48.38 -138.16 -31.90
C LYS M 827 -48.55 -137.07 -30.85
N ASN M 828 -47.87 -137.18 -29.72
CA ASN M 828 -47.99 -136.18 -28.66
C ASN M 828 -47.00 -135.04 -28.83
N PHE M 829 -45.77 -135.34 -29.23
CA PHE M 829 -44.75 -134.31 -29.40
C PHE M 829 -44.95 -133.56 -30.71
N SER M 830 -45.22 -134.27 -31.80
CA SER M 830 -45.42 -133.60 -33.08
C SER M 830 -46.62 -132.67 -33.06
N ALA M 831 -47.65 -133.03 -32.29
CA ALA M 831 -48.80 -132.13 -32.16
C ALA M 831 -48.43 -130.89 -31.37
N HIS M 832 -47.60 -131.04 -30.33
CA HIS M 832 -47.19 -129.88 -29.55
C HIS M 832 -46.28 -128.96 -30.34
N LEU M 833 -45.43 -129.52 -31.21
CA LEU M 833 -44.55 -128.68 -32.03
C LEU M 833 -45.35 -127.83 -33.00
N LEU M 834 -46.38 -128.41 -33.62
CA LEU M 834 -47.19 -127.66 -34.58
C LEU M 834 -47.97 -126.54 -33.93
N ASP M 835 -48.24 -126.63 -32.62
CA ASP M 835 -48.86 -125.51 -31.93
C ASP M 835 -47.89 -124.33 -31.81
N LEU M 836 -46.59 -124.62 -31.77
CA LEU M 836 -45.60 -123.56 -31.63
C LEU M 836 -45.50 -122.74 -32.91
N LEU M 837 -45.21 -123.39 -34.03
CA LEU M 837 -45.06 -122.68 -35.29
C LEU M 837 -46.35 -122.00 -35.73
N ALA M 838 -47.49 -122.42 -35.20
CA ALA M 838 -48.74 -121.72 -35.49
C ALA M 838 -48.78 -120.36 -34.81
N ARG M 839 -48.30 -120.29 -33.57
CA ARG M 839 -48.30 -119.03 -32.83
C ARG M 839 -47.07 -118.19 -33.13
N LEU M 840 -45.93 -118.82 -33.45
CA LEU M 840 -44.74 -118.06 -33.82
C LEU M 840 -44.90 -117.36 -35.16
N SER M 841 -45.81 -117.82 -36.01
CA SER M 841 -45.97 -117.21 -37.32
C SER M 841 -46.92 -116.04 -37.29
N ILE M 842 -47.94 -116.08 -36.43
CA ILE M 842 -48.94 -115.02 -36.39
C ILE M 842 -48.39 -113.82 -35.62
N TYR M 843 -47.76 -112.90 -36.33
CA TYR M 843 -47.22 -111.68 -35.75
C TYR M 843 -47.22 -110.60 -36.83
N SER M 844 -46.62 -109.46 -36.50
CA SER M 844 -46.52 -108.35 -37.44
C SER M 844 -45.55 -108.67 -38.57
N GLY M 851 -35.16 -112.08 -34.80
CA GLY M 851 -36.51 -111.85 -35.26
C GLY M 851 -37.49 -112.93 -34.83
N MET M 852 -38.77 -112.57 -34.75
CA MET M 852 -39.81 -113.51 -34.36
C MET M 852 -40.34 -114.31 -35.53
N ALA M 853 -39.97 -113.96 -36.76
CA ALA M 853 -40.37 -114.71 -37.94
C ALA M 853 -39.27 -115.61 -38.49
N SER M 854 -38.01 -115.19 -38.38
CA SER M 854 -36.90 -116.00 -38.87
C SER M 854 -36.70 -117.27 -38.05
N VAL M 855 -37.37 -117.39 -36.91
CA VAL M 855 -37.23 -118.61 -36.11
C VAL M 855 -37.80 -119.81 -36.85
N ILE M 856 -38.86 -119.61 -37.63
CA ILE M 856 -39.45 -120.72 -38.38
C ILE M 856 -38.44 -121.26 -39.39
N SER M 857 -37.72 -120.37 -40.07
CA SER M 857 -36.68 -120.81 -40.99
C SER M 857 -35.59 -121.60 -40.30
N ARG M 858 -35.45 -121.44 -38.98
CA ARG M 858 -34.49 -122.24 -38.22
C ARG M 858 -35.06 -123.58 -37.80
N LEU M 859 -36.37 -123.64 -37.52
CA LEU M 859 -36.99 -124.90 -37.10
C LEU M 859 -37.04 -125.90 -38.24
N ASP M 860 -37.63 -125.50 -39.37
CA ASP M 860 -37.68 -126.32 -40.57
C ASP M 860 -36.84 -125.66 -41.66
N PHE M 861 -36.12 -126.48 -42.38
CA PHE M 861 -35.26 -126.04 -43.47
C PHE M 861 -35.55 -126.78 -44.76
N ASN M 862 -36.12 -127.98 -44.68
CA ASN M 862 -36.43 -128.80 -45.84
C ASN M 862 -37.87 -128.67 -46.29
N GLY M 863 -38.54 -127.58 -45.92
CA GLY M 863 -39.96 -127.48 -46.16
C GLY M 863 -40.82 -128.42 -45.36
N PHE M 864 -40.21 -129.20 -44.46
CA PHE M 864 -40.96 -130.09 -43.58
C PHE M 864 -41.88 -129.26 -42.67
N TYR M 865 -42.82 -129.96 -42.05
CA TYR M 865 -43.84 -129.34 -41.20
C TYR M 865 -44.63 -128.30 -41.98
N THR M 866 -44.81 -128.54 -43.28
CA THR M 866 -45.57 -127.63 -44.11
C THR M 866 -47.08 -127.75 -43.91
N GLU M 867 -47.52 -128.65 -43.03
CA GLU M 867 -48.94 -128.80 -42.74
C GLU M 867 -49.49 -127.53 -42.09
N ILE N 245 -20.71 -28.74 31.68
CA ILE N 245 -20.01 -29.96 31.33
C ILE N 245 -19.74 -29.99 29.83
N THR N 246 -18.51 -29.63 29.45
CA THR N 246 -18.18 -29.50 28.04
C THR N 246 -18.01 -30.88 27.40
N GLU N 247 -17.84 -30.85 26.08
CA GLU N 247 -17.59 -32.08 25.34
C GLU N 247 -16.16 -32.56 25.51
N ALA N 248 -15.21 -31.64 25.70
CA ALA N 248 -13.83 -32.03 25.93
C ALA N 248 -13.64 -32.76 27.25
N ALA N 249 -14.56 -32.58 28.20
CA ALA N 249 -14.46 -33.30 29.46
C ALA N 249 -14.83 -34.76 29.30
N LEU N 250 -15.92 -35.04 28.58
CA LEU N 250 -16.31 -36.43 28.34
C LEU N 250 -15.21 -37.17 27.60
N VAL N 251 -14.57 -36.53 26.63
CA VAL N 251 -13.50 -37.19 25.89
C VAL N 251 -12.32 -37.46 26.80
N ARG N 252 -12.16 -36.67 27.85
CA ARG N 252 -11.10 -36.93 28.82
C ARG N 252 -11.41 -38.17 29.65
N ASP N 253 -12.67 -38.34 30.06
CA ASP N 253 -13.02 -39.48 30.89
C ASP N 253 -13.18 -40.75 30.05
N ILE N 254 -13.73 -40.63 28.85
CA ILE N 254 -13.91 -41.80 28.00
C ILE N 254 -12.57 -42.47 27.72
N LEU N 255 -11.52 -41.68 27.51
CA LEU N 255 -10.21 -42.26 27.24
C LEU N 255 -9.67 -43.04 28.42
N TYR N 256 -10.32 -42.99 29.58
CA TYR N 256 -9.98 -43.85 30.71
C TYR N 256 -10.92 -45.03 30.83
N VAL N 257 -12.20 -44.84 30.54
CA VAL N 257 -13.16 -45.93 30.63
C VAL N 257 -12.81 -47.05 29.66
N PHE N 258 -12.01 -46.75 28.64
CA PHE N 258 -11.56 -47.78 27.71
C PHE N 258 -10.68 -48.82 28.37
N GLN N 259 -10.24 -48.59 29.60
CA GLN N 259 -9.38 -49.54 30.30
C GLN N 259 -9.98 -50.11 31.57
N GLY N 260 -10.99 -49.46 32.15
CA GLY N 260 -11.61 -49.90 33.38
C GLY N 260 -11.65 -48.83 34.46
N ILE N 261 -10.75 -47.85 34.37
CA ILE N 261 -10.69 -46.78 35.35
C ILE N 261 -11.76 -45.75 35.01
N ASP N 262 -12.71 -45.57 35.92
CA ASP N 262 -13.74 -44.55 35.74
C ASP N 262 -13.12 -43.16 35.77
N ASN N 265 -16.89 -38.28 35.43
CA ASN N 265 -18.34 -38.33 35.32
C ASN N 265 -18.84 -39.74 35.05
N ILE N 266 -18.15 -40.45 34.18
CA ILE N 266 -18.52 -41.82 33.85
C ILE N 266 -18.05 -42.75 34.95
N LYS N 267 -18.96 -43.58 35.46
CA LYS N 267 -18.64 -44.51 36.53
C LYS N 267 -19.23 -45.88 36.20
N MET N 268 -18.88 -46.87 37.01
CA MET N 268 -19.38 -48.23 36.80
C MET N 268 -20.87 -48.31 37.09
N ASN N 273 -24.60 -53.71 34.34
CA ASN N 273 -23.16 -53.50 34.51
C ASN N 273 -22.67 -52.35 33.64
N CYS N 274 -23.58 -51.76 32.88
CA CYS N 274 -23.21 -50.70 31.95
C CYS N 274 -22.57 -49.53 32.70
N TYR N 275 -21.78 -48.75 31.96
CA TYR N 275 -21.12 -47.57 32.53
C TYR N 275 -22.11 -46.41 32.52
N LYS N 276 -22.94 -46.38 33.57
CA LYS N 276 -23.94 -45.34 33.68
C LYS N 276 -23.28 -43.99 33.93
N VAL N 277 -23.58 -43.02 33.07
CA VAL N 277 -23.01 -41.68 33.17
C VAL N 277 -23.99 -40.78 33.90
N GLU N 278 -23.46 -39.93 34.78
CA GLU N 278 -24.30 -39.01 35.52
C GLU N 278 -23.68 -37.61 35.53
N ASN N 282 -27.01 -30.89 34.02
CA ASN N 282 -26.16 -31.92 33.45
C ASN N 282 -25.88 -31.65 31.98
N LEU N 283 -25.83 -32.71 31.18
CA LEU N 283 -25.50 -32.63 29.77
C LEU N 283 -26.71 -32.96 28.91
N SER N 284 -26.57 -32.74 27.61
CA SER N 284 -27.65 -32.95 26.67
C SER N 284 -27.75 -34.42 26.29
N ARG N 285 -28.96 -34.82 25.88
CA ARG N 285 -29.21 -36.22 25.57
C ARG N 285 -28.36 -36.71 24.41
N SER N 286 -28.03 -35.84 23.47
CA SER N 286 -27.22 -36.24 22.33
C SER N 286 -25.83 -36.69 22.73
N LEU N 287 -25.38 -36.36 23.94
CA LEU N 287 -24.06 -36.76 24.42
C LEU N 287 -24.10 -38.02 25.26
N ARG N 288 -25.08 -38.14 26.17
CA ARG N 288 -25.17 -39.33 27.01
C ARG N 288 -25.34 -40.59 26.15
N ASP N 289 -26.09 -40.48 25.06
CA ASP N 289 -26.33 -41.66 24.23
C ASP N 289 -25.04 -42.20 23.63
N THR N 290 -24.20 -41.32 23.08
CA THR N 290 -22.97 -41.79 22.45
C THR N 290 -21.93 -42.21 23.48
N ALA N 291 -21.93 -41.59 24.66
CA ALA N 291 -21.01 -42.00 25.71
C ALA N 291 -21.29 -43.41 26.16
N VAL N 292 -22.56 -43.76 26.36
CA VAL N 292 -22.90 -45.12 26.79
C VAL N 292 -22.55 -46.11 25.69
N ARG N 293 -22.66 -45.71 24.42
CA ARG N 293 -22.30 -46.62 23.34
C ARG N 293 -20.79 -46.79 23.25
N LEU N 294 -20.03 -45.70 23.46
CA LEU N 294 -18.58 -45.80 23.38
C LEU N 294 -18.00 -46.53 24.58
N SER N 295 -18.58 -46.34 25.77
CA SER N 295 -18.03 -46.98 26.96
C SER N 295 -18.18 -48.49 26.93
N GLU N 296 -19.11 -49.03 26.14
CA GLU N 296 -19.28 -50.46 26.09
C GLU N 296 -18.09 -51.19 25.51
N LEU N 297 -17.02 -50.48 25.18
CA LEU N 297 -15.75 -51.12 24.85
C LEU N 297 -14.88 -51.32 26.08
N GLY N 298 -15.13 -50.56 27.13
CA GLY N 298 -14.42 -50.77 28.37
C GLY N 298 -14.92 -51.99 29.09
N TRP N 299 -16.24 -52.14 29.17
CA TRP N 299 -16.81 -53.31 29.81
C TRP N 299 -16.36 -54.59 29.13
N LEU N 300 -16.03 -54.51 27.84
CA LEU N 300 -15.43 -55.65 27.16
C LEU N 300 -13.96 -55.80 27.51
N HIS N 301 -13.30 -54.73 27.94
CA HIS N 301 -11.90 -54.82 28.33
C HIS N 301 -11.73 -55.36 29.74
N ASN N 302 -12.74 -55.24 30.59
CA ASN N 302 -12.65 -55.82 31.92
C ASN N 302 -12.78 -57.33 31.87
N LYS N 303 -13.80 -57.83 31.15
CA LYS N 303 -14.04 -59.27 31.10
C LYS N 303 -12.85 -60.01 30.51
N ILE N 304 -12.15 -59.41 29.56
CA ILE N 304 -10.96 -60.05 29.01
C ILE N 304 -9.76 -59.88 29.92
N ARG N 305 -9.78 -58.90 30.81
CA ARG N 305 -8.68 -58.69 31.74
C ARG N 305 -8.81 -59.54 33.00
N ARG N 306 -10.03 -59.74 33.49
CA ARG N 306 -10.22 -60.57 34.67
C ARG N 306 -9.74 -61.99 34.44
N TYR N 307 -10.00 -62.54 33.25
CA TYR N 307 -9.58 -63.90 32.97
C TYR N 307 -8.05 -63.99 32.91
N THR N 308 -7.41 -63.07 32.22
CA THR N 308 -5.95 -63.14 32.13
C THR N 308 -5.28 -62.68 33.38
N ASP N 309 -6.02 -62.44 34.44
CA ASP N 309 -5.48 -62.06 35.74
C ASP N 309 -5.88 -63.04 36.83
N GLN N 310 -7.10 -63.57 36.76
CA GLN N 310 -7.54 -64.57 37.73
C GLN N 310 -6.86 -65.91 37.47
N ARG N 311 -6.74 -66.30 36.21
CA ARG N 311 -6.12 -67.57 35.84
C ARG N 311 -4.60 -67.48 35.73
N SER N 312 -4.04 -66.28 35.75
CA SER N 312 -2.59 -66.12 35.86
C SER N 312 -2.12 -66.16 37.29
N LEU N 313 -3.00 -66.55 38.22
CA LEU N 313 -2.68 -66.62 39.64
C LEU N 313 -2.43 -68.06 40.09
N ASP N 314 -3.38 -68.95 39.85
CA ASP N 314 -3.22 -70.34 40.26
C ASP N 314 -2.25 -71.06 39.34
N ARG N 315 -1.44 -71.94 39.91
CA ARG N 315 -0.41 -72.65 39.17
C ARG N 315 -0.89 -74.02 38.71
N SER N 316 -2.19 -74.29 38.74
CA SER N 316 -2.75 -75.57 38.31
C SER N 316 -3.65 -75.40 37.11
N PHE N 317 -3.28 -74.51 36.19
CA PHE N 317 -4.05 -74.30 34.97
C PHE N 317 -3.40 -74.95 33.76
N GLY N 318 -2.19 -75.48 33.89
CA GLY N 318 -1.60 -76.31 32.87
C GLY N 318 -0.56 -75.59 32.03
N LEU N 319 -0.16 -76.26 30.96
CA LEU N 319 0.81 -75.73 30.01
C LEU N 319 0.17 -75.15 28.76
N VAL N 320 -0.98 -75.70 28.33
CA VAL N 320 -1.71 -75.10 27.22
C VAL N 320 -2.42 -73.84 27.68
N GLY N 321 -3.01 -73.88 28.87
CA GLY N 321 -3.68 -72.73 29.44
C GLY N 321 -2.77 -71.56 29.75
N GLN N 322 -1.46 -71.72 29.60
CA GLN N 322 -0.57 -70.57 29.70
C GLN N 322 -0.34 -69.93 28.35
N SER N 323 -0.03 -70.74 27.33
CA SER N 323 0.12 -70.22 25.98
C SER N 323 -1.15 -69.54 25.49
N PHE N 324 -2.30 -69.84 26.08
CA PHE N 324 -3.51 -69.07 25.78
C PHE N 324 -3.56 -67.80 26.60
N CYS N 325 -3.36 -67.92 27.92
CA CYS N 325 -3.39 -66.74 28.77
C CYS N 325 -2.21 -65.82 28.50
N ALA N 326 -1.17 -66.31 27.83
CA ALA N 326 -0.06 -65.47 27.39
C ALA N 326 -0.12 -65.17 25.90
N ALA N 327 -1.23 -65.51 25.24
CA ALA N 327 -1.54 -65.03 23.91
C ALA N 327 -2.70 -64.04 23.91
N LEU N 328 -3.40 -63.89 25.01
CA LEU N 328 -4.35 -62.80 25.18
C LEU N 328 -3.67 -61.51 25.60
N HIS N 329 -2.34 -61.51 25.70
CA HIS N 329 -1.62 -60.28 26.04
C HIS N 329 -0.98 -59.63 24.84
N GLN N 330 -0.51 -60.39 23.86
CA GLN N 330 -0.04 -59.78 22.62
C GLN N 330 -1.19 -59.12 21.88
N GLU N 331 -2.43 -59.56 22.11
CA GLU N 331 -3.60 -58.90 21.58
C GLU N 331 -4.18 -57.88 22.53
N LEU N 332 -3.41 -57.46 23.53
CA LEU N 332 -3.75 -56.32 24.36
C LEU N 332 -2.70 -55.22 24.35
N ARG N 333 -1.43 -55.55 24.17
CA ARG N 333 -0.43 -54.49 24.01
C ARG N 333 -0.81 -53.61 22.83
N GLU N 334 -1.27 -54.21 21.74
CA GLU N 334 -1.71 -53.41 20.60
C GLU N 334 -2.90 -52.55 20.98
N TYR N 335 -3.83 -53.08 21.76
CA TYR N 335 -4.92 -52.25 22.25
C TYR N 335 -4.44 -51.19 23.21
N TYR N 336 -3.23 -51.36 23.78
CA TYR N 336 -2.63 -50.30 24.57
C TYR N 336 -1.84 -49.32 23.73
N ARG N 337 -1.49 -49.70 22.50
CA ARG N 337 -0.88 -48.75 21.58
C ARG N 337 -1.91 -47.80 21.01
N LEU N 338 -3.12 -48.31 20.73
CA LEU N 338 -4.17 -47.44 20.24
C LEU N 338 -4.55 -46.39 21.27
N LEU N 339 -4.64 -46.78 22.54
CA LEU N 339 -4.95 -45.79 23.57
C LEU N 339 -3.83 -44.76 23.71
N SER N 340 -2.59 -45.14 23.38
CA SER N 340 -1.51 -44.18 23.39
C SER N 340 -1.74 -43.09 22.35
N VAL N 341 -1.97 -43.50 21.10
CA VAL N 341 -2.16 -42.54 20.03
C VAL N 341 -3.36 -41.64 20.31
N LEU N 342 -4.47 -42.24 20.74
CA LEU N 342 -5.68 -41.45 20.97
C LEU N 342 -5.47 -40.40 22.05
N HIS N 343 -4.54 -40.63 22.99
CA HIS N 343 -4.36 -39.65 24.05
C HIS N 343 -3.50 -38.48 23.61
N SER N 344 -2.62 -38.68 22.63
CA SER N 344 -1.75 -37.59 22.20
C SER N 344 -2.53 -36.51 21.48
N GLN N 345 -3.65 -36.87 20.87
CA GLN N 345 -4.46 -35.90 20.13
C GLN N 345 -5.49 -35.20 21.00
N LEU N 346 -5.71 -35.65 22.23
CA LEU N 346 -6.66 -34.99 23.10
C LEU N 346 -6.23 -33.58 23.47
N GLN N 347 -4.95 -33.28 23.38
CA GLN N 347 -4.43 -31.96 23.73
C GLN N 347 -5.10 -30.85 22.93
N SER N 361 -7.36 -32.26 17.16
CA SER N 361 -8.55 -32.34 18.00
C SER N 361 -9.42 -33.52 17.58
N LEU N 362 -10.05 -34.16 18.56
CA LEU N 362 -10.97 -35.25 18.29
C LEU N 362 -12.20 -35.09 19.17
N THR N 363 -13.34 -35.53 18.66
CA THR N 363 -14.61 -35.41 19.36
C THR N 363 -15.33 -36.75 19.32
N LEU N 364 -16.47 -36.81 20.01
CA LEU N 364 -17.21 -38.06 20.13
C LEU N 364 -17.52 -38.65 18.77
N ARG N 365 -18.29 -37.92 17.95
CA ARG N 365 -18.62 -38.37 16.61
C ARG N 365 -17.40 -38.68 15.77
N ARG N 366 -16.22 -38.24 16.19
CA ARG N 366 -14.96 -38.63 15.54
C ARG N 366 -14.38 -39.91 16.15
N LEU N 367 -14.69 -40.18 17.42
CA LEU N 367 -14.16 -41.39 18.05
C LEU N 367 -14.78 -42.64 17.44
N LEU N 368 -16.06 -42.56 17.07
CA LEU N 368 -16.78 -43.75 16.59
C LEU N 368 -16.05 -44.43 15.44
N VAL N 369 -15.49 -43.65 14.52
CA VAL N 369 -14.80 -44.26 13.40
C VAL N 369 -13.43 -44.77 13.82
N TRP N 370 -12.77 -44.09 14.75
CA TRP N 370 -11.47 -44.55 15.24
C TRP N 370 -11.59 -45.91 15.91
N THR N 371 -12.59 -46.06 16.76
CA THR N 371 -12.75 -47.25 17.58
C THR N 371 -13.91 -48.14 17.09
N TYR N 372 -14.13 -48.19 15.79
CA TYR N 372 -15.14 -49.08 15.24
C TYR N 372 -14.60 -50.48 15.00
N ASP N 373 -13.33 -50.59 14.69
CA ASP N 373 -12.73 -51.91 14.51
C ASP N 373 -12.38 -52.58 15.84
N PRO N 374 -11.77 -51.89 16.81
CA PRO N 374 -11.47 -52.55 18.08
C PRO N 374 -12.69 -52.77 18.95
N LYS N 375 -13.88 -52.53 18.43
CA LYS N 375 -15.10 -53.00 19.08
C LYS N 375 -15.48 -54.40 18.62
N ILE N 376 -14.77 -54.93 17.62
CA ILE N 376 -15.00 -56.28 17.14
C ILE N 376 -13.98 -57.25 17.71
N ARG N 377 -12.70 -56.89 17.65
CA ARG N 377 -11.68 -57.73 18.26
C ARG N 377 -11.92 -57.85 19.76
N LEU N 378 -12.38 -56.79 20.39
CA LEU N 378 -12.78 -56.84 21.79
C LEU N 378 -14.20 -57.39 21.96
N LYS N 379 -14.75 -58.00 20.91
CA LYS N 379 -16.01 -58.71 21.00
C LYS N 379 -15.89 -60.18 20.62
N THR N 380 -14.83 -60.56 19.94
CA THR N 380 -14.50 -61.96 19.77
C THR N 380 -13.70 -62.48 20.96
N LEU N 381 -12.69 -61.73 21.39
CA LEU N 381 -11.89 -62.16 22.53
C LEU N 381 -12.70 -62.14 23.82
N ALA N 382 -13.56 -61.14 24.00
CA ALA N 382 -14.41 -61.12 25.18
C ALA N 382 -15.51 -62.16 25.14
N ALA N 383 -15.70 -62.84 24.02
CA ALA N 383 -16.62 -63.95 23.91
C ALA N 383 -15.91 -65.25 23.58
N LEU N 384 -14.59 -65.23 23.45
CA LEU N 384 -13.79 -66.44 23.33
C LEU N 384 -13.36 -66.99 24.67
N VAL N 385 -13.28 -66.14 25.70
CA VAL N 385 -12.89 -66.60 27.03
C VAL N 385 -14.07 -67.13 27.83
N ASP N 386 -15.31 -66.90 27.39
CA ASP N 386 -16.45 -67.48 28.07
C ASP N 386 -16.82 -68.85 27.53
N HIS N 387 -16.60 -69.08 26.23
CA HIS N 387 -16.88 -70.40 25.66
C HIS N 387 -15.93 -71.45 26.20
N CYS N 388 -14.71 -71.06 26.59
CA CYS N 388 -13.75 -71.98 27.18
C CYS N 388 -13.40 -71.47 28.57
N GLN N 389 -14.23 -71.83 29.54
CA GLN N 389 -14.07 -71.41 30.92
C GLN N 389 -13.39 -72.48 31.76
N GLY N 390 -13.97 -73.68 31.84
CA GLY N 390 -13.40 -74.73 32.64
C GLY N 390 -12.48 -75.68 31.94
N ARG N 391 -12.18 -75.43 30.67
CA ARG N 391 -11.32 -76.34 29.91
C ARG N 391 -9.86 -76.07 30.22
N LYS N 392 -9.13 -77.14 30.51
CA LYS N 392 -7.69 -77.06 30.73
C LYS N 392 -7.01 -78.13 29.90
N GLY N 393 -5.72 -77.93 29.64
CA GLY N 393 -5.02 -78.89 28.82
C GLY N 393 -5.50 -78.85 27.38
N GLY N 394 -5.46 -80.02 26.73
CA GLY N 394 -5.82 -80.08 25.32
C GLY N 394 -7.27 -79.77 25.06
N GLU N 395 -8.14 -80.00 26.04
CA GLU N 395 -9.56 -79.69 25.87
C GLU N 395 -9.80 -78.21 25.66
N LEU N 396 -8.85 -77.36 26.03
CA LEU N 396 -8.95 -75.93 25.74
C LEU N 396 -8.52 -75.64 24.31
N ALA N 397 -7.49 -76.32 23.82
CA ALA N 397 -7.08 -76.20 22.43
C ALA N 397 -8.09 -76.78 21.47
N SER N 398 -9.11 -77.45 21.98
CA SER N 398 -10.20 -77.97 21.18
C SER N 398 -11.45 -77.11 21.26
N ALA N 399 -11.48 -76.14 22.18
CA ALA N 399 -12.60 -75.22 22.31
C ALA N 399 -12.28 -73.85 21.73
N VAL N 400 -11.02 -73.55 21.45
CA VAL N 400 -10.65 -72.38 20.67
C VAL N 400 -10.47 -72.73 19.19
N HIS N 401 -10.68 -73.99 18.83
CA HIS N 401 -10.77 -74.40 17.44
C HIS N 401 -12.20 -74.42 16.93
N ALA N 402 -13.18 -74.52 17.85
CA ALA N 402 -14.60 -74.56 17.42
C ALA N 402 -15.04 -73.20 16.87
N TYR N 403 -14.26 -72.13 17.11
CA TYR N 403 -14.64 -70.77 16.67
C TYR N 403 -13.82 -70.30 15.47
N THR N 404 -12.78 -71.06 15.09
CA THR N 404 -11.91 -70.71 13.94
C THR N 404 -12.77 -70.40 12.70
N LYS N 405 -13.82 -71.20 12.46
CA LYS N 405 -14.70 -71.00 11.28
C LYS N 405 -15.78 -69.94 11.60
N THR N 406 -15.38 -68.69 11.81
CA THR N 406 -16.33 -67.60 12.15
C THR N 406 -17.19 -67.26 10.93
N GLY N 407 -16.74 -67.62 9.73
CA GLY N 407 -17.48 -67.33 8.48
C GLY N 407 -16.96 -66.07 7.81
N ASP N 408 -16.65 -65.04 8.60
CA ASP N 408 -16.11 -63.76 8.06
C ASP N 408 -14.58 -63.84 8.04
N PRO N 409 -13.89 -63.14 7.11
CA PRO N 409 -12.42 -63.23 7.07
C PRO N 409 -11.73 -62.36 8.13
N TYR N 410 -12.49 -61.47 8.78
CA TYR N 410 -11.94 -60.57 9.82
C TYR N 410 -11.75 -61.33 11.14
N MET N 411 -12.46 -62.45 11.28
CA MET N 411 -12.37 -63.28 12.53
C MET N 411 -11.67 -64.61 12.20
N ARG N 412 -12.14 -65.30 11.16
CA ARG N 412 -11.54 -66.60 10.76
C ARG N 412 -10.02 -66.44 10.61
N SER N 413 -9.53 -65.20 10.62
CA SER N 413 -8.11 -64.93 10.50
C SER N 413 -7.51 -64.36 11.77
N LEU N 414 -8.32 -64.15 12.81
CA LEU N 414 -7.83 -63.80 14.13
C LEU N 414 -7.73 -65.03 15.02
N VAL N 415 -8.83 -65.76 15.16
CA VAL N 415 -8.83 -66.97 15.99
C VAL N 415 -7.89 -68.01 15.41
N GLN N 416 -7.79 -68.09 14.09
CA GLN N 416 -6.85 -69.03 13.50
C GLN N 416 -5.41 -68.65 13.72
N HIS N 417 -5.14 -67.58 14.46
CA HIS N 417 -3.81 -67.26 14.92
C HIS N 417 -3.60 -67.63 16.38
N ILE N 418 -4.60 -67.38 17.24
CA ILE N 418 -4.52 -67.83 18.62
C ILE N 418 -4.44 -69.35 18.67
N LEU N 419 -5.09 -70.03 17.74
CA LEU N 419 -4.93 -71.48 17.66
C LEU N 419 -3.50 -71.87 17.35
N SER N 420 -2.80 -71.06 16.56
CA SER N 420 -1.42 -71.39 16.22
C SER N 420 -0.47 -71.19 17.38
N LEU N 421 -0.89 -70.52 18.44
CA LEU N 421 -0.10 -70.41 19.67
C LEU N 421 -0.56 -71.40 20.73
N VAL N 422 -1.88 -71.57 20.88
CA VAL N 422 -2.40 -72.50 21.89
C VAL N 422 -2.03 -73.93 21.54
N SER N 423 -2.00 -74.28 20.26
CA SER N 423 -1.66 -75.63 19.84
C SER N 423 -0.17 -75.85 19.68
N HIS N 424 0.66 -74.96 20.22
CA HIS N 424 2.10 -75.24 20.19
C HIS N 424 2.52 -76.16 21.32
N PRO N 425 2.06 -75.96 22.57
CA PRO N 425 2.40 -76.94 23.60
C PRO N 425 1.85 -78.33 23.31
N VAL N 426 0.66 -78.43 22.72
CA VAL N 426 0.12 -79.75 22.39
C VAL N 426 1.05 -80.46 21.41
N LEU N 427 1.45 -79.77 20.34
CA LEU N 427 2.40 -80.35 19.41
C LEU N 427 3.81 -80.41 19.99
N SER N 428 4.00 -80.06 21.25
CA SER N 428 5.29 -80.30 21.91
C SER N 428 5.34 -81.66 22.59
N PHE N 429 4.24 -82.06 23.25
CA PHE N 429 4.16 -83.41 23.77
C PHE N 429 4.18 -84.43 22.62
N LEU N 430 3.42 -84.15 21.57
CA LEU N 430 3.28 -85.10 20.47
C LEU N 430 4.62 -85.40 19.83
N TYR N 431 5.39 -84.37 19.51
CA TYR N 431 6.71 -84.60 18.94
C TYR N 431 7.70 -85.15 19.96
N ARG N 432 7.30 -85.25 21.22
CA ARG N 432 8.09 -85.87 22.26
C ARG N 432 7.70 -87.33 22.51
N TRP N 433 6.39 -87.61 22.52
CA TRP N 433 5.86 -88.94 22.73
C TRP N 433 5.92 -89.81 21.49
N ILE N 434 6.38 -89.28 20.36
CA ILE N 434 6.47 -90.02 19.11
C ILE N 434 7.90 -90.40 18.79
N TYR N 435 8.85 -89.49 18.94
CA TYR N 435 10.24 -89.77 18.61
C TYR N 435 11.08 -90.23 19.79
N ASP N 436 10.64 -89.97 21.02
CA ASP N 436 11.38 -90.36 22.20
C ASP N 436 10.57 -91.21 23.18
N GLY N 437 9.25 -91.17 23.12
CA GLY N 437 8.44 -92.02 23.97
C GLY N 437 8.53 -91.69 25.45
N GLU N 438 8.87 -90.46 25.79
CA GLU N 438 8.97 -90.02 27.18
C GLU N 438 7.96 -88.91 27.42
N LEU N 439 6.78 -89.29 27.88
CA LEU N 439 5.76 -88.29 28.21
C LEU N 439 5.98 -87.79 29.63
N GLU N 440 5.83 -86.48 29.82
CA GLU N 440 6.03 -85.87 31.13
C GLU N 440 5.08 -84.69 31.23
N ASP N 441 4.05 -84.82 32.08
CA ASP N 441 3.12 -83.72 32.32
C ASP N 441 2.52 -83.95 33.71
N THR N 442 3.02 -83.18 34.68
CA THR N 442 2.49 -83.29 36.03
C THR N 442 1.00 -83.02 36.05
N TYR N 443 0.54 -82.06 35.27
CA TYR N 443 -0.87 -81.85 35.04
C TYR N 443 -1.30 -82.71 33.86
N HIS N 444 -2.44 -83.37 34.00
CA HIS N 444 -2.90 -84.32 32.99
C HIS N 444 -3.48 -83.54 31.82
N GLU N 445 -2.68 -83.37 30.77
CA GLU N 445 -3.10 -82.67 29.55
C GLU N 445 -3.08 -83.56 28.33
N PHE N 446 -1.96 -84.23 28.08
CA PHE N 446 -1.85 -85.12 26.93
C PHE N 446 -2.89 -86.22 27.02
N PHE N 447 -3.39 -86.65 25.86
CA PHE N 447 -4.44 -87.66 25.83
C PHE N 447 -3.92 -89.08 26.02
N VAL N 448 -2.62 -89.26 26.25
CA VAL N 448 -2.04 -90.55 26.58
C VAL N 448 -1.74 -90.55 28.07
N ALA N 449 -2.47 -91.36 28.83
CA ALA N 449 -2.37 -91.38 30.28
C ALA N 449 -1.68 -92.66 30.73
N SER N 450 -0.53 -92.52 31.36
CA SER N 450 0.22 -93.67 31.82
C SER N 450 -0.31 -94.16 33.17
N ASP N 451 0.17 -95.33 33.59
CA ASP N 451 -0.23 -95.95 34.84
C ASP N 451 1.03 -96.37 35.58
N PRO N 452 1.29 -95.84 36.78
CA PRO N 452 2.48 -96.18 37.55
C PRO N 452 2.59 -97.68 37.88
N LEU N 459 2.83 -104.82 29.95
CA LEU N 459 3.13 -103.47 29.47
C LEU N 459 2.24 -103.07 28.31
N TRP N 460 2.07 -103.99 27.35
CA TRP N 460 1.23 -103.71 26.20
C TRP N 460 -0.23 -103.57 26.59
N HIS N 461 -0.73 -104.50 27.41
CA HIS N 461 -2.15 -104.51 27.71
C HIS N 461 -2.56 -103.35 28.61
N ASP N 462 -1.67 -102.90 29.49
CA ASP N 462 -1.99 -101.86 30.45
C ASP N 462 -1.06 -100.66 30.27
N LYS N 463 -1.17 -99.71 31.20
CA LYS N 463 -0.20 -98.63 31.37
C LYS N 463 -0.28 -97.56 30.29
N TYR N 464 -1.10 -97.76 29.25
CA TYR N 464 -1.21 -96.75 28.19
C TYR N 464 -2.65 -96.81 27.67
N THR N 465 -3.48 -95.90 28.15
CA THR N 465 -4.88 -95.84 27.77
C THR N 465 -5.20 -94.48 27.21
N LEU N 466 -5.87 -94.46 26.06
CA LEU N 466 -6.25 -93.21 25.43
C LEU N 466 -7.21 -92.44 26.32
N ARG N 467 -7.18 -91.12 26.23
CA ARG N 467 -8.07 -90.25 26.99
C ARG N 467 -9.09 -89.65 26.03
N LYS N 468 -10.34 -90.09 26.15
CA LYS N 468 -11.38 -89.61 25.25
C LYS N 468 -11.70 -88.13 25.45
N SER N 469 -11.27 -87.54 26.55
CA SER N 469 -11.68 -86.17 26.88
C SER N 469 -10.71 -85.11 26.41
N MET N 470 -9.42 -85.42 26.34
CA MET N 470 -8.41 -84.43 26.01
C MET N 470 -7.85 -84.61 24.61
N ILE N 471 -8.66 -85.11 23.68
CA ILE N 471 -8.24 -85.17 22.28
C ILE N 471 -8.63 -83.87 21.58
N PRO N 472 -7.70 -83.18 20.94
CA PRO N 472 -8.07 -81.93 20.27
C PRO N 472 -9.02 -82.20 19.11
N SER N 473 -9.85 -81.20 18.80
CA SER N 473 -10.83 -81.39 17.73
C SER N 473 -10.16 -81.55 16.38
N PHE N 474 -9.03 -80.89 16.16
CA PHE N 474 -8.37 -80.95 14.87
C PHE N 474 -7.56 -82.23 14.68
N MET N 475 -7.84 -83.26 15.46
CA MET N 475 -7.17 -84.55 15.33
C MET N 475 -8.26 -85.63 15.31
N THR N 476 -8.37 -86.33 14.20
CA THR N 476 -9.42 -87.33 14.06
C THR N 476 -9.20 -88.49 15.01
N MET N 477 -10.29 -89.17 15.36
CA MET N 477 -10.23 -90.20 16.38
C MET N 477 -9.34 -91.36 15.97
N ASP N 478 -9.15 -91.57 14.67
CA ASP N 478 -8.26 -92.64 14.23
C ASP N 478 -6.80 -92.22 14.32
N GLN N 479 -6.49 -90.95 14.07
CA GLN N 479 -5.11 -90.48 14.20
C GLN N 479 -4.63 -90.57 15.64
N SER N 480 -5.55 -90.48 16.60
CA SER N 480 -5.18 -90.57 18.00
C SER N 480 -4.83 -91.98 18.44
N ARG N 481 -5.06 -92.98 17.59
CA ARG N 481 -4.65 -94.34 17.90
C ARG N 481 -3.38 -94.75 17.16
N LYS N 482 -2.86 -93.89 16.29
CA LYS N 482 -1.56 -94.13 15.69
C LYS N 482 -0.42 -93.49 16.49
N VAL N 483 -0.73 -92.51 17.33
CA VAL N 483 0.30 -91.97 18.21
C VAL N 483 0.45 -92.82 19.46
N LEU N 484 -0.68 -93.22 20.06
CA LEU N 484 -0.63 -94.10 21.22
C LEU N 484 0.01 -95.44 20.88
N LEU N 485 -0.01 -95.82 19.61
CA LEU N 485 0.68 -97.01 19.17
C LEU N 485 2.13 -96.75 18.77
N ILE N 486 2.45 -95.50 18.40
CA ILE N 486 3.84 -95.18 18.08
C ILE N 486 4.62 -94.92 19.36
N GLY N 487 4.00 -94.26 20.34
CA GLY N 487 4.69 -94.06 21.61
C GLY N 487 4.92 -95.37 22.35
N LYS N 488 3.90 -96.22 22.40
CA LYS N 488 4.04 -97.51 23.06
C LYS N 488 5.07 -98.38 22.35
N SER N 489 5.19 -98.26 21.03
CA SER N 489 6.15 -99.06 20.29
C SER N 489 7.58 -98.68 20.65
N ILE N 490 7.82 -97.45 21.09
CA ILE N 490 9.16 -97.02 21.45
C ILE N 490 9.42 -97.20 22.94
N ASN N 491 8.40 -96.99 23.78
CA ASN N 491 8.59 -97.23 25.21
C ASN N 491 8.81 -98.72 25.50
N PHE N 492 8.14 -99.59 24.75
CA PHE N 492 8.34 -101.02 24.92
C PHE N 492 9.65 -101.48 24.27
N LEU N 493 10.12 -100.76 23.26
CA LEU N 493 11.38 -101.12 22.63
C LEU N 493 12.57 -100.86 23.54
N HIS N 494 12.42 -99.95 24.50
CA HIS N 494 13.52 -99.59 25.40
C HIS N 494 13.57 -100.47 26.63
N GLN N 495 12.46 -100.54 27.38
CA GLN N 495 12.49 -101.20 28.67
C GLN N 495 12.57 -102.72 28.52
N VAL N 496 11.57 -103.33 27.91
CA VAL N 496 11.49 -104.79 27.89
C VAL N 496 12.43 -105.38 26.86
N CYS N 497 12.38 -104.89 25.62
CA CYS N 497 13.23 -105.43 24.58
C CYS N 497 14.71 -105.16 24.85
N HIS N 498 15.02 -104.22 25.73
CA HIS N 498 16.40 -103.89 26.13
C HIS N 498 17.23 -103.49 24.92
N ASP N 499 16.83 -102.38 24.31
CA ASP N 499 17.52 -101.82 23.15
C ASP N 499 17.30 -100.32 23.16
N GLN N 500 18.32 -99.57 22.72
CA GLN N 500 18.26 -98.12 22.69
C GLN N 500 18.89 -97.61 21.40
N THR N 501 18.37 -96.49 20.92
CA THR N 501 18.85 -95.88 19.69
C THR N 501 19.74 -94.67 19.97
N GLU N 527 -3.88 -80.17 8.43
CA GLU N 527 -2.69 -80.17 7.59
C GLU N 527 -2.54 -81.49 6.86
N ASN N 528 -1.65 -81.51 5.86
CA ASN N 528 -1.31 -82.74 5.17
C ASN N 528 0.12 -83.21 5.43
N ALA N 529 1.05 -82.29 5.64
CA ALA N 529 2.39 -82.69 6.06
C ALA N 529 2.37 -83.28 7.46
N PHE N 530 1.37 -82.91 8.27
CA PHE N 530 1.24 -83.49 9.60
C PHE N 530 0.80 -84.94 9.54
N GLN N 531 -0.17 -85.25 8.69
CA GLN N 531 -0.59 -86.63 8.52
C GLN N 531 0.55 -87.48 7.97
N GLY N 532 1.35 -86.93 7.07
CA GLY N 532 2.50 -87.65 6.56
C GLY N 532 3.58 -87.90 7.58
N LYS N 533 3.62 -87.09 8.64
CA LYS N 533 4.61 -87.30 9.69
C LYS N 533 4.24 -88.48 10.57
N ILE N 534 2.95 -88.64 10.87
CA ILE N 534 2.51 -89.78 11.69
C ILE N 534 2.81 -91.09 10.96
N ASP N 535 2.45 -91.15 9.68
CA ASP N 535 2.69 -92.38 8.91
C ASP N 535 4.18 -92.63 8.70
N ALA N 536 4.97 -91.56 8.56
CA ALA N 536 6.41 -91.76 8.42
C ALA N 536 7.01 -92.35 9.70
N ALA N 537 6.50 -91.95 10.87
CA ALA N 537 6.98 -92.52 12.11
C ALA N 537 6.37 -93.89 12.38
N TYR N 538 5.30 -94.25 11.67
CA TYR N 538 4.68 -95.55 11.87
C TYR N 538 5.37 -96.62 11.04
N PHE N 539 5.54 -96.37 9.75
CA PHE N 539 6.13 -97.35 8.85
C PHE N 539 7.62 -97.49 9.03
N GLU N 540 8.20 -96.88 10.06
CA GLU N 540 9.61 -97.03 10.38
C GLU N 540 9.82 -97.64 11.76
N THR N 541 9.09 -97.17 12.77
CA THR N 541 9.25 -97.70 14.11
C THR N 541 8.76 -99.14 14.19
N SER N 542 7.56 -99.41 13.66
CA SER N 542 7.02 -100.75 13.73
C SER N 542 7.84 -101.74 12.92
N LYS N 543 8.25 -101.34 11.71
CA LYS N 543 9.09 -102.22 10.89
C LYS N 543 10.41 -102.52 11.57
N TYR N 544 10.88 -101.62 12.44
CA TYR N 544 12.09 -101.90 13.19
C TYR N 544 11.81 -102.76 14.42
N LEU N 545 10.61 -102.67 14.99
CA LEU N 545 10.29 -103.48 16.15
C LEU N 545 10.27 -104.96 15.81
N LEU N 546 9.86 -105.32 14.60
CA LEU N 546 9.86 -106.72 14.21
C LEU N 546 11.28 -107.23 13.98
N ASP N 547 12.15 -106.38 13.42
CA ASP N 547 13.52 -106.81 13.15
C ASP N 547 14.25 -107.16 14.43
N VAL N 548 14.08 -106.34 15.48
CA VAL N 548 14.71 -106.65 16.75
C VAL N 548 14.01 -107.80 17.45
N LEU N 549 12.76 -108.07 17.09
CA LEU N 549 12.01 -109.17 17.69
C LEU N 549 12.13 -110.47 16.91
N ASN N 550 12.84 -110.47 15.78
CA ASN N 550 13.10 -111.68 15.02
C ASN N 550 14.57 -112.05 14.96
N LYS N 551 15.47 -111.10 15.19
CA LYS N 551 16.90 -111.36 15.18
C LYS N 551 17.47 -111.53 16.59
N LYS N 552 16.98 -110.75 17.54
CA LYS N 552 17.45 -110.84 18.92
C LYS N 552 16.66 -111.84 19.75
N TYR N 553 15.46 -112.22 19.31
CA TYR N 553 14.64 -113.16 20.06
C TYR N 553 14.02 -114.25 19.21
N SER N 554 12.98 -104.36 21.01
CA SER N 554 12.58 -105.44 20.13
C SER N 554 11.12 -105.84 20.36
N LEU N 555 10.23 -104.88 20.13
CA LEU N 555 8.80 -105.13 20.31
C LEU N 555 8.33 -106.23 19.37
N LEU N 556 8.87 -106.28 18.16
CA LEU N 556 8.45 -107.30 17.21
C LEU N 556 8.98 -108.67 17.59
N ASP N 557 10.23 -108.76 18.03
CA ASP N 557 10.81 -110.04 18.39
C ASP N 557 10.13 -110.68 19.59
N HIS N 558 9.27 -109.96 20.28
CA HIS N 558 8.47 -110.56 21.34
C HIS N 558 7.15 -111.11 20.84
N MET N 559 6.53 -110.45 19.84
CA MET N 559 5.29 -110.97 19.27
C MET N 559 5.52 -112.33 18.64
N GLN N 560 6.59 -112.48 17.87
CA GLN N 560 6.90 -113.78 17.28
C GLN N 560 7.24 -114.81 18.35
N ALA N 561 8.00 -114.40 19.36
CA ALA N 561 8.36 -115.33 20.43
C ALA N 561 7.20 -115.63 21.36
N MET N 562 6.19 -114.78 21.41
CA MET N 562 5.02 -115.04 22.23
C MET N 562 4.00 -115.91 21.53
N ARG N 563 4.19 -116.15 20.23
CA ARG N 563 3.38 -117.13 19.50
C ARG N 563 3.99 -118.52 19.58
N ARG N 564 5.32 -118.61 19.58
CA ARG N 564 5.97 -119.91 19.57
C ARG N 564 5.69 -120.67 20.87
N TYR N 565 5.74 -119.98 22.01
CA TYR N 565 5.60 -120.62 23.30
C TYR N 565 4.19 -120.51 23.87
N LEU N 566 3.69 -119.28 24.03
CA LEU N 566 2.40 -119.09 24.67
C LEU N 566 1.24 -119.59 23.81
N LEU N 567 1.45 -119.74 22.50
CA LEU N 567 0.42 -120.24 21.60
C LEU N 567 0.79 -121.58 20.99
N LEU N 568 1.74 -122.29 21.59
CA LEU N 568 2.17 -123.62 21.17
C LEU N 568 2.69 -123.64 19.74
N GLY N 569 3.07 -122.50 19.19
CA GLY N 569 3.55 -122.44 17.84
C GLY N 569 4.89 -123.09 17.60
N GLN N 570 5.52 -123.64 18.63
CA GLN N 570 6.81 -124.29 18.47
C GLN N 570 6.68 -125.76 18.13
N GLY N 571 5.81 -126.49 18.83
CA GLY N 571 5.59 -127.89 18.54
C GLY N 571 6.70 -128.78 19.03
N ASP N 572 7.94 -128.46 18.65
CA ASP N 572 9.07 -129.26 19.10
C ASP N 572 9.28 -129.15 20.60
N PHE N 573 9.10 -127.96 21.15
CA PHE N 573 9.33 -127.76 22.58
C PHE N 573 8.15 -128.25 23.41
N ILE N 574 6.92 -128.03 22.94
CA ILE N 574 5.77 -128.45 23.73
C ILE N 574 5.63 -129.97 23.72
N ARG N 575 6.18 -130.64 22.70
CA ARG N 575 6.14 -132.10 22.69
C ARG N 575 6.96 -132.67 23.84
N HIS N 576 8.21 -132.23 23.97
CA HIS N 576 9.05 -132.70 25.05
C HIS N 576 8.51 -132.26 26.42
N LEU N 577 7.81 -131.13 26.46
CA LEU N 577 7.31 -130.62 27.74
C LEU N 577 6.12 -131.43 28.23
N MET N 578 5.38 -132.08 27.33
CA MET N 578 4.27 -132.91 27.75
C MET N 578 4.72 -134.29 28.17
N ASP N 579 5.93 -134.71 27.81
CA ASP N 579 6.44 -135.99 28.27
C ASP N 579 7.06 -135.91 29.65
N LEU N 580 7.56 -134.74 30.04
CA LEU N 580 8.20 -134.59 31.35
C LEU N 580 7.18 -134.25 32.43
N LEU N 581 6.13 -133.52 32.11
CA LEU N 581 5.12 -133.21 33.10
C LEU N 581 4.12 -134.34 33.31
N LYS N 582 4.24 -135.43 32.56
CA LYS N 582 3.30 -136.53 32.74
C LYS N 582 3.39 -137.16 34.12
N PRO N 583 4.57 -137.53 34.65
CA PRO N 583 4.60 -138.14 35.98
C PRO N 583 4.22 -137.19 37.10
N GLU N 584 4.19 -135.89 36.87
CA GLU N 584 3.92 -134.93 37.93
C GLU N 584 2.44 -134.58 38.03
N LEU N 585 1.83 -134.20 36.91
CA LEU N 585 0.48 -133.66 36.94
C LEU N 585 -0.57 -134.72 37.25
N VAL N 586 -0.24 -136.01 37.17
CA VAL N 586 -1.21 -137.04 37.48
C VAL N 586 -1.60 -137.00 38.95
N ARG N 587 -0.71 -136.49 39.80
CA ARG N 587 -1.01 -136.35 41.22
C ARG N 587 -2.00 -135.21 41.43
N PRO N 588 -2.72 -135.21 42.55
CA PRO N 588 -3.62 -134.09 42.85
C PRO N 588 -2.86 -132.80 43.05
N ALA N 589 -3.59 -131.68 42.97
CA ALA N 589 -2.97 -130.37 43.00
C ALA N 589 -2.41 -130.02 44.37
N THR N 590 -2.91 -130.65 45.44
CA THR N 590 -2.48 -130.28 46.79
C THR N 590 -1.01 -130.58 47.01
N THR N 591 -0.49 -131.62 46.38
CA THR N 591 0.92 -131.99 46.51
C THR N 591 1.81 -131.31 45.48
N LEU N 592 1.27 -130.34 44.75
CA LEU N 592 2.01 -129.66 43.69
C LEU N 592 2.47 -128.30 44.18
N TYR N 593 3.76 -128.02 43.99
CA TYR N 593 4.35 -126.75 44.39
C TYR N 593 5.19 -126.21 43.25
N GLN N 594 5.10 -124.90 43.01
CA GLN N 594 5.64 -124.31 41.80
C GLN N 594 7.15 -124.49 41.69
N HIS N 595 7.85 -124.44 42.83
CA HIS N 595 9.31 -124.43 42.80
C HIS N 595 9.89 -125.71 42.21
N ASN N 596 9.10 -126.77 42.08
CA ASN N 596 9.60 -128.02 41.51
C ASN N 596 9.49 -128.04 39.99
N LEU N 597 8.43 -127.46 39.44
CA LEU N 597 8.20 -127.56 38.00
C LEU N 597 9.19 -126.74 37.19
N THR N 598 9.73 -125.67 37.78
CA THR N 598 10.61 -124.79 37.03
C THR N 598 11.86 -125.54 36.55
N GLY N 599 12.37 -126.46 37.36
CA GLY N 599 13.49 -127.27 36.93
C GLY N 599 13.16 -128.14 35.74
N ILE N 600 11.90 -128.54 35.61
CA ILE N 600 11.48 -129.34 34.46
C ILE N 600 11.37 -128.49 33.22
N LEU N 601 10.72 -127.32 33.33
CA LEU N 601 10.63 -126.40 32.21
C LEU N 601 12.02 -126.02 31.71
N GLU N 602 12.93 -125.67 32.62
CA GLU N 602 14.28 -125.31 32.23
C GLU N 602 14.98 -126.46 31.52
N THR N 603 14.66 -127.70 31.91
CA THR N 603 15.27 -128.85 31.25
C THR N 603 14.80 -128.98 29.81
N ALA N 604 13.51 -128.72 29.57
CA ALA N 604 12.98 -128.85 28.22
C ALA N 604 13.60 -127.82 27.27
N VAL N 605 13.73 -126.58 27.73
CA VAL N 605 14.31 -125.53 26.89
C VAL N 605 15.75 -125.85 26.53
N ARG N 606 16.43 -126.64 27.37
CA ARG N 606 17.80 -127.02 27.06
C ARG N 606 17.87 -128.21 26.12
N ALA N 607 16.84 -129.05 26.10
CA ALA N 607 16.85 -130.27 25.29
C ALA N 607 16.36 -130.02 23.87
N THR N 608 15.23 -129.31 23.73
CA THR N 608 14.62 -129.09 22.42
C THR N 608 15.40 -128.02 21.66
N ASN N 609 14.87 -127.60 20.52
CA ASN N 609 15.50 -126.58 19.70
C ASN N 609 15.31 -125.17 20.26
N ALA N 610 14.54 -125.01 21.33
CA ALA N 610 14.32 -123.69 21.91
C ALA N 610 15.55 -123.13 22.61
N GLN N 611 16.65 -123.89 22.70
CA GLN N 611 17.85 -123.39 23.34
C GLN N 611 18.51 -122.30 22.50
N PHE N 612 18.54 -122.49 21.18
CA PHE N 612 19.09 -121.49 20.26
C PHE N 612 18.06 -120.36 20.16
N ASP N 613 18.12 -119.45 21.11
CA ASP N 613 17.11 -118.41 21.22
C ASP N 613 17.68 -117.23 22.01
N SER N 614 17.07 -116.07 21.81
CA SER N 614 17.52 -114.85 22.48
C SER N 614 17.43 -115.01 23.99
N PRO N 615 18.50 -114.74 24.74
CA PRO N 615 18.43 -114.91 26.19
C PRO N 615 17.43 -113.99 26.87
N GLU N 616 17.13 -112.84 26.27
CA GLU N 616 16.23 -111.88 26.91
C GLU N 616 14.82 -112.44 27.00
N ILE N 617 14.28 -112.92 25.88
CA ILE N 617 12.91 -113.46 25.88
C ILE N 617 12.78 -114.72 26.71
N LEU N 618 13.88 -115.45 26.89
CA LEU N 618 13.86 -116.62 27.76
C LEU N 618 13.89 -116.26 29.24
N ARG N 619 14.22 -115.01 29.57
CA ARG N 619 14.21 -114.61 30.97
C ARG N 619 12.78 -114.42 31.48
N ARG N 620 11.83 -114.13 30.59
CA ARG N 620 10.46 -113.89 31.01
C ARG N 620 9.58 -115.12 30.95
N LEU N 621 9.99 -116.15 30.21
CA LEU N 621 9.19 -117.37 30.07
C LEU N 621 9.25 -118.16 31.35
N ASP N 622 8.14 -118.20 32.09
CA ASP N 622 8.09 -118.95 33.33
C ASP N 622 6.79 -119.72 33.47
N VAL N 623 6.52 -120.23 34.66
CA VAL N 623 5.31 -120.99 34.95
C VAL N 623 4.45 -120.19 35.91
N ARG N 624 3.17 -120.52 35.95
CA ARG N 624 2.24 -120.01 36.94
C ARG N 624 1.20 -121.08 37.24
N LEU N 625 0.69 -121.07 38.46
CA LEU N 625 -0.26 -122.08 38.91
C LEU N 625 -1.62 -121.43 39.11
N LEU N 626 -2.60 -121.86 38.32
CA LEU N 626 -3.94 -121.32 38.42
C LEU N 626 -4.66 -121.90 39.63
N GLU N 627 -5.48 -121.09 40.28
CA GLU N 627 -6.27 -121.53 41.41
C GLU N 627 -7.73 -121.12 41.26
N ASP N 632 -9.34 -131.26 42.08
CA ASP N 632 -8.58 -130.81 40.91
C ASP N 632 -7.42 -131.76 40.64
N THR N 633 -6.70 -131.51 39.55
CA THR N 633 -5.57 -132.34 39.15
C THR N 633 -4.52 -131.45 38.50
N GLY N 634 -3.30 -131.98 38.40
CA GLY N 634 -2.20 -131.23 37.81
C GLY N 634 -2.45 -130.79 36.38
N TRP N 635 -3.35 -131.47 35.67
CA TRP N 635 -3.71 -131.07 34.31
C TRP N 635 -4.80 -130.02 34.27
N ASP N 636 -5.12 -129.39 35.40
CA ASP N 636 -6.12 -128.34 35.46
C ASP N 636 -5.58 -127.02 35.99
N VAL N 637 -4.37 -127.00 36.53
CA VAL N 637 -3.82 -125.79 37.14
C VAL N 637 -2.48 -125.38 36.55
N PHE N 638 -1.95 -126.11 35.57
CA PHE N 638 -0.68 -125.75 34.96
C PHE N 638 -0.90 -124.86 33.73
N SER N 639 -0.04 -123.86 33.58
CA SER N 639 -0.10 -122.94 32.45
C SER N 639 1.14 -122.05 32.48
N LEU N 640 1.56 -121.60 31.30
CA LEU N 640 2.67 -120.67 31.17
C LEU N 640 2.15 -119.24 31.22
N ASP N 641 3.04 -118.32 31.59
CA ASP N 641 2.63 -116.94 31.81
C ASP N 641 3.31 -115.96 30.85
N TYR N 642 4.64 -115.98 30.77
CA TYR N 642 5.39 -114.99 29.99
C TYR N 642 5.02 -113.57 30.39
N HIS N 643 5.34 -113.24 31.65
CA HIS N 643 5.06 -111.91 32.15
C HIS N 643 5.94 -110.88 31.45
N VAL N 644 5.36 -109.71 31.18
CA VAL N 644 6.06 -108.63 30.49
C VAL N 644 5.77 -107.32 31.20
N ASP N 645 6.83 -106.59 31.54
CA ASP N 645 6.74 -105.30 32.21
C ASP N 645 7.70 -104.32 31.55
N GLY N 646 7.33 -103.04 31.60
CA GLY N 646 8.17 -102.00 31.06
C GLY N 646 7.50 -101.25 29.92
N PRO N 647 8.30 -100.75 28.97
CA PRO N 647 7.70 -100.07 27.81
C PRO N 647 6.91 -101.00 26.92
N ILE N 648 7.31 -102.27 26.84
CA ILE N 648 6.58 -103.21 26.01
C ILE N 648 5.22 -103.52 26.61
N ALA N 649 4.99 -103.16 27.86
CA ALA N 649 3.72 -103.44 28.52
C ALA N 649 2.59 -102.55 28.04
N THR N 650 2.86 -101.53 27.24
CA THR N 650 1.78 -100.70 26.72
C THR N 650 1.13 -101.30 25.49
N VAL N 651 1.66 -102.41 24.97
CA VAL N 651 1.03 -103.10 23.86
C VAL N 651 0.12 -104.23 24.34
N PHE N 652 0.42 -104.82 25.49
CA PHE N 652 -0.33 -105.95 26.02
C PHE N 652 -1.31 -105.56 27.11
N THR N 653 -0.93 -104.63 27.98
CA THR N 653 -1.87 -103.87 28.81
C THR N 653 -2.75 -104.78 29.68
N ARG N 654 -2.19 -105.88 30.16
CA ARG N 654 -2.84 -106.68 31.20
C ARG N 654 -4.11 -107.35 30.69
N GLU N 655 -4.52 -107.02 29.47
CA GLU N 655 -5.68 -107.67 28.85
C GLU N 655 -5.28 -108.71 27.82
N CYS N 656 -4.22 -108.45 27.06
CA CYS N 656 -3.70 -109.47 26.17
C CYS N 656 -3.11 -110.64 26.96
N MET N 657 -2.63 -110.37 28.18
CA MET N 657 -2.20 -111.45 29.06
C MET N 657 -3.35 -112.11 29.78
N SER N 658 -4.54 -111.50 29.78
CA SER N 658 -5.74 -112.16 30.28
C SER N 658 -6.54 -112.82 29.18
N HIS N 659 -6.16 -112.63 27.91
CA HIS N 659 -6.77 -113.34 26.81
C HIS N 659 -5.93 -114.54 26.36
N TYR N 660 -4.61 -114.40 26.39
CA TYR N 660 -3.75 -115.51 26.00
C TYR N 660 -3.96 -116.71 26.90
N LEU N 661 -3.99 -116.50 28.21
CA LEU N 661 -4.29 -117.61 29.12
C LEU N 661 -5.71 -118.13 28.91
N ARG N 662 -6.62 -117.28 28.48
CA ARG N 662 -7.95 -117.74 28.11
C ARG N 662 -7.89 -118.60 26.84
N VAL N 663 -6.88 -118.38 26.00
CA VAL N 663 -6.69 -119.21 24.82
C VAL N 663 -5.84 -120.43 25.15
N PHE N 664 -4.79 -120.25 25.95
CA PHE N 664 -3.84 -121.32 26.20
C PHE N 664 -4.52 -122.55 26.82
N ASN N 665 -5.61 -122.35 27.56
CA ASN N 665 -6.32 -123.50 28.11
C ASN N 665 -6.92 -124.36 27.01
N PHE N 666 -7.47 -123.73 25.97
CA PHE N 666 -8.06 -124.50 24.89
C PHE N 666 -7.01 -125.20 24.04
N LEU N 667 -5.83 -124.61 23.88
CA LEU N 667 -4.78 -125.27 23.13
C LEU N 667 -4.05 -126.31 23.96
N TRP N 668 -4.12 -126.24 25.28
CA TRP N 668 -3.52 -127.27 26.12
C TRP N 668 -4.41 -128.50 26.18
N ARG N 669 -5.73 -128.32 26.31
CA ARG N 669 -6.64 -129.45 26.32
C ARG N 669 -6.61 -130.19 24.99
N ALA N 670 -6.75 -129.46 23.89
CA ALA N 670 -6.70 -130.09 22.57
C ALA N 670 -5.32 -130.62 22.23
N LYS N 671 -4.34 -130.49 23.13
CA LYS N 671 -3.03 -131.10 22.93
C LYS N 671 -2.83 -132.35 23.77
N ARG N 672 -3.43 -132.43 24.95
CA ARG N 672 -3.38 -133.66 25.73
C ARG N 672 -4.42 -134.66 25.24
N MET N 673 -5.53 -134.19 24.69
CA MET N 673 -6.51 -135.10 24.09
C MET N 673 -5.98 -135.73 22.81
N GLU N 674 -4.85 -135.27 22.30
CA GLU N 674 -4.22 -135.89 21.14
C GLU N 674 -3.08 -136.82 21.53
N TYR N 675 -2.25 -136.43 22.50
CA TYR N 675 -1.18 -137.31 22.94
C TYR N 675 -1.69 -138.50 23.72
N ILE N 676 -2.95 -138.44 24.19
CA ILE N 676 -3.59 -139.64 24.70
C ILE N 676 -3.93 -140.58 23.55
N LEU N 677 -4.50 -140.04 22.47
CA LEU N 677 -4.94 -140.85 21.35
C LEU N 677 -3.81 -141.36 20.48
N THR N 678 -2.60 -140.83 20.63
CA THR N 678 -1.44 -141.46 20.02
C THR N 678 -0.72 -142.41 20.96
N ASP N 679 -1.09 -142.40 22.24
CA ASP N 679 -0.62 -143.41 23.17
C ASP N 679 -1.44 -144.69 23.03
N ILE N 680 -2.76 -144.55 22.98
CA ILE N 680 -3.62 -145.70 22.70
C ILE N 680 -3.24 -146.34 21.37
N ARG N 681 -3.16 -145.53 20.32
CA ARG N 681 -2.78 -146.05 19.02
C ARG N 681 -1.38 -146.63 19.01
N LYS N 682 -0.55 -146.27 20.00
CA LYS N 682 0.74 -146.95 20.16
C LYS N 682 0.60 -148.26 20.91
N GLY N 683 -0.32 -148.31 21.88
CA GLY N 683 -0.53 -149.56 22.60
C GLY N 683 -1.01 -150.68 21.69
N HIS N 684 -1.91 -150.36 20.76
CA HIS N 684 -2.45 -151.38 19.88
C HIS N 684 -1.42 -151.95 18.93
N MET N 685 -0.36 -151.20 18.61
CA MET N 685 0.67 -151.74 17.75
C MET N 685 1.58 -152.71 18.50
N CYS N 686 1.67 -152.57 19.81
CA CYS N 686 2.37 -153.55 20.63
C CYS N 686 1.42 -154.53 21.30
N ASN N 687 0.12 -154.24 21.30
CA ASN N 687 -0.85 -155.19 21.84
C ASN N 687 -0.95 -156.42 20.97
N ALA N 688 -1.34 -156.26 19.71
CA ALA N 688 -1.54 -157.39 18.81
C ALA N 688 -0.27 -158.18 18.56
N LYS N 689 0.90 -157.66 18.92
CA LYS N 689 2.13 -158.41 18.78
C LYS N 689 2.33 -159.44 19.89
N LEU N 690 1.43 -159.51 20.86
CA LEU N 690 1.53 -160.47 21.96
C LEU N 690 0.39 -161.48 21.93
N LEU N 691 -0.86 -161.02 21.94
CA LEU N 691 -2.02 -161.88 22.04
C LEU N 691 -2.65 -162.19 20.70
N ARG N 692 -1.84 -162.30 19.65
CA ARG N 692 -2.33 -162.70 18.34
C ARG N 692 -2.59 -164.19 18.23
N ASN N 693 -2.50 -164.93 19.33
CA ASN N 693 -2.72 -166.37 19.33
C ASN N 693 -4.05 -166.78 19.94
N MET N 694 -4.89 -165.83 20.33
CA MET N 694 -6.18 -166.11 20.95
C MET N 694 -7.29 -165.70 19.99
N PRO N 695 -7.73 -166.58 19.09
CA PRO N 695 -8.72 -166.19 18.09
C PRO N 695 -10.10 -165.90 18.67
N GLU N 696 -10.33 -166.18 19.94
CA GLU N 696 -11.61 -165.89 20.57
C GLU N 696 -11.68 -164.48 21.14
N PHE N 697 -10.55 -163.76 21.18
CA PHE N 697 -10.52 -162.42 21.75
C PHE N 697 -10.51 -161.33 20.69
N SER N 698 -10.12 -161.64 19.46
CA SER N 698 -10.06 -160.63 18.40
C SER N 698 -11.46 -160.16 17.98
N GLY N 699 -12.50 -160.92 18.30
CA GLY N 699 -13.84 -160.47 17.98
C GLY N 699 -14.25 -159.23 18.74
N VAL N 700 -13.87 -159.15 20.02
CA VAL N 700 -14.14 -157.97 20.82
C VAL N 700 -13.00 -156.97 20.80
N LEU N 701 -11.77 -157.43 20.54
CA LEU N 701 -10.65 -156.50 20.39
C LEU N 701 -10.83 -155.61 19.17
N HIS N 702 -11.57 -156.10 18.17
CA HIS N 702 -11.75 -155.32 16.94
C HIS N 702 -12.55 -154.05 17.20
N GLN N 703 -13.63 -154.15 17.97
CA GLN N 703 -14.40 -152.96 18.31
C GLN N 703 -13.57 -151.93 19.06
N CYS N 704 -12.47 -152.36 19.68
CA CYS N 704 -11.55 -151.43 20.33
C CYS N 704 -10.72 -150.66 19.32
N HIS N 705 -10.49 -151.22 18.13
CA HIS N 705 -9.71 -150.52 17.12
C HIS N 705 -10.55 -149.53 16.34
N ILE N 706 -11.73 -149.97 15.88
CA ILE N 706 -12.59 -149.10 15.08
C ILE N 706 -12.99 -147.85 15.86
N LEU N 707 -13.35 -148.02 17.13
CA LEU N 707 -13.70 -146.87 17.95
C LEU N 707 -12.51 -145.93 18.11
N ALA N 708 -11.30 -146.46 18.08
CA ALA N 708 -10.12 -145.59 18.15
C ALA N 708 -9.95 -144.80 16.85
N SER N 709 -9.89 -145.50 15.72
CA SER N 709 -9.70 -144.84 14.44
C SER N 709 -10.86 -143.93 14.06
N GLU N 710 -12.03 -144.13 14.66
CA GLU N 710 -13.12 -143.18 14.50
C GLU N 710 -13.00 -142.00 15.45
N MET N 711 -12.29 -142.16 16.56
CA MET N 711 -12.12 -141.08 17.52
C MET N 711 -10.91 -140.23 17.21
N VAL N 712 -9.82 -140.83 16.70
CA VAL N 712 -8.64 -140.06 16.38
C VAL N 712 -8.86 -139.16 15.19
N HIS N 713 -9.81 -139.50 14.31
CA HIS N 713 -10.12 -138.63 13.19
C HIS N 713 -10.70 -137.30 13.67
N PHE N 714 -11.68 -137.35 14.56
CA PHE N 714 -12.31 -136.13 15.05
C PHE N 714 -11.31 -135.21 15.72
N ILE N 715 -10.29 -135.77 16.37
CA ILE N 715 -9.28 -134.96 17.02
C ILE N 715 -8.18 -134.54 16.07
N HIS N 716 -7.65 -135.49 15.29
CA HIS N 716 -6.59 -135.15 14.36
C HIS N 716 -7.05 -134.24 13.24
N GLN N 717 -8.36 -134.08 13.05
CA GLN N 717 -8.88 -133.10 12.11
C GLN N 717 -9.07 -131.74 12.74
N MET N 718 -9.56 -131.70 13.97
CA MET N 718 -9.70 -130.41 14.66
C MET N 718 -8.36 -129.75 14.87
N GLN N 719 -7.29 -130.54 14.96
CA GLN N 719 -5.96 -129.95 15.06
C GLN N 719 -5.61 -129.14 13.82
N TYR N 720 -6.06 -129.59 12.65
CA TYR N 720 -5.74 -128.87 11.43
C TYR N 720 -6.52 -127.56 11.35
N TYR N 721 -7.80 -127.59 11.74
CA TYR N 721 -8.57 -126.34 11.77
C TYR N 721 -7.96 -125.35 12.75
N ILE N 722 -7.29 -125.84 13.78
CA ILE N 722 -6.60 -124.94 14.70
C ILE N 722 -5.37 -124.36 14.05
N THR N 723 -4.66 -125.15 13.25
CA THR N 723 -3.41 -124.68 12.66
C THR N 723 -3.65 -123.75 11.48
N PHE N 724 -4.46 -124.18 10.51
CA PHE N 724 -4.57 -123.48 9.24
C PHE N 724 -5.63 -122.38 9.24
N GLU N 725 -6.77 -122.62 9.88
CA GLU N 725 -7.88 -121.68 9.79
C GLU N 725 -8.02 -120.78 11.00
N VAL N 726 -7.17 -120.94 12.02
CA VAL N 726 -7.19 -120.10 13.21
C VAL N 726 -5.84 -119.43 13.47
N LEU N 727 -4.76 -120.21 13.44
CA LEU N 727 -3.44 -119.65 13.71
C LEU N 727 -2.80 -119.09 12.44
N GLU N 728 -2.58 -119.94 11.43
CA GLU N 728 -1.84 -119.51 10.26
C GLU N 728 -2.59 -118.48 9.43
N CYS N 729 -3.91 -118.40 9.57
CA CYS N 729 -4.71 -117.44 8.81
C CYS N 729 -4.91 -116.13 9.54
N SER N 730 -5.22 -116.17 10.83
CA SER N 730 -5.42 -114.94 11.59
C SER N 730 -4.12 -114.27 11.98
N TRP N 731 -3.01 -115.00 12.00
CA TRP N 731 -1.72 -114.37 12.22
C TRP N 731 -1.21 -113.68 10.97
N ASP N 732 -1.61 -114.16 9.79
CA ASP N 732 -1.15 -113.55 8.55
C ASP N 732 -1.74 -112.15 8.38
N GLU N 733 -2.98 -111.95 8.82
CA GLU N 733 -3.57 -110.61 8.79
C GLU N 733 -3.00 -109.69 9.85
N LEU N 734 -2.12 -110.20 10.72
CA LEU N 734 -1.44 -109.36 11.70
C LEU N 734 -0.06 -108.95 11.23
N TRP N 735 0.73 -109.89 10.75
CA TRP N 735 2.04 -109.54 10.21
C TRP N 735 1.95 -108.73 8.93
N ASN N 736 0.78 -108.67 8.32
CA ASN N 736 0.58 -107.82 7.16
C ASN N 736 0.20 -106.40 7.52
N LYS N 737 -0.50 -106.22 8.65
CA LYS N 737 -0.86 -104.89 9.14
C LYS N 737 0.11 -104.40 10.20
N VAL N 738 1.35 -104.87 10.18
CA VAL N 738 2.41 -104.42 11.07
C VAL N 738 3.62 -103.93 10.28
N GLN N 739 4.04 -104.70 9.27
CA GLN N 739 5.12 -104.26 8.40
C GLN N 739 4.74 -103.05 7.56
N GLN N 740 3.48 -102.65 7.57
CA GLN N 740 3.03 -101.44 6.87
C GLN N 740 2.43 -100.40 7.79
N ALA N 741 2.12 -100.74 9.04
CA ALA N 741 1.57 -99.77 9.97
C ALA N 741 2.69 -98.90 10.53
N GLN N 742 2.31 -97.99 11.42
CA GLN N 742 3.26 -97.08 12.05
C GLN N 742 2.57 -96.42 13.25
N ASP N 743 3.24 -95.41 13.82
CA ASP N 743 2.77 -94.56 14.91
C ASP N 743 2.27 -95.36 16.13
N LEU N 744 2.57 -96.65 16.19
CA LEU N 744 2.33 -97.48 17.38
C LEU N 744 0.86 -97.51 17.78
N ASP N 745 0.00 -96.83 17.03
CA ASP N 745 -1.42 -96.88 17.28
C ASP N 745 -2.18 -97.63 16.19
N HIS N 746 -1.52 -97.94 15.08
CA HIS N 746 -1.99 -98.95 14.15
C HIS N 746 -1.43 -100.32 14.48
N ILE N 747 -0.47 -100.40 15.40
CA ILE N 747 0.03 -101.69 15.87
C ILE N 747 -0.86 -102.23 16.98
N ILE N 748 -1.21 -101.38 17.95
CA ILE N 748 -2.11 -101.82 19.02
C ILE N 748 -3.45 -102.26 18.45
N ALA N 749 -4.00 -101.48 17.51
CA ALA N 749 -5.30 -101.81 16.94
C ALA N 749 -5.21 -103.03 16.03
N ALA N 750 -4.02 -103.33 15.51
CA ALA N 750 -3.86 -104.55 14.71
C ALA N 750 -3.61 -105.77 15.58
N HIS N 751 -3.02 -105.58 16.76
CA HIS N 751 -2.83 -106.67 17.69
C HIS N 751 -4.02 -106.89 18.60
N GLU N 752 -4.86 -105.88 18.80
CA GLU N 752 -6.05 -106.06 19.62
C GLU N 752 -7.13 -106.84 18.88
N VAL N 753 -7.30 -106.58 17.58
CA VAL N 753 -8.25 -107.35 16.80
C VAL N 753 -7.73 -108.76 16.52
N PHE N 754 -6.41 -108.95 16.57
CA PHE N 754 -5.84 -110.29 16.42
C PHE N 754 -6.22 -111.20 17.58
N LEU N 755 -6.61 -110.62 18.72
CA LEU N 755 -7.13 -111.41 19.83
C LEU N 755 -8.64 -111.45 19.89
N ASP N 756 -9.33 -110.72 19.01
CA ASP N 756 -10.78 -110.81 18.95
C ASP N 756 -11.26 -111.79 17.91
N THR N 757 -10.41 -112.19 16.97
CA THR N 757 -10.77 -113.23 16.02
C THR N 757 -10.45 -114.61 16.54
N ILE N 758 -9.29 -114.79 17.18
CA ILE N 758 -8.94 -116.10 17.73
C ILE N 758 -9.94 -116.52 18.80
N ILE N 759 -10.36 -115.57 19.65
CA ILE N 759 -11.41 -115.87 20.61
C ILE N 759 -12.72 -116.19 19.89
N SER N 760 -12.94 -115.61 18.72
CA SER N 760 -14.15 -115.87 17.95
C SER N 760 -14.03 -117.10 17.08
N ARG N 761 -12.86 -117.31 16.44
CA ARG N 761 -12.69 -118.47 15.58
C ARG N 761 -12.62 -119.75 16.40
N CYS N 762 -11.89 -119.72 17.52
CA CYS N 762 -12.08 -120.75 18.53
C CYS N 762 -13.43 -120.53 19.21
N LEU N 763 -13.90 -121.56 19.90
CA LEU N 763 -15.24 -121.51 20.46
C LEU N 763 -15.30 -120.87 21.84
N LEU N 764 -14.35 -120.00 22.17
CA LEU N 764 -14.29 -119.36 23.47
C LEU N 764 -15.06 -118.05 23.51
N ASP N 765 -16.06 -117.88 22.64
CA ASP N 765 -16.84 -116.65 22.64
C ASP N 765 -17.79 -116.62 23.82
N SER N 766 -18.63 -115.59 23.85
CA SER N 766 -19.63 -115.45 24.90
C SER N 766 -20.97 -116.04 24.50
N ASP N 767 -21.37 -115.86 23.24
CA ASP N 767 -22.64 -116.39 22.76
C ASP N 767 -22.52 -117.78 22.15
N SER N 768 -21.31 -118.30 22.00
CA SER N 768 -21.09 -119.67 21.54
C SER N 768 -20.90 -120.63 22.70
N ARG N 769 -21.51 -120.34 23.84
CA ARG N 769 -21.33 -121.18 25.02
C ARG N 769 -21.89 -122.57 24.82
N ALA N 770 -23.06 -122.68 24.19
CA ALA N 770 -23.66 -123.99 23.95
C ALA N 770 -22.79 -124.88 23.09
N LEU N 771 -21.87 -124.31 22.31
CA LEU N 771 -21.02 -125.10 21.45
C LEU N 771 -19.83 -125.70 22.19
N LEU N 772 -19.20 -124.94 23.08
CA LEU N 772 -18.01 -125.43 23.76
C LEU N 772 -18.36 -126.51 24.78
N ASN N 773 -19.40 -126.28 25.57
CA ASN N 773 -19.83 -127.31 26.52
C ASN N 773 -20.26 -128.57 25.80
N GLN N 774 -20.71 -128.45 24.55
CA GLN N 774 -20.98 -129.64 23.75
C GLN N 774 -19.70 -130.34 23.33
N LEU N 775 -18.63 -129.57 23.07
CA LEU N 775 -17.36 -130.19 22.69
C LEU N 775 -16.71 -130.89 23.87
N ARG N 776 -16.90 -130.37 25.09
CA ARG N 776 -16.26 -130.98 26.26
C ARG N 776 -16.71 -132.42 26.44
N ALA N 777 -17.98 -132.70 26.17
CA ALA N 777 -18.47 -134.07 26.30
C ALA N 777 -17.69 -135.02 25.39
N VAL N 778 -17.35 -134.56 24.18
CA VAL N 778 -16.54 -135.37 23.29
C VAL N 778 -15.13 -135.50 23.83
N PHE N 779 -14.60 -134.45 24.45
CA PHE N 779 -13.31 -134.56 25.10
C PHE N 779 -13.34 -135.55 26.26
N ASP N 780 -14.50 -135.71 26.91
CA ASP N 780 -14.59 -136.65 28.02
C ASP N 780 -14.65 -138.09 27.54
N GLN N 781 -15.36 -138.34 26.44
CA GLN N 781 -15.49 -139.70 25.93
C GLN N 781 -14.15 -140.28 25.52
N ILE N 782 -13.15 -139.45 25.22
CA ILE N 782 -11.83 -139.97 24.91
C ILE N 782 -11.17 -140.53 26.16
N ILE N 783 -11.43 -139.91 27.31
CA ILE N 783 -10.84 -140.41 28.55
C ILE N 783 -11.51 -141.71 28.97
N GLU N 784 -12.84 -141.78 28.88
CA GLU N 784 -13.54 -142.99 29.30
C GLU N 784 -13.15 -144.20 28.46
N LEU N 785 -12.82 -143.99 27.19
CA LEU N 785 -12.27 -145.08 26.39
C LEU N 785 -10.92 -145.52 26.95
N GLN N 786 -10.05 -144.56 27.27
CA GLN N 786 -8.73 -144.90 27.78
C GLN N 786 -8.79 -145.56 29.15
N ASN N 787 -9.91 -145.45 29.86
CA ASN N 787 -10.11 -146.18 31.11
C ASN N 787 -10.75 -147.53 30.88
N ALA N 788 -11.69 -147.63 29.94
CA ALA N 788 -12.31 -148.90 29.61
C ALA N 788 -11.48 -149.74 28.65
N GLN N 789 -10.30 -149.26 28.26
CA GLN N 789 -9.46 -150.03 27.35
C GLN N 789 -8.45 -150.88 28.12
N ASP N 790 -7.63 -150.24 28.96
CA ASP N 790 -6.64 -150.96 29.74
C ASP N 790 -7.28 -151.99 30.67
N ALA N 791 -8.51 -151.75 31.11
CA ALA N 791 -9.23 -152.77 31.87
C ALA N 791 -9.46 -154.01 31.03
N ILE N 792 -9.88 -153.83 29.78
CA ILE N 792 -10.04 -154.96 28.88
C ILE N 792 -8.68 -155.43 28.37
N TYR N 793 -7.70 -154.55 28.32
CA TYR N 793 -6.37 -154.93 27.87
C TYR N 793 -5.66 -155.78 28.92
N ARG N 794 -5.60 -155.29 30.15
CA ARG N 794 -4.88 -156.01 31.19
C ARG N 794 -5.55 -157.32 31.55
N ALA N 795 -6.88 -157.37 31.53
CA ALA N 795 -7.59 -158.60 31.84
C ALA N 795 -7.25 -159.73 30.87
N ALA N 796 -6.80 -159.39 29.67
CA ALA N 796 -6.37 -160.40 28.70
C ALA N 796 -4.90 -160.77 28.88
N LEU N 797 -4.08 -159.90 29.46
CA LEU N 797 -2.69 -160.24 29.71
C LEU N 797 -2.52 -161.13 30.93
N GLU N 798 -3.37 -160.96 31.93
CA GLU N 798 -3.33 -161.86 33.09
C GLU N 798 -3.67 -163.28 32.69
N GLU N 799 -4.80 -163.45 31.98
CA GLU N 799 -5.20 -164.77 31.52
C GLU N 799 -4.17 -165.35 30.56
N LEU N 800 -3.45 -164.51 29.82
CA LEU N 800 -2.39 -165.01 28.96
C LEU N 800 -1.17 -165.43 29.77
N GLN N 801 -0.82 -164.64 30.79
CA GLN N 801 0.35 -164.96 31.60
C GLN N 801 0.14 -166.25 32.39
N ARG N 802 -1.06 -166.43 32.95
CA ARG N 802 -1.37 -167.68 33.65
C ARG N 802 -1.32 -168.86 32.69
N ARG N 803 -1.84 -168.69 31.48
CA ARG N 803 -1.78 -169.73 30.47
C ARG N 803 -0.37 -170.05 30.05
N LEU N 804 0.56 -169.11 30.22
CA LEU N 804 1.96 -169.39 29.92
C LEU N 804 2.59 -170.27 31.00
N GLN N 805 2.38 -169.93 32.26
CA GLN N 805 2.97 -170.69 33.36
C GLN N 805 2.23 -171.99 33.63
N PHE N 806 0.95 -172.08 33.27
CA PHE N 806 0.17 -173.30 33.50
C PHE N 806 0.62 -174.45 32.62
N GLU N 807 1.50 -174.19 31.64
CA GLU N 807 1.97 -175.24 30.73
C GLU N 807 3.49 -175.32 30.60
N GLU N 808 4.23 -174.29 30.99
CA GLU N 808 5.68 -174.33 30.86
C GLU N 808 6.34 -175.13 31.97
N LYS N 809 5.76 -175.12 33.17
CA LYS N 809 6.34 -175.87 34.27
C LYS N 809 5.99 -177.35 34.21
N LYS N 810 4.83 -177.69 33.66
CA LYS N 810 4.39 -179.08 33.57
C LYS N 810 4.81 -179.75 32.26
N LYS N 811 5.17 -178.97 31.24
CA LYS N 811 5.59 -179.53 29.97
C LYS N 811 6.86 -178.87 29.47
N GLU N 825 -6.16 -181.33 37.93
CA GLU N 825 -5.32 -180.25 37.40
C GLU N 825 -5.84 -179.77 36.05
N GLU N 826 -5.99 -180.71 35.11
CA GLU N 826 -6.46 -180.35 33.78
C GLU N 826 -7.95 -180.01 33.76
N GLU N 827 -8.71 -180.49 34.75
CA GLU N 827 -10.14 -180.22 34.80
C GLU N 827 -10.50 -178.98 35.61
N GLU N 828 -9.68 -178.62 36.61
CA GLU N 828 -9.96 -177.45 37.43
C GLU N 828 -9.65 -176.14 36.72
N GLU N 829 -8.93 -176.17 35.60
CA GLU N 829 -8.64 -174.96 34.84
C GLU N 829 -9.59 -174.75 33.67
N ASN N 830 -10.13 -175.83 33.10
CA ASN N 830 -11.08 -175.66 32.00
C ASN N 830 -12.31 -174.89 32.44
N LYS N 831 -12.68 -174.97 33.73
CA LYS N 831 -13.73 -174.11 34.24
C LYS N 831 -13.26 -172.67 34.38
N ARG N 832 -11.98 -172.47 34.66
CA ARG N 832 -11.43 -171.11 34.68
C ARG N 832 -11.27 -170.57 33.27
N ILE N 833 -10.80 -171.41 32.34
CA ILE N 833 -10.75 -171.00 30.94
C ILE N 833 -12.16 -170.90 30.37
N GLY N 834 -13.06 -171.78 30.81
CA GLY N 834 -14.42 -171.74 30.31
C GLY N 834 -15.17 -170.50 30.76
N GLU N 835 -14.99 -170.10 32.03
CA GLU N 835 -15.64 -168.89 32.50
C GLU N 835 -15.02 -167.64 31.89
N PHE N 836 -13.74 -167.70 31.54
CA PHE N 836 -13.08 -166.54 30.93
C PHE N 836 -13.68 -166.22 29.57
N LYS N 837 -14.06 -167.26 28.81
CA LYS N 837 -14.76 -167.03 27.56
C LYS N 837 -16.15 -166.46 27.80
N GLU N 838 -16.76 -166.77 28.94
CA GLU N 838 -18.11 -166.28 29.22
C GLU N 838 -18.12 -164.82 29.66
N SER N 839 -17.01 -164.29 30.16
CA SER N 839 -16.92 -162.89 30.50
C SER N 839 -16.68 -162.00 29.30
N ILE N 840 -16.33 -162.58 28.15
CA ILE N 840 -16.08 -161.76 26.96
C ILE N 840 -17.33 -161.05 26.48
N PRO N 841 -18.49 -161.70 26.30
CA PRO N 841 -19.68 -160.95 25.86
C PRO N 841 -20.11 -159.87 26.82
N LYS N 842 -19.67 -159.91 28.08
CA LYS N 842 -19.94 -158.81 28.99
C LYS N 842 -19.16 -157.56 28.58
N MET N 843 -17.88 -157.73 28.27
CA MET N 843 -17.08 -156.59 27.83
C MET N 843 -17.53 -156.08 26.47
N CYS N 844 -18.02 -156.96 25.60
CA CYS N 844 -18.51 -156.52 24.30
C CYS N 844 -19.70 -155.59 24.43
N SER N 845 -20.54 -155.81 25.44
CA SER N 845 -21.67 -154.91 25.67
C SER N 845 -21.23 -153.54 26.19
N GLN N 846 -19.98 -153.41 26.65
CA GLN N 846 -19.47 -152.10 27.00
C GLN N 846 -19.09 -151.30 25.76
N LEU N 847 -18.20 -151.86 24.94
CA LEU N 847 -17.78 -151.17 23.73
C LEU N 847 -18.91 -151.04 22.71
N ARG N 848 -19.97 -151.82 22.85
CA ARG N 848 -21.13 -151.64 21.98
C ARG N 848 -22.02 -150.50 22.45
N ILE N 849 -22.05 -150.22 23.75
CA ILE N 849 -22.82 -149.10 24.26
C ILE N 849 -21.99 -147.83 24.40
N LEU N 850 -20.67 -147.95 24.52
CA LEU N 850 -19.83 -146.76 24.53
C LEU N 850 -19.75 -146.13 23.15
N THR N 851 -19.64 -146.95 22.11
CA THR N 851 -19.59 -146.43 20.75
C THR N 851 -20.93 -145.81 20.37
N HIS N 852 -22.03 -146.50 20.63
CA HIS N 852 -23.35 -146.00 20.25
C HIS N 852 -23.70 -144.70 20.96
N PHE N 853 -23.00 -144.36 22.04
CA PHE N 853 -23.19 -143.07 22.67
C PHE N 853 -22.18 -142.03 22.21
N TYR N 854 -21.00 -142.47 21.76
CA TYR N 854 -20.04 -141.54 21.19
C TYR N 854 -20.56 -140.95 19.89
N GLN N 855 -21.16 -141.78 19.03
CA GLN N 855 -21.74 -141.27 17.79
C GLN N 855 -22.96 -140.40 18.04
N GLY N 856 -23.66 -140.60 19.15
CA GLY N 856 -24.79 -139.76 19.47
C GLY N 856 -24.43 -138.39 19.97
N ILE N 857 -23.17 -138.18 20.36
CA ILE N 857 -22.72 -136.86 20.81
C ILE N 857 -21.96 -136.12 19.74
N VAL N 858 -21.49 -136.79 18.70
CA VAL N 858 -20.85 -136.13 17.57
C VAL N 858 -21.88 -135.70 16.53
N GLN N 859 -22.80 -136.60 16.17
CA GLN N 859 -23.88 -136.24 15.28
C GLN N 859 -24.76 -135.15 15.85
N GLN N 860 -24.75 -134.97 17.17
CA GLN N 860 -25.36 -133.80 17.79
C GLN N 860 -24.44 -132.59 17.74
N PHE N 861 -23.13 -132.83 17.78
CA PHE N 861 -22.18 -131.72 17.74
C PHE N 861 -22.27 -130.97 16.41
N LEU N 862 -22.38 -131.72 15.30
CA LEU N 862 -22.41 -131.08 13.98
C LEU N 862 -23.64 -130.20 13.82
N VAL N 863 -24.78 -130.63 14.35
CA VAL N 863 -26.01 -129.86 14.21
C VAL N 863 -25.86 -128.50 14.86
N LEU N 864 -25.04 -128.39 15.90
CA LEU N 864 -24.87 -127.11 16.58
C LEU N 864 -24.00 -126.14 15.79
N LEU N 865 -23.18 -126.64 14.85
CA LEU N 865 -22.36 -125.73 14.06
C LEU N 865 -23.18 -124.90 13.09
N THR N 866 -24.30 -125.44 12.60
CA THR N 866 -25.18 -124.67 11.71
C THR N 866 -25.94 -123.68 12.57
N THR N 867 -25.25 -122.60 12.94
CA THR N 867 -25.82 -121.58 13.81
C THR N 867 -27.01 -120.88 13.15
N ASP N 870 -18.86 -116.76 13.02
CA ASP N 870 -20.13 -117.39 12.70
C ASP N 870 -20.12 -117.90 11.27
N GLU N 871 -19.07 -117.55 10.53
CA GLU N 871 -18.89 -118.02 9.16
C GLU N 871 -17.69 -118.94 9.01
N SER N 872 -16.57 -118.60 9.64
CA SER N 872 -15.38 -119.44 9.56
C SER N 872 -15.59 -120.81 10.20
N LEU N 873 -16.64 -120.97 11.00
CA LEU N 873 -16.96 -122.28 11.57
C LEU N 873 -17.41 -123.25 10.49
N ARG N 874 -17.96 -122.75 9.38
CA ARG N 874 -18.39 -123.63 8.29
C ARG N 874 -17.23 -124.43 7.73
N PHE N 875 -16.03 -123.86 7.73
CA PHE N 875 -14.87 -124.60 7.28
C PHE N 875 -14.52 -125.75 8.20
N LEU N 876 -15.10 -125.78 9.41
CA LEU N 876 -14.89 -126.92 10.30
C LEU N 876 -15.84 -128.07 9.98
N SER N 877 -17.08 -127.74 9.62
CA SER N 877 -18.05 -128.78 9.30
C SER N 877 -17.60 -129.64 8.13
N PHE N 878 -16.83 -129.05 7.20
CA PHE N 878 -16.31 -129.84 6.08
C PHE N 878 -15.15 -130.72 6.50
N ARG N 879 -14.33 -130.25 7.44
CA ARG N 879 -13.20 -131.06 7.88
C ARG N 879 -13.66 -132.35 8.53
N LEU N 880 -14.71 -132.28 9.34
CA LEU N 880 -15.20 -133.45 10.04
C LEU N 880 -16.01 -134.36 9.12
N ASP N 881 -16.83 -133.76 8.26
CA ASP N 881 -17.78 -134.49 7.44
C ASP N 881 -17.20 -134.84 6.07
N PHE N 882 -15.87 -134.92 5.94
CA PHE N 882 -15.28 -135.35 4.69
C PHE N 882 -15.75 -136.77 4.37
N ASN N 883 -15.99 -137.04 3.10
CA ASN N 883 -16.51 -138.30 2.57
C ASN N 883 -17.89 -138.65 3.14
N GLU N 884 -18.48 -137.75 3.92
CA GLU N 884 -19.82 -137.92 4.48
C GLU N 884 -19.94 -139.23 5.26
N HIS N 885 -18.96 -139.47 6.13
CA HIS N 885 -19.03 -140.64 7.01
C HIS N 885 -20.23 -140.53 7.94
N TYR N 886 -20.61 -139.32 8.31
CA TYR N 886 -21.87 -139.02 8.98
C TYR N 886 -22.84 -138.44 7.98
N LYS N 887 -23.98 -137.94 8.47
CA LYS N 887 -25.05 -137.39 7.63
C LYS N 887 -25.57 -138.42 6.64
N ALA N 888 -25.49 -139.70 7.01
CA ALA N 888 -25.99 -140.81 6.20
C ALA N 888 -25.43 -140.78 4.78
N ASP O 3 -49.48 18.12 50.38
CA ASP O 3 -48.86 17.19 49.38
C ASP O 3 -49.75 15.98 49.16
N GLU O 4 -49.88 15.58 47.90
CA GLU O 4 -50.70 14.43 47.54
C GLU O 4 -49.92 13.13 47.65
N GLU O 5 -48.64 13.18 47.27
CA GLU O 5 -47.77 12.01 47.30
C GLU O 5 -47.17 11.72 48.66
N VAL O 6 -47.12 10.43 48.98
CA VAL O 6 -46.51 10.00 50.23
C VAL O 6 -45.01 10.16 49.98
N ALA O 7 -44.22 10.07 51.05
CA ALA O 7 -42.78 10.20 50.90
C ALA O 7 -42.22 8.99 50.16
N ALA O 8 -41.23 9.22 49.30
CA ALA O 8 -40.59 8.14 48.58
C ALA O 8 -39.38 7.77 49.42
N LEU O 9 -38.98 6.49 49.38
CA LEU O 9 -37.83 6.03 50.14
C LEU O 9 -36.59 5.92 49.25
N VAL O 10 -35.44 6.15 49.85
CA VAL O 10 -34.18 6.05 49.13
C VAL O 10 -33.34 5.06 49.95
N VAL O 11 -32.96 3.95 49.33
CA VAL O 11 -32.18 2.93 50.02
C VAL O 11 -30.89 2.64 49.28
N ASP O 12 -29.76 2.99 49.88
CA ASP O 12 -28.44 2.75 49.30
C ASP O 12 -27.89 1.47 49.90
N ASN O 13 -27.78 0.44 49.06
CA ASN O 13 -27.28 -0.87 49.47
C ASN O 13 -25.77 -0.89 49.38
N GLY O 14 -25.10 -0.81 50.53
CA GLY O 14 -23.65 -0.80 50.56
C GLY O 14 -23.01 -2.12 50.97
N SER O 15 -21.80 -2.38 50.48
CA SER O 15 -21.09 -3.62 50.79
C SER O 15 -20.83 -3.74 52.28
N GLY O 16 -20.70 -2.61 52.95
CA GLY O 16 -20.44 -2.62 54.38
C GLY O 16 -21.53 -1.94 55.21
N MET O 17 -22.05 -0.84 54.70
CA MET O 17 -23.08 -0.07 55.40
C MET O 17 -24.22 0.31 54.47
N CYS O 18 -25.46 0.14 54.93
CA CYS O 18 -26.62 0.53 54.13
C CYS O 18 -27.07 1.91 54.63
N LYS O 19 -27.52 2.75 53.72
CA LYS O 19 -27.99 4.09 54.08
C LYS O 19 -29.44 4.18 53.63
N ALA O 20 -30.33 4.57 54.53
CA ALA O 20 -31.73 4.65 54.19
C ALA O 20 -32.37 5.94 54.67
N GLY O 21 -33.38 6.40 53.94
CA GLY O 21 -34.04 7.63 54.34
C GLY O 21 -35.19 7.98 53.43
N PHE O 22 -35.58 9.24 53.46
CA PHE O 22 -36.69 9.73 52.66
C PHE O 22 -36.25 10.72 51.59
N ALA O 23 -36.77 10.55 50.38
CA ALA O 23 -36.44 11.45 49.29
C ALA O 23 -36.82 12.86 49.70
N GLY O 24 -35.96 13.82 49.38
CA GLY O 24 -36.23 15.20 49.75
C GLY O 24 -35.36 15.64 50.92
N ASP O 25 -35.00 14.68 51.77
CA ASP O 25 -34.14 14.98 52.92
C ASP O 25 -32.71 15.22 52.45
N ASP O 26 -31.94 15.93 53.27
CA ASP O 26 -30.55 16.25 52.94
C ASP O 26 -29.58 15.15 53.33
N ALA O 27 -30.03 14.22 54.18
CA ALA O 27 -29.18 13.13 54.62
C ALA O 27 -30.00 11.89 54.96
N PRO O 28 -29.37 10.71 54.96
CA PRO O 28 -30.12 9.50 55.29
C PRO O 28 -30.57 9.55 56.74
N ARG O 29 -31.70 8.91 57.02
CA ARG O 29 -32.23 8.90 58.37
C ARG O 29 -31.56 7.79 59.18
N ALA O 30 -31.04 6.78 58.48
CA ALA O 30 -30.41 5.65 59.15
C ALA O 30 -29.28 5.03 58.35
N VAL O 31 -28.28 4.53 59.07
CA VAL O 31 -27.14 3.88 58.45
C VAL O 31 -26.84 2.69 59.35
N PHE O 32 -26.68 1.51 58.76
CA PHE O 32 -26.41 0.32 59.55
C PHE O 32 -25.60 -0.71 58.78
N PRO O 33 -24.89 -1.60 59.49
CA PRO O 33 -24.07 -2.64 58.88
C PRO O 33 -24.89 -3.61 58.02
N SER O 34 -24.36 -3.94 56.85
CA SER O 34 -25.02 -4.84 55.92
C SER O 34 -24.74 -6.28 56.35
N ILE O 35 -25.21 -6.60 57.55
CA ILE O 35 -25.00 -7.92 58.12
C ILE O 35 -26.26 -8.54 58.70
N VAL O 36 -26.35 -9.86 58.61
CA VAL O 36 -27.46 -10.61 59.15
C VAL O 36 -26.82 -11.73 59.96
N GLY O 37 -27.29 -11.94 61.18
CA GLY O 37 -26.72 -12.97 62.02
C GLY O 37 -27.75 -13.89 62.61
N ARG O 38 -27.36 -15.15 62.81
CA ARG O 38 -28.22 -16.15 63.39
C ARG O 38 -27.44 -16.85 64.51
N PRO O 39 -28.13 -17.29 65.56
CA PRO O 39 -27.50 -17.97 66.70
C PRO O 39 -26.54 -19.09 66.30
N ARG O 40 -25.42 -19.20 67.02
CA ARG O 40 -24.44 -20.24 66.72
C ARG O 40 -25.01 -21.58 67.18
N LYS O 51 -36.32 -14.16 69.04
CA LYS O 51 -35.65 -13.50 67.93
C LYS O 51 -34.70 -14.48 67.24
N ASP O 52 -34.99 -14.82 65.99
CA ASP O 52 -34.18 -15.77 65.23
C ASP O 52 -33.13 -15.15 64.32
N SER O 53 -33.43 -13.98 63.75
CA SER O 53 -32.50 -13.29 62.86
C SER O 53 -32.15 -11.91 63.41
N TYR O 54 -30.88 -11.55 63.34
CA TYR O 54 -30.41 -10.25 63.79
C TYR O 54 -29.87 -9.50 62.59
N VAL O 55 -30.21 -8.22 62.46
CA VAL O 55 -29.74 -7.43 61.33
C VAL O 55 -29.21 -6.08 61.79
N GLY O 56 -28.19 -5.58 61.10
CA GLY O 56 -27.64 -4.28 61.43
C GLY O 56 -26.77 -4.23 62.68
N ASP O 57 -26.84 -3.11 63.38
CA ASP O 57 -26.05 -2.91 64.59
C ASP O 57 -26.22 -3.99 65.65
N GLU O 58 -27.44 -4.49 65.79
CA GLU O 58 -27.71 -5.52 66.78
C GLU O 58 -26.94 -6.81 66.47
N ALA O 59 -26.88 -7.16 65.18
CA ALA O 59 -26.15 -8.36 64.78
C ALA O 59 -24.69 -8.16 65.16
N GLN O 60 -24.20 -6.94 64.95
CA GLN O 60 -22.82 -6.60 65.27
C GLN O 60 -22.59 -6.61 66.78
N SER O 61 -23.52 -6.03 67.53
CA SER O 61 -23.42 -5.97 68.98
C SER O 61 -23.40 -7.36 69.61
N LYS O 62 -24.24 -8.25 69.09
CA LYS O 62 -24.33 -9.60 69.61
C LYS O 62 -23.61 -10.64 68.75
N ARG O 63 -22.61 -10.19 67.99
CA ARG O 63 -21.88 -11.11 67.13
C ARG O 63 -21.25 -12.26 67.90
N GLY O 64 -21.02 -12.06 69.19
CA GLY O 64 -20.42 -13.10 70.01
C GLY O 64 -21.24 -14.38 70.06
N ILE O 65 -22.56 -14.26 70.00
CA ILE O 65 -23.43 -15.43 70.05
C ILE O 65 -24.08 -15.71 68.69
N LEU O 66 -23.53 -15.12 67.63
CA LEU O 66 -24.11 -15.31 66.31
C LEU O 66 -23.07 -15.67 65.25
N THR O 67 -23.57 -16.14 64.11
CA THR O 67 -22.74 -16.46 62.96
C THR O 67 -23.19 -15.40 61.96
N LEU O 68 -22.27 -14.50 61.61
CA LEU O 68 -22.59 -13.40 60.71
C LEU O 68 -22.49 -13.72 59.22
N LYS O 69 -23.38 -13.09 58.46
CA LYS O 69 -23.41 -13.25 57.00
C LYS O 69 -23.37 -11.86 56.38
N TYR O 70 -22.65 -11.75 55.27
CA TYR O 70 -22.51 -10.49 54.53
C TYR O 70 -23.02 -10.77 53.13
N PRO O 71 -24.33 -10.58 52.91
CA PRO O 71 -25.01 -10.83 51.64
C PRO O 71 -24.68 -9.93 50.45
N ILE O 72 -23.94 -8.85 50.69
CA ILE O 72 -23.56 -7.94 49.61
C ILE O 72 -22.13 -7.48 49.89
N GLU O 73 -21.32 -8.44 50.34
CA GLU O 73 -19.92 -8.23 50.70
C GLU O 73 -19.07 -7.37 49.77
N HIS O 74 -19.20 -7.56 48.46
CA HIS O 74 -18.41 -6.77 47.51
C HIS O 74 -19.26 -5.90 46.59
N GLY O 75 -20.42 -5.47 47.08
CA GLY O 75 -21.28 -4.60 46.28
C GLY O 75 -22.37 -5.32 45.52
N ILE O 76 -22.16 -6.61 45.24
CA ILE O 76 -23.13 -7.42 44.51
C ILE O 76 -23.84 -8.37 45.47
N VAL O 77 -25.16 -8.45 45.38
CA VAL O 77 -25.92 -9.33 46.26
C VAL O 77 -25.62 -10.79 45.92
N THR O 78 -25.20 -11.56 46.91
CA THR O 78 -24.89 -12.98 46.69
C THR O 78 -25.89 -13.92 47.37
N ASN O 79 -26.59 -13.42 48.39
CA ASN O 79 -27.58 -14.24 49.07
C ASN O 79 -28.84 -13.41 49.19
N TRP O 80 -29.84 -13.76 48.38
CA TRP O 80 -31.10 -13.02 48.37
C TRP O 80 -31.97 -13.25 49.58
N ASP O 81 -31.81 -14.38 50.26
CA ASP O 81 -32.60 -14.64 51.45
C ASP O 81 -32.22 -13.63 52.52
N ASP O 82 -30.92 -13.42 52.72
CA ASP O 82 -30.48 -12.47 53.72
C ASP O 82 -30.61 -11.02 53.24
N MET O 83 -30.56 -10.80 51.93
CA MET O 83 -30.71 -9.44 51.44
C MET O 83 -32.17 -9.03 51.70
N GLU O 84 -33.08 -9.97 51.54
CA GLU O 84 -34.50 -9.68 51.78
C GLU O 84 -34.68 -9.28 53.25
N LYS O 85 -33.94 -9.93 54.14
CA LYS O 85 -34.01 -9.63 55.57
C LYS O 85 -33.44 -8.25 55.86
N ILE O 86 -32.43 -7.85 55.12
CA ILE O 86 -31.86 -6.52 55.32
C ILE O 86 -32.89 -5.48 54.88
N TRP O 87 -33.58 -5.75 53.79
CA TRP O 87 -34.59 -4.80 53.32
C TRP O 87 -35.77 -4.77 54.30
N HIS O 88 -36.16 -5.92 54.82
CA HIS O 88 -37.26 -5.98 55.79
C HIS O 88 -36.87 -5.11 56.98
N HIS O 89 -35.63 -5.30 57.44
CA HIS O 89 -35.10 -4.53 58.56
C HIS O 89 -35.14 -3.04 58.26
N THR O 90 -34.72 -2.69 57.05
CA THR O 90 -34.69 -1.29 56.62
C THR O 90 -36.06 -0.62 56.76
N PHE O 91 -37.09 -1.26 56.25
CA PHE O 91 -38.43 -0.68 56.29
C PHE O 91 -39.08 -0.64 57.67
N TYR O 92 -39.22 -1.81 58.28
CA TYR O 92 -39.88 -1.94 59.57
C TYR O 92 -39.11 -1.52 60.83
N ASN O 93 -37.80 -1.72 60.84
CA ASN O 93 -37.01 -1.36 62.01
C ASN O 93 -36.36 0.02 61.95
N GLU O 94 -35.61 0.29 60.88
CA GLU O 94 -34.90 1.55 60.72
C GLU O 94 -35.76 2.75 60.35
N LEU O 95 -36.56 2.62 59.30
CA LEU O 95 -37.40 3.73 58.84
C LEU O 95 -38.80 3.73 59.43
N ARG O 96 -39.23 2.59 59.97
CA ARG O 96 -40.55 2.43 60.55
C ARG O 96 -41.67 2.85 59.61
N VAL O 97 -41.64 2.29 58.40
CA VAL O 97 -42.67 2.56 57.40
C VAL O 97 -43.09 1.22 56.82
N ALA O 98 -44.20 1.20 56.09
CA ALA O 98 -44.69 0.00 55.43
C ALA O 98 -44.32 0.19 53.96
N PRO O 99 -43.47 -0.69 53.41
CA PRO O 99 -43.06 -0.55 52.01
C PRO O 99 -44.18 -0.53 50.98
N GLU O 100 -45.29 -1.17 51.29
CA GLU O 100 -46.42 -1.20 50.38
C GLU O 100 -47.08 0.19 50.28
N GLU O 101 -46.64 1.11 51.14
CA GLU O 101 -47.19 2.46 51.16
C GLU O 101 -46.28 3.56 50.59
N HIS O 102 -45.09 3.18 50.12
CA HIS O 102 -44.15 4.18 49.61
C HIS O 102 -43.33 3.70 48.41
N PRO O 103 -43.10 4.59 47.43
CA PRO O 103 -42.30 4.19 46.27
C PRO O 103 -40.89 3.99 46.83
N VAL O 104 -40.07 3.13 46.22
CA VAL O 104 -38.73 2.91 46.74
C VAL O 104 -37.65 2.99 45.67
N LEU O 105 -36.69 3.86 45.89
CA LEU O 105 -35.56 4.01 44.97
C LEU O 105 -34.40 3.24 45.61
N LEU O 106 -33.89 2.25 44.87
CA LEU O 106 -32.79 1.42 45.36
C LEU O 106 -31.54 1.69 44.53
N THR O 107 -30.36 1.46 45.12
CA THR O 107 -29.11 1.68 44.41
C THR O 107 -28.46 0.33 44.12
N GLU O 108 -27.63 0.28 43.08
CA GLU O 108 -26.96 -0.95 42.71
C GLU O 108 -25.52 -0.64 42.32
N ALA O 109 -24.68 -1.66 42.39
CA ALA O 109 -23.28 -1.48 42.06
C ALA O 109 -23.09 -1.38 40.54
N PRO O 110 -21.95 -0.84 40.11
CA PRO O 110 -21.69 -0.72 38.67
C PRO O 110 -21.52 -2.17 38.19
N LEU O 111 -21.83 -2.42 36.92
CA LEU O 111 -21.70 -3.75 36.34
C LEU O 111 -22.50 -4.83 37.09
N ASN O 112 -23.68 -4.45 37.58
CA ASN O 112 -24.54 -5.38 38.29
C ASN O 112 -25.20 -6.30 37.25
N PRO O 113 -25.06 -7.64 37.41
CA PRO O 113 -25.67 -8.58 36.47
C PRO O 113 -27.15 -8.28 36.20
N LYS O 114 -27.56 -8.39 34.94
CA LYS O 114 -28.95 -8.13 34.56
C LYS O 114 -29.94 -8.93 35.38
N ALA O 115 -29.63 -10.21 35.61
CA ALA O 115 -30.51 -11.07 36.38
C ALA O 115 -30.74 -10.54 37.79
N ASN O 116 -29.72 -9.92 38.36
CA ASN O 116 -29.84 -9.37 39.70
C ASN O 116 -30.83 -8.21 39.71
N ARG O 117 -30.81 -7.40 38.65
CA ARG O 117 -31.71 -6.26 38.56
C ARG O 117 -33.16 -6.75 38.54
N GLU O 118 -33.42 -7.84 37.84
CA GLU O 118 -34.78 -8.40 37.76
C GLU O 118 -35.20 -8.96 39.11
N LYS O 119 -34.25 -9.58 39.82
CA LYS O 119 -34.52 -10.17 41.11
C LYS O 119 -34.93 -9.09 42.11
N MET O 120 -34.17 -7.99 42.13
CA MET O 120 -34.46 -6.89 43.03
C MET O 120 -35.86 -6.35 42.73
N THR O 121 -36.18 -6.21 41.46
CA THR O 121 -37.47 -5.70 41.03
C THR O 121 -38.59 -6.63 41.50
N GLN O 122 -38.46 -7.91 41.21
CA GLN O 122 -39.46 -8.89 41.61
C GLN O 122 -39.69 -8.91 43.12
N ILE O 123 -38.60 -8.84 43.89
CA ILE O 123 -38.72 -8.84 45.36
C ILE O 123 -39.47 -7.61 45.87
N MET O 124 -39.19 -6.44 45.31
CA MET O 124 -39.86 -5.23 45.77
C MET O 124 -41.36 -5.29 45.51
N PHE O 125 -41.75 -5.68 44.31
CA PHE O 125 -43.17 -5.76 43.97
C PHE O 125 -43.92 -6.97 44.51
N GLU O 126 -43.29 -8.14 44.51
CA GLU O 126 -43.96 -9.34 44.98
C GLU O 126 -43.83 -9.66 46.46
N THR O 127 -42.68 -9.36 47.04
CA THR O 127 -42.47 -9.63 48.46
C THR O 127 -42.88 -8.44 49.34
N PHE O 128 -42.48 -7.24 48.93
CA PHE O 128 -42.80 -6.05 49.71
C PHE O 128 -44.00 -5.26 49.18
N ASN O 129 -44.51 -5.66 48.03
CA ASN O 129 -45.68 -5.00 47.43
C ASN O 129 -45.52 -3.49 47.30
N THR O 130 -44.33 -3.03 46.90
CA THR O 130 -44.11 -1.59 46.74
C THR O 130 -45.02 -1.06 45.64
N PRO O 131 -45.58 0.16 45.85
CA PRO O 131 -46.46 0.76 44.85
C PRO O 131 -45.68 1.19 43.62
N ALA O 132 -44.39 1.41 43.82
CA ALA O 132 -43.50 1.83 42.75
C ALA O 132 -42.05 1.67 43.19
N MET O 133 -41.15 1.53 42.21
CA MET O 133 -39.74 1.40 42.53
C MET O 133 -38.87 1.75 41.34
N TYR O 134 -37.58 1.88 41.60
CA TYR O 134 -36.61 2.23 40.59
C TYR O 134 -35.24 1.84 41.13
N VAL O 135 -34.31 1.57 40.23
CA VAL O 135 -32.96 1.21 40.64
C VAL O 135 -31.97 2.03 39.84
N ALA O 136 -31.03 2.67 40.53
CA ALA O 136 -30.03 3.50 39.89
C ALA O 136 -28.62 3.10 40.31
N ILE O 137 -27.66 3.29 39.42
CA ILE O 137 -26.27 2.95 39.70
C ILE O 137 -25.72 3.94 40.70
N GLN O 138 -25.04 3.41 41.73
CA GLN O 138 -24.48 4.25 42.78
C GLN O 138 -23.61 5.41 42.27
N ALA O 139 -22.64 5.10 41.43
CA ALA O 139 -21.75 6.12 40.89
C ALA O 139 -22.51 7.24 40.18
N VAL O 140 -23.57 6.88 39.45
CA VAL O 140 -24.35 7.87 38.73
C VAL O 140 -25.03 8.84 39.71
N LEU O 141 -25.57 8.31 40.80
CA LEU O 141 -26.20 9.15 41.80
C LEU O 141 -25.21 10.13 42.42
N SER O 142 -23.98 9.66 42.69
CA SER O 142 -22.98 10.55 43.27
C SER O 142 -22.66 11.68 42.30
N LEU O 143 -22.59 11.37 41.00
CA LEU O 143 -22.30 12.40 40.01
C LEU O 143 -23.43 13.43 40.02
N TYR O 144 -24.68 12.95 40.11
CA TYR O 144 -25.83 13.85 40.15
C TYR O 144 -25.73 14.79 41.33
N ALA O 145 -25.35 14.24 42.48
CA ALA O 145 -25.21 15.02 43.70
C ALA O 145 -24.20 16.16 43.53
N SER O 146 -23.23 15.97 42.63
CA SER O 146 -22.23 17.02 42.42
C SER O 146 -22.70 18.04 41.39
N GLY O 147 -23.93 17.87 40.90
CA GLY O 147 -24.49 18.79 39.92
C GLY O 147 -24.03 18.55 38.49
N ARG O 148 -23.64 17.32 38.18
CA ARG O 148 -23.15 16.97 36.85
C ARG O 148 -23.87 15.75 36.28
N THR O 149 -23.83 15.61 34.97
CA THR O 149 -24.41 14.45 34.28
C THR O 149 -23.29 13.75 33.50
N THR O 150 -22.13 14.41 33.41
CA THR O 150 -20.96 13.86 32.72
C THR O 150 -19.71 13.96 33.61
N GLY O 151 -18.94 12.88 33.62
CA GLY O 151 -17.72 12.86 34.42
C GLY O 151 -17.35 11.43 34.78
N ILE O 152 -16.22 11.26 35.46
CA ILE O 152 -15.81 9.92 35.87
C ILE O 152 -15.81 9.91 37.39
N VAL O 153 -16.46 8.90 37.96
CA VAL O 153 -16.54 8.77 39.41
C VAL O 153 -15.65 7.67 39.95
N LEU O 154 -14.85 7.99 40.95
CA LEU O 154 -14.02 6.99 41.62
C LEU O 154 -14.77 6.73 42.92
N ASP O 155 -15.44 5.59 43.01
CA ASP O 155 -16.21 5.23 44.21
C ASP O 155 -15.44 4.17 44.99
N SER O 156 -14.97 4.54 46.18
CA SER O 156 -14.24 3.59 47.01
C SER O 156 -14.99 3.45 48.33
N GLY O 157 -15.52 2.26 48.57
CA GLY O 157 -16.28 2.02 49.78
C GLY O 157 -15.61 1.10 50.79
N ASP O 158 -16.35 0.10 51.26
CA ASP O 158 -15.83 -0.83 52.25
C ASP O 158 -15.25 -2.09 51.62
N GLY O 159 -16.03 -2.74 50.76
CA GLY O 159 -15.57 -3.97 50.15
C GLY O 159 -15.21 -3.91 48.67
N VAL O 160 -15.32 -2.74 48.06
CA VAL O 160 -15.01 -2.63 46.64
C VAL O 160 -14.86 -1.18 46.21
N SER O 161 -14.11 -0.98 45.11
CA SER O 161 -13.91 0.35 44.54
C SER O 161 -14.16 0.24 43.04
N HIS O 162 -14.66 1.31 42.45
CA HIS O 162 -14.94 1.34 41.01
C HIS O 162 -14.59 2.69 40.41
N THR O 163 -14.20 2.68 39.15
CA THR O 163 -13.96 3.92 38.40
C THR O 163 -15.04 3.80 37.34
N VAL O 164 -15.98 4.75 37.37
CA VAL O 164 -17.13 4.74 36.47
C VAL O 164 -17.29 5.96 35.59
N PRO O 165 -16.96 5.84 34.30
CA PRO O 165 -17.10 6.97 33.37
C PRO O 165 -18.59 7.11 33.08
N ILE O 166 -19.10 8.34 33.14
CA ILE O 166 -20.51 8.61 32.89
C ILE O 166 -20.64 9.76 31.90
N TYR O 167 -21.45 9.56 30.86
CA TYR O 167 -21.64 10.59 29.86
C TYR O 167 -23.13 10.85 29.64
N GLU O 168 -23.55 12.09 29.92
CA GLU O 168 -24.95 12.48 29.76
C GLU O 168 -25.90 11.64 30.59
N GLY O 169 -25.46 11.29 31.80
CA GLY O 169 -26.29 10.50 32.69
C GLY O 169 -26.17 8.99 32.53
N TYR O 170 -25.48 8.54 31.49
CA TYR O 170 -25.33 7.11 31.25
C TYR O 170 -23.93 6.59 31.56
N ALA O 171 -23.86 5.59 32.42
CA ALA O 171 -22.58 4.98 32.76
C ALA O 171 -22.15 4.21 31.52
N LEU O 172 -20.84 4.15 31.27
CA LEU O 172 -20.32 3.43 30.11
C LEU O 172 -19.71 2.12 30.59
N PRO O 173 -20.52 1.05 30.62
CA PRO O 173 -20.10 -0.27 31.06
C PRO O 173 -18.78 -0.81 30.52
N HIS O 174 -18.48 -0.54 29.26
CA HIS O 174 -17.24 -1.04 28.66
C HIS O 174 -15.99 -0.43 29.27
N ALA O 175 -16.12 0.79 29.83
CA ALA O 175 -14.99 1.49 30.42
C ALA O 175 -14.94 1.45 31.95
N ILE O 176 -15.91 0.79 32.56
CA ILE O 176 -15.94 0.68 34.02
C ILE O 176 -14.90 -0.32 34.50
N LEU O 177 -14.16 0.05 35.55
CA LEU O 177 -13.16 -0.85 36.12
C LEU O 177 -13.45 -1.10 37.59
N ARG O 178 -13.25 -2.34 38.01
CA ARG O 178 -13.48 -2.73 39.40
C ARG O 178 -12.16 -3.03 40.07
N LEU O 179 -12.00 -2.51 41.28
CA LEU O 179 -10.78 -2.70 42.04
C LEU O 179 -11.17 -3.34 43.38
N ASP O 180 -10.73 -4.58 43.58
CA ASP O 180 -11.05 -5.28 44.81
C ASP O 180 -10.09 -4.85 45.91
N LEU O 181 -10.11 -3.56 46.18
CA LEU O 181 -9.28 -2.95 47.20
C LEU O 181 -10.08 -1.77 47.71
N ALA O 182 -10.44 -1.80 48.99
CA ALA O 182 -11.21 -0.71 49.58
C ALA O 182 -10.98 -0.59 51.08
N GLY O 183 -11.89 0.11 51.75
CA GLY O 183 -11.78 0.34 53.18
C GLY O 183 -11.44 -0.85 54.06
N ARG O 184 -12.04 -2.00 53.79
CA ARG O 184 -11.78 -3.20 54.59
C ARG O 184 -10.31 -3.60 54.54
N ASP O 185 -9.75 -3.59 53.34
CA ASP O 185 -8.35 -3.96 53.15
C ASP O 185 -7.42 -2.97 53.86
N LEU O 186 -7.79 -1.69 53.81
CA LEU O 186 -6.96 -0.65 54.45
C LEU O 186 -6.99 -0.82 55.97
N THR O 187 -8.15 -1.18 56.52
CA THR O 187 -8.25 -1.37 57.96
C THR O 187 -7.32 -2.52 58.39
N ASP O 188 -7.40 -3.65 57.69
CA ASP O 188 -6.57 -4.79 58.02
C ASP O 188 -5.08 -4.50 57.84
N TYR O 189 -4.74 -3.69 56.84
CA TYR O 189 -3.35 -3.33 56.60
C TYR O 189 -2.84 -2.45 57.76
N LEU O 190 -3.70 -1.57 58.27
CA LEU O 190 -3.29 -0.72 59.38
C LEU O 190 -3.07 -1.58 60.62
N MET O 191 -3.92 -2.58 60.83
CA MET O 191 -3.76 -3.48 61.98
C MET O 191 -2.38 -4.15 61.86
N LYS O 192 -2.04 -4.57 60.65
CA LYS O 192 -0.78 -5.24 60.39
C LYS O 192 0.47 -4.38 60.66
N ILE O 193 0.47 -3.14 60.17
CA ILE O 193 1.64 -2.28 60.38
C ILE O 193 1.72 -1.72 61.80
N LEU O 194 0.59 -1.57 62.47
CA LEU O 194 0.63 -1.09 63.85
C LEU O 194 1.20 -2.22 64.72
N THR O 195 0.88 -3.46 64.33
CA THR O 195 1.38 -4.63 65.06
C THR O 195 2.88 -4.74 64.83
N GLU O 196 3.31 -4.46 63.60
CA GLU O 196 4.74 -4.52 63.28
C GLU O 196 5.49 -3.43 64.03
N ARG O 197 4.78 -2.36 64.38
CA ARG O 197 5.37 -1.25 65.14
C ARG O 197 5.69 -1.69 66.58
N GLY O 198 4.96 -2.68 67.08
CA GLY O 198 5.21 -3.15 68.43
C GLY O 198 3.94 -3.31 69.24
N TYR O 199 2.82 -2.89 68.68
CA TYR O 199 1.54 -3.04 69.36
C TYR O 199 1.01 -4.40 68.92
N SER O 200 -0.27 -4.62 69.14
CA SER O 200 -0.88 -5.87 68.72
C SER O 200 -2.37 -5.71 68.48
N PHE O 201 -2.73 -5.55 67.21
CA PHE O 201 -4.13 -5.43 66.82
C PHE O 201 -4.39 -6.58 65.87
N THR O 202 -5.10 -7.60 66.36
CA THR O 202 -5.37 -8.78 65.57
C THR O 202 -6.79 -9.33 65.67
N THR O 203 -7.45 -9.08 66.80
CA THR O 203 -8.81 -9.61 67.02
C THR O 203 -9.89 -8.77 66.36
N THR O 204 -11.09 -9.35 66.26
CA THR O 204 -12.21 -8.66 65.64
C THR O 204 -12.55 -7.38 66.41
N GLU O 205 -12.39 -7.41 67.73
CA GLU O 205 -12.67 -6.24 68.55
C GLU O 205 -11.63 -5.19 68.21
N GLU O 206 -10.39 -5.63 68.09
CA GLU O 206 -9.29 -4.72 67.78
C GLU O 206 -9.39 -4.16 66.35
N ARG O 207 -10.07 -4.90 65.47
CA ARG O 207 -10.26 -4.44 64.11
C ARG O 207 -11.16 -3.19 64.11
N GLU O 208 -12.15 -3.19 65.00
CA GLU O 208 -13.05 -2.06 65.12
C GLU O 208 -12.34 -0.82 65.64
N ILE O 209 -11.39 -1.03 66.57
CA ILE O 209 -10.63 0.08 67.13
C ILE O 209 -9.74 0.69 66.04
N VAL O 210 -9.04 -0.16 65.31
CA VAL O 210 -8.15 0.31 64.25
C VAL O 210 -8.96 1.00 63.14
N ARG O 211 -10.17 0.52 62.88
CA ARG O 211 -10.99 1.16 61.86
C ARG O 211 -11.22 2.60 62.29
N ASP O 212 -11.41 2.80 63.60
CA ASP O 212 -11.63 4.14 64.12
C ASP O 212 -10.36 4.98 63.99
N ILE O 213 -9.22 4.39 64.33
CA ILE O 213 -7.94 5.09 64.22
C ILE O 213 -7.76 5.53 62.77
N LYS O 214 -8.07 4.62 61.85
CA LYS O 214 -7.95 4.86 60.43
C LYS O 214 -8.79 6.06 59.98
N GLU O 215 -10.06 6.05 60.35
CA GLU O 215 -10.96 7.13 59.96
C GLU O 215 -10.64 8.47 60.62
N LYS O 216 -9.95 8.45 61.75
CA LYS O 216 -9.64 9.69 62.44
C LYS O 216 -8.26 10.30 62.26
N LEU O 217 -7.23 9.46 62.14
CA LEU O 217 -5.86 9.98 62.03
C LEU O 217 -5.08 9.75 60.75
N CYS O 218 -5.62 8.94 59.82
CA CYS O 218 -4.90 8.69 58.57
C CYS O 218 -5.05 9.82 57.56
N TYR O 219 -4.10 9.87 56.62
CA TYR O 219 -4.13 10.87 55.56
C TYR O 219 -3.28 10.41 54.39
N VAL O 220 -3.52 11.00 53.22
CA VAL O 220 -2.75 10.65 52.04
C VAL O 220 -1.65 11.67 51.88
N ALA O 221 -0.40 11.21 51.91
CA ALA O 221 0.74 12.09 51.75
C ALA O 221 0.83 12.54 50.30
N LEU O 222 1.27 13.77 50.08
CA LEU O 222 1.41 14.31 48.72
C LEU O 222 2.59 13.61 48.06
N ASP O 223 3.60 13.31 48.86
CA ASP O 223 4.77 12.59 48.35
C ASP O 223 5.20 11.57 49.40
N PHE O 224 4.98 10.30 49.10
CA PHE O 224 5.29 9.21 50.00
C PHE O 224 6.71 9.22 50.58
N GLU O 225 7.71 9.25 49.73
CA GLU O 225 9.09 9.23 50.21
C GLU O 225 9.43 10.40 51.13
N GLN O 226 9.06 11.61 50.73
CA GLN O 226 9.35 12.78 51.56
C GLN O 226 8.68 12.63 52.92
N GLU O 227 7.45 12.15 52.91
CA GLU O 227 6.71 11.97 54.16
C GLU O 227 7.39 10.91 55.03
N MET O 228 7.88 9.84 54.41
CA MET O 228 8.58 8.79 55.15
C MET O 228 9.85 9.35 55.77
N ALA O 229 10.55 10.21 55.05
CA ALA O 229 11.80 10.80 55.55
C ALA O 229 11.52 11.70 56.75
N THR O 230 10.45 12.49 56.67
CA THR O 230 10.06 13.37 57.76
C THR O 230 9.74 12.57 59.03
N ALA O 231 8.95 11.52 58.86
CA ALA O 231 8.57 10.67 60.00
C ALA O 231 9.76 9.92 60.60
N ALA O 232 10.75 9.61 59.78
CA ALA O 232 11.94 8.88 60.26
C ALA O 232 12.92 9.74 61.04
N SER O 233 12.92 11.04 60.76
CA SER O 233 13.86 11.95 61.42
C SER O 233 13.25 12.91 62.44
N SER O 234 11.96 12.76 62.73
CA SER O 234 11.31 13.64 63.70
C SER O 234 9.98 13.06 64.16
N SER O 235 9.37 13.69 65.15
CA SER O 235 8.09 13.24 65.68
C SER O 235 6.95 14.18 65.27
N SER O 236 7.24 15.06 64.31
CA SER O 236 6.26 16.04 63.85
C SER O 236 4.98 15.49 63.22
N LEU O 237 5.00 14.24 62.77
CA LEU O 237 3.81 13.66 62.16
C LEU O 237 3.06 12.70 63.08
N GLU O 238 3.61 12.50 64.28
CA GLU O 238 2.99 11.60 65.23
C GLU O 238 1.73 12.16 65.88
N LYS O 239 0.76 11.28 66.10
CA LYS O 239 -0.50 11.64 66.74
C LYS O 239 -0.79 10.60 67.81
N SER O 240 -1.42 11.03 68.89
CA SER O 240 -1.77 10.12 69.98
C SER O 240 -3.21 9.67 69.84
N TYR O 241 -3.47 8.44 70.28
CA TYR O 241 -4.81 7.87 70.23
C TYR O 241 -5.02 7.13 71.55
N GLU O 242 -6.14 7.43 72.23
CA GLU O 242 -6.42 6.80 73.51
C GLU O 242 -7.40 5.64 73.39
N LEU O 243 -7.01 4.49 73.92
CA LEU O 243 -7.85 3.30 73.90
C LEU O 243 -8.87 3.44 75.03
N LYS O 244 -9.95 2.66 74.98
CA LYS O 244 -10.98 2.74 76.00
C LYS O 244 -10.47 2.51 77.42
N ASP O 245 -9.41 1.72 77.57
CA ASP O 245 -8.87 1.42 78.88
C ASP O 245 -7.89 2.51 79.36
N GLY O 246 -7.77 3.59 78.61
CA GLY O 246 -6.89 4.67 79.00
C GLY O 246 -5.51 4.71 78.38
N GLN O 247 -5.03 3.58 77.88
CA GLN O 247 -3.70 3.54 77.27
C GLN O 247 -3.64 4.45 76.04
N VAL O 248 -2.63 5.32 76.01
CA VAL O 248 -2.45 6.22 74.89
C VAL O 248 -1.34 5.68 74.01
N ILE O 249 -1.66 5.43 72.73
CA ILE O 249 -0.65 4.91 71.82
C ILE O 249 -0.27 5.97 70.80
N THR O 250 0.83 5.73 70.09
CA THR O 250 1.33 6.67 69.10
C THR O 250 1.26 6.13 67.68
N ILE O 251 0.73 6.93 66.77
CA ILE O 251 0.65 6.52 65.37
C ILE O 251 1.52 7.47 64.56
N GLY O 252 2.55 6.92 63.92
CA GLY O 252 3.48 7.72 63.13
C GLY O 252 3.30 7.63 61.63
N ASN O 253 4.29 7.08 60.93
CA ASN O 253 4.17 6.98 59.48
C ASN O 253 3.01 6.08 59.04
N GLU O 254 2.42 5.34 59.99
CA GLU O 254 1.29 4.48 59.68
C GLU O 254 0.11 5.33 59.23
N ARG O 255 0.07 6.58 59.66
CA ARG O 255 -1.02 7.48 59.31
C ARG O 255 -1.21 7.60 57.80
N PHE O 256 -0.10 7.73 57.07
CA PHE O 256 -0.18 7.86 55.63
C PHE O 256 0.22 6.59 54.88
N ARG O 257 0.93 5.69 55.55
CA ARG O 257 1.33 4.44 54.90
C ARG O 257 0.09 3.58 54.61
N CYS O 258 -0.90 3.66 55.50
CA CYS O 258 -2.12 2.89 55.33
C CYS O 258 -2.85 3.22 54.03
N PRO O 259 -3.26 4.49 53.84
CA PRO O 259 -3.96 4.81 52.59
C PRO O 259 -3.08 4.82 51.35
N GLU O 260 -1.76 4.78 51.54
CA GLU O 260 -0.85 4.77 50.40
C GLU O 260 -1.10 3.53 49.55
N ALA O 261 -1.65 2.49 50.18
CA ALA O 261 -1.94 1.23 49.49
C ALA O 261 -2.93 1.44 48.33
N LEU O 262 -3.74 2.51 48.41
CA LEU O 262 -4.69 2.80 47.34
C LEU O 262 -3.94 3.17 46.06
N PHE O 263 -2.78 3.78 46.24
CA PHE O 263 -1.95 4.20 45.11
C PHE O 263 -0.91 3.15 44.74
N GLN O 264 -0.53 2.31 45.70
CA GLN O 264 0.45 1.25 45.46
C GLN O 264 -0.04 -0.02 46.13
N PRO O 265 -0.95 -0.75 45.44
CA PRO O 265 -1.50 -2.00 45.97
C PRO O 265 -0.49 -3.09 46.31
N SER O 266 0.73 -2.97 45.77
CA SER O 266 1.76 -3.98 46.06
C SER O 266 2.03 -4.05 47.56
N PHE O 267 1.80 -2.95 48.27
CA PHE O 267 2.01 -2.95 49.71
C PHE O 267 1.14 -4.04 50.34
N LEU O 268 0.09 -4.42 49.63
CA LEU O 268 -0.84 -5.45 50.09
C LEU O 268 -0.67 -6.78 49.34
N GLY O 269 0.36 -6.86 48.51
CA GLY O 269 0.60 -8.06 47.75
C GLY O 269 -0.30 -8.17 46.53
N MET O 270 -0.93 -7.06 46.16
CA MET O 270 -1.82 -7.02 45.01
C MET O 270 -1.08 -6.44 43.81
N GLU O 271 -1.27 -7.06 42.64
CA GLU O 271 -0.63 -6.59 41.42
C GLU O 271 -1.46 -5.51 40.74
N ALA O 272 -2.67 -5.30 41.22
CA ALA O 272 -3.58 -4.31 40.65
C ALA O 272 -3.01 -2.89 40.58
N CYS O 273 -3.52 -2.11 39.62
CA CYS O 273 -3.10 -0.72 39.44
C CYS O 273 -3.69 0.10 40.59
N GLY O 274 -3.05 1.20 40.94
CA GLY O 274 -3.56 2.05 42.00
C GLY O 274 -4.80 2.78 41.53
N ILE O 275 -5.45 3.53 42.40
CA ILE O 275 -6.66 4.24 42.01
C ILE O 275 -6.46 5.29 40.93
N HIS O 276 -5.30 5.95 40.94
CA HIS O 276 -4.99 6.96 39.94
C HIS O 276 -4.83 6.32 38.56
N GLU O 277 -4.10 5.21 38.52
CA GLU O 277 -3.90 4.50 37.26
C GLU O 277 -5.19 3.87 36.75
N THR O 278 -6.01 3.38 37.66
CA THR O 278 -7.28 2.75 37.28
C THR O 278 -8.20 3.82 36.68
N THR O 279 -8.23 4.99 37.31
CA THR O 279 -9.05 6.09 36.81
C THR O 279 -8.60 6.46 35.40
N TYR O 280 -7.29 6.56 35.22
CA TYR O 280 -6.71 6.89 33.93
C TYR O 280 -7.07 5.83 32.89
N ASN O 281 -6.92 4.56 33.25
CA ASN O 281 -7.25 3.48 32.32
C ASN O 281 -8.72 3.49 31.88
N SER O 282 -9.63 3.82 32.81
CA SER O 282 -11.05 3.89 32.47
C SER O 282 -11.28 4.98 31.44
N ILE O 283 -10.68 6.14 31.68
CA ILE O 283 -10.83 7.27 30.77
C ILE O 283 -10.30 6.90 29.39
N MET O 284 -9.16 6.22 29.35
CA MET O 284 -8.58 5.81 28.08
C MET O 284 -9.41 4.79 27.31
N LYS O 285 -10.34 4.13 28.01
CA LYS O 285 -11.20 3.15 27.36
C LYS O 285 -12.43 3.82 26.73
N CYS O 286 -12.61 5.11 27.00
CA CYS O 286 -13.74 5.85 26.47
C CYS O 286 -13.40 6.52 25.15
N ASP O 287 -14.43 6.92 24.42
CA ASP O 287 -14.24 7.58 23.14
C ASP O 287 -13.37 8.81 23.38
N VAL O 288 -12.36 8.99 22.53
CA VAL O 288 -11.45 10.11 22.65
C VAL O 288 -12.15 11.47 22.76
N ASP O 289 -13.33 11.58 22.16
CA ASP O 289 -14.07 12.85 22.18
C ASP O 289 -14.63 13.29 23.52
N ILE O 290 -14.73 12.38 24.48
CA ILE O 290 -15.27 12.73 25.78
C ILE O 290 -14.23 12.62 26.90
N ARG O 291 -13.02 12.21 26.57
CA ARG O 291 -11.98 12.06 27.59
C ARG O 291 -11.64 13.35 28.33
N LYS O 292 -11.65 14.48 27.63
CA LYS O 292 -11.34 15.75 28.27
C LYS O 292 -12.43 16.12 29.26
N ASP O 293 -13.67 15.74 28.98
CA ASP O 293 -14.77 16.03 29.90
C ASP O 293 -14.56 15.22 31.18
N LEU O 294 -14.07 13.99 31.02
CA LEU O 294 -13.83 13.13 32.18
C LEU O 294 -12.67 13.65 33.02
N TYR O 295 -11.58 14.03 32.35
CA TYR O 295 -10.40 14.56 33.05
C TYR O 295 -10.74 15.80 33.87
N ALA O 296 -11.62 16.63 33.30
CA ALA O 296 -12.03 17.88 33.93
C ALA O 296 -13.14 17.67 34.96
N ASN O 297 -13.65 16.45 35.04
CA ASN O 297 -14.72 16.14 35.98
C ASN O 297 -14.57 14.79 36.67
N THR O 298 -13.46 14.62 37.37
CA THR O 298 -13.18 13.38 38.09
C THR O 298 -13.68 13.63 39.51
N VAL O 299 -14.76 12.93 39.86
CA VAL O 299 -15.42 13.08 41.16
C VAL O 299 -15.15 11.91 42.11
N LEU O 300 -14.81 12.23 43.35
CA LEU O 300 -14.54 11.21 44.36
C LEU O 300 -15.79 10.97 45.20
N SER O 301 -16.04 9.71 45.55
CA SER O 301 -17.18 9.36 46.39
C SER O 301 -16.86 8.14 47.24
N GLY O 302 -17.61 7.94 48.33
CA GLY O 302 -17.37 6.80 49.18
C GLY O 302 -16.53 7.11 50.40
N GLY O 303 -16.73 6.34 51.46
CA GLY O 303 -16.00 6.56 52.70
C GLY O 303 -14.48 6.50 52.59
N THR O 304 -13.99 5.62 51.73
CA THR O 304 -12.56 5.46 51.56
C THR O 304 -11.87 6.61 50.79
N THR O 305 -12.66 7.55 50.30
CA THR O 305 -12.08 8.70 49.60
C THR O 305 -12.08 9.89 50.58
N MET O 306 -12.40 9.63 51.84
CA MET O 306 -12.45 10.69 52.83
C MET O 306 -11.10 11.12 53.43
N TYR O 307 -10.05 10.36 53.14
CA TYR O 307 -8.73 10.69 53.68
C TYR O 307 -8.28 12.11 53.34
N PRO O 308 -7.82 12.87 54.34
CA PRO O 308 -7.37 14.22 54.03
C PRO O 308 -6.20 14.09 53.05
N GLY O 309 -6.10 15.03 52.11
CA GLY O 309 -5.01 15.01 51.14
C GLY O 309 -5.19 14.16 49.89
N ILE O 310 -6.26 13.36 49.85
CA ILE O 310 -6.47 12.49 48.70
C ILE O 310 -6.75 13.22 47.38
N ALA O 311 -7.47 14.34 47.45
CA ALA O 311 -7.79 15.09 46.24
C ALA O 311 -6.52 15.64 45.57
N ASP O 312 -5.64 16.26 46.36
CA ASP O 312 -4.42 16.82 45.82
C ASP O 312 -3.47 15.74 45.30
N ARG O 313 -3.48 14.58 45.95
CA ARG O 313 -2.62 13.50 45.51
C ARG O 313 -3.11 12.96 44.17
N MET O 314 -4.43 12.83 44.03
CA MET O 314 -5.02 12.34 42.77
C MET O 314 -4.70 13.32 41.64
N GLN O 315 -4.82 14.61 41.94
CA GLN O 315 -4.54 15.67 40.97
C GLN O 315 -3.11 15.51 40.45
N LYS O 316 -2.17 15.35 41.38
CA LYS O 316 -0.77 15.20 41.04
C LYS O 316 -0.52 13.93 40.21
N GLU O 317 -1.05 12.80 40.66
CA GLU O 317 -0.85 11.53 39.96
C GLU O 317 -1.49 11.47 38.59
N ILE O 318 -2.71 11.97 38.45
CA ILE O 318 -3.38 11.95 37.15
C ILE O 318 -2.64 12.86 36.17
N THR O 319 -2.22 14.02 36.66
CA THR O 319 -1.50 14.97 35.83
C THR O 319 -0.24 14.33 35.24
N ALA O 320 0.39 13.44 36.00
CA ALA O 320 1.59 12.76 35.56
C ALA O 320 1.30 11.71 34.48
N LEU O 321 0.10 11.15 34.49
CA LEU O 321 -0.31 10.14 33.53
C LEU O 321 -0.90 10.72 32.24
N ALA O 322 -1.60 11.83 32.37
CA ALA O 322 -2.27 12.46 31.22
C ALA O 322 -1.38 13.40 30.41
N PRO O 323 -1.80 13.70 29.17
CA PRO O 323 -1.03 14.61 28.30
C PRO O 323 -0.81 15.93 29.01
N SER O 324 0.35 16.54 28.81
CA SER O 324 0.69 17.81 29.45
C SER O 324 -0.30 18.93 29.12
N THR O 325 -1.01 18.80 28.01
CA THR O 325 -1.97 19.81 27.59
C THR O 325 -3.37 19.58 28.13
N MET O 326 -3.53 18.51 28.91
CA MET O 326 -4.84 18.19 29.48
C MET O 326 -5.17 18.96 30.75
N LYS O 327 -6.41 19.42 30.85
CA LYS O 327 -6.88 20.15 32.01
C LYS O 327 -7.44 19.11 32.99
N ILE O 328 -6.80 18.99 34.15
CA ILE O 328 -7.21 18.00 35.15
C ILE O 328 -7.89 18.66 36.35
N LYS O 329 -9.03 18.11 36.75
CA LYS O 329 -9.74 18.65 37.91
C LYS O 329 -10.37 17.54 38.74
N ILE O 330 -9.98 17.47 40.01
CA ILE O 330 -10.52 16.47 40.92
C ILE O 330 -11.55 17.15 41.82
N ILE O 331 -12.76 16.62 41.83
CA ILE O 331 -13.82 17.18 42.66
C ILE O 331 -14.03 16.27 43.87
N ALA O 332 -13.87 16.83 45.07
CA ALA O 332 -14.03 16.06 46.30
C ALA O 332 -15.03 16.73 47.22
N PRO O 333 -16.33 16.50 46.98
CA PRO O 333 -17.40 17.09 47.80
C PRO O 333 -17.25 16.76 49.28
N PRO O 334 -17.42 17.75 50.16
CA PRO O 334 -17.29 17.50 51.60
C PRO O 334 -18.25 16.41 52.08
N GLU O 335 -19.37 16.28 51.40
CA GLU O 335 -20.40 15.31 51.77
C GLU O 335 -20.35 14.03 50.92
N ARG O 336 -19.22 13.79 50.26
CA ARG O 336 -19.07 12.61 49.40
C ARG O 336 -19.25 11.24 50.06
N LYS O 337 -19.17 11.17 51.38
CA LYS O 337 -19.34 9.88 52.04
C LYS O 337 -20.77 9.38 51.84
N TYR O 338 -21.71 10.29 51.68
CA TYR O 338 -23.11 9.94 51.47
C TYR O 338 -23.67 10.49 50.16
N SER O 339 -22.79 10.85 49.23
CA SER O 339 -23.24 11.40 47.96
C SER O 339 -24.12 10.45 47.15
N VAL O 340 -23.97 9.14 47.34
CA VAL O 340 -24.80 8.18 46.63
C VAL O 340 -26.24 8.37 47.10
N TRP O 341 -26.43 8.31 48.41
CA TRP O 341 -27.75 8.48 48.99
C TRP O 341 -28.33 9.84 48.64
N ILE O 342 -27.53 10.89 48.81
CA ILE O 342 -27.98 12.24 48.51
C ILE O 342 -28.40 12.38 47.05
N GLY O 343 -27.65 11.73 46.16
CA GLY O 343 -28.01 11.79 44.75
C GLY O 343 -29.35 11.13 44.52
N GLY O 344 -29.62 10.08 45.28
CA GLY O 344 -30.89 9.38 45.15
C GLY O 344 -32.02 10.24 45.67
N SER O 345 -31.76 10.99 46.75
CA SER O 345 -32.76 11.86 47.33
C SER O 345 -33.12 12.96 46.32
N ILE O 346 -32.10 13.46 45.64
CA ILE O 346 -32.29 14.51 44.64
C ILE O 346 -33.08 13.99 43.44
N LEU O 347 -32.66 12.85 42.91
CA LEU O 347 -33.31 12.23 41.76
C LEU O 347 -34.79 11.92 42.00
N ALA O 348 -35.07 11.21 43.10
CA ALA O 348 -36.44 10.84 43.44
C ALA O 348 -37.34 12.05 43.68
N SER O 349 -36.74 13.22 43.93
CA SER O 349 -37.49 14.44 44.17
C SER O 349 -37.72 15.28 42.90
N LEU O 350 -37.09 14.89 41.80
CA LEU O 350 -37.24 15.63 40.55
C LEU O 350 -38.59 15.47 39.88
N SER O 351 -39.14 16.58 39.41
CA SER O 351 -40.43 16.56 38.74
C SER O 351 -40.42 15.61 37.54
N THR O 352 -39.37 15.70 36.73
CA THR O 352 -39.27 14.87 35.54
C THR O 352 -39.01 13.39 35.84
N PHE O 353 -38.64 13.08 37.08
CA PHE O 353 -38.36 11.69 37.44
C PHE O 353 -39.62 10.92 37.80
N GLN O 354 -40.68 11.63 38.19
CA GLN O 354 -41.90 10.93 38.59
C GLN O 354 -42.48 10.01 37.53
N GLN O 355 -42.30 10.36 36.26
CA GLN O 355 -42.82 9.53 35.17
C GLN O 355 -41.91 8.33 34.95
N MET O 356 -40.74 8.36 35.57
CA MET O 356 -39.78 7.28 35.40
C MET O 356 -39.91 6.09 36.34
N TRP O 357 -40.62 6.27 37.46
CA TRP O 357 -40.82 5.17 38.41
C TRP O 357 -41.48 3.98 37.70
N ILE O 358 -41.15 2.78 38.15
CA ILE O 358 -41.83 1.60 37.62
C ILE O 358 -43.02 1.45 38.57
N SER O 359 -44.23 1.54 38.04
CA SER O 359 -45.42 1.40 38.88
C SER O 359 -45.82 -0.06 39.04
N LYS O 360 -46.61 -0.36 40.06
CA LYS O 360 -47.07 -1.72 40.26
C LYS O 360 -47.86 -2.13 39.01
N GLN O 361 -48.55 -1.17 38.42
CA GLN O 361 -49.33 -1.44 37.22
C GLN O 361 -48.41 -1.92 36.09
N GLU O 362 -47.33 -1.18 35.87
CA GLU O 362 -46.37 -1.53 34.83
C GLU O 362 -45.73 -2.89 35.11
N TYR O 363 -45.46 -3.17 36.38
CA TYR O 363 -44.86 -4.44 36.75
C TYR O 363 -45.83 -5.58 36.42
N ASP O 364 -47.10 -5.38 36.75
CA ASP O 364 -48.13 -6.39 36.49
C ASP O 364 -48.28 -6.61 34.98
N GLU O 365 -48.08 -5.54 34.21
CA GLU O 365 -48.20 -5.59 32.77
C GLU O 365 -47.03 -6.28 32.06
N SER O 366 -45.81 -5.96 32.47
CA SER O 366 -44.63 -6.50 31.81
C SER O 366 -43.72 -7.46 32.57
N GLY O 367 -43.86 -7.53 33.89
CA GLY O 367 -43.00 -8.43 34.64
C GLY O 367 -41.66 -7.82 34.99
N PRO O 368 -40.79 -8.56 35.71
CA PRO O 368 -39.46 -8.15 36.17
C PRO O 368 -38.54 -7.57 35.10
N SER O 369 -38.57 -8.12 33.89
CA SER O 369 -37.70 -7.65 32.82
C SER O 369 -37.93 -6.21 32.38
N ILE O 370 -39.01 -5.59 32.85
CA ILE O 370 -39.28 -4.20 32.49
C ILE O 370 -38.18 -3.29 33.02
N VAL O 371 -37.50 -3.73 34.06
CA VAL O 371 -36.43 -2.95 34.67
C VAL O 371 -35.32 -2.56 33.69
N HIS O 372 -35.07 -3.39 32.69
CA HIS O 372 -34.03 -3.08 31.72
C HIS O 372 -34.39 -1.88 30.86
N ARG O 373 -35.68 -1.76 30.53
CA ARG O 373 -36.17 -0.65 29.71
C ARG O 373 -36.40 0.60 30.54
N LYS O 374 -37.01 0.44 31.71
CA LYS O 374 -37.31 1.55 32.59
C LYS O 374 -36.11 2.12 33.35
N CYS O 375 -35.15 1.26 33.66
CA CYS O 375 -33.96 1.69 34.38
C CYS O 375 -32.70 1.41 33.57
N PHE O 376 -32.60 2.06 32.41
CA PHE O 376 -31.46 1.90 31.53
C PHE O 376 -30.24 2.66 32.05
N SER P 3 -19.65 22.26 51.00
CA SER P 3 -19.65 21.43 49.79
C SER P 3 -20.57 22.06 48.74
N ILE P 4 -20.64 21.46 47.54
CA ILE P 4 -21.49 21.98 46.45
C ILE P 4 -22.96 21.93 46.87
N THR P 5 -23.37 20.84 47.53
CA THR P 5 -24.78 20.69 47.98
C THR P 5 -25.09 21.79 49.02
N GLN P 6 -24.15 22.03 49.94
CA GLN P 6 -24.34 23.06 50.99
C GLN P 6 -24.46 24.44 50.33
N LEU P 7 -23.63 24.70 49.32
CA LEU P 7 -23.63 26.01 48.62
C LEU P 7 -24.99 26.24 47.94
N PHE P 8 -25.54 25.19 47.33
CA PHE P 8 -26.85 25.30 46.63
C PHE P 8 -27.94 25.66 47.65
N ASP P 9 -27.89 25.02 48.83
CA ASP P 9 -28.89 25.28 49.91
C ASP P 9 -28.77 26.74 50.37
N ASP P 10 -27.53 27.23 50.53
CA ASP P 10 -27.27 28.62 50.97
C ASP P 10 -27.85 29.60 49.95
N LEU P 11 -27.65 29.32 48.66
CA LEU P 11 -28.16 30.21 47.59
C LEU P 11 -29.69 30.28 47.65
N CYS P 12 -30.34 29.13 47.89
CA CYS P 12 -31.82 29.06 47.96
C CYS P 12 -32.30 29.90 49.14
N GLU P 13 -31.60 29.83 50.27
CA GLU P 13 -31.98 30.59 51.49
C GLU P 13 -31.91 32.10 51.20
N ALA P 14 -30.86 32.54 50.51
CA ALA P 14 -30.69 33.97 50.20
C ALA P 14 -31.84 34.46 49.31
N LEU P 15 -32.22 33.64 48.32
CA LEU P 15 -33.32 34.00 47.39
C LEU P 15 -34.64 34.12 48.19
N LEU P 16 -34.86 33.19 49.13
CA LEU P 16 -36.09 33.19 49.95
C LEU P 16 -36.14 34.48 50.79
N ARG P 30 -41.84 28.16 57.10
CA ARG P 30 -40.50 28.69 56.76
C ARG P 30 -39.60 27.56 56.25
N LYS P 31 -39.39 26.54 57.07
CA LYS P 31 -38.54 25.39 56.69
C LYS P 31 -39.16 24.67 55.49
N ARG P 32 -40.49 24.50 55.52
CA ARG P 32 -41.20 23.83 54.40
C ARG P 32 -41.03 24.64 53.11
N ALA P 33 -41.13 25.96 53.22
CA ALA P 33 -40.98 26.86 52.05
C ALA P 33 -39.57 26.71 51.46
N LYS P 34 -38.56 26.64 52.34
CA LYS P 34 -37.15 26.49 51.89
C LYS P 34 -36.99 25.18 51.12
N ARG P 35 -37.60 24.10 51.63
CA ARG P 35 -37.51 22.77 50.99
C ARG P 35 -38.16 22.84 49.60
N SER P 36 -39.29 23.53 49.49
CA SER P 36 -40.00 23.67 48.19
C SER P 36 -39.12 24.43 47.20
N LEU P 37 -38.46 25.50 47.67
CA LEU P 37 -37.57 26.32 46.82
C LEU P 37 -36.40 25.45 46.32
N LYS P 38 -35.84 24.62 47.21
CA LYS P 38 -34.70 23.74 46.84
C LYS P 38 -35.16 22.76 45.76
N LYS P 39 -36.37 22.20 45.91
CA LYS P 39 -36.91 21.24 44.93
C LYS P 39 -37.06 21.92 43.57
N VAL P 40 -37.56 23.17 43.56
CA VAL P 40 -37.75 23.93 42.31
C VAL P 40 -36.39 24.17 41.65
N ALA P 41 -35.38 24.52 42.45
CA ALA P 41 -34.02 24.78 41.92
C ALA P 41 -33.45 23.51 41.31
N TYR P 42 -33.64 22.36 41.98
CA TYR P 42 -33.13 21.07 41.47
C TYR P 42 -33.81 20.74 40.14
N ASN P 43 -35.12 20.97 40.05
CA ASN P 43 -35.88 20.69 38.81
C ASN P 43 -35.37 21.57 37.68
N ALA P 44 -35.08 22.85 37.97
CA ALA P 44 -34.59 23.80 36.95
C ALA P 44 -33.21 23.32 36.45
N LEU P 45 -32.35 22.88 37.36
CA LEU P 45 -31.00 22.40 36.98
C LEU P 45 -31.12 21.18 36.07
N PHE P 46 -32.05 20.26 36.40
CA PHE P 46 -32.27 19.04 35.59
C PHE P 46 -32.74 19.42 34.19
N THR P 47 -33.64 20.41 34.11
CA THR P 47 -34.18 20.86 32.80
C THR P 47 -33.04 21.41 31.93
N ASN P 48 -32.14 22.19 32.54
CA ASN P 48 -31.00 22.77 31.80
C ASN P 48 -30.11 21.65 31.25
N LEU P 49 -29.89 20.61 32.06
CA LEU P 49 -29.04 19.46 31.66
C LEU P 49 -29.77 18.66 30.58
N ALA P 66 -16.96 34.83 24.90
CA ALA P 66 -17.13 35.44 26.23
C ALA P 66 -16.77 36.93 26.18
N ARG P 67 -15.50 37.23 25.87
CA ARG P 67 -15.04 38.64 25.78
C ARG P 67 -15.80 39.34 24.66
N ASN P 68 -16.00 38.65 23.54
CA ASN P 68 -16.72 39.22 22.37
C ASN P 68 -18.16 39.56 22.78
N LYS P 69 -18.80 38.68 23.56
CA LYS P 69 -20.18 38.89 24.01
C LYS P 69 -20.25 40.17 24.85
N ILE P 70 -19.26 40.38 25.72
CA ILE P 70 -19.22 41.59 26.58
C ILE P 70 -19.09 42.83 25.69
N LEU P 71 -18.24 42.75 24.66
CA LEU P 71 -18.02 43.88 23.72
C LEU P 71 -19.32 44.21 23.00
N MET P 72 -20.08 43.19 22.59
CA MET P 72 -21.36 43.40 21.87
C MET P 72 -22.32 44.16 22.78
N LEU P 73 -22.37 43.79 24.06
CA LEU P 73 -23.25 44.47 25.05
C LEU P 73 -22.81 45.94 25.17
N SER P 74 -21.50 46.17 25.20
CA SER P 74 -20.94 47.54 25.34
C SER P 74 -21.35 48.39 24.12
N PHE P 75 -21.33 47.80 22.92
CA PHE P 75 -21.69 48.53 21.69
C PHE P 75 -23.15 49.00 21.78
N ASP P 76 -24.02 48.12 22.28
CA ASP P 76 -25.47 48.46 22.42
C ASP P 76 -25.60 49.64 23.39
N LEU P 77 -24.85 49.61 24.49
CA LEU P 77 -24.89 50.69 25.50
C LEU P 77 -24.41 52.01 24.88
N ARG P 78 -23.35 51.93 24.06
CA ARG P 78 -22.79 53.14 23.41
C ARG P 78 -23.82 53.75 22.46
N VAL P 79 -24.54 52.91 21.71
CA VAL P 79 -25.57 53.40 20.76
C VAL P 79 -26.66 54.12 21.55
N GLY P 80 -27.07 53.56 22.69
CA GLY P 80 -28.12 54.17 23.55
C GLY P 80 -27.60 55.47 24.16
N LEU P 82 -23.99 57.42 29.05
CA LEU P 82 -24.12 56.16 28.30
C LEU P 82 -22.74 55.72 27.76
N GLY P 83 -22.12 56.57 26.94
CA GLY P 83 -20.80 56.26 26.35
C GLY P 83 -19.75 56.14 27.47
N PRO P 84 -19.81 57.03 28.46
CA PRO P 84 -18.85 57.00 29.59
C PRO P 84 -19.01 55.70 30.37
N LYS P 85 -20.25 55.28 30.60
CA LYS P 85 -20.53 54.03 31.35
C LYS P 85 -19.97 52.84 30.57
N ALA P 86 -20.14 52.84 29.24
CA ALA P 86 -19.65 51.75 28.38
C ALA P 86 -18.12 51.66 28.48
N ASP P 87 -17.44 52.81 28.50
CA ASP P 87 -15.96 52.83 28.58
C ASP P 87 -15.52 52.22 29.90
N ARG P 88 -16.22 52.54 30.99
CA ARG P 88 -15.89 52.00 32.34
C ARG P 88 -16.04 50.48 32.34
N LEU P 89 -17.11 49.97 31.71
CA LEU P 89 -17.35 48.50 31.66
C LEU P 89 -16.22 47.82 30.90
N GLU P 90 -15.77 48.41 29.80
CA GLU P 90 -14.66 47.83 28.99
C GLU P 90 -13.39 47.78 29.84
N GLU P 91 -13.12 48.86 30.58
CA GLU P 91 -11.91 48.95 31.44
C GLU P 91 -11.96 47.86 32.52
N LEU P 92 -13.13 47.66 33.13
CA LEU P 92 -13.29 46.64 34.20
C LEU P 92 -13.01 45.24 33.64
N VAL P 93 -13.51 44.96 32.44
CA VAL P 93 -13.31 43.64 31.80
C VAL P 93 -11.82 43.42 31.55
N GLU P 94 -11.11 44.46 31.09
CA GLU P 94 -9.67 44.37 30.80
C GLU P 94 -8.91 44.08 32.09
N GLU P 95 -9.29 44.73 33.19
CA GLU P 95 -8.62 44.54 34.49
C GLU P 95 -8.80 43.08 34.95
N LEU P 96 -10.00 42.53 34.79
CA LEU P 96 -10.28 41.13 35.20
C LEU P 96 -9.39 40.17 34.40
N GLU P 97 -9.24 40.43 33.10
CA GLU P 97 -8.41 39.57 32.23
C GLU P 97 -6.93 39.72 32.61
N VAL P 107 -13.10 32.37 35.98
CA VAL P 107 -13.42 33.81 35.88
C VAL P 107 -14.27 34.08 34.64
N GLY P 108 -13.81 33.51 33.55
CA GLY P 108 -14.46 33.64 32.24
C GLY P 108 -15.91 33.14 32.33
N SER P 109 -16.04 31.98 32.94
CA SER P 109 -17.33 31.32 33.13
C SER P 109 -18.28 32.24 33.92
N VAL P 110 -17.73 32.79 34.98
CA VAL P 110 -18.46 33.70 35.87
C VAL P 110 -18.98 34.90 35.08
N LEU P 111 -18.08 35.45 34.28
CA LEU P 111 -18.37 36.61 33.42
C LEU P 111 -19.54 36.29 32.48
N ASP P 112 -19.44 35.13 31.88
CA ASP P 112 -20.45 34.63 30.93
C ASP P 112 -21.81 34.55 31.63
N LEU P 113 -21.79 33.99 32.81
CA LEU P 113 -22.98 33.82 33.64
C LEU P 113 -23.64 35.18 33.91
N LEU P 114 -22.79 36.12 34.29
CA LEU P 114 -23.20 37.49 34.59
C LEU P 114 -23.90 38.10 33.37
N VAL P 115 -23.26 37.92 32.24
CA VAL P 115 -23.76 38.43 30.95
C VAL P 115 -25.16 37.87 30.67
N GLN P 116 -25.27 36.58 30.87
CA GLN P 116 -26.52 35.84 30.66
C GLN P 116 -27.63 36.44 31.54
N LEU P 117 -27.27 36.65 32.79
CA LEU P 117 -28.18 37.21 33.81
C LEU P 117 -28.68 38.58 33.34
N ALA P 118 -27.74 39.38 32.89
CA ALA P 118 -28.01 40.74 32.39
C ALA P 118 -29.02 40.69 31.24
N THR Q 24 -10.41 41.86 43.53
CA THR Q 24 -10.89 40.92 42.49
C THR Q 24 -12.41 40.76 42.59
N MET Q 25 -12.89 40.32 43.75
CA MET Q 25 -14.35 40.12 43.97
C MET Q 25 -15.07 41.47 43.86
N ASP Q 26 -14.46 42.53 44.41
CA ASP Q 26 -15.07 43.89 44.37
C ASP Q 26 -15.21 44.35 42.92
N VAL Q 27 -14.19 44.09 42.09
CA VAL Q 27 -14.21 44.49 40.66
C VAL Q 27 -15.36 43.76 39.95
N LEU Q 28 -15.55 42.48 40.24
CA LEU Q 28 -16.61 41.67 39.62
C LEU Q 28 -17.99 42.24 40.00
N LEU Q 29 -18.14 42.67 41.26
CA LEU Q 29 -19.42 43.24 41.75
C LEU Q 29 -19.76 44.50 40.96
N GLU Q 30 -18.75 45.36 40.70
CA GLU Q 30 -18.98 46.62 39.96
C GLU Q 30 -19.46 46.29 38.54
N ILE Q 31 -18.85 45.29 37.90
CA ILE Q 31 -19.22 44.88 36.52
C ILE Q 31 -20.67 44.36 36.52
N SER Q 32 -21.02 43.58 37.55
CA SER Q 32 -22.38 43.00 37.68
C SER Q 32 -23.41 44.13 37.81
N ARG Q 33 -23.09 45.17 38.59
CA ARG Q 33 -24.01 46.30 38.80
C ARG Q 33 -24.29 47.02 37.47
N ILE Q 34 -23.26 47.22 36.66
CA ILE Q 34 -23.40 47.90 35.35
C ILE Q 34 -24.32 47.08 34.44
N LEU Q 35 -24.12 45.76 34.41
CA LEU Q 35 -24.93 44.86 33.57
C LEU Q 35 -26.39 44.90 34.01
N ASN Q 36 -26.64 44.90 35.33
CA ASN Q 36 -28.03 44.93 35.87
C ASN Q 36 -28.59 46.35 35.77
N ASP Q 40 -27.61 40.84 47.37
CA ASP Q 40 -27.06 40.99 46.00
C ASP Q 40 -25.58 40.61 46.00
N MET Q 41 -24.77 41.33 46.79
CA MET Q 41 -23.31 41.06 46.86
C MET Q 41 -23.09 39.64 47.42
N GLU Q 42 -23.87 39.26 48.43
CA GLU Q 42 -23.74 37.91 49.05
C GLU Q 42 -24.10 36.85 48.01
N THR Q 43 -25.16 37.10 47.23
CA THR Q 43 -25.60 36.15 46.18
C THR Q 43 -24.49 35.99 45.14
N LEU Q 44 -23.87 37.11 44.75
CA LEU Q 44 -22.78 37.10 43.74
C LEU Q 44 -21.61 36.26 44.28
N SER Q 45 -21.27 36.42 45.55
CA SER Q 45 -20.15 35.65 46.16
C SER Q 45 -20.49 34.16 46.13
N ILE Q 46 -21.73 33.81 46.48
CA ILE Q 46 -22.16 32.39 46.48
C ILE Q 46 -22.10 31.84 45.05
N CYS Q 47 -22.56 32.64 44.08
CA CYS Q 47 -22.55 32.24 42.65
C CYS Q 47 -21.10 32.04 42.18
N VAL Q 48 -20.20 32.93 42.59
CA VAL Q 48 -18.78 32.85 42.19
C VAL Q 48 -18.18 31.54 42.72
N ARG Q 49 -18.49 31.20 43.98
CA ARG Q 49 -17.96 29.95 44.59
C ARG Q 49 -18.49 28.74 43.81
N LEU Q 50 -19.78 28.76 43.45
CA LEU Q 50 -20.39 27.65 42.68
C LEU Q 50 -19.70 27.52 41.33
N CYS Q 51 -19.43 28.66 40.68
CA CYS Q 51 -18.76 28.66 39.35
C CYS Q 51 -17.36 28.07 39.49
N GLU Q 52 -16.65 28.43 40.57
CA GLU Q 52 -15.29 27.92 40.83
C GLU Q 52 -15.35 26.41 41.02
N GLN Q 53 -16.37 25.94 41.74
CA GLN Q 53 -16.54 24.48 42.01
C GLN Q 53 -16.88 23.77 40.69
N ASN Q 56 -22.83 24.86 31.68
CA ASN Q 56 -22.72 24.93 33.15
C ASN Q 56 -23.14 26.33 33.64
N PRO Q 57 -22.43 27.36 33.18
CA PRO Q 57 -22.72 28.75 33.57
C PRO Q 57 -24.13 29.13 33.11
N GLU Q 58 -24.48 28.73 31.87
CA GLU Q 58 -25.82 29.04 31.32
C GLU Q 58 -26.90 28.37 32.17
N ALA Q 59 -26.65 27.12 32.58
CA ALA Q 59 -27.62 26.36 33.42
C ALA Q 59 -27.82 27.07 34.75
N LEU Q 60 -26.74 27.57 35.35
CA LEU Q 60 -26.80 28.28 36.65
C LEU Q 60 -27.67 29.53 36.51
N SER Q 61 -27.50 30.25 35.40
CA SER Q 61 -28.29 31.49 35.15
C SER Q 61 -29.78 31.15 35.08
N SER Q 62 -30.12 30.04 34.41
CA SER Q 62 -31.52 29.60 34.27
C SER Q 62 -32.10 29.29 35.66
N VAL Q 63 -31.31 28.62 36.51
CA VAL Q 63 -31.75 28.25 37.88
C VAL Q 63 -32.04 29.52 38.69
N ILE Q 64 -31.17 30.54 38.57
CA ILE Q 64 -31.36 31.80 39.32
C ILE Q 64 -32.65 32.47 38.87
N LYS Q 65 -32.93 32.47 37.56
CA LYS Q 65 -34.15 33.10 37.01
C LYS Q 65 -35.38 32.36 37.55
N GLU Q 66 -35.31 31.02 37.59
CA GLU Q 66 -36.43 30.19 38.09
C GLU Q 66 -36.69 30.50 39.56
N LEU Q 67 -35.62 30.66 40.35
CA LEU Q 67 -35.74 30.95 41.80
C LEU Q 67 -36.43 32.31 41.98
N ARG Q 68 -36.06 33.30 41.16
CA ARG Q 68 -36.66 34.64 41.25
C ARG Q 68 -38.16 34.55 40.95
N LYS Q 69 -38.52 33.76 39.93
CA LYS Q 69 -39.94 33.57 39.55
C LYS Q 69 -40.70 32.92 40.71
N ALA Q 70 -40.08 31.92 41.35
CA ALA Q 70 -40.70 31.21 42.49
C ALA Q 70 -40.93 32.20 43.64
N THR Q 71 -39.95 33.06 43.90
CA THR Q 71 -40.05 34.06 44.98
C THR Q 71 -41.22 35.01 44.68
N GLU Q 72 -41.36 35.42 43.42
CA GLU Q 72 -42.44 36.33 43.01
C GLU Q 72 -43.81 35.69 43.32
N SER R 8 -28.73 42.72 16.62
CA SER R 8 -28.72 42.41 15.17
C SER R 8 -27.58 43.19 14.51
N PRO R 9 -27.57 44.51 14.68
CA PRO R 9 -26.54 45.38 14.07
C PRO R 9 -25.15 44.99 14.59
N ASN R 10 -25.05 44.74 15.90
CA ASN R 10 -23.75 44.36 16.51
C ASN R 10 -23.27 43.03 15.90
N VAL R 11 -24.18 42.07 15.74
CA VAL R 11 -23.84 40.75 15.17
C VAL R 11 -23.36 40.95 13.73
N LEU R 12 -24.05 41.81 12.98
CA LEU R 12 -23.68 42.08 11.56
C LEU R 12 -22.27 42.69 11.52
N LEU R 13 -21.98 43.62 12.44
CA LEU R 13 -20.66 44.28 12.49
C LEU R 13 -19.58 43.24 12.79
N GLN R 14 -19.86 42.31 13.73
CA GLN R 14 -18.89 41.26 14.08
C GLN R 14 -18.63 40.38 12.86
N ASN R 15 -19.70 40.03 12.14
CA ASN R 15 -19.56 39.18 10.93
C ASN R 15 -18.71 39.91 9.89
N LEU R 16 -18.94 41.21 9.72
CA LEU R 16 -18.18 42.02 8.73
C LEU R 16 -16.70 42.03 9.12
N CYS R 17 -16.42 42.19 10.42
CA CYS R 17 -15.01 42.22 10.90
C CYS R 17 -14.36 40.86 10.60
N CYS R 18 -15.10 39.78 10.86
CA CYS R 18 -14.57 38.43 10.61
C CYS R 18 -14.26 38.25 9.12
N ARG R 19 -15.16 38.73 8.25
CA ARG R 19 -14.97 38.61 6.79
C ARG R 19 -13.73 39.41 6.37
N ILE R 20 -13.57 40.61 6.94
CA ILE R 20 -12.42 41.50 6.64
C ILE R 20 -11.11 40.82 7.06
N LEU R 21 -11.12 40.13 8.20
CA LEU R 21 -9.90 39.46 8.72
C LEU R 21 -9.66 38.10 8.05
N VAL R 28 -8.10 40.20 16.70
CA VAL R 28 -9.49 39.95 16.25
C VAL R 28 -10.46 40.64 17.21
N ALA R 29 -10.45 40.23 18.49
CA ALA R 29 -11.35 40.81 19.51
C ALA R 29 -11.04 42.30 19.67
N GLN R 30 -9.75 42.67 19.69
CA GLN R 30 -9.35 44.08 19.84
C GLN R 30 -9.87 44.88 18.64
N GLN R 31 -9.76 44.30 17.44
CA GLN R 31 -10.23 44.98 16.20
C GLN R 31 -11.74 45.18 16.30
N PHE R 32 -12.46 44.16 16.77
CA PHE R 32 -13.94 44.25 16.92
C PHE R 32 -14.29 45.36 17.91
N GLN R 33 -13.54 45.46 19.01
CA GLN R 33 -13.78 46.49 20.03
C GLN R 33 -13.56 47.88 19.41
N TYR R 34 -12.50 48.02 18.61
CA TYR R 34 -12.20 49.32 17.95
C TYR R 34 -13.34 49.67 17.01
N ALA R 35 -13.84 48.68 16.27
CA ALA R 35 -14.96 48.91 15.32
C ALA R 35 -16.20 49.36 16.08
N VAL R 36 -16.47 48.72 17.23
CA VAL R 36 -17.64 49.07 18.05
C VAL R 36 -17.50 50.51 18.55
N ARG R 37 -16.29 50.89 18.97
CA ARG R 37 -16.04 52.28 19.46
C ARG R 37 -16.30 53.26 18.32
N VAL R 38 -15.82 52.94 17.12
CA VAL R 38 -16.00 53.83 15.95
C VAL R 38 -17.50 53.97 15.64
N ILE R 39 -18.24 52.86 15.72
CA ILE R 39 -19.70 52.88 15.44
C ILE R 39 -20.40 53.76 16.48
N GLY R 40 -19.99 53.65 17.75
CA GLY R 40 -20.59 54.45 18.84
C GLY R 40 -20.31 55.93 18.58
N SER R 41 -19.09 56.25 18.13
CA SER R 41 -18.70 57.65 17.84
C SER R 41 -19.71 58.25 16.83
N ASP R 50 -29.93 64.97 -1.69
CA ASP R 50 -28.92 64.10 -1.04
C ASP R 50 -28.44 63.04 -2.04
N GLU R 51 -29.36 62.17 -2.49
CA GLU R 51 -29.01 61.10 -3.44
C GLU R 51 -28.51 61.72 -4.75
N PHE R 52 -29.19 62.78 -5.21
CA PHE R 52 -28.79 63.46 -6.47
C PHE R 52 -27.39 64.05 -6.29
N LEU R 53 -27.12 64.66 -5.13
CA LEU R 53 -25.80 65.27 -4.86
C LEU R 53 -24.73 64.16 -4.89
N VAL R 54 -25.03 63.02 -4.28
CA VAL R 54 -24.07 61.89 -4.24
C VAL R 54 -23.79 61.41 -5.67
N ALA R 55 -24.83 61.31 -6.50
CA ALA R 55 -24.67 60.86 -7.90
C ALA R 55 -23.78 61.86 -8.66
N GLU R 56 -24.02 63.17 -8.44
CA GLU R 56 -23.22 64.21 -9.13
C GLU R 56 -21.76 64.08 -8.69
N LYS R 57 -21.53 63.84 -7.40
CA LYS R 57 -20.16 63.71 -6.87
C LYS R 57 -19.48 62.50 -7.52
N ILE R 58 -20.22 61.39 -7.65
CA ILE R 58 -19.67 60.16 -8.28
C ILE R 58 -19.29 60.46 -9.72
N LYS R 59 -20.16 61.19 -10.45
CA LYS R 59 -19.88 61.53 -11.85
C LYS R 59 -18.62 62.40 -11.94
N LYS R 60 -18.48 63.35 -11.02
CA LYS R 60 -17.29 64.25 -10.99
C LYS R 60 -16.02 63.43 -10.72
N GLU R 61 -16.12 62.45 -9.81
CA GLU R 61 -14.96 61.59 -9.47
C GLU R 61 -14.58 60.78 -10.72
N LEU R 62 -15.59 60.29 -11.44
CA LEU R 62 -15.35 59.50 -12.67
C LEU R 62 -14.65 60.40 -13.69
N ILE R 63 -15.08 61.66 -13.80
CA ILE R 63 -14.48 62.64 -14.73
C ILE R 63 -13.01 62.86 -14.38
N ARG R 64 -12.71 62.99 -13.07
CA ARG R 64 -11.32 63.19 -12.62
C ARG R 64 -10.50 61.96 -13.01
N GLN R 65 -11.08 60.76 -12.83
CA GLN R 65 -10.39 59.49 -13.15
C GLN R 65 -10.09 59.43 -14.66
N ARG R 66 -11.06 59.87 -15.48
CA ARG R 66 -10.90 59.85 -16.96
C ARG R 66 -9.64 60.61 -17.37
N ARG R 67 -13.62 56.11 -19.31
CA ARG R 67 -13.96 57.08 -18.23
C ARG R 67 -15.32 57.72 -18.50
N GLU R 68 -15.45 58.46 -19.60
CA GLU R 68 -16.71 59.13 -19.96
C GLU R 68 -17.80 58.07 -20.22
N ALA R 69 -17.43 56.99 -20.91
CA ALA R 69 -18.39 55.90 -21.23
C ALA R 69 -18.90 55.26 -19.93
N ASP R 70 -17.99 55.06 -18.97
CA ASP R 70 -18.35 54.44 -17.66
C ASP R 70 -19.36 55.33 -16.94
N ALA R 71 -19.18 56.65 -17.00
CA ALA R 71 -20.09 57.60 -16.32
C ALA R 71 -21.50 57.45 -16.89
N ALA R 72 -21.62 57.31 -18.21
CA ALA R 72 -22.95 57.14 -18.85
C ALA R 72 -23.59 55.84 -18.35
N LEU R 73 -22.79 54.77 -18.24
CA LEU R 73 -23.28 53.46 -17.76
C LEU R 73 -23.76 53.59 -16.31
N PHE R 74 -23.03 54.35 -15.49
CA PHE R 74 -23.38 54.54 -14.06
C PHE R 74 -24.76 55.20 -13.95
N SER R 75 -25.04 56.19 -14.81
CA SER R 75 -26.35 56.89 -14.77
C SER R 75 -27.46 55.89 -15.07
N GLU R 76 -27.25 55.01 -16.06
CA GLU R 76 -28.26 53.99 -16.42
C GLU R 76 -28.45 53.01 -15.26
N LEU R 77 -27.35 52.62 -14.61
CA LEU R 77 -27.39 51.67 -13.48
C LEU R 77 -28.17 52.27 -12.30
N HIS R 78 -27.97 53.57 -12.03
CA HIS R 78 -28.66 54.24 -10.91
C HIS R 78 -30.18 54.20 -11.14
N ARG R 79 -30.60 54.45 -12.38
CA ARG R 79 -32.05 54.43 -12.73
C ARG R 79 -32.61 53.03 -12.49
N LYS R 80 -31.85 51.99 -12.86
CA LYS R 80 -32.29 50.59 -12.71
C LYS R 80 -32.51 50.27 -11.23
N LEU R 81 -31.61 50.74 -10.36
CA LEU R 81 -31.72 50.46 -8.90
C LEU R 81 -33.02 51.06 -8.37
N HIS R 82 -33.36 52.27 -8.79
CA HIS R 82 -34.59 52.96 -8.35
C HIS R 82 -35.82 52.17 -8.83
N SER R 83 -35.77 51.66 -10.06
CA SER R 83 -36.90 50.90 -10.65
C SER R 83 -37.17 49.62 -9.84
N GLN R 84 -36.12 48.92 -9.40
CA GLN R 84 -36.29 47.66 -8.64
C GLN R 84 -36.48 47.96 -7.15
N ASN R 89 -31.66 55.60 2.55
CA ASN R 89 -31.33 54.17 2.29
C ASN R 89 -30.42 54.06 1.07
N LYS R 90 -30.93 54.44 -0.10
CA LYS R 90 -30.15 54.38 -1.36
C LYS R 90 -28.94 55.31 -1.28
N TRP R 91 -29.13 56.50 -0.71
CA TRP R 91 -28.05 57.50 -0.59
C TRP R 91 -26.92 56.96 0.29
N SER R 92 -27.26 56.29 1.39
CA SER R 92 -26.22 55.75 2.32
C SER R 92 -25.37 54.70 1.59
N ILE R 93 -25.99 53.82 0.81
CA ILE R 93 -25.23 52.77 0.09
C ILE R 93 -24.28 53.41 -0.93
N LEU R 94 -24.75 54.43 -1.65
CA LEU R 94 -23.94 55.12 -2.68
C LEU R 94 -22.74 55.82 -2.04
N TYR R 95 -22.95 56.45 -0.88
CA TYR R 95 -21.86 57.19 -0.19
C TYR R 95 -20.74 56.23 0.20
N LEU R 96 -21.09 55.05 0.71
CA LEU R 96 -20.07 54.06 1.12
C LEU R 96 -19.24 53.64 -0.09
N LEU R 97 -19.92 53.41 -1.22
CA LEU R 97 -19.23 52.99 -2.47
C LEU R 97 -18.29 54.10 -2.94
N LEU R 98 -18.74 55.35 -2.85
CA LEU R 98 -17.94 56.52 -3.29
C LEU R 98 -16.68 56.63 -2.42
N SER R 99 -16.81 56.39 -1.11
CA SER R 99 -15.67 56.49 -0.18
C SER R 99 -14.59 55.47 -0.56
N LEU R 100 -15.01 54.25 -0.92
CA LEU R 100 -14.04 53.19 -1.30
C LEU R 100 -13.25 53.65 -2.54
N SER R 101 -13.95 54.26 -3.51
CA SER R 101 -13.32 54.76 -4.75
C SER R 101 -12.42 53.68 -5.36
N ALA S 12 -45.34 32.40 -3.23
CA ALA S 12 -45.51 33.21 -4.46
C ALA S 12 -44.97 34.62 -4.22
N ALA S 13 -45.60 35.36 -3.29
CA ALA S 13 -45.18 36.74 -2.98
C ALA S 13 -43.75 36.71 -2.42
N ALA S 14 -43.45 35.73 -1.55
CA ALA S 14 -42.10 35.60 -0.96
C ALA S 14 -41.08 35.34 -2.06
N ALA S 15 -41.42 34.50 -3.03
CA ALA S 15 -40.51 34.17 -4.16
C ALA S 15 -40.22 35.44 -4.97
N ALA S 16 -41.25 36.27 -5.20
CA ALA S 16 -41.10 37.52 -5.96
C ALA S 16 -40.14 38.45 -5.21
N ASN S 17 -40.28 38.53 -3.88
CA ASN S 17 -39.42 39.39 -3.05
C ASN S 17 -37.97 38.92 -3.16
N LEU S 18 -37.76 37.59 -3.13
CA LEU S 18 -36.40 37.02 -3.22
C LEU S 18 -35.77 37.39 -4.57
N ASN S 19 -36.56 37.31 -5.65
CA ASN S 19 -36.06 37.64 -7.00
C ASN S 19 -35.66 39.11 -7.06
N ALA S 20 -36.47 39.99 -6.46
CA ALA S 20 -36.18 41.44 -6.46
C ALA S 20 -34.87 41.71 -5.71
N VAL S 21 -34.68 41.04 -4.56
CA VAL S 21 -33.46 41.24 -3.75
C VAL S 21 -32.23 40.79 -4.56
N ARG S 22 -32.35 39.66 -5.26
CA ARG S 22 -31.22 39.13 -6.07
C ARG S 22 -30.89 40.12 -7.19
N GLU S 23 -31.92 40.66 -7.85
CA GLU S 23 -31.71 41.63 -8.95
C GLU S 23 -31.02 42.89 -8.42
N THR S 24 -31.46 43.38 -7.26
CA THR S 24 -30.87 44.60 -6.66
C THR S 24 -29.40 44.36 -6.32
N MET S 25 -29.09 43.17 -5.77
CA MET S 25 -27.70 42.82 -5.41
C MET S 25 -26.81 42.80 -6.65
N ASP S 26 -27.31 42.24 -7.75
CA ASP S 26 -26.53 42.16 -9.01
C ASP S 26 -26.23 43.58 -9.52
N VAL S 27 -27.22 44.47 -9.48
CA VAL S 27 -27.05 45.86 -9.95
C VAL S 27 -26.01 46.58 -9.08
N LEU S 28 -26.08 46.37 -7.76
CA LEU S 28 -25.14 47.01 -6.81
C LEU S 28 -23.71 46.52 -7.11
N LEU S 29 -23.55 45.23 -7.39
CA LEU S 29 -22.22 44.65 -7.67
C LEU S 29 -21.63 45.29 -8.93
N GLU S 30 -22.45 45.50 -9.96
CA GLU S 30 -21.98 46.11 -11.22
C GLU S 30 -21.49 47.54 -10.93
N ILE S 31 -22.22 48.29 -10.11
CA ILE S 31 -21.86 49.67 -9.76
C ILE S 31 -20.51 49.67 -9.01
N SER S 32 -20.33 48.70 -8.10
CA SER S 32 -19.07 48.59 -7.32
C SER S 32 -17.90 48.31 -8.26
N ARG S 33 -18.11 47.43 -9.25
CA ARG S 33 -17.04 47.06 -10.20
C ARG S 33 -16.61 48.30 -11.00
N ILE S 34 -17.58 49.12 -11.44
CA ILE S 34 -17.27 50.33 -12.23
C ILE S 34 -16.44 51.31 -11.38
N LEU S 35 -16.81 51.47 -10.10
CA LEU S 35 -16.10 52.41 -9.20
C LEU S 35 -14.93 51.70 -8.48
N ASN S 36 -14.78 50.39 -8.68
CA ASN S 36 -13.70 49.64 -8.02
C ASN S 36 -12.35 50.28 -8.33
N ASP S 40 -16.03 39.47 -2.01
CA ASP S 40 -16.46 40.80 -2.49
C ASP S 40 -17.99 40.92 -2.42
N MET S 41 -18.69 40.01 -3.10
CA MET S 41 -20.18 40.03 -3.10
C MET S 41 -20.71 39.81 -1.68
N GLU S 42 -20.10 38.86 -0.95
CA GLU S 42 -20.52 38.56 0.43
C GLU S 42 -20.28 39.80 1.31
N THR S 43 -19.14 40.45 1.15
CA THR S 43 -18.80 41.66 1.93
C THR S 43 -19.81 42.77 1.60
N LEU S 44 -20.16 42.91 0.32
CA LEU S 44 -21.12 43.94 -0.13
C LEU S 44 -22.48 43.70 0.51
N SER S 45 -22.91 42.44 0.59
CA SER S 45 -24.22 42.09 1.18
C SER S 45 -24.25 42.50 2.66
N ILE S 46 -23.16 42.23 3.39
CA ILE S 46 -23.08 42.61 4.82
C ILE S 46 -23.15 44.13 4.97
N CYS S 47 -22.42 44.84 4.11
CA CYS S 47 -22.37 46.32 4.14
C CYS S 47 -23.76 46.89 3.83
N VAL S 48 -24.46 46.32 2.85
CA VAL S 48 -25.80 46.80 2.45
C VAL S 48 -26.78 46.66 3.62
N ARG S 49 -26.72 45.52 4.33
CA ARG S 49 -27.64 45.29 5.46
C ARG S 49 -27.35 46.32 6.57
N LEU S 50 -26.08 46.57 6.86
CA LEU S 50 -25.68 47.55 7.90
C LEU S 50 -26.15 48.95 7.49
N CYS S 51 -25.99 49.29 6.21
CA CYS S 51 -26.37 50.62 5.69
C CYS S 51 -27.89 50.81 5.84
N GLU S 52 -28.67 49.77 5.55
CA GLU S 52 -30.14 49.85 5.64
C GLU S 52 -30.55 50.14 7.09
N GLN S 53 -29.90 49.49 8.06
CA GLN S 53 -30.24 49.69 9.48
C GLN S 53 -29.99 51.15 9.88
N GLY S 54 -28.85 51.72 9.44
CA GLY S 54 -28.49 53.12 9.77
C GLY S 54 -27.37 53.60 8.84
N ASN S 56 -22.90 58.41 9.86
CA ASN S 56 -23.18 56.96 9.95
C ASN S 56 -22.49 56.22 8.79
N PRO S 57 -22.85 56.55 7.56
CA PRO S 57 -22.25 55.91 6.36
C PRO S 57 -20.76 56.24 6.32
N GLU S 58 -20.40 57.49 6.63
CA GLU S 58 -18.98 57.92 6.63
C GLU S 58 -18.19 57.13 7.67
N ALA S 59 -18.78 56.92 8.86
CA ALA S 59 -18.13 56.18 9.95
C ALA S 59 -17.86 54.74 9.51
N LEU S 60 -18.83 54.11 8.84
CA LEU S 60 -18.69 52.72 8.38
C LEU S 60 -17.52 52.62 7.38
N SER S 61 -17.41 53.60 6.48
CA SER S 61 -16.33 53.61 5.48
C SER S 61 -14.97 53.69 6.17
N SER S 62 -14.86 54.52 7.21
CA SER S 62 -13.59 54.68 7.95
C SER S 62 -13.19 53.35 8.60
N VAL S 63 -14.16 52.66 9.20
CA VAL S 63 -13.89 51.36 9.87
C VAL S 63 -13.41 50.34 8.84
N ILE S 64 -14.04 50.31 7.66
CA ILE S 64 -13.66 49.35 6.60
C ILE S 64 -12.22 49.63 6.14
N LYS S 65 -11.87 50.91 5.98
CA LYS S 65 -10.51 51.29 5.54
C LYS S 65 -9.48 50.86 6.59
N GLU S 66 -9.79 51.06 7.88
CA GLU S 66 -8.87 50.69 8.98
C GLU S 66 -8.67 49.17 8.99
N LEU S 67 -9.75 48.41 8.80
CA LEU S 67 -9.67 46.93 8.80
C LEU S 67 -8.77 46.47 7.65
N ARG S 68 -8.92 47.09 6.47
CA ARG S 68 -8.11 46.73 5.29
C ARG S 68 -6.63 46.98 5.60
N LYS S 69 -6.33 48.11 6.24
CA LYS S 69 -4.93 48.47 6.59
C LYS S 69 -4.36 47.42 7.55
N ALA S 70 -5.17 46.98 8.53
CA ALA S 70 -4.73 45.97 9.52
C ALA S 70 -4.42 44.65 8.81
N THR S 71 -5.26 44.26 7.85
CA THR S 71 -5.06 43.01 7.09
C THR S 71 -3.74 43.07 6.33
N GLU S 72 -3.44 44.23 5.72
CA GLU S 72 -2.19 44.41 4.96
C GLU S 72 -0.99 44.23 5.89
N ARG T 3 -55.19 -52.02 72.54
CA ARG T 3 -55.00 -53.42 72.21
C ARG T 3 -53.91 -53.57 71.17
N GLU T 4 -53.25 -54.72 71.15
CA GLU T 4 -52.16 -54.98 70.22
C GLU T 4 -52.27 -56.39 69.67
N ILE T 5 -51.54 -56.68 68.61
CA ILE T 5 -51.50 -58.01 68.00
C ILE T 5 -50.06 -58.33 67.63
N ILE T 6 -49.57 -59.45 68.14
CA ILE T 6 -48.23 -59.94 67.83
C ILE T 6 -48.33 -61.06 66.80
N THR T 7 -47.60 -60.91 65.70
CA THR T 7 -47.65 -61.87 64.61
C THR T 7 -46.46 -62.84 64.69
N LEU T 8 -46.73 -64.11 64.39
CA LEU T 8 -45.72 -65.14 64.40
C LEU T 8 -45.61 -65.74 63.00
N GLN T 9 -44.38 -65.91 62.53
CA GLN T 9 -44.12 -66.42 61.19
C GLN T 9 -43.28 -67.69 61.31
N LEU T 10 -43.80 -68.79 60.80
CA LEU T 10 -43.14 -70.09 60.91
C LEU T 10 -42.90 -70.68 59.52
N GLY T 11 -41.75 -71.32 59.36
CA GLY T 11 -41.43 -71.97 58.11
C GLY T 11 -41.08 -71.03 56.98
N GLN T 12 -40.63 -71.58 55.85
CA GLN T 12 -40.26 -70.73 54.71
C GLN T 12 -41.47 -69.98 54.19
N CYS T 13 -42.63 -70.63 54.16
CA CYS T 13 -43.83 -69.98 53.66
C CYS T 13 -44.23 -68.80 54.54
N GLY T 14 -44.14 -68.97 55.86
CA GLY T 14 -44.53 -67.91 56.76
C GLY T 14 -43.68 -66.66 56.61
N ASN T 15 -42.36 -66.83 56.61
CA ASN T 15 -41.47 -65.68 56.59
C ASN T 15 -41.66 -64.86 55.32
N GLN T 16 -41.79 -65.53 54.17
CA GLN T 16 -41.93 -64.79 52.91
C GLN T 16 -43.27 -64.06 52.86
N ILE T 17 -44.38 -64.77 53.03
CA ILE T 17 -45.67 -64.11 52.96
C ILE T 17 -45.84 -63.16 54.14
N GLY T 18 -45.08 -63.36 55.21
CA GLY T 18 -45.05 -62.38 56.28
C GLY T 18 -44.23 -61.17 55.89
N PHE T 19 -43.07 -61.39 55.27
CA PHE T 19 -42.23 -60.28 54.84
C PHE T 19 -42.93 -59.45 53.78
N GLU T 20 -43.63 -60.10 52.86
CA GLU T 20 -44.41 -59.37 51.88
C GLU T 20 -45.61 -58.68 52.52
N PHE T 21 -46.08 -59.21 53.65
CA PHE T 21 -47.17 -58.55 54.36
C PHE T 21 -46.70 -57.25 54.99
N TRP T 22 -45.50 -57.26 55.57
CA TRP T 22 -45.00 -56.05 56.21
C TRP T 22 -44.56 -55.02 55.17
N LYS T 23 -44.06 -55.48 54.02
CA LYS T 23 -43.66 -54.56 52.96
C LYS T 23 -44.87 -53.80 52.43
N GLN T 24 -46.00 -54.48 52.27
CA GLN T 24 -47.20 -53.83 51.80
C GLN T 24 -47.76 -52.87 52.83
N LEU T 25 -47.64 -53.22 54.12
CA LEU T 25 -48.21 -52.38 55.15
C LEU T 25 -47.32 -51.17 55.42
N CYS T 26 -46.01 -51.36 55.44
CA CYS T 26 -45.09 -50.24 55.65
C CYS T 26 -45.23 -49.18 54.55
N ALA T 27 -45.67 -49.59 53.36
CA ALA T 27 -45.87 -48.62 52.30
C ALA T 27 -47.22 -47.94 52.42
N GLU T 28 -48.22 -48.71 52.86
CA GLU T 28 -49.58 -48.17 53.08
C GLU T 28 -49.46 -46.97 54.02
N HIS T 29 -48.67 -47.13 55.08
CA HIS T 29 -48.41 -46.05 56.02
C HIS T 29 -47.21 -45.25 55.55
N GLY T 30 -46.98 -44.12 56.19
CA GLY T 30 -45.84 -43.29 55.82
C GLY T 30 -44.58 -43.69 56.54
N ILE T 31 -44.18 -44.96 56.41
CA ILE T 31 -43.03 -45.51 57.13
C ILE T 31 -42.03 -45.99 56.10
N SER T 32 -40.84 -45.39 56.11
CA SER T 32 -39.78 -45.77 55.18
C SER T 32 -39.21 -47.13 55.58
N PRO T 33 -38.62 -47.85 54.61
CA PRO T 33 -38.06 -49.18 54.90
C PRO T 33 -37.06 -49.21 56.04
N GLU T 34 -36.44 -48.08 56.37
CA GLU T 34 -35.52 -48.06 57.51
C GLU T 34 -36.23 -47.73 58.83
N GLY T 35 -37.54 -47.94 58.88
CA GLY T 35 -38.34 -47.76 60.10
C GLY T 35 -38.31 -46.31 60.59
N ILE T 36 -38.33 -45.35 59.67
CA ILE T 36 -38.39 -43.94 60.00
C ILE T 36 -39.62 -43.37 59.30
N VAL T 37 -40.39 -42.56 60.03
CA VAL T 37 -41.60 -41.98 59.44
C VAL T 37 -41.20 -40.91 58.44
N GLU T 38 -41.77 -40.97 57.25
CA GLU T 38 -41.54 -39.97 56.21
C GLU T 38 -42.57 -38.86 56.34
N GLU T 39 -42.22 -37.69 55.82
CA GLU T 39 -43.09 -36.53 55.96
C GLU T 39 -44.35 -36.69 55.11
N PHE T 40 -44.20 -36.76 53.79
CA PHE T 40 -45.30 -36.76 52.85
C PHE T 40 -46.33 -35.67 53.16
N THR T 45 -53.32 -40.12 60.61
CA THR T 45 -54.74 -40.34 60.84
C THR T 45 -55.05 -41.83 60.85
N ASP T 46 -54.14 -42.62 60.27
CA ASP T 46 -54.30 -44.09 60.21
C ASP T 46 -53.75 -44.71 61.50
N ARG T 47 -54.55 -45.56 62.16
CA ARG T 47 -54.13 -46.20 63.40
C ARG T 47 -53.01 -47.19 63.12
N LYS T 48 -51.83 -46.93 63.66
CA LYS T 48 -50.68 -47.79 63.43
C LYS T 48 -50.10 -48.33 64.73
N ASP T 49 -50.81 -48.17 65.86
CA ASP T 49 -50.28 -48.66 67.12
C ASP T 49 -50.58 -50.13 67.34
N VAL T 50 -51.56 -50.69 66.62
CA VAL T 50 -51.92 -52.10 66.83
C VAL T 50 -50.79 -53.00 66.37
N PHE T 51 -50.23 -52.71 65.20
CA PHE T 51 -49.19 -53.57 64.63
C PHE T 51 -47.78 -53.06 64.87
N PHE T 52 -47.59 -51.75 64.99
CA PHE T 52 -46.26 -51.17 65.15
C PHE T 52 -46.09 -50.64 66.56
N TYR T 53 -44.88 -50.79 67.09
CA TYR T 53 -44.53 -50.38 68.44
C TYR T 53 -43.66 -49.14 68.38
N GLN T 54 -44.10 -48.07 69.04
CA GLN T 54 -43.37 -46.81 69.02
C GLN T 54 -42.07 -46.89 69.82
N TYR T 60 -40.85 -46.40 64.75
CA TYR T 60 -41.82 -47.47 64.69
C TYR T 60 -41.18 -48.81 64.35
N ILE T 61 -41.61 -49.87 65.03
CA ILE T 61 -41.04 -51.20 64.83
C ILE T 61 -42.18 -52.22 64.77
N PRO T 62 -42.17 -53.13 63.81
CA PRO T 62 -43.24 -54.13 63.75
C PRO T 62 -43.14 -55.13 64.89
N ARG T 63 -44.31 -55.54 65.38
CA ARG T 63 -44.38 -56.55 66.43
C ARG T 63 -44.37 -57.94 65.79
N ALA T 64 -43.19 -58.34 65.35
CA ALA T 64 -43.01 -59.60 64.62
C ALA T 64 -42.07 -60.51 65.38
N VAL T 65 -42.28 -61.81 65.19
CA VAL T 65 -41.43 -62.85 65.78
C VAL T 65 -41.12 -63.84 64.66
N LEU T 66 -39.98 -63.68 64.01
CA LEU T 66 -39.63 -64.55 62.90
C LEU T 66 -39.02 -65.85 63.41
N LEU T 67 -39.33 -66.95 62.72
CA LEU T 67 -38.78 -68.25 63.08
C LEU T 67 -38.48 -69.08 61.85
N ARG T 72 -32.11 -70.10 57.41
CA ARG T 72 -31.55 -69.85 56.09
C ARG T 72 -32.26 -68.71 55.37
N VAL T 73 -33.59 -68.78 55.31
CA VAL T 73 -34.36 -67.71 54.66
C VAL T 73 -34.21 -66.40 55.41
N ILE T 74 -33.86 -66.47 56.71
CA ILE T 74 -33.69 -65.25 57.49
C ILE T 74 -32.57 -64.39 56.91
N HIS T 75 -31.56 -65.03 56.32
CA HIS T 75 -30.44 -64.26 55.77
C HIS T 75 -30.86 -63.44 54.56
N SER T 76 -31.82 -63.96 53.78
CA SER T 76 -32.33 -63.19 52.66
C SER T 76 -33.03 -61.92 53.14
N ILE T 77 -33.65 -61.98 54.33
CA ILE T 77 -34.31 -60.80 54.88
C ILE T 77 -33.28 -59.83 55.43
N LEU T 78 -32.21 -60.35 56.06
CA LEU T 78 -31.19 -59.49 56.64
C LEU T 78 -30.35 -58.78 55.59
N ASN T 79 -30.24 -59.34 54.38
CA ASN T 79 -29.49 -58.69 53.32
C ASN T 79 -30.33 -57.72 52.50
N SER T 80 -31.65 -57.85 52.54
CA SER T 80 -32.53 -56.96 51.80
C SER T 80 -32.45 -55.55 52.38
N PRO T 81 -32.97 -54.55 51.64
CA PRO T 81 -33.00 -53.18 52.19
C PRO T 81 -33.84 -53.03 53.45
N TYR T 82 -34.58 -54.06 53.86
CA TYR T 82 -35.44 -53.99 55.04
C TYR T 82 -34.77 -54.56 56.28
N ALA T 83 -33.45 -54.43 56.39
CA ALA T 83 -32.75 -54.98 57.55
C ALA T 83 -32.99 -54.14 58.80
N LYS T 84 -33.38 -52.88 58.63
CA LYS T 84 -33.58 -51.98 59.76
C LYS T 84 -34.98 -52.05 60.33
N LEU T 85 -35.70 -53.15 60.11
CA LEU T 85 -37.10 -53.23 60.49
C LEU T 85 -37.36 -54.25 61.59
N TYR T 86 -36.31 -54.78 62.22
CA TYR T 86 -36.49 -55.77 63.28
C TYR T 86 -35.49 -55.56 64.42
N GLY T 101 -36.21 -80.91 59.38
CA GLY T 101 -36.41 -81.88 58.32
C GLY T 101 -37.70 -81.63 57.57
N ASN T 102 -38.30 -82.69 57.03
CA ASN T 102 -39.59 -82.60 56.35
C ASN T 102 -40.63 -83.52 56.95
N ASN T 103 -40.35 -84.12 58.09
CA ASN T 103 -41.33 -84.94 58.82
C ASN T 103 -41.99 -84.10 59.90
N TRP T 104 -43.29 -84.30 60.07
CA TRP T 104 -44.02 -83.55 61.09
C TRP T 104 -43.51 -83.89 62.49
N ALA T 105 -43.03 -85.11 62.67
CA ALA T 105 -42.50 -85.49 63.99
C ALA T 105 -41.23 -84.72 64.31
N SER T 106 -40.37 -84.51 63.31
CA SER T 106 -39.16 -83.71 63.54
C SER T 106 -39.51 -82.27 63.88
N GLY T 107 -40.57 -81.74 63.27
CA GLY T 107 -41.00 -80.39 63.60
C GLY T 107 -41.59 -80.29 65.00
N PHE T 108 -42.31 -81.34 65.42
CA PHE T 108 -42.87 -81.33 66.77
C PHE T 108 -41.80 -81.59 67.82
N SER T 109 -40.79 -82.39 67.48
CA SER T 109 -39.77 -82.73 68.46
C SER T 109 -38.86 -81.54 68.75
N GLN T 110 -38.40 -80.86 67.69
CA GLN T 110 -37.45 -79.76 67.89
C GLN T 110 -38.09 -78.61 68.66
N GLY T 111 -39.40 -78.40 68.52
CA GLY T 111 -40.05 -77.38 69.32
C GLY T 111 -40.06 -77.70 70.79
N GLU T 112 -40.11 -78.98 71.13
CA GLU T 112 -40.09 -79.40 72.53
C GLU T 112 -38.74 -79.09 73.18
N LYS T 113 -37.66 -79.08 72.38
CA LYS T 113 -36.33 -78.90 72.95
C LYS T 113 -36.01 -77.43 73.22
N ILE T 114 -36.61 -76.53 72.47
CA ILE T 114 -36.34 -75.09 72.61
C ILE T 114 -37.56 -74.40 73.19
N HIS T 115 -38.35 -75.14 73.98
CA HIS T 115 -39.60 -74.61 74.51
C HIS T 115 -39.36 -73.34 75.30
N GLU T 116 -38.37 -73.34 76.18
CA GLU T 116 -38.14 -72.18 77.03
C GLU T 116 -37.43 -71.07 76.28
N ASP T 117 -36.68 -71.41 75.23
CA ASP T 117 -35.93 -70.39 74.51
C ASP T 117 -36.85 -69.49 73.71
N ILE T 118 -37.70 -70.07 72.86
CA ILE T 118 -38.55 -69.25 71.99
C ILE T 118 -39.69 -68.63 72.78
N PHE T 119 -40.00 -69.22 73.94
CA PHE T 119 -41.10 -68.73 74.81
C PHE T 119 -40.60 -67.58 75.70
N ASP T 120 -39.31 -67.23 75.57
CA ASP T 120 -38.71 -66.13 76.37
C ASP T 120 -38.78 -64.83 75.57
N ILE T 121 -38.83 -64.93 74.24
CA ILE T 121 -38.89 -63.73 73.36
C ILE T 121 -40.36 -63.31 73.20
N ILE T 122 -41.28 -64.27 73.38
CA ILE T 122 -42.75 -64.01 73.25
C ILE T 122 -43.25 -63.42 74.57
N ASP T 123 -42.86 -64.03 75.69
CA ASP T 123 -43.28 -63.56 77.04
C ASP T 123 -43.00 -62.05 77.16
N ARG T 124 -41.77 -61.63 76.87
CA ARG T 124 -41.40 -60.19 76.95
C ARG T 124 -42.20 -59.40 75.91
N GLU T 125 -42.45 -60.01 74.75
CA GLU T 125 -43.21 -59.35 73.65
C GLU T 125 -44.67 -59.19 74.08
N ALA T 126 -45.18 -60.15 74.87
CA ALA T 126 -46.58 -60.10 75.35
C ALA T 126 -46.66 -59.15 76.55
N ASP T 127 -45.76 -59.31 77.52
CA ASP T 127 -45.75 -58.47 78.74
C ASP T 127 -45.50 -57.01 78.35
N GLY T 128 -44.37 -56.73 77.70
CA GLY T 128 -44.01 -55.39 77.28
C GLY T 128 -45.14 -54.69 76.55
N SER T 129 -46.08 -55.45 76.01
CA SER T 129 -47.22 -54.88 75.31
C SER T 129 -48.18 -54.24 76.29
N ASP T 130 -48.90 -53.22 75.80
CA ASP T 130 -49.84 -52.49 76.66
C ASP T 130 -50.95 -53.41 77.16
N SER T 131 -51.75 -53.94 76.23
CA SER T 131 -52.82 -54.87 76.57
C SER T 131 -52.99 -55.82 75.39
N LEU T 132 -52.34 -56.97 75.48
CA LEU T 132 -52.33 -57.92 74.36
C LEU T 132 -53.74 -58.36 74.00
N GLU T 133 -53.96 -58.59 72.71
CA GLU T 133 -55.26 -59.01 72.22
C GLU T 133 -55.21 -60.35 71.49
N GLY T 134 -54.22 -60.57 70.64
CA GLY T 134 -54.23 -61.77 69.83
C GLY T 134 -52.88 -62.32 69.42
N PHE T 135 -52.90 -63.35 68.56
CA PHE T 135 -51.64 -63.98 68.10
C PHE T 135 -51.79 -64.44 66.64
N VAL T 136 -51.63 -63.52 65.68
CA VAL T 136 -51.75 -63.85 64.27
C VAL T 136 -50.63 -64.79 63.89
N LEU T 137 -50.97 -65.87 63.19
CA LEU T 137 -50.01 -66.91 62.82
C LEU T 137 -50.05 -67.11 61.32
N CYS T 138 -48.88 -67.05 60.68
CA CYS T 138 -48.77 -67.19 59.23
C CYS T 138 -47.89 -68.38 58.92
N HIS T 139 -48.50 -69.46 58.42
CA HIS T 139 -47.77 -70.69 58.16
C HIS T 139 -48.53 -71.53 57.15
N SER T 140 -47.84 -72.51 56.57
CA SER T 140 -48.43 -73.46 55.64
C SER T 140 -48.42 -74.85 56.27
N ILE T 141 -49.51 -75.60 56.08
CA ILE T 141 -49.64 -76.89 56.74
C ILE T 141 -48.91 -78.01 56.02
N ALA T 142 -48.26 -77.72 54.90
CA ALA T 142 -47.54 -78.76 54.17
C ALA T 142 -46.14 -78.96 54.76
N GLY T 144 -42.19 -78.12 55.85
CA GLY T 144 -42.40 -79.28 56.70
C GLY T 144 -42.30 -78.97 58.19
N THR T 145 -41.30 -78.15 58.56
CA THR T 145 -41.12 -77.80 59.96
C THR T 145 -42.20 -76.85 60.46
N GLY T 146 -42.63 -75.91 59.63
CA GLY T 146 -43.71 -75.03 60.03
C GLY T 146 -44.99 -75.80 60.30
N SER T 147 -45.13 -76.98 59.70
CA SER T 147 -46.27 -77.84 59.99
C SER T 147 -46.19 -78.37 61.41
N GLY T 148 -45.02 -78.88 61.80
CA GLY T 148 -44.88 -79.44 63.14
C GLY T 148 -44.69 -78.38 64.20
N LEU T 149 -43.65 -77.56 64.07
CA LEU T 149 -43.42 -76.49 65.03
C LEU T 149 -44.63 -75.59 65.15
N GLY T 150 -45.41 -75.46 64.07
CA GLY T 150 -46.64 -74.71 64.16
C GLY T 150 -47.69 -75.39 65.03
N SER T 151 -47.80 -76.71 64.89
CA SER T 151 -48.76 -77.45 65.70
C SER T 151 -48.35 -77.43 67.17
N TYR T 152 -47.04 -77.35 67.42
CA TYR T 152 -46.57 -77.36 68.80
C TYR T 152 -46.88 -76.05 69.51
N LEU T 153 -46.58 -74.92 68.88
CA LEU T 153 -46.88 -73.63 69.50
C LEU T 153 -48.36 -73.42 69.68
N LEU T 154 -49.18 -74.02 68.81
CA LEU T 154 -50.62 -73.83 68.92
C LEU T 154 -51.18 -74.47 70.18
N GLU T 155 -50.54 -75.55 70.65
CA GLU T 155 -51.00 -76.18 71.89
C GLU T 155 -50.50 -75.42 73.11
N ARG T 156 -49.25 -74.93 73.05
CA ARG T 156 -48.68 -74.23 74.19
C ARG T 156 -49.36 -72.89 74.43
N LEU T 157 -49.66 -72.18 73.32
CA LEU T 157 -50.29 -70.84 73.36
C LEU T 157 -51.60 -70.88 74.14
N ASN T 158 -52.50 -71.78 73.77
CA ASN T 158 -53.82 -71.90 74.45
C ASN T 158 -53.62 -72.24 75.93
N ASP T 159 -52.70 -73.16 76.22
CA ASP T 159 -52.45 -73.55 77.64
C ASP T 159 -51.90 -72.34 78.43
N ARG T 160 -50.94 -71.61 77.86
CA ARG T 160 -50.35 -70.45 78.58
C ARG T 160 -51.38 -69.32 78.73
N TYR T 161 -52.12 -69.00 77.67
CA TYR T 161 -53.16 -67.93 77.74
C TYR T 161 -54.48 -68.42 77.15
N PRO T 162 -55.57 -68.50 77.94
CA PRO T 162 -56.87 -68.95 77.41
C PRO T 162 -57.77 -67.80 76.93
N LYS T 163 -57.38 -66.55 77.21
CA LYS T 163 -58.19 -65.35 76.85
C LYS T 163 -57.62 -64.67 75.60
N LYS T 164 -56.59 -65.26 74.98
CA LYS T 164 -55.95 -64.64 73.78
C LYS T 164 -56.38 -65.34 72.49
N LEU T 165 -56.99 -64.59 71.56
CA LEU T 165 -57.40 -65.12 70.27
C LEU T 165 -56.19 -65.50 69.44
N VAL T 166 -56.31 -66.60 68.69
CA VAL T 166 -55.24 -67.10 67.85
C VAL T 166 -55.82 -67.27 66.44
N GLN T 167 -55.57 -66.29 65.58
CA GLN T 167 -55.99 -66.34 64.20
C GLN T 167 -54.84 -66.79 63.32
N THR T 168 -55.09 -67.78 62.47
CA THR T 168 -54.02 -68.41 61.70
C THR T 168 -54.32 -68.29 60.22
N TYR T 169 -53.41 -67.67 59.48
CA TYR T 169 -53.53 -67.55 58.03
C TYR T 169 -52.89 -68.76 57.35
N SER T 170 -53.46 -69.93 57.60
CA SER T 170 -52.89 -71.15 57.04
C SER T 170 -52.99 -71.15 55.52
N VAL T 171 -52.12 -71.93 54.89
CA VAL T 171 -52.04 -72.01 53.44
C VAL T 171 -52.01 -73.48 53.04
N PHE T 172 -52.98 -73.90 52.24
CA PHE T 172 -53.04 -75.31 51.87
C PHE T 172 -52.20 -75.58 50.63
N PRO T 173 -51.64 -76.80 50.52
CA PRO T 173 -50.82 -77.17 49.36
C PRO T 173 -51.64 -77.44 48.11
N VAL T 183 -45.50 -88.19 51.96
CA VAL T 183 -45.64 -87.85 53.37
C VAL T 183 -46.44 -86.57 53.51
N GLN T 184 -46.76 -85.96 52.38
CA GLN T 184 -47.53 -84.71 52.39
C GLN T 184 -48.95 -84.90 52.92
N PRO T 185 -49.69 -85.95 52.56
CA PRO T 185 -51.03 -86.11 53.14
C PRO T 185 -51.03 -86.26 54.64
N TYR T 186 -50.01 -86.92 55.21
CA TYR T 186 -49.95 -87.11 56.65
C TYR T 186 -49.86 -85.77 57.37
N ASN T 187 -48.83 -84.99 57.04
CA ASN T 187 -48.58 -83.74 57.76
C ASN T 187 -49.71 -82.74 57.54
N SER T 188 -50.47 -82.89 56.45
CA SER T 188 -51.54 -81.96 56.17
C SER T 188 -52.70 -82.12 57.14
N LEU T 189 -53.02 -83.37 57.51
CA LEU T 189 -54.15 -83.57 58.40
C LEU T 189 -53.74 -83.51 59.86
N LEU T 190 -52.49 -83.80 60.17
CA LEU T 190 -52.05 -83.73 61.57
C LEU T 190 -52.25 -82.34 62.14
N THR T 191 -51.81 -81.31 61.43
CA THR T 191 -52.05 -79.96 61.90
C THR T 191 -53.53 -79.63 61.88
N LEU T 192 -54.29 -80.26 60.98
CA LEU T 192 -55.72 -80.06 60.97
C LEU T 192 -56.35 -80.47 62.29
N LYS T 193 -55.78 -81.49 62.94
CA LYS T 193 -56.26 -81.87 64.26
C LYS T 193 -56.06 -80.75 65.27
N ARG T 194 -54.92 -80.07 65.21
CA ARG T 194 -54.65 -78.97 66.12
C ARG T 194 -55.41 -77.71 65.76
N LEU T 195 -55.65 -77.47 64.48
CA LEU T 195 -56.35 -76.27 64.04
C LEU T 195 -57.84 -76.32 64.30
N THR T 196 -58.39 -77.48 64.66
CA THR T 196 -59.82 -77.59 64.90
C THR T 196 -60.20 -77.47 66.37
N GLN T 197 -59.24 -77.36 67.28
CA GLN T 197 -59.59 -77.22 68.68
C GLN T 197 -58.83 -76.08 69.34
N ASN T 198 -57.66 -75.73 68.79
CA ASN T 198 -56.83 -74.68 69.37
C ASN T 198 -57.12 -73.31 68.75
N ALA T 199 -56.98 -73.21 67.43
CA ALA T 199 -57.15 -71.94 66.74
C ALA T 199 -58.58 -71.43 66.89
N ASP T 200 -58.73 -70.17 67.30
CA ASP T 200 -60.05 -69.57 67.46
C ASP T 200 -60.63 -69.04 66.17
N CYS T 201 -59.82 -68.92 65.12
CA CYS T 201 -60.29 -68.63 63.78
C CYS T 201 -59.24 -69.15 62.80
N LEU T 202 -59.60 -69.18 61.53
CA LEU T 202 -58.68 -69.73 60.55
C LEU T 202 -59.13 -69.31 59.15
N VAL T 203 -58.23 -68.67 58.43
CA VAL T 203 -58.47 -68.20 57.07
C VAL T 203 -57.63 -69.04 56.13
N VAL T 204 -58.27 -69.84 55.30
CA VAL T 204 -57.55 -70.73 54.39
C VAL T 204 -57.21 -69.97 53.11
N LEU T 205 -56.04 -70.25 52.58
CA LEU T 205 -55.62 -69.75 51.28
C LEU T 205 -54.90 -70.89 50.57
N ASP T 206 -55.58 -71.53 49.63
CA ASP T 206 -55.08 -72.74 48.99
C ASP T 206 -54.31 -72.40 47.72
N ASN T 207 -53.11 -73.00 47.59
CA ASN T 207 -52.25 -72.72 46.45
C ASN T 207 -52.84 -73.19 45.13
N THR T 208 -53.73 -74.17 45.15
CA THR T 208 -54.35 -74.64 43.90
C THR T 208 -55.17 -73.53 43.27
N ALA T 209 -56.03 -72.86 44.05
CA ALA T 209 -56.76 -71.72 43.53
C ALA T 209 -55.83 -70.54 43.27
N LEU T 210 -54.65 -70.55 43.88
CA LEU T 210 -53.67 -69.52 43.58
C LEU T 210 -53.00 -69.78 42.23
N ASN T 211 -52.74 -71.04 41.92
CA ASN T 211 -52.13 -71.37 40.63
C ASN T 211 -53.12 -71.13 39.48
N ARG T 212 -54.38 -71.47 39.69
CA ARG T 212 -55.37 -71.31 38.63
C ARG T 212 -55.58 -69.84 38.28
N ILE T 213 -55.70 -68.99 39.31
CA ILE T 213 -55.87 -67.56 39.06
C ILE T 213 -54.59 -66.97 38.46
N ALA T 214 -53.45 -67.53 38.82
CA ALA T 214 -52.19 -67.03 38.29
C ALA T 214 -52.10 -67.24 36.78
N THR T 215 -52.44 -68.45 36.32
CA THR T 215 -52.33 -68.74 34.89
C THR T 215 -53.49 -68.14 34.10
N ASP T 216 -54.60 -67.82 34.77
CA ASP T 216 -55.78 -67.37 34.05
C ASP T 216 -55.66 -65.92 33.62
N ARG T 217 -55.50 -65.02 34.60
CA ARG T 217 -55.52 -63.59 34.34
C ARG T 217 -54.23 -62.88 34.69
N LEU T 218 -53.18 -63.62 35.07
CA LEU T 218 -51.88 -63.03 35.35
C LEU T 218 -50.77 -63.57 34.45
N HIS T 219 -50.95 -64.75 33.85
CA HIS T 219 -50.02 -65.29 32.86
C HIS T 219 -48.61 -65.44 33.44
N ILE T 220 -48.49 -66.33 34.43
CA ILE T 220 -47.20 -66.62 35.03
C ILE T 220 -46.46 -67.75 34.32
N GLN T 221 -47.15 -68.55 33.52
CA GLN T 221 -46.53 -69.66 32.82
C GLN T 221 -47.35 -70.09 31.61
N SER T 224 -44.17 -69.74 40.00
CA SER T 224 -43.24 -68.78 40.58
C SER T 224 -43.73 -68.29 41.93
N PHE T 225 -42.94 -68.52 42.97
CA PHE T 225 -43.37 -68.20 44.32
C PHE T 225 -43.48 -66.70 44.53
N SER T 226 -42.53 -65.93 44.02
CA SER T 226 -42.51 -64.49 44.23
C SER T 226 -43.64 -63.76 43.52
N GLN T 227 -44.39 -64.44 42.66
CA GLN T 227 -45.50 -63.82 41.95
C GLN T 227 -46.86 -64.12 42.57
N ILE T 228 -47.01 -65.30 43.16
CA ILE T 228 -48.25 -65.61 43.86
C ILE T 228 -48.30 -64.89 45.20
N ASN T 229 -47.14 -64.62 45.82
CA ASN T 229 -47.12 -63.93 47.10
C ASN T 229 -47.66 -62.52 46.98
N GLN T 230 -47.55 -61.90 45.80
CA GLN T 230 -48.11 -60.58 45.62
C GLN T 230 -49.63 -60.61 45.71
N LEU T 231 -50.23 -61.78 45.51
CA LEU T 231 -51.68 -61.87 45.54
C LEU T 231 -52.20 -62.16 46.94
N VAL T 232 -51.48 -62.99 47.70
CA VAL T 232 -51.93 -63.31 49.05
C VAL T 232 -51.76 -62.10 49.97
N SER T 233 -50.61 -61.44 49.88
CA SER T 233 -50.37 -60.26 50.71
C SER T 233 -51.38 -59.15 50.42
N THR T 234 -51.93 -59.12 49.22
CA THR T 234 -52.98 -58.14 48.93
C THR T 234 -54.24 -58.47 49.71
N ILE T 235 -54.45 -59.74 50.01
CA ILE T 235 -55.62 -60.14 50.79
C ILE T 235 -55.40 -59.89 52.27
N MET T 236 -54.21 -60.22 52.77
CA MET T 236 -53.91 -60.03 54.20
C MET T 236 -54.01 -58.56 54.59
N SER T 237 -53.31 -57.69 53.86
CA SER T 237 -53.38 -56.26 54.15
C SER T 237 -54.81 -55.74 54.00
N ALA T 238 -55.63 -56.44 53.23
CA ALA T 238 -57.03 -56.05 53.12
C ALA T 238 -57.92 -56.74 54.14
N SER T 239 -57.44 -57.83 54.75
CA SER T 239 -58.26 -58.53 55.74
C SER T 239 -58.41 -57.70 57.01
N THR T 240 -57.34 -57.02 57.42
CA THR T 240 -57.34 -56.19 58.63
C THR T 240 -57.38 -54.71 58.29
N THR T 241 -58.19 -54.35 57.30
CA THR T 241 -58.34 -52.93 56.88
C THR T 241 -59.32 -52.22 57.83
N THR T 242 -59.90 -52.96 58.77
CA THR T 242 -60.87 -52.39 59.74
C THR T 242 -60.22 -52.33 61.14
N LEU T 243 -58.90 -52.46 61.20
CA LEU T 243 -58.16 -52.42 62.49
C LEU T 243 -57.02 -51.40 62.38
N ARG T 244 -56.85 -50.80 61.21
CA ARG T 244 -55.77 -49.79 60.99
C ARG T 244 -56.41 -48.41 60.79
N TYR T 245 -57.74 -48.36 60.67
CA TYR T 245 -58.48 -47.08 60.49
C TYR T 245 -59.66 -47.03 61.48
N PRO T 246 -59.77 -45.97 62.31
CA PRO T 246 -60.88 -45.87 63.27
C PRO T 246 -62.23 -45.83 62.55
N GLY T 247 -62.98 -46.94 62.62
CA GLY T 247 -64.29 -47.05 61.95
C GLY T 247 -65.44 -47.01 62.94
N TYR T 248 -66.67 -47.08 62.43
CA TYR T 248 -67.90 -47.05 63.27
C TYR T 248 -68.00 -48.37 64.04
N MET T 249 -67.86 -49.49 63.32
CA MET T 249 -67.96 -50.84 63.90
C MET T 249 -66.76 -51.69 63.43
N ASN T 250 -66.51 -52.80 64.14
CA ASN T 250 -65.39 -53.75 63.86
C ASN T 250 -64.07 -53.06 64.19
N ASN T 251 -63.96 -52.47 65.39
CA ASN T 251 -62.73 -51.77 65.81
C ASN T 251 -61.84 -52.72 66.62
N ASP T 252 -62.31 -53.95 66.87
CA ASP T 252 -61.51 -54.94 67.65
C ASP T 252 -61.43 -56.26 66.87
N LEU T 253 -60.39 -57.06 67.13
CA LEU T 253 -60.19 -58.34 66.42
C LEU T 253 -61.31 -59.34 66.78
N ILE T 254 -61.87 -59.22 67.99
CA ILE T 254 -62.96 -60.09 68.41
C ILE T 254 -64.27 -59.66 67.74
N GLY T 255 -64.27 -58.50 67.10
CA GLY T 255 -65.45 -58.08 66.36
C GLY T 255 -65.56 -58.73 65.00
N LEU T 256 -64.43 -58.95 64.33
CA LEU T 256 -64.45 -59.64 63.05
C LEU T 256 -64.70 -61.12 63.21
N ILE T 257 -64.28 -61.70 64.33
CA ILE T 257 -64.37 -63.14 64.51
C ILE T 257 -65.78 -63.54 64.94
N ALA T 258 -66.27 -62.97 66.03
CA ALA T 258 -67.53 -63.42 66.61
C ALA T 258 -68.71 -63.18 65.68
N SER T 259 -68.56 -62.32 64.67
CA SER T 259 -69.66 -62.09 63.74
C SER T 259 -69.86 -63.28 62.82
N LEU T 260 -68.78 -63.84 62.29
CA LEU T 260 -68.88 -64.91 61.30
C LEU T 260 -69.06 -66.26 61.98
N ILE T 261 -68.18 -66.60 62.91
CA ILE T 261 -68.15 -67.93 63.53
C ILE T 261 -69.33 -68.11 64.47
N PRO T 262 -70.31 -68.94 64.12
CA PRO T 262 -71.46 -69.13 65.00
C PRO T 262 -71.19 -70.12 66.12
N THR T 263 -70.37 -71.13 65.84
CA THR T 263 -70.06 -72.21 66.75
C THR T 263 -68.58 -72.53 66.70
N PRO T 264 -67.92 -72.70 67.85
CA PRO T 264 -66.45 -72.79 67.85
C PRO T 264 -65.87 -73.91 67.01
N ARG T 265 -66.69 -74.85 66.53
CA ARG T 265 -66.15 -75.87 65.63
C ARG T 265 -66.08 -75.40 64.19
N LEU T 266 -67.02 -74.56 63.77
CA LEU T 266 -67.11 -74.11 62.37
C LEU T 266 -66.33 -72.79 62.22
N HIS T 267 -65.01 -72.91 62.27
CA HIS T 267 -64.13 -71.75 62.26
C HIS T 267 -63.16 -71.78 61.09
N PHE T 268 -63.67 -72.02 59.89
CA PHE T 268 -62.88 -71.95 58.66
C PHE T 268 -63.54 -70.97 57.71
N LEU T 269 -62.79 -69.98 57.25
CA LEU T 269 -63.32 -68.95 56.38
C LEU T 269 -62.55 -68.90 55.07
N MET T 270 -63.18 -68.36 54.04
CA MET T 270 -62.57 -68.19 52.73
C MET T 270 -62.63 -66.73 52.31
N THR T 271 -61.84 -66.39 51.29
CA THR T 271 -61.67 -65.02 50.86
C THR T 271 -62.11 -64.84 49.41
N GLY T 272 -62.52 -63.61 49.10
CA GLY T 272 -62.86 -63.22 47.74
C GLY T 272 -62.43 -61.80 47.43
N TYR T 273 -61.76 -61.59 46.30
CA TYR T 273 -61.15 -60.31 45.98
C TYR T 273 -61.23 -60.08 44.47
N THR T 274 -62.12 -59.17 44.06
CA THR T 274 -62.44 -59.04 42.64
C THR T 274 -61.43 -58.28 41.79
N PRO T 275 -61.12 -57.00 42.08
CA PRO T 275 -60.38 -56.20 41.09
C PRO T 275 -58.93 -56.58 41.03
N LEU T 276 -58.55 -57.31 39.97
CA LEU T 276 -57.19 -57.79 39.80
C LEU T 276 -56.53 -57.14 38.59
N THR T 288 -67.98 -47.14 38.62
CA THR T 288 -68.38 -48.45 39.12
C THR T 288 -69.14 -48.30 40.43
N THR T 289 -70.26 -49.00 40.55
CA THR T 289 -71.09 -48.96 41.74
C THR T 289 -70.87 -50.21 42.58
N VAL T 290 -71.36 -50.15 43.83
CA VAL T 290 -71.18 -51.26 44.75
C VAL T 290 -71.92 -52.50 44.26
N LEU T 291 -72.91 -52.34 43.40
CA LEU T 291 -73.63 -53.49 42.87
C LEU T 291 -72.73 -54.33 41.98
N ASP T 292 -71.85 -53.67 41.22
CA ASP T 292 -70.92 -54.40 40.37
C ASP T 292 -69.95 -55.23 41.20
N VAL T 293 -69.40 -54.63 42.26
CA VAL T 293 -68.45 -55.35 43.11
C VAL T 293 -69.16 -56.47 43.87
N MET T 294 -70.34 -56.18 44.41
CA MET T 294 -71.05 -57.18 45.19
C MET T 294 -71.48 -58.36 44.34
N ARG T 295 -71.68 -58.16 43.04
CA ARG T 295 -72.05 -59.29 42.18
C ARG T 295 -70.83 -60.08 41.75
N ARG T 296 -69.71 -59.40 41.46
CA ARG T 296 -68.51 -60.08 41.03
C ARG T 296 -67.87 -60.91 42.14
N LEU T 297 -68.17 -60.61 43.40
CA LEU T 297 -67.57 -61.36 44.50
C LEU T 297 -68.22 -62.71 44.66
N LEU T 298 -69.50 -62.82 44.32
CA LEU T 298 -70.20 -64.09 44.42
C LEU T 298 -69.93 -65.01 43.25
N GLN T 299 -69.09 -64.62 42.31
CA GLN T 299 -68.73 -65.51 41.22
C GLN T 299 -67.70 -66.53 41.69
N PRO T 300 -67.94 -67.82 41.47
CA PRO T 300 -66.95 -68.83 41.87
C PRO T 300 -65.63 -68.74 41.13
N LYS T 301 -65.53 -67.91 40.09
CA LYS T 301 -64.26 -67.70 39.41
C LYS T 301 -63.28 -66.89 40.27
N ASN T 302 -63.78 -66.19 41.29
CA ASN T 302 -62.94 -65.38 42.16
C ASN T 302 -62.71 -65.97 43.55
N VAL T 303 -63.62 -66.83 44.03
CA VAL T 303 -63.46 -67.42 45.35
C VAL T 303 -62.22 -68.30 45.37
N MET T 304 -61.32 -68.02 46.31
CA MET T 304 -60.05 -68.75 46.39
C MET T 304 -60.22 -70.07 47.12
N VAL T 305 -61.09 -70.92 46.56
CA VAL T 305 -61.32 -72.27 47.08
C VAL T 305 -61.56 -73.20 45.90
N SER T 306 -60.80 -74.29 45.86
CA SER T 306 -60.96 -75.28 44.79
C SER T 306 -62.28 -76.03 44.94
N ASN T 314 -77.33 -79.65 50.93
CA ASN T 314 -76.53 -79.12 49.84
C ASN T 314 -75.37 -78.27 50.38
N HIS T 315 -75.27 -77.03 49.90
CA HIS T 315 -74.22 -76.13 50.35
C HIS T 315 -74.77 -74.71 50.39
N CYS T 316 -74.35 -73.96 51.41
CA CYS T 316 -74.87 -72.63 51.64
C CYS T 316 -73.92 -71.89 52.57
N TYR T 317 -74.11 -70.58 52.66
CA TYR T 317 -73.30 -69.72 53.51
C TYR T 317 -73.87 -69.69 54.92
N ILE T 318 -73.04 -69.25 55.86
CA ILE T 318 -73.46 -69.04 57.24
C ILE T 318 -73.44 -67.56 57.60
N ALA T 319 -72.47 -66.81 57.09
CA ALA T 319 -72.42 -65.36 57.25
C ALA T 319 -71.35 -64.81 56.33
N ILE T 320 -71.60 -63.67 55.72
CA ILE T 320 -70.67 -63.04 54.80
C ILE T 320 -70.32 -61.65 55.31
N LEU T 321 -69.05 -61.28 55.15
CA LEU T 321 -68.58 -59.94 55.45
C LEU T 321 -67.94 -59.36 54.19
N ASN T 322 -68.45 -58.22 53.73
CA ASN T 322 -67.92 -57.55 52.56
C ASN T 322 -67.16 -56.31 52.99
N ILE T 323 -65.96 -56.15 52.44
CA ILE T 323 -65.10 -55.01 52.72
C ILE T 323 -64.95 -54.19 51.46
N ILE T 324 -65.41 -52.95 51.49
CA ILE T 324 -65.32 -52.03 50.37
C ILE T 324 -64.32 -50.95 50.74
N GLN T 325 -63.18 -50.93 50.07
CA GLN T 325 -62.10 -50.02 50.38
C GLN T 325 -62.07 -48.79 49.49
N GLY T 326 -63.21 -48.40 48.92
CA GLY T 326 -63.24 -47.29 47.99
C GLY T 326 -63.90 -46.05 48.56
N GLU T 327 -64.16 -45.10 47.65
CA GLU T 327 -64.86 -43.86 47.95
C GLU T 327 -66.32 -43.92 47.51
N VAL T 328 -66.94 -45.09 47.61
CA VAL T 328 -68.25 -45.31 47.02
C VAL T 328 -69.31 -44.53 47.78
N ASP T 329 -70.48 -44.43 47.17
CA ASP T 329 -71.57 -43.63 47.71
C ASP T 329 -72.19 -44.37 48.89
N PRO T 330 -72.30 -43.74 50.05
CA PRO T 330 -72.79 -44.44 51.25
C PRO T 330 -74.30 -44.69 51.30
N THR T 331 -75.09 -44.15 50.38
CA THR T 331 -76.52 -44.40 50.43
C THR T 331 -76.96 -45.52 49.50
N GLN T 332 -76.18 -45.83 48.47
CA GLN T 332 -76.54 -46.87 47.51
C GLN T 332 -76.24 -48.26 48.03
N VAL T 333 -75.63 -48.39 49.20
CA VAL T 333 -75.28 -49.70 49.72
C VAL T 333 -76.53 -50.52 50.02
N HIS T 334 -77.54 -49.89 50.61
CA HIS T 334 -78.77 -50.61 50.89
C HIS T 334 -79.51 -50.98 49.62
N LYS T 335 -79.31 -50.20 48.56
CA LYS T 335 -80.00 -50.50 47.30
C LYS T 335 -79.42 -51.76 46.66
N SER T 336 -78.11 -51.96 46.79
CA SER T 336 -77.49 -53.15 46.23
C SER T 336 -77.92 -54.41 46.96
N LEU T 337 -77.94 -54.35 48.30
CA LEU T 337 -78.38 -55.50 49.08
C LEU T 337 -79.82 -55.88 48.75
N GLN T 338 -80.65 -54.88 48.42
CA GLN T 338 -82.03 -55.16 48.09
C GLN T 338 -82.13 -55.99 46.81
N ARG T 339 -81.36 -55.63 45.78
CA ARG T 339 -81.39 -56.39 44.55
C ARG T 339 -80.75 -57.76 44.71
N ILE T 340 -79.83 -57.91 45.67
CA ILE T 340 -79.28 -59.23 45.95
C ILE T 340 -80.35 -60.16 46.49
N ARG T 341 -81.24 -59.63 47.34
CA ARG T 341 -82.29 -60.44 47.92
C ARG T 341 -83.31 -60.87 46.87
N GLU T 342 -83.54 -60.03 45.85
CA GLU T 342 -84.52 -60.35 44.83
C GLU T 342 -83.99 -61.42 43.88
N ARG T 343 -82.84 -61.18 43.26
CA ARG T 343 -82.27 -62.14 42.33
C ARG T 343 -81.86 -63.44 43.01
N LYS T 344 -81.63 -63.43 44.31
CA LYS T 344 -81.28 -64.62 45.08
C LYS T 344 -80.00 -65.26 44.54
N LEU T 345 -78.90 -64.50 44.65
CA LEU T 345 -77.59 -64.99 44.23
C LEU T 345 -76.87 -65.79 45.30
N ALA T 346 -77.33 -65.73 46.55
CA ALA T 346 -76.67 -66.44 47.63
C ALA T 346 -77.72 -67.10 48.53
N ASN T 347 -77.42 -68.33 48.94
CA ASN T 347 -78.28 -69.09 49.84
C ASN T 347 -77.55 -69.32 51.15
N PHE T 348 -78.32 -69.33 52.24
CA PHE T 348 -77.78 -69.40 53.58
C PHE T 348 -78.37 -70.59 54.33
N ILE T 349 -77.95 -70.74 55.58
CA ILE T 349 -78.40 -71.80 56.47
C ILE T 349 -79.90 -71.65 56.72
N PRO T 350 -80.63 -72.75 56.87
CA PRO T 350 -82.07 -72.64 57.13
C PRO T 350 -82.43 -72.52 58.60
N TRP T 351 -81.52 -72.94 59.49
CA TRP T 351 -81.86 -73.01 60.90
C TRP T 351 -81.81 -71.64 61.58
N GLY T 352 -80.64 -71.00 61.58
CA GLY T 352 -80.47 -69.74 62.26
C GLY T 352 -80.59 -68.55 61.33
N PRO T 353 -81.04 -67.41 61.86
CA PRO T 353 -81.15 -66.20 61.04
C PRO T 353 -79.78 -65.65 60.69
N ALA T 354 -79.40 -65.71 59.43
CA ALA T 354 -78.10 -65.27 58.97
C ALA T 354 -78.28 -64.09 58.03
N SER T 355 -77.38 -63.11 58.11
CA SER T 355 -77.42 -61.92 57.28
C SER T 355 -76.04 -61.73 56.65
N ILE T 356 -75.95 -60.73 55.77
CA ILE T 356 -74.71 -60.36 55.12
C ILE T 356 -74.31 -58.98 55.60
N GLN T 357 -73.03 -58.79 55.89
CA GLN T 357 -72.52 -57.53 56.42
C GLN T 357 -71.56 -56.91 55.42
N VAL T 358 -71.68 -55.60 55.24
CA VAL T 358 -70.81 -54.85 54.36
C VAL T 358 -70.28 -53.63 55.11
N ALA T 359 -68.98 -53.41 55.02
CA ALA T 359 -68.34 -52.32 55.73
C ALA T 359 -67.44 -51.55 54.78
N LEU T 360 -67.49 -50.23 54.89
CA LEU T 360 -66.67 -49.33 54.09
C LEU T 360 -65.38 -49.02 54.82
N SER T 361 -64.41 -48.46 54.08
CA SER T 361 -63.09 -48.11 54.66
C SER T 361 -62.46 -46.96 53.88
N ARG T 362 -61.32 -46.44 54.36
CA ARG T 362 -60.64 -45.30 53.70
C ARG T 362 -59.19 -45.70 53.37
N LYS T 363 -58.82 -45.61 52.08
CA LYS T 363 -57.44 -45.97 51.64
C LYS T 363 -56.45 -44.92 52.16
N SER T 364 -55.21 -45.34 52.43
CA SER T 364 -54.16 -44.42 52.95
C SER T 364 -53.85 -43.36 51.88
N PRO T 365 -53.72 -42.07 52.26
CA PRO T 365 -53.41 -41.00 51.29
C PRO T 365 -52.02 -41.18 50.65
N TYR T 366 -51.04 -41.60 51.46
CA TYR T 366 -49.63 -41.80 51.00
C TYR T 366 -49.59 -42.89 49.92
N LEU T 367 -50.36 -43.97 50.11
CA LEU T 367 -50.38 -45.10 49.14
C LEU T 367 -51.43 -44.83 48.05
N ARG T 372 -60.31 -45.31 42.03
CA ARG T 372 -60.03 -46.71 42.35
C ARG T 372 -61.02 -47.23 43.39
N VAL T 373 -61.59 -48.41 43.16
CA VAL T 373 -62.49 -49.05 44.10
C VAL T 373 -62.15 -50.53 44.15
N SER T 374 -61.94 -51.06 45.36
CA SER T 374 -61.64 -52.46 45.56
C SER T 374 -62.75 -53.09 46.39
N GLY T 375 -62.56 -54.36 46.73
CA GLY T 375 -63.54 -55.08 47.53
C GLY T 375 -63.09 -56.45 47.96
N LEU T 376 -63.31 -56.80 49.23
CA LEU T 376 -62.97 -58.11 49.74
C LEU T 376 -64.18 -58.72 50.43
N MET T 377 -64.25 -60.05 50.39
CA MET T 377 -65.37 -60.79 50.95
C MET T 377 -64.83 -61.83 51.93
N MET T 378 -65.34 -61.79 53.16
CA MET T 378 -65.05 -62.79 54.18
C MET T 378 -66.34 -63.53 54.50
N ALA T 379 -66.37 -64.83 54.23
CA ALA T 379 -67.57 -65.63 54.43
C ALA T 379 -67.22 -66.99 55.01
N ASN T 380 -68.21 -67.59 55.66
CA ASN T 380 -68.07 -68.89 56.31
C ASN T 380 -68.94 -69.88 55.55
N HIS T 381 -68.35 -70.51 54.54
CA HIS T 381 -69.08 -71.36 53.61
C HIS T 381 -68.91 -72.82 53.99
N THR T 382 -70.02 -73.56 53.97
CA THR T 382 -69.99 -74.98 54.30
C THR T 382 -69.28 -75.81 53.24
N SER T 383 -69.04 -75.27 52.05
CA SER T 383 -68.33 -76.00 51.02
C SER T 383 -66.89 -76.28 51.39
N ILE T 384 -66.38 -75.64 52.46
CA ILE T 384 -65.00 -75.85 52.85
C ILE T 384 -64.78 -77.29 53.32
N SER T 385 -65.86 -78.00 53.64
CA SER T 385 -65.72 -79.40 54.04
C SER T 385 -65.16 -80.25 52.90
N SER T 386 -65.42 -79.84 51.65
CA SER T 386 -64.93 -80.61 50.51
C SER T 386 -63.41 -80.71 50.51
N LEU T 387 -62.74 -79.63 50.89
CA LEU T 387 -61.28 -79.64 50.93
C LEU T 387 -60.77 -80.69 51.92
N PHE T 388 -61.49 -80.88 53.02
CA PHE T 388 -61.02 -81.82 54.04
C PHE T 388 -61.13 -83.25 53.57
N GLU T 389 -62.19 -83.57 52.82
CA GLU T 389 -62.34 -84.93 52.31
C GLU T 389 -61.19 -85.29 51.39
N ARG T 390 -60.73 -84.33 50.59
CA ARG T 390 -59.59 -84.57 49.73
C ARG T 390 -58.34 -84.93 50.53
N THR T 391 -58.10 -84.23 51.62
CA THR T 391 -57.00 -84.57 52.51
C THR T 391 -57.29 -85.87 53.25
N CYS T 392 -58.54 -86.08 53.64
CA CYS T 392 -58.91 -87.28 54.38
C CYS T 392 -58.79 -88.52 53.50
N ARG T 393 -59.32 -88.44 52.28
CA ARG T 393 -59.35 -89.59 51.38
C ARG T 393 -57.94 -90.03 51.02
N GLN T 394 -57.04 -89.07 50.75
CA GLN T 394 -55.68 -89.42 50.37
C GLN T 394 -54.95 -90.12 51.50
N TYR T 395 -55.32 -89.84 52.74
CA TYR T 395 -54.66 -90.47 53.87
C TYR T 395 -54.95 -91.97 53.91
N ASP T 396 -56.21 -92.35 53.78
CA ASP T 396 -56.59 -93.76 53.86
C ASP T 396 -55.92 -94.56 52.75
N LYS T 397 -55.74 -93.95 51.58
CA LYS T 397 -55.03 -94.62 50.50
C LYS T 397 -53.57 -94.85 50.85
N LEU T 398 -52.97 -93.93 51.63
CA LEU T 398 -51.60 -94.09 52.08
C LEU T 398 -51.50 -95.01 53.30
N ARG T 399 -52.58 -95.15 54.07
CA ARG T 399 -52.55 -95.99 55.26
C ARG T 399 -52.51 -97.48 54.91
N LYS T 400 -52.90 -97.85 53.68
CA LYS T 400 -52.85 -99.22 53.23
C LYS T 400 -51.65 -99.46 52.33
N ARG T 401 -50.86 -98.42 52.06
CA ARG T 401 -49.68 -98.53 51.22
C ARG T 401 -48.37 -98.30 51.97
N GLU T 402 -48.42 -97.90 53.24
CA GLU T 402 -47.23 -97.61 54.04
C GLU T 402 -46.37 -96.53 53.39
N ASP T 416 -43.35 -95.20 67.62
CA ASP T 416 -43.36 -96.43 68.40
C ASP T 416 -44.71 -97.14 68.28
N ASN T 417 -45.80 -96.39 68.47
CA ASN T 417 -47.14 -96.95 68.45
C ASN T 417 -47.99 -96.50 67.27
N PHE T 418 -47.68 -95.34 66.69
CA PHE T 418 -48.42 -94.81 65.53
C PHE T 418 -49.90 -94.62 65.83
N ASP T 419 -50.23 -94.33 67.09
CA ASP T 419 -51.62 -94.11 67.49
C ASP T 419 -52.02 -92.64 67.46
N GLU T 420 -51.06 -91.72 67.31
CA GLU T 420 -51.41 -90.31 67.26
C GLU T 420 -52.12 -89.96 65.96
N MET T 421 -51.90 -90.76 64.91
CA MET T 421 -52.48 -90.43 63.61
C MET T 421 -53.98 -90.70 63.58
N ASP T 422 -54.40 -91.89 64.01
CA ASP T 422 -55.82 -92.24 63.93
C ASP T 422 -56.65 -91.37 64.85
N THR T 423 -56.09 -90.94 65.98
CA THR T 423 -56.78 -89.96 66.82
C THR T 423 -57.02 -88.67 66.05
N SER T 424 -56.00 -88.21 65.32
CA SER T 424 -56.19 -87.05 64.45
C SER T 424 -57.17 -87.37 63.34
N ARG T 425 -57.06 -88.57 62.75
CA ARG T 425 -58.01 -88.98 61.73
C ARG T 425 -59.42 -89.06 62.29
N GLU T 426 -59.56 -89.41 63.56
CA GLU T 426 -60.89 -89.51 64.15
C GLU T 426 -61.51 -88.13 64.34
N ILE T 427 -60.73 -87.17 64.84
CA ILE T 427 -61.30 -85.88 65.19
C ILE T 427 -61.62 -85.06 63.94
N VAL T 428 -60.86 -85.24 62.86
CA VAL T 428 -61.14 -84.49 61.65
C VAL T 428 -62.42 -84.97 61.00
N GLN T 429 -62.72 -86.26 61.11
CA GLN T 429 -63.97 -86.79 60.56
C GLN T 429 -65.17 -86.22 61.29
N GLN T 430 -64.99 -85.89 62.58
CA GLN T 430 -66.09 -85.29 63.33
C GLN T 430 -66.46 -83.92 62.77
N LEU T 431 -65.44 -83.13 62.40
CA LEU T 431 -65.71 -81.83 61.81
C LEU T 431 -66.43 -81.95 60.48
N ILE T 432 -66.01 -82.90 59.65
CA ILE T 432 -66.65 -83.07 58.35
C ILE T 432 -68.12 -83.41 58.52
N ASP T 433 -68.45 -84.35 59.39
CA ASP T 433 -69.85 -84.64 59.68
C ASP T 433 -70.52 -83.45 60.33
N GLU T 434 -69.77 -82.67 61.11
CA GLU T 434 -70.31 -81.46 61.70
C GLU T 434 -70.73 -80.47 60.62
N TYR T 435 -69.96 -80.37 59.54
CA TYR T 435 -70.32 -79.47 58.45
C TYR T 435 -71.53 -79.99 57.69
N HIS T 436 -71.52 -81.25 57.30
CA HIS T 436 -72.63 -81.78 56.50
C HIS T 436 -73.93 -81.77 57.28
N ALA T 437 -73.87 -81.82 58.61
CA ALA T 437 -75.09 -81.68 59.40
C ALA T 437 -75.46 -80.23 59.64
N ALA T 438 -74.59 -79.29 59.28
CA ALA T 438 -74.91 -77.88 59.48
C ALA T 438 -75.86 -77.35 58.41
N THR T 439 -75.89 -78.01 57.25
CA THR T 439 -76.74 -77.58 56.14
C THR T 439 -78.12 -78.24 56.17
N ARG T 440 -78.53 -78.79 57.31
CA ARG T 440 -79.84 -79.40 57.43
C ARG T 440 -80.76 -78.51 58.26
N PRO T 441 -82.07 -78.52 57.99
CA PRO T 441 -82.99 -77.67 58.76
C PRO T 441 -83.06 -78.01 60.24
N ASP T 442 -82.40 -79.07 60.69
CA ASP T 442 -82.42 -79.41 62.11
C ASP T 442 -81.00 -79.68 62.60
N TYR T 443 -80.07 -78.76 62.30
CA TYR T 443 -78.70 -78.92 62.74
C TYR T 443 -78.58 -78.97 64.25
N ILE T 444 -79.49 -78.30 64.96
CA ILE T 444 -79.44 -78.30 66.42
C ILE T 444 -79.59 -79.73 66.93
N SER T 445 -78.64 -80.15 67.75
CA SER T 445 -78.59 -81.51 68.29
C SER T 445 -78.61 -82.56 67.18
N ARG U 3 -19.76 -26.78 95.58
CA ARG U 3 -19.41 -28.18 95.75
C ARG U 3 -18.73 -28.73 94.50
N GLU U 4 -17.82 -29.67 94.69
CA GLU U 4 -17.09 -30.28 93.59
C GLU U 4 -17.07 -31.79 93.75
N ILE U 5 -16.81 -32.49 92.65
CA ILE U 5 -16.78 -33.95 92.61
C ILE U 5 -15.50 -34.38 91.90
N ILE U 6 -14.64 -35.08 92.62
CA ILE U 6 -13.37 -35.58 92.07
C ILE U 6 -13.61 -36.98 91.52
N THR U 7 -13.14 -37.22 90.30
CA THR U 7 -13.31 -38.49 89.64
C THR U 7 -12.00 -39.28 89.65
N LEU U 8 -12.11 -40.60 89.74
CA LEU U 8 -10.97 -41.49 89.72
C LEU U 8 -11.16 -42.48 88.58
N GLN U 9 -10.06 -42.90 87.96
CA GLN U 9 -10.12 -43.83 86.85
C GLN U 9 -9.11 -44.94 87.10
N LEU U 10 -9.59 -46.16 87.28
CA LEU U 10 -8.75 -47.29 87.64
C LEU U 10 -8.79 -48.35 86.55
N GLY U 11 -7.66 -49.00 86.33
CA GLY U 11 -7.59 -50.08 85.37
C GLY U 11 -7.75 -49.62 83.93
N GLN U 12 -7.72 -50.58 82.99
CA GLN U 12 -7.83 -50.24 81.59
C GLN U 12 -9.22 -49.68 81.28
N CYS U 13 -10.26 -50.24 81.89
CA CYS U 13 -11.62 -49.80 81.60
C CYS U 13 -11.86 -48.40 82.13
N GLY U 14 -11.47 -48.14 83.39
CA GLY U 14 -11.72 -46.84 83.97
C GLY U 14 -11.08 -45.72 83.19
N ASN U 15 -9.84 -45.92 82.73
CA ASN U 15 -9.18 -44.90 81.94
C ASN U 15 -9.89 -44.67 80.61
N GLN U 16 -10.32 -45.74 79.96
CA GLN U 16 -10.95 -45.61 78.65
C GLN U 16 -12.32 -44.95 78.76
N ILE U 17 -13.18 -45.45 79.65
CA ILE U 17 -14.52 -44.88 79.75
C ILE U 17 -14.46 -43.51 80.40
N GLY U 18 -13.43 -43.25 81.22
CA GLY U 18 -13.26 -41.93 81.77
C GLY U 18 -12.74 -40.95 80.75
N PHE U 19 -11.79 -41.37 79.93
CA PHE U 19 -11.29 -40.52 78.85
C PHE U 19 -12.39 -40.20 77.86
N GLU U 20 -13.26 -41.18 77.55
CA GLU U 20 -14.39 -40.91 76.68
C GLU U 20 -15.46 -40.10 77.38
N PHE U 21 -15.53 -40.19 78.71
CA PHE U 21 -16.45 -39.34 79.46
C PHE U 21 -16.03 -37.88 79.40
N TRP U 22 -14.72 -37.64 79.44
CA TRP U 22 -14.23 -36.26 79.45
C TRP U 22 -14.27 -35.65 78.06
N LYS U 23 -14.00 -36.45 77.02
CA LYS U 23 -14.16 -35.96 75.66
C LYS U 23 -15.59 -35.51 75.42
N GLN U 24 -16.55 -36.37 75.73
CA GLN U 24 -17.96 -36.01 75.57
C GLN U 24 -18.33 -34.81 76.43
N LEU U 25 -17.74 -34.71 77.62
CA LEU U 25 -18.08 -33.61 78.51
C LEU U 25 -17.40 -32.33 78.09
N CYS U 26 -16.22 -32.43 77.48
CA CYS U 26 -15.59 -31.25 76.91
C CYS U 26 -16.34 -30.75 75.68
N ALA U 27 -16.74 -31.65 74.79
CA ALA U 27 -17.48 -31.23 73.60
C ALA U 27 -18.86 -30.72 73.95
N GLU U 28 -19.49 -31.32 74.97
CA GLU U 28 -20.78 -30.83 75.44
C GLU U 28 -20.67 -29.39 75.90
N HIS U 29 -19.54 -29.01 76.48
CA HIS U 29 -19.27 -27.63 76.84
C HIS U 29 -18.47 -26.95 75.74
N GLY U 30 -18.12 -25.68 75.97
CA GLY U 30 -17.29 -24.96 75.04
C GLY U 30 -15.83 -24.98 75.41
N ILE U 31 -15.22 -26.16 75.38
CA ILE U 31 -13.84 -26.33 75.81
C ILE U 31 -13.05 -27.00 74.70
N SER U 32 -12.05 -26.29 74.19
CA SER U 32 -11.20 -26.83 73.14
C SER U 32 -10.36 -27.98 73.68
N PRO U 33 -9.92 -28.89 72.80
CA PRO U 33 -9.04 -29.99 73.22
C PRO U 33 -7.79 -29.51 73.95
N GLU U 34 -7.37 -28.27 73.71
CA GLU U 34 -6.25 -27.69 74.42
C GLU U 34 -6.63 -27.15 75.80
N GLY U 35 -7.80 -27.57 76.31
CA GLY U 35 -8.28 -27.14 77.62
C GLY U 35 -8.41 -25.63 77.72
N ILE U 36 -8.70 -24.97 76.59
CA ILE U 36 -8.88 -23.53 76.54
C ILE U 36 -10.31 -23.26 76.09
N VAL U 37 -10.93 -22.26 76.70
CA VAL U 37 -12.33 -21.96 76.39
C VAL U 37 -12.42 -21.23 75.07
N GLU U 38 -13.27 -21.73 74.17
CA GLU U 38 -13.51 -21.09 72.89
C GLU U 38 -14.62 -20.06 73.03
N GLU U 39 -14.71 -19.16 72.05
CA GLU U 39 -15.70 -18.10 72.11
C GLU U 39 -17.10 -18.64 71.86
N PHE U 40 -17.35 -19.17 70.67
CA PHE U 40 -18.64 -19.72 70.28
C PHE U 40 -19.80 -18.78 70.60
N THR U 45 -23.63 -19.96 80.77
CA THR U 45 -24.87 -20.41 81.40
C THR U 45 -24.69 -21.77 82.05
N ASP U 46 -24.01 -22.67 81.35
CA ASP U 46 -23.80 -24.01 81.87
C ASP U 46 -22.79 -23.97 83.01
N ARG U 47 -23.25 -24.24 84.22
CA ARG U 47 -22.39 -24.29 85.40
C ARG U 47 -21.40 -25.44 85.25
N LYS U 48 -20.11 -25.10 85.09
CA LYS U 48 -19.07 -26.08 84.87
C LYS U 48 -18.01 -26.07 85.97
N ASP U 49 -18.28 -25.45 87.10
CA ASP U 49 -17.29 -25.40 88.18
C ASP U 49 -17.22 -26.72 88.94
N VAL U 50 -18.26 -27.56 88.84
CA VAL U 50 -18.28 -28.80 89.61
C VAL U 50 -17.26 -29.79 89.06
N PHE U 51 -17.22 -29.94 87.75
CA PHE U 51 -16.37 -30.95 87.14
C PHE U 51 -15.11 -30.38 86.51
N PHE U 52 -14.98 -29.07 86.42
CA PHE U 52 -13.79 -28.44 85.86
C PHE U 52 -13.24 -27.40 86.83
N TYR U 53 -11.92 -27.30 86.86
CA TYR U 53 -11.22 -26.41 87.79
C TYR U 53 -10.54 -25.30 87.00
N GLN U 54 -10.69 -24.07 87.47
CA GLN U 54 -10.10 -22.91 86.81
C GLN U 54 -8.63 -22.74 87.21
N TYR U 60 -9.16 -24.34 81.77
CA TYR U 60 -9.90 -25.18 82.72
C TYR U 60 -9.24 -26.54 82.87
N ILE U 61 -9.22 -27.06 84.09
CA ILE U 61 -8.54 -28.32 84.39
C ILE U 61 -9.54 -29.33 84.94
N PRO U 62 -9.58 -30.54 84.36
CA PRO U 62 -10.43 -31.59 84.94
C PRO U 62 -9.89 -32.08 86.27
N ARG U 63 -10.81 -32.45 87.17
CA ARG U 63 -10.44 -32.96 88.48
C ARG U 63 -10.35 -34.49 88.43
N ALA U 64 -9.43 -34.96 87.61
CA ALA U 64 -9.23 -36.39 87.40
C ALA U 64 -8.00 -36.87 88.15
N VAL U 65 -7.98 -38.14 88.49
CA VAL U 65 -6.83 -38.80 89.10
C VAL U 65 -6.65 -40.11 88.36
N LEU U 66 -5.85 -40.12 87.31
CA LEU U 66 -5.66 -41.32 86.51
C LEU U 66 -4.70 -42.26 87.21
N LEU U 67 -4.93 -43.55 87.06
CA LEU U 67 -4.08 -44.55 87.70
C LEU U 67 -3.80 -45.72 86.77
N ARG U 72 0.67 -48.04 80.55
CA ARG U 72 0.64 -48.19 79.10
C ARG U 72 -0.47 -47.37 78.46
N VAL U 73 -1.70 -47.52 78.99
CA VAL U 73 -2.83 -46.78 78.45
C VAL U 73 -2.66 -45.29 78.65
N ILE U 74 -1.93 -44.87 79.69
CA ILE U 74 -1.73 -43.46 79.93
C ILE U 74 -0.92 -42.84 78.79
N HIS U 75 0.02 -43.59 78.24
CA HIS U 75 0.82 -43.06 77.13
C HIS U 75 -0.03 -42.78 75.90
N SER U 76 -0.90 -43.70 75.53
CA SER U 76 -1.77 -43.48 74.38
C SER U 76 -2.72 -42.30 74.63
N ILE U 77 -3.03 -42.03 75.90
CA ILE U 77 -3.78 -40.82 76.22
C ILE U 77 -2.91 -39.58 76.04
N LEU U 78 -1.64 -39.67 76.44
CA LEU U 78 -0.74 -38.52 76.32
C LEU U 78 -0.32 -38.27 74.87
N ASN U 79 -0.34 -39.29 74.02
CA ASN U 79 -0.10 -39.08 72.60
C ASN U 79 -1.33 -38.60 71.87
N SER U 80 -2.47 -38.54 72.55
CA SER U 80 -3.71 -38.09 71.93
C SER U 80 -3.72 -36.58 71.78
N PRO U 81 -4.63 -36.03 70.96
CA PRO U 81 -4.79 -34.57 70.91
C PRO U 81 -5.27 -33.95 72.20
N TYR U 82 -5.57 -34.75 73.23
CA TYR U 82 -6.03 -34.24 74.51
C TYR U 82 -4.95 -34.34 75.59
N ALA U 83 -3.68 -34.25 75.20
CA ALA U 83 -2.60 -34.32 76.17
C ALA U 83 -2.60 -33.12 77.11
N LYS U 84 -3.09 -31.97 76.66
CA LYS U 84 -3.09 -30.76 77.47
C LYS U 84 -4.30 -30.68 78.42
N LEU U 85 -4.95 -31.80 78.69
CA LEU U 85 -6.15 -31.81 79.51
C LEU U 85 -5.89 -32.31 80.94
N TYR U 86 -4.64 -32.38 81.37
CA TYR U 86 -4.35 -32.82 82.74
C TYR U 86 -3.16 -32.07 83.32
N GLY U 101 -0.50 -57.91 87.44
CA GLY U 101 -0.93 -59.24 86.94
C GLY U 101 -2.41 -59.26 86.61
N ASN U 102 -3.17 -60.13 87.29
CA ASN U 102 -4.61 -60.26 87.06
C ASN U 102 -5.34 -60.85 88.26
N ASN U 103 -4.73 -60.87 89.43
CA ASN U 103 -5.38 -61.35 90.64
C ASN U 103 -5.90 -60.17 91.46
N TRP U 104 -6.79 -60.48 92.39
CA TRP U 104 -7.29 -59.44 93.28
C TRP U 104 -6.31 -59.18 94.42
N ALA U 105 -5.65 -60.23 94.91
CA ALA U 105 -4.66 -60.04 95.96
C ALA U 105 -3.45 -59.28 95.44
N SER U 106 -3.04 -59.55 94.21
CA SER U 106 -1.93 -58.81 93.62
C SER U 106 -2.29 -57.34 93.43
N GLY U 107 -3.58 -57.09 93.16
CA GLY U 107 -4.08 -55.71 92.98
C GLY U 107 -4.29 -55.03 94.31
N PHE U 108 -4.43 -55.80 95.39
CA PHE U 108 -4.63 -55.24 96.72
C PHE U 108 -3.30 -54.88 97.38
N SER U 109 -2.29 -55.73 97.20
CA SER U 109 -1.02 -55.51 97.90
C SER U 109 -0.28 -54.31 97.32
N GLN U 110 -0.19 -54.22 95.99
CA GLN U 110 0.56 -53.14 95.36
C GLN U 110 -0.02 -51.78 95.72
N GLY U 111 -1.32 -51.71 95.98
CA GLY U 111 -1.90 -50.47 96.47
C GLY U 111 -1.47 -50.15 97.89
N GLU U 112 -1.15 -51.18 98.68
CA GLU U 112 -0.70 -50.95 100.05
C GLU U 112 0.72 -50.39 100.08
N LYS U 113 1.56 -50.76 99.12
CA LYS U 113 2.94 -50.30 99.11
C LYS U 113 3.05 -48.88 98.58
N ILE U 114 2.05 -48.41 97.84
CA ILE U 114 2.03 -47.03 97.34
C ILE U 114 0.87 -46.28 97.99
N HIS U 115 0.51 -46.72 99.20
CA HIS U 115 -0.58 -46.07 99.93
C HIS U 115 -0.37 -44.57 100.07
N GLU U 116 0.81 -44.17 100.53
CA GLU U 116 1.06 -42.75 100.74
C GLU U 116 1.16 -42.00 99.43
N ASP U 117 1.63 -42.68 98.37
CA ASP U 117 1.93 -42.00 97.11
C ASP U 117 0.69 -41.36 96.51
N ILE U 118 -0.31 -42.17 96.18
CA ILE U 118 -1.44 -41.66 95.40
C ILE U 118 -2.32 -40.72 96.22
N PHE U 119 -2.33 -40.85 97.54
CA PHE U 119 -3.15 -39.96 98.35
C PHE U 119 -2.66 -38.53 98.36
N ASP U 120 -1.35 -38.32 98.24
CA ASP U 120 -0.84 -36.95 98.16
C ASP U 120 -1.47 -36.22 96.99
N ILE U 121 -1.73 -36.92 95.90
CA ILE U 121 -2.43 -36.32 94.76
C ILE U 121 -3.87 -35.99 95.16
N ILE U 122 -4.49 -36.88 95.94
CA ILE U 122 -5.88 -36.66 96.34
C ILE U 122 -5.95 -35.64 97.47
N ASP U 123 -5.01 -35.69 98.41
CA ASP U 123 -5.04 -34.77 99.54
C ASP U 123 -4.87 -33.33 99.10
N ARG U 124 -4.03 -33.09 98.10
CA ARG U 124 -3.87 -31.71 97.61
C ARG U 124 -5.09 -31.28 96.79
N GLU U 125 -5.71 -32.22 96.07
CA GLU U 125 -6.88 -31.87 95.28
C GLU U 125 -8.10 -31.65 96.15
N ALA U 126 -8.18 -32.36 97.27
CA ALA U 126 -9.30 -32.18 98.19
C ALA U 126 -9.21 -30.83 98.90
N ASP U 127 -8.07 -30.55 99.52
CA ASP U 127 -7.89 -29.27 100.20
C ASP U 127 -7.78 -28.11 99.22
N GLY U 128 -7.27 -28.35 98.02
CA GLY U 128 -7.31 -27.32 96.99
C GLY U 128 -8.71 -27.06 96.48
N SER U 129 -9.64 -27.98 96.75
CA SER U 129 -11.03 -27.80 96.36
C SER U 129 -11.76 -26.94 97.38
N ASP U 130 -12.78 -26.22 96.90
CA ASP U 130 -13.53 -25.31 97.76
C ASP U 130 -14.27 -26.10 98.83
N SER U 131 -15.21 -26.97 98.43
CA SER U 131 -15.98 -27.77 99.36
C SER U 131 -16.28 -29.10 98.67
N LEU U 132 -15.51 -30.14 99.02
CA LEU U 132 -15.66 -31.43 98.37
C LEU U 132 -16.99 -32.06 98.71
N GLU U 133 -17.54 -32.81 97.76
CA GLU U 133 -18.82 -33.47 97.93
C GLU U 133 -18.72 -34.98 97.81
N GLY U 134 -18.04 -35.48 96.77
CA GLY U 134 -18.03 -36.92 96.56
C GLY U 134 -16.84 -37.43 95.77
N PHE U 135 -16.88 -38.73 95.45
CA PHE U 135 -15.79 -39.40 94.73
C PHE U 135 -16.42 -40.33 93.69
N VAL U 136 -16.40 -39.92 92.43
CA VAL U 136 -16.85 -40.79 91.35
C VAL U 136 -15.73 -41.76 91.02
N LEU U 137 -16.08 -43.05 90.95
CA LEU U 137 -15.12 -44.10 90.61
C LEU U 137 -15.58 -44.82 89.35
N CYS U 138 -14.72 -44.88 88.36
CA CYS U 138 -14.99 -45.61 87.12
C CYS U 138 -14.00 -46.76 87.05
N HIS U 139 -14.50 -47.99 87.15
CA HIS U 139 -13.63 -49.15 87.16
C HIS U 139 -14.42 -50.38 86.76
N SER U 140 -13.71 -51.41 86.30
CA SER U 140 -14.31 -52.69 85.94
C SER U 140 -13.95 -53.73 87.00
N ILE U 141 -14.97 -54.45 87.50
CA ILE U 141 -14.75 -55.39 88.58
C ILE U 141 -14.29 -56.75 88.10
N ALA U 142 -13.99 -56.92 86.81
CA ALA U 142 -13.51 -58.19 86.30
C ALA U 142 -11.99 -58.22 86.25
N GLY U 144 -6.96 -57.60 86.19
CA GLY U 144 -7.68 -57.57 87.49
C GLY U 144 -6.98 -56.69 88.50
N THR U 145 -5.85 -56.08 88.10
CA THR U 145 -5.07 -55.19 89.01
C THR U 145 -5.94 -53.99 89.40
N GLY U 146 -6.67 -53.43 88.43
CA GLY U 146 -7.53 -52.26 88.68
C GLY U 146 -8.63 -52.57 89.68
N SER U 147 -9.25 -53.75 89.55
CA SER U 147 -10.33 -54.16 90.48
C SER U 147 -9.76 -54.29 91.89
N GLY U 148 -8.58 -54.91 92.02
CA GLY U 148 -7.92 -55.08 93.33
C GLY U 148 -7.54 -53.75 93.94
N LEU U 149 -7.01 -52.83 93.11
CA LEU U 149 -6.61 -51.48 93.59
C LEU U 149 -7.85 -50.74 94.06
N GLY U 150 -8.95 -50.87 93.31
CA GLY U 150 -10.22 -50.21 93.66
C GLY U 150 -10.72 -50.62 95.04
N SER U 151 -10.74 -51.93 95.31
CA SER U 151 -11.20 -52.43 96.60
C SER U 151 -10.36 -51.86 97.73
N TYR U 152 -9.06 -51.70 97.49
CA TYR U 152 -8.18 -51.11 98.51
C TYR U 152 -8.55 -49.66 98.75
N LEU U 153 -8.70 -48.88 97.68
CA LEU U 153 -8.92 -47.45 97.83
C LEU U 153 -10.30 -47.17 98.42
N LEU U 154 -11.27 -48.03 98.14
CA LEU U 154 -12.63 -47.82 98.65
C LEU U 154 -12.66 -47.91 100.17
N GLU U 155 -11.79 -48.73 100.75
CA GLU U 155 -11.77 -48.87 102.20
C GLU U 155 -11.08 -47.67 102.85
N ARG U 156 -9.93 -47.25 102.28
CA ARG U 156 -9.18 -46.16 102.90
C ARG U 156 -9.95 -44.85 102.87
N LEU U 157 -10.73 -44.61 101.81
CA LEU U 157 -11.54 -43.39 101.77
C LEU U 157 -12.55 -43.36 102.92
N ASN U 158 -13.03 -44.52 103.34
CA ASN U 158 -13.87 -44.58 104.54
C ASN U 158 -13.07 -44.25 105.79
N ASP U 159 -11.77 -44.56 105.81
CA ASP U 159 -10.96 -44.26 106.98
C ASP U 159 -10.74 -42.75 107.11
N ARG U 160 -10.23 -42.12 106.05
CA ARG U 160 -9.87 -40.71 106.13
C ARG U 160 -11.09 -39.81 106.11
N TYR U 161 -11.86 -39.85 105.02
CA TYR U 161 -12.99 -38.95 104.85
C TYR U 161 -14.28 -39.68 105.23
N PRO U 162 -14.91 -39.34 106.35
CA PRO U 162 -16.16 -40.04 106.72
C PRO U 162 -17.39 -39.40 106.12
N LYS U 163 -17.29 -38.13 105.69
CA LYS U 163 -18.46 -37.35 105.30
C LYS U 163 -18.48 -37.07 103.80
N LYS U 164 -17.92 -37.95 102.98
CA LYS U 164 -17.88 -37.77 101.54
C LYS U 164 -18.52 -38.98 100.86
N LEU U 165 -19.50 -38.72 100.00
CA LEU U 165 -20.12 -39.78 99.24
C LEU U 165 -19.13 -40.42 98.27
N VAL U 166 -19.33 -41.71 97.99
CA VAL U 166 -18.51 -42.43 97.04
C VAL U 166 -19.44 -43.18 96.11
N GLN U 167 -19.63 -42.65 94.90
CA GLN U 167 -20.42 -43.30 93.87
C GLN U 167 -19.51 -43.97 92.86
N THR U 168 -19.86 -45.20 92.47
CA THR U 168 -18.98 -46.01 91.65
C THR U 168 -19.73 -46.44 90.40
N TYR U 169 -19.16 -46.10 89.23
CA TYR U 169 -19.73 -46.50 87.95
C TYR U 169 -19.14 -47.84 87.50
N SER U 170 -19.33 -48.84 88.35
CA SER U 170 -18.72 -50.15 88.13
C SER U 170 -19.23 -50.78 86.83
N VAL U 171 -18.43 -51.68 86.27
CA VAL U 171 -18.75 -52.37 85.03
C VAL U 171 -18.53 -53.87 85.24
N PHE U 172 -19.58 -54.67 85.00
CA PHE U 172 -19.54 -56.11 85.18
C PHE U 172 -19.03 -56.81 83.93
N PRO U 173 -18.52 -58.04 84.04
CA PRO U 173 -18.04 -58.75 82.86
C PRO U 173 -19.16 -59.29 81.98
N VAL U 183 -10.89 -67.12 86.51
CA VAL U 183 -10.68 -66.47 87.79
C VAL U 183 -11.51 -65.20 87.88
N GLN U 184 -12.26 -64.93 86.82
CA GLN U 184 -13.17 -63.79 86.83
C GLN U 184 -14.24 -63.91 87.92
N PRO U 185 -14.82 -65.09 88.21
CA PRO U 185 -15.78 -65.15 89.32
C PRO U 185 -15.18 -64.78 90.66
N TYR U 186 -13.93 -65.18 90.93
CA TYR U 186 -13.29 -64.84 92.20
C TYR U 186 -13.24 -63.33 92.39
N ASN U 187 -12.60 -62.63 91.45
CA ASN U 187 -12.37 -61.20 91.60
C ASN U 187 -13.68 -60.44 91.67
N SER U 188 -14.72 -60.92 90.99
CA SER U 188 -15.97 -60.18 90.94
C SER U 188 -16.66 -60.17 92.29
N LEU U 189 -16.61 -61.29 93.01
CA LEU U 189 -17.32 -61.34 94.29
C LEU U 189 -16.54 -60.65 95.39
N LEU U 190 -15.20 -60.68 95.32
CA LEU U 190 -14.41 -60.02 96.35
C LEU U 190 -14.67 -58.52 96.38
N THR U 191 -14.62 -57.88 95.21
CA THR U 191 -14.91 -56.45 95.16
C THR U 191 -16.36 -56.18 95.54
N LEU U 192 -17.24 -57.18 95.35
CA LEU U 192 -18.61 -57.02 95.78
C LEU U 192 -18.71 -56.92 97.30
N LYS U 193 -17.79 -57.57 98.01
CA LYS U 193 -17.80 -57.49 99.47
C LYS U 193 -17.52 -56.07 99.93
N ARG U 194 -16.71 -55.34 99.18
CA ARG U 194 -16.43 -53.95 99.53
C ARG U 194 -17.48 -53.00 98.99
N LEU U 195 -18.02 -53.27 97.81
CA LEU U 195 -19.02 -52.40 97.21
C LEU U 195 -20.36 -52.43 97.95
N THR U 196 -20.56 -53.39 98.83
CA THR U 196 -21.83 -53.47 99.55
C THR U 196 -21.82 -52.75 100.88
N GLN U 197 -20.66 -52.32 101.36
CA GLN U 197 -20.59 -51.67 102.67
C GLN U 197 -19.71 -50.43 102.64
N ASN U 198 -18.98 -50.21 101.56
CA ASN U 198 -18.13 -49.03 101.44
C ASN U 198 -18.73 -47.99 100.51
N ALA U 199 -18.98 -48.37 99.25
CA ALA U 199 -19.48 -47.43 98.26
C ALA U 199 -20.88 -46.97 98.63
N ASP U 200 -21.08 -45.66 98.67
CA ASP U 200 -22.35 -45.09 99.09
C ASP U 200 -23.45 -45.23 98.06
N CYS U 201 -23.09 -45.40 96.79
CA CYS U 201 -24.07 -45.65 95.72
C CYS U 201 -23.35 -46.46 94.65
N LEU U 202 -24.13 -46.98 93.71
CA LEU U 202 -23.51 -47.82 92.69
C LEU U 202 -24.44 -47.92 91.49
N VAL U 203 -23.86 -47.78 90.30
CA VAL U 203 -24.60 -47.84 89.05
C VAL U 203 -24.00 -48.97 88.23
N VAL U 204 -24.78 -49.98 87.94
CA VAL U 204 -24.28 -51.19 87.31
C VAL U 204 -24.34 -51.03 85.80
N LEU U 205 -23.29 -51.51 85.13
CA LEU U 205 -23.24 -51.52 83.66
C LEU U 205 -22.53 -52.79 83.25
N ASP U 206 -23.28 -53.78 82.79
CA ASP U 206 -22.72 -55.08 82.43
C ASP U 206 -22.47 -55.16 80.93
N ASN U 207 -21.33 -55.75 80.56
CA ASN U 207 -20.95 -55.85 79.15
C ASN U 207 -21.87 -56.74 78.35
N THR U 208 -22.50 -57.73 78.97
CA THR U 208 -23.35 -58.66 78.24
C THR U 208 -24.58 -57.95 77.69
N ALA U 209 -25.08 -56.95 78.42
CA ALA U 209 -26.22 -56.17 77.93
C ALA U 209 -25.79 -55.13 76.92
N LEU U 210 -24.58 -54.58 77.08
CA LEU U 210 -24.10 -53.58 76.13
C LEU U 210 -23.66 -54.23 74.82
N ASN U 211 -23.01 -55.39 74.90
CA ASN U 211 -22.56 -56.06 73.69
C ASN U 211 -23.73 -56.51 72.84
N ARG U 212 -24.82 -56.98 73.47
CA ARG U 212 -26.00 -57.38 72.71
C ARG U 212 -26.62 -56.18 71.98
N ILE U 213 -26.54 -54.99 72.58
CA ILE U 213 -27.10 -53.81 71.93
C ILE U 213 -26.28 -53.44 70.70
N ALA U 214 -24.95 -53.54 70.80
CA ALA U 214 -24.10 -53.17 69.68
C ALA U 214 -24.34 -54.07 68.48
N THR U 215 -24.61 -55.36 68.71
CA THR U 215 -24.89 -56.25 67.61
C THR U 215 -26.34 -56.14 67.15
N ASP U 216 -27.24 -55.68 68.01
CA ASP U 216 -28.65 -55.63 67.66
C ASP U 216 -28.98 -54.36 66.89
N ARG U 217 -28.68 -53.19 67.46
CA ARG U 217 -29.05 -51.92 66.85
C ARG U 217 -27.86 -51.14 66.30
N LEU U 218 -26.64 -51.67 66.38
CA LEU U 218 -25.49 -51.04 65.78
C LEU U 218 -24.74 -51.91 64.79
N HIS U 219 -24.85 -53.25 64.91
CA HIS U 219 -24.31 -54.19 63.93
C HIS U 219 -22.79 -54.02 63.78
N ILE U 220 -22.08 -54.28 64.87
CA ILE U 220 -20.62 -54.21 64.85
C ILE U 220 -19.97 -55.47 64.32
N GLN U 221 -20.74 -56.54 64.12
CA GLN U 221 -20.19 -57.80 63.60
C GLN U 221 -21.27 -58.63 62.93
N SER U 224 -16.33 -53.80 69.16
CA SER U 224 -15.05 -53.32 69.62
C SER U 224 -15.19 -52.52 70.91
N PHE U 225 -14.13 -52.47 71.70
CA PHE U 225 -14.16 -51.75 72.97
C PHE U 225 -14.42 -50.27 72.75
N SER U 226 -13.75 -49.68 71.76
CA SER U 226 -13.97 -48.27 71.48
C SER U 226 -15.35 -47.97 70.91
N GLN U 227 -16.13 -49.01 70.60
CA GLN U 227 -17.47 -48.83 70.06
C GLN U 227 -18.55 -48.86 71.13
N ILE U 228 -18.48 -49.84 72.05
CA ILE U 228 -19.47 -49.91 73.11
C ILE U 228 -19.26 -48.78 74.11
N ASN U 229 -18.02 -48.29 74.24
CA ASN U 229 -17.76 -47.18 75.15
C ASN U 229 -18.49 -45.91 74.71
N GLN U 230 -18.86 -45.82 73.44
CA GLN U 230 -19.68 -44.71 72.97
C GLN U 230 -21.00 -44.67 73.73
N LEU U 231 -21.58 -45.85 73.99
CA LEU U 231 -22.84 -45.90 74.72
C LEU U 231 -22.62 -45.64 76.21
N VAL U 232 -21.53 -46.18 76.76
CA VAL U 232 -21.24 -45.95 78.18
C VAL U 232 -21.01 -44.47 78.45
N SER U 233 -20.34 -43.79 77.52
CA SER U 233 -20.10 -42.37 77.69
C SER U 233 -21.40 -41.57 77.66
N THR U 234 -22.36 -41.99 76.84
CA THR U 234 -23.62 -41.27 76.75
C THR U 234 -24.43 -41.41 78.03
N ILE U 235 -24.37 -42.58 78.67
CA ILE U 235 -25.10 -42.78 79.92
C ILE U 235 -24.43 -42.03 81.06
N MET U 236 -23.09 -42.06 81.11
CA MET U 236 -22.38 -41.33 82.15
C MET U 236 -22.57 -39.83 82.02
N SER U 237 -22.39 -39.31 80.80
CA SER U 237 -22.59 -37.88 80.58
C SER U 237 -24.02 -37.47 80.88
N ALA U 238 -24.98 -38.35 80.61
CA ALA U 238 -26.38 -38.01 80.88
C ALA U 238 -26.73 -38.17 82.35
N SER U 239 -25.96 -38.96 83.10
CA SER U 239 -26.31 -39.19 84.50
C SER U 239 -26.19 -37.91 85.32
N THR U 240 -25.15 -37.12 85.07
CA THR U 240 -24.90 -35.88 85.81
C THR U 240 -25.35 -34.66 85.04
N THR U 241 -26.45 -34.77 84.30
CA THR U 241 -26.91 -33.64 83.50
C THR U 241 -27.52 -32.55 84.37
N THR U 242 -28.32 -32.94 85.35
CA THR U 242 -28.97 -31.96 86.22
C THR U 242 -27.98 -31.28 87.16
N LEU U 243 -26.73 -31.73 87.20
CA LEU U 243 -25.73 -31.07 88.02
C LEU U 243 -25.07 -29.90 87.29
N ARG U 244 -24.86 -30.03 85.98
CA ARG U 244 -24.15 -29.01 85.23
C ARG U 244 -25.08 -27.91 84.72
N TYR U 245 -26.32 -28.24 84.40
CA TYR U 245 -27.31 -27.24 84.00
C TYR U 245 -28.26 -27.01 85.16
N PRO U 246 -28.10 -25.95 85.94
CA PRO U 246 -28.87 -25.80 87.17
C PRO U 246 -30.35 -25.57 86.89
N GLY U 247 -31.19 -26.18 87.74
CA GLY U 247 -32.62 -25.98 87.66
C GLY U 247 -33.19 -25.69 89.02
N TYR U 248 -34.51 -25.81 89.18
CA TYR U 248 -35.12 -25.53 90.48
C TYR U 248 -34.77 -26.62 91.49
N MET U 249 -34.50 -27.83 91.02
CA MET U 249 -34.20 -28.96 91.90
C MET U 249 -32.94 -29.67 91.42
N ASN U 250 -32.46 -30.60 92.24
CA ASN U 250 -31.37 -31.49 91.89
C ASN U 250 -30.10 -30.71 91.54
N ASN U 251 -29.66 -29.89 92.49
CA ASN U 251 -28.44 -29.12 92.34
C ASN U 251 -27.27 -29.70 93.12
N ASP U 252 -27.36 -30.97 93.51
CA ASP U 252 -26.33 -31.62 94.28
C ASP U 252 -26.46 -33.12 94.14
N LEU U 253 -25.33 -33.82 94.25
CA LEU U 253 -25.31 -35.26 93.98
C LEU U 253 -26.19 -36.02 94.94
N ILE U 254 -26.32 -35.56 96.18
CA ILE U 254 -27.15 -36.27 97.14
C ILE U 254 -28.63 -36.09 96.81
N GLY U 255 -28.97 -35.04 96.06
CA GLY U 255 -30.36 -34.81 95.71
C GLY U 255 -30.93 -35.88 94.80
N LEU U 256 -30.09 -36.47 93.95
CA LEU U 256 -30.55 -37.54 93.07
C LEU U 256 -30.60 -38.87 93.80
N ILE U 257 -29.70 -39.07 94.76
CA ILE U 257 -29.55 -40.37 95.40
C ILE U 257 -30.51 -40.53 96.57
N ALA U 258 -30.80 -39.41 97.25
CA ALA U 258 -31.64 -39.49 98.44
C ALA U 258 -33.05 -39.98 98.15
N SER U 259 -33.48 -39.95 96.90
CA SER U 259 -34.84 -40.38 96.58
C SER U 259 -34.90 -41.87 96.25
N LEU U 260 -33.89 -42.37 95.53
CA LEU U 260 -33.94 -43.75 95.05
C LEU U 260 -33.60 -44.74 96.15
N ILE U 261 -32.40 -44.62 96.73
CA ILE U 261 -31.90 -45.59 97.71
C ILE U 261 -32.68 -45.48 99.02
N PRO U 262 -33.51 -46.47 99.35
CA PRO U 262 -34.35 -46.33 100.55
C PRO U 262 -33.59 -46.61 101.85
N THR U 263 -32.71 -47.61 101.84
CA THR U 263 -31.89 -47.95 102.99
C THR U 263 -30.45 -48.16 102.53
N PRO U 264 -29.47 -47.93 103.41
CA PRO U 264 -28.07 -48.00 102.99
C PRO U 264 -27.66 -49.33 102.39
N ARG U 265 -28.43 -50.40 102.61
CA ARG U 265 -28.07 -51.70 102.03
C ARG U 265 -28.43 -51.78 100.55
N LEU U 266 -29.62 -51.30 100.19
CA LEU U 266 -30.12 -51.44 98.82
C LEU U 266 -29.65 -50.25 97.99
N HIS U 267 -28.36 -50.25 97.68
CA HIS U 267 -27.73 -49.14 96.97
C HIS U 267 -27.17 -49.59 95.62
N PHE U 268 -27.99 -50.30 94.85
CA PHE U 268 -27.63 -50.70 93.50
C PHE U 268 -28.68 -50.16 92.53
N LEU U 269 -28.23 -49.63 91.40
CA LEU U 269 -29.11 -49.03 90.41
C LEU U 269 -28.81 -49.57 89.03
N MET U 270 -29.82 -49.48 88.16
CA MET U 270 -29.70 -49.85 86.76
C MET U 270 -30.19 -48.69 85.89
N THR U 271 -29.82 -48.74 84.61
CA THR U 271 -30.02 -47.62 83.70
C THR U 271 -30.89 -48.02 82.51
N GLY U 272 -31.38 -47.01 81.81
CA GLY U 272 -32.15 -47.21 80.58
C GLY U 272 -32.07 -46.01 79.67
N TYR U 273 -31.72 -46.22 78.40
CA TYR U 273 -31.49 -45.12 77.45
C TYR U 273 -32.23 -45.44 76.16
N THR U 274 -33.28 -44.67 75.85
CA THR U 274 -34.18 -45.06 74.77
C THR U 274 -33.75 -44.71 73.34
N PRO U 275 -33.35 -43.47 73.01
CA PRO U 275 -33.12 -43.17 71.59
C PRO U 275 -31.78 -43.70 71.13
N LEU U 276 -31.79 -44.78 70.37
CA LEU U 276 -30.57 -45.43 69.93
C LEU U 276 -30.46 -45.47 68.40
N THR U 288 -41.28 -35.32 69.39
CA THR U 288 -41.53 -36.50 70.21
C THR U 288 -42.09 -36.12 71.58
N THR U 289 -43.26 -36.63 71.90
CA THR U 289 -43.93 -36.29 73.15
C THR U 289 -43.24 -36.98 74.32
N VAL U 290 -43.51 -36.47 75.53
CA VAL U 290 -42.90 -37.04 76.72
C VAL U 290 -43.55 -38.38 77.07
N LEU U 291 -44.81 -38.57 76.68
CA LEU U 291 -45.46 -39.85 76.93
C LEU U 291 -44.79 -40.96 76.15
N ASP U 292 -44.21 -40.63 74.99
CA ASP U 292 -43.53 -41.63 74.19
C ASP U 292 -42.25 -42.08 74.85
N VAL U 293 -41.51 -41.15 75.45
CA VAL U 293 -40.21 -41.50 76.03
C VAL U 293 -40.40 -42.33 77.28
N MET U 294 -41.40 -42.01 78.09
CA MET U 294 -41.65 -42.80 79.29
C MET U 294 -42.04 -44.23 78.94
N ARG U 295 -42.87 -44.42 77.92
CA ARG U 295 -43.32 -45.76 77.60
C ARG U 295 -42.21 -46.59 77.00
N ARG U 296 -41.26 -45.96 76.32
CA ARG U 296 -40.15 -46.71 75.73
C ARG U 296 -39.08 -47.05 76.75
N LEU U 297 -39.02 -46.35 77.87
CA LEU U 297 -38.02 -46.64 78.89
C LEU U 297 -38.44 -47.84 79.72
N LEU U 298 -39.74 -48.00 79.94
CA LEU U 298 -40.26 -49.09 80.75
C LEU U 298 -40.33 -50.41 79.98
N GLN U 299 -39.82 -50.48 78.77
CA GLN U 299 -39.77 -51.74 78.05
C GLN U 299 -38.49 -52.51 78.39
N PRO U 300 -38.54 -53.84 78.46
CA PRO U 300 -37.34 -54.60 78.83
C PRO U 300 -36.25 -54.57 77.77
N LYS U 301 -36.56 -54.21 76.53
CA LYS U 301 -35.56 -54.25 75.47
C LYS U 301 -34.48 -53.18 75.63
N ASN U 302 -34.76 -52.13 76.40
CA ASN U 302 -33.84 -51.00 76.51
C ASN U 302 -32.95 -51.05 77.74
N VAL U 303 -33.34 -51.76 78.79
CA VAL U 303 -32.58 -51.74 80.03
C VAL U 303 -31.22 -52.40 79.81
N MET U 304 -30.19 -51.89 80.50
CA MET U 304 -28.84 -52.42 80.40
C MET U 304 -28.58 -53.44 81.51
N VAL U 305 -29.46 -54.43 81.58
CA VAL U 305 -29.36 -55.50 82.57
C VAL U 305 -29.86 -56.79 81.93
N SER U 306 -29.05 -57.84 82.02
CA SER U 306 -29.44 -59.14 81.49
C SER U 306 -30.56 -59.76 82.33
N ASN U 314 -41.65 -62.91 93.07
CA ASN U 314 -41.64 -62.00 91.93
C ASN U 314 -40.61 -60.88 92.14
N HIS U 315 -40.83 -59.75 91.48
CA HIS U 315 -39.96 -58.60 91.61
C HIS U 315 -40.77 -57.34 91.37
N CYS U 316 -40.26 -56.22 91.86
CA CYS U 316 -40.98 -54.96 91.77
C CYS U 316 -39.99 -53.81 91.91
N TYR U 317 -40.42 -52.63 91.47
CA TYR U 317 -39.62 -51.42 91.50
C TYR U 317 -39.67 -50.76 92.87
N ILE U 318 -38.59 -50.07 93.22
CA ILE U 318 -38.50 -49.34 94.47
C ILE U 318 -38.57 -47.83 94.26
N ALA U 319 -37.92 -47.33 93.20
CA ALA U 319 -38.00 -45.92 92.86
C ALA U 319 -37.43 -45.73 91.46
N ILE U 320 -37.98 -44.77 90.73
CA ILE U 320 -37.59 -44.51 89.34
C ILE U 320 -37.30 -43.04 89.18
N LEU U 321 -36.26 -42.72 88.41
CA LEU U 321 -35.91 -41.35 88.06
C LEU U 321 -35.75 -41.26 86.55
N ASN U 322 -36.42 -40.30 85.94
CA ASN U 322 -36.39 -40.12 84.49
C ASN U 322 -35.73 -38.80 84.15
N ILE U 323 -34.78 -38.83 83.22
CA ILE U 323 -34.09 -37.64 82.75
C ILE U 323 -34.47 -37.42 81.29
N ILE U 324 -35.25 -36.37 81.04
CA ILE U 324 -35.63 -35.99 79.68
C ILE U 324 -34.81 -34.77 79.31
N GLN U 325 -33.93 -34.93 78.32
CA GLN U 325 -32.95 -33.89 77.99
C GLN U 325 -33.34 -33.04 76.81
N GLY U 326 -34.56 -33.17 76.29
CA GLY U 326 -34.93 -32.50 75.07
C GLY U 326 -35.45 -31.09 75.30
N GLU U 327 -35.95 -30.51 74.21
CA GLU U 327 -36.67 -29.24 74.24
C GLU U 327 -38.17 -29.44 74.35
N VAL U 328 -38.59 -30.50 75.03
CA VAL U 328 -39.99 -30.86 75.10
C VAL U 328 -40.81 -29.77 75.79
N ASP U 329 -42.10 -29.82 75.59
CA ASP U 329 -43.00 -28.86 76.22
C ASP U 329 -43.08 -29.20 77.70
N PRO U 330 -42.65 -28.32 78.60
CA PRO U 330 -42.66 -28.63 80.03
C PRO U 330 -44.02 -28.50 80.70
N THR U 331 -45.08 -28.21 79.96
CA THR U 331 -46.41 -28.16 80.54
C THR U 331 -47.13 -29.50 80.47
N GLN U 332 -46.81 -30.33 79.51
CA GLN U 332 -47.44 -31.64 79.37
C GLN U 332 -46.72 -32.73 80.15
N VAL U 333 -45.67 -32.39 80.90
CA VAL U 333 -44.96 -33.41 81.66
C VAL U 333 -45.80 -33.89 82.83
N HIS U 334 -46.56 -33.00 83.45
CA HIS U 334 -47.40 -33.42 84.57
C HIS U 334 -48.60 -34.21 84.09
N LYS U 335 -49.03 -33.99 82.85
CA LYS U 335 -50.10 -34.79 82.28
C LYS U 335 -49.70 -36.24 82.14
N SER U 336 -48.51 -36.49 81.58
CA SER U 336 -48.11 -37.86 81.25
C SER U 336 -48.04 -38.72 82.51
N LEU U 337 -47.58 -38.16 83.61
CA LEU U 337 -47.50 -38.93 84.85
C LEU U 337 -48.89 -39.27 85.38
N GLN U 338 -49.92 -38.57 84.91
CA GLN U 338 -51.27 -38.92 85.31
C GLN U 338 -51.74 -40.17 84.57
N ARG U 339 -51.33 -40.33 83.33
CA ARG U 339 -51.83 -41.44 82.51
C ARG U 339 -50.97 -42.69 82.64
N ILE U 340 -49.66 -42.53 82.81
CA ILE U 340 -48.80 -43.69 83.03
C ILE U 340 -49.24 -44.45 84.27
N ARG U 341 -49.74 -43.73 85.27
CA ARG U 341 -50.23 -44.40 86.48
C ARG U 341 -51.44 -45.26 86.19
N GLU U 342 -52.26 -44.87 85.20
CA GLU U 342 -53.51 -45.57 84.97
C GLU U 342 -53.29 -46.92 84.30
N ARG U 343 -52.39 -46.96 83.31
CA ARG U 343 -52.11 -48.22 82.65
C ARG U 343 -51.36 -49.21 83.55
N LYS U 344 -50.74 -48.74 84.63
CA LYS U 344 -50.03 -49.59 85.59
C LYS U 344 -48.93 -50.38 84.90
N LEU U 345 -48.03 -49.65 84.24
CA LEU U 345 -46.92 -50.26 83.51
C LEU U 345 -45.82 -50.78 84.41
N ALA U 346 -45.80 -50.41 85.69
CA ALA U 346 -44.77 -50.88 86.60
C ALA U 346 -45.40 -51.19 87.95
N ASN U 347 -44.91 -52.27 88.57
CA ASN U 347 -45.38 -52.70 89.87
C ASN U 347 -44.39 -52.27 90.95
N PHE U 348 -44.95 -51.72 92.03
CA PHE U 348 -44.14 -51.08 93.06
C PHE U 348 -44.24 -51.84 94.37
N ILE U 349 -43.38 -51.44 95.30
CA ILE U 349 -43.24 -52.08 96.61
C ILE U 349 -44.55 -51.97 97.39
N PRO U 350 -44.94 -53.00 98.14
CA PRO U 350 -46.18 -52.92 98.91
C PRO U 350 -46.00 -52.34 100.31
N TRP U 351 -44.79 -52.38 100.86
CA TRP U 351 -44.61 -51.96 102.25
C TRP U 351 -44.64 -50.45 102.40
N GLY U 352 -43.77 -49.75 101.69
CA GLY U 352 -43.69 -48.31 101.78
C GLY U 352 -44.12 -47.63 100.50
N PRO U 353 -44.40 -46.34 100.58
CA PRO U 353 -44.83 -45.62 99.37
C PRO U 353 -43.67 -45.35 98.43
N ALA U 354 -43.93 -45.48 97.13
CA ALA U 354 -42.95 -45.22 96.09
C ALA U 354 -43.64 -44.58 94.90
N SER U 355 -42.89 -43.81 94.13
CA SER U 355 -43.44 -43.12 92.97
C SER U 355 -42.39 -43.06 91.87
N ILE U 356 -42.73 -42.38 90.78
CA ILE U 356 -41.83 -42.20 89.64
C ILE U 356 -41.50 -40.73 89.51
N GLN U 357 -40.25 -40.43 89.14
CA GLN U 357 -39.75 -39.07 89.09
C GLN U 357 -39.27 -38.73 87.70
N VAL U 358 -39.69 -37.56 87.21
CA VAL U 358 -39.29 -37.06 85.90
C VAL U 358 -38.61 -35.70 86.08
N ALA U 359 -37.43 -35.55 85.49
CA ALA U 359 -36.68 -34.30 85.60
C ALA U 359 -36.19 -33.91 84.22
N LEU U 360 -36.40 -32.65 83.88
CA LEU U 360 -36.01 -32.09 82.59
C LEU U 360 -34.64 -31.44 82.68
N SER U 361 -34.10 -31.08 81.53
CA SER U 361 -32.83 -30.39 81.44
C SER U 361 -32.74 -29.78 80.05
N ARG U 362 -31.56 -29.31 79.69
CA ARG U 362 -31.34 -28.71 78.38
C ARG U 362 -30.13 -29.34 77.72
N LYS U 363 -30.29 -29.72 76.45
CA LYS U 363 -29.16 -30.27 75.70
C LYS U 363 -28.15 -29.17 75.41
N SER U 364 -26.93 -29.61 75.12
CA SER U 364 -25.86 -28.67 74.81
C SER U 364 -26.07 -28.05 73.44
N PRO U 365 -26.26 -26.74 73.34
CA PRO U 365 -26.47 -26.13 72.01
C PRO U 365 -25.26 -26.22 71.11
N TYR U 366 -24.05 -26.27 71.67
CA TYR U 366 -22.85 -26.30 70.85
C TYR U 366 -22.71 -27.60 70.06
N LEU U 367 -23.48 -28.63 70.40
CA LEU U 367 -23.41 -29.88 69.68
C LEU U 367 -24.40 -29.90 68.52
N ARG U 372 -34.89 -32.47 68.79
CA ARG U 372 -34.18 -33.64 69.28
C ARG U 372 -34.51 -33.88 70.75
N VAL U 373 -34.88 -35.11 71.08
CA VAL U 373 -35.26 -35.48 72.45
C VAL U 373 -34.61 -36.80 72.80
N SER U 374 -34.08 -36.90 74.00
CA SER U 374 -33.47 -38.13 74.51
C SER U 374 -34.12 -38.48 75.84
N GLY U 375 -33.56 -39.49 76.50
CA GLY U 375 -34.10 -39.89 77.79
C GLY U 375 -33.26 -40.93 78.51
N LEU U 376 -33.14 -40.80 79.83
CA LEU U 376 -32.42 -41.76 80.65
C LEU U 376 -33.25 -42.08 81.89
N MET U 377 -33.19 -43.35 82.30
CA MET U 377 -34.01 -43.83 83.40
C MET U 377 -33.13 -44.57 84.40
N MET U 378 -33.04 -44.03 85.61
CA MET U 378 -32.33 -44.65 86.72
C MET U 378 -33.36 -45.31 87.62
N ALA U 379 -33.29 -46.62 87.74
CA ALA U 379 -34.27 -47.38 88.51
C ALA U 379 -33.59 -48.24 89.55
N ASN U 380 -34.36 -48.66 90.53
CA ASN U 380 -33.91 -49.57 91.59
C ASN U 380 -34.84 -50.78 91.59
N HIS U 381 -34.48 -51.79 90.81
CA HIS U 381 -35.29 -52.99 90.66
C HIS U 381 -34.64 -54.14 91.41
N THR U 382 -35.46 -54.86 92.18
CA THR U 382 -34.96 -56.00 92.93
C THR U 382 -34.55 -57.16 92.03
N SER U 383 -34.85 -57.08 90.73
CA SER U 383 -34.36 -58.10 89.81
C SER U 383 -32.86 -58.03 89.62
N ILE U 384 -32.20 -57.03 90.22
CA ILE U 384 -30.75 -56.97 90.14
C ILE U 384 -30.12 -58.06 90.99
N SER U 385 -30.90 -58.68 91.87
CA SER U 385 -30.37 -59.75 92.71
C SER U 385 -29.90 -60.93 91.87
N SER U 386 -30.47 -61.10 90.67
CA SER U 386 -30.11 -62.24 89.84
C SER U 386 -28.65 -62.17 89.39
N LEU U 387 -28.15 -60.96 89.15
CA LEU U 387 -26.77 -60.82 88.68
C LEU U 387 -25.78 -61.34 89.72
N PHE U 388 -26.03 -61.03 90.99
CA PHE U 388 -25.17 -61.54 92.05
C PHE U 388 -25.27 -63.05 92.15
N GLU U 389 -26.46 -63.58 91.89
CA GLU U 389 -26.67 -65.02 91.96
C GLU U 389 -25.77 -65.75 90.97
N ARG U 390 -25.65 -65.21 89.75
CA ARG U 390 -24.78 -65.83 88.75
C ARG U 390 -23.34 -65.88 89.21
N THR U 391 -22.83 -64.76 89.74
CA THR U 391 -21.48 -64.75 90.28
C THR U 391 -21.37 -65.67 91.48
N CYS U 392 -22.41 -65.69 92.33
CA CYS U 392 -22.42 -66.56 93.49
C CYS U 392 -22.34 -68.03 93.08
N ARG U 393 -23.25 -68.45 92.21
CA ARG U 393 -23.28 -69.85 91.77
C ARG U 393 -22.00 -70.21 91.03
N GLN U 394 -21.47 -69.28 90.24
CA GLN U 394 -20.22 -69.55 89.54
C GLN U 394 -19.06 -69.73 90.51
N TYR U 395 -19.13 -69.08 91.67
CA TYR U 395 -18.06 -69.21 92.66
C TYR U 395 -18.07 -70.60 93.29
N ASP U 396 -19.26 -71.09 93.64
CA ASP U 396 -19.35 -72.37 94.34
C ASP U 396 -18.83 -73.50 93.47
N LYS U 397 -19.10 -73.46 92.17
CA LYS U 397 -18.64 -74.51 91.28
C LYS U 397 -17.11 -74.56 91.22
N LEU U 398 -16.46 -73.41 91.30
CA LEU U 398 -15.00 -73.38 91.30
C LEU U 398 -14.41 -73.70 92.67
N ARG U 399 -15.18 -73.48 93.74
CA ARG U 399 -14.69 -73.75 95.09
C ARG U 399 -14.55 -75.23 95.37
N LYS U 400 -15.29 -76.08 94.67
CA LYS U 400 -15.20 -77.53 94.84
C LYS U 400 -14.37 -78.18 93.74
N ARG U 401 -13.61 -77.39 93.00
CA ARG U 401 -12.83 -77.89 91.88
C ARG U 401 -11.39 -77.43 91.86
N GLU U 402 -11.05 -76.34 92.55
CA GLU U 402 -9.70 -75.80 92.58
C GLU U 402 -9.17 -75.49 91.17
N ASP U 416 -3.01 -67.43 102.89
CA ASP U 416 -2.52 -68.43 103.85
C ASP U 416 -3.68 -69.13 104.55
N ASN U 417 -4.85 -68.51 104.55
CA ASN U 417 -6.04 -69.05 105.20
C ASN U 417 -7.21 -69.25 104.27
N PHE U 418 -7.34 -68.41 103.23
CA PHE U 418 -8.53 -68.39 102.37
C PHE U 418 -9.80 -68.16 103.17
N ASP U 419 -9.72 -67.28 104.17
CA ASP U 419 -10.88 -66.93 104.98
C ASP U 419 -11.59 -65.67 104.50
N GLU U 420 -10.88 -64.79 103.80
CA GLU U 420 -11.53 -63.59 103.26
C GLU U 420 -12.59 -63.95 102.24
N MET U 421 -12.32 -64.97 101.40
CA MET U 421 -13.33 -65.43 100.46
C MET U 421 -14.58 -65.92 101.19
N ASP U 422 -14.40 -66.51 102.36
CA ASP U 422 -15.54 -67.02 103.12
C ASP U 422 -16.40 -65.86 103.61
N THR U 423 -15.78 -64.81 104.14
CA THR U 423 -16.55 -63.67 104.63
C THR U 423 -17.26 -62.94 103.49
N SER U 424 -16.56 -62.76 102.37
CA SER U 424 -17.17 -62.09 101.22
C SER U 424 -18.36 -62.90 100.70
N ARG U 425 -18.18 -64.23 100.59
CA ARG U 425 -19.28 -65.08 100.17
C ARG U 425 -20.46 -64.98 101.12
N GLU U 426 -20.20 -64.75 102.40
CA GLU U 426 -21.27 -64.71 103.39
C GLU U 426 -22.01 -63.37 103.33
N ILE U 427 -21.27 -62.27 103.21
CA ILE U 427 -21.90 -60.96 103.30
C ILE U 427 -22.76 -60.69 102.07
N VAL U 428 -22.35 -61.17 100.89
CA VAL U 428 -23.17 -60.98 99.71
C VAL U 428 -24.43 -61.83 99.79
N GLN U 429 -24.38 -62.91 100.57
CA GLN U 429 -25.58 -63.72 100.78
C GLN U 429 -26.63 -62.94 101.55
N GLN U 430 -26.19 -62.05 102.44
CA GLN U 430 -27.14 -61.22 103.18
C GLN U 430 -27.74 -60.16 102.27
N LEU U 431 -26.94 -59.62 101.35
CA LEU U 431 -27.46 -58.63 100.41
C LEU U 431 -28.55 -59.24 99.53
N ILE U 432 -28.27 -60.42 98.96
CA ILE U 432 -29.28 -61.12 98.18
C ILE U 432 -30.49 -61.43 99.04
N ASP U 433 -30.27 -61.79 100.30
CA ASP U 433 -31.38 -62.11 101.19
C ASP U 433 -32.21 -60.87 101.51
N GLU U 434 -31.59 -59.69 101.43
CA GLU U 434 -32.36 -58.46 101.63
C GLU U 434 -33.29 -58.21 100.47
N TYR U 435 -32.81 -58.40 99.24
CA TYR U 435 -33.61 -58.14 98.05
C TYR U 435 -34.85 -59.02 98.01
N HIS U 436 -34.67 -60.34 98.09
CA HIS U 436 -35.80 -61.25 98.02
C HIS U 436 -36.80 -60.97 99.14
N ALA U 437 -36.34 -60.48 100.28
CA ALA U 437 -37.24 -60.08 101.35
C ALA U 437 -37.66 -58.63 101.24
N ALA U 438 -37.12 -57.89 100.27
CA ALA U 438 -37.55 -56.51 100.08
C ALA U 438 -38.83 -56.42 99.28
N THR U 439 -39.29 -57.54 98.71
CA THR U 439 -40.49 -57.56 97.89
C THR U 439 -41.71 -58.11 98.62
N ARG U 440 -41.62 -58.24 99.94
CA ARG U 440 -42.72 -58.82 100.70
C ARG U 440 -43.48 -57.74 101.45
N PRO U 441 -44.76 -57.97 101.75
CA PRO U 441 -45.53 -56.97 102.51
C PRO U 441 -45.03 -56.74 103.92
N ASP U 442 -44.04 -57.51 104.38
CA ASP U 442 -43.52 -57.33 105.73
C ASP U 442 -42.01 -57.17 105.72
N TYR U 443 -41.49 -56.36 104.80
CA TYR U 443 -40.07 -56.05 104.83
C TYR U 443 -39.69 -55.26 106.07
N ILE U 444 -40.67 -54.59 106.68
CA ILE U 444 -40.44 -53.94 107.96
C ILE U 444 -40.02 -55.00 108.98
N SER U 445 -38.83 -54.82 109.55
CA SER U 445 -38.20 -55.81 110.42
C SER U 445 -38.02 -57.13 109.68
N ARG V 3 16.99 9.57 101.48
CA ARG V 3 17.62 8.36 101.99
C ARG V 3 18.11 7.48 100.85
N GLU V 4 19.42 7.23 100.82
CA GLU V 4 20.05 6.48 99.74
C GLU V 4 20.50 5.13 100.25
N ILE V 5 20.56 4.15 99.36
CA ILE V 5 20.98 2.79 99.68
C ILE V 5 22.19 2.45 98.84
N ILE V 6 23.34 2.30 99.51
CA ILE V 6 24.58 1.92 98.84
C ILE V 6 24.71 0.40 98.91
N THR V 7 24.85 -0.23 97.75
CA THR V 7 24.87 -1.68 97.66
C THR V 7 26.29 -2.19 97.53
N LEU V 8 26.49 -3.45 97.92
CA LEU V 8 27.78 -4.10 97.84
C LEU V 8 27.65 -5.40 97.07
N GLN V 9 28.72 -5.81 96.40
CA GLN V 9 28.75 -7.05 95.64
C GLN V 9 30.06 -7.76 95.93
N LEU V 10 29.98 -8.98 96.45
CA LEU V 10 31.15 -9.76 96.78
C LEU V 10 31.11 -11.10 96.06
N GLY V 11 32.28 -11.58 95.66
CA GLY V 11 32.39 -12.88 95.04
C GLY V 11 31.81 -12.96 93.65
N GLN V 12 32.08 -14.07 92.95
CA GLN V 12 31.59 -14.23 91.59
C GLN V 12 30.08 -14.19 91.54
N CYS V 13 29.43 -14.76 92.55
CA CYS V 13 27.96 -14.73 92.60
C CYS V 13 27.44 -13.31 92.75
N GLY V 14 27.89 -12.62 93.80
CA GLY V 14 27.38 -11.28 94.05
C GLY V 14 27.60 -10.34 92.87
N ASN V 15 28.74 -10.48 92.19
CA ASN V 15 28.98 -9.67 91.01
C ASN V 15 28.00 -9.99 89.90
N GLN V 16 27.77 -11.27 89.63
CA GLN V 16 26.93 -11.66 88.50
C GLN V 16 25.47 -11.29 88.74
N ILE V 17 24.96 -11.52 89.95
CA ILE V 17 23.58 -11.14 90.22
C ILE V 17 23.45 -9.63 90.26
N GLY V 18 24.41 -8.93 90.86
CA GLY V 18 24.34 -7.48 90.89
C GLY V 18 24.50 -6.85 89.53
N PHE V 19 25.42 -7.37 88.72
CA PHE V 19 25.60 -6.87 87.37
C PHE V 19 24.33 -7.07 86.55
N GLU V 20 23.61 -8.16 86.79
CA GLU V 20 22.34 -8.37 86.11
C GLU V 20 21.18 -7.73 86.85
N PHE V 21 21.38 -7.37 88.12
CA PHE V 21 20.37 -6.57 88.80
C PHE V 21 20.36 -5.13 88.27
N TRP V 22 21.55 -4.55 88.08
CA TRP V 22 21.63 -3.20 87.56
C TRP V 22 21.10 -3.12 86.13
N LYS V 23 21.39 -4.15 85.32
CA LYS V 23 20.92 -4.16 83.95
C LYS V 23 19.39 -4.18 83.89
N GLN V 24 18.77 -4.87 84.85
CA GLN V 24 17.32 -4.87 84.92
C GLN V 24 16.80 -3.51 85.36
N LEU V 25 17.57 -2.81 86.20
CA LEU V 25 17.14 -1.49 86.66
C LEU V 25 17.43 -0.43 85.62
N CYS V 26 18.60 -0.48 84.99
CA CYS V 26 18.96 0.53 84.00
C CYS V 26 17.96 0.55 82.84
N ALA V 27 17.39 -0.60 82.49
CA ALA V 27 16.40 -0.63 81.42
C ALA V 27 15.02 -0.23 81.93
N GLU V 28 14.71 -0.57 83.18
CA GLU V 28 13.41 -0.23 83.74
C GLU V 28 13.26 1.28 83.88
N HIS V 29 14.37 1.99 83.92
CA HIS V 29 14.37 3.44 83.77
C HIS V 29 14.87 3.81 82.36
N GLY V 30 14.68 5.07 81.99
CA GLY V 30 15.14 5.52 80.70
C GLY V 30 16.60 5.90 80.71
N ILE V 31 17.46 4.94 81.04
CA ILE V 31 18.89 5.17 81.17
C ILE V 31 19.62 4.26 80.19
N SER V 32 20.44 4.86 79.33
CA SER V 32 21.25 4.09 78.42
C SER V 32 22.41 3.45 79.16
N PRO V 33 22.92 2.31 78.66
CA PRO V 33 24.07 1.67 79.30
C PRO V 33 25.29 2.58 79.38
N GLU V 34 25.28 3.68 78.62
CA GLU V 34 26.36 4.66 78.67
C GLU V 34 26.21 5.62 79.85
N GLY V 35 25.35 5.30 80.83
CA GLY V 35 25.09 6.15 81.98
C GLY V 35 24.52 7.50 81.57
N ILE V 36 23.77 7.53 80.48
CA ILE V 36 23.18 8.75 79.95
C ILE V 36 21.67 8.54 79.86
N VAL V 37 20.91 9.51 80.35
CA VAL V 37 19.46 9.39 80.34
C VAL V 37 18.93 9.52 78.92
N GLU V 38 18.01 8.64 78.57
CA GLU V 38 17.33 8.69 77.27
C GLU V 38 16.00 9.41 77.41
N GLU V 39 15.66 10.18 76.38
CA GLU V 39 14.43 10.97 76.44
C GLU V 39 13.20 10.08 76.37
N PHE V 40 13.19 9.10 75.47
CA PHE V 40 12.06 8.20 75.27
C PHE V 40 10.73 8.92 75.18
N THR V 45 9.13 10.84 86.61
CA THR V 45 8.06 10.45 87.52
C THR V 45 8.51 9.33 88.45
N ASP V 46 9.37 8.46 87.96
CA ASP V 46 9.88 7.36 88.77
C ASP V 46 11.03 7.86 89.62
N ARG V 47 10.91 7.71 90.94
CA ARG V 47 11.96 8.10 91.87
C ARG V 47 13.20 7.25 91.62
N LYS V 48 14.30 7.89 91.25
CA LYS V 48 15.52 7.19 90.90
C LYS V 48 16.73 7.65 91.73
N ASP V 49 16.47 8.43 92.78
CA ASP V 49 17.57 9.02 93.61
C ASP V 49 18.03 8.07 94.72
N VAL V 50 17.34 6.96 94.94
CA VAL V 50 17.74 6.03 96.00
C VAL V 50 18.95 5.23 95.58
N PHE V 51 18.89 4.64 94.38
CA PHE V 51 19.99 3.79 93.91
C PHE V 51 20.98 4.52 93.02
N PHE V 52 20.60 5.65 92.43
CA PHE V 52 21.46 6.35 91.48
C PHE V 52 21.80 7.73 92.02
N TYR V 53 23.02 8.17 91.71
CA TYR V 53 23.53 9.46 92.16
C TYR V 53 23.73 10.37 90.97
N GLN V 54 23.10 11.54 91.00
CA GLN V 54 23.18 12.49 89.89
C GLN V 54 24.52 13.20 89.85
N TYR V 60 23.81 9.98 85.72
CA TYR V 60 23.39 9.02 86.74
C TYR V 60 24.43 7.93 86.95
N ILE V 61 24.78 7.70 88.20
CA ILE V 61 25.78 6.69 88.55
C ILE V 61 25.23 5.80 89.66
N PRO V 62 25.31 4.49 89.52
CA PRO V 62 24.83 3.61 90.60
C PRO V 62 25.78 3.61 91.79
N ARG V 63 25.20 3.55 92.98
CA ARG V 63 25.98 3.51 94.21
C ARG V 63 26.34 2.06 94.55
N ALA V 64 27.37 1.56 93.87
CA ALA V 64 27.83 0.19 94.05
C ALA V 64 29.30 0.17 94.37
N VAL V 65 29.70 -0.77 95.24
CA VAL V 65 31.08 -0.97 95.63
C VAL V 65 31.40 -2.44 95.41
N LEU V 66 31.88 -2.78 94.22
CA LEU V 66 32.19 -4.17 93.91
C LEU V 66 33.49 -4.58 94.58
N LEU V 67 33.71 -5.90 94.65
CA LEU V 67 34.95 -6.44 95.19
C LEU V 67 35.26 -7.80 94.57
N ARG V 72 38.28 -11.85 88.87
CA ARG V 72 38.57 -11.78 87.45
C ARG V 72 37.28 -11.66 86.65
N VAL V 73 36.15 -11.73 87.35
CA VAL V 73 34.86 -11.42 86.74
C VAL V 73 34.73 -9.91 86.55
N ILE V 74 35.47 -9.12 87.33
CA ILE V 74 35.44 -7.67 87.16
C ILE V 74 35.87 -7.27 85.76
N HIS V 75 36.86 -7.96 85.22
CA HIS V 75 37.28 -7.67 83.84
C HIS V 75 36.17 -7.99 82.85
N SER V 76 35.35 -9.00 83.15
CA SER V 76 34.24 -9.33 82.25
C SER V 76 33.23 -8.19 82.22
N ILE V 77 33.12 -7.44 83.30
CA ILE V 77 32.21 -6.29 83.32
C ILE V 77 32.85 -5.11 82.59
N LEU V 78 34.15 -4.91 82.75
CA LEU V 78 34.84 -3.80 82.11
C LEU V 78 34.88 -3.93 80.60
N ASN V 79 34.75 -5.15 80.07
CA ASN V 79 34.66 -5.33 78.62
C ASN V 79 33.23 -5.30 78.12
N SER V 80 32.25 -5.55 79.00
CA SER V 80 30.86 -5.48 78.61
C SER V 80 30.49 -4.06 78.21
N PRO V 81 29.43 -3.88 77.42
CA PRO V 81 29.03 -2.52 77.00
C PRO V 81 28.68 -1.59 78.15
N TYR V 82 28.65 -2.08 79.39
CA TYR V 82 28.31 -1.27 80.55
C TYR V 82 29.55 -0.77 81.28
N ALA V 83 30.66 -0.60 80.57
CA ALA V 83 31.91 -0.23 81.22
C ALA V 83 31.90 1.19 81.76
N LYS V 84 31.07 2.07 81.20
CA LYS V 84 30.99 3.45 81.66
C LYS V 84 29.90 3.68 82.69
N LEU V 85 29.57 2.68 83.49
CA LEU V 85 28.55 2.81 84.54
C LEU V 85 29.14 2.81 85.94
N TYR V 86 30.46 2.68 86.08
CA TYR V 86 31.07 2.62 87.40
C TYR V 86 32.26 3.56 87.51
N GLY V 101 41.12 -18.26 98.72
CA GLY V 101 40.83 -19.37 97.84
C GLY V 101 39.40 -19.87 97.96
N ASN V 102 39.24 -21.09 98.47
CA ASN V 102 37.93 -21.66 98.71
C ASN V 102 37.67 -21.93 100.18
N ASN V 103 38.55 -21.47 101.06
CA ASN V 103 38.40 -21.63 102.49
C ASN V 103 37.74 -20.39 103.08
N TRP V 104 36.85 -20.61 104.05
CA TRP V 104 36.26 -19.50 104.77
C TRP V 104 37.32 -18.72 105.52
N ALA V 105 38.39 -19.39 105.97
CA ALA V 105 39.46 -18.69 106.65
C ALA V 105 40.23 -17.79 105.70
N SER V 106 40.38 -18.20 104.44
CA SER V 106 41.04 -17.35 103.45
C SER V 106 40.24 -16.08 103.20
N GLY V 107 38.90 -16.17 103.28
CA GLY V 107 38.09 -14.98 103.11
C GLY V 107 38.15 -14.04 104.30
N PHE V 108 38.18 -14.60 105.51
CA PHE V 108 38.23 -13.74 106.70
C PHE V 108 39.64 -13.22 106.94
N SER V 109 40.66 -13.96 106.53
CA SER V 109 42.02 -13.50 106.74
C SER V 109 42.36 -12.35 105.81
N GLN V 110 42.21 -12.56 104.49
CA GLN V 110 42.54 -11.52 103.53
C GLN V 110 41.70 -10.27 103.75
N GLY V 111 40.46 -10.43 104.19
CA GLY V 111 39.62 -9.29 104.49
C GLY V 111 40.17 -8.43 105.61
N GLU V 112 40.97 -9.02 106.51
CA GLU V 112 41.59 -8.24 107.56
C GLU V 112 42.83 -7.51 107.04
N LYS V 113 43.46 -8.03 105.98
CA LYS V 113 44.66 -7.39 105.46
C LYS V 113 44.34 -6.11 104.69
N ILE V 114 43.12 -5.99 104.17
CA ILE V 114 42.72 -4.81 103.41
C ILE V 114 41.62 -4.07 104.16
N HIS V 115 41.68 -4.13 105.49
CA HIS V 115 40.69 -3.46 106.34
C HIS V 115 40.59 -1.98 106.00
N GLU V 116 41.74 -1.33 105.79
CA GLU V 116 41.72 0.11 105.54
C GLU V 116 41.43 0.43 104.08
N ASP V 117 41.74 -0.51 103.18
CA ASP V 117 41.58 -0.22 101.75
C ASP V 117 40.11 -0.14 101.35
N ILE V 118 39.34 -1.19 101.63
CA ILE V 118 37.95 -1.21 101.18
C ILE V 118 37.08 -0.34 102.07
N PHE V 119 37.53 -0.01 103.28
CA PHE V 119 36.78 0.91 104.11
C PHE V 119 37.04 2.37 103.75
N ASP V 120 38.14 2.65 103.04
CA ASP V 120 38.32 3.98 102.49
C ASP V 120 37.22 4.28 101.47
N ILE V 121 36.90 3.29 100.63
CA ILE V 121 35.91 3.51 99.58
C ILE V 121 34.52 3.66 100.18
N ILE V 122 34.15 2.75 101.08
CA ILE V 122 32.81 2.80 101.67
C ILE V 122 32.60 4.09 102.44
N ASP V 123 33.64 4.53 103.16
CA ASP V 123 33.51 5.76 103.93
C ASP V 123 33.38 6.98 103.03
N ARG V 124 34.22 7.06 101.99
CA ARG V 124 34.14 8.20 101.07
C ARG V 124 32.82 8.18 100.29
N GLU V 125 32.22 6.99 100.14
CA GLU V 125 30.92 6.92 99.49
C GLU V 125 29.79 7.17 100.47
N ALA V 126 30.06 7.07 101.77
CA ALA V 126 29.02 7.29 102.77
C ALA V 126 28.76 8.78 102.99
N ASP V 127 29.81 9.54 103.31
CA ASP V 127 29.63 10.95 103.61
C ASP V 127 29.22 11.76 102.40
N GLY V 128 29.63 11.35 101.20
CA GLY V 128 29.21 12.06 100.01
C GLY V 128 27.71 11.98 99.78
N SER V 129 27.07 10.95 100.32
CA SER V 129 25.63 10.83 100.23
C SER V 129 24.96 11.69 101.29
N ASP V 130 23.72 12.10 101.00
CA ASP V 130 23.00 13.00 101.91
C ASP V 130 22.78 12.33 103.26
N SER V 131 22.00 11.25 103.29
CA SER V 131 21.67 10.55 104.52
C SER V 131 21.59 9.07 104.21
N LEU V 132 22.60 8.32 104.65
CA LEU V 132 22.65 6.90 104.37
C LEU V 132 21.52 6.17 105.09
N GLU V 133 20.99 5.14 104.43
CA GLU V 133 19.86 4.39 104.97
C GLU V 133 20.17 2.93 105.19
N GLY V 134 20.79 2.25 104.22
CA GLY V 134 21.05 0.84 104.37
C GLY V 134 22.25 0.35 103.60
N PHE V 135 22.51 -0.95 103.65
CA PHE V 135 23.62 -1.57 102.93
C PHE V 135 23.10 -2.89 102.35
N VAL V 136 22.51 -2.82 101.16
CA VAL V 136 22.04 -4.04 100.52
C VAL V 136 23.26 -4.81 99.99
N LEU V 137 23.55 -5.95 100.61
CA LEU V 137 24.75 -6.72 100.33
C LEU V 137 24.37 -8.01 99.63
N CYS V 138 24.95 -8.24 98.44
CA CYS V 138 24.65 -9.41 97.63
C CYS V 138 25.86 -10.33 97.63
N HIS V 139 25.73 -11.48 98.28
CA HIS V 139 26.81 -12.45 98.34
C HIS V 139 26.22 -13.84 98.50
N SER V 140 26.96 -14.83 98.04
CA SER V 140 26.56 -16.23 98.19
C SER V 140 27.39 -16.88 99.30
N ILE V 141 26.71 -17.61 100.19
CA ILE V 141 27.38 -18.22 101.33
C ILE V 141 28.10 -19.51 100.98
N ALA V 142 28.03 -19.96 99.73
CA ALA V 142 28.69 -21.19 99.34
C ALA V 142 30.16 -20.94 99.02
N GLY V 144 33.24 -18.98 97.41
CA GLY V 144 34.39 -19.18 98.28
C GLY V 144 34.75 -17.95 99.10
N THR V 145 35.43 -17.00 98.46
CA THR V 145 35.88 -15.80 99.16
C THR V 145 34.72 -14.90 99.55
N GLY V 146 33.62 -14.92 98.80
CA GLY V 146 32.46 -14.13 99.20
C GLY V 146 31.92 -14.54 100.55
N SER V 147 32.13 -15.80 100.94
CA SER V 147 31.67 -16.26 102.24
C SER V 147 32.53 -15.68 103.36
N GLY V 148 33.85 -15.80 103.23
CA GLY V 148 34.73 -15.33 104.29
C GLY V 148 34.82 -13.82 104.35
N LEU V 149 34.78 -13.16 103.20
CA LEU V 149 34.83 -11.70 103.19
C LEU V 149 33.54 -11.10 103.71
N GLY V 150 32.40 -11.65 103.26
CA GLY V 150 31.12 -11.14 103.74
C GLY V 150 30.95 -11.32 105.24
N SER V 151 31.47 -12.42 105.78
CA SER V 151 31.47 -12.62 107.22
C SER V 151 32.27 -11.53 107.91
N TYR V 152 33.33 -11.05 107.25
CA TYR V 152 34.16 -10.00 107.82
C TYR V 152 33.46 -8.65 107.78
N LEU V 153 32.79 -8.35 106.67
CA LEU V 153 32.13 -7.05 106.53
C LEU V 153 30.98 -6.90 107.51
N LEU V 154 30.08 -7.89 107.55
CA LEU V 154 28.90 -7.79 108.41
C LEU V 154 29.29 -7.62 109.87
N GLU V 155 30.49 -8.06 110.24
CA GLU V 155 31.00 -7.82 111.59
C GLU V 155 31.48 -6.38 111.72
N ARG V 156 32.23 -5.90 110.74
CA ARG V 156 32.87 -4.60 110.86
C ARG V 156 31.88 -3.44 110.68
N LEU V 157 30.79 -3.66 109.95
CA LEU V 157 29.81 -2.59 109.76
C LEU V 157 29.11 -2.24 111.05
N ASN V 158 28.81 -3.25 111.88
CA ASN V 158 28.08 -3.00 113.13
C ASN V 158 28.95 -2.24 114.12
N ASP V 159 30.27 -2.26 113.94
CA ASP V 159 31.15 -1.51 114.83
C ASP V 159 31.06 -0.01 114.55
N ARG V 160 31.34 0.38 113.31
CA ARG V 160 31.40 1.79 112.95
C ARG V 160 30.00 2.38 112.73
N TYR V 161 29.18 1.68 111.95
CA TYR V 161 27.84 2.16 111.63
C TYR V 161 26.83 1.39 112.47
N PRO V 162 26.35 1.96 113.58
CA PRO V 162 25.45 1.20 114.46
C PRO V 162 23.98 1.48 114.19
N LYS V 163 23.69 2.44 113.31
CA LYS V 163 22.31 2.85 113.04
C LYS V 163 21.91 2.61 111.59
N LYS V 164 22.66 1.78 110.86
CA LYS V 164 22.41 1.54 109.45
C LYS V 164 21.90 0.11 109.27
N LEU V 165 20.73 -0.02 108.67
CA LEU V 165 20.21 -1.34 108.34
C LEU V 165 21.14 -2.03 107.33
N VAL V 166 21.24 -3.35 107.44
CA VAL V 166 22.09 -4.14 106.56
C VAL V 166 21.26 -5.31 106.03
N GLN V 167 20.63 -5.12 104.89
CA GLN V 167 19.90 -6.20 104.22
C GLN V 167 20.84 -6.97 103.31
N THR V 168 20.61 -8.26 103.19
CA THR V 168 21.47 -9.13 102.41
C THR V 168 20.63 -10.04 101.54
N TYR V 169 20.96 -10.11 100.25
CA TYR V 169 20.34 -11.06 99.34
C TYR V 169 21.22 -12.30 99.18
N SER V 170 21.37 -13.03 100.28
CA SER V 170 22.24 -14.20 100.29
C SER V 170 21.65 -15.32 99.44
N VAL V 171 22.54 -16.09 98.82
CA VAL V 171 22.15 -17.19 97.93
C VAL V 171 22.67 -18.49 98.51
N PHE V 172 21.75 -19.49 98.66
CA PHE V 172 22.08 -20.80 99.21
C PHE V 172 22.42 -21.78 98.09
N PRO V 173 23.38 -22.69 98.33
CA PRO V 173 23.78 -23.68 97.34
C PRO V 173 22.82 -24.85 97.25
N VAL V 183 33.79 -29.42 102.24
CA VAL V 183 34.10 -28.16 102.92
C VAL V 183 32.92 -27.22 102.79
N GLN V 184 32.11 -27.45 101.76
CA GLN V 184 30.94 -26.61 101.52
C GLN V 184 30.01 -26.51 102.72
N PRO V 185 29.73 -27.57 103.49
CA PRO V 185 28.91 -27.38 104.69
C PRO V 185 29.56 -26.46 105.71
N TYR V 186 30.90 -26.44 105.77
CA TYR V 186 31.58 -25.59 106.75
C TYR V 186 31.41 -24.12 106.41
N ASN V 187 31.84 -23.73 105.21
CA ASN V 187 31.78 -22.32 104.82
C ASN V 187 30.34 -21.81 104.84
N SER V 188 29.37 -22.67 104.59
CA SER V 188 27.97 -22.24 104.58
C SER V 188 27.50 -21.86 105.98
N LEU V 189 27.69 -22.76 106.95
CA LEU V 189 27.15 -22.49 108.28
C LEU V 189 27.90 -21.38 108.98
N LEU V 190 29.20 -21.22 108.71
CA LEU V 190 29.98 -20.20 109.39
C LEU V 190 29.45 -18.81 109.10
N THR V 191 28.99 -18.58 107.87
CA THR V 191 28.37 -17.30 107.54
C THR V 191 27.05 -17.15 108.26
N LEU V 192 26.36 -18.26 108.53
CA LEU V 192 25.08 -18.19 109.22
C LEU V 192 25.25 -17.70 110.66
N LYS V 193 26.43 -17.92 111.24
CA LYS V 193 26.69 -17.37 112.57
C LYS V 193 26.62 -15.86 112.56
N ARG V 194 27.20 -15.22 111.53
CA ARG V 194 27.16 -13.78 111.42
C ARG V 194 25.82 -13.27 110.92
N LEU V 195 25.17 -14.00 110.01
CA LEU V 195 23.91 -13.56 109.43
C LEU V 195 22.74 -13.66 110.40
N THR V 196 22.93 -14.27 111.56
CA THR V 196 21.85 -14.37 112.54
C THR V 196 21.95 -13.35 113.65
N GLN V 197 23.01 -12.54 113.69
CA GLN V 197 23.13 -11.55 114.75
C GLN V 197 23.56 -10.18 114.23
N ASN V 198 23.98 -10.11 112.96
CA ASN V 198 24.41 -8.83 112.40
C ASN V 198 23.41 -8.30 111.37
N ALA V 199 23.07 -9.11 110.38
CA ALA V 199 22.21 -8.67 109.29
C ALA V 199 20.79 -8.44 109.81
N ASP V 200 20.29 -7.22 109.70
CA ASP V 200 18.95 -6.88 110.15
C ASP V 200 17.86 -7.43 109.27
N CYS V 201 18.22 -8.09 108.16
CA CYS V 201 17.26 -8.79 107.32
C CYS V 201 18.03 -9.80 106.48
N LEU V 202 17.29 -10.69 105.84
CA LEU V 202 17.94 -11.64 104.95
C LEU V 202 16.88 -12.25 104.05
N VAL V 203 17.19 -12.33 102.76
CA VAL V 203 16.32 -12.89 101.75
C VAL V 203 17.01 -14.11 101.18
N VAL V 204 16.43 -15.28 101.36
CA VAL V 204 17.07 -16.52 100.94
C VAL V 204 16.67 -16.81 99.50
N LEU V 205 17.64 -17.31 98.74
CA LEU V 205 17.44 -17.72 97.35
C LEU V 205 18.36 -18.90 97.09
N ASP V 206 17.83 -20.11 97.22
CA ASP V 206 18.64 -21.31 97.09
C ASP V 206 18.71 -21.73 95.62
N ASN V 207 19.90 -22.16 95.18
CA ASN V 207 20.06 -22.58 93.79
C ASN V 207 19.34 -23.89 93.50
N THR V 208 19.08 -24.71 94.52
CA THR V 208 18.43 -25.99 94.28
C THR V 208 16.99 -25.80 93.81
N ALA V 209 16.19 -25.08 94.59
CA ALA V 209 14.80 -24.84 94.19
C ALA V 209 14.72 -24.03 92.91
N LEU V 210 15.69 -23.12 92.71
CA LEU V 210 15.73 -22.38 91.44
C LEU V 210 16.01 -23.30 90.28
N ASN V 211 16.89 -24.29 90.47
CA ASN V 211 17.22 -25.19 89.37
C ASN V 211 16.03 -26.02 88.94
N ARG V 212 15.13 -26.34 89.88
CA ARG V 212 13.90 -27.02 89.52
C ARG V 212 13.06 -26.17 88.60
N ILE V 213 12.79 -24.92 89.02
CA ILE V 213 12.01 -24.01 88.18
C ILE V 213 12.73 -23.76 86.86
N ALA V 214 14.06 -23.84 86.87
CA ALA V 214 14.81 -23.80 85.62
C ALA V 214 14.52 -25.03 84.77
N THR V 215 14.28 -26.18 85.41
CA THR V 215 14.02 -27.41 84.67
C THR V 215 12.54 -27.58 84.38
N ASP V 216 11.67 -27.25 85.34
CA ASP V 216 10.24 -27.53 85.18
C ASP V 216 9.62 -26.67 84.09
N ARG V 217 9.68 -25.35 84.24
CA ARG V 217 8.98 -24.43 83.36
C ARG V 217 9.89 -23.70 82.38
N LEU V 218 11.19 -24.00 82.40
CA LEU V 218 12.12 -23.42 81.43
C LEU V 218 12.90 -24.45 80.63
N HIS V 219 13.05 -25.68 81.13
CA HIS V 219 13.64 -26.79 80.39
C HIS V 219 15.06 -26.44 79.92
N ILE V 220 15.94 -26.19 80.88
CA ILE V 220 17.32 -25.85 80.56
C ILE V 220 18.21 -27.07 80.37
N GLN V 221 17.83 -28.22 80.90
CA GLN V 221 18.65 -29.43 80.81
C GLN V 221 17.80 -30.68 80.97
N SER V 224 22.20 -23.93 83.77
CA SER V 224 23.19 -22.92 83.43
C SER V 224 23.03 -21.67 84.30
N PHE V 225 24.15 -21.12 84.74
CA PHE V 225 24.11 -19.94 85.61
C PHE V 225 23.55 -18.73 84.88
N SER V 226 23.86 -18.60 83.59
CA SER V 226 23.39 -17.47 82.81
C SER V 226 21.87 -17.44 82.63
N GLN V 227 21.17 -18.49 83.04
CA GLN V 227 19.72 -18.52 82.96
C GLN V 227 19.03 -18.37 84.31
N ILE V 228 19.52 -19.07 85.34
CA ILE V 228 18.89 -18.98 86.65
C ILE V 228 19.05 -17.57 87.22
N ASN V 229 20.14 -16.89 86.90
CA ASN V 229 20.32 -15.52 87.38
C ASN V 229 19.28 -14.58 86.79
N GLN V 230 18.76 -14.91 85.60
CA GLN V 230 17.69 -14.11 85.03
C GLN V 230 16.46 -14.13 85.94
N LEU V 231 16.23 -15.25 86.61
CA LEU V 231 15.14 -15.30 87.59
C LEU V 231 15.52 -14.57 88.87
N VAL V 232 16.78 -14.66 89.27
CA VAL V 232 17.23 -13.95 90.47
C VAL V 232 17.12 -12.45 90.26
N SER V 233 17.57 -11.97 89.10
CA SER V 233 17.45 -10.54 88.79
C SER V 233 15.99 -10.10 88.74
N THR V 234 15.08 -11.00 88.42
CA THR V 234 13.66 -10.66 88.44
C THR V 234 13.16 -10.52 89.87
N ILE V 235 13.76 -11.27 90.80
CA ILE V 235 13.33 -11.22 92.19
C ILE V 235 13.94 -10.01 92.90
N MET V 236 15.21 -9.72 92.62
CA MET V 236 15.87 -8.60 93.27
C MET V 236 15.26 -7.27 92.82
N SER V 237 15.04 -7.11 91.52
CA SER V 237 14.49 -5.86 91.02
C SER V 237 13.07 -5.64 91.52
N ALA V 238 12.22 -6.66 91.44
CA ALA V 238 10.84 -6.51 91.87
C ALA V 238 10.72 -6.40 93.39
N SER V 239 11.81 -6.63 94.13
CA SER V 239 11.75 -6.50 95.57
C SER V 239 11.66 -5.04 95.99
N THR V 240 12.45 -4.17 95.36
CA THR V 240 12.46 -2.74 95.68
C THR V 240 11.64 -1.94 94.69
N THR V 241 10.52 -2.48 94.23
CA THR V 241 9.68 -1.73 93.30
C THR V 241 8.90 -0.64 94.02
N THR V 242 8.69 -0.80 95.33
CA THR V 242 7.94 0.21 96.07
C THR V 242 8.81 1.39 96.48
N LEU V 243 10.13 1.20 96.54
CA LEU V 243 11.01 2.32 96.85
C LEU V 243 11.18 3.24 95.65
N ARG V 244 11.32 2.68 94.46
CA ARG V 244 11.55 3.46 93.25
C ARG V 244 10.28 4.08 92.69
N TYR V 245 9.13 3.46 92.94
CA TYR V 245 7.85 4.02 92.54
C TYR V 245 7.07 4.41 93.79
N PRO V 246 7.03 5.68 94.16
CA PRO V 246 6.41 6.07 95.43
C PRO V 246 4.90 5.95 95.39
N GLY V 247 4.34 5.36 96.43
CA GLY V 247 2.90 5.22 96.55
C GLY V 247 2.40 5.73 97.88
N TYR V 248 1.27 5.20 98.34
CA TYR V 248 0.68 5.67 99.64
C TYR V 248 1.64 5.38 100.80
N MET V 249 2.18 4.16 100.85
CA MET V 249 3.08 3.74 101.92
C MET V 249 4.35 3.12 101.34
N ASN V 250 5.22 2.70 102.24
CA ASN V 250 6.45 1.96 101.91
C ASN V 250 7.38 2.81 101.03
N ASN V 251 7.72 3.99 101.54
CA ASN V 251 8.63 4.89 100.87
C ASN V 251 10.03 4.86 101.47
N ASP V 252 10.35 3.83 102.26
CA ASP V 252 11.64 3.71 102.88
C ASP V 252 11.88 2.25 103.24
N LEU V 253 13.16 1.86 103.25
CA LEU V 253 13.49 0.45 103.48
C LEU V 253 13.01 -0.03 104.84
N ILE V 254 13.07 0.83 105.86
CA ILE V 254 12.68 0.40 107.19
C ILE V 254 11.17 0.20 107.28
N GLY V 255 10.43 0.62 106.25
CA GLY V 255 9.01 0.33 106.22
C GLY V 255 8.70 -1.08 105.75
N LEU V 256 9.54 -1.63 104.88
CA LEU V 256 9.35 -3.01 104.44
C LEU V 256 9.89 -4.01 105.45
N ILE V 257 10.84 -3.58 106.29
CA ILE V 257 11.49 -4.50 107.20
C ILE V 257 10.65 -4.70 108.47
N ALA V 258 10.37 -3.61 109.17
CA ALA V 258 9.72 -3.72 110.48
C ALA V 258 8.34 -4.35 110.39
N SER V 259 7.72 -4.38 109.22
CA SER V 259 6.39 -4.96 109.12
C SER V 259 6.44 -6.48 109.20
N LEU V 260 7.42 -7.09 108.53
CA LEU V 260 7.49 -8.55 108.48
C LEU V 260 8.20 -9.12 109.70
N ILE V 261 9.41 -8.65 109.96
CA ILE V 261 10.26 -9.16 111.04
C ILE V 261 9.73 -8.68 112.38
N PRO V 262 9.11 -9.54 113.19
CA PRO V 262 8.56 -9.08 114.47
C PRO V 262 9.61 -8.96 115.57
N THR V 263 10.57 -9.89 115.58
CA THR V 263 11.59 -9.96 116.61
C THR V 263 12.97 -10.02 115.94
N PRO V 264 14.01 -9.53 116.61
CA PRO V 264 15.33 -9.45 115.96
C PRO V 264 15.86 -10.77 115.45
N ARG V 265 15.35 -11.90 115.92
CA ARG V 265 15.92 -13.19 115.52
C ARG V 265 15.24 -13.78 114.29
N LEU V 266 13.91 -13.80 114.25
CA LEU V 266 13.18 -14.38 113.12
C LEU V 266 13.19 -13.41 111.95
N HIS V 267 14.37 -13.25 111.36
CA HIS V 267 14.59 -12.27 110.31
C HIS V 267 15.04 -12.93 109.01
N PHE V 268 14.34 -13.98 108.59
CA PHE V 268 14.62 -14.66 107.34
C PHE V 268 13.35 -14.67 106.49
N LEU V 269 13.48 -14.26 105.24
CA LEU V 269 12.33 -14.13 104.35
C LEU V 269 12.53 -14.94 103.08
N MET V 270 11.42 -15.47 102.56
CA MET V 270 11.40 -16.18 101.29
C MET V 270 10.45 -15.46 100.33
N THR V 271 10.64 -15.71 99.05
CA THR V 271 9.95 -14.98 98.00
C THR V 271 9.04 -15.88 97.19
N GLY V 272 8.11 -15.26 96.47
CA GLY V 272 7.22 -15.97 95.57
C GLY V 272 6.81 -15.11 94.38
N TYR V 273 6.97 -15.63 93.17
CA TYR V 273 6.79 -14.84 91.94
C TYR V 273 6.03 -15.69 90.93
N THR V 274 4.77 -15.34 90.69
CA THR V 274 3.93 -16.19 89.85
C THR V 274 4.13 -16.08 88.34
N PRO V 275 4.35 -14.90 87.73
CA PRO V 275 4.31 -14.83 86.26
C PRO V 275 5.58 -15.40 85.64
N LEU V 276 5.46 -16.60 85.08
CA LEU V 276 6.59 -17.28 84.47
C LEU V 276 6.24 -17.77 83.06
N THR V 288 -7.34 -11.82 83.96
CA THR V 288 -6.55 -12.08 85.15
C THR V 288 -6.83 -11.02 86.22
N THR V 289 -7.46 -11.44 87.31
CA THR V 289 -7.77 -10.56 88.42
C THR V 289 -6.80 -10.76 89.57
N VAL V 290 -6.95 -9.94 90.60
CA VAL V 290 -6.08 -10.06 91.78
C VAL V 290 -6.27 -11.42 92.45
N LEU V 291 -7.45 -12.01 92.32
CA LEU V 291 -7.66 -13.34 92.91
C LEU V 291 -6.86 -14.39 92.19
N ASP V 292 -6.66 -14.22 90.88
CA ASP V 292 -5.84 -15.17 90.14
C ASP V 292 -4.40 -15.14 90.61
N VAL V 293 -3.88 -13.96 90.90
CA VAL V 293 -2.48 -13.84 91.32
C VAL V 293 -2.30 -14.29 92.76
N MET V 294 -3.22 -13.88 93.64
CA MET V 294 -3.07 -14.20 95.05
C MET V 294 -3.15 -15.71 95.29
N ARG V 295 -3.96 -16.42 94.52
CA ARG V 295 -4.06 -17.86 94.73
C ARG V 295 -2.80 -18.60 94.27
N ARG V 296 -2.12 -18.08 93.25
CA ARG V 296 -0.94 -18.75 92.75
C ARG V 296 0.28 -18.54 93.62
N LEU V 297 0.35 -17.45 94.38
CA LEU V 297 1.52 -17.18 95.21
C LEU V 297 1.61 -18.16 96.37
N LEU V 298 0.46 -18.61 96.87
CA LEU V 298 0.43 -19.48 98.04
C LEU V 298 0.65 -20.95 97.69
N GLN V 299 0.71 -21.31 96.41
CA GLN V 299 0.99 -22.69 96.04
C GLN V 299 2.47 -23.01 96.28
N PRO V 300 2.77 -24.17 96.87
CA PRO V 300 4.18 -24.52 97.10
C PRO V 300 5.00 -24.70 95.84
N LYS V 301 4.36 -24.73 94.67
CA LYS V 301 5.09 -24.88 93.42
C LYS V 301 5.85 -23.62 93.04
N ASN V 302 5.45 -22.46 93.55
CA ASN V 302 6.04 -21.20 93.15
C ASN V 302 7.11 -20.69 94.10
N VAL V 303 7.09 -21.08 95.37
CA VAL V 303 8.05 -20.56 96.33
C VAL V 303 9.45 -21.05 95.98
N MET V 304 10.44 -20.18 96.15
CA MET V 304 11.84 -20.53 95.91
C MET V 304 12.47 -21.17 97.15
N VAL V 305 11.80 -22.21 97.64
CA VAL V 305 12.26 -22.98 98.79
C VAL V 305 12.02 -24.45 98.52
N SER V 306 13.01 -25.29 98.84
CA SER V 306 12.89 -26.72 98.66
C SER V 306 11.97 -27.33 99.73
N ASN V 314 3.50 -27.18 114.17
CA ASN V 314 3.59 -27.47 112.75
C ASN V 314 4.34 -26.37 112.02
N HIS V 315 3.73 -25.81 110.97
CA HIS V 315 4.34 -24.76 110.19
C HIS V 315 3.28 -23.74 109.81
N CYS V 316 3.66 -22.46 109.80
CA CYS V 316 2.71 -21.39 109.56
C CYS V 316 3.50 -20.13 109.19
N TYR V 317 2.79 -19.16 108.62
CA TYR V 317 3.37 -17.88 108.23
C TYR V 317 3.45 -16.95 109.43
N ILE V 318 4.20 -15.87 109.27
CA ILE V 318 4.30 -14.82 110.29
C ILE V 318 3.82 -13.49 109.76
N ALA V 319 4.19 -13.14 108.53
CA ALA V 319 3.71 -11.91 107.90
C ALA V 319 3.90 -12.03 106.40
N ILE V 320 2.91 -11.59 105.65
CA ILE V 320 2.91 -11.68 104.19
C ILE V 320 2.72 -10.29 103.60
N LEU V 321 3.52 -9.96 102.60
CA LEU V 321 3.38 -8.71 101.85
C LEU V 321 3.30 -9.04 100.37
N ASN V 322 2.22 -8.61 99.72
CA ASN V 322 1.99 -8.88 98.32
C ASN V 322 2.28 -7.64 97.49
N ILE V 323 3.03 -7.80 96.42
CA ILE V 323 3.37 -6.73 95.50
C ILE V 323 2.66 -7.02 94.19
N ILE V 324 1.70 -6.17 93.82
CA ILE V 324 0.96 -6.31 92.57
C ILE V 324 1.37 -5.17 91.65
N GLN V 325 2.15 -5.49 90.63
CA GLN V 325 2.67 -4.49 89.71
C GLN V 325 1.77 -4.26 88.50
N GLY V 326 0.51 -4.66 88.57
CA GLY V 326 -0.40 -4.51 87.46
C GLY V 326 -1.15 -3.19 87.50
N GLU V 327 -1.98 -3.00 86.47
CA GLU V 327 -2.90 -1.88 86.38
C GLU V 327 -4.30 -2.23 86.87
N VAL V 328 -4.37 -3.32 87.64
CA VAL V 328 -5.66 -3.85 88.18
C VAL V 328 -6.36 -2.78 89.02
N ASP V 329 -7.69 -2.69 88.91
CA ASP V 329 -8.50 -1.71 89.67
C ASP V 329 -8.37 -2.02 91.18
N PRO V 330 -8.17 -1.00 92.05
CA PRO V 330 -8.04 -1.23 93.49
C PRO V 330 -9.38 -1.23 94.23
N THR V 331 -10.35 -2.01 93.75
CA THR V 331 -11.68 -2.10 94.39
C THR V 331 -11.99 -3.55 94.74
N GLN V 332 -11.44 -4.50 93.95
CA GLN V 332 -11.64 -5.95 94.19
C GLN V 332 -10.48 -6.48 95.04
N VAL V 333 -9.55 -5.59 95.42
CA VAL V 333 -8.38 -5.99 96.25
C VAL V 333 -8.88 -6.55 97.58
N HIS V 334 -9.72 -5.78 98.30
CA HIS V 334 -10.24 -6.24 99.59
C HIS V 334 -11.11 -7.47 99.41
N LYS V 335 -11.70 -7.63 98.23
CA LYS V 335 -12.56 -8.80 97.99
C LYS V 335 -11.74 -10.08 97.97
N SER V 336 -10.55 -10.04 97.35
CA SER V 336 -9.70 -11.22 97.31
C SER V 336 -9.17 -11.56 98.69
N LEU V 337 -8.69 -10.54 99.42
CA LEU V 337 -8.26 -10.78 100.80
C LEU V 337 -9.39 -11.36 101.63
N GLN V 338 -10.63 -10.89 101.39
CA GLN V 338 -11.77 -11.48 102.08
C GLN V 338 -11.93 -12.94 101.70
N ARG V 339 -11.70 -13.27 100.43
CA ARG V 339 -11.85 -14.66 99.99
C ARG V 339 -10.73 -15.55 100.51
N ILE V 340 -9.50 -15.03 100.57
CA ILE V 340 -8.39 -15.84 101.06
C ILE V 340 -8.61 -16.26 102.51
N ARG V 341 -9.27 -15.40 103.29
CA ARG V 341 -9.58 -15.75 104.67
C ARG V 341 -10.61 -16.87 104.72
N GLU V 342 -11.56 -16.89 103.79
CA GLU V 342 -12.65 -17.86 103.85
C GLU V 342 -12.16 -19.26 103.50
N ARG V 343 -11.53 -19.42 102.33
CA ARG V 343 -11.07 -20.73 101.92
C ARG V 343 -9.87 -21.22 102.74
N LYS V 344 -9.22 -20.34 103.49
CA LYS V 344 -8.10 -20.70 104.36
C LYS V 344 -6.98 -21.37 103.55
N LEU V 345 -6.38 -20.58 102.67
CA LEU V 345 -5.26 -21.04 101.88
C LEU V 345 -3.93 -20.91 102.59
N ALA V 346 -3.88 -20.21 103.73
CA ALA V 346 -2.66 -20.06 104.49
C ALA V 346 -3.00 -19.85 105.96
N ASN V 347 -2.15 -20.37 106.83
CA ASN V 347 -2.29 -20.22 108.28
C ASN V 347 -1.11 -19.45 108.82
N PHE V 348 -1.32 -18.81 109.97
CA PHE V 348 -0.31 -17.98 110.60
C PHE V 348 -0.07 -18.42 112.04
N ILE V 349 0.67 -17.59 112.76
CA ILE V 349 1.02 -17.84 114.15
C ILE V 349 -0.24 -17.71 115.02
N PRO V 350 -0.37 -18.52 116.07
CA PRO V 350 -1.57 -18.42 116.92
C PRO V 350 -1.44 -17.42 118.05
N TRP V 351 -0.21 -17.10 118.43
CA TRP V 351 0.02 -16.29 119.62
C TRP V 351 -0.25 -14.81 119.36
N GLY V 352 0.42 -14.24 118.36
CA GLY V 352 0.28 -12.84 118.06
C GLY V 352 -0.63 -12.58 116.88
N PRO V 353 -1.20 -11.37 116.80
CA PRO V 353 -2.05 -11.03 115.67
C PRO V 353 -1.25 -10.89 114.40
N ALA V 354 -1.40 -11.82 113.46
CA ALA V 354 -0.70 -11.78 112.19
C ALA V 354 -1.69 -11.52 111.07
N SER V 355 -1.40 -10.53 110.24
CA SER V 355 -2.25 -10.14 109.15
C SER V 355 -1.45 -10.17 107.84
N ILE V 356 -2.18 -10.17 106.73
CA ILE V 356 -1.58 -10.19 105.40
C ILE V 356 -1.76 -8.82 104.78
N GLN V 357 -0.70 -8.31 104.15
CA GLN V 357 -0.71 -6.99 103.55
C GLN V 357 -0.46 -7.10 102.05
N VAL V 358 -1.16 -6.26 101.29
CA VAL V 358 -1.03 -6.23 99.84
C VAL V 358 -0.70 -4.81 99.41
N ALA V 359 0.21 -4.69 98.44
CA ALA V 359 0.65 -3.39 97.97
C ALA V 359 0.66 -3.38 96.46
N LEU V 360 0.19 -2.28 95.88
CA LEU V 360 0.17 -2.08 94.45
C LEU V 360 1.30 -1.14 94.02
N SER V 361 1.58 -1.14 92.74
CA SER V 361 2.61 -0.27 92.17
C SER V 361 2.30 -0.07 90.70
N ARG V 362 3.20 0.60 89.99
CA ARG V 362 2.99 0.92 88.58
C ARG V 362 4.17 0.44 87.76
N LYS V 363 3.89 -0.33 86.72
CA LYS V 363 4.93 -0.84 85.85
C LYS V 363 5.57 0.27 85.05
N SER V 364 6.83 0.07 84.69
CA SER V 364 7.58 1.06 83.93
C SER V 364 7.02 1.16 82.52
N PRO V 365 6.60 2.34 82.06
CA PRO V 365 6.09 2.44 80.68
C PRO V 365 7.16 2.20 79.62
N TYR V 366 8.44 2.38 79.96
CA TYR V 366 9.49 2.19 78.97
C TYR V 366 9.77 0.72 78.68
N LEU V 367 9.23 -0.20 79.48
CA LEU V 367 9.46 -1.62 79.27
C LEU V 367 8.30 -2.24 78.50
N ARG V 372 -0.98 -6.70 81.32
CA ARG V 372 0.15 -7.38 81.93
C ARG V 372 0.15 -7.18 83.43
N VAL V 373 -0.06 -8.28 84.17
CA VAL V 373 -0.08 -8.24 85.63
C VAL V 373 0.94 -9.23 86.16
N SER V 374 1.76 -8.78 87.10
CA SER V 374 2.77 -9.61 87.75
C SER V 374 2.44 -9.69 89.24
N GLY V 375 3.35 -10.28 90.00
CA GLY V 375 3.13 -10.39 91.43
C GLY V 375 4.31 -10.99 92.17
N LEU V 376 4.68 -10.37 93.28
CA LEU V 376 5.74 -10.87 94.15
C LEU V 376 5.23 -10.85 95.59
N MET V 377 5.68 -11.83 96.36
CA MET V 377 5.25 -11.98 97.74
C MET V 377 6.46 -12.14 98.65
N MET V 378 6.57 -11.27 99.64
CA MET V 378 7.59 -11.36 100.68
C MET V 378 7.00 -12.14 101.84
N ALA V 379 7.60 -13.29 102.14
CA ALA V 379 7.05 -14.22 103.12
C ALA V 379 8.02 -14.43 104.26
N ASN V 380 7.47 -14.57 105.47
CA ASN V 380 8.25 -14.91 106.66
C ASN V 380 7.67 -16.23 107.17
N HIS V 381 8.16 -17.34 106.61
CA HIS V 381 7.61 -18.66 106.86
C HIS V 381 8.53 -19.44 107.79
N THR V 382 7.93 -20.17 108.73
CA THR V 382 8.70 -20.99 109.64
C THR V 382 9.36 -22.17 108.95
N SER V 383 8.85 -22.60 107.79
CA SER V 383 9.43 -23.73 107.09
C SER V 383 10.81 -23.44 106.55
N ILE V 384 11.32 -22.22 106.72
CA ILE V 384 12.69 -21.92 106.33
C ILE V 384 13.67 -22.62 107.25
N SER V 385 13.21 -23.08 108.42
CA SER V 385 14.07 -23.79 109.35
C SER V 385 14.57 -25.09 108.75
N SER V 386 13.88 -25.61 107.74
CA SER V 386 14.29 -26.86 107.11
C SER V 386 15.63 -26.71 106.40
N LEU V 387 15.86 -25.58 105.75
CA LEU V 387 17.11 -25.37 105.02
C LEU V 387 18.31 -25.40 105.96
N PHE V 388 18.14 -24.89 107.18
CA PHE V 388 19.24 -24.92 108.14
C PHE V 388 19.58 -26.36 108.52
N GLU V 389 18.56 -27.16 108.84
CA GLU V 389 18.78 -28.52 109.31
C GLU V 389 19.62 -29.31 108.30
N ARG V 390 19.41 -29.06 107.01
CA ARG V 390 20.22 -29.70 105.99
C ARG V 390 21.69 -29.30 106.13
N THR V 391 21.94 -28.03 106.47
CA THR V 391 23.31 -27.61 106.74
C THR V 391 23.80 -28.17 108.08
N CYS V 392 22.95 -28.09 109.11
CA CYS V 392 23.33 -28.60 110.43
C CYS V 392 23.64 -30.09 110.38
N ARG V 393 22.86 -30.84 109.62
CA ARG V 393 23.04 -32.29 109.56
C ARG V 393 24.38 -32.65 108.95
N GLN V 394 24.68 -32.11 107.77
CA GLN V 394 25.90 -32.49 107.06
C GLN V 394 27.14 -32.04 107.80
N TYR V 395 27.00 -31.07 108.71
CA TYR V 395 28.15 -30.60 109.47
C TYR V 395 28.64 -31.66 110.45
N ASP V 396 27.72 -32.25 111.20
CA ASP V 396 28.10 -33.28 112.17
C ASP V 396 28.70 -34.49 111.49
N LYS V 397 28.19 -34.85 110.30
CA LYS V 397 28.79 -35.91 109.52
C LYS V 397 30.24 -35.59 109.16
N LEU V 398 30.50 -34.36 108.72
CA LEU V 398 31.86 -33.92 108.48
C LEU V 398 32.63 -33.69 109.77
N ARG V 399 31.93 -33.57 110.90
CA ARG V 399 32.59 -33.44 112.19
C ARG V 399 33.07 -34.79 112.72
N LYS V 400 32.56 -35.89 112.17
CA LYS V 400 32.98 -37.23 112.55
C LYS V 400 33.70 -37.94 111.40
N ARG V 401 34.23 -37.18 110.44
CA ARG V 401 34.95 -37.75 109.32
C ARG V 401 36.27 -37.04 109.02
N GLU V 402 36.48 -35.83 109.53
CA GLU V 402 37.71 -35.06 109.30
C GLU V 402 37.96 -34.85 107.81
N ASP V 416 43.63 -22.56 115.58
CA ASP V 416 44.47 -23.26 116.54
C ASP V 416 43.63 -23.89 117.65
N ASN V 417 42.34 -23.55 117.68
CA ASN V 417 41.42 -24.03 118.71
C ASN V 417 40.23 -24.78 118.15
N PHE V 418 39.80 -24.48 116.92
CA PHE V 418 38.60 -25.07 116.32
C PHE V 418 37.38 -24.84 117.20
N ASP V 419 37.35 -23.71 117.91
CA ASP V 419 36.23 -23.36 118.77
C ASP V 419 35.20 -22.48 118.09
N GLU V 420 35.60 -21.69 117.09
CA GLU V 420 34.64 -20.85 116.38
C GLU V 420 33.56 -21.68 115.72
N MET V 421 33.92 -22.83 115.16
CA MET V 421 32.93 -23.69 114.52
C MET V 421 31.94 -24.22 115.55
N ASP V 422 32.43 -24.64 116.71
CA ASP V 422 31.53 -25.16 117.74
C ASP V 422 30.70 -24.05 118.37
N THR V 423 31.29 -22.87 118.53
CA THR V 423 30.51 -21.74 119.04
C THR V 423 29.45 -21.32 118.03
N SER V 424 29.80 -21.32 116.75
CA SER V 424 28.80 -21.10 115.71
C SER V 424 27.76 -22.22 115.71
N ARG V 425 28.20 -23.44 116.01
CA ARG V 425 27.28 -24.57 116.05
C ARG V 425 26.20 -24.36 117.08
N GLU V 426 26.54 -23.78 118.24
CA GLU V 426 25.58 -23.62 119.31
C GLU V 426 24.53 -22.59 118.94
N ILE V 427 24.94 -21.47 118.33
CA ILE V 427 24.01 -20.38 118.08
C ILE V 427 23.03 -20.73 116.97
N VAL V 428 23.44 -21.57 116.02
CA VAL V 428 22.49 -22.03 115.01
C VAL V 428 21.44 -22.92 115.65
N GLN V 429 21.83 -23.69 116.66
CA GLN V 429 20.85 -24.52 117.36
C GLN V 429 19.86 -23.66 118.14
N GLN V 430 20.32 -22.51 118.66
CA GLN V 430 19.41 -21.60 119.33
C GLN V 430 18.40 -21.02 118.35
N LEU V 431 18.82 -20.79 117.12
CA LEU V 431 17.93 -20.21 116.12
C LEU V 431 16.85 -21.21 115.71
N ILE V 432 17.24 -22.43 115.37
CA ILE V 432 16.26 -23.43 114.92
C ILE V 432 15.24 -23.69 116.01
N ASP V 433 15.68 -23.74 117.27
CA ASP V 433 14.73 -23.91 118.37
C ASP V 433 13.76 -22.75 118.43
N GLU V 434 14.22 -21.54 118.10
CA GLU V 434 13.34 -20.38 118.16
C GLU V 434 12.27 -20.44 117.09
N TYR V 435 12.59 -20.99 115.92
CA TYR V 435 11.57 -21.18 114.90
C TYR V 435 10.52 -22.19 115.34
N HIS V 436 10.96 -23.39 115.75
CA HIS V 436 10.01 -24.42 116.14
C HIS V 436 9.26 -24.03 117.41
N ALA V 437 9.77 -23.06 118.15
CA ALA V 437 9.00 -22.49 119.26
C ALA V 437 8.06 -21.39 118.79
N ALA V 438 8.25 -20.89 117.56
CA ALA V 438 7.38 -19.82 117.07
C ALA V 438 6.01 -20.34 116.66
N THR V 439 5.91 -21.64 116.38
CA THR V 439 4.64 -22.24 116.00
C THR V 439 3.87 -22.79 117.18
N ARG V 440 4.24 -22.41 118.41
CA ARG V 440 3.57 -22.88 119.60
C ARG V 440 2.66 -21.79 120.17
N PRO V 441 1.47 -22.15 120.65
CA PRO V 441 0.57 -21.14 121.21
C PRO V 441 1.12 -20.44 122.45
N ASP V 442 2.31 -20.80 122.91
CA ASP V 442 2.90 -20.16 124.07
C ASP V 442 4.33 -19.74 123.73
N TYR V 443 4.51 -19.13 122.56
CA TYR V 443 5.85 -18.71 122.15
C TYR V 443 6.41 -17.66 123.07
N ILE V 444 5.54 -16.85 123.69
CA ILE V 444 5.99 -15.91 124.71
C ILE V 444 6.59 -16.69 125.87
N SER V 445 7.73 -16.24 126.37
CA SER V 445 8.45 -16.91 127.44
C SER V 445 8.75 -18.37 127.09
N ARG W 3 45.48 46.40 84.50
CA ARG W 3 46.35 45.49 85.24
C ARG W 3 46.68 44.27 84.40
N GLU W 4 47.87 43.71 84.59
CA GLU W 4 48.31 42.54 83.86
C GLU W 4 48.92 41.52 84.82
N ILE W 5 49.00 40.27 84.38
CA ILE W 5 49.53 39.18 85.17
C ILE W 5 50.52 38.40 84.31
N ILE W 6 51.78 38.39 84.73
CA ILE W 6 52.84 37.68 84.03
C ILE W 6 52.93 36.27 84.59
N THR W 7 52.99 35.28 83.70
CA THR W 7 53.07 33.88 84.10
C THR W 7 54.48 33.35 83.88
N LEU W 8 54.88 32.43 84.75
CA LEU W 8 56.17 31.78 84.67
C LEU W 8 55.95 30.28 84.60
N GLN W 9 56.82 29.58 83.89
CA GLN W 9 56.70 28.13 83.74
C GLN W 9 58.06 27.50 84.00
N LEU W 10 58.14 26.72 85.06
CA LEU W 10 59.40 26.15 85.52
C LEU W 10 59.34 24.63 85.44
N GLY W 11 60.47 24.02 85.09
CA GLY W 11 60.57 22.58 85.05
C GLY W 11 59.75 21.94 83.95
N GLN W 12 59.77 20.61 83.89
CA GLN W 12 59.03 19.90 82.85
C GLN W 12 57.53 20.08 83.03
N CYS W 13 57.06 20.06 84.28
CA CYS W 13 55.63 20.17 84.53
C CYS W 13 55.11 21.55 84.20
N GLY W 14 55.81 22.58 84.66
CA GLY W 14 55.34 23.95 84.41
C GLY W 14 55.21 24.26 82.94
N ASN W 15 56.18 23.82 82.14
CA ASN W 15 56.10 24.06 80.70
C ASN W 15 54.93 23.32 80.08
N GLN W 16 54.70 22.07 80.50
CA GLN W 16 53.63 21.28 79.90
C GLN W 16 52.27 21.81 80.29
N ILE W 17 52.03 22.02 81.59
CA ILE W 17 50.70 22.48 82.00
C ILE W 17 50.51 23.94 81.62
N GLY W 18 51.59 24.70 81.48
CA GLY W 18 51.47 26.06 80.98
C GLY W 18 51.18 26.10 79.50
N PHE W 19 51.86 25.25 78.73
CA PHE W 19 51.59 25.16 77.30
C PHE W 19 50.17 24.71 77.04
N GLU W 20 49.68 23.76 77.84
CA GLU W 20 48.28 23.34 77.70
C GLU W 20 47.33 24.40 78.24
N PHE W 21 47.78 25.22 79.17
CA PHE W 21 46.95 26.33 79.64
C PHE W 21 46.78 27.38 78.55
N TRP W 22 47.83 27.62 77.77
CA TRP W 22 47.76 28.64 76.74
C TRP W 22 47.00 28.16 75.52
N LYS W 23 47.15 26.88 75.17
CA LYS W 23 46.33 26.31 74.10
C LYS W 23 44.85 26.47 74.41
N GLN W 24 44.45 26.01 75.60
CA GLN W 24 43.06 26.14 76.00
C GLN W 24 42.63 27.59 76.05
N LEU W 25 43.53 28.47 76.47
CA LEU W 25 43.16 29.88 76.59
C LEU W 25 43.14 30.57 75.24
N CYS W 26 43.96 30.10 74.29
CA CYS W 26 43.88 30.61 72.93
C CYS W 26 42.61 30.14 72.24
N ALA W 27 42.26 28.86 72.39
CA ALA W 27 41.05 28.34 71.75
C ALA W 27 39.80 28.93 72.41
N GLU W 28 39.84 29.16 73.72
CA GLU W 28 38.73 29.81 74.39
C GLU W 28 38.47 31.19 73.81
N HIS W 29 39.52 31.88 73.39
CA HIS W 29 39.38 33.15 72.70
C HIS W 29 39.43 32.93 71.19
N GLY W 30 39.36 34.02 70.44
CA GLY W 30 39.46 33.95 68.99
C GLY W 30 40.88 34.21 68.51
N ILE W 31 41.82 33.34 68.84
CA ILE W 31 43.23 33.54 68.53
C ILE W 31 43.73 32.30 67.79
N SER W 32 44.16 32.50 66.54
CA SER W 32 44.70 31.43 65.74
C SER W 32 46.03 30.95 66.32
N PRO W 33 46.42 29.70 66.05
CA PRO W 33 47.72 29.20 66.51
C PRO W 33 48.89 30.06 66.06
N GLU W 34 48.71 30.83 64.99
CA GLU W 34 49.72 31.76 64.53
C GLU W 34 49.71 33.07 65.30
N GLY W 35 49.05 33.09 66.47
CA GLY W 35 48.96 34.28 67.32
C GLY W 35 48.32 35.45 66.58
N ILE W 36 47.45 35.17 65.63
CA ILE W 36 46.76 36.19 64.87
C ILE W 36 45.27 36.06 65.14
N VAL W 37 44.58 37.20 65.29
CA VAL W 37 43.18 37.18 65.63
C VAL W 37 42.35 36.83 64.40
N GLU W 38 41.47 35.85 64.55
CA GLU W 38 40.57 35.44 63.47
C GLU W 38 39.29 36.26 63.55
N GLU W 39 38.54 36.27 62.44
CA GLU W 39 37.33 37.08 62.38
C GLU W 39 36.23 36.48 63.25
N PHE W 40 35.77 35.27 62.91
CA PHE W 40 34.71 34.58 63.63
C PHE W 40 33.50 35.47 63.90
N THR W 45 34.33 41.38 73.05
CA THR W 45 33.65 41.44 74.34
C THR W 45 34.53 40.88 75.45
N ASP W 46 35.18 39.75 75.17
CA ASP W 46 36.03 39.12 76.17
C ASP W 46 37.31 39.94 76.36
N ARG W 47 37.44 40.55 77.53
CA ARG W 47 38.62 41.32 77.87
C ARG W 47 39.84 40.40 77.93
N LYS W 48 40.76 40.57 76.99
CA LYS W 48 41.94 39.72 76.87
C LYS W 48 43.24 40.48 77.03
N ASP W 49 43.20 41.71 77.54
CA ASP W 49 44.43 42.47 77.70
C ASP W 49 45.23 42.03 78.91
N VAL W 50 44.61 41.32 79.85
CA VAL W 50 45.31 40.92 81.07
C VAL W 50 46.34 39.85 80.76
N PHE W 51 45.95 38.84 79.99
CA PHE W 51 46.82 37.70 79.73
C PHE W 51 47.48 37.72 78.36
N PHE W 52 47.08 38.64 77.48
CA PHE W 52 47.67 38.76 76.16
C PHE W 52 48.13 40.19 75.92
N TYR W 53 49.25 40.32 75.20
CA TYR W 53 49.86 41.61 74.93
C TYR W 53 49.76 41.91 73.44
N GLN W 54 49.36 43.13 73.11
CA GLN W 54 49.23 43.56 71.72
C GLN W 54 50.57 43.98 71.13
N TYR W 60 48.71 39.12 68.83
CA TYR W 60 48.71 39.14 70.29
C TYR W 60 49.82 38.23 70.83
N ILE W 61 50.46 38.67 71.90
CA ILE W 61 51.62 37.97 72.47
C ILE W 61 51.32 37.55 73.90
N PRO W 62 51.50 36.28 74.26
CA PRO W 62 51.36 35.87 75.66
C PRO W 62 52.49 36.43 76.52
N ARG W 63 52.14 36.74 77.77
CA ARG W 63 53.13 37.26 78.73
C ARG W 63 53.74 36.10 79.52
N ALA W 64 54.40 35.22 78.79
CA ALA W 64 55.00 34.03 79.38
C ALA W 64 56.51 34.21 79.49
N VAL W 65 57.10 33.48 80.45
CA VAL W 65 58.54 33.44 80.62
C VAL W 65 58.90 31.98 80.81
N LEU W 66 59.20 31.28 79.72
CA LEU W 66 59.50 29.86 79.80
C LEU W 66 60.93 29.66 80.30
N LEU W 67 61.13 28.60 81.06
CA LEU W 67 62.46 28.31 81.61
C LEU W 67 62.78 26.83 81.54
N ARG W 72 65.19 21.02 76.59
CA ARG W 72 64.69 19.93 75.76
C ARG W 72 63.20 20.09 75.45
N VAL W 73 62.40 20.30 76.50
CA VAL W 73 60.96 20.45 76.30
C VAL W 73 60.65 21.70 75.49
N ILE W 74 61.50 22.72 75.56
CA ILE W 74 61.26 23.93 74.80
C ILE W 74 61.32 23.65 73.30
N HIS W 75 62.19 22.73 72.88
CA HIS W 75 62.30 22.39 71.47
C HIS W 75 61.01 21.76 70.95
N SER W 76 60.45 20.80 71.68
CA SER W 76 59.20 20.17 71.26
C SER W 76 58.06 21.18 71.23
N ILE W 77 58.16 22.24 72.04
CA ILE W 77 57.21 23.34 71.95
C ILE W 77 57.44 24.13 70.68
N LEU W 78 58.72 24.37 70.34
CA LEU W 78 59.03 25.16 69.15
C LEU W 78 58.77 24.38 67.87
N ASN W 79 58.82 23.06 67.90
CA ASN W 79 58.43 22.26 66.75
C ASN W 79 56.92 22.09 66.63
N SER W 80 56.16 22.57 67.62
CA SER W 80 54.72 22.45 67.59
C SER W 80 54.12 23.48 66.64
N PRO W 81 52.85 23.30 66.26
CA PRO W 81 52.16 24.34 65.47
C PRO W 81 52.00 25.66 66.20
N TYR W 82 52.40 25.75 67.47
CA TYR W 82 52.30 26.99 68.24
C TYR W 82 53.64 27.66 68.44
N ALA W 83 54.56 27.49 67.48
CA ALA W 83 55.87 28.13 67.59
C ALA W 83 55.79 29.64 67.51
N LYS W 84 54.80 30.18 66.82
CA LYS W 84 54.65 31.62 66.64
C LYS W 84 53.93 32.28 67.81
N LEU W 85 53.87 31.62 68.97
CA LEU W 85 53.14 32.15 70.11
C LEU W 85 54.06 32.75 71.19
N TYR W 86 55.32 33.01 70.87
CA TYR W 86 56.22 33.62 71.85
C TYR W 86 57.20 34.59 71.17
N GLY W 101 70.26 18.48 87.39
CA GLY W 101 70.13 17.11 87.94
C GLY W 101 68.74 16.85 88.49
N ASN W 102 68.66 16.55 89.78
CA ASN W 102 67.39 16.27 90.46
C ASN W 102 67.40 16.62 91.93
N ASN W 103 68.36 17.41 92.39
CA ASN W 103 68.43 17.87 93.77
C ASN W 103 67.85 19.27 93.89
N TRP W 104 67.53 19.65 95.12
CA TRP W 104 67.05 21.02 95.36
C TRP W 104 68.21 22.00 95.44
N ALA W 105 69.33 21.56 96.02
CA ALA W 105 70.50 22.44 96.07
C ALA W 105 71.09 22.68 94.69
N SER W 106 71.08 21.64 93.84
CA SER W 106 71.56 21.81 92.47
C SER W 106 70.66 22.77 91.70
N GLY W 107 69.36 22.75 92.03
CA GLY W 107 68.38 23.63 91.38
C GLY W 107 68.43 25.03 91.95
N PHE W 108 68.98 25.18 93.16
CA PHE W 108 69.09 26.50 93.80
C PHE W 108 70.34 27.23 93.34
N SER W 109 71.46 26.52 93.20
CA SER W 109 72.72 27.16 92.86
C SER W 109 72.72 27.67 91.43
N GLN W 110 72.28 26.84 90.49
CA GLN W 110 72.31 27.24 89.08
C GLN W 110 71.45 28.47 88.82
N GLY W 111 70.41 28.67 89.62
CA GLY W 111 69.65 29.91 89.53
C GLY W 111 70.42 31.10 90.03
N GLU W 112 71.35 30.89 90.97
CA GLU W 112 72.15 31.99 91.47
C GLU W 112 73.17 32.45 90.45
N LYS W 113 73.68 31.54 89.62
CA LYS W 113 74.71 31.91 88.65
C LYS W 113 74.10 32.61 87.44
N ILE W 114 72.80 32.44 87.21
CA ILE W 114 72.11 33.12 86.10
C ILE W 114 71.08 34.07 86.68
N HIS W 115 71.36 34.57 87.89
CA HIS W 115 70.47 35.51 88.56
C HIS W 115 70.16 36.71 87.67
N GLU W 116 71.19 37.35 87.15
CA GLU W 116 70.99 38.55 86.34
C GLU W 116 70.33 38.21 85.02
N ASP W 117 70.58 37.01 84.48
CA ASP W 117 70.14 36.67 83.14
C ASP W 117 68.63 36.72 83.02
N ILE W 118 67.93 35.87 83.77
CA ILE W 118 66.50 35.69 83.55
C ILE W 118 65.70 36.92 83.99
N PHE W 119 66.23 37.72 84.92
CA PHE W 119 65.50 38.90 85.36
C PHE W 119 65.42 39.97 84.29
N ASP W 120 66.42 40.08 83.41
CA ASP W 120 66.33 41.05 82.33
C ASP W 120 65.10 40.79 81.48
N ILE W 121 64.74 39.52 81.31
CA ILE W 121 63.49 39.18 80.60
C ILE W 121 62.29 39.67 81.39
N ILE W 122 62.36 39.53 82.72
CA ILE W 122 61.23 39.93 83.57
C ILE W 122 61.22 41.44 83.74
N ASP W 123 62.40 42.06 83.90
CA ASP W 123 62.45 43.50 84.12
C ASP W 123 61.91 44.27 82.92
N ARG W 124 62.18 43.79 81.71
CA ARG W 124 61.65 44.47 80.53
C ARG W 124 60.15 44.21 80.38
N GLU W 125 59.70 43.03 80.76
CA GLU W 125 58.28 42.72 80.65
C GLU W 125 57.47 43.43 81.71
N ALA W 126 58.06 43.67 82.88
CA ALA W 126 57.36 44.41 83.94
C ALA W 126 57.22 45.88 83.58
N ASP W 127 58.32 46.53 83.23
CA ASP W 127 58.26 47.93 82.85
C ASP W 127 57.59 48.14 81.50
N GLY W 128 57.67 47.16 80.59
CA GLY W 128 56.90 47.22 79.37
C GLY W 128 55.41 47.05 79.61
N SER W 129 55.05 46.53 80.78
CA SER W 129 53.65 46.37 81.13
C SER W 129 53.08 47.67 81.67
N ASP W 130 51.77 47.86 81.46
CA ASP W 130 51.12 49.09 81.88
C ASP W 130 51.15 49.22 83.40
N SER W 131 50.50 48.29 84.11
CA SER W 131 50.47 48.30 85.57
C SER W 131 50.44 46.85 86.04
N LEU W 132 51.59 46.34 86.46
CA LEU W 132 51.69 44.95 86.86
C LEU W 132 50.90 44.69 88.12
N GLU W 133 50.35 43.47 88.21
CA GLU W 133 49.55 43.07 89.37
C GLU W 133 50.13 41.87 90.09
N GLY W 134 50.50 40.82 89.37
CA GLY W 134 50.96 39.62 90.05
C GLY W 134 51.87 38.73 89.23
N PHE W 135 52.19 37.56 89.78
CA PHE W 135 53.10 36.60 89.15
C PHE W 135 52.52 35.20 89.34
N VAL W 136 51.92 34.66 88.28
CA VAL W 136 51.46 33.28 88.31
C VAL W 136 52.64 32.35 88.10
N LEU W 137 52.78 31.35 88.95
CA LEU W 137 53.86 30.36 88.85
C LEU W 137 53.26 28.98 88.69
N CYS W 138 53.67 28.28 87.65
CA CYS W 138 53.24 26.90 87.41
C CYS W 138 54.48 26.02 87.51
N HIS W 139 54.52 25.18 88.54
CA HIS W 139 55.70 24.35 88.77
C HIS W 139 55.30 23.14 89.62
N SER W 140 56.12 22.10 89.54
CA SER W 140 55.94 20.90 90.35
C SER W 140 56.99 20.86 91.44
N ILE W 141 56.56 20.64 92.68
CA ILE W 141 57.48 20.66 93.82
C ILE W 141 58.19 19.34 94.05
N ALA W 142 58.03 18.37 93.16
CA ALA W 142 58.71 17.09 93.32
C ALA W 142 60.02 17.07 92.52
N GLY W 144 64.15 17.65 89.61
CA GLY W 144 63.99 18.51 90.79
C GLY W 144 64.62 19.88 90.58
N THR W 145 65.22 20.10 89.40
CA THR W 145 65.87 21.40 89.08
C THR W 145 64.83 22.50 89.10
N GLY W 146 63.63 22.23 88.55
CA GLY W 146 62.55 23.24 88.50
C GLY W 146 62.11 23.64 89.89
N SER W 147 61.97 22.67 90.81
CA SER W 147 61.55 22.98 92.19
C SER W 147 62.61 23.86 92.86
N GLY W 148 63.88 23.51 92.68
CA GLY W 148 64.99 24.30 93.25
C GLY W 148 65.05 25.69 92.67
N LEU W 149 64.88 25.80 91.34
CA LEU W 149 64.90 27.11 90.63
C LEU W 149 63.72 27.95 91.14
N GLY W 150 62.56 27.32 91.32
CA GLY W 150 61.35 28.01 91.81
C GLY W 150 61.58 28.62 93.18
N SER W 151 62.14 27.85 94.11
CA SER W 151 62.39 28.34 95.46
C SER W 151 63.32 29.54 95.44
N TYR W 152 64.30 29.52 94.53
CA TYR W 152 65.21 30.67 94.40
C TYR W 152 64.47 31.90 93.91
N LEU W 153 63.67 31.75 92.85
CA LEU W 153 63.02 32.90 92.25
C LEU W 153 61.95 33.47 93.17
N LEU W 154 61.31 32.62 93.97
CA LEU W 154 60.26 33.09 94.87
C LEU W 154 60.81 34.06 95.92
N GLU W 155 62.07 33.86 96.31
CA GLU W 155 62.66 34.74 97.31
C GLU W 155 63.07 36.07 96.69
N ARG W 156 63.69 36.03 95.52
CA ARG W 156 64.18 37.26 94.89
C ARG W 156 63.03 38.19 94.53
N LEU W 157 61.89 37.65 94.10
CA LEU W 157 60.75 38.49 93.79
C LEU W 157 60.29 39.27 95.03
N ASN W 158 60.46 38.68 96.20
CA ASN W 158 60.18 39.43 97.42
C ASN W 158 61.20 40.54 97.65
N ASP W 159 62.43 40.35 97.17
CA ASP W 159 63.45 41.39 97.33
C ASP W 159 63.15 42.58 96.45
N ARG W 160 62.98 42.34 95.15
CA ARG W 160 62.82 43.44 94.20
C ARG W 160 61.43 44.07 94.30
N TYR W 161 60.39 43.29 94.02
CA TYR W 161 59.03 43.82 93.98
C TYR W 161 58.32 43.51 95.29
N PRO W 162 58.07 44.49 96.13
CA PRO W 162 57.39 44.20 97.39
C PRO W 162 55.86 44.25 97.28
N LYS W 163 55.36 44.91 96.24
CA LYS W 163 53.92 45.18 96.12
C LYS W 163 53.26 44.38 95.02
N LYS W 164 53.76 43.19 94.71
CA LYS W 164 53.21 42.34 93.66
C LYS W 164 52.84 40.99 94.24
N LEU W 165 51.59 40.58 94.04
CA LEU W 165 51.16 39.26 94.48
C LEU W 165 51.88 38.16 93.71
N VAL W 166 52.07 37.02 94.37
CA VAL W 166 52.70 35.86 93.76
C VAL W 166 51.82 34.66 94.06
N GLN W 167 51.03 34.23 93.08
CA GLN W 167 50.20 33.04 93.19
C GLN W 167 50.86 31.88 92.45
N THR W 168 50.86 30.71 93.09
CA THR W 168 51.60 29.57 92.58
C THR W 168 50.66 28.40 92.40
N TYR W 169 50.59 27.87 91.17
CA TYR W 169 49.79 26.70 90.86
C TYR W 169 50.61 25.42 91.04
N SER W 170 51.12 25.25 92.26
CA SER W 170 52.02 24.14 92.55
C SER W 170 51.34 22.80 92.34
N VAL W 171 52.14 21.78 92.08
CA VAL W 171 51.66 20.42 91.85
C VAL W 171 52.47 19.46 92.72
N PHE W 172 51.76 18.69 93.57
CA PHE W 172 52.37 17.75 94.49
C PHE W 172 52.61 16.40 93.82
N PRO W 173 53.53 15.58 94.34
CA PRO W 173 53.78 14.26 93.74
C PRO W 173 52.68 13.25 94.06
N VAL W 183 64.24 10.70 97.23
CA VAL W 183 64.65 12.05 97.58
C VAL W 183 63.53 13.02 97.32
N GLN W 184 62.39 12.50 96.86
CA GLN W 184 61.20 13.33 96.71
C GLN W 184 60.72 13.95 98.00
N PRO W 185 60.75 13.26 99.15
CA PRO W 185 60.35 13.94 100.40
C PRO W 185 61.23 15.13 100.74
N TYR W 186 62.54 15.05 100.51
CA TYR W 186 63.43 16.17 100.81
C TYR W 186 63.01 17.41 100.04
N ASN W 187 62.96 17.31 98.71
CA ASN W 187 62.70 18.47 97.87
C ASN W 187 61.33 19.06 98.15
N SER W 188 60.36 18.22 98.51
CA SER W 188 59.00 18.69 98.70
C SER W 188 58.90 19.61 99.91
N LEU W 189 59.59 19.26 100.99
CA LEU W 189 59.47 20.08 102.20
C LEU W 189 60.31 21.35 102.11
N LEU W 190 61.43 21.31 101.40
CA LEU W 190 62.26 22.50 101.27
C LEU W 190 61.51 23.62 100.57
N THR W 191 60.90 23.31 99.43
CA THR W 191 60.11 24.32 98.73
C THR W 191 58.91 24.74 99.56
N LEU W 192 58.44 23.86 100.45
CA LEU W 192 57.36 24.24 101.34
C LEU W 192 57.80 25.34 102.30
N LYS W 193 59.07 25.35 102.68
CA LYS W 193 59.57 26.40 103.56
C LYS W 193 59.47 27.76 102.91
N ARG W 194 59.64 27.82 101.59
CA ARG W 194 59.51 29.08 100.88
C ARG W 194 58.06 29.40 100.53
N LEU W 195 57.26 28.39 100.20
CA LEU W 195 55.88 28.61 99.83
C LEU W 195 55.01 29.05 101.00
N THR W 196 55.49 28.94 102.23
CA THR W 196 54.68 29.32 103.38
C THR W 196 54.93 30.76 103.81
N GLN W 197 55.95 31.44 103.28
CA GLN W 197 56.25 32.79 103.72
C GLN W 197 56.57 33.71 102.54
N ASN W 198 56.71 33.15 101.35
CA ASN W 198 56.98 33.96 100.17
C ASN W 198 55.75 34.09 99.27
N ALA W 199 55.21 32.96 98.81
CA ALA W 199 54.09 32.98 97.89
C ALA W 199 52.85 33.53 98.58
N ASP W 200 52.22 34.53 97.96
CA ASP W 200 51.08 35.20 98.55
C ASP W 200 49.81 34.37 98.53
N CYS W 201 49.72 33.39 97.63
CA CYS W 201 48.59 32.47 97.59
C CYS W 201 49.09 31.17 96.99
N LEU W 202 48.27 30.13 97.07
CA LEU W 202 48.73 28.85 96.59
C LEU W 202 47.54 27.94 96.35
N VAL W 203 47.55 27.26 95.21
CA VAL W 203 46.48 26.35 94.81
C VAL W 203 47.10 24.98 94.62
N VAL W 204 46.68 24.02 95.41
CA VAL W 204 47.32 22.71 95.45
C VAL W 204 46.67 21.80 94.42
N LEU W 205 47.49 21.02 93.73
CA LEU W 205 47.00 20.03 92.76
C LEU W 205 47.92 18.83 92.87
N ASP W 206 47.46 17.77 93.52
CA ASP W 206 48.27 16.58 93.75
C ASP W 206 47.97 15.51 92.71
N ASN W 207 49.02 14.85 92.22
CA ASN W 207 48.88 13.85 91.17
C ASN W 207 48.10 12.63 91.64
N THR W 208 48.15 12.30 92.94
CA THR W 208 47.48 11.10 93.42
C THR W 208 45.97 11.23 93.29
N ALA W 209 45.46 12.45 93.44
CA ALA W 209 44.02 12.67 93.27
C ALA W 209 43.64 12.77 91.80
N LEU W 210 44.55 13.30 90.97
CA LEU W 210 44.26 13.41 89.54
C LEU W 210 44.39 12.06 88.84
N ASN W 211 45.40 11.28 89.23
CA ASN W 211 45.58 9.97 88.62
C ASN W 211 44.42 9.04 88.92
N ARG W 212 43.89 9.10 90.14
CA ARG W 212 42.74 8.27 90.49
C ARG W 212 41.52 8.64 89.65
N ILE W 213 41.38 9.92 89.32
CA ILE W 213 40.23 10.35 88.51
C ILE W 213 40.36 9.81 87.09
N ALA W 214 41.57 9.84 86.53
CA ALA W 214 41.76 9.37 85.16
C ALA W 214 41.45 7.88 85.03
N THR W 215 41.76 7.10 86.06
CA THR W 215 41.42 5.68 86.00
C THR W 215 39.98 5.42 86.38
N ASP W 216 39.35 6.33 87.13
CA ASP W 216 38.00 6.10 87.60
C ASP W 216 36.97 6.50 86.54
N ARG W 217 37.02 7.75 86.09
CA ARG W 217 36.04 8.27 85.16
C ARG W 217 36.57 8.50 83.75
N LEU W 218 37.84 8.19 83.49
CA LEU W 218 38.39 8.28 82.15
C LEU W 218 38.98 6.98 81.63
N HIS W 219 39.40 6.08 82.52
CA HIS W 219 39.87 4.74 82.16
C HIS W 219 41.05 4.79 81.19
N ILE W 220 42.15 5.35 81.68
CA ILE W 220 43.37 5.43 80.88
C ILE W 220 44.19 4.14 80.93
N GLN W 221 43.84 3.20 81.80
CA GLN W 221 44.57 1.94 81.91
C GLN W 221 43.69 0.85 82.51
N SER W 224 48.47 8.71 81.23
CA SER W 224 49.58 9.42 80.59
C SER W 224 49.64 10.87 81.04
N PHE W 225 50.83 11.46 80.97
CA PHE W 225 51.00 12.85 81.41
C PHE W 225 50.17 13.79 80.54
N SER W 226 50.17 13.58 79.23
CA SER W 226 49.37 14.42 78.35
C SER W 226 47.88 14.21 78.53
N GLN W 227 47.46 13.23 79.31
CA GLN W 227 46.05 12.97 79.54
C GLN W 227 45.52 13.64 80.81
N ILE W 228 46.27 13.54 81.92
CA ILE W 228 45.83 14.19 83.15
C ILE W 228 45.97 15.70 83.03
N ASN W 229 46.90 16.18 82.20
CA ASN W 229 47.07 17.61 82.02
C ASN W 229 45.82 18.24 81.39
N GLN W 230 45.02 17.43 80.70
CA GLN W 230 43.74 17.93 80.19
C GLN W 230 42.87 18.44 81.33
N LEU W 231 42.87 17.73 82.46
CA LEU W 231 42.08 18.16 83.61
C LEU W 231 42.72 19.35 84.30
N VAL W 232 44.05 19.36 84.41
CA VAL W 232 44.74 20.49 85.04
C VAL W 232 44.50 21.77 84.25
N SER W 233 44.50 21.66 82.92
CA SER W 233 44.26 22.83 82.09
C SER W 233 42.85 23.36 82.28
N THR W 234 41.86 22.49 82.49
CA THR W 234 40.49 22.94 82.66
C THR W 234 40.31 23.67 83.97
N ILE W 235 41.03 23.24 85.03
CA ILE W 235 40.92 23.91 86.31
C ILE W 235 41.64 25.26 86.27
N MET W 236 42.81 25.30 85.64
CA MET W 236 43.55 26.55 85.54
C MET W 236 42.80 27.56 84.68
N SER W 237 42.33 27.13 83.52
CA SER W 237 41.56 28.03 82.66
C SER W 237 40.30 28.51 83.34
N ALA W 238 39.67 27.66 84.16
CA ALA W 238 38.46 28.06 84.86
C ALA W 238 38.75 28.92 86.06
N SER W 239 39.96 28.87 86.61
CA SER W 239 40.26 29.63 87.82
C SER W 239 40.21 31.13 87.56
N THR W 240 40.72 31.58 86.41
CA THR W 240 40.77 32.98 86.05
C THR W 240 39.66 33.36 85.09
N THR W 241 38.48 32.76 85.23
CA THR W 241 37.40 33.05 84.30
C THR W 241 36.80 34.42 84.56
N THR W 242 36.60 34.77 85.83
CA THR W 242 36.01 36.07 86.13
C THR W 242 36.96 37.23 85.85
N LEU W 243 38.21 36.95 85.50
CA LEU W 243 39.13 38.02 85.14
C LEU W 243 39.02 38.39 83.67
N ARG W 244 38.77 37.43 82.80
CA ARG W 244 38.74 37.69 81.36
C ARG W 244 37.37 38.13 80.88
N TYR W 245 36.29 37.64 81.49
CA TYR W 245 34.94 38.10 81.17
C TYR W 245 34.46 39.03 82.27
N PRO W 246 34.50 40.34 82.08
CA PRO W 246 34.24 41.26 83.18
C PRO W 246 32.78 41.20 83.63
N GLY W 247 32.58 41.31 84.94
CA GLY W 247 31.26 41.38 85.51
C GLY W 247 31.16 42.51 86.51
N TYR W 248 30.13 42.49 87.36
CA TYR W 248 29.97 43.55 88.34
C TYR W 248 31.03 43.45 89.44
N MET W 249 31.53 42.24 89.69
CA MET W 249 32.51 42.00 90.73
C MET W 249 33.67 41.18 90.19
N ASN W 250 34.71 41.05 91.02
CA ASN W 250 35.85 40.19 90.75
C ASN W 250 36.52 40.55 89.42
N ASN W 251 36.96 41.81 89.34
CA ASN W 251 37.68 42.31 88.18
C ASN W 251 39.17 42.43 88.43
N ASP W 252 39.69 41.75 89.45
CA ASP W 252 41.11 41.82 89.78
C ASP W 252 41.46 40.61 90.62
N LEU W 253 42.73 40.20 90.51
CA LEU W 253 43.16 38.95 91.14
C LEU W 253 43.02 39.00 92.66
N ILE W 254 43.20 40.18 93.26
CA ILE W 254 43.09 40.29 94.70
C ILE W 254 41.63 40.17 95.14
N GLY W 255 40.70 40.44 94.22
CA GLY W 255 39.29 40.33 94.58
C GLY W 255 38.85 38.91 94.90
N LEU W 256 39.47 37.93 94.26
CA LEU W 256 39.14 36.53 94.54
C LEU W 256 39.84 36.05 95.79
N ILE W 257 41.03 36.57 96.08
CA ILE W 257 41.86 36.03 97.15
C ILE W 257 41.51 36.70 98.47
N ALA W 258 41.11 37.96 98.43
CA ALA W 258 40.85 38.70 99.67
C ALA W 258 39.71 38.11 100.48
N SER W 259 38.88 37.27 99.87
CA SER W 259 37.75 36.71 100.61
C SER W 259 38.11 35.40 101.27
N LEU W 260 38.89 34.55 100.59
CA LEU W 260 39.17 33.21 101.09
C LEU W 260 40.21 33.23 102.20
N ILE W 261 41.41 33.74 101.89
CA ILE W 261 42.55 33.69 102.81
C ILE W 261 42.31 34.64 103.99
N PRO W 262 42.07 34.12 105.20
CA PRO W 262 41.75 35.01 106.32
C PRO W 262 42.96 35.69 106.92
N THR W 263 44.08 34.97 107.04
CA THR W 263 45.33 35.50 107.56
C THR W 263 46.47 35.08 106.64
N PRO W 264 47.54 35.87 106.58
CA PRO W 264 48.63 35.56 105.63
C PRO W 264 49.23 34.18 105.81
N ARG W 265 49.04 33.52 106.95
CA ARG W 265 49.60 32.18 107.13
C ARG W 265 48.78 31.12 106.42
N LEU W 266 47.46 31.19 106.52
CA LEU W 266 46.57 30.16 105.98
C LEU W 266 46.25 30.49 104.52
N HIS W 267 47.25 30.31 103.67
CA HIS W 267 47.14 30.66 102.25
C HIS W 267 47.28 29.44 101.36
N PHE W 268 46.55 28.38 101.67
CA PHE W 268 46.51 27.17 100.86
C PHE W 268 45.07 26.89 100.46
N LEU W 269 44.86 26.54 99.20
CA LEU W 269 43.53 26.30 98.67
C LEU W 269 43.46 24.97 97.94
N MET W 270 42.25 24.43 97.84
CA MET W 270 41.98 23.21 97.10
C MET W 270 40.83 23.46 96.12
N THR W 271 40.70 22.58 95.14
CA THR W 271 39.78 22.79 94.02
C THR W 271 38.75 21.67 93.93
N GLY W 272 37.71 21.93 93.16
CA GLY W 272 36.68 20.95 92.86
C GLY W 272 35.98 21.22 91.54
N TYR W 273 35.90 20.21 90.68
CA TYR W 273 35.37 20.38 89.33
C TYR W 273 34.36 19.26 89.05
N THR W 274 33.07 19.61 88.94
CA THR W 274 32.04 18.57 88.94
C THR W 274 31.77 17.88 87.61
N PRO W 275 31.56 18.57 86.47
CA PRO W 275 31.13 17.84 85.27
C PRO W 275 32.30 17.17 84.59
N LEU W 276 32.39 15.85 84.73
CA LEU W 276 33.53 15.10 84.20
C LEU W 276 33.08 14.06 83.18
N THR W 288 20.50 21.98 83.53
CA THR W 288 21.00 21.65 84.87
C THR W 288 20.89 22.84 85.80
N THR W 289 20.17 22.67 86.90
CA THR W 289 19.94 23.74 87.85
C THR W 289 21.20 24.03 88.64
N VAL W 290 21.22 25.22 89.26
CA VAL W 290 22.38 25.61 90.04
C VAL W 290 22.44 24.84 91.36
N LEU W 291 21.26 24.40 91.81
CA LEU W 291 21.14 23.62 93.08
C LEU W 291 21.82 22.25 92.90
N ASP W 292 21.94 21.80 91.65
CA ASP W 292 22.55 20.48 91.34
C ASP W 292 24.08 20.61 91.32
N VAL W 293 24.60 21.75 90.87
CA VAL W 293 26.04 21.92 90.78
C VAL W 293 26.64 22.14 92.17
N MET W 294 25.95 22.91 93.00
CA MET W 294 26.45 23.12 94.35
C MET W 294 26.51 21.83 95.14
N ARG W 295 25.46 21.01 95.02
CA ARG W 295 25.35 19.73 95.77
C ARG W 295 26.40 18.71 95.32
N ARG W 296 26.84 18.78 94.06
CA ARG W 296 27.85 17.87 93.55
C ARG W 296 29.27 18.32 93.85
N LEU W 297 29.46 19.61 94.14
CA LEU W 297 30.81 20.09 94.45
C LEU W 297 31.17 19.76 95.88
N LEU W 298 30.20 19.77 96.78
CA LEU W 298 30.44 19.49 98.18
C LEU W 298 30.57 18.00 98.48
N GLN W 299 30.59 17.13 97.48
CA GLN W 299 30.82 15.72 97.72
C GLN W 299 32.32 15.42 97.71
N PRO W 300 32.77 14.48 98.55
CA PRO W 300 34.22 14.19 98.61
C PRO W 300 34.76 13.52 97.36
N LYS W 301 33.90 12.95 96.51
CA LYS W 301 34.40 12.22 95.34
C LYS W 301 35.00 13.15 94.29
N ASN W 302 34.66 14.43 94.32
CA ASN W 302 35.10 15.36 93.28
C ASN W 302 36.33 16.19 93.64
N VAL W 303 36.63 16.35 94.93
CA VAL W 303 37.74 17.22 95.32
C VAL W 303 39.06 16.61 94.87
N MET W 304 40.00 17.48 94.50
CA MET W 304 41.32 17.05 94.05
C MET W 304 42.32 17.05 95.20
N VAL W 305 41.94 16.34 96.26
CA VAL W 305 42.76 16.22 97.47
C VAL W 305 42.57 14.83 98.04
N SER W 306 43.67 14.14 98.30
CA SER W 306 43.60 12.80 98.89
C SER W 306 43.17 12.89 100.35
N ASN W 314 38.67 17.57 114.71
CA ASN W 314 37.94 17.48 113.45
C ASN W 314 38.50 18.45 112.43
N HIS W 315 37.66 18.84 111.47
CA HIS W 315 38.04 19.80 110.44
C HIS W 315 36.81 20.55 109.98
N CYS W 316 37.03 21.73 109.40
CA CYS W 316 35.92 22.58 109.00
C CYS W 316 36.41 23.54 107.92
N TYR W 317 35.46 24.10 107.17
CA TYR W 317 35.73 25.03 106.09
C TYR W 317 35.95 26.45 106.63
N ILE W 318 36.76 27.21 105.91
CA ILE W 318 37.04 28.60 106.25
C ILE W 318 36.36 29.56 105.29
N ALA W 319 36.34 29.24 103.99
CA ALA W 319 35.66 30.05 102.99
C ALA W 319 35.56 29.26 101.70
N ILE W 320 34.48 29.46 100.96
CA ILE W 320 34.22 28.73 99.73
C ILE W 320 33.87 29.71 98.62
N LEU W 321 34.39 29.45 97.42
CA LEU W 321 34.07 30.22 96.24
C LEU W 321 33.63 29.28 95.13
N ASN W 322 32.48 29.56 94.53
CA ASN W 322 31.92 28.72 93.48
C ASN W 322 31.88 29.49 92.17
N ILE W 323 32.37 28.85 91.11
CA ILE W 323 32.38 29.43 89.77
C ILE W 323 31.44 28.61 88.91
N ILE W 324 30.30 29.18 88.53
CA ILE W 324 29.33 28.55 87.65
C ILE W 324 29.48 29.21 86.28
N GLN W 325 29.93 28.45 85.29
CA GLN W 325 30.28 29.01 83.99
C GLN W 325 29.21 28.83 82.93
N GLY W 326 28.02 28.37 83.30
CA GLY W 326 27.02 28.03 82.32
C GLY W 326 26.15 29.21 81.93
N GLU W 327 25.12 28.89 81.15
CA GLU W 327 24.05 29.83 80.81
C GLU W 327 22.88 29.73 81.76
N VAL W 328 23.14 29.40 83.03
CA VAL W 328 22.09 29.15 83.99
C VAL W 328 21.25 30.41 84.22
N ASP W 329 20.08 30.20 84.78
CA ASP W 329 19.20 31.31 85.10
C ASP W 329 19.78 32.06 86.29
N PRO W 330 20.17 33.32 86.14
CA PRO W 330 20.79 34.05 87.25
C PRO W 330 19.82 34.58 88.28
N THR W 331 18.53 34.27 88.18
CA THR W 331 17.59 34.67 89.21
C THR W 331 17.42 33.63 90.29
N GLN W 332 17.65 32.36 89.99
CA GLN W 332 17.52 31.30 90.97
C GLN W 332 18.81 31.03 91.74
N VAL W 333 19.87 31.81 91.49
CA VAL W 333 21.12 31.58 92.20
C VAL W 333 21.00 32.00 93.65
N HIS W 334 20.25 33.06 93.92
CA HIS W 334 20.08 33.48 95.31
C HIS W 334 19.16 32.56 96.07
N LYS W 335 18.26 31.86 95.36
CA LYS W 335 17.41 30.87 96.00
C LYS W 335 18.23 29.71 96.53
N SER W 336 19.13 29.18 95.71
CA SER W 336 19.85 27.96 96.08
C SER W 336 20.68 28.16 97.35
N LEU W 337 21.28 29.35 97.50
CA LEU W 337 22.07 29.60 98.70
C LEU W 337 21.19 29.67 99.94
N GLN W 338 19.88 29.86 99.77
CA GLN W 338 18.99 29.84 100.92
C GLN W 338 18.76 28.41 101.40
N ARG W 339 18.64 27.49 100.43
CA ARG W 339 18.37 26.07 100.74
C ARG W 339 19.63 25.35 101.24
N ILE W 340 20.75 25.53 100.55
CA ILE W 340 21.98 24.83 100.92
C ILE W 340 22.33 25.11 102.36
N ARG W 341 22.00 26.30 102.86
CA ARG W 341 22.27 26.61 104.26
C ARG W 341 21.42 25.75 105.19
N GLU W 342 20.24 25.35 104.75
CA GLU W 342 19.31 24.65 105.63
C GLU W 342 19.75 23.21 105.85
N ARG W 343 20.17 22.53 104.80
CA ARG W 343 20.63 21.16 104.95
C ARG W 343 21.94 21.05 105.71
N LYS W 344 22.70 22.15 105.82
CA LYS W 344 23.97 22.18 106.55
C LYS W 344 24.96 21.14 106.00
N LEU W 345 25.23 21.27 104.70
CA LEU W 345 26.13 20.35 104.02
C LEU W 345 27.60 20.58 104.34
N ALA W 346 27.94 21.73 104.94
CA ALA W 346 29.31 22.03 105.26
C ALA W 346 29.39 22.68 106.63
N ASN W 347 30.41 22.31 107.40
CA ASN W 347 30.65 22.86 108.72
C ASN W 347 31.73 23.93 108.67
N PHE W 348 31.45 25.06 109.33
CA PHE W 348 32.28 26.24 109.21
C PHE W 348 32.95 26.56 110.54
N ILE W 349 33.90 27.51 110.47
CA ILE W 349 34.71 27.92 111.60
C ILE W 349 33.83 28.49 112.70
N PRO W 350 34.14 28.24 113.98
CA PRO W 350 33.32 28.79 115.06
C PRO W 350 33.78 30.16 115.54
N TRP W 351 35.04 30.53 115.30
CA TRP W 351 35.54 31.78 115.86
C TRP W 351 35.04 33.00 115.10
N GLY W 352 35.28 33.04 113.80
CA GLY W 352 34.86 34.18 113.00
C GLY W 352 33.79 33.81 112.01
N PRO W 353 33.11 34.80 111.46
CA PRO W 353 32.05 34.51 110.49
C PRO W 353 32.60 34.10 109.14
N ALA W 354 31.94 33.13 108.51
CA ALA W 354 32.32 32.64 107.20
C ALA W 354 31.06 32.29 106.43
N SER W 355 31.14 32.35 105.10
CA SER W 355 30.01 32.08 104.24
C SER W 355 30.50 31.39 102.96
N ILE W 356 29.57 31.16 102.05
CA ILE W 356 29.86 30.53 100.76
C ILE W 356 29.57 31.55 99.66
N GLN W 357 30.40 31.53 98.62
CA GLN W 357 30.34 32.52 97.55
C GLN W 357 30.10 31.84 96.21
N VAL W 358 29.16 32.38 95.44
CA VAL W 358 28.85 31.88 94.12
C VAL W 358 29.01 33.01 93.12
N ALA W 359 29.76 32.75 92.05
CA ALA W 359 29.99 33.75 91.02
C ALA W 359 29.76 33.13 89.65
N LEU W 360 29.02 33.83 88.82
CA LEU W 360 28.68 33.37 87.48
C LEU W 360 29.66 33.95 86.47
N SER W 361 29.58 33.44 85.25
CA SER W 361 30.39 33.93 84.14
C SER W 361 29.74 33.44 82.85
N ARG W 362 30.46 33.57 81.74
CA ARG W 362 29.95 33.13 80.45
C ARG W 362 30.98 32.24 79.77
N LYS W 363 30.52 31.11 79.25
CA LYS W 363 31.41 30.23 78.52
C LYS W 363 31.79 30.86 77.18
N SER W 364 32.88 30.36 76.62
CA SER W 364 33.36 30.88 75.34
C SER W 364 32.46 30.40 74.22
N PRO W 365 31.79 31.30 73.49
CA PRO W 365 30.91 30.85 72.41
C PRO W 365 31.65 30.20 71.26
N TYR W 366 32.91 30.57 71.03
CA TYR W 366 33.65 30.01 69.91
C TYR W 366 33.95 28.53 70.07
N LEU W 367 33.78 27.98 71.27
CA LEU W 367 34.03 26.57 71.50
C LEU W 367 32.76 25.76 71.27
N ARG W 372 24.75 23.81 78.25
CA ARG W 372 25.97 23.30 78.88
C ARG W 372 26.30 24.10 80.12
N VAL W 373 26.55 23.41 81.24
CA VAL W 373 26.85 24.05 82.51
C VAL W 373 28.01 23.32 83.16
N SER W 374 28.94 24.08 83.72
CA SER W 374 30.08 23.53 84.45
C SER W 374 30.14 24.15 85.83
N GLY W 375 31.22 23.87 86.56
CA GLY W 375 31.37 24.42 87.88
C GLY W 375 32.72 24.16 88.51
N LEU W 376 33.26 25.15 89.22
CA LEU W 376 34.51 25.01 89.93
C LEU W 376 34.37 25.58 91.33
N MET W 377 35.02 24.92 92.29
CA MET W 377 34.90 25.30 93.69
C MET W 377 36.28 25.45 94.30
N MET W 378 36.61 26.67 94.73
CA MET W 378 37.84 26.96 95.44
C MET W 378 37.51 27.07 96.92
N ALA W 379 38.09 26.18 97.71
CA ALA W 379 37.79 26.12 99.14
C ALA W 379 39.08 26.20 99.95
N ASN W 380 38.91 26.53 101.23
CA ASN W 380 40.02 26.59 102.18
C ASN W 380 39.65 25.67 103.35
N HIS W 381 40.04 24.41 103.24
CA HIS W 381 39.72 23.40 104.24
C HIS W 381 40.96 23.08 105.07
N THR W 382 40.79 23.05 106.38
CA THR W 382 41.90 22.72 107.27
C THR W 382 42.33 21.27 107.14
N SER W 383 41.58 20.44 106.41
CA SER W 383 42.03 19.08 106.16
C SER W 383 43.23 19.04 105.23
N ILE W 384 43.66 20.18 104.71
CA ILE W 384 44.85 20.21 103.87
C ILE W 384 46.09 20.00 104.72
N SER W 385 45.96 20.12 106.04
CA SER W 385 47.11 19.90 106.92
C SER W 385 47.62 18.47 106.82
N SER W 386 46.77 17.53 106.44
CA SER W 386 47.17 16.13 106.37
C SER W 386 48.23 15.92 105.30
N LEU W 387 48.15 16.66 104.19
CA LEU W 387 49.12 16.47 103.12
C LEU W 387 50.53 16.81 103.58
N PHE W 388 50.68 17.89 104.34
CA PHE W 388 51.98 18.26 104.87
C PHE W 388 52.46 17.20 105.85
N GLU W 389 51.55 16.61 106.60
CA GLU W 389 51.91 15.58 107.57
C GLU W 389 52.57 14.40 106.89
N ARG W 390 52.06 13.98 105.74
CA ARG W 390 52.64 12.86 105.02
C ARG W 390 54.08 13.17 104.59
N THR W 391 54.30 14.36 104.05
CA THR W 391 55.66 14.76 103.70
C THR W 391 56.52 14.90 104.94
N CYS W 392 55.93 15.43 106.02
CA CYS W 392 56.67 15.57 107.26
C CYS W 392 57.10 14.21 107.80
N ARG W 393 56.15 13.29 107.95
CA ARG W 393 56.47 11.98 108.48
C ARG W 393 57.44 11.24 107.57
N GLN W 394 57.27 11.40 106.25
CA GLN W 394 58.19 10.76 105.31
C GLN W 394 59.59 11.29 105.46
N TYR W 395 59.73 12.56 105.86
CA TYR W 395 61.05 13.14 106.02
C TYR W 395 61.77 12.55 107.23
N ASP W 396 61.06 12.40 108.35
CA ASP W 396 61.69 11.93 109.58
C ASP W 396 62.22 10.51 109.41
N LYS W 397 61.50 9.66 108.68
CA LYS W 397 61.96 8.30 108.47
C LYS W 397 63.26 8.25 107.68
N LEU W 398 63.44 9.17 106.74
CA LEU W 398 64.69 9.22 105.98
C LEU W 398 65.80 9.92 106.74
N ARG W 399 65.45 10.79 107.70
CA ARG W 399 66.46 11.51 108.47
C ARG W 399 67.22 10.61 109.42
N LYS W 400 66.63 9.49 109.84
CA LYS W 400 67.28 8.53 110.73
C LYS W 400 67.83 7.34 109.98
N ARG W 401 67.93 7.44 108.65
CA ARG W 401 68.37 6.32 107.82
C ARG W 401 69.44 6.69 106.81
N GLU W 402 69.59 7.97 106.46
CA GLU W 402 70.57 8.41 105.47
C GLU W 402 70.41 7.70 104.14
N ASP W 416 77.09 21.68 103.91
CA ASP W 416 78.21 21.60 104.84
C ASP W 416 77.73 21.54 106.29
N ASN W 417 76.50 21.97 106.53
CA ASN W 417 75.91 21.98 107.87
C ASN W 417 74.62 21.17 107.98
N PHE W 418 73.84 21.10 106.90
CA PHE W 418 72.49 20.51 106.94
C PHE W 418 71.61 21.19 107.97
N ASP W 419 71.73 22.51 108.08
CA ASP W 419 70.90 23.30 108.99
C ASP W 419 69.68 23.89 108.31
N GLU W 420 69.71 24.08 106.99
CA GLU W 420 68.53 24.59 106.31
C GLU W 420 67.37 23.61 106.39
N MET W 421 67.66 22.30 106.29
CA MET W 421 66.61 21.31 106.46
C MET W 421 65.98 21.41 107.85
N ASP W 422 66.77 21.77 108.85
CA ASP W 422 66.25 21.87 110.21
C ASP W 422 65.28 23.05 110.31
N THR W 423 65.62 24.19 109.72
CA THR W 423 64.73 25.35 109.78
C THR W 423 63.45 25.10 109.00
N SER W 424 63.58 24.50 107.81
CA SER W 424 62.40 24.20 107.01
C SER W 424 61.48 23.22 107.73
N ARG W 425 62.06 22.17 108.33
CA ARG W 425 61.27 21.23 109.12
C ARG W 425 60.56 21.92 110.27
N GLU W 426 61.18 22.96 110.83
CA GLU W 426 60.59 23.64 111.98
C GLU W 426 59.46 24.57 111.56
N ILE W 427 59.66 25.32 110.48
CA ILE W 427 58.67 26.33 110.10
C ILE W 427 57.39 25.69 109.59
N VAL W 428 57.49 24.54 108.90
CA VAL W 428 56.28 23.86 108.45
C VAL W 428 55.54 23.28 109.64
N GLN W 429 56.25 22.99 110.73
CA GLN W 429 55.58 22.52 111.94
C GLN W 429 54.69 23.59 112.53
N GLN W 430 55.06 24.86 112.36
CA GLN W 430 54.22 25.95 112.85
C GLN W 430 52.99 26.10 111.96
N LEU W 431 53.15 25.89 110.65
CA LEU W 431 52.00 25.99 109.75
C LEU W 431 50.97 24.91 110.08
N ILE W 432 51.42 23.67 110.25
CA ILE W 432 50.52 22.60 110.66
C ILE W 432 49.91 22.93 112.01
N ASP W 433 50.69 23.51 112.92
CA ASP W 433 50.17 23.86 114.24
C ASP W 433 49.13 24.97 114.15
N GLU W 434 49.21 25.80 113.12
CA GLU W 434 48.19 26.83 112.93
C GLU W 434 46.87 26.21 112.51
N TYR W 435 46.90 25.25 111.59
CA TYR W 435 45.69 24.63 111.08
C TYR W 435 44.92 23.92 112.20
N HIS W 436 45.59 23.00 112.90
CA HIS W 436 44.90 22.26 113.96
C HIS W 436 44.35 23.19 115.04
N ALA W 437 45.00 24.34 115.25
CA ALA W 437 44.47 25.33 116.16
C ALA W 437 43.53 26.31 115.48
N ALA W 438 43.39 26.23 114.16
CA ALA W 438 42.46 27.10 113.46
C ALA W 438 41.03 26.60 113.56
N THR W 439 40.83 25.38 114.06
CA THR W 439 39.51 24.79 114.16
C THR W 439 38.93 24.85 115.57
N ARG W 440 39.51 25.64 116.44
CA ARG W 440 39.07 25.71 117.83
C ARG W 440 38.29 26.99 118.07
N PRO W 441 37.39 27.00 119.06
CA PRO W 441 36.65 28.24 119.36
C PRO W 441 37.51 29.36 119.88
N ASP W 442 38.80 29.13 120.12
CA ASP W 442 39.67 30.18 120.62
C ASP W 442 40.91 30.33 119.74
N TYR W 443 40.73 30.32 118.42
CA TYR W 443 41.85 30.59 117.53
C TYR W 443 42.34 32.02 117.70
N ILE W 444 41.49 32.91 118.20
CA ILE W 444 41.92 34.25 118.54
C ILE W 444 43.03 34.17 119.58
N SER W 445 44.20 34.71 119.24
CA SER W 445 45.41 34.58 120.04
C SER W 445 45.76 33.11 120.23
N ARG X 3 65.21 78.15 50.26
CA ARG X 3 66.37 77.67 50.99
C ARG X 3 66.81 76.32 50.46
N GLU X 4 68.10 76.00 50.61
CA GLU X 4 68.64 74.74 50.12
C GLU X 4 69.59 74.17 51.15
N ILE X 5 69.94 72.89 50.98
CA ILE X 5 70.90 72.21 51.86
C ILE X 5 71.83 71.36 51.01
N ILE X 6 73.13 71.59 51.15
CA ILE X 6 74.15 70.83 50.45
C ILE X 6 74.75 69.81 51.41
N THR X 7 74.74 68.55 51.01
CA THR X 7 75.23 67.47 51.85
C THR X 7 76.64 67.07 51.46
N LEU X 8 77.47 66.80 52.46
CA LEU X 8 78.85 66.38 52.27
C LEU X 8 79.05 64.99 52.85
N GLN X 9 79.70 64.12 52.09
CA GLN X 9 79.93 62.75 52.50
C GLN X 9 81.43 62.49 52.54
N LEU X 10 81.94 62.09 53.70
CA LEU X 10 83.36 61.89 53.90
C LEU X 10 83.62 60.46 54.37
N GLY X 11 84.71 59.88 53.88
CA GLY X 11 85.10 58.55 54.29
C GLY X 11 84.22 57.45 53.74
N GLN X 12 84.63 56.19 53.96
CA GLN X 12 83.85 55.07 53.45
C GLN X 12 82.47 55.03 54.08
N CYS X 13 82.39 55.34 55.37
CA CYS X 13 81.09 55.31 56.06
C CYS X 13 80.16 56.36 55.49
N GLY X 14 80.68 57.55 55.21
CA GLY X 14 79.83 58.60 54.70
C GLY X 14 79.22 58.27 53.35
N ASN X 15 80.05 57.83 52.41
CA ASN X 15 79.58 57.59 51.05
C ASN X 15 78.49 56.52 51.02
N GLN X 16 78.67 55.44 51.78
CA GLN X 16 77.69 54.37 51.75
C GLN X 16 76.38 54.81 52.39
N ILE X 17 76.43 55.27 53.64
CA ILE X 17 75.18 55.69 54.29
C ILE X 17 74.62 56.92 53.59
N GLY X 18 75.46 57.67 52.87
CA GLY X 18 74.92 58.73 52.03
C GLY X 18 74.28 58.18 50.78
N PHE X 19 74.92 57.20 50.15
CA PHE X 19 74.34 56.60 48.94
C PHE X 19 73.04 55.89 49.27
N GLU X 20 72.98 55.22 50.41
CA GLU X 20 71.71 54.61 50.82
C GLU X 20 70.69 55.65 51.21
N PHE X 21 71.15 56.83 51.63
CA PHE X 21 70.22 57.91 51.94
C PHE X 21 69.58 58.44 50.67
N TRP X 22 70.35 58.60 49.60
CA TRP X 22 69.79 59.11 48.36
C TRP X 22 68.91 58.06 47.67
N LYS X 23 69.27 56.79 47.81
CA LYS X 23 68.47 55.73 47.20
C LYS X 23 67.08 55.68 47.84
N GLN X 24 67.01 55.86 49.16
CA GLN X 24 65.73 55.86 49.84
C GLN X 24 64.91 57.09 49.48
N LEU X 25 65.57 58.23 49.29
CA LEU X 25 64.84 59.46 49.01
C LEU X 25 64.39 59.51 47.56
N CYS X 26 65.24 59.07 46.63
CA CYS X 26 64.86 59.04 45.22
C CYS X 26 63.66 58.14 44.98
N ALA X 27 63.47 57.13 45.82
CA ALA X 27 62.31 56.26 45.67
C ALA X 27 61.07 56.87 46.32
N GLU X 28 61.29 57.57 47.45
CA GLU X 28 60.18 58.27 48.15
C GLU X 28 59.51 59.19 47.14
N HIS X 29 60.32 59.92 46.37
CA HIS X 29 59.82 60.81 45.33
C HIS X 29 59.67 60.01 44.03
N GLY X 30 59.02 60.63 43.05
CA GLY X 30 58.85 59.96 41.78
C GLY X 30 60.02 60.18 40.84
N ILE X 31 61.23 59.84 41.29
CA ILE X 31 62.46 60.09 40.55
C ILE X 31 63.14 58.77 40.27
N SER X 32 63.26 58.42 38.99
CA SER X 32 63.90 57.18 38.60
C SER X 32 65.40 57.25 38.84
N PRO X 33 66.05 56.10 39.01
CA PRO X 33 67.49 56.09 39.27
C PRO X 33 68.34 56.82 38.24
N GLU X 34 67.83 57.02 37.02
CA GLU X 34 68.57 57.78 36.03
C GLU X 34 68.26 59.28 36.10
N GLY X 35 67.76 59.75 37.24
CA GLY X 35 67.49 61.17 37.47
C GLY X 35 66.46 61.73 36.50
N ILE X 36 65.44 60.94 36.17
CA ILE X 36 64.33 61.37 35.34
C ILE X 36 63.05 61.17 36.13
N VAL X 37 62.16 62.17 36.10
CA VAL X 37 60.92 62.05 36.85
C VAL X 37 60.00 61.06 36.15
N GLU X 38 59.46 60.13 36.92
CA GLU X 38 58.51 59.15 36.40
C GLU X 38 57.10 59.69 36.54
N GLU X 39 56.20 59.18 35.70
CA GLU X 39 54.83 59.67 35.69
C GLU X 39 54.08 59.28 36.97
N PHE X 40 53.90 57.98 37.19
CA PHE X 40 53.08 57.47 38.28
C PHE X 40 51.73 58.18 38.39
N THR X 45 53.53 67.18 44.70
CA THR X 45 53.03 67.85 45.89
C THR X 45 54.09 67.86 46.99
N ASP X 46 55.05 66.95 46.86
CA ASP X 46 56.17 66.82 47.84
C ASP X 46 57.29 67.81 47.47
N ARG X 47 57.71 68.65 48.43
CA ARG X 47 58.76 69.63 48.19
C ARG X 47 60.08 68.92 47.96
N LYS X 48 60.63 69.05 46.74
CA LYS X 48 61.87 68.40 46.39
C LYS X 48 62.94 69.39 45.94
N ASP X 49 62.72 70.68 46.14
CA ASP X 49 63.70 71.67 45.73
C ASP X 49 64.80 71.88 46.77
N VAL X 50 64.57 71.48 48.01
CA VAL X 50 65.58 71.69 49.05
C VAL X 50 66.79 70.81 48.81
N PHE X 51 66.57 69.55 48.46
CA PHE X 51 67.65 68.61 48.27
C PHE X 51 68.04 68.40 46.81
N PHE X 52 67.11 68.55 45.89
CA PHE X 52 67.37 68.30 44.48
C PHE X 52 67.38 69.61 43.71
N TYR X 53 68.27 69.69 42.73
CA TYR X 53 68.45 70.88 41.91
C TYR X 53 67.88 70.62 40.52
N GLN X 54 66.94 71.47 40.10
CA GLN X 54 66.30 71.29 38.80
C GLN X 54 67.24 71.62 37.64
N TYR X 60 66.23 66.48 37.57
CA TYR X 60 66.57 66.67 38.98
C TYR X 60 67.91 66.03 39.31
N ILE X 61 68.72 66.73 40.10
CA ILE X 61 70.06 66.27 40.47
C ILE X 61 70.27 66.51 41.97
N PRO X 62 70.78 65.53 42.71
CA PRO X 62 71.02 65.76 44.14
C PRO X 62 72.17 66.73 44.37
N ARG X 63 72.02 67.55 45.41
CA ARG X 63 73.06 68.49 45.80
C ARG X 63 74.04 67.78 46.74
N ALA X 64 74.87 66.93 46.14
CA ALA X 64 75.80 66.11 46.90
C ALA X 64 77.23 66.44 46.52
N VAL X 65 78.14 66.24 47.47
CA VAL X 65 79.58 66.43 47.26
C VAL X 65 80.27 65.21 47.86
N LEU X 66 80.57 64.23 47.02
CA LEU X 66 81.19 63.00 47.50
C LEU X 66 82.70 63.19 47.65
N LEU X 67 83.25 62.57 48.68
CA LEU X 67 84.69 62.63 48.92
C LEU X 67 85.22 61.30 49.45
N ARG X 72 88.29 54.95 46.07
CA ARG X 72 88.05 53.53 45.80
C ARG X 72 86.57 53.17 45.85
N VAL X 73 85.91 53.55 46.96
CA VAL X 73 84.48 53.28 47.10
C VAL X 73 83.68 54.03 46.05
N ILE X 74 84.24 55.12 45.51
CA ILE X 74 83.53 55.89 44.50
C ILE X 74 83.27 55.04 43.26
N HIS X 75 84.17 54.10 42.96
CA HIS X 75 84.00 53.27 41.77
C HIS X 75 82.80 52.35 41.92
N SER X 76 82.53 51.88 43.14
CA SER X 76 81.36 51.05 43.37
C SER X 76 80.08 51.84 43.08
N ILE X 77 80.10 53.14 43.31
CA ILE X 77 78.94 53.97 43.02
C ILE X 77 78.82 54.22 41.53
N LEU X 78 79.95 54.41 40.86
CA LEU X 78 79.93 54.68 39.42
C LEU X 78 79.54 53.47 38.60
N ASN X 79 79.75 52.26 39.11
CA ASN X 79 79.35 51.06 38.39
C ASN X 79 77.92 50.64 38.67
N SER X 80 77.34 51.11 39.78
CA SER X 80 75.98 50.77 40.12
C SER X 80 75.01 51.38 39.11
N PRO X 81 73.74 50.95 39.11
CA PRO X 81 72.75 51.57 38.22
C PRO X 81 72.50 53.03 38.51
N TYR X 82 73.05 53.60 39.60
CA TYR X 82 72.83 54.99 39.95
C TYR X 82 73.95 55.90 39.47
N ALA X 83 74.57 55.57 38.33
CA ALA X 83 75.67 56.39 37.84
C ALA X 83 75.18 57.71 37.24
N LYS X 84 73.90 57.77 36.87
CA LYS X 84 73.34 58.96 36.25
C LYS X 84 72.81 59.97 37.25
N LEU X 85 73.27 59.91 38.50
CA LEU X 85 72.70 60.73 39.56
C LEU X 85 73.67 61.77 40.09
N TYR X 86 74.80 61.98 39.43
CA TYR X 86 75.77 62.97 39.89
C TYR X 86 76.41 63.73 38.73
N GLY X 101 95.43 57.36 55.04
CA GLY X 101 95.85 56.36 56.00
C GLY X 101 94.78 56.10 57.06
N ASN X 102 95.20 55.71 58.26
CA ASN X 102 94.28 55.50 59.37
C ASN X 102 94.63 56.35 60.58
N ASN X 103 95.56 57.29 60.44
CA ASN X 103 95.89 58.23 61.51
C ASN X 103 95.13 59.52 61.30
N TRP X 104 94.64 60.11 62.40
CA TRP X 104 93.91 61.35 62.30
C TRP X 104 94.79 62.48 61.76
N ALA X 105 96.10 62.42 62.05
CA ALA X 105 97.00 63.44 61.55
C ALA X 105 97.12 63.38 60.03
N SER X 106 97.15 62.17 59.48
CA SER X 106 97.20 62.04 58.02
C SER X 106 95.92 62.59 57.38
N GLY X 107 94.79 62.41 58.05
CA GLY X 107 93.54 62.96 57.53
C GLY X 107 93.50 64.47 57.61
N PHE X 108 94.08 65.03 58.68
CA PHE X 108 94.11 66.49 58.80
C PHE X 108 95.14 67.10 57.87
N SER X 109 96.24 66.39 57.62
CA SER X 109 97.30 66.95 56.78
C SER X 109 96.88 67.01 55.32
N GLN X 110 96.31 65.92 54.81
CA GLN X 110 95.96 65.87 53.40
C GLN X 110 94.88 66.88 53.04
N GLY X 111 93.99 67.17 54.01
CA GLY X 111 92.90 68.13 53.80
C GLY X 111 93.41 69.53 53.52
N GLU X 112 94.56 69.89 54.09
CA GLU X 112 95.16 71.23 53.89
C GLU X 112 95.80 71.32 52.50
N LYS X 113 96.49 70.25 52.08
CA LYS X 113 97.17 70.21 50.76
C LYS X 113 96.18 70.61 49.66
N ILE X 114 95.11 69.83 49.49
CA ILE X 114 94.06 70.12 48.45
C ILE X 114 92.97 70.99 49.10
N HIS X 115 93.34 72.20 49.54
CA HIS X 115 92.38 73.13 50.19
C HIS X 115 91.42 73.71 49.14
N GLU X 116 91.91 74.67 48.33
CA GLU X 116 91.08 75.33 47.29
C GLU X 116 90.55 74.30 46.29
N ASP X 117 91.39 73.33 45.91
CA ASP X 117 91.01 72.27 44.93
C ASP X 117 89.65 71.66 45.28
N ILE X 118 89.47 71.23 46.53
CA ILE X 118 88.19 70.59 46.96
C ILE X 118 87.19 71.68 47.39
N PHE X 119 87.69 72.87 47.74
CA PHE X 119 86.79 73.97 48.17
C PHE X 119 86.08 74.58 46.96
N ASP X 120 86.83 74.81 45.88
CA ASP X 120 86.36 75.39 44.59
C ASP X 120 84.98 74.81 44.26
N ILE X 121 84.82 73.50 44.45
CA ILE X 121 83.52 72.82 44.17
C ILE X 121 82.46 73.38 45.12
N ILE X 122 82.81 73.52 46.40
CA ILE X 122 81.85 74.03 47.43
C ILE X 122 81.53 75.50 47.14
N ASP X 123 82.48 76.24 46.57
CA ASP X 123 82.28 77.68 46.26
C ASP X 123 81.29 77.85 45.11
N ARG X 124 81.51 77.13 44.00
CA ARG X 124 80.62 77.24 42.81
C ARG X 124 79.20 76.81 43.18
N GLU X 125 79.06 75.72 43.95
CA GLU X 125 77.72 75.23 44.38
C GLU X 125 77.05 76.29 45.26
N ALA X 126 77.82 76.87 46.19
CA ALA X 126 77.28 77.92 47.09
C ALA X 126 76.89 79.15 46.28
N ASP X 127 77.71 79.52 45.29
CA ASP X 127 77.42 80.71 44.45
C ASP X 127 76.34 80.36 43.42
N GLY X 128 76.01 79.07 43.28
CA GLY X 128 75.00 78.65 42.34
C GLY X 128 73.66 78.39 42.98
N SER X 129 73.65 78.14 44.29
CA SER X 129 72.42 77.91 45.01
C SER X 129 71.63 79.19 45.16
N ASP X 130 70.30 79.05 45.27
CA ASP X 130 69.43 80.21 45.38
C ASP X 130 69.72 80.99 46.66
N SER X 131 69.49 80.35 47.81
CA SER X 131 69.79 80.96 49.11
C SER X 131 70.17 79.83 50.07
N LEU X 132 71.47 79.60 50.20
CA LEU X 132 71.97 78.48 50.98
C LEU X 132 71.50 78.58 52.43
N GLU X 133 71.26 77.42 53.03
CA GLU X 133 70.80 77.36 54.41
C GLU X 133 71.73 76.56 55.31
N GLY X 134 72.22 75.41 54.86
CA GLY X 134 72.99 74.57 55.75
C GLY X 134 74.04 73.70 55.10
N PHE X 135 74.66 72.83 55.90
CA PHE X 135 75.71 71.91 55.40
C PHE X 135 75.62 70.57 56.13
N VAL X 136 74.74 69.68 55.66
CA VAL X 136 74.60 68.37 56.29
C VAL X 136 75.86 67.56 56.03
N LEU X 137 76.38 66.93 57.08
CA LEU X 137 77.64 66.20 57.02
C LEU X 137 77.42 64.77 57.51
N CYS X 138 77.83 63.80 56.71
CA CYS X 138 77.63 62.39 57.03
C CYS X 138 79.00 61.72 57.11
N HIS X 139 79.42 61.37 58.32
CA HIS X 139 80.74 60.80 58.52
C HIS X 139 80.77 60.04 59.83
N SER X 140 81.79 59.19 59.98
CA SER X 140 82.02 58.45 61.21
C SER X 140 83.32 58.92 61.85
N ILE X 141 83.31 59.05 63.18
CA ILE X 141 84.46 59.63 63.88
C ILE X 141 85.57 58.62 64.12
N ALA X 142 85.40 57.37 63.70
CA ALA X 142 86.44 56.37 63.89
C ALA X 142 87.48 56.45 62.78
N GLY X 144 89.14 56.24 58.95
CA GLY X 144 90.19 57.02 59.59
C GLY X 144 90.36 58.40 58.98
N THR X 145 90.31 58.47 57.64
CA THR X 145 90.47 59.76 56.97
C THR X 145 89.26 60.66 57.17
N GLY X 146 88.05 60.09 57.14
CA GLY X 146 86.87 60.89 57.40
C GLY X 146 86.89 61.51 58.79
N SER X 147 87.62 60.91 59.71
CA SER X 147 87.80 61.49 61.03
C SER X 147 88.63 62.76 60.95
N GLY X 148 89.76 62.71 60.23
CA GLY X 148 90.61 63.87 60.14
C GLY X 148 90.12 64.90 59.13
N LEU X 149 89.97 64.48 57.87
CA LEU X 149 89.46 65.38 56.85
C LEU X 149 88.11 65.97 57.25
N GLY X 150 87.33 65.23 58.04
CA GLY X 150 86.09 65.77 58.55
C GLY X 150 86.32 66.88 59.56
N SER X 151 87.29 66.69 60.45
CA SER X 151 87.59 67.73 61.44
C SER X 151 88.17 68.97 60.76
N TYR X 152 88.85 68.75 59.64
CA TYR X 152 89.49 69.86 58.88
C TYR X 152 88.41 70.76 58.26
N LEU X 153 87.47 70.17 57.54
CA LEU X 153 86.42 70.94 56.88
C LEU X 153 85.51 71.63 57.89
N LEU X 154 85.36 71.04 59.07
CA LEU X 154 84.47 71.63 60.07
C LEU X 154 85.02 72.95 60.58
N GLU X 155 86.34 73.11 60.59
CA GLU X 155 86.92 74.37 61.03
C GLU X 155 86.87 75.41 59.92
N ARG X 156 87.13 74.96 58.68
CA ARG X 156 87.15 75.87 57.50
C ARG X 156 85.76 76.43 57.21
N LEU X 157 84.72 75.59 57.38
CA LEU X 157 83.31 75.99 57.12
C LEU X 157 82.93 77.15 58.02
N ASN X 158 83.22 77.02 59.33
CA ASN X 158 82.90 78.10 60.31
C ASN X 158 83.73 79.34 59.97
N ASP X 159 84.99 79.13 59.58
CA ASP X 159 85.90 80.26 59.21
C ASP X 159 85.40 80.91 57.91
N ARG X 160 84.83 80.11 57.01
CA ARG X 160 84.30 80.63 55.71
C ARG X 160 82.94 81.30 55.96
N TYR X 161 81.85 80.55 55.79
CA TYR X 161 80.48 81.09 55.99
C TYR X 161 80.13 81.04 57.49
N PRO X 162 80.01 82.19 58.17
CA PRO X 162 79.68 82.21 59.60
C PRO X 162 78.17 82.21 59.85
N LYS X 163 77.38 82.25 58.77
CA LYS X 163 75.90 82.26 58.87
C LYS X 163 75.33 81.03 58.16
N LYS X 164 75.90 79.85 58.43
CA LYS X 164 75.41 78.60 57.77
C LYS X 164 75.44 77.44 58.79
N LEU X 165 74.26 76.90 59.12
CA LEU X 165 74.17 75.79 60.05
C LEU X 165 74.91 74.57 59.51
N VAL X 166 75.55 73.84 60.41
CA VAL X 166 76.30 72.64 60.06
C VAL X 166 75.78 71.51 60.94
N GLN X 167 74.91 70.69 60.38
CA GLN X 167 74.38 69.52 61.06
C GLN X 167 75.14 68.28 60.61
N THR X 168 75.60 67.49 61.58
CA THR X 168 76.49 66.37 61.29
C THR X 168 75.85 65.09 61.80
N TYR X 169 75.64 64.14 60.89
CA TYR X 169 75.13 62.82 61.25
C TYR X 169 76.29 61.87 61.60
N SER X 170 76.99 62.21 62.67
CA SER X 170 78.15 61.41 63.05
C SER X 170 77.73 60.01 63.49
N VAL X 171 78.65 59.07 63.40
CA VAL X 171 78.41 57.67 63.72
C VAL X 171 79.52 57.18 64.63
N PHE X 172 79.14 56.72 65.82
CA PHE X 172 80.17 56.29 66.76
C PHE X 172 80.53 54.82 66.54
N PRO X 173 81.78 54.44 66.83
CA PRO X 173 82.23 53.06 66.67
C PRO X 173 81.71 52.13 67.76
N VAL X 183 94.64 52.93 68.24
CA VAL X 183 94.64 54.33 67.84
C VAL X 183 93.21 54.82 67.68
N GLN X 184 92.26 53.91 67.85
CA GLN X 184 90.85 54.27 67.73
C GLN X 184 90.39 55.21 68.83
N PRO X 185 90.76 55.04 70.10
CA PRO X 185 90.34 56.02 71.12
C PRO X 185 90.85 57.43 70.85
N TYR X 186 92.05 57.56 70.30
CA TYR X 186 92.59 58.90 70.03
C TYR X 186 91.73 59.64 69.02
N ASN X 187 91.55 59.05 67.83
CA ASN X 187 90.84 59.73 66.76
C ASN X 187 89.39 59.97 67.11
N SER X 188 88.84 59.19 68.06
CA SER X 188 87.44 59.34 68.42
C SER X 188 87.21 60.64 69.18
N LEU X 189 88.15 60.99 70.08
CA LEU X 189 87.93 62.19 70.88
C LEU X 189 88.46 63.43 70.19
N LEU X 190 89.44 63.29 69.29
CA LEU X 190 89.96 64.46 68.59
C LEU X 190 88.88 65.17 67.82
N THR X 191 88.08 64.43 67.04
CA THR X 191 86.97 65.05 66.34
C THR X 191 85.93 65.54 67.32
N LEU X 192 85.81 64.90 68.48
CA LEU X 192 84.89 65.39 69.50
C LEU X 192 85.24 66.81 69.91
N LYS X 193 86.52 67.15 69.91
CA LYS X 193 86.91 68.54 70.20
C LYS X 193 86.35 69.50 69.16
N ARG X 194 86.38 69.10 67.89
CA ARG X 194 85.86 69.96 66.83
C ARG X 194 84.34 69.97 66.79
N LEU X 195 83.70 68.86 67.14
CA LEU X 195 82.26 68.76 67.09
C LEU X 195 81.57 69.49 68.24
N THR X 196 82.32 69.93 69.24
CA THR X 196 81.72 70.63 70.37
C THR X 196 81.77 72.13 70.27
N GLN X 197 82.42 72.69 69.25
CA GLN X 197 82.47 74.14 69.10
C GLN X 197 82.10 74.58 67.69
N ASN X 198 82.30 73.70 66.70
CA ASN X 198 82.02 74.05 65.31
C ASN X 198 80.60 73.66 64.91
N ALA X 199 80.26 72.38 65.04
CA ALA X 199 78.97 71.89 64.60
C ALA X 199 77.84 72.55 65.40
N ASP X 200 76.84 73.06 64.68
CA ASP X 200 75.70 73.70 65.35
C ASP X 200 74.64 72.70 65.79
N CYS X 201 74.71 71.47 65.33
CA CYS X 201 73.89 70.37 65.84
C CYS X 201 74.62 69.08 65.54
N LEU X 202 74.14 68.00 66.15
CA LEU X 202 74.82 66.73 65.96
C LEU X 202 73.90 65.60 66.40
N VAL X 203 73.68 64.66 65.49
CA VAL X 203 72.83 63.50 65.74
C VAL X 203 73.72 62.27 65.77
N VAL X 204 73.83 61.64 66.93
CA VAL X 204 74.70 60.48 67.07
C VAL X 204 73.94 59.23 66.68
N LEU X 205 74.66 58.31 66.03
CA LEU X 205 74.14 56.99 65.73
C LEU X 205 75.27 56.01 65.99
N ASP X 206 75.20 55.30 67.10
CA ASP X 206 76.30 54.44 67.55
C ASP X 206 76.12 53.02 67.05
N ASN X 207 77.19 52.45 66.49
CA ASN X 207 77.14 51.11 65.91
C ASN X 207 76.88 50.03 66.94
N THR X 208 77.21 50.28 68.21
CA THR X 208 76.96 49.28 69.25
C THR X 208 75.46 49.03 69.40
N ALA X 209 74.67 50.10 69.51
CA ALA X 209 73.22 49.94 69.55
C ALA X 209 72.70 49.46 68.20
N LEU X 210 73.47 49.65 67.13
CA LEU X 210 73.08 49.11 65.84
C LEU X 210 73.30 47.61 65.78
N ASN X 211 74.39 47.13 66.38
CA ASN X 211 74.66 45.70 66.39
C ASN X 211 73.66 44.97 67.29
N ARG X 212 73.32 45.56 68.43
CA ARG X 212 72.40 44.90 69.36
C ARG X 212 71.02 44.75 68.75
N ILE X 213 70.51 45.81 68.12
CA ILE X 213 69.19 45.74 67.49
C ILE X 213 69.24 44.80 66.29
N ALA X 214 70.39 44.73 65.62
CA ALA X 214 70.50 43.83 64.47
C ALA X 214 70.35 42.37 64.89
N THR X 215 71.04 41.96 65.95
CA THR X 215 70.98 40.56 66.36
C THR X 215 69.70 40.25 67.10
N ASP X 216 69.01 41.27 67.63
CA ASP X 216 67.85 41.01 68.48
C ASP X 216 66.62 40.68 67.63
N ARG X 217 66.21 41.60 66.76
CA ARG X 217 64.97 41.48 66.03
C ARG X 217 65.15 41.43 64.52
N LEU X 218 66.40 41.40 64.03
CA LEU X 218 66.68 41.26 62.61
C LEU X 218 67.48 40.01 62.26
N HIS X 219 68.19 39.42 63.22
CA HIS X 219 68.88 38.14 63.03
C HIS X 219 69.89 38.20 61.88
N ILE X 220 70.92 39.04 62.06
CA ILE X 220 71.97 39.14 61.07
C ILE X 220 73.11 38.16 61.31
N GLN X 221 73.20 37.57 62.50
CA GLN X 221 74.27 36.62 62.81
C GLN X 221 73.87 35.73 63.98
N SER X 224 77.35 42.59 59.35
CA SER X 224 77.20 42.89 57.93
C SER X 224 76.87 44.37 57.73
N PHE X 225 77.73 45.07 57.00
CA PHE X 225 77.58 46.51 56.84
C PHE X 225 76.35 46.85 56.01
N SER X 226 76.11 46.10 54.94
CA SER X 226 75.00 46.40 54.05
C SER X 226 73.63 46.16 54.68
N GLN X 227 73.57 45.56 55.86
CA GLN X 227 72.30 45.30 56.53
C GLN X 227 72.01 46.31 57.62
N ILE X 228 73.03 46.83 58.30
CA ILE X 228 72.80 47.88 59.28
C ILE X 228 72.52 49.20 58.59
N ASN X 229 73.06 49.42 57.39
CA ASN X 229 72.83 50.67 56.68
C ASN X 229 71.36 50.85 56.31
N GLN X 230 70.63 49.75 56.14
CA GLN X 230 69.20 49.86 55.86
C GLN X 230 68.46 50.44 57.05
N LEU X 231 69.05 50.36 58.24
CA LEU X 231 68.36 50.86 59.43
C LEU X 231 68.69 52.34 59.68
N VAL X 232 69.92 52.75 59.41
CA VAL X 232 70.29 54.15 59.64
C VAL X 232 69.62 55.04 58.60
N SER X 233 69.65 54.63 57.33
CA SER X 233 69.03 55.42 56.28
C SER X 233 67.53 55.56 56.50
N THR X 234 66.91 54.61 57.18
CA THR X 234 65.50 54.75 57.51
C THR X 234 65.29 55.89 58.50
N ILE X 235 66.30 56.15 59.34
CA ILE X 235 66.20 57.23 60.31
C ILE X 235 66.48 58.58 59.64
N MET X 236 67.49 58.63 58.78
CA MET X 236 67.85 59.88 58.11
C MET X 236 66.70 60.40 57.25
N SER X 237 66.18 59.54 56.38
CA SER X 237 65.05 59.95 55.54
C SER X 237 63.84 60.32 56.39
N ALA X 238 63.79 59.81 57.62
CA ALA X 238 62.71 60.20 58.52
C ALA X 238 63.06 61.41 59.37
N SER X 239 64.35 61.73 59.49
CA SER X 239 64.73 62.89 60.30
C SER X 239 64.30 64.20 59.64
N THR X 240 64.40 64.28 58.32
CA THR X 240 64.03 65.47 57.56
C THR X 240 62.72 65.28 56.81
N THR X 241 61.76 64.63 57.47
CA THR X 241 60.42 64.40 56.84
C THR X 241 59.64 65.71 56.85
N THR X 242 59.90 66.56 57.85
CA THR X 242 59.21 67.88 57.98
C THR X 242 59.57 68.78 56.79
N LEU X 243 60.84 68.75 56.36
CA LEU X 243 61.30 69.58 55.21
C LEU X 243 60.65 69.11 53.90
N ARG X 244 60.65 67.78 53.67
CA ARG X 244 60.12 67.17 52.43
C ARG X 244 58.64 67.53 52.24
N TYR X 245 57.80 67.23 53.23
CA TYR X 245 56.35 67.53 53.17
C TYR X 245 56.09 68.89 53.82
N PRO X 246 55.40 69.83 53.14
CA PRO X 246 55.14 71.15 53.73
C PRO X 246 54.28 71.01 54.99
N GLY X 247 54.62 71.75 56.05
CA GLY X 247 53.88 71.70 57.32
C GLY X 247 53.69 73.08 57.92
N TYR X 248 52.68 73.22 58.78
CA TYR X 248 52.40 74.53 59.45
C TYR X 248 53.67 75.03 60.13
N MET X 249 54.39 74.13 60.81
CA MET X 249 55.62 74.51 61.54
C MET X 249 56.80 73.60 61.15
N ASN X 250 58.01 73.99 61.55
CA ASN X 250 59.27 73.24 61.26
C ASN X 250 59.51 73.12 59.75
N ASN X 251 59.30 74.22 59.01
CA ASN X 251 59.50 74.23 57.54
C ASN X 251 60.93 74.66 57.21
N ASP X 252 61.73 74.95 58.25
CA ASP X 252 63.14 75.37 58.04
C ASP X 252 64.09 74.52 58.89
N LEU X 253 65.35 74.42 58.47
CA LEU X 253 66.37 73.60 59.20
C LEU X 253 66.68 74.24 60.56
N ILE X 254 66.46 75.56 60.69
CA ILE X 254 66.69 76.25 61.95
C ILE X 254 65.49 76.09 62.88
N GLY X 255 64.37 75.56 62.37
CA GLY X 255 63.23 75.30 63.23
C GLY X 255 63.37 74.00 64.01
N LEU X 256 63.97 72.97 63.40
CA LEU X 256 64.20 71.73 64.09
C LEU X 256 65.32 71.86 65.12
N ILE X 257 66.29 72.73 64.86
CA ILE X 257 67.47 72.83 65.72
C ILE X 257 67.16 73.66 66.95
N ALA X 258 66.71 74.90 66.76
CA ALA X 258 66.56 75.82 67.87
C ALA X 258 65.51 75.35 68.87
N SER X 259 64.64 74.43 68.49
CA SER X 259 63.64 73.93 69.43
C SER X 259 64.27 73.04 70.49
N LEU X 260 65.17 72.14 70.08
CA LEU X 260 65.74 71.18 71.01
C LEU X 260 66.92 71.77 71.78
N ILE X 261 67.89 72.33 71.07
CA ILE X 261 69.14 72.80 71.66
C ILE X 261 68.90 74.07 72.48
N PRO X 262 68.97 74.00 73.80
CA PRO X 262 68.74 75.20 74.61
C PRO X 262 69.97 76.09 74.71
N THR X 263 71.15 75.48 74.71
CA THR X 263 72.42 76.16 74.89
C THR X 263 73.45 75.59 73.92
N PRO X 264 74.21 76.44 73.23
CA PRO X 264 75.05 75.95 72.13
C PRO X 264 76.06 74.89 72.52
N ARG X 265 76.28 74.63 73.81
CA ARG X 265 77.17 73.54 74.19
C ARG X 265 76.47 72.19 74.18
N LEU X 266 75.19 72.17 74.54
CA LEU X 266 74.43 70.92 74.67
C LEU X 266 73.73 70.62 73.35
N HIS X 267 74.53 70.22 72.36
CA HIS X 267 74.04 69.99 71.01
C HIS X 267 74.29 68.57 70.53
N PHE X 268 73.92 67.59 71.35
CA PHE X 268 73.97 66.19 70.98
C PHE X 268 72.58 65.57 71.15
N LEU X 269 72.06 64.97 70.10
CA LEU X 269 70.72 64.41 70.13
C LEU X 269 70.77 62.92 69.79
N MET X 270 69.73 62.20 70.20
CA MET X 270 69.59 60.78 69.94
C MET X 270 68.27 60.51 69.24
N THR X 271 68.15 59.32 68.67
CA THR X 271 67.01 58.96 67.84
C THR X 271 66.28 57.75 68.41
N GLY X 272 64.99 57.67 68.09
CA GLY X 272 64.15 56.54 68.46
C GLY X 272 63.15 56.22 67.38
N TYR X 273 63.05 54.94 66.99
CA TYR X 273 62.24 54.54 65.84
C TYR X 273 61.64 53.17 66.14
N THR X 274 60.34 53.13 66.39
CA THR X 274 59.71 51.92 66.91
C THR X 274 59.40 50.84 65.87
N PRO X 275 58.59 51.10 64.82
CA PRO X 275 58.08 49.99 64.01
C PRO X 275 59.15 49.42 63.11
N LEU X 276 59.66 48.25 63.48
CA LEU X 276 60.73 47.59 62.73
C LEU X 276 60.24 46.28 62.11
N THR X 288 46.11 50.83 65.33
CA THR X 288 47.08 51.35 66.28
C THR X 288 46.88 52.85 66.49
N THR X 289 46.90 53.27 67.75
CA THR X 289 46.73 54.68 68.10
C THR X 289 48.08 55.30 68.45
N VAL X 290 48.07 56.64 68.52
CA VAL X 290 49.31 57.36 68.80
C VAL X 290 49.81 57.07 70.20
N LEU X 291 48.90 56.58 71.05
CA LEU X 291 49.26 56.22 72.45
C LEU X 291 50.26 55.06 72.42
N ASP X 292 50.05 54.09 71.52
CA ASP X 292 50.91 52.93 71.41
C ASP X 292 52.30 53.33 70.93
N VAL X 293 52.37 54.19 69.92
CA VAL X 293 53.66 54.63 69.39
C VAL X 293 54.38 55.49 70.41
N MET X 294 53.66 56.41 71.05
CA MET X 294 54.31 57.31 72.00
C MET X 294 54.84 56.57 73.21
N ARG X 295 54.24 55.42 73.56
CA ARG X 295 54.75 54.65 74.69
C ARG X 295 55.92 53.78 74.28
N ARG X 296 55.89 53.20 73.09
CA ARG X 296 56.97 52.33 72.64
C ARG X 296 58.26 53.10 72.36
N LEU X 297 58.17 54.41 72.12
CA LEU X 297 59.37 55.19 71.82
C LEU X 297 60.17 55.47 73.09
N LEU X 298 59.49 55.57 74.23
CA LEU X 298 60.19 55.80 75.48
C LEU X 298 60.80 54.54 76.08
N GLN X 299 60.67 53.40 75.41
CA GLN X 299 61.32 52.18 75.90
C GLN X 299 62.81 52.22 75.55
N PRO X 300 63.68 52.00 76.55
CA PRO X 300 65.13 51.97 76.27
C PRO X 300 65.55 50.84 75.34
N LYS X 301 64.66 49.89 75.03
CA LYS X 301 64.99 48.85 74.05
C LYS X 301 65.07 49.39 72.64
N ASN X 302 64.49 50.57 72.39
CA ASN X 302 64.48 51.17 71.06
C ASN X 302 65.43 52.34 70.91
N VAL X 303 65.77 53.04 71.99
CA VAL X 303 66.66 54.19 71.90
C VAL X 303 68.03 53.73 71.43
N MET X 304 68.53 54.34 70.36
CA MET X 304 69.79 53.94 69.75
C MET X 304 70.97 54.59 70.48
N VAL X 305 71.07 54.28 71.77
CA VAL X 305 72.17 54.75 72.61
C VAL X 305 72.51 53.65 73.61
N SER X 306 73.78 53.28 73.66
CA SER X 306 74.24 52.26 74.59
C SER X 306 74.19 52.78 76.03
N ASN X 314 70.74 63.14 88.52
CA ASN X 314 70.46 61.89 87.84
C ASN X 314 70.50 62.07 86.33
N HIS X 315 69.44 61.68 85.64
CA HIS X 315 69.35 61.81 84.20
C HIS X 315 67.92 62.14 83.80
N CYS X 316 67.79 63.01 82.81
CA CYS X 316 66.48 63.51 82.39
C CYS X 316 66.61 64.11 81.01
N TYR X 317 65.47 64.37 80.38
CA TYR X 317 65.40 64.96 79.06
C TYR X 317 65.44 66.47 79.15
N ILE X 318 65.74 67.11 78.03
CA ILE X 318 65.70 68.56 77.92
C ILE X 318 64.59 69.01 76.97
N ALA X 319 64.35 68.26 75.90
CA ALA X 319 63.24 68.50 74.99
C ALA X 319 63.14 67.31 74.04
N ILE X 320 61.91 66.91 73.73
CA ILE X 320 61.66 65.78 72.85
C ILE X 320 60.84 66.24 71.66
N LEU X 321 61.17 65.71 70.48
CA LEU X 321 60.39 65.93 69.27
C LEU X 321 59.95 64.58 68.73
N ASN X 322 58.65 64.40 68.58
CA ASN X 322 58.08 63.18 68.05
C ASN X 322 57.57 63.41 66.64
N ILE X 323 57.93 62.51 65.73
CA ILE X 323 57.53 62.58 64.33
C ILE X 323 56.63 61.40 64.04
N ILE X 324 55.39 61.67 63.68
CA ILE X 324 54.41 60.66 63.34
C ILE X 324 54.13 60.74 61.85
N GLN X 325 54.56 59.74 61.09
CA GLN X 325 54.46 59.74 59.65
C GLN X 325 53.25 58.99 59.13
N GLY X 326 52.19 58.85 59.93
CA GLY X 326 51.05 58.07 59.53
C GLY X 326 49.82 58.92 59.21
N GLU X 327 48.70 58.22 59.07
CA GLU X 327 47.39 58.82 58.84
C GLU X 327 46.57 58.88 60.11
N VAL X 328 47.23 59.10 61.25
CA VAL X 328 46.57 58.97 62.54
C VAL X 328 45.55 60.10 62.75
N ASP X 329 44.71 59.91 63.75
CA ASP X 329 43.62 60.83 64.03
C ASP X 329 44.19 62.10 64.66
N PRO X 330 43.91 63.29 64.11
CA PRO X 330 44.52 64.51 64.63
C PRO X 330 43.94 65.04 65.93
N THR X 331 42.85 64.48 66.46
CA THR X 331 42.33 64.98 67.71
C THR X 331 42.78 64.18 68.92
N GLN X 332 43.18 62.92 68.72
CA GLN X 332 43.60 62.07 69.82
C GLN X 332 45.03 62.35 70.27
N VAL X 333 45.74 63.24 69.60
CA VAL X 333 47.13 63.52 69.96
C VAL X 333 47.20 64.15 71.34
N HIS X 334 46.31 65.09 71.63
CA HIS X 334 46.32 65.72 72.95
C HIS X 334 45.92 64.73 74.03
N LYS X 335 45.12 63.72 73.68
CA LYS X 335 44.69 62.75 74.67
C LYS X 335 45.86 61.86 75.10
N SER X 336 46.75 61.53 74.15
CA SER X 336 47.90 60.71 74.49
C SER X 336 48.88 61.46 75.37
N LEU X 337 49.16 62.72 75.05
CA LEU X 337 50.06 63.52 75.88
C LEU X 337 49.52 63.65 77.30
N GLN X 338 48.20 63.69 77.45
CA GLN X 338 47.62 63.82 78.78
C GLN X 338 47.92 62.59 79.63
N ARG X 339 47.79 61.41 79.01
CA ARG X 339 48.06 60.12 79.70
C ARG X 339 49.55 60.02 80.04
N ILE X 340 50.41 60.62 79.20
CA ILE X 340 51.85 60.60 79.45
C ILE X 340 52.17 61.40 80.70
N ARG X 341 51.49 62.53 80.90
CA ARG X 341 51.75 63.36 82.07
C ARG X 341 51.30 62.68 83.34
N GLU X 342 50.25 61.86 83.27
CA GLU X 342 49.74 61.20 84.47
C GLU X 342 50.65 60.06 84.89
N ARG X 343 50.90 59.10 83.99
CA ARG X 343 51.75 57.97 84.32
C ARG X 343 53.19 58.37 84.59
N LYS X 344 53.63 59.53 84.10
CA LYS X 344 54.97 60.04 84.33
C LYS X 344 56.03 59.07 83.81
N LEU X 345 56.02 58.86 82.50
CA LEU X 345 56.99 57.99 81.85
C LEU X 345 58.29 58.70 81.50
N ALA X 346 58.32 60.04 81.54
CA ALA X 346 59.51 60.78 81.18
C ALA X 346 59.72 61.92 82.16
N ASN X 347 60.98 62.12 82.54
CA ASN X 347 61.37 63.20 83.44
C ASN X 347 62.27 64.18 82.70
N PHE X 348 62.14 65.46 83.06
CA PHE X 348 62.82 66.53 82.36
C PHE X 348 63.66 67.35 83.35
N ILE X 349 64.30 68.37 82.81
CA ILE X 349 65.15 69.28 83.58
C ILE X 349 64.31 70.02 84.60
N PRO X 350 64.86 70.32 85.77
CA PRO X 350 64.08 71.04 86.78
C PRO X 350 64.17 72.57 86.64
N TRP X 351 65.20 73.07 85.97
CA TRP X 351 65.43 74.51 85.95
C TRP X 351 64.51 75.23 84.96
N GLY X 352 64.59 74.89 83.68
CA GLY X 352 63.82 75.56 82.67
C GLY X 352 62.56 74.81 82.28
N PRO X 353 61.54 75.55 81.86
CA PRO X 353 60.29 74.90 81.44
C PRO X 353 60.48 74.16 80.12
N ALA X 354 60.41 72.84 80.16
CA ALA X 354 60.61 72.01 78.98
C ALA X 354 59.32 71.27 78.67
N SER X 355 59.03 71.12 77.39
CA SER X 355 57.83 70.44 76.92
C SER X 355 58.23 69.40 75.88
N ILE X 356 57.25 68.62 75.44
CA ILE X 356 57.44 67.62 74.40
C ILE X 356 56.64 68.05 73.17
N GLN X 357 57.23 67.91 72.00
CA GLN X 357 56.61 68.33 70.75
C GLN X 357 56.36 67.11 69.87
N VAL X 358 55.19 67.08 69.25
CA VAL X 358 54.81 66.02 68.34
C VAL X 358 54.28 66.64 67.06
N ALA X 359 54.77 66.14 65.92
CA ALA X 359 54.39 66.67 64.62
C ALA X 359 53.99 65.54 63.70
N LEU X 360 52.92 65.76 62.95
CA LEU X 360 52.42 64.80 61.98
C LEU X 360 53.03 65.08 60.62
N SER X 361 52.89 64.10 59.72
CA SER X 361 53.44 64.22 58.34
C SER X 361 52.68 63.27 57.41
N ARG X 362 52.78 63.49 56.09
CA ARG X 362 52.06 62.66 55.09
C ARG X 362 53.05 61.75 54.33
N LYS X 363 52.82 60.44 54.39
CA LYS X 363 53.69 59.45 53.69
C LYS X 363 53.50 59.62 52.18
N SER X 364 54.59 59.47 51.41
CA SER X 364 54.53 59.60 49.93
C SER X 364 53.62 58.51 49.36
N PRO X 365 52.75 58.82 48.37
CA PRO X 365 51.84 57.82 47.80
C PRO X 365 52.61 56.68 47.10
N TYR X 366 53.69 57.03 46.39
CA TYR X 366 54.52 56.04 45.67
C TYR X 366 55.13 55.05 46.67
N LEU X 367 55.60 55.57 47.80
CA LEU X 367 56.20 54.72 48.86
C LEU X 367 55.25 53.58 49.22
N ARG X 372 49.49 51.64 57.48
CA ARG X 372 50.85 51.75 57.99
C ARG X 372 51.01 53.02 58.82
N VAL X 373 51.62 52.90 60.00
CA VAL X 373 51.90 54.03 60.86
C VAL X 373 53.30 53.87 61.43
N SER X 374 54.13 54.90 61.29
CA SER X 374 55.48 54.89 61.81
C SER X 374 55.63 55.98 62.85
N GLY X 375 56.85 56.14 63.37
CA GLY X 375 57.11 57.17 64.36
C GLY X 375 58.57 57.32 64.69
N LEU X 376 59.05 58.56 64.77
CA LEU X 376 60.44 58.83 65.15
C LEU X 376 60.46 59.84 66.29
N MET X 377 61.50 59.73 67.11
CA MET X 377 61.66 60.58 68.28
C MET X 377 63.03 61.24 68.24
N MET X 378 63.03 62.56 68.32
CA MET X 378 64.25 63.36 68.44
C MET X 378 64.26 64.03 69.80
N ALA X 379 65.24 63.70 70.63
CA ALA X 379 65.31 64.22 71.99
C ALA X 379 66.74 64.55 72.36
N ASN X 380 66.87 65.44 73.34
CA ASN X 380 68.17 65.93 73.83
C ASN X 380 68.33 65.42 75.25
N HIS X 381 68.89 64.22 75.39
CA HIS X 381 68.98 63.53 76.66
C HIS X 381 70.36 63.73 77.29
N THR X 382 70.37 64.02 78.58
CA THR X 382 71.61 64.21 79.31
C THR X 382 72.41 62.92 79.47
N SER X 383 71.79 61.76 79.24
CA SER X 383 72.51 60.50 79.36
C SER X 383 73.58 60.36 78.29
N ILE X 384 73.60 61.24 77.29
CA ILE X 384 74.59 61.13 76.23
C ILE X 384 75.98 61.40 76.77
N SER X 385 76.09 62.00 77.96
CA SER X 385 77.40 62.23 78.55
C SER X 385 78.09 60.91 78.87
N SER X 386 77.32 59.85 79.13
CA SER X 386 77.92 58.56 79.45
C SER X 386 78.79 58.06 78.33
N LEU X 387 78.36 58.27 77.08
CA LEU X 387 79.15 57.82 75.94
C LEU X 387 80.51 58.50 75.90
N PHE X 388 80.57 59.75 76.33
CA PHE X 388 81.82 60.50 76.26
C PHE X 388 82.82 59.98 77.28
N GLU X 389 82.34 59.61 78.48
CA GLU X 389 83.24 59.08 79.49
C GLU X 389 83.91 57.80 79.02
N ARG X 390 83.18 56.97 78.27
CA ARG X 390 83.75 55.76 77.72
C ARG X 390 84.91 56.08 76.77
N THR X 391 84.72 57.08 75.93
CA THR X 391 85.81 57.52 75.05
C THR X 391 86.90 58.21 75.85
N CYS X 392 86.50 59.00 76.86
CA CYS X 392 87.48 59.71 77.67
C CYS X 392 88.32 58.76 78.50
N ARG X 393 87.67 57.78 79.15
CA ARG X 393 88.38 56.88 80.04
C ARG X 393 89.38 56.02 79.27
N GLN X 394 89.00 55.55 78.09
CA GLN X 394 89.91 54.71 77.31
C GLN X 394 91.15 55.48 76.87
N TYR X 395 91.03 56.80 76.71
CA TYR X 395 92.18 57.60 76.30
C TYR X 395 93.25 57.62 77.38
N ASP X 396 92.85 57.89 78.63
CA ASP X 396 93.83 57.98 79.71
C ASP X 396 94.56 56.66 79.91
N LYS X 397 93.87 55.54 79.68
CA LYS X 397 94.51 54.24 79.77
C LYS X 397 95.55 54.08 78.66
N LEU X 398 95.32 54.67 77.49
CA LEU X 398 96.28 54.64 76.40
C LEU X 398 97.38 55.68 76.57
N ARG X 399 97.12 56.76 77.31
CA ARG X 399 98.12 57.80 77.50
C ARG X 399 99.26 57.34 78.41
N LYS X 400 99.04 56.30 79.21
CA LYS X 400 100.08 55.75 80.07
C LYS X 400 100.69 54.48 79.47
N ARG X 401 100.18 54.05 78.32
CA ARG X 401 100.69 52.86 77.65
C ARG X 401 101.37 53.15 76.31
N GLU X 402 101.34 54.39 75.83
CA GLU X 402 101.93 54.76 74.55
C GLU X 402 101.33 53.95 73.40
N ASP X 416 105.36 66.43 66.97
CA ASP X 416 106.56 67.07 67.51
C ASP X 416 106.40 67.37 69.01
N ASN X 417 105.26 67.96 69.38
CA ASN X 417 105.01 68.34 70.76
C ASN X 417 103.92 67.54 71.43
N PHE X 418 102.97 66.98 70.67
CA PHE X 418 101.88 66.18 71.20
C PHE X 418 101.01 66.97 72.18
N ASP X 419 100.92 68.28 71.98
CA ASP X 419 100.11 69.12 72.85
C ASP X 419 98.70 69.34 72.33
N GLU X 420 98.42 68.96 71.08
CA GLU X 420 97.07 69.12 70.55
C GLU X 420 96.09 68.16 71.22
N MET X 421 96.60 67.04 71.75
CA MET X 421 95.70 66.04 72.31
C MET X 421 95.13 66.49 73.64
N ASP X 422 95.98 66.94 74.56
CA ASP X 422 95.51 67.31 75.89
C ASP X 422 94.58 68.52 75.83
N THR X 423 94.81 69.43 74.89
CA THR X 423 93.86 70.52 74.67
C THR X 423 92.49 69.96 74.29
N SER X 424 92.47 68.98 73.40
CA SER X 424 91.21 68.30 73.08
C SER X 424 90.68 67.56 74.29
N ARG X 425 91.56 66.89 75.03
CA ARG X 425 91.16 66.21 76.25
C ARG X 425 90.61 67.20 77.27
N GLU X 426 91.14 68.41 77.29
CA GLU X 426 90.67 69.40 78.25
C GLU X 426 89.26 69.89 77.90
N ILE X 427 89.02 70.17 76.62
CA ILE X 427 87.75 70.78 76.24
C ILE X 427 86.61 69.76 76.31
N VAL X 428 86.90 68.48 76.07
CA VAL X 428 85.82 67.50 76.14
C VAL X 428 85.40 67.27 77.58
N GLN X 429 86.33 67.38 78.53
CA GLN X 429 85.96 67.24 79.93
C GLN X 429 85.04 68.37 80.37
N GLN X 430 85.18 69.54 79.75
CA GLN X 430 84.30 70.66 80.09
C GLN X 430 82.86 70.36 79.72
N LEU X 431 82.66 69.73 78.56
CA LEU X 431 81.30 69.36 78.14
C LEU X 431 80.69 68.34 79.09
N ILE X 432 81.49 67.35 79.51
CA ILE X 432 80.96 66.32 80.41
C ILE X 432 80.51 66.94 81.71
N ASP X 433 81.33 67.81 82.31
CA ASP X 433 80.90 68.51 83.51
C ASP X 433 79.73 69.45 83.20
N GLU X 434 79.69 69.99 81.98
CA GLU X 434 78.55 70.81 81.58
C GLU X 434 77.26 70.01 81.58
N TYR X 435 77.33 68.74 81.17
CA TYR X 435 76.14 67.90 81.19
C TYR X 435 75.72 67.55 82.60
N HIS X 436 76.68 67.08 83.42
CA HIS X 436 76.32 66.66 84.77
C HIS X 436 75.81 67.82 85.62
N ALA X 437 76.22 69.05 85.29
CA ALA X 437 75.67 70.22 85.97
C ALA X 437 74.35 70.67 85.38
N ALA X 438 73.96 70.11 84.24
CA ALA X 438 72.68 70.52 83.64
C ALA X 438 71.50 69.85 84.33
N THR X 439 71.72 68.72 84.99
CA THR X 439 70.65 68.00 85.67
C THR X 439 70.48 68.42 87.12
N ARG X 440 70.99 69.60 87.50
CA ARG X 440 70.84 70.11 88.84
C ARG X 440 69.83 71.25 88.85
N PRO X 441 69.09 71.43 89.96
CA PRO X 441 68.10 72.52 90.01
C PRO X 441 68.71 73.91 89.92
N ASP X 442 70.03 74.05 89.91
CA ASP X 442 70.65 75.36 89.79
C ASP X 442 71.73 75.33 88.72
N TYR X 443 71.39 74.81 87.53
CA TYR X 443 72.36 74.74 86.44
C TYR X 443 72.84 76.13 86.03
N ILE X 444 71.98 77.15 86.19
CA ILE X 444 72.38 78.50 85.82
C ILE X 444 73.58 78.93 86.63
N SER X 445 74.63 79.35 85.94
CA SER X 445 75.90 79.74 86.56
C SER X 445 76.46 78.63 87.44
N ARG Y 3 70.28 89.97 2.72
CA ARG Y 3 71.63 89.89 3.27
C ARG Y 3 72.10 88.45 3.34
N GLU Y 4 73.41 88.25 3.19
CA GLU Y 4 74.00 86.92 3.23
C GLU Y 4 75.23 86.92 4.12
N ILE Y 5 75.63 85.74 4.56
CA ILE Y 5 76.78 85.56 5.44
C ILE Y 5 77.65 84.43 4.88
N ILE Y 6 78.88 84.78 4.51
CA ILE Y 6 79.83 83.82 3.97
C ILE Y 6 80.64 83.24 5.12
N THR Y 7 80.77 81.92 5.14
CA THR Y 7 81.50 81.23 6.20
C THR Y 7 82.85 80.76 5.67
N LEU Y 8 83.83 80.76 6.55
CA LEU Y 8 85.18 80.28 6.24
C LEU Y 8 85.54 79.18 7.22
N GLN Y 9 86.32 78.21 6.77
CA GLN Y 9 86.72 77.09 7.61
C GLN Y 9 88.23 76.90 7.47
N LEU Y 10 88.96 77.10 8.55
CA LEU Y 10 90.40 77.08 8.53
C LEU Y 10 90.92 75.97 9.44
N GLY Y 11 92.01 75.34 9.01
CA GLY Y 11 92.63 74.30 9.81
C GLY Y 11 91.81 73.04 9.93
N GLN Y 12 92.32 72.06 10.69
CA GLN Y 12 91.61 70.80 10.85
C GLN Y 12 90.31 70.99 11.62
N CYS Y 13 90.33 71.86 12.64
CA CYS Y 13 89.14 72.07 13.45
C CYS Y 13 88.05 72.78 12.68
N GLY Y 14 88.41 73.86 11.97
CA GLY Y 14 87.40 74.61 11.24
C GLY Y 14 86.67 73.76 10.21
N ASN Y 15 87.40 72.92 9.50
CA ASN Y 15 86.78 72.06 8.50
C ASN Y 15 85.84 71.06 9.16
N GLN Y 16 86.26 70.47 10.29
CA GLN Y 16 85.45 69.46 10.94
C GLN Y 16 84.19 70.05 11.55
N ILE Y 17 84.34 71.11 12.35
CA ILE Y 17 83.16 71.69 12.99
C ILE Y 17 82.30 72.42 11.97
N GLY Y 18 82.89 72.89 10.88
CA GLY Y 18 82.11 73.49 9.82
C GLY Y 18 81.36 72.44 9.02
N PHE Y 19 82.01 71.31 8.72
CA PHE Y 19 81.34 70.23 8.03
C PHE Y 19 80.20 69.67 8.87
N GLU Y 20 80.40 69.56 10.18
CA GLU Y 20 79.32 69.12 11.05
C GLU Y 20 78.26 70.21 11.22
N PHE Y 21 78.65 71.48 11.08
CA PHE Y 21 77.66 72.55 11.12
C PHE Y 21 76.76 72.50 9.90
N TRP Y 22 77.31 72.14 8.74
CA TRP Y 22 76.51 72.12 7.52
C TRP Y 22 75.63 70.87 7.45
N LYS Y 23 76.14 69.74 7.92
CA LYS Y 23 75.30 68.54 8.02
C LYS Y 23 74.07 68.82 8.88
N GLN Y 24 74.29 69.35 10.09
CA GLN Y 24 73.17 69.66 10.97
C GLN Y 24 72.27 70.71 10.34
N LEU Y 25 72.84 71.66 9.60
CA LEU Y 25 72.01 72.71 9.01
C LEU Y 25 71.29 72.21 7.77
N CYS Y 26 71.87 71.24 7.06
CA CYS Y 26 71.14 70.62 5.96
C CYS Y 26 70.01 69.75 6.46
N ALA Y 27 70.25 68.95 7.51
CA ALA Y 27 69.19 68.10 8.03
C ALA Y 27 68.10 68.92 8.72
N GLU Y 28 68.49 70.02 9.36
CA GLU Y 28 67.50 70.92 9.95
C GLU Y 28 66.56 71.46 8.88
N HIS Y 29 67.06 71.68 7.67
CA HIS Y 29 66.23 72.07 6.55
C HIS Y 29 65.85 70.83 5.74
N GLY Y 30 65.12 71.05 4.64
CA GLY Y 30 64.76 69.98 3.74
C GLY Y 30 65.71 69.86 2.57
N ILE Y 31 66.97 69.53 2.84
CA ILE Y 31 68.00 69.49 1.81
C ILE Y 31 68.66 68.13 1.85
N SER Y 32 68.55 67.38 0.75
CA SER Y 32 69.16 66.08 0.63
C SER Y 32 70.68 66.21 0.59
N PRO Y 33 71.40 65.15 0.99
CA PRO Y 33 72.87 65.18 0.91
C PRO Y 33 73.40 65.51 -0.47
N GLU Y 34 72.60 65.27 -1.50
CA GLU Y 34 72.96 65.63 -2.87
C GLU Y 34 72.70 67.09 -3.18
N GLY Y 35 72.51 67.91 -2.13
CA GLY Y 35 72.26 69.35 -2.28
C GLY Y 35 71.02 69.62 -3.13
N ILE Y 36 70.05 68.71 -3.10
CA ILE Y 36 68.80 68.85 -3.84
C ILE Y 36 67.66 68.91 -2.83
N VAL Y 37 66.69 69.78 -3.09
CA VAL Y 37 65.59 69.96 -2.15
C VAL Y 37 64.62 68.79 -2.27
N GLU Y 38 64.28 68.18 -1.15
CA GLU Y 38 63.30 67.11 -1.11
C GLU Y 38 61.92 67.69 -0.92
N GLU Y 39 60.90 66.87 -1.22
CA GLU Y 39 59.53 67.34 -1.13
C GLU Y 39 59.09 67.51 0.33
N PHE Y 40 59.05 66.41 1.08
CA PHE Y 40 58.64 66.41 2.48
C PHE Y 40 57.34 67.17 2.72
N THR Y 45 58.81 77.87 4.36
CA THR Y 45 58.64 78.82 5.46
C THR Y 45 59.98 79.24 6.03
N ASP Y 46 60.88 78.28 6.21
CA ASP Y 46 62.19 78.59 6.77
C ASP Y 46 63.04 79.34 5.75
N ARG Y 47 63.31 80.61 6.04
CA ARG Y 47 64.15 81.44 5.18
C ARG Y 47 65.56 80.88 5.15
N LYS Y 48 65.98 80.35 4.01
CA LYS Y 48 67.28 79.72 3.86
C LYS Y 48 68.16 80.41 2.82
N ASP Y 49 67.82 81.63 2.43
CA ASP Y 49 68.63 82.33 1.44
C ASP Y 49 69.90 82.91 2.04
N VAL Y 50 69.95 83.07 3.37
CA VAL Y 50 71.11 83.69 4.00
C VAL Y 50 72.31 82.76 3.94
N PHE Y 51 72.11 81.48 4.27
CA PHE Y 51 73.21 80.54 4.36
C PHE Y 51 73.31 79.60 3.18
N PHE Y 52 72.33 79.60 2.28
CA PHE Y 52 72.35 78.75 1.09
C PHE Y 52 72.12 79.59 -0.15
N TYR Y 53 72.79 79.21 -1.23
CA TYR Y 53 72.73 79.94 -2.49
C TYR Y 53 72.04 79.08 -3.54
N GLN Y 54 71.11 79.69 -4.28
CA GLN Y 54 70.37 78.99 -5.32
C GLN Y 54 71.17 78.91 -6.61
N TYR Y 60 70.67 73.79 -4.16
CA TYR Y 60 71.16 74.85 -3.27
C TYR Y 60 72.64 74.65 -2.95
N ILE Y 61 73.38 75.76 -2.88
CA ILE Y 61 74.83 75.70 -2.69
C ILE Y 61 75.21 76.44 -1.40
N PRO Y 62 75.98 75.81 -0.52
CA PRO Y 62 76.47 76.51 0.66
C PRO Y 62 77.51 77.56 0.29
N ARG Y 63 77.52 78.66 1.04
CA ARG Y 63 78.48 79.74 0.82
C ARG Y 63 79.71 79.52 1.70
N ALA Y 64 80.39 78.41 1.44
CA ALA Y 64 81.55 78.01 2.22
C ALA Y 64 82.81 78.28 1.43
N VAL Y 65 83.92 78.48 2.14
CA VAL Y 65 85.24 78.63 1.55
C VAL Y 65 86.18 77.76 2.37
N LEU Y 66 86.34 76.51 1.97
CA LEU Y 66 87.18 75.58 2.71
C LEU Y 66 88.64 75.85 2.43
N LEU Y 67 89.48 75.66 3.43
CA LEU Y 67 90.91 75.90 3.28
C LEU Y 67 91.74 74.83 3.97
N ARG Y 72 94.41 67.32 3.22
CA ARG Y 72 94.12 65.95 3.62
C ARG Y 72 92.68 65.78 4.08
N VAL Y 73 92.25 66.65 5.00
CA VAL Y 73 90.90 66.57 5.52
C VAL Y 73 89.87 66.84 4.43
N ILE Y 74 90.24 67.63 3.42
CA ILE Y 74 89.31 67.93 2.34
C ILE Y 74 88.97 66.66 1.55
N HIS Y 75 89.95 65.75 1.43
CA HIS Y 75 89.69 64.51 0.70
C HIS Y 75 88.65 63.65 1.41
N SER Y 76 88.79 63.49 2.73
CA SER Y 76 87.81 62.71 3.48
C SER Y 76 86.43 63.34 3.42
N ILE Y 77 86.38 64.66 3.24
CA ILE Y 77 85.10 65.33 3.00
C ILE Y 77 84.58 64.99 1.61
N LEU Y 78 85.47 64.95 0.62
CA LEU Y 78 85.05 64.66 -0.74
C LEU Y 78 84.69 63.19 -0.94
N ASN Y 79 85.26 62.29 -0.14
CA ASN Y 79 84.85 60.89 -0.17
C ASN Y 79 83.58 60.64 0.62
N SER Y 80 83.06 61.65 1.32
CA SER Y 80 81.86 61.50 2.11
C SER Y 80 80.63 61.51 1.21
N PRO Y 81 79.47 61.07 1.73
CA PRO Y 81 78.23 61.21 0.97
C PRO Y 81 77.81 62.65 0.70
N TYR Y 82 78.54 63.63 1.22
CA TYR Y 82 78.23 65.04 1.00
C TYR Y 82 79.20 65.70 0.02
N ALA Y 83 79.75 64.93 -0.92
CA ALA Y 83 80.67 65.50 -1.90
C ALA Y 83 79.99 66.49 -2.83
N LYS Y 84 78.69 66.34 -3.08
CA LYS Y 84 77.96 67.22 -3.97
C LYS Y 84 77.47 68.49 -3.30
N LEU Y 85 78.05 68.86 -2.16
CA LEU Y 85 77.60 70.02 -1.40
C LEU Y 85 78.52 71.23 -1.56
N TYR Y 86 79.40 71.23 -2.56
CA TYR Y 86 80.27 72.39 -2.78
C TYR Y 86 80.51 72.63 -4.27
N GLY Y 101 103.33 73.38 8.83
CA GLY Y 101 103.94 72.86 10.06
C GLY Y 101 103.04 73.02 11.27
N ASN Y 102 103.49 73.77 12.27
CA ASN Y 102 102.73 74.01 13.50
C ASN Y 102 103.09 75.32 14.19
N ASN Y 103 103.76 76.23 13.50
CA ASN Y 103 104.10 77.54 14.05
C ASN Y 103 103.10 78.58 13.56
N TRP Y 104 103.09 79.72 14.25
CA TRP Y 104 102.23 80.82 13.82
C TRP Y 104 102.88 81.61 12.68
N ALA Y 105 104.20 81.76 12.73
CA ALA Y 105 104.90 82.45 11.64
C ALA Y 105 104.85 81.64 10.36
N SER Y 106 104.96 80.32 10.46
CA SER Y 106 104.85 79.47 9.27
C SER Y 106 103.45 79.56 8.67
N GLY Y 107 102.45 79.73 9.55
CA GLY Y 107 101.05 79.84 9.12
C GLY Y 107 100.75 81.24 8.59
N PHE Y 108 101.57 82.23 8.97
CA PHE Y 108 101.36 83.60 8.51
C PHE Y 108 102.00 83.82 7.15
N SER Y 109 103.20 83.27 6.93
CA SER Y 109 103.92 83.53 5.70
C SER Y 109 103.25 82.86 4.50
N GLN Y 110 102.88 81.58 4.65
CA GLN Y 110 102.29 80.86 3.53
C GLN Y 110 101.00 81.50 3.06
N GLY Y 111 100.27 82.17 3.97
CA GLY Y 111 99.12 82.94 3.54
C GLY Y 111 99.48 84.17 2.73
N GLU Y 112 100.68 84.71 2.97
CA GLU Y 112 101.12 85.88 2.21
C GLU Y 112 101.48 85.50 0.78
N LYS Y 113 102.00 84.29 0.57
CA LYS Y 113 102.41 83.90 -0.78
C LYS Y 113 101.21 83.49 -1.63
N ILE Y 114 100.09 83.16 -1.01
CA ILE Y 114 98.88 82.82 -1.75
C ILE Y 114 97.82 83.86 -1.45
N HIS Y 115 98.25 85.09 -1.15
CA HIS Y 115 97.35 86.19 -0.85
C HIS Y 115 96.32 86.38 -1.96
N GLU Y 116 96.79 86.49 -3.20
CA GLU Y 116 95.89 86.74 -4.31
C GLU Y 116 95.01 85.53 -4.60
N ASP Y 117 95.52 84.33 -4.33
CA ASP Y 117 94.83 83.11 -4.73
C ASP Y 117 93.46 83.00 -4.06
N ILE Y 118 93.44 82.93 -2.73
CA ILE Y 118 92.20 82.59 -2.04
C ILE Y 118 91.18 83.73 -2.10
N PHE Y 119 91.64 84.97 -2.29
CA PHE Y 119 90.70 86.08 -2.35
C PHE Y 119 89.86 86.06 -3.63
N ASP Y 120 90.40 85.54 -4.73
CA ASP Y 120 89.59 85.44 -5.94
C ASP Y 120 88.34 84.61 -5.69
N ILE Y 121 88.46 83.59 -4.83
CA ILE Y 121 87.29 82.81 -4.45
C ILE Y 121 86.34 83.67 -3.63
N ILE Y 122 86.88 84.52 -2.77
CA ILE Y 122 86.03 85.36 -1.93
C ILE Y 122 85.50 86.55 -2.72
N ASP Y 123 86.33 87.12 -3.59
CA ASP Y 123 85.89 88.29 -4.35
C ASP Y 123 84.75 87.95 -5.28
N ARG Y 124 84.75 86.76 -5.88
CA ARG Y 124 83.64 86.38 -6.74
C ARG Y 124 82.40 86.03 -5.93
N GLU Y 125 82.60 85.46 -4.74
CA GLU Y 125 81.45 85.11 -3.90
C GLU Y 125 80.83 86.35 -3.28
N ALA Y 126 81.63 87.37 -3.00
CA ALA Y 126 81.11 88.61 -2.44
C ALA Y 126 80.30 89.38 -3.48
N ASP Y 127 80.88 89.62 -4.65
CA ASP Y 127 80.17 90.33 -5.71
C ASP Y 127 79.05 89.47 -6.31
N GLY Y 128 79.20 88.15 -6.32
CA GLY Y 128 78.11 87.30 -6.72
C GLY Y 128 76.98 87.28 -5.71
N SER Y 129 77.24 87.75 -4.50
CA SER Y 129 76.22 87.84 -3.47
C SER Y 129 75.41 89.12 -3.64
N ASP Y 130 74.14 89.04 -3.22
CA ASP Y 130 73.24 90.18 -3.37
C ASP Y 130 73.72 91.36 -2.53
N SER Y 131 73.75 91.19 -1.21
CA SER Y 131 74.21 92.25 -0.30
C SER Y 131 74.90 91.57 0.89
N LEU Y 132 76.22 91.56 0.87
CA LEU Y 132 76.98 90.87 1.90
C LEU Y 132 76.81 91.56 3.24
N GLU Y 133 76.83 90.77 4.31
CA GLU Y 133 76.68 91.28 5.66
C GLU Y 133 77.89 90.99 6.54
N GLY Y 134 78.38 89.75 6.54
CA GLY Y 134 79.45 89.41 7.45
C GLY Y 134 80.31 88.24 7.03
N PHE Y 135 81.22 87.83 7.91
CA PHE Y 135 82.16 86.74 7.64
C PHE Y 135 82.26 85.87 8.90
N VAL Y 136 81.61 84.72 8.87
CA VAL Y 136 81.76 83.77 9.96
C VAL Y 136 83.05 83.00 9.78
N LEU Y 137 83.85 82.92 10.85
CA LEU Y 137 85.11 82.20 10.83
C LEU Y 137 85.07 81.10 11.88
N CYS Y 138 85.35 79.87 11.46
CA CYS Y 138 85.44 78.74 12.35
C CYS Y 138 86.87 78.24 12.33
N HIS Y 139 87.58 78.38 13.45
CA HIS Y 139 88.98 78.01 13.50
C HIS Y 139 89.39 77.76 14.94
N SER Y 140 90.47 77.02 15.12
CA SER Y 140 91.04 76.75 16.43
C SER Y 140 92.33 77.53 16.60
N ILE Y 141 92.46 78.25 17.71
CA ILE Y 141 93.61 79.12 17.92
C ILE Y 141 94.81 78.39 18.51
N ALA Y 142 94.75 77.07 18.63
CA ALA Y 142 95.89 76.32 19.15
C ALA Y 142 96.75 75.78 18.02
N GLY Y 144 99.11 74.22 13.80
CA GLY Y 144 99.03 75.67 14.08
C GLY Y 144 98.99 76.49 12.80
N THR Y 145 99.03 75.82 11.64
CA THR Y 145 99.01 76.51 10.33
C THR Y 145 97.67 77.26 10.18
N GLY Y 146 96.57 76.63 10.60
CA GLY Y 146 95.24 77.26 10.50
C GLY Y 146 95.15 78.53 11.34
N SER Y 147 95.69 78.49 12.56
CA SER Y 147 95.66 79.68 13.45
C SER Y 147 96.46 80.81 12.80
N GLY Y 148 97.64 80.49 12.26
CA GLY Y 148 98.49 81.49 11.58
C GLY Y 148 97.81 82.06 10.35
N LEU Y 149 97.18 81.19 9.56
CA LEU Y 149 96.47 81.62 8.32
C LEU Y 149 95.31 82.52 8.72
N GLY Y 150 94.59 82.16 9.79
CA GLY Y 150 93.45 82.96 10.28
C GLY Y 150 93.88 84.38 10.64
N SER Y 151 94.95 84.52 11.41
CA SER Y 151 95.44 85.84 11.81
C SER Y 151 95.77 86.69 10.60
N TYR Y 152 96.31 86.07 9.55
CA TYR Y 152 96.61 86.79 8.33
C TYR Y 152 95.35 87.28 7.66
N LEU Y 153 94.36 86.39 7.50
CA LEU Y 153 93.15 86.74 6.76
C LEU Y 153 92.32 87.76 7.53
N LEU Y 154 92.37 87.72 8.86
CA LEU Y 154 91.58 88.65 9.66
C LEU Y 154 92.03 90.09 9.43
N GLU Y 155 93.32 90.28 9.17
CA GLU Y 155 93.82 91.63 8.94
C GLU Y 155 93.46 92.13 7.55
N ARG Y 156 93.62 91.28 6.53
CA ARG Y 156 93.35 91.71 5.17
C ARG Y 156 91.88 92.05 4.96
N LEU Y 157 90.97 91.33 5.61
CA LEU Y 157 89.56 91.66 5.48
C LEU Y 157 89.27 93.06 6.00
N ASN Y 158 90.03 93.51 7.01
CA ASN Y 158 89.91 94.90 7.43
C ASN Y 158 90.44 95.86 6.38
N ASP Y 159 91.42 95.43 5.59
CA ASP Y 159 91.95 96.31 4.54
C ASP Y 159 90.93 96.50 3.43
N ARG Y 160 90.45 95.41 2.85
CA ARG Y 160 89.57 95.49 1.69
C ARG Y 160 88.17 95.94 2.08
N TYR Y 161 87.48 95.16 2.90
CA TYR Y 161 86.10 95.45 3.25
C TYR Y 161 86.04 96.14 4.59
N PRO Y 162 85.72 97.42 4.65
CA PRO Y 162 85.66 98.10 5.95
C PRO Y 162 84.30 98.00 6.61
N LYS Y 163 83.26 97.69 5.85
CA LYS Y 163 81.88 97.76 6.33
C LYS Y 163 81.24 96.37 6.47
N LYS Y 164 82.04 95.34 6.75
CA LYS Y 164 81.53 93.97 6.89
C LYS Y 164 81.93 93.43 8.26
N LEU Y 165 80.94 92.95 9.01
CA LEU Y 165 81.22 92.34 10.30
C LEU Y 165 82.01 91.06 10.12
N VAL Y 166 82.84 90.73 11.11
CA VAL Y 166 83.62 89.50 11.13
C VAL Y 166 83.43 88.85 12.49
N GLN Y 167 82.59 87.82 12.54
CA GLN Y 167 82.37 87.05 13.74
C GLN Y 167 83.14 85.74 13.67
N THR Y 168 83.80 85.37 14.76
CA THR Y 168 84.71 84.24 14.76
C THR Y 168 84.29 83.24 15.83
N TYR Y 169 84.04 82.00 15.42
CA TYR Y 169 83.68 80.95 16.36
C TYR Y 169 84.94 80.20 16.82
N SER Y 170 85.85 80.97 17.41
CA SER Y 170 87.14 80.44 17.80
C SER Y 170 87.00 79.33 18.84
N VAL Y 171 88.01 78.46 18.89
CA VAL Y 171 88.05 77.33 19.81
C VAL Y 171 89.39 77.32 20.52
N PHE Y 172 89.36 77.35 21.86
CA PHE Y 172 90.56 77.38 22.69
C PHE Y 172 91.06 75.97 22.97
N PRO Y 173 92.34 75.80 23.32
CA PRO Y 173 92.86 74.46 23.62
C PRO Y 173 92.41 73.95 24.99
N VAL Y 183 104.39 74.85 22.63
CA VAL Y 183 104.35 76.06 21.81
C VAL Y 183 102.91 76.52 21.64
N GLN Y 184 102.00 75.78 22.25
CA GLN Y 184 100.60 76.21 22.24
C GLN Y 184 100.38 77.55 22.92
N PRO Y 185 101.04 77.89 24.02
CA PRO Y 185 100.84 79.25 24.58
C PRO Y 185 101.26 80.36 23.63
N TYR Y 186 102.35 80.17 22.87
CA TYR Y 186 102.77 81.20 21.93
C TYR Y 186 101.68 81.51 20.92
N ASN Y 187 101.24 80.48 20.19
CA ASN Y 187 100.29 80.68 19.10
C ASN Y 187 98.97 81.24 19.61
N SER Y 188 98.59 80.87 20.83
CA SER Y 188 97.29 81.29 21.35
C SER Y 188 97.25 82.79 21.60
N LEU Y 189 98.35 83.36 22.11
CA LEU Y 189 98.33 84.78 22.43
C LEU Y 189 98.53 85.63 21.19
N LEU Y 190 99.28 85.14 20.20
CA LEU Y 190 99.49 85.92 18.99
C LEU Y 190 98.18 86.16 18.26
N THR Y 191 97.39 85.11 18.05
CA THR Y 191 96.10 85.28 17.41
C THR Y 191 95.17 86.13 18.27
N LEU Y 192 95.40 86.14 19.58
CA LEU Y 192 94.62 87.00 20.45
C LEU Y 192 94.89 88.47 20.16
N LYS Y 193 96.11 88.79 19.74
CA LYS Y 193 96.43 90.17 19.40
C LYS Y 193 95.60 90.65 18.22
N ARG Y 194 95.29 89.75 17.29
CA ARG Y 194 94.46 90.12 16.15
C ARG Y 194 92.97 90.04 16.49
N LEU Y 195 92.57 89.07 17.29
CA LEU Y 195 91.16 88.91 17.63
C LEU Y 195 90.63 90.02 18.53
N THR Y 196 91.50 90.84 19.10
CA THR Y 196 91.04 91.90 19.97
C THR Y 196 90.83 93.22 19.26
N GLN Y 197 91.28 93.35 18.01
CA GLN Y 197 91.17 94.62 17.31
C GLN Y 197 90.69 94.43 15.87
N ASN Y 198 90.64 93.19 15.40
CA ASN Y 198 90.17 92.92 14.04
C ASN Y 198 88.76 92.33 14.04
N ALA Y 199 88.58 91.20 14.72
CA ALA Y 199 87.30 90.50 14.70
C ALA Y 199 86.24 91.33 15.42
N ASP Y 200 85.13 91.56 14.75
CA ASP Y 200 84.07 92.42 15.29
C ASP Y 200 83.29 91.77 16.42
N CYS Y 201 83.29 90.45 16.50
CA CYS Y 201 82.66 89.73 17.61
C CYS Y 201 83.39 88.42 17.77
N LEU Y 202 83.12 87.72 18.87
CA LEU Y 202 83.85 86.49 19.12
C LEU Y 202 83.09 85.65 20.12
N VAL Y 203 82.98 84.36 19.82
CA VAL Y 203 82.28 83.40 20.68
C VAL Y 203 83.28 82.33 21.07
N VAL Y 204 83.54 82.22 22.35
CA VAL Y 204 84.61 81.35 22.84
C VAL Y 204 84.06 79.96 23.09
N LEU Y 205 84.83 78.94 22.72
CA LEU Y 205 84.48 77.55 22.97
C LEU Y 205 85.77 76.81 23.29
N ASP Y 206 86.00 76.53 24.57
CA ASP Y 206 87.22 75.89 25.01
C ASP Y 206 87.03 74.38 25.17
N ASN Y 207 88.03 73.62 24.73
CA ASN Y 207 87.95 72.16 24.78
C ASN Y 207 87.91 71.61 26.20
N THR Y 208 88.50 72.31 27.16
CA THR Y 208 88.54 71.80 28.53
C THR Y 208 87.15 71.75 29.14
N ALA Y 209 86.29 72.69 28.75
CA ALA Y 209 84.91 72.66 29.23
C ALA Y 209 84.06 71.66 28.46
N LEU Y 210 84.36 71.48 27.17
CA LEU Y 210 83.59 70.52 26.38
C LEU Y 210 83.99 69.09 26.70
N ASN Y 211 85.29 68.84 26.90
CA ASN Y 211 85.75 67.50 27.22
C ASN Y 211 85.20 67.03 28.55
N ARG Y 212 85.13 67.93 29.55
CA ARG Y 212 84.58 67.55 30.84
C ARG Y 212 83.11 67.17 30.72
N ILE Y 213 82.38 67.82 29.80
CA ILE Y 213 80.97 67.50 29.63
C ILE Y 213 80.80 66.11 29.02
N ALA Y 214 81.65 65.77 28.04
CA ALA Y 214 81.54 64.47 27.40
C ALA Y 214 81.80 63.34 28.37
N THR Y 215 82.72 63.53 29.32
CA THR Y 215 82.96 62.49 30.31
C THR Y 215 81.93 62.53 31.43
N ASP Y 216 81.30 63.68 31.66
CA ASP Y 216 80.37 63.80 32.77
C ASP Y 216 78.98 63.28 32.39
N ARG Y 217 78.39 63.84 31.33
CA ARG Y 217 77.03 63.50 30.95
C ARG Y 217 76.94 62.67 29.68
N LEU Y 218 78.06 62.31 29.05
CA LEU Y 218 78.06 61.44 27.90
C LEU Y 218 78.90 60.18 28.07
N HIS Y 219 79.91 60.21 28.94
CA HIS Y 219 80.70 59.03 29.30
C HIS Y 219 81.37 58.41 28.07
N ILE Y 220 82.28 59.20 27.48
CA ILE Y 220 83.03 58.72 26.33
C ILE Y 220 84.25 57.89 26.72
N GLN Y 221 84.60 57.84 28.00
CA GLN Y 221 85.74 57.07 28.45
C GLN Y 221 85.61 56.70 29.93
N SER Y 224 86.28 61.45 21.97
CA SER Y 224 86.75 61.52 20.60
C SER Y 224 86.39 62.86 19.95
N PHE Y 225 87.16 63.27 18.96
CA PHE Y 225 86.92 64.55 18.30
C PHE Y 225 85.57 64.56 17.62
N SER Y 226 85.21 63.48 16.94
CA SER Y 226 83.91 63.41 16.30
C SER Y 226 82.75 63.34 17.28
N GLN Y 227 83.04 63.19 18.57
CA GLN Y 227 81.99 63.13 19.59
C GLN Y 227 81.70 64.48 20.22
N ILE Y 228 82.74 65.23 20.59
CA ILE Y 228 82.53 66.54 21.18
C ILE Y 228 82.03 67.53 20.12
N ASN Y 229 82.37 67.30 18.85
CA ASN Y 229 81.90 68.18 17.79
C ASN Y 229 80.39 68.11 17.65
N GLN Y 230 79.77 67.03 18.13
CA GLN Y 230 78.32 66.97 18.16
C GLN Y 230 77.74 68.11 18.99
N LEU Y 231 78.39 68.42 20.11
CA LEU Y 231 77.92 69.51 20.95
C LEU Y 231 78.25 70.87 20.34
N VAL Y 232 79.42 71.00 19.72
CA VAL Y 232 79.80 72.25 19.09
C VAL Y 232 78.84 72.58 17.95
N SER Y 233 78.44 71.55 17.20
CA SER Y 233 77.50 71.76 16.10
C SER Y 233 76.14 72.22 16.61
N THR Y 234 75.71 71.71 17.76
CA THR Y 234 74.40 72.10 18.29
C THR Y 234 74.40 73.56 18.75
N ILE Y 235 75.53 74.02 19.30
CA ILE Y 235 75.60 75.42 19.73
C ILE Y 235 75.69 76.35 18.53
N MET Y 236 76.48 75.97 17.52
CA MET Y 236 76.60 76.80 16.33
C MET Y 236 75.28 76.86 15.58
N SER Y 237 74.66 75.71 15.35
CA SER Y 237 73.36 75.69 14.66
C SER Y 237 72.31 76.48 15.43
N ALA Y 238 72.38 76.45 16.77
CA ALA Y 238 71.42 77.17 17.58
C ALA Y 238 71.72 78.66 17.65
N SER Y 239 72.97 79.06 17.41
CA SER Y 239 73.34 80.46 17.53
C SER Y 239 72.63 81.31 16.50
N THR Y 240 72.53 80.82 15.26
CA THR Y 240 71.90 81.55 14.16
C THR Y 240 70.48 81.08 13.90
N THR Y 241 69.74 80.72 14.95
CA THR Y 241 68.39 80.22 14.76
C THR Y 241 67.44 81.34 14.39
N THR Y 242 67.55 82.49 15.06
CA THR Y 242 66.64 83.59 14.76
C THR Y 242 66.92 84.23 13.41
N LEU Y 243 67.99 83.82 12.72
CA LEU Y 243 68.26 84.35 11.38
C LEU Y 243 67.52 83.56 10.31
N ARG Y 244 67.39 82.24 10.49
CA ARG Y 244 66.79 81.41 9.47
C ARG Y 244 65.28 81.32 9.59
N TYR Y 245 64.74 81.38 10.81
CA TYR Y 245 63.30 81.41 11.02
C TYR Y 245 62.89 82.83 11.38
N PRO Y 246 62.36 83.61 10.44
CA PRO Y 246 62.14 85.04 10.71
C PRO Y 246 61.05 85.27 11.75
N GLY Y 247 61.27 86.27 12.59
CA GLY Y 247 60.30 86.67 13.57
C GLY Y 247 60.10 88.17 13.56
N TYR Y 248 59.50 88.73 14.61
CA TYR Y 248 59.30 90.17 14.66
C TYR Y 248 60.60 90.92 14.86
N MET Y 249 61.59 90.27 15.49
CA MET Y 249 62.87 90.90 15.78
C MET Y 249 64.00 89.98 15.36
N ASN Y 250 65.22 90.52 15.41
CA ASN Y 250 66.45 89.75 15.19
C ASN Y 250 66.45 89.09 13.81
N ASN Y 251 66.32 89.93 12.79
CA ASN Y 251 66.36 89.47 11.40
C ASN Y 251 67.68 89.77 10.73
N ASP Y 252 68.73 90.06 11.50
CA ASP Y 252 70.03 90.39 10.94
C ASP Y 252 71.09 90.16 12.01
N LEU Y 253 72.30 89.85 11.56
CA LEU Y 253 73.36 89.45 12.48
C LEU Y 253 73.72 90.56 13.44
N ILE Y 254 73.62 91.81 13.01
CA ILE Y 254 73.95 92.92 13.89
C ILE Y 254 72.89 93.10 14.97
N GLY Y 255 71.68 92.59 14.73
CA GLY Y 255 70.62 92.73 15.72
C GLY Y 255 70.90 91.95 16.99
N LEU Y 256 71.61 90.83 16.88
CA LEU Y 256 71.94 90.04 18.06
C LEU Y 256 73.15 90.63 18.78
N ILE Y 257 74.07 91.23 18.04
CA ILE Y 257 75.34 91.65 18.60
C ILE Y 257 75.23 93.06 19.19
N ALA Y 258 74.38 93.90 18.60
CA ALA Y 258 74.28 95.28 19.04
C ALA Y 258 73.80 95.41 20.48
N SER Y 259 73.20 94.36 21.04
CA SER Y 259 72.69 94.47 22.40
C SER Y 259 73.73 94.03 23.43
N LEU Y 260 74.49 92.99 23.11
CA LEU Y 260 75.42 92.42 24.09
C LEU Y 260 76.67 93.26 24.22
N ILE Y 261 77.41 93.44 23.13
CA ILE Y 261 78.71 94.11 23.14
C ILE Y 261 78.54 95.60 23.42
N PRO Y 262 78.92 96.09 24.60
CA PRO Y 262 78.68 97.50 24.91
C PRO Y 262 79.67 98.46 24.26
N THR Y 263 80.94 98.07 24.20
CA THR Y 263 81.98 98.86 23.56
C THR Y 263 82.82 97.96 22.68
N PRO Y 264 83.43 98.50 21.62
CA PRO Y 264 84.17 97.64 20.67
C PRO Y 264 85.28 96.83 21.31
N ARG Y 265 85.75 97.18 22.51
CA ARG Y 265 86.79 96.40 23.14
C ARG Y 265 86.27 95.12 23.77
N LEU Y 266 85.13 95.19 24.45
CA LEU Y 266 84.58 94.05 25.19
C LEU Y 266 83.69 93.22 24.25
N HIS Y 267 84.35 92.52 23.33
CA HIS Y 267 83.64 91.76 22.30
C HIS Y 267 83.94 90.27 22.42
N PHE Y 268 83.83 89.73 23.64
CA PHE Y 268 83.99 88.30 23.87
C PHE Y 268 82.72 87.77 24.53
N LEU Y 269 82.26 86.61 24.07
CA LEU Y 269 81.02 86.02 24.58
C LEU Y 269 81.24 84.56 24.96
N MET Y 270 80.37 84.07 25.84
CA MET Y 270 80.36 82.68 26.25
C MET Y 270 78.95 82.11 26.09
N THR Y 271 78.85 80.79 26.08
CA THR Y 271 77.62 80.11 25.72
C THR Y 271 77.13 79.22 26.86
N GLY Y 272 75.86 78.81 26.76
CA GLY Y 272 75.27 77.88 27.70
C GLY Y 272 74.12 77.10 27.08
N TYR Y 273 74.15 75.77 27.20
CA TYR Y 273 73.17 74.90 26.53
C TYR Y 273 72.66 73.89 27.55
N THR Y 274 71.38 74.00 27.93
CA THR Y 274 70.89 73.25 29.07
C THR Y 274 70.48 71.79 28.81
N PRO Y 275 69.65 71.46 27.80
CA PRO Y 275 69.16 70.08 27.72
C PRO Y 275 70.20 69.17 27.11
N LEU Y 276 70.84 68.35 27.95
CA LEU Y 276 71.92 67.48 27.51
C LEU Y 276 71.60 66.02 27.73
N THR Y 288 57.84 71.34 29.53
CA THR Y 288 58.84 72.07 30.29
C THR Y 288 58.59 73.57 30.21
N THR Y 289 58.41 74.22 31.35
CA THR Y 289 58.11 75.63 31.40
C THR Y 289 59.34 76.45 31.07
N VAL Y 290 59.11 77.72 30.72
CA VAL Y 290 60.22 78.60 30.38
C VAL Y 290 60.99 79.00 31.63
N LEU Y 291 60.33 79.03 32.79
CA LEU Y 291 61.03 79.35 34.02
C LEU Y 291 62.07 78.29 34.36
N ASP Y 292 61.82 77.06 33.93
CA ASP Y 292 62.78 75.99 34.20
C ASP Y 292 64.03 76.16 33.36
N VAL Y 293 63.89 76.57 32.10
CA VAL Y 293 65.03 76.68 31.21
C VAL Y 293 65.92 77.84 31.63
N MET Y 294 65.31 78.96 32.03
CA MET Y 294 66.11 80.09 32.48
C MET Y 294 66.92 79.76 33.72
N ARG Y 295 66.32 79.04 34.67
CA ARG Y 295 67.04 78.76 35.91
C ARG Y 295 68.16 77.76 35.71
N ARG Y 296 68.02 76.87 34.72
CA ARG Y 296 69.07 75.89 34.45
C ARG Y 296 70.22 76.48 33.64
N LEU Y 297 69.98 77.58 32.94
CA LEU Y 297 71.06 78.20 32.16
C LEU Y 297 71.98 79.01 33.06
N LEU Y 298 71.43 79.61 34.10
CA LEU Y 298 72.21 80.44 35.02
C LEU Y 298 73.00 79.62 36.04
N GLN Y 299 73.01 78.30 35.92
CA GLN Y 299 73.83 77.50 36.81
C GLN Y 299 75.24 77.34 36.23
N PRO Y 300 76.27 77.30 37.08
CA PRO Y 300 77.64 77.18 36.56
C PRO Y 300 77.95 75.85 35.92
N LYS Y 301 77.17 74.80 36.18
CA LYS Y 301 77.48 73.49 35.65
C LYS Y 301 77.29 73.39 34.15
N ASN Y 302 76.52 74.30 33.55
CA ASN Y 302 76.19 74.22 32.13
C ASN Y 302 77.06 75.10 31.24
N VAL Y 303 77.68 76.15 31.78
CA VAL Y 303 78.42 77.07 30.93
C VAL Y 303 79.64 76.38 30.35
N MET Y 304 80.00 76.75 29.12
CA MET Y 304 81.16 76.17 28.43
C MET Y 304 82.40 77.03 28.65
N VAL Y 305 82.70 77.29 29.91
CA VAL Y 305 83.84 78.09 30.30
C VAL Y 305 84.40 77.52 31.60
N SER Y 306 85.70 77.27 31.62
CA SER Y 306 86.35 76.77 32.82
C SER Y 306 86.44 77.85 33.89
N ASN Y 314 85.52 91.22 42.17
CA ASN Y 314 84.51 90.23 41.82
C ASN Y 314 84.27 90.21 40.32
N HIS Y 315 83.09 89.76 39.93
CA HIS Y 315 82.71 89.70 38.51
C HIS Y 315 81.20 89.86 38.41
N CYS Y 316 80.74 90.27 37.23
CA CYS Y 316 79.33 90.53 37.02
C CYS Y 316 79.03 90.45 35.52
N TYR Y 317 77.74 90.28 35.21
CA TYR Y 317 77.26 90.17 33.85
C TYR Y 317 77.08 91.54 33.22
N ILE Y 318 77.25 91.59 31.90
CA ILE Y 318 77.06 92.81 31.13
C ILE Y 318 75.79 92.77 30.30
N ALA Y 319 75.47 91.61 29.70
CA ALA Y 319 74.24 91.44 28.95
C ALA Y 319 74.04 89.96 28.68
N ILE Y 320 72.78 89.53 28.66
CA ILE Y 320 72.43 88.13 28.47
C ILE Y 320 71.39 88.02 27.37
N LEU Y 321 71.53 86.99 26.53
CA LEU Y 321 70.56 86.67 25.49
C LEU Y 321 70.19 85.20 25.60
N ASN Y 322 68.89 84.92 25.65
CA ASN Y 322 68.37 83.57 25.80
C ASN Y 322 67.62 83.17 24.54
N ILE Y 323 67.93 81.98 24.03
CA ILE Y 323 67.27 81.43 22.86
C ILE Y 323 66.49 80.20 23.30
N ILE Y 324 65.17 80.29 23.29
CA ILE Y 324 64.28 79.18 23.62
C ILE Y 324 63.71 78.67 22.30
N GLN Y 325 64.06 77.45 21.92
CA GLN Y 325 63.72 76.93 20.61
C GLN Y 325 62.51 76.01 20.61
N GLY Y 326 61.79 75.89 21.72
CA GLY Y 326 60.72 74.93 21.82
C GLY Y 326 59.40 75.44 21.32
N GLU Y 327 58.36 74.62 21.55
CA GLU Y 327 56.98 74.99 21.30
C GLU Y 327 56.32 75.56 22.55
N VAL Y 328 57.09 76.25 23.40
CA VAL Y 328 56.60 76.71 24.68
C VAL Y 328 55.47 77.72 24.48
N ASP Y 329 54.73 77.95 25.55
CA ASP Y 329 53.64 78.92 25.51
C ASP Y 329 54.25 80.31 25.50
N PRO Y 330 54.06 81.10 24.44
CA PRO Y 330 54.67 82.42 24.37
C PRO Y 330 53.99 83.50 25.19
N THR Y 331 52.95 83.17 25.96
CA THR Y 331 52.33 84.14 26.82
C THR Y 331 52.94 84.19 28.22
N GLN Y 332 53.53 83.10 28.68
CA GLN Y 332 54.15 83.05 29.99
C GLN Y 332 55.62 83.46 29.96
N VAL Y 333 56.14 83.87 28.81
CA VAL Y 333 57.54 84.25 28.74
C VAL Y 333 57.77 85.58 29.45
N HIS Y 334 56.80 86.49 29.36
CA HIS Y 334 56.96 87.77 30.03
C HIS Y 334 56.76 87.63 31.54
N LYS Y 335 56.02 86.61 31.97
CA LYS Y 335 55.88 86.35 33.39
C LYS Y 335 57.22 85.95 34.01
N SER Y 336 57.93 85.02 33.36
CA SER Y 336 59.13 84.46 33.97
C SER Y 336 60.19 85.53 34.20
N LEU Y 337 60.30 86.49 33.28
CA LEU Y 337 61.27 87.56 33.46
C LEU Y 337 60.90 88.47 34.62
N GLN Y 338 59.65 88.43 35.06
CA GLN Y 338 59.27 89.20 36.24
C GLN Y 338 59.78 88.54 37.52
N ARG Y 339 59.80 87.21 37.54
CA ARG Y 339 60.17 86.50 38.76
C ARG Y 339 61.66 86.23 38.85
N ILE Y 340 62.33 85.99 37.72
CA ILE Y 340 63.77 85.81 37.75
C ILE Y 340 64.46 87.05 38.30
N ARG Y 341 63.88 88.23 38.05
CA ARG Y 341 64.45 89.46 38.59
C ARG Y 341 64.36 89.49 40.11
N GLU Y 342 63.34 88.85 40.68
CA GLU Y 342 63.10 88.97 42.11
C GLU Y 342 64.11 88.14 42.91
N ARG Y 343 64.38 86.92 42.44
CA ARG Y 343 65.36 86.09 43.13
C ARG Y 343 66.78 86.61 43.00
N LYS Y 344 67.06 87.47 42.02
CA LYS Y 344 68.38 88.07 41.82
C LYS Y 344 69.44 86.98 41.59
N LEU Y 345 69.19 86.15 40.58
CA LEU Y 345 70.10 85.06 40.27
C LEU Y 345 71.38 85.51 39.57
N ALA Y 346 71.44 86.75 39.08
CA ALA Y 346 72.62 87.24 38.40
C ALA Y 346 72.88 88.68 38.81
N ASN Y 347 74.16 89.01 38.99
CA ASN Y 347 74.59 90.34 39.35
C ASN Y 347 75.08 91.10 38.13
N PHE Y 348 74.63 92.34 37.99
CA PHE Y 348 74.85 93.10 36.78
C PHE Y 348 75.75 94.31 37.07
N ILE Y 349 76.17 94.95 35.98
CA ILE Y 349 77.10 96.08 36.01
C ILE Y 349 76.48 97.24 36.78
N PRO Y 350 77.26 97.98 37.57
CA PRO Y 350 76.71 99.11 38.32
C PRO Y 350 76.73 100.42 37.56
N TRP Y 351 77.60 100.55 36.53
CA TRP Y 351 77.74 101.85 35.87
C TRP Y 351 76.58 102.14 34.93
N GLY Y 352 76.33 101.25 33.98
CA GLY Y 352 75.28 101.45 33.02
C GLY Y 352 74.17 100.44 33.17
N PRO Y 353 73.03 100.72 32.57
CA PRO Y 353 71.89 99.79 32.69
C PRO Y 353 72.08 98.56 31.83
N ALA Y 354 71.69 97.40 32.37
CA ALA Y 354 71.75 96.13 31.65
C ALA Y 354 70.55 95.30 32.02
N SER Y 355 70.16 94.39 31.14
CA SER Y 355 69.01 93.53 31.35
C SER Y 355 69.26 92.17 30.73
N ILE Y 356 68.25 91.32 30.78
CA ILE Y 356 68.31 89.97 30.22
C ILE Y 356 67.31 89.88 29.07
N GLN Y 357 67.69 89.16 28.02
CA GLN Y 357 66.90 89.08 26.80
C GLN Y 357 66.52 87.64 26.51
N VAL Y 358 65.25 87.42 26.20
CA VAL Y 358 64.73 86.11 25.83
C VAL Y 358 64.10 86.20 24.45
N ALA Y 359 64.48 85.28 23.58
CA ALA Y 359 63.97 85.25 22.21
C ALA Y 359 63.56 83.83 21.86
N LEU Y 360 62.36 83.70 21.31
CA LEU Y 360 61.82 82.41 20.93
C LEU Y 360 62.10 82.13 19.46
N SER Y 361 61.82 80.89 19.06
CA SER Y 361 61.96 80.46 17.68
C SER Y 361 61.16 79.18 17.51
N ARG Y 362 61.37 78.50 16.38
CA ARG Y 362 60.68 77.25 16.11
C ARG Y 362 61.68 76.18 15.70
N LYS Y 363 61.54 75.01 16.31
CA LYS Y 363 62.40 73.90 15.94
C LYS Y 363 62.05 73.40 14.54
N SER Y 364 62.98 72.69 13.94
CA SER Y 364 62.78 72.15 12.60
C SER Y 364 61.81 70.99 12.66
N PRO Y 365 60.65 71.07 12.00
CA PRO Y 365 59.70 69.94 12.06
C PRO Y 365 60.21 68.69 11.38
N TYR Y 366 61.09 68.83 10.37
CA TYR Y 366 61.56 67.67 9.63
C TYR Y 366 62.45 66.76 10.48
N LEU Y 367 62.91 67.23 11.64
CA LEU Y 367 63.74 66.41 12.50
C LEU Y 367 62.89 65.64 13.50
N ARG Y 372 59.05 68.99 23.02
CA ARG Y 372 60.50 69.12 23.10
C ARG Y 372 60.89 70.58 23.21
N VAL Y 373 61.73 70.91 24.19
CA VAL Y 373 62.17 72.28 24.43
C VAL Y 373 63.67 72.27 24.69
N SER Y 374 64.37 73.24 24.10
CA SER Y 374 65.79 73.41 24.30
C SER Y 374 66.07 74.84 24.75
N GLY Y 375 67.34 75.21 24.82
CA GLY Y 375 67.71 76.55 25.22
C GLY Y 375 69.18 76.86 25.09
N LEU Y 376 69.50 78.07 24.65
CA LEU Y 376 70.87 78.53 24.54
C LEU Y 376 70.99 79.93 25.12
N MET Y 377 72.12 80.19 25.78
CA MET Y 377 72.32 81.44 26.48
C MET Y 377 73.66 82.04 26.07
N MET Y 378 73.62 83.20 25.43
CA MET Y 378 74.80 83.96 25.06
C MET Y 378 74.97 85.08 26.07
N ALA Y 379 76.07 85.05 26.81
CA ALA Y 379 76.31 86.01 27.87
C ALA Y 379 77.65 86.70 27.68
N ASN Y 380 77.82 87.83 28.33
CA ASN Y 380 79.06 88.60 28.33
C ASN Y 380 79.47 88.79 29.79
N HIS Y 381 80.27 87.83 30.29
CA HIS Y 381 80.71 87.83 31.68
C HIS Y 381 82.17 88.25 31.75
N THR Y 382 82.48 89.17 32.67
CA THR Y 382 83.85 89.61 32.84
C THR Y 382 84.74 88.52 33.42
N SER Y 383 84.17 87.40 33.86
CA SER Y 383 84.99 86.28 34.30
C SER Y 383 85.74 85.63 33.15
N ILE Y 384 85.49 86.08 31.91
CA ILE Y 384 86.23 85.54 30.77
C ILE Y 384 87.67 86.04 30.80
N SER Y 385 87.95 87.06 31.61
CA SER Y 385 89.31 87.58 31.70
C SER Y 385 90.27 86.54 32.24
N SER Y 386 89.76 85.57 33.01
CA SER Y 386 90.63 84.56 33.60
C SER Y 386 91.28 83.69 32.54
N LEU Y 387 90.56 83.41 31.45
CA LEU Y 387 91.10 82.54 30.41
C LEU Y 387 92.34 83.16 29.77
N PHE Y 388 92.29 84.47 29.52
CA PHE Y 388 93.46 85.16 28.96
C PHE Y 388 94.61 85.13 29.96
N GLU Y 389 94.29 85.22 31.24
CA GLU Y 389 95.32 85.22 32.28
C GLU Y 389 96.13 83.93 32.24
N ARG Y 390 95.45 82.79 32.05
CA ARG Y 390 96.16 81.51 31.98
C ARG Y 390 97.13 81.49 30.82
N THR Y 391 96.68 81.93 29.64
CA THR Y 391 97.58 82.00 28.49
C THR Y 391 98.68 83.03 28.73
N CYS Y 392 98.33 84.14 29.37
CA CYS Y 392 99.32 85.16 29.68
C CYS Y 392 100.40 84.62 30.61
N ARG Y 393 99.99 84.05 31.75
CA ARG Y 393 100.95 83.52 32.70
C ARG Y 393 101.75 82.38 32.11
N GLN Y 394 101.11 81.54 31.28
CA GLN Y 394 101.84 80.46 30.63
C GLN Y 394 102.89 80.99 29.67
N TYR Y 395 102.66 82.17 29.10
CA TYR Y 395 103.63 82.74 28.17
C TYR Y 395 104.87 83.21 28.91
N ASP Y 396 104.69 83.89 30.05
CA ASP Y 396 105.82 84.45 30.77
C ASP Y 396 106.77 83.36 31.25
N LYS Y 397 106.23 82.22 31.68
CA LYS Y 397 107.08 81.14 32.15
C LYS Y 397 107.95 80.59 31.03
N LEU Y 398 107.45 80.56 29.80
CA LEU Y 398 108.25 80.11 28.68
C LEU Y 398 109.19 81.18 28.16
N ARG Y 399 108.88 82.46 28.40
CA ARG Y 399 109.72 83.55 27.93
C ARG Y 399 111.04 83.63 28.67
N LYS Y 400 111.10 83.12 29.91
CA LYS Y 400 112.32 83.13 30.70
C LYS Y 400 113.00 81.76 30.67
N ARG Y 401 112.62 80.89 29.75
CA ARG Y 401 113.15 79.53 29.69
C ARG Y 401 113.60 79.11 28.31
N GLU Y 402 113.11 79.75 27.24
CA GLU Y 402 113.47 79.40 25.87
C GLU Y 402 113.15 77.93 25.56
N ASP Y 416 113.46 87.77 13.60
CA ASP Y 416 114.76 88.42 13.64
C ASP Y 416 114.85 89.39 14.82
N ASN Y 417 113.70 89.82 15.33
CA ASN Y 417 113.64 90.77 16.44
C ASN Y 417 112.88 90.24 17.64
N PHE Y 418 111.87 89.38 17.43
CA PHE Y 418 110.95 88.94 18.49
C PHE Y 418 110.27 90.13 19.16
N ASP Y 419 109.90 91.13 18.36
CA ASP Y 419 109.18 92.30 18.88
C ASP Y 419 107.68 92.19 18.72
N GLU Y 420 107.20 91.37 17.78
CA GLU Y 420 105.75 91.20 17.64
C GLU Y 420 105.16 90.54 18.87
N MET Y 421 105.88 89.56 19.45
CA MET Y 421 105.42 88.95 20.69
C MET Y 421 105.30 89.99 21.80
N ASP Y 422 106.18 90.98 21.81
CA ASP Y 422 106.12 92.02 22.83
C ASP Y 422 104.87 92.86 22.68
N THR Y 423 104.54 93.25 21.46
CA THR Y 423 103.35 94.07 21.25
C THR Y 423 102.08 93.29 21.55
N SER Y 424 102.02 92.03 21.14
CA SER Y 424 100.85 91.20 21.42
C SER Y 424 100.68 91.00 22.92
N ARG Y 425 101.78 90.73 23.62
CA ARG Y 425 101.73 90.60 25.07
C ARG Y 425 101.23 91.89 25.73
N GLU Y 426 101.55 93.04 25.13
CA GLU Y 426 101.16 94.31 25.73
C GLU Y 426 99.69 94.62 25.47
N ILE Y 427 99.21 94.37 24.26
CA ILE Y 427 97.85 94.77 23.92
C ILE Y 427 96.83 93.91 24.64
N VAL Y 428 97.12 92.62 24.85
CA VAL Y 428 96.20 91.78 25.59
C VAL Y 428 96.18 92.19 27.07
N GLN Y 429 97.26 92.80 27.55
CA GLN Y 429 97.26 93.31 28.91
C GLN Y 429 96.28 94.45 29.08
N GLN Y 430 96.06 95.24 28.02
CA GLN Y 430 95.07 96.30 28.08
C GLN Y 430 93.65 95.73 28.07
N LEU Y 431 93.45 94.66 27.31
CA LEU Y 431 92.13 94.03 27.29
C LEU Y 431 91.76 93.49 28.65
N ILE Y 432 92.67 92.75 29.29
CA ILE Y 432 92.45 92.27 30.64
C ILE Y 432 92.24 93.45 31.59
N ASP Y 433 92.99 94.53 31.39
CA ASP Y 433 92.85 95.69 32.26
C ASP Y 433 91.49 96.36 32.06
N GLU Y 434 90.90 96.21 30.88
CA GLU Y 434 89.57 96.76 30.66
C GLU Y 434 88.52 95.98 31.45
N TYR Y 435 88.63 94.65 31.44
CA TYR Y 435 87.65 93.81 32.13
C TYR Y 435 87.63 94.08 33.62
N HIS Y 436 88.78 93.97 34.28
CA HIS Y 436 88.83 94.19 35.73
C HIS Y 436 88.36 95.59 36.10
N ALA Y 437 88.54 96.57 35.21
CA ALA Y 437 88.00 97.89 35.44
C ALA Y 437 86.60 98.06 34.89
N ALA Y 438 86.06 97.05 34.21
CA ALA Y 438 84.70 97.12 33.72
C ALA Y 438 83.69 96.79 34.80
N THR Y 439 84.15 96.30 35.95
CA THR Y 439 83.28 95.90 37.05
C THR Y 439 83.22 96.92 38.17
N ARG Y 440 83.71 98.14 37.94
CA ARG Y 440 83.76 99.15 38.97
C ARG Y 440 82.68 100.19 38.74
N PRO Y 441 82.22 100.88 39.80
CA PRO Y 441 81.21 101.92 39.61
C PRO Y 441 81.69 103.11 38.81
N ASP Y 442 82.97 103.17 38.45
CA ASP Y 442 83.48 104.28 37.67
C ASP Y 442 84.21 103.81 36.42
N TYR Y 443 83.61 102.86 35.71
CA TYR Y 443 84.18 102.45 34.42
C TYR Y 443 84.11 103.57 33.42
N ILE Y 444 83.21 104.53 33.62
CA ILE Y 444 83.17 105.72 32.80
C ILE Y 444 84.50 106.45 32.92
N SER Y 445 85.18 106.63 31.79
CA SER Y 445 86.55 107.15 31.76
C SER Y 445 87.48 106.28 32.58
N ARG Z 3 65.19 81.98 -47.72
CA ARG Z 3 66.61 82.24 -47.56
C ARG Z 3 67.32 81.01 -46.99
N GLU Z 4 68.18 80.41 -47.82
CA GLU Z 4 68.91 79.19 -47.40
C GLU Z 4 70.34 79.55 -47.05
N ILE Z 5 70.98 78.73 -46.21
CA ILE Z 5 72.40 78.96 -45.80
C ILE Z 5 73.24 77.79 -46.28
N ILE Z 6 74.32 78.07 -47.01
CA ILE Z 6 75.22 76.98 -47.50
C ILE Z 6 76.38 76.90 -46.51
N THR Z 7 76.56 75.75 -45.87
CA THR Z 7 77.65 75.60 -44.88
C THR Z 7 78.86 74.94 -45.52
N LEU Z 8 80.06 75.34 -45.08
CA LEU Z 8 81.32 74.78 -45.55
C LEU Z 8 82.06 74.15 -44.39
N GLN Z 9 82.86 73.13 -44.68
CA GLN Z 9 83.67 72.46 -43.68
C GLN Z 9 85.05 72.23 -44.25
N LEU Z 10 86.06 72.78 -43.58
CA LEU Z 10 87.44 72.64 -44.02
C LEU Z 10 88.29 72.03 -42.92
N GLY Z 11 89.26 71.22 -43.33
CA GLY Z 11 90.21 70.64 -42.38
C GLY Z 11 89.60 69.60 -41.46
N GLN Z 12 90.46 68.88 -40.74
CA GLN Z 12 89.99 67.83 -39.85
C GLN Z 12 89.05 68.37 -38.78
N CYS Z 13 89.34 69.59 -38.29
CA CYS Z 13 88.47 70.20 -37.29
C CYS Z 13 87.10 70.50 -37.87
N GLY Z 14 87.06 71.27 -38.96
CA GLY Z 14 85.78 71.65 -39.53
C GLY Z 14 84.92 70.47 -39.90
N ASN Z 15 85.54 69.39 -40.38
CA ASN Z 15 84.78 68.19 -40.70
C ASN Z 15 84.19 67.56 -39.44
N GLN Z 16 85.00 67.46 -38.37
CA GLN Z 16 84.54 66.75 -37.18
C GLN Z 16 83.45 67.54 -36.46
N ILE Z 17 83.61 68.86 -36.34
CA ILE Z 17 82.57 69.64 -35.69
C ILE Z 17 81.31 69.69 -36.56
N GLY Z 18 81.48 69.82 -37.89
CA GLY Z 18 80.33 69.85 -38.76
C GLY Z 18 79.62 68.52 -38.82
N PHE Z 19 80.39 67.43 -38.89
CA PHE Z 19 79.78 66.10 -38.89
C PHE Z 19 79.00 65.85 -37.61
N GLU Z 20 79.48 66.40 -36.49
CA GLU Z 20 78.74 66.26 -35.24
C GLU Z 20 77.74 67.39 -35.06
N PHE Z 21 77.85 68.46 -35.84
CA PHE Z 21 76.80 69.47 -35.85
C PHE Z 21 75.57 68.95 -36.57
N TRP Z 22 75.80 68.28 -37.71
CA TRP Z 22 74.67 67.71 -38.50
C TRP Z 22 73.96 66.62 -37.70
N LYS Z 23 74.73 65.80 -36.97
CA LYS Z 23 74.15 64.71 -36.19
C LYS Z 23 73.27 65.27 -35.08
N GLN Z 24 73.65 66.41 -34.51
CA GLN Z 24 72.81 67.06 -33.51
C GLN Z 24 71.55 67.62 -34.15
N LEU Z 25 71.65 68.07 -35.39
CA LEU Z 25 70.48 68.63 -36.07
C LEU Z 25 69.58 67.52 -36.62
N CYS Z 26 70.18 66.48 -37.20
CA CYS Z 26 69.37 65.40 -37.77
C CYS Z 26 68.50 64.73 -36.72
N ALA Z 27 68.98 64.67 -35.47
CA ALA Z 27 68.18 64.07 -34.40
C ALA Z 27 67.18 65.08 -33.84
N GLU Z 28 67.54 66.37 -33.82
CA GLU Z 28 66.65 67.39 -33.29
C GLU Z 28 65.41 67.52 -34.18
N HIS Z 29 65.52 67.09 -35.43
CA HIS Z 29 64.37 66.92 -36.30
C HIS Z 29 64.04 65.43 -36.42
N GLY Z 30 62.88 65.12 -36.97
CA GLY Z 30 62.50 63.73 -37.14
C GLY Z 30 63.07 63.15 -38.42
N ILE Z 31 64.39 63.15 -38.53
CA ILE Z 31 65.09 62.70 -39.74
C ILE Z 31 65.99 61.54 -39.36
N SER Z 32 65.81 60.41 -40.04
CA SER Z 32 66.68 59.28 -39.82
C SER Z 32 68.04 59.51 -40.49
N PRO Z 33 69.10 58.90 -39.97
CA PRO Z 33 70.42 59.04 -40.59
C PRO Z 33 70.45 58.61 -42.05
N GLU Z 34 69.38 57.91 -42.47
CA GLU Z 34 69.23 57.42 -43.87
C GLU Z 34 68.65 58.54 -44.73
N GLY Z 35 68.71 59.78 -44.24
CA GLY Z 35 68.18 60.97 -44.96
C GLY Z 35 66.71 60.76 -45.32
N ILE Z 36 65.97 60.07 -44.44
CA ILE Z 36 64.55 59.79 -44.62
C ILE Z 36 63.81 60.31 -43.40
N VAL Z 37 62.71 61.03 -43.64
CA VAL Z 37 61.95 61.60 -42.52
C VAL Z 37 61.23 60.50 -41.78
N GLU Z 38 61.27 60.55 -40.45
CA GLU Z 38 60.56 59.64 -39.59
C GLU Z 38 59.24 60.25 -39.15
N GLU Z 39 58.20 59.43 -39.06
CA GLU Z 39 56.88 59.95 -38.71
C GLU Z 39 56.84 60.40 -37.26
N PHE Z 40 57.39 59.59 -36.35
CA PHE Z 40 57.37 59.89 -34.92
C PHE Z 40 56.00 60.31 -34.40
N THR Z 45 56.19 71.38 -38.17
CA THR Z 45 56.06 72.64 -37.45
C THR Z 45 57.40 73.36 -37.37
N ASP Z 46 58.48 72.60 -37.27
CA ASP Z 46 59.82 73.17 -37.20
C ASP Z 46 60.31 73.48 -38.61
N ARG Z 47 60.61 74.77 -38.85
CA ARG Z 47 61.08 75.24 -40.18
C ARG Z 47 62.49 74.69 -40.45
N LYS Z 48 62.57 73.47 -40.98
CA LYS Z 48 63.87 72.82 -41.29
C LYS Z 48 64.23 73.03 -42.77
N ASP Z 49 63.34 73.65 -43.54
CA ASP Z 49 63.59 73.86 -44.99
C ASP Z 49 64.85 74.72 -45.18
N VAL Z 50 65.13 75.63 -44.25
CA VAL Z 50 66.34 76.51 -44.37
C VAL Z 50 67.61 75.66 -44.28
N PHE Z 51 67.68 74.71 -43.35
CA PHE Z 51 68.90 73.88 -43.18
C PHE Z 51 68.79 72.52 -43.88
N PHE Z 52 67.58 72.12 -44.28
CA PHE Z 52 67.43 70.79 -44.96
C PHE Z 52 66.74 70.97 -46.30
N TYR Z 53 67.36 70.45 -47.37
CA TYR Z 53 66.77 70.52 -48.73
C TYR Z 53 65.99 69.24 -49.00
N GLN Z 54 64.66 69.29 -48.88
CA GLN Z 54 63.83 68.07 -49.11
C GLN Z 54 64.14 67.49 -50.49
N TYR Z 60 66.30 64.00 -45.15
CA TYR Z 60 66.58 65.07 -46.14
C TYR Z 60 68.10 65.19 -46.35
N ILE Z 61 68.51 66.04 -47.30
CA ILE Z 61 69.96 66.23 -47.59
C ILE Z 61 70.38 67.62 -47.10
N PRO Z 62 71.01 67.74 -45.91
CA PRO Z 62 71.46 69.04 -45.42
C PRO Z 62 72.54 69.57 -46.36
N ARG Z 63 72.50 70.88 -46.68
CA ARG Z 63 73.52 71.46 -47.59
C ARG Z 63 74.86 71.48 -46.85
N ALA Z 64 75.91 70.98 -47.50
CA ALA Z 64 77.26 70.91 -46.88
C ALA Z 64 78.31 70.61 -47.95
N VAL Z 65 79.25 71.54 -48.16
CA VAL Z 65 80.32 71.35 -49.15
C VAL Z 65 81.60 71.07 -48.37
N LEU Z 66 81.88 69.80 -48.12
CA LEU Z 66 83.06 69.42 -47.36
C LEU Z 66 84.29 69.55 -48.23
N LEU Z 67 85.46 69.57 -47.59
CA LEU Z 67 86.73 69.59 -48.28
C LEU Z 67 87.83 68.93 -47.45
N ARG Z 72 91.46 62.63 -45.19
CA ARG Z 72 91.24 61.20 -44.98
C ARG Z 72 90.20 60.97 -43.90
N VAL Z 73 89.76 62.07 -43.27
CA VAL Z 73 88.62 62.01 -42.37
C VAL Z 73 87.33 61.83 -43.16
N ILE Z 74 87.33 62.24 -44.43
CA ILE Z 74 86.15 62.06 -45.27
C ILE Z 74 85.77 60.59 -45.37
N HIS Z 75 86.76 59.71 -45.46
CA HIS Z 75 86.48 58.28 -45.50
C HIS Z 75 85.85 57.81 -44.19
N SER Z 76 86.21 58.44 -43.07
CA SER Z 76 85.61 58.07 -41.80
C SER Z 76 84.13 58.40 -41.78
N ILE Z 77 83.72 59.42 -42.53
CA ILE Z 77 82.30 59.75 -42.62
C ILE Z 77 81.59 58.80 -43.57
N LEU Z 78 82.25 58.43 -44.68
CA LEU Z 78 81.63 57.54 -45.66
C LEU Z 78 81.43 56.13 -45.12
N ASN Z 79 82.17 55.73 -44.09
CA ASN Z 79 81.92 54.45 -43.44
C ASN Z 79 80.95 54.55 -42.28
N SER Z 80 80.76 55.75 -41.73
CA SER Z 80 79.81 55.94 -40.65
C SER Z 80 78.39 55.67 -41.17
N PRO Z 81 77.45 55.37 -40.26
CA PRO Z 81 76.08 55.10 -40.70
C PRO Z 81 75.40 56.26 -41.42
N TYR Z 82 76.07 57.42 -41.43
CA TYR Z 82 75.53 58.65 -42.06
C TYR Z 82 76.05 58.77 -43.51
N ALA Z 83 76.57 57.66 -44.06
CA ALA Z 83 77.11 57.67 -45.44
C ALA Z 83 75.98 58.04 -46.41
N LYS Z 84 74.78 57.48 -46.21
CA LYS Z 84 73.62 57.76 -47.09
C LYS Z 84 73.25 59.25 -47.00
N LEU Z 85 73.36 59.83 -45.80
CA LEU Z 85 73.02 61.26 -45.58
C LEU Z 85 73.92 62.13 -46.46
N TYR Z 86 75.21 61.78 -46.55
CA TYR Z 86 76.18 62.54 -47.36
C TYR Z 86 76.34 61.85 -48.73
N GLY Z 101 100.35 70.74 -46.34
CA GLY Z 101 100.83 70.07 -45.15
C GLY Z 101 100.40 70.76 -43.87
N ASN Z 102 101.37 71.33 -43.16
CA ASN Z 102 101.10 72.07 -41.94
C ASN Z 102 101.48 73.55 -42.06
N ASN Z 103 101.85 73.99 -43.26
CA ASN Z 103 102.21 75.37 -43.51
C ASN Z 103 101.01 76.14 -44.02
N TRP Z 104 100.88 77.38 -43.56
CA TRP Z 104 99.82 78.25 -44.08
C TRP Z 104 100.01 78.49 -45.58
N ALA Z 105 101.26 78.50 -46.04
CA ALA Z 105 101.50 78.69 -47.47
C ALA Z 105 101.04 77.48 -48.27
N SER Z 106 101.16 76.28 -47.70
CA SER Z 106 100.67 75.09 -48.38
C SER Z 106 99.15 75.14 -48.54
N GLY Z 107 98.46 75.74 -47.57
CA GLY Z 107 97.02 75.87 -47.68
C GLY Z 107 96.59 76.90 -48.71
N PHE Z 108 97.31 78.02 -48.76
CA PHE Z 108 96.95 79.07 -49.71
C PHE Z 108 97.42 78.73 -51.13
N SER Z 109 98.51 77.97 -51.24
CA SER Z 109 99.00 77.60 -52.57
C SER Z 109 98.10 76.58 -53.24
N GLN Z 110 97.87 75.44 -52.57
CA GLN Z 110 97.04 74.41 -53.15
C GLN Z 110 95.62 74.90 -53.41
N GLY Z 111 95.13 75.81 -52.56
CA GLY Z 111 93.81 76.37 -52.80
C GLY Z 111 93.72 77.16 -54.09
N GLU Z 112 94.86 77.68 -54.56
CA GLU Z 112 94.86 78.37 -55.84
C GLU Z 112 94.90 77.40 -57.01
N LYS Z 113 95.43 76.20 -56.79
CA LYS Z 113 95.52 75.21 -57.87
C LYS Z 113 94.17 74.60 -58.20
N ILE Z 114 93.23 74.61 -57.25
CA ILE Z 114 91.91 74.02 -57.46
C ILE Z 114 90.87 75.12 -57.39
N HIS Z 115 91.25 76.33 -57.83
CA HIS Z 115 90.34 77.47 -57.82
C HIS Z 115 89.05 77.16 -58.58
N GLU Z 116 89.17 76.49 -59.72
CA GLU Z 116 87.99 76.24 -60.54
C GLU Z 116 87.25 75.00 -60.06
N ASP Z 117 87.94 74.07 -59.40
CA ASP Z 117 87.31 72.82 -59.01
C ASP Z 117 86.29 73.03 -57.90
N ILE Z 118 86.72 73.62 -56.78
CA ILE Z 118 85.80 73.76 -55.64
C ILE Z 118 84.82 74.89 -55.86
N PHE Z 119 85.11 75.82 -56.77
CA PHE Z 119 84.13 76.85 -57.10
C PHE Z 119 83.08 76.38 -58.08
N ASP Z 120 83.35 75.28 -58.80
CA ASP Z 120 82.29 74.66 -59.59
C ASP Z 120 81.19 74.16 -58.68
N ILE Z 121 81.57 73.53 -57.55
CA ILE Z 121 80.59 72.95 -56.65
C ILE Z 121 79.78 74.04 -55.96
N ILE Z 122 80.47 75.05 -55.42
CA ILE Z 122 79.78 76.11 -54.69
C ILE Z 122 78.84 76.87 -55.60
N ASP Z 123 79.27 77.11 -56.85
CA ASP Z 123 78.42 77.83 -57.78
C ASP Z 123 77.18 77.02 -58.17
N ARG Z 124 77.37 75.72 -58.48
CA ARG Z 124 76.23 74.88 -58.83
C ARG Z 124 75.31 74.69 -57.64
N GLU Z 125 75.84 74.83 -56.42
CA GLU Z 125 74.99 74.74 -55.24
C GLU Z 125 74.34 76.08 -54.92
N ALA Z 126 74.87 77.17 -55.47
CA ALA Z 126 74.31 78.49 -55.20
C ALA Z 126 73.06 78.74 -56.02
N ASP Z 127 73.16 78.61 -57.35
CA ASP Z 127 72.02 78.92 -58.21
C ASP Z 127 70.88 77.94 -58.04
N GLY Z 128 71.20 76.69 -57.69
CA GLY Z 128 70.17 75.65 -57.49
C GLY Z 128 69.26 76.00 -56.33
N SER Z 129 69.79 76.73 -55.34
CA SER Z 129 68.97 77.14 -54.17
C SER Z 129 68.03 78.28 -54.58
N ASP Z 130 66.90 78.41 -53.89
CA ASP Z 130 65.92 79.48 -54.23
C ASP Z 130 66.58 80.84 -53.99
N SER Z 131 67.29 80.98 -52.87
CA SER Z 131 67.99 82.25 -52.52
C SER Z 131 69.24 81.94 -51.70
N LEU Z 132 70.28 82.77 -51.83
CA LEU Z 132 71.54 82.59 -51.07
C LEU Z 132 71.61 83.66 -49.98
N GLU Z 133 71.64 83.24 -48.71
CA GLU Z 133 71.68 84.20 -47.61
C GLU Z 133 73.06 84.33 -46.98
N GLY Z 134 73.72 83.21 -46.68
CA GLY Z 134 75.00 83.28 -46.02
C GLY Z 134 75.92 82.11 -46.32
N PHE Z 135 77.09 82.10 -45.70
CA PHE Z 135 78.06 81.02 -45.85
C PHE Z 135 78.64 80.72 -44.46
N VAL Z 136 77.97 79.87 -43.70
CA VAL Z 136 78.51 79.50 -42.40
C VAL Z 136 79.69 78.56 -42.60
N LEU Z 137 80.88 79.04 -42.29
CA LEU Z 137 82.12 78.33 -42.57
C LEU Z 137 82.74 77.87 -41.27
N CYS Z 138 82.99 76.57 -41.15
CA CYS Z 138 83.54 75.98 -39.93
C CYS Z 138 84.97 75.52 -40.20
N HIS Z 139 85.93 76.20 -39.60
CA HIS Z 139 87.34 75.86 -39.78
C HIS Z 139 88.10 76.28 -38.53
N SER Z 140 89.21 75.60 -38.28
CA SER Z 140 90.10 75.92 -37.16
C SER Z 140 91.33 76.64 -37.70
N ILE Z 141 91.69 77.75 -37.04
CA ILE Z 141 92.82 78.55 -37.50
C ILE Z 141 94.17 77.98 -37.09
N ALA Z 142 94.19 76.88 -36.35
CA ALA Z 142 95.44 76.28 -35.92
C ALA Z 142 96.04 75.41 -37.00
N GLY Z 144 95.97 72.65 -39.90
CA GLY Z 144 96.99 73.01 -40.87
C GLY Z 144 96.44 73.58 -42.15
N THR Z 145 95.96 72.70 -43.03
CA THR Z 145 95.45 73.14 -44.33
C THR Z 145 94.16 73.93 -44.22
N GLY Z 146 93.36 73.68 -43.18
CA GLY Z 146 92.15 74.47 -42.98
C GLY Z 146 92.46 75.94 -42.78
N SER Z 147 93.65 76.25 -42.27
CA SER Z 147 94.04 77.64 -42.07
C SER Z 147 94.34 78.31 -43.40
N GLY Z 148 95.18 77.68 -44.22
CA GLY Z 148 95.58 78.29 -45.48
C GLY Z 148 94.47 78.27 -46.52
N LEU Z 149 93.67 77.20 -46.53
CA LEU Z 149 92.58 77.14 -47.48
C LEU Z 149 91.46 78.10 -47.10
N GLY Z 150 91.11 78.16 -45.82
CA GLY Z 150 90.08 79.08 -45.38
C GLY Z 150 90.46 80.54 -45.63
N SER Z 151 91.74 80.86 -45.49
CA SER Z 151 92.22 82.18 -45.83
C SER Z 151 92.01 82.47 -47.31
N TYR Z 152 92.11 81.44 -48.14
CA TYR Z 152 91.91 81.61 -49.57
C TYR Z 152 90.44 81.81 -49.91
N LEU Z 153 89.56 81.04 -49.27
CA LEU Z 153 88.14 81.13 -49.58
C LEU Z 153 87.56 82.48 -49.17
N LEU Z 154 87.82 82.90 -47.93
CA LEU Z 154 87.24 84.15 -47.44
C LEU Z 154 87.67 85.34 -48.29
N GLU Z 155 88.81 85.21 -48.97
CA GLU Z 155 89.22 86.24 -49.93
C GLU Z 155 88.42 86.14 -51.21
N ARG Z 156 88.26 84.92 -51.72
CA ARG Z 156 87.64 84.74 -53.04
C ARG Z 156 86.13 84.94 -53.01
N LEU Z 157 85.50 84.71 -51.86
CA LEU Z 157 84.05 84.88 -51.78
C LEU Z 157 83.66 86.35 -51.93
N ASN Z 158 84.46 87.25 -51.35
CA ASN Z 158 84.11 88.66 -51.40
C ASN Z 158 84.26 89.22 -52.81
N ASP Z 159 85.02 88.54 -53.67
CA ASP Z 159 85.15 88.98 -55.05
C ASP Z 159 83.88 88.71 -55.84
N ARG Z 160 83.45 87.46 -55.88
CA ARG Z 160 82.30 87.06 -56.70
C ARG Z 160 80.99 87.39 -56.01
N TYR Z 161 80.86 87.02 -54.74
CA TYR Z 161 79.63 87.24 -53.99
C TYR Z 161 79.81 88.44 -53.07
N PRO Z 162 79.36 89.63 -53.44
CA PRO Z 162 79.61 90.81 -52.61
C PRO Z 162 78.47 91.13 -51.65
N LYS Z 163 77.35 90.41 -51.77
CA LYS Z 163 76.16 90.69 -50.97
C LYS Z 163 75.79 89.53 -50.07
N LYS Z 164 76.70 88.59 -49.84
CA LYS Z 164 76.42 87.40 -49.06
C LYS Z 164 77.19 87.47 -47.75
N LEU Z 165 76.47 87.38 -46.64
CA LEU Z 165 77.11 87.32 -45.34
C LEU Z 165 77.95 86.06 -45.23
N VAL Z 166 79.06 86.15 -44.51
CA VAL Z 166 79.98 85.03 -44.32
C VAL Z 166 80.28 84.91 -42.83
N GLN Z 167 79.51 84.10 -42.13
CA GLN Z 167 79.75 83.81 -40.73
C GLN Z 167 80.69 82.62 -40.62
N THR Z 168 81.53 82.64 -39.59
CA THR Z 168 82.55 81.60 -39.40
C THR Z 168 82.56 81.16 -37.96
N TYR Z 169 82.51 79.85 -37.73
CA TYR Z 169 82.68 79.29 -36.39
C TYR Z 169 84.12 78.83 -36.19
N SER Z 170 85.03 79.80 -36.19
CA SER Z 170 86.45 79.50 -36.08
C SER Z 170 86.78 78.99 -34.67
N VAL Z 171 87.76 78.09 -34.61
CA VAL Z 171 88.18 77.45 -33.36
C VAL Z 171 89.62 77.83 -33.09
N PHE Z 172 89.89 78.34 -31.87
CA PHE Z 172 91.22 78.76 -31.45
C PHE Z 172 91.93 77.62 -30.72
N PRO Z 173 93.25 77.50 -30.90
CA PRO Z 173 94.04 76.45 -30.23
C PRO Z 173 94.36 76.80 -28.79
N VAL Z 183 105.49 77.18 -35.27
CA VAL Z 183 104.85 77.64 -36.50
C VAL Z 183 103.40 77.97 -36.22
N GLN Z 184 102.87 77.35 -35.16
CA GLN Z 184 101.47 77.56 -34.79
C GLN Z 184 101.12 79.02 -34.59
N PRO Z 185 101.96 79.86 -33.96
CA PRO Z 185 101.61 81.30 -33.90
C PRO Z 185 101.51 81.95 -35.27
N TYR Z 186 102.29 81.48 -36.24
CA TYR Z 186 102.25 82.07 -37.57
C TYR Z 186 100.93 81.79 -38.27
N ASN Z 187 100.61 80.50 -38.44
CA ASN Z 187 99.39 80.13 -39.15
C ASN Z 187 98.16 80.71 -38.48
N SER Z 188 98.20 80.88 -37.16
CA SER Z 188 97.04 81.42 -36.45
C SER Z 188 96.78 82.88 -36.80
N LEU Z 189 97.80 83.72 -36.68
CA LEU Z 189 97.59 85.15 -36.89
C LEU Z 189 97.32 85.47 -38.35
N LEU Z 190 97.91 84.69 -39.28
CA LEU Z 190 97.73 85.00 -40.70
C LEU Z 190 96.27 84.89 -41.10
N THR Z 191 95.54 83.92 -40.53
CA THR Z 191 94.11 83.83 -40.79
C THR Z 191 93.38 85.01 -40.18
N LEU Z 192 93.90 85.56 -39.08
CA LEU Z 192 93.25 86.70 -38.45
C LEU Z 192 93.30 87.94 -39.33
N LYS Z 193 94.29 88.01 -40.22
CA LYS Z 193 94.33 89.12 -41.18
C LYS Z 193 93.11 89.09 -42.08
N ARG Z 194 92.73 87.91 -42.55
CA ARG Z 194 91.54 87.77 -43.41
C ARG Z 194 90.26 87.83 -42.62
N LEU Z 195 90.24 87.27 -41.40
CA LEU Z 195 89.01 87.22 -40.60
C LEU Z 195 88.62 88.58 -40.03
N THR Z 196 89.47 89.59 -40.15
CA THR Z 196 89.14 90.91 -39.63
C THR Z 196 88.66 91.87 -40.72
N GLN Z 197 88.66 91.46 -41.99
CA GLN Z 197 88.21 92.36 -43.04
C GLN Z 197 87.29 91.67 -44.03
N ASN Z 198 87.19 90.35 -43.97
CA ASN Z 198 86.31 89.62 -44.89
C ASN Z 198 85.08 89.05 -44.19
N ALA Z 199 85.29 88.30 -43.12
CA ALA Z 199 84.19 87.63 -42.44
C ALA Z 199 83.30 88.65 -41.74
N ASP Z 200 82.03 88.71 -42.13
CA ASP Z 200 81.08 89.65 -41.54
C ASP Z 200 80.67 89.27 -40.13
N CYS Z 201 81.13 88.14 -39.62
CA CYS Z 201 80.92 87.77 -38.23
C CYS Z 201 81.96 86.73 -37.87
N LEU Z 202 82.07 86.44 -36.58
CA LEU Z 202 83.00 85.41 -36.14
C LEU Z 202 82.64 85.01 -34.72
N VAL Z 203 82.59 83.71 -34.48
CA VAL Z 203 82.28 83.14 -33.18
C VAL Z 203 83.51 82.37 -32.72
N VAL Z 204 84.12 82.81 -31.64
CA VAL Z 204 85.35 82.21 -31.16
C VAL Z 204 85.02 81.04 -30.24
N LEU Z 205 85.80 79.98 -30.36
CA LEU Z 205 85.68 78.79 -29.51
C LEU Z 205 87.08 78.23 -29.33
N ASP Z 206 87.74 78.59 -28.25
CA ASP Z 206 89.12 78.19 -28.01
C ASP Z 206 89.15 76.82 -27.32
N ASN Z 207 90.08 75.96 -27.75
CA ASN Z 207 90.19 74.64 -27.16
C ASN Z 207 90.71 74.69 -25.74
N THR Z 208 91.43 75.74 -25.36
CA THR Z 208 91.98 75.82 -24.01
C THR Z 208 90.89 75.95 -22.97
N ALA Z 209 90.03 76.96 -23.10
CA ALA Z 209 88.94 77.14 -22.14
C ALA Z 209 87.97 75.97 -22.19
N LEU Z 210 87.78 75.37 -23.37
CA LEU Z 210 86.95 74.18 -23.46
C LEU Z 210 87.56 73.01 -22.70
N ASN Z 211 88.89 72.88 -22.76
CA ASN Z 211 89.55 71.77 -22.08
C ASN Z 211 89.37 71.87 -20.57
N ARG Z 212 89.32 73.09 -20.05
CA ARG Z 212 89.05 73.26 -18.62
C ARG Z 212 87.67 72.73 -18.27
N ILE Z 213 86.65 73.19 -19.00
CA ILE Z 213 85.29 72.69 -18.75
C ILE Z 213 85.22 71.19 -18.99
N ALA Z 214 86.06 70.68 -19.88
CA ALA Z 214 86.19 69.24 -20.04
C ALA Z 214 86.77 68.60 -18.78
N THR Z 215 87.67 69.31 -18.11
CA THR Z 215 88.29 68.77 -16.90
C THR Z 215 87.50 69.09 -15.65
N ASP Z 216 86.95 70.31 -15.55
CA ASP Z 216 86.29 70.73 -14.32
C ASP Z 216 85.02 69.94 -14.07
N ARG Z 217 84.06 70.03 -15.00
CA ARG Z 217 82.73 69.46 -14.79
C ARG Z 217 82.49 68.19 -15.59
N LEU Z 218 83.48 67.69 -16.32
CA LEU Z 218 83.35 66.43 -17.03
C LEU Z 218 84.43 65.41 -16.67
N HIS Z 219 85.58 65.85 -16.16
CA HIS Z 219 86.63 64.97 -15.65
C HIS Z 219 87.08 63.97 -16.71
N ILE Z 220 87.63 64.50 -17.80
CA ILE Z 220 88.09 63.65 -18.89
C ILE Z 220 89.52 63.15 -18.69
N GLN Z 221 90.32 63.84 -17.87
CA GLN Z 221 91.70 63.46 -17.66
C GLN Z 221 92.23 63.97 -16.31
N SER Z 224 90.22 64.63 -24.58
CA SER Z 224 89.92 63.89 -25.81
C SER Z 224 89.07 64.72 -26.76
N PHE Z 225 89.39 64.66 -28.05
CA PHE Z 225 88.66 65.44 -29.04
C PHE Z 225 87.22 64.96 -29.16
N SER Z 226 87.01 63.65 -29.05
CA SER Z 226 85.67 63.09 -29.18
C SER Z 226 84.73 63.52 -28.08
N GLN Z 227 85.22 64.20 -27.04
CA GLN Z 227 84.36 64.70 -25.97
C GLN Z 227 84.16 66.21 -26.02
N ILE Z 228 85.22 66.98 -26.26
CA ILE Z 228 85.07 68.43 -26.30
C ILE Z 228 84.20 68.85 -27.47
N ASN Z 229 84.25 68.11 -28.58
CA ASN Z 229 83.40 68.45 -29.71
C ASN Z 229 81.92 68.28 -29.38
N GLN Z 230 81.60 67.40 -28.42
CA GLN Z 230 80.22 67.28 -27.99
C GLN Z 230 79.71 68.59 -27.39
N LEU Z 231 80.60 69.34 -26.75
CA LEU Z 231 80.23 70.66 -26.26
C LEU Z 231 80.18 71.67 -27.41
N VAL Z 232 81.09 71.55 -28.37
CA VAL Z 232 81.07 72.44 -29.52
C VAL Z 232 79.80 72.26 -30.33
N SER Z 233 79.41 70.99 -30.56
CA SER Z 233 78.17 70.73 -31.28
C SER Z 233 76.96 71.24 -30.51
N THR Z 234 77.05 71.33 -29.19
CA THR Z 234 75.95 71.90 -28.41
C THR Z 234 75.88 73.40 -28.62
N ILE Z 235 77.02 74.04 -28.86
CA ILE Z 235 77.04 75.50 -29.04
C ILE Z 235 76.62 75.87 -30.46
N MET Z 236 77.08 75.10 -31.45
CA MET Z 236 76.75 75.40 -32.83
C MET Z 236 75.26 75.19 -33.09
N SER Z 237 74.71 74.08 -32.62
CA SER Z 237 73.30 73.80 -32.85
C SER Z 237 72.41 74.81 -32.16
N ALA Z 238 72.68 75.10 -30.89
CA ALA Z 238 71.86 76.04 -30.14
C ALA Z 238 72.05 77.48 -30.62
N SER Z 239 73.04 77.73 -31.49
CA SER Z 239 73.22 79.08 -32.00
C SER Z 239 72.13 79.46 -32.98
N THR Z 240 71.78 78.55 -33.88
CA THR Z 240 70.76 78.79 -34.89
C THR Z 240 69.43 78.17 -34.50
N THR Z 241 69.07 78.22 -33.22
CA THR Z 241 67.79 77.67 -32.80
C THR Z 241 66.65 78.61 -33.16
N THR Z 242 66.94 79.90 -33.33
CA THR Z 242 65.90 80.85 -33.69
C THR Z 242 65.59 80.85 -35.17
N LEU Z 243 66.52 80.39 -36.00
CA LEU Z 243 66.24 80.29 -37.43
C LEU Z 243 65.35 79.10 -37.74
N ARG Z 244 65.60 77.96 -37.10
CA ARG Z 244 64.85 76.74 -37.38
C ARG Z 244 63.50 76.72 -36.68
N TYR Z 245 63.36 77.41 -35.56
CA TYR Z 245 62.08 77.54 -34.87
C TYR Z 245 61.60 78.98 -34.98
N PRO Z 246 60.68 79.29 -35.87
CA PRO Z 246 60.31 80.70 -36.08
C PRO Z 246 59.50 81.25 -34.93
N GLY Z 247 59.86 82.46 -34.50
CA GLY Z 247 59.16 83.13 -33.44
C GLY Z 247 58.76 84.54 -33.83
N TYR Z 248 58.63 85.43 -32.84
CA TYR Z 248 58.20 86.83 -33.12
C TYR Z 248 59.25 87.54 -34.00
N MET Z 249 60.53 87.40 -33.64
CA MET Z 249 61.63 88.03 -34.36
C MET Z 249 62.72 87.02 -34.68
N ASN Z 250 63.78 87.52 -35.32
CA ASN Z 250 64.99 86.75 -35.62
C ASN Z 250 64.69 85.55 -36.52
N ASN Z 251 64.08 85.85 -37.67
CA ASN Z 251 63.77 84.85 -38.67
C ASN Z 251 64.75 84.86 -39.83
N ASP Z 252 65.90 85.47 -39.66
CA ASP Z 252 66.91 85.54 -40.71
C ASP Z 252 68.26 85.83 -40.07
N LEU Z 253 69.32 85.35 -40.73
CA LEU Z 253 70.66 85.46 -40.14
C LEU Z 253 71.06 86.91 -39.95
N ILE Z 254 70.67 87.80 -40.86
CA ILE Z 254 71.06 89.19 -40.75
C ILE Z 254 70.36 89.87 -39.58
N GLY Z 255 69.36 89.20 -38.98
CA GLY Z 255 68.74 89.74 -37.79
C GLY Z 255 69.55 89.47 -36.54
N LEU Z 256 70.27 88.36 -36.50
CA LEU Z 256 71.13 88.07 -35.35
C LEU Z 256 72.46 88.83 -35.44
N ILE Z 257 72.87 89.20 -36.64
CA ILE Z 257 74.18 89.81 -36.82
C ILE Z 257 74.12 91.30 -36.51
N ALA Z 258 73.27 92.04 -37.22
CA ALA Z 258 73.28 93.48 -37.12
C ALA Z 258 72.93 93.98 -35.71
N SER Z 259 72.31 93.14 -34.88
CA SER Z 259 71.97 93.59 -33.54
C SER Z 259 73.19 93.69 -32.65
N LEU Z 260 74.09 92.71 -32.74
CA LEU Z 260 75.25 92.67 -31.85
C LEU Z 260 76.39 93.53 -32.40
N ILE Z 261 76.81 93.27 -33.62
CA ILE Z 261 77.94 93.96 -34.24
C ILE Z 261 77.56 95.38 -34.61
N PRO Z 262 78.05 96.39 -33.89
CA PRO Z 262 77.66 97.77 -34.20
C PRO Z 262 78.44 98.36 -35.38
N THR Z 263 79.72 98.03 -35.48
CA THR Z 263 80.61 98.56 -36.49
C THR Z 263 81.31 97.42 -37.20
N PRO Z 264 81.71 97.60 -38.46
CA PRO Z 264 82.27 96.49 -39.24
C PRO Z 264 83.49 95.84 -38.62
N ARG Z 265 84.18 96.51 -37.69
CA ARG Z 265 85.42 95.96 -37.15
C ARG Z 265 85.20 95.10 -35.91
N LEU Z 266 84.42 95.60 -34.95
CA LEU Z 266 84.19 94.86 -33.70
C LEU Z 266 83.16 93.75 -33.94
N HIS Z 267 83.60 92.74 -34.69
CA HIS Z 267 82.74 91.66 -35.12
C HIS Z 267 83.23 90.32 -34.60
N PHE Z 268 83.53 90.23 -33.31
CA PHE Z 268 83.92 88.99 -32.67
C PHE Z 268 83.00 88.71 -31.50
N LEU Z 269 82.47 87.50 -31.44
CA LEU Z 269 81.49 87.14 -30.43
C LEU Z 269 81.95 85.91 -29.65
N MET Z 270 81.60 85.89 -28.36
CA MET Z 270 81.84 84.75 -27.49
C MET Z 270 80.51 84.22 -26.97
N THR Z 271 80.52 82.97 -26.53
CA THR Z 271 79.31 82.26 -26.16
C THR Z 271 79.29 81.90 -24.68
N GLY Z 272 78.10 81.58 -24.19
CA GLY Z 272 77.91 81.13 -22.82
C GLY Z 272 76.73 80.19 -22.70
N TYR Z 273 76.95 79.02 -22.09
CA TYR Z 273 75.96 77.94 -22.06
C TYR Z 273 75.94 77.34 -20.66
N THR Z 274 74.87 77.59 -19.91
CA THR Z 274 74.85 77.19 -18.51
C THR Z 274 74.54 75.71 -18.23
N PRO Z 275 73.60 75.03 -18.94
CA PRO Z 275 73.19 73.70 -18.48
C PRO Z 275 74.25 72.65 -18.81
N LEU Z 276 74.97 72.22 -17.78
CA LEU Z 276 76.03 71.22 -17.97
C LEU Z 276 75.88 70.08 -16.96
N THR Z 288 63.49 76.09 -11.40
CA THR Z 288 64.42 76.89 -12.18
C THR Z 288 63.68 77.94 -13.00
N THR Z 289 63.88 79.21 -12.64
CA THR Z 289 63.26 80.32 -13.34
C THR Z 289 64.27 81.00 -14.26
N VAL Z 290 63.77 81.98 -15.01
CA VAL Z 290 64.64 82.73 -15.92
C VAL Z 290 65.73 83.46 -15.16
N LEU Z 291 65.48 83.82 -13.90
CA LEU Z 291 66.51 84.49 -13.11
C LEU Z 291 67.65 83.53 -12.78
N ASP Z 292 67.33 82.25 -12.61
CA ASP Z 292 68.38 81.26 -12.34
C ASP Z 292 69.32 81.13 -13.53
N VAL Z 293 68.77 81.16 -14.74
CA VAL Z 293 69.59 80.99 -15.94
C VAL Z 293 70.38 82.26 -16.24
N MET Z 294 69.71 83.42 -16.14
CA MET Z 294 70.37 84.66 -16.49
C MET Z 294 71.55 84.96 -15.58
N ARG Z 295 71.46 84.59 -14.30
CA ARG Z 295 72.56 84.86 -13.39
C ARG Z 295 73.77 83.98 -13.67
N ARG Z 296 73.53 82.76 -14.14
CA ARG Z 296 74.64 81.84 -14.39
C ARG Z 296 75.40 82.16 -15.68
N LEU Z 297 74.75 82.80 -16.66
CA LEU Z 297 75.42 83.08 -17.92
C LEU Z 297 76.49 84.15 -17.74
N LEU Z 298 76.28 85.07 -16.81
CA LEU Z 298 77.21 86.18 -16.61
C LEU Z 298 78.40 85.82 -15.73
N GLN Z 299 78.42 84.62 -15.14
CA GLN Z 299 79.58 84.22 -14.34
C GLN Z 299 80.74 83.86 -15.26
N PRO Z 300 81.96 84.31 -14.94
CA PRO Z 300 83.12 84.00 -15.78
C PRO Z 300 83.44 82.51 -15.84
N LYS Z 301 82.82 81.69 -14.99
CA LYS Z 301 83.09 80.25 -15.01
C LYS Z 301 82.47 79.57 -16.22
N ASN Z 302 81.45 80.17 -16.82
CA ASN Z 302 80.72 79.53 -17.91
C ASN Z 302 81.17 79.96 -19.30
N VAL Z 303 81.76 81.15 -19.45
CA VAL Z 303 82.13 81.64 -20.76
C VAL Z 303 83.27 80.79 -21.33
N MET Z 304 83.20 80.52 -22.64
CA MET Z 304 84.25 79.75 -23.32
C MET Z 304 85.39 80.67 -23.76
N VAL Z 305 85.93 81.42 -22.79
CA VAL Z 305 87.05 82.30 -23.01
C VAL Z 305 88.00 82.20 -21.82
N SER Z 306 89.29 82.13 -22.10
CA SER Z 306 90.30 82.06 -21.04
C SER Z 306 90.47 83.41 -20.37
N ASN Z 314 88.67 100.02 -19.13
CA ASN Z 314 88.62 98.68 -18.56
C ASN Z 314 88.04 97.68 -19.55
N HIS Z 315 87.01 96.94 -19.12
CA HIS Z 315 86.37 95.95 -19.98
C HIS Z 315 84.87 95.99 -19.73
N CYS Z 316 84.11 95.81 -20.81
CA CYS Z 316 82.66 95.92 -20.75
C CYS Z 316 82.06 95.23 -21.97
N TYR Z 317 80.77 94.97 -21.90
CA TYR Z 317 80.02 94.34 -22.98
C TYR Z 317 79.62 95.39 -24.02
N ILE Z 318 79.19 94.91 -25.17
CA ILE Z 318 78.67 95.78 -26.22
C ILE Z 318 77.22 95.44 -26.56
N ALA Z 319 76.88 94.16 -26.64
CA ALA Z 319 75.51 93.74 -26.88
C ALA Z 319 75.38 92.28 -26.46
N ILE Z 320 74.27 91.96 -25.78
CA ILE Z 320 74.02 90.63 -25.26
C ILE Z 320 72.69 90.13 -25.81
N LEU Z 321 72.67 88.87 -26.26
CA LEU Z 321 71.46 88.21 -26.70
C LEU Z 321 71.33 86.89 -25.97
N ASN Z 322 70.21 86.72 -25.27
CA ASN Z 322 69.96 85.51 -24.48
C ASN Z 322 68.98 84.61 -25.20
N ILE Z 323 69.31 83.34 -25.28
CA ILE Z 323 68.46 82.32 -25.89
C ILE Z 323 67.97 81.40 -24.78
N ILE Z 324 66.67 81.42 -24.53
CA ILE Z 324 66.05 80.57 -23.52
C ILE Z 324 65.20 79.53 -24.23
N GLN Z 325 65.67 78.29 -24.25
CA GLN Z 325 65.00 77.22 -24.95
C GLN Z 325 64.02 76.45 -24.08
N GLY Z 326 63.60 77.03 -22.94
CA GLY Z 326 62.69 76.36 -22.04
C GLY Z 326 61.23 76.65 -22.35
N GLU Z 327 60.37 76.03 -21.55
CA GLU Z 327 58.93 76.27 -21.58
C GLU Z 327 58.50 77.28 -20.53
N VAL Z 328 59.48 78.05 -20.03
CA VAL Z 328 59.25 79.07 -18.96
C VAL Z 328 58.14 80.04 -19.41
N ASP Z 329 57.21 80.34 -18.51
CA ASP Z 329 56.09 81.28 -18.80
C ASP Z 329 56.67 82.68 -19.07
N PRO Z 330 56.42 83.30 -20.24
CA PRO Z 330 56.95 84.63 -20.55
C PRO Z 330 56.15 85.75 -19.86
N THR Z 331 56.28 85.86 -18.53
CA THR Z 331 55.58 86.90 -17.74
C THR Z 331 56.54 87.46 -16.70
N GLN Z 332 57.52 86.65 -16.28
CA GLN Z 332 58.53 87.07 -15.27
C GLN Z 332 59.83 87.43 -15.99
N VAL Z 333 59.85 87.29 -17.31
CA VAL Z 333 61.06 87.60 -18.14
C VAL Z 333 61.51 89.03 -17.83
N HIS Z 334 60.67 90.03 -18.16
CA HIS Z 334 61.01 91.42 -17.91
C HIS Z 334 61.42 91.64 -16.46
N LYS Z 335 60.92 90.80 -15.56
CA LYS Z 335 61.28 90.95 -14.15
C LYS Z 335 62.75 90.65 -13.92
N SER Z 336 63.26 89.60 -14.57
CA SER Z 336 64.68 89.27 -14.42
C SER Z 336 65.56 90.34 -15.03
N LEU Z 337 65.23 90.79 -16.24
CA LEU Z 337 65.98 91.89 -16.84
C LEU Z 337 65.95 93.13 -15.94
N GLN Z 338 64.81 93.38 -15.29
CA GLN Z 338 64.74 94.47 -14.34
C GLN Z 338 65.70 94.24 -13.18
N ARG Z 339 65.81 92.98 -12.73
CA ARG Z 339 66.69 92.68 -11.61
C ARG Z 339 68.16 92.74 -12.00
N ILE Z 340 68.50 92.30 -13.21
CA ILE Z 340 69.89 92.32 -13.65
C ILE Z 340 70.41 93.75 -13.70
N ARG Z 341 69.54 94.71 -14.03
CA ARG Z 341 69.94 96.11 -14.02
C ARG Z 341 70.22 96.60 -12.62
N GLU Z 342 69.46 96.12 -11.63
CA GLU Z 342 69.59 96.63 -10.26
C GLU Z 342 70.89 96.15 -9.62
N ARG Z 343 71.10 94.84 -9.58
CA ARG Z 343 72.31 94.31 -8.96
C ARG Z 343 73.58 94.61 -9.76
N LYS Z 344 73.45 95.02 -11.02
CA LYS Z 344 74.58 95.38 -11.86
C LYS Z 344 75.58 94.22 -11.96
N LEU Z 345 75.11 93.16 -12.61
CA LEU Z 345 75.95 91.99 -12.85
C LEU Z 345 76.79 92.12 -14.10
N ALA Z 346 76.53 93.12 -14.94
CA ALA Z 346 77.31 93.34 -16.15
C ALA Z 346 77.28 94.82 -16.52
N ASN Z 347 78.39 95.30 -17.07
CA ASN Z 347 78.51 96.68 -17.52
C ASN Z 347 78.74 96.70 -19.03
N PHE Z 348 78.38 97.81 -19.64
CA PHE Z 348 78.47 97.96 -21.09
C PHE Z 348 79.29 99.20 -21.45
N ILE Z 349 79.25 99.55 -22.72
CA ILE Z 349 79.96 100.71 -23.26
C ILE Z 349 79.32 101.99 -22.74
N PRO Z 350 80.09 103.03 -22.47
CA PRO Z 350 79.52 104.28 -21.95
C PRO Z 350 79.08 105.24 -23.05
N TRP Z 351 79.64 105.10 -24.25
CA TRP Z 351 79.42 106.08 -25.30
C TRP Z 351 78.04 105.90 -25.96
N GLY Z 352 77.77 104.71 -26.47
CA GLY Z 352 76.52 104.44 -27.15
C GLY Z 352 75.52 103.71 -26.29
N PRO Z 353 74.24 103.83 -26.62
CA PRO Z 353 73.21 103.12 -25.86
C PRO Z 353 73.28 101.63 -26.12
N ALA Z 354 73.69 100.85 -25.12
CA ALA Z 354 73.80 99.40 -25.23
C ALA Z 354 72.75 98.76 -24.33
N SER Z 355 71.98 97.85 -24.90
CA SER Z 355 70.92 97.17 -24.18
C SER Z 355 71.11 95.66 -24.31
N ILE Z 356 70.43 94.92 -23.44
CA ILE Z 356 70.50 93.47 -23.42
C ILE Z 356 69.18 92.93 -23.96
N GLN Z 357 69.26 91.93 -24.82
CA GLN Z 357 68.09 91.33 -25.45
C GLN Z 357 67.98 89.86 -25.07
N VAL Z 358 66.76 89.41 -24.87
CA VAL Z 358 66.48 88.03 -24.51
C VAL Z 358 65.47 87.46 -25.49
N ALA Z 359 65.69 86.21 -25.90
CA ALA Z 359 64.83 85.57 -26.88
C ALA Z 359 64.49 84.17 -26.40
N LEU Z 360 63.23 83.79 -26.59
CA LEU Z 360 62.74 82.48 -26.23
C LEU Z 360 62.57 81.63 -27.48
N SER Z 361 62.44 80.33 -27.27
CA SER Z 361 62.24 79.38 -28.36
C SER Z 361 61.57 78.15 -27.78
N ARG Z 362 61.42 77.12 -28.62
CA ARG Z 362 60.72 75.89 -28.23
C ARG Z 362 61.61 74.69 -28.49
N LYS Z 363 61.80 73.87 -27.46
CA LYS Z 363 62.61 72.68 -27.59
C LYS Z 363 61.94 71.65 -28.49
N SER Z 364 62.76 70.85 -29.14
CA SER Z 364 62.25 69.82 -30.05
C SER Z 364 61.53 68.74 -29.25
N PRO Z 365 60.26 68.44 -29.55
CA PRO Z 365 59.56 67.37 -28.81
C PRO Z 365 60.14 65.99 -29.08
N TYR Z 366 60.83 65.80 -30.20
CA TYR Z 366 61.37 64.47 -30.50
C TYR Z 366 62.61 64.14 -29.69
N LEU Z 367 63.19 65.11 -28.99
CA LEU Z 367 64.38 64.87 -28.18
C LEU Z 367 64.01 64.64 -26.72
N ARG Z 372 62.65 71.01 -18.26
CA ARG Z 372 63.98 71.15 -18.83
C ARG Z 372 64.18 72.52 -19.44
N VAL Z 373 65.06 73.31 -18.85
CA VAL Z 373 65.35 74.67 -19.32
C VAL Z 373 66.84 74.77 -19.59
N SER Z 374 67.19 75.31 -20.76
CA SER Z 374 68.57 75.52 -21.15
C SER Z 374 68.78 77.02 -21.35
N GLY Z 375 69.95 77.39 -21.87
CA GLY Z 375 70.24 78.78 -22.11
C GLY Z 375 71.56 79.02 -22.80
N LEU Z 376 71.55 79.87 -23.82
CA LEU Z 376 72.76 80.27 -24.52
C LEU Z 376 72.78 81.79 -24.65
N MET Z 377 73.98 82.35 -24.61
CA MET Z 377 74.16 83.79 -24.64
C MET Z 377 75.19 84.15 -25.70
N MET Z 378 74.80 85.01 -26.64
CA MET Z 378 75.71 85.56 -27.63
C MET Z 378 76.24 86.87 -27.10
N ALA Z 379 77.56 86.95 -26.89
CA ALA Z 379 78.17 88.10 -26.24
C ALA Z 379 79.18 88.77 -27.16
N ASN Z 380 79.23 90.08 -27.09
CA ASN Z 380 80.22 90.89 -27.79
C ASN Z 380 81.03 91.61 -26.72
N HIS Z 381 82.04 90.94 -26.19
CA HIS Z 381 82.81 91.42 -25.05
C HIS Z 381 84.16 91.94 -25.50
N THR Z 382 84.58 93.06 -24.92
CA THR Z 382 85.89 93.63 -25.24
C THR Z 382 87.04 92.76 -24.75
N SER Z 383 86.80 91.92 -23.74
CA SER Z 383 87.86 91.07 -23.21
C SER Z 383 88.32 90.02 -24.20
N ILE Z 384 87.71 89.95 -25.38
CA ILE Z 384 88.20 89.03 -26.41
C ILE Z 384 89.54 89.52 -26.96
N SER Z 385 89.88 90.79 -26.72
CA SER Z 385 91.15 91.32 -27.18
C SER Z 385 92.32 90.61 -26.53
N SER Z 386 92.08 89.97 -25.38
CA SER Z 386 93.16 89.27 -24.69
C SER Z 386 93.67 88.09 -25.49
N LEU Z 387 92.77 87.36 -26.16
CA LEU Z 387 93.17 86.19 -26.94
C LEU Z 387 94.12 86.58 -28.07
N PHE Z 388 93.90 87.74 -28.67
CA PHE Z 388 94.79 88.20 -29.72
C PHE Z 388 96.19 88.46 -29.19
N GLU Z 389 96.29 89.18 -28.07
CA GLU Z 389 97.59 89.56 -27.52
C GLU Z 389 98.46 88.33 -27.29
N ARG Z 390 97.85 87.22 -26.87
CA ARG Z 390 98.58 85.98 -26.73
C ARG Z 390 99.17 85.52 -28.06
N THR Z 391 98.42 85.70 -29.15
CA THR Z 391 98.95 85.40 -30.47
C THR Z 391 99.98 86.44 -30.89
N CYS Z 392 99.65 87.72 -30.67
CA CYS Z 392 100.57 88.80 -31.04
C CYS Z 392 101.90 88.68 -30.31
N ARG Z 393 101.86 88.30 -29.03
CA ARG Z 393 103.07 88.21 -28.23
C ARG Z 393 104.01 87.13 -28.76
N GLN Z 394 103.48 85.92 -28.92
CA GLN Z 394 104.33 84.80 -29.32
C GLN Z 394 104.89 84.99 -30.73
N TYR Z 395 104.26 85.84 -31.53
CA TYR Z 395 104.74 86.08 -32.88
C TYR Z 395 106.07 86.82 -32.87
N ASP Z 396 106.16 87.88 -32.09
CA ASP Z 396 107.40 88.65 -32.02
C ASP Z 396 108.55 87.82 -31.47
N LYS Z 397 108.25 86.94 -30.50
CA LYS Z 397 109.26 86.03 -30.00
C LYS Z 397 109.77 85.11 -31.10
N LEU Z 398 108.86 84.56 -31.92
CA LEU Z 398 109.27 83.80 -33.09
C LEU Z 398 109.85 84.69 -34.19
N ARG Z 399 109.59 85.99 -34.13
CA ARG Z 399 110.19 86.91 -35.10
C ARG Z 399 111.63 87.24 -34.77
N LYS Z 400 112.05 86.98 -33.53
CA LYS Z 400 113.43 87.19 -33.11
C LYS Z 400 114.15 85.88 -32.81
N ARG Z 401 113.65 84.76 -33.34
CA ARG Z 401 114.26 83.46 -33.13
C ARG Z 401 114.42 82.65 -34.41
N GLU Z 402 113.72 83.00 -35.48
CA GLU Z 402 113.79 82.28 -36.76
C GLU Z 402 113.44 80.81 -36.59
N ASP Z 416 109.00 85.36 -50.85
CA ASP Z 416 110.26 85.93 -51.30
C ASP Z 416 110.50 87.30 -50.68
N ASN Z 417 109.48 87.82 -49.99
CA ASN Z 417 109.55 89.14 -49.37
C ASN Z 417 109.31 89.11 -47.87
N PHE Z 418 108.55 88.15 -47.36
CA PHE Z 418 108.16 88.10 -45.96
C PHE Z 418 107.47 89.38 -45.52
N ASP Z 419 106.73 89.99 -46.44
CA ASP Z 419 105.99 91.23 -46.16
C ASP Z 419 104.55 90.98 -45.75
N GLU Z 420 103.95 89.88 -46.22
CA GLU Z 420 102.57 89.58 -45.84
C GLU Z 420 102.42 89.43 -44.34
N MET Z 421 103.40 88.80 -43.68
CA MET Z 421 103.34 88.64 -42.24
C MET Z 421 103.40 89.99 -41.53
N ASP Z 422 104.29 90.87 -42.00
CA ASP Z 422 104.41 92.18 -41.37
C ASP Z 422 103.19 93.05 -41.68
N THR Z 423 102.65 92.94 -42.89
CA THR Z 423 101.44 93.69 -43.22
C THR Z 423 100.26 93.16 -42.40
N SER Z 424 100.18 91.84 -42.23
CA SER Z 424 99.17 91.28 -41.33
C SER Z 424 99.43 91.72 -39.90
N ARG Z 425 100.71 91.86 -39.54
CA ARG Z 425 101.05 92.29 -38.19
C ARG Z 425 100.49 93.67 -37.88
N GLU Z 426 100.51 94.56 -38.87
CA GLU Z 426 100.06 95.93 -38.63
C GLU Z 426 98.55 95.98 -38.42
N ILE Z 427 97.80 95.22 -39.22
CA ILE Z 427 96.35 95.33 -39.17
C ILE Z 427 95.78 94.70 -37.90
N VAL Z 428 96.46 93.69 -37.35
CA VAL Z 428 96.02 93.15 -36.07
C VAL Z 428 96.24 94.18 -34.97
N GLN Z 429 97.29 94.98 -35.08
CA GLN Z 429 97.53 96.03 -34.10
C GLN Z 429 96.47 97.12 -34.20
N GLN Z 430 95.96 97.37 -35.41
CA GLN Z 430 94.87 98.32 -35.56
C GLN Z 430 93.60 97.81 -34.89
N LEU Z 431 93.39 96.48 -34.94
CA LEU Z 431 92.19 95.91 -34.35
C LEU Z 431 92.23 95.99 -32.83
N ILE Z 432 93.33 95.56 -32.22
CA ILE Z 432 93.43 95.56 -30.76
C ILE Z 432 93.28 96.98 -30.22
N ASP Z 433 93.87 97.96 -30.90
CA ASP Z 433 93.69 99.34 -30.49
C ASP Z 433 92.23 99.76 -30.55
N GLU Z 434 91.49 99.23 -31.53
CA GLU Z 434 90.09 99.60 -31.66
C GLU Z 434 89.26 99.04 -30.51
N TYR Z 435 89.61 97.85 -30.01
CA TYR Z 435 88.92 97.32 -28.84
C TYR Z 435 89.19 98.18 -27.62
N HIS Z 436 90.47 98.40 -27.31
CA HIS Z 436 90.80 99.18 -26.11
C HIS Z 436 90.35 100.63 -26.24
N ALA Z 437 90.07 101.09 -27.45
CA ALA Z 437 89.42 102.38 -27.62
C ALA Z 437 87.91 102.29 -27.50
N ALA Z 438 87.35 101.08 -27.55
CA ALA Z 438 85.90 100.93 -27.45
C ALA Z 438 85.41 101.11 -26.02
N THR Z 439 86.28 100.93 -25.04
CA THR Z 439 85.92 101.10 -23.64
C THR Z 439 86.17 102.51 -23.13
N ARG Z 440 86.36 103.47 -24.03
CA ARG Z 440 86.60 104.85 -23.64
C ARG Z 440 85.36 105.69 -23.87
N PRO Z 441 85.05 106.62 -22.96
CA PRO Z 441 83.86 107.47 -23.14
C PRO Z 441 83.93 108.37 -24.36
N ASP Z 442 85.00 108.32 -25.13
CA ASP Z 442 85.12 109.14 -26.33
C ASP Z 442 85.56 108.25 -27.49
N TYR Z 443 84.93 107.09 -27.63
CA TYR Z 443 85.29 106.17 -28.70
C TYR Z 443 85.02 106.76 -30.07
N ILE Z 444 84.02 107.65 -30.16
CA ILE Z 444 83.79 108.38 -31.40
C ILE Z 444 85.01 109.24 -31.70
N SER Z 445 85.44 109.23 -32.96
CA SER Z 445 86.63 109.95 -33.39
C SER Z 445 87.86 109.56 -32.57
N ARG AA 3 47.47 55.02 -84.53
CA ARG AA 3 48.87 55.32 -84.83
C ARG AA 3 49.79 54.41 -84.06
N GLU AA 4 50.94 54.09 -84.64
CA GLU AA 4 51.93 53.22 -84.02
C GLU AA 4 53.31 53.83 -84.14
N ILE AA 5 54.23 53.37 -83.30
CA ILE AA 5 55.60 53.86 -83.27
C ILE AA 5 56.54 52.66 -83.25
N ILE AA 6 57.36 52.54 -84.29
CA ILE AA 6 58.32 51.46 -84.41
C ILE AA 6 59.63 51.91 -83.79
N THR AA 7 60.21 51.06 -82.95
CA THR AA 7 61.46 51.36 -82.27
C THR AA 7 62.60 50.58 -82.90
N LEU AA 8 63.78 51.20 -82.90
CA LEU AA 8 65.00 50.59 -83.42
C LEU AA 8 66.04 50.59 -82.32
N GLN AA 9 66.89 49.57 -82.30
CA GLN AA 9 67.93 49.45 -81.28
C GLN AA 9 69.25 49.14 -81.97
N LEU AA 10 70.19 50.06 -81.88
CA LEU AA 10 71.46 49.96 -82.58
C LEU AA 10 72.61 49.89 -81.59
N GLY AA 11 73.62 49.10 -81.93
CA GLY AA 11 74.81 48.99 -81.11
C GLY AA 11 74.57 48.31 -79.78
N GLN AA 12 75.62 48.22 -78.97
CA GLN AA 12 75.49 47.55 -77.67
C GLN AA 12 74.57 48.32 -76.75
N CYS AA 13 74.66 49.66 -76.78
CA CYS AA 13 73.85 50.46 -75.87
C CYS AA 13 72.37 50.40 -76.25
N GLY AA 14 72.06 50.55 -77.53
CA GLY AA 14 70.67 50.55 -77.94
C GLY AA 14 69.96 49.26 -77.58
N ASN AA 15 70.63 48.13 -77.77
CA ASN AA 15 70.03 46.85 -77.43
C ASN AA 15 69.80 46.73 -75.92
N GLN AA 16 70.77 47.19 -75.12
CA GLN AA 16 70.64 47.05 -73.68
C GLN AA 16 69.57 47.97 -73.12
N ILE AA 17 69.61 49.26 -73.47
CA ILE AA 17 68.62 50.18 -72.92
C ILE AA 17 67.25 49.93 -73.55
N GLY AA 18 67.23 49.38 -74.77
CA GLY AA 18 65.95 49.01 -75.35
C GLY AA 18 65.37 47.76 -74.72
N PHE AA 19 66.22 46.77 -74.44
CA PHE AA 19 65.77 45.56 -73.77
C PHE AA 19 65.27 45.89 -72.36
N GLU AA 20 65.95 46.81 -71.67
CA GLU AA 20 65.48 47.23 -70.36
C GLU AA 20 64.25 48.12 -70.48
N PHE AA 21 64.10 48.82 -71.60
CA PHE AA 21 62.88 49.61 -71.82
C PHE AA 21 61.68 48.70 -72.00
N TRP AA 22 61.87 47.56 -72.67
CA TRP AA 22 60.74 46.67 -72.93
C TRP AA 22 60.38 45.84 -71.70
N LYS AA 23 61.39 45.44 -70.92
CA LYS AA 23 61.11 44.78 -69.65
C LYS AA 23 60.25 45.67 -68.76
N GLN AA 24 60.69 46.92 -68.55
CA GLN AA 24 59.93 47.84 -67.74
C GLN AA 24 58.56 48.10 -68.33
N LEU AA 25 58.46 48.13 -69.66
CA LEU AA 25 57.18 48.41 -70.29
C LEU AA 25 56.28 47.19 -70.28
N CYS AA 26 56.85 45.99 -70.30
CA CYS AA 26 56.04 44.79 -70.13
C CYS AA 26 55.54 44.65 -68.70
N ALA AA 27 56.40 44.91 -67.71
CA ALA AA 27 55.96 44.81 -66.32
C ALA AA 27 54.98 45.91 -65.96
N GLU AA 28 55.17 47.10 -66.55
CA GLU AA 28 54.21 48.18 -66.34
C GLU AA 28 52.82 47.78 -66.82
N HIS AA 29 52.75 46.98 -67.88
CA HIS AA 29 51.49 46.43 -68.35
C HIS AA 29 51.30 45.03 -67.78
N GLY AA 30 50.20 44.39 -68.16
CA GLY AA 30 49.94 43.02 -67.76
C GLY AA 30 50.38 42.01 -68.78
N ILE AA 31 51.69 41.94 -69.04
CA ILE AA 31 52.23 41.08 -70.09
C ILE AA 31 53.29 40.17 -69.48
N SER AA 32 53.04 38.87 -69.52
CA SER AA 32 53.99 37.89 -69.01
C SER AA 32 55.25 37.87 -69.87
N PRO AA 33 56.38 37.45 -69.29
CA PRO AA 33 57.62 37.32 -70.08
C PRO AA 33 57.47 36.47 -71.33
N GLU AA 34 56.49 35.58 -71.33
CA GLU AA 34 56.20 34.76 -72.51
C GLU AA 34 55.35 35.51 -73.53
N GLY AA 35 55.27 36.83 -73.42
CA GLY AA 35 54.51 37.67 -74.34
C GLY AA 35 53.04 37.27 -74.38
N ILE AA 36 52.52 36.75 -73.27
CA ILE AA 36 51.13 36.35 -73.17
C ILE AA 36 50.48 37.20 -72.08
N VAL AA 37 49.24 37.63 -72.33
CA VAL AA 37 48.56 38.50 -71.38
C VAL AA 37 48.07 37.71 -70.19
N GLU AA 38 48.40 38.18 -69.00
CA GLU AA 38 47.93 37.56 -67.77
C GLU AA 38 46.60 38.15 -67.36
N GLU AA 39 45.89 37.45 -66.48
CA GLU AA 39 44.56 37.89 -66.07
C GLU AA 39 44.65 39.12 -65.17
N PHE AA 40 45.26 38.97 -63.99
CA PHE AA 40 45.41 40.05 -63.02
C PHE AA 40 44.10 40.80 -62.76
N THR AA 45 42.27 48.95 -69.80
CA THR AA 45 42.19 50.40 -69.75
C THR AA 45 43.41 51.05 -70.39
N ASP AA 46 44.58 50.51 -70.08
CA ASP AA 46 45.82 51.06 -70.62
C ASP AA 46 45.93 50.74 -72.11
N ARG AA 47 45.83 51.78 -72.94
CA ARG AA 47 45.96 51.62 -74.39
C ARG AA 47 47.38 51.17 -74.72
N LYS AA 48 47.51 49.94 -75.20
CA LYS AA 48 48.80 49.35 -75.50
C LYS AA 48 48.96 48.97 -76.97
N ASP AA 49 48.10 49.49 -77.85
CA ASP AA 49 48.21 49.15 -79.26
C ASP AA 49 49.33 49.93 -79.95
N VAL AA 50 49.79 51.02 -79.34
CA VAL AA 50 50.81 51.84 -80.00
C VAL AA 50 52.15 51.13 -80.00
N PHE AA 51 52.53 50.55 -78.85
CA PHE AA 51 53.84 49.95 -78.71
C PHE AA 51 53.83 48.43 -78.78
N PHE AA 52 52.66 47.81 -78.78
CA PHE AA 52 52.55 46.36 -78.87
C PHE AA 52 51.61 45.98 -80.01
N TYR AA 53 51.94 44.88 -80.68
CA TYR AA 53 51.19 44.41 -81.84
C TYR AA 53 50.51 43.10 -81.49
N GLN AA 54 49.24 42.98 -81.85
CA GLN AA 54 48.46 41.77 -81.58
C GLN AA 54 48.72 40.70 -82.63
N TYR AA 60 50.92 39.25 -77.58
CA TYR AA 60 51.31 40.57 -78.06
C TYR AA 60 52.77 40.61 -78.48
N ILE AA 61 53.06 41.34 -79.55
CA ILE AA 61 54.40 41.38 -80.13
C ILE AA 61 54.94 42.81 -80.10
N PRO AA 62 56.13 43.03 -79.57
CA PRO AA 62 56.74 44.36 -79.65
C PRO AA 62 57.15 44.71 -81.06
N ARG AA 63 57.05 46.00 -81.39
CA ARG AA 63 57.43 46.49 -82.72
C ARG AA 63 58.89 46.94 -82.70
N ALA AA 64 59.77 45.99 -82.42
CA ALA AA 64 61.19 46.26 -82.31
C ALA AA 64 61.92 45.76 -83.54
N VAL AA 65 63.05 46.39 -83.83
CA VAL AA 65 63.94 45.96 -84.91
C VAL AA 65 65.36 45.97 -84.34
N LEU AA 66 65.78 44.83 -83.80
CA LEU AA 66 67.09 44.76 -83.17
C LEU AA 66 68.17 44.64 -84.24
N LEU AA 67 69.33 45.23 -83.97
CA LEU AA 67 70.42 45.19 -84.93
C LEU AA 67 71.76 44.97 -84.23
N ARG AA 72 76.39 39.36 -80.90
CA ARG AA 72 76.76 38.78 -79.62
C ARG AA 72 75.74 39.10 -78.53
N VAL AA 73 75.40 40.38 -78.40
CA VAL AA 73 74.43 40.80 -77.40
C VAL AA 73 73.06 40.20 -77.68
N ILE AA 74 72.75 39.93 -78.94
CA ILE AA 74 71.45 39.35 -79.28
C ILE AA 74 71.32 37.96 -78.68
N HIS AA 75 72.42 37.21 -78.62
CA HIS AA 75 72.38 35.87 -78.06
C HIS AA 75 72.03 35.90 -76.58
N SER AA 76 72.67 36.77 -75.81
CA SER AA 76 72.36 36.88 -74.39
C SER AA 76 70.92 37.33 -74.17
N ILE AA 77 70.36 38.06 -75.13
CA ILE AA 77 68.93 38.38 -75.07
C ILE AA 77 68.10 37.14 -75.34
N LEU AA 78 68.53 36.31 -76.31
CA LEU AA 78 67.77 35.12 -76.66
C LEU AA 78 67.90 34.02 -75.60
N ASN AA 79 68.99 34.02 -74.83
CA ASN AA 79 69.11 33.10 -73.71
C ASN AA 79 68.38 33.60 -72.47
N SER AA 80 67.83 34.82 -72.51
CA SER AA 80 67.12 35.38 -71.39
C SER AA 80 65.72 34.76 -71.28
N PRO AA 81 65.06 34.93 -70.13
CA PRO AA 81 63.65 34.51 -70.02
C PRO AA 81 62.71 35.26 -70.94
N TYR AA 82 63.19 36.27 -71.68
CA TYR AA 82 62.35 37.03 -72.59
C TYR AA 82 62.62 36.68 -74.06
N ALA AA 83 63.02 35.43 -74.32
CA ALA AA 83 63.27 35.01 -75.69
C ALA AA 83 62.01 35.00 -76.54
N LYS AA 84 60.84 34.78 -75.93
CA LYS AA 84 59.59 34.71 -76.65
C LYS AA 84 58.97 36.07 -76.90
N LEU AA 85 59.75 37.15 -76.81
CA LEU AA 85 59.24 38.50 -76.95
C LEU AA 85 59.55 39.12 -78.31
N TYR AA 86 59.96 38.33 -79.29
CA TYR AA 86 60.22 38.87 -80.63
C TYR AA 86 59.83 37.89 -81.72
N GLY AA 101 84.08 47.04 -86.22
CA GLY AA 101 85.25 47.65 -85.55
C GLY AA 101 84.84 48.71 -84.55
N ASN AA 102 85.29 49.95 -84.77
CA ASN AA 102 84.98 51.07 -83.88
C ASN AA 102 85.09 52.42 -84.56
N ASN AA 103 85.12 52.47 -85.88
CA ASN AA 103 85.15 53.72 -86.63
C ASN AA 103 83.76 54.08 -87.11
N TRP AA 104 83.59 55.35 -87.49
CA TRP AA 104 82.32 55.78 -88.04
C TRP AA 104 82.21 55.41 -89.51
N ALA AA 105 83.32 55.47 -90.25
CA ALA AA 105 83.30 55.08 -91.65
C ALA AA 105 83.07 53.58 -91.79
N SER AA 106 83.67 52.78 -90.90
CA SER AA 106 83.43 51.34 -90.94
C SER AA 106 81.98 51.01 -90.63
N GLY AA 107 81.36 51.83 -89.76
CA GLY AA 107 79.95 51.66 -89.39
C GLY AA 107 79.02 52.19 -90.46
N PHE AA 108 79.52 53.08 -91.33
CA PHE AA 108 78.71 53.63 -92.40
C PHE AA 108 78.70 52.72 -93.62
N SER AA 109 79.85 52.14 -93.95
CA SER AA 109 79.95 51.33 -95.17
C SER AA 109 79.17 50.04 -95.03
N GLN AA 110 79.34 49.32 -93.91
CA GLN AA 110 78.68 48.04 -93.75
C GLN AA 110 77.17 48.17 -93.80
N GLY AA 111 76.63 49.33 -93.40
CA GLY AA 111 75.22 49.57 -93.58
C GLY AA 111 74.82 49.74 -95.03
N GLU AA 112 75.75 50.22 -95.86
CA GLU AA 112 75.46 50.38 -97.28
C GLU AA 112 75.39 49.04 -97.99
N LYS AA 113 76.18 48.05 -97.55
CA LYS AA 113 76.19 46.76 -98.22
C LYS AA 113 74.99 45.91 -97.84
N ILE AA 114 74.34 46.21 -96.71
CA ILE AA 114 73.15 45.50 -96.29
C ILE AA 114 71.98 46.47 -96.30
N HIS AA 115 72.04 47.48 -97.18
CA HIS AA 115 70.98 48.46 -97.30
C HIS AA 115 69.63 47.80 -97.55
N GLU AA 116 69.56 46.90 -98.53
CA GLU AA 116 68.29 46.28 -98.86
C GLU AA 116 67.85 45.32 -97.77
N ASP AA 117 68.81 44.71 -97.06
CA ASP AA 117 68.47 43.65 -96.11
C ASP AA 117 67.57 44.15 -94.99
N ILE AA 118 68.05 45.11 -94.21
CA ILE AA 118 67.33 45.48 -92.99
C ILE AA 118 66.04 46.23 -93.30
N PHE AA 119 65.94 46.88 -94.45
CA PHE AA 119 64.71 47.60 -94.78
C PHE AA 119 63.54 46.67 -95.05
N ASP AA 120 63.79 45.46 -95.57
CA ASP AA 120 62.70 44.52 -95.76
C ASP AA 120 61.99 44.24 -94.45
N ILE AA 121 62.75 44.21 -93.36
CA ILE AA 121 62.15 44.05 -92.03
C ILE AA 121 61.30 45.28 -91.69
N ILE AA 122 61.80 46.46 -92.06
CA ILE AA 122 61.07 47.69 -91.76
C ILE AA 122 59.92 47.89 -92.72
N ASP AA 123 60.12 47.57 -94.00
CA ASP AA 123 59.07 47.78 -94.98
C ASP AA 123 57.85 46.91 -94.70
N ARG AA 124 58.06 45.68 -94.23
CA ARG AA 124 56.92 44.83 -93.90
C ARG AA 124 56.25 45.29 -92.61
N GLU AA 125 57.04 45.81 -91.66
CA GLU AA 125 56.47 46.27 -90.40
C GLU AA 125 55.72 47.58 -90.58
N ALA AA 126 56.17 48.42 -91.52
CA ALA AA 126 55.49 49.68 -91.79
C ALA AA 126 54.14 49.44 -92.47
N ASP AA 127 54.15 48.68 -93.57
CA ASP AA 127 52.91 48.37 -94.27
C ASP AA 127 52.02 47.43 -93.48
N GLY AA 128 52.61 46.55 -92.67
CA GLY AA 128 51.81 45.74 -91.77
C GLY AA 128 51.19 46.55 -90.65
N SER AA 129 51.69 47.76 -90.43
CA SER AA 129 51.14 48.64 -89.41
C SER AA 129 49.94 49.39 -89.96
N ASP AA 130 49.01 49.73 -89.07
CA ASP AA 130 47.79 50.41 -89.47
C ASP AA 130 48.10 51.79 -90.04
N SER AA 131 48.65 52.68 -89.22
CA SER AA 131 49.01 54.02 -89.66
C SER AA 131 50.26 54.44 -88.89
N LEU AA 132 51.41 54.35 -89.55
CA LEU AA 132 52.67 54.64 -88.89
C LEU AA 132 52.77 56.12 -88.53
N GLU AA 133 53.45 56.40 -87.42
CA GLU AA 133 53.62 57.77 -86.95
C GLU AA 133 55.08 58.18 -86.87
N GLY AA 134 55.94 57.35 -86.27
CA GLY AA 134 57.31 57.76 -86.09
C GLY AA 134 58.30 56.63 -85.94
N PHE AA 135 59.55 56.97 -85.63
CA PHE AA 135 60.65 56.01 -85.52
C PHE AA 135 61.48 56.40 -84.29
N VAL AA 136 61.31 55.66 -83.20
CA VAL AA 136 62.15 55.86 -82.03
C VAL AA 136 63.48 55.15 -82.25
N LEU AA 137 64.57 55.86 -82.00
CA LEU AA 137 65.92 55.33 -82.16
C LEU AA 137 66.64 55.40 -80.82
N CYS AA 138 67.15 54.26 -80.36
CA CYS AA 138 67.95 54.18 -79.14
C CYS AA 138 69.35 53.77 -79.54
N HIS AA 139 70.32 54.67 -79.37
CA HIS AA 139 71.68 54.39 -79.78
C HIS AA 139 72.63 55.31 -79.02
N SER AA 140 73.88 54.89 -78.96
CA SER AA 140 74.95 55.68 -78.34
C SER AA 140 75.85 56.25 -79.41
N ILE AA 141 76.11 57.56 -79.35
CA ILE AA 141 76.89 58.22 -80.39
C ILE AA 141 78.39 58.13 -80.17
N ALA AA 142 78.84 57.37 -79.18
CA ALA AA 142 80.27 57.21 -78.95
C ALA AA 142 80.80 55.95 -79.63
N GLY AA 144 81.88 51.60 -82.03
CA GLY AA 144 81.40 52.77 -82.80
C GLY AA 144 80.64 52.34 -84.05
N THR AA 145 80.51 51.02 -84.26
CA THR AA 145 79.79 50.48 -85.44
C THR AA 145 78.32 50.92 -85.38
N GLY AA 146 77.72 50.87 -84.18
CA GLY AA 146 76.31 51.26 -84.01
C GLY AA 146 76.08 52.72 -84.35
N SER AA 147 77.00 53.59 -83.92
CA SER AA 147 76.87 55.05 -84.20
C SER AA 147 76.95 55.27 -85.73
N GLY AA 148 77.89 54.59 -86.39
CA GLY AA 148 78.05 54.70 -87.85
C GLY AA 148 76.82 54.19 -88.59
N LEU AA 149 76.29 53.05 -88.14
CA LEU AA 149 75.08 52.44 -88.76
C LEU AA 149 73.90 53.40 -88.58
N GLY AA 150 73.78 54.01 -87.39
CA GLY AA 150 72.71 54.96 -87.10
C GLY AA 150 72.70 56.12 -88.07
N SER AA 151 73.87 56.75 -88.27
CA SER AA 151 73.97 57.89 -89.17
C SER AA 151 73.53 57.52 -90.58
N TYR AA 152 73.85 56.30 -91.01
CA TYR AA 152 73.41 55.83 -92.32
C TYR AA 152 71.91 55.70 -92.38
N LEU AA 153 71.31 55.05 -91.39
CA LEU AA 153 69.88 54.78 -91.43
C LEU AA 153 69.08 56.08 -91.28
N LEU AA 154 69.60 57.05 -90.54
CA LEU AA 154 68.87 58.30 -90.34
C LEU AA 154 68.70 59.05 -91.66
N GLU AA 155 69.66 58.91 -92.58
CA GLU AA 155 69.54 59.59 -93.85
C GLU AA 155 68.56 58.89 -94.78
N ARG AA 156 68.63 57.55 -94.84
CA ARG AA 156 67.76 56.82 -95.75
C ARG AA 156 66.30 56.96 -95.38
N LEU AA 157 65.99 57.03 -94.08
CA LEU AA 157 64.60 57.22 -93.67
C LEU AA 157 64.06 58.55 -94.19
N ASN AA 158 64.91 59.55 -94.32
CA ASN AA 158 64.49 60.79 -94.96
C ASN AA 158 64.23 60.60 -96.45
N ASP AA 159 64.95 59.67 -97.08
CA ASP AA 159 64.75 59.42 -98.51
C ASP AA 159 63.39 58.76 -98.74
N ARG AA 160 63.14 57.63 -98.07
CA ARG AA 160 61.94 56.86 -98.34
C ARG AA 160 60.70 57.52 -97.74
N TYR AA 161 60.67 57.66 -96.42
CA TYR AA 161 59.49 58.18 -95.74
C TYR AA 161 59.68 59.66 -95.44
N PRO AA 162 58.99 60.56 -96.11
CA PRO AA 162 59.16 61.98 -95.83
C PRO AA 162 58.25 62.49 -94.72
N LYS AA 163 57.18 61.75 -94.42
CA LYS AA 163 56.14 62.23 -93.52
C LYS AA 163 56.11 61.47 -92.20
N LYS AA 164 57.25 60.96 -91.74
CA LYS AA 164 57.34 60.21 -90.50
C LYS AA 164 58.36 60.86 -89.58
N LEU AA 165 57.94 61.17 -88.34
CA LEU AA 165 58.86 61.74 -87.36
C LEU AA 165 59.92 60.71 -86.99
N VAL AA 166 61.10 61.22 -86.63
CA VAL AA 166 62.21 60.38 -86.18
C VAL AA 166 62.75 60.99 -84.90
N GLN AA 167 62.40 60.40 -83.76
CA GLN AA 167 62.90 60.82 -82.46
C GLN AA 167 64.00 59.86 -82.02
N THR AA 168 65.08 60.42 -81.50
CA THR AA 168 66.26 59.63 -81.17
C THR AA 168 66.62 59.82 -79.71
N TYR AA 169 66.69 58.72 -78.97
CA TYR AA 169 67.09 58.74 -77.57
C TYR AA 169 68.59 58.54 -77.44
N SER AA 170 69.34 59.45 -78.08
CA SER AA 170 70.78 59.32 -78.15
C SER AA 170 71.41 59.39 -76.77
N VAL AA 171 72.61 58.82 -76.65
CA VAL AA 171 73.35 58.76 -75.40
C VAL AA 171 74.77 59.22 -75.66
N PHE AA 172 75.22 60.27 -74.94
CA PHE AA 172 76.54 60.84 -75.09
C PHE AA 172 77.56 60.12 -74.23
N PRO AA 173 78.86 60.20 -74.56
CA PRO AA 173 79.88 59.53 -73.75
C PRO AA 173 80.15 60.24 -72.43
N VAL AA 183 89.40 58.44 -80.26
CA VAL AA 183 88.66 58.61 -81.50
C VAL AA 183 87.19 58.86 -81.19
N GLN AA 184 86.87 58.88 -79.90
CA GLN AA 184 85.50 59.23 -79.50
C GLN AA 184 85.09 60.63 -79.93
N PRO AA 185 85.94 61.65 -79.88
CA PRO AA 185 85.51 62.96 -80.40
C PRO AA 185 85.14 62.95 -81.86
N TYR AA 186 85.88 62.21 -82.69
CA TYR AA 186 85.56 62.13 -84.11
C TYR AA 186 84.14 61.63 -84.34
N ASN AA 187 83.85 60.42 -83.83
CA ASN AA 187 82.57 59.78 -84.09
C ASN AA 187 81.42 60.61 -83.54
N SER AA 188 81.65 61.30 -82.43
CA SER AA 188 80.56 62.04 -81.79
C SER AA 188 80.10 63.21 -82.65
N LEU AA 189 81.04 63.91 -83.28
CA LEU AA 189 80.65 65.08 -84.07
C LEU AA 189 80.08 64.69 -85.41
N LEU AA 190 80.55 63.58 -86.00
CA LEU AA 190 80.03 63.16 -87.29
C LEU AA 190 78.54 62.84 -87.20
N THR AA 191 78.15 62.03 -86.22
CA THR AA 191 76.74 61.73 -86.05
C THR AA 191 75.96 62.98 -85.69
N LEU AA 192 76.62 63.96 -85.09
CA LEU AA 192 75.95 65.23 -84.80
C LEU AA 192 75.58 65.95 -86.09
N LYS AA 193 76.37 65.78 -87.15
CA LYS AA 193 76.05 66.41 -88.42
C LYS AA 193 74.75 65.87 -88.99
N ARG AA 194 74.45 64.60 -88.73
CA ARG AA 194 73.19 64.02 -89.19
C ARG AA 194 72.05 64.30 -88.22
N LEU AA 195 72.32 64.30 -86.92
CA LEU AA 195 71.29 64.52 -85.93
C LEU AA 195 70.75 65.94 -85.93
N THR AA 196 71.44 66.88 -86.60
CA THR AA 196 70.98 68.26 -86.61
C THR AA 196 70.09 68.59 -87.79
N GLN AA 197 69.99 67.70 -88.78
CA GLN AA 197 69.19 68.01 -89.96
C GLN AA 197 68.35 66.83 -90.40
N ASN AA 198 68.55 65.66 -89.79
CA ASN AA 198 67.75 64.49 -90.13
C ASN AA 198 66.74 64.16 -89.02
N ALA AA 199 67.21 63.94 -87.80
CA ALA AA 199 66.33 63.55 -86.71
C ALA AA 199 65.39 64.69 -86.35
N ASP AA 200 64.10 64.39 -86.32
CA ASP AA 200 63.08 65.41 -86.08
C ASP AA 200 63.03 65.88 -84.63
N CYS AA 201 63.51 65.08 -83.70
CA CYS AA 201 63.61 65.47 -82.30
C CYS AA 201 64.76 64.70 -81.70
N LEU AA 202 65.15 65.09 -80.48
CA LEU AA 202 66.30 64.44 -79.88
C LEU AA 202 66.29 64.69 -78.38
N VAL AA 203 66.53 63.62 -77.62
CA VAL AA 203 66.57 63.69 -76.17
C VAL AA 203 67.94 63.23 -75.72
N VAL AA 204 68.67 64.11 -75.07
CA VAL AA 204 70.07 63.86 -74.75
C VAL AA 204 70.15 63.17 -73.40
N LEU AA 205 71.04 62.19 -73.30
CA LEU AA 205 71.31 61.48 -72.05
C LEU AA 205 72.80 61.18 -72.00
N ASP AA 206 73.54 61.94 -71.22
CA ASP AA 206 74.99 61.80 -71.16
C ASP AA 206 75.40 60.95 -69.96
N ASN AA 207 76.38 60.06 -70.18
CA ASN AA 207 76.83 59.15 -69.13
C ASN AA 207 77.47 59.86 -67.97
N THR AA 208 78.10 61.02 -68.20
CA THR AA 208 78.81 61.71 -67.13
C THR AA 208 77.84 62.22 -66.08
N ALA AA 209 76.61 62.57 -66.49
CA ALA AA 209 75.61 63.00 -65.52
C ALA AA 209 74.94 61.81 -64.86
N LEU AA 210 74.80 60.69 -65.59
CA LEU AA 210 74.19 59.51 -65.00
C LEU AA 210 75.14 58.79 -64.06
N ASN AA 211 76.42 58.73 -64.42
CA ASN AA 211 77.40 58.05 -63.57
C ASN AA 211 77.57 58.79 -62.25
N ARG AA 212 77.54 60.12 -62.28
CA ARG AA 212 77.66 60.89 -61.03
C ARG AA 212 76.46 60.63 -60.12
N ILE AA 213 75.30 60.38 -60.73
CA ILE AA 213 74.05 60.09 -59.97
C ILE AA 213 74.17 58.69 -59.35
N ALA AA 214 74.91 57.80 -60.02
CA ALA AA 214 75.11 56.42 -59.53
C ALA AA 214 76.16 56.44 -58.40
N THR AA 215 77.03 57.46 -58.40
CA THR AA 215 78.08 57.58 -57.35
C THR AA 215 77.65 58.63 -56.33
N ASP AA 216 76.33 58.79 -56.13
CA ASP AA 216 75.81 59.79 -55.16
C ASP AA 216 74.68 59.15 -54.32
N ARG AA 217 73.51 58.94 -54.94
CA ARG AA 217 72.34 58.35 -54.24
C ARG AA 217 72.28 56.84 -54.47
N LEU AA 218 72.87 56.37 -55.58
CA LEU AA 218 72.89 54.91 -55.89
C LEU AA 218 74.03 54.23 -55.12
N HIS AA 219 75.18 54.90 -55.03
CA HIS AA 219 76.38 54.37 -54.32
C HIS AA 219 76.78 53.01 -54.90
N ILE AA 220 77.34 53.01 -56.11
CA ILE AA 220 77.75 51.79 -56.80
C ILE AA 220 79.23 51.49 -56.62
N GLN AA 221 80.01 52.41 -56.05
CA GLN AA 221 81.43 52.18 -55.85
C GLN AA 221 81.97 53.06 -54.73
N SER AA 224 78.07 50.12 -62.64
CA SER AA 224 77.96 49.10 -63.67
C SER AA 224 76.96 49.51 -64.74
N PHE AA 225 77.14 48.98 -65.95
CA PHE AA 225 76.25 49.33 -67.05
C PHE AA 225 74.82 48.90 -66.76
N SER AA 226 74.64 47.70 -66.22
CA SER AA 226 73.31 47.23 -65.90
C SER AA 226 72.68 47.99 -64.74
N GLN AA 227 73.44 48.85 -64.07
CA GLN AA 227 72.92 49.63 -62.95
C GLN AA 227 72.43 51.01 -63.37
N ILE AA 228 73.21 51.72 -64.19
CA ILE AA 228 72.78 53.04 -64.65
C ILE AA 228 71.63 52.91 -65.65
N ASN AA 229 71.56 51.78 -66.36
CA ASN AA 229 70.46 51.58 -67.30
C ASN AA 229 69.11 51.51 -66.59
N GLN AA 230 69.12 51.19 -65.29
CA GLN AA 230 67.90 51.25 -64.50
C GLN AA 230 67.30 52.65 -64.53
N LEU AA 231 68.15 53.67 -64.46
CA LEU AA 231 67.67 55.04 -64.50
C LEU AA 231 67.27 55.45 -65.91
N VAL AA 232 68.02 55.01 -66.92
CA VAL AA 232 67.69 55.33 -68.29
C VAL AA 232 66.34 54.72 -68.66
N SER AA 233 66.07 53.51 -68.19
CA SER AA 233 64.79 52.87 -68.46
C SER AA 233 63.64 53.62 -67.83
N THR AA 234 63.85 54.19 -66.64
CA THR AA 234 62.78 54.91 -65.97
C THR AA 234 62.44 56.20 -66.69
N ILE AA 235 63.44 56.86 -67.26
CA ILE AA 235 63.19 58.10 -68.00
C ILE AA 235 62.51 57.79 -69.33
N MET AA 236 62.97 56.74 -70.03
CA MET AA 236 62.36 56.37 -71.30
C MET AA 236 60.92 55.92 -71.10
N SER AA 237 60.70 55.03 -70.13
CA SER AA 237 59.34 54.57 -69.86
C SER AA 237 58.43 55.71 -69.46
N ALA AA 238 58.98 56.70 -68.73
CA ALA AA 238 58.18 57.83 -68.30
C ALA AA 238 57.96 58.84 -69.41
N SER AA 239 58.82 58.85 -70.43
CA SER AA 239 58.70 59.85 -71.48
C SER AA 239 57.41 59.65 -72.29
N THR AA 240 57.05 58.41 -72.58
CA THR AA 240 55.87 58.08 -73.37
C THR AA 240 54.70 57.66 -72.48
N THR AA 241 54.57 58.25 -71.31
CA THR AA 241 53.49 57.85 -70.40
C THR AA 241 52.14 58.35 -70.89
N THR AA 242 52.08 59.59 -71.36
CA THR AA 242 50.81 60.14 -71.81
C THR AA 242 50.35 59.52 -73.12
N LEU AA 243 51.17 58.69 -73.75
CA LEU AA 243 50.74 58.01 -74.97
C LEU AA 243 50.00 56.72 -74.67
N ARG AA 244 50.40 56.00 -73.62
CA ARG AA 244 49.80 54.71 -73.32
C ARG AA 244 48.56 54.82 -72.44
N TYR AA 245 48.50 55.80 -71.55
CA TYR AA 245 47.32 56.06 -70.75
C TYR AA 245 46.61 57.28 -71.31
N PRO AA 246 45.54 57.12 -72.08
CA PRO AA 246 44.96 58.25 -72.78
C PRO AA 246 44.31 59.24 -71.84
N GLY AA 247 44.45 60.53 -72.16
CA GLY AA 247 43.82 61.58 -71.40
C GLY AA 247 43.13 62.56 -72.33
N TYR AA 248 42.79 63.75 -71.84
CA TYR AA 248 42.13 64.73 -72.68
C TYR AA 248 43.07 65.31 -73.71
N MET AA 249 44.37 65.31 -73.43
CA MET AA 249 45.38 65.88 -74.31
C MET AA 249 46.53 64.90 -74.49
N ASN AA 250 47.42 65.23 -75.43
CA ASN AA 250 48.67 64.49 -75.63
C ASN AA 250 48.41 63.02 -75.95
N ASN AA 251 47.63 62.80 -77.01
CA ASN AA 251 47.33 61.45 -77.48
C ASN AA 251 48.14 61.07 -78.71
N ASP AA 252 49.22 61.79 -78.99
CA ASP AA 252 50.04 61.52 -80.17
C ASP AA 252 51.41 62.13 -79.95
N LEU AA 253 52.41 61.52 -80.58
CA LEU AA 253 53.80 61.89 -80.33
C LEU AA 253 54.07 63.33 -80.73
N ILE AA 254 53.40 63.83 -81.76
CA ILE AA 254 53.63 65.20 -82.19
C ILE AA 254 53.03 66.19 -81.20
N GLY AA 255 52.07 65.74 -80.39
CA GLY AA 255 51.45 66.62 -79.41
C GLY AA 255 52.42 67.07 -78.33
N LEU AA 256 53.38 66.22 -77.98
CA LEU AA 256 54.37 66.58 -76.97
C LEU AA 256 55.46 67.44 -77.57
N ILE AA 257 55.79 67.22 -78.84
CA ILE AA 257 56.95 67.86 -79.45
C ILE AA 257 56.58 69.22 -80.00
N ALA AA 258 55.34 69.38 -80.48
CA ALA AA 258 54.94 70.61 -81.12
C ALA AA 258 54.99 71.81 -80.18
N SER AA 259 55.03 71.58 -78.87
CA SER AA 259 55.04 72.70 -77.94
C SER AA 259 56.46 73.14 -77.60
N LEU AA 260 57.36 72.18 -77.44
CA LEU AA 260 58.71 72.51 -76.98
C LEU AA 260 59.57 73.10 -78.10
N ILE AA 261 59.75 72.34 -79.18
CA ILE AA 261 60.66 72.72 -80.26
C ILE AA 261 60.08 73.91 -81.03
N PRO AA 262 60.68 75.10 -80.90
CA PRO AA 262 60.08 76.28 -81.56
C PRO AA 262 60.38 76.35 -83.06
N THR AA 263 61.59 75.99 -83.46
CA THR AA 263 62.00 75.97 -84.86
C THR AA 263 62.72 74.67 -85.15
N PRO AA 264 62.69 74.20 -86.40
CA PRO AA 264 63.28 72.88 -86.70
C PRO AA 264 64.76 72.78 -86.35
N ARG AA 265 65.46 73.88 -86.16
CA ARG AA 265 66.88 73.80 -85.81
C ARG AA 265 67.08 73.46 -84.34
N LEU AA 266 66.31 74.08 -83.45
CA LEU AA 266 66.50 73.92 -82.00
C LEU AA 266 65.68 72.72 -81.52
N HIS AA 267 66.16 71.53 -81.88
CA HIS AA 267 65.44 70.30 -81.57
C HIS AA 267 66.27 69.40 -80.66
N PHE AA 268 66.78 69.96 -79.57
CA PHE AA 268 67.50 69.21 -78.56
C PHE AA 268 66.82 69.43 -77.21
N LEU AA 269 66.65 68.35 -76.45
CA LEU AA 269 65.96 68.40 -75.17
C LEU AA 269 66.79 67.72 -74.08
N MET AA 270 66.52 68.12 -72.84
CA MET AA 270 67.14 67.52 -71.66
C MET AA 270 66.05 67.10 -70.68
N THR AA 271 66.42 66.23 -69.74
CA THR AA 271 65.46 65.58 -68.87
C THR AA 271 65.74 65.89 -67.41
N GLY AA 272 64.76 65.58 -66.55
CA GLY AA 272 64.90 65.82 -65.09
C GLY AA 272 64.05 64.87 -64.28
N TYR AA 273 64.67 64.08 -63.40
CA TYR AA 273 63.93 63.11 -62.55
C TYR AA 273 63.97 63.61 -61.09
N THR AA 274 62.79 63.90 -60.53
CA THR AA 274 62.67 64.42 -59.14
C THR AA 274 63.15 63.40 -58.11
N PRO AA 275 62.82 62.10 -58.23
CA PRO AA 275 63.21 61.08 -57.26
C PRO AA 275 64.37 60.18 -57.73
N LEU AA 276 65.42 60.07 -56.92
CA LEU AA 276 66.59 59.22 -57.25
C LEU AA 276 67.10 58.53 -55.97
N THR AA 288 52.68 63.75 -51.09
CA THR AA 288 53.57 64.76 -51.67
C THR AA 288 52.80 65.68 -52.60
N THR AA 289 52.82 66.97 -52.31
CA THR AA 289 52.10 67.96 -53.10
C THR AA 289 52.77 68.18 -54.44
N VAL AA 290 52.00 68.76 -55.37
CA VAL AA 290 52.55 69.02 -56.70
C VAL AA 290 53.52 70.18 -56.67
N LEU AA 291 53.35 71.06 -55.68
CA LEU AA 291 54.22 72.25 -55.50
C LEU AA 291 55.63 71.79 -55.11
N ASP AA 292 55.73 70.60 -54.50
CA ASP AA 292 57.02 70.05 -54.11
C ASP AA 292 57.76 69.48 -55.31
N VAL AA 293 57.01 68.77 -56.16
CA VAL AA 293 57.58 68.09 -57.36
C VAL AA 293 58.17 69.15 -58.30
N MET AA 294 57.43 70.23 -58.55
CA MET AA 294 57.89 71.27 -59.47
C MET AA 294 59.15 71.94 -58.96
N ARG AA 295 59.19 72.22 -57.65
CA ARG AA 295 60.37 72.86 -57.02
C ARG AA 295 61.47 71.80 -56.86
N ARG AA 296 61.18 70.51 -57.09
CA ARG AA 296 62.27 69.51 -56.93
C ARG AA 296 62.77 69.06 -58.31
N LEU AA 297 62.24 69.68 -59.37
CA LEU AA 297 62.65 69.34 -60.76
C LEU AA 297 63.42 70.52 -61.36
N LEU AA 298 63.03 71.74 -61.00
CA LEU AA 298 63.65 72.96 -61.58
C LEU AA 298 65.07 73.10 -61.04
N GLN AA 299 65.38 72.36 -59.97
CA GLN AA 299 66.73 72.41 -59.35
C GLN AA 299 67.78 71.91 -60.35
N PRO AA 300 69.00 72.48 -60.38
CA PRO AA 300 70.06 72.07 -61.31
C PRO AA 300 70.83 70.82 -60.83
N LYS AA 301 70.50 70.33 -59.62
CA LYS AA 301 71.18 69.14 -59.05
C LYS AA 301 70.31 67.90 -59.28
N ASN AA 302 69.45 67.95 -60.30
CA ASN AA 302 68.55 66.80 -60.63
C ASN AA 302 68.50 66.60 -62.15
N VAL AA 303 69.03 67.56 -62.91
CA VAL AA 303 69.07 67.50 -64.36
C VAL AA 303 70.15 66.53 -64.82
N MET AA 304 69.90 65.84 -65.92
CA MET AA 304 70.85 64.88 -66.48
C MET AA 304 71.71 65.54 -67.56
N VAL AA 305 72.33 66.65 -67.18
CA VAL AA 305 73.19 67.41 -68.07
C VAL AA 305 74.34 67.99 -67.26
N SER AA 306 75.56 67.76 -67.71
CA SER AA 306 76.73 68.31 -67.04
C SER AA 306 76.81 69.83 -67.23
N ASN AA 314 74.35 84.87 -71.23
CA ASN AA 314 73.69 84.01 -70.26
C ASN AA 314 72.96 82.87 -70.94
N HIS AA 315 71.94 82.34 -70.28
CA HIS AA 315 71.13 81.26 -70.83
C HIS AA 315 69.73 81.35 -70.25
N CYS AA 316 68.77 80.75 -70.95
CA CYS AA 316 67.38 80.83 -70.53
C CYS AA 316 66.61 79.68 -71.15
N TYR AA 317 65.45 79.40 -70.58
CA TYR AA 317 64.58 78.31 -71.01
C TYR AA 317 63.72 78.74 -72.19
N ILE AA 318 63.38 77.76 -73.03
CA ILE AA 318 62.52 77.98 -74.19
C ILE AA 318 61.13 77.40 -73.99
N ALA AA 319 61.05 76.21 -73.39
CA ALA AA 319 59.76 75.60 -73.07
C ALA AA 319 60.00 74.43 -72.12
N ILE AA 320 59.05 74.21 -71.22
CA ILE AA 320 59.16 73.16 -70.21
C ILE AA 320 57.91 72.31 -70.22
N LEU AA 321 58.09 71.00 -70.06
CA LEU AA 321 56.98 70.06 -69.94
C LEU AA 321 57.20 69.20 -68.70
N ASN AA 322 56.19 69.12 -67.84
CA ASN AA 322 56.27 68.37 -66.60
C ASN AA 322 55.30 67.20 -66.65
N ILE AA 323 55.80 66.02 -66.28
CA ILE AA 323 55.00 64.80 -66.23
C ILE AA 323 54.90 64.38 -64.76
N ILE AA 324 53.71 64.50 -64.18
CA ILE AA 324 53.45 64.07 -62.81
C ILE AA 324 52.65 62.78 -62.90
N GLN AA 325 53.25 61.67 -62.47
CA GLN AA 325 52.66 60.36 -62.66
C GLN AA 325 51.93 59.81 -61.45
N GLY AA 326 51.73 60.62 -60.41
CA GLY AA 326 51.19 60.13 -59.17
C GLY AA 326 49.68 60.13 -59.14
N GLU AA 327 49.15 59.84 -57.96
CA GLU AA 327 47.73 59.97 -57.65
C GLU AA 327 47.40 61.32 -57.02
N VAL AA 328 48.15 62.36 -57.40
CA VAL AA 328 48.01 63.66 -56.77
C VAL AA 328 46.62 64.23 -57.00
N ASP AA 329 46.27 65.22 -56.20
CA ASP AA 329 44.99 65.88 -56.34
C ASP AA 329 45.03 66.75 -57.59
N PRO AA 330 44.21 66.48 -58.60
CA PRO AA 330 44.26 67.25 -59.84
C PRO AA 330 43.58 68.61 -59.77
N THR AA 331 43.09 69.03 -58.62
CA THR AA 331 42.50 70.36 -58.50
C THR AA 331 43.52 71.40 -58.07
N GLN AA 332 44.57 71.00 -57.37
CA GLN AA 332 45.60 71.94 -56.92
C GLN AA 332 46.72 72.09 -57.93
N VAL AA 333 46.62 71.47 -59.10
CA VAL AA 333 47.69 71.59 -60.09
C VAL AA 333 47.68 72.99 -60.71
N HIS AA 334 46.49 73.57 -60.89
CA HIS AA 334 46.42 74.90 -61.47
C HIS AA 334 46.83 75.96 -60.44
N LYS AA 335 46.70 75.65 -59.16
CA LYS AA 335 47.18 76.57 -58.13
C LYS AA 335 48.69 76.71 -58.17
N SER AA 336 49.40 75.58 -58.26
CA SER AA 336 50.86 75.61 -58.15
C SER AA 336 51.49 76.43 -59.27
N LEU AA 337 50.92 76.35 -60.47
CA LEU AA 337 51.46 77.14 -61.58
C LEU AA 337 51.25 78.63 -61.37
N GLN AA 338 50.34 78.96 -60.44
CA GLN AA 338 50.04 80.38 -60.11
C GLN AA 338 51.14 80.92 -59.20
N ARG AA 339 51.68 80.06 -58.34
CA ARG AA 339 52.73 80.44 -57.36
C ARG AA 339 54.12 80.37 -57.99
N ILE AA 340 54.44 79.28 -58.70
CA ILE AA 340 55.77 79.11 -59.28
C ILE AA 340 56.13 80.30 -60.15
N ARG AA 341 55.13 80.90 -60.79
CA ARG AA 341 55.40 82.09 -61.60
C ARG AA 341 55.86 83.26 -60.75
N GLU AA 342 55.39 83.32 -59.50
CA GLU AA 342 55.66 84.50 -58.68
C GLU AA 342 57.10 84.50 -58.18
N ARG AA 343 57.60 83.31 -57.81
CA ARG AA 343 58.98 83.18 -57.29
C ARG AA 343 60.01 83.34 -58.41
N LYS AA 344 59.57 83.25 -59.67
CA LYS AA 344 60.44 83.42 -60.84
C LYS AA 344 61.65 82.49 -60.75
N LEU AA 345 61.37 81.20 -60.63
CA LEU AA 345 62.42 80.19 -60.51
C LEU AA 345 63.13 79.90 -61.82
N ALA AA 346 62.57 80.33 -62.95
CA ALA AA 346 63.18 80.08 -64.25
C ALA AA 346 63.06 81.31 -65.12
N ASN AA 347 64.12 81.59 -65.88
CA ASN AA 347 64.16 82.72 -66.79
C ASN AA 347 63.89 82.26 -68.22
N PHE AA 348 63.03 82.99 -68.90
CA PHE AA 348 62.52 82.57 -70.19
C PHE AA 348 62.98 83.52 -71.29
N ILE AA 349 62.75 83.10 -72.53
CA ILE AA 349 63.17 83.82 -73.74
C ILE AA 349 62.52 85.19 -73.78
N PRO AA 350 63.22 86.22 -74.24
CA PRO AA 350 62.61 87.55 -74.32
C PRO AA 350 61.90 87.83 -75.64
N TRP AA 351 62.25 87.11 -76.71
CA TRP AA 351 61.69 87.44 -78.02
C TRP AA 351 60.25 86.98 -78.16
N GLY AA 352 59.99 85.69 -77.96
CA GLY AA 352 58.67 85.15 -78.11
C GLY AA 352 58.10 84.67 -76.79
N PRO AA 353 56.80 84.46 -76.74
CA PRO AA 353 56.18 83.99 -75.48
C PRO AA 353 56.47 82.53 -75.22
N ALA AA 354 56.71 82.20 -73.95
CA ALA AA 354 56.96 80.83 -73.52
C ALA AA 354 56.33 80.63 -72.16
N SER AA 355 55.99 79.38 -71.84
CA SER AA 355 55.36 79.05 -70.58
C SER AA 355 55.83 77.67 -70.13
N ILE AA 356 55.26 77.20 -69.02
CA ILE AA 356 55.58 75.90 -68.45
C ILE AA 356 54.33 75.03 -68.53
N GLN AA 357 54.54 73.74 -68.80
CA GLN AA 357 53.44 72.81 -69.04
C GLN AA 357 53.50 71.66 -68.03
N VAL AA 358 52.36 71.35 -67.44
CA VAL AA 358 52.24 70.25 -66.49
C VAL AA 358 51.17 69.30 -66.99
N ALA AA 359 51.51 68.02 -67.05
CA ALA AA 359 50.58 67.00 -67.52
C ALA AA 359 50.60 65.82 -66.55
N LEU AA 360 49.41 65.37 -66.17
CA LEU AA 360 49.23 64.28 -65.24
C LEU AA 360 49.04 62.96 -66.00
N SER AA 361 49.09 61.87 -65.25
CA SER AA 361 48.87 60.54 -65.79
C SER AA 361 48.56 59.61 -64.62
N ARG AA 362 48.57 58.31 -64.88
CA ARG AA 362 48.30 57.33 -63.85
C ARG AA 362 49.39 56.27 -63.86
N LYS AA 363 49.90 55.96 -62.67
CA LYS AA 363 50.89 54.92 -62.54
C LYS AA 363 50.26 53.56 -62.79
N SER AA 364 51.11 52.59 -63.11
CA SER AA 364 50.64 51.23 -63.37
C SER AA 364 50.21 50.56 -62.08
N PRO AA 365 48.95 50.19 -61.92
CA PRO AA 365 48.53 49.54 -60.67
C PRO AA 365 49.16 48.18 -60.46
N TYR AA 366 49.51 47.47 -61.53
CA TYR AA 366 50.06 46.13 -61.38
C TYR AA 366 51.45 46.14 -60.75
N LEU AA 367 52.10 47.29 -60.66
CA LEU AA 367 53.42 47.36 -60.04
C LEU AA 367 53.29 47.66 -58.55
N ARG AA 372 52.21 57.23 -53.68
CA ARG AA 372 53.45 57.31 -54.44
C ARG AA 372 53.33 58.33 -55.56
N VAL AA 373 54.30 59.23 -55.66
CA VAL AA 373 54.28 60.29 -56.66
C VAL AA 373 55.68 60.41 -57.26
N SER AA 374 55.73 60.50 -58.60
CA SER AA 374 57.00 60.64 -59.36
C SER AA 374 56.88 61.81 -60.34
N GLY AA 375 58.00 62.27 -60.92
CA GLY AA 375 57.97 63.39 -61.87
C GLY AA 375 58.96 63.24 -63.01
N LEU AA 376 58.72 63.94 -64.12
CA LEU AA 376 59.60 63.92 -65.32
C LEU AA 376 59.53 65.31 -65.98
N MET AA 377 60.68 65.97 -66.17
CA MET AA 377 60.68 67.30 -66.74
C MET AA 377 61.48 67.32 -68.03
N MET AA 378 60.81 67.59 -69.14
CA MET AA 378 61.45 67.74 -70.44
C MET AA 378 61.56 69.23 -70.73
N ALA AA 379 62.80 69.71 -70.84
CA ALA AA 379 63.06 71.13 -71.02
C ALA AA 379 63.91 71.36 -72.26
N ASN AA 380 63.89 72.60 -72.74
CA ASN AA 380 64.70 73.03 -73.87
C ASN AA 380 65.53 74.23 -73.40
N HIS AA 381 66.72 73.96 -72.88
CA HIS AA 381 67.60 74.98 -72.34
C HIS AA 381 68.75 75.22 -73.30
N THR AA 382 69.02 76.50 -73.57
CA THR AA 382 70.13 76.85 -74.45
C THR AA 382 71.48 76.53 -73.83
N SER AA 383 71.53 76.16 -72.55
CA SER AA 383 72.79 75.72 -71.97
C SER AA 383 73.25 74.38 -72.53
N ILE AA 384 72.44 73.76 -73.38
CA ILE AA 384 72.87 72.51 -74.02
C ILE AA 384 73.94 72.78 -75.06
N SER AA 385 74.13 74.05 -75.44
CA SER AA 385 75.16 74.38 -76.41
C SER AA 385 76.55 74.06 -75.87
N SER AA 386 76.71 74.03 -74.56
CA SER AA 386 78.03 73.78 -73.98
C SER AA 386 78.51 72.37 -74.29
N LEU AA 387 77.59 71.40 -74.34
CA LEU AA 387 77.99 70.02 -74.60
C LEU AA 387 78.62 69.89 -75.98
N PHE AA 388 78.04 70.54 -76.97
CA PHE AA 388 78.62 70.51 -78.32
C PHE AA 388 79.98 71.19 -78.33
N GLU AA 389 80.14 72.23 -77.52
CA GLU AA 389 81.40 72.96 -77.46
C GLU AA 389 82.54 72.05 -77.01
N ARG AA 390 82.27 71.20 -76.02
CA ARG AA 390 83.29 70.28 -75.54
C ARG AA 390 83.73 69.32 -76.64
N THR AA 391 82.77 68.74 -77.36
CA THR AA 391 83.11 67.89 -78.49
C THR AA 391 83.80 68.68 -79.59
N CYS AA 392 83.35 69.91 -79.82
CA CYS AA 392 83.97 70.76 -80.83
C CYS AA 392 85.42 71.06 -80.48
N ARG AA 393 85.66 71.56 -79.26
CA ARG AA 393 87.02 71.89 -78.86
C ARG AA 393 87.90 70.64 -78.82
N GLN AA 394 87.34 69.51 -78.40
CA GLN AA 394 88.11 68.27 -78.38
C GLN AA 394 88.50 67.85 -79.78
N TYR AA 395 87.68 68.19 -80.77
CA TYR AA 395 88.00 67.82 -82.15
C TYR AA 395 89.18 68.61 -82.68
N ASP AA 396 89.19 69.92 -82.41
CA ASP AA 396 90.23 70.79 -82.96
C ASP AA 396 91.61 70.39 -82.44
N LYS AA 397 91.69 69.99 -81.17
CA LYS AA 397 92.97 69.59 -80.59
C LYS AA 397 93.52 68.35 -81.27
N LEU AA 398 92.65 67.43 -81.67
CA LEU AA 398 93.10 66.24 -82.39
C LEU AA 398 93.36 66.50 -83.85
N ARG AA 399 92.74 67.53 -84.43
CA ARG AA 399 92.92 67.84 -85.83
C ARG AA 399 94.30 68.39 -86.14
N LYS AA 400 94.97 68.99 -85.15
CA LYS AA 400 96.31 69.53 -85.32
C LYS AA 400 97.37 68.59 -84.76
N ARG AA 401 97.00 67.34 -84.47
CA ARG AA 401 97.91 66.39 -83.86
C ARG AA 401 97.95 65.04 -84.55
N GLU AA 402 96.94 64.67 -85.33
CA GLU AA 402 96.87 63.38 -86.02
C GLU AA 402 96.99 62.21 -85.05
N ASP AA 416 89.58 59.58 -98.41
CA ASP AA 416 90.51 59.98 -99.46
C ASP AA 416 90.67 61.49 -99.52
N ASN AA 417 89.70 62.21 -98.96
CA ASN AA 417 89.72 63.68 -98.94
C ASN AA 417 89.68 64.28 -97.56
N PHE AA 418 89.03 63.62 -96.60
CA PHE AA 418 88.76 64.17 -95.27
C PHE AA 418 87.99 65.49 -95.37
N ASP AA 419 87.03 65.56 -96.30
CA ASP AA 419 86.20 66.75 -96.45
C ASP AA 419 84.87 66.63 -95.71
N GLU AA 420 84.39 65.42 -95.44
CA GLU AA 420 83.16 65.27 -94.68
C GLU AA 420 83.32 65.80 -93.27
N MET AA 421 84.48 65.57 -92.65
CA MET AA 421 84.73 66.12 -91.33
C MET AA 421 84.67 67.64 -91.36
N ASP AA 422 85.09 68.26 -92.46
CA ASP AA 422 85.06 69.71 -92.57
C ASP AA 422 83.63 70.22 -92.60
N THR AA 423 82.76 69.56 -93.38
CA THR AA 423 81.37 70.00 -93.45
C THR AA 423 80.64 69.78 -92.13
N SER AA 424 80.89 68.65 -91.48
CA SER AA 424 80.25 68.38 -90.19
C SER AA 424 80.71 69.40 -89.14
N ARG AA 425 82.01 69.69 -89.11
CA ARG AA 425 82.53 70.71 -88.21
C ARG AA 425 81.88 72.07 -88.47
N GLU AA 426 81.55 72.35 -89.73
CA GLU AA 426 81.00 73.65 -90.07
C GLU AA 426 79.52 73.74 -89.69
N ILE AA 427 78.75 72.67 -89.96
CA ILE AA 427 77.30 72.75 -89.75
C ILE AA 427 76.97 72.79 -88.26
N VAL AA 428 77.75 72.10 -87.42
CA VAL AA 428 77.51 72.16 -85.99
C VAL AA 428 77.87 73.54 -85.45
N GLN AA 429 78.77 74.24 -86.13
CA GLN AA 429 79.09 75.60 -85.72
C GLN AA 429 77.90 76.53 -85.91
N GLN AA 430 77.06 76.25 -86.92
CA GLN AA 430 75.87 77.05 -87.12
C GLN AA 430 74.82 76.74 -86.05
N LEU AA 431 74.73 75.47 -85.63
CA LEU AA 431 73.80 75.11 -84.57
C LEU AA 431 74.16 75.81 -83.26
N ILE AA 432 75.43 75.76 -82.88
CA ILE AA 432 75.89 76.48 -81.70
C ILE AA 432 75.64 77.97 -81.86
N ASP AA 433 75.85 78.49 -83.07
CA ASP AA 433 75.63 79.91 -83.31
C ASP AA 433 74.16 80.28 -83.21
N GLU AA 434 73.27 79.32 -83.46
CA GLU AA 434 71.84 79.58 -83.29
C GLU AA 434 71.49 79.71 -81.81
N TYR AA 435 72.03 78.84 -80.97
CA TYR AA 435 71.72 78.85 -79.55
C TYR AA 435 72.14 80.16 -78.90
N HIS AA 436 73.41 80.53 -79.03
CA HIS AA 436 73.90 81.76 -78.41
C HIS AA 436 73.15 82.98 -78.92
N ALA AA 437 72.64 82.93 -80.15
CA ALA AA 437 71.81 84.01 -80.66
C ALA AA 437 70.34 83.78 -80.37
N ALA AA 438 69.98 82.63 -79.80
CA ALA AA 438 68.59 82.38 -79.45
C ALA AA 438 68.22 83.03 -78.12
N THR AA 439 69.20 83.55 -77.40
CA THR AA 439 68.96 84.16 -76.09
C THR AA 439 68.96 85.68 -76.14
N ARG AA 440 68.89 86.27 -77.33
CA ARG AA 440 68.95 87.71 -77.47
C ARG AA 440 67.57 88.28 -77.76
N PRO AA 441 67.32 89.54 -77.42
CA PRO AA 441 66.00 90.14 -77.72
C PRO AA 441 65.72 90.28 -79.20
N ASP AA 442 66.69 89.98 -80.07
CA ASP AA 442 66.47 90.10 -81.50
C ASP AA 442 66.82 88.81 -82.22
N TYR AA 443 66.38 87.67 -81.68
CA TYR AA 443 66.56 86.41 -82.40
C TYR AA 443 65.74 86.38 -83.68
N ILE AA 444 64.70 87.21 -83.76
CA ILE AA 444 63.96 87.37 -85.00
C ILE AA 444 64.91 87.87 -86.08
N SER AA 445 65.04 87.10 -87.16
CA SER AA 445 66.03 87.34 -88.20
C SER AA 445 67.44 87.34 -87.62
N ARG BA 3 21.51 19.68 -111.23
CA ARG BA 3 22.60 20.09 -112.11
C ARG BA 3 23.90 19.45 -111.68
N GLU BA 4 24.36 18.47 -112.46
CA GLU BA 4 25.53 17.68 -112.13
C GLU BA 4 26.73 18.19 -112.90
N ILE BA 5 27.92 18.01 -112.34
CA ILE BA 5 29.17 18.43 -112.95
C ILE BA 5 30.12 17.24 -112.96
N ILE BA 6 30.62 16.88 -114.13
CA ILE BA 6 31.52 15.73 -114.30
C ILE BA 6 32.94 16.25 -114.36
N THR BA 7 33.88 15.44 -113.88
CA THR BA 7 35.29 15.80 -113.86
C THR BA 7 36.04 15.01 -114.93
N LEU BA 8 37.14 15.59 -115.39
CA LEU BA 8 37.99 14.99 -116.41
C LEU BA 8 39.44 15.07 -115.95
N GLN BA 9 40.14 13.94 -115.98
CA GLN BA 9 41.49 13.85 -115.47
C GLN BA 9 42.41 13.35 -116.58
N LEU BA 10 43.49 14.09 -116.85
CA LEU BA 10 44.43 13.75 -117.89
C LEU BA 10 45.84 13.73 -117.32
N GLY BA 11 46.74 13.05 -118.01
CA GLY BA 11 48.15 13.07 -117.66
C GLY BA 11 48.47 12.47 -116.30
N GLN BA 12 49.75 12.52 -115.92
CA GLN BA 12 50.14 11.98 -114.62
C GLN BA 12 49.62 12.86 -113.49
N CYS BA 13 49.88 14.16 -113.56
CA CYS BA 13 49.48 15.08 -112.49
C CYS BA 13 47.97 15.05 -112.28
N GLY BA 14 47.22 15.17 -113.38
CA GLY BA 14 45.76 15.21 -113.24
C GLY BA 14 45.20 13.97 -112.60
N ASN BA 15 45.63 12.79 -113.08
CA ASN BA 15 45.09 11.55 -112.55
C ASN BA 15 45.50 11.33 -111.10
N GLN BA 16 46.68 11.83 -110.72
CA GLN BA 16 47.14 11.62 -109.36
C GLN BA 16 46.40 12.51 -108.37
N ILE BA 17 46.20 13.78 -108.73
CA ILE BA 17 45.53 14.68 -107.80
C ILE BA 17 44.03 14.42 -107.78
N GLY BA 18 43.45 14.06 -108.93
CA GLY BA 18 42.02 13.79 -108.96
C GLY BA 18 41.66 12.57 -108.13
N PHE BA 19 42.45 11.51 -108.21
CA PHE BA 19 42.26 10.37 -107.33
C PHE BA 19 42.33 10.80 -105.87
N GLU BA 20 43.32 11.62 -105.52
CA GLU BA 20 43.38 12.15 -104.17
C GLU BA 20 42.27 13.16 -103.92
N PHE BA 21 41.87 13.91 -104.94
CA PHE BA 21 40.74 14.82 -104.80
C PHE BA 21 39.49 14.07 -104.39
N TRP BA 22 39.27 12.89 -104.97
CA TRP BA 22 38.16 12.06 -104.55
C TRP BA 22 38.39 11.50 -103.15
N LYS BA 23 39.62 11.07 -102.86
CA LYS BA 23 39.94 10.54 -101.55
C LYS BA 23 39.52 11.51 -100.46
N GLN BA 24 39.90 12.78 -100.59
CA GLN BA 24 39.46 13.79 -99.64
C GLN BA 24 37.94 13.97 -99.72
N LEU BA 25 37.36 13.82 -100.91
CA LEU BA 25 35.94 14.06 -101.06
C LEU BA 25 35.12 12.90 -100.50
N CYS BA 26 35.47 11.66 -100.84
CA CYS BA 26 34.70 10.54 -100.33
C CYS BA 26 34.84 10.42 -98.82
N ALA BA 27 36.02 10.70 -98.28
CA ALA BA 27 36.19 10.69 -96.84
C ALA BA 27 35.43 11.84 -96.18
N GLU BA 28 35.26 12.95 -96.89
CA GLU BA 28 34.48 14.05 -96.35
C GLU BA 28 33.05 13.62 -96.10
N HIS BA 29 32.50 12.78 -96.97
CA HIS BA 29 31.22 12.16 -96.73
C HIS BA 29 31.42 10.80 -96.06
N GLY BA 30 30.33 10.11 -95.77
CA GLY BA 30 30.42 8.81 -95.15
C GLY BA 30 30.43 7.67 -96.15
N ILE BA 31 31.32 7.76 -97.13
CA ILE BA 31 31.38 6.78 -98.22
C ILE BA 31 32.70 6.02 -98.09
N SER BA 32 32.59 4.72 -97.80
CA SER BA 32 33.76 3.89 -97.65
C SER BA 32 34.47 3.72 -99.00
N PRO BA 33 35.77 3.36 -98.97
CA PRO BA 33 36.54 3.22 -100.21
C PRO BA 33 35.91 2.27 -101.24
N GLU BA 34 35.10 1.33 -100.79
CA GLU BA 34 34.45 0.40 -101.70
C GLU BA 34 33.18 0.97 -102.32
N GLY BA 35 33.02 2.30 -102.28
CA GLY BA 35 31.91 2.99 -102.92
C GLY BA 35 30.56 2.59 -102.33
N ILE BA 36 30.42 2.70 -101.01
CA ILE BA 36 29.13 2.48 -100.36
C ILE BA 36 29.06 3.40 -99.15
N VAL BA 37 27.84 3.82 -98.81
CA VAL BA 37 27.64 4.72 -97.69
C VAL BA 37 27.86 3.96 -96.37
N GLU BA 38 28.60 4.58 -95.46
CA GLU BA 38 28.75 4.07 -94.11
C GLU BA 38 27.68 4.68 -93.22
N GLU BA 39 27.33 3.97 -92.15
CA GLU BA 39 26.17 4.35 -91.35
C GLU BA 39 26.41 5.68 -90.63
N PHE BA 40 27.39 5.72 -89.74
CA PHE BA 40 27.76 6.92 -88.98
C PHE BA 40 26.55 7.73 -88.49
N THR BA 45 21.56 15.48 -95.06
CA THR BA 45 22.28 16.68 -94.67
C THR BA 45 23.16 17.21 -95.80
N ASP BA 46 24.22 16.47 -96.11
CA ASP BA 46 25.14 16.87 -97.16
C ASP BA 46 24.60 16.42 -98.52
N ARG BA 47 24.15 17.38 -99.32
CA ARG BA 47 23.62 17.10 -100.65
C ARG BA 47 24.76 16.64 -101.55
N LYS BA 48 24.68 15.40 -102.02
CA LYS BA 48 25.77 14.77 -102.76
C LYS BA 48 25.44 14.55 -104.24
N ASP BA 49 24.44 15.27 -104.77
CA ASP BA 49 24.02 15.02 -106.15
C ASP BA 49 25.02 15.54 -107.18
N VAL BA 50 25.79 16.57 -106.84
CA VAL BA 50 26.58 17.25 -107.87
C VAL BA 50 27.74 16.36 -108.32
N PHE BA 51 28.34 15.61 -107.40
CA PHE BA 51 29.56 14.88 -107.72
C PHE BA 51 29.39 13.37 -107.64
N PHE BA 52 28.21 12.86 -107.33
CA PHE BA 52 28.00 11.42 -107.22
C PHE BA 52 26.68 11.03 -107.86
N TYR BA 53 26.67 9.82 -108.43
CA TYR BA 53 25.48 9.24 -109.01
C TYR BA 53 25.12 7.97 -108.25
N GLN BA 54 23.83 7.63 -108.24
CA GLN BA 54 23.36 6.49 -107.46
C GLN BA 54 23.09 5.26 -108.33
N TYR BA 60 26.60 4.42 -104.44
CA TYR BA 60 27.02 5.68 -105.05
C TYR BA 60 28.19 5.49 -106.01
N ILE BA 61 28.28 6.35 -107.01
CA ILE BA 61 29.37 6.28 -107.99
C ILE BA 61 29.77 7.70 -108.38
N PRO BA 62 31.06 8.00 -108.43
CA PRO BA 62 31.48 9.34 -108.86
C PRO BA 62 31.45 9.47 -110.37
N ARG BA 63 31.13 10.68 -110.83
CA ARG BA 63 31.10 10.98 -112.26
C ARG BA 63 32.48 11.43 -112.71
N ALA BA 64 33.37 10.45 -112.83
CA ALA BA 64 34.73 10.68 -113.27
C ALA BA 64 34.94 10.09 -114.65
N VAL BA 65 35.88 10.67 -115.39
CA VAL BA 65 36.27 10.17 -116.71
C VAL BA 65 37.80 10.24 -116.75
N LEU BA 66 38.45 9.11 -116.55
CA LEU BA 66 39.90 9.10 -116.42
C LEU BA 66 40.55 8.63 -117.72
N LEU BA 67 41.73 9.18 -118.00
CA LEU BA 67 42.48 8.80 -119.19
C LEU BA 67 43.99 8.75 -118.91
N ARG BA 72 49.56 3.46 -117.55
CA ARG BA 72 50.47 2.97 -116.53
C ARG BA 72 49.96 3.26 -115.11
N VAL BA 73 49.61 4.52 -114.87
CA VAL BA 73 49.19 4.93 -113.53
C VAL BA 73 47.85 4.32 -113.14
N ILE BA 74 47.00 4.01 -114.13
CA ILE BA 74 45.71 3.39 -113.83
C ILE BA 74 45.90 2.07 -113.12
N HIS BA 75 47.01 1.37 -113.42
CA HIS BA 75 47.33 0.17 -112.67
C HIS BA 75 47.49 0.48 -111.18
N SER BA 76 48.20 1.56 -110.86
CA SER BA 76 48.37 1.94 -109.46
C SER BA 76 47.03 2.24 -108.80
N ILE BA 77 46.11 2.85 -109.56
CA ILE BA 77 44.79 3.16 -109.01
C ILE BA 77 43.95 1.89 -108.88
N LEU BA 78 43.99 1.03 -109.89
CA LEU BA 78 43.26 -0.22 -109.82
C LEU BA 78 43.81 -1.16 -108.74
N ASN BA 79 45.07 -0.96 -108.34
CA ASN BA 79 45.63 -1.74 -107.25
C ASN BA 79 45.34 -1.13 -105.89
N SER BA 80 44.88 0.13 -105.85
CA SER BA 80 44.48 0.74 -104.60
C SER BA 80 43.22 0.07 -104.05
N PRO BA 81 42.92 0.27 -102.77
CA PRO BA 81 41.65 -0.25 -102.23
C PRO BA 81 40.42 0.36 -102.88
N TYR BA 82 40.58 1.31 -103.81
CA TYR BA 82 39.46 1.98 -104.46
C TYR BA 82 39.13 1.36 -105.81
N ALA BA 83 39.31 0.05 -105.95
CA ALA BA 83 39.02 -0.60 -107.23
C ALA BA 83 37.53 -0.56 -107.59
N LYS BA 84 36.66 -0.30 -106.62
CA LYS BA 84 35.22 -0.31 -106.86
C LYS BA 84 34.63 1.09 -106.98
N LEU BA 85 35.44 2.12 -107.19
CA LEU BA 85 34.96 3.49 -107.20
C LEU BA 85 34.76 4.04 -108.62
N TYR BA 86 34.56 3.16 -109.61
CA TYR BA 86 34.39 3.63 -110.98
C TYR BA 86 33.39 2.76 -111.75
N GLY BA 101 53.97 10.07 -125.85
CA GLY BA 101 54.85 11.16 -126.26
C GLY BA 101 54.98 12.25 -125.22
N ASN BA 102 55.82 13.23 -125.48
CA ASN BA 102 56.03 14.35 -124.57
C ASN BA 102 55.90 15.70 -125.26
N ASN BA 103 55.83 15.73 -126.58
CA ASN BA 103 55.62 16.95 -127.33
C ASN BA 103 54.12 17.19 -127.52
N TRP BA 104 53.75 18.47 -127.58
CA TRP BA 104 52.35 18.82 -127.79
C TRP BA 104 51.82 18.21 -129.08
N ALA BA 105 52.68 18.08 -130.09
CA ALA BA 105 52.26 17.45 -131.34
C ALA BA 105 52.01 15.95 -131.13
N SER BA 106 52.85 15.30 -130.32
CA SER BA 106 52.64 13.88 -130.05
C SER BA 106 51.32 13.65 -129.33
N GLY BA 107 50.94 14.57 -128.44
CA GLY BA 107 49.69 14.41 -127.72
C GLY BA 107 48.48 14.73 -128.59
N PHE BA 108 48.54 15.83 -129.33
CA PHE BA 108 47.39 16.23 -130.15
C PHE BA 108 47.11 15.20 -131.25
N SER BA 109 48.16 14.59 -131.78
CA SER BA 109 47.98 13.64 -132.88
C SER BA 109 47.15 12.44 -132.44
N GLN BA 110 47.51 11.83 -131.30
CA GLN BA 110 46.80 10.65 -130.84
C GLN BA 110 45.37 10.96 -130.45
N GLY BA 111 45.11 12.16 -129.93
CA GLY BA 111 43.77 12.51 -129.50
C GLY BA 111 42.78 12.58 -130.64
N GLU BA 112 43.22 13.07 -131.81
CA GLU BA 112 42.34 13.09 -132.97
C GLU BA 112 41.99 11.69 -133.43
N LYS BA 113 42.94 10.76 -133.34
CA LYS BA 113 42.71 9.39 -133.81
C LYS BA 113 41.61 8.70 -133.01
N ILE BA 114 41.57 8.88 -131.70
CA ILE BA 114 40.62 8.17 -130.86
C ILE BA 114 39.53 9.14 -130.43
N HIS BA 115 39.26 10.15 -131.26
CA HIS BA 115 38.24 11.13 -130.95
C HIS BA 115 36.91 10.46 -130.62
N GLU BA 116 36.37 9.69 -131.57
CA GLU BA 116 35.06 9.08 -131.37
C GLU BA 116 35.08 8.06 -130.23
N ASP BA 117 36.25 7.52 -129.91
CA ASP BA 117 36.34 6.53 -128.84
C ASP BA 117 35.99 7.13 -127.49
N ILE BA 118 36.62 8.27 -127.16
CA ILE BA 118 36.41 8.85 -125.83
C ILE BA 118 35.09 9.63 -125.77
N PHE BA 119 34.70 10.27 -126.87
CA PHE BA 119 33.46 11.04 -126.84
C PHE BA 119 32.22 10.17 -126.70
N ASP BA 120 32.37 8.86 -126.87
CA ASP BA 120 31.30 7.96 -126.46
C ASP BA 120 31.10 8.02 -124.96
N ILE BA 121 32.21 8.04 -124.21
CA ILE BA 121 32.13 8.07 -122.75
C ILE BA 121 31.44 9.35 -122.30
N ILE BA 122 31.82 10.49 -122.87
CA ILE BA 122 31.22 11.76 -122.47
C ILE BA 122 29.74 11.77 -122.80
N ASP BA 123 29.38 11.30 -124.00
CA ASP BA 123 27.98 11.31 -124.41
C ASP BA 123 27.13 10.43 -123.50
N ARG BA 124 27.57 9.18 -123.26
CA ARG BA 124 26.80 8.29 -122.42
C ARG BA 124 26.70 8.82 -121.00
N GLU BA 125 27.68 9.61 -120.57
CA GLU BA 125 27.61 10.19 -119.23
C GLU BA 125 26.75 11.44 -119.21
N ALA BA 126 26.56 12.07 -120.37
CA ALA BA 126 25.75 13.28 -120.43
C ALA BA 126 24.27 12.97 -120.27
N ASP BA 127 23.72 12.17 -121.18
CA ASP BA 127 22.31 11.82 -121.10
C ASP BA 127 21.98 11.04 -119.84
N GLY BA 128 22.93 10.25 -119.33
CA GLY BA 128 22.72 9.60 -118.05
C GLY BA 128 22.57 10.58 -116.91
N SER BA 129 23.08 11.79 -117.08
CA SER BA 129 22.90 12.84 -116.09
C SER BA 129 21.60 13.60 -116.36
N ASP BA 130 20.98 14.10 -115.28
CA ASP BA 130 19.73 14.83 -115.42
C ASP BA 130 19.93 16.10 -116.25
N SER BA 131 20.74 17.02 -115.74
CA SER BA 131 21.01 18.29 -116.43
C SER BA 131 22.49 18.60 -116.24
N LEU BA 132 23.30 18.25 -117.24
CA LEU BA 132 24.73 18.52 -117.16
C LEU BA 132 24.99 20.01 -117.21
N GLU BA 133 25.94 20.47 -116.40
CA GLU BA 133 26.20 21.89 -116.26
C GLU BA 133 27.59 22.30 -116.69
N GLY BA 134 28.63 21.58 -116.26
CA GLY BA 134 29.98 21.99 -116.58
C GLY BA 134 30.94 20.85 -116.81
N PHE BA 135 32.22 21.18 -117.01
CA PHE BA 135 33.26 20.18 -117.29
C PHE BA 135 34.52 20.60 -116.55
N VAL BA 136 34.67 20.12 -115.33
CA VAL BA 136 35.92 20.32 -114.61
C VAL BA 136 37.02 19.53 -115.30
N LEU BA 137 38.18 20.15 -115.47
CA LEU BA 137 39.32 19.51 -116.11
C LEU BA 137 40.53 19.67 -115.20
N CYS BA 138 41.22 18.56 -114.94
CA CYS BA 138 42.38 18.54 -114.06
C CYS BA 138 43.58 18.02 -114.84
N HIS BA 139 44.52 18.90 -115.14
CA HIS BA 139 45.69 18.50 -115.92
C HIS BA 139 46.82 19.48 -115.65
N SER BA 140 48.03 19.05 -115.98
CA SER BA 140 49.21 19.89 -115.91
C SER BA 140 49.59 20.33 -117.32
N ILE BA 141 49.91 21.62 -117.46
CA ILE BA 141 50.24 22.25 -118.78
C ILE BA 141 51.66 21.88 -119.24
N ALA BA 142 52.37 21.02 -118.51
CA ALA BA 142 53.70 20.62 -118.92
C ALA BA 142 53.63 19.53 -120.00
N GLY BA 144 53.18 15.44 -120.11
CA GLY BA 144 53.12 16.23 -121.32
C GLY BA 144 51.90 15.95 -122.16
N THR BA 145 51.45 14.69 -122.15
CA THR BA 145 50.29 14.31 -122.92
C THR BA 145 49.04 15.09 -122.53
N GLY BA 146 48.90 15.43 -121.26
CA GLY BA 146 47.75 16.21 -120.83
C GLY BA 146 47.71 17.58 -121.48
N SER BA 147 48.87 18.14 -121.78
CA SER BA 147 48.93 19.45 -122.41
C SER BA 147 48.26 19.43 -123.78
N GLY BA 148 48.70 18.53 -124.66
CA GLY BA 148 48.15 18.49 -126.00
C GLY BA 148 46.73 17.93 -126.03
N LEU BA 149 46.50 16.80 -125.36
CA LEU BA 149 45.17 16.21 -125.35
C LEU BA 149 44.14 17.18 -124.79
N GLY BA 150 44.49 17.88 -123.71
CA GLY BA 150 43.59 18.91 -123.20
C GLY BA 150 43.34 20.00 -124.22
N SER BA 151 44.37 20.40 -124.96
CA SER BA 151 44.18 21.37 -126.04
C SER BA 151 43.22 20.83 -127.08
N TYR BA 152 43.37 19.56 -127.45
CA TYR BA 152 42.45 18.95 -128.40
C TYR BA 152 41.04 18.90 -127.83
N LEU BA 153 40.90 18.53 -126.55
CA LEU BA 153 39.58 18.39 -125.96
C LEU BA 153 38.84 19.72 -125.94
N LEU BA 154 39.48 20.77 -125.41
CA LEU BA 154 38.79 22.03 -125.21
C LEU BA 154 38.17 22.55 -126.49
N GLU BA 155 38.90 22.44 -127.61
CA GLU BA 155 38.34 22.84 -128.89
C GLU BA 155 37.13 21.98 -129.25
N ARG BA 156 37.30 20.66 -129.24
CA ARG BA 156 36.22 19.76 -129.60
C ARG BA 156 35.06 19.87 -128.62
N LEU BA 157 35.35 20.06 -127.33
CA LEU BA 157 34.28 20.21 -126.35
C LEU BA 157 33.42 21.43 -126.67
N ASN BA 158 34.05 22.54 -127.05
CA ASN BA 158 33.28 23.72 -127.44
C ASN BA 158 32.52 23.48 -128.74
N ASP BA 159 33.07 22.63 -129.61
CA ASP BA 159 32.42 22.38 -130.90
C ASP BA 159 31.09 21.65 -130.71
N ARG BA 160 31.13 20.49 -130.06
CA ARG BA 160 29.91 19.72 -129.82
C ARG BA 160 29.00 20.42 -128.82
N TYR BA 161 29.56 20.84 -127.68
CA TYR BA 161 28.77 21.49 -126.65
C TYR BA 161 29.13 22.97 -126.59
N PRO BA 162 28.25 23.86 -127.03
CA PRO BA 162 28.52 25.29 -126.88
C PRO BA 162 27.88 25.88 -125.64
N LYS BA 163 27.05 25.09 -124.96
CA LYS BA 163 26.21 25.57 -123.88
C LYS BA 163 26.71 25.15 -122.50
N LYS BA 164 27.95 24.68 -122.40
CA LYS BA 164 28.46 24.11 -121.16
C LYS BA 164 29.65 24.92 -120.67
N LEU BA 165 29.62 25.28 -119.39
CA LEU BA 165 30.78 25.91 -118.77
C LEU BA 165 31.95 24.94 -118.74
N VAL BA 166 33.16 25.48 -118.80
CA VAL BA 166 34.38 24.68 -118.85
C VAL BA 166 35.38 25.27 -117.87
N GLN BA 167 35.46 24.70 -116.68
CA GLN BA 167 36.44 25.09 -115.69
C GLN BA 167 37.59 24.10 -115.67
N THR BA 168 38.81 24.61 -115.48
CA THR BA 168 40.00 23.77 -115.57
C THR BA 168 40.92 24.07 -114.40
N TYR BA 169 41.46 23.01 -113.79
CA TYR BA 169 42.44 23.15 -112.72
C TYR BA 169 43.85 22.95 -113.26
N SER BA 170 44.25 23.87 -114.14
CA SER BA 170 45.55 23.75 -114.78
C SER BA 170 46.67 23.93 -113.76
N VAL BA 171 47.81 23.31 -114.05
CA VAL BA 171 48.98 23.34 -113.18
C VAL BA 171 50.16 23.86 -113.98
N PHE BA 172 50.92 24.75 -113.40
CA PHE BA 172 52.08 25.34 -114.05
C PHE BA 172 53.37 24.75 -113.49
N PRO BA 173 54.47 24.79 -114.27
CA PRO BA 173 55.75 24.28 -113.78
C PRO BA 173 56.36 25.15 -112.68
N VAL BA 183 62.27 22.73 -124.18
CA VAL BA 183 61.12 22.13 -124.86
C VAL BA 183 59.88 22.26 -124.00
N GLN BA 184 60.11 22.44 -122.68
CA GLN BA 184 59.01 22.58 -121.68
C GLN BA 184 58.20 23.84 -121.99
N PRO BA 185 58.83 24.99 -122.29
CA PRO BA 185 58.12 26.24 -122.56
C PRO BA 185 57.20 26.16 -123.80
N TYR BA 186 57.65 25.45 -124.85
CA TYR BA 186 56.86 25.34 -126.10
C TYR BA 186 55.52 24.65 -125.81
N ASN BA 187 55.53 23.60 -124.98
CA ASN BA 187 54.27 22.89 -124.65
C ASN BA 187 53.33 23.83 -123.88
N SER BA 188 53.88 24.59 -122.92
CA SER BA 188 53.07 25.51 -122.09
C SER BA 188 52.43 26.63 -122.91
N LEU BA 189 53.19 27.24 -123.83
CA LEU BA 189 52.65 28.37 -124.64
C LEU BA 189 51.50 27.89 -125.54
N LEU BA 190 51.60 26.69 -126.11
CA LEU BA 190 50.55 26.16 -127.03
C LEU BA 190 49.24 25.99 -126.26
N THR BA 191 49.31 25.49 -125.03
CA THR BA 191 48.09 25.27 -124.20
C THR BA 191 47.39 26.61 -123.94
N LEU BA 192 48.17 27.65 -123.63
CA LEU BA 192 47.60 29.01 -123.35
C LEU BA 192 46.67 29.43 -124.50
N LYS BA 193 47.14 29.32 -125.75
CA LYS BA 193 46.37 29.71 -126.92
C LYS BA 193 44.99 29.09 -126.88
N ARG BA 194 44.88 27.86 -126.37
CA ARG BA 194 43.58 27.23 -126.22
C ARG BA 194 42.88 27.68 -124.95
N LEU BA 195 43.60 27.81 -123.85
CA LEU BA 195 43.02 28.20 -122.57
C LEU BA 195 42.54 29.65 -122.54
N THR BA 196 43.04 30.49 -123.45
CA THR BA 196 42.68 31.90 -123.40
C THR BA 196 41.33 32.20 -124.04
N GLN BA 197 40.75 31.28 -124.79
CA GLN BA 197 39.52 31.57 -125.51
C GLN BA 197 38.47 30.49 -125.33
N ASN BA 198 38.88 29.29 -124.93
CA ASN BA 198 37.96 28.18 -124.79
C ASN BA 198 37.42 28.06 -123.37
N ALA BA 199 38.30 27.91 -122.39
CA ALA BA 199 37.88 27.72 -121.01
C ALA BA 199 37.22 28.98 -120.48
N ASP BA 200 35.92 28.90 -120.20
CA ASP BA 200 35.19 30.05 -119.66
C ASP BA 200 35.55 30.35 -118.22
N CYS BA 201 36.45 29.58 -117.61
CA CYS BA 201 36.94 29.85 -116.27
C CYS BA 201 38.24 29.08 -116.11
N LEU BA 202 38.95 29.36 -115.01
CA LEU BA 202 40.28 28.82 -114.86
C LEU BA 202 40.80 29.11 -113.46
N VAL BA 203 41.68 28.25 -112.96
CA VAL BA 203 42.41 28.48 -111.73
C VAL BA 203 43.87 28.12 -111.99
N VAL BA 204 44.78 28.77 -111.29
CA VAL BA 204 46.20 28.52 -111.48
C VAL BA 204 46.77 27.89 -110.22
N LEU BA 205 47.66 26.92 -110.42
CA LEU BA 205 48.39 26.27 -109.33
C LEU BA 205 49.82 26.05 -109.79
N ASP BA 206 50.74 26.84 -109.25
CA ASP BA 206 52.15 26.77 -109.66
C ASP BA 206 52.95 25.97 -108.64
N ASN BA 207 53.72 25.01 -109.13
CA ASN BA 207 54.50 24.14 -108.26
C ASN BA 207 55.64 24.87 -107.56
N THR BA 208 56.32 25.76 -108.27
CA THR BA 208 57.46 26.46 -107.68
C THR BA 208 57.04 27.23 -106.43
N ALA BA 209 55.90 27.91 -106.49
CA ALA BA 209 55.38 28.55 -105.30
C ALA BA 209 54.88 27.53 -104.29
N LEU BA 210 54.24 26.46 -104.77
CA LEU BA 210 53.77 25.41 -103.87
C LEU BA 210 54.94 24.70 -103.21
N ASN BA 211 56.02 24.47 -103.95
CA ASN BA 211 57.16 23.78 -103.37
C ASN BA 211 57.84 24.63 -102.30
N ARG BA 212 57.77 25.96 -102.43
CA ARG BA 212 58.35 26.82 -101.41
C ARG BA 212 57.58 26.73 -100.11
N ILE BA 213 56.26 26.55 -100.19
CA ILE BA 213 55.46 26.35 -98.99
C ILE BA 213 55.84 25.04 -98.31
N ALA BA 214 56.34 24.08 -99.09
CA ALA BA 214 56.70 22.78 -98.53
C ALA BA 214 57.93 22.89 -97.65
N THR BA 215 59.00 23.53 -98.15
CA THR BA 215 60.23 23.61 -97.36
C THR BA 215 60.08 24.53 -96.16
N ASP BA 216 59.13 25.47 -96.21
CA ASP BA 216 58.98 26.42 -95.12
C ASP BA 216 58.16 25.81 -93.97
N ARG BA 217 56.96 25.34 -94.27
CA ARG BA 217 56.03 24.91 -93.24
C ARG BA 217 55.84 23.40 -93.18
N LEU BA 218 56.42 22.65 -94.12
CA LEU BA 218 56.30 21.21 -94.13
C LEU BA 218 57.63 20.49 -94.20
N HIS BA 219 58.70 21.15 -94.63
CA HIS BA 219 60.08 20.64 -94.55
C HIS BA 219 60.21 19.29 -95.27
N ILE BA 220 60.01 19.33 -96.58
CA ILE BA 220 60.10 18.12 -97.40
C ILE BA 220 61.47 17.89 -98.00
N GLN BA 221 62.34 18.91 -98.00
CA GLN BA 221 63.67 18.77 -98.57
C GLN BA 221 64.63 19.83 -98.01
N SER BA 224 58.78 16.02 -103.00
CA SER BA 224 57.89 14.87 -103.12
C SER BA 224 56.53 15.28 -103.66
N PHE BA 225 56.14 14.67 -104.77
CA PHE BA 225 54.84 14.99 -105.38
C PHE BA 225 53.69 14.55 -104.50
N SER BA 226 53.76 13.33 -103.97
CA SER BA 226 52.70 12.79 -103.12
C SER BA 226 52.46 13.62 -101.86
N GLN BA 227 53.37 14.52 -101.52
CA GLN BA 227 53.19 15.43 -100.39
C GLN BA 227 52.67 16.79 -100.81
N ILE BA 228 53.25 17.38 -101.86
CA ILE BA 228 52.77 18.67 -102.34
C ILE BA 228 51.36 18.54 -102.92
N ASN BA 229 50.99 17.34 -103.37
CA ASN BA 229 49.64 17.14 -103.87
C ASN BA 229 48.60 17.21 -102.76
N GLN BA 230 49.01 16.91 -101.51
CA GLN BA 230 48.07 16.94 -100.40
C GLN BA 230 47.45 18.32 -100.24
N LEU BA 231 48.25 19.38 -100.39
CA LEU BA 231 47.71 20.73 -100.32
C LEU BA 231 46.72 20.98 -101.43
N VAL BA 232 46.99 20.44 -102.63
CA VAL BA 232 46.09 20.63 -103.76
C VAL BA 232 44.71 20.07 -103.45
N SER BA 233 44.67 18.86 -102.89
CA SER BA 233 43.39 18.28 -102.48
C SER BA 233 42.68 19.17 -101.49
N THR BA 234 43.39 19.66 -100.47
CA THR BA 234 42.79 20.61 -99.54
C THR BA 234 42.37 21.88 -100.27
N ILE BA 235 43.15 22.29 -101.27
CA ILE BA 235 42.78 23.47 -102.06
C ILE BA 235 41.56 23.17 -102.93
N MET BA 236 41.60 22.04 -103.64
CA MET BA 236 40.50 21.71 -104.55
C MET BA 236 39.20 21.48 -103.81
N SER BA 237 39.24 20.64 -102.76
CA SER BA 237 38.02 20.33 -102.02
C SER BA 237 37.41 21.60 -101.44
N ALA BA 238 38.22 22.42 -100.79
CA ALA BA 238 37.72 23.67 -100.24
C ALA BA 238 37.27 24.64 -101.33
N SER BA 239 37.73 24.46 -102.56
CA SER BA 239 37.34 25.37 -103.63
C SER BA 239 35.86 25.22 -103.96
N THR BA 240 35.30 24.04 -103.74
CA THR BA 240 33.90 23.76 -104.08
C THR BA 240 33.09 23.33 -102.87
N THR BA 241 33.29 23.98 -101.73
CA THR BA 241 32.58 23.56 -100.52
C THR BA 241 31.11 23.95 -100.57
N THR BA 242 30.81 25.16 -101.06
CA THR BA 242 29.44 25.64 -101.03
C THR BA 242 28.51 24.88 -101.97
N LEU BA 243 29.06 24.05 -102.86
CA LEU BA 243 28.22 23.33 -103.81
C LEU BA 243 27.60 22.08 -103.19
N ARG BA 244 28.31 21.42 -102.29
CA ARG BA 244 27.82 20.16 -101.73
C ARG BA 244 26.94 20.36 -100.51
N TYR BA 245 27.18 21.40 -99.72
CA TYR BA 245 26.36 21.64 -98.54
C TYR BA 245 25.23 22.59 -98.89
N PRO BA 246 23.98 22.25 -98.60
CA PRO BA 246 22.85 23.10 -99.03
C PRO BA 246 22.87 24.44 -98.33
N GLY BA 247 22.86 25.51 -99.12
CA GLY BA 247 22.89 26.85 -98.58
C GLY BA 247 21.88 27.79 -99.23
N TYR BA 248 21.94 29.06 -98.84
CA TYR BA 248 21.02 30.04 -99.40
C TYR BA 248 21.33 30.33 -100.86
N MET BA 249 22.58 30.63 -101.16
CA MET BA 249 23.03 30.91 -102.52
C MET BA 249 24.23 30.02 -102.85
N ASN BA 250 24.89 30.35 -103.96
CA ASN BA 250 26.07 29.63 -104.42
C ASN BA 250 25.76 28.14 -104.57
N ASN BA 251 24.63 27.86 -105.21
CA ASN BA 251 24.18 26.50 -105.43
C ASN BA 251 24.54 25.97 -106.80
N ASP BA 252 25.40 26.67 -107.52
CA ASP BA 252 25.84 26.22 -108.84
C ASP BA 252 27.18 26.84 -109.15
N LEU BA 253 27.93 26.17 -110.02
CA LEU BA 253 29.21 26.71 -110.46
C LEU BA 253 29.04 28.10 -111.07
N ILE BA 254 27.94 28.32 -111.79
CA ILE BA 254 27.66 29.65 -112.32
C ILE BA 254 27.46 30.65 -111.19
N GLY BA 255 26.97 30.19 -110.04
CA GLY BA 255 26.76 31.09 -108.92
C GLY BA 255 28.05 31.56 -108.29
N LEU BA 256 29.16 30.89 -108.58
CA LEU BA 256 30.44 31.28 -108.01
C LEU BA 256 31.25 32.15 -108.96
N ILE BA 257 31.50 31.65 -110.17
CA ILE BA 257 32.48 32.29 -111.05
C ILE BA 257 31.93 33.59 -111.63
N ALA BA 258 30.62 33.65 -111.86
CA ALA BA 258 30.03 34.82 -112.50
C ALA BA 258 30.34 36.11 -111.76
N SER BA 259 30.62 36.06 -110.47
CA SER BA 259 30.95 37.27 -109.74
C SER BA 259 32.35 37.75 -110.08
N LEU BA 260 33.30 36.82 -110.28
CA LEU BA 260 34.70 37.21 -110.46
C LEU BA 260 34.95 37.76 -111.86
N ILE BA 261 34.71 36.93 -112.88
CA ILE BA 261 35.04 37.28 -114.26
C ILE BA 261 34.12 38.39 -114.77
N PRO BA 262 34.60 39.62 -114.94
CA PRO BA 262 33.73 40.68 -115.47
C PRO BA 262 33.59 40.63 -116.97
N THR BA 263 34.66 40.23 -117.66
CA THR BA 263 34.70 40.17 -119.11
C THR BA 263 35.39 38.90 -119.56
N PRO BA 264 34.91 38.29 -120.65
CA PRO BA 264 35.43 36.97 -121.04
C PRO BA 264 36.91 36.94 -121.33
N ARG BA 265 37.59 38.09 -121.35
CA ARG BA 265 39.04 38.08 -121.54
C ARG BA 265 39.78 37.88 -120.23
N LEU BA 266 39.23 38.37 -119.12
CA LEU BA 266 39.88 38.26 -117.81
C LEU BA 266 39.25 37.10 -117.04
N HIS BA 267 39.67 35.89 -117.41
CA HIS BA 267 39.09 34.67 -116.88
C HIS BA 267 40.15 33.81 -116.17
N PHE BA 268 40.96 34.43 -115.32
CA PHE BA 268 41.99 33.74 -114.59
C PHE BA 268 41.88 34.08 -113.12
N LEU BA 269 42.16 33.11 -112.25
CA LEU BA 269 42.08 33.31 -110.81
C LEU BA 269 43.35 32.81 -110.13
N MET BA 270 43.52 33.22 -108.89
CA MET BA 270 44.53 32.67 -108.00
C MET BA 270 43.91 32.43 -106.63
N THR BA 271 44.55 31.56 -105.85
CA THR BA 271 43.95 31.02 -104.65
C THR BA 271 44.72 31.45 -103.40
N GLY BA 272 44.04 31.33 -102.26
CA GLY BA 272 44.62 31.62 -100.97
C GLY BA 272 43.99 30.81 -99.87
N TYR BA 273 44.79 30.35 -98.90
CA TYR BA 273 44.31 29.43 -97.86
C TYR BA 273 45.08 29.72 -96.57
N THR BA 274 44.36 30.16 -95.54
CA THR BA 274 45.03 30.56 -94.31
C THR BA 274 45.44 29.44 -93.35
N PRO BA 275 44.61 28.41 -93.07
CA PRO BA 275 44.95 27.50 -91.97
C PRO BA 275 46.00 26.48 -92.39
N LEU BA 276 47.21 26.64 -91.87
CA LEU BA 276 48.31 25.76 -92.23
C LEU BA 276 49.05 25.28 -90.99
N THR BA 288 40.02 32.97 -82.85
CA THR BA 288 40.08 32.81 -84.30
C THR BA 288 38.87 33.45 -84.95
N THR BA 289 38.76 34.77 -84.84
CA THR BA 289 37.63 35.51 -85.38
C THR BA 289 37.78 35.68 -86.89
N VAL BA 290 36.71 36.17 -87.51
CA VAL BA 290 36.74 36.38 -88.96
C VAL BA 290 37.82 37.38 -89.34
N LEU BA 291 37.99 38.44 -88.54
CA LEU BA 291 39.06 39.40 -88.82
C LEU BA 291 40.42 38.72 -88.81
N ASP BA 292 40.61 37.76 -87.90
CA ASP BA 292 41.85 37.00 -87.90
C ASP BA 292 42.04 36.27 -89.23
N VAL BA 293 40.95 35.79 -89.82
CA VAL BA 293 41.05 35.05 -91.07
C VAL BA 293 41.39 35.98 -92.23
N MET BA 294 40.52 36.97 -92.47
CA MET BA 294 40.67 37.82 -93.64
C MET BA 294 42.03 38.52 -93.66
N ARG BA 295 42.56 38.88 -92.49
CA ARG BA 295 43.91 39.43 -92.45
C ARG BA 295 44.94 38.43 -92.95
N ARG BA 296 44.89 37.20 -92.46
CA ARG BA 296 45.90 36.21 -92.82
C ARG BA 296 45.78 35.75 -94.26
N LEU BA 297 44.60 35.91 -94.88
CA LEU BA 297 44.49 35.55 -96.29
C LEU BA 297 45.30 36.48 -97.16
N LEU BA 298 45.11 37.79 -97.02
CA LEU BA 298 45.71 38.75 -97.94
C LEU BA 298 47.21 38.89 -97.76
N GLN BA 299 47.82 38.20 -96.80
CA GLN BA 299 49.26 38.29 -96.70
C GLN BA 299 49.91 37.58 -97.88
N PRO BA 300 50.93 38.19 -98.49
CA PRO BA 300 51.54 37.58 -99.69
C PRO BA 300 52.28 36.28 -99.41
N LYS BA 301 52.47 35.91 -98.15
CA LYS BA 301 53.20 34.67 -97.84
C LYS BA 301 52.31 33.45 -97.99
N ASN BA 302 50.99 33.61 -98.00
CA ASN BA 302 50.08 32.48 -98.04
C ASN BA 302 49.55 32.15 -99.43
N VAL BA 303 49.52 33.11 -100.35
CA VAL BA 303 48.91 32.89 -101.66
C VAL BA 303 49.78 31.95 -102.47
N MET BA 304 49.16 31.26 -103.43
CA MET BA 304 49.87 30.31 -104.29
C MET BA 304 50.23 30.94 -105.64
N VAL BA 305 51.08 31.96 -105.58
CA VAL BA 305 51.64 32.58 -106.77
C VAL BA 305 53.12 32.86 -106.51
N SER BA 306 53.90 32.98 -107.58
CA SER BA 306 55.31 33.28 -107.44
C SER BA 306 55.53 34.75 -107.15
N ASN BA 314 49.83 50.20 -111.51
CA ASN BA 314 50.64 49.10 -111.00
C ASN BA 314 49.88 47.79 -111.09
N HIS BA 315 49.44 47.28 -109.94
CA HIS BA 315 48.70 46.03 -109.88
C HIS BA 315 47.65 46.13 -108.78
N CYS BA 316 46.49 45.52 -109.04
CA CYS BA 316 45.38 45.59 -108.10
C CYS BA 316 44.42 44.45 -108.41
N TYR BA 317 43.54 44.18 -107.46
CA TYR BA 317 42.55 43.12 -107.57
C TYR BA 317 41.42 43.55 -108.49
N ILE BA 318 40.62 42.57 -108.90
CA ILE BA 318 39.39 42.83 -109.62
C ILE BA 318 38.16 42.38 -108.83
N ALA BA 319 38.26 41.24 -108.14
CA ALA BA 319 37.20 40.76 -107.27
C ALA BA 319 37.78 39.69 -106.36
N ILE BA 320 37.24 39.59 -105.15
CA ILE BA 320 37.74 38.66 -104.15
C ILE BA 320 36.58 37.86 -103.59
N LEU BA 321 36.80 36.55 -103.42
CA LEU BA 321 35.82 35.65 -102.83
C LEU BA 321 36.44 35.05 -101.58
N ASN BA 322 35.65 34.90 -100.52
CA ASN BA 322 36.10 34.32 -99.27
C ASN BA 322 35.24 33.12 -98.90
N ILE BA 323 35.90 31.99 -98.65
CA ILE BA 323 35.23 30.76 -98.26
C ILE BA 323 35.58 30.49 -96.80
N ILE BA 324 34.57 30.49 -95.94
CA ILE BA 324 34.74 30.23 -94.52
C ILE BA 324 34.08 28.90 -94.19
N GLN BA 325 34.90 27.92 -93.82
CA GLN BA 325 34.41 26.58 -93.52
C GLN BA 325 34.26 26.31 -92.03
N GLY BA 326 34.35 27.33 -91.18
CA GLY BA 326 34.24 27.15 -89.76
C GLY BA 326 32.82 27.36 -89.24
N GLU BA 327 32.71 27.37 -87.91
CA GLU BA 327 31.46 27.64 -87.22
C GLU BA 327 31.43 29.02 -86.57
N VAL BA 328 32.03 30.01 -87.22
CA VAL BA 328 32.20 31.32 -86.62
C VAL BA 328 30.85 32.00 -86.45
N ASP BA 329 30.77 32.87 -85.45
CA ASP BA 329 29.57 33.66 -85.20
C ASP BA 329 29.37 34.64 -86.36
N PRO BA 330 28.25 34.59 -87.06
CA PRO BA 330 28.08 35.41 -88.26
C PRO BA 330 27.62 36.84 -87.99
N THR BA 331 27.59 37.30 -86.74
CA THR BA 331 27.21 38.68 -86.49
C THR BA 331 28.37 39.66 -86.71
N GLN BA 332 29.60 39.21 -86.51
CA GLN BA 332 30.76 40.08 -86.62
C GLN BA 332 31.34 40.14 -88.04
N VAL BA 333 30.80 39.36 -88.98
CA VAL BA 333 31.41 39.29 -90.30
C VAL BA 333 31.33 40.64 -90.99
N HIS BA 334 30.20 41.34 -90.86
CA HIS BA 334 30.09 42.65 -91.48
C HIS BA 334 30.99 43.66 -90.79
N LYS BA 335 31.38 43.38 -89.55
CA LYS BA 335 32.29 44.26 -88.85
C LYS BA 335 33.71 44.14 -89.38
N SER BA 336 34.14 42.92 -89.70
CA SER BA 336 35.49 42.71 -90.21
C SER BA 336 35.71 43.45 -91.51
N LEU BA 337 34.73 43.38 -92.42
CA LEU BA 337 34.82 44.14 -93.66
C LEU BA 337 34.98 45.62 -93.39
N GLN BA 338 34.27 46.14 -92.38
CA GLN BA 338 34.35 47.59 -92.08
C GLN BA 338 35.81 47.94 -91.72
N ARG BA 339 36.35 47.24 -90.71
CA ARG BA 339 37.73 47.49 -90.25
C ARG BA 339 38.70 47.20 -91.39
N ILE BA 340 38.47 46.10 -92.13
CA ILE BA 340 39.38 45.74 -93.25
C ILE BA 340 39.36 46.84 -94.32
N ARG BA 341 38.17 47.33 -94.66
CA ARG BA 341 38.08 48.38 -95.72
C ARG BA 341 38.81 49.63 -95.22
N GLU BA 342 38.61 50.00 -93.96
CA GLU BA 342 39.27 51.20 -93.39
C GLU BA 342 40.79 51.03 -93.47
N ARG BA 343 41.31 49.86 -93.09
CA ARG BA 343 42.77 49.62 -93.10
C ARG BA 343 43.27 49.82 -94.53
N LYS BA 344 42.36 49.72 -95.50
CA LYS BA 344 42.67 49.90 -96.95
C LYS BA 344 43.88 49.02 -97.26
N LEU BA 345 43.84 47.79 -96.72
CA LEU BA 345 44.89 46.80 -96.85
C LEU BA 345 45.05 46.28 -98.27
N ALA BA 346 44.01 46.37 -99.10
CA ALA BA 346 44.08 45.88 -100.47
C ALA BA 346 43.51 46.93 -101.41
N ASN BA 347 44.15 47.06 -102.58
CA ASN BA 347 43.76 48.02 -103.59
C ASN BA 347 42.87 47.36 -104.63
N PHE BA 348 42.10 48.18 -105.33
CA PHE BA 348 41.12 47.70 -106.30
C PHE BA 348 41.10 48.60 -107.53
N ILE BA 349 40.40 48.12 -108.56
CA ILE BA 349 40.26 48.85 -109.82
C ILE BA 349 39.49 50.14 -109.57
N PRO BA 350 39.79 51.21 -110.31
CA PRO BA 350 39.02 52.45 -110.13
C PRO BA 350 37.89 52.59 -111.14
N TRP BA 351 37.83 51.70 -112.12
CA TRP BA 351 36.84 51.85 -113.18
C TRP BA 351 35.54 51.12 -112.86
N GLY BA 352 35.64 49.87 -112.42
CA GLY BA 352 34.47 49.05 -112.21
C GLY BA 352 34.09 48.91 -110.74
N PRO BA 353 32.80 49.08 -110.46
CA PRO BA 353 32.32 48.83 -109.09
C PRO BA 353 32.30 47.36 -108.76
N ALA BA 354 33.07 46.95 -107.76
CA ALA BA 354 33.05 45.59 -107.26
C ALA BA 354 33.32 45.60 -105.77
N SER BA 355 33.32 44.43 -105.16
CA SER BA 355 33.51 44.30 -103.73
C SER BA 355 34.26 43.02 -103.42
N ILE BA 356 34.24 42.64 -102.15
CA ILE BA 356 34.86 41.41 -101.66
C ILE BA 356 33.75 40.46 -101.23
N GLN BA 357 33.80 39.23 -101.71
CA GLN BA 357 32.77 38.24 -101.46
C GLN BA 357 33.20 37.35 -100.30
N VAL BA 358 32.27 37.10 -99.37
CA VAL BA 358 32.51 36.22 -98.24
C VAL BA 358 31.32 35.27 -98.10
N ALA BA 359 31.61 33.98 -97.98
CA ALA BA 359 30.58 32.97 -97.90
C ALA BA 359 30.95 31.94 -96.84
N LEU BA 360 29.95 31.51 -96.09
CA LEU BA 360 30.11 30.56 -95.00
C LEU BA 360 29.88 29.14 -95.52
N SER BA 361 30.20 28.18 -94.67
CA SER BA 361 29.96 26.77 -94.95
C SER BA 361 29.95 26.02 -93.62
N ARG BA 362 30.01 24.69 -93.70
CA ARG BA 362 30.09 23.85 -92.52
C ARG BA 362 31.10 22.75 -92.76
N LYS BA 363 31.96 22.50 -91.77
CA LYS BA 363 32.93 21.43 -91.89
C LYS BA 363 32.25 20.07 -91.74
N SER BA 364 32.85 19.06 -92.35
CA SER BA 364 32.30 17.72 -92.31
C SER BA 364 32.35 17.17 -90.89
N PRO BA 365 31.20 16.89 -90.28
CA PRO BA 365 31.22 16.36 -88.90
C PRO BA 365 31.86 14.98 -88.79
N TYR BA 366 31.91 14.22 -89.88
CA TYR BA 366 32.53 12.89 -89.84
C TYR BA 366 34.04 12.96 -89.86
N LEU BA 367 34.62 14.15 -89.94
CA LEU BA 367 36.07 14.30 -89.97
C LEU BA 367 36.67 14.08 -88.58
N ARG BA 372 37.77 24.88 -84.23
CA ARG BA 372 38.39 24.59 -85.51
C ARG BA 372 37.70 25.37 -86.63
N VAL BA 373 38.43 26.28 -87.25
CA VAL BA 373 37.89 27.13 -88.31
C VAL BA 373 38.94 27.27 -89.40
N SER BA 374 38.54 27.10 -90.66
CA SER BA 374 39.42 27.24 -91.80
C SER BA 374 38.96 28.42 -92.64
N GLY BA 375 39.63 28.64 -93.75
CA GLY BA 375 39.27 29.73 -94.65
C GLY BA 375 40.05 29.73 -95.95
N LEU BA 376 39.34 29.90 -97.06
CA LEU BA 376 39.96 29.96 -98.37
C LEU BA 376 39.45 31.18 -99.11
N MET BA 377 40.31 31.73 -99.96
CA MET BA 377 40.00 32.95 -100.68
C MET BA 377 40.30 32.78 -102.16
N MET BA 378 39.37 33.20 -103.01
CA MET BA 378 39.52 33.17 -104.45
C MET BA 378 39.82 34.58 -104.94
N ALA BA 379 40.87 34.73 -105.73
CA ALA BA 379 41.35 36.03 -106.16
C ALA BA 379 41.54 36.08 -107.67
N ASN BA 380 41.18 37.22 -108.24
CA ASN BA 380 41.43 37.53 -109.64
C ASN BA 380 42.33 38.77 -109.66
N HIS BA 381 43.63 38.54 -109.58
CA HIS BA 381 44.61 39.61 -109.45
C HIS BA 381 45.33 39.82 -110.79
N THR BA 382 45.48 41.09 -111.16
CA THR BA 382 46.17 41.42 -112.40
C THR BA 382 47.66 41.13 -112.34
N SER BA 383 48.20 40.73 -111.20
CA SER BA 383 49.61 40.39 -111.11
C SER BA 383 49.93 39.06 -111.78
N ILE BA 384 48.92 38.30 -112.17
CA ILE BA 384 49.17 37.00 -112.78
C ILE BA 384 49.75 37.17 -114.18
N SER BA 385 49.61 38.36 -114.76
CA SER BA 385 50.20 38.59 -116.08
C SER BA 385 51.71 38.47 -116.05
N SER BA 386 52.31 38.70 -114.88
CA SER BA 386 53.75 38.57 -114.74
C SER BA 386 54.22 37.16 -115.06
N LEU BA 387 53.46 36.15 -114.60
CA LEU BA 387 53.84 34.76 -114.85
C LEU BA 387 53.92 34.46 -116.33
N PHE BA 388 52.93 34.94 -117.10
CA PHE BA 388 52.93 34.69 -118.53
C PHE BA 388 54.18 35.23 -119.19
N GLU BA 389 54.63 36.42 -118.75
CA GLU BA 389 55.80 37.04 -119.35
C GLU BA 389 57.01 36.11 -119.32
N ARG BA 390 57.19 35.41 -118.19
CA ARG BA 390 58.34 34.52 -118.05
C ARG BA 390 58.36 33.45 -119.13
N THR BA 391 57.19 32.86 -119.37
CA THR BA 391 57.03 31.83 -120.44
C THR BA 391 57.38 32.47 -121.78
N CYS BA 392 56.75 33.61 -122.10
CA CYS BA 392 57.01 34.31 -123.35
C CYS BA 392 58.46 34.78 -123.44
N ARG BA 393 59.01 35.26 -122.33
CA ARG BA 393 60.40 35.69 -122.31
C ARG BA 393 61.33 34.52 -122.60
N GLN BA 394 61.07 33.38 -121.99
CA GLN BA 394 61.89 32.20 -122.26
C GLN BA 394 61.76 31.74 -123.70
N TYR BA 395 60.54 31.68 -124.21
CA TYR BA 395 60.31 31.22 -125.58
C TYR BA 395 61.10 32.07 -126.57
N ASP BA 396 61.09 33.39 -126.40
CA ASP BA 396 61.84 34.27 -127.28
C ASP BA 396 63.32 33.93 -127.25
N LYS BA 397 63.82 33.53 -126.09
CA LYS BA 397 65.19 33.02 -126.02
C LYS BA 397 65.35 31.72 -126.81
N LEU BA 398 64.34 30.84 -126.76
CA LEU BA 398 64.38 29.60 -127.51
C LEU BA 398 64.28 29.82 -129.01
N ARG BA 399 63.44 30.75 -129.45
CA ARG BA 399 63.29 31.04 -130.87
C ARG BA 399 64.58 31.49 -131.51
N LYS BA 400 65.56 31.95 -130.72
CA LYS BA 400 66.87 32.31 -131.22
C LYS BA 400 67.94 31.33 -130.77
N ARG BA 401 67.53 30.15 -130.30
CA ARG BA 401 68.47 29.12 -129.89
C ARG BA 401 68.18 27.74 -130.47
N GLU BA 402 67.00 27.52 -131.05
CA GLU BA 402 66.63 26.24 -131.67
C GLU BA 402 66.76 25.08 -130.69
N ASP BA 416 55.05 21.44 -139.94
CA ASP BA 416 55.64 21.55 -141.26
C ASP BA 416 55.81 23.01 -141.67
N ASN BA 417 55.28 23.92 -140.86
CA ASN BA 417 55.37 25.35 -141.12
C ASN BA 417 55.86 26.16 -139.93
N PHE BA 418 55.59 25.71 -138.71
CA PHE BA 418 55.96 26.40 -137.47
C PHE BA 418 55.28 27.76 -137.35
N ASP BA 419 54.04 27.86 -137.85
CA ASP BA 419 53.28 29.09 -137.73
C ASP BA 419 52.23 29.06 -136.63
N GLU BA 420 51.76 27.87 -136.25
CA GLU BA 420 50.81 27.76 -135.15
C GLU BA 420 51.40 28.32 -133.86
N MET BA 421 52.67 28.01 -133.59
CA MET BA 421 53.34 28.61 -132.45
C MET BA 421 53.42 30.12 -132.58
N ASP BA 422 53.56 30.61 -133.81
CA ASP BA 422 53.70 32.05 -134.01
C ASP BA 422 52.37 32.77 -133.77
N THR BA 423 51.26 32.18 -134.23
CA THR BA 423 49.96 32.79 -133.97
C THR BA 423 49.65 32.80 -132.48
N SER BA 424 49.92 31.69 -131.80
CA SER BA 424 49.71 31.64 -130.36
C SER BA 424 50.56 32.69 -129.65
N ARG BA 425 51.82 32.83 -130.08
CA ARG BA 425 52.68 33.88 -129.55
C ARG BA 425 51.99 35.24 -129.60
N GLU BA 426 51.24 35.50 -130.67
CA GLU BA 426 50.52 36.76 -130.78
C GLU BA 426 49.36 36.81 -129.79
N ILE BA 427 48.54 35.76 -129.74
CA ILE BA 427 47.32 35.82 -128.95
C ILE BA 427 47.63 35.85 -127.46
N VAL BA 428 48.73 35.24 -127.03
CA VAL BA 428 49.10 35.31 -125.62
C VAL BA 428 49.59 36.71 -125.28
N GLN BA 429 50.25 37.38 -126.22
CA GLN BA 429 50.69 38.75 -125.98
C GLN BA 429 49.51 39.68 -125.78
N GLN BA 430 48.39 39.39 -126.46
CA GLN BA 430 47.20 40.22 -126.30
C GLN BA 430 46.68 40.18 -124.87
N LEU BA 431 46.71 38.99 -124.25
CA LEU BA 431 46.20 38.87 -122.89
C LEU BA 431 47.05 39.66 -121.91
N ILE BA 432 48.37 39.67 -122.11
CA ILE BA 432 49.25 40.46 -121.25
C ILE BA 432 48.88 41.94 -121.31
N ASP BA 433 48.58 42.43 -122.52
CA ASP BA 433 48.18 43.83 -122.65
C ASP BA 433 46.84 44.08 -121.96
N GLU BA 434 45.90 43.15 -122.08
CA GLU BA 434 44.58 43.36 -121.51
C GLU BA 434 44.63 43.50 -119.99
N TYR BA 435 45.45 42.68 -119.33
CA TYR BA 435 45.67 42.87 -117.90
C TYR BA 435 46.35 44.19 -117.62
N HIS BA 436 47.45 44.47 -118.31
CA HIS BA 436 48.14 45.74 -118.12
C HIS BA 436 47.21 46.92 -118.35
N ALA BA 437 46.37 46.85 -119.37
CA ALA BA 437 45.41 47.92 -119.60
C ALA BA 437 44.32 47.95 -118.55
N ALA BA 438 44.10 46.85 -117.82
CA ALA BA 438 42.99 46.79 -116.89
C ALA BA 438 43.26 47.59 -115.62
N THR BA 439 44.53 47.79 -115.27
CA THR BA 439 44.89 48.53 -114.07
C THR BA 439 44.85 50.04 -114.28
N ARG BA 440 44.44 50.49 -115.46
CA ARG BA 440 44.37 51.90 -115.78
C ARG BA 440 43.03 52.47 -115.33
N PRO BA 441 42.98 53.76 -115.00
CA PRO BA 441 41.68 54.40 -114.76
C PRO BA 441 40.77 54.40 -115.98
N ASP BA 442 41.29 54.11 -117.16
CA ASP BA 442 40.50 54.10 -118.38
C ASP BA 442 40.69 52.81 -119.16
N TYR BA 443 40.58 51.67 -118.48
CA TYR BA 443 40.70 50.39 -119.16
C TYR BA 443 39.62 50.23 -120.22
N ILE BA 444 38.37 50.55 -119.89
CA ILE BA 444 37.28 50.42 -120.84
C ILE BA 444 37.55 51.31 -122.04
N SER BA 445 37.20 50.82 -123.22
CA SER BA 445 37.49 51.47 -124.50
C SER BA 445 38.96 51.85 -124.61
N ARG CA 3 -1.96 -27.88 -112.65
CA ARG CA 3 -1.19 -27.87 -113.88
C ARG CA 3 0.30 -27.87 -113.56
N GLU CA 4 0.96 -28.98 -113.88
CA GLU CA 4 2.31 -29.26 -113.41
C GLU CA 4 3.32 -29.08 -114.53
N ILE CA 5 4.59 -28.96 -114.16
CA ILE CA 5 5.70 -28.85 -115.09
C ILE CA 5 6.72 -29.92 -114.74
N ILE CA 6 7.20 -30.63 -115.75
CA ILE CA 6 8.13 -31.75 -115.58
C ILE CA 6 9.51 -31.28 -116.01
N THR CA 7 10.53 -31.69 -115.26
CA THR CA 7 11.91 -31.30 -115.52
C THR CA 7 12.69 -32.45 -116.13
N LEU CA 8 13.70 -32.10 -116.92
CA LEU CA 8 14.56 -33.07 -117.59
C LEU CA 8 15.99 -32.55 -117.58
N GLN CA 9 16.90 -33.36 -117.02
CA GLN CA 9 18.30 -32.98 -116.89
C GLN CA 9 19.13 -33.85 -117.82
N LEU CA 10 19.89 -33.21 -118.70
CA LEU CA 10 20.61 -33.91 -119.75
C LEU CA 10 22.11 -33.67 -119.62
N GLY CA 11 22.89 -34.74 -119.80
CA GLY CA 11 24.33 -34.66 -119.74
C GLY CA 11 24.86 -34.33 -118.36
N GLN CA 12 26.19 -34.26 -118.23
CA GLN CA 12 26.79 -33.89 -116.95
C GLN CA 12 26.30 -32.52 -116.49
N CYS CA 13 26.28 -31.55 -117.40
CA CYS CA 13 25.85 -30.20 -117.05
C CYS CA 13 24.42 -30.19 -116.53
N GLY CA 14 23.48 -30.64 -117.34
CA GLY CA 14 22.08 -30.58 -116.95
C GLY CA 14 21.79 -31.29 -115.65
N ASN CA 15 22.42 -32.46 -115.45
CA ASN CA 15 22.23 -33.18 -114.21
C ASN CA 15 22.86 -32.44 -113.04
N GLN CA 16 23.95 -31.71 -113.28
CA GLN CA 16 24.57 -30.91 -112.23
C GLN CA 16 23.67 -29.75 -111.84
N ILE CA 17 23.25 -28.94 -112.82
CA ILE CA 17 22.50 -27.73 -112.50
C ILE CA 17 21.13 -28.07 -111.92
N GLY CA 18 20.53 -29.17 -112.37
CA GLY CA 18 19.22 -29.53 -111.84
C GLY CA 18 19.29 -30.02 -110.40
N PHE CA 19 20.28 -30.85 -110.09
CA PHE CA 19 20.41 -31.38 -108.74
C PHE CA 19 20.57 -30.27 -107.72
N GLU CA 20 21.50 -29.34 -107.97
CA GLU CA 20 21.67 -28.20 -107.07
C GLU CA 20 20.40 -27.36 -106.99
N PHE CA 21 19.71 -27.19 -108.12
CA PHE CA 21 18.42 -26.51 -108.09
C PHE CA 21 17.41 -27.28 -107.27
N TRP CA 22 17.43 -28.61 -107.34
CA TRP CA 22 16.54 -29.41 -106.50
C TRP CA 22 16.97 -29.37 -105.05
N LYS CA 23 18.27 -29.16 -104.80
CA LYS CA 23 18.74 -28.97 -103.43
C LYS CA 23 18.12 -27.73 -102.80
N GLN CA 24 18.33 -26.58 -103.43
CA GLN CA 24 17.84 -25.33 -102.85
C GLN CA 24 16.32 -25.29 -102.83
N LEU CA 25 15.67 -25.83 -103.87
CA LEU CA 25 14.21 -25.84 -103.89
C LEU CA 25 13.66 -26.68 -102.75
N CYS CA 26 14.29 -27.82 -102.47
CA CYS CA 26 13.90 -28.59 -101.29
C CYS CA 26 14.34 -27.88 -100.01
N ALA CA 27 15.38 -27.05 -100.07
CA ALA CA 27 15.75 -26.26 -98.91
C ALA CA 27 14.73 -25.16 -98.64
N GLU CA 28 14.26 -24.50 -99.70
CA GLU CA 28 13.25 -23.45 -99.51
C GLU CA 28 11.95 -24.02 -98.97
N HIS CA 29 11.43 -25.06 -99.61
CA HIS CA 29 10.24 -25.73 -99.13
C HIS CA 29 10.54 -26.43 -97.81
N GLY CA 30 9.48 -26.76 -97.07
CA GLY CA 30 9.64 -27.45 -95.80
C GLY CA 30 9.71 -28.95 -95.99
N ILE CA 31 10.59 -29.40 -96.88
CA ILE CA 31 10.74 -30.80 -97.21
C ILE CA 31 12.16 -31.22 -96.86
N SER CA 32 12.29 -32.14 -95.92
CA SER CA 32 13.59 -32.65 -95.51
C SER CA 32 14.26 -33.38 -96.68
N PRO CA 33 15.61 -33.50 -96.65
CA PRO CA 33 16.31 -34.18 -97.74
C PRO CA 33 15.82 -35.59 -98.03
N GLU CA 34 15.24 -36.24 -97.03
CA GLU CA 34 14.75 -37.59 -97.20
C GLU CA 34 13.34 -37.65 -97.79
N GLY CA 35 12.91 -36.60 -98.48
CA GLY CA 35 11.61 -36.56 -99.13
C GLY CA 35 10.47 -36.80 -98.14
N ILE CA 36 10.67 -36.42 -96.88
CA ILE CA 36 9.66 -36.54 -95.84
C ILE CA 36 9.35 -35.15 -95.32
N VAL CA 37 8.07 -34.83 -95.17
CA VAL CA 37 7.65 -33.50 -94.76
C VAL CA 37 8.16 -33.19 -93.36
N GLU CA 38 8.61 -31.96 -93.15
CA GLU CA 38 9.04 -31.48 -91.85
C GLU CA 38 7.92 -30.68 -91.20
N GLU CA 39 7.81 -30.81 -89.88
CA GLU CA 39 6.73 -30.16 -89.15
C GLU CA 39 6.88 -28.64 -89.15
N PHE CA 40 7.98 -28.14 -88.57
CA PHE CA 40 8.22 -26.71 -88.44
C PHE CA 40 7.02 -25.96 -87.88
N THR CA 45 0.66 -23.41 -96.62
CA THR CA 45 0.60 -22.07 -97.19
C THR CA 45 1.09 -22.11 -98.64
N ASP CA 46 1.86 -23.14 -98.96
CA ASP CA 46 2.45 -23.27 -100.29
C ASP CA 46 1.75 -24.40 -101.06
N ARG CA 47 1.24 -24.08 -102.25
CA ARG CA 47 0.73 -25.08 -103.16
C ARG CA 47 1.90 -25.70 -103.92
N LYS CA 48 2.18 -26.98 -103.66
CA LYS CA 48 3.37 -27.63 -104.20
C LYS CA 48 3.03 -28.79 -105.12
N ASP CA 49 1.76 -28.95 -105.51
CA ASP CA 49 1.40 -30.05 -106.39
C ASP CA 49 1.95 -29.87 -107.80
N VAL CA 50 2.25 -28.63 -108.20
CA VAL CA 50 2.78 -28.39 -109.53
C VAL CA 50 4.18 -28.96 -109.68
N PHE CA 51 4.99 -28.81 -108.63
CA PHE CA 51 6.39 -29.24 -108.68
C PHE CA 51 6.69 -30.45 -107.81
N PHE CA 52 5.70 -31.03 -107.16
CA PHE CA 52 5.90 -32.24 -106.36
C PHE CA 52 4.71 -33.16 -106.48
N TYR CA 53 4.99 -34.46 -106.37
CA TYR CA 53 3.98 -35.50 -106.37
C TYR CA 53 3.97 -36.18 -105.00
N GLN CA 54 2.77 -36.40 -104.47
CA GLN CA 54 2.64 -37.07 -103.18
C GLN CA 54 2.64 -38.59 -103.36
N TYR CA 60 6.72 -37.39 -100.75
CA TYR CA 60 6.88 -36.43 -101.83
C TYR CA 60 8.04 -36.79 -102.74
N ILE CA 61 7.77 -36.92 -104.04
CA ILE CA 61 8.79 -37.28 -105.02
C ILE CA 61 8.75 -36.28 -106.17
N PRO CA 62 9.87 -35.65 -106.50
CA PRO CA 62 9.87 -34.68 -107.61
C PRO CA 62 9.65 -35.37 -108.94
N ARG CA 63 9.05 -34.63 -109.86
CA ARG CA 63 8.81 -35.12 -111.22
C ARG CA 63 10.04 -34.87 -112.08
N ALA CA 64 11.10 -35.60 -111.74
CA ALA CA 64 12.41 -35.42 -112.35
C ALA CA 64 12.70 -36.56 -113.32
N VAL CA 65 13.33 -36.22 -114.44
CA VAL CA 65 13.76 -37.17 -115.45
C VAL CA 65 15.24 -36.93 -115.70
N LEU CA 66 16.10 -37.66 -115.01
CA LEU CA 66 17.53 -37.48 -115.15
C LEU CA 66 18.05 -38.36 -116.28
N LEU CA 67 19.09 -37.88 -116.96
CA LEU CA 67 19.69 -38.62 -118.06
C LEU CA 67 21.21 -38.49 -118.05
N ARG CA 72 27.18 -41.34 -116.10
CA ARG CA 72 28.35 -41.26 -115.24
C ARG CA 72 28.05 -40.48 -113.96
N VAL CA 73 27.36 -39.34 -114.10
CA VAL CA 73 27.03 -38.52 -112.95
C VAL CA 73 25.91 -39.14 -112.11
N ILE CA 74 25.22 -40.14 -112.65
CA ILE CA 74 24.16 -40.81 -111.90
C ILE CA 74 24.70 -41.37 -110.60
N HIS CA 75 25.90 -41.94 -110.63
CA HIS CA 75 26.54 -42.42 -109.41
C HIS CA 75 26.72 -41.28 -108.41
N SER CA 76 27.12 -40.11 -108.90
CA SER CA 76 27.35 -38.98 -108.01
C SER CA 76 26.05 -38.53 -107.33
N ILE CA 77 24.94 -38.58 -108.06
CA ILE CA 77 23.66 -38.19 -107.47
C ILE CA 77 23.25 -39.16 -106.39
N LEU CA 78 23.37 -40.46 -106.67
CA LEU CA 78 23.03 -41.48 -105.67
C LEU CA 78 23.89 -41.38 -104.42
N ASN CA 79 25.18 -41.09 -104.57
CA ASN CA 79 26.08 -40.97 -103.44
C ASN CA 79 25.71 -39.83 -102.51
N SER CA 80 25.00 -38.82 -103.01
CA SER CA 80 24.52 -37.75 -102.15
C SER CA 80 23.48 -38.29 -101.18
N PRO CA 81 23.35 -37.66 -100.00
CA PRO CA 81 22.31 -38.09 -99.06
C PRO CA 81 20.89 -37.87 -99.54
N TYR CA 82 20.69 -37.39 -100.77
CA TYR CA 82 19.37 -37.15 -101.34
C TYR CA 82 18.88 -38.34 -102.17
N ALA CA 83 19.30 -39.55 -101.81
CA ALA CA 83 18.90 -40.72 -102.58
C ALA CA 83 17.41 -41.03 -102.46
N LYS CA 84 16.72 -40.40 -101.52
CA LYS CA 84 15.30 -40.62 -101.30
C LYS CA 84 14.42 -39.67 -102.12
N LEU CA 85 15.01 -38.91 -103.03
CA LEU CA 85 14.29 -37.86 -103.74
C LEU CA 85 13.96 -38.23 -105.19
N TYR CA 86 13.79 -39.52 -105.49
CA TYR CA 86 13.43 -39.94 -106.84
C TYR CA 86 12.56 -41.18 -106.82
N GLY CA 101 30.80 -40.23 -127.20
CA GLY CA 101 31.84 -39.31 -127.59
C GLY CA 101 31.51 -37.87 -127.25
N ASN CA 102 31.92 -36.95 -128.13
CA ASN CA 102 31.64 -35.53 -127.95
C ASN CA 102 31.09 -34.88 -129.21
N ASN CA 103 30.45 -35.65 -130.08
CA ASN CA 103 29.87 -35.13 -131.31
C ASN CA 103 28.37 -34.96 -131.14
N TRP CA 104 27.82 -33.94 -131.81
CA TRP CA 104 26.37 -33.75 -131.79
C TRP CA 104 25.66 -34.88 -132.50
N ALA CA 105 26.16 -35.27 -133.68
CA ALA CA 105 25.56 -36.39 -134.40
C ALA CA 105 25.65 -37.67 -133.59
N SER CA 106 26.64 -37.78 -132.71
CA SER CA 106 26.72 -38.93 -131.83
C SER CA 106 25.52 -38.98 -130.89
N GLY CA 107 25.16 -37.84 -130.31
CA GLY CA 107 23.99 -37.81 -129.44
C GLY CA 107 22.69 -38.06 -130.20
N PHE CA 108 22.62 -37.58 -131.44
CA PHE CA 108 21.41 -37.76 -132.24
C PHE CA 108 21.14 -39.24 -132.51
N SER CA 109 22.20 -40.00 -132.81
CA SER CA 109 22.03 -41.42 -133.09
C SER CA 109 21.62 -42.18 -131.84
N GLN CA 110 22.29 -41.92 -130.72
CA GLN CA 110 21.99 -42.63 -129.49
C GLN CA 110 20.58 -42.36 -129.00
N GLY CA 111 20.01 -41.20 -129.36
CA GLY CA 111 18.66 -40.90 -128.95
C GLY CA 111 17.61 -41.75 -129.63
N GLU CA 112 17.77 -41.98 -130.95
CA GLU CA 112 16.85 -42.84 -131.66
C GLU CA 112 16.96 -44.29 -131.17
N LYS CA 113 18.15 -44.69 -130.70
CA LYS CA 113 18.34 -46.05 -130.20
C LYS CA 113 17.45 -46.34 -129.00
N ILE CA 114 17.22 -45.35 -128.15
CA ILE CA 114 16.45 -45.53 -126.93
C ILE CA 114 15.19 -44.68 -127.00
N HIS CA 115 14.68 -44.49 -128.22
CA HIS CA 115 13.46 -43.70 -128.44
C HIS CA 115 12.34 -44.12 -127.50
N GLU CA 116 11.91 -45.38 -127.58
CA GLU CA 116 10.82 -45.83 -126.73
C GLU CA 116 11.30 -46.12 -125.31
N ASP CA 117 12.61 -46.22 -125.12
CA ASP CA 117 13.14 -46.52 -123.79
C ASP CA 117 12.89 -45.37 -122.83
N ILE CA 118 13.11 -44.14 -123.28
CA ILE CA 118 12.93 -42.99 -122.40
C ILE CA 118 11.50 -42.45 -122.47
N PHE CA 119 10.85 -42.54 -123.64
CA PHE CA 119 9.52 -41.97 -123.79
C PHE CA 119 8.47 -42.73 -123.02
N ASP CA 120 8.74 -43.98 -122.66
CA ASP CA 120 7.84 -44.69 -121.75
C ASP CA 120 7.89 -44.07 -120.36
N ILE CA 121 9.08 -43.62 -119.94
CA ILE CA 121 9.20 -42.93 -118.65
C ILE CA 121 8.45 -41.60 -118.70
N ILE CA 122 8.53 -40.91 -119.84
CA ILE CA 122 7.77 -39.67 -120.01
C ILE CA 122 6.27 -39.98 -120.02
N ASP CA 123 5.86 -40.98 -120.78
CA ASP CA 123 4.44 -41.27 -120.94
C ASP CA 123 3.83 -41.81 -119.65
N ARG CA 124 4.59 -42.64 -118.92
CA ARG CA 124 4.07 -43.14 -117.65
C ARG CA 124 3.89 -42.00 -116.64
N GLU CA 125 4.63 -40.90 -116.83
CA GLU CA 125 4.47 -39.76 -115.95
C GLU CA 125 3.54 -38.71 -116.54
N ALA CA 126 3.61 -38.49 -117.85
CA ALA CA 126 2.69 -37.55 -118.50
C ALA CA 126 1.25 -37.98 -118.31
N ASP CA 127 0.91 -39.18 -118.78
CA ASP CA 127 -0.38 -39.76 -118.45
C ASP CA 127 -0.49 -40.04 -116.95
N GLY CA 128 0.64 -40.19 -116.26
CA GLY CA 128 0.60 -40.29 -114.81
C GLY CA 128 0.32 -38.97 -114.14
N SER CA 129 0.62 -37.87 -114.81
CA SER CA 129 0.24 -36.55 -114.33
C SER CA 129 -1.21 -36.25 -114.71
N ASP CA 130 -1.92 -35.61 -113.80
CA ASP CA 130 -3.34 -35.29 -114.04
C ASP CA 130 -3.49 -34.37 -115.25
N SER CA 131 -2.91 -33.18 -115.17
CA SER CA 131 -2.99 -32.20 -116.27
C SER CA 131 -1.60 -31.56 -116.41
N LEU CA 132 -0.78 -32.12 -117.30
CA LEU CA 132 0.54 -31.57 -117.54
C LEU CA 132 0.43 -30.22 -118.24
N GLU CA 133 1.36 -29.32 -117.91
CA GLU CA 133 1.29 -27.96 -118.39
C GLU CA 133 2.51 -27.54 -119.20
N GLY CA 134 3.71 -27.99 -118.81
CA GLY CA 134 4.89 -27.55 -119.50
C GLY CA 134 6.04 -28.54 -119.55
N PHE CA 135 7.16 -28.12 -120.13
CA PHE CA 135 8.33 -28.98 -120.32
C PHE CA 135 9.57 -28.10 -120.17
N VAL CA 136 10.17 -28.13 -118.98
CA VAL CA 136 11.40 -27.38 -118.75
C VAL CA 136 12.60 -28.28 -118.99
N LEU CA 137 13.66 -27.71 -119.56
CA LEU CA 137 14.83 -28.46 -119.99
C LEU CA 137 16.09 -27.75 -119.53
N CYS CA 138 16.98 -28.47 -118.87
CA CYS CA 138 18.27 -27.95 -118.45
C CYS CA 138 19.35 -28.72 -119.18
N HIS CA 139 20.01 -28.08 -120.15
CA HIS CA 139 21.01 -28.74 -120.96
C HIS CA 139 22.03 -27.73 -121.44
N SER CA 140 23.25 -28.22 -121.67
CA SER CA 140 24.34 -27.41 -122.19
C SER CA 140 24.59 -27.76 -123.65
N ILE CA 141 24.54 -26.74 -124.52
CA ILE CA 141 24.82 -26.95 -125.94
C ILE CA 141 26.31 -26.88 -126.26
N ALA CA 142 27.17 -26.82 -125.24
CA ALA CA 142 28.60 -26.77 -125.46
C ALA CA 142 29.14 -28.16 -125.79
N GLY CA 144 28.25 -31.95 -124.58
CA GLY CA 144 28.40 -32.44 -125.94
C GLY CA 144 27.28 -33.37 -126.36
N THR CA 145 27.08 -34.44 -125.58
CA THR CA 145 26.02 -35.39 -125.89
C THR CA 145 24.65 -34.87 -125.51
N GLY CA 146 24.54 -34.10 -124.42
CA GLY CA 146 23.26 -33.53 -124.06
C GLY CA 146 22.71 -32.60 -125.13
N SER CA 147 23.59 -31.94 -125.87
CA SER CA 147 23.18 -31.10 -126.97
C SER CA 147 22.57 -31.93 -128.09
N GLY CA 148 23.16 -33.10 -128.35
CA GLY CA 148 22.59 -34.00 -129.35
C GLY CA 148 21.30 -34.64 -128.89
N LEU CA 149 21.28 -35.17 -127.67
CA LEU CA 149 20.05 -35.73 -127.12
C LEU CA 149 18.98 -34.66 -126.98
N GLY CA 150 19.37 -33.47 -126.52
CA GLY CA 150 18.40 -32.38 -126.45
C GLY CA 150 17.81 -32.04 -127.80
N SER CA 151 18.63 -32.11 -128.85
CA SER CA 151 18.11 -31.91 -130.20
C SER CA 151 17.08 -32.99 -130.54
N TYR CA 152 17.27 -34.19 -130.01
CA TYR CA 152 16.34 -35.28 -130.28
C TYR CA 152 15.01 -35.05 -129.58
N LEU CA 153 15.03 -34.57 -128.35
CA LEU CA 153 13.81 -34.41 -127.57
C LEU CA 153 12.89 -33.37 -128.20
N LEU CA 154 13.46 -32.26 -128.69
CA LEU CA 154 12.63 -31.17 -129.19
C LEU CA 154 11.79 -31.60 -130.37
N GLU CA 155 12.42 -32.13 -131.42
CA GLU CA 155 11.68 -32.62 -132.57
C GLU CA 155 10.68 -33.70 -132.16
N ARG CA 156 11.04 -34.51 -131.16
CA ARG CA 156 10.15 -35.58 -130.72
C ARG CA 156 9.00 -35.06 -129.89
N LEU CA 157 9.25 -34.07 -129.02
CA LEU CA 157 8.19 -33.56 -128.15
C LEU CA 157 7.13 -32.82 -128.95
N ASN CA 158 7.55 -32.11 -130.00
CA ASN CA 158 6.58 -31.45 -130.87
C ASN CA 158 5.77 -32.46 -131.65
N ASP CA 159 6.32 -33.65 -131.90
CA ASP CA 159 5.60 -34.67 -132.65
C ASP CA 159 4.37 -35.15 -131.90
N ARG CA 160 4.57 -35.66 -130.68
CA ARG CA 160 3.48 -36.31 -129.95
C ARG CA 160 2.58 -35.30 -129.26
N TYR CA 161 3.16 -34.43 -128.43
CA TYR CA 161 2.38 -33.51 -127.61
C TYR CA 161 2.24 -32.18 -128.33
N PRO CA 162 1.08 -31.84 -128.88
CA PRO CA 162 0.95 -30.58 -129.62
C PRO CA 162 0.41 -29.45 -128.76
N LYS CA 163 -0.02 -29.76 -127.55
CA LYS CA 163 -0.64 -28.77 -126.67
C LYS CA 163 0.17 -28.57 -125.39
N LYS CA 164 1.48 -28.83 -125.44
CA LYS CA 164 2.33 -28.78 -124.25
C LYS CA 164 3.43 -27.74 -124.45
N LEU CA 165 3.59 -26.87 -123.47
CA LEU CA 165 4.62 -25.84 -123.53
C LEU CA 165 6.00 -26.47 -123.35
N VAL CA 166 6.96 -25.93 -124.09
CA VAL CA 166 8.36 -26.38 -124.02
C VAL CA 166 9.23 -25.15 -123.80
N GLN CA 167 9.73 -25.00 -122.58
CA GLN CA 167 10.70 -23.97 -122.25
C GLN CA 167 12.05 -24.61 -121.95
N THR CA 168 13.11 -23.98 -122.44
CA THR CA 168 14.45 -24.55 -122.34
C THR CA 168 15.37 -23.56 -121.65
N TYR CA 169 15.99 -23.98 -120.55
CA TYR CA 169 16.98 -23.19 -119.85
C TYR CA 169 18.39 -23.55 -120.33
N SER CA 170 18.59 -23.39 -121.64
CA SER CA 170 19.84 -23.78 -122.26
C SER CA 170 21.00 -22.97 -121.70
N VAL CA 171 22.18 -23.56 -121.74
CA VAL CA 171 23.40 -22.95 -121.24
C VAL CA 171 24.37 -22.82 -122.41
N PHE CA 172 24.98 -21.67 -122.54
CA PHE CA 172 25.92 -21.42 -123.62
C PHE CA 172 27.35 -21.39 -123.10
N PRO CA 173 28.36 -21.34 -123.98
CA PRO CA 173 29.73 -21.19 -123.47
C PRO CA 173 29.94 -19.87 -122.75
N VAL CA 183 35.53 -27.48 -132.54
CA VAL CA 183 34.58 -28.58 -132.61
C VAL CA 183 33.28 -28.21 -131.89
N GLN CA 184 33.40 -27.26 -130.96
CA GLN CA 184 32.22 -26.78 -130.24
C GLN CA 184 31.28 -25.95 -131.09
N PRO CA 185 31.74 -25.10 -132.03
CA PRO CA 185 30.80 -24.37 -132.88
C PRO CA 185 29.78 -25.26 -133.58
N TYR CA 186 30.19 -26.44 -134.03
CA TYR CA 186 29.27 -27.33 -134.74
C TYR CA 186 28.11 -27.74 -133.84
N ASN CA 187 28.41 -28.36 -132.69
CA ASN CA 187 27.36 -28.83 -131.80
C ASN CA 187 26.44 -27.70 -131.36
N SER CA 188 26.99 -26.51 -131.18
CA SER CA 188 26.18 -25.38 -130.74
C SER CA 188 25.19 -24.97 -131.83
N LEU CA 189 25.68 -24.72 -133.05
CA LEU CA 189 24.84 -24.14 -134.08
C LEU CA 189 23.67 -25.04 -134.44
N LEU CA 190 23.87 -26.36 -134.38
CA LEU CA 190 22.77 -27.29 -134.69
C LEU CA 190 21.65 -27.16 -133.67
N THR CA 191 22.00 -27.17 -132.38
CA THR CA 191 20.97 -27.03 -131.34
C THR CA 191 20.19 -25.74 -131.53
N LEU CA 192 20.84 -24.68 -132.01
CA LEU CA 192 20.11 -23.46 -132.33
C LEU CA 192 19.05 -23.72 -133.39
N LYS CA 193 19.45 -24.37 -134.50
CA LYS CA 193 18.50 -24.67 -135.56
C LYS CA 193 17.28 -25.42 -135.02
N ARG CA 194 17.52 -26.40 -134.14
CA ARG CA 194 16.41 -27.09 -133.51
C ARG CA 194 15.63 -26.19 -132.55
N LEU CA 195 16.33 -25.36 -131.78
CA LEU CA 195 15.68 -24.49 -130.81
C LEU CA 195 14.96 -23.32 -131.44
N THR CA 196 15.25 -23.01 -132.71
CA THR CA 196 14.66 -21.85 -133.36
C THR CA 196 13.19 -22.04 -133.71
N GLN CA 197 12.70 -23.27 -133.81
CA GLN CA 197 11.33 -23.48 -134.27
C GLN CA 197 10.57 -24.50 -133.42
N ASN CA 198 11.29 -25.22 -132.55
CA ASN CA 198 10.67 -26.26 -131.74
C ASN CA 198 10.23 -25.72 -130.38
N ALA CA 199 11.15 -25.09 -129.66
CA ALA CA 199 10.88 -24.64 -128.29
C ALA CA 199 9.90 -23.47 -128.30
N ASP CA 200 8.99 -23.46 -127.33
CA ASP CA 200 8.05 -22.37 -127.17
C ASP CA 200 8.68 -21.14 -126.53
N CYS CA 201 9.83 -21.28 -125.88
CA CYS CA 201 10.51 -20.18 -125.22
C CYS CA 201 11.96 -20.58 -125.01
N LEU CA 202 12.76 -19.62 -124.54
CA LEU CA 202 14.17 -19.88 -124.35
C LEU CA 202 14.75 -18.84 -123.40
N VAL CA 203 15.63 -19.29 -122.51
CA VAL CA 203 16.31 -18.41 -121.57
C VAL CA 203 17.81 -18.69 -121.69
N VAL CA 204 18.55 -17.70 -122.15
CA VAL CA 204 19.99 -17.84 -122.36
C VAL CA 204 20.70 -17.78 -121.02
N LEU CA 205 21.74 -18.59 -120.88
CA LEU CA 205 22.63 -18.54 -119.72
C LEU CA 205 24.05 -18.80 -120.21
N ASP CA 206 24.80 -17.74 -120.47
CA ASP CA 206 26.15 -17.86 -121.01
C ASP CA 206 27.15 -17.99 -119.87
N ASN CA 207 28.10 -18.91 -120.02
CA ASN CA 207 29.08 -19.14 -118.97
C ASN CA 207 30.08 -18.00 -118.83
N THR CA 208 30.41 -17.33 -119.94
CA THR CA 208 31.40 -16.26 -119.89
C THR CA 208 30.94 -15.13 -118.98
N ALA CA 209 29.73 -14.61 -119.21
CA ALA CA 209 29.18 -13.60 -118.31
C ALA CA 209 29.06 -14.15 -116.89
N LEU CA 210 28.69 -15.42 -116.75
CA LEU CA 210 28.67 -16.03 -115.43
C LEU CA 210 30.07 -16.18 -114.86
N ASN CA 211 31.05 -16.43 -115.73
CA ASN CA 211 32.43 -16.46 -115.26
C ASN CA 211 32.86 -15.10 -114.74
N ARG CA 212 32.31 -14.02 -115.31
CA ARG CA 212 32.66 -12.68 -114.84
C ARG CA 212 32.18 -12.45 -113.42
N ILE CA 213 30.93 -12.81 -113.13
CA ILE CA 213 30.38 -12.63 -111.80
C ILE CA 213 31.11 -13.52 -110.80
N ALA CA 214 31.70 -14.62 -111.28
CA ALA CA 214 32.41 -15.53 -110.40
C ALA CA 214 33.60 -14.84 -109.75
N THR CA 215 34.28 -13.95 -110.47
CA THR CA 215 35.45 -13.28 -109.92
C THR CA 215 35.08 -11.94 -109.28
N ASP CA 216 34.17 -11.19 -109.90
CA ASP CA 216 33.89 -9.83 -109.47
C ASP CA 216 33.35 -9.80 -108.03
N ARG CA 217 32.20 -10.42 -107.81
CA ARG CA 217 31.53 -10.35 -106.52
C ARG CA 217 31.69 -11.60 -105.67
N LEU CA 218 32.52 -12.55 -106.10
CA LEU CA 218 32.79 -13.75 -105.33
C LEU CA 218 34.26 -14.05 -105.11
N HIS CA 219 35.15 -13.60 -106.01
CA HIS CA 219 36.60 -13.78 -105.87
C HIS CA 219 36.99 -15.25 -105.78
N ILE CA 220 36.70 -15.98 -106.85
CA ILE CA 220 37.02 -17.41 -106.89
C ILE CA 220 38.29 -17.71 -107.67
N GLN CA 221 38.59 -16.95 -108.73
CA GLN CA 221 39.75 -17.23 -109.56
C GLN CA 221 40.38 -15.94 -110.10
N SER CA 224 35.11 -21.96 -110.59
CA SER CA 224 34.81 -23.34 -110.23
C SER CA 224 33.39 -23.72 -110.66
N PHE CA 225 33.25 -24.93 -111.21
CA PHE CA 225 31.93 -25.38 -111.68
C PHE CA 225 30.95 -25.49 -110.53
N SER CA 226 31.36 -26.04 -109.40
CA SER CA 226 30.46 -26.22 -108.27
C SER CA 226 30.03 -24.91 -107.64
N GLN CA 227 30.59 -23.78 -108.05
CA GLN CA 227 30.26 -22.49 -107.47
C GLN CA 227 29.41 -21.62 -108.38
N ILE CA 228 29.68 -21.64 -109.69
CA ILE CA 228 28.88 -20.84 -110.61
C ILE CA 228 27.43 -21.30 -110.62
N ASN CA 229 27.19 -22.60 -110.45
CA ASN CA 229 25.83 -23.11 -110.47
C ASN CA 229 25.04 -22.63 -109.28
N GLN CA 230 25.71 -22.24 -108.20
CA GLN CA 230 25.01 -21.70 -107.04
C GLN CA 230 24.16 -20.49 -107.42
N LEU CA 231 24.65 -19.69 -108.36
CA LEU CA 231 23.85 -18.58 -108.88
C LEU CA 231 22.77 -19.08 -109.83
N VAL CA 232 23.09 -20.10 -110.63
CA VAL CA 232 22.14 -20.61 -111.60
C VAL CA 232 20.90 -21.17 -110.92
N SER CA 233 21.11 -21.91 -109.83
CA SER CA 233 19.97 -22.38 -109.05
C SER CA 233 19.15 -21.23 -108.49
N THR CA 234 19.82 -20.19 -107.99
CA THR CA 234 19.10 -19.02 -107.51
C THR CA 234 18.32 -18.36 -108.65
N ILE CA 235 18.92 -18.34 -109.85
CA ILE CA 235 18.21 -17.80 -111.02
C ILE CA 235 16.99 -18.66 -111.34
N MET CA 236 17.13 -19.98 -111.25
CA MET CA 236 16.02 -20.87 -111.58
C MET CA 236 14.93 -20.81 -110.53
N SER CA 237 15.30 -20.93 -109.25
CA SER CA 237 14.31 -20.98 -108.19
C SER CA 237 13.49 -19.70 -108.14
N ALA CA 238 14.15 -18.54 -108.15
CA ALA CA 238 13.44 -17.28 -108.09
C ALA CA 238 12.61 -17.02 -109.34
N SER CA 239 12.90 -17.72 -110.45
CA SER CA 239 12.16 -17.49 -111.68
C SER CA 239 10.72 -17.96 -111.56
N THR CA 240 10.49 -19.06 -110.86
CA THR CA 240 9.17 -19.67 -110.76
C THR CA 240 8.55 -19.47 -109.38
N THR CA 241 8.93 -18.41 -108.67
CA THR CA 241 8.41 -18.20 -107.33
C THR CA 241 6.91 -17.90 -107.35
N THR CA 242 6.46 -17.16 -108.37
CA THR CA 242 5.03 -16.85 -108.46
C THR CA 242 4.19 -18.09 -108.71
N LEU CA 243 4.80 -19.18 -109.19
CA LEU CA 243 4.03 -20.39 -109.44
C LEU CA 243 3.98 -21.31 -108.22
N ARG CA 244 5.04 -21.34 -107.42
CA ARG CA 244 5.06 -22.18 -106.23
C ARG CA 244 4.38 -21.52 -105.04
N TYR CA 245 4.38 -20.19 -104.96
CA TYR CA 245 3.64 -19.46 -103.95
C TYR CA 245 2.52 -18.70 -104.63
N PRO CA 246 1.27 -19.16 -104.53
CA PRO CA 246 0.20 -18.54 -105.31
C PRO CA 246 -0.07 -17.10 -104.89
N GLY CA 247 -0.34 -16.26 -105.87
CA GLY CA 247 -0.73 -14.89 -105.63
C GLY CA 247 -2.00 -14.56 -106.38
N TYR CA 248 -2.19 -13.28 -106.71
CA TYR CA 248 -3.36 -12.90 -107.49
C TYR CA 248 -3.12 -13.05 -108.98
N MET CA 249 -2.01 -12.50 -109.47
CA MET CA 249 -1.65 -12.56 -110.88
C MET CA 249 -0.67 -13.70 -111.12
N ASN CA 250 -0.58 -14.11 -112.38
CA ASN CA 250 0.44 -15.04 -112.83
C ASN CA 250 0.36 -16.37 -112.07
N ASN CA 251 -0.76 -17.06 -112.28
CA ASN CA 251 -0.95 -18.40 -111.73
C ASN CA 251 -0.72 -19.49 -112.75
N ASP CA 252 -0.07 -19.18 -113.88
CA ASP CA 252 0.33 -20.19 -114.84
C ASP CA 252 1.55 -19.69 -115.60
N LEU CA 253 2.39 -20.63 -116.01
CA LEU CA 253 3.64 -20.26 -116.68
C LEU CA 253 3.35 -19.57 -118.01
N ILE CA 254 2.27 -19.94 -118.69
CA ILE CA 254 1.89 -19.24 -119.91
C ILE CA 254 1.52 -17.79 -119.61
N GLY CA 255 1.15 -17.51 -118.36
CA GLY CA 255 0.82 -16.14 -117.99
C GLY CA 255 2.02 -15.23 -117.94
N LEU CA 256 3.21 -15.79 -117.73
CA LEU CA 256 4.41 -14.97 -117.57
C LEU CA 256 5.08 -14.70 -118.91
N ILE CA 257 5.25 -15.74 -119.74
CA ILE CA 257 6.13 -15.64 -120.89
C ILE CA 257 5.47 -14.86 -122.02
N ALA CA 258 4.22 -15.19 -122.34
CA ALA CA 258 3.59 -14.63 -123.52
C ALA CA 258 3.41 -13.13 -123.44
N SER CA 259 3.59 -12.53 -122.26
CA SER CA 259 3.61 -11.08 -122.18
C SER CA 259 4.88 -10.51 -122.81
N LEU CA 260 5.97 -11.28 -122.77
CA LEU CA 260 7.23 -10.83 -123.33
C LEU CA 260 7.30 -11.09 -124.83
N ILE CA 261 7.15 -12.36 -125.22
CA ILE CA 261 7.34 -12.80 -126.60
C ILE CA 261 6.32 -12.13 -127.52
N PRO CA 262 6.75 -11.28 -128.45
CA PRO CA 262 5.80 -10.64 -129.36
C PRO CA 262 5.39 -11.56 -130.51
N THR CA 263 6.31 -12.38 -130.96
CA THR CA 263 6.12 -13.30 -132.08
C THR CA 263 6.94 -14.56 -131.85
N PRO CA 264 6.44 -15.72 -132.30
CA PRO CA 264 7.14 -16.98 -131.99
C PRO CA 264 8.57 -17.05 -132.50
N ARG CA 265 8.96 -16.20 -133.45
CA ARG CA 265 10.35 -16.17 -133.87
C ARG CA 265 11.25 -15.55 -132.80
N LEU CA 266 10.82 -14.44 -132.21
CA LEU CA 266 11.59 -13.76 -131.17
C LEU CA 266 11.20 -14.31 -129.81
N HIS CA 267 11.67 -15.52 -129.54
CA HIS CA 267 11.36 -16.23 -128.30
C HIS CA 267 12.64 -16.50 -127.51
N PHE CA 268 13.50 -15.49 -127.40
CA PHE CA 268 14.76 -15.59 -126.70
C PHE CA 268 14.78 -14.54 -125.59
N LEU CA 269 15.13 -14.97 -124.37
CA LEU CA 269 15.08 -14.09 -123.21
C LEU CA 269 16.41 -14.12 -122.47
N MET CA 270 16.66 -13.04 -121.73
CA MET CA 270 17.80 -12.94 -120.83
C MET CA 270 17.33 -12.42 -119.48
N THR CA 271 18.06 -12.78 -118.44
CA THR CA 271 17.61 -12.55 -117.07
C THR CA 271 18.51 -11.56 -116.35
N GLY CA 272 18.08 -11.17 -115.15
CA GLY CA 272 18.85 -10.27 -114.32
C GLY CA 272 18.60 -10.49 -112.84
N TYR CA 273 19.66 -10.43 -112.03
CA TYR CA 273 19.56 -10.67 -110.60
C TYR CA 273 20.64 -9.84 -109.90
N THR CA 274 20.28 -8.62 -109.46
CA THR CA 274 21.26 -7.74 -108.83
C THR CA 274 21.55 -8.05 -107.36
N PRO CA 275 20.55 -8.42 -106.51
CA PRO CA 275 20.83 -8.44 -105.06
C PRO CA 275 21.76 -9.58 -104.70
N LEU CA 276 23.00 -9.23 -104.37
CA LEU CA 276 24.03 -10.23 -104.10
C LEU CA 276 24.83 -9.86 -102.86
N THR CA 288 15.92 -0.13 -98.65
CA THR CA 288 15.86 -0.38 -100.09
C THR CA 288 14.42 -0.44 -100.57
N THR CA 289 14.00 0.57 -101.33
CA THR CA 289 12.65 0.65 -101.85
C THR CA 289 12.58 0.05 -103.25
N VAL CA 290 11.37 0.01 -103.80
CA VAL CA 290 11.15 -0.63 -105.09
C VAL CA 290 11.92 0.10 -106.19
N LEU CA 291 12.13 1.40 -106.04
CA LEU CA 291 12.87 2.15 -107.05
C LEU CA 291 14.34 1.77 -107.03
N ASP CA 292 14.88 1.44 -105.86
CA ASP CA 292 16.28 1.07 -105.77
C ASP CA 292 16.55 -0.22 -106.51
N VAL CA 293 15.57 -1.12 -106.55
CA VAL CA 293 15.78 -2.44 -107.16
C VAL CA 293 15.89 -2.32 -108.67
N MET CA 294 14.83 -1.81 -109.30
CA MET CA 294 14.77 -1.80 -110.77
C MET CA 294 15.93 -1.02 -111.38
N ARG CA 295 16.34 0.08 -110.75
CA ARG CA 295 17.47 0.83 -111.28
C ARG CA 295 18.76 0.01 -111.21
N ARG CA 296 18.92 -0.79 -110.16
CA ARG CA 296 20.05 -1.71 -110.08
C ARG CA 296 19.95 -2.82 -111.12
N LEU CA 297 18.79 -2.99 -111.73
CA LEU CA 297 18.59 -4.12 -112.64
C LEU CA 297 18.98 -3.77 -114.07
N LEU CA 298 18.79 -2.51 -114.45
CA LEU CA 298 19.08 -2.11 -115.83
C LEU CA 298 20.55 -1.88 -116.07
N GLN CA 299 21.41 -2.00 -115.06
CA GLN CA 299 22.83 -1.83 -115.30
C GLN CA 299 23.40 -3.06 -116.02
N PRO CA 300 24.09 -2.86 -117.14
CA PRO CA 300 24.60 -4.01 -117.91
C PRO CA 300 25.64 -4.84 -117.18
N LYS CA 301 26.12 -4.39 -116.02
CA LYS CA 301 27.06 -5.20 -115.25
C LYS CA 301 26.41 -6.46 -114.69
N ASN CA 302 25.08 -6.46 -114.53
CA ASN CA 302 24.38 -7.56 -113.91
C ASN CA 302 23.72 -8.51 -114.89
N VAL CA 303 23.48 -8.09 -116.13
CA VAL CA 303 22.77 -8.92 -117.09
C VAL CA 303 23.65 -10.12 -117.46
N MET CA 304 23.05 -11.31 -117.44
CA MET CA 304 23.75 -12.55 -117.76
C MET CA 304 23.82 -12.77 -119.27
N VAL CA 305 24.38 -11.78 -119.97
CA VAL CA 305 24.66 -11.86 -121.40
C VAL CA 305 25.96 -11.13 -121.67
N SER CA 306 26.86 -11.78 -122.39
CA SER CA 306 28.15 -11.18 -122.73
C SER CA 306 28.05 -10.39 -124.03
N ASN CA 314 21.92 -0.05 -133.75
CA ASN CA 314 21.47 0.25 -132.40
C ASN CA 314 20.82 -0.97 -131.75
N HIS CA 315 20.32 -0.80 -130.53
CA HIS CA 315 19.68 -1.88 -129.81
C HIS CA 315 18.62 -1.31 -128.88
N CYS CA 316 17.68 -2.17 -128.49
CA CYS CA 316 16.59 -1.78 -127.60
C CYS CA 316 15.97 -3.05 -127.03
N TYR CA 317 15.12 -2.88 -126.03
CA TYR CA 317 14.42 -3.98 -125.39
C TYR CA 317 13.14 -4.31 -126.15
N ILE CA 318 12.46 -5.35 -125.69
CA ILE CA 318 11.12 -5.67 -126.18
C ILE CA 318 10.08 -5.56 -125.07
N ALA CA 319 10.38 -6.09 -123.89
CA ALA CA 319 9.51 -6.01 -122.72
C ALA CA 319 10.28 -6.50 -121.51
N ILE CA 320 9.94 -5.95 -120.34
CA ILE CA 320 10.63 -6.27 -119.11
C ILE CA 320 9.63 -6.81 -118.10
N LEU CA 321 9.96 -7.93 -117.48
CA LEU CA 321 9.16 -8.50 -116.40
C LEU CA 321 10.06 -8.61 -115.18
N ASN CA 322 9.56 -8.13 -114.04
CA ASN CA 322 10.34 -8.06 -112.82
C ASN CA 322 9.67 -8.88 -111.72
N ILE CA 323 10.49 -9.47 -110.85
CA ILE CA 323 10.01 -10.25 -109.72
C ILE CA 323 10.51 -9.58 -108.45
N ILE CA 324 9.58 -9.28 -107.54
CA ILE CA 324 9.91 -8.71 -106.25
C ILE CA 324 9.45 -9.68 -105.18
N GLN CA 325 10.39 -10.13 -104.36
CA GLN CA 325 10.12 -11.16 -103.36
C GLN CA 325 10.17 -10.65 -101.93
N GLY CA 326 10.54 -9.39 -101.72
CA GLY CA 326 10.64 -8.85 -100.39
C GLY CA 326 9.29 -8.51 -99.79
N GLU CA 327 9.33 -7.76 -98.68
CA GLU CA 327 8.14 -7.27 -98.02
C GLU CA 327 7.76 -5.87 -98.45
N VAL CA 328 8.06 -5.52 -99.71
CA VAL CA 328 7.82 -4.15 -100.18
C VAL CA 328 6.33 -3.83 -100.14
N ASP CA 329 6.04 -2.54 -100.15
CA ASP CA 329 4.67 -2.07 -100.09
C ASP CA 329 4.14 -1.86 -101.50
N PRO CA 330 2.92 -2.30 -101.82
CA PRO CA 330 2.35 -2.04 -103.14
C PRO CA 330 1.93 -0.59 -103.37
N THR CA 331 2.25 0.31 -102.46
CA THR CA 331 1.90 1.72 -102.64
C THR CA 331 2.87 2.47 -103.53
N GLN CA 332 4.09 1.98 -103.68
CA GLN CA 332 5.16 2.75 -104.31
C GLN CA 332 5.61 2.17 -105.65
N VAL CA 333 5.00 1.07 -106.11
CA VAL CA 333 5.51 0.43 -107.32
C VAL CA 333 5.08 1.20 -108.56
N HIS CA 334 3.86 1.74 -108.56
CA HIS CA 334 3.38 2.42 -109.76
C HIS CA 334 4.11 3.73 -109.97
N LYS CA 335 4.62 4.33 -108.89
CA LYS CA 335 5.38 5.56 -109.01
C LYS CA 335 6.80 5.27 -109.47
N SER CA 336 7.34 4.11 -109.09
CA SER CA 336 8.69 3.74 -109.53
C SER CA 336 8.75 3.62 -111.04
N LEU CA 337 7.70 3.04 -111.65
CA LEU CA 337 7.64 2.96 -113.11
C LEU CA 337 7.71 4.34 -113.74
N GLN CA 338 7.03 5.32 -113.13
CA GLN CA 338 7.05 6.67 -113.66
C GLN CA 338 8.47 7.22 -113.70
N ARG CA 339 9.18 7.16 -112.57
CA ARG CA 339 10.56 7.64 -112.55
C ARG CA 339 11.44 6.87 -113.51
N ILE CA 340 11.09 5.62 -113.80
CA ILE CA 340 11.82 4.89 -114.83
C ILE CA 340 11.51 5.46 -116.22
N ARG CA 341 10.27 5.88 -116.44
CA ARG CA 341 9.92 6.44 -117.73
C ARG CA 341 10.45 7.87 -117.89
N GLU CA 342 10.26 8.70 -116.86
CA GLU CA 342 10.73 10.08 -116.94
C GLU CA 342 12.24 10.14 -117.13
N ARG CA 343 12.98 9.50 -116.22
CA ARG CA 343 14.43 9.44 -116.39
C ARG CA 343 14.83 8.61 -117.60
N LYS CA 344 13.97 7.71 -118.07
CA LYS CA 344 14.16 7.00 -119.33
C LYS CA 344 15.51 6.29 -119.39
N LEU CA 345 15.66 5.29 -118.52
CA LEU CA 345 16.89 4.50 -118.49
C LEU CA 345 16.91 3.39 -119.52
N ALA CA 346 15.83 3.21 -120.28
CA ALA CA 346 15.78 2.18 -121.31
C ALA CA 346 14.87 2.64 -122.43
N ASN CA 347 15.15 2.14 -123.63
CA ASN CA 347 14.33 2.38 -124.80
C ASN CA 347 13.68 1.08 -125.25
N PHE CA 348 12.61 1.21 -126.01
CA PHE CA 348 11.86 0.06 -126.49
C PHE CA 348 11.83 0.08 -128.01
N ILE CA 349 11.07 -0.86 -128.57
CA ILE CA 349 10.81 -0.91 -130.01
C ILE CA 349 10.11 0.38 -130.43
N PRO CA 350 10.42 0.91 -131.59
CA PRO CA 350 9.74 2.13 -132.04
C PRO CA 350 8.37 1.85 -132.61
N TRP CA 351 8.10 0.59 -132.97
CA TRP CA 351 6.83 0.26 -133.61
C TRP CA 351 5.75 -0.04 -132.57
N GLY CA 352 5.97 -1.02 -131.71
CA GLY CA 352 4.96 -1.46 -130.78
C GLY CA 352 5.11 -0.81 -129.42
N PRO CA 353 3.99 -0.40 -128.83
CA PRO CA 353 4.06 0.23 -127.50
C PRO CA 353 4.41 -0.80 -126.44
N ALA CA 354 5.63 -0.75 -125.95
CA ALA CA 354 6.15 -1.77 -125.06
C ALA CA 354 5.91 -1.37 -123.62
N SER CA 355 5.79 -2.35 -122.74
CA SER CA 355 5.52 -2.09 -121.33
C SER CA 355 6.47 -2.89 -120.46
N ILE CA 356 6.62 -2.41 -119.22
CA ILE CA 356 7.39 -3.07 -118.18
C ILE CA 356 6.41 -3.63 -117.16
N GLN CA 357 6.59 -4.90 -116.79
CA GLN CA 357 5.76 -5.57 -115.81
C GLN CA 357 6.60 -5.96 -114.60
N VAL CA 358 5.95 -6.01 -113.44
CA VAL CA 358 6.60 -6.37 -112.19
C VAL CA 358 5.58 -7.06 -111.31
N ALA CA 359 6.00 -8.12 -110.62
CA ALA CA 359 5.10 -8.91 -109.81
C ALA CA 359 5.65 -9.01 -108.40
N LEU CA 360 4.74 -9.06 -107.44
CA LEU CA 360 5.07 -9.24 -106.03
C LEU CA 360 4.89 -10.71 -105.66
N SER CA 361 5.68 -11.17 -104.70
CA SER CA 361 5.65 -12.56 -104.29
C SER CA 361 5.96 -12.63 -102.80
N ARG CA 362 6.15 -13.85 -102.30
CA ARG CA 362 6.43 -14.09 -100.90
C ARG CA 362 7.63 -15.03 -100.78
N LYS CA 363 8.65 -14.59 -100.05
CA LYS CA 363 9.83 -15.41 -99.86
C LYS CA 363 9.50 -16.59 -98.95
N SER CA 364 10.28 -17.66 -99.09
CA SER CA 364 10.05 -18.88 -98.32
C SER CA 364 10.26 -18.62 -96.84
N PRO CA 365 9.24 -18.75 -96.00
CA PRO CA 365 9.45 -18.55 -94.56
C PRO CA 365 10.41 -19.54 -93.95
N TYR CA 366 10.54 -20.73 -94.53
CA TYR CA 366 11.45 -21.74 -93.99
C TYR CA 366 12.90 -21.38 -94.23
N LEU CA 367 13.19 -20.35 -95.01
CA LEU CA 367 14.56 -19.93 -95.25
C LEU CA 367 15.19 -19.39 -93.98
N ARG CA 372 15.72 -7.96 -95.76
CA ARG CA 372 16.08 -8.81 -96.90
C ARG CA 372 15.09 -8.63 -98.04
N VAL CA 373 15.48 -7.86 -99.05
CA VAL CA 373 14.65 -7.59 -100.22
C VAL CA 373 15.45 -7.95 -101.46
N SER CA 374 14.91 -8.86 -102.27
CA SER CA 374 15.59 -9.36 -103.45
C SER CA 374 14.69 -9.21 -104.66
N GLY CA 375 15.24 -9.46 -105.84
CA GLY CA 375 14.48 -9.30 -107.06
C GLY CA 375 15.14 -9.91 -108.29
N LEU CA 376 14.31 -10.30 -109.26
CA LEU CA 376 14.79 -10.89 -110.50
C LEU CA 376 14.17 -10.15 -111.68
N MET CA 377 14.90 -10.12 -112.78
CA MET CA 377 14.49 -9.40 -113.98
C MET CA 377 14.57 -10.34 -115.16
N MET CA 378 13.50 -10.41 -115.95
CA MET CA 378 13.49 -11.14 -117.22
C MET CA 378 13.40 -10.12 -118.35
N ALA CA 379 14.21 -10.30 -119.37
CA ALA CA 379 14.32 -9.33 -120.46
C ALA CA 379 14.25 -10.03 -121.81
N ASN CA 380 13.78 -9.28 -122.80
CA ASN CA 380 13.86 -9.66 -124.21
C ASN CA 380 14.61 -8.52 -124.90
N HIS CA 381 15.93 -8.67 -124.98
CA HIS CA 381 16.79 -7.62 -125.51
C HIS CA 381 17.34 -8.03 -126.87
N THR CA 382 17.24 -7.12 -127.83
CA THR CA 382 17.72 -7.41 -129.18
C THR CA 382 19.23 -7.46 -129.28
N SER CA 383 19.95 -7.07 -128.23
CA SER CA 383 21.41 -7.19 -128.25
C SER CA 383 21.87 -8.63 -128.20
N ILE CA 384 20.95 -9.58 -128.05
CA ILE CA 384 21.32 -11.00 -128.00
C ILE CA 384 21.82 -11.47 -129.37
N SER CA 385 21.56 -10.68 -130.42
CA SER CA 385 22.01 -11.06 -131.75
C SER CA 385 23.51 -11.21 -131.83
N SER CA 386 24.25 -10.39 -131.08
CA SER CA 386 25.71 -10.42 -131.12
C SER CA 386 26.25 -11.77 -130.67
N LEU CA 387 25.59 -12.39 -129.70
CA LEU CA 387 26.05 -13.68 -129.20
C LEU CA 387 26.03 -14.73 -130.30
N PHE CA 388 24.98 -14.74 -131.12
CA PHE CA 388 24.90 -15.68 -132.23
C PHE CA 388 26.00 -15.41 -133.25
N GLU CA 389 26.22 -14.13 -133.58
CA GLU CA 389 27.13 -13.79 -134.67
C GLU CA 389 28.56 -14.25 -134.37
N ARG CA 390 28.90 -14.40 -133.09
CA ARG CA 390 30.25 -14.82 -132.74
C ARG CA 390 30.49 -16.27 -133.12
N THR CA 391 29.66 -17.18 -132.63
CA THR CA 391 29.75 -18.58 -133.03
C THR CA 391 29.52 -18.73 -134.53
N CYS CA 392 28.63 -17.91 -135.09
CA CYS CA 392 28.41 -17.88 -136.53
C CYS CA 392 29.71 -17.58 -137.27
N ARG CA 393 30.40 -16.51 -136.87
CA ARG CA 393 31.71 -16.22 -137.41
C ARG CA 393 32.67 -17.38 -137.17
N GLN CA 394 32.57 -18.00 -135.98
CA GLN CA 394 33.42 -19.13 -135.67
C GLN CA 394 33.13 -20.31 -136.60
N TYR CA 395 31.87 -20.46 -137.02
CA TYR CA 395 31.54 -21.53 -137.95
C TYR CA 395 32.15 -21.28 -139.32
N ASP CA 396 31.98 -20.07 -139.85
CA ASP CA 396 32.61 -19.73 -141.12
C ASP CA 396 34.13 -19.84 -141.02
N LYS CA 397 34.66 -19.72 -139.81
CA LYS CA 397 36.10 -19.87 -139.61
C LYS CA 397 36.56 -21.29 -139.85
N LEU CA 398 35.91 -22.27 -139.22
CA LEU CA 398 36.36 -23.65 -139.35
C LEU CA 398 35.79 -24.34 -140.59
N ARG CA 399 34.77 -23.76 -141.21
CA ARG CA 399 34.22 -24.34 -142.44
C ARG CA 399 35.23 -24.37 -143.58
N LYS CA 400 35.96 -23.27 -143.80
CA LYS CA 400 37.01 -23.22 -144.80
C LYS CA 400 38.38 -23.44 -144.19
N ARG CA 401 38.44 -24.10 -143.04
CA ARG CA 401 39.71 -24.40 -142.38
C ARG CA 401 39.87 -25.87 -141.97
N GLU CA 402 38.77 -26.59 -141.74
CA GLU CA 402 38.82 -28.02 -141.39
C GLU CA 402 39.77 -28.32 -140.23
N ASP CA 416 27.96 -38.40 -144.25
CA ASP CA 416 28.59 -38.57 -145.55
C ASP CA 416 28.14 -37.49 -146.53
N ASN CA 417 27.10 -36.75 -146.14
CA ASN CA 417 26.55 -35.70 -146.98
C ASN CA 417 27.03 -34.30 -146.62
N PHE CA 418 27.17 -34.00 -145.32
CA PHE CA 418 27.58 -32.67 -144.85
C PHE CA 418 26.67 -31.57 -145.38
N ASP CA 419 25.41 -31.90 -145.67
CA ASP CA 419 24.48 -30.94 -146.22
C ASP CA 419 23.55 -30.32 -145.16
N GLU CA 420 23.24 -31.06 -144.09
CA GLU CA 420 22.37 -30.53 -143.06
C GLU CA 420 23.01 -29.33 -142.36
N MET CA 421 24.34 -29.33 -142.25
CA MET CA 421 25.03 -28.22 -141.61
C MET CA 421 24.78 -26.91 -142.34
N ASP CA 422 24.58 -26.97 -143.66
CA ASP CA 422 24.27 -25.76 -144.41
C ASP CA 422 22.83 -25.33 -144.17
N THR CA 423 21.92 -26.30 -143.99
CA THR CA 423 20.53 -25.95 -143.68
C THR CA 423 20.42 -25.26 -142.34
N SER CA 424 21.20 -25.71 -141.36
CA SER CA 424 21.22 -25.04 -140.06
C SER CA 424 21.77 -23.63 -140.17
N ARG CA 425 22.77 -23.44 -141.04
CA ARG CA 425 23.37 -22.13 -141.19
C ARG CA 425 22.41 -21.16 -141.86
N GLU CA 426 21.52 -21.66 -142.71
CA GLU CA 426 20.56 -20.79 -143.37
C GLU CA 426 19.51 -20.26 -142.40
N ILE CA 427 18.95 -21.16 -141.58
CA ILE CA 427 17.85 -20.75 -140.72
C ILE CA 427 18.32 -19.81 -139.62
N VAL CA 428 19.49 -20.07 -139.03
CA VAL CA 428 19.99 -19.18 -137.99
C VAL CA 428 20.35 -17.82 -138.58
N GLN CA 429 20.64 -17.76 -139.88
CA GLN CA 429 20.85 -16.48 -140.53
C GLN CA 429 19.55 -15.70 -140.59
N GLN CA 430 18.42 -16.39 -140.76
CA GLN CA 430 17.13 -15.72 -140.80
C GLN CA 430 16.83 -15.03 -139.48
N LEU CA 431 17.00 -15.75 -138.38
CA LEU CA 431 16.66 -15.21 -137.06
C LEU CA 431 17.47 -13.96 -136.75
N ILE CA 432 18.78 -13.99 -137.04
CA ILE CA 432 19.62 -12.82 -136.81
C ILE CA 432 19.17 -11.66 -137.67
N ASP CA 433 18.89 -11.92 -138.94
CA ASP CA 433 18.45 -10.84 -139.84
C ASP CA 433 17.11 -10.28 -139.40
N GLU CA 434 16.36 -11.02 -138.60
CA GLU CA 434 15.11 -10.49 -138.06
C GLU CA 434 15.37 -9.62 -136.83
N TYR CA 435 16.35 -9.99 -136.00
CA TYR CA 435 16.72 -9.14 -134.88
C TYR CA 435 17.06 -7.73 -135.35
N HIS CA 436 17.98 -7.61 -136.31
CA HIS CA 436 18.42 -6.31 -136.77
C HIS CA 436 17.27 -5.48 -137.33
N ALA CA 437 16.28 -6.14 -137.94
CA ALA CA 437 15.10 -5.43 -138.43
C ALA CA 437 14.04 -5.25 -137.36
N ALA CA 438 14.12 -6.02 -136.26
CA ALA CA 438 13.13 -5.89 -135.20
C ALA CA 438 13.23 -4.55 -134.48
N THR CA 439 14.41 -3.93 -134.48
CA THR CA 439 14.63 -2.66 -133.80
C THR CA 439 14.53 -1.47 -134.74
N ARG CA 440 13.76 -1.57 -135.81
CA ARG CA 440 13.62 -0.47 -136.74
C ARG CA 440 12.19 0.05 -136.73
N PRO CA 441 11.99 1.34 -137.02
CA PRO CA 441 10.63 1.90 -137.04
C PRO CA 441 9.73 1.30 -138.11
N ASP CA 442 10.24 0.40 -138.94
CA ASP CA 442 9.42 -0.21 -139.98
C ASP CA 442 9.45 -1.74 -139.88
N TYR CA 443 9.25 -2.26 -138.67
CA TYR CA 443 9.27 -3.71 -138.48
C TYR CA 443 8.16 -4.39 -139.26
N ILE CA 444 7.07 -3.66 -139.54
CA ILE CA 444 6.05 -4.18 -140.43
C ILE CA 444 6.67 -4.54 -141.77
N SER CA 445 6.26 -5.69 -142.31
CA SER CA 445 6.87 -6.26 -143.52
C SER CA 445 8.36 -6.47 -143.33
N ARG DA 3 -22.89 -69.59 -97.12
CA ARG DA 3 -22.52 -69.60 -98.53
C ARG DA 3 -21.02 -69.80 -98.68
N GLU DA 4 -20.62 -71.05 -98.89
CA GLU DA 4 -19.21 -71.45 -98.94
C GLU DA 4 -18.77 -71.55 -100.39
N ILE DA 5 -17.46 -71.55 -100.60
CA ILE DA 5 -16.85 -71.64 -101.92
C ILE DA 5 -15.88 -72.81 -101.93
N ILE DA 6 -16.18 -73.82 -102.73
CA ILE DA 6 -15.31 -74.98 -102.91
C ILE DA 6 -14.22 -74.60 -103.91
N THR DA 7 -12.97 -74.84 -103.53
CA THR DA 7 -11.83 -74.49 -104.36
C THR DA 7 -11.22 -75.73 -104.98
N LEU DA 8 -10.89 -75.64 -106.26
CA LEU DA 8 -10.25 -76.71 -107.00
C LEU DA 8 -8.91 -76.21 -107.52
N GLN DA 9 -7.94 -77.10 -107.62
CA GLN DA 9 -6.61 -76.76 -108.10
C GLN DA 9 -6.14 -77.83 -109.08
N LEU DA 10 -5.79 -77.42 -110.29
CA LEU DA 10 -5.34 -78.32 -111.32
C LEU DA 10 -3.96 -77.89 -111.83
N GLY DA 11 -3.25 -78.82 -112.45
CA GLY DA 11 -1.95 -78.52 -113.01
C GLY DA 11 -0.89 -78.25 -111.96
N GLN DA 12 0.39 -78.31 -112.37
CA GLN DA 12 1.48 -78.07 -111.44
C GLN DA 12 1.43 -76.65 -110.89
N CYS DA 13 1.27 -75.66 -111.79
CA CYS DA 13 1.22 -74.27 -111.35
C CYS DA 13 0.04 -74.03 -110.42
N GLY DA 14 -1.11 -74.62 -110.73
CA GLY DA 14 -2.29 -74.42 -109.91
C GLY DA 14 -2.14 -75.05 -108.53
N ASN DA 15 -1.58 -76.25 -108.47
CA ASN DA 15 -1.40 -76.90 -107.17
C ASN DA 15 -0.32 -76.22 -106.35
N GLN DA 16 0.62 -75.53 -107.02
CA GLN DA 16 1.69 -74.86 -106.30
C GLN DA 16 1.22 -73.54 -105.70
N ILE DA 17 0.48 -72.75 -106.47
CA ILE DA 17 0.00 -71.46 -105.96
C ILE DA 17 -1.02 -71.67 -104.85
N GLY DA 18 -1.80 -72.75 -104.93
CA GLY DA 18 -2.82 -72.98 -103.91
C GLY DA 18 -2.24 -73.25 -102.54
N PHE DA 19 -1.23 -74.12 -102.47
CA PHE DA 19 -0.57 -74.37 -101.18
C PHE DA 19 0.00 -73.08 -100.61
N GLU DA 20 0.61 -72.26 -101.45
CA GLU DA 20 1.11 -70.97 -100.98
C GLU DA 20 -0.03 -70.02 -100.68
N PHE DA 21 -1.19 -70.22 -101.31
CA PHE DA 21 -2.38 -69.47 -100.92
C PHE DA 21 -2.97 -70.02 -99.63
N TRP DA 22 -2.79 -71.33 -99.38
CA TRP DA 22 -3.33 -71.92 -98.16
C TRP DA 22 -2.47 -71.59 -96.95
N LYS DA 23 -1.15 -71.75 -97.08
CA LYS DA 23 -0.25 -71.44 -95.97
C LYS DA 23 -0.35 -69.96 -95.60
N GLN DA 24 -0.72 -69.12 -96.57
CA GLN DA 24 -0.91 -67.70 -96.28
C GLN DA 24 -2.22 -67.48 -95.51
N LEU DA 25 -3.29 -68.12 -95.94
CA LEU DA 25 -4.59 -67.87 -95.33
C LEU DA 25 -4.64 -68.37 -93.89
N CYS DA 26 -4.22 -69.61 -93.65
CA CYS DA 26 -4.25 -70.15 -92.30
C CYS DA 26 -3.30 -69.41 -91.37
N ALA DA 27 -2.30 -68.73 -91.93
CA ALA DA 27 -1.41 -67.92 -91.10
C ALA DA 27 -2.11 -66.66 -90.61
N GLU DA 28 -2.96 -66.06 -91.46
CA GLU DA 28 -3.69 -64.86 -91.05
C GLU DA 28 -4.64 -65.15 -89.91
N HIS DA 29 -5.20 -66.36 -89.87
CA HIS DA 29 -6.01 -66.79 -88.74
C HIS DA 29 -5.12 -67.50 -87.73
N GLY DA 30 -5.71 -67.86 -86.59
CA GLY DA 30 -4.98 -68.58 -85.57
C GLY DA 30 -5.05 -70.08 -85.77
N ILE DA 31 -4.63 -70.55 -86.95
CA ILE DA 31 -4.73 -71.96 -87.32
C ILE DA 31 -3.33 -72.53 -87.34
N SER DA 32 -3.12 -73.60 -86.58
CA SER DA 32 -1.84 -74.30 -86.59
C SER DA 32 -1.71 -75.11 -87.89
N PRO DA 33 -0.48 -75.35 -88.34
CA PRO DA 33 -0.27 -76.20 -89.53
C PRO DA 33 -0.92 -77.57 -89.39
N GLU DA 34 -1.17 -78.01 -88.17
CA GLU DA 34 -1.91 -79.24 -87.93
C GLU DA 34 -3.42 -79.06 -88.06
N GLY DA 35 -3.86 -77.94 -88.64
CA GLY DA 35 -5.27 -77.64 -88.86
C GLY DA 35 -6.05 -77.61 -87.56
N ILE DA 36 -5.43 -77.09 -86.50
CA ILE DA 36 -6.05 -76.96 -85.19
C ILE DA 36 -5.92 -75.51 -84.75
N VAL DA 37 -6.98 -74.99 -84.12
CA VAL DA 37 -6.97 -73.61 -83.67
C VAL DA 37 -5.99 -73.43 -82.51
N GLU DA 38 -5.26 -72.33 -82.53
CA GLU DA 38 -4.38 -71.94 -81.44
C GLU DA 38 -5.03 -70.82 -80.63
N GLU DA 39 -4.59 -70.67 -79.38
CA GLU DA 39 -5.23 -69.72 -78.49
C GLU DA 39 -4.92 -68.28 -78.90
N PHE DA 40 -3.64 -67.90 -78.87
CA PHE DA 40 -3.18 -66.55 -79.18
C PHE DA 40 -4.08 -65.45 -78.61
N THR DA 45 -13.72 -63.20 -83.81
CA THR DA 45 -14.46 -62.23 -84.59
C THR DA 45 -14.30 -62.51 -86.07
N ASP DA 46 -13.10 -62.97 -86.44
CA ASP DA 46 -12.78 -63.24 -87.83
C ASP DA 46 -13.59 -64.42 -88.35
N ARG DA 47 -14.55 -64.15 -89.23
CA ARG DA 47 -15.40 -65.19 -89.80
C ARG DA 47 -14.55 -66.12 -90.67
N LYS DA 48 -14.52 -67.40 -90.30
CA LYS DA 48 -13.65 -68.37 -90.95
C LYS DA 48 -14.43 -69.47 -91.67
N ASP DA 49 -15.73 -69.29 -91.89
CA ASP DA 49 -16.52 -70.36 -92.46
C ASP DA 49 -16.45 -70.44 -93.98
N VAL DA 50 -16.03 -69.35 -94.64
CA VAL DA 50 -16.14 -69.29 -96.09
C VAL DA 50 -15.16 -70.26 -96.75
N PHE DA 51 -14.02 -70.51 -96.12
CA PHE DA 51 -13.00 -71.37 -96.70
C PHE DA 51 -12.74 -72.65 -95.92
N PHE DA 52 -13.27 -72.78 -94.71
CA PHE DA 52 -12.95 -73.91 -93.85
C PHE DA 52 -14.20 -74.62 -93.38
N TYR DA 53 -14.11 -75.93 -93.26
CA TYR DA 53 -15.22 -76.79 -92.87
C TYR DA 53 -14.96 -77.36 -91.48
N GLN DA 54 -16.00 -77.45 -90.67
CA GLN DA 54 -15.87 -77.89 -89.29
C GLN DA 54 -16.29 -79.34 -89.12
N TYR DA 60 -10.71 -78.25 -88.11
CA TYR DA 60 -10.87 -77.34 -89.24
C TYR DA 60 -10.19 -77.88 -90.50
N ILE DA 61 -10.94 -77.96 -91.60
CA ILE DA 61 -10.39 -78.49 -92.85
C ILE DA 61 -10.74 -77.53 -94.00
N PRO DA 62 -9.77 -77.22 -94.86
CA PRO DA 62 -10.09 -76.40 -96.03
C PRO DA 62 -10.78 -77.20 -97.11
N ARG DA 63 -11.78 -76.58 -97.74
CA ARG DA 63 -12.58 -77.23 -98.77
C ARG DA 63 -11.81 -77.21 -100.10
N ALA DA 64 -10.78 -78.05 -100.16
CA ALA DA 64 -9.90 -78.12 -101.31
C ALA DA 64 -10.02 -79.48 -101.98
N VAL DA 65 -9.71 -79.50 -103.27
CA VAL DA 65 -9.64 -80.74 -104.05
C VAL DA 65 -8.42 -80.61 -104.94
N LEU DA 66 -7.32 -81.28 -104.57
CA LEU DA 66 -6.08 -81.14 -105.31
C LEU DA 66 -5.95 -82.24 -106.36
N LEU DA 67 -5.55 -81.83 -107.56
CA LEU DA 67 -5.39 -82.77 -108.67
C LEU DA 67 -4.05 -82.57 -109.36
N ARG DA 72 2.76 -86.21 -109.07
CA ARG DA 72 4.15 -86.00 -108.68
C ARG DA 72 4.28 -84.94 -107.60
N VAL DA 73 3.64 -83.79 -107.82
CA VAL DA 73 3.76 -82.67 -106.89
C VAL DA 73 3.03 -82.94 -105.59
N ILE DA 74 2.04 -83.85 -105.60
CA ILE DA 74 1.32 -84.17 -104.37
C ILE DA 74 2.26 -84.72 -103.32
N HIS DA 75 3.25 -85.50 -103.76
CA HIS DA 75 4.25 -86.02 -102.84
C HIS DA 75 5.00 -84.90 -102.15
N SER DA 76 5.29 -83.82 -102.89
CA SER DA 76 6.00 -82.69 -102.32
C SER DA 76 5.16 -81.98 -101.27
N ILE DA 77 3.83 -82.07 -101.38
CA ILE DA 77 2.96 -81.39 -100.43
C ILE DA 77 2.84 -82.21 -99.15
N LEU DA 78 2.73 -83.53 -99.28
CA LEU DA 78 2.58 -84.37 -98.09
C LEU DA 78 3.86 -84.48 -97.28
N ASN DA 79 5.02 -84.20 -97.88
CA ASN DA 79 6.28 -84.19 -97.15
C ASN DA 79 6.46 -82.93 -96.32
N SER DA 80 5.77 -81.84 -96.67
CA SER DA 80 5.82 -80.63 -95.87
C SER DA 80 5.17 -80.86 -94.52
N PRO DA 81 5.56 -80.10 -93.49
CA PRO DA 81 4.90 -80.22 -92.19
C PRO DA 81 3.41 -79.88 -92.22
N TYR DA 82 2.85 -79.52 -93.37
CA TYR DA 82 1.43 -79.29 -93.52
C TYR DA 82 0.71 -80.51 -94.08
N ALA DA 83 1.19 -81.71 -93.74
CA ALA DA 83 0.63 -82.93 -94.32
C ALA DA 83 -0.82 -83.15 -93.92
N LYS DA 84 -1.19 -82.84 -92.68
CA LYS DA 84 -2.55 -83.06 -92.20
C LYS DA 84 -3.49 -81.93 -92.58
N LEU DA 85 -3.14 -81.13 -93.57
CA LEU DA 85 -3.95 -80.00 -93.98
C LEU DA 85 -5.18 -80.42 -94.77
N TYR DA 86 -5.22 -81.67 -95.26
CA TYR DA 86 -6.35 -82.15 -96.03
C TYR DA 86 -6.89 -83.46 -95.46
N GLY DA 101 0.37 -85.68 -121.91
CA GLY DA 101 1.73 -85.20 -121.73
C GLY DA 101 1.82 -83.70 -121.52
N ASN DA 102 1.96 -82.97 -122.63
CA ASN DA 102 2.06 -81.48 -122.59
C ASN DA 102 1.23 -80.92 -123.75
N ASN DA 103 0.43 -81.78 -124.38
CA ASN DA 103 -0.41 -81.38 -125.55
C ASN DA 103 -1.86 -81.20 -125.09
N TRP DA 104 -2.58 -80.28 -125.74
CA TRP DA 104 -4.00 -79.98 -125.39
C TRP DA 104 -4.87 -81.23 -125.59
N ALA DA 105 -4.66 -81.95 -126.70
CA ALA DA 105 -5.44 -83.16 -127.01
C ALA DA 105 -5.19 -84.26 -125.96
N SER DA 106 -3.92 -84.43 -125.55
CA SER DA 106 -3.55 -85.48 -124.57
C SER DA 106 -4.23 -85.23 -123.21
N GLY DA 107 -4.24 -83.97 -122.76
CA GLY DA 107 -4.84 -83.61 -121.47
C GLY DA 107 -6.34 -83.87 -121.44
N PHE DA 108 -7.04 -83.55 -122.53
CA PHE DA 108 -8.51 -83.73 -122.63
C PHE DA 108 -8.87 -85.21 -122.60
N SER DA 109 -8.21 -86.02 -123.43
CA SER DA 109 -8.49 -87.48 -123.53
C SER DA 109 -8.46 -88.11 -122.13
N GLN DA 110 -7.48 -87.72 -121.31
CA GLN DA 110 -7.35 -88.27 -119.93
C GLN DA 110 -8.59 -87.89 -119.12
N GLY DA 111 -9.06 -86.64 -119.27
CA GLY DA 111 -10.23 -86.13 -118.55
C GLY DA 111 -11.44 -87.05 -118.69
N GLU DA 112 -11.84 -87.33 -119.93
CA GLU DA 112 -13.00 -88.17 -120.19
C GLU DA 112 -12.81 -89.57 -119.62
N LYS DA 113 -11.57 -89.98 -119.35
CA LYS DA 113 -11.32 -91.32 -118.83
C LYS DA 113 -11.48 -91.38 -117.32
N ILE DA 114 -11.28 -90.26 -116.63
CA ILE DA 114 -11.47 -90.21 -115.18
C ILE DA 114 -12.68 -89.33 -114.89
N HIS DA 115 -13.63 -89.30 -115.83
CA HIS DA 115 -14.84 -88.51 -115.69
C HIS DA 115 -15.58 -88.84 -114.40
N GLU DA 116 -15.98 -90.11 -114.23
CA GLU DA 116 -16.78 -90.48 -113.07
C GLU DA 116 -15.96 -90.43 -111.79
N ASP DA 117 -14.65 -90.64 -111.89
CA ASP DA 117 -13.85 -90.84 -110.67
C ASP DA 117 -13.77 -89.57 -109.83
N ILE DA 118 -13.63 -88.42 -110.47
CA ILE DA 118 -13.38 -87.20 -109.70
C ILE DA 118 -14.69 -86.53 -109.28
N PHE DA 119 -15.77 -86.71 -110.05
CA PHE DA 119 -17.02 -86.01 -109.72
C PHE DA 119 -17.62 -86.45 -108.39
N ASP DA 120 -17.47 -87.72 -108.01
CA ASP DA 120 -17.93 -88.14 -106.69
C ASP DA 120 -17.18 -87.40 -105.59
N ILE DA 121 -15.92 -87.06 -105.85
CA ILE DA 121 -15.18 -86.22 -104.91
C ILE DA 121 -15.80 -84.82 -104.88
N ILE DA 122 -16.15 -84.29 -106.04
CA ILE DA 122 -16.72 -82.94 -106.11
C ILE DA 122 -18.15 -82.94 -105.59
N ASP DA 123 -18.96 -83.92 -106.00
CA ASP DA 123 -20.36 -83.93 -105.61
C ASP DA 123 -20.53 -84.07 -104.10
N ARG DA 124 -19.72 -84.92 -103.47
CA ARG DA 124 -19.85 -85.13 -102.03
C ARG DA 124 -19.49 -83.86 -101.27
N GLU DA 125 -18.59 -83.04 -101.81
CA GLU DA 125 -18.25 -81.79 -101.16
C GLU DA 125 -19.37 -80.77 -101.32
N ALA DA 126 -20.14 -80.85 -102.41
CA ALA DA 126 -21.24 -79.93 -102.64
C ALA DA 126 -22.40 -80.22 -101.68
N ASP DA 127 -22.80 -81.49 -101.59
CA ASP DA 127 -23.85 -81.87 -100.67
C ASP DA 127 -23.44 -81.63 -99.22
N GLY DA 128 -22.16 -81.74 -98.92
CA GLY DA 128 -21.69 -81.47 -97.56
C GLY DA 128 -21.86 -80.01 -97.16
N SER DA 129 -21.63 -79.09 -98.09
CA SER DA 129 -21.79 -77.68 -97.79
C SER DA 129 -23.27 -77.34 -97.64
N ASP DA 130 -23.53 -76.28 -96.87
CA ASP DA 130 -24.90 -75.87 -96.63
C ASP DA 130 -25.53 -75.27 -97.88
N SER DA 131 -24.96 -74.18 -98.38
CA SER DA 131 -25.46 -73.52 -99.59
C SER DA 131 -24.25 -73.12 -100.43
N LEU DA 132 -23.83 -74.03 -101.31
CA LEU DA 132 -22.68 -73.77 -102.16
C LEU DA 132 -22.98 -72.63 -103.12
N GLU DA 133 -22.01 -71.73 -103.27
CA GLU DA 133 -22.20 -70.52 -104.06
C GLU DA 133 -21.33 -70.47 -105.30
N GLY DA 134 -20.03 -70.75 -105.18
CA GLY DA 134 -19.15 -70.63 -106.32
C GLY DA 134 -18.11 -71.72 -106.43
N PHE DA 135 -17.16 -71.55 -107.34
CA PHE DA 135 -16.11 -72.53 -107.60
C PHE DA 135 -14.84 -71.77 -107.97
N VAL DA 136 -13.91 -71.69 -107.01
CA VAL DA 136 -12.62 -71.07 -107.28
C VAL DA 136 -11.70 -72.11 -107.90
N LEU DA 137 -11.07 -71.76 -109.02
CA LEU DA 137 -10.21 -72.67 -109.75
C LEU DA 137 -8.87 -71.98 -109.99
N CYS DA 138 -7.78 -72.71 -109.77
CA CYS DA 138 -6.43 -72.23 -110.03
C CYS DA 138 -5.79 -73.13 -111.06
N HIS DA 139 -5.52 -72.59 -112.26
CA HIS DA 139 -4.89 -73.39 -113.34
C HIS DA 139 -4.15 -72.46 -114.32
N SER DA 140 -3.23 -73.03 -115.11
CA SER DA 140 -2.45 -72.25 -116.10
C SER DA 140 -2.75 -72.76 -117.51
N ILE DA 141 -3.08 -71.84 -118.44
CA ILE DA 141 -3.39 -72.23 -119.85
C ILE DA 141 -2.14 -72.87 -120.47
N ALA DA 142 -0.96 -72.30 -120.18
CA ALA DA 142 0.31 -72.83 -120.73
C ALA DA 142 0.53 -74.26 -120.23
N GLY DA 143 0.24 -74.50 -118.94
CA GLY DA 143 0.39 -75.85 -118.34
C GLY DA 143 -0.39 -76.89 -119.12
N GLY DA 144 0.29 -77.91 -119.63
CA GLY DA 144 -0.38 -78.97 -120.43
C GLY DA 144 -1.59 -79.53 -119.71
N THR DA 145 -1.39 -80.08 -118.50
CA THR DA 145 -2.49 -80.69 -117.71
C THR DA 145 -3.64 -79.67 -117.61
N GLY DA 146 -3.30 -78.39 -117.37
CA GLY DA 146 -4.29 -77.31 -117.27
C GLY DA 146 -5.00 -77.11 -118.61
N SER DA 147 -4.26 -77.13 -119.71
CA SER DA 147 -4.83 -76.92 -121.07
C SER DA 147 -5.68 -78.12 -121.49
N GLY DA 148 -5.49 -79.26 -120.83
CA GLY DA 148 -6.26 -80.49 -121.15
C GLY DA 148 -7.37 -80.78 -120.14
N LEU DA 149 -7.04 -80.74 -118.85
CA LEU DA 149 -8.03 -81.07 -117.79
C LEU DA 149 -8.78 -79.82 -117.32
N GLY DA 150 -8.15 -78.64 -117.31
CA GLY DA 150 -8.91 -77.48 -116.88
C GLY DA 150 -10.04 -77.14 -117.82
N SER DA 151 -9.77 -77.28 -119.12
CA SER DA 151 -10.77 -76.96 -120.18
C SER DA 151 -11.98 -77.90 -120.10
N TYR DA 152 -11.75 -79.19 -119.80
CA TYR DA 152 -12.81 -80.17 -119.78
C TYR DA 152 -13.79 -79.92 -118.64
N LEU DA 153 -13.28 -79.52 -117.48
CA LEU DA 153 -14.15 -79.32 -116.32
C LEU DA 153 -15.15 -78.20 -116.56
N LEU DA 154 -14.70 -77.11 -117.21
CA LEU DA 154 -15.56 -75.93 -117.35
C LEU DA 154 -16.80 -76.26 -118.17
N GLU DA 155 -16.70 -77.20 -119.11
CA GLU DA 155 -17.89 -77.60 -119.86
C GLU DA 155 -18.77 -78.52 -119.02
N ARG DA 156 -18.16 -79.44 -118.28
CA ARG DA 156 -18.94 -80.32 -117.41
C ARG DA 156 -19.55 -79.56 -116.23
N LEU DA 157 -18.82 -78.58 -115.69
CA LEU DA 157 -19.34 -77.83 -114.55
C LEU DA 157 -20.58 -77.03 -114.93
N ASN DA 158 -20.63 -76.52 -116.16
CA ASN DA 158 -21.82 -75.81 -116.61
C ASN DA 158 -22.97 -76.78 -116.88
N ASP DA 159 -22.64 -78.03 -117.21
CA ASP DA 159 -23.69 -79.01 -117.51
C ASP DA 159 -24.36 -79.51 -116.23
N ARG DA 160 -23.57 -79.98 -115.27
CA ARG DA 160 -24.14 -80.58 -114.06
C ARG DA 160 -24.79 -79.51 -113.18
N TYR DA 161 -24.01 -78.53 -112.73
CA TYR DA 161 -24.53 -77.49 -111.86
C TYR DA 161 -24.68 -76.21 -112.67
N PRO DA 162 -25.90 -75.79 -113.02
CA PRO DA 162 -26.06 -74.65 -113.91
C PRO DA 162 -26.15 -73.31 -113.19
N LYS DA 163 -26.40 -73.33 -111.88
CA LYS DA 163 -26.64 -72.12 -111.12
C LYS DA 163 -25.46 -71.77 -110.21
N LYS DA 164 -24.25 -72.13 -110.60
CA LYS DA 164 -23.06 -71.88 -109.79
C LYS DA 164 -22.04 -71.11 -110.62
N LEU DA 165 -21.57 -69.99 -110.09
CA LEU DA 165 -20.54 -69.24 -110.78
C LEU DA 165 -19.21 -70.00 -110.72
N VAL DA 166 -18.44 -69.89 -111.80
CA VAL DA 166 -17.15 -70.57 -111.92
C VAL DA 166 -16.11 -69.51 -112.24
N GLN DA 167 -15.40 -69.06 -111.22
CA GLN DA 167 -14.38 -68.05 -111.37
C GLN DA 167 -12.99 -68.67 -111.21
N THR DA 168 -12.07 -68.26 -112.07
CA THR DA 168 -10.75 -68.89 -112.15
C THR DA 168 -9.67 -67.85 -111.99
N TYR DA 169 -8.60 -68.21 -111.28
CA TYR DA 169 -7.41 -67.37 -111.20
C TYR DA 169 -6.36 -67.84 -112.20
N SER DA 170 -6.77 -67.86 -113.47
CA SER DA 170 -5.90 -68.33 -114.53
C SER DA 170 -4.69 -67.42 -114.71
N VAL DA 171 -3.59 -67.99 -115.19
CA VAL DA 171 -2.32 -67.20 -115.36
C VAL DA 171 -1.72 -67.48 -116.74
N PHE DA 172 -1.59 -66.43 -117.56
CA PHE DA 172 -1.01 -66.54 -118.92
C PHE DA 172 0.50 -66.77 -118.83
N PRO DA 173 1.13 -67.41 -119.85
CA PRO DA 173 2.58 -67.66 -119.83
C PRO DA 173 3.38 -66.38 -120.07
N VAL DA 183 4.13 -74.69 -129.69
CA VAL DA 183 3.08 -75.41 -128.97
C VAL DA 183 2.47 -74.54 -127.89
N GLN DA 184 3.26 -73.58 -127.38
CA GLN DA 184 2.79 -72.72 -126.31
C GLN DA 184 1.60 -71.87 -126.72
N PRO DA 185 1.58 -71.20 -127.88
CA PRO DA 185 0.37 -70.43 -128.24
C PRO DA 185 -0.86 -71.31 -128.42
N TYR DA 186 -0.69 -72.55 -128.87
CA TYR DA 186 -1.83 -73.43 -129.11
C TYR DA 186 -2.60 -73.68 -127.82
N ASN DA 187 -1.89 -74.13 -126.79
CA ASN DA 187 -2.52 -74.45 -125.48
C ASN DA 187 -3.30 -73.23 -124.98
N SER DA 188 -2.74 -72.03 -125.20
CA SER DA 188 -3.35 -70.76 -124.71
C SER DA 188 -4.66 -70.42 -125.43
N LEU DA 189 -4.66 -70.35 -126.77
CA LEU DA 189 -5.85 -69.92 -127.50
C LEU DA 189 -6.97 -70.95 -127.39
N LEU DA 190 -6.61 -72.23 -127.44
CA LEU DA 190 -7.64 -73.31 -127.37
C LEU DA 190 -8.38 -73.18 -126.03
N THR DA 191 -7.64 -72.86 -124.97
CA THR DA 191 -8.26 -72.72 -123.62
C THR DA 191 -9.15 -71.47 -123.58
N LEU DA 192 -8.66 -70.34 -124.11
CA LEU DA 192 -9.43 -69.11 -124.09
C LEU DA 192 -10.81 -69.32 -124.69
N LYS DA 193 -10.97 -70.32 -125.55
CA LYS DA 193 -12.27 -70.59 -126.16
C LYS DA 193 -13.29 -71.01 -125.12
N ARG DA 194 -12.81 -71.67 -124.06
CA ARG DA 194 -13.72 -72.17 -122.99
C ARG DA 194 -13.98 -71.08 -121.95
N LEU DA 195 -12.94 -70.36 -121.53
CA LEU DA 195 -13.02 -69.32 -120.47
C LEU DA 195 -13.92 -68.14 -120.88
N THR DA 196 -14.23 -68.00 -122.18
CA THR DA 196 -15.07 -66.91 -122.63
C THR DA 196 -16.55 -67.26 -122.63
N GLN DA 197 -16.91 -68.51 -122.38
CA GLN DA 197 -18.31 -68.91 -122.42
C GLN DA 197 -18.69 -69.72 -121.19
N ASN DA 198 -17.70 -70.28 -120.51
CA ASN DA 198 -17.96 -71.10 -119.32
C ASN DA 198 -17.72 -70.32 -118.04
N ALA DA 199 -16.51 -69.78 -117.88
CA ALA DA 199 -16.18 -69.04 -116.67
C ALA DA 199 -16.81 -67.66 -116.71
N ASP DA 200 -17.83 -67.44 -115.87
CA ASP DA 200 -18.52 -66.16 -115.83
C ASP DA 200 -17.68 -65.05 -115.22
N CYS DA 201 -16.47 -65.37 -114.75
CA CYS DA 201 -15.54 -64.37 -114.26
C CYS DA 201 -14.14 -64.93 -114.40
N LEU DA 202 -13.15 -64.04 -114.31
CA LEU DA 202 -11.77 -64.45 -114.55
C LEU DA 202 -10.85 -63.32 -114.11
N VAL DA 203 -9.70 -63.69 -113.57
CA VAL DA 203 -8.64 -62.76 -113.22
C VAL DA 203 -7.35 -63.30 -113.84
N VAL DA 204 -6.67 -62.48 -114.61
CA VAL DA 204 -5.50 -62.90 -115.36
C VAL DA 204 -4.24 -62.44 -114.61
N LEU DA 205 -3.24 -63.31 -114.57
CA LEU DA 205 -1.95 -63.00 -113.96
C LEU DA 205 -0.87 -63.36 -114.97
N ASP DA 206 -0.23 -62.35 -115.54
CA ASP DA 206 0.76 -62.55 -116.60
C ASP DA 206 2.14 -62.74 -116.00
N ASN DA 207 2.76 -63.88 -116.33
CA ASN DA 207 4.10 -64.18 -115.82
C ASN DA 207 5.16 -63.23 -116.35
N THR DA 208 4.95 -62.66 -117.54
CA THR DA 208 5.93 -61.73 -118.10
C THR DA 208 6.11 -60.52 -117.21
N ALA DA 209 5.00 -59.86 -116.85
CA ALA DA 209 5.08 -58.70 -115.97
C ALA DA 209 5.57 -59.12 -114.57
N LEU DA 210 5.16 -60.31 -114.12
CA LEU DA 210 5.59 -60.76 -112.80
C LEU DA 210 7.09 -61.00 -112.76
N ASN DA 211 7.63 -61.66 -113.79
CA ASN DA 211 9.08 -61.84 -113.85
C ASN DA 211 9.79 -60.50 -113.94
N ARG DA 212 9.17 -59.51 -114.60
CA ARG DA 212 9.74 -58.18 -114.64
C ARG DA 212 9.78 -57.55 -113.26
N ILE DA 213 8.64 -57.52 -112.57
CA ILE DA 213 8.58 -56.91 -111.24
C ILE DA 213 9.58 -57.57 -110.30
N ALA DA 214 9.88 -58.86 -110.55
CA ALA DA 214 10.85 -59.56 -109.71
C ALA DA 214 12.24 -58.93 -109.82
N THR DA 215 12.59 -58.45 -111.01
CA THR DA 215 13.93 -57.92 -111.19
C THR DA 215 14.08 -56.51 -110.63
N ASP DA 216 13.10 -55.63 -110.90
CA ASP DA 216 13.30 -54.21 -110.61
C ASP DA 216 13.18 -53.92 -109.11
N ARG DA 217 12.11 -54.40 -108.47
CA ARG DA 217 11.85 -54.09 -107.07
C ARG DA 217 12.02 -55.27 -106.14
N LEU DA 218 12.45 -56.43 -106.64
CA LEU DA 218 12.75 -57.57 -105.78
C LEU DA 218 14.13 -58.17 -106.00
N HIS DA 219 14.71 -58.02 -107.20
CA HIS DA 219 16.09 -58.43 -107.48
C HIS DA 219 16.32 -59.92 -107.19
N ILE DA 220 15.63 -60.76 -107.95
CA ILE DA 220 15.83 -62.20 -107.83
C ILE DA 220 16.80 -62.75 -108.85
N GLN DA 221 16.96 -62.09 -110.00
CA GLN DA 221 17.86 -62.57 -111.05
C GLN DA 221 18.20 -61.45 -112.02
N SER DA 224 13.47 -67.29 -109.58
CA SER DA 224 12.94 -68.64 -109.69
C SER DA 224 11.45 -68.69 -109.41
N PHE DA 225 10.83 -69.84 -109.67
CA PHE DA 225 9.40 -69.99 -109.42
C PHE DA 225 9.07 -69.84 -107.94
N SER DA 226 9.97 -70.31 -107.07
CA SER DA 226 9.72 -70.32 -105.64
C SER DA 226 9.74 -68.94 -105.02
N GLN DA 227 10.25 -67.93 -105.71
CA GLN DA 227 10.26 -66.56 -105.20
C GLN DA 227 9.11 -65.73 -105.73
N ILE DA 228 8.77 -65.88 -107.01
CA ILE DA 228 7.69 -65.08 -107.58
C ILE DA 228 6.34 -65.49 -107.03
N ASN DA 229 6.20 -66.75 -106.59
CA ASN DA 229 4.93 -67.21 -106.05
C ASN DA 229 4.57 -66.48 -104.75
N GLN DA 230 5.57 -65.97 -104.04
CA GLN DA 230 5.31 -65.24 -102.80
C GLN DA 230 4.36 -64.08 -103.05
N LEU DA 231 4.56 -63.36 -104.14
CA LEU DA 231 3.70 -62.20 -104.44
C LEU DA 231 2.35 -62.66 -104.98
N VAL DA 232 2.32 -63.80 -105.68
CA VAL DA 232 1.06 -64.32 -106.20
C VAL DA 232 0.09 -64.59 -105.07
N SER DA 233 0.56 -65.26 -104.02
CA SER DA 233 -0.30 -65.53 -102.86
C SER DA 233 -0.85 -64.24 -102.25
N THR DA 234 -0.05 -63.17 -102.25
CA THR DA 234 -0.50 -61.91 -101.67
C THR DA 234 -1.73 -61.37 -102.41
N ILE DA 235 -1.77 -61.57 -103.73
CA ILE DA 235 -2.90 -61.06 -104.51
C ILE DA 235 -4.17 -61.83 -104.17
N MET DA 236 -4.10 -63.16 -104.21
CA MET DA 236 -5.29 -63.96 -103.95
C MET DA 236 -5.80 -63.75 -102.54
N SER DA 237 -4.88 -63.60 -101.57
CA SER DA 237 -5.28 -63.39 -100.20
C SER DA 237 -6.08 -62.10 -100.04
N ALA DA 238 -5.49 -60.98 -100.43
CA ALA DA 238 -6.19 -59.70 -100.32
C ALA DA 238 -7.39 -59.61 -101.24
N SER DA 239 -7.47 -60.47 -102.26
CA SER DA 239 -8.63 -60.45 -103.14
C SER DA 239 -9.89 -60.88 -102.40
N THR DA 240 -9.75 -61.78 -101.43
CA THR DA 240 -10.89 -62.27 -100.64
C THR DA 240 -10.83 -61.77 -99.20
N THR DA 241 -10.41 -60.53 -99.01
CA THR DA 241 -10.33 -59.98 -97.67
C THR DA 241 -11.71 -59.65 -97.11
N THR DA 242 -12.53 -58.95 -97.88
CA THR DA 242 -13.83 -58.50 -97.40
C THR DA 242 -14.75 -59.67 -97.04
N LEU DA 243 -14.49 -60.87 -97.55
CA LEU DA 243 -15.39 -61.99 -97.28
C LEU DA 243 -15.08 -62.65 -95.95
N ARG DA 244 -13.82 -62.65 -95.52
CA ARG DA 244 -13.43 -63.36 -94.31
C ARG DA 244 -13.60 -62.54 -93.04
N TYR DA 245 -13.99 -61.27 -93.17
CA TYR DA 245 -14.21 -60.42 -91.99
C TYR DA 245 -15.61 -59.80 -92.08
N PRO DA 246 -16.37 -59.79 -91.00
CA PRO DA 246 -17.74 -59.29 -91.07
C PRO DA 246 -17.77 -57.80 -91.39
N GLY DA 247 -18.45 -57.46 -92.48
CA GLY DA 247 -18.55 -56.07 -92.89
C GLY DA 247 -19.99 -55.67 -93.15
N TYR DA 248 -20.18 -54.57 -93.88
CA TYR DA 248 -21.54 -54.09 -94.14
C TYR DA 248 -22.08 -54.65 -95.43
N MET DA 249 -21.34 -54.47 -96.53
CA MET DA 249 -21.63 -55.11 -97.81
C MET DA 249 -20.45 -56.00 -98.19
N ASN DA 250 -20.51 -56.56 -99.40
CA ASN DA 250 -19.49 -57.47 -99.90
C ASN DA 250 -19.36 -58.69 -98.98
N ASN DA 251 -20.47 -59.41 -98.84
CA ASN DA 251 -20.51 -60.62 -98.05
C ASN DA 251 -20.69 -61.87 -98.90
N ASP DA 252 -20.36 -61.79 -100.19
CA ASP DA 252 -20.42 -62.93 -101.09
C ASP DA 252 -19.61 -62.61 -102.32
N LEU DA 253 -19.20 -63.66 -103.04
CA LEU DA 253 -18.46 -63.47 -104.28
C LEU DA 253 -19.27 -62.66 -105.29
N ILE DA 254 -20.59 -62.83 -105.28
CA ILE DA 254 -21.45 -62.01 -106.13
C ILE DA 254 -21.35 -60.55 -105.73
N GLY DA 255 -21.11 -60.28 -104.45
CA GLY DA 255 -21.04 -58.90 -103.99
C GLY DA 255 -19.88 -58.12 -104.56
N LEU DA 256 -18.92 -58.81 -105.18
CA LEU DA 256 -17.76 -58.13 -105.74
C LEU DA 256 -17.81 -58.07 -107.26
N ILE DA 257 -18.26 -59.16 -107.90
CA ILE DA 257 -18.12 -59.28 -109.34
C ILE DA 257 -19.23 -58.54 -110.07
N ALA DA 258 -20.44 -58.57 -109.51
CA ALA DA 258 -21.62 -58.03 -110.19
C ALA DA 258 -21.46 -56.56 -110.57
N SER DA 259 -20.70 -55.79 -109.80
CA SER DA 259 -20.50 -54.38 -110.13
C SER DA 259 -19.47 -54.21 -111.23
N LEU DA 260 -18.67 -55.24 -111.49
CA LEU DA 260 -17.59 -55.10 -112.46
C LEU DA 260 -18.04 -55.53 -113.85
N ILE DA 261 -18.70 -56.67 -113.97
CA ILE DA 261 -19.10 -57.22 -115.26
C ILE DA 261 -20.51 -56.77 -115.61
N PRO DA 262 -20.68 -55.85 -116.57
CA PRO DA 262 -22.03 -55.44 -116.98
C PRO DA 262 -22.67 -56.39 -117.98
N THR DA 263 -21.86 -56.97 -118.87
CA THR DA 263 -22.36 -57.79 -119.96
C THR DA 263 -21.64 -59.13 -119.98
N PRO DA 264 -22.33 -60.20 -120.40
CA PRO DA 264 -21.71 -61.52 -120.39
C PRO DA 264 -20.43 -61.63 -121.19
N ARG DA 265 -20.13 -60.67 -122.06
CA ARG DA 265 -18.90 -60.71 -122.83
C ARG DA 265 -17.74 -60.07 -122.08
N LEU DA 266 -17.93 -58.86 -121.56
CA LEU DA 266 -16.88 -58.16 -120.83
C LEU DA 266 -16.75 -58.78 -119.44
N HIS DA 267 -15.96 -59.86 -119.39
CA HIS DA 267 -15.74 -60.61 -118.15
C HIS DA 267 -14.27 -60.90 -117.92
N PHE DA 268 -13.41 -59.88 -118.01
CA PHE DA 268 -12.00 -60.01 -117.70
C PHE DA 268 -11.56 -58.88 -116.80
N LEU DA 269 -10.78 -59.20 -115.77
CA LEU DA 269 -10.38 -58.24 -114.75
C LEU DA 269 -8.86 -58.21 -114.63
N MET DA 270 -8.38 -57.28 -113.82
CA MET DA 270 -6.96 -57.14 -113.52
C MET DA 270 -6.78 -56.65 -112.09
N THR DA 271 -5.63 -56.95 -111.51
CA THR DA 271 -5.33 -56.65 -110.12
C THR DA 271 -4.13 -55.72 -110.02
N GLY DA 272 -4.01 -55.08 -108.85
CA GLY DA 272 -2.87 -54.23 -108.57
C GLY DA 272 -2.54 -54.12 -107.10
N TYR DA 273 -1.30 -54.41 -106.73
CA TYR DA 273 -0.88 -54.44 -105.33
C TYR DA 273 0.22 -53.41 -105.13
N THR DA 274 -0.10 -52.33 -104.41
CA THR DA 274 0.82 -51.21 -104.25
C THR DA 274 1.95 -51.45 -103.25
N PRO DA 275 1.69 -51.83 -101.98
CA PRO DA 275 2.77 -51.86 -100.99
C PRO DA 275 3.73 -53.01 -101.25
N LEU DA 276 4.95 -52.68 -101.64
CA LEU DA 276 5.96 -53.68 -101.97
C LEU DA 276 7.27 -53.41 -101.24
N THR DA 288 0.73 -42.09 -93.64
CA THR DA 288 0.11 -42.74 -94.79
C THR DA 288 -1.40 -42.58 -94.74
N THR DA 289 -1.96 -41.88 -95.72
CA THR DA 289 -3.38 -41.58 -95.76
C THR DA 289 -4.06 -42.35 -96.88
N VAL DA 290 -5.39 -42.19 -96.95
CA VAL DA 290 -6.17 -42.87 -97.99
C VAL DA 290 -5.86 -42.28 -99.36
N LEU DA 291 -5.60 -40.97 -99.44
CA LEU DA 291 -5.24 -40.37 -100.72
C LEU DA 291 -3.88 -40.85 -101.19
N ASP DA 292 -3.04 -41.32 -100.27
CA ASP DA 292 -1.71 -41.77 -100.63
C ASP DA 292 -1.77 -43.08 -101.41
N VAL DA 293 -2.69 -43.98 -101.04
CA VAL DA 293 -2.69 -45.32 -101.61
C VAL DA 293 -3.28 -45.31 -103.01
N MET DA 294 -4.28 -44.46 -103.25
CA MET DA 294 -4.96 -44.50 -104.54
C MET DA 294 -4.08 -43.98 -105.67
N ARG DA 295 -3.26 -42.96 -105.41
CA ARG DA 295 -2.43 -42.40 -106.47
C ARG DA 295 -1.41 -43.41 -106.98
N ARG DA 296 -1.09 -44.42 -106.17
CA ARG DA 296 -0.18 -45.47 -106.62
C ARG DA 296 -0.90 -46.60 -107.34
N LEU DA 297 -2.21 -46.73 -107.17
CA LEU DA 297 -2.95 -47.77 -107.88
C LEU DA 297 -2.99 -47.50 -109.38
N LEU DA 298 -3.44 -46.31 -109.77
CA LEU DA 298 -3.70 -46.02 -111.17
C LEU DA 298 -2.45 -45.95 -112.01
N GLN DA 299 -1.27 -45.94 -111.41
CA GLN DA 299 -0.05 -45.96 -112.21
C GLN DA 299 0.15 -47.34 -112.83
N PRO DA 300 0.29 -47.41 -114.15
CA PRO DA 300 0.57 -48.70 -114.80
C PRO DA 300 1.93 -49.28 -114.46
N LYS DA 301 2.71 -48.63 -113.59
CA LYS DA 301 4.01 -49.16 -113.22
C LYS DA 301 3.91 -50.29 -112.21
N ASN DA 302 2.76 -50.46 -111.56
CA ASN DA 302 2.55 -51.53 -110.60
C ASN DA 302 1.51 -52.56 -111.03
N VAL DA 303 0.69 -52.24 -112.02
CA VAL DA 303 -0.30 -53.21 -112.49
C VAL DA 303 0.38 -54.25 -113.36
N MET DA 304 0.13 -55.53 -113.07
CA MET DA 304 0.77 -56.64 -113.78
C MET DA 304 0.17 -56.79 -115.17
N VAL DA 305 0.57 -55.89 -116.06
CA VAL DA 305 0.12 -55.89 -117.45
C VAL DA 305 1.28 -55.49 -118.34
N SER DA 306 1.27 -55.92 -119.59
CA SER DA 306 2.29 -55.54 -120.55
C SER DA 306 1.67 -54.84 -121.75
N ASN DA 314 -9.77 -45.53 -128.13
CA ASN DA 314 -8.81 -45.32 -127.05
C ASN DA 314 -8.92 -46.44 -126.02
N HIS DA 315 -8.24 -46.27 -124.88
CA HIS DA 315 -8.25 -47.26 -123.83
C HIS DA 315 -8.76 -46.62 -122.55
N CYS DA 316 -9.67 -47.32 -121.87
CA CYS DA 316 -10.25 -46.82 -120.64
C CYS DA 316 -10.82 -48.00 -119.85
N TYR DA 317 -11.07 -47.77 -118.57
CA TYR DA 317 -11.59 -48.80 -117.67
C TYR DA 317 -13.09 -48.93 -117.82
N ILE DA 318 -13.68 -49.82 -117.02
CA ILE DA 318 -15.12 -49.99 -116.95
C ILE DA 318 -15.64 -49.71 -115.55
N ALA DA 319 -14.97 -50.23 -114.53
CA ALA DA 319 -15.35 -49.99 -113.14
C ALA DA 319 -14.18 -50.43 -112.26
N ILE DA 320 -14.00 -49.76 -111.13
CA ILE DA 320 -12.87 -49.99 -110.26
C ILE DA 320 -13.38 -50.39 -108.88
N LEU DA 321 -12.72 -51.39 -108.28
CA LEU DA 321 -13.00 -51.81 -106.91
C LEU DA 321 -11.72 -51.67 -106.10
N ASN DA 322 -11.78 -50.89 -105.03
CA ASN DA 322 -10.62 -50.64 -104.19
C ASN DA 322 -10.80 -51.34 -102.84
N ILE DA 323 -9.74 -52.02 -102.41
CA ILE DA 323 -9.74 -52.74 -101.14
C ILE DA 323 -8.61 -52.18 -100.29
N ILE DA 324 -8.96 -51.70 -99.09
CA ILE DA 324 -8.01 -51.13 -98.16
C ILE DA 324 -8.00 -51.99 -96.90
N GLN DA 325 -6.84 -52.48 -96.52
CA GLN DA 325 -6.71 -53.37 -95.38
C GLN DA 325 -6.16 -52.68 -94.14
N GLY DA 326 -6.13 -51.34 -94.12
CA GLY DA 326 -5.58 -50.60 -93.00
C GLY DA 326 -6.65 -50.01 -92.11
N GLU DA 327 -6.19 -49.34 -91.06
CA GLU DA 327 -7.05 -48.67 -90.09
C GLU DA 327 -7.17 -47.18 -90.34
N VAL DA 328 -7.19 -46.77 -91.62
CA VAL DA 328 -7.24 -45.35 -91.95
C VAL DA 328 -8.56 -44.75 -91.51
N ASP DA 329 -8.52 -43.46 -91.17
CA ASP DA 329 -9.73 -42.72 -90.83
C ASP DA 329 -10.69 -42.72 -92.02
N PRO DA 330 -11.88 -43.31 -91.90
CA PRO DA 330 -12.81 -43.38 -93.04
C PRO DA 330 -13.54 -42.10 -93.34
N THR DA 331 -13.15 -40.97 -92.76
CA THR DA 331 -13.83 -39.71 -93.04
C THR DA 331 -13.25 -38.99 -94.26
N GLN DA 332 -11.94 -39.08 -94.47
CA GLN DA 332 -11.26 -38.36 -95.53
C GLN DA 332 -11.22 -39.12 -96.85
N VAL DA 333 -11.88 -40.28 -96.93
CA VAL DA 333 -11.89 -41.02 -98.18
C VAL DA 333 -12.71 -40.28 -99.24
N HIS DA 334 -13.75 -39.55 -98.81
CA HIS DA 334 -14.53 -38.76 -99.76
C HIS DA 334 -13.75 -37.54 -100.21
N LYS DA 335 -12.80 -37.07 -99.40
CA LYS DA 335 -11.94 -35.99 -99.83
C LYS DA 335 -10.95 -36.46 -100.88
N SER DA 336 -10.49 -37.71 -100.78
CA SER DA 336 -9.51 -38.23 -101.73
C SER DA 336 -10.13 -38.38 -103.12
N LEU DA 337 -11.38 -38.87 -103.17
CA LEU DA 337 -12.02 -39.08 -104.47
C LEU DA 337 -12.22 -37.77 -105.22
N GLN DA 338 -12.49 -36.69 -104.50
CA GLN DA 338 -12.74 -35.40 -105.14
C GLN DA 338 -11.49 -34.92 -105.89
N ARG DA 339 -10.33 -34.99 -105.25
CA ARG DA 339 -9.10 -34.57 -105.91
C ARG DA 339 -8.76 -35.48 -107.08
N ILE DA 340 -9.16 -36.76 -107.02
CA ILE DA 340 -8.90 -37.67 -108.12
C ILE DA 340 -9.73 -37.28 -109.34
N ARG DA 341 -11.00 -36.95 -109.13
CA ARG DA 341 -11.83 -36.48 -110.24
C ARG DA 341 -11.32 -35.14 -110.78
N GLU DA 342 -10.73 -34.32 -109.91
CA GLU DA 342 -10.17 -33.05 -110.35
C GLU DA 342 -8.95 -33.26 -111.22
N ARG DA 343 -8.03 -34.11 -110.78
CA ARG DA 343 -6.84 -34.41 -111.57
C ARG DA 343 -7.16 -35.18 -112.85
N LYS DA 344 -8.25 -35.96 -112.87
CA LYS DA 344 -8.63 -36.76 -114.03
C LYS DA 344 -7.49 -37.71 -114.42
N LEU DA 345 -7.17 -38.61 -113.51
CA LEU DA 345 -6.04 -39.53 -113.69
C LEU DA 345 -6.41 -40.78 -114.49
N ALA DA 346 -7.69 -41.08 -114.66
CA ALA DA 346 -8.12 -42.26 -115.40
C ALA DA 346 -9.33 -41.90 -116.26
N ASN DA 347 -9.33 -42.44 -117.47
CA ASN DA 347 -10.40 -42.22 -118.44
C ASN DA 347 -11.45 -43.31 -118.30
N PHE DA 348 -12.68 -42.95 -118.66
CA PHE DA 348 -13.84 -43.79 -118.42
C PHE DA 348 -14.67 -43.95 -119.68
N ILE DA 349 -15.77 -44.69 -119.56
CA ILE DA 349 -16.71 -44.88 -120.66
C ILE DA 349 -17.81 -43.82 -120.57
N PRO DA 350 -18.23 -43.24 -121.70
CA PRO DA 350 -19.29 -42.23 -121.66
C PRO DA 350 -20.69 -42.80 -121.82
N TRP DA 351 -20.79 -44.03 -122.32
CA TRP DA 351 -22.09 -44.57 -122.71
C TRP DA 351 -22.96 -44.91 -121.51
N GLY DA 352 -22.40 -45.64 -120.54
CA GLY DA 352 -23.17 -46.13 -119.43
C GLY DA 352 -22.75 -45.56 -118.09
N PRO DA 353 -23.65 -45.61 -117.12
CA PRO DA 353 -23.31 -45.11 -115.78
C PRO DA 353 -22.36 -46.05 -115.06
N ALA DA 354 -21.23 -45.51 -114.60
CA ALA DA 354 -20.25 -46.26 -113.84
C ALA DA 354 -19.72 -45.39 -112.72
N SER DA 355 -19.05 -46.00 -111.75
CA SER DA 355 -18.51 -45.30 -110.61
C SER DA 355 -17.25 -46.01 -110.12
N ILE DA 356 -16.46 -45.30 -109.31
CA ILE DA 356 -15.28 -45.86 -108.66
C ILE DA 356 -15.66 -46.19 -107.22
N GLN DA 357 -15.34 -47.40 -106.79
CA GLN DA 357 -15.74 -47.91 -105.48
C GLN DA 357 -14.51 -48.11 -104.61
N VAL DA 358 -14.72 -48.13 -103.29
CA VAL DA 358 -13.68 -48.39 -102.32
C VAL DA 358 -14.30 -49.11 -101.14
N ALA DA 359 -13.53 -50.01 -100.52
CA ALA DA 359 -14.00 -50.78 -99.38
C ALA DA 359 -12.88 -50.91 -98.35
N LEU DA 360 -13.28 -51.06 -97.09
CA LEU DA 360 -12.35 -51.17 -95.98
C LEU DA 360 -12.49 -52.52 -95.30
N SER DA 361 -11.44 -52.91 -94.58
CA SER DA 361 -11.43 -54.15 -93.82
C SER DA 361 -10.37 -54.03 -92.74
N ARG DA 362 -10.04 -55.15 -92.10
CA ARG DA 362 -9.07 -55.18 -91.02
C ARG DA 362 -7.98 -56.20 -91.34
N LYS DA 363 -6.73 -55.78 -91.15
CA LYS DA 363 -5.61 -56.69 -91.31
C LYS DA 363 -5.63 -57.74 -90.20
N SER DA 364 -5.02 -58.88 -90.48
CA SER DA 364 -4.97 -59.97 -89.50
C SER DA 364 -4.19 -59.52 -88.28
N PRO DA 365 -4.80 -59.52 -87.09
CA PRO DA 365 -4.07 -59.03 -85.90
C PRO DA 365 -2.96 -59.96 -85.46
N TYR DA 366 -3.10 -61.27 -85.71
CA TYR DA 366 -2.12 -62.23 -85.22
C TYR DA 366 -0.83 -62.20 -86.02
N LEU DA 367 -0.81 -61.53 -87.17
CA LEU DA 367 0.38 -61.44 -87.98
C LEU DA 367 1.41 -60.51 -87.33
N ARG DA 372 0.52 -49.21 -90.46
CA ARG DA 372 0.72 -50.11 -91.60
C ARG DA 372 -0.55 -50.21 -92.43
N VAL DA 373 -0.44 -49.93 -93.72
CA VAL DA 373 -1.59 -49.91 -94.63
C VAL DA 373 -1.19 -50.59 -95.93
N SER DA 374 -2.03 -51.50 -96.41
CA SER DA 374 -1.85 -52.17 -97.68
C SER DA 374 -2.92 -51.70 -98.66
N GLY DA 375 -2.94 -52.30 -99.84
CA GLY DA 375 -3.91 -51.91 -100.84
C GLY DA 375 -3.97 -52.82 -102.05
N LEU DA 376 -5.19 -53.15 -102.48
CA LEU DA 376 -5.42 -53.94 -103.67
C LEU DA 376 -6.56 -53.32 -104.46
N MET DA 377 -6.41 -53.31 -105.79
CA MET DA 377 -7.40 -52.72 -106.68
C MET DA 377 -7.82 -53.76 -107.71
N MET DA 378 -9.10 -53.76 -108.04
CA MET DA 378 -9.65 -54.63 -109.08
C MET DA 378 -10.03 -53.75 -110.27
N ALA DA 379 -9.39 -54.00 -111.41
CA ALA DA 379 -9.54 -53.16 -112.58
C ALA DA 379 -10.14 -53.95 -113.74
N ASN DA 380 -11.00 -53.30 -114.49
CA ASN DA 380 -11.63 -53.86 -115.68
C ASN DA 380 -11.25 -52.96 -116.85
N HIS DA 381 -10.11 -53.27 -117.47
CA HIS DA 381 -9.53 -52.43 -118.52
C HIS DA 381 -9.68 -53.08 -119.87
N THR DA 382 -9.87 -52.25 -120.90
CA THR DA 382 -9.91 -52.74 -122.28
C THR DA 382 -8.52 -52.95 -122.87
N SER DA 383 -7.47 -52.46 -122.21
CA SER DA 383 -6.12 -52.71 -122.67
C SER DA 383 -5.72 -54.17 -122.56
N ILE DA 384 -6.51 -54.97 -121.84
CA ILE DA 384 -6.20 -56.40 -121.70
C ILE DA 384 -6.42 -57.12 -123.02
N SER DA 385 -7.15 -56.50 -123.94
CA SER DA 385 -7.39 -57.13 -125.25
C SER DA 385 -6.10 -57.26 -126.04
N SER DA 386 -5.15 -56.35 -125.82
CA SER DA 386 -3.89 -56.40 -126.55
C SER DA 386 -3.14 -57.70 -126.29
N LEU DA 387 -3.14 -58.16 -125.03
CA LEU DA 387 -2.47 -59.42 -124.70
C LEU DA 387 -3.05 -60.58 -125.50
N PHE DA 388 -4.36 -60.56 -125.71
CA PHE DA 388 -4.98 -61.60 -126.55
C PHE DA 388 -4.45 -61.52 -127.98
N GLU DA 389 -4.42 -60.30 -128.54
CA GLU DA 389 -3.94 -60.12 -129.90
C GLU DA 389 -2.53 -60.67 -130.08
N ARG DA 390 -1.65 -60.37 -129.13
CA ARG DA 390 -0.29 -60.88 -129.20
C ARG DA 390 -0.27 -62.41 -129.30
N THR DA 391 -1.06 -63.07 -128.45
CA THR DA 391 -1.14 -64.52 -128.49
C THR DA 391 -1.72 -65.00 -129.81
N CYS DA 392 -2.91 -64.51 -130.18
CA CYS DA 392 -3.56 -64.96 -131.41
C CYS DA 392 -2.73 -64.61 -132.64
N ARG DA 393 -1.91 -63.56 -132.55
CA ARG DA 393 -1.00 -63.25 -133.65
C ARG DA 393 0.02 -64.36 -133.84
N GLN DA 394 0.60 -64.84 -132.73
CA GLN DA 394 1.55 -65.94 -132.82
C GLN DA 394 0.86 -67.23 -133.26
N TYR DA 395 -0.41 -67.39 -132.89
CA TYR DA 395 -1.18 -68.56 -133.34
C TYR DA 395 -1.29 -68.59 -134.86
N ASP DA 396 -1.62 -67.44 -135.47
CA ASP DA 396 -1.66 -67.36 -136.92
C ASP DA 396 -0.28 -67.55 -137.53
N LYS DA 397 0.76 -67.15 -136.78
CA LYS DA 397 2.12 -67.34 -137.26
C LYS DA 397 2.48 -68.82 -137.37
N LEU DA 398 2.08 -69.62 -136.38
CA LEU DA 398 2.35 -71.05 -136.42
C LEU DA 398 1.38 -71.80 -137.32
N ARG DA 399 0.23 -71.21 -137.64
CA ARG DA 399 -0.73 -71.84 -138.55
C ARG DA 399 -0.21 -71.93 -139.97
N LYS DA 400 0.65 -70.99 -140.39
CA LYS DA 400 1.16 -70.97 -141.76
C LYS DA 400 2.59 -71.50 -141.84
N ARG DA 401 3.10 -72.05 -140.75
CA ARG DA 401 4.43 -72.67 -140.74
C ARG DA 401 4.46 -74.07 -140.13
N GLU DA 402 3.46 -74.45 -139.34
CA GLU DA 402 3.39 -75.76 -138.70
C GLU DA 402 4.63 -76.03 -137.84
N ASP DA 416 -7.79 -85.16 -136.14
CA ASP DA 416 -8.30 -85.88 -137.30
C ASP DA 416 -8.96 -84.93 -138.30
N ASN DA 417 -9.56 -83.86 -137.78
CA ASN DA 417 -10.25 -82.88 -138.61
C ASN DA 417 -9.58 -81.51 -138.66
N PHE DA 418 -8.86 -81.13 -137.61
CA PHE DA 418 -8.22 -79.81 -137.51
C PHE DA 418 -9.25 -78.68 -137.67
N ASP DA 419 -10.46 -78.90 -137.17
CA ASP DA 419 -11.53 -77.92 -137.30
C ASP DA 419 -11.89 -77.21 -135.99
N GLU DA 420 -11.71 -77.89 -134.86
CA GLU DA 420 -12.04 -77.25 -133.58
C GLU DA 420 -11.13 -76.05 -133.33
N MET DA 421 -9.86 -76.16 -133.70
CA MET DA 421 -8.94 -75.02 -133.55
C MET DA 421 -9.31 -73.90 -134.51
N ASP DA 422 -10.13 -74.20 -135.52
CA ASP DA 422 -10.53 -73.17 -136.47
C ASP DA 422 -11.68 -72.32 -135.91
N THR DA 423 -12.69 -72.96 -135.32
CA THR DA 423 -13.81 -72.21 -134.76
C THR DA 423 -13.38 -71.44 -133.52
N SER DA 424 -12.40 -71.96 -132.78
CA SER DA 424 -11.94 -71.27 -131.57
C SER DA 424 -11.32 -69.92 -131.91
N ARG DA 425 -10.61 -69.85 -133.04
CA ARG DA 425 -10.04 -68.58 -133.48
C ARG DA 425 -11.14 -67.59 -133.83
N GLU DA 426 -12.27 -68.08 -134.32
CA GLU DA 426 -13.35 -67.19 -134.73
C GLU DA 426 -14.08 -66.61 -133.52
N ILE DA 427 -14.32 -67.45 -132.50
CA ILE DA 427 -15.11 -66.97 -131.36
C ILE DA 427 -14.31 -65.98 -130.52
N VAL DA 428 -12.99 -66.14 -130.44
CA VAL DA 428 -12.18 -65.16 -129.71
C VAL DA 428 -12.08 -63.86 -130.51
N GLN DA 429 -12.31 -63.93 -131.83
CA GLN DA 429 -12.37 -62.71 -132.62
C GLN DA 429 -13.51 -61.82 -132.18
N GLN DA 430 -14.61 -62.42 -131.71
CA GLN DA 430 -15.73 -61.65 -131.20
C GLN DA 430 -15.36 -60.94 -129.90
N LEU DA 431 -14.58 -61.60 -129.05
CA LEU DA 431 -14.22 -61.00 -127.77
C LEU DA 431 -13.37 -59.75 -127.97
N ILE DA 432 -12.26 -59.88 -128.70
CA ILE DA 432 -11.42 -58.73 -128.97
C ILE DA 432 -12.22 -57.65 -129.70
N ASP DA 433 -13.19 -58.05 -130.51
CA ASP DA 433 -14.05 -57.07 -131.18
C ASP DA 433 -14.92 -56.34 -130.17
N GLU DA 434 -15.46 -57.07 -129.19
CA GLU DA 434 -16.37 -56.46 -128.22
C GLU DA 434 -15.67 -55.39 -127.39
N TYR DA 435 -14.39 -55.61 -127.06
CA TYR DA 435 -13.68 -54.62 -126.25
C TYR DA 435 -13.29 -53.41 -127.10
N HIS DA 436 -12.76 -53.66 -128.30
CA HIS DA 436 -12.42 -52.54 -129.18
C HIS DA 436 -13.65 -51.73 -129.55
N ALA DA 437 -14.82 -52.38 -129.64
CA ALA DA 437 -16.05 -51.64 -129.85
C ALA DA 437 -16.62 -51.06 -128.56
N ALA DA 438 -16.07 -51.45 -127.40
CA ALA DA 438 -16.58 -50.94 -126.14
C ALA DA 438 -16.08 -49.53 -125.87
N THR DA 439 -14.92 -49.17 -126.40
CA THR DA 439 -14.33 -47.85 -126.18
C THR DA 439 -14.86 -46.81 -127.15
N ARG DA 440 -15.98 -47.08 -127.81
CA ARG DA 440 -16.64 -46.14 -128.70
C ARG DA 440 -17.91 -45.59 -128.03
N PRO DA 441 -18.32 -44.38 -128.40
CA PRO DA 441 -19.59 -43.84 -127.86
C PRO DA 441 -20.81 -44.63 -128.29
N ASP DA 442 -20.67 -45.61 -129.18
CA ASP DA 442 -21.79 -46.41 -129.65
C ASP DA 442 -21.53 -47.89 -129.46
N TYR DA 443 -21.08 -48.28 -128.26
CA TYR DA 443 -20.85 -49.69 -127.99
C TYR DA 443 -22.15 -50.49 -128.02
N ILE DA 444 -23.25 -49.88 -127.58
CA ILE DA 444 -24.54 -50.56 -127.64
C ILE DA 444 -24.92 -50.83 -129.08
N SER DA 445 -25.33 -52.06 -129.36
CA SER DA 445 -25.68 -52.51 -130.71
C SER DA 445 -24.53 -52.27 -131.69
N ARG EA 3 -22.06 -106.07 -59.02
CA ARG EA 3 -21.63 -106.94 -60.10
C ARG EA 3 -20.16 -106.71 -60.42
N GLU EA 4 -19.35 -107.76 -60.27
CA GLU EA 4 -17.91 -107.68 -60.43
C GLU EA 4 -17.52 -108.13 -61.83
N ILE EA 5 -16.44 -107.56 -62.34
CA ILE EA 5 -15.89 -107.89 -63.65
C ILE EA 5 -14.49 -108.47 -63.45
N ILE EA 6 -14.13 -109.45 -64.26
CA ILE EA 6 -12.85 -110.13 -64.17
C ILE EA 6 -12.23 -110.21 -65.56
N THR EA 7 -10.91 -110.11 -65.64
CA THR EA 7 -10.19 -110.09 -66.90
C THR EA 7 -9.29 -111.31 -67.03
N LEU EA 8 -9.06 -111.72 -68.28
CA LEU EA 8 -8.13 -112.78 -68.62
C LEU EA 8 -7.24 -112.32 -69.77
N GLN EA 9 -5.94 -112.57 -69.65
CA GLN EA 9 -4.96 -112.13 -70.64
C GLN EA 9 -4.19 -113.36 -71.13
N LEU EA 10 -4.12 -113.54 -72.44
CA LEU EA 10 -3.49 -114.68 -73.05
C LEU EA 10 -2.38 -114.24 -73.99
N GLY EA 11 -1.53 -115.19 -74.38
CA GLY EA 11 -0.48 -114.94 -75.35
C GLY EA 11 0.52 -113.89 -74.91
N GLN EA 12 1.41 -113.48 -75.82
CA GLN EA 12 2.34 -112.40 -75.52
C GLN EA 12 1.66 -111.05 -75.58
N CYS EA 13 0.81 -110.84 -76.57
CA CYS EA 13 0.15 -109.56 -76.75
C CYS EA 13 -0.76 -109.23 -75.57
N GLY EA 14 -1.67 -110.13 -75.24
CA GLY EA 14 -2.65 -109.84 -74.19
C GLY EA 14 -2.01 -109.49 -72.87
N ASN EA 15 -0.90 -110.16 -72.54
CA ASN EA 15 -0.23 -109.88 -71.27
C ASN EA 15 0.49 -108.54 -71.31
N GLN EA 16 0.82 -108.05 -72.50
CA GLN EA 16 1.52 -106.78 -72.60
C GLN EA 16 0.55 -105.60 -72.49
N ILE EA 17 -0.48 -105.58 -73.34
CA ILE EA 17 -1.43 -104.47 -73.29
C ILE EA 17 -2.24 -104.50 -72.01
N GLY EA 18 -2.51 -105.69 -71.48
CA GLY EA 18 -3.20 -105.78 -70.21
C GLY EA 18 -2.38 -105.22 -69.07
N PHE EA 19 -1.05 -105.37 -69.15
CA PHE EA 19 -0.19 -104.78 -68.14
C PHE EA 19 -0.31 -103.26 -68.14
N GLU EA 20 -0.08 -102.63 -69.29
CA GLU EA 20 -0.26 -101.18 -69.38
C GLU EA 20 -1.71 -100.78 -69.12
N PHE EA 21 -2.66 -101.66 -69.43
CA PHE EA 21 -4.03 -101.41 -69.04
C PHE EA 21 -4.16 -101.36 -67.52
N TRP EA 22 -3.36 -102.17 -66.82
CA TRP EA 22 -3.40 -102.13 -65.37
C TRP EA 22 -2.65 -100.92 -64.83
N LYS EA 23 -1.63 -100.46 -65.55
CA LYS EA 23 -0.93 -99.26 -65.13
C LYS EA 23 -1.82 -98.03 -65.24
N GLN EA 24 -2.41 -97.82 -66.41
CA GLN EA 24 -3.23 -96.64 -66.64
C GLN EA 24 -4.45 -96.63 -65.74
N LEU EA 25 -5.06 -97.79 -65.52
CA LEU EA 25 -6.23 -97.85 -64.65
C LEU EA 25 -5.84 -97.62 -63.20
N CYS EA 26 -4.72 -98.20 -62.76
CA CYS EA 26 -4.24 -97.95 -61.41
C CYS EA 26 -3.87 -96.48 -61.21
N ALA EA 27 -3.53 -95.78 -62.29
CA ALA EA 27 -3.22 -94.37 -62.18
C ALA EA 27 -4.49 -93.54 -62.00
N GLU EA 28 -5.60 -93.98 -62.59
CA GLU EA 28 -6.85 -93.23 -62.50
C GLU EA 28 -7.28 -93.07 -61.05
N HIS EA 29 -7.17 -94.14 -60.26
CA HIS EA 29 -7.47 -94.06 -58.84
C HIS EA 29 -6.19 -93.79 -58.05
N GLY EA 30 -6.35 -93.39 -56.79
CA GLY EA 30 -5.21 -93.08 -55.96
C GLY EA 30 -4.54 -94.33 -55.42
N ILE EA 31 -4.10 -95.19 -56.31
CA ILE EA 31 -3.55 -96.49 -55.95
C ILE EA 31 -2.07 -96.48 -56.30
N SER EA 32 -1.21 -96.58 -55.29
CA SER EA 32 0.22 -96.61 -55.51
C SER EA 32 0.61 -97.86 -56.29
N PRO EA 33 1.78 -97.83 -56.96
CA PRO EA 33 2.25 -99.03 -57.67
C PRO EA 33 2.36 -100.26 -56.81
N GLU EA 34 2.55 -100.06 -55.50
CA GLU EA 34 2.67 -101.16 -54.56
C GLU EA 34 1.32 -101.69 -54.08
N GLY EA 35 0.23 -101.37 -54.81
CA GLY EA 35 -1.11 -101.82 -54.47
C GLY EA 35 -1.55 -101.34 -53.09
N ILE EA 36 -1.26 -100.08 -52.77
CA ILE EA 36 -1.62 -99.48 -51.51
C ILE EA 36 -2.22 -98.10 -51.78
N VAL EA 37 -3.35 -97.80 -51.14
CA VAL EA 37 -3.99 -96.51 -51.35
C VAL EA 37 -3.21 -95.41 -50.64
N GLU EA 38 -2.97 -94.31 -51.34
CA GLU EA 38 -2.33 -93.15 -50.77
C GLU EA 38 -3.39 -92.13 -50.33
N GLU EA 39 -2.93 -91.07 -49.67
CA GLU EA 39 -3.86 -90.09 -49.14
C GLU EA 39 -4.52 -89.28 -50.25
N PHE EA 40 -3.73 -88.48 -50.97
CA PHE EA 40 -4.22 -87.64 -52.05
C PHE EA 40 -5.44 -86.82 -51.64
N THR EA 45 -15.78 -91.25 -54.07
CA THR EA 45 -16.65 -91.04 -55.23
C THR EA 45 -16.55 -92.17 -56.23
N ASP EA 46 -15.33 -92.44 -56.69
CA ASP EA 46 -15.10 -93.46 -57.71
C ASP EA 46 -15.22 -94.84 -57.11
N ARG EA 47 -16.21 -95.61 -57.57
CA ARG EA 47 -16.36 -96.99 -57.14
C ARG EA 47 -15.22 -97.82 -57.73
N LYS EA 48 -14.30 -98.26 -56.87
CA LYS EA 48 -13.18 -99.08 -57.28
C LYS EA 48 -13.37 -100.55 -56.93
N ASP EA 49 -14.60 -100.99 -56.73
CA ASP EA 49 -14.86 -102.35 -56.29
C ASP EA 49 -15.17 -103.29 -57.45
N VAL EA 50 -15.49 -102.77 -58.64
CA VAL EA 50 -15.85 -103.63 -59.75
C VAL EA 50 -14.61 -104.31 -60.32
N PHE EA 51 -13.47 -103.64 -60.27
CA PHE EA 51 -12.23 -104.19 -60.79
C PHE EA 51 -11.26 -104.64 -59.71
N PHE EA 52 -11.34 -104.07 -58.51
CA PHE EA 52 -10.40 -104.37 -57.43
C PHE EA 52 -11.14 -105.02 -56.28
N TYR EA 53 -10.45 -105.93 -55.60
CA TYR EA 53 -11.02 -106.72 -54.51
C TYR EA 53 -10.10 -106.67 -53.30
N GLN EA 54 -10.61 -106.14 -52.20
CA GLN EA 54 -9.81 -105.97 -50.99
C GLN EA 54 -9.59 -107.30 -50.27
N TYR EA 60 -5.03 -103.34 -52.20
CA TYR EA 60 -6.02 -103.70 -53.20
C TYR EA 60 -5.50 -104.82 -54.10
N ILE EA 61 -6.40 -105.70 -54.55
CA ILE EA 61 -6.01 -106.83 -55.37
C ILE EA 61 -6.80 -106.82 -56.68
N PRO EA 62 -6.14 -106.78 -57.83
CA PRO EA 62 -6.87 -106.83 -59.10
C PRO EA 62 -7.20 -108.26 -59.49
N ARG EA 63 -8.37 -108.42 -60.12
CA ARG EA 63 -8.85 -109.74 -60.53
C ARG EA 63 -8.24 -110.12 -61.87
N ALA EA 64 -6.92 -110.32 -61.86
CA ALA EA 64 -6.17 -110.64 -63.06
C ALA EA 64 -5.90 -112.13 -63.13
N VAL EA 65 -5.81 -112.64 -64.35
CA VAL EA 65 -5.47 -114.04 -64.61
C VAL EA 65 -4.50 -114.04 -65.79
N LEU EA 66 -3.23 -114.29 -65.51
CA LEU EA 66 -2.21 -114.22 -66.54
C LEU EA 66 -1.80 -115.60 -67.01
N LEU EA 67 -1.88 -115.83 -68.32
CA LEU EA 67 -1.50 -117.10 -68.89
C LEU EA 67 -0.29 -116.93 -69.82
N ARG EA 72 6.68 -116.45 -70.81
CA ARG EA 72 8.01 -115.87 -70.84
C ARG EA 72 8.02 -114.45 -70.26
N VAL EA 73 7.21 -113.58 -70.84
CA VAL EA 73 7.19 -112.18 -70.43
C VAL EA 73 6.72 -112.02 -69.00
N ILE EA 74 6.03 -113.02 -68.46
CA ILE EA 74 5.52 -112.93 -67.09
C ILE EA 74 6.65 -112.70 -66.11
N HIS EA 75 7.83 -113.24 -66.40
CA HIS EA 75 8.99 -113.02 -65.54
C HIS EA 75 9.33 -111.53 -65.46
N SER EA 76 9.37 -110.85 -66.59
CA SER EA 76 9.65 -109.42 -66.58
C SER EA 76 8.51 -108.64 -65.94
N ILE EA 77 7.29 -109.16 -66.02
CA ILE EA 77 6.15 -108.49 -65.39
C ILE EA 77 6.33 -108.45 -63.88
N LEU EA 78 6.73 -109.57 -63.28
CA LEU EA 78 7.05 -109.56 -61.86
C LEU EA 78 8.31 -108.75 -61.58
N ASN EA 79 9.24 -108.69 -62.54
CA ASN EA 79 10.40 -107.83 -62.39
C ASN EA 79 10.06 -106.36 -62.47
N SER EA 80 8.89 -106.01 -63.01
CA SER EA 80 8.43 -104.64 -63.02
C SER EA 80 8.10 -104.20 -61.60
N PRO EA 81 8.09 -102.89 -61.34
CA PRO EA 81 7.73 -102.40 -60.00
C PRO EA 81 6.32 -102.75 -59.56
N TYR EA 82 5.50 -103.31 -60.44
CA TYR EA 82 4.13 -103.67 -60.13
C TYR EA 82 3.97 -105.14 -59.76
N ALA EA 83 4.99 -105.74 -59.15
CA ALA EA 83 4.92 -107.15 -58.77
C ALA EA 83 3.86 -107.41 -57.71
N LYS EA 84 3.61 -106.44 -56.83
CA LYS EA 84 2.65 -106.60 -55.75
C LYS EA 84 1.22 -106.36 -56.18
N LEU EA 85 0.93 -106.44 -57.47
CA LEU EA 85 -0.39 -106.14 -58.02
C LEU EA 85 -1.16 -107.39 -58.42
N TYR EA 86 -0.88 -108.53 -57.81
CA TYR EA 86 -1.57 -109.77 -58.14
C TYR EA 86 -1.73 -110.67 -56.91
N GLY EA 101 4.34 -123.17 -79.16
CA GLY EA 101 4.61 -123.19 -80.58
C GLY EA 101 4.09 -121.98 -81.31
N ASN EA 102 3.65 -122.19 -82.56
CA ASN EA 102 3.16 -121.09 -83.43
C ASN EA 102 1.98 -121.56 -84.31
N ASN EA 103 1.42 -122.74 -84.04
CA ASN EA 103 0.27 -123.23 -84.78
C ASN EA 103 -0.99 -123.12 -83.93
N TRP EA 104 -2.14 -123.29 -84.59
CA TRP EA 104 -3.41 -123.15 -83.88
C TRP EA 104 -3.78 -124.42 -83.14
N ALA EA 105 -3.61 -125.58 -83.77
CA ALA EA 105 -3.97 -126.84 -83.11
C ALA EA 105 -3.10 -127.10 -81.90
N SER EA 106 -1.81 -126.75 -81.99
CA SER EA 106 -0.92 -126.88 -80.83
C SER EA 106 -1.37 -125.96 -79.71
N GLY EA 107 -1.78 -124.73 -80.06
CA GLY EA 107 -2.37 -123.85 -79.06
C GLY EA 107 -3.67 -124.39 -78.50
N PHE EA 108 -4.38 -125.20 -79.30
CA PHE EA 108 -5.59 -125.84 -78.80
C PHE EA 108 -5.26 -127.08 -77.98
N SER EA 109 -4.16 -127.75 -78.31
CA SER EA 109 -3.78 -128.95 -77.56
C SER EA 109 -3.32 -128.61 -76.15
N GLN EA 110 -2.47 -127.58 -76.03
CA GLN EA 110 -1.99 -127.17 -74.71
C GLN EA 110 -3.15 -126.77 -73.80
N GLY EA 111 -4.19 -126.16 -74.36
CA GLY EA 111 -5.35 -125.82 -73.55
C GLY EA 111 -6.08 -127.03 -73.01
N GLU EA 112 -6.00 -128.16 -73.72
CA GLU EA 112 -6.64 -129.38 -73.25
C GLU EA 112 -5.79 -130.10 -72.21
N LYS EA 113 -4.47 -129.98 -72.30
CA LYS EA 113 -3.59 -130.68 -71.37
C LYS EA 113 -3.66 -130.11 -69.96
N ILE EA 114 -4.10 -128.85 -69.83
CA ILE EA 114 -4.19 -128.21 -68.52
C ILE EA 114 -5.64 -127.79 -68.27
N HIS EA 115 -6.58 -128.61 -68.75
CA HIS EA 115 -8.00 -128.29 -68.65
C HIS EA 115 -8.41 -127.99 -67.21
N GLU EA 116 -8.22 -128.95 -66.32
CA GLU EA 116 -8.69 -128.77 -64.95
C GLU EA 116 -7.71 -127.95 -64.12
N ASP EA 117 -6.41 -128.01 -64.45
CA ASP EA 117 -5.40 -127.35 -63.62
C ASP EA 117 -5.61 -125.84 -63.59
N ILE EA 118 -5.84 -125.23 -64.75
CA ILE EA 118 -6.02 -123.78 -64.80
C ILE EA 118 -7.41 -123.38 -64.37
N PHE EA 119 -8.43 -124.19 -64.69
CA PHE EA 119 -9.81 -123.81 -64.45
C PHE EA 119 -10.13 -123.59 -62.97
N ASP EA 120 -9.40 -124.24 -62.06
CA ASP EA 120 -9.68 -124.06 -60.64
C ASP EA 120 -9.51 -122.60 -60.24
N ILE EA 121 -8.53 -121.91 -60.83
CA ILE EA 121 -8.35 -120.49 -60.55
C ILE EA 121 -9.58 -119.71 -60.91
N ILE EA 122 -10.21 -120.05 -62.05
CA ILE EA 122 -11.41 -119.34 -62.47
C ILE EA 122 -12.55 -119.58 -61.49
N ASP EA 123 -12.79 -120.84 -61.12
CA ASP EA 123 -13.89 -121.14 -60.22
C ASP EA 123 -13.71 -120.49 -58.86
N ARG EA 124 -12.53 -120.63 -58.25
CA ARG EA 124 -12.29 -120.06 -56.94
C ARG EA 124 -12.41 -118.54 -56.96
N GLU EA 125 -12.08 -117.93 -58.10
CA GLU EA 125 -12.29 -116.49 -58.24
C GLU EA 125 -13.73 -116.18 -58.60
N ALA EA 126 -14.48 -117.17 -59.09
CA ALA EA 126 -15.85 -116.92 -59.53
C ALA EA 126 -16.80 -116.79 -58.36
N ASP EA 127 -16.98 -117.86 -57.58
CA ASP EA 127 -17.92 -117.82 -56.47
C ASP EA 127 -17.37 -117.06 -55.27
N GLY EA 128 -16.04 -116.97 -55.14
CA GLY EA 128 -15.47 -116.07 -54.15
C GLY EA 128 -15.87 -114.63 -54.38
N SER EA 129 -16.19 -114.28 -55.63
CA SER EA 129 -16.75 -112.99 -55.94
C SER EA 129 -18.25 -112.99 -55.64
N ASP EA 130 -18.78 -111.80 -55.34
CA ASP EA 130 -20.19 -111.69 -54.98
C ASP EA 130 -21.10 -112.10 -56.13
N SER EA 131 -21.05 -111.35 -57.23
CA SER EA 131 -21.92 -111.62 -58.37
C SER EA 131 -21.14 -111.30 -59.65
N LEU EA 132 -20.72 -112.34 -60.36
CA LEU EA 132 -20.00 -112.16 -61.60
C LEU EA 132 -20.94 -111.63 -62.68
N GLU EA 133 -20.45 -110.65 -63.44
CA GLU EA 133 -21.24 -110.04 -64.50
C GLU EA 133 -20.74 -110.42 -65.89
N GLY EA 134 -19.42 -110.37 -66.11
CA GLY EA 134 -18.89 -110.71 -67.41
C GLY EA 134 -17.48 -111.27 -67.35
N PHE EA 135 -16.81 -111.30 -68.51
CA PHE EA 135 -15.44 -111.83 -68.61
C PHE EA 135 -14.73 -111.03 -69.71
N VAL EA 136 -13.89 -110.09 -69.30
CA VAL EA 136 -13.10 -109.34 -70.27
C VAL EA 136 -11.93 -110.19 -70.72
N LEU EA 137 -11.78 -110.34 -72.04
CA LEU EA 137 -10.76 -111.18 -72.63
C LEU EA 137 -9.84 -110.33 -73.50
N CYS EA 138 -8.57 -110.27 -73.12
CA CYS EA 138 -7.56 -109.54 -73.89
C CYS EA 138 -6.61 -110.56 -74.49
N HIS EA 139 -6.66 -110.71 -75.81
CA HIS EA 139 -5.85 -111.71 -76.49
C HIS EA 139 -5.63 -111.30 -77.93
N SER EA 140 -4.67 -111.95 -78.59
CA SER EA 140 -4.38 -111.69 -80.03
C SER EA 140 -4.69 -112.93 -80.85
N ILE EA 141 -5.00 -112.76 -82.14
CA ILE EA 141 -5.31 -113.93 -83.02
C ILE EA 141 -4.23 -114.05 -84.11
N ALA EA 142 -3.06 -113.42 -83.90
CA ALA EA 142 -2.00 -113.45 -84.92
C ALA EA 142 -1.08 -114.67 -84.81
N GLY EA 143 -1.65 -115.88 -84.86
CA GLY EA 143 -0.88 -117.14 -84.88
C GLY EA 143 -0.21 -117.52 -83.57
N GLY EA 144 -0.55 -116.86 -82.46
CA GLY EA 144 0.10 -117.18 -81.17
C GLY EA 144 -0.50 -118.40 -80.48
N THR EA 145 0.26 -119.01 -79.57
CA THR EA 145 -0.25 -120.12 -78.72
C THR EA 145 -1.48 -119.57 -78.00
N GLY EA 146 -1.45 -118.30 -77.56
CA GLY EA 146 -2.71 -117.82 -76.95
C GLY EA 146 -3.86 -117.82 -77.93
N SER EA 147 -3.64 -117.49 -79.22
CA SER EA 147 -4.74 -117.47 -80.23
C SER EA 147 -5.53 -118.78 -80.17
N GLY EA 148 -4.85 -119.93 -80.12
CA GLY EA 148 -5.58 -121.20 -79.95
C GLY EA 148 -6.15 -121.25 -78.55
N LEU EA 149 -5.30 -120.95 -77.57
CA LEU EA 149 -5.64 -120.85 -76.16
C LEU EA 149 -6.88 -119.98 -75.97
N GLY EA 150 -7.05 -118.96 -76.82
CA GLY EA 150 -8.26 -118.17 -76.77
C GLY EA 150 -9.47 -118.93 -77.29
N SER EA 151 -9.26 -119.76 -78.31
CA SER EA 151 -10.36 -120.52 -78.89
C SER EA 151 -10.91 -121.55 -77.89
N TYR EA 152 -10.03 -122.13 -77.07
CA TYR EA 152 -10.46 -123.17 -76.15
C TYR EA 152 -11.28 -122.58 -75.01
N LEU EA 153 -10.79 -121.51 -74.38
CA LEU EA 153 -11.46 -120.97 -73.20
C LEU EA 153 -12.90 -120.58 -73.51
N LEU EA 154 -13.15 -120.00 -74.68
CA LEU EA 154 -14.50 -119.55 -75.00
C LEU EA 154 -15.45 -120.71 -75.14
N GLU EA 155 -14.98 -121.87 -75.61
CA GLU EA 155 -15.83 -123.05 -75.67
C GLU EA 155 -16.24 -123.49 -74.28
N ARG EA 156 -15.31 -123.51 -73.34
CA ARG EA 156 -15.63 -123.95 -71.99
C ARG EA 156 -16.40 -122.88 -71.23
N LEU EA 157 -16.14 -121.61 -71.49
CA LEU EA 157 -16.87 -120.55 -70.81
C LEU EA 157 -18.35 -120.61 -71.13
N ASN EA 158 -18.70 -121.08 -72.33
CA ASN EA 158 -20.11 -121.30 -72.65
C ASN EA 158 -20.60 -122.63 -72.09
N ASP EA 159 -19.68 -123.54 -71.77
CA ASP EA 159 -20.08 -124.83 -71.21
C ASP EA 159 -20.46 -124.69 -69.74
N ARG EA 160 -19.56 -124.16 -68.92
CA ARG EA 160 -19.77 -124.11 -67.48
C ARG EA 160 -20.77 -123.02 -67.10
N TYR EA 161 -20.48 -121.77 -67.44
CA TYR EA 161 -21.32 -120.65 -67.06
C TYR EA 161 -22.16 -120.20 -68.24
N PRO EA 162 -23.44 -120.53 -68.30
CA PRO EA 162 -24.26 -120.10 -69.43
C PRO EA 162 -24.91 -118.74 -69.21
N LYS EA 163 -24.77 -118.20 -67.99
CA LYS EA 163 -25.39 -116.93 -67.63
C LYS EA 163 -24.35 -115.83 -67.44
N LYS EA 164 -23.17 -115.96 -68.02
CA LYS EA 164 -22.09 -115.00 -67.84
C LYS EA 164 -21.68 -114.45 -69.20
N LEU EA 165 -21.86 -113.16 -69.39
CA LEU EA 165 -21.42 -112.50 -70.61
C LEU EA 165 -19.91 -112.60 -70.73
N VAL EA 166 -19.41 -112.55 -71.97
CA VAL EA 166 -17.98 -112.55 -72.23
C VAL EA 166 -17.69 -111.48 -73.28
N GLN EA 167 -16.75 -110.59 -72.99
CA GLN EA 167 -16.30 -109.58 -73.92
C GLN EA 167 -14.82 -109.80 -74.21
N THR EA 168 -14.41 -109.54 -75.45
CA THR EA 168 -13.04 -109.80 -75.86
C THR EA 168 -12.53 -108.63 -76.70
N TYR EA 169 -11.36 -108.12 -76.34
CA TYR EA 169 -10.70 -107.06 -77.08
C TYR EA 169 -9.62 -107.65 -77.98
N SER EA 170 -10.07 -108.46 -78.94
CA SER EA 170 -9.15 -109.10 -79.87
C SER EA 170 -8.39 -108.06 -80.70
N VAL EA 171 -7.24 -108.46 -81.21
CA VAL EA 171 -6.40 -107.59 -82.03
C VAL EA 171 -5.99 -108.37 -83.27
N PHE EA 172 -6.05 -107.71 -84.44
CA PHE EA 172 -5.78 -108.31 -85.75
C PHE EA 172 -4.38 -107.94 -86.22
N PRO EA 173 -3.79 -108.73 -87.14
CA PRO EA 173 -2.43 -108.46 -87.63
C PRO EA 173 -2.35 -107.17 -88.45
N VAL EA 183 1.15 -118.43 -92.67
CA VAL EA 183 0.34 -119.20 -91.74
C VAL EA 183 -0.54 -118.28 -90.92
N GLN EA 184 -0.23 -116.98 -90.97
CA GLN EA 184 -1.06 -115.99 -90.29
C GLN EA 184 -2.50 -115.99 -90.77
N PRO EA 185 -2.81 -116.20 -92.06
CA PRO EA 185 -4.22 -116.35 -92.44
C PRO EA 185 -4.92 -117.51 -91.75
N TYR EA 186 -4.21 -118.62 -91.54
CA TYR EA 186 -4.81 -119.79 -90.92
C TYR EA 186 -5.32 -119.47 -89.51
N ASN EA 187 -4.40 -119.16 -88.61
CA ASN EA 187 -4.74 -118.92 -87.18
C ASN EA 187 -5.76 -117.76 -87.04
N SER EA 188 -5.79 -116.83 -87.99
CA SER EA 188 -6.74 -115.72 -87.90
C SER EA 188 -8.15 -116.18 -88.23
N LEU EA 189 -8.33 -116.87 -89.35
CA LEU EA 189 -9.68 -117.23 -89.78
C LEU EA 189 -10.29 -118.30 -88.88
N LEU EA 190 -9.46 -119.12 -88.23
CA LEU EA 190 -9.99 -120.19 -87.40
C LEU EA 190 -10.66 -119.63 -86.15
N THR EA 191 -9.96 -118.77 -85.40
CA THR EA 191 -10.53 -118.23 -84.17
C THR EA 191 -11.80 -117.42 -84.44
N LEU EA 192 -11.96 -116.95 -85.68
CA LEU EA 192 -13.18 -116.24 -86.04
C LEU EA 192 -14.38 -117.18 -85.99
N LYS EA 193 -14.14 -118.49 -86.19
CA LYS EA 193 -15.25 -119.45 -86.13
C LYS EA 193 -15.80 -119.58 -84.72
N ARG EA 194 -14.94 -119.45 -83.72
CA ARG EA 194 -15.38 -119.52 -82.32
C ARG EA 194 -15.91 -118.19 -81.81
N LEU EA 195 -15.31 -117.08 -82.22
CA LEU EA 195 -15.71 -115.76 -81.73
C LEU EA 195 -17.08 -115.33 -82.21
N THR EA 196 -17.59 -115.91 -83.29
CA THR EA 196 -18.87 -115.50 -83.84
C THR EA 196 -20.05 -116.22 -83.19
N GLN EA 197 -19.81 -117.15 -82.27
CA GLN EA 197 -20.90 -117.90 -81.67
C GLN EA 197 -20.76 -118.02 -80.16
N ASN EA 198 -19.59 -117.67 -79.63
CA ASN EA 198 -19.39 -117.70 -78.18
C ASN EA 198 -19.35 -116.30 -77.59
N ALA EA 199 -18.47 -115.44 -78.11
CA ALA EA 199 -18.36 -114.07 -77.61
C ALA EA 199 -19.60 -113.28 -78.01
N ASP EA 200 -20.35 -112.83 -77.01
CA ASP EA 200 -21.54 -112.04 -77.27
C ASP EA 200 -21.22 -110.60 -77.64
N CYS EA 201 -19.93 -110.23 -77.62
CA CYS EA 201 -19.50 -108.90 -78.04
C CYS EA 201 -18.03 -109.01 -78.43
N LEU EA 202 -17.53 -107.97 -79.08
CA LEU EA 202 -16.18 -107.98 -79.59
C LEU EA 202 -15.77 -106.57 -80.02
N VAL EA 203 -14.55 -106.20 -79.66
CA VAL EA 203 -13.97 -104.91 -80.01
C VAL EA 203 -12.71 -105.17 -80.82
N VAL EA 204 -12.77 -104.88 -82.11
CA VAL EA 204 -11.67 -105.21 -83.02
C VAL EA 204 -10.66 -104.08 -83.00
N LEU EA 205 -9.37 -104.44 -83.08
CA LEU EA 205 -8.29 -103.48 -83.15
C LEU EA 205 -7.24 -104.05 -84.10
N ASP EA 206 -7.06 -103.42 -85.26
CA ASP EA 206 -6.09 -103.87 -86.25
C ASP EA 206 -4.81 -103.05 -86.14
N ASN EA 207 -3.69 -103.74 -85.99
CA ASN EA 207 -2.40 -103.07 -85.86
C ASN EA 207 -2.07 -102.21 -87.07
N THR EA 208 -2.64 -102.53 -88.23
CA THR EA 208 -2.35 -101.75 -89.44
C THR EA 208 -2.83 -100.31 -89.30
N ALA EA 209 -4.10 -100.13 -88.94
CA ALA EA 209 -4.63 -98.77 -88.79
C ALA EA 209 -4.01 -98.08 -87.59
N LEU EA 210 -3.46 -98.84 -86.65
CA LEU EA 210 -2.81 -98.23 -85.49
C LEU EA 210 -1.47 -97.61 -85.86
N ASN EA 211 -0.66 -98.34 -86.64
CA ASN EA 211 0.66 -97.83 -87.00
C ASN EA 211 0.56 -96.59 -87.88
N ARG EA 212 -0.50 -96.48 -88.68
CA ARG EA 212 -0.75 -95.24 -89.41
C ARG EA 212 -0.86 -94.06 -88.47
N ILE EA 213 -1.54 -94.26 -87.34
CA ILE EA 213 -1.62 -93.21 -86.32
C ILE EA 213 -0.27 -93.01 -85.67
N ALA EA 214 0.54 -94.08 -85.56
CA ALA EA 214 1.83 -93.97 -84.90
C ALA EA 214 2.78 -93.07 -85.67
N THR EA 215 2.97 -93.32 -86.96
CA THR EA 215 3.89 -92.53 -87.75
C THR EA 215 3.40 -91.10 -87.93
N ASP EA 216 2.09 -90.90 -88.02
CA ASP EA 216 1.56 -89.60 -88.37
C ASP EA 216 1.61 -88.63 -87.20
N ARG EA 217 1.02 -89.01 -86.07
CA ARG EA 217 0.86 -88.10 -84.94
C ARG EA 217 1.71 -88.47 -83.74
N LEU EA 218 2.63 -89.44 -83.87
CA LEU EA 218 3.66 -89.67 -82.87
C LEU EA 218 5.06 -89.78 -83.46
N HIS EA 219 5.18 -90.12 -84.75
CA HIS EA 219 6.45 -90.10 -85.47
C HIS EA 219 7.46 -91.07 -84.84
N ILE EA 220 7.11 -92.35 -84.85
CA ILE EA 220 8.02 -93.37 -84.34
C ILE EA 220 9.07 -93.79 -85.37
N GLN EA 221 8.90 -93.40 -86.63
CA GLN EA 221 9.84 -93.75 -87.68
C GLN EA 221 9.73 -92.80 -88.85
N SER EA 224 7.57 -99.11 -82.21
CA SER EA 224 7.83 -100.24 -81.31
C SER EA 224 6.54 -100.78 -80.73
N PHE EA 225 6.63 -101.91 -80.04
CA PHE EA 225 5.44 -102.53 -79.47
C PHE EA 225 4.92 -101.76 -78.27
N SER EA 226 5.81 -101.40 -77.35
CA SER EA 226 5.41 -100.63 -76.18
C SER EA 226 5.06 -99.19 -76.50
N GLN EA 227 5.12 -98.79 -77.76
CA GLN EA 227 4.76 -97.44 -78.17
C GLN EA 227 3.32 -97.33 -78.64
N ILE EA 228 2.86 -98.30 -79.45
CA ILE EA 228 1.48 -98.25 -79.93
C ILE EA 228 0.50 -98.62 -78.83
N ASN EA 229 0.89 -99.52 -77.93
CA ASN EA 229 -0.03 -99.96 -76.89
C ASN EA 229 -0.36 -98.83 -75.92
N GLN EA 230 0.48 -97.79 -75.88
CA GLN EA 230 0.16 -96.61 -75.08
C GLN EA 230 -1.20 -96.05 -75.43
N LEU EA 231 -1.52 -96.03 -76.74
CA LEU EA 231 -2.83 -95.55 -77.16
C LEU EA 231 -3.89 -96.63 -77.00
N VAL EA 232 -3.50 -97.89 -77.17
CA VAL EA 232 -4.46 -99.00 -77.06
C VAL EA 232 -5.03 -99.06 -75.65
N SER EA 233 -4.15 -99.02 -74.64
CA SER EA 233 -4.62 -98.99 -73.25
C SER EA 233 -5.54 -97.82 -72.99
N THR EA 234 -5.35 -96.71 -73.72
CA THR EA 234 -6.21 -95.55 -73.53
C THR EA 234 -7.63 -95.84 -73.99
N ILE EA 235 -7.76 -96.63 -75.07
CA ILE EA 235 -9.09 -96.94 -75.59
C ILE EA 235 -9.86 -97.80 -74.61
N MET EA 236 -9.21 -98.79 -74.02
CA MET EA 236 -9.89 -99.68 -73.07
C MET EA 236 -10.24 -98.94 -71.78
N SER EA 237 -9.32 -98.10 -71.30
CA SER EA 237 -9.57 -97.36 -70.07
C SER EA 237 -10.83 -96.53 -70.17
N ALA EA 238 -10.93 -95.70 -71.20
CA ALA EA 238 -12.13 -94.88 -71.37
C ALA EA 238 -13.34 -95.71 -71.79
N SER EA 239 -13.13 -96.94 -72.24
CA SER EA 239 -14.26 -97.78 -72.63
C SER EA 239 -15.13 -98.13 -71.44
N THR EA 240 -14.55 -98.17 -70.24
CA THR EA 240 -15.30 -98.45 -69.02
C THR EA 240 -15.42 -97.21 -68.13
N THR EA 241 -15.56 -96.03 -68.74
CA THR EA 241 -15.74 -94.82 -67.95
C THR EA 241 -17.09 -94.82 -67.24
N THR EA 242 -18.12 -95.36 -67.89
CA THR EA 242 -19.44 -95.39 -67.29
C THR EA 242 -19.59 -96.50 -66.25
N LEU EA 243 -18.61 -97.40 -66.14
CA LEU EA 243 -18.72 -98.47 -65.15
C LEU EA 243 -18.05 -98.12 -63.84
N ARG EA 244 -16.80 -97.65 -63.87
CA ARG EA 244 -16.11 -97.29 -62.64
C ARG EA 244 -16.69 -96.07 -61.96
N TYR EA 245 -17.29 -95.16 -62.74
CA TYR EA 245 -17.97 -94.00 -62.18
C TYR EA 245 -19.47 -94.17 -62.36
N PRO EA 246 -20.26 -94.07 -61.30
CA PRO EA 246 -21.70 -94.27 -61.43
C PRO EA 246 -22.35 -93.14 -62.21
N GLY EA 247 -23.31 -93.50 -63.05
CA GLY EA 247 -24.11 -92.53 -63.77
C GLY EA 247 -25.57 -92.93 -63.75
N TYR EA 248 -26.43 -92.21 -64.47
CA TYR EA 248 -27.84 -92.58 -64.51
C TYR EA 248 -28.06 -93.78 -65.44
N MET EA 249 -27.74 -93.63 -66.71
CA MET EA 249 -27.91 -94.68 -67.70
C MET EA 249 -26.61 -95.47 -67.83
N ASN EA 250 -26.75 -96.74 -68.25
CA ASN EA 250 -25.62 -97.61 -68.54
C ASN EA 250 -24.72 -97.77 -67.30
N ASN EA 251 -25.30 -98.38 -66.27
CA ASN EA 251 -24.56 -98.69 -65.05
C ASN EA 251 -24.16 -100.15 -64.96
N ASP EA 252 -24.05 -100.84 -66.08
CA ASP EA 252 -23.69 -102.24 -66.11
C ASP EA 252 -23.30 -102.64 -67.52
N LEU EA 253 -22.56 -103.74 -67.62
CA LEU EA 253 -22.02 -104.14 -68.92
C LEU EA 253 -23.10 -104.52 -69.91
N ILE EA 254 -24.26 -104.97 -69.42
CA ILE EA 254 -25.38 -105.24 -70.33
C ILE EA 254 -26.04 -103.94 -70.75
N GLY EA 255 -25.74 -102.83 -70.06
CA GLY EA 255 -26.34 -101.56 -70.43
C GLY EA 255 -25.74 -100.95 -71.67
N LEU EA 256 -24.51 -101.34 -72.02
CA LEU EA 256 -23.84 -100.77 -73.19
C LEU EA 256 -24.06 -101.64 -74.42
N ILE EA 257 -24.01 -102.96 -74.26
CA ILE EA 257 -23.96 -103.85 -75.41
C ILE EA 257 -25.35 -104.08 -75.98
N ALA EA 258 -26.37 -104.11 -75.11
CA ALA EA 258 -27.71 -104.48 -75.55
C ALA EA 258 -28.28 -103.51 -76.59
N SER EA 259 -27.80 -102.26 -76.61
CA SER EA 259 -28.36 -101.29 -77.55
C SER EA 259 -27.76 -101.44 -78.93
N LEU EA 260 -26.45 -101.65 -79.01
CA LEU EA 260 -25.77 -101.65 -80.30
C LEU EA 260 -26.03 -102.93 -81.08
N ILE EA 261 -25.62 -104.06 -80.53
CA ILE EA 261 -25.70 -105.35 -81.22
C ILE EA 261 -27.16 -105.74 -81.42
N PRO EA 262 -27.66 -105.73 -82.65
CA PRO EA 262 -29.09 -106.02 -82.86
C PRO EA 262 -29.42 -107.50 -82.82
N THR EA 263 -28.53 -108.33 -83.34
CA THR EA 263 -28.71 -109.76 -83.43
C THR EA 263 -27.45 -110.46 -82.96
N PRO EA 264 -27.56 -111.68 -82.42
CA PRO EA 264 -26.36 -112.38 -81.94
C PRO EA 264 -25.31 -112.63 -83.01
N ARG EA 265 -25.59 -112.32 -84.28
CA ARG EA 265 -24.59 -112.47 -85.33
C ARG EA 265 -23.84 -111.17 -85.60
N LEU EA 266 -24.56 -110.09 -85.89
CA LEU EA 266 -23.94 -108.79 -86.14
C LEU EA 266 -23.49 -108.18 -84.81
N HIS EA 267 -22.42 -108.77 -84.25
CA HIS EA 267 -21.95 -108.44 -82.92
C HIS EA 267 -20.50 -107.98 -82.94
N PHE EA 268 -20.15 -107.10 -83.88
CA PHE EA 268 -18.80 -106.58 -84.01
C PHE EA 268 -18.83 -105.07 -83.85
N LEU EA 269 -17.86 -104.54 -83.11
CA LEU EA 269 -17.82 -103.12 -82.80
C LEU EA 269 -16.45 -102.54 -83.17
N MET EA 270 -16.44 -101.22 -83.37
CA MET EA 270 -15.21 -100.47 -83.54
C MET EA 270 -15.22 -99.29 -82.58
N THR EA 271 -14.03 -98.71 -82.35
CA THR EA 271 -13.87 -97.66 -81.36
C THR EA 271 -13.30 -96.39 -81.98
N GLY EA 272 -13.41 -95.30 -81.23
CA GLY EA 272 -12.83 -94.02 -81.59
C GLY EA 272 -12.48 -93.20 -80.37
N TYR EA 273 -11.39 -92.44 -80.43
CA TYR EA 273 -10.91 -91.67 -79.27
C TYR EA 273 -10.21 -90.42 -79.80
N THR EA 274 -10.91 -89.28 -79.74
CA THR EA 274 -10.46 -88.07 -80.43
C THR EA 274 -9.30 -87.31 -79.79
N PRO EA 275 -9.20 -87.16 -78.45
CA PRO EA 275 -8.19 -86.26 -77.91
C PRO EA 275 -6.79 -86.86 -78.04
N LEU EA 276 -6.02 -86.35 -78.99
CA LEU EA 276 -4.68 -86.85 -79.26
C LEU EA 276 -3.74 -85.71 -79.62
N THR EA 288 -12.77 -75.87 -76.68
CA THR EA 288 -13.17 -77.11 -77.34
C THR EA 288 -14.53 -77.58 -76.85
N THR EA 289 -15.55 -77.43 -77.69
CA THR EA 289 -16.91 -77.74 -77.33
C THR EA 289 -17.33 -79.11 -77.88
N VAL EA 290 -18.59 -79.46 -77.63
CA VAL EA 290 -19.10 -80.77 -78.02
C VAL EA 290 -19.08 -80.92 -79.54
N LEU EA 291 -19.43 -79.88 -80.28
CA LEU EA 291 -19.45 -79.98 -81.74
C LEU EA 291 -18.06 -80.22 -82.30
N ASP EA 292 -17.02 -79.94 -81.50
CA ASP EA 292 -15.66 -80.27 -81.91
C ASP EA 292 -15.39 -81.76 -81.77
N VAL EA 293 -15.91 -82.38 -80.72
CA VAL EA 293 -15.58 -83.77 -80.43
C VAL EA 293 -16.22 -84.70 -81.44
N MET EA 294 -17.56 -84.69 -81.51
CA MET EA 294 -18.26 -85.66 -82.35
C MET EA 294 -17.90 -85.52 -83.82
N ARG EA 295 -17.55 -84.31 -84.26
CA ARG EA 295 -17.19 -84.15 -85.67
C ARG EA 295 -15.82 -84.73 -85.96
N ARG EA 296 -14.88 -84.65 -85.01
CA ARG EA 296 -13.57 -85.24 -85.21
C ARG EA 296 -13.58 -86.75 -85.03
N LEU EA 297 -14.66 -87.32 -84.51
CA LEU EA 297 -14.71 -88.76 -84.28
C LEU EA 297 -15.10 -89.50 -85.56
N LEU EA 298 -16.07 -88.97 -86.31
CA LEU EA 298 -16.61 -89.65 -87.47
C LEU EA 298 -15.63 -89.74 -88.63
N GLN EA 299 -14.47 -89.12 -88.54
CA GLN EA 299 -13.54 -89.13 -89.66
C GLN EA 299 -12.85 -90.49 -89.76
N PRO EA 300 -12.66 -91.02 -90.97
CA PRO EA 300 -11.92 -92.28 -91.12
C PRO EA 300 -10.45 -92.18 -90.78
N LYS EA 301 -9.94 -90.99 -90.46
CA LYS EA 301 -8.55 -90.86 -90.03
C LYS EA 301 -8.35 -91.28 -88.60
N ASN EA 302 -9.43 -91.31 -87.79
CA ASN EA 302 -9.33 -91.65 -86.37
C ASN EA 302 -9.80 -93.06 -86.06
N VAL EA 303 -10.61 -93.68 -86.92
CA VAL EA 303 -11.17 -94.98 -86.61
C VAL EA 303 -10.05 -96.02 -86.52
N MET EA 304 -10.15 -96.92 -85.55
CA MET EA 304 -9.17 -97.98 -85.35
C MET EA 304 -9.53 -99.22 -86.17
N VAL EA 305 -9.78 -98.99 -87.47
CA VAL EA 305 -10.04 -100.04 -88.44
C VAL EA 305 -9.40 -99.64 -89.75
N SER EA 306 -8.87 -100.63 -90.48
CA SER EA 306 -8.30 -100.39 -91.80
C SER EA 306 -9.37 -99.89 -92.76
N ASN EA 314 -24.52 -100.86 -99.92
CA ASN EA 314 -23.51 -99.86 -99.64
C ASN EA 314 -22.92 -100.06 -98.24
N HIS EA 315 -22.85 -98.98 -97.46
CA HIS EA 315 -22.31 -99.04 -96.12
C HIS EA 315 -22.93 -97.95 -95.28
N CYS EA 316 -23.22 -98.27 -94.02
CA CYS EA 316 -23.86 -97.34 -93.10
C CYS EA 316 -23.70 -97.88 -91.69
N TYR EA 317 -24.09 -97.06 -90.72
CA TYR EA 317 -24.00 -97.42 -89.31
C TYR EA 317 -25.30 -98.05 -88.85
N ILE EA 318 -25.23 -98.75 -87.72
CA ILE EA 318 -26.39 -99.32 -87.07
C ILE EA 318 -26.69 -98.63 -85.75
N ALA EA 319 -25.66 -98.31 -84.97
CA ALA EA 319 -25.81 -97.57 -83.72
C ALA EA 319 -24.46 -97.04 -83.30
N ILE EA 320 -24.45 -95.83 -82.75
CA ILE EA 320 -23.23 -95.19 -82.27
C ILE EA 320 -23.39 -94.91 -80.78
N LEU EA 321 -22.28 -94.89 -80.07
CA LEU EA 321 -22.24 -94.48 -78.67
C LEU EA 321 -21.04 -93.57 -78.45
N ASN EA 322 -21.29 -92.36 -77.98
CA ASN EA 322 -20.25 -91.39 -77.72
C ASN EA 322 -20.21 -91.07 -76.24
N ILE EA 323 -19.05 -91.32 -75.63
CA ILE EA 323 -18.84 -91.09 -74.20
C ILE EA 323 -18.00 -89.84 -74.05
N ILE EA 324 -18.53 -88.85 -73.34
CA ILE EA 324 -17.84 -87.60 -73.07
C ILE EA 324 -17.42 -87.61 -71.61
N GLN EA 325 -16.14 -87.36 -71.36
CA GLN EA 325 -15.59 -87.41 -70.01
C GLN EA 325 -15.38 -86.03 -69.39
N GLY EA 326 -15.53 -84.96 -70.16
CA GLY EA 326 -15.22 -83.63 -69.68
C GLY EA 326 -16.34 -83.02 -68.87
N GLU EA 327 -16.08 -81.81 -68.38
CA GLU EA 327 -17.05 -81.01 -67.65
C GLU EA 327 -17.79 -80.03 -68.56
N VAL EA 328 -17.94 -80.38 -69.84
CA VAL EA 328 -18.49 -79.47 -70.83
C VAL EA 328 -19.89 -79.03 -70.44
N ASP EA 329 -20.29 -77.89 -70.96
CA ASP EA 329 -21.62 -77.36 -70.71
C ASP EA 329 -22.66 -78.26 -71.39
N PRO EA 330 -23.52 -78.93 -70.64
CA PRO EA 330 -24.47 -79.87 -71.24
C PRO EA 330 -25.64 -79.20 -71.98
N THR EA 331 -25.68 -77.88 -72.05
CA THR EA 331 -26.75 -77.19 -72.76
C THR EA 331 -26.61 -77.27 -74.27
N GLN EA 332 -25.40 -77.51 -74.78
CA GLN EA 332 -25.14 -77.50 -76.21
C GLN EA 332 -25.10 -78.89 -76.83
N VAL EA 333 -25.30 -79.95 -76.04
CA VAL EA 333 -25.17 -81.30 -76.57
C VAL EA 333 -26.28 -81.59 -77.57
N HIS EA 334 -27.42 -80.90 -77.46
CA HIS EA 334 -28.49 -81.11 -78.45
C HIS EA 334 -28.20 -80.33 -79.71
N LYS EA 335 -27.50 -79.19 -79.58
CA LYS EA 335 -27.17 -78.39 -80.74
C LYS EA 335 -26.22 -79.12 -81.67
N SER EA 336 -25.17 -79.72 -81.10
CA SER EA 336 -24.24 -80.52 -81.91
C SER EA 336 -24.97 -81.65 -82.62
N LEU EA 337 -25.99 -82.20 -81.98
CA LEU EA 337 -26.77 -83.26 -82.62
C LEU EA 337 -27.54 -82.72 -83.82
N GLN EA 338 -27.94 -81.45 -83.79
CA GLN EA 338 -28.66 -80.89 -84.92
C GLN EA 338 -27.74 -80.65 -86.10
N ARG EA 339 -26.55 -80.11 -85.84
CA ARG EA 339 -25.62 -79.80 -86.94
C ARG EA 339 -25.10 -81.07 -87.60
N ILE EA 340 -24.94 -82.15 -86.85
CA ILE EA 340 -24.50 -83.41 -87.45
C ILE EA 340 -25.60 -83.97 -88.36
N ARG EA 341 -26.86 -83.82 -87.98
CA ARG EA 341 -27.95 -84.32 -88.79
C ARG EA 341 -28.09 -83.54 -90.08
N GLU EA 342 -28.09 -82.20 -89.98
CA GLU EA 342 -28.44 -81.37 -91.14
C GLU EA 342 -27.36 -81.45 -92.21
N ARG EA 343 -26.08 -81.37 -91.82
CA ARG EA 343 -25.02 -81.55 -92.80
C ARG EA 343 -24.96 -82.96 -93.36
N LYS EA 344 -25.64 -83.92 -92.72
CA LYS EA 344 -25.65 -85.32 -93.15
C LYS EA 344 -24.22 -85.86 -93.29
N LEU EA 345 -23.50 -85.83 -92.18
CA LEU EA 345 -22.12 -86.31 -92.18
C LEU EA 345 -22.02 -87.80 -91.97
N ALA EA 346 -23.09 -88.46 -91.51
CA ALA EA 346 -23.11 -89.90 -91.34
C ALA EA 346 -24.41 -90.46 -91.90
N ASN EA 347 -24.36 -91.73 -92.30
CA ASN EA 347 -25.50 -92.42 -92.88
C ASN EA 347 -25.87 -93.66 -92.06
N PHE EA 348 -27.16 -93.82 -91.83
CA PHE EA 348 -27.69 -94.90 -91.01
C PHE EA 348 -28.50 -95.87 -91.87
N ILE EA 349 -29.00 -96.92 -91.22
CA ILE EA 349 -29.83 -97.95 -91.87
C ILE EA 349 -31.15 -97.32 -92.32
N PRO EA 350 -31.75 -97.82 -93.40
CA PRO EA 350 -33.02 -97.24 -93.87
C PRO EA 350 -34.24 -97.89 -93.25
N TRP EA 351 -34.13 -99.12 -92.75
CA TRP EA 351 -35.32 -99.87 -92.36
C TRP EA 351 -35.85 -99.43 -91.00
N GLY EA 352 -35.04 -99.59 -89.96
CA GLY EA 352 -35.46 -99.23 -88.62
C GLY EA 352 -34.93 -97.88 -88.20
N PRO EA 353 -35.62 -97.23 -87.27
CA PRO EA 353 -35.15 -95.92 -86.80
C PRO EA 353 -33.89 -96.06 -85.96
N ALA EA 354 -32.75 -95.69 -86.53
CA ALA EA 354 -31.47 -95.80 -85.85
C ALA EA 354 -30.97 -94.41 -85.49
N SER EA 355 -30.50 -94.25 -84.27
CA SER EA 355 -30.10 -92.95 -83.74
C SER EA 355 -28.68 -93.04 -83.18
N ILE EA 356 -28.23 -91.93 -82.60
CA ILE EA 356 -26.92 -91.84 -81.95
C ILE EA 356 -27.15 -91.40 -80.52
N GLN EA 357 -26.44 -92.03 -79.58
CA GLN EA 357 -26.64 -91.79 -78.17
C GLN EA 357 -25.37 -91.25 -77.53
N VAL EA 358 -25.53 -90.36 -76.56
CA VAL EA 358 -24.42 -89.75 -75.85
C VAL EA 358 -24.75 -89.70 -74.36
N ALA EA 359 -23.73 -89.96 -73.54
CA ALA EA 359 -23.86 -89.87 -72.09
C ALA EA 359 -22.61 -89.21 -71.54
N LEU EA 360 -22.74 -88.59 -70.37
CA LEU EA 360 -21.66 -87.84 -69.76
C LEU EA 360 -21.14 -88.55 -68.52
N SER EA 361 -19.91 -88.22 -68.16
CA SER EA 361 -19.27 -88.73 -66.95
C SER EA 361 -18.15 -87.77 -66.58
N ARG EA 362 -17.41 -88.10 -65.52
CA ARG EA 362 -16.38 -87.21 -65.00
C ARG EA 362 -15.03 -87.91 -65.05
N LYS EA 363 -14.00 -87.15 -65.38
CA LYS EA 363 -12.64 -87.67 -65.40
C LYS EA 363 -12.17 -88.01 -63.99
N SER EA 364 -11.05 -88.69 -63.92
CA SER EA 364 -10.39 -88.91 -62.64
C SER EA 364 -9.90 -87.58 -62.10
N PRO EA 365 -10.36 -87.13 -60.93
CA PRO EA 365 -9.92 -85.82 -60.43
C PRO EA 365 -8.43 -85.75 -60.14
N TYR EA 366 -7.77 -86.90 -59.96
CA TYR EA 366 -6.34 -86.90 -59.68
C TYR EA 366 -5.50 -86.49 -60.87
N LEU EA 367 -5.86 -86.93 -62.08
CA LEU EA 367 -5.07 -86.66 -63.28
C LEU EA 367 -5.03 -85.17 -63.60
N ARG EA 372 -9.42 -79.51 -70.71
CA ARG EA 372 -9.20 -80.86 -71.24
C ARG EA 372 -10.51 -81.60 -71.40
N VAL EA 373 -10.88 -81.89 -72.64
CA VAL EA 373 -12.13 -82.57 -72.95
C VAL EA 373 -11.82 -83.79 -73.80
N SER EA 374 -12.10 -84.97 -73.27
CA SER EA 374 -11.85 -86.22 -73.97
C SER EA 374 -13.18 -86.76 -74.51
N GLY EA 375 -13.09 -87.85 -75.26
CA GLY EA 375 -14.29 -88.46 -75.82
C GLY EA 375 -14.02 -89.77 -76.52
N LEU EA 376 -14.94 -90.72 -76.37
CA LEU EA 376 -14.83 -92.01 -77.01
C LEU EA 376 -16.04 -92.25 -77.92
N MET EA 377 -15.77 -92.89 -79.05
CA MET EA 377 -16.82 -93.22 -80.01
C MET EA 377 -16.82 -94.72 -80.22
N MET EA 378 -17.97 -95.34 -79.99
CA MET EA 378 -18.16 -96.77 -80.16
C MET EA 378 -19.24 -96.99 -81.21
N ALA EA 379 -18.93 -97.78 -82.23
CA ALA EA 379 -19.81 -97.93 -83.38
C ALA EA 379 -19.82 -99.37 -83.88
N ASN EA 380 -20.90 -99.70 -84.59
CA ASN EA 380 -21.10 -101.00 -85.23
C ASN EA 380 -21.28 -100.72 -86.72
N HIS EA 381 -20.17 -100.69 -87.46
CA HIS EA 381 -20.19 -100.34 -88.87
C HIS EA 381 -20.09 -101.59 -89.74
N THR EA 382 -20.96 -101.66 -90.75
CA THR EA 382 -20.94 -102.79 -91.67
C THR EA 382 -19.73 -102.76 -92.60
N SER EA 383 -18.91 -101.71 -92.55
CA SER EA 383 -17.66 -101.72 -93.30
C SER EA 383 -16.66 -102.72 -92.71
N ILE EA 384 -16.92 -103.21 -91.50
CA ILE EA 384 -16.04 -104.20 -90.88
C ILE EA 384 -16.04 -105.49 -91.69
N SER EA 385 -17.02 -105.65 -92.59
CA SER EA 385 -17.05 -106.84 -93.44
C SER EA 385 -15.87 -106.88 -94.39
N SER EA 386 -15.39 -105.72 -94.82
CA SER EA 386 -14.26 -105.69 -95.75
C SER EA 386 -13.02 -106.32 -95.15
N LEU EA 387 -12.80 -106.11 -93.85
CA LEU EA 387 -11.62 -106.67 -93.19
C LEU EA 387 -11.60 -108.18 -93.29
N PHE EA 388 -12.75 -108.82 -93.08
CA PHE EA 388 -12.84 -110.27 -93.21
C PHE EA 388 -12.52 -110.72 -94.64
N GLU EA 389 -13.04 -109.98 -95.62
CA GLU EA 389 -12.81 -110.34 -97.02
C GLU EA 389 -11.32 -110.33 -97.34
N ARG EA 390 -10.58 -109.42 -96.72
CA ARG EA 390 -9.12 -109.41 -96.87
C ARG EA 390 -8.51 -110.70 -96.31
N THR EA 391 -9.07 -111.19 -95.21
CA THR EA 391 -8.52 -112.40 -94.58
C THR EA 391 -8.86 -113.65 -95.37
N CYS EA 392 -10.15 -113.90 -95.59
CA CYS EA 392 -10.58 -115.17 -96.18
C CYS EA 392 -10.07 -115.31 -97.61
N ARG EA 393 -9.89 -114.19 -98.31
CA ARG EA 393 -9.31 -114.24 -99.65
C ARG EA 393 -7.91 -114.85 -99.60
N GLN EA 394 -7.12 -114.47 -98.59
CA GLN EA 394 -5.80 -115.06 -98.42
C GLN EA 394 -5.90 -116.56 -98.19
N TYR EA 395 -6.98 -117.01 -97.55
CA TYR EA 395 -7.13 -118.43 -97.24
C TYR EA 395 -7.27 -119.26 -98.52
N ASP EA 396 -8.15 -118.84 -99.43
CA ASP EA 396 -8.33 -119.56 -100.68
C ASP EA 396 -7.03 -119.62 -101.47
N LYS EA 397 -6.25 -118.54 -101.43
CA LYS EA 397 -4.93 -118.56 -102.07
C LYS EA 397 -3.99 -119.53 -101.38
N LEU EA 398 -4.05 -119.60 -100.06
CA LEU EA 398 -3.26 -120.59 -99.33
C LEU EA 398 -3.90 -121.97 -99.34
N ARG EA 399 -5.17 -122.07 -99.71
CA ARG EA 399 -5.81 -123.37 -99.89
C ARG EA 399 -5.32 -124.09 -101.13
N LYS EA 400 -4.77 -123.37 -102.10
CA LYS EA 400 -4.33 -123.94 -103.37
C LYS EA 400 -2.81 -123.94 -103.48
N ARG EA 401 -2.11 -123.52 -102.44
CA ARG EA 401 -0.66 -123.41 -102.47
C ARG EA 401 0.03 -124.12 -101.31
N GLU EA 402 -0.68 -124.36 -100.20
CA GLU EA 402 -0.12 -125.01 -99.01
C GLU EA 402 1.12 -124.27 -98.49
N ASP EA 416 -5.69 -134.74 -89.38
CA ASP EA 416 -5.89 -136.07 -89.93
C ASP EA 416 -6.98 -136.06 -90.99
N ASN EA 417 -7.89 -135.08 -90.89
CA ASN EA 417 -9.00 -134.96 -91.83
C ASN EA 417 -9.09 -133.61 -92.51
N PHE EA 418 -8.60 -132.54 -91.87
CA PHE EA 418 -8.70 -131.18 -92.40
C PHE EA 418 -10.14 -130.79 -92.69
N ASP EA 419 -11.06 -131.22 -91.84
CA ASP EA 419 -12.48 -130.88 -92.01
C ASP EA 419 -12.93 -129.71 -91.15
N GLU EA 420 -12.26 -129.48 -90.01
CA GLU EA 420 -12.62 -128.33 -89.18
C GLU EA 420 -12.32 -127.02 -89.90
N MET EA 421 -11.24 -126.99 -90.69
CA MET EA 421 -10.94 -125.80 -91.47
C MET EA 421 -12.01 -125.54 -92.51
N ASP EA 422 -12.74 -126.58 -92.92
CA ASP EA 422 -13.82 -126.39 -93.88
C ASP EA 422 -15.00 -125.67 -93.25
N THR EA 423 -15.52 -126.19 -92.13
CA THR EA 423 -16.68 -125.57 -91.51
C THR EA 423 -16.36 -124.18 -91.00
N SER EA 424 -15.09 -123.92 -90.65
CA SER EA 424 -14.70 -122.58 -90.24
C SER EA 424 -14.84 -121.59 -91.40
N ARG EA 425 -14.24 -121.93 -92.54
CA ARG EA 425 -14.43 -121.12 -93.74
C ARG EA 425 -15.91 -121.02 -94.11
N GLU EA 426 -16.67 -122.07 -93.82
CA GLU EA 426 -18.09 -122.08 -94.18
C GLU EA 426 -18.87 -121.09 -93.33
N ILE EA 427 -18.64 -121.08 -92.01
CA ILE EA 427 -19.48 -120.30 -91.13
C ILE EA 427 -19.20 -118.82 -91.26
N VAL EA 428 -17.94 -118.42 -91.49
CA VAL EA 428 -17.66 -117.01 -91.65
C VAL EA 428 -18.26 -116.47 -92.93
N GLN EA 429 -18.32 -117.30 -93.98
CA GLN EA 429 -18.93 -116.86 -95.24
C GLN EA 429 -20.43 -116.65 -95.06
N GLN EA 430 -21.01 -117.27 -94.04
CA GLN EA 430 -22.39 -116.94 -93.68
C GLN EA 430 -22.46 -115.58 -93.03
N LEU EA 431 -21.46 -115.24 -92.20
CA LEU EA 431 -21.44 -113.93 -91.57
C LEU EA 431 -21.23 -112.83 -92.60
N ILE EA 432 -20.32 -113.04 -93.55
CA ILE EA 432 -20.08 -112.04 -94.58
C ILE EA 432 -21.34 -111.86 -95.42
N ASP EA 433 -22.18 -112.89 -95.50
CA ASP EA 433 -23.48 -112.75 -96.14
C ASP EA 433 -24.44 -111.98 -95.25
N GLU EA 434 -24.31 -112.13 -93.92
CA GLU EA 434 -25.25 -111.49 -93.01
C GLU EA 434 -25.03 -109.99 -92.95
N TYR EA 435 -23.78 -109.54 -93.07
CA TYR EA 435 -23.53 -108.10 -93.12
C TYR EA 435 -24.05 -107.49 -94.41
N HIS EA 436 -23.69 -108.07 -95.56
CA HIS EA 436 -24.09 -107.50 -96.83
C HIS EA 436 -25.61 -107.46 -97.00
N ALA EA 437 -26.33 -108.28 -96.25
CA ALA EA 437 -27.78 -108.27 -96.32
C ALA EA 437 -28.40 -107.22 -95.39
N ALA EA 438 -27.63 -106.67 -94.46
CA ALA EA 438 -28.20 -105.70 -93.52
C ALA EA 438 -28.31 -104.32 -94.15
N THR EA 439 -27.56 -104.05 -95.22
CA THR EA 439 -27.53 -102.74 -95.85
C THR EA 439 -28.67 -102.55 -96.85
N ARG EA 440 -29.55 -103.53 -97.00
CA ARG EA 440 -30.65 -103.43 -97.94
C ARG EA 440 -31.93 -103.00 -97.22
N PRO EA 441 -32.74 -102.15 -97.85
CA PRO EA 441 -33.97 -101.67 -97.19
C PRO EA 441 -34.97 -102.78 -96.87
N ASP EA 442 -34.73 -104.00 -97.33
CA ASP EA 442 -35.62 -105.12 -97.04
C ASP EA 442 -34.89 -106.20 -96.26
N TYR EA 443 -34.13 -105.81 -95.23
CA TYR EA 443 -33.38 -106.78 -94.46
C TYR EA 443 -34.29 -107.74 -93.71
N ILE EA 444 -35.50 -107.30 -93.37
CA ILE EA 444 -36.43 -108.18 -92.67
C ILE EA 444 -36.82 -109.33 -93.60
N SER EA 445 -36.95 -110.52 -93.02
CA SER EA 445 -37.22 -111.76 -93.77
C SER EA 445 -36.25 -111.94 -94.93
N ARG FA 3 -13.10 -134.22 -19.77
CA ARG FA 3 -13.17 -135.31 -20.74
C ARG FA 3 -11.97 -135.24 -21.68
N GLU FA 4 -11.16 -136.29 -21.69
CA GLU FA 4 -9.94 -136.35 -22.48
C GLU FA 4 -10.10 -137.33 -23.63
N ILE FA 5 -9.38 -137.09 -24.72
CA ILE FA 5 -9.42 -137.93 -25.91
C ILE FA 5 -8.02 -138.48 -26.15
N ILE FA 6 -7.85 -139.79 -25.97
CA ILE FA 6 -6.59 -140.46 -26.23
C ILE FA 6 -6.60 -140.97 -27.66
N THR FA 7 -5.61 -140.56 -28.44
CA THR FA 7 -5.56 -140.87 -29.86
C THR FA 7 -4.60 -142.03 -30.12
N LEU FA 8 -4.82 -142.71 -31.24
CA LEU FA 8 -4.00 -143.83 -31.65
C LEU FA 8 -3.49 -143.60 -33.06
N GLN FA 9 -2.33 -144.15 -33.37
CA GLN FA 9 -1.73 -144.03 -34.69
C GLN FA 9 -1.19 -145.39 -35.10
N LEU FA 10 -1.67 -145.93 -36.20
CA LEU FA 10 -1.26 -147.23 -36.69
C LEU FA 10 -0.74 -147.10 -38.13
N GLY FA 11 0.28 -147.90 -38.43
CA GLY FA 11 0.82 -147.95 -39.78
C GLY FA 11 1.57 -146.70 -40.20
N GLN FA 12 2.26 -146.77 -41.33
CA GLN FA 12 3.05 -145.64 -41.80
C GLN FA 12 2.17 -144.43 -42.06
N CYS FA 13 0.96 -144.65 -42.56
CA CYS FA 13 0.04 -143.54 -42.79
C CYS FA 13 -0.37 -142.88 -41.48
N GLY FA 14 -0.91 -143.66 -40.56
CA GLY FA 14 -1.39 -143.08 -39.30
C GLY FA 14 -0.30 -142.35 -38.55
N ASN FA 15 0.93 -142.86 -38.61
CA ASN FA 15 2.04 -142.16 -37.96
C ASN FA 15 2.32 -140.83 -38.63
N GLN FA 16 2.36 -140.81 -39.97
CA GLN FA 16 2.75 -139.60 -40.68
C GLN FA 16 1.69 -138.51 -40.55
N ILE FA 17 0.40 -138.88 -40.67
CA ILE FA 17 -0.63 -137.87 -40.50
C ILE FA 17 -0.72 -137.43 -39.05
N GLY FA 18 -0.58 -138.35 -38.10
CA GLY FA 18 -0.62 -137.96 -36.70
C GLY FA 18 0.58 -137.13 -36.29
N PHE FA 19 1.76 -137.52 -36.77
CA PHE FA 19 2.96 -136.73 -36.47
C PHE FA 19 2.83 -135.32 -37.02
N GLU FA 20 2.18 -135.17 -38.17
CA GLU FA 20 1.97 -133.84 -38.73
C GLU FA 20 0.68 -133.22 -38.19
N PHE FA 21 -0.21 -134.02 -37.59
CA PHE FA 21 -1.34 -133.43 -36.89
C PHE FA 21 -0.89 -132.77 -35.60
N TRP FA 22 0.00 -133.44 -34.85
CA TRP FA 22 0.50 -132.86 -33.60
C TRP FA 22 1.31 -131.61 -33.87
N LYS FA 23 2.10 -131.62 -34.94
CA LYS FA 23 2.91 -130.45 -35.26
C LYS FA 23 2.04 -129.24 -35.59
N GLN FA 24 0.89 -129.48 -36.20
CA GLN FA 24 -0.06 -128.39 -36.45
C GLN FA 24 -0.69 -127.92 -35.15
N LEU FA 25 -0.88 -128.82 -34.20
CA LEU FA 25 -1.47 -128.44 -32.92
C LEU FA 25 -0.44 -127.80 -32.00
N CYS FA 26 0.77 -128.35 -31.95
CA CYS FA 26 1.80 -127.79 -31.08
C CYS FA 26 2.12 -126.35 -31.43
N ALA FA 27 2.02 -125.99 -32.70
CA ALA FA 27 2.27 -124.61 -33.09
C ALA FA 27 1.04 -123.73 -32.87
N GLU FA 28 -0.15 -124.31 -33.06
CA GLU FA 28 -1.38 -123.54 -32.87
C GLU FA 28 -1.54 -123.12 -31.41
N HIS FA 29 -0.88 -123.84 -30.50
CA HIS FA 29 -0.73 -123.40 -29.13
C HIS FA 29 0.69 -122.87 -28.91
N GLY FA 30 0.91 -122.20 -27.79
CA GLY FA 30 2.23 -121.69 -27.48
C GLY FA 30 3.11 -122.74 -26.85
N ILE FA 31 3.35 -123.84 -27.57
CA ILE FA 31 4.11 -124.97 -27.06
C ILE FA 31 5.31 -125.18 -27.96
N SER FA 32 6.50 -125.17 -27.39
CA SER FA 32 7.71 -125.46 -28.14
C SER FA 32 7.81 -126.95 -28.42
N PRO FA 33 8.48 -127.33 -29.51
CA PRO FA 33 8.66 -128.75 -29.81
C PRO FA 33 9.35 -129.52 -28.70
N GLU FA 34 9.98 -128.81 -27.77
CA GLU FA 34 10.60 -129.43 -26.61
C GLU FA 34 9.60 -129.77 -25.50
N GLY FA 35 8.30 -129.75 -25.81
CA GLY FA 35 7.24 -130.00 -24.85
C GLY FA 35 7.24 -128.99 -23.71
N ILE FA 36 7.67 -127.76 -24.00
CA ILE FA 36 7.76 -126.70 -23.01
C ILE FA 36 6.91 -125.54 -23.51
N VAL FA 37 6.09 -124.98 -22.62
CA VAL FA 37 5.21 -123.89 -23.01
C VAL FA 37 6.03 -122.62 -23.21
N GLU FA 38 5.74 -121.90 -24.29
CA GLU FA 38 6.36 -120.63 -24.58
C GLU FA 38 5.46 -119.50 -24.11
N GLU FA 39 6.09 -118.44 -23.60
CA GLU FA 39 5.32 -117.32 -23.04
C GLU FA 39 4.60 -116.55 -24.14
N PHE FA 40 5.30 -116.27 -25.24
CA PHE FA 40 4.75 -115.50 -26.35
C PHE FA 40 4.03 -114.22 -25.90
N THR FA 45 -5.99 -119.17 -22.44
CA THR FA 45 -7.36 -118.95 -22.87
C THR FA 45 -7.87 -120.12 -23.71
N ASP FA 46 -6.97 -120.72 -24.48
CA ASP FA 46 -7.33 -121.86 -25.31
C ASP FA 46 -7.30 -123.13 -24.48
N ARG FA 47 -8.42 -123.82 -24.42
CA ARG FA 47 -8.52 -125.09 -23.70
C ARG FA 47 -7.60 -126.12 -24.34
N LYS FA 48 -6.63 -126.60 -23.58
CA LYS FA 48 -5.63 -127.52 -24.10
C LYS FA 48 -5.54 -128.81 -23.30
N ASP FA 49 -6.49 -129.06 -22.39
CA ASP FA 49 -6.41 -130.27 -21.56
C ASP FA 49 -6.94 -131.50 -22.26
N VAL FA 50 -7.75 -131.34 -23.32
CA VAL FA 50 -8.37 -132.48 -23.96
C VAL FA 50 -7.31 -133.38 -24.59
N PHE FA 51 -6.41 -132.79 -25.38
CA PHE FA 51 -5.40 -133.56 -26.07
C PHE FA 51 -4.07 -133.64 -25.34
N PHE FA 52 -3.81 -132.72 -24.41
CA PHE FA 52 -2.52 -132.66 -23.74
C PHE FA 52 -2.70 -132.89 -22.24
N TYR FA 53 -1.72 -133.55 -21.64
CA TYR FA 53 -1.74 -133.90 -20.22
C TYR FA 53 -0.63 -133.13 -19.51
N GLN FA 54 -1.02 -132.37 -18.48
CA GLN FA 54 -0.07 -131.57 -17.74
C GLN FA 54 0.79 -132.41 -16.81
N TYR FA 60 3.58 -130.24 -20.75
CA TYR FA 60 2.49 -130.74 -21.58
C TYR FA 60 2.92 -131.94 -22.41
N ILE FA 61 2.14 -133.01 -22.36
CA ILE FA 61 2.44 -134.23 -23.10
C ILE FA 61 1.20 -134.66 -23.87
N PRO FA 62 1.32 -134.96 -25.16
CA PRO FA 62 0.16 -135.43 -25.92
C PRO FA 62 -0.21 -136.86 -25.55
N ARG FA 63 -1.51 -137.13 -25.52
CA ARG FA 63 -2.02 -138.46 -25.21
C ARG FA 63 -2.11 -139.29 -26.49
N ALA FA 64 -0.96 -139.81 -26.90
CA ALA FA 64 -0.86 -140.60 -28.10
C ALA FA 64 -0.22 -141.96 -27.81
N VAL FA 65 -0.69 -142.98 -28.50
CA VAL FA 65 -0.17 -144.34 -28.37
C VAL FA 65 0.16 -144.82 -29.78
N LEU FA 66 1.40 -144.59 -30.22
CA LEU FA 66 1.80 -144.98 -31.56
C LEU FA 66 2.04 -146.48 -31.61
N LEU FA 67 2.08 -147.02 -32.83
CA LEU FA 67 2.39 -148.42 -33.05
C LEU FA 67 3.04 -148.64 -34.41
N ARG FA 72 9.30 -148.67 -38.74
CA ARG FA 72 10.61 -148.04 -38.85
C ARG FA 72 10.48 -146.55 -39.10
N VAL FA 73 9.23 -146.09 -39.27
CA VAL FA 73 8.95 -144.67 -39.29
C VAL FA 73 9.06 -144.08 -37.89
N ILE FA 74 8.90 -144.92 -36.85
CA ILE FA 74 9.04 -144.45 -35.48
C ILE FA 74 10.43 -143.86 -35.26
N HIS FA 75 11.45 -144.48 -35.84
CA HIS FA 75 12.80 -143.94 -35.71
C HIS FA 75 12.92 -142.58 -36.38
N SER FA 76 12.16 -142.36 -37.46
CA SER FA 76 12.20 -141.06 -38.13
C SER FA 76 11.64 -139.97 -37.22
N ILE FA 77 10.72 -140.34 -36.32
CA ILE FA 77 10.20 -139.36 -35.38
C ILE FA 77 11.18 -139.14 -34.24
N LEU FA 78 11.85 -140.21 -33.78
CA LEU FA 78 12.80 -140.08 -32.68
C LEU FA 78 14.03 -139.28 -33.05
N ASN FA 79 14.35 -139.16 -34.34
CA ASN FA 79 15.43 -138.29 -34.77
C ASN FA 79 14.96 -136.88 -35.10
N SER FA 80 13.67 -136.70 -35.37
CA SER FA 80 13.14 -135.37 -35.62
C SER FA 80 13.27 -134.51 -34.37
N PRO FA 81 13.25 -133.18 -34.54
CA PRO FA 81 13.39 -132.29 -33.37
C PRO FA 81 12.28 -132.47 -32.33
N TYR FA 82 11.26 -133.27 -32.61
CA TYR FA 82 10.15 -133.49 -31.68
C TYR FA 82 10.33 -134.76 -30.86
N ALA FA 83 11.58 -135.16 -30.61
CA ALA FA 83 11.82 -136.42 -29.90
C ALA FA 83 11.42 -136.38 -28.45
N LYS FA 84 11.38 -135.19 -27.84
CA LYS FA 84 11.01 -135.05 -26.44
C LYS FA 84 9.52 -134.76 -26.24
N LEU FA 85 8.66 -135.21 -27.14
CA LEU FA 85 7.22 -135.00 -27.02
C LEU FA 85 6.46 -136.27 -26.68
N TYR FA 86 7.13 -137.40 -26.55
CA TYR FA 86 6.46 -138.66 -26.27
C TYR FA 86 7.11 -139.43 -25.12
N GLY FA 101 3.04 -158.18 -42.79
CA GLY FA 101 3.54 -157.70 -44.06
C GLY FA 101 2.57 -156.79 -44.79
N ASN FA 102 2.03 -157.27 -45.90
CA ASN FA 102 1.04 -156.52 -46.67
C ASN FA 102 -0.30 -157.24 -46.72
N ASN FA 103 -0.45 -158.32 -45.98
CA ASN FA 103 -1.70 -159.08 -45.93
C ASN FA 103 -2.53 -158.62 -44.74
N TRP FA 104 -3.84 -158.54 -44.96
CA TRP FA 104 -4.75 -158.23 -43.87
C TRP FA 104 -4.68 -159.29 -42.79
N ALA FA 105 -4.41 -160.54 -43.16
CA ALA FA 105 -4.29 -161.60 -42.18
C ALA FA 105 -3.04 -161.42 -41.32
N SER FA 106 -1.96 -160.90 -41.91
CA SER FA 106 -0.77 -160.63 -41.14
C SER FA 106 -1.02 -159.56 -40.09
N GLY FA 107 -1.88 -158.60 -40.40
CA GLY FA 107 -2.21 -157.57 -39.43
C GLY FA 107 -3.10 -158.08 -38.31
N PHE FA 108 -4.06 -158.94 -38.64
CA PHE FA 108 -4.96 -159.45 -37.61
C PHE FA 108 -4.29 -160.56 -36.80
N SER FA 109 -3.36 -161.30 -37.40
CA SER FA 109 -2.69 -162.37 -36.67
C SER FA 109 -1.71 -161.80 -35.65
N GLN FA 110 -0.77 -160.98 -36.10
CA GLN FA 110 0.22 -160.42 -35.20
C GLN FA 110 -0.43 -159.58 -34.10
N GLY FA 111 -1.55 -158.91 -34.42
CA GLY FA 111 -2.25 -158.16 -33.40
C GLY FA 111 -2.80 -159.03 -32.28
N GLU FA 112 -3.04 -160.31 -32.57
CA GLU FA 112 -3.48 -161.22 -31.52
C GLU FA 112 -2.31 -161.69 -30.67
N LYS FA 113 -1.10 -161.70 -31.23
CA LYS FA 113 0.06 -162.17 -30.48
C LYS FA 113 0.52 -161.15 -29.43
N ILE FA 114 0.19 -159.87 -29.62
CA ILE FA 114 0.59 -158.83 -28.68
C ILE FA 114 -0.67 -158.24 -28.04
N HIS FA 115 -1.69 -159.07 -27.87
CA HIS FA 115 -2.94 -158.62 -27.26
C HIS FA 115 -2.70 -157.99 -25.89
N GLU FA 116 -1.83 -158.60 -25.09
CA GLU FA 116 -1.61 -158.08 -23.74
C GLU FA 116 -0.61 -156.94 -23.73
N ASP FA 117 0.28 -156.88 -24.73
CA ASP FA 117 1.32 -155.86 -24.72
C ASP FA 117 0.74 -154.47 -24.97
N ILE FA 118 0.04 -154.29 -26.09
CA ILE FA 118 -0.44 -152.95 -26.43
C ILE FA 118 -1.66 -152.58 -25.59
N PHE FA 119 -2.35 -153.55 -25.01
CA PHE FA 119 -3.44 -153.23 -24.09
C PHE FA 119 -2.96 -152.86 -22.71
N ASP FA 120 -1.73 -153.24 -22.35
CA ASP FA 120 -1.15 -152.72 -21.12
C ASP FA 120 -0.99 -151.21 -21.21
N ILE FA 121 -0.54 -150.71 -22.35
CA ILE FA 121 -0.29 -149.28 -22.50
C ILE FA 121 -1.60 -148.51 -22.51
N ILE FA 122 -2.58 -148.97 -23.30
CA ILE FA 122 -3.84 -148.26 -23.41
C ILE FA 122 -4.56 -148.25 -22.06
N ASP FA 123 -4.49 -149.35 -21.33
CA ASP FA 123 -5.16 -149.39 -20.03
C ASP FA 123 -4.48 -148.47 -19.02
N ARG FA 124 -3.14 -148.49 -18.96
CA ARG FA 124 -2.45 -147.62 -18.03
C ARG FA 124 -2.61 -146.15 -18.42
N GLU FA 125 -2.89 -145.89 -19.70
CA GLU FA 125 -3.16 -144.52 -20.13
C GLU FA 125 -4.62 -144.15 -19.92
N ALA FA 126 -5.49 -145.14 -19.74
CA ALA FA 126 -6.91 -144.86 -19.56
C ALA FA 126 -7.21 -144.42 -18.13
N ASP FA 127 -6.82 -145.24 -17.14
CA ASP FA 127 -7.13 -144.93 -15.75
C ASP FA 127 -6.39 -143.70 -15.25
N GLY FA 128 -5.19 -143.43 -15.77
CA GLY FA 128 -4.49 -142.23 -15.37
C GLY FA 128 -5.21 -140.95 -15.76
N SER FA 129 -6.05 -141.02 -16.79
CA SER FA 129 -6.87 -139.89 -17.18
C SER FA 129 -8.09 -139.76 -16.28
N ASP FA 130 -8.59 -138.54 -16.15
CA ASP FA 130 -9.72 -138.29 -15.27
C ASP FA 130 -10.95 -139.07 -15.73
N SER FA 131 -11.47 -138.75 -16.91
CA SER FA 131 -12.67 -139.37 -17.44
C SER FA 131 -12.51 -139.50 -18.96
N LEU FA 132 -12.27 -140.72 -19.41
CA LEU FA 132 -12.05 -140.95 -20.84
C LEU FA 132 -13.32 -140.68 -21.63
N GLU FA 133 -13.14 -140.13 -22.82
CA GLU FA 133 -14.27 -139.74 -23.67
C GLU FA 133 -14.29 -140.48 -25.00
N GLY FA 134 -13.16 -140.56 -25.69
CA GLY FA 134 -13.15 -141.19 -27.00
C GLY FA 134 -11.82 -141.80 -27.38
N PHE FA 135 -11.73 -142.36 -28.59
CA PHE FA 135 -10.50 -142.94 -29.11
C PHE FA 135 -10.39 -142.53 -30.58
N VAL FA 136 -9.79 -141.36 -30.82
CA VAL FA 136 -9.59 -140.93 -32.20
C VAL FA 136 -8.46 -141.75 -32.80
N LEU FA 137 -8.81 -142.61 -33.76
CA LEU FA 137 -7.87 -143.58 -34.33
C LEU FA 137 -7.57 -143.20 -35.76
N CYS FA 138 -6.29 -143.02 -36.07
CA CYS FA 138 -5.85 -142.59 -37.39
C CYS FA 138 -5.13 -143.75 -38.07
N HIS FA 139 -5.76 -144.31 -39.10
CA HIS FA 139 -5.17 -145.43 -39.83
C HIS FA 139 -5.70 -145.40 -41.25
N SER FA 140 -4.90 -145.95 -42.17
CA SER FA 140 -5.29 -146.08 -43.57
C SER FA 140 -5.69 -147.52 -43.85
N ILE FA 141 -6.83 -147.69 -44.54
CA ILE FA 141 -7.36 -149.03 -44.82
C ILE FA 141 -6.67 -149.69 -45.99
N ALA FA 142 -5.73 -149.02 -46.64
CA ALA FA 142 -5.04 -149.61 -47.79
C ALA FA 142 -3.89 -150.50 -47.34
N GLY FA 144 -0.70 -151.48 -45.14
CA GLY FA 144 -0.70 -152.92 -44.98
C GLY FA 144 -1.11 -153.37 -43.60
N THR FA 145 -0.16 -153.30 -42.65
CA THR FA 145 -0.43 -153.76 -41.28
C THR FA 145 -1.41 -152.86 -40.55
N GLY FA 146 -1.49 -151.58 -40.91
CA GLY FA 146 -2.48 -150.72 -40.29
C GLY FA 146 -3.90 -151.19 -40.55
N SER FA 147 -4.10 -151.89 -41.66
CA SER FA 147 -5.43 -152.41 -41.98
C SER FA 147 -5.79 -153.57 -41.08
N GLY FA 148 -4.90 -154.56 -40.98
CA GLY FA 148 -5.20 -155.74 -40.19
C GLY FA 148 -5.16 -155.47 -38.69
N LEU FA 149 -4.24 -154.60 -38.25
CA LEU FA 149 -4.17 -154.28 -36.83
C LEU FA 149 -5.35 -153.43 -36.40
N GLY FA 150 -5.70 -152.42 -37.21
CA GLY FA 150 -6.84 -151.58 -36.88
C GLY FA 150 -8.14 -152.36 -36.84
N SER FA 151 -8.28 -153.35 -37.71
CA SER FA 151 -9.44 -154.24 -37.65
C SER FA 151 -9.47 -155.01 -36.35
N TYR FA 152 -8.30 -155.32 -35.80
CA TYR FA 152 -8.23 -156.04 -34.54
C TYR FA 152 -8.58 -155.14 -33.36
N LEU FA 153 -8.10 -153.89 -33.38
CA LEU FA 153 -8.35 -152.98 -32.26
C LEU FA 153 -9.82 -152.62 -32.17
N LEU FA 154 -10.43 -152.20 -33.29
CA LEU FA 154 -11.82 -151.76 -33.25
C LEU FA 154 -12.74 -152.87 -32.77
N GLU FA 155 -12.32 -154.12 -32.93
CA GLU FA 155 -13.08 -155.24 -32.37
C GLU FA 155 -12.87 -155.34 -30.87
N ARG FA 156 -11.61 -155.22 -30.43
CA ARG FA 156 -11.30 -155.47 -29.03
C ARG FA 156 -11.73 -154.32 -28.12
N LEU FA 157 -11.82 -153.10 -28.66
CA LEU FA 157 -12.23 -151.97 -27.84
C LEU FA 157 -13.68 -152.09 -27.41
N ASN FA 158 -14.54 -152.59 -28.30
CA ASN FA 158 -15.96 -152.69 -27.97
C ASN FA 158 -16.21 -153.75 -26.91
N ASP FA 159 -15.28 -154.68 -26.73
CA ASP FA 159 -15.43 -155.69 -25.69
C ASP FA 159 -15.22 -155.09 -24.30
N ARG FA 160 -14.06 -154.48 -24.08
CA ARG FA 160 -13.72 -153.98 -22.76
C ARG FA 160 -14.36 -152.63 -22.48
N TYR FA 161 -14.25 -151.70 -23.45
CA TYR FA 161 -14.80 -150.36 -23.28
C TYR FA 161 -16.10 -150.26 -24.05
N PRO FA 162 -17.26 -150.39 -23.41
CA PRO FA 162 -18.52 -150.38 -24.17
C PRO FA 162 -19.18 -149.02 -24.21
N LYS FA 163 -18.64 -148.05 -23.48
CA LYS FA 163 -19.25 -146.72 -23.38
C LYS FA 163 -18.34 -145.63 -23.92
N LYS FA 164 -17.33 -145.99 -24.72
CA LYS FA 164 -16.36 -145.03 -25.22
C LYS FA 164 -16.55 -144.89 -26.72
N LEU FA 165 -16.79 -143.66 -27.18
CA LEU FA 165 -16.86 -143.39 -28.61
C LEU FA 165 -15.52 -143.70 -29.26
N VAL FA 166 -15.57 -144.15 -30.51
CA VAL FA 166 -14.38 -144.50 -31.27
C VAL FA 166 -14.49 -143.84 -32.63
N GLN FA 167 -13.95 -142.64 -32.77
CA GLN FA 167 -13.90 -141.95 -34.05
C GLN FA 167 -12.61 -142.35 -34.77
N THR FA 168 -12.70 -142.40 -36.10
CA THR FA 168 -11.57 -142.84 -36.91
C THR FA 168 -11.41 -141.89 -38.09
N TYR FA 169 -10.18 -141.42 -38.32
CA TYR FA 169 -9.85 -140.64 -39.50
C TYR FA 169 -9.22 -141.53 -40.56
N SER FA 170 -10.01 -142.48 -41.06
CA SER FA 170 -9.52 -143.44 -42.03
C SER FA 170 -9.24 -142.77 -43.37
N VAL FA 171 -8.23 -143.29 -44.07
CA VAL FA 171 -7.77 -142.73 -45.34
C VAL FA 171 -7.96 -143.80 -46.41
N PHE FA 172 -8.65 -143.41 -47.51
CA PHE FA 172 -8.92 -144.30 -48.64
C PHE FA 172 -7.85 -144.17 -49.71
N PRO FA 173 -7.49 -145.28 -50.37
CA PRO FA 173 -6.46 -145.26 -51.43
C PRO FA 173 -7.02 -144.74 -52.75
N VAL FA 183 -4.45 -157.27 -54.34
CA VAL FA 183 -4.77 -157.61 -52.96
C VAL FA 183 -5.36 -156.38 -52.28
N GLN FA 184 -5.05 -155.21 -52.83
CA GLN FA 184 -5.53 -153.95 -52.27
C GLN FA 184 -7.05 -153.91 -52.13
N PRO FA 185 -7.85 -154.40 -53.09
CA PRO FA 185 -9.31 -154.43 -52.85
C PRO FA 185 -9.70 -155.30 -51.68
N TYR FA 186 -8.95 -156.36 -51.40
CA TYR FA 186 -9.29 -157.24 -50.29
C TYR FA 186 -9.08 -156.56 -48.95
N ASN FA 187 -7.86 -156.09 -48.69
CA ASN FA 187 -7.56 -155.46 -47.41
C ASN FA 187 -8.43 -154.25 -47.16
N SER FA 188 -8.84 -153.56 -48.23
CA SER FA 188 -9.66 -152.37 -48.05
C SER FA 188 -11.06 -152.72 -47.55
N LEU FA 189 -11.74 -153.65 -48.22
CA LEU FA 189 -13.12 -153.93 -47.84
C LEU FA 189 -13.20 -154.66 -46.50
N LEU FA 190 -12.20 -155.47 -46.17
CA LEU FA 190 -12.25 -156.21 -44.92
C LEU FA 190 -12.30 -155.29 -43.72
N THR FA 191 -11.58 -154.16 -43.79
CA THR FA 191 -11.67 -153.18 -42.71
C THR FA 191 -13.05 -152.53 -42.69
N LEU FA 192 -13.70 -152.43 -43.84
CA LEU FA 192 -15.02 -151.82 -43.89
C LEU FA 192 -16.04 -152.67 -43.16
N LYS FA 193 -15.80 -153.98 -43.04
CA LYS FA 193 -16.69 -154.82 -42.25
C LYS FA 193 -16.69 -154.39 -40.80
N ARG FA 194 -15.51 -154.09 -40.25
CA ARG FA 194 -15.41 -153.63 -38.87
C ARG FA 194 -15.81 -152.17 -38.71
N LEU FA 195 -15.49 -151.32 -39.69
CA LEU FA 195 -15.79 -149.90 -39.59
C LEU FA 195 -17.27 -149.57 -39.73
N THR FA 196 -18.10 -150.54 -40.11
CA THR FA 196 -19.52 -150.30 -40.23
C THR FA 196 -20.33 -150.78 -39.03
N GLN FA 197 -19.70 -151.42 -38.05
CA GLN FA 197 -20.45 -151.90 -36.90
C GLN FA 197 -19.74 -151.59 -35.58
N ASN FA 198 -18.48 -151.16 -35.63
CA ASN FA 198 -17.74 -150.84 -34.42
C ASN FA 198 -17.52 -149.34 -34.25
N ALA FA 199 -16.94 -148.70 -35.27
CA ALA FA 199 -16.60 -147.30 -35.18
C ALA FA 199 -17.86 -146.45 -35.14
N ASP FA 200 -18.04 -145.69 -34.05
CA ASP FA 200 -19.20 -144.83 -33.89
C ASP FA 200 -19.17 -143.61 -34.78
N CYS FA 201 -18.09 -143.40 -35.53
CA CYS FA 201 -18.02 -142.34 -36.53
C CYS FA 201 -16.91 -142.69 -37.50
N LEU FA 202 -16.86 -141.97 -38.60
CA LEU FA 202 -15.78 -142.19 -39.57
C LEU FA 202 -15.72 -141.00 -40.50
N VAL FA 203 -14.50 -140.51 -40.73
CA VAL FA 203 -14.25 -139.37 -41.60
C VAL FA 203 -13.40 -139.89 -42.76
N VAL FA 204 -13.93 -139.83 -43.96
CA VAL FA 204 -13.23 -140.37 -45.12
C VAL FA 204 -12.33 -139.31 -45.71
N LEU FA 205 -11.15 -139.74 -46.14
CA LEU FA 205 -10.18 -138.86 -46.81
C LEU FA 205 -9.44 -139.73 -47.83
N ASP FA 206 -9.89 -139.70 -49.08
CA ASP FA 206 -9.32 -140.54 -50.12
C ASP FA 206 -8.12 -139.84 -50.75
N ASN FA 207 -7.07 -140.61 -51.02
CA ASN FA 207 -5.88 -140.05 -51.63
C ASN FA 207 -6.10 -139.63 -53.08
N THR FA 208 -7.08 -140.22 -53.75
CA THR FA 208 -7.33 -139.89 -55.16
C THR FA 208 -7.82 -138.46 -55.31
N ALA FA 209 -8.90 -138.10 -54.63
CA ALA FA 209 -9.42 -136.74 -54.72
C ALA FA 209 -8.43 -135.74 -54.16
N LEU FA 210 -7.67 -136.14 -53.14
CA LEU FA 210 -6.62 -135.26 -52.61
C LEU FA 210 -5.53 -135.02 -53.66
N ASN FA 211 -5.18 -136.06 -54.42
CA ASN FA 211 -4.12 -135.92 -55.42
C ASN FA 211 -4.53 -134.93 -56.51
N ARG FA 212 -5.83 -134.86 -56.83
CA ARG FA 212 -6.30 -133.87 -57.79
C ARG FA 212 -6.05 -132.47 -57.26
N ILE FA 213 -6.52 -132.20 -56.03
CA ILE FA 213 -6.30 -130.88 -55.42
C ILE FA 213 -4.81 -130.61 -55.27
N ALA FA 214 -4.02 -131.67 -55.11
CA ALA FA 214 -2.56 -131.51 -55.13
C ALA FA 214 -2.09 -131.09 -56.52
N THR FA 215 -2.77 -131.56 -57.57
CA THR FA 215 -2.36 -131.23 -58.93
C THR FA 215 -3.04 -129.96 -59.42
N ASP FA 216 -4.32 -129.76 -59.11
CA ASP FA 216 -5.06 -128.64 -59.66
C ASP FA 216 -4.55 -127.31 -59.11
N ARG FA 217 -4.60 -127.12 -57.80
CA ARG FA 217 -4.30 -125.83 -57.19
C ARG FA 217 -2.95 -125.79 -56.48
N LEU FA 218 -2.18 -126.88 -56.53
CA LEU FA 218 -0.84 -126.89 -55.95
C LEU FA 218 0.24 -127.29 -56.94
N HIS FA 219 -0.10 -127.99 -58.02
CA HIS FA 219 0.83 -128.30 -59.11
C HIS FA 219 2.06 -129.04 -58.60
N ILE FA 220 1.84 -130.22 -58.03
CA ILE FA 220 2.94 -131.01 -57.51
C ILE FA 220 3.60 -131.90 -58.56
N GLN FA 221 2.90 -132.20 -59.65
CA GLN FA 221 3.46 -133.06 -60.69
C GLN FA 221 2.79 -132.81 -62.04
N SER FA 224 3.37 -136.21 -54.23
CA SER FA 224 4.27 -136.52 -53.12
C SER FA 224 3.51 -136.59 -51.80
N PHE FA 225 3.85 -137.59 -50.98
CA PHE FA 225 3.16 -137.77 -49.70
C PHE FA 225 3.43 -136.61 -48.76
N SER FA 226 4.64 -136.07 -48.79
CA SER FA 226 5.00 -134.97 -47.90
C SER FA 226 4.23 -133.69 -48.18
N GLN FA 227 3.45 -133.64 -49.26
CA GLN FA 227 2.64 -132.47 -49.57
C GLN FA 227 1.16 -132.69 -49.33
N ILE FA 228 0.61 -133.85 -49.74
CA ILE FA 228 -0.81 -134.09 -49.54
C ILE FA 228 -1.14 -134.19 -48.06
N ASN FA 229 -0.20 -134.69 -47.25
CA ASN FA 229 -0.45 -134.77 -45.81
C ASN FA 229 -0.57 -133.39 -45.20
N GLN FA 230 0.05 -132.37 -45.81
CA GLN FA 230 -0.14 -131.01 -45.32
C GLN FA 230 -1.59 -130.59 -45.41
N LEU FA 231 -2.30 -131.09 -46.43
CA LEU FA 231 -3.73 -130.82 -46.51
C LEU FA 231 -4.51 -131.67 -45.52
N VAL FA 232 -4.07 -132.93 -45.31
CA VAL FA 232 -4.73 -133.80 -44.34
C VAL FA 232 -4.60 -133.22 -42.94
N SER FA 233 -3.39 -132.75 -42.59
CA SER FA 233 -3.19 -132.14 -41.28
C SER FA 233 -4.02 -130.88 -41.11
N THR FA 234 -4.34 -130.20 -42.22
CA THR FA 234 -5.21 -129.03 -42.14
C THR FA 234 -6.64 -129.44 -41.86
N ILE FA 235 -7.04 -130.63 -42.33
CA ILE FA 235 -8.40 -131.09 -42.11
C ILE FA 235 -8.57 -131.67 -40.72
N MET FA 236 -7.57 -132.43 -40.26
CA MET FA 236 -7.67 -133.05 -38.93
C MET FA 236 -7.64 -131.98 -37.83
N SER FA 237 -6.74 -131.01 -37.94
CA SER FA 237 -6.64 -129.99 -36.92
C SER FA 237 -7.90 -129.13 -36.87
N ALA FA 238 -8.37 -128.67 -38.03
CA ALA FA 238 -9.55 -127.82 -38.06
C ALA FA 238 -10.82 -128.59 -37.72
N SER FA 239 -10.75 -129.91 -37.63
CA SER FA 239 -11.94 -130.68 -37.27
C SER FA 239 -12.30 -130.49 -35.80
N THR FA 240 -11.30 -130.52 -34.91
CA THR FA 240 -11.50 -130.36 -33.48
C THR FA 240 -11.18 -128.96 -33.02
N THR FA 241 -11.53 -127.95 -33.82
CA THR FA 241 -11.27 -126.57 -33.41
C THR FA 241 -12.29 -126.12 -32.38
N THR FA 242 -13.47 -126.75 -32.34
CA THR FA 242 -14.49 -126.35 -31.38
C THR FA 242 -14.26 -126.99 -30.02
N LEU FA 243 -13.52 -128.09 -29.94
CA LEU FA 243 -13.20 -128.67 -28.65
C LEU FA 243 -12.12 -127.88 -27.93
N ARG FA 244 -11.10 -127.44 -28.64
CA ARG FA 244 -9.98 -126.73 -28.03
C ARG FA 244 -10.29 -125.26 -27.76
N TYR FA 245 -11.20 -124.67 -28.53
CA TYR FA 245 -11.65 -123.29 -28.29
C TYR FA 245 -13.10 -123.33 -27.86
N PRO FA 246 -13.39 -123.20 -26.56
CA PRO FA 246 -14.76 -123.37 -26.10
C PRO FA 246 -15.64 -122.19 -26.49
N GLY FA 247 -16.84 -122.51 -26.98
CA GLY FA 247 -17.79 -121.50 -27.37
C GLY FA 247 -19.15 -121.76 -26.74
N TYR FA 248 -20.21 -121.27 -27.39
CA TYR FA 248 -21.60 -121.45 -26.87
C TYR FA 248 -21.93 -122.94 -26.74
N MET FA 249 -21.68 -123.71 -27.81
CA MET FA 249 -21.99 -125.12 -27.87
C MET FA 249 -20.79 -125.93 -28.33
N ASN FA 250 -20.99 -127.24 -28.44
CA ASN FA 250 -19.99 -128.16 -28.98
C ASN FA 250 -18.72 -128.17 -28.15
N ASN FA 251 -18.88 -128.44 -26.86
CA ASN FA 251 -17.78 -128.53 -25.93
C ASN FA 251 -17.41 -129.97 -25.60
N ASP FA 252 -17.87 -130.93 -26.41
CA ASP FA 252 -17.59 -132.33 -26.18
C ASP FA 252 -17.77 -133.08 -27.49
N LEU FA 253 -17.02 -134.18 -27.64
CA LEU FA 253 -17.02 -134.90 -28.90
C LEU FA 253 -18.40 -135.45 -29.23
N ILE FA 254 -19.15 -135.88 -28.22
CA ILE FA 254 -20.48 -136.46 -28.47
C ILE FA 254 -21.45 -135.39 -28.94
N GLY FA 255 -21.08 -134.11 -28.84
CA GLY FA 255 -21.92 -133.06 -29.38
C GLY FA 255 -21.76 -132.89 -30.88
N LEU FA 256 -20.58 -133.18 -31.41
CA LEU FA 256 -20.37 -133.12 -32.86
C LEU FA 256 -20.88 -134.37 -33.55
N ILE FA 257 -20.96 -135.48 -32.82
CA ILE FA 257 -21.31 -136.74 -33.44
C ILE FA 257 -22.82 -136.88 -33.58
N ALA FA 258 -23.53 -136.80 -32.46
CA ALA FA 258 -24.96 -137.08 -32.47
C ALA FA 258 -25.76 -136.11 -33.34
N SER FA 259 -25.19 -134.96 -33.68
CA SER FA 259 -25.93 -134.02 -34.50
C SER FA 259 -26.00 -134.48 -35.94
N LEU FA 260 -24.89 -134.99 -36.48
CA LEU FA 260 -24.84 -135.38 -37.89
C LEU FA 260 -25.40 -136.78 -38.10
N ILE FA 261 -24.85 -137.76 -37.39
CA ILE FA 261 -25.22 -139.17 -37.55
C ILE FA 261 -26.60 -139.42 -36.95
N PRO FA 262 -27.64 -139.61 -37.77
CA PRO FA 262 -28.98 -139.83 -37.21
C PRO FA 262 -29.21 -141.25 -36.72
N THR FA 263 -28.67 -142.22 -37.43
CA THR FA 263 -28.86 -143.64 -37.14
C THR FA 263 -27.51 -144.33 -37.08
N PRO FA 264 -27.40 -145.41 -36.30
CA PRO FA 264 -26.08 -146.03 -36.08
C PRO FA 264 -25.38 -146.48 -37.35
N ARG FA 265 -26.08 -146.63 -38.47
CA ARG FA 265 -25.46 -147.15 -39.67
C ARG FA 265 -24.89 -146.06 -40.57
N LEU FA 266 -25.68 -145.01 -40.84
CA LEU FA 266 -25.23 -143.93 -41.73
C LEU FA 266 -24.27 -143.01 -40.97
N HIS FA 267 -23.08 -143.55 -40.70
CA HIS FA 267 -22.08 -142.87 -39.89
C HIS FA 267 -20.80 -142.63 -40.67
N PHE FA 268 -20.91 -142.10 -41.88
CA PHE FA 268 -19.76 -141.74 -42.69
C PHE FA 268 -19.85 -140.28 -43.07
N LEU FA 269 -18.77 -139.54 -42.87
CA LEU FA 269 -18.75 -138.10 -43.09
C LEU FA 269 -17.64 -137.71 -44.05
N MET FA 270 -17.91 -136.70 -44.86
CA MET FA 270 -16.93 -136.11 -45.76
C MET FA 270 -16.72 -134.64 -45.40
N THR FA 271 -15.59 -134.10 -45.82
CA THR FA 271 -15.15 -132.78 -45.41
C THR FA 271 -15.08 -131.82 -46.59
N GLY FA 272 -15.05 -130.53 -46.27
CA GLY FA 272 -14.89 -129.49 -47.27
C GLY FA 272 -14.18 -128.28 -46.71
N TYR FA 273 -13.13 -127.81 -47.40
CA TYR FA 273 -12.25 -126.77 -46.86
C TYR FA 273 -11.91 -125.79 -47.99
N THR FA 274 -12.47 -124.59 -47.93
CA THR FA 274 -12.34 -123.67 -49.04
C THR FA 274 -11.00 -122.92 -49.15
N PRO FA 275 -10.36 -122.44 -48.06
CA PRO FA 275 -9.22 -121.54 -48.25
C PRO FA 275 -7.98 -122.30 -48.69
N LEU FA 276 -7.63 -122.17 -49.96
CA LEU FA 276 -6.47 -122.86 -50.52
C LEU FA 276 -5.57 -121.89 -51.28
N THR FA 288 -14.36 -110.43 -47.85
CA THR FA 288 -14.84 -111.80 -47.75
C THR FA 288 -15.84 -111.94 -46.60
N THR FA 289 -17.10 -112.19 -46.93
CA THR FA 289 -18.15 -112.37 -45.95
C THR FA 289 -18.47 -113.85 -45.78
N VAL FA 290 -19.38 -114.14 -44.84
CA VAL FA 290 -19.78 -115.52 -44.61
C VAL FA 290 -20.47 -116.09 -45.83
N LEU FA 291 -21.09 -115.24 -46.66
CA LEU FA 291 -21.72 -115.75 -47.88
C LEU FA 291 -20.67 -116.22 -48.88
N ASP FA 292 -19.51 -115.57 -48.89
CA ASP FA 292 -18.44 -116.00 -49.79
C ASP FA 292 -17.95 -117.40 -49.42
N VAL FA 293 -17.85 -117.68 -48.13
CA VAL FA 293 -17.32 -118.97 -47.69
C VAL FA 293 -18.38 -120.05 -47.86
N MET FA 294 -19.62 -119.76 -47.46
CA MET FA 294 -20.66 -120.77 -47.53
C MET FA 294 -20.94 -121.23 -48.95
N ARG FA 295 -20.82 -120.33 -49.93
CA ARG FA 295 -21.09 -120.71 -51.31
C ARG FA 295 -19.99 -121.61 -51.86
N ARG FA 296 -18.75 -121.42 -51.41
CA ARG FA 296 -17.64 -122.21 -51.93
C ARG FA 296 -17.60 -123.62 -51.35
N LEU FA 297 -18.14 -123.83 -50.16
CA LEU FA 297 -18.07 -125.16 -49.55
C LEU FA 297 -18.98 -126.14 -50.29
N LEU FA 298 -20.09 -125.65 -50.85
CA LEU FA 298 -21.04 -126.52 -51.51
C LEU FA 298 -20.67 -126.85 -52.94
N GLN FA 299 -19.62 -126.24 -53.49
CA GLN FA 299 -19.19 -126.59 -54.84
C GLN FA 299 -18.50 -127.94 -54.84
N PRO FA 300 -18.80 -128.80 -55.81
CA PRO FA 300 -18.16 -130.13 -55.86
C PRO FA 300 -16.66 -130.07 -56.09
N LYS FA 301 -16.11 -128.90 -56.44
CA LYS FA 301 -14.68 -128.79 -56.66
C LYS FA 301 -13.88 -128.84 -55.36
N ASN FA 302 -14.51 -128.54 -54.22
CA ASN FA 302 -13.81 -128.45 -52.95
C ASN FA 302 -13.89 -129.70 -52.10
N VAL FA 303 -14.93 -130.52 -52.28
CA VAL FA 303 -15.10 -131.70 -51.45
C VAL FA 303 -14.00 -132.71 -51.72
N MET FA 304 -13.51 -133.36 -50.67
CA MET FA 304 -12.48 -134.39 -50.80
C MET FA 304 -13.10 -135.75 -51.09
N VAL FA 305 -13.92 -135.78 -52.14
CA VAL FA 305 -14.58 -137.00 -52.61
C VAL FA 305 -14.54 -137.01 -54.13
N SER FA 306 -14.22 -138.18 -54.70
CA SER FA 306 -14.19 -138.33 -56.15
C SER FA 306 -15.60 -138.39 -56.72
N ASN FA 314 -32.21 -140.18 -55.72
CA ASN FA 314 -31.04 -139.49 -56.22
C ASN FA 314 -29.97 -139.38 -55.13
N HIS FA 315 -29.50 -138.16 -54.88
CA HIS FA 315 -28.48 -137.92 -53.87
C HIS FA 315 -28.80 -136.62 -53.16
N CYS FA 316 -28.53 -136.60 -51.85
CA CYS FA 316 -28.88 -135.47 -51.01
C CYS FA 316 -28.08 -135.55 -49.72
N TYR FA 317 -28.04 -134.42 -49.00
CA TYR FA 317 -27.35 -134.34 -47.73
C TYR FA 317 -28.23 -134.88 -46.61
N ILE FA 318 -27.63 -135.09 -45.45
CA ILE FA 318 -28.35 -135.50 -44.26
C ILE FA 318 -28.20 -134.49 -43.12
N ALA FA 319 -26.98 -133.98 -42.92
CA ALA FA 319 -26.74 -132.94 -41.93
C ALA FA 319 -25.44 -132.25 -42.26
N ILE FA 320 -25.43 -130.92 -42.14
CA ILE FA 320 -24.27 -130.10 -42.46
C ILE FA 320 -23.88 -129.27 -41.26
N LEU FA 321 -22.59 -129.23 -40.96
CA LEU FA 321 -22.05 -128.37 -39.90
C LEU FA 321 -20.92 -127.54 -40.48
N ASN FA 322 -21.06 -126.22 -40.36
CA ASN FA 322 -20.08 -125.28 -40.90
C ASN FA 322 -19.22 -124.72 -39.78
N ILE FA 323 -17.92 -124.73 -39.99
CA ILE FA 323 -16.96 -124.18 -39.04
C ILE FA 323 -16.34 -122.95 -39.67
N ILE FA 324 -16.60 -121.78 -39.08
CA ILE FA 324 -16.06 -120.51 -39.56
C ILE FA 324 -15.06 -120.02 -38.53
N GLN FA 325 -13.78 -120.11 -38.86
CA GLN FA 325 -12.71 -119.73 -37.96
C GLN FA 325 -12.28 -118.28 -38.10
N GLY FA 326 -13.12 -117.44 -38.71
CA GLY FA 326 -12.77 -116.05 -38.91
C GLY FA 326 -13.23 -115.16 -37.77
N GLU FA 327 -12.91 -113.87 -37.91
CA GLU FA 327 -13.36 -112.84 -37.00
C GLU FA 327 -14.61 -112.12 -37.52
N VAL FA 328 -15.30 -112.77 -38.45
CA VAL FA 328 -16.54 -112.21 -39.08
C VAL FA 328 -17.55 -111.89 -37.96
N ASP FA 329 -18.15 -110.70 -38.03
CA ASP FA 329 -19.16 -110.27 -37.01
C ASP FA 329 -20.32 -111.28 -37.01
N PRO FA 330 -20.80 -111.75 -35.84
CA PRO FA 330 -21.91 -112.71 -35.78
C PRO FA 330 -23.29 -112.04 -35.91
N THR FA 331 -23.56 -111.45 -37.08
CA THR FA 331 -24.85 -110.78 -37.35
C THR FA 331 -25.33 -111.13 -38.78
N GLN FA 332 -24.37 -111.43 -39.66
CA GLN FA 332 -24.67 -111.80 -41.07
C GLN FA 332 -24.60 -113.32 -41.22
N VAL FA 333 -24.69 -114.04 -40.09
CA VAL FA 333 -24.62 -115.53 -40.09
C VAL FA 333 -25.99 -116.09 -40.49
N HIS FA 334 -27.07 -115.43 -40.04
CA HIS FA 334 -28.41 -115.89 -40.36
C HIS FA 334 -28.84 -115.41 -41.74
N LYS FA 335 -28.26 -114.30 -42.21
CA LYS FA 335 -28.62 -113.80 -43.53
C LYS FA 335 -28.13 -114.74 -44.63
N SER FA 336 -26.93 -115.28 -44.47
CA SER FA 336 -26.41 -116.21 -45.47
C SER FA 336 -27.19 -117.51 -45.46
N LEU FA 337 -27.45 -118.06 -44.29
CA LEU FA 337 -28.29 -119.25 -44.19
C LEU FA 337 -29.66 -118.99 -44.83
N GLN FA 338 -30.20 -117.79 -44.65
CA GLN FA 338 -31.45 -117.44 -45.30
C GLN FA 338 -31.29 -117.46 -46.82
N ARG FA 339 -30.14 -116.98 -47.31
CA ARG FA 339 -29.91 -116.95 -48.75
C ARG FA 339 -29.68 -118.34 -49.31
N ILE FA 340 -28.96 -119.20 -48.58
CA ILE FA 340 -28.69 -120.55 -49.08
C ILE FA 340 -30.00 -121.31 -49.28
N ARG FA 341 -30.99 -121.06 -48.44
CA ARG FA 341 -32.29 -121.69 -48.61
C ARG FA 341 -32.98 -121.21 -49.88
N GLU FA 342 -32.82 -119.93 -50.21
CA GLU FA 342 -33.54 -119.36 -51.35
C GLU FA 342 -33.01 -119.89 -52.67
N ARG FA 343 -31.70 -119.73 -52.91
CA ARG FA 343 -31.11 -120.17 -54.17
C ARG FA 343 -31.06 -121.69 -54.28
N LYS FA 344 -31.25 -122.42 -53.18
CA LYS FA 344 -31.27 -123.89 -53.19
C LYS FA 344 -29.96 -124.45 -53.77
N LEU FA 345 -28.89 -124.20 -53.03
CA LEU FA 345 -27.58 -124.73 -53.41
C LEU FA 345 -27.34 -126.14 -52.92
N ALA FA 346 -28.20 -126.67 -52.05
CA ALA FA 346 -28.07 -128.02 -51.55
C ALA FA 346 -29.43 -128.56 -51.16
N ASN FA 347 -29.63 -129.85 -51.37
CA ASN FA 347 -30.86 -130.54 -51.01
C ASN FA 347 -30.56 -131.60 -49.97
N PHE FA 348 -31.59 -131.94 -49.19
CA PHE FA 348 -31.45 -132.88 -48.09
C PHE FA 348 -32.47 -134.01 -48.24
N ILE FA 349 -32.58 -134.82 -47.18
CA ILE FA 349 -33.49 -135.96 -47.13
C ILE FA 349 -34.92 -135.45 -47.08
N PRO FA 350 -35.87 -136.15 -47.71
CA PRO FA 350 -37.26 -135.69 -47.70
C PRO FA 350 -38.06 -136.21 -46.52
N TRP FA 351 -37.61 -137.31 -45.92
CA TRP FA 351 -38.41 -137.97 -44.88
C TRP FA 351 -38.32 -137.25 -43.55
N GLY FA 352 -37.11 -137.04 -43.04
CA GLY FA 352 -36.93 -136.41 -41.76
C GLY FA 352 -36.53 -134.96 -41.88
N PRO FA 353 -36.78 -134.19 -40.82
CA PRO FA 353 -36.39 -132.78 -40.84
C PRO FA 353 -34.89 -132.62 -40.76
N ALA FA 354 -34.27 -132.18 -41.84
CA ALA FA 354 -32.83 -131.99 -41.89
C ALA FA 354 -32.52 -130.50 -42.01
N SER FA 355 -31.66 -130.01 -41.13
CA SER FA 355 -31.30 -128.60 -41.09
C SER FA 355 -29.78 -128.48 -41.19
N ILE FA 356 -29.33 -127.27 -41.51
CA ILE FA 356 -27.91 -126.97 -41.64
C ILE FA 356 -27.50 -126.13 -40.45
N GLN FA 357 -26.35 -126.45 -39.87
CA GLN FA 357 -25.83 -125.77 -38.69
C GLN FA 357 -24.50 -125.12 -39.00
N VAL FA 358 -24.28 -123.93 -38.44
CA VAL FA 358 -23.06 -123.18 -38.64
C VAL FA 358 -22.48 -122.84 -37.27
N ALA FA 359 -21.16 -122.95 -37.14
CA ALA FA 359 -20.49 -122.69 -35.88
C ALA FA 359 -19.27 -121.82 -36.13
N LEU FA 360 -19.07 -120.86 -35.23
CA LEU FA 360 -17.94 -119.96 -35.29
C LEU FA 360 -16.90 -120.35 -34.24
N SER FA 361 -15.70 -119.82 -34.40
CA SER FA 361 -14.61 -120.08 -33.46
C SER FA 361 -13.63 -118.92 -33.58
N ARG FA 362 -12.50 -119.05 -32.88
CA ARG FA 362 -11.50 -117.99 -32.83
C ARG FA 362 -10.14 -118.55 -33.24
N LYS FA 363 -9.50 -117.91 -34.20
CA LYS FA 363 -8.19 -118.35 -34.66
C LYS FA 363 -7.14 -118.09 -33.58
N SER FA 364 -6.10 -118.92 -33.61
CA SER FA 364 -5.02 -118.81 -32.64
C SER FA 364 -4.23 -117.52 -32.89
N PRO FA 365 -4.09 -116.65 -31.90
CA PRO FA 365 -3.29 -115.43 -32.12
C PRO FA 365 -1.82 -115.69 -32.33
N TYR FA 366 -1.31 -116.85 -31.88
CA TYR FA 366 0.11 -117.13 -32.03
C TYR FA 366 0.47 -117.54 -33.45
N LEU FA 367 -0.51 -117.81 -34.30
CA LEU FA 367 -0.23 -118.21 -35.67
C LEU FA 367 -0.34 -117.02 -36.62
N ARG FA 372 -8.30 -112.56 -42.17
CA ARG FA 372 -8.10 -113.96 -42.52
C ARG FA 372 -9.31 -114.79 -42.07
N VAL FA 373 -10.05 -115.32 -43.04
CA VAL FA 373 -11.22 -116.14 -42.78
C VAL FA 373 -11.04 -117.49 -43.45
N SER FA 374 -11.29 -118.56 -42.71
CA SER FA 374 -11.22 -119.92 -43.23
C SER FA 374 -12.60 -120.55 -43.12
N GLY FA 375 -12.67 -121.84 -43.40
CA GLY FA 375 -13.94 -122.54 -43.31
C GLY FA 375 -13.84 -124.03 -43.55
N LEU FA 376 -14.48 -124.82 -42.68
CA LEU FA 376 -14.54 -126.25 -42.85
C LEU FA 376 -15.99 -126.70 -42.67
N MET FA 377 -16.36 -127.74 -43.41
CA MET FA 377 -17.72 -128.24 -43.40
C MET FA 377 -17.72 -129.75 -43.19
N MET FA 378 -18.42 -130.19 -42.16
CA MET FA 378 -18.64 -131.61 -41.88
C MET FA 378 -19.94 -132.02 -42.55
N ALA FA 379 -19.85 -132.94 -43.51
CA ALA FA 379 -20.98 -133.32 -44.35
C ALA FA 379 -21.29 -134.79 -44.20
N ASN FA 380 -22.58 -135.10 -44.22
CA ASN FA 380 -23.09 -136.47 -44.23
C ASN FA 380 -23.86 -136.65 -45.52
N HIS FA 381 -23.14 -136.97 -46.59
CA HIS FA 381 -23.70 -137.02 -47.92
C HIS FA 381 -23.92 -138.46 -48.37
N THR FA 382 -25.04 -138.72 -49.03
CA THR FA 382 -25.33 -140.05 -49.53
C THR FA 382 -24.40 -140.46 -50.67
N SER FA 383 -23.80 -139.49 -51.37
CA SER FA 383 -22.91 -139.81 -52.48
C SER FA 383 -21.64 -140.50 -52.02
N ILE FA 384 -21.44 -140.69 -50.72
CA ILE FA 384 -20.29 -141.45 -50.25
C ILE FA 384 -20.45 -142.92 -50.60
N SER FA 385 -21.67 -143.35 -50.93
CA SER FA 385 -21.90 -144.74 -51.30
C SER FA 385 -21.15 -145.09 -52.58
N SER FA 386 -20.78 -144.10 -53.38
CA SER FA 386 -20.06 -144.36 -54.62
C SER FA 386 -18.69 -144.96 -54.35
N LEU FA 387 -18.00 -144.47 -53.31
CA LEU FA 387 -16.66 -144.96 -53.00
C LEU FA 387 -16.68 -146.45 -52.66
N PHE FA 388 -17.73 -146.90 -51.99
CA PHE FA 388 -17.84 -148.32 -51.67
C PHE FA 388 -17.98 -149.16 -52.93
N GLU FA 389 -18.87 -148.75 -53.84
CA GLU FA 389 -19.13 -149.53 -55.04
C GLU FA 389 -17.85 -149.78 -55.82
N ARG FA 390 -16.94 -148.81 -55.83
CA ARG FA 390 -15.64 -149.01 -56.47
C ARG FA 390 -14.87 -150.13 -55.79
N THR FA 391 -14.96 -150.21 -54.46
CA THR FA 391 -14.34 -151.32 -53.75
C THR FA 391 -15.11 -152.61 -53.99
N CYS FA 392 -16.45 -152.54 -53.90
CA CYS FA 392 -17.28 -153.72 -54.10
C CYS FA 392 -17.09 -154.31 -55.49
N ARG FA 393 -16.97 -153.44 -56.50
CA ARG FA 393 -16.84 -153.91 -57.88
C ARG FA 393 -15.56 -154.69 -58.08
N GLN FA 394 -14.42 -154.09 -57.70
CA GLN FA 394 -13.13 -154.71 -57.96
C GLN FA 394 -12.96 -156.01 -57.17
N TYR FA 395 -13.75 -156.17 -56.11
CA TYR FA 395 -13.65 -157.40 -55.31
C TYR FA 395 -14.16 -158.61 -56.09
N ASP FA 396 -15.33 -158.48 -56.71
CA ASP FA 396 -15.89 -159.59 -57.47
C ASP FA 396 -15.00 -159.96 -58.65
N LYS FA 397 -14.38 -158.96 -59.28
CA LYS FA 397 -13.42 -159.24 -60.35
C LYS FA 397 -12.26 -160.06 -59.83
N LEU FA 398 -11.71 -159.70 -58.66
CA LEU FA 398 -10.70 -160.52 -58.02
C LEU FA 398 -11.25 -161.81 -57.45
N ARG FA 399 -12.57 -161.89 -57.26
CA ARG FA 399 -13.19 -163.13 -56.81
C ARG FA 399 -13.35 -164.13 -57.95
N LYS FA 400 -13.26 -163.70 -59.20
CA LYS FA 400 -13.33 -164.57 -60.36
C LYS FA 400 -11.99 -164.64 -61.09
N ARG FA 401 -10.90 -164.30 -60.42
CA ARG FA 401 -9.58 -164.34 -61.03
C ARG FA 401 -8.53 -165.02 -60.16
N GLU FA 402 -8.78 -165.19 -58.86
CA GLU FA 402 -7.83 -165.80 -57.93
C GLU FA 402 -6.49 -165.09 -57.93
N ASP FA 416 -8.97 -170.98 -43.69
CA ASP FA 416 -9.25 -172.36 -44.06
C ASP FA 416 -10.65 -172.51 -44.63
N ASN FA 417 -11.44 -171.44 -44.53
CA ASN FA 417 -12.82 -171.44 -44.99
C ASN FA 417 -13.11 -170.38 -46.04
N PHE FA 418 -12.39 -169.26 -46.02
CA PHE FA 418 -12.65 -168.13 -46.91
C PHE FA 418 -14.09 -167.64 -46.77
N ASP FA 419 -14.64 -167.75 -45.56
CA ASP FA 419 -16.00 -167.30 -45.28
C ASP FA 419 -16.06 -165.89 -44.73
N GLU FA 420 -15.00 -165.42 -44.07
CA GLU FA 420 -14.99 -164.06 -43.53
C GLU FA 420 -15.14 -163.03 -44.65
N MET FA 421 -14.50 -163.27 -45.78
CA MET FA 421 -14.62 -162.34 -46.91
C MET FA 421 -16.05 -162.31 -47.43
N ASP FA 422 -16.69 -163.47 -47.55
CA ASP FA 422 -18.06 -163.50 -48.05
C ASP FA 422 -19.04 -162.94 -47.03
N THR FA 423 -18.79 -163.21 -45.74
CA THR FA 423 -19.64 -162.62 -44.71
C THR FA 423 -19.47 -161.11 -44.66
N SER FA 424 -18.23 -160.63 -44.82
CA SER FA 424 -18.00 -159.20 -44.95
C SER FA 424 -18.65 -158.66 -46.23
N ARG FA 425 -18.66 -159.48 -47.28
CA ARG FA 425 -19.27 -159.07 -48.54
C ARG FA 425 -20.76 -158.78 -48.36
N GLU FA 426 -21.44 -159.58 -47.55
CA GLU FA 426 -22.88 -159.41 -47.38
C GLU FA 426 -23.20 -158.12 -46.63
N ILE FA 427 -22.43 -157.83 -45.59
CA ILE FA 427 -22.77 -156.69 -44.74
C ILE FA 427 -22.49 -155.37 -45.44
N VAL FA 428 -21.50 -155.34 -46.34
CA VAL FA 428 -21.28 -154.12 -47.12
C VAL FA 428 -22.45 -153.90 -48.07
N GLN FA 429 -23.04 -154.98 -48.58
CA GLN FA 429 -24.20 -154.83 -49.44
C GLN FA 429 -25.41 -154.31 -48.66
N GLN FA 430 -25.50 -154.68 -47.38
CA GLN FA 430 -26.58 -154.14 -46.54
C GLN FA 430 -26.40 -152.65 -46.34
N LEU FA 431 -25.14 -152.20 -46.24
CA LEU FA 431 -24.88 -150.78 -46.02
C LEU FA 431 -25.23 -149.95 -47.24
N ILE FA 432 -24.75 -150.36 -48.41
CA ILE FA 432 -25.01 -149.59 -49.62
C ILE FA 432 -26.51 -149.50 -49.89
N ASP FA 433 -27.23 -150.58 -49.65
CA ASP FA 433 -28.69 -150.53 -49.80
C ASP FA 433 -29.30 -149.53 -48.84
N GLU FA 434 -28.73 -149.39 -47.64
CA GLU FA 434 -29.28 -148.46 -46.67
C GLU FA 434 -29.08 -147.02 -47.11
N TYR FA 435 -27.96 -146.73 -47.78
CA TYR FA 435 -27.77 -145.38 -48.32
C TYR FA 435 -28.79 -145.08 -49.41
N HIS FA 436 -28.87 -145.94 -50.42
CA HIS FA 436 -29.78 -145.69 -51.52
C HIS FA 436 -31.23 -145.75 -51.08
N ALA FA 437 -31.50 -146.34 -49.92
CA ALA FA 437 -32.83 -146.25 -49.31
C ALA FA 437 -33.00 -144.97 -48.51
N ALA FA 438 -31.90 -144.28 -48.19
CA ALA FA 438 -32.00 -143.06 -47.40
C ALA FA 438 -32.53 -141.89 -48.22
N THR FA 439 -32.39 -141.96 -49.54
CA THR FA 439 -32.87 -140.91 -50.42
C THR FA 439 -34.29 -141.14 -50.89
N ARG FA 440 -35.03 -142.04 -50.26
CA ARG FA 440 -36.40 -142.33 -50.63
C ARG FA 440 -37.37 -141.69 -49.65
N PRO FA 441 -38.48 -141.14 -50.14
CA PRO FA 441 -39.46 -140.52 -49.23
C PRO FA 441 -40.09 -141.49 -48.25
N ASP FA 442 -39.74 -142.77 -48.30
CA ASP FA 442 -40.30 -143.75 -47.37
C ASP FA 442 -39.15 -144.55 -46.77
N TYR FA 443 -38.09 -143.86 -46.33
CA TYR FA 443 -36.95 -144.56 -45.76
C TYR FA 443 -37.32 -145.27 -44.47
N ILE FA 444 -38.31 -144.76 -43.75
CA ILE FA 444 -38.83 -145.47 -42.59
C ILE FA 444 -39.42 -146.80 -43.04
N SER FA 445 -39.12 -147.86 -42.31
CA SER FA 445 -39.55 -149.22 -42.66
C SER FA 445 -39.13 -149.60 -44.07
N ARG GA 3 13.44 -137.44 21.26
CA ARG GA 3 13.17 -138.71 20.60
C ARG GA 3 14.06 -138.88 19.37
N GLU GA 4 14.77 -140.00 19.32
CA GLU GA 4 15.76 -140.21 18.28
C GLU GA 4 15.41 -141.46 17.49
N ILE GA 5 15.55 -141.39 16.18
CA ILE GA 5 15.25 -142.50 15.28
C ILE GA 5 16.56 -143.10 14.79
N ILE GA 6 16.72 -144.41 14.96
CA ILE GA 6 17.89 -145.13 14.48
C ILE GA 6 17.49 -145.94 13.25
N THR GA 7 18.33 -145.88 12.22
CA THR GA 7 18.05 -146.57 10.97
C THR GA 7 19.05 -147.68 10.72
N LEU GA 8 18.61 -148.70 9.99
CA LEU GA 8 19.42 -149.87 9.67
C LEU GA 8 19.41 -150.08 8.17
N GLN GA 9 20.55 -150.53 7.63
CA GLN GA 9 20.69 -150.77 6.20
C GLN GA 9 21.22 -152.17 5.98
N LEU GA 10 20.43 -153.01 5.31
CA LEU GA 10 20.79 -154.38 5.03
C LEU GA 10 20.80 -154.64 3.54
N GLY GA 11 21.70 -155.51 3.10
CA GLY GA 11 21.77 -155.88 1.70
C GLY GA 11 22.31 -154.77 0.82
N GLN GA 12 22.59 -155.12 -0.43
CA GLN GA 12 23.16 -154.16 -1.37
C GLN GA 12 22.18 -153.03 -1.65
N CYS GA 13 20.94 -153.36 -1.99
CA CYS GA 13 19.94 -152.33 -2.27
C CYS GA 13 19.71 -151.43 -1.08
N GLY GA 14 19.49 -152.02 0.10
CA GLY GA 14 19.27 -151.22 1.29
C GLY GA 14 20.45 -150.31 1.60
N ASN GA 15 21.67 -150.83 1.51
CA ASN GA 15 22.85 -150.02 1.79
C ASN GA 15 22.97 -148.88 0.80
N GLN GA 16 22.72 -149.14 -0.49
CA GLN GA 16 22.86 -148.08 -1.48
C GLN GA 16 21.81 -146.99 -1.29
N ILE GA 17 20.55 -147.39 -1.07
CA ILE GA 17 19.52 -146.37 -0.91
C ILE GA 17 19.74 -145.60 0.40
N GLY GA 18 20.24 -146.27 1.44
CA GLY GA 18 20.52 -145.56 2.68
C GLY GA 18 21.68 -144.58 2.53
N PHE GA 19 22.71 -144.97 1.79
CA PHE GA 19 23.83 -144.08 1.55
C PHE GA 19 23.39 -142.87 0.74
N GLU GA 20 22.55 -143.08 -0.27
CA GLU GA 20 22.08 -141.94 -1.06
C GLU GA 20 21.13 -141.06 -0.24
N PHE GA 21 20.33 -141.68 0.63
CA PHE GA 21 19.48 -140.90 1.53
C PHE GA 21 20.29 -140.04 2.46
N TRP GA 22 21.38 -140.60 3.00
CA TRP GA 22 22.24 -139.81 3.88
C TRP GA 22 22.95 -138.70 3.11
N LYS GA 23 23.36 -138.97 1.87
CA LYS GA 23 23.92 -137.91 1.03
C LYS GA 23 22.92 -136.78 0.86
N GLN GA 24 21.69 -137.12 0.49
CA GLN GA 24 20.65 -136.11 0.30
C GLN GA 24 20.41 -135.32 1.58
N LEU GA 25 20.35 -136.01 2.73
CA LEU GA 25 20.02 -135.32 3.97
C LEU GA 25 21.16 -134.45 4.44
N CYS GA 26 22.40 -134.90 4.25
CA CYS GA 26 23.55 -134.07 4.57
C CYS GA 26 23.62 -132.85 3.67
N ALA GA 27 23.21 -133.00 2.40
CA ALA GA 27 23.15 -131.84 1.52
C ALA GA 27 22.06 -130.88 1.93
N GLU GA 28 20.93 -131.40 2.43
CA GLU GA 28 19.84 -130.52 2.85
C GLU GA 28 20.25 -129.64 4.02
N HIS GA 29 21.04 -130.18 4.94
CA HIS GA 29 21.59 -129.38 6.02
C HIS GA 29 22.97 -128.85 5.61
N GLY GA 30 23.58 -128.08 6.50
CA GLY GA 30 24.90 -127.55 6.23
C GLY GA 30 25.99 -128.42 6.79
N ILE GA 31 26.08 -129.65 6.30
CA ILE GA 31 27.04 -130.63 6.81
C ILE GA 31 27.89 -131.13 5.65
N SER GA 32 29.18 -130.83 5.71
CA SER GA 32 30.11 -131.26 4.68
C SER GA 32 30.24 -132.78 4.69
N PRO GA 33 30.65 -133.38 3.56
CA PRO GA 33 30.92 -134.82 3.53
C PRO GA 33 31.89 -135.29 4.60
N GLU GA 34 32.72 -134.38 5.10
CA GLU GA 34 33.65 -134.68 6.19
C GLU GA 34 32.98 -134.64 7.56
N GLY GA 35 31.65 -134.66 7.60
CA GLY GA 35 30.90 -134.68 8.85
C GLY GA 35 31.21 -133.46 9.72
N ILE GA 36 31.47 -132.33 9.07
CA ILE GA 36 31.73 -131.07 9.76
C ILE GA 36 30.70 -130.05 9.30
N VAL GA 37 30.07 -129.38 10.26
CA VAL GA 37 29.05 -128.39 9.92
C VAL GA 37 29.68 -127.24 9.17
N GLU GA 38 29.00 -126.77 8.12
CA GLU GA 38 29.47 -125.63 7.35
C GLU GA 38 28.79 -124.36 7.85
N GLU GA 39 29.47 -123.23 7.63
CA GLU GA 39 28.98 -121.95 8.15
C GLU GA 39 27.69 -121.55 7.44
N PHE GA 40 27.77 -121.28 6.14
CA PHE GA 40 26.64 -120.82 5.34
C PHE GA 40 25.87 -119.68 6.01
N THR GA 45 17.80 -123.47 12.77
CA THR GA 45 16.36 -123.55 12.62
C THR GA 45 15.92 -124.99 12.32
N ASP GA 46 16.69 -125.68 11.51
CA ASP GA 46 16.38 -127.05 11.11
C ASP GA 46 16.73 -128.01 12.25
N ARG GA 47 15.73 -128.66 12.80
CA ARG GA 47 15.93 -129.62 13.89
C ARG GA 47 16.62 -130.86 13.35
N LYS GA 48 17.89 -131.04 13.71
CA LYS GA 48 18.71 -132.11 13.17
C LYS GA 48 19.11 -133.14 14.22
N ASP GA 49 18.59 -133.04 15.45
CA ASP GA 49 19.01 -133.95 16.50
C ASP GA 49 18.41 -135.34 16.34
N VAL GA 50 17.29 -135.44 15.62
CA VAL GA 50 16.58 -136.72 15.52
C VAL GA 50 17.45 -137.76 14.81
N PHE GA 51 18.02 -137.38 13.67
CA PHE GA 51 18.77 -138.32 12.84
C PHE GA 51 20.28 -138.20 13.00
N PHE GA 52 20.77 -137.18 13.70
CA PHE GA 52 22.20 -136.96 13.84
C PHE GA 52 22.56 -136.84 15.32
N TYR GA 53 23.75 -137.31 15.67
CA TYR GA 53 24.24 -137.29 17.03
C TYR GA 53 25.45 -136.35 17.11
N GLN GA 54 25.41 -135.43 18.08
CA GLN GA 54 26.49 -134.44 18.22
C GLN GA 54 27.70 -135.02 18.94
N TYR GA 60 29.20 -134.00 13.99
CA TYR GA 60 27.93 -134.67 13.74
C TYR GA 60 28.13 -136.04 13.12
N ILE GA 61 27.40 -137.03 13.63
CA ILE GA 61 27.50 -138.40 13.12
C ILE GA 61 26.09 -138.96 12.92
N PRO GA 62 25.81 -139.59 11.78
CA PRO GA 62 24.49 -140.19 11.59
C PRO GA 62 24.32 -141.44 12.43
N ARG GA 63 23.06 -141.73 12.75
CA ARG GA 63 22.71 -142.92 13.53
C ARG GA 63 22.36 -144.06 12.58
N ALA GA 64 23.40 -144.62 11.97
CA ALA GA 64 23.25 -145.68 10.99
C ALA GA 64 24.00 -146.92 11.43
N VAL GA 65 23.49 -148.09 11.01
CA VAL GA 65 24.10 -149.38 11.29
C VAL GA 65 24.15 -150.14 9.98
N LEU GA 66 25.29 -150.07 9.29
CA LEU GA 66 25.44 -150.74 8.01
C LEU GA 66 25.74 -152.22 8.22
N LEU GA 67 25.13 -153.05 7.39
CA LEU GA 67 25.30 -154.49 7.49
C LEU GA 67 25.32 -155.15 6.11
N ARG GA 72 30.30 -155.95 0.62
CA ARG GA 72 31.19 -155.49 -0.43
C ARG GA 72 31.02 -154.01 -0.71
N VAL GA 73 29.76 -153.57 -0.83
CA VAL GA 73 29.48 -152.17 -1.11
C VAL GA 73 29.94 -151.28 0.04
N ILE GA 74 30.18 -151.85 1.21
CA ILE GA 74 30.74 -151.07 2.31
C ILE GA 74 32.12 -150.54 1.92
N HIS GA 75 32.88 -151.32 1.17
CA HIS GA 75 34.15 -150.82 0.67
C HIS GA 75 33.94 -149.66 -0.30
N SER GA 76 32.91 -149.74 -1.14
CA SER GA 76 32.59 -148.64 -2.04
C SER GA 76 32.26 -147.38 -1.26
N ILE GA 77 31.52 -147.52 -0.16
CA ILE GA 77 31.19 -146.36 0.66
C ILE GA 77 32.45 -145.82 1.34
N LEU GA 78 33.33 -146.71 1.79
CA LEU GA 78 34.56 -146.29 2.44
C LEU GA 78 35.52 -145.61 1.47
N ASN GA 79 35.40 -145.90 0.17
CA ASN GA 79 36.20 -145.19 -0.82
C ASN GA 79 35.51 -143.92 -1.31
N SER GA 80 34.21 -143.77 -1.06
CA SER GA 80 33.51 -142.54 -1.38
C SER GA 80 34.06 -141.39 -0.54
N PRO GA 81 33.88 -140.14 -1.00
CA PRO GA 81 34.30 -138.99 -0.18
C PRO GA 81 33.63 -138.93 1.20
N TYR GA 82 32.63 -139.76 1.45
CA TYR GA 82 31.91 -139.76 2.72
C TYR GA 82 32.44 -140.80 3.69
N ALA GA 83 33.73 -141.16 3.59
CA ALA GA 83 34.29 -142.13 4.51
C ALA GA 83 34.32 -141.62 5.94
N LYS GA 84 34.35 -140.29 6.11
CA LYS GA 84 34.38 -139.68 7.43
C LYS GA 84 33.02 -139.56 8.09
N LEU GA 85 32.02 -140.30 7.60
CA LEU GA 85 30.66 -140.16 8.10
C LEU GA 85 30.22 -141.29 9.01
N TYR GA 86 31.07 -142.30 9.22
CA TYR GA 86 30.70 -143.43 10.08
C TYR GA 86 31.81 -143.79 11.06
N GLY GA 101 24.62 -166.08 0.15
CA GLY GA 101 24.06 -166.58 -1.09
C GLY GA 101 22.88 -165.76 -1.57
N ASN GA 102 21.92 -166.44 -2.20
CA ASN GA 102 20.70 -165.79 -2.68
C ASN GA 102 19.45 -166.41 -2.10
N ASN GA 103 19.56 -167.24 -1.08
CA ASN GA 103 18.41 -167.89 -0.48
C ASN GA 103 17.98 -167.16 0.78
N TRP GA 104 16.69 -167.30 1.11
CA TRP GA 104 16.18 -166.73 2.34
C TRP GA 104 16.66 -167.53 3.55
N ALA GA 105 16.71 -168.86 3.42
CA ALA GA 105 17.12 -169.69 4.54
C ALA GA 105 18.57 -169.44 4.93
N SER GA 106 19.44 -169.27 3.93
CA SER GA 106 20.83 -168.95 4.23
C SER GA 106 20.95 -167.62 4.98
N GLY GA 107 20.19 -166.62 4.54
CA GLY GA 107 20.20 -165.34 5.25
C GLY GA 107 19.73 -165.47 6.67
N PHE GA 108 18.64 -166.22 6.89
CA PHE GA 108 18.13 -166.40 8.24
C PHE GA 108 19.13 -167.14 9.11
N SER GA 109 19.77 -168.18 8.58
CA SER GA 109 20.74 -168.93 9.36
C SER GA 109 21.93 -168.06 9.72
N GLN GA 110 22.49 -167.32 8.75
CA GLN GA 110 23.64 -166.47 9.05
C GLN GA 110 23.27 -165.34 9.99
N GLY GA 111 22.03 -164.84 9.94
CA GLY GA 111 21.60 -163.86 10.92
C GLY GA 111 21.45 -164.44 12.30
N GLU GA 112 21.04 -165.71 12.39
CA GLU GA 112 20.99 -166.37 13.69
C GLU GA 112 22.39 -166.64 14.23
N LYS GA 113 23.37 -166.83 13.34
CA LYS GA 113 24.73 -167.12 13.78
C LYS GA 113 25.39 -165.94 14.48
N ILE GA 114 25.06 -164.71 14.06
CA ILE GA 114 25.75 -163.53 14.55
C ILE GA 114 24.79 -162.64 15.32
N HIS GA 115 23.82 -163.26 16.00
CA HIS GA 115 22.83 -162.52 16.78
C HIS GA 115 23.51 -161.58 17.78
N GLU GA 116 24.36 -162.13 18.65
CA GLU GA 116 24.99 -161.33 19.68
C GLU GA 116 25.92 -160.27 19.09
N ASP GA 117 26.62 -160.60 18.01
CA ASP GA 117 27.61 -159.69 17.46
C ASP GA 117 26.96 -158.39 16.98
N ILE GA 118 25.87 -158.51 16.22
CA ILE GA 118 25.19 -157.31 15.75
C ILE GA 118 24.36 -156.68 16.86
N PHE GA 119 23.84 -157.49 17.78
CA PHE GA 119 22.97 -156.93 18.80
C PHE GA 119 23.74 -156.16 19.86
N ASP GA 120 25.03 -156.45 20.06
CA ASP GA 120 25.83 -155.60 20.93
C ASP GA 120 25.93 -154.19 20.35
N ILE GA 121 26.17 -154.08 19.05
CA ILE GA 121 26.21 -152.78 18.40
C ILE GA 121 24.86 -152.09 18.51
N ILE GA 122 23.78 -152.83 18.22
CA ILE GA 122 22.45 -152.22 18.26
C ILE GA 122 22.13 -151.74 19.67
N ASP GA 123 22.50 -152.52 20.69
CA ASP GA 123 22.15 -152.17 22.06
C ASP GA 123 22.99 -151.00 22.56
N ARG GA 124 24.27 -150.94 22.19
CA ARG GA 124 25.08 -149.79 22.60
C ARG GA 124 24.58 -148.53 21.93
N GLU GA 125 24.20 -148.61 20.65
CA GLU GA 125 23.67 -147.43 19.99
C GLU GA 125 22.29 -147.05 20.51
N ALA GA 126 21.54 -148.03 21.03
CA ALA GA 126 20.23 -147.74 21.58
C ALA GA 126 20.34 -147.06 22.94
N ASP GA 127 21.03 -147.71 23.89
CA ASP GA 127 21.14 -147.15 25.23
C ASP GA 127 22.01 -145.91 25.26
N GLY GA 128 22.86 -145.70 24.25
CA GLY GA 128 23.58 -144.44 24.16
C GLY GA 128 22.66 -143.27 23.88
N SER GA 129 21.52 -143.52 23.26
CA SER GA 129 20.57 -142.48 22.93
C SER GA 129 19.76 -142.06 24.15
N ASP GA 130 19.34 -140.80 24.16
CA ASP GA 130 18.51 -140.30 25.26
C ASP GA 130 17.17 -141.01 25.32
N SER GA 131 16.37 -140.89 24.27
CA SER GA 131 15.04 -141.49 24.23
C SER GA 131 14.82 -142.05 22.82
N LEU GA 132 14.99 -143.35 22.66
CA LEU GA 132 14.78 -143.97 21.36
C LEU GA 132 13.31 -143.94 21.00
N GLU GA 133 13.04 -143.84 19.69
CA GLU GA 133 11.67 -143.76 19.20
C GLU GA 133 11.32 -144.91 18.27
N GLY GA 134 12.17 -145.21 17.29
CA GLY GA 134 11.84 -146.25 16.33
C GLY GA 134 13.03 -146.94 15.70
N PHE GA 135 12.79 -147.73 14.67
CA PHE GA 135 13.84 -148.47 13.96
C PHE GA 135 13.48 -148.48 12.47
N VAL GA 136 13.99 -147.49 11.74
CA VAL GA 136 13.80 -147.45 10.30
C VAL GA 136 14.64 -148.54 9.65
N LEU GA 137 14.01 -149.35 8.81
CA LEU GA 137 14.69 -150.46 8.14
C LEU GA 137 14.54 -150.29 6.64
N CYS GA 138 15.67 -150.20 5.94
CA CYS GA 138 15.69 -150.04 4.49
C CYS GA 138 16.35 -151.27 3.89
N HIS GA 139 15.55 -152.09 3.20
CA HIS GA 139 16.04 -153.33 2.62
C HIS GA 139 15.14 -153.73 1.46
N SER GA 140 15.70 -154.58 0.59
CA SER GA 140 14.97 -155.11 -0.59
C SER GA 140 14.50 -156.54 -0.26
N ILE GA 141 13.19 -156.79 -0.38
CA ILE GA 141 12.60 -158.13 -0.04
C ILE GA 141 12.57 -159.01 -1.31
N ALA GA 142 13.09 -158.50 -2.42
CA ALA GA 142 13.07 -159.26 -3.70
C ALA GA 142 13.86 -160.56 -3.55
N GLY GA 143 15.03 -160.53 -2.91
CA GLY GA 143 15.78 -161.77 -2.64
C GLY GA 143 17.18 -161.51 -2.10
N GLY GA 144 17.97 -162.58 -1.96
CA GLY GA 144 19.37 -162.50 -1.47
C GLY GA 144 19.46 -162.78 0.03
N THR GA 145 20.42 -162.13 0.72
CA THR GA 145 20.56 -162.33 2.16
C THR GA 145 19.85 -161.23 2.94
N GLY GA 146 19.67 -160.06 2.33
CA GLY GA 146 19.01 -158.98 3.02
C GLY GA 146 17.61 -159.34 3.46
N SER GA 147 16.88 -160.10 2.64
CA SER GA 147 15.52 -160.49 2.97
C SER GA 147 15.47 -161.28 4.27
N GLY GA 148 16.20 -162.40 4.32
CA GLY GA 148 16.19 -163.23 5.51
C GLY GA 148 16.79 -162.53 6.71
N LEU GA 149 17.83 -161.71 6.50
CA LEU GA 149 18.43 -161.00 7.61
C LEU GA 149 17.45 -160.00 8.21
N GLY GA 150 16.71 -159.28 7.36
CA GLY GA 150 15.71 -158.37 7.87
C GLY GA 150 14.57 -159.10 8.55
N SER GA 151 14.20 -160.27 8.03
CA SER GA 151 13.22 -161.12 8.70
C SER GA 151 13.65 -161.42 10.13
N TYR GA 152 14.88 -161.94 10.27
CA TYR GA 152 15.40 -162.30 11.58
C TYR GA 152 15.49 -161.09 12.49
N LEU GA 153 15.96 -159.95 11.96
CA LEU GA 153 16.10 -158.76 12.78
C LEU GA 153 14.74 -158.24 13.24
N LEU GA 154 13.73 -158.30 12.37
CA LEU GA 154 12.39 -157.88 12.76
C LEU GA 154 11.86 -158.77 13.87
N GLU GA 155 12.05 -160.09 13.74
CA GLU GA 155 11.60 -160.99 14.81
C GLU GA 155 12.30 -160.67 16.12
N ARG GA 156 13.61 -160.49 16.09
CA ARG GA 156 14.34 -160.26 17.32
C ARG GA 156 14.03 -158.90 17.93
N LEU GA 157 13.74 -157.90 17.11
CA LEU GA 157 13.37 -156.60 17.65
C LEU GA 157 11.97 -156.62 18.25
N ASN GA 158 11.06 -157.37 17.63
CA ASN GA 158 9.76 -157.58 18.26
C ASN GA 158 9.90 -158.33 19.58
N ASP GA 159 10.92 -159.20 19.67
CA ASP GA 159 11.16 -159.91 20.92
C ASP GA 159 11.68 -158.98 22.00
N ARG GA 160 12.80 -158.29 21.73
CA ARG GA 160 13.47 -157.54 22.79
C ARG GA 160 12.73 -156.25 23.12
N TYR GA 161 12.62 -155.34 22.15
CA TYR GA 161 12.02 -154.03 22.39
C TYR GA 161 10.53 -154.08 22.10
N PRO GA 162 9.67 -153.99 23.10
CA PRO GA 162 8.23 -154.09 22.84
C PRO GA 162 7.54 -152.74 22.67
N LYS GA 163 8.25 -151.65 22.94
CA LYS GA 163 7.66 -150.32 22.92
C LYS GA 163 8.27 -149.43 21.84
N LYS GA 164 8.88 -150.02 20.82
CA LYS GA 164 9.55 -149.27 19.76
C LYS GA 164 8.83 -149.51 18.44
N LEU GA 165 8.35 -148.44 17.83
CA LEU GA 165 7.73 -148.53 16.52
C LEU GA 165 8.79 -148.94 15.49
N VAL GA 166 8.36 -149.71 14.50
CA VAL GA 166 9.25 -150.21 13.46
C VAL GA 166 8.63 -149.88 12.11
N GLN GA 167 9.22 -148.91 11.41
CA GLN GA 167 8.84 -148.59 10.05
C GLN GA 167 9.86 -149.17 9.08
N THR GA 168 9.41 -149.55 7.89
CA THR GA 168 10.24 -150.27 6.94
C THR GA 168 10.06 -149.68 5.55
N TYR GA 169 11.14 -149.20 4.96
CA TYR GA 169 11.13 -148.73 3.58
C TYR GA 169 11.50 -149.87 2.63
N SER GA 170 10.69 -150.92 2.66
CA SER GA 170 10.97 -152.10 1.87
C SER GA 170 10.76 -151.83 0.38
N VAL GA 171 11.56 -152.48 -0.45
CA VAL GA 171 11.55 -152.29 -1.89
C VAL GA 171 11.13 -153.59 -2.55
N PHE GA 172 10.08 -153.53 -3.38
CA PHE GA 172 9.54 -154.67 -4.09
C PHE GA 172 10.22 -154.84 -5.44
N PRO GA 173 10.29 -156.07 -5.96
CA PRO GA 173 10.96 -156.32 -7.25
C PRO GA 173 10.17 -155.78 -8.44
N VAL GA 183 13.03 -168.16 -7.75
CA VAL GA 183 13.17 -168.32 -6.32
C VAL GA 183 12.78 -167.01 -5.63
N GLN GA 184 12.69 -165.95 -6.43
CA GLN GA 184 12.29 -164.65 -5.91
C GLN GA 184 10.93 -164.68 -5.21
N PRO GA 185 9.88 -165.32 -5.76
CA PRO GA 185 8.59 -165.32 -5.06
C PRO GA 185 8.67 -165.90 -3.65
N TYR GA 186 9.48 -166.94 -3.45
CA TYR GA 186 9.63 -167.52 -2.12
C TYR GA 186 10.10 -166.48 -1.13
N ASN GA 187 11.24 -165.86 -1.40
CA ASN GA 187 11.80 -164.87 -0.48
C ASN GA 187 10.82 -163.72 -0.28
N SER GA 188 10.18 -163.25 -1.35
CA SER GA 188 9.26 -162.13 -1.22
C SER GA 188 8.11 -162.48 -0.29
N LEU GA 189 7.49 -163.65 -0.48
CA LEU GA 189 6.34 -164.01 0.34
C LEU GA 189 6.75 -164.24 1.79
N LEU GA 190 7.94 -164.79 2.01
CA LEU GA 190 8.41 -164.96 3.39
C LEU GA 190 8.60 -163.61 4.07
N THR GA 191 9.17 -162.63 3.34
CA THR GA 191 9.32 -161.30 3.90
C THR GA 191 7.96 -160.68 4.19
N LEU GA 192 6.97 -160.88 3.31
CA LEU GA 192 5.63 -160.37 3.61
C LEU GA 192 5.05 -161.03 4.84
N LYS GA 193 5.27 -162.33 5.00
CA LYS GA 193 4.77 -163.02 6.19
C LYS GA 193 5.36 -162.43 7.45
N ARG GA 194 6.66 -162.12 7.44
CA ARG GA 194 7.25 -161.56 8.64
C ARG GA 194 6.90 -160.09 8.82
N LEU GA 195 6.54 -159.39 7.74
CA LEU GA 195 6.27 -157.96 7.83
C LEU GA 195 4.84 -157.65 8.20
N THR GA 196 3.91 -158.59 8.02
CA THR GA 196 2.50 -158.32 8.25
C THR GA 196 2.11 -158.42 9.72
N GLN GA 197 3.03 -158.76 10.61
CA GLN GA 197 2.70 -158.87 12.02
C GLN GA 197 3.69 -158.14 12.90
N ASN GA 198 4.93 -157.99 12.42
CA ASN GA 198 5.98 -157.37 13.24
C ASN GA 198 6.08 -155.87 13.00
N ALA GA 199 6.32 -155.46 11.77
CA ALA GA 199 6.49 -154.04 11.45
C ALA GA 199 5.19 -153.29 11.70
N ASP GA 200 5.24 -152.29 12.57
CA ASP GA 200 4.06 -151.49 12.88
C ASP GA 200 3.69 -150.53 11.77
N CYS GA 201 4.49 -150.43 10.71
CA CYS GA 201 4.17 -149.67 9.52
C CYS GA 201 5.06 -150.16 8.39
N LEU GA 202 4.72 -149.77 7.17
CA LEU GA 202 5.48 -150.22 6.02
C LEU GA 202 5.17 -149.33 4.82
N VAL GA 203 6.20 -149.08 4.01
CA VAL GA 203 6.06 -148.29 2.79
C VAL GA 203 6.62 -149.13 1.65
N VAL GA 204 5.80 -149.35 0.63
CA VAL GA 204 6.19 -150.19 -0.49
C VAL GA 204 6.88 -149.36 -1.56
N LEU GA 205 7.82 -149.98 -2.26
CA LEU GA 205 8.53 -149.36 -3.37
C LEU GA 205 8.79 -150.43 -4.41
N ASP GA 206 8.09 -150.37 -5.54
CA ASP GA 206 8.21 -151.34 -6.60
C ASP GA 206 9.17 -150.84 -7.66
N ASN GA 207 10.17 -151.65 -7.99
CA ASN GA 207 11.14 -151.27 -9.02
C ASN GA 207 10.49 -151.20 -10.40
N THR GA 208 9.39 -151.92 -10.62
CA THR GA 208 8.73 -151.88 -11.92
C THR GA 208 8.15 -150.49 -12.21
N ALA GA 209 7.42 -149.93 -11.25
CA ALA GA 209 6.85 -148.60 -11.45
C ALA GA 209 7.95 -147.55 -11.55
N LEU GA 210 9.01 -147.68 -10.76
CA LEU GA 210 10.12 -146.74 -10.84
C LEU GA 210 10.77 -146.79 -12.22
N ASN GA 211 10.99 -148.00 -12.76
CA ASN GA 211 11.56 -148.12 -14.08
C ASN GA 211 10.63 -147.56 -15.14
N ARG GA 212 9.32 -147.78 -14.98
CA ARG GA 212 8.35 -147.19 -15.91
C ARG GA 212 8.46 -145.68 -15.93
N ILE GA 213 8.50 -145.06 -14.75
CA ILE GA 213 8.60 -143.60 -14.68
C ILE GA 213 9.94 -143.13 -15.26
N ALA GA 214 11.00 -143.91 -15.04
CA ALA GA 214 12.31 -143.53 -15.58
C ALA GA 214 12.29 -143.54 -17.10
N THR GA 215 11.71 -144.58 -17.71
CA THR GA 215 11.62 -144.60 -19.16
C THR GA 215 10.67 -143.53 -19.69
N ASP GA 216 9.62 -143.21 -18.93
CA ASP GA 216 8.65 -142.21 -19.40
C ASP GA 216 9.23 -140.81 -19.37
N ARG GA 217 9.61 -140.33 -18.19
CA ARG GA 217 9.92 -138.92 -18.00
C ARG GA 217 11.38 -138.67 -17.65
N LEU GA 218 12.22 -139.71 -17.65
CA LEU GA 218 13.66 -139.54 -17.50
C LEU GA 218 14.45 -140.10 -18.68
N HIS GA 219 13.87 -141.01 -19.46
CA HIS GA 219 14.48 -141.52 -20.70
C HIS GA 219 15.86 -142.13 -20.44
N ILE GA 220 15.86 -143.21 -19.67
CA ILE GA 220 17.11 -143.89 -19.34
C ILE GA 220 17.47 -144.98 -20.36
N GLN GA 221 16.52 -145.46 -21.13
CA GLN GA 221 16.79 -146.50 -22.12
C GLN GA 221 15.71 -146.52 -23.21
N SER GA 224 18.90 -147.69 -14.98
CA SER GA 224 20.10 -147.91 -14.16
C SER GA 224 19.79 -147.73 -12.69
N PHE GA 225 20.46 -148.51 -11.85
CA PHE GA 225 20.25 -148.41 -10.40
C PHE GA 225 20.56 -147.00 -9.90
N SER GA 226 21.69 -146.44 -10.31
CA SER GA 226 22.12 -145.14 -9.82
C SER GA 226 21.23 -144.00 -10.28
N GLN GA 227 20.23 -144.27 -11.11
CA GLN GA 227 19.28 -143.25 -11.54
C GLN GA 227 17.94 -143.38 -10.82
N ILE GA 228 17.40 -144.59 -10.71
CA ILE GA 228 16.18 -144.79 -9.94
C ILE GA 228 16.43 -144.54 -8.46
N ASN GA 229 17.64 -144.79 -7.99
CA ASN GA 229 17.96 -144.53 -6.59
C ASN GA 229 17.87 -143.04 -6.27
N GLN GA 230 18.09 -142.18 -7.26
CA GLN GA 230 17.91 -140.75 -7.04
C GLN GA 230 16.46 -140.44 -6.65
N LEU GA 231 15.50 -140.93 -7.45
CA LEU GA 231 14.10 -140.70 -7.14
C LEU GA 231 13.71 -141.37 -5.82
N VAL GA 232 14.28 -142.55 -5.56
CA VAL GA 232 13.99 -143.24 -4.30
C VAL GA 232 14.43 -142.38 -3.11
N SER GA 233 15.66 -141.87 -3.16
CA SER GA 233 16.16 -141.04 -2.08
C SER GA 233 15.38 -139.74 -1.97
N THR GA 234 14.92 -139.20 -3.10
CA THR GA 234 14.09 -138.00 -3.04
C THR GA 234 12.80 -138.28 -2.27
N ILE GA 235 12.12 -139.38 -2.60
CA ILE GA 235 10.89 -139.74 -1.90
C ILE GA 235 11.17 -139.96 -0.42
N MET GA 236 12.27 -140.65 -0.11
CA MET GA 236 12.58 -140.95 1.29
C MET GA 236 12.84 -139.67 2.07
N SER GA 237 13.70 -138.80 1.54
CA SER GA 237 13.99 -137.54 2.22
C SER GA 237 12.74 -136.71 2.40
N ALA GA 238 11.87 -136.67 1.40
CA ALA GA 238 10.63 -135.92 1.53
C ALA GA 238 9.65 -136.59 2.49
N SER GA 239 9.85 -137.89 2.77
CA SER GA 239 8.93 -138.60 3.65
C SER GA 239 9.01 -138.09 5.08
N THR GA 240 10.23 -137.90 5.59
CA THR GA 240 10.45 -137.44 6.96
C THR GA 240 10.71 -135.95 7.03
N THR GA 241 10.05 -135.17 6.17
CA THR GA 241 10.27 -133.74 6.15
C THR GA 241 9.73 -133.07 7.40
N THR GA 242 8.53 -133.43 7.82
CA THR GA 242 7.89 -132.77 8.95
C THR GA 242 8.59 -133.04 10.27
N LEU GA 243 9.46 -134.04 10.34
CA LEU GA 243 10.17 -134.31 11.58
C LEU GA 243 11.37 -133.39 11.77
N ARG GA 244 12.02 -132.98 10.68
CA ARG GA 244 13.21 -132.16 10.79
C ARG GA 244 12.90 -130.67 10.81
N TYR GA 245 11.82 -130.24 10.17
CA TYR GA 245 11.39 -128.84 10.20
C TYR GA 245 10.12 -128.75 11.03
N PRO GA 246 10.20 -128.26 12.28
CA PRO GA 246 9.04 -128.34 13.16
C PRO GA 246 7.91 -127.45 12.69
N GLY GA 247 6.69 -127.96 12.77
CA GLY GA 247 5.51 -127.21 12.41
C GLY GA 247 4.47 -127.26 13.50
N TYR GA 248 3.22 -126.91 13.17
CA TYR GA 248 2.16 -126.93 14.17
C TYR GA 248 1.89 -128.35 14.64
N MET GA 249 1.82 -129.30 13.71
CA MET GA 249 1.57 -130.70 14.02
C MET GA 249 2.72 -131.55 13.50
N ASN GA 250 2.61 -132.86 13.74
CA ASN GA 250 3.55 -133.85 13.20
C ASN GA 250 4.98 -133.58 13.67
N ASN GA 251 5.18 -133.64 14.97
CA ASN GA 251 6.50 -133.50 15.56
C ASN GA 251 7.08 -134.84 16.02
N ASP GA 252 6.40 -135.94 15.74
CA ASP GA 252 6.85 -137.26 16.18
C ASP GA 252 6.29 -138.31 15.23
N LEU GA 253 6.93 -139.48 15.24
CA LEU GA 253 6.56 -140.54 14.31
C LEU GA 253 5.14 -141.02 14.54
N ILE GA 254 4.70 -141.05 15.80
CA ILE GA 254 3.33 -141.48 16.08
C ILE GA 254 2.33 -140.53 15.45
N GLY GA 255 2.65 -139.24 15.38
CA GLY GA 255 1.75 -138.30 14.72
C GLY GA 255 1.56 -138.61 13.25
N LEU GA 256 2.54 -139.24 12.62
CA LEU GA 256 2.40 -139.64 11.23
C LEU GA 256 1.72 -141.00 11.10
N ILE GA 257 2.00 -141.91 12.03
CA ILE GA 257 1.49 -143.28 11.91
C ILE GA 257 0.02 -143.35 12.32
N ALA GA 258 -0.28 -142.93 13.55
CA ALA GA 258 -1.62 -143.13 14.10
C ALA GA 258 -2.71 -142.42 13.31
N SER GA 259 -2.34 -141.42 12.50
CA SER GA 259 -3.35 -140.74 11.70
C SER GA 259 -3.81 -141.62 10.54
N LEU GA 260 -2.86 -142.29 9.89
CA LEU GA 260 -3.18 -143.07 8.69
C LEU GA 260 -3.71 -144.46 9.05
N ILE GA 261 -2.90 -145.26 9.71
CA ILE GA 261 -3.22 -146.67 9.98
C ILE GA 261 -4.35 -146.76 11.01
N PRO GA 262 -5.56 -147.14 10.59
CA PRO GA 262 -6.67 -147.19 11.55
C PRO GA 262 -6.70 -148.46 12.39
N THR GA 263 -6.31 -149.59 11.79
CA THR GA 263 -6.30 -150.88 12.44
C THR GA 263 -4.93 -151.53 12.26
N PRO GA 264 -4.51 -152.39 13.20
CA PRO GA 264 -3.14 -152.92 13.14
C PRO GA 264 -2.83 -153.76 11.91
N ARG GA 265 -3.83 -154.18 11.14
CA ARG GA 265 -3.56 -155.01 9.97
C ARG GA 265 -3.29 -154.19 8.72
N LEU GA 266 -4.06 -153.12 8.50
CA LEU GA 266 -3.98 -152.34 7.27
C LEU GA 266 -2.84 -151.33 7.37
N HIS GA 267 -1.61 -151.86 7.36
CA HIS GA 267 -0.45 -151.01 7.58
C HIS GA 267 0.52 -151.04 6.40
N PHE GA 268 -0.01 -150.95 5.18
CA PHE GA 268 0.79 -150.82 3.98
C PHE GA 268 0.43 -149.54 3.27
N LEU GA 269 1.42 -148.72 2.95
CA LEU GA 269 1.20 -147.40 2.39
C LEU GA 269 1.91 -147.26 1.05
N MET GA 270 1.41 -146.36 0.22
CA MET GA 270 2.02 -146.04 -1.07
C MET GA 270 2.32 -144.55 -1.13
N THR GA 271 3.25 -144.20 -2.03
CA THR GA 271 3.78 -142.85 -2.11
C THR GA 271 3.47 -142.22 -3.46
N GLY GA 272 3.47 -140.88 -3.48
CA GLY GA 272 3.31 -140.12 -4.70
C GLY GA 272 4.05 -138.81 -4.63
N TYR GA 273 4.73 -138.43 -5.72
CA TYR GA 273 5.58 -137.25 -5.73
C TYR GA 273 5.37 -136.55 -7.07
N THR GA 274 4.58 -135.48 -7.08
CA THR GA 274 4.16 -134.85 -8.32
C THR GA 274 5.21 -133.98 -9.02
N PRO GA 275 6.09 -133.21 -8.32
CA PRO GA 275 6.99 -132.33 -9.06
C PRO GA 275 8.18 -133.10 -9.63
N LEU GA 276 8.16 -133.31 -10.94
CA LEU GA 276 9.23 -134.04 -11.61
C LEU GA 276 9.82 -133.22 -12.75
N THR GA 288 1.87 -121.40 -9.42
CA THR GA 288 1.37 -122.72 -9.07
C THR GA 288 0.64 -122.69 -7.72
N THR GA 289 -0.60 -123.15 -7.72
CA THR GA 289 -1.42 -123.18 -6.53
C THR GA 289 -1.47 -124.59 -5.93
N VAL GA 290 -1.89 -124.66 -4.68
CA VAL GA 290 -1.98 -125.96 -4.01
C VAL GA 290 -3.07 -126.82 -4.65
N LEU GA 291 -4.07 -126.20 -5.27
CA LEU GA 291 -5.10 -126.97 -5.95
C LEU GA 291 -4.51 -127.75 -7.12
N ASP GA 292 -3.62 -127.12 -7.88
CA ASP GA 292 -2.96 -127.83 -8.97
C ASP GA 292 -2.13 -129.00 -8.44
N VAL GA 293 -1.44 -128.79 -7.32
CA VAL GA 293 -0.62 -129.85 -6.75
C VAL GA 293 -1.50 -131.03 -6.33
N MET GA 294 -2.59 -130.73 -5.62
CA MET GA 294 -3.47 -131.80 -5.15
C MET GA 294 -4.16 -132.50 -6.31
N ARG GA 295 -4.45 -131.79 -7.41
CA ARG GA 295 -5.07 -132.43 -8.55
C ARG GA 295 -4.08 -133.31 -9.31
N ARG GA 296 -2.81 -132.90 -9.37
CA ARG GA 296 -1.80 -133.73 -10.00
C ARG GA 296 -1.35 -134.88 -9.13
N LEU GA 297 -1.55 -134.80 -7.82
CA LEU GA 297 -1.12 -135.87 -6.93
C LEU GA 297 -2.03 -137.09 -7.05
N LEU GA 298 -3.34 -136.86 -7.04
CA LEU GA 298 -4.30 -137.95 -7.09
C LEU GA 298 -4.39 -138.62 -8.45
N GLN GA 299 -3.59 -138.21 -9.42
CA GLN GA 299 -3.57 -138.90 -10.71
C GLN GA 299 -2.79 -140.20 -10.60
N PRO GA 300 -3.31 -141.29 -11.16
CA PRO GA 300 -2.58 -142.56 -11.11
C PRO GA 300 -1.27 -142.56 -11.88
N LYS GA 301 -0.99 -141.50 -12.64
CA LYS GA 301 0.24 -141.42 -13.41
C LYS GA 301 1.48 -141.28 -12.53
N ASN GA 302 1.32 -140.76 -11.32
CA ASN GA 302 2.45 -140.45 -10.46
C ASN GA 302 2.67 -141.43 -9.32
N VAL GA 303 1.64 -142.19 -8.93
CA VAL GA 303 1.76 -143.08 -7.78
C VAL GA 303 2.69 -144.23 -8.12
N MET GA 304 3.65 -144.49 -7.22
CA MET GA 304 4.63 -145.56 -7.41
C MET GA 304 4.01 -146.92 -7.09
N VAL GA 305 3.01 -147.28 -7.89
CA VAL GA 305 2.31 -148.56 -7.73
C VAL GA 305 1.95 -149.09 -9.12
N SER GA 306 2.21 -150.36 -9.34
CA SER GA 306 1.86 -151.00 -10.61
C SER GA 306 0.35 -151.04 -10.81
N ASN GA 314 -15.04 -153.21 -4.98
CA ASN GA 314 -14.37 -152.17 -5.76
C ASN GA 314 -13.07 -151.74 -5.08
N HIS GA 315 -12.81 -150.44 -5.06
CA HIS GA 315 -11.61 -149.91 -4.45
C HIS GA 315 -11.89 -148.49 -3.95
N CYS GA 316 -11.19 -148.11 -2.89
CA CYS GA 316 -11.36 -146.79 -2.29
C CYS GA 316 -10.17 -146.53 -1.38
N TYR GA 317 -10.17 -145.33 -0.78
CA TYR GA 317 -9.08 -144.87 0.07
C TYR GA 317 -9.41 -145.05 1.54
N ILE GA 318 -8.36 -145.21 2.35
CA ILE GA 318 -8.49 -145.33 3.79
C ILE GA 318 -7.98 -144.09 4.51
N ALA GA 319 -6.85 -143.54 4.05
CA ALA GA 319 -6.31 -142.32 4.63
C ALA GA 319 -5.30 -141.72 3.67
N ILE GA 320 -5.33 -140.39 3.56
CA ILE GA 320 -4.47 -139.64 2.66
C ILE GA 320 -3.76 -138.55 3.45
N LEU GA 321 -2.47 -138.38 3.20
CA LEU GA 321 -1.70 -137.32 3.85
C LEU GA 321 -0.88 -136.60 2.79
N ASN GA 322 -0.94 -135.27 2.79
CA ASN GA 322 -0.21 -134.44 1.86
C ASN GA 322 0.80 -133.58 2.62
N ILE GA 323 2.01 -133.50 2.08
CA ILE GA 323 3.07 -132.66 2.63
C ILE GA 323 3.48 -131.67 1.55
N ILE GA 324 3.32 -130.38 1.83
CA ILE GA 324 3.65 -129.32 0.87
C ILE GA 324 4.85 -128.57 1.41
N GLN GA 325 5.92 -128.54 0.62
CA GLN GA 325 7.19 -127.94 1.05
C GLN GA 325 7.40 -126.55 0.50
N GLY GA 326 6.43 -125.99 -0.22
CA GLY GA 326 6.61 -124.71 -0.86
C GLY GA 326 6.30 -123.53 0.03
N GLU GA 327 6.49 -122.33 -0.53
CA GLU GA 327 6.16 -121.08 0.13
C GLU GA 327 4.78 -120.58 -0.25
N VAL GA 328 3.84 -121.50 -0.51
CA VAL GA 328 2.53 -121.12 -0.99
C VAL GA 328 1.76 -120.34 0.08
N ASP GA 329 0.71 -119.68 -0.37
CA ASP GA 329 -0.19 -118.98 0.55
C ASP GA 329 -1.04 -120.01 1.27
N PRO GA 330 -0.92 -120.14 2.60
CA PRO GA 330 -1.64 -121.20 3.32
C PRO GA 330 -3.12 -120.94 3.52
N THR GA 331 -3.70 -119.92 2.90
CA THR GA 331 -5.13 -119.65 3.06
C THR GA 331 -5.98 -120.34 2.00
N GLN GA 332 -5.38 -120.80 0.91
CA GLN GA 332 -6.11 -121.43 -0.19
C GLN GA 332 -6.21 -122.95 -0.04
N VAL GA 333 -5.68 -123.52 1.04
CA VAL GA 333 -5.72 -124.96 1.19
C VAL GA 333 -7.13 -125.44 1.49
N HIS GA 334 -7.87 -124.70 2.32
CA HIS GA 334 -9.24 -125.08 2.61
C HIS GA 334 -10.11 -125.00 1.37
N LYS GA 335 -9.88 -123.99 0.53
CA LYS GA 335 -10.60 -123.91 -0.74
C LYS GA 335 -10.24 -125.08 -1.64
N SER GA 336 -8.96 -125.49 -1.63
CA SER GA 336 -8.54 -126.65 -2.40
C SER GA 336 -9.30 -127.90 -1.96
N LEU GA 337 -9.38 -128.12 -0.64
CA LEU GA 337 -10.09 -129.29 -0.15
C LEU GA 337 -11.58 -129.21 -0.46
N GLN GA 338 -12.17 -128.02 -0.35
CA GLN GA 338 -13.57 -127.84 -0.69
C GLN GA 338 -13.83 -128.23 -2.14
N ARG GA 339 -13.00 -127.74 -3.06
CA ARG GA 339 -13.21 -128.04 -4.46
C ARG GA 339 -12.93 -129.50 -4.78
N ILE GA 340 -11.96 -130.12 -4.08
CA ILE GA 340 -11.69 -131.53 -4.28
C ILE GA 340 -12.89 -132.36 -3.86
N ARG GA 341 -13.50 -132.01 -2.73
CA ARG GA 341 -14.71 -132.70 -2.30
C ARG GA 341 -15.86 -132.46 -3.28
N GLU GA 342 -15.95 -131.24 -3.81
CA GLU GA 342 -17.01 -130.92 -4.76
C GLU GA 342 -16.91 -131.79 -6.01
N ARG GA 343 -15.76 -131.74 -6.67
CA ARG GA 343 -15.59 -132.47 -7.93
C ARG GA 343 -15.54 -133.98 -7.75
N LYS GA 344 -15.37 -134.47 -6.52
CA LYS GA 344 -15.39 -135.90 -6.21
C LYS GA 344 -14.32 -136.64 -7.02
N LEU GA 345 -13.06 -136.31 -6.75
CA LEU GA 345 -11.95 -136.93 -7.45
C LEU GA 345 -11.46 -138.20 -6.77
N ALA GA 346 -11.82 -138.43 -5.51
CA ALA GA 346 -11.37 -139.61 -4.78
C ALA GA 346 -12.49 -140.11 -3.88
N ASN GA 347 -12.48 -141.42 -3.63
CA ASN GA 347 -13.48 -142.08 -2.81
C ASN GA 347 -12.87 -142.55 -1.49
N PHE GA 348 -13.72 -142.72 -0.50
CA PHE GA 348 -13.30 -143.13 0.84
C PHE GA 348 -14.05 -144.39 1.26
N ILE GA 349 -13.68 -144.90 2.43
CA ILE GA 349 -14.31 -146.09 3.00
C ILE GA 349 -15.76 -145.75 3.35
N PRO GA 350 -16.69 -146.69 3.22
CA PRO GA 350 -18.09 -146.39 3.51
C PRO GA 350 -18.45 -146.59 4.98
N TRP GA 351 -17.65 -147.38 5.71
CA TRP GA 351 -18.02 -147.73 7.08
C TRP GA 351 -17.63 -146.61 8.05
N GLY GA 352 -16.35 -146.28 8.11
CA GLY GA 352 -15.87 -145.30 9.06
C GLY GA 352 -15.60 -143.94 8.45
N PRO GA 353 -15.63 -142.90 9.28
CA PRO GA 353 -15.30 -141.56 8.79
C PRO GA 353 -13.81 -141.42 8.54
N ALA GA 354 -13.40 -141.38 7.28
CA ALA GA 354 -12.01 -141.21 6.90
C ALA GA 354 -11.87 -139.95 6.06
N SER GA 355 -10.87 -139.14 6.37
CA SER GA 355 -10.66 -137.86 5.71
C SER GA 355 -9.23 -137.76 5.21
N ILE GA 356 -8.93 -136.66 4.54
CA ILE GA 356 -7.61 -136.39 4.00
C ILE GA 356 -6.98 -135.28 4.83
N GLN GA 357 -5.71 -135.45 5.20
CA GLN GA 357 -4.99 -134.48 6.01
C GLN GA 357 -3.88 -133.85 5.17
N VAL GA 358 -3.65 -132.57 5.39
CA VAL GA 358 -2.65 -131.81 4.64
C VAL GA 358 -1.81 -131.01 5.62
N ALA GA 359 -0.50 -130.93 5.37
CA ALA GA 359 0.41 -130.20 6.22
C ALA GA 359 1.46 -129.52 5.35
N LEU GA 360 2.01 -128.42 5.86
CA LEU GA 360 3.01 -127.66 5.15
C LEU GA 360 4.34 -127.71 5.90
N SER GA 361 5.38 -127.23 5.23
CA SER GA 361 6.73 -127.24 5.80
C SER GA 361 7.55 -126.17 5.09
N ARG GA 362 8.86 -126.22 5.26
CA ARG GA 362 9.77 -125.28 4.63
C ARG GA 362 10.90 -126.03 3.94
N LYS GA 363 11.20 -125.62 2.71
CA LYS GA 363 12.32 -126.20 2.00
C LYS GA 363 13.64 -125.78 2.63
N SER GA 364 14.67 -126.59 2.42
CA SER GA 364 15.98 -126.29 2.96
C SER GA 364 16.54 -125.05 2.29
N PRO GA 365 16.78 -123.96 3.04
CA PRO GA 365 17.26 -122.73 2.39
C PRO GA 365 18.64 -122.88 1.77
N TYR GA 366 19.48 -123.75 2.30
CA TYR GA 366 20.81 -123.95 1.74
C TYR GA 366 20.78 -124.66 0.40
N LEU GA 367 19.70 -125.38 0.09
CA LEU GA 367 19.60 -126.08 -1.17
C LEU GA 367 19.32 -125.12 -2.32
N ARG GA 372 10.00 -122.14 -6.10
CA ARG GA 372 9.91 -123.59 -6.18
C ARG GA 372 8.87 -124.12 -5.19
N VAL GA 373 7.99 -125.00 -5.67
CA VAL GA 373 6.95 -125.59 -4.86
C VAL GA 373 6.88 -127.08 -5.17
N SER GA 374 6.94 -127.91 -4.13
CA SER GA 374 6.92 -129.36 -4.27
C SER GA 374 5.81 -129.93 -3.39
N GLY GA 375 5.69 -131.25 -3.40
CA GLY GA 375 4.68 -131.91 -2.61
C GLY GA 375 4.75 -133.43 -2.67
N LEU GA 376 4.42 -134.08 -1.56
CA LEU GA 376 4.39 -135.54 -1.49
C LEU GA 376 3.08 -136.00 -0.88
N MET GA 377 2.71 -137.24 -1.19
CA MET GA 377 1.44 -137.81 -0.75
C MET GA 377 1.66 -139.24 -0.28
N MET GA 378 1.19 -139.53 0.92
CA MET GA 378 1.20 -140.88 1.48
C MET GA 378 -0.24 -141.38 1.58
N ALA GA 379 -0.51 -142.53 0.97
CA ALA GA 379 -1.86 -143.03 0.86
C ALA GA 379 -1.98 -144.44 1.42
N ASN GA 380 -3.17 -144.75 1.92
CA ASN GA 380 -3.53 -146.10 2.36
C ASN GA 380 -4.62 -146.59 1.42
N HIS GA 381 -4.22 -147.17 0.29
CA HIS GA 381 -5.13 -147.60 -0.76
C HIS GA 381 -5.27 -149.12 -0.73
N THR GA 382 -6.50 -149.61 -0.85
CA THR GA 382 -6.76 -151.04 -0.82
C THR GA 382 -6.28 -151.75 -2.07
N SER GA 383 -5.89 -151.01 -3.12
CA SER GA 383 -5.45 -151.65 -4.36
C SER GA 383 -4.10 -152.35 -4.20
N ILE GA 384 -3.31 -151.98 -3.19
CA ILE GA 384 -1.97 -152.53 -3.04
C ILE GA 384 -2.01 -154.05 -2.93
N SER GA 385 -3.09 -154.59 -2.36
CA SER GA 385 -3.23 -156.04 -2.23
C SER GA 385 -3.00 -156.74 -3.56
N SER GA 386 -3.42 -156.11 -4.66
CA SER GA 386 -3.24 -156.70 -5.99
C SER GA 386 -1.82 -157.20 -6.18
N LEU GA 387 -0.83 -156.36 -5.84
CA LEU GA 387 0.57 -156.76 -5.98
C LEU GA 387 0.82 -158.09 -5.30
N PHE GA 388 0.45 -158.21 -4.02
CA PHE GA 388 0.63 -159.46 -3.29
C PHE GA 388 0.07 -160.63 -4.07
N GLU GA 389 -1.14 -160.48 -4.62
CA GLU GA 389 -1.78 -161.55 -5.38
C GLU GA 389 -0.82 -162.11 -6.42
N ARG GA 390 -0.20 -161.23 -7.20
CA ARG GA 390 0.76 -161.66 -8.21
C ARG GA 390 1.79 -162.60 -7.58
N THR GA 391 2.49 -162.11 -6.56
CA THR GA 391 3.44 -162.96 -5.83
C THR GA 391 2.76 -164.26 -5.42
N CYS GA 392 1.64 -164.14 -4.73
CA CYS GA 392 0.86 -165.31 -4.34
C CYS GA 392 0.67 -166.24 -5.53
N ARG GA 393 0.13 -165.69 -6.62
CA ARG GA 393 -0.09 -166.47 -7.82
C ARG GA 393 1.19 -167.20 -8.22
N GLN GA 394 2.29 -166.46 -8.34
CA GLN GA 394 3.54 -167.07 -8.76
C GLN GA 394 3.93 -168.20 -7.81
N TYR GA 395 3.75 -167.99 -6.50
CA TYR GA 395 4.08 -169.04 -5.55
C TYR GA 395 3.33 -170.32 -5.87
N ASP GA 396 2.02 -170.21 -6.15
CA ASP GA 396 1.26 -171.38 -6.56
C ASP GA 396 1.85 -171.99 -7.81
N LYS GA 397 2.17 -171.16 -8.81
CA LYS GA 397 2.82 -171.67 -10.00
C LYS GA 397 4.16 -172.30 -9.67
N LEU GA 398 4.87 -171.78 -8.66
CA LEU GA 398 6.11 -172.39 -8.23
C LEU GA 398 5.88 -173.61 -7.35
N ARG GA 399 4.72 -173.71 -6.71
CA ARG GA 399 4.45 -174.84 -5.83
C ARG GA 399 4.12 -176.11 -6.60
N LYS GA 400 3.75 -175.99 -7.88
CA LYS GA 400 3.36 -177.14 -8.69
C LYS GA 400 4.33 -177.40 -9.84
N ARG GA 401 5.54 -176.87 -9.77
CA ARG GA 401 6.55 -177.12 -10.79
C ARG GA 401 7.92 -177.50 -10.23
N GLU GA 402 8.24 -177.14 -8.99
CA GLU GA 402 9.51 -177.47 -8.36
C GLU GA 402 10.71 -177.06 -9.23
N ASP GA 416 13.56 -179.53 5.76
CA ASP GA 416 13.16 -180.80 6.35
C ASP GA 416 11.65 -181.01 6.27
N ASN GA 417 10.89 -179.99 6.68
CA ASN GA 417 9.44 -180.06 6.68
C ASN GA 417 8.78 -179.21 5.60
N PHE GA 418 9.39 -178.08 5.25
CA PHE GA 418 8.86 -177.16 4.24
C PHE GA 418 7.47 -176.66 4.58
N ASP GA 419 7.17 -176.51 5.88
CA ASP GA 419 5.85 -176.05 6.30
C ASP GA 419 5.81 -174.55 6.55
N GLU GA 420 6.97 -173.93 6.79
CA GLU GA 420 6.99 -172.49 7.06
C GLU GA 420 6.48 -171.71 5.85
N MET GA 421 6.83 -172.14 4.64
CA MET GA 421 6.31 -171.48 3.45
C MET GA 421 4.81 -171.63 3.35
N ASP GA 422 4.28 -172.79 3.77
CA ASP GA 422 2.83 -172.97 3.77
C ASP GA 422 2.16 -172.03 4.76
N THR GA 423 2.74 -171.88 5.96
CA THR GA 423 2.18 -170.94 6.93
C THR GA 423 2.25 -169.52 6.40
N SER GA 424 3.32 -169.19 5.68
CA SER GA 424 3.45 -167.86 5.09
C SER GA 424 2.35 -167.62 4.06
N ARG GA 425 2.12 -168.60 3.18
CA ARG GA 425 1.03 -168.50 2.22
C ARG GA 425 -0.31 -168.33 2.94
N GLU GA 426 -0.51 -169.05 4.04
CA GLU GA 426 -1.75 -168.95 4.79
C GLU GA 426 -1.96 -167.54 5.31
N ILE GA 427 -0.92 -166.96 5.92
CA ILE GA 427 -1.10 -165.65 6.54
C ILE GA 427 -1.22 -164.55 5.48
N VAL GA 428 -0.53 -164.68 4.35
CA VAL GA 428 -0.70 -163.67 3.31
C VAL GA 428 -2.07 -163.80 2.66
N GLN GA 429 -2.61 -165.02 2.58
CA GLN GA 429 -3.99 -165.17 2.14
C GLN GA 429 -4.94 -164.49 3.11
N GLN GA 430 -4.70 -164.65 4.41
CA GLN GA 430 -5.47 -163.94 5.41
C GLN GA 430 -5.44 -162.43 5.16
N LEU GA 431 -4.24 -161.90 4.92
CA LEU GA 431 -4.09 -160.46 4.74
C LEU GA 431 -4.83 -159.98 3.48
N ILE GA 432 -4.70 -160.73 2.38
CA ILE GA 432 -5.39 -160.33 1.15
C ILE GA 432 -6.89 -160.40 1.34
N ASP GA 433 -7.38 -161.40 2.06
CA ASP GA 433 -8.81 -161.47 2.34
C ASP GA 433 -9.27 -160.29 3.18
N GLU GA 434 -8.45 -159.89 4.16
CA GLU GA 434 -8.80 -158.74 4.98
C GLU GA 434 -8.84 -157.46 4.15
N TYR GA 435 -7.85 -157.26 3.27
CA TYR GA 435 -7.90 -156.12 2.38
C TYR GA 435 -9.15 -156.13 1.52
N HIS GA 436 -9.49 -157.29 0.93
CA HIS GA 436 -10.65 -157.36 0.06
C HIS GA 436 -11.93 -157.10 0.83
N ALA GA 437 -11.99 -157.50 2.10
CA ALA GA 437 -13.16 -157.23 2.91
C ALA GA 437 -13.20 -155.81 3.45
N ALA GA 438 -12.06 -155.11 3.43
CA ALA GA 438 -12.03 -153.76 3.95
C ALA GA 438 -12.87 -152.80 3.13
N THR GA 439 -13.05 -153.07 1.84
CA THR GA 439 -13.78 -152.19 0.95
C THR GA 439 -15.28 -152.48 0.91
N ARG GA 440 -15.82 -153.09 1.96
CA ARG GA 440 -17.24 -153.39 2.00
C ARG GA 440 -17.92 -152.53 3.06
N PRO GA 441 -19.18 -152.13 2.83
CA PRO GA 441 -19.88 -151.29 3.82
C PRO GA 441 -20.06 -151.95 5.17
N ASP GA 442 -19.83 -153.26 5.28
CA ASP GA 442 -19.92 -153.93 6.56
C ASP GA 442 -18.60 -154.59 6.91
N TYR GA 443 -17.49 -153.86 6.70
CA TYR GA 443 -16.18 -154.41 7.01
C TYR GA 443 -16.08 -154.84 8.47
N ILE GA 444 -16.74 -154.11 9.36
CA ILE GA 444 -16.77 -154.51 10.77
C ILE GA 444 -17.40 -155.88 10.89
N SER GA 445 -16.77 -156.75 11.67
CA SER GA 445 -17.21 -158.14 11.85
C SER GA 445 -17.31 -158.86 10.50
#